data_8V2D
#
_entry.id   8V2D
#
_cell.length_a   1.00
_cell.length_b   1.00
_cell.length_c   1.00
_cell.angle_alpha   90.00
_cell.angle_beta   90.00
_cell.angle_gamma   90.00
#
_symmetry.space_group_name_H-M   'P 1'
#
loop_
_entity.id
_entity.type
_entity.pdbx_description
1 polymer 'O43_129 component B'
2 polymer 'O43_129 component A'
#
loop_
_entity_poly.entity_id
_entity_poly.type
_entity_poly.pdbx_seq_one_letter_code
_entity_poly.pdbx_strand_id
1 'polypeptide(L)'
;MGDDLLLKLLELLVEQARVSAEFARRQGDEKMLEEVARKAEEVARKAESIARKARKEGNLELALKALEILVRAAHVLAEI
ARERGNEELQKKAHKLAKEALRQVIEIAIRAIQEGNLELAIIALHISVRIAEVLLETRPDDREEIREQQAIFELLIAALE
AAIRLEKLKEEGAPPEQIERVAEHGLERLKEIAKEISKEVDSPESKRIAYKIVAAAAEFLLKILAEGGATPEQLERVTEH
ALEVLKEVAKELADSPESGLAALAAIASLAKLGLEQLKEIGAPPEQQRRVTKAGIEAVREIYRYGRKLY
;
y,A,C,D,E,F,G,H,I,L,M,N,O,P,Q,R,S,T,U,V,W,t,u,z
2 'polypeptide(L)'
;MGCDAIQAAAALGEAGISSNEILELLAAAAELGLDPDAIQAAAQLGEAGISSEEIKELLRAAHELGLDPDAIAAAADLGQ
AGVSPVEILALLIAASVLGLDPDAIQAAAALGEAGISAEEIIELLTAARDLGLDPDAIQAAAQLGEAGISSEEIKELLRA
AHELGLDPDCIAAAADLGQAGISSSEITALLLAAAAIELAKRADDKDVREIVRDALELASRSTNDEVIRLALEAAVLAAR
STDSDVLEIVKDALELAKQSTNEEVIKLALKAAVLAAKSTDEEVLEEVKEALRRAKESTDEEEIKEELRKAVEEAEGGSW
LEHHHHHH
;
J,K,X,Y,Z,a,b,c,d,e,f,g,h,i,j,k,l,m,n,o,p,q,r,s
#
# COMPACT_ATOMS: atom_id res chain seq x y z
N ASP A 3 -0.13 -42.03 71.47
CA ASP A 3 0.20 -42.70 72.76
C ASP A 3 -0.42 -42.04 73.99
N ASP A 4 -0.44 -40.71 74.09
CA ASP A 4 -0.75 -40.01 75.35
C ASP A 4 -2.07 -40.42 76.00
N LEU A 5 -3.07 -40.78 75.20
CA LEU A 5 -4.33 -41.31 75.71
C LEU A 5 -4.10 -42.52 76.62
N LEU A 6 -3.28 -43.47 76.17
CA LEU A 6 -2.99 -44.69 76.93
C LEU A 6 -2.23 -44.33 78.21
N LEU A 7 -1.27 -43.42 78.10
CA LEU A 7 -0.59 -42.88 79.27
C LEU A 7 -1.61 -42.30 80.26
N LYS A 8 -2.56 -41.50 79.79
CA LYS A 8 -3.62 -40.99 80.66
C LYS A 8 -4.52 -42.10 81.20
N LEU A 9 -4.77 -43.19 80.48
CA LEU A 9 -5.49 -44.33 81.07
C LEU A 9 -4.72 -44.90 82.24
N LEU A 10 -3.40 -45.00 82.14
CA LEU A 10 -2.61 -45.40 83.28
C LEU A 10 -2.81 -44.40 84.42
N GLU A 11 -2.80 -43.10 84.18
CA GLU A 11 -3.08 -42.13 85.24
C GLU A 11 -4.43 -42.39 85.91
N LEU A 12 -5.47 -42.62 85.12
CA LEU A 12 -6.80 -42.92 85.64
C LEU A 12 -6.78 -44.21 86.46
N LEU A 13 -6.16 -45.27 85.94
CA LEU A 13 -6.00 -46.51 86.67
C LEU A 13 -5.30 -46.25 88.00
N VAL A 14 -4.16 -45.56 87.96
CA VAL A 14 -3.37 -45.28 89.17
C VAL A 14 -4.22 -44.51 90.17
N GLU A 15 -4.89 -43.46 89.76
CA GLU A 15 -5.59 -42.64 90.74
C GLU A 15 -6.88 -43.31 91.22
N GLN A 16 -7.56 -44.11 90.38
CA GLN A 16 -8.65 -44.95 90.85
C GLN A 16 -8.13 -45.97 91.87
N ALA A 17 -6.95 -46.53 91.63
CA ALA A 17 -6.30 -47.36 92.62
C ALA A 17 -5.98 -46.54 93.87
N ARG A 18 -5.55 -45.28 93.76
CA ARG A 18 -5.25 -44.45 94.93
C ARG A 18 -6.47 -44.27 95.82
N VAL A 19 -7.62 -43.98 95.21
CA VAL A 19 -8.90 -43.94 95.92
C VAL A 19 -9.20 -45.31 96.53
N SER A 20 -9.02 -46.39 95.77
CA SER A 20 -9.22 -47.74 96.27
C SER A 20 -8.29 -48.07 97.45
N ALA A 21 -7.09 -47.53 97.46
CA ALA A 21 -6.08 -47.77 98.49
C ALA A 21 -6.38 -46.97 99.76
N GLU A 22 -6.76 -45.70 99.65
CA GLU A 22 -7.29 -44.96 100.79
C GLU A 22 -8.53 -45.66 101.38
N PHE A 23 -9.44 -46.12 100.51
CA PHE A 23 -10.62 -46.88 100.91
C PHE A 23 -10.23 -48.14 101.69
N ALA A 24 -9.27 -48.92 101.16
CA ALA A 24 -8.75 -50.09 101.84
C ALA A 24 -8.09 -49.77 103.19
N ARG A 25 -7.31 -48.68 103.30
CA ARG A 25 -6.68 -48.27 104.56
C ARG A 25 -7.70 -47.82 105.60
N ARG A 26 -8.70 -47.02 105.23
CA ARG A 26 -9.73 -46.57 106.18
C ARG A 26 -10.69 -47.69 106.60
N GLN A 27 -10.96 -48.67 105.72
CA GLN A 27 -11.75 -49.86 106.06
C GLN A 27 -10.95 -51.01 106.71
N GLY A 28 -9.62 -51.02 106.60
CA GLY A 28 -8.75 -52.05 107.18
C GLY A 28 -8.79 -53.42 106.49
N ASP A 29 -9.23 -53.49 105.23
CA ASP A 29 -9.37 -54.74 104.49
C ASP A 29 -8.06 -55.20 103.82
N GLU A 30 -7.40 -56.18 104.43
CA GLU A 30 -6.15 -56.76 103.91
C GLU A 30 -6.29 -57.44 102.55
N LYS A 31 -7.46 -58.02 102.24
CA LYS A 31 -7.70 -58.61 100.91
C LYS A 31 -7.84 -57.51 99.87
N MET A 32 -8.49 -56.40 100.21
CA MET A 32 -8.52 -55.25 99.30
C MET A 32 -7.13 -54.60 99.15
N LEU A 33 -6.31 -54.55 100.20
CA LEU A 33 -4.90 -54.16 100.09
C LEU A 33 -4.13 -55.09 99.14
N GLU A 34 -4.34 -56.40 99.21
CA GLU A 34 -3.76 -57.34 98.24
C GLU A 34 -4.23 -57.04 96.80
N GLU A 35 -5.53 -56.79 96.60
CA GLU A 35 -6.06 -56.42 95.29
C GLU A 35 -5.46 -55.13 94.73
N VAL A 36 -5.37 -54.06 95.52
CA VAL A 36 -4.73 -52.83 95.03
C VAL A 36 -3.23 -53.01 94.84
N ALA A 37 -2.55 -53.83 95.64
CA ALA A 37 -1.14 -54.13 95.41
C ALA A 37 -0.94 -54.81 94.05
N ARG A 38 -1.71 -55.88 93.79
CA ARG A 38 -1.71 -56.60 92.51
C ARG A 38 -2.00 -55.65 91.36
N LYS A 39 -3.06 -54.85 91.48
CA LYS A 39 -3.45 -53.88 90.45
C LYS A 39 -2.32 -52.89 90.19
N ALA A 40 -1.75 -52.30 91.24
CA ALA A 40 -0.68 -51.32 91.12
C ALA A 40 0.55 -51.92 90.44
N GLU A 41 0.94 -53.14 90.80
CA GLU A 41 2.03 -53.82 90.11
C GLU A 41 1.72 -54.02 88.64
N GLU A 42 0.55 -54.56 88.29
CA GLU A 42 0.19 -54.81 86.89
C GLU A 42 0.11 -53.50 86.09
N VAL A 43 -0.41 -52.44 86.68
CA VAL A 43 -0.41 -51.10 86.09
C VAL A 43 1.03 -50.64 85.87
N ALA A 44 1.91 -50.76 86.88
CA ALA A 44 3.31 -50.37 86.75
C ALA A 44 4.02 -51.17 85.67
N ARG A 45 3.69 -52.46 85.52
CA ARG A 45 4.20 -53.30 84.44
C ARG A 45 3.80 -52.73 83.06
N LYS A 46 2.55 -52.29 82.90
CA LYS A 46 2.12 -51.62 81.65
C LYS A 46 2.88 -50.32 81.44
N ALA A 47 3.03 -49.52 82.48
CA ALA A 47 3.77 -48.27 82.42
C ALA A 47 5.23 -48.50 81.99
N GLU A 48 5.93 -49.42 82.64
CA GLU A 48 7.33 -49.73 82.32
C GLU A 48 7.49 -50.15 80.86
N SER A 49 6.53 -50.92 80.36
CA SER A 49 6.54 -51.39 78.97
C SER A 49 6.55 -50.20 78.01
N ILE A 50 5.62 -49.27 78.20
CA ILE A 50 5.56 -48.07 77.35
C ILE A 50 6.79 -47.19 77.58
N ALA A 51 7.29 -47.09 78.81
CA ALA A 51 8.45 -46.28 79.12
C ALA A 51 9.71 -46.76 78.36
N ARG A 52 10.01 -48.07 78.40
CA ARG A 52 11.16 -48.60 77.66
C ARG A 52 10.98 -48.48 76.15
N LYS A 53 9.74 -48.61 75.64
CA LYS A 53 9.40 -48.32 74.24
C LYS A 53 9.73 -46.87 73.89
N ALA A 54 9.36 -45.92 74.73
CA ALA A 54 9.73 -44.52 74.53
C ALA A 54 11.27 -44.33 74.52
N ARG A 55 12.02 -45.01 75.38
CA ARG A 55 13.50 -44.95 75.37
C ARG A 55 14.06 -45.37 74.01
N LYS A 56 13.57 -46.49 73.48
CA LYS A 56 14.00 -47.02 72.17
C LYS A 56 13.63 -46.06 71.02
N GLU A 57 12.48 -45.40 71.09
CA GLU A 57 12.09 -44.43 70.06
C GLU A 57 12.80 -43.06 70.18
N GLY A 58 13.22 -42.67 71.38
CA GLY A 58 14.02 -41.46 71.60
C GLY A 58 13.26 -40.12 71.71
N ASN A 59 11.92 -40.13 71.82
CA ASN A 59 11.17 -38.91 72.18
C ASN A 59 11.20 -38.65 73.69
N LEU A 60 11.82 -37.55 74.12
CA LEU A 60 12.01 -37.26 75.55
C LEU A 60 10.70 -36.93 76.25
N GLU A 61 9.78 -36.20 75.61
CA GLU A 61 8.54 -35.77 76.27
C GLU A 61 7.69 -36.97 76.69
N LEU A 62 7.52 -37.95 75.80
CA LEU A 62 6.84 -39.19 76.11
C LEU A 62 7.54 -39.95 77.24
N ALA A 63 8.87 -40.10 77.16
CA ALA A 63 9.62 -40.79 78.20
C ALA A 63 9.43 -40.09 79.56
N LEU A 64 9.50 -38.77 79.60
CA LEU A 64 9.30 -38.03 80.81
C LEU A 64 7.88 -38.19 81.33
N LYS A 65 6.85 -38.07 80.48
CA LYS A 65 5.47 -38.35 80.87
C LYS A 65 5.35 -39.74 81.49
N ALA A 66 5.93 -40.74 80.84
CA ALA A 66 5.90 -42.12 81.35
C ALA A 66 6.64 -42.24 82.69
N LEU A 67 7.78 -41.58 82.85
CA LEU A 67 8.47 -41.56 84.13
C LEU A 67 7.61 -40.90 85.20
N GLU A 68 6.90 -39.82 84.89
CA GLU A 68 5.98 -39.21 85.84
C GLU A 68 4.87 -40.17 86.24
N ILE A 69 4.31 -40.90 85.29
CA ILE A 69 3.34 -41.94 85.62
C ILE A 69 4.00 -42.96 86.54
N LEU A 70 5.21 -43.42 86.22
CA LEU A 70 5.93 -44.37 87.06
C LEU A 70 6.15 -43.81 88.46
N VAL A 71 6.42 -42.52 88.60
CA VAL A 71 6.47 -41.86 89.90
C VAL A 71 5.12 -41.90 90.60
N ARG A 72 4.02 -41.52 89.92
CA ARG A 72 2.69 -41.57 90.54
C ARG A 72 2.38 -42.97 91.04
N ALA A 73 2.62 -43.96 90.18
CA ALA A 73 2.46 -45.36 90.52
C ALA A 73 3.37 -45.75 91.70
N ALA A 74 4.61 -45.27 91.71
CA ALA A 74 5.51 -45.53 92.81
C ALA A 74 4.96 -44.96 94.12
N HIS A 75 4.39 -43.76 94.13
CA HIS A 75 3.79 -43.21 95.37
C HIS A 75 2.68 -44.11 95.88
N VAL A 76 1.80 -44.56 94.99
CA VAL A 76 0.75 -45.51 95.36
C VAL A 76 1.35 -46.82 95.89
N LEU A 77 2.30 -47.40 95.17
CA LEU A 77 2.98 -48.63 95.60
C LEU A 77 3.63 -48.45 96.97
N ALA A 78 4.31 -47.32 97.19
CA ALA A 78 5.01 -47.04 98.42
C ALA A 78 4.02 -46.90 99.58
N GLU A 79 2.90 -46.20 99.39
CA GLU A 79 1.85 -46.13 100.41
C GLU A 79 1.35 -47.53 100.77
N ILE A 80 0.99 -48.35 99.78
CA ILE A 80 0.47 -49.70 100.00
C ILE A 80 1.52 -50.55 100.73
N ALA A 81 2.74 -50.56 100.20
CA ALA A 81 3.84 -51.36 100.73
C ALA A 81 4.17 -51.00 102.18
N ARG A 82 4.37 -49.71 102.47
CA ARG A 82 4.79 -49.23 103.79
C ARG A 82 3.68 -49.34 104.84
N GLU A 83 2.43 -49.09 104.48
CA GLU A 83 1.31 -49.22 105.43
C GLU A 83 0.95 -50.70 105.70
N ARG A 84 1.14 -51.59 104.72
CA ARG A 84 1.03 -53.05 104.92
C ARG A 84 2.25 -53.66 105.61
N GLY A 85 3.41 -53.00 105.50
CA GLY A 85 4.69 -53.48 106.03
C GLY A 85 5.37 -54.55 105.18
N ASN A 86 5.08 -54.61 103.86
CA ASN A 86 5.62 -55.64 102.97
C ASN A 86 6.98 -55.23 102.37
N GLU A 87 8.06 -55.88 102.82
CA GLU A 87 9.41 -55.57 102.36
C GLU A 87 9.66 -55.93 100.89
N GLU A 88 8.96 -56.91 100.31
CA GLU A 88 9.13 -57.25 98.89
C GLU A 88 8.62 -56.13 98.00
N LEU A 89 7.43 -55.59 98.27
CA LEU A 89 6.93 -54.42 97.56
C LEU A 89 7.85 -53.21 97.77
N GLN A 90 8.38 -52.99 98.98
CA GLN A 90 9.35 -51.91 99.22
C GLN A 90 10.62 -52.09 98.39
N LYS A 91 11.20 -53.29 98.33
CA LYS A 91 12.39 -53.58 97.50
C LYS A 91 12.08 -53.38 96.02
N LYS A 92 10.92 -53.85 95.54
CA LYS A 92 10.47 -53.66 94.15
C LYS A 92 10.39 -52.18 93.81
N ALA A 93 9.73 -51.40 94.67
CA ALA A 93 9.67 -49.95 94.51
C ALA A 93 11.07 -49.29 94.54
N HIS A 94 11.94 -49.68 95.49
CA HIS A 94 13.28 -49.12 95.61
C HIS A 94 14.10 -49.35 94.35
N LYS A 95 14.10 -50.58 93.83
CA LYS A 95 14.79 -50.90 92.56
C LYS A 95 14.20 -50.12 91.40
N LEU A 96 12.88 -50.05 91.28
CA LEU A 96 12.23 -49.24 90.24
C LEU A 96 12.66 -47.77 90.34
N ALA A 97 12.68 -47.22 91.54
CA ALA A 97 13.09 -45.83 91.77
C ALA A 97 14.56 -45.60 91.39
N LYS A 98 15.47 -46.49 91.80
CA LYS A 98 16.90 -46.35 91.49
C LYS A 98 17.15 -46.44 89.98
N GLU A 99 16.47 -47.37 89.29
CA GLU A 99 16.47 -47.44 87.83
C GLU A 99 15.93 -46.14 87.23
N ALA A 100 14.78 -45.66 87.70
CA ALA A 100 14.21 -44.42 87.21
C ALA A 100 15.15 -43.23 87.41
N LEU A 101 15.87 -43.15 88.53
CA LEU A 101 16.80 -42.07 88.79
C LEU A 101 17.93 -42.08 87.76
N ARG A 102 18.54 -43.24 87.52
CA ARG A 102 19.53 -43.38 86.45
C ARG A 102 18.95 -42.96 85.11
N GLN A 103 17.79 -43.52 84.76
CA GLN A 103 17.14 -43.26 83.49
C GLN A 103 16.88 -41.77 83.28
N VAL A 104 16.29 -41.10 84.28
CA VAL A 104 15.99 -39.68 84.16
C VAL A 104 17.26 -38.87 84.10
N ILE A 105 18.32 -39.26 84.82
CA ILE A 105 19.60 -38.57 84.70
C ILE A 105 20.16 -38.73 83.29
N GLU A 106 20.14 -39.93 82.73
CA GLU A 106 20.59 -40.15 81.34
C GLU A 106 19.79 -39.30 80.36
N ILE A 107 18.47 -39.27 80.51
CA ILE A 107 17.62 -38.40 79.73
C ILE A 107 18.02 -36.94 79.95
N ALA A 108 18.28 -36.51 81.18
CA ALA A 108 18.67 -35.14 81.47
C ALA A 108 20.01 -34.76 80.84
N ILE A 109 20.98 -35.67 80.86
CA ILE A 109 22.23 -35.46 80.12
C ILE A 109 21.90 -35.23 78.64
N ARG A 110 21.06 -36.08 78.03
CA ARG A 110 20.67 -35.87 76.63
C ARG A 110 19.95 -34.54 76.42
N ALA A 111 19.04 -34.18 77.30
CA ALA A 111 18.27 -32.94 77.22
C ALA A 111 19.17 -31.70 77.27
N ILE A 112 20.14 -31.66 78.19
CA ILE A 112 21.12 -30.57 78.24
C ILE A 112 22.00 -30.61 76.98
N GLN A 113 22.40 -31.80 76.52
CA GLN A 113 23.24 -31.95 75.35
C GLN A 113 22.55 -31.47 74.05
N GLU A 114 21.25 -31.71 73.90
CA GLU A 114 20.43 -31.16 72.82
C GLU A 114 19.98 -29.70 73.05
N GLY A 115 20.16 -29.16 74.25
CA GLY A 115 19.76 -27.80 74.61
C GLY A 115 18.27 -27.61 74.90
N ASN A 116 17.49 -28.69 75.05
CA ASN A 116 16.07 -28.63 75.43
C ASN A 116 15.92 -28.45 76.96
N LEU A 117 16.28 -27.27 77.44
CA LEU A 117 16.32 -27.00 78.88
C LEU A 117 14.92 -27.07 79.49
N GLU A 118 13.88 -26.83 78.70
CA GLU A 118 12.49 -26.96 79.13
C GLU A 118 12.19 -28.38 79.61
N LEU A 119 12.45 -29.38 78.77
CA LEU A 119 12.28 -30.77 79.19
C LEU A 119 13.26 -31.12 80.31
N ALA A 120 14.49 -30.59 80.30
CA ALA A 120 15.43 -30.85 81.40
C ALA A 120 14.86 -30.35 82.74
N ILE A 121 14.25 -29.18 82.77
CA ILE A 121 13.61 -28.64 83.97
C ILE A 121 12.49 -29.57 84.41
N ILE A 122 11.63 -29.99 83.47
CA ILE A 122 10.55 -30.92 83.78
C ILE A 122 11.11 -32.23 84.34
N ALA A 123 12.17 -32.74 83.73
CA ALA A 123 12.85 -33.94 84.17
C ALA A 123 13.41 -33.75 85.58
N LEU A 124 14.00 -32.60 85.86
CA LEU A 124 14.58 -32.35 87.17
C LEU A 124 13.48 -32.27 88.23
N HIS A 125 12.33 -31.70 87.88
CA HIS A 125 11.12 -31.75 88.70
C HIS A 125 10.71 -33.21 88.99
N ILE A 126 10.63 -34.03 87.94
CA ILE A 126 10.34 -35.45 88.09
C ILE A 126 11.40 -36.09 88.99
N SER A 127 12.67 -35.75 88.83
CA SER A 127 13.74 -36.29 89.64
C SER A 127 13.55 -35.93 91.11
N VAL A 128 13.20 -34.69 91.41
CA VAL A 128 12.89 -34.31 92.80
C VAL A 128 11.69 -35.12 93.30
N ARG A 129 10.70 -35.38 92.46
CA ARG A 129 9.61 -36.26 92.86
C ARG A 129 10.05 -37.72 93.03
N ILE A 130 11.02 -38.21 92.26
CA ILE A 130 11.67 -39.49 92.55
C ILE A 130 12.35 -39.42 93.91
N ALA A 131 12.98 -38.29 94.24
CA ALA A 131 13.55 -38.12 95.55
C ALA A 131 12.47 -38.21 96.62
N GLU A 132 11.28 -37.67 96.41
CA GLU A 132 10.18 -37.88 97.35
C GLU A 132 9.87 -39.36 97.54
N VAL A 133 9.84 -40.13 96.45
CA VAL A 133 9.64 -41.58 96.53
C VAL A 133 10.74 -42.21 97.37
N LEU A 134 12.00 -41.94 97.04
CA LEU A 134 13.13 -42.51 97.77
C LEU A 134 13.06 -42.15 99.26
N LEU A 135 12.83 -40.87 99.55
CA LEU A 135 12.80 -40.33 100.90
C LEU A 135 11.67 -40.98 101.71
N GLU A 136 10.49 -41.10 101.13
CA GLU A 136 9.37 -41.80 101.77
C GLU A 136 9.69 -43.28 101.98
N THR A 137 10.47 -43.88 101.08
CA THR A 137 10.86 -45.29 101.17
C THR A 137 11.80 -45.54 102.35
N ARG A 138 12.90 -44.78 102.44
CA ARG A 138 13.93 -44.91 103.49
C ARG A 138 14.62 -43.57 103.77
N PRO A 139 14.25 -42.86 104.86
CA PRO A 139 14.87 -41.58 105.24
C PRO A 139 16.17 -41.70 106.05
N ASP A 140 16.55 -42.91 106.48
CA ASP A 140 17.65 -43.18 107.42
C ASP A 140 19.04 -43.38 106.76
N ASP A 141 19.12 -43.36 105.42
CA ASP A 141 20.39 -43.37 104.68
C ASP A 141 20.71 -41.98 104.11
N ARG A 142 21.90 -41.45 104.38
CA ARG A 142 22.35 -40.22 103.71
C ARG A 142 22.67 -40.45 102.23
N GLU A 143 23.22 -41.60 101.86
CA GLU A 143 24.01 -41.71 100.64
C GLU A 143 23.19 -41.56 99.37
N GLU A 144 22.12 -42.33 99.18
CA GLU A 144 21.29 -42.19 97.98
C GLU A 144 20.76 -40.75 97.85
N ILE A 145 20.27 -40.22 98.97
CA ILE A 145 19.73 -38.86 99.03
C ILE A 145 20.83 -37.86 98.66
N ARG A 146 22.03 -38.04 99.19
CA ARG A 146 23.16 -37.16 98.91
C ARG A 146 23.60 -37.26 97.46
N GLU A 147 23.59 -38.45 96.86
CA GLU A 147 23.87 -38.59 95.43
C GLU A 147 22.83 -37.82 94.61
N GLN A 148 21.56 -37.94 94.95
CA GLN A 148 20.53 -37.13 94.30
C GLN A 148 20.82 -35.64 94.51
N GLN A 149 21.05 -35.19 95.74
CA GLN A 149 21.34 -33.78 96.04
C GLN A 149 22.52 -33.26 95.24
N ALA A 150 23.63 -34.01 95.20
CA ALA A 150 24.82 -33.58 94.50
C ALA A 150 24.53 -33.43 93.00
N ILE A 151 23.93 -34.45 92.40
CA ILE A 151 23.65 -34.43 90.97
C ILE A 151 22.65 -33.30 90.68
N PHE A 152 21.66 -33.12 91.53
CA PHE A 152 20.72 -32.00 91.43
C PHE A 152 21.45 -30.66 91.49
N GLU A 153 22.27 -30.42 92.50
CA GLU A 153 23.01 -29.17 92.64
C GLU A 153 23.88 -28.92 91.41
N LEU A 154 24.53 -29.96 90.90
CA LEU A 154 25.30 -29.88 89.69
C LEU A 154 24.41 -29.47 88.51
N LEU A 155 23.32 -30.20 88.26
CA LEU A 155 22.42 -29.89 87.17
C LEU A 155 21.84 -28.48 87.32
N ILE A 156 21.48 -28.05 88.51
CA ILE A 156 20.98 -26.70 88.73
C ILE A 156 22.07 -25.68 88.44
N ALA A 157 23.29 -25.84 88.94
CA ALA A 157 24.34 -24.88 88.63
C ALA A 157 24.56 -24.80 87.12
N ALA A 158 24.53 -25.95 86.44
CA ALA A 158 24.66 -26.01 84.99
C ALA A 158 23.50 -25.26 84.32
N LEU A 159 22.26 -25.51 84.75
CA LEU A 159 21.11 -24.81 84.22
C LEU A 159 21.17 -23.30 84.52
N GLU A 160 21.62 -22.88 85.70
CA GLU A 160 21.73 -21.47 86.07
C GLU A 160 22.70 -20.75 85.15
N ALA A 161 23.87 -21.35 84.93
CA ALA A 161 24.80 -20.85 83.94
C ALA A 161 24.13 -20.84 82.56
N ALA A 162 23.52 -21.96 82.16
CA ALA A 162 22.97 -22.13 80.82
C ALA A 162 21.93 -21.05 80.50
N ILE A 163 20.98 -20.84 81.40
CA ILE A 163 19.91 -19.86 81.20
C ILE A 163 20.44 -18.43 81.32
N ARG A 164 21.41 -18.16 82.20
CA ARG A 164 22.10 -16.87 82.21
C ARG A 164 22.74 -16.60 80.85
N LEU A 165 23.41 -17.59 80.30
CA LEU A 165 24.10 -17.51 79.01
C LEU A 165 23.09 -17.38 77.85
N GLU A 166 22.00 -18.12 77.87
CA GLU A 166 20.95 -18.05 76.85
C GLU A 166 20.28 -16.68 76.85
N LYS A 167 20.00 -16.11 78.03
CA LYS A 167 19.51 -14.74 78.12
C LYS A 167 20.54 -13.74 77.61
N LEU A 168 21.81 -13.92 77.98
CA LEU A 168 22.89 -13.07 77.48
C LEU A 168 22.99 -13.14 75.95
N LYS A 169 22.74 -14.31 75.35
CA LYS A 169 22.64 -14.52 73.90
C LYS A 169 21.43 -13.81 73.29
N GLU A 170 20.27 -13.93 73.91
CA GLU A 170 19.06 -13.23 73.50
C GLU A 170 19.25 -11.70 73.51
N GLU A 171 19.94 -11.17 74.54
CA GLU A 171 20.25 -9.74 74.64
C GLU A 171 21.33 -9.25 73.65
N GLY A 172 21.99 -10.15 72.92
CA GLY A 172 23.01 -9.80 71.92
C GLY A 172 24.28 -9.16 72.50
N ALA A 173 24.63 -9.50 73.74
CA ALA A 173 25.79 -8.95 74.46
C ALA A 173 27.14 -9.30 73.77
N PRO A 174 28.21 -8.51 74.00
CA PRO A 174 29.49 -8.75 73.36
C PRO A 174 30.14 -10.05 73.86
N PRO A 175 30.91 -10.75 73.02
CA PRO A 175 31.56 -12.00 73.38
C PRO A 175 32.40 -11.96 74.65
N GLU A 176 32.98 -10.81 75.01
CA GLU A 176 33.70 -10.64 76.28
C GLU A 176 32.83 -10.99 77.48
N GLN A 177 31.58 -10.50 77.53
CA GLN A 177 30.69 -10.86 78.63
C GLN A 177 30.40 -12.36 78.61
N ILE A 178 30.17 -12.93 77.42
CA ILE A 178 29.91 -14.37 77.27
C ILE A 178 31.10 -15.17 77.83
N GLU A 179 32.32 -14.79 77.46
CA GLU A 179 33.53 -15.44 77.93
C GLU A 179 33.74 -15.28 79.44
N ARG A 180 33.50 -14.09 80.01
CA ARG A 180 33.60 -13.89 81.46
C ARG A 180 32.62 -14.77 82.23
N VAL A 181 31.37 -14.85 81.76
CA VAL A 181 30.38 -15.76 82.36
C VAL A 181 30.80 -17.22 82.17
N ALA A 182 31.27 -17.60 80.98
CA ALA A 182 31.68 -18.97 80.71
C ALA A 182 32.84 -19.41 81.61
N GLU A 183 33.85 -18.56 81.80
CA GLU A 183 34.95 -18.82 82.73
C GLU A 183 34.41 -19.04 84.14
N HIS A 184 33.59 -18.11 84.63
CA HIS A 184 33.02 -18.24 85.97
C HIS A 184 32.19 -19.53 86.10
N GLY A 185 31.44 -19.90 85.05
CA GLY A 185 30.67 -21.13 85.02
C GLY A 185 31.56 -22.35 85.15
N LEU A 186 32.59 -22.46 84.33
CA LEU A 186 33.56 -23.56 84.42
C LEU A 186 34.26 -23.56 85.79
N GLU A 187 34.63 -22.41 86.35
CA GLU A 187 35.21 -22.35 87.68
C GLU A 187 34.22 -22.85 88.75
N ARG A 188 32.97 -22.40 88.73
CA ARG A 188 31.95 -22.84 89.68
C ARG A 188 31.73 -24.35 89.54
N LEU A 189 31.71 -24.87 88.31
CA LEU A 189 31.62 -26.29 88.06
C LEU A 189 32.82 -27.02 88.66
N LYS A 190 34.04 -26.46 88.55
CA LYS A 190 35.23 -27.01 89.21
C LYS A 190 35.06 -27.02 90.72
N GLU A 191 34.58 -25.95 91.34
CA GLU A 191 34.29 -25.95 92.77
C GLU A 191 33.26 -27.04 93.14
N ILE A 192 32.19 -27.18 92.37
CA ILE A 192 31.21 -28.24 92.60
C ILE A 192 31.86 -29.62 92.45
N ALA A 193 32.76 -29.80 91.48
CA ALA A 193 33.48 -31.05 91.34
C ALA A 193 34.33 -31.35 92.58
N LYS A 194 34.93 -30.33 93.22
CA LYS A 194 35.59 -30.50 94.52
C LYS A 194 34.58 -30.97 95.56
N GLU A 195 33.43 -30.31 95.67
CA GLU A 195 32.40 -30.70 96.64
C GLU A 195 31.89 -32.14 96.41
N ILE A 196 31.78 -32.58 95.16
CA ILE A 196 31.49 -33.97 94.82
C ILE A 196 32.62 -34.88 95.32
N SER A 197 33.86 -34.55 94.95
CA SER A 197 35.07 -35.28 95.33
C SER A 197 35.22 -35.43 96.86
N LYS A 198 34.74 -34.46 97.64
CA LYS A 198 34.75 -34.51 99.11
C LYS A 198 33.88 -35.61 99.73
N GLU A 199 32.96 -36.21 98.98
CA GLU A 199 32.09 -37.26 99.52
C GLU A 199 32.01 -38.53 98.67
N VAL A 200 31.85 -38.44 97.35
CA VAL A 200 31.36 -39.60 96.57
C VAL A 200 32.40 -40.69 96.31
N ASP A 201 31.94 -41.94 96.25
CA ASP A 201 32.66 -43.08 95.67
C ASP A 201 31.80 -43.91 94.69
N SER A 202 30.53 -43.55 94.52
CA SER A 202 29.56 -44.26 93.67
C SER A 202 29.98 -44.24 92.20
N PRO A 203 30.34 -45.39 91.60
CA PRO A 203 31.01 -45.42 90.31
C PRO A 203 30.21 -44.78 89.17
N GLU A 204 28.97 -45.19 88.98
CA GLU A 204 28.14 -44.64 87.91
C GLU A 204 27.86 -43.16 88.17
N SER A 205 27.68 -42.76 89.42
CA SER A 205 27.45 -41.35 89.75
C SER A 205 28.68 -40.49 89.47
N LYS A 206 29.88 -41.01 89.73
CA LYS A 206 31.12 -40.35 89.28
C LYS A 206 31.12 -40.16 87.76
N ARG A 207 30.79 -41.22 87.02
CA ARG A 207 30.71 -41.17 85.54
C ARG A 207 29.68 -40.15 85.06
N ILE A 208 28.50 -40.17 85.66
CA ILE A 208 27.46 -39.17 85.46
C ILE A 208 28.02 -37.77 85.70
N ALA A 209 28.64 -37.51 86.84
CA ALA A 209 29.11 -36.17 87.18
C ALA A 209 30.08 -35.65 86.13
N TYR A 210 31.03 -36.49 85.72
CA TYR A 210 31.94 -36.11 84.65
C TYR A 210 31.17 -35.78 83.38
N LYS A 211 30.29 -36.68 82.92
CA LYS A 211 29.55 -36.46 81.68
C LYS A 211 28.69 -35.20 81.76
N ILE A 212 28.13 -34.87 82.92
CA ILE A 212 27.39 -33.63 83.11
C ILE A 212 28.35 -32.44 82.97
N VAL A 213 29.49 -32.44 83.66
CA VAL A 213 30.44 -31.33 83.53
C VAL A 213 30.82 -31.16 82.06
N ALA A 214 31.07 -32.26 81.37
CA ALA A 214 31.39 -32.23 79.95
C ALA A 214 30.23 -31.66 79.12
N ALA A 215 29.00 -32.10 79.38
CA ALA A 215 27.84 -31.55 78.70
C ALA A 215 27.70 -30.04 78.95
N ALA A 216 28.03 -29.56 80.15
CA ALA A 216 27.99 -28.14 80.44
C ALA A 216 29.06 -27.38 79.63
N ALA A 217 30.29 -27.90 79.58
CA ALA A 217 31.31 -27.33 78.70
C ALA A 217 30.83 -27.31 77.23
N GLU A 218 30.26 -28.42 76.76
CA GLU A 218 29.75 -28.51 75.40
C GLU A 218 28.68 -27.45 75.14
N PHE A 219 27.72 -27.31 76.05
CA PHE A 219 26.67 -26.33 75.91
C PHE A 219 27.26 -24.91 75.87
N LEU A 220 28.17 -24.59 76.79
CA LEU A 220 28.84 -23.30 76.81
C LEU A 220 29.51 -23.03 75.46
N LEU A 221 30.25 -24.00 74.93
CA LEU A 221 30.95 -23.82 73.66
C LEU A 221 29.98 -23.69 72.48
N LYS A 222 28.94 -24.50 72.41
CA LYS A 222 27.94 -24.36 71.35
C LYS A 222 27.22 -23.01 71.42
N ILE A 223 26.88 -22.53 72.62
CA ILE A 223 26.28 -21.20 72.78
C ILE A 223 27.26 -20.11 72.37
N LEU A 224 28.53 -20.20 72.75
CA LEU A 224 29.55 -19.27 72.30
C LEU A 224 29.65 -19.27 70.76
N ALA A 225 29.52 -20.44 70.13
CA ALA A 225 29.49 -20.56 68.67
C ALA A 225 28.24 -19.94 68.04
N GLU A 226 27.05 -20.14 68.62
CA GLU A 226 25.84 -19.43 68.20
C GLU A 226 26.00 -17.91 68.37
N GLY A 227 26.78 -17.47 69.36
CA GLY A 227 27.16 -16.07 69.58
C GLY A 227 28.12 -15.50 68.52
N GLY A 228 28.64 -16.33 67.61
CA GLY A 228 29.51 -15.89 66.52
C GLY A 228 30.88 -15.34 66.97
N ALA A 229 31.33 -15.71 68.16
CA ALA A 229 32.58 -15.20 68.76
C ALA A 229 33.83 -15.53 67.91
N THR A 230 34.80 -14.62 67.89
CA THR A 230 36.02 -14.78 67.09
C THR A 230 36.96 -15.85 67.66
N PRO A 231 37.88 -16.42 66.87
CA PRO A 231 38.70 -17.56 67.26
C PRO A 231 39.48 -17.41 68.56
N GLU A 232 39.87 -16.19 68.95
CA GLU A 232 40.57 -15.94 70.22
C GLU A 232 39.72 -16.32 71.43
N GLN A 233 38.41 -16.07 71.35
CA GLN A 233 37.48 -16.49 72.39
C GLN A 233 37.34 -18.02 72.40
N LEU A 234 37.18 -18.62 71.21
CA LEU A 234 37.09 -20.08 71.07
C LEU A 234 38.31 -20.75 71.70
N GLU A 235 39.51 -20.24 71.43
CA GLU A 235 40.76 -20.73 72.00
C GLU A 235 40.73 -20.63 73.53
N ARG A 236 40.55 -19.44 74.11
CA ARG A 236 40.60 -19.26 75.57
C ARG A 236 39.60 -20.16 76.28
N VAL A 237 38.37 -20.19 75.80
CA VAL A 237 37.32 -21.02 76.41
C VAL A 237 37.64 -22.49 76.23
N THR A 238 38.06 -22.93 75.04
CA THR A 238 38.39 -24.34 74.82
C THR A 238 39.52 -24.78 75.74
N GLU A 239 40.56 -23.94 75.86
CA GLU A 239 41.72 -24.23 76.71
C GLU A 239 41.30 -24.34 78.17
N HIS A 240 40.58 -23.34 78.69
CA HIS A 240 40.11 -23.38 80.07
C HIS A 240 39.21 -24.60 80.30
N ALA A 241 38.33 -24.92 79.35
CA ALA A 241 37.44 -26.07 79.46
C ALA A 241 38.23 -27.39 79.50
N LEU A 242 39.17 -27.60 78.58
CA LEU A 242 40.03 -28.77 78.62
C LEU A 242 40.80 -28.83 79.95
N GLU A 243 41.34 -27.69 80.41
CA GLU A 243 42.08 -27.62 81.67
C GLU A 243 41.19 -28.03 82.86
N VAL A 244 39.98 -27.51 82.93
CA VAL A 244 39.01 -27.95 83.95
C VAL A 244 38.72 -29.43 83.78
N LEU A 245 38.45 -29.92 82.57
CA LEU A 245 38.14 -31.34 82.37
C LEU A 245 39.29 -32.22 82.83
N LYS A 246 40.53 -31.81 82.57
CA LYS A 246 41.74 -32.47 83.05
C LYS A 246 41.80 -32.44 84.58
N GLU A 247 41.52 -31.31 85.22
CA GLU A 247 41.49 -31.27 86.68
C GLU A 247 40.40 -32.18 87.25
N VAL A 248 39.19 -32.15 86.69
CA VAL A 248 38.09 -33.02 87.12
C VAL A 248 38.43 -34.49 86.88
N ALA A 249 39.20 -34.80 85.84
CA ALA A 249 39.71 -36.15 85.68
C ALA A 249 40.71 -36.49 86.79
N LYS A 250 41.66 -35.60 87.11
CA LYS A 250 42.63 -35.84 88.18
C LYS A 250 41.96 -36.00 89.56
N GLU A 251 40.85 -35.32 89.80
CA GLU A 251 39.99 -35.60 90.96
C GLU A 251 39.37 -37.00 90.87
N LEU A 252 38.61 -37.25 89.81
CA LEU A 252 37.51 -38.21 89.84
C LEU A 252 37.79 -39.53 89.11
N ALA A 253 38.75 -39.54 88.18
CA ALA A 253 38.99 -40.66 87.27
C ALA A 253 40.05 -41.65 87.80
N ASP A 254 39.70 -42.41 88.85
CA ASP A 254 40.58 -43.34 89.55
C ASP A 254 40.38 -44.83 89.18
N SER A 255 39.86 -45.13 87.99
CA SER A 255 39.68 -46.51 87.49
C SER A 255 39.81 -46.60 85.97
N PRO A 256 40.04 -47.80 85.40
CA PRO A 256 40.11 -47.98 83.95
C PRO A 256 38.85 -47.48 83.24
N GLU A 257 37.67 -47.85 83.74
CA GLU A 257 36.41 -47.37 83.16
C GLU A 257 36.36 -45.85 83.16
N SER A 258 36.73 -45.22 84.28
CA SER A 258 36.73 -43.76 84.37
C SER A 258 37.75 -43.14 83.40
N GLY A 259 38.85 -43.83 83.13
CA GLY A 259 39.76 -43.45 82.05
C GLY A 259 39.02 -43.42 80.72
N LEU A 260 38.34 -44.51 80.36
CA LEU A 260 37.58 -44.58 79.12
C LEU A 260 36.55 -43.45 79.06
N ALA A 261 35.81 -43.21 80.13
CA ALA A 261 34.85 -42.12 80.16
C ALA A 261 35.54 -40.76 79.98
N ALA A 262 36.58 -40.48 80.76
CA ALA A 262 37.25 -39.20 80.72
C ALA A 262 37.80 -38.94 79.33
N LEU A 263 38.50 -39.92 78.75
CA LEU A 263 39.07 -39.74 77.43
C LEU A 263 37.96 -39.61 76.39
N ALA A 264 36.90 -40.42 76.46
CA ALA A 264 35.80 -40.29 75.50
C ALA A 264 35.22 -38.87 75.55
N ALA A 265 34.99 -38.35 76.76
CA ALA A 265 34.45 -37.02 76.95
C ALA A 265 35.41 -35.96 76.42
N ILE A 266 36.69 -36.02 76.82
CA ILE A 266 37.68 -35.05 76.38
C ILE A 266 37.79 -35.09 74.86
N ALA A 267 37.86 -36.27 74.27
CA ALA A 267 37.92 -36.44 72.82
C ALA A 267 36.71 -35.81 72.15
N SER A 268 35.53 -36.01 72.73
CA SER A 268 34.32 -35.37 72.23
C SER A 268 34.46 -33.85 72.28
N LEU A 269 34.90 -33.29 73.41
CA LEU A 269 35.07 -31.83 73.54
C LEU A 269 36.09 -31.30 72.54
N ALA A 270 37.18 -32.02 72.34
CA ALA A 270 38.18 -31.63 71.35
C ALA A 270 37.59 -31.65 69.93
N LYS A 271 36.89 -32.72 69.55
CA LYS A 271 36.23 -32.82 68.24
C LYS A 271 35.25 -31.68 68.04
N LEU A 272 34.47 -31.37 69.06
CA LEU A 272 33.54 -30.24 69.05
C LEU A 272 34.28 -28.93 68.80
N GLY A 273 35.37 -28.67 69.52
CA GLY A 273 36.20 -27.48 69.34
C GLY A 273 36.76 -27.39 67.92
N LEU A 274 37.31 -28.48 67.41
CA LEU A 274 37.80 -28.57 66.04
C LEU A 274 36.69 -28.28 65.03
N GLU A 275 35.49 -28.81 65.26
CA GLU A 275 34.34 -28.54 64.42
C GLU A 275 33.92 -27.05 64.46
N GLN A 276 34.07 -26.36 65.60
CA GLN A 276 33.84 -24.92 65.63
C GLN A 276 34.90 -24.16 64.82
N LEU A 277 36.18 -24.55 64.92
CA LEU A 277 37.25 -23.98 64.09
C LEU A 277 36.99 -24.23 62.60
N LYS A 278 36.49 -25.41 62.25
CA LYS A 278 36.11 -25.78 60.88
C LYS A 278 34.98 -24.90 60.36
N GLU A 279 33.96 -24.64 61.19
CA GLU A 279 32.82 -23.81 60.82
C GLU A 279 33.19 -22.32 60.66
N ILE A 280 33.96 -21.73 61.59
CA ILE A 280 34.40 -20.34 61.48
C ILE A 280 35.47 -20.13 60.39
N GLY A 281 36.08 -21.20 59.89
CA GLY A 281 37.14 -21.15 58.88
C GLY A 281 38.48 -20.68 59.43
N ALA A 282 38.81 -20.99 60.69
CA ALA A 282 40.02 -20.53 61.37
C ALA A 282 41.31 -21.07 60.71
N PRO A 283 42.42 -20.29 60.72
CA PRO A 283 43.66 -20.70 60.09
C PRO A 283 44.33 -21.88 60.80
N PRO A 284 45.19 -22.65 60.11
CA PRO A 284 45.87 -23.82 60.66
C PRO A 284 46.57 -23.61 62.01
N GLU A 285 47.05 -22.40 62.30
CA GLU A 285 47.62 -22.05 63.61
C GLU A 285 46.67 -22.38 64.76
N GLN A 286 45.39 -22.00 64.65
CA GLN A 286 44.38 -22.33 65.65
C GLN A 286 44.12 -23.84 65.70
N GLN A 287 44.02 -24.47 64.53
CA GLN A 287 43.77 -25.91 64.40
C GLN A 287 44.86 -26.73 65.11
N ARG A 288 46.12 -26.35 64.90
CA ARG A 288 47.29 -26.90 65.59
C ARG A 288 47.22 -26.63 67.09
N ARG A 289 47.03 -25.38 67.52
CA ARG A 289 46.99 -25.02 68.95
C ARG A 289 46.04 -25.91 69.72
N VAL A 290 44.80 -26.01 69.27
CA VAL A 290 43.78 -26.82 69.95
C VAL A 290 44.15 -28.29 69.90
N THR A 291 44.52 -28.82 68.73
CA THR A 291 44.86 -30.24 68.60
C THR A 291 46.01 -30.63 69.52
N LYS A 292 47.07 -29.82 69.57
CA LYS A 292 48.21 -30.07 70.45
C LYS A 292 47.83 -29.98 71.92
N ALA A 293 47.09 -28.94 72.32
CA ALA A 293 46.61 -28.85 73.69
C ALA A 293 45.78 -30.09 74.06
N GLY A 294 44.95 -30.56 73.13
CA GLY A 294 44.22 -31.80 73.27
C GLY A 294 45.14 -33.00 73.48
N ILE A 295 46.12 -33.19 72.60
CA ILE A 295 47.11 -34.25 72.76
C ILE A 295 47.87 -34.13 74.10
N GLU A 296 48.17 -32.94 74.58
CA GLU A 296 48.75 -32.79 75.92
C GLU A 296 47.79 -33.26 77.02
N ALA A 297 46.49 -33.02 76.89
CA ALA A 297 45.52 -33.65 77.78
C ALA A 297 45.52 -35.18 77.60
N VAL A 298 45.59 -35.70 76.37
CA VAL A 298 45.71 -37.16 76.14
C VAL A 298 46.88 -37.72 76.93
N ARG A 299 48.03 -37.05 76.83
CA ARG A 299 49.28 -37.44 77.51
C ARG A 299 49.10 -37.43 79.02
N GLU A 300 48.53 -36.37 79.58
CA GLU A 300 48.29 -36.26 81.01
C GLU A 300 47.30 -37.32 81.49
N ILE A 301 46.25 -37.59 80.71
CA ILE A 301 45.29 -38.66 81.02
C ILE A 301 45.99 -40.02 81.01
N TYR A 302 46.81 -40.32 80.01
CA TYR A 302 47.63 -41.52 79.97
C TYR A 302 48.53 -41.63 81.22
N ARG A 303 49.37 -40.63 81.47
CA ARG A 303 50.40 -40.70 82.52
C ARG A 303 49.79 -40.73 83.93
N TYR A 304 48.79 -39.90 84.18
CA TYR A 304 48.07 -39.94 85.45
C TYR A 304 47.28 -41.24 85.60
N GLY A 305 46.60 -41.67 84.53
CA GLY A 305 45.80 -42.90 84.53
C GLY A 305 46.60 -44.16 84.83
N ARG A 306 47.87 -44.24 84.39
CA ARG A 306 48.76 -45.37 84.73
C ARG A 306 49.02 -45.50 86.23
N LYS A 307 48.86 -44.44 87.04
CA LYS A 307 48.93 -44.53 88.51
C LYS A 307 47.68 -45.16 89.14
N LEU A 308 46.57 -45.24 88.41
CA LEU A 308 45.23 -45.59 88.91
C LEU A 308 44.53 -46.63 87.98
N TYR A 309 45.30 -47.60 87.51
CA TYR A 309 44.89 -48.71 86.64
C TYR A 309 45.07 -50.06 87.35
N ASP B 3 -39.33 44.50 58.27
CA ASP B 3 -39.82 45.52 59.24
C ASP B 3 -41.24 46.04 58.97
N ASP B 4 -41.66 46.25 57.72
CA ASP B 4 -42.90 46.98 57.40
C ASP B 4 -44.15 46.45 58.10
N LEU B 5 -44.25 45.15 58.31
CA LEU B 5 -45.41 44.58 58.98
C LEU B 5 -45.52 45.08 60.43
N LEU B 6 -44.42 45.25 61.15
CA LEU B 6 -44.47 45.87 62.48
C LEU B 6 -45.00 47.29 62.39
N LEU B 7 -44.53 48.06 61.41
CA LEU B 7 -45.04 49.40 61.17
C LEU B 7 -46.56 49.36 60.90
N LYS B 8 -47.03 48.41 60.10
CA LYS B 8 -48.46 48.22 59.90
C LYS B 8 -49.19 47.80 61.19
N LEU B 9 -48.59 47.01 62.07
CA LEU B 9 -49.21 46.75 63.38
C LEU B 9 -49.38 48.05 64.16
N LEU B 10 -48.38 48.93 64.11
CA LEU B 10 -48.56 50.25 64.68
C LEU B 10 -49.70 50.99 63.97
N GLU B 11 -49.82 50.95 62.63
CA GLU B 11 -50.97 51.55 61.97
C GLU B 11 -52.29 51.02 62.53
N LEU B 12 -52.40 49.71 62.68
CA LEU B 12 -53.61 49.11 63.24
C LEU B 12 -53.85 49.60 64.65
N LEU B 13 -52.82 49.60 65.50
CA LEU B 13 -52.95 50.11 66.84
C LEU B 13 -53.37 51.58 66.84
N VAL B 14 -52.75 52.41 66.02
CA VAL B 14 -53.06 53.84 65.91
C VAL B 14 -54.52 54.01 65.53
N GLU B 15 -54.97 53.36 64.47
CA GLU B 15 -56.31 53.63 64.01
C GLU B 15 -57.36 52.96 64.89
N GLN B 16 -57.05 51.81 65.51
CA GLN B 16 -57.93 51.25 66.53
C GLN B 16 -58.03 52.18 67.74
N ALA B 17 -56.92 52.81 68.12
CA ALA B 17 -56.96 53.85 69.11
C ALA B 17 -57.81 55.02 68.62
N ARG B 18 -57.75 55.41 67.34
CA ARG B 18 -58.57 56.51 66.80
C ARG B 18 -60.05 56.19 66.96
N VAL B 19 -60.46 54.98 66.58
CA VAL B 19 -61.84 54.52 66.77
C VAL B 19 -62.18 54.53 68.26
N SER B 20 -61.26 54.07 69.10
CA SER B 20 -61.44 54.10 70.56
C SER B 20 -61.55 55.53 71.10
N ALA B 21 -60.87 56.49 70.49
CA ALA B 21 -60.89 57.89 70.89
C ALA B 21 -62.19 58.56 70.45
N GLU B 22 -62.67 58.32 69.24
CA GLU B 22 -64.02 58.73 68.85
C GLU B 22 -65.08 58.13 69.80
N PHE B 23 -64.95 56.85 70.12
CA PHE B 23 -65.82 56.15 71.08
C PHE B 23 -65.80 56.85 72.44
N ALA B 24 -64.61 57.15 72.97
CA ALA B 24 -64.45 57.90 74.21
C ALA B 24 -65.05 59.31 74.14
N ARG B 25 -64.89 60.04 73.02
CA ARG B 25 -65.45 61.39 72.87
C ARG B 25 -66.97 61.40 72.80
N ARG B 26 -67.59 60.42 72.13
CA ARG B 26 -69.07 60.28 72.11
C ARG B 26 -69.64 59.72 73.42
N GLN B 27 -68.86 58.95 74.19
CA GLN B 27 -69.24 58.50 75.55
C GLN B 27 -68.98 59.54 76.67
N GLY B 28 -67.98 60.42 76.51
CA GLY B 28 -67.52 61.34 77.56
C GLY B 28 -66.64 60.70 78.64
N ASP B 29 -66.07 59.51 78.39
CA ASP B 29 -65.31 58.72 79.37
C ASP B 29 -63.83 59.18 79.46
N GLU B 30 -63.51 59.98 80.48
CA GLU B 30 -62.15 60.48 80.71
C GLU B 30 -61.13 59.38 81.06
N LYS B 31 -61.56 58.27 81.66
CA LYS B 31 -60.65 57.15 81.92
C LYS B 31 -60.30 56.42 80.62
N MET B 32 -61.27 56.28 79.71
CA MET B 32 -60.96 55.77 78.37
C MET B 32 -60.09 56.75 77.57
N LEU B 33 -60.28 58.08 77.72
CA LEU B 33 -59.34 59.06 77.16
C LEU B 33 -57.92 58.88 77.74
N GLU B 34 -57.79 58.67 79.04
CA GLU B 34 -56.51 58.35 79.67
C GLU B 34 -55.89 57.07 79.08
N GLU B 35 -56.68 56.01 78.91
CA GLU B 35 -56.20 54.76 78.33
C GLU B 35 -55.74 54.94 76.87
N VAL B 36 -56.52 55.60 76.01
CA VAL B 36 -56.04 55.84 74.65
C VAL B 36 -54.85 56.78 74.63
N ALA B 37 -54.75 57.76 75.55
CA ALA B 37 -53.58 58.61 75.63
C ALA B 37 -52.33 57.78 75.93
N ARG B 38 -52.39 56.94 76.98
CA ARG B 38 -51.29 56.02 77.34
C ARG B 38 -50.93 55.12 76.17
N LYS B 39 -51.92 54.49 75.53
CA LYS B 39 -51.68 53.64 74.35
C LYS B 39 -50.98 54.44 73.25
N ALA B 40 -51.47 55.63 72.95
CA ALA B 40 -50.93 56.46 71.88
C ALA B 40 -49.48 56.88 72.15
N GLU B 41 -49.14 57.23 73.38
CA GLU B 41 -47.74 57.46 73.75
C GLU B 41 -46.89 56.20 73.56
N GLU B 42 -47.34 55.05 74.08
CA GLU B 42 -46.58 53.81 73.98
C GLU B 42 -46.38 53.38 72.52
N VAL B 43 -47.42 53.56 71.70
CA VAL B 43 -47.31 53.40 70.26
C VAL B 43 -46.31 54.38 69.66
N ALA B 44 -46.40 55.67 70.01
CA ALA B 44 -45.48 56.67 69.48
C ALA B 44 -44.03 56.36 69.84
N ARG B 45 -43.79 55.88 71.06
CA ARG B 45 -42.49 55.40 71.53
C ARG B 45 -41.99 54.23 70.69
N LYS B 46 -42.85 53.23 70.41
CA LYS B 46 -42.49 52.14 69.49
C LYS B 46 -42.18 52.66 68.09
N ALA B 47 -42.99 53.57 67.56
CA ALA B 47 -42.79 54.14 66.24
C ALA B 47 -41.46 54.90 66.15
N GLU B 48 -41.19 55.79 67.11
CA GLU B 48 -39.95 56.56 67.16
C GLU B 48 -38.73 55.65 67.17
N SER B 49 -38.82 54.53 67.89
CA SER B 49 -37.74 53.54 67.96
C SER B 49 -37.40 53.01 66.56
N ILE B 50 -38.41 52.60 65.80
CA ILE B 50 -38.19 52.15 64.42
C ILE B 50 -37.67 53.30 63.55
N ALA B 51 -38.20 54.52 63.72
CA ALA B 51 -37.78 55.66 62.92
C ALA B 51 -36.29 55.99 63.12
N ARG B 52 -35.81 56.06 64.36
CA ARG B 52 -34.39 56.33 64.62
C ARG B 52 -33.50 55.17 64.15
N LYS B 53 -33.97 53.92 64.28
CA LYS B 53 -33.31 52.73 63.69
C LYS B 53 -33.15 52.90 62.18
N ALA B 54 -34.21 53.29 61.49
CA ALA B 54 -34.15 53.56 60.05
C ALA B 54 -33.15 54.68 59.72
N ARG B 55 -33.09 55.78 60.51
CA ARG B 55 -32.08 56.83 60.29
C ARG B 55 -30.67 56.26 60.37
N LYS B 56 -30.38 55.45 61.40
CA LYS B 56 -29.06 54.84 61.59
C LYS B 56 -28.69 53.85 60.48
N GLU B 57 -29.66 53.18 59.87
CA GLU B 57 -29.43 52.36 58.66
C GLU B 57 -29.32 53.19 57.37
N GLY B 58 -29.90 54.39 57.34
CA GLY B 58 -29.85 55.32 56.22
C GLY B 58 -30.87 55.09 55.10
N ASN B 59 -31.73 54.06 55.17
CA ASN B 59 -32.78 53.83 54.16
C ASN B 59 -33.89 54.90 54.24
N LEU B 60 -34.21 55.54 53.11
CA LEU B 60 -35.20 56.62 53.05
C LEU B 60 -36.65 56.09 53.14
N GLU B 61 -36.97 55.02 52.41
CA GLU B 61 -38.36 54.55 52.31
C GLU B 61 -38.93 54.15 53.67
N LEU B 62 -38.18 53.36 54.44
CA LEU B 62 -38.57 52.97 55.79
C LEU B 62 -38.70 54.19 56.71
N ALA B 63 -37.73 55.11 56.68
CA ALA B 63 -37.79 56.31 57.51
C ALA B 63 -39.04 57.15 57.16
N LEU B 64 -39.32 57.33 55.87
CA LEU B 64 -40.51 58.05 55.45
C LEU B 64 -41.78 57.33 55.88
N LYS B 65 -41.88 56.01 55.70
CA LYS B 65 -43.01 55.23 56.20
C LYS B 65 -43.19 55.44 57.71
N ALA B 66 -42.12 55.34 58.48
CA ALA B 66 -42.17 55.55 59.91
C ALA B 66 -42.60 56.98 60.27
N LEU B 67 -42.10 57.98 59.56
CA LEU B 67 -42.51 59.35 59.78
C LEU B 67 -43.99 59.53 59.47
N GLU B 68 -44.51 58.93 58.41
CA GLU B 68 -45.94 58.99 58.12
C GLU B 68 -46.76 58.38 59.26
N ILE B 69 -46.31 57.24 59.78
CA ILE B 69 -46.96 56.64 60.94
C ILE B 69 -46.86 57.59 62.13
N LEU B 70 -45.70 58.20 62.37
CA LEU B 70 -45.55 59.18 63.44
C LEU B 70 -46.53 60.34 63.24
N VAL B 71 -46.76 60.78 62.02
CA VAL B 71 -47.80 61.77 61.72
C VAL B 71 -49.17 61.22 62.07
N ARG B 72 -49.53 60.01 61.66
CA ARG B 72 -50.84 59.43 61.99
C ARG B 72 -51.02 59.37 63.50
N ALA B 73 -50.01 58.91 64.22
CA ALA B 73 -50.03 58.89 65.67
C ALA B 73 -50.13 60.31 66.24
N ALA B 74 -49.43 61.27 65.65
CA ALA B 74 -49.53 62.66 66.09
C ALA B 74 -50.96 63.17 65.91
N HIS B 75 -51.66 62.85 64.82
CA HIS B 75 -53.06 63.27 64.66
C HIS B 75 -53.95 62.70 65.76
N VAL B 76 -53.79 61.42 66.08
CA VAL B 76 -54.53 60.81 67.20
C VAL B 76 -54.17 61.48 68.52
N LEU B 77 -52.88 61.66 68.81
CA LEU B 77 -52.43 62.36 70.01
C LEU B 77 -53.02 63.77 70.07
N ALA B 78 -53.02 64.49 68.97
CA ALA B 78 -53.51 65.86 68.89
C ALA B 78 -55.01 65.92 69.19
N GLU B 79 -55.80 65.02 68.61
CA GLU B 79 -57.23 64.95 68.94
C GLU B 79 -57.44 64.71 70.44
N ILE B 80 -56.74 63.71 71.00
CA ILE B 80 -56.84 63.37 72.43
C ILE B 80 -56.45 64.56 73.29
N ALA B 81 -55.30 65.16 73.01
CA ALA B 81 -54.75 66.26 73.78
C ALA B 81 -55.68 67.48 73.73
N ARG B 82 -56.07 67.92 72.53
CA ARG B 82 -56.83 69.15 72.33
C ARG B 82 -58.26 69.05 72.85
N GLU B 83 -58.92 67.90 72.70
CA GLU B 83 -60.28 67.71 73.21
C GLU B 83 -60.31 67.50 74.73
N ARG B 84 -59.22 66.99 75.34
CA ARG B 84 -59.06 66.93 76.80
C ARG B 84 -58.56 68.25 77.41
N GLY B 85 -57.92 69.10 76.61
CA GLY B 85 -57.21 70.31 77.07
C GLY B 85 -55.86 70.02 77.72
N ASN B 86 -55.25 68.86 77.47
CA ASN B 86 -53.99 68.47 78.08
C ASN B 86 -52.79 69.13 77.37
N GLU B 87 -52.30 70.23 77.93
CA GLU B 87 -51.18 70.97 77.36
C GLU B 87 -49.86 70.19 77.35
N GLU B 88 -49.66 69.23 78.25
CA GLU B 88 -48.44 68.41 78.24
C GLU B 88 -48.39 67.54 77.00
N LEU B 89 -49.49 66.85 76.66
CA LEU B 89 -49.57 66.13 75.41
C LEU B 89 -49.45 67.07 74.20
N GLN B 90 -50.02 68.28 74.24
CA GLN B 90 -49.85 69.26 73.15
C GLN B 90 -48.38 69.66 72.96
N LYS B 91 -47.64 69.92 74.05
CA LYS B 91 -46.20 70.23 73.99
C LYS B 91 -45.39 69.03 73.51
N LYS B 92 -45.69 67.82 73.99
CA LYS B 92 -45.05 66.57 73.54
C LYS B 92 -45.22 66.39 72.02
N ALA B 93 -46.45 66.54 71.53
CA ALA B 93 -46.74 66.50 70.11
C ALA B 93 -45.99 67.60 69.34
N HIS B 94 -46.00 68.85 69.83
CA HIS B 94 -45.29 69.97 69.18
C HIS B 94 -43.80 69.65 69.00
N LYS B 95 -43.13 69.19 70.06
CA LYS B 95 -41.72 68.82 70.00
C LYS B 95 -41.48 67.68 69.02
N LEU B 96 -42.28 66.63 69.08
CA LEU B 96 -42.19 65.52 68.12
C LEU B 96 -42.38 66.02 66.69
N ALA B 97 -43.35 66.89 66.44
CA ALA B 97 -43.62 67.43 65.12
C ALA B 97 -42.46 68.29 64.62
N LYS B 98 -41.90 69.16 65.44
CA LYS B 98 -40.76 70.01 65.06
C LYS B 98 -39.53 69.16 64.73
N GLU B 99 -39.26 68.14 65.54
CA GLU B 99 -38.23 67.15 65.24
C GLU B 99 -38.50 66.47 63.90
N ALA B 100 -39.74 66.01 63.67
CA ALA B 100 -40.09 65.38 62.41
C ALA B 100 -39.89 66.35 61.24
N LEU B 101 -40.22 67.63 61.38
CA LEU B 101 -40.03 68.63 60.33
C LEU B 101 -38.55 68.72 59.96
N ARG B 102 -37.66 68.87 60.95
CA ARG B 102 -36.22 68.84 60.69
C ARG B 102 -35.81 67.52 60.03
N GLN B 103 -36.19 66.40 60.61
CA GLN B 103 -35.79 65.08 60.14
C GLN B 103 -36.21 64.87 58.69
N VAL B 104 -37.48 65.15 58.36
CA VAL B 104 -37.97 64.97 56.99
C VAL B 104 -37.27 65.93 56.05
N ILE B 105 -36.97 67.16 56.47
CA ILE B 105 -36.20 68.07 55.62
C ILE B 105 -34.80 67.54 55.39
N GLU B 106 -34.12 67.02 56.41
CA GLU B 106 -32.80 66.40 56.24
C GLU B 106 -32.87 65.22 55.27
N ILE B 107 -33.88 64.37 55.41
CA ILE B 107 -34.13 63.29 54.45
C ILE B 107 -34.38 63.88 53.06
N ALA B 108 -35.14 64.96 52.93
CA ALA B 108 -35.44 65.57 51.64
C ALA B 108 -34.19 66.14 50.98
N ILE B 109 -33.30 66.75 51.74
CA ILE B 109 -31.99 67.17 51.24
C ILE B 109 -31.25 65.94 50.72
N ARG B 110 -31.20 64.83 51.49
CA ARG B 110 -30.55 63.60 51.02
C ARG B 110 -31.20 63.05 49.76
N ALA B 111 -32.53 63.04 49.70
CA ALA B 111 -33.29 62.53 48.57
C ALA B 111 -32.99 63.32 47.28
N ILE B 112 -32.96 64.65 47.36
CA ILE B 112 -32.57 65.50 46.23
C ILE B 112 -31.10 65.24 45.87
N GLN B 113 -30.22 65.10 46.87
CA GLN B 113 -28.80 64.87 46.61
C GLN B 113 -28.52 63.53 45.92
N GLU B 114 -29.20 62.45 46.32
CA GLU B 114 -29.16 61.15 45.63
C GLU B 114 -29.99 61.11 44.33
N GLY B 115 -30.84 62.10 44.07
CA GLY B 115 -31.70 62.18 42.89
C GLY B 115 -32.97 61.31 42.95
N ASN B 116 -33.34 60.76 44.12
CA ASN B 116 -34.58 60.02 44.33
C ASN B 116 -35.76 60.98 44.56
N LEU B 117 -36.14 61.72 43.50
CA LEU B 117 -37.16 62.75 43.60
C LEU B 117 -38.55 62.16 43.92
N GLU B 118 -38.78 60.90 43.61
CA GLU B 118 -40.00 60.17 43.97
C GLU B 118 -40.18 60.14 45.50
N LEU B 119 -39.17 59.62 46.21
CA LEU B 119 -39.21 59.66 47.67
C LEU B 119 -39.17 61.11 48.18
N ALA B 120 -38.49 62.04 47.52
CA ALA B 120 -38.54 63.44 47.92
C ALA B 120 -39.97 63.99 47.86
N ILE B 121 -40.72 63.66 46.82
CA ILE B 121 -42.11 64.09 46.70
C ILE B 121 -42.96 63.46 47.79
N ILE B 122 -42.79 62.17 48.06
CA ILE B 122 -43.47 61.52 49.19
C ILE B 122 -43.10 62.20 50.51
N ALA B 123 -41.82 62.50 50.71
CA ALA B 123 -41.36 63.20 51.90
C ALA B 123 -42.03 64.57 52.00
N LEU B 124 -42.14 65.29 50.89
CA LEU B 124 -42.73 66.60 50.90
C LEU B 124 -44.22 66.53 51.20
N HIS B 125 -44.90 65.49 50.70
CA HIS B 125 -46.27 65.17 51.10
C HIS B 125 -46.36 64.95 52.61
N ILE B 126 -45.49 64.10 53.16
CA ILE B 126 -45.43 63.89 54.60
C ILE B 126 -45.18 65.23 55.30
N SER B 127 -44.32 66.08 54.77
CA SER B 127 -44.04 67.39 55.35
C SER B 127 -45.29 68.26 55.37
N VAL B 128 -46.07 68.30 54.30
CA VAL B 128 -47.35 69.00 54.32
C VAL B 128 -48.26 68.40 55.40
N ARG B 129 -48.26 67.09 55.56
CA ARG B 129 -49.05 66.47 56.61
C ARG B 129 -48.50 66.76 58.02
N ILE B 130 -47.20 66.94 58.18
CA ILE B 130 -46.64 67.49 59.43
C ILE B 130 -47.16 68.92 59.60
N ALA B 131 -47.24 69.70 58.52
CA ALA B 131 -47.81 71.03 58.61
C ALA B 131 -49.27 70.95 59.08
N GLU B 132 -50.05 69.96 58.65
CA GLU B 132 -51.39 69.76 59.19
C GLU B 132 -51.37 69.55 60.70
N VAL B 133 -50.42 68.76 61.21
CA VAL B 133 -50.26 68.59 62.66
C VAL B 133 -49.95 69.94 63.30
N LEU B 134 -48.96 70.65 62.80
CA LEU B 134 -48.54 71.93 63.39
C LEU B 134 -49.71 72.92 63.38
N LEU B 135 -50.40 73.04 62.23
CA LEU B 135 -51.52 73.93 62.06
C LEU B 135 -52.64 73.60 63.04
N GLU B 136 -52.97 72.32 63.19
CA GLU B 136 -53.97 71.89 64.15
C GLU B 136 -53.51 72.18 65.59
N THR B 137 -52.20 72.09 65.85
CA THR B 137 -51.62 72.32 67.18
C THR B 137 -51.75 73.78 67.60
N ARG B 138 -51.33 74.73 66.75
CA ARG B 138 -51.31 76.18 67.02
C ARG B 138 -51.41 76.99 65.72
N PRO B 139 -52.60 77.47 65.33
CA PRO B 139 -52.81 78.27 64.11
C PRO B 139 -52.50 79.77 64.27
N ASP B 140 -52.22 80.25 65.48
CA ASP B 140 -52.02 81.68 65.80
C ASP B 140 -50.57 82.17 65.61
N ASP B 141 -49.56 81.30 65.69
CA ASP B 141 -48.18 81.66 65.33
C ASP B 141 -47.98 81.71 63.81
N ARG B 142 -47.45 82.81 63.27
CA ARG B 142 -46.99 82.84 61.87
C ARG B 142 -45.71 82.05 61.65
N GLU B 143 -44.80 82.03 62.61
CA GLU B 143 -43.38 81.76 62.32
C GLU B 143 -43.15 80.32 61.86
N GLU B 144 -43.58 79.31 62.62
CA GLU B 144 -43.39 77.92 62.21
C GLU B 144 -44.03 77.67 60.84
N ILE B 145 -45.24 78.19 60.65
CA ILE B 145 -45.98 78.04 59.39
C ILE B 145 -45.19 78.69 58.26
N ARG B 146 -44.65 79.89 58.47
CA ARG B 146 -43.87 80.60 57.46
C ARG B 146 -42.59 79.85 57.13
N GLU B 147 -41.91 79.27 58.11
CA GLU B 147 -40.74 78.43 57.84
C GLU B 147 -41.12 77.23 56.98
N GLN B 148 -42.21 76.55 57.31
CA GLN B 148 -42.73 75.50 56.45
C GLN B 148 -43.03 76.02 55.04
N GLN B 149 -43.74 77.14 54.91
CA GLN B 149 -44.08 77.71 53.61
C GLN B 149 -42.83 78.00 52.79
N ALA B 150 -41.85 78.68 53.38
CA ALA B 150 -40.63 79.03 52.69
C ALA B 150 -39.89 77.79 52.20
N ILE B 151 -39.69 76.82 53.09
CA ILE B 151 -38.94 75.62 52.76
C ILE B 151 -39.71 74.81 51.73
N PHE B 152 -41.02 74.70 51.86
CA PHE B 152 -41.87 74.04 50.88
C PHE B 152 -41.74 74.71 49.51
N GLU B 153 -41.95 76.02 49.43
CA GLU B 153 -41.84 76.75 48.17
C GLU B 153 -40.46 76.57 47.55
N LEU B 154 -39.41 76.61 48.37
CA LEU B 154 -38.05 76.37 47.90
C LEU B 154 -37.92 74.97 47.33
N LEU B 155 -38.31 73.94 48.09
CA LEU B 155 -38.23 72.56 47.62
C LEU B 155 -39.05 72.36 46.35
N ILE B 156 -40.26 72.90 46.28
CA ILE B 156 -41.09 72.80 45.08
C ILE B 156 -40.42 73.49 43.91
N ALA B 157 -39.93 74.71 44.06
CA ALA B 157 -39.27 75.38 42.94
C ALA B 157 -38.06 74.57 42.46
N ALA B 158 -37.28 74.03 43.39
CA ALA B 158 -36.16 73.16 43.07
C ALA B 158 -36.64 71.90 42.32
N LEU B 159 -37.68 71.23 42.82
CA LEU B 159 -38.23 70.07 42.14
C LEU B 159 -38.80 70.40 40.76
N GLU B 160 -39.49 71.54 40.59
CA GLU B 160 -40.04 71.94 39.29
C GLU B 160 -38.92 72.14 38.27
N ALA B 161 -37.86 72.85 38.66
CA ALA B 161 -36.68 72.96 37.81
C ALA B 161 -36.09 71.57 37.55
N ALA B 162 -35.90 70.76 38.59
CA ALA B 162 -35.24 69.47 38.49
C ALA B 162 -35.97 68.53 37.53
N ILE B 163 -37.28 68.37 37.68
CA ILE B 163 -38.05 67.44 36.85
C ILE B 163 -38.19 67.99 35.43
N ARG B 164 -38.31 69.32 35.24
CA ARG B 164 -38.24 69.93 33.90
C ARG B 164 -36.91 69.59 33.23
N LEU B 165 -35.82 69.77 33.94
CA LEU B 165 -34.48 69.50 33.43
C LEU B 165 -34.28 68.00 33.16
N GLU B 166 -34.77 67.13 34.04
CA GLU B 166 -34.68 65.68 33.87
C GLU B 166 -35.46 65.24 32.62
N LYS B 167 -36.66 65.76 32.39
CA LYS B 167 -37.38 65.47 31.15
C LYS B 167 -36.66 66.05 29.94
N LEU B 168 -36.15 67.27 30.04
CA LEU B 168 -35.36 67.87 28.96
C LEU B 168 -34.13 67.01 28.61
N LYS B 169 -33.50 66.38 29.62
CA LYS B 169 -32.43 65.40 29.44
C LYS B 169 -32.94 64.11 28.78
N GLU B 170 -34.05 63.56 29.27
CA GLU B 170 -34.65 62.33 28.72
C GLU B 170 -35.09 62.51 27.25
N GLU B 171 -35.60 63.68 26.88
CA GLU B 171 -35.96 64.06 25.51
C GLU B 171 -34.76 64.23 24.56
N GLY B 172 -33.51 64.23 25.05
CA GLY B 172 -32.32 64.36 24.22
C GLY B 172 -32.10 65.76 23.63
N ALA B 173 -32.59 66.82 24.29
CA ALA B 173 -32.43 68.21 23.86
C ALA B 173 -30.95 68.65 23.83
N PRO B 174 -30.59 69.67 23.03
CA PRO B 174 -29.21 70.15 22.94
C PRO B 174 -28.78 70.82 24.25
N PRO B 175 -27.50 70.70 24.65
CA PRO B 175 -26.98 71.27 25.89
C PRO B 175 -27.28 72.76 26.09
N GLU B 176 -27.38 73.53 25.01
CA GLU B 176 -27.74 74.95 25.08
C GLU B 176 -29.09 75.18 25.76
N GLN B 177 -30.10 74.36 25.46
CA GLN B 177 -31.39 74.47 26.13
C GLN B 177 -31.28 74.10 27.62
N ILE B 178 -30.48 73.07 27.94
CA ILE B 178 -30.23 72.66 29.33
C ILE B 178 -29.59 73.82 30.10
N GLU B 179 -28.58 74.47 29.52
CA GLU B 179 -27.91 75.62 30.12
C GLU B 179 -28.87 76.82 30.29
N ARG B 180 -29.70 77.14 29.29
CA ARG B 180 -30.68 78.23 29.40
C ARG B 180 -31.67 78.00 30.54
N VAL B 181 -32.21 76.78 30.66
CA VAL B 181 -33.10 76.44 31.77
C VAL B 181 -32.34 76.48 33.10
N ALA B 182 -31.12 75.93 33.16
CA ALA B 182 -30.33 75.92 34.39
C ALA B 182 -30.07 77.34 34.92
N GLU B 183 -29.70 78.28 34.04
CA GLU B 183 -29.51 79.67 34.42
C GLU B 183 -30.80 80.27 35.01
N HIS B 184 -31.93 80.07 34.33
CA HIS B 184 -33.22 80.54 34.84
C HIS B 184 -33.55 79.91 36.20
N GLY B 185 -33.30 78.62 36.38
CA GLY B 185 -33.52 77.94 37.65
C GLY B 185 -32.69 78.54 38.78
N LEU B 186 -31.39 78.74 38.55
CA LEU B 186 -30.52 79.39 39.52
C LEU B 186 -30.95 80.84 39.80
N GLU B 187 -31.34 81.61 38.77
CA GLU B 187 -31.88 82.96 38.99
C GLU B 187 -33.16 82.94 39.83
N ARG B 188 -34.10 82.05 39.53
CA ARG B 188 -35.34 81.91 40.30
C ARG B 188 -35.04 81.52 41.75
N LEU B 189 -34.09 80.61 41.97
CA LEU B 189 -33.64 80.26 43.31
C LEU B 189 -33.05 81.48 44.02
N LYS B 190 -32.28 82.32 43.33
CA LYS B 190 -31.77 83.58 43.89
C LYS B 190 -32.92 84.50 44.30
N GLU B 191 -33.93 84.70 43.44
CA GLU B 191 -35.10 85.49 43.81
C GLU B 191 -35.84 84.89 45.02
N ILE B 192 -36.02 83.58 45.07
CA ILE B 192 -36.63 82.91 46.23
C ILE B 192 -35.77 83.15 47.48
N ALA B 193 -34.45 83.06 47.37
CA ALA B 193 -33.57 83.34 48.49
C ALA B 193 -33.72 84.78 48.98
N LYS B 194 -33.93 85.75 48.08
CA LYS B 194 -34.26 87.12 48.46
C LYS B 194 -35.57 87.15 49.25
N GLU B 195 -36.62 86.51 48.77
CA GLU B 195 -37.90 86.45 49.49
C GLU B 195 -37.77 85.78 50.87
N ILE B 196 -36.92 84.75 50.99
CA ILE B 196 -36.59 84.13 52.28
C ILE B 196 -35.88 85.15 53.18
N SER B 197 -34.85 85.80 52.67
CA SER B 197 -34.03 86.79 53.37
C SER B 197 -34.85 87.97 53.91
N LYS B 198 -35.96 88.33 53.25
CA LYS B 198 -36.87 89.38 53.73
C LYS B 198 -37.55 89.08 55.07
N GLU B 199 -37.54 87.84 55.55
CA GLU B 199 -38.20 87.49 56.82
C GLU B 199 -37.35 86.65 57.78
N VAL B 200 -36.60 85.65 57.31
CA VAL B 200 -36.12 84.58 58.22
C VAL B 200 -34.99 85.02 59.16
N ASP B 201 -35.01 84.47 60.38
CA ASP B 201 -33.91 84.52 61.36
C ASP B 201 -33.60 83.14 61.99
N SER B 202 -34.42 82.13 61.73
CA SER B 202 -34.28 80.78 62.27
C SER B 202 -32.97 80.13 61.81
N PRO B 203 -32.00 79.87 62.72
CA PRO B 203 -30.63 79.54 62.32
C PRO B 203 -30.52 78.27 61.47
N GLU B 204 -31.08 77.17 61.95
CA GLU B 204 -31.00 75.90 61.23
C GLU B 204 -31.76 75.97 59.91
N SER B 205 -32.89 76.68 59.88
CA SER B 205 -33.66 76.85 58.64
C SER B 205 -32.90 77.66 57.62
N LYS B 206 -32.18 78.70 58.02
CA LYS B 206 -31.27 79.42 57.11
C LYS B 206 -30.22 78.46 56.55
N ARG B 207 -29.59 77.66 57.41
CA ARG B 207 -28.60 76.65 57.01
C ARG B 207 -29.18 75.61 56.05
N ILE B 208 -30.37 75.11 56.36
CA ILE B 208 -31.16 74.26 55.49
C ILE B 208 -31.36 74.93 54.14
N ALA B 209 -31.83 76.18 54.10
CA ALA B 209 -32.14 76.84 52.84
C ALA B 209 -30.89 76.97 51.97
N TYR B 210 -29.76 77.33 52.57
CA TYR B 210 -28.50 77.34 51.85
C TYR B 210 -28.19 75.97 51.26
N LYS B 211 -28.21 74.92 52.10
CA LYS B 211 -27.89 73.57 51.64
C LYS B 211 -28.84 73.12 50.55
N ILE B 212 -30.12 73.48 50.62
CA ILE B 212 -31.08 73.17 49.57
C ILE B 212 -30.68 73.89 48.27
N VAL B 213 -30.39 75.18 48.31
CA VAL B 213 -29.97 75.89 47.09
C VAL B 213 -28.74 75.20 46.49
N ALA B 214 -27.78 74.85 47.34
CA ALA B 214 -26.58 74.14 46.91
C ALA B 214 -26.91 72.76 46.32
N ALA B 215 -27.80 71.99 46.95
CA ALA B 215 -28.22 70.70 46.44
C ALA B 215 -28.89 70.84 45.06
N ALA B 216 -29.65 71.92 44.83
CA ALA B 216 -30.23 72.20 43.53
C ALA B 216 -29.14 72.52 42.50
N ALA B 217 -28.15 73.34 42.86
CA ALA B 217 -27.00 73.55 41.98
C ALA B 217 -26.29 72.23 41.66
N GLU B 218 -26.06 71.37 42.66
CA GLU B 218 -25.47 70.06 42.46
C GLU B 218 -26.30 69.21 41.49
N PHE B 219 -27.62 69.15 41.69
CA PHE B 219 -28.48 68.38 40.79
C PHE B 219 -28.39 68.91 39.37
N LEU B 220 -28.47 70.24 39.18
CA LEU B 220 -28.33 70.87 37.87
C LEU B 220 -27.01 70.47 37.21
N LEU B 221 -25.90 70.56 37.95
CA LEU B 221 -24.59 70.22 37.38
C LEU B 221 -24.47 68.73 37.08
N LYS B 222 -24.94 67.85 37.97
CA LYS B 222 -24.92 66.41 37.71
C LYS B 222 -25.79 66.05 36.50
N ILE B 223 -26.95 66.68 36.33
CA ILE B 223 -27.77 66.51 35.12
C ILE B 223 -27.01 66.99 33.88
N LEU B 224 -26.38 68.16 33.92
CA LEU B 224 -25.58 68.65 32.79
C LEU B 224 -24.45 67.68 32.43
N ALA B 225 -23.83 67.06 33.43
CA ALA B 225 -22.79 66.05 33.25
C ALA B 225 -23.33 64.73 32.66
N GLU B 226 -24.48 64.25 33.15
CA GLU B 226 -25.18 63.13 32.50
C GLU B 226 -25.59 63.47 31.05
N GLY B 227 -25.85 64.75 30.78
CA GLY B 227 -26.10 65.28 29.44
C GLY B 227 -24.86 65.31 28.53
N GLY B 228 -23.68 65.00 29.06
CA GLY B 228 -22.42 64.94 28.28
C GLY B 228 -21.99 66.29 27.69
N ALA B 229 -22.40 67.41 28.29
CA ALA B 229 -22.18 68.75 27.75
C ALA B 229 -20.68 69.11 27.63
N THR B 230 -20.34 69.93 26.63
CA THR B 230 -18.95 70.35 26.38
C THR B 230 -18.45 71.34 27.44
N PRO B 231 -17.12 71.42 27.69
CA PRO B 231 -16.55 72.22 28.76
C PRO B 231 -16.98 73.68 28.83
N GLU B 232 -17.35 74.32 27.73
CA GLU B 232 -17.86 75.70 27.72
C GLU B 232 -19.15 75.83 28.53
N GLN B 233 -20.06 74.85 28.39
CA GLN B 233 -21.28 74.80 29.18
C GLN B 233 -20.95 74.54 30.65
N LEU B 234 -20.04 73.59 30.92
CA LEU B 234 -19.61 73.27 32.28
C LEU B 234 -19.06 74.51 32.98
N GLU B 235 -18.20 75.27 32.29
CA GLU B 235 -17.65 76.53 32.80
C GLU B 235 -18.76 77.54 33.10
N ARG B 236 -19.61 77.89 32.12
CA ARG B 236 -20.64 78.93 32.32
C ARG B 236 -21.57 78.59 33.47
N VAL B 237 -22.05 77.35 33.51
CA VAL B 237 -22.95 76.91 34.57
C VAL B 237 -22.23 76.88 35.91
N THR B 238 -20.99 76.40 35.96
CA THR B 238 -20.22 76.40 37.21
C THR B 238 -20.04 77.82 37.72
N GLU B 239 -19.64 78.74 36.85
CA GLU B 239 -19.41 80.13 37.20
C GLU B 239 -20.68 80.77 37.75
N HIS B 240 -21.79 80.64 37.02
CA HIS B 240 -23.06 81.21 37.46
C HIS B 240 -23.50 80.59 38.80
N ALA B 241 -23.33 79.29 38.97
CA ALA B 241 -23.70 78.61 40.20
C ALA B 241 -22.87 79.12 41.38
N LEU B 242 -21.54 79.16 41.26
CA LEU B 242 -20.70 79.73 42.30
C LEU B 242 -21.10 81.18 42.59
N GLU B 243 -21.36 81.99 41.56
CA GLU B 243 -21.75 83.38 41.73
C GLU B 243 -23.08 83.51 42.51
N VAL B 244 -24.08 82.72 42.16
CA VAL B 244 -25.32 82.68 42.91
C VAL B 244 -25.06 82.22 44.34
N LEU B 245 -24.28 81.16 44.54
CA LEU B 245 -23.98 80.67 45.88
C LEU B 245 -23.30 81.76 46.72
N LYS B 246 -22.41 82.54 46.10
CA LYS B 246 -21.75 83.67 46.74
C LYS B 246 -22.73 84.77 47.09
N GLU B 247 -23.62 85.16 46.18
CA GLU B 247 -24.64 86.15 46.52
C GLU B 247 -25.55 85.65 47.65
N VAL B 248 -26.01 84.39 47.58
CA VAL B 248 -26.86 83.81 48.63
C VAL B 248 -26.11 83.69 49.95
N ALA B 249 -24.79 83.49 49.93
CA ALA B 249 -24.01 83.57 51.15
C ALA B 249 -24.00 85.00 51.69
N LYS B 250 -23.77 86.02 50.84
CA LYS B 250 -23.79 87.42 51.30
C LYS B 250 -25.14 87.84 51.88
N GLU B 251 -26.23 87.29 51.35
CA GLU B 251 -27.54 87.40 52.00
C GLU B 251 -27.57 86.67 53.35
N LEU B 252 -27.34 85.36 53.34
CA LEU B 252 -27.88 84.45 54.34
C LEU B 252 -26.86 84.00 55.39
N ALA B 253 -25.56 84.10 55.10
CA ALA B 253 -24.47 83.56 55.93
C ALA B 253 -23.93 84.59 56.95
N ASP B 254 -24.82 85.23 57.71
CA ASP B 254 -24.52 86.32 58.63
C ASP B 254 -24.02 85.89 60.03
N SER B 255 -23.39 84.71 60.15
CA SER B 255 -22.84 84.18 61.41
C SER B 255 -21.68 83.21 61.18
N PRO B 256 -20.86 82.90 62.19
CA PRO B 256 -19.72 81.99 62.04
C PRO B 256 -20.14 80.62 61.49
N GLU B 257 -21.11 79.96 62.12
CA GLU B 257 -21.55 78.65 61.66
C GLU B 257 -22.16 78.70 60.25
N SER B 258 -22.98 79.72 59.96
CA SER B 258 -23.60 79.81 58.63
C SER B 258 -22.54 80.09 57.57
N GLY B 259 -21.49 80.83 57.91
CA GLY B 259 -20.28 80.91 57.11
C GLY B 259 -19.72 79.51 56.84
N LEU B 260 -19.37 78.77 57.90
CA LEU B 260 -18.79 77.44 57.79
C LEU B 260 -19.62 76.50 56.90
N ALA B 261 -20.93 76.52 57.06
CA ALA B 261 -21.81 75.74 56.21
C ALA B 261 -21.73 76.22 54.75
N ALA B 262 -21.88 77.52 54.50
CA ALA B 262 -21.91 78.06 53.15
C ALA B 262 -20.62 77.73 52.42
N LEU B 263 -19.47 77.94 53.05
CA LEU B 263 -18.21 77.58 52.43
C LEU B 263 -18.05 76.08 52.27
N ALA B 264 -18.51 75.24 53.21
CA ALA B 264 -18.41 73.80 53.01
C ALA B 264 -19.16 73.40 51.75
N ALA B 265 -20.36 73.95 51.58
CA ALA B 265 -21.18 73.71 50.40
C ALA B 265 -20.49 74.26 49.14
N ILE B 266 -19.96 75.49 49.17
CA ILE B 266 -19.23 76.04 48.03
C ILE B 266 -18.06 75.11 47.67
N ALA B 267 -17.27 74.70 48.66
CA ALA B 267 -16.13 73.82 48.43
C ALA B 267 -16.59 72.48 47.84
N SER B 268 -17.71 71.97 48.31
CA SER B 268 -18.31 70.77 47.73
C SER B 268 -18.67 71.01 46.26
N LEU B 269 -19.28 72.15 45.91
CA LEU B 269 -19.61 72.48 44.52
C LEU B 269 -18.35 72.62 43.66
N ALA B 270 -17.30 73.24 44.21
CA ALA B 270 -16.01 73.29 43.54
C ALA B 270 -15.44 71.89 43.29
N LYS B 271 -15.42 71.02 44.31
CA LYS B 271 -14.96 69.62 44.19
C LYS B 271 -15.76 68.90 43.12
N LEU B 272 -17.08 69.04 43.14
CA LEU B 272 -17.97 68.46 42.15
C LEU B 272 -17.65 68.95 40.73
N GLY B 273 -17.46 70.26 40.55
CA GLY B 273 -17.10 70.84 39.25
C GLY B 273 -15.76 70.33 38.76
N LEU B 274 -14.74 70.34 39.62
CA LEU B 274 -13.42 69.78 39.32
C LEU B 274 -13.53 68.31 38.94
N GLU B 275 -14.35 67.54 39.62
CA GLU B 275 -14.57 66.14 39.31
C GLU B 275 -15.25 65.96 37.95
N GLN B 276 -16.15 66.86 37.54
CA GLN B 276 -16.70 66.82 36.17
C GLN B 276 -15.61 67.12 35.13
N LEU B 277 -14.77 68.13 35.38
CA LEU B 277 -13.64 68.42 34.50
C LEU B 277 -12.66 67.23 34.41
N LYS B 278 -12.44 66.54 35.53
CA LYS B 278 -11.62 65.32 35.59
C LYS B 278 -12.26 64.18 34.77
N GLU B 279 -13.57 63.98 34.90
CA GLU B 279 -14.29 62.95 34.16
C GLU B 279 -14.34 63.20 32.64
N ILE B 280 -14.64 64.43 32.20
CA ILE B 280 -14.63 64.75 30.75
C ILE B 280 -13.20 64.83 30.18
N GLY B 281 -12.18 64.93 31.04
CA GLY B 281 -10.78 65.04 30.64
C GLY B 281 -10.41 66.43 30.10
N ALA B 282 -11.00 67.49 30.65
CA ALA B 282 -10.77 68.87 30.22
C ALA B 282 -9.31 69.33 30.45
N PRO B 283 -8.75 70.22 29.59
CA PRO B 283 -7.37 70.65 29.69
C PRO B 283 -7.12 71.54 30.93
N PRO B 284 -5.87 71.62 31.41
CA PRO B 284 -5.50 72.39 32.61
C PRO B 284 -6.02 73.83 32.67
N GLU B 285 -6.20 74.50 31.53
CA GLU B 285 -6.80 75.84 31.46
C GLU B 285 -8.18 75.89 32.14
N GLN B 286 -9.05 74.92 31.87
CA GLN B 286 -10.36 74.82 32.53
C GLN B 286 -10.20 74.55 34.03
N GLN B 287 -9.27 73.65 34.40
CA GLN B 287 -9.00 73.27 35.78
C GLN B 287 -8.57 74.49 36.60
N ARG B 288 -7.66 75.30 36.05
CA ARG B 288 -7.24 76.59 36.62
C ARG B 288 -8.41 77.55 36.76
N ARG B 289 -9.17 77.82 35.69
CA ARG B 289 -10.29 78.79 35.70
C ARG B 289 -11.24 78.54 36.86
N VAL B 290 -11.76 77.31 36.96
CA VAL B 290 -12.70 76.94 38.03
C VAL B 290 -12.04 77.05 39.39
N THR B 291 -10.81 76.54 39.54
CA THR B 291 -10.13 76.59 40.84
C THR B 291 -9.94 78.03 41.32
N LYS B 292 -9.47 78.93 40.44
CA LYS B 292 -9.28 80.34 40.79
C LYS B 292 -10.61 81.00 41.14
N ALA B 293 -11.68 80.74 40.40
CA ALA B 293 -13.00 81.22 40.76
C ALA B 293 -13.40 80.75 42.16
N GLY B 294 -13.10 79.48 42.48
CA GLY B 294 -13.27 78.92 43.82
C GLY B 294 -12.51 79.74 44.87
N ILE B 295 -11.21 79.93 44.67
CA ILE B 295 -10.40 80.73 45.60
C ILE B 295 -10.93 82.16 45.70
N GLU B 296 -11.41 82.77 44.62
CA GLU B 296 -12.05 84.10 44.71
C GLU B 296 -13.33 84.06 45.57
N ALA B 297 -14.10 82.98 45.51
CA ALA B 297 -15.17 82.78 46.47
C ALA B 297 -14.64 82.64 47.90
N VAL B 298 -13.60 81.83 48.13
CA VAL B 298 -12.97 81.70 49.47
C VAL B 298 -12.63 83.08 50.02
N ARG B 299 -11.95 83.89 49.20
CA ARG B 299 -11.50 85.24 49.56
C ARG B 299 -12.67 86.14 49.90
N GLU B 300 -13.69 86.20 49.05
CA GLU B 300 -14.87 87.03 49.29
C GLU B 300 -15.65 86.56 50.51
N ILE B 301 -15.83 85.25 50.68
CA ILE B 301 -16.50 84.69 51.86
C ILE B 301 -15.74 85.08 53.12
N TYR B 302 -14.42 84.91 53.14
CA TYR B 302 -13.60 85.31 54.27
C TYR B 302 -13.76 86.81 54.57
N ARG B 303 -13.50 87.67 53.58
CA ARG B 303 -13.47 89.13 53.79
C ARG B 303 -14.84 89.70 54.16
N TYR B 304 -15.91 89.24 53.52
CA TYR B 304 -17.27 89.62 53.90
C TYR B 304 -17.62 89.07 55.29
N GLY B 305 -17.35 87.78 55.50
CA GLY B 305 -17.65 87.07 56.75
C GLY B 305 -16.94 87.64 57.97
N ARG B 306 -15.77 88.26 57.80
CA ARG B 306 -15.04 88.95 58.87
C ARG B 306 -15.86 90.06 59.54
N LYS B 307 -16.84 90.63 58.84
CA LYS B 307 -17.77 91.64 59.37
C LYS B 307 -18.91 91.05 60.24
N LEU B 308 -19.16 89.75 60.14
CA LEU B 308 -20.35 89.04 60.65
C LEU B 308 -19.94 87.82 61.48
N TYR B 309 -19.02 88.05 62.42
CA TYR B 309 -18.37 87.08 63.31
C TYR B 309 -18.32 87.60 64.75
N ASP C 3 14.99 35.82 -73.49
CA ASP C 3 14.93 37.02 -74.36
C ASP C 3 13.94 36.87 -75.54
N ASP C 4 12.98 35.96 -75.52
CA ASP C 4 12.11 35.68 -76.67
C ASP C 4 11.32 36.92 -77.11
N LEU C 5 11.01 37.81 -76.17
CA LEU C 5 10.41 39.10 -76.46
C LEU C 5 11.27 39.88 -77.46
N LEU C 6 12.57 40.03 -77.21
CA LEU C 6 13.46 40.72 -78.15
C LEU C 6 13.47 40.01 -79.48
N LEU C 7 13.58 38.68 -79.46
CA LEU C 7 13.53 37.90 -80.69
C LEU C 7 12.27 38.21 -81.50
N LYS C 8 11.09 38.26 -80.87
CA LYS C 8 9.89 38.65 -81.58
C LYS C 8 9.85 40.14 -81.95
N LEU C 9 10.52 41.04 -81.22
CA LEU C 9 10.70 42.40 -81.74
C LEU C 9 11.47 42.40 -83.05
N LEU C 10 12.48 41.55 -83.17
CA LEU C 10 13.13 41.37 -84.46
C LEU C 10 12.11 40.91 -85.48
N GLU C 11 11.28 39.92 -85.16
CA GLU C 11 10.24 39.49 -86.11
C GLU C 11 9.34 40.64 -86.52
N LEU C 12 8.88 41.46 -85.59
CA LEU C 12 8.04 42.59 -85.92
C LEU C 12 8.78 43.60 -86.81
N LEU C 13 10.02 43.92 -86.46
CA LEU C 13 10.83 44.79 -87.32
C LEU C 13 10.92 44.23 -88.73
N VAL C 14 11.25 42.94 -88.85
CA VAL C 14 11.37 42.28 -90.16
C VAL C 14 10.03 42.33 -90.86
N GLU C 15 8.94 42.04 -90.19
CA GLU C 15 7.64 42.02 -90.85
C GLU C 15 7.26 43.43 -91.32
N GLN C 16 7.55 44.46 -90.53
CA GLN C 16 7.33 45.83 -90.96
C GLN C 16 8.20 46.17 -92.16
N ALA C 17 9.41 45.64 -92.21
CA ALA C 17 10.21 45.72 -93.41
C ALA C 17 9.52 44.96 -94.57
N ARG C 18 8.90 43.80 -94.37
CA ARG C 18 8.20 43.08 -95.44
C ARG C 18 7.02 43.89 -95.98
N VAL C 19 6.25 44.53 -95.10
CA VAL C 19 5.19 45.46 -95.52
C VAL C 19 5.80 46.64 -96.27
N SER C 20 6.93 47.15 -95.81
CA SER C 20 7.65 48.18 -96.54
C SER C 20 8.19 47.68 -97.88
N ALA C 21 8.51 46.39 -98.03
CA ALA C 21 8.93 45.80 -99.30
C ALA C 21 7.76 45.70 -100.28
N GLU C 22 6.55 45.39 -99.81
CA GLU C 22 5.36 45.61 -100.62
C GLU C 22 5.20 47.08 -100.99
N PHE C 23 5.38 48.01 -100.03
CA PHE C 23 5.30 49.44 -100.33
C PHE C 23 6.32 49.85 -101.40
N ALA C 24 7.55 49.33 -101.34
CA ALA C 24 8.57 49.53 -102.37
C ALA C 24 8.17 48.91 -103.73
N ARG C 25 7.58 47.71 -103.75
CA ARG C 25 7.02 47.13 -104.99
C ARG C 25 5.86 47.94 -105.57
N ARG C 26 5.12 48.68 -104.73
CA ARG C 26 4.00 49.56 -105.13
C ARG C 26 4.43 51.00 -105.48
N GLN C 27 5.53 51.52 -104.93
CA GLN C 27 5.90 52.96 -105.00
C GLN C 27 7.36 53.27 -105.40
N GLY C 28 8.27 52.29 -105.45
CA GLY C 28 9.58 52.39 -106.12
C GLY C 28 10.67 53.24 -105.47
N ASP C 29 10.54 53.65 -104.21
CA ASP C 29 11.53 54.53 -103.56
C ASP C 29 12.86 53.83 -103.18
N GLU C 30 13.97 54.34 -103.71
CA GLU C 30 15.32 53.93 -103.33
C GLU C 30 15.63 54.15 -101.85
N LYS C 31 15.18 55.26 -101.25
CA LYS C 31 15.48 55.54 -99.84
C LYS C 31 14.79 54.53 -98.92
N MET C 32 13.54 54.18 -99.18
CA MET C 32 12.88 53.10 -98.47
C MET C 32 13.63 51.77 -98.64
N LEU C 33 14.10 51.42 -99.85
CA LEU C 33 14.91 50.22 -100.04
C LEU C 33 16.19 50.26 -99.18
N GLU C 34 16.86 51.40 -99.15
CA GLU C 34 18.01 51.62 -98.26
C GLU C 34 17.63 51.43 -96.78
N GLU C 35 16.48 51.97 -96.36
CA GLU C 35 15.99 51.82 -94.99
C GLU C 35 15.72 50.37 -94.64
N VAL C 36 14.95 49.63 -95.44
CA VAL C 36 14.68 48.22 -95.12
C VAL C 36 15.96 47.41 -95.14
N ALA C 37 16.88 47.67 -96.07
CA ALA C 37 18.14 46.97 -96.11
C ALA C 37 18.92 47.17 -94.81
N ARG C 38 19.11 48.43 -94.40
CA ARG C 38 19.88 48.77 -93.20
C ARG C 38 19.18 48.27 -91.95
N LYS C 39 17.86 48.43 -91.84
CA LYS C 39 17.08 47.88 -90.74
C LYS C 39 17.26 46.37 -90.65
N ALA C 40 17.21 45.67 -91.77
CA ALA C 40 17.42 44.23 -91.79
C ALA C 40 18.85 43.86 -91.39
N GLU C 41 19.84 44.62 -91.83
CA GLU C 41 21.21 44.41 -91.37
C GLU C 41 21.35 44.66 -89.86
N GLU C 42 20.67 45.66 -89.30
CA GLU C 42 20.63 45.88 -87.85
C GLU C 42 19.95 44.72 -87.13
N VAL C 43 18.88 44.18 -87.69
CA VAL C 43 18.33 42.91 -87.20
C VAL C 43 19.39 41.82 -87.30
N ALA C 44 20.11 41.69 -88.40
CA ALA C 44 21.12 40.66 -88.55
C ALA C 44 22.20 40.80 -87.46
N ARG C 45 22.61 42.04 -87.14
CA ARG C 45 23.51 42.32 -86.01
C ARG C 45 22.93 41.78 -84.71
N LYS C 46 21.70 42.16 -84.38
CA LYS C 46 21.03 41.75 -83.14
C LYS C 46 20.93 40.23 -83.06
N ALA C 47 20.43 39.61 -84.13
CA ALA C 47 20.23 38.18 -84.23
C ALA C 47 21.56 37.42 -84.12
N GLU C 48 22.59 37.80 -84.89
CA GLU C 48 23.90 37.15 -84.85
C GLU C 48 24.48 37.22 -83.43
N SER C 49 24.32 38.37 -82.78
CA SER C 49 24.81 38.57 -81.41
C SER C 49 24.12 37.61 -80.45
N ILE C 50 22.79 37.55 -80.47
CA ILE C 50 22.03 36.59 -79.65
C ILE C 50 22.45 35.16 -80.00
N ALA C 51 22.62 34.83 -81.28
CA ALA C 51 22.95 33.48 -81.73
C ALA C 51 24.33 33.02 -81.24
N ARG C 52 25.36 33.86 -81.32
CA ARG C 52 26.70 33.50 -80.80
C ARG C 52 26.72 33.44 -79.28
N LYS C 53 25.94 34.30 -78.60
CA LYS C 53 25.69 34.19 -77.16
C LYS C 53 25.08 32.82 -76.83
N ALA C 54 24.04 32.42 -77.55
CA ALA C 54 23.43 31.09 -77.40
C ALA C 54 24.43 29.96 -77.71
N ARG C 55 25.32 30.10 -78.71
CA ARG C 55 26.37 29.10 -78.98
C ARG C 55 27.26 28.88 -77.75
N LYS C 56 27.65 29.96 -77.08
CA LYS C 56 28.43 29.89 -75.82
C LYS C 56 27.59 29.33 -74.66
N GLU C 57 26.34 29.77 -74.50
CA GLU C 57 25.52 29.44 -73.34
C GLU C 57 24.78 28.09 -73.42
N GLY C 58 24.63 27.50 -74.62
CA GLY C 58 24.17 26.12 -74.80
C GLY C 58 22.65 25.89 -74.86
N ASN C 59 21.81 26.92 -74.83
CA ASN C 59 20.37 26.76 -75.09
C ASN C 59 20.10 26.64 -76.60
N LEU C 60 19.93 25.40 -77.08
CA LEU C 60 19.72 25.17 -78.52
C LEU C 60 18.37 25.71 -79.00
N GLU C 61 17.33 25.71 -78.17
CA GLU C 61 16.02 26.23 -78.59
C GLU C 61 16.13 27.71 -78.98
N LEU C 62 16.80 28.52 -78.15
CA LEU C 62 17.08 29.90 -78.50
C LEU C 62 17.95 30.00 -79.75
N ALA C 63 19.00 29.17 -79.87
CA ALA C 63 19.87 29.23 -81.04
C ALA C 63 19.07 28.98 -82.33
N LEU C 64 18.21 27.96 -82.33
CA LEU C 64 17.36 27.68 -83.47
C LEU C 64 16.39 28.83 -83.71
N LYS C 65 15.73 29.36 -82.67
CA LYS C 65 14.85 30.53 -82.83
C LYS C 65 15.59 31.69 -83.48
N ALA C 66 16.79 32.00 -82.99
CA ALA C 66 17.60 33.07 -83.52
C ALA C 66 17.99 32.83 -84.98
N LEU C 67 18.42 31.62 -85.31
CA LEU C 67 18.71 31.27 -86.69
C LEU C 67 17.47 31.41 -87.57
N GLU C 68 16.31 30.97 -87.10
CA GLU C 68 15.07 31.10 -87.87
C GLU C 68 14.75 32.58 -88.12
N ILE C 69 14.95 33.44 -87.13
CA ILE C 69 14.85 34.87 -87.33
C ILE C 69 15.90 35.36 -88.34
N LEU C 70 17.14 34.89 -88.24
CA LEU C 70 18.17 35.27 -89.20
C LEU C 70 17.75 34.89 -90.61
N VAL C 71 17.14 33.71 -90.77
CA VAL C 71 16.57 33.30 -92.04
C VAL C 71 15.40 34.18 -92.44
N ARG C 72 14.51 34.56 -91.51
CA ARG C 72 13.40 35.47 -91.81
C ARG C 72 13.96 36.79 -92.36
N ALA C 73 15.01 37.31 -91.74
CA ALA C 73 15.70 38.49 -92.23
C ALA C 73 16.36 38.23 -93.59
N ALA C 74 17.00 37.08 -93.76
CA ALA C 74 17.59 36.72 -95.04
C ALA C 74 16.53 36.71 -96.15
N HIS C 75 15.32 36.23 -95.88
CA HIS C 75 14.22 36.24 -96.85
C HIS C 75 13.94 37.65 -97.34
N VAL C 76 13.70 38.60 -96.44
CA VAL C 76 13.45 39.97 -96.91
C VAL C 76 14.70 40.54 -97.57
N LEU C 77 15.90 40.32 -97.04
CA LEU C 77 17.14 40.80 -97.65
C LEU C 77 17.29 40.29 -99.08
N ALA C 78 16.96 39.03 -99.31
CA ALA C 78 17.01 38.42 -100.64
C ALA C 78 16.01 39.08 -101.58
N GLU C 79 14.77 39.32 -101.14
CA GLU C 79 13.81 40.05 -101.97
C GLU C 79 14.31 41.47 -102.28
N ILE C 80 14.86 42.18 -101.28
CA ILE C 80 15.40 43.52 -101.48
C ILE C 80 16.54 43.50 -102.50
N ALA C 81 17.51 42.60 -102.32
CA ALA C 81 18.64 42.45 -103.24
C ALA C 81 18.16 42.16 -104.67
N ARG C 82 17.18 41.27 -104.82
CA ARG C 82 16.64 40.84 -106.11
C ARG C 82 15.87 41.96 -106.83
N GLU C 83 15.00 42.67 -106.13
CA GLU C 83 14.25 43.79 -106.70
C GLU C 83 15.15 44.97 -107.03
N ARG C 84 16.12 45.29 -106.15
CA ARG C 84 17.06 46.40 -106.36
C ARG C 84 18.17 46.08 -107.38
N GLY C 85 18.39 44.79 -107.66
CA GLY C 85 19.46 44.32 -108.54
C GLY C 85 20.86 44.54 -107.96
N ASN C 86 21.00 44.47 -106.64
CA ASN C 86 22.20 44.95 -105.93
C ASN C 86 23.10 43.80 -105.44
N GLU C 87 24.38 43.86 -105.82
CA GLU C 87 25.36 42.84 -105.43
C GLU C 87 25.80 42.92 -103.98
N GLU C 88 25.86 44.11 -103.36
CA GLU C 88 26.34 44.27 -101.97
C GLU C 88 25.48 43.45 -101.02
N LEU C 89 24.15 43.56 -101.18
CA LEU C 89 23.19 42.77 -100.42
C LEU C 89 23.25 41.29 -100.81
N GLN C 90 23.34 40.95 -102.10
CA GLN C 90 23.41 39.55 -102.53
C GLN C 90 24.66 38.84 -101.96
N LYS C 91 25.81 39.51 -101.97
CA LYS C 91 27.05 39.03 -101.37
C LYS C 91 26.90 38.85 -99.86
N LYS C 92 26.38 39.86 -99.14
CA LYS C 92 26.16 39.75 -97.69
C LYS C 92 25.18 38.64 -97.35
N ALA C 93 24.08 38.50 -98.08
CA ALA C 93 23.15 37.40 -97.92
C ALA C 93 23.84 36.05 -98.15
N HIS C 94 24.62 35.91 -99.23
CA HIS C 94 25.37 34.67 -99.52
C HIS C 94 26.31 34.30 -98.37
N LYS C 95 27.11 35.26 -97.90
CA LYS C 95 27.99 35.09 -96.73
C LYS C 95 27.20 34.62 -95.51
N LEU C 96 26.17 35.37 -95.14
CA LEU C 96 25.36 35.04 -93.96
C LEU C 96 24.75 33.65 -94.10
N ALA C 97 24.19 33.32 -95.27
CA ALA C 97 23.53 32.06 -95.50
C ALA C 97 24.49 30.88 -95.35
N LYS C 98 25.67 30.95 -95.96
CA LYS C 98 26.64 29.84 -95.86
C LYS C 98 27.14 29.68 -94.42
N GLU C 99 27.43 30.79 -93.73
CA GLU C 99 27.78 30.73 -92.30
C GLU C 99 26.63 30.13 -91.48
N ALA C 100 25.40 30.57 -91.71
CA ALA C 100 24.26 30.00 -91.02
C ALA C 100 24.14 28.49 -91.31
N LEU C 101 24.34 28.06 -92.55
CA LEU C 101 24.29 26.66 -92.91
C LEU C 101 25.33 25.86 -92.09
N ARG C 102 26.57 26.31 -92.10
CA ARG C 102 27.64 25.72 -91.29
C ARG C 102 27.25 25.69 -89.81
N GLN C 103 26.80 26.81 -89.26
CA GLN C 103 26.41 26.91 -87.85
C GLN C 103 25.28 25.93 -87.53
N VAL C 104 24.20 25.92 -88.32
CA VAL C 104 23.07 25.04 -88.04
C VAL C 104 23.46 23.59 -88.23
N ILE C 105 24.34 23.27 -89.17
CA ILE C 105 24.86 21.91 -89.31
C ILE C 105 25.59 21.51 -88.04
N GLU C 106 26.49 22.34 -87.53
CA GLU C 106 27.19 22.01 -86.27
C GLU C 106 26.21 21.88 -85.11
N ILE C 107 25.21 22.75 -85.03
CA ILE C 107 24.16 22.61 -84.02
C ILE C 107 23.41 21.29 -84.23
N ALA C 108 23.12 20.89 -85.46
CA ALA C 108 22.41 19.65 -85.75
C ALA C 108 23.26 18.44 -85.36
N ILE C 109 24.57 18.46 -85.63
CA ILE C 109 25.48 17.45 -85.10
C ILE C 109 25.37 17.44 -83.57
N ARG C 110 25.42 18.61 -82.91
CA ARG C 110 25.33 18.70 -81.44
C ARG C 110 24.01 18.13 -80.92
N ALA C 111 22.89 18.45 -81.55
CA ALA C 111 21.57 17.96 -81.15
C ALA C 111 21.49 16.43 -81.24
N ILE C 112 22.01 15.84 -82.33
CA ILE C 112 22.10 14.39 -82.49
C ILE C 112 23.03 13.81 -81.42
N GLN C 113 24.16 14.46 -81.15
CA GLN C 113 25.14 13.96 -80.18
C GLN C 113 24.61 14.03 -78.73
N GLU C 114 23.91 15.11 -78.35
CA GLU C 114 23.20 15.21 -77.06
C GLU C 114 21.92 14.36 -77.02
N GLY C 115 21.46 13.83 -78.16
CA GLY C 115 20.37 12.87 -78.24
C GLY C 115 18.96 13.50 -78.23
N ASN C 116 18.80 14.74 -78.66
CA ASN C 116 17.48 15.35 -78.87
C ASN C 116 17.12 15.40 -80.36
N LEU C 117 15.96 14.84 -80.71
CA LEU C 117 15.52 14.69 -82.09
C LEU C 117 14.62 15.86 -82.50
N GLU C 118 13.85 16.39 -81.57
CA GLU C 118 12.89 17.47 -81.80
C GLU C 118 13.59 18.74 -82.28
N LEU C 119 14.64 19.13 -81.58
CA LEU C 119 15.49 20.23 -81.97
C LEU C 119 16.13 19.93 -83.33
N ALA C 120 16.63 18.72 -83.56
CA ALA C 120 17.23 18.38 -84.85
C ALA C 120 16.22 18.52 -85.99
N ILE C 121 14.98 18.10 -85.79
CA ILE C 121 13.91 18.28 -86.76
C ILE C 121 13.70 19.76 -87.04
N ILE C 122 13.57 20.58 -86.00
CA ILE C 122 13.39 22.02 -86.17
C ILE C 122 14.60 22.61 -86.92
N ALA C 123 15.80 22.22 -86.53
CA ALA C 123 17.02 22.66 -87.19
C ALA C 123 17.03 22.26 -88.66
N LEU C 124 16.58 21.05 -88.97
CA LEU C 124 16.56 20.58 -90.33
C LEU C 124 15.50 21.33 -91.13
N HIS C 125 14.37 21.69 -90.52
CA HIS C 125 13.39 22.60 -91.10
C HIS C 125 14.03 23.94 -91.44
N ILE C 126 14.73 24.54 -90.46
CA ILE C 126 15.46 25.78 -90.68
C ILE C 126 16.45 25.59 -91.83
N SER C 127 17.10 24.43 -91.90
CA SER C 127 18.04 24.13 -92.97
C SER C 127 17.35 24.12 -94.32
N VAL C 128 16.16 23.54 -94.43
CA VAL C 128 15.38 23.62 -95.66
C VAL C 128 15.04 25.07 -95.98
N ARG C 129 14.66 25.87 -94.99
CA ARG C 129 14.42 27.29 -95.24
C ARG C 129 15.69 27.99 -95.72
N ILE C 130 16.86 27.66 -95.15
CA ILE C 130 18.14 28.15 -95.66
C ILE C 130 18.32 27.71 -97.11
N ALA C 131 17.95 26.48 -97.45
CA ALA C 131 17.99 26.03 -98.82
C ALA C 131 17.12 26.91 -99.72
N GLU C 132 15.94 27.37 -99.27
CA GLU C 132 15.14 28.31 -100.06
C GLU C 132 15.88 29.62 -100.30
N VAL C 133 16.58 30.13 -99.29
CA VAL C 133 17.42 31.32 -99.46
C VAL C 133 18.53 31.05 -100.48
N LEU C 134 19.24 29.93 -100.33
CA LEU C 134 20.30 29.56 -101.26
C LEU C 134 19.75 29.42 -102.68
N LEU C 135 18.61 28.75 -102.85
CA LEU C 135 17.96 28.57 -104.15
C LEU C 135 17.61 29.92 -104.78
N GLU C 136 17.13 30.88 -103.99
CA GLU C 136 16.90 32.22 -104.50
C GLU C 136 18.21 32.96 -104.85
N THR C 137 19.32 32.63 -104.20
CA THR C 137 20.54 33.47 -104.23
C THR C 137 21.12 33.67 -105.63
N ARG C 138 21.21 32.60 -106.43
CA ARG C 138 21.63 32.65 -107.85
C ARG C 138 21.00 31.50 -108.66
N PRO C 139 20.89 31.60 -109.99
CA PRO C 139 20.33 30.52 -110.84
C PRO C 139 21.29 29.35 -111.10
N ASP C 140 22.56 29.41 -110.70
CA ASP C 140 23.61 28.47 -111.15
C ASP C 140 24.43 27.78 -110.03
N ASP C 141 24.05 27.97 -108.75
CA ASP C 141 24.83 27.54 -107.57
C ASP C 141 24.75 26.03 -107.26
N ARG C 142 24.65 25.20 -108.30
CA ARG C 142 24.29 23.77 -108.22
C ARG C 142 25.19 22.98 -107.29
N GLU C 143 26.48 23.30 -107.23
CA GLU C 143 27.43 22.61 -106.36
C GLU C 143 27.09 22.77 -104.88
N GLU C 144 26.92 24.01 -104.41
CA GLU C 144 26.57 24.26 -103.01
C GLU C 144 25.19 23.67 -102.69
N ILE C 145 24.25 23.79 -103.62
CA ILE C 145 22.92 23.21 -103.47
C ILE C 145 23.05 21.69 -103.31
N ARG C 146 23.82 21.01 -104.15
CA ARG C 146 24.03 19.58 -104.02
C ARG C 146 24.75 19.23 -102.72
N GLU C 147 25.77 19.99 -102.32
CA GLU C 147 26.45 19.76 -101.05
C GLU C 147 25.45 19.81 -99.89
N GLN C 148 24.66 20.88 -99.81
CA GLN C 148 23.64 21.00 -98.80
C GLN C 148 22.64 19.84 -98.88
N GLN C 149 22.14 19.51 -100.06
CA GLN C 149 21.12 18.46 -100.20
C GLN C 149 21.69 17.07 -99.90
N ALA C 150 22.96 16.80 -100.19
CA ALA C 150 23.61 15.57 -99.76
C ALA C 150 23.70 15.51 -98.23
N ILE C 151 24.07 16.63 -97.59
CA ILE C 151 24.12 16.70 -96.14
C ILE C 151 22.72 16.48 -95.56
N PHE C 152 21.69 17.06 -96.18
CA PHE C 152 20.31 16.80 -95.81
C PHE C 152 19.97 15.32 -95.94
N GLU C 153 20.29 14.69 -97.06
CA GLU C 153 20.02 13.26 -97.28
C GLU C 153 20.70 12.41 -96.20
N LEU C 154 21.93 12.75 -95.83
CA LEU C 154 22.62 12.08 -94.74
C LEU C 154 21.89 12.28 -93.42
N LEU C 155 21.57 13.53 -93.06
CA LEU C 155 20.90 13.83 -91.81
C LEU C 155 19.55 13.12 -91.74
N ILE C 156 18.76 13.11 -92.81
CA ILE C 156 17.51 12.36 -92.84
C ILE C 156 17.76 10.88 -92.68
N ALA C 157 18.73 10.29 -93.38
CA ALA C 157 19.00 8.87 -93.20
C ALA C 157 19.36 8.56 -91.75
N ALA C 158 20.22 9.38 -91.14
CA ALA C 158 20.62 9.23 -89.75
C ALA C 158 19.40 9.37 -88.83
N LEU C 159 18.58 10.39 -89.03
CA LEU C 159 17.36 10.57 -88.26
C LEU C 159 16.38 9.41 -88.46
N GLU C 160 16.24 8.86 -89.66
CA GLU C 160 15.37 7.71 -89.91
C GLU C 160 15.84 6.51 -89.08
N ALA C 161 17.13 6.22 -89.07
CA ALA C 161 17.66 5.18 -88.19
C ALA C 161 17.39 5.52 -86.73
N ALA C 162 17.74 6.74 -86.30
CA ALA C 162 17.63 7.16 -84.92
C ALA C 162 16.21 7.01 -84.39
N ILE C 163 15.24 7.51 -85.16
CA ILE C 163 13.82 7.46 -84.81
C ILE C 163 13.29 6.04 -84.93
N ARG C 164 13.76 5.21 -85.87
CA ARG C 164 13.38 3.79 -85.93
C ARG C 164 13.78 3.07 -84.65
N LEU C 165 15.00 3.30 -84.16
CA LEU C 165 15.44 2.76 -82.86
C LEU C 165 14.63 3.37 -81.72
N GLU C 166 14.42 4.68 -81.69
CA GLU C 166 13.70 5.34 -80.60
C GLU C 166 12.26 4.79 -80.50
N LYS C 167 11.58 4.60 -81.64
CA LYS C 167 10.28 3.94 -81.72
C LYS C 167 10.35 2.52 -81.17
N LEU C 168 11.36 1.75 -81.58
CA LEU C 168 11.54 0.38 -81.09
C LEU C 168 11.79 0.34 -79.57
N LYS C 169 12.51 1.33 -79.03
CA LYS C 169 12.75 1.52 -77.60
C LYS C 169 11.46 1.86 -76.84
N GLU C 170 10.63 2.72 -77.40
CA GLU C 170 9.32 3.07 -76.84
C GLU C 170 8.33 1.88 -76.86
N GLU C 171 8.30 1.10 -77.95
CA GLU C 171 7.44 -0.09 -78.07
C GLU C 171 7.91 -1.26 -77.20
N GLY C 172 9.23 -1.42 -77.02
CA GLY C 172 9.84 -2.54 -76.31
C GLY C 172 10.02 -3.78 -77.20
N ALA C 173 11.20 -4.40 -77.14
CA ALA C 173 11.63 -5.48 -78.03
C ALA C 173 12.74 -6.35 -77.40
N PRO C 174 12.97 -7.58 -77.90
CA PRO C 174 14.15 -8.36 -77.55
C PRO C 174 15.41 -7.64 -78.08
N PRO C 175 16.46 -7.43 -77.28
CA PRO C 175 17.65 -6.69 -77.69
C PRO C 175 18.27 -7.17 -79.01
N GLU C 176 18.17 -8.46 -79.33
CA GLU C 176 18.64 -9.02 -80.60
C GLU C 176 17.94 -8.40 -81.81
N GLN C 177 16.63 -8.12 -81.73
CA GLN C 177 15.93 -7.40 -82.78
C GLN C 177 16.46 -5.97 -82.91
N ILE C 178 16.68 -5.28 -81.78
CA ILE C 178 17.21 -3.92 -81.78
C ILE C 178 18.61 -3.90 -82.40
N GLU C 179 19.45 -4.87 -82.07
CA GLU C 179 20.78 -5.00 -82.67
C GLU C 179 20.70 -5.31 -84.17
N ARG C 180 19.80 -6.19 -84.63
CA ARG C 180 19.61 -6.43 -86.07
C ARG C 180 19.18 -5.17 -86.82
N VAL C 181 18.32 -4.35 -86.23
CA VAL C 181 17.96 -3.05 -86.79
C VAL C 181 19.18 -2.12 -86.82
N ALA C 182 19.92 -2.02 -85.71
CA ALA C 182 21.11 -1.17 -85.64
C ALA C 182 22.18 -1.59 -86.66
N GLU C 183 22.42 -2.90 -86.80
CA GLU C 183 23.33 -3.49 -87.77
C GLU C 183 22.96 -3.08 -89.20
N HIS C 184 21.70 -3.32 -89.57
CA HIS C 184 21.14 -2.93 -90.86
C HIS C 184 21.24 -1.42 -91.07
N GLY C 185 20.97 -0.63 -90.04
CA GLY C 185 21.06 0.83 -90.07
C GLY C 185 22.48 1.30 -90.35
N LEU C 186 23.47 0.79 -89.62
CA LEU C 186 24.87 1.11 -89.86
C LEU C 186 25.31 0.68 -91.27
N GLU C 187 24.89 -0.48 -91.76
CA GLU C 187 25.17 -0.88 -93.15
C GLU C 187 24.57 0.12 -94.15
N ARG C 188 23.30 0.49 -94.01
CA ARG C 188 22.68 1.46 -94.91
C ARG C 188 23.39 2.83 -94.84
N LEU C 189 23.78 3.26 -93.65
CA LEU C 189 24.62 4.46 -93.48
C LEU C 189 25.94 4.31 -94.24
N LYS C 190 26.60 3.15 -94.19
CA LYS C 190 27.80 2.91 -94.99
C LYS C 190 27.51 3.07 -96.49
N GLU C 191 26.48 2.42 -97.01
CA GLU C 191 26.13 2.52 -98.44
C GLU C 191 25.85 3.97 -98.84
N ILE C 192 25.09 4.69 -98.02
CA ILE C 192 24.80 6.11 -98.25
C ILE C 192 26.09 6.93 -98.20
N ALA C 193 26.99 6.65 -97.27
CA ALA C 193 28.29 7.32 -97.23
C ALA C 193 29.09 7.07 -98.51
N LYS C 194 29.01 5.88 -99.11
CA LYS C 194 29.65 5.63 -100.42
C LYS C 194 29.06 6.52 -101.49
N GLU C 195 27.74 6.60 -101.59
CA GLU C 195 27.10 7.48 -102.58
C GLU C 195 27.46 8.95 -102.36
N ILE C 196 27.54 9.40 -101.10
CA ILE C 196 28.00 10.76 -100.78
C ILE C 196 29.45 10.94 -101.23
N SER C 197 30.32 9.98 -100.93
CA SER C 197 31.74 10.01 -101.31
C SER C 197 31.94 10.17 -102.83
N LYS C 198 31.05 9.60 -103.66
CA LYS C 198 31.10 9.76 -105.12
C LYS C 198 30.90 11.21 -105.57
N GLU C 199 30.23 12.03 -104.77
CA GLU C 199 29.82 13.38 -105.16
C GLU C 199 30.61 14.51 -104.47
N VAL C 200 30.95 14.36 -103.19
CA VAL C 200 31.55 15.46 -102.40
C VAL C 200 32.97 15.82 -102.83
N ASP C 201 33.40 17.04 -102.47
CA ASP C 201 34.73 17.57 -102.78
C ASP C 201 35.29 18.47 -101.68
N SER C 202 34.49 19.41 -101.15
CA SER C 202 35.00 20.42 -100.23
C SER C 202 35.48 19.83 -98.90
N PRO C 203 36.58 20.34 -98.31
CA PRO C 203 37.06 19.92 -97.00
C PRO C 203 36.00 20.09 -95.91
N GLU C 204 35.23 21.16 -96.00
CA GLU C 204 34.09 21.44 -95.13
C GLU C 204 33.07 20.31 -95.18
N SER C 205 32.62 19.95 -96.38
CA SER C 205 31.65 18.87 -96.56
C SER C 205 32.20 17.55 -96.02
N LYS C 206 33.45 17.24 -96.31
CA LYS C 206 34.11 16.04 -95.76
C LYS C 206 34.11 16.06 -94.23
N ARG C 207 34.50 17.18 -93.61
CA ARG C 207 34.50 17.37 -92.14
C ARG C 207 33.12 17.08 -91.57
N ILE C 208 32.12 17.68 -92.20
CA ILE C 208 30.73 17.48 -91.82
C ILE C 208 30.35 15.99 -91.95
N ALA C 209 30.51 15.41 -93.14
CA ALA C 209 29.94 14.11 -93.47
C ALA C 209 30.44 13.03 -92.52
N TYR C 210 31.76 12.96 -92.33
CA TYR C 210 32.32 11.95 -91.45
C TYR C 210 31.82 12.15 -90.02
N LYS C 211 31.84 13.38 -89.51
CA LYS C 211 31.38 13.64 -88.15
C LYS C 211 29.91 13.27 -87.97
N ILE C 212 29.07 13.51 -88.97
CA ILE C 212 27.68 13.06 -88.91
C ILE C 212 27.65 11.52 -88.82
N VAL C 213 28.33 10.81 -89.71
CA VAL C 213 28.29 9.34 -89.67
C VAL C 213 28.73 8.84 -88.30
N ALA C 214 29.80 9.44 -87.77
CA ALA C 214 30.29 9.12 -86.44
C ALA C 214 29.23 9.40 -85.36
N ALA C 215 28.64 10.58 -85.35
CA ALA C 215 27.61 10.92 -84.37
C ALA C 215 26.40 9.98 -84.47
N ALA C 216 26.01 9.59 -85.69
CA ALA C 216 24.92 8.63 -85.90
C ALA C 216 25.27 7.26 -85.30
N ALA C 217 26.48 6.76 -85.54
CA ALA C 217 26.93 5.55 -84.87
C ALA C 217 26.92 5.71 -83.35
N GLU C 218 27.40 6.85 -82.84
CA GLU C 218 27.44 7.11 -81.40
C GLU C 218 26.05 7.05 -80.79
N PHE C 219 25.06 7.69 -81.42
CA PHE C 219 23.69 7.63 -80.96
C PHE C 219 23.17 6.19 -80.94
N LEU C 220 23.37 5.43 -82.04
CA LEU C 220 22.95 4.03 -82.11
C LEU C 220 23.58 3.22 -80.98
N LEU C 221 24.87 3.43 -80.72
CA LEU C 221 25.59 2.76 -79.63
C LEU C 221 24.95 3.12 -78.28
N LYS C 222 24.82 4.41 -77.98
CA LYS C 222 24.28 4.86 -76.70
C LYS C 222 22.87 4.32 -76.47
N ILE C 223 22.00 4.37 -77.48
CA ILE C 223 20.64 3.87 -77.36
C ILE C 223 20.64 2.37 -77.08
N LEU C 224 21.36 1.56 -77.87
CA LEU C 224 21.35 0.12 -77.67
C LEU C 224 21.98 -0.25 -76.30
N ALA C 225 23.00 0.48 -75.86
CA ALA C 225 23.63 0.29 -74.57
C ALA C 225 22.70 0.66 -73.40
N GLU C 226 22.02 1.81 -73.46
CA GLU C 226 20.95 2.14 -72.51
C GLU C 226 19.82 1.11 -72.55
N GLY C 227 19.59 0.48 -73.70
CA GLY C 227 18.68 -0.65 -73.87
C GLY C 227 19.07 -1.92 -73.11
N GLY C 228 20.24 -1.97 -72.47
CA GLY C 228 20.65 -3.06 -71.60
C GLY C 228 21.00 -4.36 -72.33
N ALA C 229 21.50 -4.27 -73.57
CA ALA C 229 21.95 -5.42 -74.36
C ALA C 229 23.07 -6.22 -73.65
N THR C 230 23.20 -7.51 -73.97
CA THR C 230 24.20 -8.39 -73.34
C THR C 230 25.63 -7.97 -73.72
N PRO C 231 26.66 -8.28 -72.91
CA PRO C 231 28.06 -8.01 -73.27
C PRO C 231 28.46 -8.55 -74.66
N GLU C 232 27.96 -9.71 -75.08
CA GLU C 232 28.24 -10.26 -76.41
C GLU C 232 27.60 -9.41 -77.51
N GLN C 233 26.36 -8.96 -77.30
CA GLN C 233 25.71 -8.01 -78.21
C GLN C 233 26.42 -6.66 -78.25
N LEU C 234 26.87 -6.13 -77.10
CA LEU C 234 27.65 -4.90 -77.04
C LEU C 234 28.95 -5.03 -77.82
N GLU C 235 29.65 -6.16 -77.68
CA GLU C 235 30.84 -6.44 -78.48
C GLU C 235 30.50 -6.44 -79.98
N ARG C 236 29.46 -7.17 -80.39
CA ARG C 236 29.05 -7.28 -81.80
C ARG C 236 28.77 -5.92 -82.42
N VAL C 237 27.93 -5.11 -81.78
CA VAL C 237 27.63 -3.77 -82.31
C VAL C 237 28.88 -2.89 -82.27
N THR C 238 29.71 -2.97 -81.24
CA THR C 238 30.93 -2.17 -81.17
C THR C 238 31.86 -2.51 -82.31
N GLU C 239 32.08 -3.80 -82.56
CA GLU C 239 32.92 -4.26 -83.66
C GLU C 239 32.36 -3.78 -85.01
N HIS C 240 31.06 -3.97 -85.25
CA HIS C 240 30.44 -3.51 -86.48
C HIS C 240 30.57 -2.00 -86.65
N ALA C 241 30.32 -1.22 -85.60
CA ALA C 241 30.37 0.24 -85.66
C ALA C 241 31.81 0.73 -85.89
N LEU C 242 32.79 0.17 -85.17
CA LEU C 242 34.18 0.46 -85.45
C LEU C 242 34.52 0.08 -86.89
N GLU C 243 34.09 -1.10 -87.37
CA GLU C 243 34.34 -1.55 -88.74
C GLU C 243 33.77 -0.56 -89.76
N VAL C 244 32.55 -0.08 -89.54
CA VAL C 244 31.96 0.95 -90.39
C VAL C 244 32.78 2.22 -90.34
N LEU C 245 33.07 2.77 -89.16
CA LEU C 245 33.81 4.03 -89.06
C LEU C 245 35.19 3.88 -89.71
N LYS C 246 35.84 2.75 -89.49
CA LYS C 246 37.13 2.43 -90.07
C LYS C 246 37.05 2.42 -91.59
N GLU C 247 36.07 1.74 -92.18
CA GLU C 247 35.91 1.76 -93.63
C GLU C 247 35.54 3.15 -94.15
N VAL C 248 34.57 3.83 -93.54
CA VAL C 248 34.12 5.15 -94.00
C VAL C 248 35.24 6.18 -93.86
N ALA C 249 36.05 6.10 -92.80
CA ALA C 249 37.24 6.92 -92.69
C ALA C 249 38.19 6.65 -93.86
N LYS C 250 38.51 5.39 -94.17
CA LYS C 250 39.42 5.05 -95.29
C LYS C 250 38.88 5.54 -96.64
N GLU C 251 37.56 5.59 -96.82
CA GLU C 251 36.96 6.19 -98.01
C GLU C 251 37.09 7.71 -98.02
N LEU C 252 36.64 8.40 -96.96
CA LEU C 252 36.52 9.86 -96.95
C LEU C 252 37.86 10.58 -96.75
N ALA C 253 38.86 9.94 -96.13
CA ALA C 253 40.11 10.59 -95.81
C ALA C 253 40.91 10.99 -97.06
N ASP C 254 41.58 12.15 -97.00
CA ASP C 254 42.39 12.72 -98.08
C ASP C 254 43.61 13.54 -97.59
N SER C 255 43.70 13.77 -96.28
CA SER C 255 44.59 14.75 -95.67
C SER C 255 44.87 14.41 -94.20
N PRO C 256 45.99 14.87 -93.62
CA PRO C 256 46.24 14.73 -92.19
C PRO C 256 45.10 15.26 -91.33
N GLU C 257 44.49 16.37 -91.72
CA GLU C 257 43.33 16.94 -91.04
C GLU C 257 42.16 15.96 -91.02
N SER C 258 41.84 15.33 -92.16
CA SER C 258 40.79 14.31 -92.22
C SER C 258 41.14 13.11 -91.32
N GLY C 259 42.43 12.78 -91.22
CA GLY C 259 42.93 11.81 -90.26
C GLY C 259 42.57 12.22 -88.83
N LEU C 260 42.94 13.42 -88.39
CA LEU C 260 42.68 13.90 -87.03
C LEU C 260 41.21 13.70 -86.65
N ALA C 261 40.30 14.09 -87.54
CA ALA C 261 38.88 13.87 -87.31
C ALA C 261 38.56 12.37 -87.19
N ALA C 262 39.02 11.57 -88.15
CA ALA C 262 38.72 10.15 -88.21
C ALA C 262 39.02 9.45 -86.88
N LEU C 263 40.27 9.59 -86.46
CA LEU C 263 40.74 8.94 -85.25
C LEU C 263 40.12 9.54 -84.00
N ALA C 264 39.95 10.86 -83.91
CA ALA C 264 39.38 11.46 -82.71
C ALA C 264 38.00 10.84 -82.43
N ALA C 265 37.19 10.72 -83.48
CA ALA C 265 35.88 10.08 -83.37
C ALA C 265 36.02 8.60 -83.02
N ILE C 266 36.86 7.84 -83.72
CA ILE C 266 37.01 6.41 -83.44
C ILE C 266 37.39 6.20 -81.99
N ALA C 267 38.39 6.94 -81.50
CA ALA C 267 38.84 6.84 -80.12
C ALA C 267 37.71 7.21 -79.15
N SER C 268 36.93 8.23 -79.47
CA SER C 268 35.76 8.57 -78.68
C SER C 268 34.76 7.42 -78.64
N LEU C 269 34.42 6.83 -79.79
CA LEU C 269 33.47 5.73 -79.88
C LEU C 269 33.97 4.52 -79.09
N ALA C 270 35.26 4.21 -79.23
CA ALA C 270 35.87 3.15 -78.45
C ALA C 270 35.80 3.45 -76.95
N LYS C 271 36.12 4.68 -76.50
CA LYS C 271 36.06 5.04 -75.08
C LYS C 271 34.64 4.94 -74.53
N LEU C 272 33.66 5.35 -75.31
CA LEU C 272 32.25 5.12 -74.99
C LEU C 272 31.95 3.62 -74.86
N GLY C 273 32.42 2.79 -75.80
CA GLY C 273 32.26 1.35 -75.71
C GLY C 273 32.84 0.79 -74.41
N LEU C 274 34.08 1.16 -74.08
CA LEU C 274 34.74 0.72 -72.86
C LEU C 274 34.01 1.22 -71.61
N GLU C 275 33.52 2.46 -71.60
CA GLU C 275 32.71 2.97 -70.50
C GLU C 275 31.38 2.23 -70.38
N GLN C 276 30.77 1.79 -71.47
CA GLN C 276 29.58 0.93 -71.41
C GLN C 276 29.92 -0.50 -70.94
N LEU C 277 31.09 -1.04 -71.28
CA LEU C 277 31.58 -2.27 -70.63
C LEU C 277 31.76 -2.06 -69.12
N LYS C 278 32.27 -0.90 -68.69
CA LYS C 278 32.38 -0.55 -67.28
C LYS C 278 30.99 -0.47 -66.63
N GLU C 279 30.06 0.24 -67.26
CA GLU C 279 28.70 0.43 -66.71
C GLU C 279 27.89 -0.87 -66.64
N ILE C 280 27.98 -1.75 -67.65
CA ILE C 280 27.30 -3.06 -67.62
C ILE C 280 27.99 -4.08 -66.68
N GLY C 281 29.19 -3.76 -66.17
CA GLY C 281 29.98 -4.64 -65.31
C GLY C 281 30.57 -5.85 -66.06
N ALA C 282 30.98 -5.66 -67.32
CA ALA C 282 31.48 -6.73 -68.19
C ALA C 282 32.79 -7.37 -67.64
N PRO C 283 33.01 -8.67 -67.86
CA PRO C 283 34.19 -9.36 -67.34
C PRO C 283 35.48 -8.95 -68.07
N PRO C 284 36.65 -9.11 -67.43
CA PRO C 284 37.94 -8.68 -67.98
C PRO C 284 38.23 -9.12 -69.42
N GLU C 285 37.81 -10.31 -69.85
CA GLU C 285 38.01 -10.74 -71.24
C GLU C 285 37.32 -9.82 -72.26
N GLN C 286 36.14 -9.28 -71.94
CA GLN C 286 35.51 -8.29 -72.81
C GLN C 286 36.34 -7.00 -72.87
N GLN C 287 36.95 -6.59 -71.75
CA GLN C 287 37.86 -5.44 -71.74
C GLN C 287 39.08 -5.70 -72.63
N ARG C 288 39.68 -6.90 -72.56
CA ARG C 288 40.74 -7.34 -73.49
C ARG C 288 40.26 -7.19 -74.94
N ARG C 289 39.13 -7.81 -75.29
CA ARG C 289 38.59 -7.80 -76.67
C ARG C 289 38.39 -6.39 -77.19
N VAL C 290 37.63 -5.56 -76.47
CA VAL C 290 37.26 -4.22 -76.94
C VAL C 290 38.48 -3.31 -77.02
N THR C 291 39.33 -3.26 -75.98
CA THR C 291 40.52 -2.39 -76.03
C THR C 291 41.44 -2.78 -77.18
N LYS C 292 41.70 -4.08 -77.36
CA LYS C 292 42.52 -4.57 -78.48
C LYS C 292 41.87 -4.26 -79.82
N ALA C 293 40.57 -4.48 -79.98
CA ALA C 293 39.86 -4.14 -81.20
C ALA C 293 39.99 -2.63 -81.52
N GLY C 294 39.80 -1.77 -80.52
CA GLY C 294 39.97 -0.32 -80.67
C GLY C 294 41.40 0.04 -81.09
N ILE C 295 42.40 -0.54 -80.42
CA ILE C 295 43.79 -0.35 -80.82
C ILE C 295 44.04 -0.87 -82.24
N GLU C 296 43.45 -1.99 -82.65
CA GLU C 296 43.57 -2.47 -84.03
C GLU C 296 42.91 -1.53 -85.05
N ALA C 297 41.81 -0.88 -84.68
CA ALA C 297 41.26 0.18 -85.53
C ALA C 297 42.25 1.36 -85.63
N VAL C 298 42.80 1.80 -84.50
CA VAL C 298 43.83 2.83 -84.47
C VAL C 298 45.01 2.43 -85.36
N ARG C 299 45.45 1.18 -85.27
CA ARG C 299 46.52 0.60 -86.06
C ARG C 299 46.19 0.63 -87.55
N GLU C 300 44.97 0.30 -87.95
CA GLU C 300 44.59 0.39 -89.37
C GLU C 300 44.50 1.84 -89.86
N ILE C 301 43.97 2.77 -89.06
CA ILE C 301 43.95 4.20 -89.44
C ILE C 301 45.38 4.74 -89.52
N TYR C 302 46.27 4.32 -88.63
CA TYR C 302 47.70 4.53 -88.78
C TYR C 302 48.20 3.97 -90.13
N ARG C 303 47.99 2.68 -90.43
CA ARG C 303 48.51 2.04 -91.66
C ARG C 303 48.04 2.76 -92.92
N TYR C 304 46.74 2.96 -93.06
CA TYR C 304 46.16 3.52 -94.28
C TYR C 304 46.48 5.01 -94.41
N GLY C 305 46.29 5.76 -93.33
CA GLY C 305 46.43 7.22 -93.35
C GLY C 305 47.85 7.71 -93.58
N ARG C 306 48.87 6.85 -93.41
CA ARG C 306 50.28 7.21 -93.64
C ARG C 306 50.59 7.52 -95.11
N LYS C 307 49.68 7.18 -96.04
CA LYS C 307 49.70 7.63 -97.44
C LYS C 307 49.45 9.14 -97.61
N LEU C 308 48.77 9.79 -96.66
CA LEU C 308 48.19 11.12 -96.82
C LEU C 308 49.09 12.29 -96.38
N TYR C 309 50.15 12.00 -95.60
CA TYR C 309 51.09 12.98 -95.05
C TYR C 309 52.17 13.41 -96.06
N ASP D 3 57.95 -50.69 -28.70
CA ASP D 3 59.14 -51.54 -28.96
C ASP D 3 59.55 -51.66 -30.44
N ASP D 4 58.68 -51.38 -31.41
CA ASP D 4 58.92 -51.72 -32.84
C ASP D 4 60.22 -51.14 -33.42
N LEU D 5 60.72 -50.02 -32.89
CA LEU D 5 62.02 -49.49 -33.28
C LEU D 5 63.12 -50.54 -33.14
N LEU D 6 63.18 -51.26 -32.01
CA LEU D 6 64.19 -52.30 -31.79
C LEU D 6 64.05 -53.39 -32.84
N LEU D 7 62.82 -53.86 -33.06
CA LEU D 7 62.52 -54.89 -34.03
C LEU D 7 62.98 -54.47 -35.43
N LYS D 8 62.64 -53.26 -35.86
CA LYS D 8 63.09 -52.73 -37.14
C LYS D 8 64.60 -52.53 -37.20
N LEU D 9 65.25 -52.23 -36.07
CA LEU D 9 66.71 -52.22 -35.99
C LEU D 9 67.27 -53.61 -36.33
N LEU D 10 66.69 -54.66 -35.74
CA LEU D 10 67.06 -56.02 -36.10
C LEU D 10 66.82 -56.26 -37.59
N GLU D 11 65.71 -55.80 -38.17
CA GLU D 11 65.49 -55.96 -39.61
C GLU D 11 66.65 -55.33 -40.40
N LEU D 12 67.08 -54.14 -40.05
CA LEU D 12 68.20 -53.51 -40.74
C LEU D 12 69.49 -54.28 -40.55
N LEU D 13 69.77 -54.80 -39.36
CA LEU D 13 70.90 -55.68 -39.17
C LEU D 13 70.82 -56.86 -40.12
N VAL D 14 69.64 -57.48 -40.23
CA VAL D 14 69.43 -58.64 -41.10
C VAL D 14 69.60 -58.26 -42.57
N GLU D 15 69.04 -57.15 -43.02
CA GLU D 15 69.24 -56.75 -44.41
C GLU D 15 70.72 -56.47 -44.69
N GLN D 16 71.41 -55.80 -43.77
CA GLN D 16 72.85 -55.55 -43.92
C GLN D 16 73.61 -56.86 -43.98
N ALA D 17 73.26 -57.82 -43.13
CA ALA D 17 73.82 -59.15 -43.19
C ALA D 17 73.51 -59.84 -44.52
N ARG D 18 72.29 -59.72 -45.06
CA ARG D 18 71.91 -60.37 -46.32
C ARG D 18 72.75 -59.86 -47.48
N VAL D 19 72.95 -58.55 -47.56
CA VAL D 19 73.86 -57.98 -48.57
C VAL D 19 75.30 -58.37 -48.28
N SER D 20 75.69 -58.46 -47.02
CA SER D 20 76.99 -59.02 -46.66
C SER D 20 77.12 -60.50 -47.10
N ALA D 21 76.04 -61.28 -47.12
CA ALA D 21 76.05 -62.65 -47.61
C ALA D 21 76.08 -62.74 -49.15
N GLU D 22 75.52 -61.77 -49.87
CA GLU D 22 75.86 -61.57 -51.29
C GLU D 22 77.36 -61.26 -51.44
N PHE D 23 77.87 -60.29 -50.69
CA PHE D 23 79.27 -59.85 -50.77
C PHE D 23 80.24 -60.99 -50.49
N ALA D 24 80.03 -61.76 -49.43
CA ALA D 24 80.85 -62.91 -49.08
C ALA D 24 80.85 -64.00 -50.18
N ARG D 25 79.75 -64.18 -50.91
CA ARG D 25 79.66 -65.12 -52.05
C ARG D 25 80.29 -64.57 -53.34
N ARG D 26 80.36 -63.25 -53.50
CA ARG D 26 81.10 -62.59 -54.59
C ARG D 26 82.61 -62.56 -54.35
N GLN D 27 83.07 -62.35 -53.11
CA GLN D 27 84.50 -62.38 -52.76
C GLN D 27 85.05 -63.79 -52.46
N GLY D 28 84.26 -64.70 -51.89
CA GLY D 28 84.65 -66.08 -51.57
C GLY D 28 85.41 -66.26 -50.24
N ASP D 29 85.11 -65.48 -49.20
CA ASP D 29 85.81 -65.51 -47.91
C ASP D 29 84.91 -65.98 -46.74
N GLU D 30 85.31 -67.07 -46.06
CA GLU D 30 84.59 -67.59 -44.88
C GLU D 30 84.57 -66.65 -43.67
N LYS D 31 85.54 -65.73 -43.51
CA LYS D 31 85.57 -64.85 -42.32
C LYS D 31 84.30 -64.01 -42.21
N MET D 32 83.86 -63.40 -43.32
CA MET D 32 82.60 -62.64 -43.33
C MET D 32 81.40 -63.55 -43.06
N LEU D 33 81.41 -64.80 -43.53
CA LEU D 33 80.34 -65.76 -43.23
C LEU D 33 80.27 -66.06 -41.73
N GLU D 34 81.41 -66.20 -41.06
CA GLU D 34 81.44 -66.28 -39.60
C GLU D 34 80.86 -65.00 -38.96
N GLU D 35 81.25 -63.82 -39.44
CA GLU D 35 80.75 -62.55 -38.89
C GLU D 35 79.23 -62.41 -39.04
N VAL D 36 78.66 -62.70 -40.20
CA VAL D 36 77.20 -62.66 -40.35
C VAL D 36 76.54 -63.77 -39.53
N ALA D 37 77.13 -64.96 -39.43
CA ALA D 37 76.57 -66.01 -38.57
C ALA D 37 76.52 -65.55 -37.10
N ARG D 38 77.63 -65.01 -36.57
CA ARG D 38 77.69 -64.42 -35.23
C ARG D 38 76.60 -63.37 -35.03
N LYS D 39 76.52 -62.40 -35.95
CA LYS D 39 75.56 -61.31 -35.83
C LYS D 39 74.14 -61.82 -35.89
N ALA D 40 73.86 -62.77 -36.77
CA ALA D 40 72.54 -63.37 -36.87
C ALA D 40 72.17 -64.15 -35.60
N GLU D 41 73.10 -64.87 -34.99
CA GLU D 41 72.84 -65.52 -33.70
C GLU D 41 72.53 -64.50 -32.60
N GLU D 42 73.26 -63.38 -32.56
CA GLU D 42 72.94 -62.28 -31.62
C GLU D 42 71.57 -61.65 -31.90
N VAL D 43 71.24 -61.41 -33.17
CA VAL D 43 69.90 -61.00 -33.56
C VAL D 43 68.89 -62.02 -33.05
N ALA D 44 69.14 -63.32 -33.25
CA ALA D 44 68.23 -64.37 -32.80
C ALA D 44 68.04 -64.32 -31.29
N ARG D 45 69.12 -64.17 -30.53
CA ARG D 45 69.05 -64.00 -29.08
C ARG D 45 68.23 -62.77 -28.69
N LYS D 46 68.47 -61.63 -29.33
CA LYS D 46 67.73 -60.39 -29.07
C LYS D 46 66.24 -60.59 -29.34
N ALA D 47 65.91 -61.12 -30.50
CA ALA D 47 64.54 -61.38 -30.91
C ALA D 47 63.86 -62.40 -30.00
N GLU D 48 64.52 -63.51 -29.67
CA GLU D 48 64.00 -64.51 -28.73
C GLU D 48 63.72 -63.85 -27.37
N SER D 49 64.64 -63.02 -26.88
CA SER D 49 64.44 -62.31 -25.62
C SER D 49 63.21 -61.40 -25.66
N ILE D 50 63.07 -60.62 -26.74
CA ILE D 50 61.88 -59.79 -26.95
C ILE D 50 60.63 -60.67 -27.05
N ALA D 51 60.71 -61.82 -27.71
CA ALA D 51 59.56 -62.70 -27.92
C ALA D 51 59.08 -63.35 -26.62
N ARG D 52 59.97 -63.88 -25.78
CA ARG D 52 59.57 -64.41 -24.46
C ARG D 52 59.03 -63.29 -23.56
N LYS D 53 59.60 -62.08 -23.64
CA LYS D 53 59.04 -60.89 -22.97
C LYS D 53 57.63 -60.61 -23.47
N ALA D 54 57.42 -60.56 -24.78
CA ALA D 54 56.10 -60.38 -25.36
C ALA D 54 55.12 -61.49 -24.96
N ARG D 55 55.60 -62.74 -24.80
CA ARG D 55 54.80 -63.85 -24.28
C ARG D 55 54.28 -63.57 -22.88
N LYS D 56 55.12 -63.02 -22.01
CA LYS D 56 54.72 -62.56 -20.66
C LYS D 56 53.77 -61.36 -20.71
N GLU D 57 54.05 -60.36 -21.55
CA GLU D 57 53.19 -59.17 -21.70
C GLU D 57 51.83 -59.46 -22.34
N GLY D 58 51.74 -60.49 -23.19
CA GLY D 58 50.51 -60.86 -23.90
C GLY D 58 50.23 -60.08 -25.20
N ASN D 59 51.19 -59.31 -25.72
CA ASN D 59 51.05 -58.63 -27.02
C ASN D 59 51.44 -59.57 -28.18
N LEU D 60 50.46 -60.24 -28.77
CA LEU D 60 50.69 -61.21 -29.84
C LEU D 60 51.24 -60.55 -31.11
N GLU D 61 50.86 -59.31 -31.42
CA GLU D 61 51.37 -58.63 -32.62
C GLU D 61 52.89 -58.47 -32.56
N LEU D 62 53.42 -58.00 -31.43
CA LEU D 62 54.86 -57.92 -31.20
C LEU D 62 55.50 -59.30 -31.27
N ALA D 63 54.91 -60.32 -30.65
CA ALA D 63 55.45 -61.67 -30.71
C ALA D 63 55.52 -62.17 -32.16
N LEU D 64 54.47 -61.98 -32.95
CA LEU D 64 54.45 -62.39 -34.34
C LEU D 64 55.49 -61.61 -35.14
N LYS D 65 55.61 -60.29 -34.94
CA LYS D 65 56.68 -59.50 -35.56
C LYS D 65 58.05 -60.09 -35.24
N ALA D 66 58.30 -60.38 -33.97
CA ALA D 66 59.57 -60.97 -33.54
C ALA D 66 59.78 -62.35 -34.16
N LEU D 67 58.75 -63.18 -34.26
CA LEU D 67 58.85 -64.48 -34.90
C LEU D 67 59.19 -64.31 -36.38
N GLU D 68 58.55 -63.37 -37.08
CA GLU D 68 58.91 -63.12 -38.48
C GLU D 68 60.37 -62.68 -38.57
N ILE D 69 60.84 -61.83 -37.66
CA ILE D 69 62.26 -61.47 -37.62
C ILE D 69 63.12 -62.70 -37.38
N LEU D 70 62.76 -63.59 -36.45
CA LEU D 70 63.48 -64.84 -36.24
C LEU D 70 63.53 -65.64 -37.53
N VAL D 71 62.44 -65.73 -38.27
CA VAL D 71 62.44 -66.44 -39.54
C VAL D 71 63.30 -65.72 -40.58
N ARG D 72 63.24 -64.40 -40.67
CA ARG D 72 64.09 -63.63 -41.58
C ARG D 72 65.56 -63.88 -41.28
N ALA D 73 65.94 -63.88 -40.01
CA ALA D 73 67.28 -64.24 -39.58
C ALA D 73 67.58 -65.71 -39.93
N ALA D 74 66.62 -66.60 -39.73
CA ALA D 74 66.78 -67.99 -40.11
C ALA D 74 67.05 -68.12 -41.62
N HIS D 75 66.47 -67.28 -42.47
CA HIS D 75 66.75 -67.33 -43.91
C HIS D 75 68.23 -67.07 -44.18
N VAL D 76 68.79 -65.97 -43.69
CA VAL D 76 70.23 -65.72 -43.92
C VAL D 76 71.09 -66.79 -43.25
N LEU D 77 70.72 -67.27 -42.06
CA LEU D 77 71.43 -68.38 -41.41
C LEU D 77 71.41 -69.63 -42.29
N ALA D 78 70.26 -69.97 -42.86
CA ALA D 78 70.10 -71.11 -43.74
C ALA D 78 70.94 -70.93 -45.02
N GLU D 79 71.00 -69.73 -45.58
CA GLU D 79 71.87 -69.45 -46.73
C GLU D 79 73.33 -69.73 -46.36
N ILE D 80 73.80 -69.26 -45.22
CA ILE D 80 75.18 -69.52 -44.77
C ILE D 80 75.39 -71.02 -44.53
N ALA D 81 74.46 -71.67 -43.83
CA ALA D 81 74.51 -73.09 -43.50
C ALA D 81 74.47 -74.01 -44.74
N ARG D 82 73.83 -73.56 -45.83
CA ARG D 82 73.78 -74.21 -47.15
C ARG D 82 75.07 -73.99 -47.94
N GLU D 83 75.54 -72.75 -48.01
CA GLU D 83 76.66 -72.36 -48.88
C GLU D 83 78.02 -72.76 -48.28
N ARG D 84 78.21 -72.54 -46.97
CA ARG D 84 79.42 -72.96 -46.24
C ARG D 84 79.41 -74.44 -45.87
N GLY D 85 78.21 -75.02 -45.75
CA GLY D 85 78.01 -76.44 -45.43
C GLY D 85 78.25 -76.81 -43.97
N ASN D 86 78.40 -75.84 -43.06
CA ASN D 86 78.67 -76.13 -41.64
C ASN D 86 77.42 -76.70 -40.93
N GLU D 87 77.53 -77.96 -40.49
CA GLU D 87 76.42 -78.67 -39.85
C GLU D 87 75.98 -78.03 -38.53
N GLU D 88 76.85 -77.34 -37.78
CA GLU D 88 76.43 -76.70 -36.53
C GLU D 88 75.48 -75.53 -36.78
N LEU D 89 75.65 -74.82 -37.90
CA LEU D 89 74.65 -73.84 -38.33
C LEU D 89 73.34 -74.56 -38.73
N GLN D 90 73.43 -75.65 -39.48
CA GLN D 90 72.23 -76.43 -39.87
C GLN D 90 71.45 -76.93 -38.65
N LYS D 91 72.16 -77.47 -37.64
CA LYS D 91 71.59 -77.92 -36.36
C LYS D 91 70.92 -76.76 -35.64
N LYS D 92 71.63 -75.64 -35.41
CA LYS D 92 71.08 -74.48 -34.70
C LYS D 92 69.86 -73.92 -35.43
N ALA D 93 69.92 -73.80 -36.75
CA ALA D 93 68.77 -73.38 -37.55
C ALA D 93 67.58 -74.34 -37.40
N HIS D 94 67.79 -75.66 -37.55
CA HIS D 94 66.70 -76.65 -37.44
C HIS D 94 66.04 -76.59 -36.05
N LYS D 95 66.85 -76.53 -34.99
CA LYS D 95 66.38 -76.35 -33.60
C LYS D 95 65.56 -75.08 -33.46
N LEU D 96 66.09 -73.93 -33.89
CA LEU D 96 65.37 -72.67 -33.81
C LEU D 96 64.05 -72.73 -34.58
N ALA D 97 64.05 -73.31 -35.78
CA ALA D 97 62.85 -73.45 -36.59
C ALA D 97 61.79 -74.31 -35.90
N LYS D 98 62.18 -75.46 -35.35
CA LYS D 98 61.26 -76.36 -34.63
C LYS D 98 60.69 -75.69 -33.38
N GLU D 99 61.53 -74.97 -32.63
CA GLU D 99 61.10 -74.18 -31.47
C GLU D 99 60.09 -73.10 -31.89
N ALA D 100 60.41 -72.35 -32.95
CA ALA D 100 59.50 -71.35 -33.49
C ALA D 100 58.18 -71.99 -33.96
N LEU D 101 58.23 -73.16 -34.58
CA LEU D 101 57.03 -73.84 -35.07
C LEU D 101 56.06 -74.12 -33.93
N ARG D 102 56.56 -74.74 -32.86
CA ARG D 102 55.74 -74.99 -31.67
C ARG D 102 55.22 -73.68 -31.10
N GLN D 103 56.09 -72.69 -30.89
CA GLN D 103 55.68 -71.41 -30.33
C GLN D 103 54.57 -70.77 -31.17
N VAL D 104 54.76 -70.67 -32.48
CA VAL D 104 53.79 -70.01 -33.33
C VAL D 104 52.49 -70.80 -33.38
N ILE D 105 52.55 -72.14 -33.34
CA ILE D 105 51.33 -72.95 -33.24
C ILE D 105 50.58 -72.62 -31.96
N GLU D 106 51.25 -72.59 -30.80
CA GLU D 106 50.56 -72.26 -29.55
C GLU D 106 49.99 -70.83 -29.58
N ILE D 107 50.76 -69.87 -30.11
CA ILE D 107 50.28 -68.52 -30.31
C ILE D 107 49.05 -68.53 -31.22
N ALA D 108 49.06 -69.30 -32.31
CA ALA D 108 47.95 -69.37 -33.25
C ALA D 108 46.72 -69.97 -32.59
N ILE D 109 46.88 -71.02 -31.78
CA ILE D 109 45.79 -71.55 -30.97
C ILE D 109 45.23 -70.43 -30.08
N ARG D 110 46.09 -69.68 -29.38
CA ARG D 110 45.62 -68.56 -28.55
C ARG D 110 44.86 -67.51 -29.37
N ALA D 111 45.39 -67.11 -30.52
CA ALA D 111 44.75 -66.13 -31.39
C ALA D 111 43.38 -66.59 -31.88
N ILE D 112 43.24 -67.88 -32.24
CA ILE D 112 41.96 -68.48 -32.60
C ILE D 112 41.03 -68.49 -31.40
N GLN D 113 41.53 -68.85 -30.21
CA GLN D 113 40.73 -68.91 -28.98
C GLN D 113 40.24 -67.52 -28.53
N GLU D 114 41.03 -66.47 -28.72
CA GLU D 114 40.64 -65.07 -28.51
C GLU D 114 39.83 -64.46 -29.67
N GLY D 115 39.75 -65.13 -30.82
CA GLY D 115 39.00 -64.66 -31.99
C GLY D 115 39.69 -63.56 -32.81
N ASN D 116 40.97 -63.26 -32.56
CA ASN D 116 41.73 -62.24 -33.28
C ASN D 116 42.35 -62.83 -34.57
N LEU D 117 41.48 -63.34 -35.46
CA LEU D 117 41.88 -64.20 -36.58
C LEU D 117 42.83 -63.52 -37.58
N GLU D 118 42.86 -62.19 -37.58
CA GLU D 118 43.82 -61.40 -38.36
C GLU D 118 45.25 -61.77 -37.97
N LEU D 119 45.53 -61.81 -36.67
CA LEU D 119 46.82 -62.26 -36.17
C LEU D 119 47.02 -63.74 -36.49
N ALA D 120 45.99 -64.58 -36.41
CA ALA D 120 46.14 -65.99 -36.78
C ALA D 120 46.56 -66.15 -38.24
N ILE D 121 45.97 -65.38 -39.15
CA ILE D 121 46.37 -65.35 -40.55
C ILE D 121 47.84 -64.96 -40.68
N ILE D 122 48.25 -63.87 -40.01
CA ILE D 122 49.65 -63.45 -40.03
C ILE D 122 50.55 -64.57 -39.48
N ALA D 123 50.17 -65.18 -38.37
CA ALA D 123 50.91 -66.29 -37.79
C ALA D 123 51.01 -67.46 -38.77
N LEU D 124 49.93 -67.77 -39.49
CA LEU D 124 49.93 -68.85 -40.43
C LEU D 124 50.81 -68.52 -41.62
N HIS D 125 50.86 -67.26 -42.05
CA HIS D 125 51.85 -66.77 -43.02
C HIS D 125 53.27 -67.01 -42.51
N ILE D 126 53.56 -66.63 -41.27
CA ILE D 126 54.86 -66.91 -40.65
C ILE D 126 55.11 -68.41 -40.64
N SER D 127 54.10 -69.23 -40.40
CA SER D 127 54.25 -70.68 -40.44
C SER D 127 54.61 -71.16 -41.83
N VAL D 128 54.05 -70.58 -42.89
CA VAL D 128 54.55 -70.83 -44.25
C VAL D 128 56.01 -70.47 -44.34
N ARG D 129 56.44 -69.33 -43.80
CA ARG D 129 57.85 -68.97 -43.84
C ARG D 129 58.71 -69.95 -43.06
N ILE D 130 58.23 -70.48 -41.93
CA ILE D 130 58.93 -71.55 -41.22
C ILE D 130 59.03 -72.77 -42.13
N ALA D 131 57.96 -73.12 -42.83
CA ALA D 131 58.02 -74.19 -43.80
C ALA D 131 59.06 -73.92 -44.88
N GLU D 132 59.21 -72.68 -45.37
CA GLU D 132 60.29 -72.36 -46.32
C GLU D 132 61.66 -72.68 -45.71
N VAL D 133 61.89 -72.26 -44.46
CA VAL D 133 63.15 -72.54 -43.79
C VAL D 133 63.36 -74.04 -43.60
N LEU D 134 62.35 -74.76 -43.11
CA LEU D 134 62.47 -76.19 -42.90
C LEU D 134 62.73 -76.91 -44.23
N LEU D 135 61.96 -76.58 -45.27
CA LEU D 135 62.06 -77.19 -46.58
C LEU D 135 63.45 -76.95 -47.18
N GLU D 136 63.95 -75.72 -47.09
CA GLU D 136 65.31 -75.45 -47.56
C GLU D 136 66.35 -76.18 -46.70
N THR D 137 66.10 -76.33 -45.39
CA THR D 137 67.06 -76.98 -44.49
C THR D 137 67.28 -78.44 -44.89
N ARG D 138 66.20 -79.22 -45.01
CA ARG D 138 66.25 -80.63 -45.41
C ARG D 138 64.94 -81.03 -46.11
N PRO D 139 64.87 -81.08 -47.45
CA PRO D 139 63.66 -81.47 -48.17
C PRO D 139 63.36 -82.98 -48.07
N ASP D 140 64.32 -83.78 -47.59
CA ASP D 140 64.19 -85.20 -47.28
C ASP D 140 63.76 -85.49 -45.82
N ASP D 141 63.62 -84.48 -44.95
CA ASP D 141 63.06 -84.60 -43.58
C ASP D 141 61.52 -84.75 -43.60
N ARG D 142 61.04 -85.60 -44.51
CA ARG D 142 59.65 -85.58 -45.02
C ARG D 142 58.60 -85.75 -43.94
N GLU D 143 58.91 -86.47 -42.88
CA GLU D 143 57.99 -86.71 -41.77
C GLU D 143 57.72 -85.41 -41.00
N GLU D 144 58.76 -84.63 -40.67
CA GLU D 144 58.59 -83.33 -40.03
C GLU D 144 57.80 -82.39 -40.94
N ILE D 145 58.15 -82.37 -42.23
CA ILE D 145 57.43 -81.57 -43.22
C ILE D 145 55.96 -81.98 -43.26
N ARG D 146 55.67 -83.28 -43.26
CA ARG D 146 54.30 -83.78 -43.25
C ARG D 146 53.56 -83.40 -41.97
N GLU D 147 54.20 -83.44 -40.80
CA GLU D 147 53.58 -82.95 -39.58
C GLU D 147 53.20 -81.47 -39.72
N GLN D 148 54.12 -80.63 -40.19
CA GLN D 148 53.80 -79.23 -40.41
C GLN D 148 52.64 -79.09 -41.40
N GLN D 149 52.65 -79.80 -42.52
CA GLN D 149 51.57 -79.75 -43.50
C GLN D 149 50.23 -80.15 -42.90
N ALA D 150 50.20 -81.24 -42.14
CA ALA D 150 48.96 -81.72 -41.54
C ALA D 150 48.41 -80.68 -40.56
N ILE D 151 49.28 -80.13 -39.71
CA ILE D 151 48.88 -79.08 -38.77
C ILE D 151 48.37 -77.87 -39.54
N PHE D 152 49.04 -77.51 -40.62
CA PHE D 152 48.62 -76.40 -41.47
C PHE D 152 47.24 -76.65 -42.06
N GLU D 153 47.01 -77.82 -42.63
CA GLU D 153 45.70 -78.20 -43.17
C GLU D 153 44.61 -78.12 -42.09
N LEU D 154 44.91 -78.61 -40.88
CA LEU D 154 43.96 -78.53 -39.77
C LEU D 154 43.66 -77.07 -39.43
N LEU D 155 44.69 -76.24 -39.27
CA LEU D 155 44.51 -74.82 -38.98
C LEU D 155 43.72 -74.13 -40.09
N ILE D 156 44.02 -74.40 -41.35
CA ILE D 156 43.30 -73.83 -42.49
C ILE D 156 41.84 -74.26 -42.45
N ALA D 157 41.55 -75.53 -42.23
CA ALA D 157 40.17 -75.98 -42.17
C ALA D 157 39.44 -75.28 -41.01
N ALA D 158 40.07 -75.20 -39.84
CA ALA D 158 39.50 -74.54 -38.69
C ALA D 158 39.24 -73.07 -38.97
N LEU D 159 40.21 -72.37 -39.55
CA LEU D 159 40.03 -70.99 -39.95
C LEU D 159 38.94 -70.85 -41.02
N GLU D 160 38.83 -71.77 -41.99
CA GLU D 160 37.77 -71.71 -42.99
C GLU D 160 36.39 -71.79 -42.34
N ALA D 161 36.20 -72.74 -41.42
CA ALA D 161 34.95 -72.80 -40.67
C ALA D 161 34.76 -71.51 -39.86
N ALA D 162 35.80 -71.05 -39.16
CA ALA D 162 35.73 -69.88 -38.30
C ALA D 162 35.29 -68.65 -39.09
N ILE D 163 35.98 -68.37 -40.19
CA ILE D 163 35.71 -67.20 -41.01
C ILE D 163 34.39 -67.36 -41.79
N ARG D 164 34.02 -68.56 -42.21
CA ARG D 164 32.68 -68.81 -42.78
C ARG D 164 31.59 -68.41 -41.79
N LEU D 165 31.73 -68.82 -40.54
CA LEU D 165 30.79 -68.52 -39.48
C LEU D 165 30.82 -67.02 -39.11
N GLU D 166 32.00 -66.43 -38.99
CA GLU D 166 32.13 -65.00 -38.68
C GLU D 166 31.51 -64.15 -39.80
N LYS D 167 31.74 -64.53 -41.07
CA LYS D 167 31.09 -63.92 -42.24
C LYS D 167 29.58 -64.06 -42.13
N LEU D 168 29.08 -65.23 -41.75
CA LEU D 168 27.66 -65.45 -41.55
C LEU D 168 27.10 -64.54 -40.44
N LYS D 169 27.85 -64.31 -39.36
CA LYS D 169 27.51 -63.36 -38.29
C LYS D 169 27.53 -61.91 -38.79
N GLU D 170 28.53 -61.55 -39.59
CA GLU D 170 28.74 -60.21 -40.14
C GLU D 170 27.65 -59.81 -41.16
N GLU D 171 27.28 -60.70 -42.08
CA GLU D 171 26.17 -60.48 -43.01
C GLU D 171 24.78 -60.70 -42.36
N GLY D 172 24.71 -61.44 -41.26
CA GLY D 172 23.49 -61.77 -40.53
C GLY D 172 22.75 -62.98 -41.11
N ALA D 173 22.23 -63.84 -40.23
CA ALA D 173 21.50 -65.05 -40.56
C ALA D 173 20.57 -65.48 -39.42
N PRO D 174 19.54 -66.30 -39.66
CA PRO D 174 18.76 -66.92 -38.60
C PRO D 174 19.61 -67.97 -37.86
N PRO D 175 19.50 -68.10 -36.53
CA PRO D 175 20.29 -69.05 -35.75
C PRO D 175 20.28 -70.48 -36.29
N GLU D 176 19.18 -70.92 -36.90
CA GLU D 176 19.07 -72.25 -37.52
C GLU D 176 20.14 -72.47 -38.59
N GLN D 177 20.34 -71.52 -39.49
CA GLN D 177 21.39 -71.64 -40.49
C GLN D 177 22.78 -71.65 -39.84
N ILE D 178 22.98 -70.82 -38.82
CA ILE D 178 24.26 -70.76 -38.08
C ILE D 178 24.56 -72.12 -37.44
N GLU D 179 23.58 -72.72 -36.77
CA GLU D 179 23.75 -74.05 -36.17
C GLU D 179 23.98 -75.14 -37.23
N ARG D 180 23.27 -75.11 -38.36
CA ARG D 180 23.50 -76.06 -39.46
C ARG D 180 24.91 -75.96 -40.03
N VAL D 181 25.40 -74.74 -40.23
CA VAL D 181 26.80 -74.52 -40.62
C VAL D 181 27.75 -75.03 -39.53
N ALA D 182 27.47 -74.74 -38.26
CA ALA D 182 28.33 -75.18 -37.16
C ALA D 182 28.42 -76.71 -37.09
N GLU D 183 27.31 -77.43 -37.23
CA GLU D 183 27.32 -78.89 -37.28
C GLU D 183 28.13 -79.39 -38.46
N HIS D 184 27.90 -78.85 -39.67
CA HIS D 184 28.68 -79.19 -40.84
C HIS D 184 30.18 -78.95 -40.61
N GLY D 185 30.54 -77.87 -39.91
CA GLY D 185 31.91 -77.58 -39.50
C GLY D 185 32.47 -78.62 -38.54
N LEU D 186 31.73 -79.00 -37.50
CA LEU D 186 32.14 -80.05 -36.57
C LEU D 186 32.32 -81.39 -37.29
N GLU D 187 31.43 -81.75 -38.22
CA GLU D 187 31.60 -82.95 -39.04
C GLU D 187 32.85 -82.87 -39.94
N ARG D 188 33.09 -81.73 -40.60
CA ARG D 188 34.32 -81.53 -41.38
C ARG D 188 35.55 -81.68 -40.49
N LEU D 189 35.52 -81.10 -39.28
CA LEU D 189 36.59 -81.24 -38.30
C LEU D 189 36.80 -82.70 -37.92
N LYS D 190 35.71 -83.44 -37.64
CA LYS D 190 35.77 -84.89 -37.37
C LYS D 190 36.48 -85.61 -38.51
N GLU D 191 36.04 -85.42 -39.75
CA GLU D 191 36.62 -86.11 -40.91
C GLU D 191 38.10 -85.77 -41.07
N ILE D 192 38.46 -84.48 -41.06
CA ILE D 192 39.84 -84.06 -41.24
C ILE D 192 40.72 -84.56 -40.10
N ALA D 193 40.26 -84.44 -38.85
CA ALA D 193 41.03 -84.92 -37.70
C ALA D 193 41.25 -86.42 -37.82
N LYS D 194 40.22 -87.17 -38.21
CA LYS D 194 40.31 -88.62 -38.41
C LYS D 194 41.34 -88.95 -39.48
N GLU D 195 41.28 -88.31 -40.63
CA GLU D 195 42.28 -88.50 -41.69
C GLU D 195 43.69 -88.16 -41.23
N ILE D 196 43.90 -87.02 -40.57
CA ILE D 196 45.21 -86.62 -40.05
C ILE D 196 45.71 -87.68 -39.06
N SER D 197 44.84 -88.14 -38.16
CA SER D 197 45.16 -89.17 -37.18
C SER D 197 45.54 -90.53 -37.80
N LYS D 198 45.27 -90.78 -39.09
CA LYS D 198 45.80 -91.96 -39.77
C LYS D 198 47.30 -91.84 -40.03
N GLU D 199 47.78 -90.63 -40.31
CA GLU D 199 49.20 -90.39 -40.58
C GLU D 199 50.02 -90.10 -39.33
N VAL D 200 49.58 -89.15 -38.49
CA VAL D 200 50.45 -88.56 -37.45
C VAL D 200 50.62 -89.44 -36.21
N ASP D 201 51.80 -89.35 -35.57
CA ASP D 201 52.16 -90.17 -34.41
C ASP D 201 52.68 -89.37 -33.20
N SER D 202 53.39 -88.26 -33.40
CA SER D 202 54.06 -87.53 -32.31
C SER D 202 53.09 -87.08 -31.21
N PRO D 203 53.42 -87.28 -29.93
CA PRO D 203 52.59 -86.81 -28.81
C PRO D 203 52.33 -85.30 -28.86
N GLU D 204 53.33 -84.51 -29.23
CA GLU D 204 53.15 -83.08 -29.41
C GLU D 204 52.15 -82.79 -30.53
N SER D 205 52.22 -83.55 -31.63
CA SER D 205 51.24 -83.43 -32.71
C SER D 205 49.83 -83.74 -32.21
N LYS D 206 49.64 -84.82 -31.45
CA LYS D 206 48.34 -85.10 -30.81
C LYS D 206 47.90 -83.91 -29.95
N ARG D 207 48.79 -83.39 -29.09
CA ARG D 207 48.50 -82.28 -28.18
C ARG D 207 48.00 -81.07 -28.95
N ILE D 208 48.72 -80.71 -30.01
CA ILE D 208 48.35 -79.65 -30.93
C ILE D 208 46.97 -79.95 -31.54
N ALA D 209 46.80 -81.12 -32.14
CA ALA D 209 45.61 -81.44 -32.92
C ALA D 209 44.35 -81.33 -32.07
N TYR D 210 44.36 -81.95 -30.88
CA TYR D 210 43.17 -81.89 -30.04
C TYR D 210 42.90 -80.46 -29.60
N LYS D 211 43.94 -79.72 -29.17
CA LYS D 211 43.76 -78.32 -28.78
C LYS D 211 43.14 -77.52 -29.90
N ILE D 212 43.59 -77.69 -31.14
CA ILE D 212 43.01 -76.97 -32.28
C ILE D 212 41.55 -77.36 -32.45
N VAL D 213 41.22 -78.66 -32.47
CA VAL D 213 39.83 -79.07 -32.63
C VAL D 213 38.97 -78.48 -31.52
N ALA D 214 39.46 -78.51 -30.29
CA ALA D 214 38.78 -77.97 -29.13
C ALA D 214 38.58 -76.46 -29.27
N ALA D 215 39.62 -75.72 -29.61
CA ALA D 215 39.50 -74.28 -29.83
C ALA D 215 38.50 -73.97 -30.95
N ALA D 216 38.45 -74.80 -32.00
CA ALA D 216 37.49 -74.62 -33.08
C ALA D 216 36.06 -74.82 -32.58
N ALA D 217 35.80 -75.88 -31.82
CA ALA D 217 34.48 -76.04 -31.20
C ALA D 217 34.17 -74.86 -30.26
N GLU D 218 35.14 -74.43 -29.45
CA GLU D 218 34.95 -73.31 -28.52
C GLU D 218 34.57 -72.04 -29.28
N PHE D 219 35.29 -71.72 -30.35
CA PHE D 219 34.97 -70.60 -31.21
C PHE D 219 33.57 -70.73 -31.77
N LEU D 220 33.21 -71.89 -32.33
CA LEU D 220 31.86 -72.13 -32.86
C LEU D 220 30.80 -71.82 -31.80
N LEU D 221 30.98 -72.34 -30.58
CA LEU D 221 30.03 -72.13 -29.49
C LEU D 221 29.98 -70.64 -29.09
N LYS D 222 31.12 -69.99 -28.89
CA LYS D 222 31.14 -68.57 -28.52
C LYS D 222 30.52 -67.70 -29.61
N ILE D 223 30.74 -68.01 -30.89
CA ILE D 223 30.09 -67.29 -31.98
C ILE D 223 28.57 -67.50 -31.94
N LEU D 224 28.08 -68.72 -31.72
CA LEU D 224 26.63 -68.89 -31.59
C LEU D 224 26.07 -68.10 -30.39
N ALA D 225 26.83 -68.00 -29.30
CA ALA D 225 26.46 -67.18 -28.15
C ALA D 225 26.44 -65.68 -28.48
N GLU D 226 27.43 -65.16 -29.22
CA GLU D 226 27.38 -63.79 -29.75
C GLU D 226 26.18 -63.59 -30.69
N GLY D 227 25.76 -64.64 -31.41
CA GLY D 227 24.58 -64.66 -32.25
C GLY D 227 23.25 -64.66 -31.49
N GLY D 228 23.26 -64.83 -30.16
CA GLY D 228 22.06 -64.73 -29.32
C GLY D 228 21.04 -65.87 -29.52
N ALA D 229 21.49 -67.05 -29.96
CA ALA D 229 20.63 -68.19 -30.22
C ALA D 229 19.85 -68.66 -28.98
N THR D 230 18.66 -69.23 -29.17
CA THR D 230 17.81 -69.71 -28.07
C THR D 230 18.40 -70.95 -27.38
N PRO D 231 18.07 -71.22 -26.10
CA PRO D 231 18.64 -72.33 -25.36
C PRO D 231 18.53 -73.70 -26.04
N GLU D 232 17.50 -73.96 -26.83
CA GLU D 232 17.36 -75.21 -27.58
C GLU D 232 18.51 -75.39 -28.57
N GLN D 233 18.82 -74.36 -29.35
CA GLN D 233 19.94 -74.39 -30.27
C GLN D 233 21.27 -74.53 -29.51
N LEU D 234 21.43 -73.82 -28.39
CA LEU D 234 22.63 -73.93 -27.56
C LEU D 234 22.83 -75.37 -27.05
N GLU D 235 21.77 -76.01 -26.55
CA GLU D 235 21.83 -77.40 -26.14
C GLU D 235 22.23 -78.31 -27.32
N ARG D 236 21.52 -78.20 -28.45
CA ARG D 236 21.74 -79.08 -29.61
C ARG D 236 23.18 -78.99 -30.10
N VAL D 237 23.73 -77.78 -30.27
CA VAL D 237 25.14 -77.68 -30.66
C VAL D 237 26.06 -78.15 -29.54
N THR D 238 25.75 -77.86 -28.28
CA THR D 238 26.61 -78.28 -27.16
C THR D 238 26.76 -79.79 -27.13
N GLU D 239 25.66 -80.52 -27.22
CA GLU D 239 25.72 -81.98 -27.24
C GLU D 239 26.51 -82.46 -28.46
N HIS D 240 26.20 -81.96 -29.66
CA HIS D 240 26.91 -82.42 -30.86
C HIS D 240 28.41 -82.11 -30.78
N ALA D 241 28.77 -80.95 -30.23
CA ALA D 241 30.17 -80.57 -30.06
C ALA D 241 30.87 -81.47 -29.05
N LEU D 242 30.27 -81.69 -27.87
CA LEU D 242 30.81 -82.64 -26.91
C LEU D 242 30.93 -84.03 -27.55
N GLU D 243 29.95 -84.46 -28.35
CA GLU D 243 29.98 -85.74 -29.05
C GLU D 243 31.17 -85.85 -29.99
N VAL D 244 31.40 -84.84 -30.83
CA VAL D 244 32.59 -84.82 -31.69
C VAL D 244 33.85 -84.80 -30.84
N LEU D 245 33.91 -83.99 -29.79
CA LEU D 245 35.11 -83.93 -28.94
C LEU D 245 35.37 -85.28 -28.29
N LYS D 246 34.32 -86.00 -27.89
CA LYS D 246 34.40 -87.36 -27.39
C LYS D 246 34.91 -88.30 -28.48
N GLU D 247 34.36 -88.28 -29.69
CA GLU D 247 34.87 -89.15 -30.75
C GLU D 247 36.34 -88.86 -31.06
N VAL D 248 36.70 -87.60 -31.23
CA VAL D 248 38.10 -87.22 -31.54
C VAL D 248 39.00 -87.56 -30.36
N ALA D 249 38.51 -87.51 -29.13
CA ALA D 249 39.27 -88.02 -28.00
C ALA D 249 39.45 -89.54 -28.12
N LYS D 250 38.41 -90.30 -28.47
CA LYS D 250 38.54 -91.76 -28.66
C LYS D 250 39.55 -92.11 -29.74
N GLU D 251 39.73 -91.27 -30.76
CA GLU D 251 40.84 -91.41 -31.70
C GLU D 251 42.20 -91.05 -31.07
N LEU D 252 42.32 -89.84 -30.52
CA LEU D 252 43.63 -89.25 -30.17
C LEU D 252 44.16 -89.63 -28.78
N ALA D 253 43.33 -90.09 -27.83
CA ALA D 253 43.69 -90.29 -26.42
C ALA D 253 44.55 -91.55 -26.17
N ASP D 254 45.68 -91.64 -26.86
CA ASP D 254 46.64 -92.76 -26.86
C ASP D 254 47.40 -92.98 -25.53
N SER D 255 47.36 -92.04 -24.58
CA SER D 255 48.28 -91.97 -23.45
C SER D 255 47.71 -91.11 -22.32
N PRO D 256 48.26 -91.19 -21.09
CA PRO D 256 47.80 -90.36 -19.98
C PRO D 256 47.83 -88.88 -20.31
N GLU D 257 48.90 -88.42 -20.97
CA GLU D 257 49.03 -87.01 -21.37
C GLU D 257 47.88 -86.58 -22.29
N SER D 258 47.64 -87.33 -23.36
CA SER D 258 46.61 -86.98 -24.34
C SER D 258 45.21 -87.11 -23.72
N GLY D 259 45.01 -88.08 -22.83
CA GLY D 259 43.83 -88.13 -21.98
C GLY D 259 43.66 -86.85 -21.18
N LEU D 260 44.65 -86.50 -20.35
CA LEU D 260 44.64 -85.30 -19.51
C LEU D 260 44.28 -84.05 -20.30
N ALA D 261 44.86 -83.89 -21.48
CA ALA D 261 44.53 -82.78 -22.35
C ALA D 261 43.05 -82.84 -22.76
N ALA D 262 42.61 -83.96 -23.31
CA ALA D 262 41.28 -84.07 -23.89
C ALA D 262 40.20 -83.76 -22.86
N LEU D 263 40.30 -84.36 -21.68
CA LEU D 263 39.35 -84.08 -20.63
C LEU D 263 39.43 -82.62 -20.16
N ALA D 264 40.61 -82.05 -19.98
CA ALA D 264 40.69 -80.66 -19.54
C ALA D 264 39.95 -79.75 -20.51
N ALA D 265 40.16 -79.97 -21.80
CA ALA D 265 39.47 -79.24 -22.84
C ALA D 265 37.97 -79.51 -22.81
N ILE D 266 37.52 -80.77 -22.74
CA ILE D 266 36.09 -81.09 -22.68
C ILE D 266 35.45 -80.36 -21.51
N ALA D 267 36.06 -80.46 -20.33
CA ALA D 267 35.58 -79.81 -19.14
C ALA D 267 35.48 -78.30 -19.33
N SER D 268 36.50 -77.71 -19.95
CA SER D 268 36.46 -76.29 -20.28
C SER D 268 35.29 -75.97 -21.22
N LEU D 269 35.07 -76.76 -22.26
CA LEU D 269 33.97 -76.52 -23.20
C LEU D 269 32.61 -76.64 -22.49
N ALA D 270 32.46 -77.63 -21.63
CA ALA D 270 31.26 -77.75 -20.82
C ALA D 270 31.10 -76.54 -19.89
N LYS D 271 32.17 -76.09 -19.23
CA LYS D 271 32.12 -74.95 -18.32
C LYS D 271 31.70 -73.67 -19.02
N LEU D 272 32.23 -73.44 -20.22
CA LEU D 272 31.74 -72.39 -21.11
C LEU D 272 30.25 -72.58 -21.40
N GLY D 273 29.82 -73.77 -21.80
CA GLY D 273 28.43 -74.04 -22.14
C GLY D 273 27.49 -73.70 -20.98
N LEU D 274 27.82 -74.17 -19.78
CA LEU D 274 27.04 -73.86 -18.58
C LEU D 274 27.10 -72.36 -18.24
N GLU D 275 28.24 -71.70 -18.41
CA GLU D 275 28.32 -70.25 -18.20
C GLU D 275 27.44 -69.48 -19.20
N GLN D 276 27.36 -69.92 -20.46
CA GLN D 276 26.45 -69.32 -21.42
C GLN D 276 24.98 -69.59 -21.06
N LEU D 277 24.64 -70.80 -20.57
CA LEU D 277 23.30 -71.06 -20.05
C LEU D 277 22.98 -70.17 -18.83
N LYS D 278 23.96 -69.96 -17.93
CA LYS D 278 23.82 -69.05 -16.79
C LYS D 278 23.58 -67.62 -17.27
N GLU D 279 24.38 -67.14 -18.21
CA GLU D 279 24.29 -65.77 -18.74
C GLU D 279 23.00 -65.51 -19.51
N ILE D 280 22.54 -66.45 -20.36
CA ILE D 280 21.27 -66.31 -21.09
C ILE D 280 20.04 -66.51 -20.21
N GLY D 281 20.22 -66.97 -18.96
CA GLY D 281 19.14 -67.21 -18.00
C GLY D 281 18.31 -68.46 -18.31
N ALA D 282 18.93 -69.51 -18.87
CA ALA D 282 18.25 -70.78 -19.14
C ALA D 282 17.70 -71.43 -17.85
N PRO D 283 16.56 -72.12 -17.88
CA PRO D 283 15.91 -72.60 -16.68
C PRO D 283 16.72 -73.73 -15.99
N PRO D 284 16.60 -73.91 -14.67
CA PRO D 284 17.38 -74.87 -13.90
C PRO D 284 17.37 -76.30 -14.43
N GLU D 285 16.25 -76.77 -15.02
CA GLU D 285 16.21 -78.09 -15.64
C GLU D 285 17.12 -78.16 -16.89
N GLN D 286 17.15 -77.14 -17.73
CA GLN D 286 18.09 -77.07 -18.86
C GLN D 286 19.54 -77.00 -18.36
N GLN D 287 19.82 -76.21 -17.32
CA GLN D 287 21.14 -76.18 -16.68
C GLN D 287 21.57 -77.58 -16.23
N ARG D 288 20.69 -78.31 -15.55
CA ARG D 288 20.94 -79.70 -15.16
C ARG D 288 21.11 -80.61 -16.37
N ARG D 289 20.23 -80.60 -17.36
CA ARG D 289 20.30 -81.45 -18.57
C ARG D 289 21.66 -81.35 -19.25
N VAL D 290 22.13 -80.13 -19.52
CA VAL D 290 23.46 -79.92 -20.12
C VAL D 290 24.56 -80.39 -19.16
N THR D 291 24.46 -80.08 -17.87
CA THR D 291 25.48 -80.53 -16.90
C THR D 291 25.58 -82.05 -16.85
N LYS D 292 24.44 -82.75 -16.84
CA LYS D 292 24.38 -84.21 -16.91
C LYS D 292 25.03 -84.70 -18.19
N ALA D 293 24.70 -84.14 -19.35
CA ALA D 293 25.35 -84.52 -20.59
C ALA D 293 26.88 -84.36 -20.51
N GLY D 294 27.37 -83.26 -19.94
CA GLY D 294 28.80 -83.06 -19.73
C GLY D 294 29.41 -84.10 -18.80
N ILE D 295 28.78 -84.36 -17.66
CA ILE D 295 29.23 -85.41 -16.74
C ILE D 295 29.20 -86.77 -17.45
N GLU D 296 28.22 -87.06 -18.29
CA GLU D 296 28.18 -88.29 -19.07
C GLU D 296 29.31 -88.36 -20.12
N ALA D 297 29.69 -87.23 -20.71
CA ALA D 297 30.89 -87.21 -21.54
C ALA D 297 32.12 -87.54 -20.69
N VAL D 298 32.26 -86.96 -19.49
CA VAL D 298 33.34 -87.30 -18.55
C VAL D 298 33.32 -88.78 -18.22
N ARG D 299 32.14 -89.33 -17.95
CA ARG D 299 31.92 -90.76 -17.68
C ARG D 299 32.40 -91.61 -18.85
N GLU D 300 32.16 -91.19 -20.08
CA GLU D 300 32.69 -91.87 -21.26
C GLU D 300 34.21 -91.72 -21.40
N ILE D 301 34.79 -90.55 -21.13
CA ILE D 301 36.25 -90.39 -21.23
C ILE D 301 36.94 -91.24 -20.16
N TYR D 302 36.39 -91.25 -18.94
CA TYR D 302 36.74 -92.22 -17.91
C TYR D 302 36.67 -93.66 -18.46
N ARG D 303 35.49 -94.13 -18.87
CA ARG D 303 35.31 -95.53 -19.31
C ARG D 303 36.23 -95.91 -20.45
N TYR D 304 36.34 -95.09 -21.48
CA TYR D 304 37.11 -95.43 -22.67
C TYR D 304 38.61 -95.37 -22.40
N GLY D 305 39.08 -94.27 -21.81
CA GLY D 305 40.52 -94.07 -21.60
C GLY D 305 41.14 -95.11 -20.67
N ARG D 306 40.35 -95.72 -19.78
CA ARG D 306 40.82 -96.77 -18.87
C ARG D 306 41.27 -98.04 -19.61
N LYS D 307 40.89 -98.23 -20.87
CA LYS D 307 41.41 -99.32 -21.73
C LYS D 307 42.94 -99.28 -21.91
N LEU D 308 43.57 -98.12 -21.72
CA LEU D 308 45.01 -97.90 -21.85
C LEU D 308 45.71 -97.57 -20.51
N TYR D 309 45.06 -97.85 -19.37
CA TYR D 309 45.61 -97.68 -18.02
C TYR D 309 46.13 -99.02 -17.44
N ASP E 3 51.55 -35.10 -55.08
CA ASP E 3 52.80 -35.69 -55.63
C ASP E 3 52.78 -37.22 -55.68
N ASP E 4 52.40 -37.94 -54.61
CA ASP E 4 52.58 -39.39 -54.50
C ASP E 4 52.10 -40.20 -55.71
N LEU E 5 50.98 -39.82 -56.31
CA LEU E 5 50.48 -40.58 -57.45
C LEU E 5 51.41 -40.47 -58.65
N LEU E 6 52.03 -39.31 -58.90
CA LEU E 6 53.05 -39.20 -59.95
C LEU E 6 54.24 -40.10 -59.63
N LEU E 7 54.68 -40.12 -58.38
CA LEU E 7 55.72 -41.06 -57.97
C LEU E 7 55.30 -42.50 -58.25
N LYS E 8 54.06 -42.87 -57.94
CA LYS E 8 53.54 -44.19 -58.32
C LYS E 8 53.44 -44.39 -59.83
N LEU E 9 53.21 -43.37 -60.64
CA LEU E 9 53.31 -43.51 -62.10
C LEU E 9 54.74 -43.85 -62.50
N LEU E 10 55.74 -43.24 -61.86
CA LEU E 10 57.11 -43.66 -62.09
C LEU E 10 57.26 -45.14 -61.69
N GLU E 11 56.72 -45.57 -60.55
CA GLU E 11 56.75 -46.98 -60.20
C GLU E 11 56.13 -47.85 -61.28
N LEU E 12 54.97 -47.47 -61.82
CA LEU E 12 54.34 -48.22 -62.90
C LEU E 12 55.19 -48.23 -64.16
N LEU E 13 55.79 -47.11 -64.53
CA LEU E 13 56.71 -47.08 -65.66
C LEU E 13 57.88 -48.02 -65.42
N VAL E 14 58.47 -48.01 -64.23
CA VAL E 14 59.58 -48.91 -63.89
C VAL E 14 59.12 -50.36 -63.88
N GLU E 15 57.91 -50.64 -63.39
CA GLU E 15 57.35 -51.98 -63.44
C GLU E 15 57.22 -52.42 -64.90
N GLN E 16 56.62 -51.58 -65.76
CA GLN E 16 56.50 -51.87 -67.18
C GLN E 16 57.87 -52.05 -67.83
N ALA E 17 58.84 -51.24 -67.46
CA ALA E 17 60.21 -51.40 -67.93
C ALA E 17 60.77 -52.75 -67.47
N ARG E 18 60.57 -53.17 -66.22
CA ARG E 18 61.10 -54.44 -65.71
C ARG E 18 60.45 -55.62 -66.41
N VAL E 19 59.14 -55.56 -66.64
CA VAL E 19 58.40 -56.56 -67.42
C VAL E 19 58.85 -56.55 -68.88
N SER E 20 59.09 -55.38 -69.45
CA SER E 20 59.70 -55.24 -70.77
C SER E 20 61.12 -55.81 -70.79
N ALA E 21 61.88 -55.72 -69.70
CA ALA E 21 63.24 -56.24 -69.61
C ALA E 21 63.24 -57.78 -69.55
N GLU E 22 62.27 -58.40 -68.89
CA GLU E 22 62.02 -59.83 -69.09
C GLU E 22 61.73 -60.15 -70.56
N PHE E 23 60.86 -59.38 -71.22
CA PHE E 23 60.55 -59.61 -72.63
C PHE E 23 61.80 -59.47 -73.52
N ALA E 24 62.65 -58.47 -73.25
CA ALA E 24 63.92 -58.28 -73.91
C ALA E 24 64.90 -59.43 -73.62
N ARG E 25 64.98 -59.95 -72.39
CA ARG E 25 65.81 -61.13 -72.05
C ARG E 25 65.37 -62.39 -72.79
N ARG E 26 64.08 -62.50 -73.09
CA ARG E 26 63.48 -63.65 -73.79
C ARG E 26 63.55 -63.54 -75.31
N GLN E 27 63.34 -62.35 -75.88
CA GLN E 27 63.35 -62.10 -77.34
C GLN E 27 64.71 -61.63 -77.92
N GLY E 28 65.56 -60.97 -77.14
CA GLY E 28 66.92 -60.58 -77.55
C GLY E 28 67.05 -59.31 -78.42
N ASP E 29 66.00 -58.51 -78.59
CA ASP E 29 66.06 -57.26 -79.37
C ASP E 29 66.85 -56.15 -78.65
N GLU E 30 68.02 -55.79 -79.16
CA GLU E 30 68.85 -54.71 -78.61
C GLU E 30 68.15 -53.33 -78.67
N LYS E 31 67.26 -53.10 -79.64
CA LYS E 31 66.47 -51.86 -79.70
C LYS E 31 65.44 -51.80 -78.58
N MET E 32 64.94 -52.93 -78.10
CA MET E 32 64.09 -52.94 -76.91
C MET E 32 64.88 -52.54 -75.66
N LEU E 33 66.12 -53.01 -75.50
CA LEU E 33 67.01 -52.56 -74.42
C LEU E 33 67.29 -51.05 -74.52
N GLU E 34 67.52 -50.54 -75.72
CA GLU E 34 67.64 -49.10 -75.96
C GLU E 34 66.38 -48.35 -75.53
N GLU E 35 65.20 -48.83 -75.90
CA GLU E 35 63.93 -48.20 -75.50
C GLU E 35 63.75 -48.18 -73.97
N VAL E 36 63.97 -49.30 -73.28
CA VAL E 36 63.85 -49.27 -71.80
C VAL E 36 64.95 -48.42 -71.16
N ALA E 37 66.16 -48.36 -71.72
CA ALA E 37 67.19 -47.47 -71.20
C ALA E 37 66.74 -46.00 -71.29
N ARG E 38 66.23 -45.58 -72.45
CA ARG E 38 65.67 -44.23 -72.64
C ARG E 38 64.54 -43.97 -71.64
N LYS E 39 63.60 -44.91 -71.51
CA LYS E 39 62.48 -44.82 -70.56
C LYS E 39 63.00 -44.61 -69.13
N ALA E 40 63.98 -45.41 -68.71
CA ALA E 40 64.53 -45.36 -67.37
C ALA E 40 65.27 -44.05 -67.10
N GLU E 41 65.98 -43.51 -68.08
CA GLU E 41 66.56 -42.18 -67.95
C GLU E 41 65.48 -41.10 -67.77
N GLU E 42 64.39 -41.14 -68.52
CA GLU E 42 63.29 -40.18 -68.35
C GLU E 42 62.67 -40.28 -66.96
N VAL E 43 62.47 -41.50 -66.46
CA VAL E 43 62.08 -41.69 -65.07
C VAL E 43 63.12 -41.07 -64.14
N ALA E 44 64.40 -41.36 -64.33
CA ALA E 44 65.45 -40.88 -63.46
C ALA E 44 65.47 -39.36 -63.38
N ARG E 45 65.28 -38.68 -64.52
CA ARG E 45 65.12 -37.22 -64.54
C ARG E 45 63.93 -36.80 -63.68
N LYS E 46 62.73 -37.31 -63.96
CA LYS E 46 61.50 -36.94 -63.24
C LYS E 46 61.69 -37.11 -61.74
N ALA E 47 62.25 -38.25 -61.34
CA ALA E 47 62.49 -38.58 -59.96
C ALA E 47 63.49 -37.63 -59.30
N GLU E 48 64.64 -37.35 -59.94
CA GLU E 48 65.61 -36.43 -59.37
C GLU E 48 65.02 -35.02 -59.24
N SER E 49 64.22 -34.57 -60.20
CA SER E 49 63.51 -33.29 -60.09
C SER E 49 62.58 -33.27 -58.87
N ILE E 50 61.78 -34.32 -58.66
CA ILE E 50 60.93 -34.39 -57.47
C ILE E 50 61.79 -34.40 -56.21
N ALA E 51 62.88 -35.17 -56.17
CA ALA E 51 63.75 -35.27 -55.00
C ALA E 51 64.42 -33.93 -54.65
N ARG E 52 64.97 -33.22 -55.65
CA ARG E 52 65.57 -31.90 -55.45
C ARG E 52 64.55 -30.88 -54.97
N LYS E 53 63.30 -30.94 -55.44
CA LYS E 53 62.19 -30.17 -54.86
C LYS E 53 61.96 -30.57 -53.41
N ALA E 54 61.84 -31.86 -53.12
CA ALA E 54 61.53 -32.35 -51.78
C ALA E 54 62.54 -31.89 -50.71
N ARG E 55 63.85 -31.89 -51.01
CA ARG E 55 64.86 -31.40 -50.05
C ARG E 55 64.80 -29.89 -49.81
N LYS E 56 64.30 -29.11 -50.78
CA LYS E 56 64.00 -27.69 -50.61
C LYS E 56 62.71 -27.47 -49.80
N GLU E 57 61.70 -28.31 -50.01
CA GLU E 57 60.44 -28.28 -49.26
C GLU E 57 60.54 -28.83 -47.83
N GLY E 58 61.50 -29.71 -47.55
CA GLY E 58 61.76 -30.26 -46.21
C GLY E 58 60.94 -31.49 -45.81
N ASN E 59 60.15 -32.09 -46.72
CA ASN E 59 59.42 -33.34 -46.45
C ASN E 59 60.29 -34.57 -46.72
N LEU E 60 60.86 -35.15 -45.66
CA LEU E 60 61.77 -36.30 -45.78
C LEU E 60 61.06 -37.55 -46.31
N GLU E 61 59.81 -37.78 -45.95
CA GLU E 61 59.07 -38.95 -46.43
C GLU E 61 58.99 -38.98 -47.95
N LEU E 62 58.63 -37.84 -48.56
CA LEU E 62 58.62 -37.70 -50.01
C LEU E 62 60.02 -37.91 -50.59
N ALA E 63 61.04 -37.31 -49.99
CA ALA E 63 62.41 -37.48 -50.48
C ALA E 63 62.82 -38.96 -50.45
N LEU E 64 62.51 -39.67 -49.38
CA LEU E 64 62.82 -41.09 -49.25
C LEU E 64 62.04 -41.91 -50.26
N LYS E 65 60.75 -41.63 -50.47
CA LYS E 65 59.97 -42.26 -51.55
C LYS E 65 60.66 -42.06 -52.89
N ALA E 66 61.06 -40.84 -53.21
CA ALA E 66 61.73 -40.54 -54.46
C ALA E 66 63.08 -41.26 -54.57
N LEU E 67 63.86 -41.32 -53.49
CA LEU E 67 65.09 -42.08 -53.48
C LEU E 67 64.83 -43.57 -53.74
N GLU E 68 63.79 -44.14 -53.15
CA GLU E 68 63.48 -45.55 -53.43
C GLU E 68 63.09 -45.74 -54.90
N ILE E 69 62.36 -44.79 -55.48
CA ILE E 69 62.11 -44.84 -56.92
C ILE E 69 63.40 -44.72 -57.70
N LEU E 70 64.32 -43.83 -57.33
CA LEU E 70 65.62 -43.74 -57.98
C LEU E 70 66.38 -45.07 -57.87
N VAL E 71 66.30 -45.72 -56.72
CA VAL E 71 66.84 -47.07 -56.55
C VAL E 71 66.16 -48.05 -57.50
N ARG E 72 64.84 -48.08 -57.56
CA ARG E 72 64.11 -49.01 -58.41
C ARG E 72 64.48 -48.78 -59.88
N ALA E 73 64.57 -47.53 -60.31
CA ALA E 73 65.05 -47.19 -61.64
C ALA E 73 66.50 -47.64 -61.84
N ALA E 74 67.37 -47.40 -60.86
CA ALA E 74 68.74 -47.87 -60.93
C ALA E 74 68.82 -49.39 -61.04
N HIS E 75 67.93 -50.12 -60.37
CA HIS E 75 67.89 -51.58 -60.44
C HIS E 75 67.64 -52.04 -61.88
N VAL E 76 66.60 -51.52 -62.53
CA VAL E 76 66.36 -51.91 -63.93
C VAL E 76 67.48 -51.41 -64.85
N LEU E 77 68.04 -50.23 -64.61
CA LEU E 77 69.23 -49.78 -65.36
C LEU E 77 70.39 -50.75 -65.20
N ALA E 78 70.60 -51.28 -63.99
CA ALA E 78 71.64 -52.26 -63.73
C ALA E 78 71.34 -53.58 -64.44
N GLU E 79 70.09 -54.04 -64.49
CA GLU E 79 69.72 -55.21 -65.30
C GLU E 79 70.03 -54.97 -66.79
N ILE E 80 69.67 -53.81 -67.33
CA ILE E 80 69.93 -53.46 -68.73
C ILE E 80 71.44 -53.43 -68.99
N ALA E 81 72.21 -52.79 -68.11
CA ALA E 81 73.66 -52.75 -68.21
C ALA E 81 74.30 -54.16 -68.11
N ARG E 82 73.77 -55.04 -67.24
CA ARG E 82 74.23 -56.43 -67.10
C ARG E 82 74.05 -57.24 -68.37
N GLU E 83 72.91 -57.08 -69.05
CA GLU E 83 72.67 -57.75 -70.34
C GLU E 83 73.48 -57.13 -71.48
N ARG E 84 73.51 -55.79 -71.60
CA ARG E 84 74.07 -55.09 -72.75
C ARG E 84 75.60 -54.91 -72.71
N GLY E 85 76.17 -54.82 -71.52
CA GLY E 85 77.60 -54.57 -71.30
C GLY E 85 78.05 -53.13 -71.57
N ASN E 86 77.11 -52.18 -71.73
CA ASN E 86 77.41 -50.80 -72.11
C ASN E 86 77.97 -49.96 -70.94
N GLU E 87 79.11 -49.31 -71.17
CA GLU E 87 79.80 -48.49 -70.16
C GLU E 87 79.08 -47.17 -69.84
N GLU E 88 78.32 -46.60 -70.77
CA GLU E 88 77.60 -45.34 -70.52
C GLU E 88 76.58 -45.54 -69.41
N LEU E 89 75.85 -46.66 -69.48
CA LEU E 89 74.92 -47.06 -68.43
C LEU E 89 75.65 -47.35 -67.11
N GLN E 90 76.79 -48.04 -67.14
CA GLN E 90 77.57 -48.30 -65.93
C GLN E 90 78.02 -47.00 -65.25
N LYS E 91 78.54 -46.05 -66.03
CA LYS E 91 78.92 -44.72 -65.53
C LYS E 91 77.72 -43.96 -64.96
N LYS E 92 76.61 -43.92 -65.69
CA LYS E 92 75.37 -43.27 -65.22
C LYS E 92 74.88 -43.88 -63.91
N ALA E 93 74.75 -45.20 -63.87
CA ALA E 93 74.31 -45.91 -62.66
C ALA E 93 75.24 -45.62 -61.48
N HIS E 94 76.56 -45.69 -61.66
CA HIS E 94 77.52 -45.39 -60.61
C HIS E 94 77.39 -43.94 -60.11
N LYS E 95 77.35 -42.96 -61.02
CA LYS E 95 77.17 -41.54 -60.68
C LYS E 95 75.88 -41.33 -59.91
N LEU E 96 74.76 -41.78 -60.46
CA LEU E 96 73.45 -41.65 -59.83
C LEU E 96 73.45 -42.31 -58.44
N ALA E 97 73.98 -43.51 -58.32
CA ALA E 97 74.02 -44.23 -57.05
C ALA E 97 74.91 -43.52 -56.02
N LYS E 98 76.10 -43.04 -56.42
CA LYS E 98 77.01 -42.32 -55.53
C LYS E 98 76.37 -41.01 -55.04
N GLU E 99 75.69 -40.30 -55.94
CA GLU E 99 74.91 -39.11 -55.57
C GLU E 99 73.79 -39.48 -54.60
N ALA E 100 73.04 -40.53 -54.88
CA ALA E 100 71.98 -40.99 -54.00
C ALA E 100 72.54 -41.38 -52.62
N LEU E 101 73.70 -42.04 -52.56
CA LEU E 101 74.33 -42.39 -51.30
C LEU E 101 74.61 -41.14 -50.47
N ARG E 102 75.21 -40.12 -51.08
CA ARG E 102 75.44 -38.84 -50.40
C ARG E 102 74.12 -38.18 -49.98
N GLN E 103 73.14 -38.11 -50.87
CA GLN E 103 71.86 -37.50 -50.55
C GLN E 103 71.17 -38.23 -49.40
N VAL E 104 71.11 -39.56 -49.43
CA VAL E 104 70.47 -40.32 -48.36
C VAL E 104 71.26 -40.18 -47.06
N ILE E 105 72.58 -40.10 -47.12
CA ILE E 105 73.39 -39.79 -45.94
C ILE E 105 72.99 -38.44 -45.35
N GLU E 106 72.87 -37.39 -46.16
CA GLU E 106 72.44 -36.08 -45.66
C GLU E 106 71.06 -36.17 -45.00
N ILE E 107 70.13 -36.85 -45.65
CA ILE E 107 68.79 -37.07 -45.10
C ILE E 107 68.87 -37.89 -43.82
N ALA E 108 69.76 -38.87 -43.72
CA ALA E 108 69.92 -39.67 -42.52
C ALA E 108 70.49 -38.84 -41.37
N ILE E 109 71.46 -37.96 -41.65
CA ILE E 109 71.93 -36.99 -40.67
C ILE E 109 70.75 -36.14 -40.21
N ARG E 110 69.95 -35.57 -41.13
CA ARG E 110 68.76 -34.81 -40.77
C ARG E 110 67.80 -35.60 -39.90
N ALA E 111 67.41 -36.80 -40.32
CA ALA E 111 66.44 -37.63 -39.63
C ALA E 111 66.89 -37.99 -38.19
N ILE E 112 68.16 -38.35 -38.00
CA ILE E 112 68.71 -38.64 -36.66
C ILE E 112 68.79 -37.34 -35.84
N GLN E 113 69.31 -36.26 -36.43
CA GLN E 113 69.47 -34.98 -35.72
C GLN E 113 68.12 -34.39 -35.30
N GLU E 114 67.07 -34.59 -36.08
CA GLU E 114 65.69 -34.16 -35.80
C GLU E 114 64.85 -35.21 -35.05
N GLY E 115 65.41 -36.38 -34.75
CA GLY E 115 64.78 -37.43 -33.94
C GLY E 115 63.68 -38.25 -34.62
N ASN E 116 63.50 -38.09 -35.94
CA ASN E 116 62.49 -38.82 -36.72
C ASN E 116 63.03 -40.20 -37.15
N LEU E 117 63.42 -41.02 -36.16
CA LEU E 117 64.19 -42.25 -36.39
C LEU E 117 63.47 -43.26 -37.30
N GLU E 118 62.15 -43.18 -37.38
CA GLU E 118 61.34 -44.00 -38.28
C GLU E 118 61.74 -43.78 -39.74
N LEU E 119 61.88 -42.52 -40.12
CA LEU E 119 62.38 -42.18 -41.45
C LEU E 119 63.85 -42.58 -41.59
N ALA E 120 64.66 -42.45 -40.54
CA ALA E 120 66.05 -42.90 -40.60
C ALA E 120 66.13 -44.40 -40.88
N ILE E 121 65.26 -45.20 -40.26
CA ILE E 121 65.19 -46.63 -40.52
C ILE E 121 64.88 -46.88 -42.00
N ILE E 122 63.88 -46.18 -42.55
CA ILE E 122 63.57 -46.24 -43.97
C ILE E 122 64.78 -45.82 -44.81
N ALA E 123 65.49 -44.77 -44.41
CA ALA E 123 66.68 -44.32 -45.10
C ALA E 123 67.77 -45.40 -45.10
N LEU E 124 68.00 -46.06 -43.97
CA LEU E 124 68.96 -47.16 -43.94
C LEU E 124 68.49 -48.29 -44.84
N HIS E 125 67.20 -48.63 -44.86
CA HIS E 125 66.66 -49.61 -45.79
C HIS E 125 67.02 -49.26 -47.23
N ILE E 126 66.74 -48.02 -47.64
CA ILE E 126 67.11 -47.51 -48.96
C ILE E 126 68.63 -47.62 -49.15
N SER E 127 69.41 -47.27 -48.14
CA SER E 127 70.87 -47.35 -48.22
C SER E 127 71.34 -48.78 -48.49
N VAL E 128 70.72 -49.78 -47.86
CA VAL E 128 71.03 -51.17 -48.18
C VAL E 128 70.73 -51.46 -49.65
N ARG E 129 69.60 -51.00 -50.17
CA ARG E 129 69.31 -51.18 -51.60
C ARG E 129 70.34 -50.48 -52.47
N ILE E 130 70.81 -49.29 -52.07
CA ILE E 130 71.88 -48.60 -52.78
C ILE E 130 73.14 -49.46 -52.76
N ALA E 131 73.45 -50.10 -51.64
CA ALA E 131 74.55 -51.05 -51.59
C ALA E 131 74.32 -52.19 -52.58
N GLU E 132 73.12 -52.75 -52.70
CA GLU E 132 72.83 -53.78 -53.71
C GLU E 132 73.14 -53.27 -55.12
N VAL E 133 72.71 -52.05 -55.44
CA VAL E 133 72.99 -51.43 -56.74
C VAL E 133 74.49 -51.29 -56.95
N LEU E 134 75.20 -50.68 -56.00
CA LEU E 134 76.63 -50.46 -56.13
C LEU E 134 77.38 -51.80 -56.25
N LEU E 135 77.04 -52.77 -55.40
CA LEU E 135 77.66 -54.08 -55.38
C LEU E 135 77.46 -54.82 -56.71
N GLU E 136 76.25 -54.78 -57.25
CA GLU E 136 76.01 -55.34 -58.57
C GLU E 136 76.77 -54.57 -59.67
N THR E 137 76.99 -53.27 -59.51
CA THR E 137 77.69 -52.44 -60.50
C THR E 137 79.19 -52.79 -60.55
N ARG E 138 79.87 -52.87 -59.41
CA ARG E 138 81.32 -53.17 -59.30
C ARG E 138 81.64 -53.91 -57.98
N PRO E 139 81.70 -55.26 -57.98
CA PRO E 139 82.04 -56.03 -56.78
C PRO E 139 83.57 -56.08 -56.50
N ASP E 140 84.40 -55.79 -57.49
CA ASP E 140 85.86 -55.81 -57.41
C ASP E 140 86.45 -54.50 -56.82
N ASP E 141 85.83 -53.35 -57.09
CA ASP E 141 86.22 -52.02 -56.58
C ASP E 141 85.81 -51.81 -55.10
N ARG E 142 86.16 -52.78 -54.26
CA ARG E 142 85.53 -53.07 -52.96
C ARG E 142 85.63 -51.94 -51.94
N GLU E 143 86.64 -51.09 -52.00
CA GLU E 143 86.89 -50.09 -50.96
C GLU E 143 85.73 -49.11 -50.81
N GLU E 144 85.06 -48.73 -51.90
CA GLU E 144 83.89 -47.85 -51.82
C GLU E 144 82.71 -48.54 -51.10
N ILE E 145 82.56 -49.86 -51.30
CA ILE E 145 81.57 -50.65 -50.57
C ILE E 145 81.95 -50.70 -49.09
N ARG E 146 83.22 -50.96 -48.78
CA ARG E 146 83.72 -50.94 -47.39
C ARG E 146 83.46 -49.59 -46.74
N GLU E 147 83.71 -48.49 -47.43
CA GLU E 147 83.41 -47.14 -46.95
C GLU E 147 81.90 -46.98 -46.67
N GLN E 148 81.05 -47.32 -47.64
CA GLN E 148 79.61 -47.25 -47.43
C GLN E 148 79.19 -48.10 -46.23
N GLN E 149 79.68 -49.32 -46.12
CA GLN E 149 79.36 -50.21 -45.00
C GLN E 149 79.87 -49.66 -43.67
N ALA E 150 81.02 -48.98 -43.65
CA ALA E 150 81.48 -48.32 -42.44
C ALA E 150 80.51 -47.21 -42.03
N ILE E 151 80.08 -46.37 -42.98
CA ILE E 151 79.09 -45.33 -42.70
C ILE E 151 77.80 -45.98 -42.18
N PHE E 152 77.40 -47.11 -42.76
CA PHE E 152 76.24 -47.84 -42.31
C PHE E 152 76.41 -48.36 -40.88
N GLU E 153 77.54 -48.99 -40.56
CA GLU E 153 77.83 -49.44 -39.20
C GLU E 153 77.80 -48.28 -38.21
N LEU E 154 78.34 -47.13 -38.59
CA LEU E 154 78.27 -45.94 -37.75
C LEU E 154 76.81 -45.53 -37.51
N LEU E 155 76.00 -45.45 -38.57
CA LEU E 155 74.59 -45.12 -38.44
C LEU E 155 73.86 -46.15 -37.58
N ILE E 156 74.15 -47.43 -37.75
CA ILE E 156 73.58 -48.49 -36.92
C ILE E 156 73.97 -48.29 -35.46
N ALA E 157 75.24 -48.02 -35.17
CA ALA E 157 75.65 -47.75 -33.80
C ALA E 157 74.89 -46.54 -33.22
N ALA E 158 74.70 -45.49 -34.03
CA ALA E 158 73.91 -44.35 -33.63
C ALA E 158 72.45 -44.73 -33.37
N LEU E 159 71.82 -45.52 -34.25
CA LEU E 159 70.48 -46.00 -34.02
C LEU E 159 70.40 -46.86 -32.75
N GLU E 160 71.39 -47.71 -32.47
CA GLU E 160 71.38 -48.53 -31.25
C GLU E 160 71.38 -47.65 -30.01
N ALA E 161 72.26 -46.65 -29.95
CA ALA E 161 72.27 -45.71 -28.84
C ALA E 161 70.94 -44.95 -28.77
N ALA E 162 70.48 -44.44 -29.92
CA ALA E 162 69.27 -43.63 -30.00
C ALA E 162 68.05 -44.39 -29.50
N ILE E 163 67.87 -45.61 -29.99
CA ILE E 163 66.69 -46.42 -29.69
C ILE E 163 66.76 -46.95 -28.25
N ARG E 164 67.94 -47.35 -27.77
CA ARG E 164 68.12 -47.73 -26.36
C ARG E 164 67.71 -46.60 -25.43
N LEU E 165 68.13 -45.38 -25.72
CA LEU E 165 67.75 -44.21 -24.94
C LEU E 165 66.27 -43.85 -25.13
N GLU E 166 65.72 -43.92 -26.34
CA GLU E 166 64.30 -43.66 -26.58
C GLU E 166 63.42 -44.64 -25.77
N LYS E 167 63.80 -45.91 -25.72
CA LYS E 167 63.15 -46.90 -24.86
C LYS E 167 63.21 -46.48 -23.40
N LEU E 168 64.40 -46.10 -22.93
CA LEU E 168 64.59 -45.65 -21.56
C LEU E 168 63.77 -44.38 -21.24
N LYS E 169 63.59 -43.49 -22.23
CA LYS E 169 62.77 -42.28 -22.14
C LYS E 169 61.29 -42.60 -21.98
N GLU E 170 60.77 -43.53 -22.78
CA GLU E 170 59.40 -44.03 -22.61
C GLU E 170 59.22 -44.68 -21.23
N GLU E 171 60.17 -45.53 -20.82
CA GLU E 171 60.06 -46.33 -19.59
C GLU E 171 60.30 -45.55 -18.29
N GLY E 172 60.70 -44.28 -18.35
CA GLY E 172 60.72 -43.38 -17.20
C GLY E 172 61.74 -43.75 -16.11
N ALA E 173 62.89 -44.30 -16.50
CA ALA E 173 63.95 -44.73 -15.58
C ALA E 173 64.58 -43.56 -14.78
N PRO E 174 65.29 -43.84 -13.66
CA PRO E 174 66.00 -42.82 -12.89
C PRO E 174 66.97 -42.00 -13.76
N PRO E 175 67.09 -40.68 -13.53
CA PRO E 175 68.09 -39.85 -14.20
C PRO E 175 69.52 -40.38 -14.12
N GLU E 176 69.89 -41.06 -13.02
CA GLU E 176 71.19 -41.71 -12.87
C GLU E 176 71.36 -42.91 -13.81
N GLN E 177 70.33 -43.73 -14.01
CA GLN E 177 70.36 -44.79 -15.01
C GLN E 177 70.49 -44.20 -16.41
N ILE E 178 69.71 -43.15 -16.71
CA ILE E 178 69.78 -42.42 -17.97
C ILE E 178 71.20 -41.88 -18.21
N GLU E 179 71.82 -41.28 -17.19
CA GLU E 179 73.21 -40.83 -17.25
C GLU E 179 74.14 -42.00 -17.59
N ARG E 180 74.10 -43.10 -16.83
CA ARG E 180 75.03 -44.22 -17.06
C ARG E 180 74.83 -44.87 -18.43
N VAL E 181 73.60 -44.95 -18.92
CA VAL E 181 73.33 -45.42 -20.29
C VAL E 181 73.88 -44.44 -21.33
N ALA E 182 73.66 -43.14 -21.16
CA ALA E 182 74.18 -42.14 -22.10
C ALA E 182 75.71 -42.13 -22.11
N GLU E 183 76.33 -42.20 -20.94
CA GLU E 183 77.78 -42.28 -20.75
C GLU E 183 78.33 -43.52 -21.48
N HIS E 184 77.76 -44.69 -21.21
CA HIS E 184 78.12 -45.94 -21.88
C HIS E 184 77.97 -45.80 -23.40
N GLY E 185 76.86 -45.19 -23.85
CA GLY E 185 76.60 -44.96 -25.27
C GLY E 185 77.68 -44.09 -25.92
N LEU E 186 77.99 -42.94 -25.33
CA LEU E 186 79.02 -42.05 -25.84
C LEU E 186 80.39 -42.74 -25.86
N GLU E 187 80.74 -43.52 -24.84
CA GLU E 187 82.00 -44.29 -24.84
C GLU E 187 82.03 -45.31 -25.99
N ARG E 188 80.96 -46.08 -26.17
CA ARG E 188 80.88 -47.08 -27.25
C ARG E 188 80.96 -46.40 -28.61
N LEU E 189 80.30 -45.26 -28.78
CA LEU E 189 80.41 -44.44 -29.99
C LEU E 189 81.86 -44.00 -30.22
N LYS E 190 82.58 -43.56 -29.18
CA LYS E 190 84.00 -43.21 -29.31
C LYS E 190 84.81 -44.39 -29.83
N GLU E 191 84.67 -45.56 -29.23
CA GLU E 191 85.43 -46.74 -29.65
C GLU E 191 85.11 -47.15 -31.08
N ILE E 192 83.84 -47.12 -31.49
CA ILE E 192 83.48 -47.39 -32.89
C ILE E 192 84.06 -46.34 -33.82
N ALA E 193 83.98 -45.05 -33.49
CA ALA E 193 84.55 -44.01 -34.34
C ALA E 193 86.07 -44.22 -34.51
N LYS E 194 86.76 -44.53 -33.41
CA LYS E 194 88.18 -44.87 -33.41
C LYS E 194 88.46 -46.05 -34.33
N GLU E 195 87.70 -47.13 -34.20
CA GLU E 195 87.87 -48.31 -35.06
C GLU E 195 87.65 -47.99 -36.55
N ILE E 196 86.58 -47.27 -36.88
CA ILE E 196 86.29 -46.89 -38.25
C ILE E 196 87.42 -46.03 -38.82
N SER E 197 87.92 -45.08 -38.03
CA SER E 197 89.04 -44.22 -38.41
C SER E 197 90.33 -44.98 -38.73
N LYS E 198 90.46 -46.27 -38.40
CA LYS E 198 91.60 -47.08 -38.84
C LYS E 198 91.60 -47.31 -40.35
N GLU E 199 90.42 -47.50 -40.95
CA GLU E 199 90.28 -48.02 -42.31
C GLU E 199 89.83 -46.96 -43.32
N VAL E 200 88.94 -46.04 -42.93
CA VAL E 200 88.40 -45.03 -43.84
C VAL E 200 89.45 -43.98 -44.23
N ASP E 201 89.37 -43.47 -45.47
CA ASP E 201 90.30 -42.44 -45.96
C ASP E 201 89.67 -41.44 -46.95
N SER E 202 88.44 -41.65 -47.41
CA SER E 202 87.74 -40.64 -48.22
C SER E 202 87.53 -39.36 -47.40
N PRO E 203 87.95 -38.19 -47.88
CA PRO E 203 87.80 -36.94 -47.14
C PRO E 203 86.34 -36.65 -46.81
N GLU E 204 85.46 -36.79 -47.80
CA GLU E 204 84.04 -36.57 -47.60
C GLU E 204 83.45 -37.60 -46.63
N SER E 205 83.90 -38.86 -46.69
CA SER E 205 83.48 -39.89 -45.74
C SER E 205 83.85 -39.50 -44.31
N LYS E 206 85.09 -39.07 -44.07
CA LYS E 206 85.50 -38.61 -42.74
C LYS E 206 84.65 -37.41 -42.28
N ARG E 207 84.40 -36.45 -43.16
CA ARG E 207 83.53 -35.29 -42.92
C ARG E 207 82.12 -35.74 -42.53
N ILE E 208 81.53 -36.65 -43.28
CA ILE E 208 80.26 -37.29 -42.97
C ILE E 208 80.33 -37.95 -41.59
N ALA E 209 81.33 -38.79 -41.34
CA ALA E 209 81.44 -39.57 -40.12
C ALA E 209 81.50 -38.67 -38.89
N TYR E 210 82.30 -37.59 -38.94
CA TYR E 210 82.34 -36.68 -37.82
C TYR E 210 80.96 -36.05 -37.56
N LYS E 211 80.31 -35.55 -38.61
CA LYS E 211 78.98 -34.97 -38.45
C LYS E 211 78.00 -35.98 -37.88
N ILE E 212 78.05 -37.24 -38.30
CA ILE E 212 77.20 -38.30 -37.72
C ILE E 212 77.51 -38.46 -36.24
N VAL E 213 78.77 -38.61 -35.83
CA VAL E 213 79.13 -38.74 -34.41
C VAL E 213 78.57 -37.56 -33.62
N ALA E 214 78.77 -36.35 -34.14
CA ALA E 214 78.25 -35.14 -33.51
C ALA E 214 76.73 -35.16 -33.40
N ALA E 215 76.02 -35.49 -34.47
CA ALA E 215 74.57 -35.55 -34.47
C ALA E 215 74.05 -36.60 -33.48
N ALA E 216 74.72 -37.75 -33.37
CA ALA E 216 74.37 -38.77 -32.40
C ALA E 216 74.54 -38.23 -30.97
N ALA E 217 75.67 -37.62 -30.65
CA ALA E 217 75.87 -37.01 -29.34
C ALA E 217 74.83 -35.92 -29.06
N GLU E 218 74.54 -35.07 -30.05
CA GLU E 218 73.54 -34.01 -29.93
C GLU E 218 72.16 -34.60 -29.60
N PHE E 219 71.73 -35.63 -30.32
CA PHE E 219 70.47 -36.31 -30.04
C PHE E 219 70.46 -36.86 -28.62
N LEU E 220 71.51 -37.56 -28.20
CA LEU E 220 71.62 -38.10 -26.85
C LEU E 220 71.46 -36.99 -25.80
N LEU E 221 72.15 -35.86 -25.96
CA LEU E 221 72.01 -34.75 -25.01
C LEU E 221 70.60 -34.15 -25.05
N LYS E 222 70.03 -33.88 -26.23
CA LYS E 222 68.69 -33.31 -26.33
C LYS E 222 67.65 -34.20 -25.64
N ILE E 223 67.69 -35.51 -25.90
CA ILE E 223 66.80 -36.45 -25.26
C ILE E 223 67.05 -36.51 -23.75
N LEU E 224 68.30 -36.56 -23.30
CA LEU E 224 68.61 -36.57 -21.87
C LEU E 224 68.07 -35.30 -21.18
N ALA E 225 68.18 -34.15 -21.83
CA ALA E 225 67.66 -32.89 -21.33
C ALA E 225 66.12 -32.86 -21.31
N GLU E 226 65.45 -33.31 -22.36
CA GLU E 226 64.00 -33.50 -22.34
C GLU E 226 63.54 -34.52 -21.27
N GLY E 227 64.44 -35.44 -20.88
CA GLY E 227 64.25 -36.39 -19.78
C GLY E 227 64.23 -35.75 -18.38
N GLY E 228 64.42 -34.43 -18.25
CA GLY E 228 64.30 -33.73 -16.97
C GLY E 228 65.43 -34.01 -15.97
N ALA E 229 66.62 -34.38 -16.45
CA ALA E 229 67.80 -34.63 -15.62
C ALA E 229 68.25 -33.38 -14.82
N THR E 230 69.00 -33.59 -13.74
CA THR E 230 69.54 -32.47 -12.92
C THR E 230 70.56 -31.63 -13.68
N PRO E 231 70.76 -30.35 -13.30
CA PRO E 231 71.89 -29.56 -13.78
C PRO E 231 73.24 -30.28 -13.63
N GLU E 232 73.46 -31.01 -12.55
CA GLU E 232 74.68 -31.80 -12.34
C GLU E 232 74.83 -32.90 -13.39
N GLN E 233 73.77 -33.64 -13.72
CA GLN E 233 73.80 -34.58 -14.84
C GLN E 233 74.07 -33.83 -16.16
N LEU E 234 73.34 -32.75 -16.44
CA LEU E 234 73.50 -32.00 -17.69
C LEU E 234 74.94 -31.55 -17.89
N GLU E 235 75.56 -31.02 -16.84
CA GLU E 235 76.95 -30.61 -16.86
C GLU E 235 77.87 -31.81 -17.12
N ARG E 236 77.80 -32.89 -16.33
CA ARG E 236 78.71 -34.05 -16.47
C ARG E 236 78.57 -34.70 -17.85
N VAL E 237 77.34 -34.83 -18.35
CA VAL E 237 77.10 -35.34 -19.69
C VAL E 237 77.66 -34.38 -20.73
N THR E 238 77.44 -33.08 -20.61
CA THR E 238 77.99 -32.10 -21.57
C THR E 238 79.51 -32.17 -21.58
N GLU E 239 80.14 -32.26 -20.41
CA GLU E 239 81.59 -32.40 -20.29
C GLU E 239 82.08 -33.68 -20.96
N HIS E 240 81.44 -34.82 -20.70
CA HIS E 240 81.78 -36.07 -21.36
C HIS E 240 81.61 -35.96 -22.88
N ALA E 241 80.53 -35.32 -23.34
CA ALA E 241 80.28 -35.12 -24.76
C ALA E 241 81.34 -34.23 -25.40
N LEU E 242 81.73 -33.13 -24.76
CA LEU E 242 82.84 -32.30 -25.22
C LEU E 242 84.13 -33.13 -25.27
N GLU E 243 84.42 -33.92 -24.24
CA GLU E 243 85.61 -34.78 -24.21
C GLU E 243 85.62 -35.78 -25.37
N VAL E 244 84.48 -36.40 -25.67
CA VAL E 244 84.34 -37.25 -26.84
C VAL E 244 84.55 -36.45 -28.12
N LEU E 245 83.84 -35.33 -28.30
CA LEU E 245 83.92 -34.56 -29.54
C LEU E 245 85.35 -34.10 -29.80
N LYS E 246 86.03 -33.68 -28.74
CA LYS E 246 87.46 -33.32 -28.76
C LYS E 246 88.30 -34.53 -29.15
N GLU E 247 88.17 -35.67 -28.48
CA GLU E 247 89.03 -36.81 -28.78
C GLU E 247 88.80 -37.36 -30.19
N VAL E 248 87.55 -37.47 -30.63
CA VAL E 248 87.25 -37.89 -32.01
C VAL E 248 87.73 -36.83 -33.01
N ALA E 249 87.66 -35.55 -32.67
CA ALA E 249 88.28 -34.53 -33.51
C ALA E 249 89.80 -34.70 -33.56
N LYS E 250 90.48 -35.07 -32.47
CA LYS E 250 91.93 -35.33 -32.51
C LYS E 250 92.31 -36.50 -33.42
N GLU E 251 91.38 -37.40 -33.72
CA GLU E 251 91.54 -38.35 -34.82
C GLU E 251 91.22 -37.71 -36.19
N LEU E 252 90.02 -37.14 -36.35
CA LEU E 252 89.48 -36.78 -37.68
C LEU E 252 89.87 -35.39 -38.22
N ALA E 253 90.34 -34.44 -37.39
CA ALA E 253 90.59 -33.04 -37.76
C ALA E 253 91.87 -32.82 -38.60
N ASP E 254 91.98 -33.54 -39.71
CA ASP E 254 93.13 -33.60 -40.61
C ASP E 254 93.33 -32.37 -41.54
N SER E 255 92.35 -31.49 -41.69
CA SER E 255 92.25 -30.56 -42.83
C SER E 255 91.33 -29.38 -42.53
N PRO E 256 91.33 -28.31 -43.35
CA PRO E 256 90.49 -27.13 -43.11
C PRO E 256 89.01 -27.47 -42.94
N GLU E 257 88.46 -28.31 -43.81
CA GLU E 257 87.06 -28.74 -43.71
C GLU E 257 86.79 -29.43 -42.39
N SER E 258 87.57 -30.45 -42.04
CA SER E 258 87.35 -31.24 -40.82
C SER E 258 87.58 -30.39 -39.56
N GLY E 259 88.51 -29.44 -39.61
CA GLY E 259 88.65 -28.41 -38.59
C GLY E 259 87.37 -27.58 -38.45
N LEU E 260 86.90 -26.98 -39.54
CA LEU E 260 85.68 -26.17 -39.52
C LEU E 260 84.46 -26.98 -39.07
N ALA E 261 84.37 -28.24 -39.46
CA ALA E 261 83.29 -29.12 -39.03
C ALA E 261 83.36 -29.37 -37.53
N ALA E 262 84.52 -29.78 -37.00
CA ALA E 262 84.68 -30.00 -35.58
C ALA E 262 84.36 -28.72 -34.80
N LEU E 263 84.81 -27.58 -35.30
CA LEU E 263 84.52 -26.28 -34.74
C LEU E 263 83.01 -26.06 -34.66
N ALA E 264 82.32 -26.13 -35.80
CA ALA E 264 80.88 -25.88 -35.84
C ALA E 264 80.13 -26.85 -34.92
N ALA E 265 80.56 -28.10 -34.85
CA ALA E 265 79.95 -29.10 -33.98
C ALA E 265 80.15 -28.74 -32.50
N ILE E 266 81.39 -28.46 -32.09
CA ILE E 266 81.65 -28.09 -30.69
C ILE E 266 80.87 -26.81 -30.36
N ALA E 267 80.85 -25.84 -31.27
CA ALA E 267 80.07 -24.62 -31.08
C ALA E 267 78.58 -24.92 -30.92
N SER E 268 78.05 -25.82 -31.74
CA SER E 268 76.66 -26.27 -31.62
C SER E 268 76.42 -26.94 -30.27
N LEU E 269 77.33 -27.81 -29.82
CA LEU E 269 77.22 -28.47 -28.53
C LEU E 269 77.23 -27.45 -27.39
N ALA E 270 78.11 -26.45 -27.45
CA ALA E 270 78.14 -25.37 -26.47
C ALA E 270 76.81 -24.60 -26.48
N LYS E 271 76.32 -24.21 -27.67
CA LYS E 271 75.06 -23.48 -27.83
C LYS E 271 73.89 -24.27 -27.25
N LEU E 272 73.81 -25.56 -27.54
CA LEU E 272 72.83 -26.47 -26.98
C LEU E 272 72.96 -26.55 -25.45
N GLY E 273 74.17 -26.80 -24.95
CA GLY E 273 74.42 -26.93 -23.53
C GLY E 273 73.95 -25.70 -22.77
N LEU E 274 74.36 -24.51 -23.23
CA LEU E 274 73.94 -23.25 -22.66
C LEU E 274 72.43 -23.04 -22.77
N GLU E 275 71.81 -23.36 -23.91
CA GLU E 275 70.36 -23.23 -24.07
C GLU E 275 69.60 -24.12 -23.08
N GLN E 276 70.05 -25.36 -22.85
CA GLN E 276 69.46 -26.24 -21.84
C GLN E 276 69.72 -25.74 -20.42
N LEU E 277 70.92 -25.25 -20.12
CA LEU E 277 71.22 -24.66 -18.81
C LEU E 277 70.37 -23.41 -18.56
N LYS E 278 70.10 -22.59 -19.58
CA LYS E 278 69.15 -21.48 -19.51
C LYS E 278 67.72 -21.99 -19.29
N GLU E 279 67.29 -23.00 -20.03
CA GLU E 279 65.93 -23.55 -19.92
C GLU E 279 65.65 -24.16 -18.53
N ILE E 280 66.59 -24.88 -17.94
CA ILE E 280 66.42 -25.43 -16.57
C ILE E 280 66.64 -24.37 -15.47
N GLY E 281 67.17 -23.19 -15.83
CA GLY E 281 67.48 -22.12 -14.87
C GLY E 281 68.70 -22.40 -13.99
N ALA E 282 69.71 -23.09 -14.50
CA ALA E 282 70.96 -23.37 -13.78
C ALA E 282 71.73 -22.08 -13.45
N PRO E 283 72.39 -21.98 -12.28
CA PRO E 283 73.04 -20.75 -11.85
C PRO E 283 74.28 -20.43 -12.72
N PRO E 284 74.67 -19.14 -12.82
CA PRO E 284 75.71 -18.69 -13.74
C PRO E 284 77.04 -19.45 -13.67
N GLU E 285 77.45 -19.97 -12.51
CA GLU E 285 78.71 -20.70 -12.40
C GLU E 285 78.73 -21.94 -13.32
N GLN E 286 77.62 -22.68 -13.41
CA GLN E 286 77.57 -23.84 -14.30
C GLN E 286 77.70 -23.38 -15.77
N GLN E 287 77.08 -22.25 -16.11
CA GLN E 287 77.17 -21.63 -17.43
C GLN E 287 78.63 -21.25 -17.76
N ARG E 288 79.34 -20.63 -16.81
CA ARG E 288 80.78 -20.35 -16.95
C ARG E 288 81.58 -21.64 -17.14
N ARG E 289 81.41 -22.65 -16.28
CA ARG E 289 82.12 -23.94 -16.37
C ARG E 289 81.96 -24.58 -17.76
N VAL E 290 80.73 -24.66 -18.26
CA VAL E 290 80.47 -25.17 -19.61
C VAL E 290 81.12 -24.29 -20.67
N THR E 291 81.00 -22.96 -20.56
CA THR E 291 81.60 -22.03 -21.51
C THR E 291 83.11 -22.23 -21.60
N LYS E 292 83.79 -22.35 -20.46
CA LYS E 292 85.22 -22.64 -20.40
C LYS E 292 85.53 -23.96 -21.09
N ALA E 293 84.81 -25.03 -20.77
CA ALA E 293 85.07 -26.33 -21.37
C ALA E 293 84.97 -26.28 -22.90
N GLY E 294 83.96 -25.59 -23.44
CA GLY E 294 83.81 -25.37 -24.88
C GLY E 294 85.00 -24.61 -25.46
N ILE E 295 85.32 -23.45 -24.89
CA ILE E 295 86.43 -22.63 -25.38
C ILE E 295 87.74 -23.42 -25.34
N GLU E 296 88.04 -24.07 -24.21
CA GLU E 296 89.26 -24.87 -24.06
C GLU E 296 89.31 -26.03 -25.05
N ALA E 297 88.19 -26.68 -25.35
CA ALA E 297 88.17 -27.70 -26.39
C ALA E 297 88.56 -27.09 -27.75
N VAL E 298 88.00 -25.95 -28.13
CA VAL E 298 88.34 -25.33 -29.42
C VAL E 298 89.81 -24.90 -29.44
N ARG E 299 90.31 -24.34 -28.33
CA ARG E 299 91.73 -24.01 -28.17
C ARG E 299 92.59 -25.23 -28.44
N GLU E 300 92.31 -26.34 -27.76
CA GLU E 300 93.00 -27.60 -27.97
C GLU E 300 92.97 -28.02 -29.44
N ILE E 301 91.80 -28.03 -30.08
CA ILE E 301 91.70 -28.49 -31.47
C ILE E 301 92.46 -27.57 -32.41
N TYR E 302 92.32 -26.24 -32.32
CA TYR E 302 92.99 -25.36 -33.27
C TYR E 302 94.50 -25.34 -33.06
N ARG E 303 95.00 -25.45 -31.82
CA ARG E 303 96.42 -25.65 -31.55
C ARG E 303 96.91 -27.00 -32.06
N TYR E 304 96.17 -28.07 -31.81
CA TYR E 304 96.53 -29.43 -32.23
C TYR E 304 96.65 -29.55 -33.76
N GLY E 305 95.67 -28.97 -34.48
CA GLY E 305 95.65 -29.00 -35.94
C GLY E 305 96.61 -28.03 -36.63
N ARG E 306 97.25 -27.10 -35.91
CA ARG E 306 98.04 -25.99 -36.49
C ARG E 306 99.29 -26.43 -37.26
N LYS E 307 99.70 -27.70 -37.14
CA LYS E 307 100.78 -28.32 -37.94
C LYS E 307 100.36 -28.69 -39.37
N LEU E 308 99.06 -28.80 -39.65
CA LEU E 308 98.52 -29.46 -40.85
C LEU E 308 98.08 -28.49 -41.97
N TYR E 309 98.38 -27.20 -41.84
CA TYR E 309 97.91 -26.11 -42.73
C TYR E 309 98.89 -24.94 -42.75
N ASP F 3 72.46 19.93 35.07
CA ASP F 3 73.58 20.10 36.03
C ASP F 3 74.80 19.23 35.72
N ASP F 4 74.66 17.94 35.41
CA ASP F 4 75.79 16.99 35.38
C ASP F 4 76.99 17.44 34.53
N LEU F 5 76.75 18.12 33.41
CA LEU F 5 77.85 18.58 32.57
C LEU F 5 78.75 19.56 33.33
N LEU F 6 78.20 20.44 34.17
CA LEU F 6 79.02 21.31 35.01
C LEU F 6 79.85 20.49 35.99
N LEU F 7 79.25 19.47 36.61
CA LEU F 7 79.99 18.55 37.46
C LEU F 7 81.11 17.87 36.67
N LYS F 8 80.86 17.46 35.43
CA LYS F 8 81.93 16.97 34.57
C LYS F 8 82.97 18.04 34.22
N LEU F 9 82.61 19.32 34.10
CA LEU F 9 83.63 20.37 33.96
C LEU F 9 84.50 20.44 35.20
N LEU F 10 83.90 20.30 36.38
CA LEU F 10 84.70 20.17 37.59
C LEU F 10 85.60 18.95 37.50
N GLU F 11 85.12 17.79 37.04
CA GLU F 11 86.00 16.63 36.85
C GLU F 11 87.17 16.99 35.95
N LEU F 12 86.92 17.62 34.81
CA LEU F 12 87.97 18.03 33.90
C LEU F 12 88.94 19.00 34.55
N LEU F 13 88.45 19.97 35.31
CA LEU F 13 89.32 20.85 36.08
C LEU F 13 90.16 20.05 37.08
N VAL F 14 89.57 19.11 37.81
CA VAL F 14 90.31 18.29 38.79
C VAL F 14 91.37 17.47 38.08
N GLU F 15 91.03 16.82 36.97
CA GLU F 15 92.00 16.02 36.25
C GLU F 15 93.10 16.90 35.67
N GLN F 16 92.75 18.06 35.12
CA GLN F 16 93.73 19.02 34.63
C GLN F 16 94.64 19.47 35.76
N ALA F 17 94.10 19.74 36.94
CA ALA F 17 94.89 20.01 38.11
C ALA F 17 95.79 18.81 38.44
N ARG F 18 95.30 17.57 38.37
CA ARG F 18 96.12 16.40 38.74
C ARG F 18 97.32 16.28 37.84
N VAL F 19 97.12 16.37 36.53
CA VAL F 19 98.23 16.37 35.57
C VAL F 19 99.13 17.57 35.81
N SER F 20 98.54 18.73 36.09
CA SER F 20 99.33 19.92 36.44
C SER F 20 100.17 19.69 37.70
N ALA F 21 99.70 18.94 38.68
CA ALA F 21 100.42 18.64 39.91
C ALA F 21 101.48 17.55 39.70
N GLU F 22 101.25 16.57 38.83
CA GLU F 22 102.32 15.67 38.38
C GLU F 22 103.40 16.44 37.61
N PHE F 23 103.01 17.36 36.72
CA PHE F 23 103.94 18.25 36.02
C PHE F 23 104.73 19.12 36.99
N ALA F 24 104.06 19.75 37.95
CA ALA F 24 104.69 20.57 38.99
C ALA F 24 105.69 19.75 39.82
N ARG F 25 105.42 18.46 40.08
CA ARG F 25 106.35 17.55 40.76
C ARG F 25 107.59 17.18 39.95
N ARG F 26 107.58 17.39 38.62
CA ARG F 26 108.79 17.35 37.78
C ARG F 26 109.48 18.72 37.63
N GLN F 27 108.74 19.84 37.74
CA GLN F 27 109.32 21.20 37.70
C GLN F 27 109.93 21.68 39.03
N GLY F 28 109.32 21.33 40.17
CA GLY F 28 109.71 21.81 41.50
C GLY F 28 109.25 23.22 41.88
N ASP F 29 108.37 23.84 41.09
CA ASP F 29 107.93 25.23 41.31
C ASP F 29 106.85 25.39 42.41
N GLU F 30 107.20 26.08 43.49
CA GLU F 30 106.25 26.51 44.53
C GLU F 30 105.06 27.29 43.98
N LYS F 31 105.26 28.21 43.02
CA LYS F 31 104.17 29.08 42.54
C LYS F 31 103.14 28.27 41.77
N MET F 32 103.57 27.34 40.93
CA MET F 32 102.63 26.43 40.27
C MET F 32 101.88 25.56 41.28
N LEU F 33 102.55 25.03 42.32
CA LEU F 33 101.86 24.30 43.37
C LEU F 33 100.82 25.16 44.09
N GLU F 34 101.16 26.42 44.38
CA GLU F 34 100.23 27.39 44.94
C GLU F 34 99.02 27.59 44.01
N GLU F 35 99.25 27.81 42.71
CA GLU F 35 98.20 28.01 41.74
C GLU F 35 97.28 26.80 41.60
N VAL F 36 97.82 25.59 41.50
CA VAL F 36 96.94 24.41 41.41
C VAL F 36 96.18 24.21 42.72
N ALA F 37 96.79 24.44 43.89
CA ALA F 37 96.08 24.34 45.15
C ALA F 37 94.92 25.36 45.19
N ARG F 38 95.20 26.61 44.81
CA ARG F 38 94.22 27.68 44.72
C ARG F 38 93.07 27.28 43.80
N LYS F 39 93.37 26.84 42.58
CA LYS F 39 92.36 26.34 41.63
C LYS F 39 91.53 25.23 42.26
N ALA F 40 92.17 24.27 42.91
CA ALA F 40 91.48 23.14 43.51
C ALA F 40 90.56 23.58 44.65
N GLU F 41 90.96 24.56 45.46
CA GLU F 41 90.04 25.14 46.44
C GLU F 41 88.84 25.81 45.76
N GLU F 42 89.04 26.55 44.67
CA GLU F 42 87.91 27.16 43.95
C GLU F 42 86.98 26.10 43.38
N VAL F 43 87.54 25.02 42.83
CA VAL F 43 86.74 23.87 42.43
C VAL F 43 85.99 23.30 43.62
N ALA F 44 86.63 23.12 44.76
CA ALA F 44 85.98 22.56 45.94
C ALA F 44 84.81 23.43 46.38
N ARG F 45 84.99 24.75 46.38
CA ARG F 45 83.91 25.71 46.60
C ARG F 45 82.77 25.52 45.61
N LYS F 46 83.06 25.41 44.32
CA LYS F 46 82.02 25.18 43.29
C LYS F 46 81.28 23.87 43.57
N ALA F 47 82.00 22.80 43.85
CA ALA F 47 81.42 21.49 44.11
C ALA F 47 80.52 21.54 45.36
N GLU F 48 81.00 22.10 46.45
CA GLU F 48 80.22 22.24 47.68
C GLU F 48 78.94 23.05 47.42
N SER F 49 79.03 24.09 46.59
CA SER F 49 77.88 24.91 46.24
C SER F 49 76.82 24.10 45.50
N ILE F 50 77.22 23.30 44.51
CA ILE F 50 76.29 22.39 43.83
C ILE F 50 75.76 21.35 44.81
N ALA F 51 76.59 20.83 45.70
CA ALA F 51 76.19 19.81 46.67
C ALA F 51 75.11 20.33 47.64
N ARG F 52 75.21 21.56 48.12
CA ARG F 52 74.18 22.16 48.99
C ARG F 52 72.85 22.31 48.25
N LYS F 53 72.89 22.68 46.97
CA LYS F 53 71.70 22.67 46.09
C LYS F 53 71.09 21.29 46.03
N ALA F 54 71.89 20.26 45.71
CA ALA F 54 71.41 18.88 45.66
C ALA F 54 70.84 18.40 47.01
N ARG F 55 71.43 18.80 48.15
CA ARG F 55 70.89 18.50 49.48
C ARG F 55 69.49 19.05 49.65
N LYS F 56 69.26 20.31 49.26
CA LYS F 56 67.94 20.94 49.28
C LYS F 56 66.95 20.29 48.31
N GLU F 57 67.38 20.02 47.08
CA GLU F 57 66.51 19.44 46.05
C GLU F 57 66.19 17.95 46.26
N GLY F 58 67.01 17.22 47.03
CA GLY F 58 66.77 15.83 47.38
C GLY F 58 67.10 14.80 46.29
N ASN F 59 67.79 15.18 45.21
CA ASN F 59 68.31 14.23 44.22
C ASN F 59 69.63 13.62 44.73
N LEU F 60 69.54 12.39 45.26
CA LEU F 60 70.69 11.71 45.86
C LEU F 60 71.77 11.39 44.81
N GLU F 61 71.39 11.06 43.57
CA GLU F 61 72.38 10.74 42.53
C GLU F 61 73.29 11.93 42.25
N LEU F 62 72.71 13.13 42.09
CA LEU F 62 73.49 14.36 41.96
C LEU F 62 74.34 14.57 43.22
N ALA F 63 73.77 14.43 44.41
CA ALA F 63 74.52 14.66 45.64
C ALA F 63 75.73 13.73 45.74
N LEU F 64 75.54 12.44 45.47
CA LEU F 64 76.61 11.48 45.50
C LEU F 64 77.65 11.77 44.41
N LYS F 65 77.24 12.11 43.19
CA LYS F 65 78.15 12.56 42.14
C LYS F 65 79.01 13.73 42.64
N ALA F 66 78.36 14.76 43.17
CA ALA F 66 79.04 15.93 43.69
C ALA F 66 80.00 15.56 44.82
N LEU F 67 79.59 14.73 45.76
CA LEU F 67 80.48 14.29 46.82
C LEU F 67 81.67 13.52 46.25
N GLU F 68 81.49 12.63 45.29
CA GLU F 68 82.63 11.91 44.73
C GLU F 68 83.60 12.88 44.08
N ILE F 69 83.09 13.86 43.33
CA ILE F 69 83.93 14.91 42.78
C ILE F 69 84.64 15.66 43.92
N LEU F 70 83.93 16.01 44.98
CA LEU F 70 84.54 16.69 46.12
C LEU F 70 85.66 15.84 46.73
N VAL F 71 85.47 14.54 46.82
CA VAL F 71 86.51 13.63 47.29
C VAL F 71 87.67 13.58 46.31
N ARG F 72 87.42 13.51 45.00
CA ARG F 72 88.49 13.54 44.00
C ARG F 72 89.31 14.82 44.15
N ALA F 73 88.63 15.95 44.34
CA ALA F 73 89.27 17.22 44.58
C ALA F 73 90.07 17.18 45.90
N ALA F 74 89.49 16.64 46.96
CA ALA F 74 90.20 16.46 48.21
C ALA F 74 91.44 15.58 48.00
N HIS F 75 91.38 14.56 47.15
CA HIS F 75 92.51 13.68 46.91
C HIS F 75 93.67 14.44 46.28
N VAL F 76 93.41 15.18 45.21
CA VAL F 76 94.51 15.98 44.62
C VAL F 76 94.98 17.05 45.60
N LEU F 77 94.08 17.69 46.35
CA LEU F 77 94.47 18.65 47.39
C LEU F 77 95.38 18.00 48.42
N ALA F 78 95.07 16.78 48.82
CA ALA F 78 95.87 16.03 49.78
C ALA F 78 97.23 15.65 49.18
N GLU F 79 97.29 15.26 47.91
CA GLU F 79 98.61 15.04 47.29
C GLU F 79 99.42 16.33 47.30
N ILE F 80 98.84 17.47 46.91
CA ILE F 80 99.56 18.74 46.90
C ILE F 80 99.99 19.12 48.32
N ALA F 81 99.11 18.98 49.31
CA ALA F 81 99.43 19.25 50.71
C ALA F 81 100.61 18.39 51.20
N ARG F 82 100.58 17.08 50.94
CA ARG F 82 101.57 16.10 51.37
C ARG F 82 102.92 16.32 50.70
N GLU F 83 102.92 16.53 49.39
CA GLU F 83 104.14 16.70 48.61
C GLU F 83 104.82 18.06 48.91
N ARG F 84 104.02 19.10 49.20
CA ARG F 84 104.50 20.43 49.62
C ARG F 84 104.86 20.52 51.10
N GLY F 85 104.33 19.61 51.93
CA GLY F 85 104.47 19.65 53.38
C GLY F 85 103.71 20.82 54.03
N ASN F 86 102.53 21.17 53.52
CA ASN F 86 101.75 22.33 53.98
C ASN F 86 100.56 21.92 54.87
N GLU F 87 100.47 22.54 56.05
CA GLU F 87 99.38 22.27 57.00
C GLU F 87 98.04 22.89 56.61
N GLU F 88 98.02 24.07 55.98
CA GLU F 88 96.80 24.82 55.73
C GLU F 88 95.86 24.03 54.82
N LEU F 89 96.40 23.47 53.76
CA LEU F 89 95.68 22.55 52.88
C LEU F 89 95.26 21.27 53.62
N GLN F 90 96.13 20.70 54.46
CA GLN F 90 95.82 19.48 55.22
C GLN F 90 94.63 19.70 56.18
N LYS F 91 94.60 20.86 56.85
CA LYS F 91 93.52 21.25 57.76
C LYS F 91 92.23 21.48 56.99
N LYS F 92 92.26 22.26 55.91
CA LYS F 92 91.06 22.50 55.08
C LYS F 92 90.52 21.20 54.49
N ALA F 93 91.40 20.32 54.03
CA ALA F 93 91.00 18.98 53.60
C ALA F 93 90.35 18.19 54.73
N HIS F 94 90.94 18.18 55.94
CA HIS F 94 90.35 17.47 57.08
C HIS F 94 88.95 18.00 57.39
N LYS F 95 88.76 19.33 57.43
CA LYS F 95 87.45 19.96 57.61
C LYS F 95 86.45 19.48 56.57
N LEU F 96 86.83 19.58 55.29
CA LEU F 96 85.97 19.14 54.18
C LEU F 96 85.63 17.66 54.33
N ALA F 97 86.61 16.81 54.59
CA ALA F 97 86.43 15.37 54.65
C ALA F 97 85.52 14.96 55.82
N LYS F 98 85.71 15.56 57.00
CA LYS F 98 84.85 15.26 58.16
C LYS F 98 83.40 15.66 57.89
N GLU F 99 83.18 16.82 57.30
CA GLU F 99 81.84 17.24 56.89
C GLU F 99 81.28 16.29 55.83
N ALA F 100 82.07 15.93 54.82
CA ALA F 100 81.65 14.97 53.81
C ALA F 100 81.27 13.62 54.45
N LEU F 101 82.01 13.15 55.45
CA LEU F 101 81.69 11.88 56.11
C LEU F 101 80.31 11.97 56.76
N ARG F 102 80.05 13.02 57.53
CA ARG F 102 78.74 13.24 58.13
C ARG F 102 77.65 13.37 57.06
N GLN F 103 77.89 14.18 56.03
CA GLN F 103 76.92 14.37 54.95
C GLN F 103 76.60 13.05 54.26
N VAL F 104 77.60 12.27 53.87
CA VAL F 104 77.34 11.02 53.18
C VAL F 104 76.68 10.02 54.12
N ILE F 105 77.01 10.03 55.42
CA ILE F 105 76.28 9.24 56.39
C ILE F 105 74.81 9.63 56.39
N GLU F 106 74.48 10.93 56.45
CA GLU F 106 73.08 11.35 56.40
C GLU F 106 72.40 10.92 55.11
N ILE F 107 73.08 11.05 53.97
CA ILE F 107 72.55 10.59 52.71
C ILE F 107 72.35 9.07 52.74
N ALA F 108 73.25 8.32 53.34
CA ALA F 108 73.12 6.86 53.46
C ALA F 108 71.93 6.48 54.34
N ILE F 109 71.73 7.18 55.46
CA ILE F 109 70.52 7.02 56.26
C ILE F 109 69.30 7.31 55.39
N ARG F 110 69.31 8.42 54.63
CA ARG F 110 68.18 8.78 53.76
C ARG F 110 67.92 7.72 52.69
N ALA F 111 68.97 7.19 52.06
CA ALA F 111 68.84 6.14 51.04
C ALA F 111 68.21 4.87 51.63
N ILE F 112 68.67 4.44 52.81
CA ILE F 112 68.10 3.29 53.52
C ILE F 112 66.64 3.58 53.89
N GLN F 113 66.34 4.80 54.39
CA GLN F 113 64.99 5.17 54.80
C GLN F 113 64.02 5.28 53.62
N GLU F 114 64.47 5.78 52.46
CA GLU F 114 63.72 5.76 51.21
C GLU F 114 63.69 4.39 50.52
N GLY F 115 64.50 3.44 50.99
CA GLY F 115 64.46 2.04 50.58
C GLY F 115 65.21 1.70 49.28
N ASN F 116 66.20 2.50 48.88
CA ASN F 116 67.07 2.18 47.73
C ASN F 116 68.48 1.74 48.17
N LEU F 117 68.98 0.67 47.55
CA LEU F 117 70.26 0.08 47.90
C LEU F 117 71.40 0.54 46.97
N GLU F 118 71.16 0.75 45.68
CA GLU F 118 72.24 1.11 44.76
C GLU F 118 72.89 2.44 45.14
N LEU F 119 72.07 3.44 45.46
CA LEU F 119 72.56 4.73 45.96
C LEU F 119 73.38 4.50 47.23
N ALA F 120 72.90 3.70 48.18
CA ALA F 120 73.65 3.42 49.40
C ALA F 120 74.98 2.73 49.10
N ILE F 121 75.01 1.79 48.16
CA ILE F 121 76.24 1.11 47.76
C ILE F 121 77.23 2.12 47.18
N ILE F 122 76.78 2.99 46.27
CA ILE F 122 77.63 4.06 45.75
C ILE F 122 78.10 4.97 46.87
N ALA F 123 77.19 5.36 47.77
CA ALA F 123 77.53 6.21 48.89
C ALA F 123 78.60 5.56 49.78
N LEU F 124 78.50 4.25 49.99
CA LEU F 124 79.42 3.54 50.84
C LEU F 124 80.76 3.40 50.12
N HIS F 125 80.76 3.25 48.80
CA HIS F 125 81.97 3.39 47.96
C HIS F 125 82.60 4.77 48.17
N ILE F 126 81.82 5.83 48.07
CA ILE F 126 82.29 7.19 48.35
C ILE F 126 82.84 7.25 49.77
N SER F 127 82.19 6.63 50.74
CA SER F 127 82.67 6.61 52.12
C SER F 127 84.04 5.98 52.20
N VAL F 128 84.25 4.85 51.51
CA VAL F 128 85.59 4.27 51.42
C VAL F 128 86.56 5.26 50.79
N ARG F 129 86.17 6.01 49.76
CA ARG F 129 87.06 7.04 49.21
C ARG F 129 87.39 8.11 50.24
N ILE F 130 86.41 8.53 51.04
CA ILE F 130 86.67 9.46 52.14
C ILE F 130 87.67 8.81 53.08
N ALA F 131 87.53 7.53 53.39
CA ALA F 131 88.52 6.84 54.20
C ALA F 131 89.90 6.88 53.56
N GLU F 132 90.04 6.75 52.24
CA GLU F 132 91.34 6.93 51.59
C GLU F 132 91.94 8.30 51.91
N VAL F 133 91.14 9.34 51.77
CA VAL F 133 91.59 10.70 52.07
C VAL F 133 91.95 10.83 53.55
N LEU F 134 91.08 10.38 54.44
CA LEU F 134 91.34 10.49 55.87
C LEU F 134 92.61 9.73 56.26
N LEU F 135 92.76 8.50 55.77
CA LEU F 135 93.90 7.65 56.08
C LEU F 135 95.19 8.31 55.62
N GLU F 136 95.21 8.86 54.40
CA GLU F 136 96.37 9.61 53.94
C GLU F 136 96.58 10.88 54.78
N THR F 137 95.50 11.52 55.24
CA THR F 137 95.58 12.78 56.00
C THR F 137 96.30 12.57 57.34
N ARG F 138 95.88 11.57 58.12
CA ARG F 138 96.43 11.23 59.44
C ARG F 138 96.23 9.74 59.76
N PRO F 139 97.24 8.88 59.59
CA PRO F 139 97.15 7.45 59.94
C PRO F 139 97.27 7.17 61.44
N ASP F 140 97.70 8.14 62.25
CA ASP F 140 97.92 8.03 63.70
C ASP F 140 96.68 8.33 64.54
N ASP F 141 95.75 9.17 64.06
CA ASP F 141 94.50 9.52 64.75
C ASP F 141 93.41 8.44 64.56
N ARG F 142 93.81 7.17 64.76
CA ARG F 142 93.11 5.96 64.32
C ARG F 142 91.66 5.84 64.78
N GLU F 143 91.29 6.46 65.89
CA GLU F 143 89.93 6.39 66.41
C GLU F 143 88.91 6.96 65.42
N GLU F 144 89.25 8.01 64.66
CA GLU F 144 88.35 8.53 63.63
C GLU F 144 88.17 7.52 62.49
N ILE F 145 89.25 6.85 62.09
CA ILE F 145 89.16 5.77 61.10
C ILE F 145 88.30 4.64 61.65
N ARG F 146 88.46 4.30 62.93
CA ARG F 146 87.65 3.27 63.59
C ARG F 146 86.17 3.64 63.62
N GLU F 147 85.83 4.91 63.81
CA GLU F 147 84.44 5.37 63.69
C GLU F 147 83.88 5.05 62.30
N GLN F 148 84.62 5.40 61.26
CA GLN F 148 84.22 5.04 59.90
C GLN F 148 84.08 3.53 59.76
N GLN F 149 85.04 2.74 60.23
CA GLN F 149 84.98 1.28 60.13
C GLN F 149 83.73 0.71 60.82
N ALA F 150 83.44 1.12 62.05
CA ALA F 150 82.28 0.64 62.78
C ALA F 150 81.00 0.97 62.02
N ILE F 151 80.86 2.24 61.61
CA ILE F 151 79.68 2.70 60.89
C ILE F 151 79.54 1.94 59.58
N PHE F 152 80.64 1.73 58.87
CA PHE F 152 80.67 0.97 57.64
C PHE F 152 80.17 -0.46 57.89
N GLU F 153 80.73 -1.16 58.87
CA GLU F 153 80.33 -2.54 59.12
C GLU F 153 78.86 -2.64 59.54
N LEU F 154 78.36 -1.66 60.30
CA LEU F 154 76.94 -1.56 60.61
C LEU F 154 76.11 -1.39 59.33
N LEU F 155 76.47 -0.45 58.47
CA LEU F 155 75.75 -0.23 57.21
C LEU F 155 75.79 -1.48 56.34
N ILE F 156 76.95 -2.13 56.21
CA ILE F 156 77.09 -3.38 55.45
C ILE F 156 76.18 -4.44 56.05
N ALA F 157 76.19 -4.65 57.35
CA ALA F 157 75.33 -5.65 57.97
C ALA F 157 73.84 -5.36 57.67
N ALA F 158 73.44 -4.10 57.76
CA ALA F 158 72.07 -3.69 57.45
C ALA F 158 71.75 -3.97 55.97
N LEU F 159 72.64 -3.60 55.06
CA LEU F 159 72.44 -3.89 53.65
C LEU F 159 72.40 -5.41 53.40
N GLU F 160 73.25 -6.21 54.03
CA GLU F 160 73.22 -7.67 53.86
C GLU F 160 71.87 -8.27 54.27
N ALA F 161 71.36 -7.87 55.43
CA ALA F 161 70.02 -8.27 55.84
C ALA F 161 68.98 -7.79 54.80
N ALA F 162 69.07 -6.53 54.37
CA ALA F 162 68.11 -5.96 53.43
C ALA F 162 68.11 -6.71 52.10
N ILE F 163 69.28 -7.05 51.55
CA ILE F 163 69.34 -7.77 50.28
C ILE F 163 68.81 -9.20 50.46
N ARG F 164 69.11 -9.86 51.57
CA ARG F 164 68.56 -11.20 51.83
C ARG F 164 67.04 -11.14 51.86
N LEU F 165 66.48 -10.18 52.59
CA LEU F 165 65.04 -9.93 52.64
C LEU F 165 64.47 -9.60 51.25
N GLU F 166 65.12 -8.72 50.50
CA GLU F 166 64.69 -8.36 49.15
C GLU F 166 64.69 -9.57 48.23
N LYS F 167 65.68 -10.47 48.34
CA LYS F 167 65.71 -11.71 47.58
C LYS F 167 64.55 -12.62 47.97
N LEU F 168 64.26 -12.78 49.27
CA LEU F 168 63.08 -13.53 49.69
C LEU F 168 61.78 -12.90 49.11
N LYS F 169 61.71 -11.57 49.01
CA LYS F 169 60.60 -10.85 48.36
C LYS F 169 60.54 -11.10 46.84
N GLU F 170 61.67 -11.12 46.15
CA GLU F 170 61.73 -11.51 44.72
C GLU F 170 61.33 -12.98 44.51
N GLU F 171 61.72 -13.88 45.41
CA GLU F 171 61.37 -15.30 45.36
C GLU F 171 59.90 -15.59 45.70
N GLY F 172 59.20 -14.67 46.38
CA GLY F 172 57.87 -14.92 46.93
C GLY F 172 57.87 -15.96 48.06
N ALA F 173 58.91 -15.91 48.91
CA ALA F 173 59.12 -16.85 50.02
C ALA F 173 57.93 -16.90 51.01
N PRO F 174 57.73 -18.01 51.75
CA PRO F 174 56.64 -18.10 52.72
C PRO F 174 56.90 -17.13 53.88
N PRO F 175 55.92 -16.32 54.31
CA PRO F 175 56.10 -15.28 55.33
C PRO F 175 56.79 -15.73 56.62
N GLU F 176 56.59 -16.98 57.05
CA GLU F 176 57.25 -17.52 58.25
C GLU F 176 58.78 -17.59 58.08
N GLN F 177 59.27 -17.96 56.90
CA GLN F 177 60.70 -17.90 56.62
C GLN F 177 61.20 -16.45 56.64
N ILE F 178 60.42 -15.53 56.05
CA ILE F 178 60.73 -14.09 56.05
C ILE F 178 60.84 -13.57 57.49
N GLU F 179 59.88 -13.91 58.35
CA GLU F 179 59.92 -13.61 59.78
C GLU F 179 61.21 -14.12 60.42
N ARG F 180 61.57 -15.39 60.26
CA ARG F 180 62.74 -15.94 60.94
C ARG F 180 64.05 -15.32 60.46
N VAL F 181 64.14 -14.96 59.18
CA VAL F 181 65.26 -14.17 58.66
C VAL F 181 65.30 -12.79 59.30
N ALA F 182 64.18 -12.07 59.33
CA ALA F 182 64.12 -10.73 59.89
C ALA F 182 64.46 -10.73 61.39
N GLU F 183 63.94 -11.70 62.13
CA GLU F 183 64.22 -11.88 63.56
C GLU F 183 65.72 -12.08 63.80
N HIS F 184 66.32 -13.04 63.09
CA HIS F 184 67.76 -13.30 63.15
C HIS F 184 68.56 -12.05 62.77
N GLY F 185 68.12 -11.31 61.75
CA GLY F 185 68.74 -10.06 61.34
C GLY F 185 68.72 -9.00 62.43
N LEU F 186 67.57 -8.75 63.04
CA LEU F 186 67.44 -7.81 64.15
C LEU F 186 68.32 -8.24 65.34
N GLU F 187 68.35 -9.53 65.68
CA GLU F 187 69.22 -10.01 66.75
C GLU F 187 70.70 -9.78 66.43
N ARG F 188 71.15 -10.09 65.21
CA ARG F 188 72.53 -9.82 64.81
C ARG F 188 72.84 -8.33 64.83
N LEU F 189 71.89 -7.48 64.43
CA LEU F 189 72.03 -6.03 64.59
C LEU F 189 72.20 -5.65 66.06
N LYS F 190 71.46 -6.27 66.98
CA LYS F 190 71.65 -6.04 68.42
C LYS F 190 73.09 -6.37 68.83
N GLU F 191 73.55 -7.56 68.48
CA GLU F 191 74.91 -7.99 68.84
C GLU F 191 75.98 -7.06 68.24
N ILE F 192 75.86 -6.73 66.96
CA ILE F 192 76.80 -5.80 66.31
C ILE F 192 76.76 -4.43 66.99
N ALA F 193 75.58 -3.87 67.23
CA ALA F 193 75.46 -2.57 67.87
C ALA F 193 76.07 -2.58 69.27
N LYS F 194 75.84 -3.65 70.04
CA LYS F 194 76.41 -3.80 71.38
C LYS F 194 77.93 -3.92 71.33
N GLU F 195 78.49 -4.66 70.37
CA GLU F 195 79.94 -4.69 70.16
C GLU F 195 80.48 -3.30 69.82
N ILE F 196 79.85 -2.58 68.88
CA ILE F 196 80.27 -1.23 68.50
C ILE F 196 80.21 -0.29 69.71
N SER F 197 79.17 -0.42 70.54
CA SER F 197 79.01 0.38 71.76
C SER F 197 80.14 0.20 72.78
N LYS F 198 80.96 -0.86 72.69
CA LYS F 198 82.16 -0.98 73.53
C LYS F 198 83.23 0.03 73.16
N GLU F 199 83.35 0.35 71.88
CA GLU F 199 84.42 1.19 71.36
C GLU F 199 84.03 2.67 71.27
N VAL F 200 82.85 2.98 70.71
CA VAL F 200 82.49 4.36 70.32
C VAL F 200 82.17 5.25 71.53
N ASP F 201 82.45 6.55 71.41
CA ASP F 201 82.24 7.55 72.46
C ASP F 201 81.52 8.82 71.98
N SER F 202 81.77 9.30 70.77
CA SER F 202 81.23 10.58 70.29
C SER F 202 79.70 10.58 70.28
N PRO F 203 79.04 11.57 70.91
CA PRO F 203 77.59 11.65 70.97
C PRO F 203 76.94 11.61 69.59
N GLU F 204 77.47 12.38 68.64
CA GLU F 204 76.96 12.43 67.28
C GLU F 204 77.09 11.07 66.59
N SER F 205 78.22 10.39 66.78
CA SER F 205 78.43 9.04 66.25
C SER F 205 77.41 8.06 66.82
N LYS F 206 77.20 8.09 68.13
CA LYS F 206 76.16 7.27 68.75
C LYS F 206 74.77 7.61 68.22
N ARG F 207 74.48 8.90 68.00
CA ARG F 207 73.20 9.37 67.41
C ARG F 207 73.01 8.78 66.01
N ILE F 208 74.04 8.88 65.19
CA ILE F 208 74.11 8.24 63.89
C ILE F 208 73.85 6.74 64.03
N ALA F 209 74.59 6.04 64.89
CA ALA F 209 74.50 4.59 65.01
C ALA F 209 73.09 4.15 65.38
N TYR F 210 72.49 4.79 66.38
CA TYR F 210 71.14 4.44 66.76
C TYR F 210 70.15 4.71 65.62
N LYS F 211 70.23 5.86 64.95
CA LYS F 211 69.35 6.14 63.81
C LYS F 211 69.56 5.11 62.71
N ILE F 212 70.78 4.64 62.46
CA ILE F 212 71.02 3.57 61.49
C ILE F 212 70.32 2.30 61.94
N VAL F 213 70.49 1.87 63.19
CA VAL F 213 69.81 0.66 63.69
C VAL F 213 68.30 0.79 63.52
N ALA F 214 67.76 1.94 63.91
CA ALA F 214 66.34 2.21 63.77
C ALA F 214 65.90 2.18 62.31
N ALA F 215 66.62 2.84 61.41
CA ALA F 215 66.30 2.84 59.99
C ALA F 215 66.35 1.42 59.41
N ALA F 216 67.31 0.59 59.84
CA ALA F 216 67.38 -0.80 59.43
C ALA F 216 66.13 -1.57 59.89
N ALA F 217 65.73 -1.42 61.16
CA ALA F 217 64.49 -2.02 61.61
C ALA F 217 63.28 -1.49 60.82
N GLU F 218 63.20 -0.18 60.57
CA GLU F 218 62.11 0.44 59.81
C GLU F 218 62.02 -0.17 58.41
N PHE F 219 63.15 -0.27 57.72
CA PHE F 219 63.22 -0.84 56.38
C PHE F 219 62.77 -2.31 56.40
N LEU F 220 63.25 -3.09 57.37
CA LEU F 220 62.83 -4.47 57.56
C LEU F 220 61.33 -4.56 57.74
N LEU F 221 60.75 -3.74 58.62
CA LEU F 221 59.32 -3.76 58.87
C LEU F 221 58.51 -3.31 57.65
N LYS F 222 58.93 -2.25 56.95
CA LYS F 222 58.22 -1.80 55.74
C LYS F 222 58.20 -2.90 54.68
N ILE F 223 59.35 -3.49 54.40
CA ILE F 223 59.44 -4.53 53.38
C ILE F 223 58.70 -5.80 53.81
N LEU F 224 58.76 -6.17 55.09
CA LEU F 224 57.95 -7.29 55.60
C LEU F 224 56.45 -7.02 55.41
N ALA F 225 55.99 -5.81 55.74
CA ALA F 225 54.59 -5.42 55.63
C ALA F 225 54.12 -5.36 54.17
N GLU F 226 54.90 -4.75 53.27
CA GLU F 226 54.63 -4.82 51.83
C GLU F 226 54.67 -6.25 51.30
N GLY F 227 55.48 -7.12 51.93
CA GLY F 227 55.53 -8.55 51.68
C GLY F 227 54.27 -9.33 52.07
N GLY F 228 53.28 -8.69 52.69
CA GLY F 228 51.97 -9.28 52.94
C GLY F 228 51.90 -10.30 54.08
N ALA F 229 52.85 -10.26 55.02
CA ALA F 229 52.81 -11.08 56.23
C ALA F 229 51.53 -10.84 57.06
N THR F 230 51.08 -11.83 57.84
CA THR F 230 49.83 -11.72 58.61
C THR F 230 49.96 -10.70 59.74
N PRO F 231 48.85 -10.04 60.17
CA PRO F 231 48.87 -9.10 61.29
C PRO F 231 49.49 -9.68 62.57
N GLU F 232 49.32 -10.97 62.83
CA GLU F 232 49.92 -11.64 63.99
C GLU F 232 51.44 -11.70 63.87
N GLN F 233 51.97 -12.08 62.71
CA GLN F 233 53.41 -12.09 62.55
C GLN F 233 53.97 -10.65 62.54
N LEU F 234 53.24 -9.70 61.94
CA LEU F 234 53.61 -8.28 62.00
C LEU F 234 53.66 -7.78 63.45
N GLU F 235 52.70 -8.14 64.29
CA GLU F 235 52.76 -7.86 65.73
C GLU F 235 54.02 -8.47 66.35
N ARG F 236 54.28 -9.77 66.16
CA ARG F 236 55.45 -10.44 66.75
C ARG F 236 56.75 -9.73 66.39
N VAL F 237 56.93 -9.42 65.11
CA VAL F 237 58.11 -8.69 64.65
C VAL F 237 58.11 -7.27 65.19
N THR F 238 56.99 -6.57 65.20
CA THR F 238 56.91 -5.20 65.72
C THR F 238 57.39 -5.16 67.16
N GLU F 239 56.87 -6.05 68.01
CA GLU F 239 57.27 -6.10 69.41
C GLU F 239 58.75 -6.47 69.54
N HIS F 240 59.20 -7.50 68.84
CA HIS F 240 60.60 -7.90 68.87
C HIS F 240 61.52 -6.74 68.46
N ALA F 241 61.17 -6.03 67.39
CA ALA F 241 61.93 -4.91 66.90
C ALA F 241 61.94 -3.76 67.91
N LEU F 242 60.79 -3.38 68.46
CA LEU F 242 60.75 -2.37 69.51
C LEU F 242 61.58 -2.81 70.72
N GLU F 243 61.54 -4.08 71.08
CA GLU F 243 62.33 -4.63 72.18
C GLU F 243 63.83 -4.51 71.92
N VAL F 244 64.27 -4.90 70.72
CA VAL F 244 65.66 -4.68 70.30
C VAL F 244 65.99 -3.19 70.38
N LEU F 245 65.15 -2.32 69.82
CA LEU F 245 65.41 -0.89 69.80
C LEU F 245 65.54 -0.36 71.22
N LYS F 246 64.66 -0.78 72.12
CA LYS F 246 64.71 -0.40 73.52
C LYS F 246 65.99 -0.90 74.18
N GLU F 247 66.39 -2.13 73.96
CA GLU F 247 67.61 -2.67 74.56
C GLU F 247 68.85 -1.92 74.03
N VAL F 248 68.95 -1.71 72.72
CA VAL F 248 70.04 -0.96 72.11
C VAL F 248 70.03 0.49 72.58
N ALA F 249 68.86 1.09 72.78
CA ALA F 249 68.78 2.43 73.36
C ALA F 249 69.36 2.43 74.77
N LYS F 250 69.01 1.47 75.63
CA LYS F 250 69.53 1.38 76.99
C LYS F 250 71.06 1.25 76.99
N GLU F 251 71.64 0.54 76.03
CA GLU F 251 73.10 0.50 75.87
C GLU F 251 73.67 1.86 75.44
N LEU F 252 73.19 2.43 74.34
CA LEU F 252 73.82 3.59 73.71
C LEU F 252 73.54 4.92 74.44
N ALA F 253 72.43 5.04 75.16
CA ALA F 253 72.01 6.31 75.76
C ALA F 253 72.96 6.82 76.86
N ASP F 254 73.03 8.14 77.02
CA ASP F 254 73.92 8.81 77.99
C ASP F 254 73.43 10.20 78.47
N SER F 255 72.42 10.77 77.81
CA SER F 255 72.04 12.17 77.91
C SER F 255 70.57 12.39 77.53
N PRO F 256 69.92 13.47 77.97
CA PRO F 256 68.58 13.84 77.51
C PRO F 256 68.48 13.88 75.98
N GLU F 257 69.52 14.37 75.29
CA GLU F 257 69.57 14.41 73.84
C GLU F 257 69.49 13.00 73.25
N SER F 258 70.28 12.06 73.78
CA SER F 258 70.19 10.66 73.35
C SER F 258 68.82 10.06 73.62
N GLY F 259 68.18 10.47 74.72
CA GLY F 259 66.79 10.12 75.00
C GLY F 259 65.85 10.61 73.91
N LEU F 260 65.91 11.89 73.55
CA LEU F 260 65.06 12.47 72.50
C LEU F 260 65.24 11.72 71.18
N ALA F 261 66.48 11.42 70.82
CA ALA F 261 66.76 10.66 69.61
C ALA F 261 66.14 9.26 69.68
N ALA F 262 66.39 8.52 70.75
CA ALA F 262 65.85 7.18 70.91
C ALA F 262 64.33 7.20 70.85
N LEU F 263 63.73 8.14 71.57
CA LEU F 263 62.29 8.35 71.60
C LEU F 263 61.76 8.57 70.20
N ALA F 264 62.26 9.56 69.47
CA ALA F 264 61.75 9.88 68.15
C ALA F 264 61.90 8.70 67.18
N ALA F 265 62.99 7.96 67.29
CA ALA F 265 63.21 6.79 66.45
C ALA F 265 62.21 5.68 66.80
N ILE F 266 62.09 5.33 68.08
CA ILE F 266 61.17 4.31 68.55
C ILE F 266 59.75 4.69 68.14
N ALA F 267 59.40 5.95 68.35
CA ALA F 267 58.15 6.54 67.96
C ALA F 267 57.86 6.36 66.48
N SER F 268 58.83 6.65 65.64
CA SER F 268 58.68 6.47 64.21
C SER F 268 58.36 5.01 63.89
N LEU F 269 59.11 4.06 64.47
CA LEU F 269 58.88 2.64 64.23
C LEU F 269 57.49 2.22 64.73
N ALA F 270 57.08 2.69 65.91
CA ALA F 270 55.75 2.40 66.42
C ALA F 270 54.66 2.98 65.51
N LYS F 271 54.80 4.24 65.10
CA LYS F 271 53.85 4.91 64.20
C LYS F 271 53.70 4.14 62.90
N LEU F 272 54.82 3.68 62.34
CA LEU F 272 54.80 2.80 61.17
C LEU F 272 54.04 1.51 61.47
N GLY F 273 54.35 0.82 62.57
CA GLY F 273 53.71 -0.45 62.90
C GLY F 273 52.20 -0.30 62.97
N LEU F 274 51.73 0.70 63.70
CA LEU F 274 50.31 1.01 63.80
C LEU F 274 49.71 1.41 62.44
N GLU F 275 50.43 2.18 61.62
CA GLU F 275 49.96 2.54 60.29
C GLU F 275 49.81 1.32 59.36
N GLN F 276 50.71 0.33 59.47
CA GLN F 276 50.55 -0.92 58.73
C GLN F 276 49.35 -1.73 59.24
N LEU F 277 49.09 -1.76 60.54
CA LEU F 277 47.83 -2.31 61.07
C LEU F 277 46.60 -1.58 60.50
N LYS F 278 46.67 -0.25 60.40
CA LYS F 278 45.61 0.59 59.84
C LYS F 278 45.37 0.27 58.35
N GLU F 279 46.44 0.09 57.59
CA GLU F 279 46.35 -0.21 56.15
C GLU F 279 45.83 -1.62 55.86
N ILE F 280 46.28 -2.65 56.60
CA ILE F 280 45.79 -4.03 56.40
C ILE F 280 44.37 -4.24 56.95
N GLY F 281 43.85 -3.31 57.75
CA GLY F 281 42.53 -3.41 58.37
C GLY F 281 42.48 -4.37 59.55
N ALA F 282 43.55 -4.44 60.35
CA ALA F 282 43.64 -5.30 61.52
C ALA F 282 42.56 -4.97 62.59
N PRO F 283 42.09 -5.97 63.36
CA PRO F 283 41.02 -5.75 64.33
C PRO F 283 41.52 -4.95 65.56
N PRO F 284 40.61 -4.29 66.30
CA PRO F 284 40.95 -3.42 67.43
C PRO F 284 41.86 -4.04 68.48
N GLU F 285 41.78 -5.35 68.72
CA GLU F 285 42.65 -6.02 69.69
C GLU F 285 44.13 -5.92 69.30
N GLN F 286 44.44 -6.06 68.02
CA GLN F 286 45.80 -5.85 67.51
C GLN F 286 46.21 -4.38 67.65
N GLN F 287 45.31 -3.43 67.36
CA GLN F 287 45.58 -2.01 67.53
C GLN F 287 45.95 -1.69 68.99
N ARG F 288 45.15 -2.16 69.96
CA ARG F 288 45.45 -2.02 71.39
C ARG F 288 46.77 -2.68 71.76
N ARG F 289 47.03 -3.91 71.30
CA ARG F 289 48.30 -4.63 71.58
C ARG F 289 49.51 -3.80 71.14
N VAL F 290 49.45 -3.21 69.94
CA VAL F 290 50.54 -2.36 69.43
C VAL F 290 50.65 -1.06 70.24
N THR F 291 49.56 -0.32 70.44
CA THR F 291 49.65 0.95 71.19
C THR F 291 50.12 0.72 72.62
N LYS F 292 49.64 -0.35 73.28
CA LYS F 292 50.16 -0.78 74.58
C LYS F 292 51.65 -1.00 74.52
N ALA F 293 52.13 -1.87 73.63
CA ALA F 293 53.55 -2.18 73.56
C ALA F 293 54.40 -0.92 73.33
N GLY F 294 53.96 -0.04 72.43
CA GLY F 294 54.63 1.23 72.19
C GLY F 294 54.68 2.10 73.46
N ILE F 295 53.55 2.29 74.12
CA ILE F 295 53.48 3.04 75.36
C ILE F 295 54.35 2.39 76.44
N GLU F 296 54.39 1.06 76.55
CA GLU F 296 55.27 0.35 77.49
C GLU F 296 56.74 0.64 77.21
N ALA F 297 57.13 0.67 75.93
CA ALA F 297 58.47 1.12 75.56
C ALA F 297 58.69 2.59 75.95
N VAL F 298 57.76 3.48 75.62
CA VAL F 298 57.86 4.90 75.99
C VAL F 298 58.02 5.08 77.49
N ARG F 299 57.30 4.30 78.29
CA ARG F 299 57.43 4.25 79.75
C ARG F 299 58.85 3.89 80.15
N GLU F 300 59.42 2.82 79.59
CA GLU F 300 60.81 2.45 79.87
C GLU F 300 61.80 3.52 79.40
N ILE F 301 61.56 4.17 78.27
CA ILE F 301 62.41 5.26 77.80
C ILE F 301 62.29 6.48 78.72
N TYR F 302 61.15 6.76 79.35
CA TYR F 302 61.07 7.72 80.44
C TYR F 302 61.84 7.23 81.67
N ARG F 303 61.54 6.03 82.19
CA ARG F 303 62.10 5.52 83.45
C ARG F 303 63.62 5.37 83.40
N TYR F 304 64.13 4.75 82.34
CA TYR F 304 65.57 4.66 82.12
C TYR F 304 66.14 6.05 81.82
N GLY F 305 65.44 6.85 81.01
CA GLY F 305 65.83 8.23 80.70
C GLY F 305 66.01 9.12 81.94
N ARG F 306 65.21 8.93 82.99
CA ARG F 306 65.32 9.66 84.26
C ARG F 306 66.69 9.50 84.92
N LYS F 307 67.42 8.42 84.62
CA LYS F 307 68.80 8.19 85.10
C LYS F 307 69.84 9.14 84.49
N LEU F 308 69.56 9.71 83.32
CA LEU F 308 70.55 10.38 82.46
C LEU F 308 70.86 11.83 82.86
N TYR F 309 70.09 12.42 83.79
CA TYR F 309 70.22 13.81 84.23
C TYR F 309 69.72 14.00 85.68
N ASP G 3 20.12 79.46 12.51
CA ASP G 3 20.65 80.79 12.90
C ASP G 3 21.04 81.70 11.73
N ASP G 4 21.65 81.18 10.66
CA ASP G 4 22.37 82.01 9.66
C ASP G 4 21.57 83.18 9.08
N LEU G 5 20.25 83.01 8.92
CA LEU G 5 19.42 84.10 8.40
C LEU G 5 19.45 85.32 9.32
N LEU G 6 19.50 85.15 10.65
CA LEU G 6 19.66 86.28 11.57
C LEU G 6 20.97 87.00 11.29
N LEU G 7 22.05 86.24 11.11
CA LEU G 7 23.33 86.81 10.74
C LEU G 7 23.22 87.58 9.43
N LYS G 8 22.54 87.03 8.43
CA LYS G 8 22.26 87.77 7.20
C LYS G 8 21.39 89.01 7.41
N LEU G 9 20.46 89.02 8.37
CA LEU G 9 19.74 90.27 8.69
C LEU G 9 20.71 91.33 9.22
N LEU G 10 21.66 90.92 10.05
CA LEU G 10 22.72 91.84 10.45
C LEU G 10 23.51 92.28 9.22
N GLU G 11 23.85 91.41 8.28
CA GLU G 11 24.50 91.83 7.04
C GLU G 11 23.67 92.89 6.31
N LEU G 12 22.37 92.68 6.18
CA LEU G 12 21.50 93.66 5.54
C LEU G 12 21.48 94.99 6.30
N LEU G 13 21.40 94.95 7.62
CA LEU G 13 21.51 96.16 8.41
C LEU G 13 22.85 96.85 8.16
N VAL G 14 23.95 96.11 8.09
CA VAL G 14 25.28 96.66 7.80
C VAL G 14 25.30 97.27 6.39
N GLU G 15 24.74 96.59 5.40
CA GLU G 15 24.65 97.13 4.05
C GLU G 15 23.89 98.45 4.06
N GLN G 16 22.71 98.49 4.68
CA GLN G 16 21.91 99.70 4.76
C GLN G 16 22.63 100.81 5.53
N ALA G 17 23.32 100.45 6.60
CA ALA G 17 24.15 101.40 7.34
C ALA G 17 25.25 101.94 6.43
N ARG G 18 25.94 101.10 5.66
CA ARG G 18 27.00 101.56 4.76
C ARG G 18 26.46 102.53 3.73
N VAL G 19 25.35 102.18 3.08
CA VAL G 19 24.69 103.09 2.15
C VAL G 19 24.28 104.40 2.85
N SER G 20 23.79 104.31 4.09
CA SER G 20 23.48 105.49 4.88
C SER G 20 24.72 106.30 5.23
N ALA G 21 25.88 105.67 5.44
CA ALA G 21 27.13 106.35 5.73
C ALA G 21 27.76 106.97 4.47
N GLU G 22 27.56 106.39 3.30
CA GLU G 22 27.86 107.04 2.03
C GLU G 22 26.92 108.23 1.80
N PHE G 23 25.63 108.09 2.12
CA PHE G 23 24.65 109.18 2.07
C PHE G 23 25.05 110.32 3.03
N ALA G 24 25.51 109.98 4.24
CA ALA G 24 26.06 110.94 5.19
C ALA G 24 27.30 111.66 4.64
N ARG G 25 28.19 110.95 3.93
CA ARG G 25 29.35 111.57 3.27
C ARG G 25 28.98 112.55 2.15
N ARG G 26 27.80 112.41 1.55
CA ARG G 26 27.25 113.38 0.59
C ARG G 26 26.52 114.54 1.27
N GLN G 27 25.67 114.27 2.26
CA GLN G 27 24.78 115.25 2.90
C GLN G 27 25.37 116.01 4.10
N GLY G 28 26.34 115.44 4.81
CA GLY G 28 27.03 116.08 5.94
C GLY G 28 26.25 116.18 7.27
N ASP G 29 25.10 115.51 7.40
CA ASP G 29 24.28 115.59 8.61
C ASP G 29 24.86 114.80 9.80
N GLU G 30 25.29 115.50 10.84
CA GLU G 30 25.84 114.87 12.06
C GLU G 30 24.82 114.00 12.81
N LYS G 31 23.50 114.31 12.72
CA LYS G 31 22.48 113.45 13.30
C LYS G 31 22.38 112.13 12.54
N MET G 32 22.57 112.16 11.21
CA MET G 32 22.65 110.93 10.42
C MET G 32 23.85 110.10 10.87
N LEU G 33 25.02 110.73 11.09
CA LEU G 33 26.19 110.04 11.66
C LEU G 33 25.88 109.42 13.02
N GLU G 34 25.25 110.16 13.92
CA GLU G 34 24.82 109.64 15.23
C GLU G 34 23.86 108.45 15.08
N GLU G 35 22.88 108.55 14.19
CA GLU G 35 21.92 107.46 13.94
C GLU G 35 22.60 106.22 13.39
N VAL G 36 23.45 106.32 12.36
CA VAL G 36 24.15 105.13 11.88
C VAL G 36 25.12 104.60 12.94
N ALA G 37 25.76 105.46 13.72
CA ALA G 37 26.64 104.99 14.78
C ALA G 37 25.87 104.18 15.82
N ARG G 38 24.76 104.71 16.36
CA ARG G 38 23.93 103.99 17.34
C ARG G 38 23.41 102.69 16.72
N LYS G 39 22.91 102.71 15.49
CA LYS G 39 22.46 101.48 14.82
C LYS G 39 23.59 100.47 14.68
N ALA G 40 24.78 100.90 14.29
CA ALA G 40 25.92 100.03 14.10
C ALA G 40 26.40 99.42 15.43
N GLU G 41 26.38 100.18 16.50
CA GLU G 41 26.59 99.61 17.83
C GLU G 41 25.54 98.54 18.17
N GLU G 42 24.26 98.82 17.94
CA GLU G 42 23.19 97.86 18.23
C GLU G 42 23.31 96.60 17.38
N VAL G 43 23.72 96.74 16.12
CA VAL G 43 24.13 95.60 15.30
C VAL G 43 25.28 94.86 15.97
N ALA G 44 26.34 95.56 16.38
CA ALA G 44 27.50 94.93 17.01
C ALA G 44 27.11 94.18 18.29
N ARG G 45 26.21 94.74 19.09
CA ARG G 45 25.63 94.10 20.28
C ARG G 45 24.90 92.81 19.92
N LYS G 46 24.06 92.82 18.87
CA LYS G 46 23.38 91.60 18.41
C LYS G 46 24.38 90.57 17.90
N ALA G 47 25.35 91.00 17.09
CA ALA G 47 26.39 90.12 16.55
C ALA G 47 27.24 89.49 17.67
N GLU G 48 27.70 90.28 18.63
CA GLU G 48 28.47 89.82 19.77
C GLU G 48 27.69 88.73 20.54
N SER G 49 26.38 88.90 20.67
CA SER G 49 25.53 87.92 21.35
C SER G 49 25.53 86.58 20.60
N ILE G 50 25.35 86.61 19.28
CA ILE G 50 25.42 85.40 18.47
C ILE G 50 26.84 84.80 18.53
N ALA G 51 27.88 85.62 18.54
CA ALA G 51 29.26 85.13 18.61
C ALA G 51 29.53 84.39 19.93
N ARG G 52 29.10 84.92 21.07
CA ARG G 52 29.21 84.22 22.35
C ARG G 52 28.41 82.92 22.36
N LYS G 53 27.20 82.92 21.78
CA LYS G 53 26.39 81.70 21.59
C LYS G 53 27.16 80.65 20.81
N ALA G 54 27.72 81.02 19.66
CA ALA G 54 28.53 80.14 18.83
C ALA G 54 29.74 79.60 19.59
N ARG G 55 30.45 80.43 20.37
CA ARG G 55 31.60 80.00 21.19
C ARG G 55 31.20 78.88 22.15
N LYS G 56 30.08 79.06 22.87
CA LYS G 56 29.60 78.09 23.85
C LYS G 56 29.03 76.82 23.21
N GLU G 57 28.47 76.90 22.01
CA GLU G 57 28.05 75.72 21.24
C GLU G 57 29.23 74.96 20.60
N GLY G 58 30.32 75.65 20.26
CA GLY G 58 31.53 75.06 19.69
C GLY G 58 31.52 74.81 18.17
N ASN G 59 30.47 75.19 17.44
CA ASN G 59 30.48 75.15 15.97
C ASN G 59 31.35 76.29 15.40
N LEU G 60 32.46 75.94 14.75
CA LEU G 60 33.43 76.92 14.29
C LEU G 60 32.94 77.73 13.08
N GLU G 61 32.22 77.10 12.14
CA GLU G 61 31.72 77.80 10.95
C GLU G 61 30.81 78.98 11.31
N LEU G 62 29.87 78.76 12.23
CA LEU G 62 29.01 79.83 12.73
C LEU G 62 29.83 80.91 13.43
N ALA G 63 30.77 80.54 14.29
CA ALA G 63 31.62 81.50 14.97
C ALA G 63 32.41 82.34 13.95
N LEU G 64 32.97 81.72 12.93
CA LEU G 64 33.69 82.42 11.88
C LEU G 64 32.76 83.35 11.12
N LYS G 65 31.57 82.89 10.72
CA LYS G 65 30.57 83.75 10.08
C LYS G 65 30.27 84.98 10.93
N ALA G 66 30.00 84.76 12.22
CA ALA G 66 29.74 85.84 13.15
C ALA G 66 30.93 86.78 13.26
N LEU G 67 32.14 86.26 13.38
CA LEU G 67 33.34 87.08 13.42
C LEU G 67 33.49 87.91 12.15
N GLU G 68 33.27 87.33 10.97
CA GLU G 68 33.38 88.10 9.74
C GLU G 68 32.35 89.24 9.73
N ILE G 69 31.12 88.96 10.16
CA ILE G 69 30.12 90.00 10.27
C ILE G 69 30.58 91.05 11.28
N LEU G 70 31.13 90.65 12.42
CA LEU G 70 31.66 91.59 13.39
C LEU G 70 32.72 92.46 12.75
N VAL G 71 33.60 91.90 11.93
CA VAL G 71 34.60 92.71 11.22
C VAL G 71 33.93 93.62 10.20
N ARG G 72 32.95 93.15 9.45
CA ARG G 72 32.21 94.00 8.49
C ARG G 72 31.60 95.18 9.21
N ALA G 73 30.97 94.93 10.35
CA ALA G 73 30.41 95.97 11.21
C ALA G 73 31.52 96.90 11.73
N ALA G 74 32.63 96.35 12.19
CA ALA G 74 33.76 97.14 12.63
C ALA G 74 34.26 98.04 11.49
N HIS G 75 34.26 97.56 10.25
CA HIS G 75 34.73 98.35 9.11
C HIS G 75 33.85 99.58 8.90
N VAL G 76 32.53 99.38 8.82
CA VAL G 76 31.65 100.55 8.69
C VAL G 76 31.71 101.44 9.92
N LEU G 77 31.81 100.87 11.13
CA LEU G 77 32.01 101.65 12.36
C LEU G 77 33.26 102.51 12.26
N ALA G 78 34.35 101.95 11.76
CA ALA G 78 35.60 102.68 11.59
C ALA G 78 35.44 103.80 10.57
N GLU G 79 34.80 103.56 9.43
CA GLU G 79 34.55 104.62 8.46
C GLU G 79 33.71 105.75 9.09
N ILE G 80 32.63 105.40 9.78
CA ILE G 80 31.78 106.38 10.48
C ILE G 80 32.60 107.17 11.50
N ALA G 81 33.37 106.49 12.34
CA ALA G 81 34.18 107.13 13.37
C ALA G 81 35.25 108.05 12.77
N ARG G 82 35.88 107.64 11.67
CA ARG G 82 36.93 108.41 11.00
C ARG G 82 36.37 109.64 10.29
N GLU G 83 35.23 109.53 9.63
CA GLU G 83 34.55 110.68 9.05
C GLU G 83 34.05 111.65 10.13
N ARG G 84 33.50 111.14 11.24
CA ARG G 84 33.08 111.96 12.39
C ARG G 84 34.26 112.58 13.15
N GLY G 85 35.43 111.97 13.06
CA GLY G 85 36.61 112.35 13.83
C GLY G 85 36.48 112.03 15.33
N ASN G 86 35.85 110.90 15.68
CA ASN G 86 35.55 110.54 17.07
C ASN G 86 36.48 109.43 17.60
N GLU G 87 37.13 109.66 18.74
CA GLU G 87 38.03 108.69 19.38
C GLU G 87 37.31 107.57 20.13
N GLU G 88 36.14 107.82 20.73
CA GLU G 88 35.43 106.81 21.53
C GLU G 88 35.04 105.60 20.67
N LEU G 89 34.44 105.84 19.50
CA LEU G 89 34.14 104.76 18.55
C LEU G 89 35.42 104.04 18.12
N GLN G 90 36.53 104.75 17.91
CA GLN G 90 37.81 104.13 17.52
C GLN G 90 38.38 103.23 18.63
N LYS G 91 38.36 103.67 19.89
CA LYS G 91 38.76 102.81 21.02
C LYS G 91 37.86 101.59 21.13
N LYS G 92 36.54 101.77 21.02
CA LYS G 92 35.57 100.66 21.07
C LYS G 92 35.84 99.66 19.95
N ALA G 93 36.05 100.13 18.73
CA ALA G 93 36.45 99.28 17.61
C ALA G 93 37.78 98.56 17.88
N HIS G 94 38.82 99.26 18.35
CA HIS G 94 40.12 98.66 18.66
C HIS G 94 39.99 97.53 19.68
N LYS G 95 39.27 97.77 20.78
CA LYS G 95 39.01 96.75 21.80
C LYS G 95 38.31 95.54 21.21
N LEU G 96 37.22 95.76 20.47
CA LEU G 96 36.50 94.68 19.80
C LEU G 96 37.42 93.92 18.84
N ALA G 97 38.23 94.62 18.06
CA ALA G 97 39.16 94.01 17.11
C ALA G 97 40.22 93.17 17.82
N LYS G 98 40.83 93.67 18.89
CA LYS G 98 41.87 92.91 19.61
C LYS G 98 41.28 91.68 20.28
N GLU G 99 40.07 91.78 20.83
CA GLU G 99 39.35 90.63 21.36
C GLU G 99 38.98 89.64 20.24
N ALA G 100 38.54 90.14 19.08
CA ALA G 100 38.31 89.27 17.94
C ALA G 100 39.60 88.58 17.50
N LEU G 101 40.74 89.26 17.54
CA LEU G 101 42.03 88.68 17.20
C LEU G 101 42.35 87.53 18.14
N ARG G 102 42.16 87.71 19.46
CA ARG G 102 42.27 86.61 20.42
C ARG G 102 41.34 85.46 20.04
N GLN G 103 40.05 85.74 19.92
CA GLN G 103 39.06 84.69 19.68
C GLN G 103 39.35 83.92 18.39
N VAL G 104 39.65 84.62 17.30
CA VAL G 104 39.91 83.97 16.02
C VAL G 104 41.21 83.18 16.09
N ILE G 105 42.21 83.66 16.82
CA ILE G 105 43.41 82.87 17.06
C ILE G 105 43.06 81.59 17.82
N GLU G 106 42.24 81.67 18.87
CA GLU G 106 41.82 80.47 19.61
C GLU G 106 41.09 79.47 18.71
N ILE G 107 40.19 79.96 17.87
CA ILE G 107 39.52 79.13 16.87
C ILE G 107 40.55 78.55 15.90
N ALA G 108 41.52 79.33 15.42
CA ALA G 108 42.53 78.88 14.47
C ALA G 108 43.42 77.80 15.09
N ILE G 109 43.81 77.95 16.35
CA ILE G 109 44.52 76.90 17.09
C ILE G 109 43.66 75.64 17.12
N ARG G 110 42.38 75.76 17.52
CA ARG G 110 41.49 74.60 17.60
C ARG G 110 41.35 73.90 16.25
N ALA G 111 41.19 74.67 15.17
CA ALA G 111 41.10 74.14 13.82
C ALA G 111 42.40 73.42 13.42
N ILE G 112 43.58 73.98 13.69
CA ILE G 112 44.84 73.33 13.32
C ILE G 112 45.02 71.98 14.05
N GLN G 113 44.59 71.86 15.31
CA GLN G 113 44.66 70.55 15.99
C GLN G 113 43.52 69.59 15.62
N GLU G 114 42.34 70.06 15.20
CA GLU G 114 41.22 69.20 14.78
C GLU G 114 41.23 68.81 13.28
N GLY G 115 41.88 69.58 12.41
CA GLY G 115 41.78 69.44 10.95
C GLY G 115 40.65 70.27 10.32
N ASN G 116 40.18 69.89 9.13
CA ASN G 116 39.22 70.67 8.32
C ASN G 116 39.74 72.11 8.10
N LEU G 117 41.00 72.21 7.66
CA LEU G 117 41.78 73.45 7.61
C LEU G 117 41.18 74.53 6.69
N GLU G 118 40.17 74.21 5.90
CA GLU G 118 39.32 75.19 5.22
C GLU G 118 38.80 76.23 6.22
N LEU G 119 38.40 75.78 7.41
CA LEU G 119 38.00 76.66 8.50
C LEU G 119 39.16 77.56 8.92
N ALA G 120 40.37 77.00 9.08
CA ALA G 120 41.55 77.80 9.43
C ALA G 120 41.86 78.83 8.33
N ILE G 121 41.72 78.46 7.06
CA ILE G 121 41.89 79.40 5.94
C ILE G 121 40.88 80.54 6.06
N ILE G 122 39.60 80.23 6.30
CA ILE G 122 38.57 81.25 6.51
C ILE G 122 38.94 82.13 7.71
N ALA G 123 39.32 81.52 8.82
CA ALA G 123 39.73 82.23 10.01
C ALA G 123 40.91 83.17 9.73
N LEU G 124 41.87 82.71 8.94
CA LEU G 124 43.05 83.48 8.65
C LEU G 124 42.71 84.62 7.70
N HIS G 125 41.77 84.39 6.77
CA HIS G 125 41.16 85.44 5.98
C HIS G 125 40.51 86.49 6.88
N ILE G 126 39.69 86.08 7.84
CA ILE G 126 39.10 86.99 8.81
C ILE G 126 40.20 87.73 9.57
N SER G 127 41.27 87.06 9.95
CA SER G 127 42.39 87.71 10.64
C SER G 127 43.00 88.80 9.77
N VAL G 128 43.17 88.55 8.47
CA VAL G 128 43.57 89.62 7.55
C VAL G 128 42.52 90.74 7.54
N ARG G 129 41.22 90.45 7.59
CA ARG G 129 40.23 91.53 7.69
C ARG G 129 40.38 92.30 9.01
N ILE G 130 40.66 91.64 10.11
CA ILE G 130 40.97 92.31 11.37
C ILE G 130 42.19 93.20 11.16
N ALA G 131 43.21 92.70 10.47
CA ALA G 131 44.36 93.51 10.14
C ALA G 131 43.97 94.73 9.30
N GLU G 132 43.05 94.60 8.35
CA GLU G 132 42.54 95.74 7.59
C GLU G 132 41.87 96.77 8.50
N VAL G 133 41.10 96.33 9.49
CA VAL G 133 40.55 97.23 10.51
C VAL G 133 41.66 97.87 11.32
N LEU G 134 42.65 97.10 11.79
CA LEU G 134 43.76 97.66 12.56
C LEU G 134 44.55 98.67 11.73
N LEU G 135 44.82 98.38 10.46
CA LEU G 135 45.50 99.28 9.54
C LEU G 135 44.73 100.59 9.44
N GLU G 136 43.42 100.51 9.21
CA GLU G 136 42.61 101.72 9.17
C GLU G 136 42.60 102.45 10.53
N THR G 137 42.70 101.70 11.63
CA THR G 137 42.74 102.25 12.99
C THR G 137 43.99 103.09 13.19
N ARG G 138 45.18 102.50 13.06
CA ARG G 138 46.49 103.19 13.19
C ARG G 138 47.61 102.41 12.47
N PRO G 139 48.31 103.01 11.49
CA PRO G 139 49.58 102.46 10.98
C PRO G 139 50.79 102.78 11.89
N ASP G 140 50.67 103.70 12.85
CA ASP G 140 51.79 104.18 13.68
C ASP G 140 52.24 103.19 14.78
N ASP G 141 51.29 102.57 15.49
CA ASP G 141 51.53 101.66 16.63
C ASP G 141 51.91 100.23 16.16
N ARG G 142 52.85 100.18 15.23
CA ARG G 142 53.07 99.08 14.29
C ARG G 142 53.40 97.74 14.93
N GLU G 143 53.86 97.72 16.18
CA GLU G 143 54.05 96.48 16.94
C GLU G 143 52.76 95.65 17.00
N GLU G 144 51.58 96.28 17.06
CA GLU G 144 50.30 95.57 17.01
C GLU G 144 50.16 94.79 15.68
N ILE G 145 50.45 95.47 14.58
CA ILE G 145 50.46 94.87 13.24
C ILE G 145 51.53 93.77 13.20
N ARG G 146 52.72 94.02 13.77
CA ARG G 146 53.81 93.05 13.81
C ARG G 146 53.40 91.79 14.56
N GLU G 147 52.67 91.89 15.66
CA GLU G 147 52.13 90.73 16.38
C GLU G 147 51.21 89.92 15.47
N GLN G 148 50.27 90.58 14.79
CA GLN G 148 49.42 89.90 13.83
C GLN G 148 50.26 89.24 12.73
N GLN G 149 51.21 89.96 12.15
CA GLN G 149 52.05 89.46 11.05
C GLN G 149 52.86 88.25 11.48
N ALA G 150 53.48 88.30 12.66
CA ALA G 150 54.24 87.18 13.19
C ALA G 150 53.35 85.96 13.37
N ILE G 151 52.22 86.14 14.03
CA ILE G 151 51.27 85.05 14.27
C ILE G 151 50.78 84.49 12.95
N PHE G 152 50.45 85.37 12.00
CA PHE G 152 50.06 84.98 10.65
C PHE G 152 51.14 84.15 9.99
N GLU G 153 52.39 84.59 9.98
CA GLU G 153 53.47 83.83 9.36
C GLU G 153 53.65 82.47 10.02
N LEU G 154 53.54 82.40 11.34
CA LEU G 154 53.57 81.12 12.05
C LEU G 154 52.42 80.23 11.60
N LEU G 155 51.19 80.74 11.58
CA LEU G 155 50.03 79.98 11.14
C LEU G 155 50.19 79.53 9.69
N ILE G 156 50.63 80.40 8.78
CA ILE G 156 50.85 80.05 7.38
C ILE G 156 51.92 78.97 7.27
N ALA G 157 53.05 79.11 7.93
CA ALA G 157 54.09 78.10 7.86
C ALA G 157 53.56 76.75 8.38
N ALA G 158 52.81 76.78 9.48
CA ALA G 158 52.20 75.59 10.05
C ALA G 158 51.21 74.96 9.07
N LEU G 159 50.35 75.77 8.45
CA LEU G 159 49.43 75.29 7.44
C LEU G 159 50.17 74.73 6.21
N GLU G 160 51.23 75.39 5.74
CA GLU G 160 52.04 74.89 4.63
C GLU G 160 52.60 73.51 4.95
N ALA G 161 53.20 73.34 6.13
CA ALA G 161 53.69 72.03 6.55
C ALA G 161 52.54 71.01 6.66
N ALA G 162 51.42 71.39 7.29
CA ALA G 162 50.29 70.50 7.50
C ALA G 162 49.72 70.00 6.16
N ILE G 163 49.49 70.92 5.23
CA ILE G 163 48.91 70.59 3.92
C ILE G 163 49.92 69.82 3.07
N ARG G 164 51.20 70.17 3.10
CA ARG G 164 52.26 69.41 2.42
C ARG G 164 52.27 67.96 2.87
N LEU G 165 52.19 67.74 4.18
CA LEU G 165 52.16 66.41 4.77
C LEU G 165 50.85 65.67 4.42
N GLU G 166 49.70 66.35 4.48
CA GLU G 166 48.42 65.77 4.07
C GLU G 166 48.43 65.36 2.60
N LYS G 167 49.08 66.13 1.73
CA LYS G 167 49.28 65.74 0.33
C LYS G 167 50.10 64.46 0.23
N LEU G 168 51.21 64.35 0.96
CA LEU G 168 51.99 63.10 0.98
C LEU G 168 51.11 61.92 1.44
N LYS G 169 50.22 62.13 2.42
CA LYS G 169 49.29 61.10 2.89
C LYS G 169 48.27 60.70 1.81
N GLU G 170 47.69 61.68 1.12
CA GLU G 170 46.76 61.45 0.01
C GLU G 170 47.43 60.73 -1.17
N GLU G 171 48.66 61.11 -1.51
CA GLU G 171 49.46 60.49 -2.58
C GLU G 171 50.02 59.09 -2.21
N GLY G 172 49.91 58.66 -0.95
CA GLY G 172 50.43 57.37 -0.48
C GLY G 172 51.95 57.29 -0.44
N ALA G 173 52.63 58.39 -0.10
CA ALA G 173 54.09 58.46 0.00
C ALA G 173 54.67 57.46 1.04
N PRO G 174 55.92 56.99 0.87
CA PRO G 174 56.54 56.08 1.83
C PRO G 174 56.82 56.81 3.16
N PRO G 175 56.66 56.15 4.33
CA PRO G 175 56.81 56.79 5.63
C PRO G 175 58.09 57.58 5.83
N GLU G 176 59.20 57.17 5.21
CA GLU G 176 60.47 57.88 5.26
C GLU G 176 60.38 59.30 4.68
N GLN G 177 59.67 59.47 3.56
CA GLN G 177 59.44 60.81 3.01
C GLN G 177 58.54 61.63 3.94
N ILE G 178 57.51 61.01 4.53
CA ILE G 178 56.65 61.66 5.53
C ILE G 178 57.49 62.14 6.72
N GLU G 179 58.40 61.29 7.22
CA GLU G 179 59.34 61.62 8.28
C GLU G 179 60.26 62.79 7.90
N ARG G 180 60.90 62.77 6.73
CA ARG G 180 61.79 63.85 6.29
C ARG G 180 61.04 65.18 6.18
N VAL G 181 59.79 65.16 5.68
CA VAL G 181 58.95 66.36 5.65
C VAL G 181 58.60 66.82 7.07
N ALA G 182 58.19 65.93 7.96
CA ALA G 182 57.85 66.30 9.33
C ALA G 182 59.06 66.93 10.06
N GLU G 183 60.25 66.35 9.88
CA GLU G 183 61.50 66.89 10.39
C GLU G 183 61.76 68.29 9.82
N HIS G 184 61.71 68.45 8.51
CA HIS G 184 61.90 69.75 7.84
C HIS G 184 60.92 70.80 8.35
N GLY G 185 59.67 70.42 8.58
CA GLY G 185 58.64 71.28 9.16
C GLY G 185 58.96 71.69 10.59
N LEU G 186 59.35 70.74 11.45
CA LEU G 186 59.76 71.05 12.81
C LEU G 186 60.99 71.96 12.85
N GLU G 187 61.98 71.73 11.99
CA GLU G 187 63.14 72.62 11.88
C GLU G 187 62.71 74.03 11.45
N ARG G 188 61.88 74.15 10.41
CA ARG G 188 61.34 75.45 10.00
C ARG G 188 60.57 76.12 11.13
N LEU G 189 59.76 75.39 11.87
CA LEU G 189 59.06 75.91 13.04
C LEU G 189 60.06 76.42 14.08
N LYS G 190 61.16 75.71 14.33
CA LYS G 190 62.22 76.19 15.23
C LYS G 190 62.81 77.50 14.72
N GLU G 191 63.17 77.56 13.44
CA GLU G 191 63.72 78.78 12.83
C GLU G 191 62.75 79.94 12.97
N ILE G 192 61.49 79.75 12.59
CA ILE G 192 60.47 80.79 12.70
C ILE G 192 60.26 81.18 14.16
N ALA G 193 60.17 80.23 15.08
CA ALA G 193 60.03 80.53 16.49
C ALA G 193 61.19 81.39 16.99
N LYS G 194 62.42 81.08 16.59
CA LYS G 194 63.59 81.90 16.90
C LYS G 194 63.45 83.30 16.33
N GLU G 195 63.09 83.44 15.06
CA GLU G 195 62.90 84.78 14.46
C GLU G 195 61.80 85.57 15.19
N ILE G 196 60.68 84.95 15.53
CA ILE G 196 59.59 85.61 16.27
C ILE G 196 60.06 86.00 17.67
N SER G 197 60.79 85.12 18.35
CA SER G 197 61.35 85.35 19.69
C SER G 197 62.34 86.52 19.71
N LYS G 198 62.85 87.00 18.56
CA LYS G 198 63.63 88.25 18.52
C LYS G 198 62.81 89.47 18.98
N GLU G 199 61.49 89.43 18.80
CA GLU G 199 60.66 90.63 18.86
C GLU G 199 59.52 90.55 19.89
N VAL G 200 58.86 89.40 20.05
CA VAL G 200 57.64 89.32 20.88
C VAL G 200 57.92 89.46 22.38
N ASP G 201 57.07 90.22 23.07
CA ASP G 201 57.13 90.41 24.53
C ASP G 201 55.76 90.34 25.24
N SER G 202 54.65 90.18 24.51
CA SER G 202 53.37 89.83 25.13
C SER G 202 53.41 88.38 25.62
N PRO G 203 53.14 88.11 26.89
CA PRO G 203 53.03 86.74 27.40
C PRO G 203 51.95 85.95 26.67
N GLU G 204 50.81 86.58 26.39
CA GLU G 204 49.72 85.94 25.63
C GLU G 204 50.19 85.60 24.22
N SER G 205 50.95 86.48 23.57
CA SER G 205 51.52 86.19 22.25
C SER G 205 52.46 84.99 22.32
N LYS G 206 53.37 84.94 23.31
CA LYS G 206 54.20 83.75 23.50
C LYS G 206 53.36 82.50 23.73
N ARG G 207 52.32 82.57 24.58
CA ARG G 207 51.41 81.44 24.85
C ARG G 207 50.75 80.95 23.58
N ILE G 208 50.24 81.87 22.78
CA ILE G 208 49.72 81.60 21.45
C ILE G 208 50.79 80.89 20.62
N ALA G 209 51.99 81.47 20.49
CA ALA G 209 53.01 80.94 19.61
C ALA G 209 53.40 79.50 20.00
N TYR G 210 53.63 79.26 21.27
CA TYR G 210 53.99 77.92 21.70
C TYR G 210 52.86 76.93 21.45
N LYS G 211 51.62 77.29 21.79
CA LYS G 211 50.49 76.40 21.52
C LYS G 211 50.32 76.15 20.04
N ILE G 212 50.57 77.12 19.16
CA ILE G 212 50.55 76.89 17.72
C ILE G 212 51.64 75.88 17.34
N VAL G 213 52.86 76.04 17.83
CA VAL G 213 53.93 75.07 17.54
C VAL G 213 53.51 73.67 17.98
N ALA G 214 52.94 73.55 19.18
CA ALA G 214 52.45 72.28 19.67
C ALA G 214 51.31 71.73 18.80
N ALA G 215 50.36 72.57 18.40
CA ALA G 215 49.25 72.18 17.53
C ALA G 215 49.76 71.62 16.20
N ALA G 216 50.75 72.28 15.60
CA ALA G 216 51.40 71.77 14.40
C ALA G 216 52.12 70.43 14.67
N ALA G 217 52.85 70.32 15.78
CA ALA G 217 53.50 69.07 16.13
C ALA G 217 52.51 67.92 16.30
N GLU G 218 51.40 68.10 17.02
CA GLU G 218 50.42 67.01 17.19
C GLU G 218 49.74 66.67 15.87
N PHE G 219 49.48 67.65 15.00
CA PHE G 219 48.96 67.37 13.67
C PHE G 219 49.95 66.50 12.90
N LEU G 220 51.24 66.87 12.87
CA LEU G 220 52.30 66.07 12.26
C LEU G 220 52.27 64.64 12.79
N LEU G 221 52.24 64.47 14.11
CA LEU G 221 52.23 63.16 14.74
C LEU G 221 51.00 62.33 14.35
N LYS G 222 49.80 62.92 14.43
CA LYS G 222 48.57 62.21 14.10
C LYS G 222 48.52 61.85 12.61
N ILE G 223 49.00 62.74 11.74
CA ILE G 223 49.11 62.43 10.31
C ILE G 223 50.11 61.29 10.09
N LEU G 224 51.26 61.29 10.76
CA LEU G 224 52.21 60.19 10.66
C LEU G 224 51.58 58.85 11.11
N ALA G 225 50.75 58.89 12.15
CA ALA G 225 50.00 57.72 12.60
C ALA G 225 48.96 57.26 11.56
N GLU G 226 48.18 58.18 10.98
CA GLU G 226 47.28 57.85 9.86
C GLU G 226 48.05 57.29 8.65
N GLY G 227 49.29 57.74 8.44
CA GLY G 227 50.18 57.28 7.38
C GLY G 227 50.76 55.87 7.58
N GLY G 228 50.51 55.23 8.72
CA GLY G 228 50.90 53.84 8.98
C GLY G 228 52.40 53.61 9.18
N ALA G 229 53.15 54.63 9.60
CA ALA G 229 54.58 54.53 9.91
C ALA G 229 54.88 53.51 11.02
N THR G 230 56.09 52.95 11.03
CA THR G 230 56.47 51.89 12.00
C THR G 230 56.54 52.44 13.43
N PRO G 231 56.38 51.59 14.46
CA PRO G 231 56.59 51.98 15.86
C PRO G 231 57.94 52.65 16.11
N GLU G 232 59.01 52.20 15.44
CA GLU G 232 60.33 52.81 15.54
C GLU G 232 60.32 54.23 14.95
N GLN G 233 59.78 54.44 13.76
CA GLN G 233 59.75 55.78 13.19
C GLN G 233 58.82 56.71 13.99
N LEU G 234 57.69 56.20 14.51
CA LEU G 234 56.83 56.95 15.41
C LEU G 234 57.60 57.39 16.67
N GLU G 235 58.38 56.51 17.28
CA GLU G 235 59.25 56.86 18.40
C GLU G 235 60.30 57.91 17.99
N ARG G 236 61.04 57.71 16.90
CA ARG G 236 62.08 58.66 16.44
C ARG G 236 61.52 60.05 16.21
N VAL G 237 60.37 60.14 15.53
CA VAL G 237 59.70 61.42 15.32
C VAL G 237 59.18 61.99 16.63
N THR G 238 58.57 61.17 17.48
CA THR G 238 58.07 61.66 18.78
C THR G 238 59.20 62.28 19.58
N GLU G 239 60.34 61.59 19.67
CA GLU G 239 61.50 62.07 20.40
C GLU G 239 62.05 63.36 19.79
N HIS G 240 62.18 63.43 18.47
CA HIS G 240 62.60 64.66 17.80
C HIS G 240 61.61 65.80 18.05
N ALA G 241 60.31 65.54 17.97
CA ALA G 241 59.29 66.55 18.19
C ALA G 241 59.32 67.05 19.64
N LEU G 242 59.41 66.16 20.62
CA LEU G 242 59.57 66.56 22.00
C LEU G 242 60.85 67.38 22.18
N GLU G 243 61.97 66.98 21.56
CA GLU G 243 63.24 67.70 21.61
C GLU G 243 63.10 69.12 21.06
N VAL G 244 62.47 69.28 19.90
CA VAL G 244 62.16 70.60 19.35
C VAL G 244 61.25 71.37 20.31
N LEU G 245 60.19 70.76 20.82
CA LEU G 245 59.28 71.44 21.74
C LEU G 245 60.02 71.90 22.99
N LYS G 246 60.93 71.09 23.52
CA LYS G 246 61.78 71.45 24.65
C LYS G 246 62.67 72.64 24.31
N GLU G 247 63.37 72.61 23.18
CA GLU G 247 64.23 73.72 22.80
C GLU G 247 63.42 75.00 22.59
N VAL G 248 62.33 74.92 21.83
CA VAL G 248 61.44 76.07 21.58
C VAL G 248 60.85 76.58 22.88
N ALA G 249 60.52 75.70 23.84
CA ALA G 249 60.01 76.14 25.14
C ALA G 249 61.04 77.03 25.83
N LYS G 250 62.29 76.57 25.95
CA LYS G 250 63.37 77.35 26.57
C LYS G 250 63.61 78.66 25.83
N GLU G 251 63.61 78.62 24.50
CA GLU G 251 63.87 79.80 23.67
C GLU G 251 62.71 80.82 23.64
N LEU G 252 61.54 80.50 24.23
CA LEU G 252 60.45 81.44 24.43
C LEU G 252 60.26 81.83 25.91
N ALA G 253 60.20 80.85 26.81
CA ALA G 253 59.65 81.00 28.15
C ALA G 253 60.46 81.95 29.06
N ASP G 254 59.76 82.73 29.89
CA ASP G 254 60.33 83.79 30.73
C ASP G 254 59.57 84.02 32.06
N SER G 255 58.53 83.24 32.37
CA SER G 255 57.82 83.27 33.64
C SER G 255 57.30 81.88 34.03
N PRO G 256 57.05 81.59 35.31
CA PRO G 256 56.51 80.29 35.72
C PRO G 256 55.24 79.91 34.97
N GLU G 257 54.35 80.86 34.75
CA GLU G 257 53.08 80.64 34.05
C GLU G 257 53.32 80.27 32.59
N SER G 258 54.28 80.91 31.92
CA SER G 258 54.68 80.52 30.57
C SER G 258 55.23 79.08 30.57
N GLY G 259 55.94 78.71 31.63
CA GLY G 259 56.34 77.33 31.88
C GLY G 259 55.12 76.42 31.91
N LEU G 260 54.15 76.71 32.78
CA LEU G 260 52.94 75.90 32.94
C LEU G 260 52.24 75.62 31.61
N ALA G 261 52.05 76.65 30.80
CA ALA G 261 51.47 76.48 29.47
C ALA G 261 52.33 75.54 28.61
N ALA G 262 53.63 75.78 28.54
CA ALA G 262 54.52 75.00 27.70
C ALA G 262 54.53 73.53 28.11
N LEU G 263 54.77 73.26 29.40
CA LEU G 263 54.79 71.89 29.87
C LEU G 263 53.44 71.20 29.75
N ALA G 264 52.32 71.91 29.91
CA ALA G 264 51.03 71.27 29.74
C ALA G 264 50.91 70.74 28.30
N ALA G 265 51.31 71.56 27.32
CA ALA G 265 51.32 71.15 25.93
C ALA G 265 52.34 70.02 25.67
N ILE G 266 53.54 70.09 26.28
CA ILE G 266 54.51 69.01 26.15
C ILE G 266 53.90 67.71 26.67
N ALA G 267 53.31 67.75 27.86
CA ALA G 267 52.69 66.59 28.48
C ALA G 267 51.57 66.03 27.61
N SER G 268 50.75 66.91 27.04
CA SER G 268 49.73 66.50 26.09
C SER G 268 50.36 65.78 24.89
N LEU G 269 51.40 66.33 24.27
CA LEU G 269 52.05 65.69 23.12
C LEU G 269 52.67 64.35 23.52
N ALA G 270 53.32 64.28 24.67
CA ALA G 270 53.88 63.02 25.13
C ALA G 270 52.80 61.98 25.40
N LYS G 271 51.70 62.36 26.06
CA LYS G 271 50.55 61.48 26.33
C LYS G 271 49.95 60.96 25.03
N LEU G 272 49.77 61.85 24.07
CA LEU G 272 49.32 61.50 22.73
C LEU G 272 50.28 60.53 22.05
N GLY G 273 51.59 60.77 22.12
CA GLY G 273 52.61 59.89 21.58
C GLY G 273 52.54 58.49 22.18
N LEU G 274 52.47 58.41 23.50
CA LEU G 274 52.30 57.14 24.21
C LEU G 274 51.00 56.44 23.79
N GLU G 275 49.91 57.17 23.57
CA GLU G 275 48.69 56.59 23.03
C GLU G 275 48.83 56.13 21.57
N GLN G 276 49.71 56.72 20.75
CA GLN G 276 50.02 56.15 19.43
C GLN G 276 50.71 54.79 19.59
N LEU G 277 51.67 54.70 20.50
CA LEU G 277 52.33 53.42 20.82
C LEU G 277 51.31 52.39 21.35
N LYS G 278 50.35 52.83 22.18
CA LYS G 278 49.26 52.01 22.69
C LYS G 278 48.37 51.49 21.55
N GLU G 279 48.03 52.34 20.59
CA GLU G 279 47.16 51.98 19.47
C GLU G 279 47.84 51.03 18.48
N ILE G 280 49.10 51.28 18.10
CA ILE G 280 49.85 50.41 17.18
C ILE G 280 50.29 49.08 17.83
N GLY G 281 50.22 48.98 19.16
CA GLY G 281 50.62 47.78 19.89
C GLY G 281 52.14 47.63 20.03
N ALA G 282 52.85 48.73 20.21
CA ALA G 282 54.31 48.74 20.36
C ALA G 282 54.77 47.96 21.62
N PRO G 283 55.94 47.31 21.60
CA PRO G 283 56.40 46.51 22.73
C PRO G 283 56.71 47.38 23.95
N PRO G 284 56.61 46.84 25.18
CA PRO G 284 56.76 47.60 26.42
C PRO G 284 58.04 48.44 26.50
N GLU G 285 59.17 47.95 26.00
CA GLU G 285 60.43 48.69 26.01
C GLU G 285 60.33 50.01 25.23
N GLN G 286 59.64 50.04 24.08
CA GLN G 286 59.41 51.27 23.34
C GLN G 286 58.52 52.24 24.13
N GLN G 287 57.48 51.72 24.80
CA GLN G 287 56.62 52.53 25.66
C GLN G 287 57.42 53.16 26.81
N ARG G 288 58.28 52.37 27.46
CA ARG G 288 59.23 52.87 28.47
C ARG G 288 60.15 53.93 27.87
N ARG G 289 60.81 53.69 26.73
CA ARG G 289 61.74 54.65 26.09
C ARG G 289 61.10 56.01 25.86
N VAL G 290 59.92 56.05 25.24
CA VAL G 290 59.18 57.31 25.03
C VAL G 290 58.84 57.96 26.37
N THR G 291 58.38 57.17 27.35
CA THR G 291 58.03 57.71 28.67
C THR G 291 59.26 58.32 29.37
N LYS G 292 60.41 57.65 29.31
CA LYS G 292 61.67 58.16 29.86
C LYS G 292 62.07 59.46 29.16
N ALA G 293 61.99 59.53 27.83
CA ALA G 293 62.25 60.78 27.12
C ALA G 293 61.31 61.90 27.61
N GLY G 294 60.03 61.58 27.81
CA GLY G 294 59.06 62.50 28.39
C GLY G 294 59.51 63.00 29.76
N ILE G 295 59.85 62.09 30.66
CA ILE G 295 60.36 62.44 31.98
C ILE G 295 61.64 63.28 31.88
N GLU G 296 62.55 63.02 30.94
CA GLU G 296 63.72 63.88 30.74
C GLU G 296 63.32 65.29 30.29
N ALA G 297 62.28 65.42 29.46
CA ALA G 297 61.73 66.73 29.17
C ALA G 297 61.11 67.38 30.43
N VAL G 298 60.36 66.64 31.25
CA VAL G 298 59.83 67.15 32.52
C VAL G 298 60.95 67.73 33.35
N ARG G 299 62.03 66.95 33.52
CA ARG G 299 63.20 67.35 34.29
C ARG G 299 63.84 68.59 33.69
N GLU G 300 64.04 68.64 32.37
CA GLU G 300 64.63 69.81 31.74
C GLU G 300 63.78 71.07 31.86
N ILE G 301 62.44 70.97 31.82
CA ILE G 301 61.60 72.13 32.10
C ILE G 301 61.71 72.53 33.58
N TYR G 302 61.69 71.58 34.50
CA TYR G 302 61.98 71.85 35.91
C TYR G 302 63.34 72.55 36.09
N ARG G 303 64.39 72.12 35.38
CA ARG G 303 65.72 72.74 35.43
C ARG G 303 65.72 74.14 34.84
N TYR G 304 65.08 74.36 33.69
CA TYR G 304 64.89 75.72 33.17
C TYR G 304 64.12 76.58 34.19
N GLY G 305 63.19 75.98 34.93
CA GLY G 305 62.45 76.59 36.03
C GLY G 305 63.32 77.23 37.12
N ARG G 306 64.59 76.85 37.27
CA ARG G 306 65.53 77.55 38.19
C ARG G 306 65.89 78.98 37.76
N LYS G 307 65.59 79.36 36.52
CA LYS G 307 65.58 80.76 36.07
C LYS G 307 64.31 81.53 36.46
N LEU G 308 63.26 80.83 36.90
CA LEU G 308 61.89 81.36 37.03
C LEU G 308 61.35 81.37 38.48
N TYR G 309 61.78 80.41 39.33
CA TYR G 309 61.30 80.23 40.71
C TYR G 309 62.40 79.71 41.65
N ASP H 3 -68.67 -6.54 -48.16
CA ASP H 3 -69.26 -5.48 -49.03
C ASP H 3 -70.43 -4.79 -48.31
N ASP H 4 -70.15 -4.27 -47.12
CA ASP H 4 -71.14 -4.11 -46.06
C ASP H 4 -72.11 -2.96 -46.37
N LEU H 5 -71.53 -1.81 -46.67
CA LEU H 5 -72.27 -0.63 -47.08
C LEU H 5 -73.05 -0.91 -48.36
N LEU H 6 -72.49 -1.71 -49.28
CA LEU H 6 -73.15 -2.06 -50.54
C LEU H 6 -74.43 -2.84 -50.25
N LEU H 7 -74.38 -3.81 -49.33
CA LEU H 7 -75.60 -4.47 -48.87
C LEU H 7 -76.59 -3.45 -48.31
N LYS H 8 -76.14 -2.47 -47.53
CA LYS H 8 -77.05 -1.39 -47.12
C LYS H 8 -77.56 -0.54 -48.29
N LEU H 9 -76.81 -0.37 -49.37
CA LEU H 9 -77.35 0.27 -50.57
C LEU H 9 -78.47 -0.56 -51.18
N LEU H 10 -78.31 -1.88 -51.19
CA LEU H 10 -79.43 -2.74 -51.59
C LEU H 10 -80.62 -2.49 -50.65
N GLU H 11 -80.41 -2.39 -49.33
CA GLU H 11 -81.51 -2.08 -48.42
C GLU H 11 -82.20 -0.77 -48.83
N LEU H 12 -81.43 0.30 -49.06
CA LEU H 12 -82.00 1.58 -49.48
C LEU H 12 -82.74 1.47 -50.81
N LEU H 13 -82.17 0.77 -51.79
CA LEU H 13 -82.85 0.53 -53.04
C LEU H 13 -84.17 -0.17 -52.77
N VAL H 14 -84.19 -1.20 -51.93
CA VAL H 14 -85.41 -1.95 -51.63
C VAL H 14 -86.42 -1.06 -50.91
N GLU H 15 -86.00 -0.24 -49.96
CA GLU H 15 -86.95 0.67 -49.34
C GLU H 15 -87.52 1.65 -50.38
N GLN H 16 -86.69 2.21 -51.26
CA GLN H 16 -87.18 3.09 -52.30
C GLN H 16 -88.14 2.34 -53.23
N ALA H 17 -87.80 1.12 -53.60
CA ALA H 17 -88.68 0.28 -54.38
C ALA H 17 -89.99 0.06 -53.63
N ARG H 18 -89.98 -0.20 -52.32
CA ARG H 18 -91.18 -0.43 -51.54
C ARG H 18 -92.06 0.81 -51.55
N VAL H 19 -91.48 1.97 -51.30
CA VAL H 19 -92.24 3.23 -51.35
C VAL H 19 -92.76 3.47 -52.77
N SER H 20 -91.96 3.17 -53.78
CA SER H 20 -92.39 3.23 -55.17
C SER H 20 -93.52 2.24 -55.47
N ALA H 21 -93.53 1.06 -54.84
CA ALA H 21 -94.57 0.07 -55.01
C ALA H 21 -95.85 0.48 -54.27
N GLU H 22 -95.74 1.03 -53.06
CA GLU H 22 -96.89 1.65 -52.40
C GLU H 22 -97.42 2.81 -53.25
N PHE H 23 -96.55 3.62 -53.87
CA PHE H 23 -96.94 4.67 -54.81
C PHE H 23 -97.63 4.10 -56.05
N ALA H 24 -97.16 2.96 -56.59
CA ALA H 24 -97.87 2.24 -57.65
C ALA H 24 -99.25 1.72 -57.19
N ARG H 25 -99.37 1.26 -55.94
CA ARG H 25 -100.67 0.85 -55.36
C ARG H 25 -101.65 2.02 -55.14
N ARG H 26 -101.16 3.26 -55.15
CA ARG H 26 -101.99 4.48 -55.20
C ARG H 26 -102.30 4.92 -56.63
N GLN H 27 -101.30 4.96 -57.52
CA GLN H 27 -101.39 5.58 -58.86
C GLN H 27 -101.87 4.64 -59.99
N GLY H 28 -101.62 3.33 -59.88
CA GLY H 28 -102.09 2.31 -60.85
C GLY H 28 -101.27 2.17 -62.15
N ASP H 29 -100.11 2.80 -62.28
CA ASP H 29 -99.30 2.73 -63.51
C ASP H 29 -98.53 1.40 -63.65
N GLU H 30 -98.86 0.60 -64.67
CA GLU H 30 -98.18 -0.67 -64.96
C GLU H 30 -96.70 -0.48 -65.30
N LYS H 31 -96.30 0.65 -65.90
CA LYS H 31 -94.88 0.94 -66.16
C LYS H 31 -94.11 1.19 -64.86
N MET H 32 -94.77 1.76 -63.85
CA MET H 32 -94.17 1.88 -62.51
C MET H 32 -93.95 0.50 -61.89
N LEU H 33 -94.93 -0.42 -62.02
CA LEU H 33 -94.77 -1.81 -61.60
C LEU H 33 -93.62 -2.50 -62.35
N GLU H 34 -93.51 -2.28 -63.65
CA GLU H 34 -92.39 -2.79 -64.45
C GLU H 34 -91.05 -2.26 -63.92
N GLU H 35 -90.96 -0.96 -63.63
CA GLU H 35 -89.75 -0.35 -63.08
C GLU H 35 -89.34 -0.98 -61.75
N VAL H 36 -90.26 -1.11 -60.78
CA VAL H 36 -89.89 -1.74 -59.52
C VAL H 36 -89.57 -3.22 -59.71
N ALA H 37 -90.23 -3.93 -60.62
CA ALA H 37 -89.90 -5.32 -60.92
C ALA H 37 -88.47 -5.44 -61.46
N ARG H 38 -88.11 -4.63 -62.45
CA ARG H 38 -86.75 -4.55 -62.99
C ARG H 38 -85.75 -4.29 -61.87
N LYS H 39 -85.99 -3.25 -61.07
CA LYS H 39 -85.11 -2.89 -59.97
C LYS H 39 -84.94 -4.05 -58.98
N ALA H 40 -86.04 -4.72 -58.63
CA ALA H 40 -86.01 -5.84 -57.73
C ALA H 40 -85.19 -7.00 -58.29
N GLU H 41 -85.31 -7.32 -59.57
CA GLU H 41 -84.48 -8.34 -60.19
C GLU H 41 -82.99 -7.95 -60.17
N GLU H 42 -82.68 -6.69 -60.48
CA GLU H 42 -81.29 -6.20 -60.42
C GLU H 42 -80.73 -6.29 -59.00
N VAL H 43 -81.50 -5.86 -58.01
CA VAL H 43 -81.14 -6.05 -56.61
C VAL H 43 -80.93 -7.53 -56.32
N ALA H 44 -81.85 -8.40 -56.74
CA ALA H 44 -81.76 -9.81 -56.46
C ALA H 44 -80.46 -10.39 -57.02
N ARG H 45 -80.08 -10.00 -58.23
CA ARG H 45 -78.80 -10.42 -58.82
C ARG H 45 -77.62 -9.88 -58.02
N LYS H 46 -77.63 -8.60 -57.66
CA LYS H 46 -76.55 -8.00 -56.83
C LYS H 46 -76.41 -8.77 -55.52
N ALA H 47 -77.53 -9.00 -54.84
CA ALA H 47 -77.58 -9.69 -53.57
C ALA H 47 -77.11 -11.15 -53.70
N GLU H 48 -77.60 -11.89 -54.69
CA GLU H 48 -77.13 -13.26 -54.90
C GLU H 48 -75.63 -13.27 -55.16
N SER H 49 -75.11 -12.31 -55.93
CA SER H 49 -73.68 -12.24 -56.20
C SER H 49 -72.88 -12.13 -54.90
N ILE H 50 -73.29 -11.21 -54.02
CA ILE H 50 -72.63 -11.07 -52.72
C ILE H 50 -72.86 -12.33 -51.87
N ALA H 51 -74.02 -12.97 -51.94
CA ALA H 51 -74.32 -14.18 -51.17
C ALA H 51 -73.44 -15.36 -51.59
N ARG H 52 -73.29 -15.61 -52.89
CA ARG H 52 -72.39 -16.66 -53.41
C ARG H 52 -70.94 -16.35 -53.02
N LYS H 53 -70.53 -15.08 -53.05
CA LYS H 53 -69.22 -14.65 -52.55
C LYS H 53 -69.07 -15.01 -51.07
N ALA H 54 -70.04 -14.66 -50.24
CA ALA H 54 -70.06 -14.98 -48.82
C ALA H 54 -70.04 -16.50 -48.54
N ARG H 55 -70.67 -17.32 -49.39
CA ARG H 55 -70.62 -18.78 -49.30
C ARG H 55 -69.18 -19.31 -49.42
N LYS H 56 -68.32 -18.64 -50.18
CA LYS H 56 -66.86 -18.90 -50.20
C LYS H 56 -66.14 -18.27 -49.00
N GLU H 57 -66.40 -16.99 -48.71
CA GLU H 57 -65.64 -16.24 -47.71
C GLU H 57 -65.90 -16.66 -46.25
N GLY H 58 -67.07 -17.23 -45.93
CA GLY H 58 -67.36 -17.81 -44.62
C GLY H 58 -67.81 -16.86 -43.51
N ASN H 59 -68.02 -15.57 -43.78
CA ASN H 59 -68.71 -14.68 -42.84
C ASN H 59 -70.23 -14.93 -42.91
N LEU H 60 -70.74 -15.77 -42.00
CA LEU H 60 -72.16 -16.16 -42.01
C LEU H 60 -73.06 -14.96 -41.77
N GLU H 61 -72.67 -13.97 -40.96
CA GLU H 61 -73.52 -12.81 -40.71
C GLU H 61 -73.82 -12.06 -42.00
N LEU H 62 -72.81 -11.80 -42.82
CA LEU H 62 -73.03 -11.16 -44.11
C LEU H 62 -73.89 -12.03 -45.03
N ALA H 63 -73.66 -13.34 -45.07
CA ALA H 63 -74.49 -14.23 -45.88
C ALA H 63 -75.96 -14.15 -45.42
N LEU H 64 -76.20 -14.18 -44.12
CA LEU H 64 -77.54 -14.06 -43.58
C LEU H 64 -78.13 -12.69 -43.93
N LYS H 65 -77.37 -11.59 -43.79
CA LYS H 65 -77.85 -10.27 -44.22
C LYS H 65 -78.23 -10.27 -45.69
N ALA H 66 -77.41 -10.87 -46.55
CA ALA H 66 -77.73 -10.97 -47.97
C ALA H 66 -79.01 -11.79 -48.19
N LEU H 67 -79.18 -12.90 -47.49
CA LEU H 67 -80.42 -13.66 -47.55
C LEU H 67 -81.60 -12.81 -47.09
N GLU H 68 -81.45 -12.03 -46.02
CA GLU H 68 -82.54 -11.17 -45.57
C GLU H 68 -82.84 -10.08 -46.60
N ILE H 69 -81.83 -9.55 -47.26
CA ILE H 69 -82.06 -8.66 -48.39
C ILE H 69 -82.83 -9.41 -49.48
N LEU H 70 -82.47 -10.65 -49.81
CA LEU H 70 -83.21 -11.43 -50.79
C LEU H 70 -84.66 -11.64 -50.36
N VAL H 71 -84.90 -11.88 -49.08
CA VAL H 71 -86.25 -11.94 -48.53
C VAL H 71 -86.97 -10.60 -48.70
N ARG H 72 -86.34 -9.49 -48.33
CA ARG H 72 -86.94 -8.18 -48.45
C ARG H 72 -87.29 -7.89 -49.91
N ALA H 73 -86.41 -8.26 -50.83
CA ALA H 73 -86.68 -8.18 -52.26
C ALA H 73 -87.85 -9.09 -52.64
N ALA H 74 -87.91 -10.31 -52.10
CA ALA H 74 -89.03 -11.19 -52.34
C ALA H 74 -90.33 -10.57 -51.85
N HIS H 75 -90.36 -9.87 -50.71
CA HIS H 75 -91.55 -9.19 -50.22
C HIS H 75 -92.06 -8.18 -51.26
N VAL H 76 -91.21 -7.28 -51.74
CA VAL H 76 -91.69 -6.32 -52.75
C VAL H 76 -92.06 -7.02 -54.05
N LEU H 77 -91.32 -8.05 -54.48
CA LEU H 77 -91.69 -8.85 -55.65
C LEU H 77 -93.07 -9.48 -55.46
N ALA H 78 -93.37 -9.97 -54.27
CA ALA H 78 -94.65 -10.58 -53.94
C ALA H 78 -95.78 -9.57 -54.01
N GLU H 79 -95.59 -8.33 -53.52
CA GLU H 79 -96.59 -7.28 -53.72
C GLU H 79 -96.80 -6.98 -55.20
N ILE H 80 -95.72 -6.86 -55.99
CA ILE H 80 -95.84 -6.56 -57.42
C ILE H 80 -96.59 -7.68 -58.13
N ALA H 81 -96.24 -8.93 -57.85
CA ALA H 81 -96.94 -10.09 -58.40
C ALA H 81 -98.41 -10.13 -57.97
N ARG H 82 -98.72 -9.82 -56.70
CA ARG H 82 -100.08 -9.82 -56.17
C ARG H 82 -100.97 -8.80 -56.87
N GLU H 83 -100.45 -7.62 -57.15
CA GLU H 83 -101.17 -6.58 -57.89
C GLU H 83 -101.27 -6.90 -59.39
N ARG H 84 -100.14 -7.22 -60.04
CA ARG H 84 -100.06 -7.39 -61.50
C ARG H 84 -100.61 -8.72 -62.01
N GLY H 85 -100.66 -9.74 -61.15
CA GLY H 85 -101.08 -11.10 -61.49
C GLY H 85 -100.07 -11.91 -62.30
N ASN H 86 -98.85 -11.41 -62.49
CA ASN H 86 -97.85 -12.05 -63.34
C ASN H 86 -97.17 -13.25 -62.66
N GLU H 87 -97.53 -14.46 -63.07
CA GLU H 87 -96.93 -15.69 -62.56
C GLU H 87 -95.44 -15.79 -62.85
N GLU H 88 -94.91 -15.13 -63.87
CA GLU H 88 -93.48 -15.14 -64.17
C GLU H 88 -92.65 -14.42 -63.10
N LEU H 89 -93.27 -13.57 -62.27
CA LEU H 89 -92.65 -13.12 -61.02
C LEU H 89 -92.75 -14.22 -59.96
N GLN H 90 -93.94 -14.78 -59.75
CA GLN H 90 -94.17 -15.79 -58.70
C GLN H 90 -93.26 -17.02 -58.87
N LYS H 91 -93.03 -17.48 -60.10
CA LYS H 91 -92.11 -18.57 -60.41
C LYS H 91 -90.69 -18.22 -59.92
N LYS H 92 -90.15 -17.08 -60.35
CA LYS H 92 -88.80 -16.63 -59.95
C LYS H 92 -88.71 -16.46 -58.45
N ALA H 93 -89.68 -15.81 -57.83
CA ALA H 93 -89.73 -15.65 -56.38
C ALA H 93 -89.76 -17.01 -55.67
N HIS H 94 -90.63 -17.94 -56.09
CA HIS H 94 -90.75 -19.26 -55.48
C HIS H 94 -89.45 -20.04 -55.58
N LYS H 95 -88.82 -20.05 -56.77
CA LYS H 95 -87.50 -20.66 -56.99
C LYS H 95 -86.46 -20.07 -56.04
N LEU H 96 -86.34 -18.73 -56.02
CA LEU H 96 -85.41 -18.04 -55.15
C LEU H 96 -85.67 -18.38 -53.68
N ALA H 97 -86.94 -18.43 -53.26
CA ALA H 97 -87.30 -18.76 -51.89
C ALA H 97 -86.88 -20.18 -51.53
N LYS H 98 -87.18 -21.17 -52.38
CA LYS H 98 -86.82 -22.57 -52.10
C LYS H 98 -85.30 -22.74 -52.07
N GLU H 99 -84.60 -22.11 -53.00
CA GLU H 99 -83.14 -22.06 -53.02
C GLU H 99 -82.59 -21.38 -51.76
N ALA H 100 -83.18 -20.27 -51.33
CA ALA H 100 -82.79 -19.62 -50.09
C ALA H 100 -83.05 -20.52 -48.88
N LEU H 101 -84.18 -21.24 -48.84
CA LEU H 101 -84.48 -22.16 -47.76
C LEU H 101 -83.40 -23.25 -47.67
N ARG H 102 -83.06 -23.85 -48.81
CA ARG H 102 -81.95 -24.79 -48.89
C ARG H 102 -80.63 -24.16 -48.43
N GLN H 103 -80.27 -23.00 -48.95
CA GLN H 103 -79.04 -22.33 -48.54
C GLN H 103 -79.02 -22.06 -47.05
N VAL H 104 -80.09 -21.49 -46.49
CA VAL H 104 -80.11 -21.12 -45.08
C VAL H 104 -80.08 -22.37 -44.22
N ILE H 105 -80.71 -23.46 -44.66
CA ILE H 105 -80.59 -24.74 -43.99
C ILE H 105 -79.13 -25.20 -44.00
N GLU H 106 -78.45 -25.19 -45.14
CA GLU H 106 -77.04 -25.59 -45.17
C GLU H 106 -76.17 -24.67 -44.28
N ILE H 107 -76.44 -23.37 -44.31
CA ILE H 107 -75.80 -22.43 -43.41
C ILE H 107 -76.10 -22.81 -41.96
N ALA H 108 -77.32 -23.20 -41.63
CA ALA H 108 -77.68 -23.61 -40.27
C ALA H 108 -76.90 -24.87 -39.86
N ILE H 109 -76.75 -25.83 -40.75
CA ILE H 109 -75.90 -27.00 -40.49
C ILE H 109 -74.45 -26.54 -40.22
N ARG H 110 -73.90 -25.64 -41.05
CA ARG H 110 -72.56 -25.08 -40.83
C ARG H 110 -72.47 -24.33 -39.51
N ALA H 111 -73.49 -23.55 -39.15
CA ALA H 111 -73.53 -22.79 -37.91
C ALA H 111 -73.58 -23.72 -36.68
N ILE H 112 -74.28 -24.85 -36.77
CA ILE H 112 -74.25 -25.87 -35.73
C ILE H 112 -72.84 -26.45 -35.63
N GLN H 113 -72.19 -26.75 -36.75
CA GLN H 113 -70.81 -27.26 -36.76
C GLN H 113 -69.81 -26.28 -36.12
N GLU H 114 -69.90 -24.99 -36.46
CA GLU H 114 -69.07 -23.93 -35.87
C GLU H 114 -69.50 -23.53 -34.45
N GLY H 115 -70.69 -23.92 -34.00
CA GLY H 115 -71.24 -23.63 -32.68
C GLY H 115 -71.77 -22.21 -32.47
N ASN H 116 -71.90 -21.40 -33.51
CA ASN H 116 -72.44 -20.03 -33.44
C ASN H 116 -73.98 -20.07 -33.46
N LEU H 117 -74.57 -20.52 -32.36
CA LEU H 117 -76.02 -20.67 -32.25
C LEU H 117 -76.73 -19.31 -32.35
N GLU H 118 -76.05 -18.21 -32.02
CA GLU H 118 -76.58 -16.87 -32.16
C GLU H 118 -76.91 -16.53 -33.62
N LEU H 119 -75.96 -16.75 -34.52
CA LEU H 119 -76.24 -16.62 -35.95
C LEU H 119 -77.25 -17.67 -36.38
N ALA H 120 -77.24 -18.89 -35.84
CA ALA H 120 -78.25 -19.88 -36.20
C ALA H 120 -79.67 -19.40 -35.84
N ILE H 121 -79.83 -18.75 -34.69
CA ILE H 121 -81.10 -18.15 -34.29
C ILE H 121 -81.51 -17.08 -35.31
N ILE H 122 -80.59 -16.20 -35.69
CA ILE H 122 -80.87 -15.17 -36.70
C ILE H 122 -81.24 -15.84 -38.03
N ALA H 123 -80.52 -16.88 -38.42
CA ALA H 123 -80.83 -17.64 -39.62
C ALA H 123 -82.23 -18.24 -39.54
N LEU H 124 -82.60 -18.78 -38.39
CA LEU H 124 -83.89 -19.37 -38.21
C LEU H 124 -84.98 -18.29 -38.26
N HIS H 125 -84.71 -17.09 -37.77
CA HIS H 125 -85.55 -15.92 -38.01
C HIS H 125 -85.74 -15.66 -39.50
N ILE H 126 -84.66 -15.63 -40.26
CA ILE H 126 -84.75 -15.49 -41.70
C ILE H 126 -85.58 -16.63 -42.29
N SER H 127 -85.43 -17.86 -41.80
CA SER H 127 -86.23 -18.98 -42.27
C SER H 127 -87.71 -18.71 -42.04
N VAL H 128 -88.09 -18.22 -40.86
CA VAL H 128 -89.48 -17.79 -40.63
C VAL H 128 -89.88 -16.75 -41.67
N ARG H 129 -89.03 -15.76 -41.99
CA ARG H 129 -89.39 -14.79 -43.01
C ARG H 129 -89.54 -15.44 -44.38
N ILE H 130 -88.70 -16.41 -44.72
CA ILE H 130 -88.89 -17.17 -45.95
C ILE H 130 -90.23 -17.88 -45.91
N ALA H 131 -90.66 -18.40 -44.75
CA ALA H 131 -91.99 -18.94 -44.63
C ALA H 131 -93.05 -17.88 -44.91
N GLU H 132 -92.90 -16.65 -44.42
CA GLU H 132 -93.84 -15.57 -44.75
C GLU H 132 -93.94 -15.39 -46.28
N VAL H 133 -92.80 -15.37 -46.94
CA VAL H 133 -92.73 -15.25 -48.40
C VAL H 133 -93.45 -16.42 -49.06
N LEU H 134 -93.10 -17.65 -48.68
CA LEU H 134 -93.70 -18.83 -49.25
C LEU H 134 -95.21 -18.82 -49.05
N LEU H 135 -95.65 -18.55 -47.83
CA LEU H 135 -97.05 -18.59 -47.46
C LEU H 135 -97.85 -17.59 -48.27
N GLU H 136 -97.35 -16.36 -48.42
CA GLU H 136 -98.02 -15.38 -49.27
C GLU H 136 -98.03 -15.84 -50.72
N THR H 137 -96.94 -16.43 -51.20
CA THR H 137 -96.80 -16.77 -52.63
C THR H 137 -97.70 -17.95 -53.01
N ARG H 138 -97.79 -18.97 -52.15
CA ARG H 138 -98.43 -20.27 -52.41
C ARG H 138 -99.08 -20.83 -51.14
N PRO H 139 -100.24 -20.33 -50.73
CA PRO H 139 -100.85 -20.69 -49.44
C PRO H 139 -101.37 -22.14 -49.36
N ASP H 140 -101.76 -22.78 -50.46
CA ASP H 140 -102.32 -24.15 -50.48
C ASP H 140 -101.35 -25.26 -50.97
N ASP H 141 -100.09 -24.92 -51.27
CA ASP H 141 -99.00 -25.91 -51.44
C ASP H 141 -98.43 -26.35 -50.07
N ARG H 142 -99.34 -26.73 -49.16
CA ARG H 142 -99.06 -26.98 -47.74
C ARG H 142 -97.97 -28.02 -47.46
N GLU H 143 -97.61 -28.84 -48.43
CA GLU H 143 -96.43 -29.71 -48.36
C GLU H 143 -95.16 -28.91 -48.09
N GLU H 144 -94.93 -27.79 -48.79
CA GLU H 144 -93.74 -26.97 -48.56
C GLU H 144 -93.79 -26.36 -47.15
N ILE H 145 -94.98 -25.96 -46.71
CA ILE H 145 -95.20 -25.47 -45.35
C ILE H 145 -94.87 -26.56 -44.34
N ARG H 146 -95.31 -27.80 -44.57
CA ARG H 146 -94.99 -28.95 -43.72
C ARG H 146 -93.48 -29.16 -43.65
N GLU H 147 -92.79 -29.09 -44.78
CA GLU H 147 -91.33 -29.21 -44.83
C GLU H 147 -90.66 -28.15 -43.95
N GLN H 148 -91.03 -26.89 -44.15
CA GLN H 148 -90.49 -25.81 -43.34
C GLN H 148 -90.84 -26.03 -41.85
N GLN H 149 -92.09 -26.36 -41.53
CA GLN H 149 -92.52 -26.56 -40.14
C GLN H 149 -91.75 -27.69 -39.46
N ALA H 150 -91.59 -28.83 -40.14
CA ALA H 150 -90.85 -29.95 -39.60
C ALA H 150 -89.40 -29.57 -39.37
N ILE H 151 -88.75 -29.00 -40.39
CA ILE H 151 -87.33 -28.64 -40.29
C ILE H 151 -87.15 -27.58 -39.19
N PHE H 152 -88.07 -26.63 -39.11
CA PHE H 152 -88.06 -25.62 -38.05
C PHE H 152 -88.13 -26.28 -36.68
N GLU H 153 -89.14 -27.11 -36.41
CA GLU H 153 -89.27 -27.71 -35.09
C GLU H 153 -88.11 -28.64 -34.77
N LEU H 154 -87.56 -29.32 -35.78
CA LEU H 154 -86.33 -30.08 -35.62
C LEU H 154 -85.18 -29.17 -35.19
N LEU H 155 -84.94 -28.07 -35.90
CA LEU H 155 -83.89 -27.12 -35.54
C LEU H 155 -84.13 -26.53 -34.16
N ILE H 156 -85.36 -26.17 -33.81
CA ILE H 156 -85.68 -25.66 -32.48
C ILE H 156 -85.38 -26.73 -31.42
N ALA H 157 -85.80 -27.98 -31.62
CA ALA H 157 -85.49 -29.02 -30.67
C ALA H 157 -83.98 -29.17 -30.48
N ALA H 158 -83.23 -29.14 -31.59
CA ALA H 158 -81.78 -29.20 -31.55
C ALA H 158 -81.20 -28.01 -30.79
N LEU H 159 -81.67 -26.79 -31.07
CA LEU H 159 -81.24 -25.61 -30.34
C LEU H 159 -81.61 -25.67 -28.86
N GLU H 160 -82.80 -26.17 -28.49
CA GLU H 160 -83.18 -26.31 -27.09
C GLU H 160 -82.22 -27.25 -26.36
N ALA H 161 -81.94 -28.41 -26.94
CA ALA H 161 -80.95 -29.32 -26.37
C ALA H 161 -79.57 -28.64 -26.28
N ALA H 162 -79.13 -28.01 -27.36
CA ALA H 162 -77.82 -27.38 -27.45
C ALA H 162 -77.66 -26.27 -26.42
N ILE H 163 -78.64 -25.39 -26.27
CA ILE H 163 -78.56 -24.26 -25.37
C ILE H 163 -78.79 -24.71 -23.92
N ARG H 164 -79.62 -25.74 -23.67
CA ARG H 164 -79.68 -26.38 -22.35
C ARG H 164 -78.32 -26.94 -21.95
N LEU H 165 -77.63 -27.63 -22.86
CA LEU H 165 -76.27 -28.10 -22.62
C LEU H 165 -75.31 -26.93 -22.39
N GLU H 166 -75.36 -25.88 -23.22
CA GLU H 166 -74.50 -24.71 -23.05
C GLU H 166 -74.71 -24.06 -21.67
N LYS H 167 -75.97 -23.97 -21.21
CA LYS H 167 -76.31 -23.50 -19.87
C LYS H 167 -75.65 -24.39 -18.82
N LEU H 168 -75.83 -25.71 -18.89
CA LEU H 168 -75.23 -26.62 -17.93
C LEU H 168 -73.69 -26.50 -17.93
N LYS H 169 -73.08 -26.32 -19.10
CA LYS H 169 -71.63 -26.07 -19.27
C LYS H 169 -71.20 -24.74 -18.64
N GLU H 170 -71.98 -23.67 -18.81
CA GLU H 170 -71.72 -22.38 -18.19
C GLU H 170 -71.88 -22.44 -16.66
N GLU H 171 -72.87 -23.18 -16.17
CA GLU H 171 -73.12 -23.39 -14.73
C GLU H 171 -72.13 -24.36 -14.07
N GLY H 172 -71.33 -25.10 -14.85
CA GLY H 172 -70.41 -26.12 -14.32
C GLY H 172 -71.13 -27.35 -13.72
N ALA H 173 -72.28 -27.73 -14.29
CA ALA H 173 -73.11 -28.84 -13.82
C ALA H 173 -72.35 -30.18 -13.78
N PRO H 174 -72.76 -31.13 -12.92
CA PRO H 174 -72.08 -32.41 -12.80
C PRO H 174 -72.23 -33.25 -14.08
N PRO H 175 -71.16 -33.91 -14.55
CA PRO H 175 -71.17 -34.69 -15.78
C PRO H 175 -72.31 -35.69 -15.89
N GLU H 176 -72.73 -36.31 -14.78
CA GLU H 176 -73.84 -37.26 -14.76
C GLU H 176 -75.16 -36.59 -15.15
N GLN H 177 -75.43 -35.38 -14.67
CA GLN H 177 -76.61 -34.64 -15.10
C GLN H 177 -76.52 -34.27 -16.58
N ILE H 178 -75.34 -33.84 -17.02
CA ILE H 178 -75.07 -33.53 -18.43
C ILE H 178 -75.34 -34.76 -19.32
N GLU H 179 -74.89 -35.94 -18.91
CA GLU H 179 -75.17 -37.19 -19.62
C GLU H 179 -76.67 -37.50 -19.66
N ARG H 180 -77.40 -37.39 -18.55
CA ARG H 180 -78.85 -37.61 -18.53
C ARG H 180 -79.58 -36.62 -19.44
N VAL H 181 -79.17 -35.35 -19.44
CA VAL H 181 -79.72 -34.34 -20.35
C VAL H 181 -79.43 -34.71 -21.80
N ALA H 182 -78.21 -35.14 -22.11
CA ALA H 182 -77.86 -35.57 -23.46
C ALA H 182 -78.70 -36.77 -23.90
N GLU H 183 -78.89 -37.77 -23.05
CA GLU H 183 -79.74 -38.92 -23.32
C GLU H 183 -81.17 -38.48 -23.63
N HIS H 184 -81.80 -37.73 -22.74
CA HIS H 184 -83.17 -37.26 -22.95
C HIS H 184 -83.28 -36.40 -24.21
N GLY H 185 -82.28 -35.56 -24.48
CA GLY H 185 -82.22 -34.75 -25.70
C GLY H 185 -82.17 -35.61 -26.96
N LEU H 186 -81.25 -36.57 -27.01
CA LEU H 186 -81.12 -37.46 -28.15
C LEU H 186 -82.37 -38.32 -28.34
N GLU H 187 -82.95 -38.87 -27.28
CA GLU H 187 -84.17 -39.66 -27.39
C GLU H 187 -85.36 -38.81 -27.87
N ARG H 188 -85.49 -37.56 -27.41
CA ARG H 188 -86.51 -36.64 -27.93
C ARG H 188 -86.26 -36.32 -29.40
N LEU H 189 -85.01 -36.08 -29.80
CA LEU H 189 -84.66 -35.89 -31.20
C LEU H 189 -85.03 -37.13 -32.02
N LYS H 190 -84.77 -38.34 -31.52
CA LYS H 190 -85.19 -39.58 -32.16
C LYS H 190 -86.71 -39.63 -32.33
N GLU H 191 -87.47 -39.36 -31.27
CA GLU H 191 -88.93 -39.39 -31.33
C GLU H 191 -89.46 -38.36 -32.33
N ILE H 192 -88.91 -37.15 -32.32
CA ILE H 192 -89.23 -36.13 -33.33
C ILE H 192 -88.88 -36.62 -34.74
N ALA H 193 -87.71 -37.23 -34.93
CA ALA H 193 -87.32 -37.75 -36.23
C ALA H 193 -88.31 -38.83 -36.70
N LYS H 194 -88.85 -39.66 -35.79
CA LYS H 194 -89.91 -40.60 -36.12
C LYS H 194 -91.20 -39.89 -36.52
N GLU H 195 -91.61 -38.84 -35.80
CA GLU H 195 -92.78 -38.05 -36.23
C GLU H 195 -92.57 -37.43 -37.62
N ILE H 196 -91.39 -36.87 -37.88
CA ILE H 196 -91.05 -36.31 -39.19
C ILE H 196 -91.05 -37.41 -40.25
N SER H 197 -90.49 -38.58 -39.95
CA SER H 197 -90.47 -39.74 -40.84
C SER H 197 -91.87 -40.17 -41.29
N LYS H 198 -92.88 -40.01 -40.43
CA LYS H 198 -94.29 -40.29 -40.79
C LYS H 198 -94.87 -39.33 -41.83
N GLU H 199 -94.19 -38.22 -42.16
CA GLU H 199 -94.71 -37.19 -43.04
C GLU H 199 -93.83 -36.91 -44.27
N VAL H 200 -92.50 -36.83 -44.12
CA VAL H 200 -91.63 -36.33 -45.21
C VAL H 200 -91.41 -37.36 -46.33
N ASP H 201 -91.16 -36.87 -47.54
CA ASP H 201 -90.93 -37.69 -48.74
C ASP H 201 -89.64 -37.32 -49.49
N SER H 202 -89.40 -36.04 -49.76
CA SER H 202 -88.29 -35.59 -50.60
C SER H 202 -86.93 -36.12 -50.13
N PRO H 203 -86.12 -36.72 -51.02
CA PRO H 203 -84.76 -37.16 -50.69
C PRO H 203 -83.90 -36.03 -50.13
N GLU H 204 -84.03 -34.83 -50.67
CA GLU H 204 -83.30 -33.66 -50.17
C GLU H 204 -83.77 -33.31 -48.75
N SER H 205 -85.07 -33.39 -48.49
CA SER H 205 -85.60 -33.22 -47.14
C SER H 205 -85.02 -34.26 -46.18
N LYS H 206 -84.96 -35.53 -46.60
CA LYS H 206 -84.29 -36.55 -45.78
C LYS H 206 -82.81 -36.24 -45.59
N ARG H 207 -82.09 -35.80 -46.62
CA ARG H 207 -80.66 -35.39 -46.52
C ARG H 207 -80.50 -34.34 -45.44
N ILE H 208 -81.33 -33.32 -45.53
CA ILE H 208 -81.40 -32.25 -44.54
C ILE H 208 -81.67 -32.86 -43.16
N ALA H 209 -82.75 -33.63 -43.00
CA ALA H 209 -83.17 -34.13 -41.71
C ALA H 209 -82.08 -34.96 -41.04
N TYR H 210 -81.52 -35.93 -41.76
CA TYR H 210 -80.49 -36.77 -41.18
C TYR H 210 -79.26 -35.94 -40.82
N LYS H 211 -78.77 -35.09 -41.74
CA LYS H 211 -77.60 -34.28 -41.44
C LYS H 211 -77.84 -33.40 -40.24
N ILE H 212 -79.03 -32.82 -40.07
CA ILE H 212 -79.36 -32.04 -38.89
C ILE H 212 -79.30 -32.92 -37.64
N VAL H 213 -79.97 -34.08 -37.63
CA VAL H 213 -79.94 -34.95 -36.45
C VAL H 213 -78.51 -35.33 -36.11
N ALA H 214 -77.72 -35.67 -37.12
CA ALA H 214 -76.32 -36.00 -36.95
C ALA H 214 -75.54 -34.81 -36.37
N ALA H 215 -75.64 -33.63 -36.98
CA ALA H 215 -74.98 -32.43 -36.50
C ALA H 215 -75.38 -32.07 -35.07
N ALA H 216 -76.64 -32.27 -34.69
CA ALA H 216 -77.12 -32.03 -33.33
C ALA H 216 -76.45 -32.99 -32.35
N ALA H 217 -76.46 -34.29 -32.64
CA ALA H 217 -75.75 -35.26 -31.82
C ALA H 217 -74.25 -34.93 -31.76
N GLU H 218 -73.67 -34.52 -32.88
CA GLU H 218 -72.25 -34.20 -32.99
C GLU H 218 -71.88 -33.00 -32.14
N PHE H 219 -72.68 -31.92 -32.16
CA PHE H 219 -72.50 -30.79 -31.25
C PHE H 219 -72.59 -31.23 -29.79
N LEU H 220 -73.59 -32.05 -29.45
CA LEU H 220 -73.70 -32.63 -28.11
C LEU H 220 -72.41 -33.35 -27.75
N LEU H 221 -71.90 -34.22 -28.62
CA LEU H 221 -70.68 -34.97 -28.34
C LEU H 221 -69.47 -34.04 -28.18
N LYS H 222 -69.27 -33.06 -29.07
CA LYS H 222 -68.16 -32.10 -28.95
C LYS H 222 -68.22 -31.38 -27.62
N ILE H 223 -69.35 -30.75 -27.30
CA ILE H 223 -69.48 -29.94 -26.11
C ILE H 223 -69.38 -30.81 -24.85
N LEU H 224 -70.02 -31.98 -24.83
CA LEU H 224 -69.91 -32.88 -23.68
C LEU H 224 -68.47 -33.33 -23.45
N ALA H 225 -67.73 -33.64 -24.52
CA ALA H 225 -66.31 -34.00 -24.42
C ALA H 225 -65.45 -32.82 -23.95
N GLU H 226 -65.67 -31.61 -24.46
CA GLU H 226 -65.05 -30.40 -23.93
C GLU H 226 -65.43 -30.15 -22.46
N GLY H 227 -66.58 -30.65 -22.02
CA GLY H 227 -67.05 -30.61 -20.62
C GLY H 227 -66.26 -31.48 -19.65
N GLY H 228 -65.31 -32.30 -20.11
CA GLY H 228 -64.38 -33.04 -19.25
C GLY H 228 -65.01 -34.18 -18.43
N ALA H 229 -66.10 -34.78 -18.92
CA ALA H 229 -66.68 -35.99 -18.33
C ALA H 229 -65.68 -37.17 -18.30
N THR H 230 -65.85 -38.10 -17.36
CA THR H 230 -64.96 -39.25 -17.19
C THR H 230 -65.07 -40.25 -18.35
N PRO H 231 -63.99 -40.97 -18.71
CA PRO H 231 -63.95 -41.85 -19.88
C PRO H 231 -65.12 -42.84 -20.00
N GLU H 232 -65.55 -43.49 -18.91
CA GLU H 232 -66.69 -44.42 -18.96
C GLU H 232 -67.99 -43.73 -19.38
N GLN H 233 -68.18 -42.47 -18.99
CA GLN H 233 -69.33 -41.68 -19.44
C GLN H 233 -69.16 -41.26 -20.91
N LEU H 234 -67.94 -40.84 -21.32
CA LEU H 234 -67.66 -40.51 -22.73
C LEU H 234 -67.94 -41.70 -23.65
N GLU H 235 -67.54 -42.89 -23.24
CA GLU H 235 -67.87 -44.14 -23.92
C GLU H 235 -69.39 -44.30 -24.04
N ARG H 236 -70.11 -44.28 -22.93
CA ARG H 236 -71.58 -44.48 -22.94
C ARG H 236 -72.28 -43.47 -23.83
N VAL H 237 -71.91 -42.19 -23.75
CA VAL H 237 -72.46 -41.16 -24.62
C VAL H 237 -72.17 -41.50 -26.07
N THR H 238 -70.91 -41.83 -26.40
CA THR H 238 -70.52 -42.14 -27.78
C THR H 238 -71.32 -43.32 -28.31
N GLU H 239 -71.39 -44.40 -27.53
CA GLU H 239 -72.14 -45.61 -27.86
C GLU H 239 -73.61 -45.28 -28.09
N HIS H 240 -74.24 -44.57 -27.15
CA HIS H 240 -75.65 -44.25 -27.28
C HIS H 240 -75.91 -43.33 -28.47
N ALA H 241 -75.01 -42.37 -28.74
CA ALA H 241 -75.15 -41.47 -29.87
C ALA H 241 -75.07 -42.24 -31.20
N LEU H 242 -74.09 -43.14 -31.34
CA LEU H 242 -74.05 -44.03 -32.50
C LEU H 242 -75.34 -44.85 -32.59
N GLU H 243 -75.83 -45.39 -31.47
CA GLU H 243 -77.07 -46.19 -31.42
C GLU H 243 -78.26 -45.37 -31.93
N VAL H 244 -78.39 -44.14 -31.47
CA VAL H 244 -79.43 -43.22 -31.93
C VAL H 244 -79.27 -42.98 -33.43
N LEU H 245 -78.08 -42.65 -33.90
CA LEU H 245 -77.87 -42.37 -35.32
C LEU H 245 -78.21 -43.60 -36.16
N LYS H 246 -77.87 -44.79 -35.68
CA LYS H 246 -78.24 -46.06 -36.29
C LYS H 246 -79.76 -46.20 -36.36
N GLU H 247 -80.47 -46.00 -35.26
CA GLU H 247 -81.93 -46.15 -35.27
C GLU H 247 -82.59 -45.13 -36.22
N VAL H 248 -82.14 -43.88 -36.20
CA VAL H 248 -82.68 -42.85 -37.11
C VAL H 248 -82.29 -43.13 -38.56
N ALA H 249 -81.13 -43.72 -38.81
CA ALA H 249 -80.78 -44.15 -40.16
C ALA H 249 -81.74 -45.23 -40.64
N LYS H 250 -82.04 -46.22 -39.79
CA LYS H 250 -83.00 -47.30 -40.12
C LYS H 250 -84.40 -46.78 -40.44
N GLU H 251 -84.79 -45.64 -39.89
CA GLU H 251 -85.98 -44.91 -40.36
C GLU H 251 -85.74 -44.24 -41.72
N LEU H 252 -84.77 -43.34 -41.83
CA LEU H 252 -84.68 -42.42 -42.97
C LEU H 252 -84.10 -43.06 -44.25
N ALA H 253 -83.38 -44.17 -44.17
CA ALA H 253 -82.74 -44.78 -45.35
C ALA H 253 -83.77 -45.34 -46.35
N ASP H 254 -83.60 -45.03 -47.64
CA ASP H 254 -84.51 -45.43 -48.72
C ASP H 254 -83.83 -45.70 -50.09
N SER H 255 -82.52 -45.44 -50.19
CA SER H 255 -81.81 -45.31 -51.46
C SER H 255 -80.30 -45.40 -51.26
N PRO H 256 -79.52 -45.64 -52.33
CA PRO H 256 -78.07 -45.49 -52.30
C PRO H 256 -77.64 -44.13 -51.77
N GLU H 257 -78.28 -43.04 -52.21
CA GLU H 257 -77.93 -41.68 -51.78
C GLU H 257 -78.09 -41.54 -50.25
N SER H 258 -79.25 -41.91 -49.71
CA SER H 258 -79.49 -41.83 -48.27
C SER H 258 -78.54 -42.74 -47.50
N GLY H 259 -78.24 -43.93 -48.03
CA GLY H 259 -77.24 -44.81 -47.47
C GLY H 259 -75.89 -44.10 -47.38
N LEU H 260 -75.39 -43.60 -48.50
CA LEU H 260 -74.11 -42.89 -48.58
C LEU H 260 -74.06 -41.75 -47.57
N ALA H 261 -75.07 -40.90 -47.56
CA ALA H 261 -75.12 -39.77 -46.65
C ALA H 261 -75.10 -40.22 -45.18
N ALA H 262 -76.01 -41.13 -44.80
CA ALA H 262 -76.12 -41.55 -43.42
C ALA H 262 -74.83 -42.21 -42.96
N LEU H 263 -74.27 -43.05 -43.82
CA LEU H 263 -73.03 -43.73 -43.58
C LEU H 263 -71.89 -42.74 -43.38
N ALA H 264 -71.76 -41.76 -44.27
CA ALA H 264 -70.73 -40.75 -44.15
C ALA H 264 -70.84 -40.03 -42.82
N ALA H 265 -72.05 -39.58 -42.47
CA ALA H 265 -72.27 -38.86 -41.22
C ALA H 265 -71.95 -39.74 -40.00
N ILE H 266 -72.38 -41.00 -40.00
CA ILE H 266 -72.04 -41.93 -38.92
C ILE H 266 -70.53 -42.06 -38.83
N ALA H 267 -69.85 -42.24 -39.97
CA ALA H 267 -68.41 -42.37 -40.00
C ALA H 267 -67.74 -41.12 -39.42
N SER H 268 -68.22 -39.93 -39.75
CA SER H 268 -67.76 -38.71 -39.11
C SER H 268 -67.99 -38.73 -37.61
N LEU H 269 -69.16 -39.17 -37.13
CA LEU H 269 -69.39 -39.22 -35.68
C LEU H 269 -68.43 -40.19 -35.00
N ALA H 270 -68.18 -41.35 -35.61
CA ALA H 270 -67.16 -42.26 -35.10
C ALA H 270 -65.77 -41.60 -35.10
N LYS H 271 -65.42 -40.89 -36.19
CA LYS H 271 -64.14 -40.17 -36.30
C LYS H 271 -63.98 -39.19 -35.15
N LEU H 272 -65.03 -38.43 -34.85
CA LEU H 272 -65.04 -37.54 -33.69
C LEU H 272 -64.85 -38.32 -32.38
N GLY H 273 -65.59 -39.41 -32.17
CA GLY H 273 -65.47 -40.19 -30.94
C GLY H 273 -64.03 -40.66 -30.71
N LEU H 274 -63.44 -41.25 -31.74
CA LEU H 274 -62.04 -41.68 -31.73
C LEU H 274 -61.09 -40.49 -31.54
N GLU H 275 -61.34 -39.36 -32.18
CA GLU H 275 -60.52 -38.15 -32.00
C GLU H 275 -60.60 -37.60 -30.57
N GLN H 276 -61.76 -37.68 -29.90
CA GLN H 276 -61.85 -37.30 -28.49
C GLN H 276 -61.11 -38.28 -27.59
N LEU H 277 -61.16 -39.59 -27.86
CA LEU H 277 -60.32 -40.55 -27.16
C LEU H 277 -58.82 -40.31 -27.43
N LYS H 278 -58.45 -39.84 -28.62
CA LYS H 278 -57.07 -39.45 -28.94
C LYS H 278 -56.66 -38.20 -28.17
N GLU H 279 -57.53 -37.19 -28.10
CA GLU H 279 -57.26 -35.94 -27.37
C GLU H 279 -57.07 -36.18 -25.87
N ILE H 280 -57.94 -36.96 -25.23
CA ILE H 280 -57.81 -37.27 -23.80
C ILE H 280 -56.68 -38.26 -23.51
N GLY H 281 -56.19 -39.00 -24.52
CA GLY H 281 -55.15 -40.01 -24.35
C GLY H 281 -55.66 -41.29 -23.68
N ALA H 282 -56.86 -41.73 -24.03
CA ALA H 282 -57.50 -42.93 -23.45
C ALA H 282 -56.67 -44.21 -23.70
N PRO H 283 -56.69 -45.20 -22.79
CA PRO H 283 -55.86 -46.40 -22.90
C PRO H 283 -56.32 -47.31 -24.05
N PRO H 284 -55.43 -48.16 -24.59
CA PRO H 284 -55.72 -49.00 -25.76
C PRO H 284 -57.02 -49.80 -25.67
N GLU H 285 -57.40 -50.32 -24.51
CA GLU H 285 -58.69 -51.01 -24.36
C GLU H 285 -59.87 -50.09 -24.67
N GLN H 286 -59.88 -48.84 -24.20
CA GLN H 286 -60.93 -47.88 -24.55
C GLN H 286 -60.90 -47.53 -26.04
N GLN H 287 -59.70 -47.40 -26.64
CA GLN H 287 -59.55 -47.20 -28.09
C GLN H 287 -60.23 -48.35 -28.85
N ARG H 288 -59.99 -49.59 -28.43
CA ARG H 288 -60.66 -50.79 -28.97
C ARG H 288 -62.17 -50.74 -28.75
N ARG H 289 -62.67 -50.45 -27.54
CA ARG H 289 -64.12 -50.40 -27.24
C ARG H 289 -64.84 -49.49 -28.23
N VAL H 290 -64.40 -48.25 -28.36
CA VAL H 290 -65.05 -47.29 -29.26
C VAL H 290 -64.85 -47.70 -30.72
N THR H 291 -63.68 -48.19 -31.11
CA THR H 291 -63.46 -48.69 -32.48
C THR H 291 -64.43 -49.80 -32.83
N LYS H 292 -64.58 -50.79 -31.94
CA LYS H 292 -65.52 -51.89 -32.10
C LYS H 292 -66.95 -51.40 -32.17
N ALA H 293 -67.37 -50.53 -31.24
CA ALA H 293 -68.71 -49.97 -31.27
C ALA H 293 -68.97 -49.28 -32.62
N GLY H 294 -68.02 -48.49 -33.10
CA GLY H 294 -68.07 -47.84 -34.41
C GLY H 294 -68.24 -48.87 -35.53
N ILE H 295 -67.32 -49.83 -35.64
CA ILE H 295 -67.38 -50.86 -36.67
C ILE H 295 -68.70 -51.65 -36.58
N GLU H 296 -69.18 -52.04 -35.40
CA GLU H 296 -70.44 -52.78 -35.27
C GLU H 296 -71.64 -51.95 -35.68
N ALA H 297 -71.68 -50.66 -35.33
CA ALA H 297 -72.70 -49.77 -35.85
C ALA H 297 -72.60 -49.71 -37.37
N VAL H 298 -71.38 -49.56 -37.91
CA VAL H 298 -71.15 -49.53 -39.34
C VAL H 298 -71.63 -50.81 -40.00
N ARG H 299 -71.38 -51.97 -39.38
CA ARG H 299 -71.82 -53.29 -39.84
C ARG H 299 -73.34 -53.34 -39.97
N GLU H 300 -74.06 -52.77 -39.01
CA GLU H 300 -75.51 -52.69 -39.12
C GLU H 300 -75.96 -51.77 -40.26
N ILE H 301 -75.33 -50.62 -40.47
CA ILE H 301 -75.67 -49.76 -41.62
C ILE H 301 -75.37 -50.50 -42.92
N TYR H 302 -74.19 -51.09 -42.99
CA TYR H 302 -73.71 -51.92 -44.09
C TYR H 302 -74.72 -53.03 -44.44
N ARG H 303 -75.21 -53.80 -43.47
CA ARG H 303 -76.22 -54.86 -43.69
C ARG H 303 -77.60 -54.30 -44.03
N TYR H 304 -78.12 -53.40 -43.21
CA TYR H 304 -79.47 -52.87 -43.41
C TYR H 304 -79.57 -52.09 -44.72
N GLY H 305 -78.53 -51.32 -45.03
CA GLY H 305 -78.40 -50.59 -46.29
C GLY H 305 -78.25 -51.52 -47.50
N ARG H 306 -77.61 -52.69 -47.36
CA ARG H 306 -77.52 -53.66 -48.46
C ARG H 306 -78.88 -54.14 -48.96
N LYS H 307 -79.95 -54.04 -48.16
CA LYS H 307 -81.32 -54.34 -48.59
C LYS H 307 -81.82 -53.42 -49.71
N LEU H 308 -81.22 -52.24 -49.88
CA LEU H 308 -81.71 -51.14 -50.72
C LEU H 308 -81.05 -51.09 -52.12
N TYR H 309 -80.48 -52.19 -52.61
CA TYR H 309 -79.65 -52.26 -53.83
C TYR H 309 -79.90 -53.54 -54.64
N ASP I 3 19.50 77.33 -18.84
CA ASP I 3 19.11 78.75 -19.04
C ASP I 3 20.15 79.74 -18.47
N ASP I 4 20.56 79.61 -17.21
CA ASP I 4 21.35 80.61 -16.46
C ASP I 4 22.62 81.09 -17.16
N LEU I 5 23.25 80.26 -17.99
CA LEU I 5 24.47 80.65 -18.70
C LEU I 5 24.24 81.89 -19.57
N LEU I 6 23.05 82.10 -20.13
CA LEU I 6 22.75 83.35 -20.83
C LEU I 6 22.93 84.55 -19.90
N LEU I 7 22.39 84.46 -18.69
CA LEU I 7 22.58 85.51 -17.69
C LEU I 7 24.06 85.71 -17.39
N LYS I 8 24.83 84.62 -17.30
CA LYS I 8 26.29 84.76 -17.16
C LYS I 8 26.94 85.43 -18.37
N LEU I 9 26.47 85.20 -19.59
CA LEU I 9 26.96 85.97 -20.74
C LEU I 9 26.66 87.45 -20.59
N LEU I 10 25.47 87.79 -20.11
CA LEU I 10 25.18 89.18 -19.79
C LEU I 10 26.18 89.69 -18.75
N GLU I 11 26.44 88.94 -17.68
CA GLU I 11 27.44 89.36 -16.69
C GLU I 11 28.79 89.63 -17.35
N LEU I 12 29.27 88.72 -18.20
CA LEU I 12 30.52 88.90 -18.90
C LEU I 12 30.50 90.14 -19.79
N LEU I 13 29.43 90.33 -20.55
CA LEU I 13 29.29 91.52 -21.37
C LEU I 13 29.37 92.77 -20.51
N VAL I 14 28.62 92.82 -19.40
CA VAL I 14 28.58 93.98 -18.52
C VAL I 14 29.96 94.22 -17.92
N GLU I 15 30.62 93.18 -17.43
CA GLU I 15 31.90 93.36 -16.77
C GLU I 15 32.96 93.78 -17.81
N GLN I 16 32.92 93.21 -19.01
CA GLN I 16 33.80 93.65 -20.09
C GLN I 16 33.52 95.11 -20.44
N ALA I 17 32.26 95.51 -20.47
CA ALA I 17 31.93 96.90 -20.64
C ALA I 17 32.46 97.73 -19.47
N ARG I 18 32.44 97.22 -18.23
CA ARG I 18 32.90 97.97 -17.06
C ARG I 18 34.40 98.22 -17.15
N VAL I 19 35.16 97.21 -17.55
CA VAL I 19 36.59 97.38 -17.86
C VAL I 19 36.75 98.34 -19.05
N SER I 20 35.90 98.23 -20.06
CA SER I 20 35.90 99.16 -21.18
C SER I 20 35.56 100.59 -20.76
N ALA I 21 34.79 100.79 -19.68
CA ALA I 21 34.46 102.09 -19.15
C ALA I 21 35.61 102.68 -18.33
N GLU I 22 36.32 101.87 -17.53
CA GLU I 22 37.59 102.31 -16.94
C GLU I 22 38.60 102.67 -18.04
N PHE I 23 38.66 101.89 -19.10
CA PHE I 23 39.46 102.17 -20.30
C PHE I 23 39.03 103.49 -20.95
N ALA I 24 37.72 103.75 -21.07
CA ALA I 24 37.20 105.03 -21.54
C ALA I 24 37.57 106.20 -20.62
N ARG I 25 37.60 106.02 -19.29
CA ARG I 25 38.10 107.04 -18.35
C ARG I 25 39.59 107.34 -18.49
N ARG I 26 40.36 106.41 -19.04
CA ARG I 26 41.77 106.61 -19.42
C ARG I 26 41.94 107.22 -20.82
N GLN I 27 41.09 106.83 -21.78
CA GLN I 27 41.19 107.19 -23.20
C GLN I 27 40.47 108.50 -23.60
N GLY I 28 39.40 108.90 -22.91
CA GLY I 28 38.72 110.18 -23.12
C GLY I 28 37.98 110.32 -24.46
N ASP I 29 37.38 109.25 -24.99
CA ASP I 29 36.68 109.23 -26.27
C ASP I 29 35.16 109.12 -26.12
N GLU I 30 34.42 110.11 -26.63
CA GLU I 30 32.96 110.10 -26.73
C GLU I 30 32.41 108.83 -27.41
N LYS I 31 33.02 108.40 -28.52
CA LYS I 31 32.55 107.23 -29.26
C LYS I 31 32.77 105.94 -28.45
N MET I 32 33.79 105.89 -27.61
CA MET I 32 34.02 104.77 -26.72
C MET I 32 32.94 104.71 -25.62
N LEU I 33 32.53 105.86 -25.07
CA LEU I 33 31.35 105.92 -24.19
C LEU I 33 30.08 105.50 -24.94
N GLU I 34 29.96 105.89 -26.21
CA GLU I 34 28.86 105.46 -27.06
C GLU I 34 28.86 103.94 -27.30
N GLU I 35 30.01 103.27 -27.40
CA GLU I 35 30.05 101.80 -27.43
C GLU I 35 29.44 101.23 -26.15
N VAL I 36 30.01 101.56 -24.99
CA VAL I 36 29.60 100.91 -23.74
C VAL I 36 28.18 101.26 -23.35
N ALA I 37 27.74 102.52 -23.53
CA ALA I 37 26.40 102.92 -23.15
C ALA I 37 25.36 102.13 -23.92
N ARG I 38 25.48 102.12 -25.26
CA ARG I 38 24.55 101.40 -26.12
C ARG I 38 24.57 99.91 -25.78
N LYS I 39 25.76 99.32 -25.71
CA LYS I 39 25.90 97.88 -25.44
C LYS I 39 25.25 97.49 -24.10
N ALA I 40 25.45 98.31 -23.06
CA ALA I 40 24.82 98.07 -21.77
C ALA I 40 23.30 98.22 -21.83
N GLU I 41 22.76 99.14 -22.60
CA GLU I 41 21.32 99.17 -22.84
C GLU I 41 20.84 97.91 -23.59
N GLU I 42 21.59 97.40 -24.57
CA GLU I 42 21.20 96.15 -25.24
C GLU I 42 21.15 95.01 -24.24
N VAL I 43 22.16 94.91 -23.35
CA VAL I 43 22.10 93.96 -22.25
C VAL I 43 20.87 94.22 -21.39
N ALA I 44 20.57 95.47 -21.03
CA ALA I 44 19.42 95.77 -20.19
C ALA I 44 18.13 95.23 -20.81
N ARG I 45 17.95 95.38 -22.12
CA ARG I 45 16.81 94.82 -22.85
C ARG I 45 16.83 93.28 -22.86
N LYS I 46 17.99 92.65 -23.01
CA LYS I 46 18.10 91.18 -22.89
C LYS I 46 17.70 90.71 -21.49
N ALA I 47 18.21 91.36 -20.46
CA ALA I 47 17.91 91.01 -19.08
C ALA I 47 16.44 91.23 -18.76
N GLU I 48 15.87 92.37 -19.17
CA GLU I 48 14.44 92.64 -19.07
C GLU I 48 13.62 91.52 -19.73
N SER I 49 14.05 91.07 -20.90
CA SER I 49 13.37 90.00 -21.63
C SER I 49 13.32 88.71 -20.82
N ILE I 50 14.44 88.31 -20.20
CA ILE I 50 14.46 87.14 -19.32
C ILE I 50 13.65 87.42 -18.05
N ALA I 51 13.69 88.64 -17.52
CA ALA I 51 12.96 89.00 -16.31
C ALA I 51 11.44 88.85 -16.49
N ARG I 52 10.90 89.22 -17.67
CA ARG I 52 9.49 88.97 -17.99
C ARG I 52 9.16 87.46 -17.95
N LYS I 53 10.01 86.61 -18.54
CA LYS I 53 9.85 85.14 -18.44
C LYS I 53 9.81 84.70 -16.98
N ALA I 54 10.82 85.09 -16.22
CA ALA I 54 10.94 84.69 -14.81
C ALA I 54 9.71 85.13 -13.99
N ARG I 55 9.17 86.33 -14.26
CA ARG I 55 7.95 86.83 -13.61
C ARG I 55 6.77 85.91 -13.81
N LYS I 56 6.60 85.34 -15.01
CA LYS I 56 5.53 84.37 -15.29
C LYS I 56 5.82 82.98 -14.72
N GLU I 57 7.03 82.46 -14.93
CA GLU I 57 7.36 81.08 -14.55
C GLU I 57 7.61 80.86 -13.05
N GLY I 58 7.90 81.92 -12.29
CA GLY I 58 8.00 81.86 -10.83
C GLY I 58 9.31 81.27 -10.27
N ASN I 59 10.36 81.11 -11.08
CA ASN I 59 11.71 80.87 -10.57
C ASN I 59 12.29 82.20 -10.05
N LEU I 60 12.14 82.45 -8.75
CA LEU I 60 12.59 83.70 -8.14
C LEU I 60 14.11 83.86 -8.19
N GLU I 61 14.89 82.78 -8.11
CA GLU I 61 16.34 82.88 -8.19
C GLU I 61 16.80 83.47 -9.52
N LEU I 62 16.20 83.05 -10.64
CA LEU I 62 16.44 83.69 -11.94
C LEU I 62 16.03 85.16 -11.91
N ALA I 63 14.89 85.50 -11.31
CA ALA I 63 14.47 86.89 -11.21
C ALA I 63 15.50 87.73 -10.43
N LEU I 64 15.97 87.23 -9.29
CA LEU I 64 17.01 87.91 -8.53
C LEU I 64 18.31 88.02 -9.33
N LYS I 65 18.74 86.96 -10.01
CA LYS I 65 19.91 87.02 -10.90
C LYS I 65 19.74 88.12 -11.95
N ALA I 66 18.60 88.15 -12.63
CA ALA I 66 18.31 89.15 -13.65
C ALA I 66 18.29 90.56 -13.04
N LEU I 67 17.66 90.75 -11.90
CA LEU I 67 17.67 92.03 -11.21
C LEU I 67 19.09 92.44 -10.85
N GLU I 68 19.92 91.54 -10.34
CA GLU I 68 21.31 91.87 -10.00
C GLU I 68 22.10 92.27 -11.24
N ILE I 69 21.89 91.57 -12.36
CA ILE I 69 22.48 91.99 -13.62
C ILE I 69 21.96 93.38 -13.98
N LEU I 70 20.66 93.64 -13.86
CA LEU I 70 20.09 94.95 -14.16
C LEU I 70 20.73 96.02 -13.28
N VAL I 71 20.96 95.75 -12.01
CA VAL I 71 21.69 96.64 -11.13
C VAL I 71 23.11 96.86 -11.65
N ARG I 72 23.84 95.79 -11.95
CA ARG I 72 25.22 95.90 -12.43
C ARG I 72 25.27 96.74 -13.71
N ALA I 73 24.35 96.49 -14.63
CA ALA I 73 24.23 97.26 -15.86
C ALA I 73 23.90 98.72 -15.56
N ALA I 74 22.93 98.98 -14.68
CA ALA I 74 22.61 100.32 -14.29
C ALA I 74 23.83 101.01 -13.66
N HIS I 75 24.61 100.31 -12.86
CA HIS I 75 25.79 100.87 -12.21
C HIS I 75 26.79 101.38 -13.25
N VAL I 76 27.15 100.54 -14.22
CA VAL I 76 28.08 100.99 -15.27
C VAL I 76 27.44 102.10 -16.12
N LEU I 77 26.14 102.00 -16.46
CA LEU I 77 25.44 103.06 -17.17
C LEU I 77 25.51 104.38 -16.41
N ALA I 78 25.36 104.32 -15.09
CA ALA I 78 25.43 105.49 -14.22
C ALA I 78 26.86 106.05 -14.16
N GLU I 79 27.88 105.21 -14.05
CA GLU I 79 29.26 105.70 -14.15
C GLU I 79 29.49 106.43 -15.48
N ILE I 80 29.03 105.86 -16.59
CA ILE I 80 29.16 106.47 -17.92
C ILE I 80 28.41 107.80 -17.94
N ALA I 81 27.16 107.82 -17.49
CA ALA I 81 26.34 109.02 -17.48
C ALA I 81 26.97 110.13 -16.63
N ARG I 82 27.53 109.80 -15.47
CA ARG I 82 28.16 110.75 -14.54
C ARG I 82 29.41 111.39 -15.12
N GLU I 83 30.24 110.64 -15.84
CA GLU I 83 31.37 111.21 -16.57
C GLU I 83 30.91 112.04 -17.78
N ARG I 84 29.93 111.57 -18.55
CA ARG I 84 29.47 112.22 -19.78
C ARG I 84 28.59 113.46 -19.55
N GLY I 85 27.93 113.53 -18.40
CA GLY I 85 27.00 114.61 -18.03
C GLY I 85 25.64 114.54 -18.72
N ASN I 86 25.34 113.47 -19.46
CA ASN I 86 24.09 113.33 -20.22
C ASN I 86 22.88 113.03 -19.32
N GLU I 87 21.78 113.76 -19.49
CA GLU I 87 20.55 113.51 -18.73
C GLU I 87 19.82 112.25 -19.15
N GLU I 88 19.76 111.92 -20.44
CA GLU I 88 18.88 110.85 -20.93
C GLU I 88 19.31 109.47 -20.44
N LEU I 89 20.61 109.24 -20.28
CA LEU I 89 21.10 108.06 -19.57
C LEU I 89 20.61 108.06 -18.11
N GLN I 90 20.65 109.20 -17.42
CA GLN I 90 20.17 109.30 -16.02
C GLN I 90 18.66 109.09 -15.92
N LYS I 91 17.87 109.63 -16.87
CA LYS I 91 16.42 109.38 -16.96
C LYS I 91 16.14 107.89 -17.18
N LYS I 92 16.79 107.25 -18.15
CA LYS I 92 16.64 105.81 -18.42
C LYS I 92 17.02 104.96 -17.21
N ALA I 93 18.15 105.28 -16.57
CA ALA I 93 18.58 104.61 -15.35
C ALA I 93 17.55 104.78 -14.23
N HIS I 94 17.06 105.99 -13.98
CA HIS I 94 16.04 106.25 -12.96
C HIS I 94 14.76 105.45 -13.24
N LYS I 95 14.26 105.46 -14.49
CA LYS I 95 13.11 104.66 -14.91
C LYS I 95 13.32 103.18 -14.59
N LEU I 96 14.45 102.62 -15.03
CA LEU I 96 14.78 101.22 -14.76
C LEU I 96 14.86 100.95 -13.27
N ALA I 97 15.50 101.83 -12.49
CA ALA I 97 15.67 101.65 -11.06
C ALA I 97 14.33 101.67 -10.32
N LYS I 98 13.45 102.63 -10.61
CA LYS I 98 12.13 102.70 -9.99
C LYS I 98 11.31 101.45 -10.31
N GLU I 99 11.34 100.99 -11.55
CA GLU I 99 10.66 99.76 -11.94
C GLU I 99 11.24 98.53 -11.25
N ALA I 100 12.57 98.43 -11.18
CA ALA I 100 13.23 97.37 -10.44
C ALA I 100 12.84 97.40 -8.95
N LEU I 101 12.75 98.58 -8.34
CA LEU I 101 12.34 98.71 -6.95
C LEU I 101 10.93 98.16 -6.77
N ARG I 102 9.99 98.52 -7.65
CA ARG I 102 8.65 97.92 -7.64
C ARG I 102 8.73 96.40 -7.78
N GLN I 103 9.40 95.91 -8.81
CA GLN I 103 9.46 94.48 -9.08
C GLN I 103 10.08 93.71 -7.91
N VAL I 104 11.21 94.18 -7.37
CA VAL I 104 11.87 93.49 -6.27
C VAL I 104 11.00 93.52 -5.03
N ILE I 105 10.27 94.61 -4.78
CA ILE I 105 9.31 94.65 -3.68
C ILE I 105 8.22 93.60 -3.90
N GLU I 106 7.64 93.52 -5.09
CA GLU I 106 6.60 92.51 -5.39
C GLU I 106 7.14 91.09 -5.22
N ILE I 107 8.34 90.84 -5.75
CA ILE I 107 9.05 89.58 -5.55
C ILE I 107 9.26 89.32 -4.05
N ALA I 108 9.66 90.31 -3.27
CA ALA I 108 9.90 90.15 -1.84
C ALA I 108 8.62 89.84 -1.07
N ILE I 109 7.52 90.51 -1.40
CA ILE I 109 6.22 90.18 -0.82
C ILE I 109 5.88 88.73 -1.16
N ARG I 110 6.04 88.31 -2.43
CA ARG I 110 5.79 86.92 -2.82
C ARG I 110 6.67 85.96 -2.04
N ALA I 111 7.97 86.24 -1.93
CA ALA I 111 8.93 85.39 -1.22
C ALA I 111 8.57 85.24 0.27
N ILE I 112 8.11 86.32 0.92
CA ILE I 112 7.63 86.30 2.30
C ILE I 112 6.36 85.45 2.39
N GLN I 113 5.42 85.59 1.46
CA GLN I 113 4.22 84.77 1.41
C GLN I 113 4.53 83.27 1.16
N GLU I 114 5.54 82.96 0.36
CA GLU I 114 6.01 81.58 0.16
C GLU I 114 6.85 81.02 1.33
N GLY I 115 7.41 81.89 2.18
CA GLY I 115 8.38 81.52 3.21
C GLY I 115 9.81 81.26 2.69
N ASN I 116 10.11 81.63 1.44
CA ASN I 116 11.45 81.53 0.83
C ASN I 116 12.36 82.69 1.28
N LEU I 117 12.50 82.88 2.60
CA LEU I 117 13.12 84.05 3.20
C LEU I 117 14.59 84.24 2.80
N GLU I 118 15.27 83.18 2.38
CA GLU I 118 16.63 83.24 1.85
C GLU I 118 16.67 84.10 0.60
N LEU I 119 15.76 83.84 -0.33
CA LEU I 119 15.60 84.65 -1.53
C LEU I 119 15.20 86.06 -1.12
N ALA I 120 14.28 86.23 -0.18
CA ALA I 120 13.89 87.56 0.28
C ALA I 120 15.09 88.35 0.82
N ILE I 121 15.98 87.72 1.59
CA ILE I 121 17.20 88.33 2.07
C ILE I 121 18.08 88.77 0.90
N ILE I 122 18.33 87.87 -0.06
CA ILE I 122 19.15 88.21 -1.23
C ILE I 122 18.50 89.37 -2.00
N ALA I 123 17.19 89.32 -2.17
CA ALA I 123 16.42 90.36 -2.83
C ALA I 123 16.55 91.69 -2.10
N LEU I 124 16.52 91.67 -0.77
CA LEU I 124 16.62 92.89 0.00
C LEU I 124 18.03 93.48 -0.13
N HIS I 125 19.05 92.63 -0.20
CA HIS I 125 20.40 93.06 -0.55
C HIS I 125 20.43 93.71 -1.94
N ILE I 126 19.84 93.06 -2.93
CA ILE I 126 19.71 93.66 -4.27
C ILE I 126 18.98 95.00 -4.17
N SER I 127 17.92 95.11 -3.37
CA SER I 127 17.21 96.36 -3.18
C SER I 127 18.12 97.44 -2.62
N VAL I 128 18.92 97.12 -1.60
CA VAL I 128 19.91 98.09 -1.12
C VAL I 128 20.90 98.44 -2.22
N ARG I 129 21.29 97.51 -3.08
CA ARG I 129 22.11 97.86 -4.24
C ARG I 129 21.36 98.73 -5.26
N ILE I 130 20.06 98.57 -5.44
CA ILE I 130 19.25 99.54 -6.17
C ILE I 130 19.33 100.88 -5.46
N ALA I 131 19.30 100.90 -4.13
CA ALA I 131 19.47 102.14 -3.40
C ALA I 131 20.84 102.76 -3.67
N GLU I 132 21.92 101.99 -3.85
CA GLU I 132 23.20 102.56 -4.29
C GLU I 132 23.06 103.26 -5.63
N VAL I 133 22.37 102.62 -6.58
CA VAL I 133 22.12 103.24 -7.89
C VAL I 133 21.30 104.52 -7.71
N LEU I 134 20.22 104.49 -6.94
CA LEU I 134 19.39 105.66 -6.72
C LEU I 134 20.20 106.78 -6.05
N LEU I 135 20.97 106.45 -5.01
CA LEU I 135 21.77 107.39 -4.27
C LEU I 135 22.79 108.07 -5.18
N GLU I 136 23.49 107.31 -6.00
CA GLU I 136 24.39 107.90 -6.98
C GLU I 136 23.63 108.73 -8.01
N THR I 137 22.42 108.33 -8.39
CA THR I 137 21.62 109.02 -9.42
C THR I 137 21.24 110.43 -8.97
N ARG I 138 20.60 110.56 -7.81
CA ARG I 138 20.10 111.83 -7.26
C ARG I 138 20.14 111.81 -5.72
N PRO I 139 21.28 112.15 -5.09
CA PRO I 139 21.45 112.13 -3.64
C PRO I 139 20.71 113.25 -2.88
N ASP I 140 20.08 114.19 -3.61
CA ASP I 140 19.29 115.30 -3.06
C ASP I 140 17.81 114.96 -2.80
N ASP I 141 17.23 113.95 -3.46
CA ASP I 141 15.86 113.49 -3.18
C ASP I 141 15.81 112.58 -1.95
N ARG I 142 15.93 113.22 -0.78
CA ARG I 142 15.86 112.55 0.52
C ARG I 142 14.56 111.77 0.72
N GLU I 143 13.47 112.17 0.09
CA GLU I 143 12.17 111.50 0.26
C GLU I 143 12.12 110.17 -0.50
N GLU I 144 12.59 110.09 -1.74
CA GLU I 144 12.65 108.80 -2.44
C GLU I 144 13.55 107.81 -1.70
N ILE I 145 14.68 108.30 -1.19
CA ILE I 145 15.56 107.49 -0.35
C ILE I 145 14.82 107.05 0.91
N ARG I 146 14.18 107.99 1.61
CA ARG I 146 13.40 107.70 2.83
C ARG I 146 12.31 106.67 2.56
N GLU I 147 11.64 106.72 1.41
CA GLU I 147 10.62 105.74 1.02
C GLU I 147 11.23 104.35 0.89
N GLN I 148 12.30 104.22 0.10
CA GLN I 148 12.98 102.93 0.00
C GLN I 148 13.42 102.45 1.38
N GLN I 149 14.03 103.32 2.18
CA GLN I 149 14.52 102.96 3.51
C GLN I 149 13.38 102.61 4.47
N ALA I 150 12.24 103.26 4.40
CA ALA I 150 11.09 102.90 5.21
C ALA I 150 10.62 101.49 4.84
N ILE I 151 10.47 101.23 3.55
CA ILE I 151 10.05 99.91 3.09
C ILE I 151 11.08 98.87 3.52
N PHE I 152 12.36 99.19 3.41
CA PHE I 152 13.43 98.33 3.92
C PHE I 152 13.25 98.07 5.40
N GLU I 153 13.13 99.10 6.23
CA GLU I 153 13.03 98.93 7.67
C GLU I 153 11.78 98.12 8.06
N LEU I 154 10.68 98.32 7.35
CA LEU I 154 9.50 97.50 7.51
C LEU I 154 9.79 96.04 7.15
N LEU I 155 10.36 95.79 5.97
CA LEU I 155 10.70 94.44 5.54
C LEU I 155 11.66 93.78 6.54
N ILE I 156 12.66 94.50 7.03
CA ILE I 156 13.58 94.00 8.05
C ILE I 156 12.82 93.65 9.31
N ALA I 157 11.95 94.52 9.82
CA ALA I 157 11.19 94.21 11.01
C ALA I 157 10.36 92.94 10.80
N ALA I 158 9.71 92.82 9.64
CA ALA I 158 8.93 91.64 9.30
C ALA I 158 9.81 90.39 9.22
N LEU I 159 10.97 90.49 8.58
CA LEU I 159 11.93 89.39 8.55
C LEU I 159 12.43 89.04 9.96
N GLU I 160 12.70 90.00 10.83
CA GLU I 160 13.12 89.74 12.21
C GLU I 160 12.06 88.91 12.93
N ALA I 161 10.80 89.36 12.87
CA ALA I 161 9.71 88.60 13.45
C ALA I 161 9.61 87.20 12.81
N ALA I 162 9.73 87.12 11.49
CA ALA I 162 9.59 85.87 10.77
C ALA I 162 10.66 84.85 11.20
N ILE I 163 11.92 85.26 11.19
CA ILE I 163 13.02 84.35 11.50
C ILE I 163 13.06 84.04 13.00
N ARG I 164 12.71 84.99 13.86
CA ARG I 164 12.51 84.74 15.30
C ARG I 164 11.46 83.64 15.51
N LEU I 165 10.32 83.72 14.81
CA LEU I 165 9.29 82.70 14.88
C LEU I 165 9.75 81.36 14.26
N GLU I 166 10.46 81.38 13.14
CA GLU I 166 11.04 80.17 12.56
C GLU I 166 11.98 79.48 13.55
N LYS I 167 12.76 80.26 14.30
CA LYS I 167 13.61 79.73 15.38
C LYS I 167 12.79 79.07 16.47
N LEU I 168 11.66 79.65 16.86
CA LEU I 168 10.72 78.98 17.77
C LEU I 168 10.18 77.67 17.16
N LYS I 169 9.88 77.60 15.85
CA LYS I 169 9.44 76.36 15.19
C LYS I 169 10.55 75.31 15.16
N GLU I 170 11.79 75.73 14.88
CA GLU I 170 12.97 74.87 14.93
C GLU I 170 13.20 74.31 16.34
N GLU I 171 13.03 75.13 17.38
CA GLU I 171 13.12 74.72 18.79
C GLU I 171 11.96 73.83 19.26
N GLY I 172 10.83 73.82 18.55
CA GLY I 172 9.59 73.19 19.03
C GLY I 172 9.02 73.89 20.27
N ALA I 173 9.10 75.22 20.31
CA ALA I 173 8.70 76.07 21.44
C ALA I 173 7.22 75.88 21.85
N PRO I 174 6.84 76.14 23.12
CA PRO I 174 5.47 76.01 23.57
C PRO I 174 4.57 77.10 22.96
N PRO I 175 3.31 76.79 22.62
CA PRO I 175 2.39 77.74 21.99
C PRO I 175 2.26 79.08 22.72
N GLU I 176 2.34 79.11 24.05
CA GLU I 176 2.26 80.34 24.83
C GLU I 176 3.44 81.28 24.56
N GLN I 177 4.64 80.75 24.34
CA GLN I 177 5.78 81.56 23.94
C GLN I 177 5.61 82.05 22.49
N ILE I 178 5.10 81.20 21.60
CA ILE I 178 4.73 81.59 20.23
C ILE I 178 3.72 82.75 20.24
N GLU I 179 2.72 82.70 21.10
CA GLU I 179 1.73 83.78 21.24
C GLU I 179 2.41 85.10 21.62
N ARG I 180 3.27 85.10 22.64
CA ARG I 180 3.96 86.32 23.07
C ARG I 180 4.85 86.89 21.96
N VAL I 181 5.55 86.02 21.22
CA VAL I 181 6.35 86.44 20.07
C VAL I 181 5.46 87.05 18.99
N ALA I 182 4.35 86.40 18.63
CA ALA I 182 3.44 86.92 17.61
C ALA I 182 2.88 88.29 18.00
N GLU I 183 2.42 88.42 19.24
CA GLU I 183 1.93 89.68 19.79
C GLU I 183 2.99 90.78 19.73
N HIS I 184 4.20 90.51 20.23
CA HIS I 184 5.29 91.48 20.19
C HIS I 184 5.61 91.90 18.75
N GLY I 185 5.64 90.95 17.82
CA GLY I 185 5.87 91.21 16.41
C GLY I 185 4.81 92.12 15.81
N LEU I 186 3.52 91.78 15.97
CA LEU I 186 2.44 92.59 15.46
C LEU I 186 2.42 93.98 16.10
N GLU I 187 2.70 94.09 17.41
CA GLU I 187 2.81 95.39 18.06
C GLU I 187 3.93 96.25 17.46
N ARG I 188 5.14 95.70 17.30
CA ARG I 188 6.23 96.46 16.66
C ARG I 188 5.80 96.90 15.27
N LEU I 189 5.23 95.99 14.48
CA LEU I 189 4.76 96.32 13.13
C LEU I 189 3.73 97.44 13.16
N LYS I 190 2.80 97.44 14.11
CA LYS I 190 1.81 98.51 14.25
C LYS I 190 2.48 99.85 14.54
N GLU I 191 3.37 99.90 15.53
CA GLU I 191 4.10 101.14 15.85
C GLU I 191 4.94 101.61 14.65
N ILE I 192 5.67 100.70 14.00
CA ILE I 192 6.49 101.01 12.84
C ILE I 192 5.63 101.54 11.69
N ALA I 193 4.50 100.90 11.39
CA ALA I 193 3.61 101.35 10.34
C ALA I 193 3.08 102.76 10.63
N LYS I 194 2.70 103.02 11.89
CA LYS I 194 2.30 104.38 12.31
C LYS I 194 3.46 105.35 12.11
N GLU I 195 4.67 105.01 12.54
CA GLU I 195 5.83 105.88 12.35
C GLU I 195 6.12 106.17 10.87
N ILE I 196 6.06 105.17 10.00
CA ILE I 196 6.24 105.34 8.55
C ILE I 196 5.13 106.25 8.00
N SER I 197 3.90 106.02 8.43
CA SER I 197 2.74 106.82 8.04
C SER I 197 2.89 108.30 8.40
N LYS I 198 3.75 108.68 9.37
CA LYS I 198 4.04 110.10 9.65
C LYS I 198 4.62 110.84 8.45
N GLU I 199 5.32 110.14 7.56
CA GLU I 199 6.14 110.78 6.52
C GLU I 199 5.73 110.38 5.10
N VAL I 200 5.26 109.16 4.86
CA VAL I 200 4.98 108.69 3.49
C VAL I 200 3.66 109.22 2.94
N ASP I 201 3.62 109.52 1.63
CA ASP I 201 2.42 109.98 0.93
C ASP I 201 2.21 109.33 -0.46
N SER I 202 3.15 108.53 -0.96
CA SER I 202 2.92 107.76 -2.18
C SER I 202 1.81 106.72 -1.94
N PRO I 203 0.74 106.72 -2.74
CA PRO I 203 -0.31 105.70 -2.65
C PRO I 203 0.26 104.30 -2.87
N GLU I 204 1.16 104.16 -3.84
CA GLU I 204 1.83 102.89 -4.12
C GLU I 204 2.64 102.44 -2.90
N SER I 205 3.36 103.34 -2.26
CA SER I 205 4.10 103.03 -1.03
C SER I 205 3.14 102.56 0.07
N LYS I 206 2.05 103.28 0.30
CA LYS I 206 1.06 102.84 1.29
C LYS I 206 0.49 101.47 0.93
N ARG I 207 0.19 101.20 -0.35
CA ARG I 207 -0.27 99.88 -0.82
C ARG I 207 0.74 98.81 -0.46
N ILE I 208 1.99 99.03 -0.84
CA ILE I 208 3.10 98.15 -0.48
C ILE I 208 3.11 97.92 1.03
N ALA I 209 3.14 98.98 1.82
CA ALA I 209 3.28 98.89 3.26
C ALA I 209 2.16 98.04 3.88
N TYR I 210 0.91 98.32 3.50
CA TYR I 210 -0.19 97.54 4.05
C TYR I 210 -0.09 96.08 3.64
N LYS I 211 0.17 95.80 2.36
CA LYS I 211 0.30 94.40 1.91
C LYS I 211 1.43 93.70 2.63
N ILE I 212 2.54 94.39 2.91
CA ILE I 212 3.62 93.80 3.71
C ILE I 212 3.11 93.45 5.11
N VAL I 213 2.47 94.39 5.82
CA VAL I 213 1.97 94.09 7.17
C VAL I 213 1.03 92.90 7.12
N ALA I 214 0.16 92.85 6.12
CA ALA I 214 -0.72 91.71 5.93
C ALA I 214 0.06 90.42 5.69
N ALA I 215 1.04 90.43 4.79
CA ALA I 215 1.87 89.25 4.55
C ALA I 215 2.59 88.79 5.83
N ALA I 216 3.03 89.72 6.67
CA ALA I 216 3.67 89.37 7.94
C ALA I 216 2.67 88.68 8.86
N ALA I 217 1.46 89.22 9.01
CA ALA I 217 0.41 88.53 9.76
C ALA I 217 0.13 87.15 9.16
N GLU I 218 0.04 87.04 7.83
CA GLU I 218 -0.23 85.78 7.14
C GLU I 218 0.85 84.74 7.46
N PHE I 219 2.13 85.13 7.37
CA PHE I 219 3.24 84.27 7.70
C PHE I 219 3.15 83.82 9.17
N LEU I 220 2.92 84.76 10.09
CA LEU I 220 2.73 84.44 11.51
C LEU I 220 1.64 83.38 11.68
N LEU I 221 0.49 83.58 11.05
CA LEU I 221 -0.64 82.65 11.13
C LEU I 221 -0.24 81.28 10.59
N LYS I 222 0.29 81.22 9.37
CA LYS I 222 0.66 79.94 8.76
C LYS I 222 1.71 79.20 9.57
N ILE I 223 2.75 79.89 10.03
CA ILE I 223 3.82 79.23 10.80
C ILE I 223 3.31 78.81 12.17
N LEU I 224 2.46 79.59 12.82
CA LEU I 224 1.80 79.16 14.06
C LEU I 224 1.00 77.88 13.80
N ALA I 225 0.26 77.81 12.69
CA ALA I 225 -0.52 76.62 12.33
C ALA I 225 0.38 75.41 11.99
N GLU I 226 1.49 75.60 11.29
CA GLU I 226 2.47 74.54 11.05
C GLU I 226 3.09 74.03 12.36
N GLY I 227 3.44 74.93 13.28
CA GLY I 227 3.99 74.57 14.60
C GLY I 227 2.95 73.86 15.48
N GLY I 228 1.68 74.12 15.25
CA GLY I 228 0.56 73.62 16.05
C GLY I 228 0.32 74.45 17.29
N ALA I 229 -0.96 74.67 17.62
CA ALA I 229 -1.43 75.44 18.76
C ALA I 229 -2.85 75.01 19.16
N THR I 230 -3.30 75.39 20.35
CA THR I 230 -4.68 75.12 20.78
C THR I 230 -5.69 75.90 19.94
N PRO I 231 -6.94 75.42 19.76
CA PRO I 231 -8.00 76.19 19.11
C PRO I 231 -8.21 77.58 19.73
N GLU I 232 -8.08 77.70 21.06
CA GLU I 232 -8.18 79.00 21.75
C GLU I 232 -7.04 79.93 21.36
N GLN I 233 -5.81 79.43 21.31
CA GLN I 233 -4.68 80.23 20.83
C GLN I 233 -4.87 80.67 19.37
N LEU I 234 -5.30 79.75 18.50
CA LEU I 234 -5.61 80.06 17.10
C LEU I 234 -6.63 81.19 17.00
N GLU I 235 -7.71 81.12 17.76
CA GLU I 235 -8.70 82.20 17.87
C GLU I 235 -8.04 83.50 18.36
N ARG I 236 -7.41 83.50 19.54
CA ARG I 236 -6.88 84.72 20.18
C ARG I 236 -5.90 85.44 19.27
N VAL I 237 -4.97 84.71 18.66
CA VAL I 237 -4.02 85.31 17.72
C VAL I 237 -4.76 85.80 16.48
N THR I 238 -5.70 85.02 15.94
CA THR I 238 -6.46 85.45 14.75
C THR I 238 -7.17 86.76 15.01
N GLU I 239 -7.90 86.87 16.11
CA GLU I 239 -8.62 88.10 16.46
C GLU I 239 -7.64 89.26 16.64
N HIS I 240 -6.60 89.05 17.43
CA HIS I 240 -5.59 90.09 17.65
C HIS I 240 -4.97 90.55 16.32
N ALA I 241 -4.65 89.63 15.42
CA ALA I 241 -4.07 89.96 14.12
C ALA I 241 -5.07 90.72 13.25
N LEU I 242 -6.31 90.26 13.14
CA LEU I 242 -7.35 90.99 12.43
C LEU I 242 -7.51 92.40 13.01
N GLU I 243 -7.51 92.54 14.35
CA GLU I 243 -7.64 93.82 15.03
C GLU I 243 -6.49 94.76 14.69
N VAL I 244 -5.26 94.26 14.74
CA VAL I 244 -4.08 95.01 14.30
C VAL I 244 -4.26 95.42 12.84
N LEU I 245 -4.65 94.50 11.97
CA LEU I 245 -4.84 94.82 10.56
C LEU I 245 -5.91 95.89 10.39
N LYS I 246 -6.99 95.85 11.17
CA LYS I 246 -8.01 96.87 11.17
C LYS I 246 -7.43 98.22 11.56
N GLU I 247 -6.77 98.33 12.72
CA GLU I 247 -6.28 99.65 13.13
C GLU I 247 -5.16 100.16 12.21
N VAL I 248 -4.29 99.29 11.73
CA VAL I 248 -3.27 99.68 10.73
C VAL I 248 -3.95 100.11 9.42
N ALA I 249 -5.03 99.47 9.01
CA ALA I 249 -5.79 99.96 7.86
C ALA I 249 -6.41 101.33 8.16
N LYS I 250 -6.97 101.53 9.35
CA LYS I 250 -7.57 102.80 9.77
C LYS I 250 -6.56 103.95 9.72
N GLU I 251 -5.31 103.68 10.10
CA GLU I 251 -4.24 104.67 9.98
C GLU I 251 -3.79 104.88 8.52
N LEU I 252 -3.50 103.81 7.79
CA LEU I 252 -2.87 103.92 6.47
C LEU I 252 -3.86 104.33 5.36
N ALA I 253 -5.14 103.97 5.46
CA ALA I 253 -6.10 104.25 4.38
C ALA I 253 -6.32 105.75 4.16
N ASP I 254 -6.45 106.15 2.89
CA ASP I 254 -6.73 107.54 2.49
C ASP I 254 -7.59 107.65 1.21
N SER I 255 -7.99 106.53 0.61
CA SER I 255 -8.87 106.49 -0.55
C SER I 255 -9.72 105.21 -0.60
N PRO I 256 -10.83 105.19 -1.34
CA PRO I 256 -11.61 103.97 -1.53
C PRO I 256 -10.78 102.80 -2.05
N GLU I 257 -9.84 103.04 -2.97
CA GLU I 257 -8.96 102.01 -3.51
C GLU I 257 -8.05 101.44 -2.44
N SER I 258 -7.54 102.28 -1.53
CA SER I 258 -6.77 101.78 -0.38
C SER I 258 -7.63 100.85 0.48
N GLY I 259 -8.92 101.17 0.63
CA GLY I 259 -9.89 100.29 1.24
C GLY I 259 -10.02 98.96 0.52
N LEU I 260 -10.15 98.97 -0.82
CA LEU I 260 -10.29 97.74 -1.60
C LEU I 260 -9.17 96.76 -1.25
N ALA I 261 -7.93 97.22 -1.35
CA ALA I 261 -6.78 96.42 -0.98
C ALA I 261 -6.87 95.97 0.49
N ALA I 262 -7.13 96.91 1.40
CA ALA I 262 -7.10 96.63 2.82
C ALA I 262 -8.07 95.51 3.18
N LEU I 263 -9.34 95.65 2.82
CA LEU I 263 -10.30 94.61 3.17
C LEU I 263 -10.04 93.34 2.37
N ALA I 264 -9.58 93.41 1.12
CA ALA I 264 -9.24 92.20 0.39
C ALA I 264 -8.21 91.37 1.17
N ALA I 265 -7.17 92.03 1.67
CA ALA I 265 -6.16 91.39 2.47
C ALA I 265 -6.74 90.87 3.79
N ILE I 266 -7.53 91.68 4.51
CA ILE I 266 -8.17 91.24 5.75
C ILE I 266 -8.99 89.99 5.51
N ALA I 267 -9.85 90.01 4.49
CA ALA I 267 -10.71 88.89 4.14
C ALA I 267 -9.88 87.67 3.78
N SER I 268 -8.78 87.86 3.06
CA SER I 268 -7.84 86.77 2.80
C SER I 268 -7.29 86.18 4.10
N LEU I 269 -6.89 87.02 5.06
CA LEU I 269 -6.38 86.56 6.34
C LEU I 269 -7.45 85.80 7.13
N ALA I 270 -8.67 86.32 7.15
CA ALA I 270 -9.78 85.63 7.80
C ALA I 270 -10.08 84.29 7.11
N LYS I 271 -10.09 84.25 5.77
CA LYS I 271 -10.33 83.03 4.99
C LYS I 271 -9.31 81.96 5.34
N LEU I 272 -8.04 82.35 5.37
CA LEU I 272 -6.96 81.50 5.84
C LEU I 272 -7.22 81.01 7.27
N GLY I 273 -7.53 81.92 8.20
CA GLY I 273 -7.78 81.57 9.60
C GLY I 273 -8.88 80.53 9.75
N LEU I 274 -10.01 80.76 9.07
CA LEU I 274 -11.13 79.83 9.02
C LEU I 274 -10.72 78.48 8.40
N GLU I 275 -9.96 78.49 7.31
CA GLU I 275 -9.48 77.27 6.68
C GLU I 275 -8.53 76.47 7.58
N GLN I 276 -7.70 77.14 8.38
CA GLN I 276 -6.90 76.47 9.40
C GLN I 276 -7.78 75.88 10.51
N LEU I 277 -8.79 76.62 11.01
CA LEU I 277 -9.76 76.08 11.96
C LEU I 277 -10.49 74.85 11.38
N LYS I 278 -10.84 74.88 10.10
CA LYS I 278 -11.44 73.74 9.37
C LYS I 278 -10.47 72.55 9.33
N GLU I 279 -9.21 72.78 9.01
CA GLU I 279 -8.18 71.73 8.99
C GLU I 279 -7.91 71.13 10.38
N ILE I 280 -7.88 71.95 11.44
CA ILE I 280 -7.74 71.48 12.83
C ILE I 280 -9.00 70.72 13.29
N GLY I 281 -10.17 71.02 12.72
CA GLY I 281 -11.44 70.45 13.17
C GLY I 281 -12.01 71.14 14.42
N ALA I 282 -11.79 72.46 14.54
CA ALA I 282 -12.25 73.26 15.67
C ALA I 282 -13.79 73.24 15.83
N PRO I 283 -14.33 73.43 17.05
CA PRO I 283 -15.76 73.34 17.29
C PRO I 283 -16.55 74.44 16.56
N PRO I 284 -17.78 74.16 16.07
CA PRO I 284 -18.47 75.01 15.10
C PRO I 284 -18.62 76.49 15.48
N GLU I 285 -18.73 76.84 16.76
CA GLU I 285 -18.86 78.22 17.22
C GLU I 285 -17.64 79.09 16.86
N GLN I 286 -16.45 78.50 16.78
CA GLN I 286 -15.24 79.24 16.43
C GLN I 286 -15.35 79.88 15.04
N GLN I 287 -16.02 79.18 14.11
CA GLN I 287 -16.31 79.71 12.77
C GLN I 287 -17.09 81.02 12.86
N ARG I 288 -18.11 81.06 13.72
CA ARG I 288 -18.95 82.24 13.97
C ARG I 288 -18.10 83.38 14.52
N ARG I 289 -17.35 83.12 15.59
CA ARG I 289 -16.53 84.13 16.29
C ARG I 289 -15.63 84.89 15.31
N VAL I 290 -14.87 84.14 14.51
CA VAL I 290 -13.98 84.71 13.50
C VAL I 290 -14.78 85.43 12.41
N THR I 291 -15.80 84.79 11.85
CA THR I 291 -16.56 85.35 10.72
C THR I 291 -17.19 86.69 11.10
N LYS I 292 -17.82 86.76 12.28
CA LYS I 292 -18.42 88.01 12.77
C LYS I 292 -17.35 89.05 13.01
N ALA I 293 -16.23 88.73 13.64
CA ALA I 293 -15.15 89.70 13.83
C ALA I 293 -14.67 90.26 12.48
N GLY I 294 -14.48 89.40 11.48
CA GLY I 294 -14.08 89.83 10.14
C GLY I 294 -15.11 90.75 9.51
N ILE I 295 -16.37 90.34 9.50
CA ILE I 295 -17.46 91.15 8.97
C ILE I 295 -17.55 92.48 9.74
N GLU I 296 -17.36 92.49 11.06
CA GLU I 296 -17.30 93.73 11.85
C GLU I 296 -16.13 94.63 11.43
N ALA I 297 -14.97 94.08 11.08
CA ALA I 297 -13.91 94.88 10.49
C ALA I 297 -14.32 95.44 9.12
N VAL I 298 -14.94 94.64 8.26
CA VAL I 298 -15.45 95.09 6.96
C VAL I 298 -16.42 96.25 7.16
N ARG I 299 -17.37 96.09 8.07
CA ARG I 299 -18.32 97.12 8.52
C ARG I 299 -17.61 98.38 8.99
N GLU I 300 -16.63 98.27 9.89
CA GLU I 300 -15.99 99.44 10.46
C GLU I 300 -15.15 100.21 9.43
N ILE I 301 -14.40 99.52 8.57
CA ILE I 301 -13.65 100.21 7.53
C ILE I 301 -14.59 100.75 6.44
N TYR I 302 -15.67 100.04 6.09
CA TYR I 302 -16.72 100.58 5.24
C TYR I 302 -17.27 101.90 5.80
N ARG I 303 -17.63 101.94 7.08
CA ARG I 303 -18.14 103.13 7.77
C ARG I 303 -17.11 104.25 7.78
N TYR I 304 -15.87 103.95 8.19
CA TYR I 304 -14.78 104.91 8.18
C TYR I 304 -14.55 105.49 6.77
N GLY I 305 -14.70 104.65 5.74
CA GLY I 305 -14.57 104.99 4.33
C GLY I 305 -15.51 106.11 3.84
N ARG I 306 -16.60 106.42 4.55
CA ARG I 306 -17.45 107.59 4.22
C ARG I 306 -16.69 108.92 4.33
N LYS I 307 -15.60 108.98 5.12
CA LYS I 307 -14.68 110.13 5.18
C LYS I 307 -13.63 110.14 4.04
N LEU I 308 -13.49 109.05 3.29
CA LEU I 308 -12.51 108.90 2.20
C LEU I 308 -13.15 109.03 0.79
N TYR I 309 -14.43 108.69 0.66
CA TYR I 309 -15.16 108.63 -0.62
C TYR I 309 -15.41 110.01 -1.26
N CYS J 3 67.17 -71.56 4.00
CA CYS J 3 66.15 -70.55 3.59
C CYS J 3 66.49 -69.13 4.07
N ASP J 4 66.75 -68.92 5.37
CA ASP J 4 66.68 -67.62 6.08
C ASP J 4 67.29 -66.41 5.38
N ALA J 5 68.39 -66.54 4.62
CA ALA J 5 68.97 -65.43 3.87
C ALA J 5 67.97 -64.78 2.88
N ILE J 6 67.04 -65.56 2.32
CA ILE J 6 65.97 -65.03 1.45
C ILE J 6 65.00 -64.17 2.28
N GLN J 7 64.70 -64.55 3.53
CA GLN J 7 63.83 -63.75 4.41
C GLN J 7 64.49 -62.44 4.84
N ALA J 8 65.82 -62.45 5.06
CA ALA J 8 66.57 -61.21 5.24
C ALA J 8 66.50 -60.30 3.99
N ALA J 9 66.65 -60.88 2.79
CA ALA J 9 66.46 -60.12 1.56
C ALA J 9 65.03 -59.59 1.42
N ALA J 10 64.01 -60.37 1.81
CA ALA J 10 62.62 -59.92 1.81
C ALA J 10 62.38 -58.75 2.78
N ALA J 11 63.03 -58.74 3.94
CA ALA J 11 63.00 -57.58 4.83
C ALA J 11 63.58 -56.33 4.16
N LEU J 12 64.68 -56.44 3.42
CA LEU J 12 65.22 -55.33 2.62
C LEU J 12 64.26 -54.91 1.48
N GLY J 13 63.57 -55.86 0.87
CA GLY J 13 62.51 -55.59 -0.11
C GLY J 13 61.33 -54.81 0.49
N GLU J 14 60.87 -55.18 1.68
CA GLU J 14 59.81 -54.45 2.40
C GLU J 14 60.27 -53.06 2.87
N ALA J 15 61.55 -52.89 3.21
CA ALA J 15 62.18 -51.58 3.42
C ALA J 15 62.34 -50.75 2.13
N GLY J 16 62.05 -51.31 0.95
CA GLY J 16 62.10 -50.62 -0.34
C GLY J 16 63.49 -50.53 -0.98
N ILE J 17 64.47 -51.30 -0.50
CA ILE J 17 65.83 -51.31 -1.05
C ILE J 17 65.81 -51.95 -2.45
N SER J 18 66.42 -51.32 -3.46
CA SER J 18 66.39 -51.84 -4.84
C SER J 18 67.21 -53.12 -5.00
N SER J 19 66.92 -53.94 -6.01
CA SER J 19 67.65 -55.20 -6.24
C SER J 19 69.15 -55.00 -6.44
N ASN J 20 69.57 -53.96 -7.17
CA ASN J 20 71.00 -53.64 -7.33
C ASN J 20 71.66 -53.23 -6.00
N GLU J 21 70.95 -52.51 -5.13
CA GLU J 21 71.43 -52.20 -3.78
C GLU J 21 71.49 -53.45 -2.89
N ILE J 22 70.49 -54.34 -2.94
CA ILE J 22 70.56 -55.61 -2.21
C ILE J 22 71.76 -56.43 -2.69
N LEU J 23 72.03 -56.49 -4.00
CA LEU J 23 73.22 -57.18 -4.53
C LEU J 23 74.52 -56.55 -4.02
N GLU J 24 74.62 -55.22 -3.99
CA GLU J 24 75.78 -54.54 -3.40
C GLU J 24 75.91 -54.84 -1.90
N LEU J 25 74.81 -54.79 -1.15
CA LEU J 25 74.79 -55.10 0.28
C LEU J 25 75.18 -56.55 0.52
N LEU J 26 74.71 -57.47 -0.31
CA LEU J 26 75.13 -58.87 -0.25
C LEU J 26 76.61 -59.05 -0.64
N ALA J 27 77.14 -58.27 -1.58
CA ALA J 27 78.57 -58.29 -1.89
C ALA J 27 79.40 -57.90 -0.65
N ALA J 28 78.99 -56.83 0.03
CA ALA J 28 79.61 -56.43 1.29
C ALA J 28 79.40 -57.49 2.38
N ALA J 29 78.20 -58.03 2.53
CA ALA J 29 77.92 -59.02 3.56
C ALA J 29 78.79 -60.27 3.40
N ALA J 30 79.05 -60.69 2.17
CA ALA J 30 79.98 -61.76 1.84
C ALA J 30 81.43 -61.36 2.22
N GLU J 31 81.95 -60.24 1.71
CA GLU J 31 83.32 -59.78 2.01
C GLU J 31 83.57 -59.69 3.53
N LEU J 32 82.65 -59.06 4.24
CA LEU J 32 82.73 -58.80 5.67
C LEU J 32 82.31 -60.02 6.51
N GLY J 33 81.87 -61.12 5.88
CA GLY J 33 81.51 -62.36 6.55
C GLY J 33 80.37 -62.21 7.57
N LEU J 34 79.36 -61.39 7.26
CA LEU J 34 78.33 -61.01 8.22
C LEU J 34 77.42 -62.18 8.62
N ASP J 35 77.22 -62.33 9.92
CA ASP J 35 76.24 -63.27 10.51
C ASP J 35 74.79 -62.80 10.28
N PRO J 36 73.79 -63.71 10.41
CA PRO J 36 72.38 -63.37 10.19
C PRO J 36 71.87 -62.20 11.04
N ASP J 37 72.32 -62.08 12.29
CA ASP J 37 71.89 -60.98 13.19
C ASP J 37 72.53 -59.64 12.80
N ALA J 38 73.79 -59.60 12.36
CA ALA J 38 74.38 -58.39 11.77
C ALA J 38 73.66 -57.96 10.48
N ILE J 39 73.26 -58.91 9.63
CA ILE J 39 72.44 -58.60 8.44
C ILE J 39 71.04 -58.12 8.85
N GLN J 40 70.41 -58.73 9.85
CA GLN J 40 69.12 -58.27 10.38
C GLN J 40 69.23 -56.86 10.97
N ALA J 41 70.32 -56.54 11.67
CA ALA J 41 70.60 -55.18 12.13
C ALA J 41 70.75 -54.20 10.95
N ALA J 42 71.40 -54.60 9.86
CA ALA J 42 71.44 -53.80 8.64
C ALA J 42 70.03 -53.58 8.05
N ALA J 43 69.18 -54.61 8.04
CA ALA J 43 67.79 -54.47 7.63
C ALA J 43 67.01 -53.54 8.57
N GLN J 44 67.24 -53.60 9.89
CA GLN J 44 66.62 -52.69 10.85
C GLN J 44 67.08 -51.25 10.68
N LEU J 45 68.35 -51.00 10.33
CA LEU J 45 68.85 -49.68 9.91
C LEU J 45 68.14 -49.20 8.64
N GLY J 46 67.87 -50.10 7.70
CA GLY J 46 67.06 -49.81 6.51
C GLY J 46 65.62 -49.42 6.86
N GLU J 47 64.94 -50.16 7.75
CA GLU J 47 63.60 -49.82 8.24
C GLU J 47 63.58 -48.49 8.98
N ALA J 48 64.63 -48.17 9.73
CA ALA J 48 64.85 -46.85 10.35
C ALA J 48 65.14 -45.72 9.33
N GLY J 49 65.35 -46.05 8.06
CA GLY J 49 65.55 -45.09 6.96
C GLY J 49 67.00 -44.68 6.71
N ILE J 50 67.98 -45.37 7.31
CA ILE J 50 69.40 -45.14 7.03
C ILE J 50 69.70 -45.59 5.59
N SER J 51 70.44 -44.79 4.82
CA SER J 51 70.66 -45.06 3.38
C SER J 51 71.56 -46.28 3.13
N SER J 52 71.44 -46.87 1.93
CA SER J 52 72.26 -48.01 1.51
C SER J 52 73.76 -47.67 1.54
N GLU J 53 74.12 -46.49 1.07
CA GLU J 53 75.48 -45.98 1.11
C GLU J 53 76.01 -45.88 2.56
N GLU J 54 75.21 -45.32 3.47
CA GLU J 54 75.58 -45.28 4.89
C GLU J 54 75.71 -46.67 5.49
N ILE J 55 74.80 -47.60 5.19
CA ILE J 55 74.88 -48.96 5.71
C ILE J 55 76.19 -49.61 5.26
N LYS J 56 76.60 -49.45 4.00
CA LYS J 56 77.86 -49.99 3.51
C LYS J 56 79.05 -49.46 4.32
N GLU J 57 79.07 -48.15 4.60
CA GLU J 57 80.08 -47.60 5.48
C GLU J 57 79.97 -48.10 6.93
N LEU J 58 78.76 -48.17 7.49
CA LEU J 58 78.53 -48.65 8.85
C LEU J 58 79.04 -50.07 9.02
N LEU J 59 78.74 -50.94 8.06
CA LEU J 59 79.23 -52.31 8.05
C LEU J 59 80.76 -52.35 7.89
N ARG J 60 81.33 -51.56 6.97
CA ARG J 60 82.80 -51.47 6.82
C ARG J 60 83.45 -51.10 8.15
N ALA J 61 82.94 -50.06 8.80
CA ALA J 61 83.48 -49.62 10.08
C ALA J 61 83.33 -50.68 11.15
N ALA J 62 82.17 -51.34 11.25
CA ALA J 62 81.96 -52.39 12.25
C ALA J 62 83.00 -53.51 12.09
N HIS J 63 83.30 -53.88 10.85
CA HIS J 63 84.36 -54.84 10.54
C HIS J 63 85.75 -54.30 10.88
N GLU J 64 86.12 -53.11 10.41
CA GLU J 64 87.44 -52.53 10.66
C GLU J 64 87.71 -52.27 12.15
N LEU J 65 86.69 -51.98 12.95
CA LEU J 65 86.77 -51.93 14.40
C LEU J 65 86.83 -53.33 15.02
N GLY J 66 86.11 -54.29 14.45
CA GLY J 66 85.88 -55.60 15.06
C GLY J 66 84.79 -55.53 16.14
N LEU J 67 83.71 -54.78 15.88
CA LEU J 67 82.54 -54.75 16.77
C LEU J 67 81.89 -56.12 16.88
N ASP J 68 81.42 -56.49 18.06
CA ASP J 68 80.68 -57.74 18.26
C ASP J 68 79.22 -57.62 17.75
N PRO J 69 78.52 -58.74 17.51
CA PRO J 69 77.15 -58.72 17.00
C PRO J 69 76.15 -57.98 17.88
N ASP J 70 76.32 -57.98 19.21
CA ASP J 70 75.39 -57.28 20.09
C ASP J 70 75.62 -55.76 20.04
N ALA J 71 76.87 -55.31 19.90
CA ALA J 71 77.16 -53.91 19.59
C ALA J 71 76.56 -53.51 18.23
N ILE J 72 76.66 -54.37 17.21
CA ILE J 72 76.03 -54.13 15.92
C ILE J 72 74.50 -54.10 16.05
N ALA J 73 73.90 -54.98 16.87
CA ALA J 73 72.48 -54.91 17.16
C ALA J 73 72.10 -53.60 17.86
N ALA J 74 72.89 -53.16 18.84
CA ALA J 74 72.68 -51.88 19.50
C ALA J 74 72.82 -50.69 18.53
N ALA J 75 73.63 -50.81 17.47
CA ALA J 75 73.69 -49.80 16.41
C ALA J 75 72.33 -49.64 15.72
N ALA J 76 71.62 -50.74 15.45
CA ALA J 76 70.27 -50.66 14.88
C ALA J 76 69.26 -50.06 15.88
N ASP J 77 69.41 -50.30 17.18
CA ASP J 77 68.57 -49.65 18.20
C ASP J 77 68.84 -48.14 18.31
N LEU J 78 70.11 -47.71 18.20
CA LEU J 78 70.45 -46.29 18.02
C LEU J 78 69.84 -45.73 16.72
N GLY J 79 69.80 -46.53 15.66
CA GLY J 79 69.11 -46.19 14.41
C GLY J 79 67.61 -45.97 14.62
N GLN J 80 66.93 -46.85 15.35
CA GLN J 80 65.52 -46.69 15.70
C GLN J 80 65.27 -45.51 16.66
N ALA J 81 66.23 -45.18 17.52
CA ALA J 81 66.22 -43.93 18.29
C ALA J 81 66.43 -42.66 17.42
N GLY J 82 66.71 -42.81 16.12
CA GLY J 82 66.88 -41.70 15.18
C GLY J 82 68.25 -41.03 15.24
N VAL J 83 69.25 -41.67 15.86
CA VAL J 83 70.62 -41.14 15.93
C VAL J 83 71.27 -41.13 14.54
N SER J 84 71.97 -40.05 14.18
CA SER J 84 72.62 -39.92 12.88
C SER J 84 73.82 -40.87 12.74
N PRO J 85 74.09 -41.32 11.51
CA PRO J 85 74.98 -42.47 11.30
C PRO J 85 76.41 -42.23 11.79
N VAL J 86 76.94 -41.02 11.64
CA VAL J 86 78.22 -40.69 12.24
C VAL J 86 78.17 -40.75 13.77
N GLU J 87 77.08 -40.32 14.42
CA GLU J 87 77.01 -40.41 15.88
C GLU J 87 76.85 -41.84 16.34
N ILE J 88 76.17 -42.69 15.57
CA ILE J 88 76.23 -44.13 15.80
C ILE J 88 77.70 -44.57 15.77
N LEU J 89 78.43 -44.23 14.70
CA LEU J 89 79.83 -44.62 14.58
C LEU J 89 80.67 -44.13 15.76
N ALA J 90 80.46 -42.91 16.22
CA ALA J 90 81.21 -42.39 17.35
C ALA J 90 80.92 -43.21 18.60
N LEU J 91 79.64 -43.42 18.93
CA LEU J 91 79.26 -44.11 20.14
C LEU J 91 79.86 -45.51 20.14
N LEU J 92 79.76 -46.22 19.02
CA LEU J 92 80.35 -47.54 18.88
C LEU J 92 81.88 -47.46 19.06
N ILE J 93 82.55 -46.59 18.31
CA ILE J 93 84.01 -46.45 18.38
C ILE J 93 84.45 -46.16 19.81
N ALA J 94 83.81 -45.21 20.46
CA ALA J 94 84.17 -44.81 21.80
C ALA J 94 83.99 -45.96 22.78
N ALA J 95 82.84 -46.62 22.77
CA ALA J 95 82.59 -47.73 23.67
C ALA J 95 83.65 -48.82 23.48
N SER J 96 84.02 -49.10 22.24
CA SER J 96 85.04 -50.08 21.89
C SER J 96 86.42 -49.67 22.43
N VAL J 97 86.86 -48.43 22.23
CA VAL J 97 88.14 -47.94 22.74
C VAL J 97 88.18 -47.89 24.27
N LEU J 98 87.08 -47.53 24.91
CA LEU J 98 86.93 -47.58 26.37
C LEU J 98 86.81 -49.02 26.90
N GLY J 99 86.57 -50.01 26.03
CA GLY J 99 86.35 -51.39 26.41
C GLY J 99 84.98 -51.67 27.06
N LEU J 100 84.02 -50.77 26.87
CA LEU J 100 82.66 -50.88 27.40
C LEU J 100 81.85 -51.95 26.66
N ASP J 101 80.85 -52.51 27.34
CA ASP J 101 80.07 -53.66 26.87
C ASP J 101 78.76 -53.25 26.14
N PRO J 102 78.07 -54.19 25.46
CA PRO J 102 76.83 -53.90 24.77
C PRO J 102 75.73 -53.35 25.68
N ASP J 103 75.68 -53.73 26.95
CA ASP J 103 74.71 -53.17 27.89
C ASP J 103 74.97 -51.68 28.12
N ALA J 104 76.24 -51.27 28.23
CA ALA J 104 76.60 -49.86 28.25
C ALA J 104 76.21 -49.17 26.93
N ILE J 105 76.38 -49.81 25.77
CA ILE J 105 75.90 -49.24 24.50
C ILE J 105 74.37 -49.13 24.49
N GLN J 106 73.64 -50.09 25.04
CA GLN J 106 72.19 -49.99 25.21
C GLN J 106 71.81 -48.86 26.18
N ALA J 107 72.58 -48.63 27.23
CA ALA J 107 72.40 -47.47 28.10
C ALA J 107 72.64 -46.16 27.33
N ALA J 108 73.63 -46.12 26.43
CA ALA J 108 73.81 -44.98 25.53
C ALA J 108 72.60 -44.81 24.59
N ALA J 109 72.01 -45.90 24.10
CA ALA J 109 70.77 -45.83 23.33
C ALA J 109 69.60 -45.27 24.16
N ALA J 110 69.46 -45.68 25.42
CA ALA J 110 68.49 -45.09 26.33
C ALA J 110 68.74 -43.60 26.57
N LEU J 111 69.99 -43.18 26.76
CA LEU J 111 70.35 -41.75 26.87
C LEU J 111 70.05 -40.99 25.57
N GLY J 112 70.23 -41.65 24.42
CA GLY J 112 69.84 -41.10 23.12
C GLY J 112 68.34 -40.92 22.98
N GLU J 113 67.53 -41.89 23.43
CA GLU J 113 66.07 -41.77 23.48
C GLU J 113 65.61 -40.70 24.49
N ALA J 114 66.35 -40.50 25.58
CA ALA J 114 66.17 -39.35 26.49
C ALA J 114 66.65 -38.02 25.88
N GLY J 115 67.26 -38.04 24.70
CA GLY J 115 67.67 -36.85 23.94
C GLY J 115 68.98 -36.22 24.42
N ILE J 116 69.78 -36.93 25.22
CA ILE J 116 71.06 -36.41 25.72
C ILE J 116 72.06 -36.28 24.56
N SER J 117 72.86 -35.22 24.53
CA SER J 117 73.82 -34.98 23.44
C SER J 117 74.92 -36.04 23.43
N ALA J 118 75.46 -36.33 22.25
CA ALA J 118 76.51 -37.35 22.10
C ALA J 118 77.75 -36.99 22.92
N GLU J 119 78.13 -35.71 22.96
CA GLU J 119 79.23 -35.25 23.82
C GLU J 119 78.95 -35.60 25.29
N GLU J 120 77.77 -35.29 25.80
CA GLU J 120 77.43 -35.57 27.19
C GLU J 120 77.37 -37.08 27.47
N ILE J 121 76.85 -37.88 26.56
CA ILE J 121 76.89 -39.35 26.69
C ILE J 121 78.35 -39.80 26.78
N ILE J 122 79.19 -39.37 25.84
CA ILE J 122 80.59 -39.76 25.81
C ILE J 122 81.33 -39.33 27.07
N GLU J 123 81.12 -38.10 27.53
CA GLU J 123 81.71 -37.62 28.78
C GLU J 123 81.18 -38.38 30.00
N LEU J 124 79.89 -38.73 30.05
CA LEU J 124 79.33 -39.57 31.12
C LEU J 124 80.00 -40.94 31.11
N LEU J 125 80.12 -41.59 29.95
CA LEU J 125 80.79 -42.88 29.84
C LEU J 125 82.27 -42.75 30.24
N THR J 126 82.97 -41.71 29.79
CA THR J 126 84.35 -41.43 30.19
C THR J 126 84.46 -41.28 31.70
N ALA J 127 83.59 -40.47 32.31
CA ALA J 127 83.60 -40.27 33.74
C ALA J 127 83.35 -41.57 34.51
N ALA J 128 82.36 -42.37 34.09
CA ALA J 128 82.07 -43.65 34.73
C ALA J 128 83.27 -44.61 34.64
N ARG J 129 83.92 -44.66 33.46
CA ARG J 129 85.13 -45.44 33.25
C ARG J 129 86.28 -44.98 34.15
N ASP J 130 86.52 -43.67 34.24
CA ASP J 130 87.56 -43.09 35.10
C ASP J 130 87.27 -43.25 36.61
N LEU J 131 86.01 -43.18 37.02
CA LEU J 131 85.57 -43.42 38.40
C LEU J 131 85.57 -44.91 38.78
N GLY J 132 85.69 -45.83 37.82
CA GLY J 132 85.59 -47.27 38.06
C GLY J 132 84.18 -47.74 38.41
N LEU J 133 83.16 -46.99 37.98
CA LEU J 133 81.75 -47.35 38.13
C LEU J 133 81.37 -48.51 37.20
N ASP J 134 80.36 -49.28 37.58
CA ASP J 134 79.92 -50.48 36.86
C ASP J 134 78.76 -50.19 35.89
N PRO J 135 78.43 -51.14 34.97
CA PRO J 135 77.31 -50.97 34.04
C PRO J 135 75.97 -50.67 34.72
N ASP J 136 75.74 -51.19 35.93
CA ASP J 136 74.54 -50.84 36.71
C ASP J 136 74.54 -49.37 37.12
N ALA J 137 75.66 -48.82 37.59
CA ALA J 137 75.76 -47.37 37.84
C ALA J 137 75.58 -46.56 36.54
N ILE J 138 76.08 -47.04 35.40
CA ILE J 138 75.79 -46.41 34.11
C ILE J 138 74.27 -46.47 33.81
N GLN J 139 73.61 -47.60 34.04
CA GLN J 139 72.16 -47.72 33.84
C GLN J 139 71.38 -46.80 34.80
N ALA J 140 71.84 -46.65 36.04
CA ALA J 140 71.26 -45.67 36.96
C ALA J 140 71.49 -44.22 36.49
N ALA J 141 72.65 -43.92 35.88
CA ALA J 141 72.86 -42.63 35.23
C ALA J 141 71.88 -42.42 34.07
N ALA J 142 71.60 -43.45 33.27
CA ALA J 142 70.55 -43.39 32.25
C ALA J 142 69.16 -43.15 32.87
N GLN J 143 68.85 -43.76 34.02
CA GLN J 143 67.61 -43.45 34.74
C GLN J 143 67.56 -42.00 35.25
N LEU J 144 68.67 -41.41 35.70
CA LEU J 144 68.70 -39.97 36.01
C LEU J 144 68.50 -39.11 34.75
N GLY J 145 68.95 -39.59 33.59
CA GLY J 145 68.63 -39.01 32.29
C GLY J 145 67.13 -39.10 31.95
N GLU J 146 66.48 -40.23 32.26
CA GLU J 146 65.02 -40.37 32.12
C GLU J 146 64.26 -39.43 33.06
N ALA J 147 64.80 -39.20 34.27
CA ALA J 147 64.32 -38.16 35.20
C ALA J 147 64.68 -36.72 34.76
N GLY J 148 65.46 -36.54 33.68
CA GLY J 148 65.80 -35.23 33.11
C GLY J 148 66.84 -34.43 33.90
N ILE J 149 67.60 -35.07 34.79
CA ILE J 149 68.65 -34.39 35.58
C ILE J 149 69.75 -33.88 34.63
N SER J 150 70.26 -32.66 34.84
CA SER J 150 71.31 -32.10 33.98
C SER J 150 72.61 -32.89 34.10
N SER J 151 73.40 -32.97 33.04
CA SER J 151 74.56 -33.87 32.96
C SER J 151 75.61 -33.61 34.05
N GLU J 152 75.92 -32.36 34.36
CA GLU J 152 76.82 -32.03 35.48
C GLU J 152 76.21 -32.42 36.83
N GLU J 153 74.89 -32.28 37.02
CA GLU J 153 74.24 -32.72 38.24
C GLU J 153 74.25 -34.24 38.37
N ILE J 154 74.10 -34.98 37.26
CA ILE J 154 74.32 -36.43 37.25
C ILE J 154 75.74 -36.72 37.72
N LYS J 155 76.75 -36.04 37.16
CA LYS J 155 78.14 -36.22 37.59
C LYS J 155 78.34 -35.91 39.08
N GLU J 156 77.74 -34.85 39.61
CA GLU J 156 77.77 -34.57 41.05
C GLU J 156 77.07 -35.67 41.87
N LEU J 157 75.91 -36.14 41.44
CA LEU J 157 75.19 -37.24 42.11
C LEU J 157 76.03 -38.52 42.13
N LEU J 158 76.63 -38.88 41.00
CA LEU J 158 77.54 -40.02 40.91
C LEU J 158 78.75 -39.81 41.84
N ARG J 159 79.39 -38.63 41.80
CA ARG J 159 80.55 -38.31 42.65
C ARG J 159 80.22 -38.44 44.13
N ALA J 160 79.06 -37.91 44.54
CA ALA J 160 78.56 -38.06 45.88
C ALA J 160 78.32 -39.54 46.22
N ALA J 161 77.51 -40.25 45.43
CA ALA J 161 77.18 -41.65 45.70
C ALA J 161 78.41 -42.56 45.77
N HIS J 162 79.41 -42.29 44.93
CA HIS J 162 80.69 -42.99 44.89
C HIS J 162 81.50 -42.77 46.17
N GLU J 163 81.69 -41.53 46.60
CA GLU J 163 82.35 -41.25 47.88
C GLU J 163 81.57 -41.81 49.08
N LEU J 164 80.25 -41.79 49.02
CA LEU J 164 79.35 -42.26 50.08
C LEU J 164 79.12 -43.78 50.07
N GLY J 165 79.63 -44.50 49.07
CA GLY J 165 79.52 -45.96 48.96
C GLY J 165 78.09 -46.49 48.84
N LEU J 166 77.18 -45.68 48.29
CA LEU J 166 75.77 -46.05 48.10
C LEU J 166 75.60 -46.97 46.88
N ASP J 167 74.62 -47.86 46.91
CA ASP J 167 74.32 -48.78 45.80
C ASP J 167 73.44 -48.15 44.70
N PRO J 168 73.50 -48.64 43.45
CA PRO J 168 72.69 -48.12 42.34
C PRO J 168 71.18 -48.07 42.62
N ASP J 169 70.64 -48.94 43.45
CA ASP J 169 69.23 -48.88 43.86
C ASP J 169 68.89 -47.59 44.61
N CYS J 170 69.82 -47.05 45.42
CA CYS J 170 69.65 -45.71 46.00
C CYS J 170 69.68 -44.62 44.92
N ILE J 171 70.51 -44.77 43.89
CA ILE J 171 70.54 -43.84 42.75
C ILE J 171 69.23 -43.92 41.95
N ALA J 172 68.65 -45.12 41.79
CA ALA J 172 67.35 -45.29 41.16
C ALA J 172 66.23 -44.60 41.97
N ALA J 173 66.23 -44.75 43.29
CA ALA J 173 65.29 -44.04 44.15
C ALA J 173 65.54 -42.51 44.15
N ALA J 174 66.78 -42.06 43.99
CA ALA J 174 67.08 -40.64 43.78
C ALA J 174 66.49 -40.12 42.46
N ALA J 175 66.48 -40.93 41.39
CA ALA J 175 65.78 -40.59 40.16
C ALA J 175 64.26 -40.39 40.39
N ASP J 176 63.64 -41.17 41.29
CA ASP J 176 62.26 -40.93 41.71
C ASP J 176 62.08 -39.64 42.54
N LEU J 177 63.06 -39.22 43.34
CA LEU J 177 63.04 -37.86 43.91
C LEU J 177 63.15 -36.78 42.82
N GLY J 178 63.86 -37.07 41.73
CA GLY J 178 63.85 -36.26 40.52
C GLY J 178 62.47 -36.20 39.87
N GLN J 179 61.74 -37.33 39.79
CA GLN J 179 60.35 -37.36 39.34
C GLN J 179 59.41 -36.56 40.26
N ALA J 180 59.68 -36.56 41.57
CA ALA J 180 59.01 -35.70 42.55
C ALA J 180 59.43 -34.21 42.49
N GLY J 181 60.41 -33.85 41.65
CA GLY J 181 60.83 -32.46 41.42
C GLY J 181 61.77 -31.86 42.47
N ILE J 182 62.37 -32.68 43.34
CA ILE J 182 63.27 -32.24 44.41
C ILE J 182 64.60 -31.70 43.82
N SER J 183 65.18 -30.64 44.40
CA SER J 183 66.47 -30.08 43.95
C SER J 183 67.65 -31.03 44.21
N SER J 184 68.70 -30.98 43.39
CA SER J 184 69.84 -31.92 43.51
C SER J 184 70.58 -31.85 44.85
N SER J 185 70.69 -30.67 45.48
CA SER J 185 71.23 -30.55 46.85
C SER J 185 70.34 -31.25 47.87
N GLU J 186 69.02 -31.07 47.79
CA GLU J 186 68.07 -31.74 48.69
C GLU J 186 67.98 -33.25 48.43
N ILE J 187 68.08 -33.71 47.17
CA ILE J 187 68.21 -35.13 46.86
C ILE J 187 69.45 -35.70 47.54
N THR J 188 70.57 -34.97 47.51
CA THR J 188 71.79 -35.38 48.20
C THR J 188 71.58 -35.46 49.72
N ALA J 189 70.90 -34.48 50.32
CA ALA J 189 70.53 -34.56 51.73
C ALA J 189 69.64 -35.78 52.02
N LEU J 190 68.63 -36.07 51.18
CA LEU J 190 67.73 -37.21 51.38
C LEU J 190 68.44 -38.55 51.16
N LEU J 191 69.36 -38.65 50.21
CA LEU J 191 70.27 -39.79 50.10
C LEU J 191 71.03 -40.00 51.41
N LEU J 192 71.66 -38.94 51.92
CA LEU J 192 72.45 -39.01 53.16
C LEU J 192 71.60 -39.43 54.35
N ALA J 193 70.42 -38.81 54.54
CA ALA J 193 69.54 -39.13 55.65
C ALA J 193 69.02 -40.57 55.58
N ALA J 194 68.58 -41.02 54.40
CA ALA J 194 68.13 -42.39 54.22
C ALA J 194 69.25 -43.39 54.55
N ALA J 195 70.45 -43.17 54.00
CA ALA J 195 71.61 -44.02 54.26
C ALA J 195 71.95 -44.05 55.76
N ALA J 196 72.08 -42.90 56.43
CA ALA J 196 72.39 -42.85 57.85
C ALA J 196 71.35 -43.58 58.70
N ILE J 197 70.06 -43.40 58.40
CA ILE J 197 69.00 -43.99 59.22
C ILE J 197 68.81 -45.48 58.92
N GLU J 198 68.98 -45.93 57.69
CA GLU J 198 69.03 -47.36 57.39
C GLU J 198 70.23 -48.02 58.10
N LEU J 199 71.42 -47.40 58.07
CA LEU J 199 72.59 -47.90 58.79
C LEU J 199 72.33 -47.90 60.30
N ALA J 200 71.72 -46.86 60.86
CA ALA J 200 71.38 -46.79 62.29
C ALA J 200 70.30 -47.79 62.75
N LYS J 201 69.73 -48.59 61.83
CA LYS J 201 68.88 -49.74 62.14
C LYS J 201 69.53 -51.08 61.79
N ARG J 202 70.29 -51.16 60.69
CA ARG J 202 71.13 -52.35 60.38
C ARG J 202 72.31 -52.53 61.35
N ALA J 203 72.76 -51.46 61.98
CA ALA J 203 73.79 -51.40 63.03
C ALA J 203 73.34 -50.41 64.12
N ASP J 204 72.44 -50.86 64.96
CA ASP J 204 71.65 -50.05 65.90
C ASP J 204 72.40 -49.65 67.19
N ASP J 205 73.65 -49.19 67.09
CA ASP J 205 74.38 -48.66 68.25
C ASP J 205 73.70 -47.38 68.78
N LYS J 206 73.37 -47.35 70.08
CA LYS J 206 72.76 -46.19 70.74
C LYS J 206 73.57 -44.90 70.56
N ASP J 207 74.90 -44.99 70.54
CA ASP J 207 75.75 -43.81 70.36
C ASP J 207 75.61 -43.26 68.94
N VAL J 208 75.61 -44.13 67.94
CA VAL J 208 75.30 -43.77 66.55
C VAL J 208 73.90 -43.18 66.48
N ARG J 209 72.90 -43.79 67.11
CA ARG J 209 71.51 -43.34 67.06
C ARG J 209 71.31 -41.96 67.70
N GLU J 210 71.97 -41.67 68.82
CA GLU J 210 71.96 -40.33 69.41
C GLU J 210 72.69 -39.31 68.53
N ILE J 211 73.84 -39.67 67.96
CA ILE J 211 74.55 -38.81 66.99
C ILE J 211 73.67 -38.54 65.77
N VAL J 212 73.00 -39.55 65.23
CA VAL J 212 72.08 -39.40 64.10
C VAL J 212 70.92 -38.49 64.48
N ARG J 213 70.31 -38.63 65.67
CA ARG J 213 69.29 -37.68 66.11
C ARG J 213 69.85 -36.27 66.17
N ASP J 214 70.99 -36.05 66.83
CA ASP J 214 71.61 -34.73 66.89
C ASP J 214 71.84 -34.14 65.49
N ALA J 215 72.36 -34.94 64.56
CA ALA J 215 72.61 -34.48 63.19
C ALA J 215 71.32 -34.15 62.44
N LEU J 216 70.32 -35.05 62.46
CA LEU J 216 69.04 -34.82 61.79
C LEU J 216 68.29 -33.63 62.42
N GLU J 217 68.32 -33.50 63.73
CA GLU J 217 67.66 -32.42 64.46
C GLU J 217 68.32 -31.07 64.13
N LEU J 218 69.66 -31.00 64.17
CA LEU J 218 70.42 -29.83 63.72
C LEU J 218 70.10 -29.49 62.26
N ALA J 219 70.12 -30.50 61.39
CA ALA J 219 69.82 -30.32 59.97
C ALA J 219 68.39 -29.79 59.75
N SER J 220 67.42 -30.29 60.50
CA SER J 220 66.02 -29.85 60.42
C SER J 220 65.86 -28.40 60.90
N ARG J 221 66.68 -27.95 61.85
CA ARG J 221 66.75 -26.53 62.26
C ARG J 221 67.58 -25.64 61.32
N SER J 222 68.49 -26.20 60.54
CA SER J 222 69.39 -25.44 59.67
C SER J 222 68.66 -24.75 58.50
N THR J 223 69.00 -23.47 58.26
CA THR J 223 68.65 -22.73 57.03
C THR J 223 69.71 -22.86 55.92
N ASN J 224 70.84 -23.53 56.20
CA ASN J 224 72.00 -23.65 55.32
C ASN J 224 72.18 -25.11 54.84
N ASP J 225 72.18 -25.36 53.53
CA ASP J 225 72.27 -26.72 52.97
C ASP J 225 73.70 -27.29 53.01
N GLU J 226 74.75 -26.47 53.00
CA GLU J 226 76.12 -26.93 53.16
C GLU J 226 76.33 -27.51 54.57
N VAL J 227 75.79 -26.83 55.59
CA VAL J 227 75.74 -27.36 56.96
C VAL J 227 74.95 -28.67 57.00
N ILE J 228 73.79 -28.74 56.33
CA ILE J 228 72.98 -29.97 56.28
C ILE J 228 73.79 -31.11 55.68
N ARG J 229 74.37 -30.92 54.49
CA ARG J 229 75.13 -31.97 53.84
C ARG J 229 76.36 -32.36 54.66
N LEU J 230 77.07 -31.41 55.28
CA LEU J 230 78.16 -31.72 56.20
C LEU J 230 77.70 -32.55 57.40
N ALA J 231 76.60 -32.16 58.05
CA ALA J 231 76.07 -32.87 59.22
C ALA J 231 75.57 -34.28 58.86
N LEU J 232 74.87 -34.43 57.73
CA LEU J 232 74.37 -35.72 57.29
C LEU J 232 75.48 -36.61 56.72
N GLU J 233 76.52 -36.06 56.10
CA GLU J 233 77.74 -36.81 55.76
C GLU J 233 78.47 -37.29 57.02
N ALA J 234 78.60 -36.44 58.04
CA ALA J 234 79.12 -36.87 59.33
C ALA J 234 78.27 -38.00 59.95
N ALA J 235 76.95 -37.91 59.84
CA ALA J 235 76.04 -38.97 60.30
C ALA J 235 76.25 -40.29 59.53
N VAL J 236 76.41 -40.24 58.21
CA VAL J 236 76.73 -41.44 57.40
C VAL J 236 78.09 -42.01 57.79
N LEU J 237 79.13 -41.20 57.90
CA LEU J 237 80.47 -41.68 58.27
C LEU J 237 80.49 -42.23 59.70
N ALA J 238 79.80 -41.60 60.65
CA ALA J 238 79.62 -42.15 61.99
C ALA J 238 78.89 -43.50 61.96
N ALA J 239 77.82 -43.63 61.18
CA ALA J 239 77.07 -44.87 61.04
C ALA J 239 77.83 -45.99 60.28
N ARG J 240 78.79 -45.63 59.42
CA ARG J 240 79.76 -46.58 58.83
C ARG J 240 80.89 -46.94 59.80
N SER J 241 81.25 -46.02 60.70
CA SER J 241 82.30 -46.23 61.71
C SER J 241 81.90 -47.25 62.79
N THR J 242 82.91 -47.80 63.47
CA THR J 242 82.76 -48.59 64.69
C THR J 242 83.74 -48.11 65.78
N ASP J 243 84.28 -46.89 65.66
CA ASP J 243 85.30 -46.36 66.55
C ASP J 243 84.71 -45.29 67.48
N SER J 244 84.75 -45.54 68.79
CA SER J 244 84.26 -44.63 69.81
C SER J 244 84.93 -43.25 69.76
N ASP J 245 86.20 -43.14 69.36
CA ASP J 245 86.83 -41.83 69.20
C ASP J 245 86.23 -41.07 68.02
N VAL J 246 85.95 -41.74 66.89
CA VAL J 246 85.28 -41.10 65.75
C VAL J 246 83.87 -40.68 66.14
N LEU J 247 83.15 -41.53 66.86
CA LEU J 247 81.84 -41.15 67.40
C LEU J 247 81.95 -39.94 68.34
N GLU J 248 82.85 -39.93 69.31
CA GLU J 248 83.00 -38.81 70.23
C GLU J 248 83.46 -37.52 69.53
N ILE J 249 84.32 -37.60 68.52
CA ILE J 249 84.70 -36.46 67.66
C ILE J 249 83.46 -35.89 66.96
N VAL J 250 82.63 -36.73 66.33
CA VAL J 250 81.39 -36.30 65.69
C VAL J 250 80.40 -35.74 66.74
N LYS J 251 80.30 -36.38 67.91
CA LYS J 251 79.46 -35.91 69.02
C LYS J 251 79.90 -34.52 69.48
N ASP J 252 81.20 -34.30 69.71
CA ASP J 252 81.71 -32.99 70.12
C ASP J 252 81.46 -31.91 69.07
N ALA J 253 81.58 -32.22 67.78
CA ALA J 253 81.25 -31.27 66.72
C ALA J 253 79.75 -30.91 66.71
N LEU J 254 78.85 -31.89 66.84
CA LEU J 254 77.41 -31.65 66.92
C LEU J 254 77.02 -30.95 68.22
N GLU J 255 77.67 -31.28 69.33
CA GLU J 255 77.46 -30.64 70.64
C GLU J 255 77.85 -29.16 70.58
N LEU J 256 79.02 -28.84 70.00
CA LEU J 256 79.41 -27.46 69.74
C LEU J 256 78.39 -26.76 68.84
N ALA J 257 77.88 -27.42 67.79
CA ALA J 257 76.84 -26.88 66.90
C ALA J 257 75.46 -26.72 67.58
N LYS J 258 75.21 -27.41 68.70
CA LYS J 258 74.04 -27.19 69.57
C LYS J 258 74.28 -26.04 70.55
N GLN J 259 75.45 -25.98 71.16
CA GLN J 259 75.82 -24.98 72.18
C GLN J 259 76.22 -23.60 71.60
N SER J 260 76.60 -23.51 70.33
CA SER J 260 76.97 -22.27 69.64
C SER J 260 76.39 -22.18 68.23
N THR J 261 76.01 -20.97 67.79
CA THR J 261 75.25 -20.73 66.54
C THR J 261 76.12 -20.29 65.34
N ASN J 262 77.43 -20.10 65.50
CA ASN J 262 78.31 -19.59 64.44
C ASN J 262 78.46 -20.60 63.28
N GLU J 263 77.89 -20.29 62.11
CA GLU J 263 77.89 -21.20 60.95
C GLU J 263 79.29 -21.55 60.43
N GLU J 264 80.29 -20.69 60.61
CA GLU J 264 81.65 -20.97 60.12
C GLU J 264 82.38 -21.92 61.07
N VAL J 265 82.28 -21.70 62.38
CA VAL J 265 82.73 -22.66 63.40
C VAL J 265 82.02 -24.00 63.21
N ILE J 266 80.72 -24.00 62.95
CA ILE J 266 79.94 -25.21 62.69
C ILE J 266 80.50 -25.94 61.46
N LYS J 267 80.66 -25.25 60.32
CA LYS J 267 81.21 -25.90 59.12
C LYS J 267 82.64 -26.39 59.34
N LEU J 268 83.49 -25.62 60.02
CA LEU J 268 84.83 -26.06 60.40
C LEU J 268 84.81 -27.31 61.26
N ALA J 269 83.97 -27.37 62.30
CA ALA J 269 83.87 -28.52 63.20
C ALA J 269 83.33 -29.77 62.48
N LEU J 270 82.25 -29.63 61.71
CA LEU J 270 81.70 -30.73 60.94
C LEU J 270 82.68 -31.20 59.86
N LYS J 271 83.33 -30.30 59.11
CA LYS J 271 84.34 -30.66 58.11
C LYS J 271 85.55 -31.33 58.73
N ALA J 272 86.04 -30.85 59.88
CA ALA J 272 87.10 -31.53 60.64
C ALA J 272 86.68 -32.94 61.05
N ALA J 273 85.46 -33.12 61.58
CA ALA J 273 84.96 -34.45 61.92
C ALA J 273 84.80 -35.36 60.69
N VAL J 274 84.27 -34.86 59.57
CA VAL J 274 84.14 -35.58 58.30
C VAL J 274 85.51 -36.02 57.77
N LEU J 275 86.47 -35.10 57.67
CA LEU J 275 87.83 -35.41 57.21
C LEU J 275 88.52 -36.40 58.17
N ALA J 276 88.36 -36.24 59.48
CA ALA J 276 88.88 -37.18 60.46
C ALA J 276 88.25 -38.58 60.30
N ALA J 277 86.95 -38.66 60.01
CA ALA J 277 86.24 -39.93 59.83
C ALA J 277 86.57 -40.62 58.49
N LYS J 278 86.86 -39.86 57.42
CA LYS J 278 87.40 -40.42 56.17
C LYS J 278 88.86 -40.84 56.31
N SER J 279 89.65 -40.11 57.11
CA SER J 279 91.04 -40.43 57.42
C SER J 279 91.17 -41.65 58.36
N THR J 280 92.39 -42.14 58.53
CA THR J 280 92.75 -43.30 59.37
C THR J 280 93.92 -43.04 60.31
N ASP J 281 94.52 -41.84 60.30
CA ASP J 281 95.68 -41.52 61.12
C ASP J 281 95.30 -41.25 62.58
N GLU J 282 95.68 -42.15 63.48
CA GLU J 282 95.39 -42.07 64.92
C GLU J 282 95.99 -40.81 65.58
N GLU J 283 97.09 -40.26 65.05
CA GLU J 283 97.67 -39.01 65.57
C GLU J 283 96.84 -37.79 65.16
N VAL J 284 96.27 -37.79 63.95
CA VAL J 284 95.31 -36.76 63.51
C VAL J 284 94.01 -36.88 64.31
N LEU J 285 93.52 -38.10 64.55
CA LEU J 285 92.35 -38.34 65.42
C LEU J 285 92.61 -37.83 66.85
N GLU J 286 93.76 -38.13 67.44
CA GLU J 286 94.12 -37.64 68.78
C GLU J 286 94.21 -36.11 68.83
N GLU J 287 94.93 -35.50 67.89
CA GLU J 287 95.05 -34.04 67.82
C GLU J 287 93.69 -33.36 67.56
N VAL J 288 92.82 -33.94 66.71
CA VAL J 288 91.46 -33.42 66.49
C VAL J 288 90.64 -33.52 67.77
N LYS J 289 90.71 -34.64 68.50
CA LYS J 289 89.99 -34.80 69.77
C LYS J 289 90.49 -33.80 70.82
N GLU J 290 91.79 -33.59 70.92
CA GLU J 290 92.36 -32.56 71.79
C GLU J 290 91.99 -31.14 71.33
N ALA J 291 92.00 -30.85 70.04
CA ALA J 291 91.54 -29.57 69.51
C ALA J 291 90.07 -29.30 69.86
N LEU J 292 89.21 -30.31 69.78
CA LEU J 292 87.82 -30.21 70.23
C LEU J 292 87.74 -29.99 71.75
N ARG J 293 88.59 -30.62 72.56
CA ARG J 293 88.67 -30.35 74.00
C ARG J 293 89.09 -28.91 74.27
N ARG J 294 90.15 -28.41 73.61
CA ARG J 294 90.58 -27.00 73.68
C ARG J 294 89.43 -26.06 73.30
N ALA J 295 88.68 -26.38 72.24
CA ALA J 295 87.54 -25.59 71.79
C ALA J 295 86.34 -25.58 72.77
N LYS J 296 86.08 -26.67 73.49
CA LYS J 296 85.05 -26.70 74.55
C LYS J 296 85.51 -25.98 75.83
N GLU J 297 86.78 -26.06 76.17
CA GLU J 297 87.33 -25.37 77.35
C GLU J 297 87.53 -23.86 77.15
N SER J 298 87.95 -23.42 75.96
CA SER J 298 88.14 -22.00 75.63
C SER J 298 86.84 -21.27 75.30
N THR J 299 86.83 -19.94 75.45
CA THR J 299 85.72 -19.04 75.07
C THR J 299 86.02 -18.18 73.85
N ASP J 300 87.26 -18.16 73.34
CA ASP J 300 87.65 -17.32 72.20
C ASP J 300 87.24 -17.93 70.86
N GLU J 301 86.27 -17.32 70.19
CA GLU J 301 85.75 -17.78 68.89
C GLU J 301 86.84 -17.83 67.81
N GLU J 302 87.84 -16.94 67.85
CA GLU J 302 88.96 -16.97 66.88
C GLU J 302 89.95 -18.11 67.18
N GLU J 303 90.12 -18.49 68.46
CA GLU J 303 90.93 -19.66 68.81
C GLU J 303 90.24 -20.95 68.37
N ILE J 304 88.92 -21.04 68.54
CA ILE J 304 88.12 -22.17 68.06
C ILE J 304 88.29 -22.33 66.54
N LYS J 305 88.18 -21.23 65.77
CA LYS J 305 88.42 -21.24 64.31
C LYS J 305 89.81 -21.75 63.98
N GLU J 306 90.86 -21.24 64.63
CA GLU J 306 92.24 -21.68 64.36
C GLU J 306 92.49 -23.15 64.69
N GLU J 307 92.08 -23.62 65.87
CA GLU J 307 92.33 -25.00 66.29
C GLU J 307 91.62 -26.02 65.37
N LEU J 308 90.49 -25.65 64.75
CA LEU J 308 89.85 -26.43 63.70
C LEU J 308 90.54 -26.24 62.32
N ARG J 309 90.90 -25.00 61.96
CA ARG J 309 91.55 -24.67 60.66
C ARG J 309 92.86 -25.43 60.45
N LYS J 310 93.65 -25.60 61.51
CA LYS J 310 94.89 -26.41 61.51
C LYS J 310 94.67 -27.83 60.99
N ALA J 311 93.54 -28.46 61.33
CA ALA J 311 93.17 -29.77 60.80
C ALA J 311 92.57 -29.65 59.38
N VAL J 312 91.62 -28.73 59.18
CA VAL J 312 90.85 -28.62 57.93
C VAL J 312 91.71 -28.26 56.71
N GLU J 313 92.75 -27.45 56.86
CA GLU J 313 93.67 -27.14 55.74
C GLU J 313 94.67 -28.28 55.43
N GLU J 314 94.96 -29.16 56.39
CA GLU J 314 95.96 -30.24 56.25
C GLU J 314 95.34 -31.58 55.79
N ALA J 315 94.12 -31.90 56.25
CA ALA J 315 93.48 -33.20 56.01
C ALA J 315 92.72 -33.31 54.67
N GLU J 316 92.48 -32.21 53.95
CA GLU J 316 91.71 -32.15 52.69
C GLU J 316 92.40 -32.81 51.48
N CYS K 3 67.88 -48.76 50.53
CA CYS K 3 67.24 -47.99 49.43
C CYS K 3 65.86 -47.44 49.81
N ASP K 4 64.91 -48.27 50.25
CA ASP K 4 63.47 -47.92 50.31
C ASP K 4 63.11 -46.70 51.18
N ALA K 5 63.96 -46.30 52.13
CA ALA K 5 63.76 -45.06 52.89
C ALA K 5 63.70 -43.83 51.97
N ILE K 6 64.42 -43.85 50.84
CA ILE K 6 64.35 -42.80 49.81
C ILE K 6 62.97 -42.81 49.13
N GLN K 7 62.38 -43.99 48.89
CA GLN K 7 61.05 -44.09 48.29
C GLN K 7 59.96 -43.59 49.24
N ALA K 8 60.12 -43.81 50.54
CA ALA K 8 59.27 -43.17 51.55
C ALA K 8 59.43 -41.64 51.53
N ALA K 9 60.67 -41.11 51.46
CA ALA K 9 60.89 -39.68 51.31
C ALA K 9 60.27 -39.12 50.01
N ALA K 10 60.32 -39.87 48.90
CA ALA K 10 59.66 -39.49 47.65
C ALA K 10 58.14 -39.43 47.79
N ALA K 11 57.52 -40.38 48.49
CA ALA K 11 56.10 -40.31 48.84
C ALA K 11 55.77 -39.05 49.66
N LEU K 12 56.60 -38.65 50.63
CA LEU K 12 56.42 -37.40 51.38
C LEU K 12 56.62 -36.15 50.49
N GLY K 13 57.54 -36.20 49.52
CA GLY K 13 57.73 -35.15 48.53
C GLY K 13 56.53 -34.99 47.59
N GLU K 14 55.95 -36.09 47.11
CA GLU K 14 54.69 -36.10 46.36
C GLU K 14 53.47 -35.67 47.21
N ALA K 15 53.50 -35.92 48.52
CA ALA K 15 52.55 -35.35 49.48
C ALA K 15 52.78 -33.86 49.79
N GLY K 16 53.86 -33.25 49.27
CA GLY K 16 54.16 -31.83 49.38
C GLY K 16 54.85 -31.39 50.69
N ILE K 17 55.38 -32.33 51.47
CA ILE K 17 56.09 -32.03 52.72
C ILE K 17 57.46 -31.39 52.41
N SER K 18 57.83 -30.28 53.09
CA SER K 18 59.09 -29.58 52.82
C SER K 18 60.31 -30.38 53.30
N SER K 19 61.50 -30.10 52.76
CA SER K 19 62.71 -30.87 53.09
C SER K 19 63.08 -30.83 54.57
N ASN K 20 63.01 -29.66 55.24
CA ASN K 20 63.21 -29.56 56.68
C ASN K 20 62.17 -30.38 57.48
N GLU K 21 60.91 -30.45 57.02
CA GLU K 21 59.90 -31.29 57.65
C GLU K 21 60.14 -32.80 57.41
N ILE K 22 60.56 -33.20 56.20
CA ILE K 22 60.97 -34.59 55.95
C ILE K 22 62.15 -34.97 56.85
N LEU K 23 63.16 -34.10 56.97
CA LEU K 23 64.27 -34.31 57.89
C LEU K 23 63.80 -34.40 59.35
N GLU K 24 62.82 -33.59 59.77
CA GLU K 24 62.28 -33.69 61.14
C GLU K 24 61.52 -35.02 61.34
N LEU K 25 60.71 -35.43 60.35
CA LEU K 25 60.03 -36.73 60.37
C LEU K 25 61.06 -37.87 60.40
N LEU K 26 62.16 -37.74 59.67
CA LEU K 26 63.27 -38.69 59.75
C LEU K 26 63.98 -38.62 61.11
N ALA K 27 64.13 -37.44 61.72
CA ALA K 27 64.68 -37.30 63.07
C ALA K 27 63.83 -38.07 64.10
N ALA K 28 62.51 -37.93 64.02
CA ALA K 28 61.60 -38.73 64.81
C ALA K 28 61.73 -40.22 64.46
N ALA K 29 61.73 -40.60 63.18
CA ALA K 29 61.83 -42.00 62.79
C ALA K 29 63.09 -42.68 63.37
N ALA K 30 64.22 -41.96 63.39
CA ALA K 30 65.45 -42.43 64.00
C ALA K 30 65.35 -42.55 65.54
N GLU K 31 64.92 -41.49 66.22
CA GLU K 31 64.83 -41.46 67.68
C GLU K 31 63.84 -42.52 68.21
N LEU K 32 62.67 -42.60 67.58
CA LEU K 32 61.60 -43.54 67.93
C LEU K 32 61.84 -44.95 67.35
N GLY K 33 62.89 -45.13 66.53
CA GLY K 33 63.28 -46.43 65.98
C GLY K 33 62.27 -47.06 65.02
N LEU K 34 61.61 -46.25 64.19
CA LEU K 34 60.49 -46.70 63.35
C LEU K 34 60.94 -47.61 62.20
N ASP K 35 60.21 -48.70 62.01
CA ASP K 35 60.33 -49.61 60.86
C ASP K 35 59.69 -49.03 59.58
N PRO K 36 59.99 -49.58 58.39
CA PRO K 36 59.44 -49.09 57.12
C PRO K 36 57.90 -49.06 57.05
N ASP K 37 57.19 -50.00 57.67
CA ASP K 37 55.73 -50.03 57.63
C ASP K 37 55.11 -48.97 58.55
N ALA K 38 55.71 -48.68 59.71
CA ALA K 38 55.32 -47.54 60.54
C ALA K 38 55.59 -46.20 59.83
N ILE K 39 56.73 -46.07 59.14
CA ILE K 39 57.02 -44.87 58.34
C ILE K 39 56.05 -44.76 57.16
N GLN K 40 55.73 -45.87 56.50
CA GLN K 40 54.71 -45.91 55.45
C GLN K 40 53.33 -45.50 55.97
N ALA K 41 52.95 -45.94 57.18
CA ALA K 41 51.72 -45.48 57.83
C ALA K 41 51.74 -43.96 58.05
N ALA K 42 52.88 -43.39 58.48
CA ALA K 42 53.03 -41.94 58.59
C ALA K 42 52.87 -41.24 57.23
N ALA K 43 53.44 -41.80 56.16
CA ALA K 43 53.23 -41.27 54.81
C ALA K 43 51.76 -41.36 54.39
N GLN K 44 51.05 -42.46 54.67
CA GLN K 44 49.63 -42.62 54.36
C GLN K 44 48.73 -41.71 55.21
N LEU K 45 49.11 -41.37 56.44
CA LEU K 45 48.47 -40.30 57.21
C LEU K 45 48.70 -38.93 56.56
N GLY K 46 49.88 -38.70 55.98
CA GLY K 46 50.14 -37.52 55.14
C GLY K 46 49.25 -37.47 53.89
N GLU K 47 49.05 -38.60 53.20
CA GLU K 47 48.09 -38.70 52.08
C GLU K 47 46.63 -38.49 52.53
N ALA K 48 46.28 -38.89 53.76
CA ALA K 48 45.00 -38.55 54.39
C ALA K 48 44.89 -37.07 54.83
N GLY K 49 45.96 -36.28 54.67
CA GLY K 49 45.98 -34.84 54.94
C GLY K 49 46.27 -34.45 56.39
N ILE K 50 46.73 -35.38 57.23
CA ILE K 50 47.16 -35.05 58.61
C ILE K 50 48.42 -34.18 58.55
N SER K 51 48.47 -33.08 59.31
CA SER K 51 49.60 -32.12 59.21
C SER K 51 50.91 -32.67 59.79
N SER K 52 52.04 -32.13 59.36
CA SER K 52 53.38 -32.61 59.71
C SER K 52 53.61 -32.66 61.22
N GLU K 53 53.28 -31.59 61.94
CA GLU K 53 53.45 -31.59 63.40
C GLU K 53 52.48 -32.55 64.09
N GLU K 54 51.24 -32.70 63.59
CA GLU K 54 50.34 -33.72 64.13
C GLU K 54 50.88 -35.14 63.91
N ILE K 55 51.48 -35.43 62.76
CA ILE K 55 52.12 -36.72 62.52
C ILE K 55 53.27 -36.92 63.51
N LYS K 56 54.09 -35.90 63.75
CA LYS K 56 55.17 -35.96 64.75
C LYS K 56 54.62 -36.28 66.14
N GLU K 57 53.57 -35.60 66.56
CA GLU K 57 52.90 -35.94 67.81
C GLU K 57 52.31 -37.36 67.78
N LEU K 58 51.70 -37.79 66.69
CA LEU K 58 51.09 -39.10 66.56
C LEU K 58 52.12 -40.21 66.71
N LEU K 59 53.25 -40.09 66.02
CA LEU K 59 54.35 -41.02 66.16
C LEU K 59 54.93 -40.98 67.58
N ARG K 60 55.12 -39.79 68.16
CA ARG K 60 55.61 -39.67 69.54
C ARG K 60 54.70 -40.42 70.50
N ALA K 61 53.40 -40.17 70.40
CA ALA K 61 52.40 -40.85 71.22
C ALA K 61 52.46 -42.36 71.00
N ALA K 62 52.51 -42.83 69.75
CA ALA K 62 52.58 -44.25 69.45
C ALA K 62 53.78 -44.93 70.12
N HIS K 63 54.94 -44.25 70.13
CA HIS K 63 56.13 -44.75 70.80
C HIS K 63 56.00 -44.72 72.33
N GLU K 64 55.51 -43.63 72.92
CA GLU K 64 55.32 -43.56 74.38
C GLU K 64 54.32 -44.61 74.86
N LEU K 65 53.27 -44.89 74.09
CA LEU K 65 52.32 -45.97 74.35
C LEU K 65 52.94 -47.36 74.12
N GLY K 66 53.94 -47.46 73.24
CA GLY K 66 54.49 -48.74 72.80
C GLY K 66 53.55 -49.48 71.85
N LEU K 67 52.82 -48.78 70.98
CA LEU K 67 51.96 -49.41 69.98
C LEU K 67 52.80 -50.28 69.02
N ASP K 68 52.29 -51.45 68.68
CA ASP K 68 52.92 -52.32 67.68
C ASP K 68 52.69 -51.80 66.24
N PRO K 69 53.45 -52.28 65.25
CA PRO K 69 53.34 -51.83 63.87
C PRO K 69 51.96 -52.02 63.24
N ASP K 70 51.20 -53.05 63.62
CA ASP K 70 49.87 -53.27 63.05
C ASP K 70 48.86 -52.29 63.67
N ALA K 71 48.98 -51.97 64.96
CA ALA K 71 48.21 -50.88 65.56
C ALA K 71 48.58 -49.54 64.89
N ILE K 72 49.85 -49.29 64.62
CA ILE K 72 50.27 -48.11 63.88
C ILE K 72 49.69 -48.12 62.45
N ALA K 73 49.66 -49.27 61.77
CA ALA K 73 49.02 -49.39 60.46
C ALA K 73 47.51 -49.12 60.56
N ALA K 74 46.84 -49.62 61.59
CA ALA K 74 45.44 -49.34 61.83
C ALA K 74 45.20 -47.84 62.09
N ALA K 75 46.17 -47.12 62.64
CA ALA K 75 46.09 -45.67 62.75
C ALA K 75 45.94 -45.02 61.37
N ALA K 76 46.71 -45.46 60.37
CA ALA K 76 46.55 -44.98 59.01
C ALA K 76 45.19 -45.39 58.41
N ASP K 77 44.64 -46.56 58.73
CA ASP K 77 43.29 -46.93 58.28
C ASP K 77 42.17 -46.13 58.95
N LEU K 78 42.31 -45.74 60.22
CA LEU K 78 41.43 -44.74 60.83
C LEU K 78 41.60 -43.37 60.14
N GLY K 79 42.80 -43.07 59.65
CA GLY K 79 43.06 -41.95 58.75
C GLY K 79 42.33 -42.07 57.40
N GLN K 80 42.33 -43.26 56.78
CA GLN K 80 41.55 -43.52 55.55
C GLN K 80 40.05 -43.33 55.80
N ALA K 81 39.56 -43.74 56.98
CA ALA K 81 38.18 -43.50 57.43
C ALA K 81 37.89 -42.01 57.78
N GLY K 82 38.90 -41.15 57.81
CA GLY K 82 38.75 -39.71 58.10
C GLY K 82 38.54 -39.36 59.58
N VAL K 83 38.89 -40.27 60.51
CA VAL K 83 38.80 -40.01 61.95
C VAL K 83 39.82 -38.91 62.34
N SER K 84 39.44 -37.98 63.24
CA SER K 84 40.34 -36.87 63.61
C SER K 84 41.60 -37.37 64.30
N PRO K 85 42.71 -36.67 64.11
CA PRO K 85 44.05 -37.14 64.52
C PRO K 85 44.11 -37.49 66.01
N VAL K 86 43.55 -36.65 66.85
CA VAL K 86 43.47 -36.92 68.28
C VAL K 86 42.56 -38.11 68.58
N GLU K 87 41.42 -38.25 67.89
CA GLU K 87 40.53 -39.41 68.09
C GLU K 87 41.19 -40.72 67.69
N ILE K 88 42.03 -40.73 66.66
CA ILE K 88 42.84 -41.90 66.34
C ILE K 88 43.66 -42.27 67.59
N LEU K 89 44.37 -41.30 68.15
CA LEU K 89 45.21 -41.54 69.32
C LEU K 89 44.40 -42.00 70.53
N ALA K 90 43.26 -41.39 70.76
CA ALA K 90 42.40 -41.80 71.86
C ALA K 90 41.89 -43.23 71.66
N LEU K 91 41.46 -43.60 70.45
CA LEU K 91 41.01 -44.95 70.16
C LEU K 91 42.13 -45.95 70.41
N LEU K 92 43.34 -45.63 69.96
CA LEU K 92 44.49 -46.49 70.21
C LEU K 92 44.80 -46.56 71.71
N ILE K 93 44.79 -45.43 72.43
CA ILE K 93 45.04 -45.43 73.88
C ILE K 93 44.04 -46.32 74.59
N ALA K 94 42.76 -46.18 74.28
CA ALA K 94 41.73 -47.00 74.89
C ALA K 94 41.91 -48.48 74.54
N ALA K 95 42.21 -48.80 73.29
CA ALA K 95 42.48 -50.17 72.88
C ALA K 95 43.63 -50.77 73.69
N SER K 96 44.67 -49.96 73.95
CA SER K 96 45.83 -50.36 74.75
C SER K 96 45.47 -50.52 76.24
N VAL K 97 44.65 -49.65 76.81
CA VAL K 97 44.14 -49.85 78.18
C VAL K 97 43.27 -51.10 78.30
N LEU K 98 42.41 -51.36 77.32
CA LEU K 98 41.58 -52.57 77.25
C LEU K 98 42.43 -53.83 76.99
N GLY K 99 43.64 -53.69 76.47
CA GLY K 99 44.50 -54.80 76.09
C GLY K 99 44.03 -55.51 74.80
N LEU K 100 43.40 -54.77 73.88
CA LEU K 100 42.93 -55.30 72.60
C LEU K 100 44.08 -55.81 71.73
N ASP K 101 43.78 -56.79 70.88
CA ASP K 101 44.72 -57.31 69.89
C ASP K 101 44.59 -56.56 68.53
N PRO K 102 45.54 -56.73 67.60
CA PRO K 102 45.49 -56.07 66.31
C PRO K 102 44.20 -56.35 65.51
N ASP K 103 43.64 -57.56 65.62
CA ASP K 103 42.37 -57.87 64.96
C ASP K 103 41.23 -57.01 65.53
N ALA K 104 41.10 -56.90 66.85
CA ALA K 104 40.11 -56.02 67.47
C ALA K 104 40.38 -54.54 67.14
N ILE K 105 41.64 -54.12 67.07
CA ILE K 105 41.97 -52.76 66.63
C ILE K 105 41.59 -52.55 65.15
N GLN K 106 41.81 -53.52 64.29
CA GLN K 106 41.39 -53.43 62.89
C GLN K 106 39.86 -53.45 62.78
N ALA K 107 39.17 -54.18 63.65
CA ALA K 107 37.71 -54.08 63.75
C ALA K 107 37.27 -52.68 64.22
N ALA K 108 38.02 -52.01 65.10
CA ALA K 108 37.77 -50.62 65.44
C ALA K 108 37.96 -49.70 64.21
N ALA K 109 38.97 -49.96 63.38
CA ALA K 109 39.11 -49.27 62.09
C ALA K 109 37.90 -49.54 61.17
N ALA K 110 37.38 -50.77 61.12
CA ALA K 110 36.17 -51.07 60.38
C ALA K 110 34.94 -50.32 60.93
N LEU K 111 34.79 -50.19 62.25
CA LEU K 111 33.74 -49.36 62.86
C LEU K 111 33.89 -47.87 62.48
N GLY K 112 35.14 -47.40 62.36
CA GLY K 112 35.44 -46.08 61.82
C GLY K 112 35.02 -45.94 60.35
N GLU K 113 35.32 -46.92 59.50
CA GLU K 113 34.86 -46.94 58.10
C GLU K 113 33.32 -47.02 57.99
N ALA K 114 32.65 -47.68 58.93
CA ALA K 114 31.19 -47.66 59.07
C ALA K 114 30.63 -46.32 59.60
N GLY K 115 31.50 -45.39 60.01
CA GLY K 115 31.10 -44.06 60.47
C GLY K 115 30.55 -44.00 61.89
N ILE K 116 30.76 -45.05 62.69
CA ILE K 116 30.34 -45.09 64.09
C ILE K 116 31.10 -44.02 64.89
N SER K 117 30.42 -43.27 65.77
CA SER K 117 31.08 -42.21 66.54
C SER K 117 32.12 -42.76 67.52
N ALA K 118 33.17 -42.01 67.82
CA ALA K 118 34.27 -42.49 68.67
C ALA K 118 33.80 -42.93 70.05
N GLU K 119 32.92 -42.18 70.72
CA GLU K 119 32.33 -42.61 71.99
C GLU K 119 31.56 -43.94 71.84
N GLU K 120 30.80 -44.12 70.76
CA GLU K 120 30.10 -45.39 70.53
C GLU K 120 31.07 -46.54 70.25
N ILE K 121 32.15 -46.32 69.50
CA ILE K 121 33.18 -47.35 69.33
C ILE K 121 33.74 -47.72 70.70
N ILE K 122 34.12 -46.73 71.51
CA ILE K 122 34.68 -46.96 72.84
C ILE K 122 33.70 -47.74 73.74
N GLU K 123 32.43 -47.33 73.78
CA GLU K 123 31.43 -48.05 74.56
C GLU K 123 31.21 -49.47 74.04
N LEU K 124 31.19 -49.68 72.72
CA LEU K 124 31.02 -51.01 72.14
C LEU K 124 32.22 -51.90 72.49
N LEU K 125 33.44 -51.38 72.37
CA LEU K 125 34.63 -52.11 72.77
C LEU K 125 34.61 -52.40 74.28
N THR K 126 34.22 -51.44 75.11
CA THR K 126 34.08 -51.64 76.56
C THR K 126 33.08 -52.75 76.85
N ALA K 127 31.89 -52.69 76.24
CA ALA K 127 30.86 -53.70 76.43
C ALA K 127 31.37 -55.08 76.00
N ALA K 128 32.00 -55.21 74.83
CA ALA K 128 32.55 -56.48 74.36
C ALA K 128 33.61 -57.04 75.33
N ARG K 129 34.48 -56.18 75.86
CA ARG K 129 35.49 -56.54 76.85
C ARG K 129 34.86 -57.01 78.16
N ASP K 130 33.88 -56.27 78.69
CA ASP K 130 33.18 -56.63 79.93
C ASP K 130 32.36 -57.91 79.78
N LEU K 131 31.79 -58.17 78.59
CA LEU K 131 31.07 -59.41 78.28
C LEU K 131 32.01 -60.60 78.00
N GLY K 132 33.32 -60.39 77.86
CA GLY K 132 34.26 -61.45 77.50
C GLY K 132 34.10 -61.98 76.07
N LEU K 133 33.50 -61.19 75.19
CA LEU K 133 33.34 -61.52 73.77
C LEU K 133 34.66 -61.45 73.01
N ASP K 134 34.73 -62.09 71.85
CA ASP K 134 35.94 -62.23 71.02
C ASP K 134 35.96 -61.24 69.83
N PRO K 135 37.10 -61.08 69.14
CA PRO K 135 37.20 -60.22 67.95
C PRO K 135 36.21 -60.59 66.84
N ASP K 136 35.80 -61.86 66.72
CA ASP K 136 34.76 -62.25 65.76
C ASP K 136 33.39 -61.66 66.15
N ALA K 137 33.00 -61.68 67.43
CA ALA K 137 31.80 -61.01 67.88
C ALA K 137 31.90 -59.49 67.67
N ILE K 138 33.08 -58.88 67.88
CA ILE K 138 33.29 -57.46 67.56
C ILE K 138 33.15 -57.22 66.04
N GLN K 139 33.70 -58.10 65.20
CA GLN K 139 33.56 -57.98 63.75
C GLN K 139 32.10 -58.13 63.29
N ALA K 140 31.34 -59.05 63.90
CA ALA K 140 29.90 -59.14 63.65
C ALA K 140 29.16 -57.87 64.13
N ALA K 141 29.57 -57.27 65.25
CA ALA K 141 29.05 -55.98 65.68
C ALA K 141 29.34 -54.88 64.63
N ALA K 142 30.54 -54.85 64.06
CA ALA K 142 30.85 -53.95 62.95
C ALA K 142 29.95 -54.20 61.74
N GLN K 143 29.65 -55.44 61.40
CA GLN K 143 28.69 -55.77 60.34
C GLN K 143 27.26 -55.31 60.68
N LEU K 144 26.81 -55.38 61.94
CA LEU K 144 25.55 -54.75 62.34
C LEU K 144 25.59 -53.21 62.20
N GLY K 145 26.75 -52.60 62.41
CA GLY K 145 27.00 -51.20 62.10
C GLY K 145 26.90 -50.90 60.60
N GLU K 146 27.46 -51.76 59.74
CA GLU K 146 27.29 -51.65 58.28
C GLU K 146 25.82 -51.82 57.86
N ALA K 147 25.05 -52.67 58.56
CA ALA K 147 23.61 -52.79 58.40
C ALA K 147 22.81 -51.59 58.98
N GLY K 148 23.48 -50.63 59.64
CA GLY K 148 22.87 -49.40 60.15
C GLY K 148 22.11 -49.55 61.47
N ILE K 149 22.31 -50.65 62.21
CA ILE K 149 21.68 -50.87 63.52
C ILE K 149 22.22 -49.86 64.55
N SER K 150 21.36 -49.30 65.41
CA SER K 150 21.80 -48.36 66.45
C SER K 150 22.70 -49.03 67.49
N SER K 151 23.62 -48.29 68.09
CA SER K 151 24.61 -48.87 69.02
C SER K 151 23.97 -49.54 70.24
N GLU K 152 22.87 -49.01 70.77
CA GLU K 152 22.11 -49.65 71.83
C GLU K 152 21.45 -50.96 71.36
N GLU K 153 20.91 -51.00 70.16
CA GLU K 153 20.34 -52.23 69.60
C GLU K 153 21.42 -53.27 69.27
N ILE K 154 22.60 -52.85 68.84
CA ILE K 154 23.76 -53.73 68.74
C ILE K 154 24.06 -54.30 70.13
N LYS K 155 24.11 -53.46 71.16
CA LYS K 155 24.37 -53.92 72.53
C LYS K 155 23.30 -54.92 73.00
N GLU K 156 22.02 -54.68 72.69
CA GLU K 156 20.95 -55.64 72.99
C GLU K 156 21.10 -56.95 72.20
N LEU K 157 21.43 -56.89 70.91
CA LEU K 157 21.66 -58.09 70.10
C LEU K 157 22.86 -58.89 70.60
N LEU K 158 23.96 -58.22 70.95
CA LEU K 158 25.12 -58.86 71.58
C LEU K 158 24.73 -59.46 72.94
N ARG K 159 24.00 -58.72 73.78
CA ARG K 159 23.55 -59.20 75.10
C ARG K 159 22.67 -60.44 74.95
N ALA K 160 21.72 -60.41 74.02
CA ALA K 160 20.90 -61.55 73.70
C ALA K 160 21.75 -62.73 73.22
N ALA K 161 22.59 -62.54 72.20
CA ALA K 161 23.41 -63.61 71.66
C ALA K 161 24.34 -64.23 72.72
N HIS K 162 24.88 -63.42 73.62
CA HIS K 162 25.70 -63.84 74.77
C HIS K 162 24.90 -64.68 75.77
N GLU K 163 23.75 -64.18 76.23
CA GLU K 163 22.87 -64.91 77.13
C GLU K 163 22.36 -66.23 76.51
N LEU K 164 22.10 -66.23 75.20
CA LEU K 164 21.58 -67.38 74.44
C LEU K 164 22.68 -68.34 73.92
N GLY K 165 23.95 -67.99 74.10
CA GLY K 165 25.09 -68.80 73.63
C GLY K 165 25.16 -69.00 72.12
N LEU K 166 24.69 -68.02 71.34
CA LEU K 166 24.72 -68.06 69.87
C LEU K 166 26.11 -67.68 69.32
N ASP K 167 26.50 -68.25 68.19
CA ASP K 167 27.81 -68.01 67.57
C ASP K 167 27.87 -66.70 66.74
N PRO K 168 29.07 -66.13 66.54
CA PRO K 168 29.25 -64.92 65.73
C PRO K 168 28.74 -65.05 64.29
N ASP K 169 28.74 -66.24 63.68
CA ASP K 169 28.19 -66.43 62.33
C ASP K 169 26.68 -66.19 62.31
N CYS K 170 25.95 -66.58 63.35
CA CYS K 170 24.54 -66.21 63.50
C CYS K 170 24.36 -64.69 63.65
N ILE K 171 25.23 -64.01 64.42
CA ILE K 171 25.18 -62.55 64.55
C ILE K 171 25.44 -61.88 63.18
N ALA K 172 26.42 -62.38 62.42
CA ALA K 172 26.75 -61.91 61.10
C ALA K 172 25.59 -62.13 60.10
N ALA K 173 24.94 -63.29 60.14
CA ALA K 173 23.77 -63.56 59.30
C ALA K 173 22.57 -62.65 59.66
N ALA K 174 22.35 -62.39 60.96
CA ALA K 174 21.26 -61.53 61.42
C ALA K 174 21.35 -60.10 60.87
N ALA K 175 22.55 -59.61 60.54
CA ALA K 175 22.74 -58.31 59.89
C ALA K 175 21.98 -58.21 58.54
N ASP K 176 21.81 -59.31 57.81
CA ASP K 176 21.03 -59.30 56.56
C ASP K 176 19.52 -59.22 56.80
N LEU K 177 19.00 -59.66 57.96
CA LEU K 177 17.64 -59.31 58.38
C LEU K 177 17.53 -57.80 58.69
N GLY K 178 18.62 -57.18 59.18
CA GLY K 178 18.76 -55.73 59.27
C GLY K 178 18.73 -55.05 57.88
N GLN K 179 19.44 -55.61 56.89
CA GLN K 179 19.38 -55.11 55.51
C GLN K 179 17.99 -55.29 54.87
N ALA K 180 17.27 -56.37 55.21
CA ALA K 180 15.87 -56.57 54.86
C ALA K 180 14.88 -55.69 55.66
N GLY K 181 15.36 -54.90 56.62
CA GLY K 181 14.54 -53.92 57.37
C GLY K 181 13.70 -54.49 58.51
N ILE K 182 13.97 -55.72 58.96
CA ILE K 182 13.26 -56.37 60.07
C ILE K 182 13.55 -55.65 61.40
N SER K 183 12.56 -55.50 62.29
CA SER K 183 12.75 -54.82 63.58
C SER K 183 13.70 -55.59 64.50
N SER K 184 14.47 -54.92 65.36
CA SER K 184 15.48 -55.59 66.22
C SER K 184 14.88 -56.64 67.17
N SER K 185 13.65 -56.44 67.65
CA SER K 185 12.92 -57.45 68.41
C SER K 185 12.56 -58.68 67.55
N GLU K 186 12.09 -58.47 66.32
CA GLU K 186 11.80 -59.57 65.38
C GLU K 186 13.07 -60.28 64.90
N ILE K 187 14.19 -59.57 64.70
CA ILE K 187 15.49 -60.21 64.44
C ILE K 187 15.85 -61.12 65.61
N THR K 188 15.62 -60.68 66.85
CA THR K 188 15.86 -61.50 68.05
C THR K 188 14.95 -62.73 68.07
N ALA K 189 13.67 -62.58 67.75
CA ALA K 189 12.76 -63.72 67.60
C ALA K 189 13.23 -64.69 66.49
N LEU K 190 13.66 -64.18 65.34
CA LEU K 190 14.14 -65.02 64.24
C LEU K 190 15.47 -65.71 64.58
N LEU K 191 16.36 -65.05 65.33
CA LEU K 191 17.53 -65.70 65.92
C LEU K 191 17.10 -66.86 66.83
N LEU K 192 16.15 -66.63 67.73
CA LEU K 192 15.63 -67.69 68.61
C LEU K 192 15.00 -68.84 67.82
N ALA K 193 14.17 -68.54 66.82
CA ALA K 193 13.52 -69.56 66.01
C ALA K 193 14.54 -70.36 65.16
N ALA K 194 15.50 -69.69 64.52
CA ALA K 194 16.58 -70.33 63.77
C ALA K 194 17.42 -71.24 64.67
N ALA K 195 17.78 -70.77 65.87
CA ALA K 195 18.46 -71.60 66.85
C ALA K 195 17.61 -72.81 67.26
N ALA K 196 16.31 -72.62 67.56
CA ALA K 196 15.43 -73.71 67.97
C ALA K 196 15.33 -74.79 66.87
N ILE K 197 15.14 -74.43 65.61
CA ILE K 197 15.02 -75.42 64.54
C ILE K 197 16.34 -76.12 64.24
N GLU K 198 17.47 -75.43 64.26
CA GLU K 198 18.78 -76.06 64.09
C GLU K 198 19.14 -76.98 65.27
N LEU K 199 18.83 -76.58 66.50
CA LEU K 199 18.96 -77.46 67.67
C LEU K 199 18.04 -78.68 67.55
N ALA K 200 16.83 -78.54 67.00
CA ALA K 200 15.97 -79.69 66.72
C ALA K 200 16.52 -80.63 65.63
N LYS K 201 17.46 -80.20 64.77
CA LYS K 201 18.22 -81.11 63.90
C LYS K 201 19.25 -81.94 64.68
N ARG K 202 19.75 -81.44 65.82
CA ARG K 202 20.60 -82.20 66.75
C ARG K 202 19.75 -83.10 67.66
N ALA K 203 18.69 -82.54 68.26
CA ALA K 203 17.77 -83.22 69.18
C ALA K 203 16.69 -84.01 68.42
N ASP K 204 16.92 -85.31 68.25
CA ASP K 204 15.96 -86.24 67.64
C ASP K 204 14.80 -86.65 68.58
N ASP K 205 14.77 -86.15 69.81
CA ASP K 205 13.79 -86.52 70.83
C ASP K 205 12.38 -86.01 70.50
N LYS K 206 11.40 -86.92 70.48
CA LYS K 206 9.98 -86.59 70.30
C LYS K 206 9.51 -85.51 71.27
N ASP K 207 9.98 -85.52 72.51
CA ASP K 207 9.52 -84.56 73.54
C ASP K 207 10.06 -83.16 73.26
N VAL K 208 11.35 -83.03 72.92
CA VAL K 208 11.91 -81.75 72.44
C VAL K 208 11.15 -81.27 71.22
N ARG K 209 10.89 -82.16 70.25
CA ARG K 209 10.23 -81.81 69.00
C ARG K 209 8.77 -81.37 69.22
N GLU K 210 8.01 -82.04 70.08
CA GLU K 210 6.67 -81.59 70.50
C GLU K 210 6.72 -80.23 71.20
N ILE K 211 7.67 -80.04 72.12
CA ILE K 211 7.83 -78.78 72.86
C ILE K 211 8.15 -77.63 71.90
N VAL K 212 9.17 -77.80 71.05
CA VAL K 212 9.56 -76.80 70.05
C VAL K 212 8.38 -76.49 69.14
N ARG K 213 7.69 -77.50 68.61
CA ARG K 213 6.49 -77.30 67.78
C ARG K 213 5.43 -76.50 68.51
N ASP K 214 5.02 -76.93 69.70
CA ASP K 214 3.94 -76.29 70.44
C ASP K 214 4.30 -74.85 70.84
N ALA K 215 5.56 -74.60 71.19
CA ALA K 215 6.04 -73.25 71.46
C ALA K 215 6.02 -72.37 70.20
N LEU K 216 6.52 -72.87 69.07
CA LEU K 216 6.49 -72.13 67.80
C LEU K 216 5.05 -71.88 67.36
N GLU K 217 4.15 -72.85 67.51
CA GLU K 217 2.73 -72.68 67.18
C GLU K 217 2.08 -71.59 68.06
N LEU K 218 2.27 -71.64 69.38
CA LEU K 218 1.76 -70.62 70.29
C LEU K 218 2.32 -69.24 69.96
N ALA K 219 3.63 -69.15 69.71
CA ALA K 219 4.28 -67.91 69.28
C ALA K 219 3.71 -67.39 67.94
N SER K 220 3.39 -68.29 67.01
CA SER K 220 2.81 -67.91 65.70
C SER K 220 1.40 -67.35 65.83
N ARG K 221 0.62 -67.79 66.82
CA ARG K 221 -0.70 -67.21 67.15
C ARG K 221 -0.60 -65.92 67.98
N SER K 222 0.46 -65.77 68.78
CA SER K 222 0.62 -64.63 69.69
C SER K 222 0.83 -63.28 68.96
N THR K 223 0.44 -62.18 69.62
CA THR K 223 0.68 -60.79 69.18
C THR K 223 1.48 -59.96 70.20
N ASN K 224 2.06 -60.59 71.24
CA ASN K 224 2.84 -59.93 72.28
C ASN K 224 4.30 -60.40 72.23
N ASP K 225 5.25 -59.51 71.93
CA ASP K 225 6.62 -59.95 71.68
C ASP K 225 7.35 -60.45 72.95
N GLU K 226 6.87 -60.12 74.16
CA GLU K 226 7.38 -60.70 75.40
C GLU K 226 6.97 -62.18 75.51
N VAL K 227 5.71 -62.50 75.18
CA VAL K 227 5.27 -63.90 75.11
C VAL K 227 6.06 -64.64 74.04
N ILE K 228 6.23 -64.03 72.85
CA ILE K 228 6.99 -64.65 71.76
C ILE K 228 8.44 -64.91 72.20
N ARG K 229 9.14 -63.90 72.71
CA ARG K 229 10.53 -64.06 73.16
C ARG K 229 10.61 -65.11 74.28
N LEU K 230 9.70 -65.12 75.24
CA LEU K 230 9.65 -66.17 76.26
C LEU K 230 9.43 -67.56 75.67
N ALA K 231 8.48 -67.72 74.75
CA ALA K 231 8.18 -69.01 74.14
C ALA K 231 9.35 -69.52 73.28
N LEU K 232 9.98 -68.66 72.49
CA LEU K 232 11.10 -69.04 71.65
C LEU K 232 12.39 -69.26 72.46
N GLU K 233 12.63 -68.49 73.52
CA GLU K 233 13.69 -68.80 74.49
C GLU K 233 13.44 -70.14 75.19
N ALA K 234 12.21 -70.42 75.61
CA ALA K 234 11.87 -71.72 76.18
C ALA K 234 12.11 -72.86 75.16
N ALA K 235 11.79 -72.66 73.89
CA ALA K 235 12.08 -73.63 72.83
C ALA K 235 13.59 -73.86 72.67
N VAL K 236 14.41 -72.80 72.67
CA VAL K 236 15.88 -72.93 72.62
C VAL K 236 16.41 -73.64 73.87
N LEU K 237 15.97 -73.27 75.07
CA LEU K 237 16.42 -73.91 76.30
C LEU K 237 16.01 -75.38 76.37
N ALA K 238 14.78 -75.72 75.98
CA ALA K 238 14.35 -77.11 75.85
C ALA K 238 15.21 -77.88 74.83
N ALA K 239 15.52 -77.30 73.67
CA ALA K 239 16.37 -77.94 72.67
C ALA K 239 17.86 -78.02 73.06
N ARG K 240 18.34 -77.15 73.98
CA ARG K 240 19.63 -77.30 74.67
C ARG K 240 19.59 -78.29 75.84
N SER K 241 18.42 -78.58 76.40
CA SER K 241 18.23 -79.48 77.55
C SER K 241 18.50 -80.94 77.20
N THR K 242 18.85 -81.73 78.21
CA THR K 242 18.95 -83.20 78.14
C THR K 242 18.24 -83.88 79.32
N ASP K 243 17.36 -83.17 80.04
CA ASP K 243 16.67 -83.69 81.22
C ASP K 243 15.16 -83.77 81.00
N SER K 244 14.62 -84.99 81.04
CA SER K 244 13.21 -85.27 80.80
C SER K 244 12.28 -84.59 81.81
N ASP K 245 12.72 -84.32 83.04
CA ASP K 245 11.89 -83.60 84.01
C ASP K 245 11.80 -82.11 83.66
N VAL K 246 12.89 -81.52 83.16
CA VAL K 246 12.88 -80.14 82.66
C VAL K 246 11.99 -80.05 81.42
N LEU K 247 12.10 -81.01 80.50
CA LEU K 247 11.19 -81.09 79.36
C LEU K 247 9.74 -81.28 79.81
N GLU K 248 9.45 -82.14 80.79
CA GLU K 248 8.09 -82.35 81.29
C GLU K 248 7.52 -81.07 81.93
N ILE K 249 8.33 -80.35 82.70
CA ILE K 249 7.97 -79.01 83.22
C ILE K 249 7.62 -78.06 82.07
N VAL K 250 8.44 -78.00 81.02
CA VAL K 250 8.15 -77.14 79.85
C VAL K 250 6.87 -77.61 79.16
N LYS K 251 6.65 -78.93 78.99
CA LYS K 251 5.44 -79.46 78.35
C LYS K 251 4.19 -79.12 79.15
N ASP K 252 4.21 -79.25 80.47
CA ASP K 252 3.11 -78.81 81.32
C ASP K 252 2.86 -77.30 81.21
N ALA K 253 3.92 -76.48 81.23
CA ALA K 253 3.78 -75.03 81.08
C ALA K 253 3.16 -74.66 79.71
N LEU K 254 3.58 -75.30 78.63
CA LEU K 254 2.96 -75.12 77.31
C LEU K 254 1.52 -75.63 77.27
N GLU K 255 1.21 -76.75 77.92
CA GLU K 255 -0.15 -77.28 77.97
C GLU K 255 -1.09 -76.30 78.70
N LEU K 256 -0.63 -75.69 79.79
CA LEU K 256 -1.33 -74.58 80.43
C LEU K 256 -1.45 -73.37 79.49
N ALA K 257 -0.37 -72.99 78.81
CA ALA K 257 -0.34 -71.80 77.94
C ALA K 257 -1.20 -71.95 76.67
N LYS K 258 -1.39 -73.17 76.16
CA LYS K 258 -2.36 -73.46 75.08
C LYS K 258 -3.81 -73.38 75.57
N GLN K 259 -4.07 -73.73 76.83
CA GLN K 259 -5.43 -73.73 77.40
C GLN K 259 -5.91 -72.35 77.86
N SER K 260 -5.15 -71.66 78.72
CA SER K 260 -5.52 -70.33 79.22
C SER K 260 -5.28 -69.23 78.18
N THR K 261 -6.12 -68.20 78.17
CA THR K 261 -5.95 -66.98 77.34
C THR K 261 -5.29 -65.81 78.10
N ASN K 262 -4.90 -66.02 79.36
CA ASN K 262 -4.39 -64.99 80.26
C ASN K 262 -2.89 -64.71 80.03
N GLU K 263 -2.55 -63.58 79.41
CA GLU K 263 -1.16 -63.25 79.07
C GLU K 263 -0.23 -63.22 80.28
N GLU K 264 -0.68 -62.74 81.44
CA GLU K 264 0.17 -62.72 82.64
C GLU K 264 0.43 -64.13 83.17
N VAL K 265 -0.59 -64.99 83.23
CA VAL K 265 -0.37 -66.40 83.58
C VAL K 265 0.55 -67.08 82.56
N ILE K 266 0.34 -66.83 81.26
CA ILE K 266 1.21 -67.38 80.20
C ILE K 266 2.66 -66.95 80.42
N LYS K 267 2.90 -65.65 80.63
CA LYS K 267 4.27 -65.15 80.86
C LYS K 267 4.86 -65.73 82.12
N LEU K 268 4.10 -65.85 83.21
CA LEU K 268 4.58 -66.49 84.43
C LEU K 268 4.91 -67.97 84.22
N ALA K 269 4.07 -68.72 83.50
CA ALA K 269 4.32 -70.13 83.22
C ALA K 269 5.56 -70.34 82.36
N LEU K 270 5.72 -69.55 81.28
CA LEU K 270 6.90 -69.61 80.43
C LEU K 270 8.16 -69.16 81.18
N LYS K 271 8.12 -68.06 81.94
CA LYS K 271 9.26 -67.60 82.74
C LYS K 271 9.65 -68.61 83.81
N ALA K 272 8.69 -69.23 84.50
CA ALA K 272 8.97 -70.32 85.43
C ALA K 272 9.68 -71.49 84.74
N ALA K 273 9.21 -71.92 83.58
CA ALA K 273 9.85 -72.99 82.81
C ALA K 273 11.25 -72.60 82.32
N VAL K 274 11.44 -71.36 81.85
CA VAL K 274 12.75 -70.80 81.45
C VAL K 274 13.72 -70.81 82.64
N LEU K 275 13.31 -70.31 83.80
CA LEU K 275 14.15 -70.27 84.99
C LEU K 275 14.43 -71.69 85.50
N ALA K 276 13.45 -72.59 85.47
CA ALA K 276 13.65 -74.00 85.79
C ALA K 276 14.69 -74.66 84.86
N ALA K 277 14.68 -74.33 83.56
CA ALA K 277 15.67 -74.84 82.61
C ALA K 277 17.07 -74.24 82.82
N LYS K 278 17.19 -73.00 83.32
CA LYS K 278 18.47 -72.38 83.69
C LYS K 278 19.01 -72.84 85.05
N SER K 279 18.13 -73.16 86.00
CA SER K 279 18.49 -73.56 87.37
C SER K 279 19.11 -74.95 87.46
N THR K 280 19.98 -75.16 88.45
CA THR K 280 20.54 -76.48 88.83
C THR K 280 19.75 -77.18 89.94
N ASP K 281 18.82 -76.50 90.61
CA ASP K 281 18.25 -76.97 91.88
C ASP K 281 17.07 -77.94 91.69
N GLU K 282 17.29 -79.22 91.99
CA GLU K 282 16.29 -80.29 91.92
C GLU K 282 15.06 -80.04 92.83
N GLU K 283 15.22 -79.33 93.96
CA GLU K 283 14.09 -78.96 94.82
C GLU K 283 13.24 -77.84 94.20
N VAL K 284 13.86 -76.91 93.47
CA VAL K 284 13.12 -75.92 92.66
C VAL K 284 12.39 -76.63 91.53
N LEU K 285 13.01 -77.61 90.85
CA LEU K 285 12.32 -78.41 89.83
C LEU K 285 11.09 -79.12 90.41
N GLU K 286 11.22 -79.78 91.57
CA GLU K 286 10.08 -80.45 92.20
C GLU K 286 8.98 -79.46 92.61
N GLU K 287 9.33 -78.34 93.23
CA GLU K 287 8.34 -77.32 93.59
C GLU K 287 7.68 -76.70 92.35
N VAL K 288 8.42 -76.44 91.27
CA VAL K 288 7.86 -75.95 90.01
C VAL K 288 6.91 -76.97 89.40
N LYS K 289 7.29 -78.25 89.36
CA LYS K 289 6.42 -79.34 88.89
C LYS K 289 5.15 -79.42 89.74
N GLU K 290 5.27 -79.33 91.06
CA GLU K 290 4.11 -79.34 91.95
C GLU K 290 3.26 -78.07 91.81
N ALA K 291 3.85 -76.90 91.61
CA ALA K 291 3.11 -75.68 91.32
C ALA K 291 2.32 -75.80 90.01
N LEU K 292 2.91 -76.38 88.96
CA LEU K 292 2.20 -76.69 87.72
C LEU K 292 1.07 -77.70 87.95
N ARG K 293 1.30 -78.75 88.77
CA ARG K 293 0.25 -79.71 89.14
C ARG K 293 -0.91 -79.02 89.87
N ARG K 294 -0.62 -78.23 90.90
CA ARG K 294 -1.61 -77.39 91.60
C ARG K 294 -2.36 -76.50 90.60
N ALA K 295 -1.66 -75.89 89.65
CA ALA K 295 -2.27 -75.00 88.65
C ALA K 295 -3.19 -75.74 87.66
N LYS K 296 -2.89 -77.00 87.29
CA LYS K 296 -3.82 -77.82 86.49
C LYS K 296 -5.04 -78.26 87.30
N GLU K 297 -4.87 -78.58 88.58
CA GLU K 297 -5.95 -79.04 89.45
C GLU K 297 -6.88 -77.90 89.94
N SER K 298 -6.34 -76.69 90.17
CA SER K 298 -7.08 -75.55 90.74
C SER K 298 -7.94 -74.79 89.71
N THR K 299 -9.02 -74.18 90.18
CA THR K 299 -9.99 -73.43 89.35
C THR K 299 -9.59 -71.95 89.14
N ASP K 300 -8.82 -71.34 90.05
CA ASP K 300 -8.65 -69.88 90.11
C ASP K 300 -7.28 -69.41 89.60
N GLU K 301 -7.26 -68.64 88.51
CA GLU K 301 -6.03 -68.08 87.97
C GLU K 301 -5.33 -67.09 88.92
N GLU K 302 -6.06 -66.44 89.83
CA GLU K 302 -5.45 -65.57 90.85
C GLU K 302 -4.68 -66.39 91.91
N GLU K 303 -4.93 -67.70 92.04
CA GLU K 303 -4.03 -68.60 92.79
C GLU K 303 -2.83 -68.99 91.93
N ILE K 304 -3.05 -69.34 90.66
CA ILE K 304 -2.01 -69.76 89.72
C ILE K 304 -0.91 -68.68 89.60
N LYS K 305 -1.29 -67.40 89.48
CA LYS K 305 -0.31 -66.30 89.44
C LYS K 305 0.60 -66.32 90.67
N GLU K 306 0.06 -66.50 91.87
CA GLU K 306 0.87 -66.54 93.10
C GLU K 306 1.76 -67.78 93.17
N GLU K 307 1.23 -68.95 92.82
CA GLU K 307 1.99 -70.21 92.81
C GLU K 307 3.18 -70.15 91.84
N LEU K 308 3.01 -69.56 90.65
CA LEU K 308 4.11 -69.32 89.72
C LEU K 308 5.02 -68.18 90.17
N ARG K 309 4.48 -67.06 90.66
CA ARG K 309 5.26 -65.88 91.10
C ARG K 309 6.24 -66.24 92.22
N LYS K 310 5.82 -67.04 93.19
CA LYS K 310 6.70 -67.50 94.29
C LYS K 310 7.92 -68.28 93.76
N ALA K 311 7.77 -69.05 92.69
CA ALA K 311 8.90 -69.69 92.02
C ALA K 311 9.74 -68.70 91.19
N VAL K 312 9.09 -67.84 90.40
CA VAL K 312 9.75 -66.86 89.51
C VAL K 312 10.60 -65.86 90.30
N GLU K 313 10.05 -65.24 91.34
CA GLU K 313 10.77 -64.25 92.15
C GLU K 313 11.82 -64.87 93.11
N GLU K 314 11.82 -66.19 93.28
CA GLU K 314 12.90 -66.92 93.98
C GLU K 314 14.05 -67.33 93.04
N ALA K 315 13.73 -67.74 91.81
CA ALA K 315 14.70 -68.27 90.84
C ALA K 315 15.41 -67.20 89.97
N GLU K 316 14.83 -66.00 89.81
CA GLU K 316 15.39 -64.88 89.01
C GLU K 316 16.74 -64.36 89.52
N ASP L 3 -17.90 -17.63 79.25
CA ASP L 3 -18.32 -18.26 80.54
C ASP L 3 -17.17 -18.55 81.51
N ASP L 4 -16.01 -19.02 81.06
CA ASP L 4 -14.94 -19.55 81.94
C ASP L 4 -14.54 -18.60 83.07
N LEU L 5 -14.59 -17.29 82.82
CA LEU L 5 -14.34 -16.29 83.84
C LEU L 5 -15.29 -16.44 85.04
N LEU L 6 -16.59 -16.61 84.81
CA LEU L 6 -17.55 -16.85 85.89
C LEU L 6 -17.20 -18.15 86.63
N LEU L 7 -16.91 -19.20 85.88
CA LEU L 7 -16.51 -20.47 86.46
C LEU L 7 -15.28 -20.28 87.37
N LYS L 8 -14.29 -19.54 86.93
CA LYS L 8 -13.13 -19.19 87.76
C LYS L 8 -13.51 -18.32 88.96
N LEU L 9 -14.49 -17.42 88.86
CA LEU L 9 -14.97 -16.72 90.06
C LEU L 9 -15.51 -17.70 91.07
N LEU L 10 -16.24 -18.72 90.63
CA LEU L 10 -16.66 -19.77 91.53
C LEU L 10 -15.43 -20.43 92.16
N GLU L 11 -14.40 -20.77 91.39
CA GLU L 11 -13.18 -21.34 91.97
C GLU L 11 -12.61 -20.44 93.05
N LEU L 12 -12.49 -19.15 92.79
CA LEU L 12 -11.97 -18.20 93.77
C LEU L 12 -12.84 -18.13 95.01
N LEU L 13 -14.16 -18.05 94.83
CA LEU L 13 -15.09 -18.08 95.94
C LEU L 13 -14.85 -19.34 96.77
N VAL L 14 -14.77 -20.50 96.12
CA VAL L 14 -14.56 -21.78 96.80
C VAL L 14 -13.25 -21.76 97.54
N GLU L 15 -12.19 -21.23 96.94
CA GLU L 15 -10.91 -21.19 97.65
C GLU L 15 -10.98 -20.27 98.87
N GLN L 16 -11.64 -19.11 98.78
CA GLN L 16 -11.81 -18.23 99.93
C GLN L 16 -12.61 -18.93 101.03
N ALA L 17 -13.64 -19.66 100.65
CA ALA L 17 -14.35 -20.51 101.58
C ALA L 17 -13.41 -21.58 102.17
N ARG L 18 -12.53 -22.20 101.38
CA ARG L 18 -11.64 -23.26 101.86
C ARG L 18 -10.61 -22.73 102.84
N VAL L 19 -10.05 -21.54 102.59
CA VAL L 19 -9.20 -20.85 103.57
C VAL L 19 -9.99 -20.48 104.81
N SER L 20 -11.25 -20.06 104.64
CA SER L 20 -12.14 -19.86 105.78
C SER L 20 -12.42 -21.17 106.52
N ALA L 21 -12.41 -22.32 105.86
CA ALA L 21 -12.54 -23.62 106.50
C ALA L 21 -11.26 -24.02 107.28
N GLU L 22 -10.08 -23.61 106.82
CA GLU L 22 -8.91 -23.61 107.70
C GLU L 22 -9.12 -22.71 108.91
N PHE L 23 -9.65 -21.50 108.75
CA PHE L 23 -9.95 -20.63 109.91
C PHE L 23 -10.95 -21.30 110.87
N ALA L 24 -11.93 -22.04 110.33
CA ALA L 24 -12.88 -22.80 111.13
C ALA L 24 -12.24 -23.97 111.92
N ARG L 25 -11.10 -24.52 111.46
CA ARG L 25 -10.29 -25.47 112.24
C ARG L 25 -9.37 -24.76 113.25
N ARG L 26 -8.73 -23.67 112.83
CA ARG L 26 -7.73 -22.92 113.61
C ARG L 26 -8.34 -22.08 114.74
N GLN L 27 -9.58 -21.61 114.59
CA GLN L 27 -10.29 -20.75 115.55
C GLN L 27 -11.76 -21.18 115.75
N GLY L 28 -12.51 -21.35 114.66
CA GLY L 28 -13.91 -21.84 114.69
C GLY L 28 -14.98 -20.79 114.99
N ASP L 29 -16.09 -20.87 114.25
CA ASP L 29 -17.32 -20.10 114.47
C ASP L 29 -18.49 -20.72 113.71
N GLU L 30 -19.61 -20.98 114.40
CA GLU L 30 -20.86 -21.43 113.78
C GLU L 30 -21.35 -20.48 112.69
N LYS L 31 -21.27 -19.15 112.89
CA LYS L 31 -21.73 -18.20 111.87
C LYS L 31 -20.86 -18.22 110.62
N MET L 32 -19.55 -18.34 110.77
CA MET L 32 -18.67 -18.57 109.63
C MET L 32 -19.04 -19.86 108.91
N LEU L 33 -19.24 -20.98 109.63
CA LEU L 33 -19.61 -22.26 109.03
C LEU L 33 -20.94 -22.17 108.28
N GLU L 34 -21.95 -21.53 108.88
CA GLU L 34 -23.22 -21.20 108.25
C GLU L 34 -23.00 -20.38 106.97
N GLU L 35 -22.21 -19.31 107.04
CA GLU L 35 -21.94 -18.46 105.89
C GLU L 35 -21.24 -19.22 104.77
N VAL L 36 -20.15 -19.93 105.03
CA VAL L 36 -19.51 -20.69 103.96
C VAL L 36 -20.40 -21.80 103.43
N ALA L 37 -21.21 -22.46 104.28
CA ALA L 37 -22.17 -23.45 103.79
C ALA L 37 -23.15 -22.80 102.80
N ARG L 38 -23.81 -21.70 103.19
CA ARG L 38 -24.76 -21.00 102.32
C ARG L 38 -24.07 -20.50 101.06
N LYS L 39 -22.88 -19.90 101.19
CA LYS L 39 -22.10 -19.40 100.05
C LYS L 39 -21.74 -20.53 99.09
N ALA L 40 -21.36 -21.68 99.61
CA ALA L 40 -21.07 -22.86 98.80
C ALA L 40 -22.33 -23.39 98.11
N GLU L 41 -23.49 -23.38 98.76
CA GLU L 41 -24.73 -23.70 98.07
C GLU L 41 -25.03 -22.70 96.96
N GLU L 42 -24.81 -21.41 97.18
CA GLU L 42 -24.98 -20.39 96.12
C GLU L 42 -24.03 -20.63 94.97
N VAL L 43 -22.78 -20.98 95.25
CA VAL L 43 -21.85 -21.45 94.22
C VAL L 43 -22.44 -22.66 93.51
N ALA L 44 -22.91 -23.67 94.24
CA ALA L 44 -23.42 -24.88 93.64
C ALA L 44 -24.59 -24.58 92.70
N ARG L 45 -25.50 -23.70 93.11
CA ARG L 45 -26.61 -23.26 92.27
C ARG L 45 -26.11 -22.51 91.03
N LYS L 46 -25.14 -21.61 91.17
CA LYS L 46 -24.54 -20.91 90.02
C LYS L 46 -23.96 -21.92 89.04
N ALA L 47 -23.15 -22.85 89.54
CA ALA L 47 -22.51 -23.88 88.72
C ALA L 47 -23.56 -24.79 88.06
N GLU L 48 -24.56 -25.26 88.81
CA GLU L 48 -25.64 -26.08 88.27
C GLU L 48 -26.38 -25.34 87.16
N SER L 49 -26.60 -24.04 87.33
CA SER L 49 -27.26 -23.21 86.31
C SER L 49 -26.44 -23.16 85.03
N ILE L 50 -25.13 -22.94 85.14
CA ILE L 50 -24.23 -23.00 83.99
C ILE L 50 -24.24 -24.41 83.38
N ALA L 51 -24.18 -25.45 84.21
CA ALA L 51 -24.11 -26.84 83.75
C ALA L 51 -25.36 -27.26 82.97
N ARG L 52 -26.56 -26.90 83.41
CA ARG L 52 -27.80 -27.16 82.65
C ARG L 52 -27.79 -26.45 81.30
N LYS L 53 -27.34 -25.19 81.26
CA LYS L 53 -27.21 -24.44 80.01
C LYS L 53 -26.18 -25.08 79.08
N ALA L 54 -25.03 -25.47 79.61
CA ALA L 54 -24.01 -26.19 78.85
C ALA L 54 -24.53 -27.52 78.30
N ARG L 55 -25.33 -28.28 79.08
CA ARG L 55 -25.99 -29.51 78.60
C ARG L 55 -26.91 -29.22 77.40
N LYS L 56 -27.75 -28.19 77.49
CA LYS L 56 -28.64 -27.79 76.41
C LYS L 56 -27.89 -27.28 75.17
N GLU L 57 -26.79 -26.55 75.35
CA GLU L 57 -25.93 -26.08 74.24
C GLU L 57 -25.04 -27.16 73.64
N GLY L 58 -24.73 -28.23 74.39
CA GLY L 58 -23.87 -29.33 73.94
C GLY L 58 -22.36 -29.07 74.01
N ASN L 59 -21.89 -28.07 74.77
CA ASN L 59 -20.47 -27.83 75.00
C ASN L 59 -19.93 -28.71 76.15
N LEU L 60 -19.36 -29.87 75.81
CA LEU L 60 -18.89 -30.84 76.81
C LEU L 60 -17.75 -30.28 77.66
N GLU L 61 -16.84 -29.48 77.09
CA GLU L 61 -15.72 -28.90 77.85
C GLU L 61 -16.23 -28.03 79.00
N LEU L 62 -17.15 -27.11 78.72
CA LEU L 62 -17.78 -26.29 79.76
C LEU L 62 -18.54 -27.16 80.77
N ALA L 63 -19.27 -28.17 80.31
CA ALA L 63 -20.00 -29.05 81.21
C ALA L 63 -19.03 -29.77 82.17
N LEU L 64 -17.95 -30.35 81.65
CA LEU L 64 -16.96 -30.99 82.49
C LEU L 64 -16.32 -29.99 83.44
N LYS L 65 -15.92 -28.80 82.97
CA LYS L 65 -15.40 -27.74 83.85
C LYS L 65 -16.37 -27.43 84.99
N ALA L 66 -17.65 -27.24 84.67
CA ALA L 66 -18.68 -26.97 85.66
C ALA L 66 -18.86 -28.14 86.62
N LEU L 67 -18.84 -29.38 86.14
CA LEU L 67 -18.91 -30.54 87.00
C LEU L 67 -17.70 -30.59 87.94
N GLU L 68 -16.49 -30.33 87.44
CA GLU L 68 -15.32 -30.31 88.31
C GLU L 68 -15.49 -29.23 89.37
N ILE L 69 -15.98 -28.05 89.00
CA ILE L 69 -16.27 -27.03 89.99
C ILE L 69 -17.33 -27.50 90.98
N LEU L 70 -18.37 -28.20 90.53
CA LEU L 70 -19.34 -28.79 91.46
C LEU L 70 -18.64 -29.76 92.41
N VAL L 71 -17.68 -30.55 91.94
CA VAL L 71 -16.91 -31.40 92.84
C VAL L 71 -16.04 -30.58 93.78
N ARG L 72 -15.38 -29.52 93.31
CA ARG L 72 -14.60 -28.63 94.17
C ARG L 72 -15.47 -28.05 95.27
N ALA L 73 -16.67 -27.60 94.91
CA ALA L 73 -17.65 -27.14 95.89
C ALA L 73 -18.05 -28.29 96.82
N ALA L 74 -18.30 -29.47 96.30
CA ALA L 74 -18.62 -30.62 97.13
C ALA L 74 -17.50 -30.92 98.13
N HIS L 75 -16.23 -30.81 97.74
CA HIS L 75 -15.11 -31.02 98.66
C HIS L 75 -15.21 -30.06 99.83
N VAL L 76 -15.31 -28.75 99.58
CA VAL L 76 -15.40 -27.82 100.69
C VAL L 76 -16.69 -28.03 101.49
N LEU L 77 -17.82 -28.32 100.84
CA LEU L 77 -19.07 -28.61 101.53
C LEU L 77 -18.92 -29.79 102.48
N ALA L 78 -18.26 -30.85 102.03
CA ALA L 78 -18.03 -32.04 102.83
C ALA L 78 -17.15 -31.71 104.04
N GLU L 79 -16.08 -30.95 103.86
CA GLU L 79 -15.28 -30.53 105.01
C GLU L 79 -16.08 -29.65 105.98
N ILE L 80 -16.85 -28.69 105.47
CA ILE L 80 -17.71 -27.82 106.30
C ILE L 80 -18.71 -28.68 107.10
N ALA L 81 -19.34 -29.66 106.44
CA ALA L 81 -20.25 -30.57 107.11
C ALA L 81 -19.54 -31.44 108.17
N ARG L 82 -18.31 -31.87 107.89
CA ARG L 82 -17.48 -32.68 108.80
C ARG L 82 -17.10 -31.89 110.06
N GLU L 83 -16.67 -30.64 109.93
CA GLU L 83 -16.41 -29.78 111.09
C GLU L 83 -17.69 -29.51 111.90
N ARG L 84 -18.82 -29.27 111.22
CA ARG L 84 -20.10 -28.93 111.86
C ARG L 84 -20.88 -30.14 112.39
N GLY L 85 -20.46 -31.36 112.03
CA GLY L 85 -21.16 -32.60 112.36
C GLY L 85 -22.57 -32.69 111.76
N ASN L 86 -22.76 -32.11 110.57
CA ASN L 86 -24.08 -31.76 110.05
C ASN L 86 -24.64 -32.80 109.04
N GLU L 87 -25.89 -33.24 109.25
CA GLU L 87 -26.54 -34.21 108.36
C GLU L 87 -27.04 -33.56 107.06
N GLU L 88 -27.68 -32.39 107.13
CA GLU L 88 -28.31 -31.74 105.98
C GLU L 88 -27.34 -31.54 104.81
N LEU L 89 -26.16 -31.03 105.12
CA LEU L 89 -25.10 -30.83 104.13
C LEU L 89 -24.61 -32.16 103.55
N GLN L 90 -24.44 -33.21 104.37
CA GLN L 90 -24.02 -34.52 103.86
C GLN L 90 -25.09 -35.14 102.95
N LYS L 91 -26.38 -34.99 103.29
CA LYS L 91 -27.50 -35.44 102.46
C LYS L 91 -27.53 -34.68 101.14
N LYS L 92 -27.41 -33.34 101.17
CA LYS L 92 -27.26 -32.52 99.97
C LYS L 92 -26.09 -32.99 99.12
N ALA L 93 -24.93 -33.20 99.73
CA ALA L 93 -23.75 -33.68 99.04
C ALA L 93 -23.98 -35.04 98.36
N HIS L 94 -24.57 -36.03 99.04
CA HIS L 94 -24.85 -37.33 98.43
C HIS L 94 -25.79 -37.17 97.23
N LYS L 95 -26.90 -36.44 97.39
CA LYS L 95 -27.85 -36.20 96.29
C LYS L 95 -27.18 -35.52 95.10
N LEU L 96 -26.45 -34.43 95.35
CA LEU L 96 -25.75 -33.70 94.30
C LEU L 96 -24.70 -34.58 93.62
N ALA L 97 -23.92 -35.35 94.39
CA ALA L 97 -22.91 -36.23 93.85
C ALA L 97 -23.53 -37.36 93.00
N LYS L 98 -24.65 -37.93 93.44
CA LYS L 98 -25.35 -38.99 92.70
C LYS L 98 -25.89 -38.49 91.37
N GLU L 99 -26.48 -37.28 91.36
CA GLU L 99 -26.87 -36.62 90.11
C GLU L 99 -25.64 -36.32 89.24
N ALA L 100 -24.57 -35.79 89.82
CA ALA L 100 -23.34 -35.54 89.08
C ALA L 100 -22.77 -36.82 88.48
N LEU L 101 -22.83 -37.94 89.20
CA LEU L 101 -22.38 -39.23 88.69
C LEU L 101 -23.18 -39.62 87.46
N ARG L 102 -24.51 -39.55 87.53
CA ARG L 102 -25.38 -39.79 86.37
C ARG L 102 -25.07 -38.83 85.22
N GLN L 103 -24.95 -37.54 85.47
CA GLN L 103 -24.63 -36.56 84.43
C GLN L 103 -23.28 -36.86 83.79
N VAL L 104 -22.23 -37.07 84.58
CA VAL L 104 -20.89 -37.32 84.04
C VAL L 104 -20.85 -38.66 83.31
N ILE L 105 -21.62 -39.65 83.76
CA ILE L 105 -21.79 -40.89 83.01
C ILE L 105 -22.39 -40.59 81.65
N GLU L 106 -23.49 -39.85 81.58
CA GLU L 106 -24.14 -39.56 80.31
C GLU L 106 -23.21 -38.76 79.38
N ILE L 107 -22.50 -37.78 79.94
CA ILE L 107 -21.50 -37.04 79.19
C ILE L 107 -20.38 -37.98 78.75
N ALA L 108 -19.91 -38.90 79.58
CA ALA L 108 -18.84 -39.84 79.21
C ALA L 108 -19.29 -40.79 78.11
N ILE L 109 -20.54 -41.27 78.17
CA ILE L 109 -21.14 -42.03 77.08
C ILE L 109 -21.12 -41.17 75.82
N ARG L 110 -21.60 -39.92 75.88
CA ARG L 110 -21.59 -39.02 74.73
C ARG L 110 -20.18 -38.75 74.20
N ALA L 111 -19.19 -38.57 75.07
CA ALA L 111 -17.80 -38.32 74.68
C ALA L 111 -17.21 -39.54 73.93
N ILE L 112 -17.48 -40.75 74.40
CA ILE L 112 -17.11 -41.98 73.69
C ILE L 112 -17.88 -42.07 72.37
N GLN L 113 -19.16 -41.69 72.36
CA GLN L 113 -20.01 -41.74 71.17
C GLN L 113 -19.54 -40.75 70.09
N GLU L 114 -19.13 -39.54 70.46
CA GLU L 114 -18.54 -38.55 69.54
C GLU L 114 -17.06 -38.82 69.23
N GLY L 115 -16.38 -39.61 70.04
CA GLY L 115 -15.01 -40.09 69.83
C GLY L 115 -13.88 -39.18 70.36
N ASN L 116 -14.18 -38.08 71.05
CA ASN L 116 -13.16 -37.30 71.75
C ASN L 116 -12.83 -37.97 73.09
N LEU L 117 -11.88 -38.91 73.06
CA LEU L 117 -11.53 -39.67 74.24
C LEU L 117 -10.79 -38.83 75.29
N GLU L 118 -10.18 -37.70 74.93
CA GLU L 118 -9.62 -36.81 75.95
C GLU L 118 -10.69 -36.21 76.84
N LEU L 119 -11.83 -35.79 76.27
CA LEU L 119 -12.96 -35.39 77.10
C LEU L 119 -13.43 -36.56 77.96
N ALA L 120 -13.47 -37.79 77.43
CA ALA L 120 -13.84 -38.95 78.24
C ALA L 120 -12.84 -39.17 79.39
N ILE L 121 -11.55 -39.05 79.13
CA ILE L 121 -10.51 -39.18 80.14
C ILE L 121 -10.72 -38.13 81.22
N ILE L 122 -10.95 -36.87 80.83
CA ILE L 122 -11.24 -35.79 81.77
C ILE L 122 -12.50 -36.13 82.57
N ALA L 123 -13.54 -36.64 81.91
CA ALA L 123 -14.76 -37.03 82.58
C ALA L 123 -14.48 -38.13 83.62
N LEU L 124 -13.67 -39.12 83.27
CA LEU L 124 -13.32 -40.15 84.22
C LEU L 124 -12.49 -39.55 85.36
N HIS L 125 -11.59 -38.62 85.09
CA HIS L 125 -10.87 -37.89 86.14
C HIS L 125 -11.86 -37.26 87.11
N ILE L 126 -12.85 -36.54 86.59
CA ILE L 126 -13.93 -35.99 87.40
C ILE L 126 -14.66 -37.11 88.15
N SER L 127 -14.91 -38.24 87.51
CA SER L 127 -15.56 -39.36 88.17
C SER L 127 -14.73 -39.89 89.32
N VAL L 128 -13.41 -39.97 89.18
CA VAL L 128 -12.53 -40.28 90.32
C VAL L 128 -12.74 -39.23 91.41
N ARG L 129 -12.81 -37.94 91.07
CA ARG L 129 -13.04 -36.93 92.11
C ARG L 129 -14.42 -37.09 92.75
N ILE L 130 -15.43 -37.48 91.99
CA ILE L 130 -16.75 -37.81 92.55
C ILE L 130 -16.59 -38.99 93.50
N ALA L 131 -15.79 -39.99 93.14
CA ALA L 131 -15.51 -41.10 94.03
C ALA L 131 -14.85 -40.59 95.31
N GLU L 132 -13.89 -39.69 95.23
CA GLU L 132 -13.27 -39.09 96.42
C GLU L 132 -14.33 -38.46 97.31
N VAL L 133 -15.27 -37.71 96.73
CA VAL L 133 -16.40 -37.15 97.49
C VAL L 133 -17.27 -38.25 98.08
N LEU L 134 -17.71 -39.23 97.30
CA LEU L 134 -18.58 -40.28 97.80
C LEU L 134 -17.91 -41.05 98.94
N LEU L 135 -16.63 -41.37 98.79
CA LEU L 135 -15.86 -42.10 99.78
C LEU L 135 -15.75 -41.32 101.09
N GLU L 136 -15.53 -40.01 101.03
CA GLU L 136 -15.60 -39.18 102.23
C GLU L 136 -17.04 -39.10 102.78
N THR L 137 -18.04 -39.04 101.90
CA THR L 137 -19.43 -38.78 102.27
C THR L 137 -20.05 -39.90 103.09
N ARG L 138 -19.79 -41.16 102.73
CA ARG L 138 -20.45 -42.31 103.37
C ARG L 138 -19.52 -43.00 104.37
N PRO L 139 -19.89 -43.09 105.66
CA PRO L 139 -19.19 -43.93 106.63
C PRO L 139 -19.58 -45.42 106.54
N ASP L 140 -20.59 -45.75 105.72
CA ASP L 140 -21.40 -46.97 105.84
C ASP L 140 -21.60 -47.71 104.50
N ASP L 141 -22.19 -47.06 103.50
CA ASP L 141 -22.61 -47.66 102.23
C ASP L 141 -21.41 -48.11 101.37
N ARG L 142 -21.36 -49.39 100.99
CA ARG L 142 -20.34 -49.98 100.11
C ARG L 142 -20.84 -50.13 98.69
N GLU L 143 -22.13 -50.39 98.56
CA GLU L 143 -22.82 -50.74 97.33
C GLU L 143 -22.80 -49.58 96.32
N GLU L 144 -22.96 -48.33 96.78
CA GLU L 144 -22.80 -47.15 95.92
C GLU L 144 -21.39 -47.10 95.32
N ILE L 145 -20.38 -47.36 96.16
CA ILE L 145 -18.98 -47.40 95.73
C ILE L 145 -18.78 -48.55 94.74
N ARG L 146 -19.31 -49.75 95.05
CA ARG L 146 -19.27 -50.89 94.13
C ARG L 146 -19.86 -50.51 92.77
N GLU L 147 -21.05 -49.91 92.75
CA GLU L 147 -21.73 -49.53 91.51
C GLU L 147 -20.91 -48.51 90.72
N GLN L 148 -20.48 -47.42 91.37
CA GLN L 148 -19.64 -46.43 90.70
C GLN L 148 -18.37 -47.09 90.15
N GLN L 149 -17.65 -47.84 90.97
CA GLN L 149 -16.39 -48.46 90.56
C GLN L 149 -16.63 -49.50 89.46
N ALA L 150 -17.74 -50.24 89.47
CA ALA L 150 -18.06 -51.14 88.38
C ALA L 150 -18.24 -50.39 87.08
N ILE L 151 -19.01 -49.30 87.09
CA ILE L 151 -19.19 -48.46 85.91
C ILE L 151 -17.83 -47.94 85.44
N PHE L 152 -16.98 -47.51 86.37
CA PHE L 152 -15.64 -47.05 86.05
C PHE L 152 -14.80 -48.16 85.42
N GLU L 153 -14.78 -49.35 86.00
CA GLU L 153 -14.06 -50.50 85.45
C GLU L 153 -14.55 -50.83 84.04
N LEU L 154 -15.87 -50.76 83.81
CA LEU L 154 -16.42 -50.97 82.48
C LEU L 154 -15.96 -49.89 81.51
N LEU L 155 -16.09 -48.62 81.88
CA LEU L 155 -15.66 -47.51 81.03
C LEU L 155 -14.16 -47.60 80.74
N ILE L 156 -13.34 -47.90 81.74
CA ILE L 156 -11.90 -48.08 81.56
C ILE L 156 -11.62 -49.22 80.61
N ALA L 157 -12.27 -50.38 80.78
CA ALA L 157 -12.04 -51.49 79.86
C ALA L 157 -12.43 -51.09 78.43
N ALA L 158 -13.56 -50.39 78.27
CA ALA L 158 -14.00 -49.91 76.97
C ALA L 158 -13.01 -48.92 76.38
N LEU L 159 -12.50 -47.98 77.18
CA LEU L 159 -11.49 -47.05 76.74
C LEU L 159 -10.17 -47.75 76.40
N GLU L 160 -9.75 -48.78 77.15
CA GLU L 160 -8.54 -49.54 76.82
C GLU L 160 -8.66 -50.20 75.44
N ALA L 161 -9.81 -50.80 75.14
CA ALA L 161 -10.08 -51.27 73.79
C ALA L 161 -10.08 -50.09 72.81
N ALA L 162 -10.81 -49.01 73.11
CA ALA L 162 -10.97 -47.87 72.22
C ALA L 162 -9.61 -47.30 71.79
N ILE L 163 -8.72 -47.10 72.75
CA ILE L 163 -7.40 -46.54 72.52
C ILE L 163 -6.49 -47.56 71.84
N ARG L 164 -6.62 -48.86 72.12
CA ARG L 164 -5.90 -49.88 71.33
C ARG L 164 -6.29 -49.82 69.86
N LEU L 165 -7.59 -49.75 69.57
CA LEU L 165 -8.08 -49.61 68.20
C LEU L 165 -7.63 -48.28 67.60
N GLU L 166 -7.75 -47.17 68.31
CA GLU L 166 -7.34 -45.86 67.82
C GLU L 166 -5.84 -45.84 67.50
N LYS L 167 -5.01 -46.53 68.30
CA LYS L 167 -3.59 -46.73 68.01
C LYS L 167 -3.40 -47.49 66.70
N LEU L 168 -4.09 -48.61 66.50
CA LEU L 168 -4.05 -49.33 65.22
C LEU L 168 -4.46 -48.42 64.05
N LYS L 169 -5.50 -47.59 64.24
CA LYS L 169 -5.97 -46.64 63.23
C LYS L 169 -4.94 -45.57 62.90
N GLU L 170 -4.31 -44.98 63.92
CA GLU L 170 -3.21 -44.03 63.78
C GLU L 170 -2.00 -44.66 63.08
N GLU L 171 -1.68 -45.92 63.38
CA GLU L 171 -0.59 -46.68 62.75
C GLU L 171 -0.92 -47.15 61.31
N GLY L 172 -2.18 -47.05 60.88
CA GLY L 172 -2.60 -47.56 59.57
C GLY L 172 -2.54 -49.10 59.45
N ALA L 173 -2.82 -49.81 60.55
CA ALA L 173 -2.74 -51.27 60.64
C ALA L 173 -3.61 -52.00 59.59
N PRO L 174 -3.24 -53.24 59.19
CA PRO L 174 -4.02 -54.01 58.22
C PRO L 174 -5.37 -54.46 58.80
N PRO L 175 -6.43 -54.56 57.97
CA PRO L 175 -7.76 -54.94 58.41
C PRO L 175 -7.82 -56.22 59.25
N GLU L 176 -6.96 -57.21 58.99
CA GLU L 176 -6.93 -58.46 59.75
C GLU L 176 -6.55 -58.25 61.23
N GLN L 177 -5.60 -57.35 61.51
CA GLN L 177 -5.28 -57.00 62.89
C GLN L 177 -6.45 -56.26 63.53
N ILE L 178 -7.05 -55.30 62.81
CA ILE L 178 -8.23 -54.58 63.29
C ILE L 178 -9.37 -55.55 63.59
N GLU L 179 -9.59 -56.56 62.76
CA GLU L 179 -10.54 -57.64 63.02
C GLU L 179 -10.21 -58.36 64.33
N ARG L 180 -9.01 -58.95 64.46
CA ARG L 180 -8.70 -59.77 65.64
C ARG L 180 -8.71 -58.97 66.94
N VAL L 181 -8.24 -57.73 66.90
CA VAL L 181 -8.33 -56.82 68.04
C VAL L 181 -9.79 -56.49 68.37
N ALA L 182 -10.62 -56.13 67.39
CA ALA L 182 -12.02 -55.83 67.64
C ALA L 182 -12.78 -57.06 68.15
N GLU L 183 -12.53 -58.22 67.55
CA GLU L 183 -13.13 -59.50 67.91
C GLU L 183 -12.85 -59.81 69.37
N HIS L 184 -11.58 -59.80 69.78
CA HIS L 184 -11.22 -60.00 71.17
C HIS L 184 -11.70 -58.85 72.07
N GLY L 185 -11.81 -57.64 71.54
CA GLY L 185 -12.40 -56.51 72.25
C GLY L 185 -13.86 -56.80 72.65
N LEU L 186 -14.66 -57.28 71.70
CA LEU L 186 -16.03 -57.71 71.97
C LEU L 186 -16.05 -58.90 72.94
N GLU L 187 -15.15 -59.87 72.80
CA GLU L 187 -15.05 -60.97 73.77
C GLU L 187 -14.83 -60.43 75.18
N ARG L 188 -13.81 -59.60 75.37
CA ARG L 188 -13.44 -59.05 76.67
C ARG L 188 -14.57 -58.20 77.25
N LEU L 189 -15.22 -57.40 76.41
CA LEU L 189 -16.43 -56.66 76.79
C LEU L 189 -17.50 -57.62 77.30
N LYS L 190 -17.77 -58.71 76.59
CA LYS L 190 -18.77 -59.70 77.01
C LYS L 190 -18.40 -60.32 78.35
N GLU L 191 -17.18 -60.81 78.49
CA GLU L 191 -16.74 -61.43 79.75
C GLU L 191 -16.81 -60.45 80.92
N ILE L 192 -16.34 -59.21 80.73
CA ILE L 192 -16.40 -58.19 81.79
C ILE L 192 -17.85 -57.84 82.12
N ALA L 193 -18.72 -57.66 81.12
CA ALA L 193 -20.12 -57.37 81.37
C ALA L 193 -20.77 -58.51 82.17
N LYS L 194 -20.47 -59.77 81.80
CA LYS L 194 -20.96 -60.96 82.50
C LYS L 194 -20.50 -60.96 83.96
N GLU L 195 -19.22 -60.69 84.21
CA GLU L 195 -18.70 -60.60 85.58
C GLU L 195 -19.38 -59.47 86.36
N ILE L 196 -19.46 -58.27 85.79
CA ILE L 196 -20.08 -57.11 86.44
C ILE L 196 -21.55 -57.41 86.77
N SER L 197 -22.27 -58.07 85.87
CA SER L 197 -23.67 -58.45 86.06
C SER L 197 -23.90 -59.33 87.30
N LYS L 198 -22.88 -59.97 87.87
CA LYS L 198 -23.01 -60.72 89.13
C LYS L 198 -23.23 -59.81 90.33
N GLU L 199 -22.63 -58.62 90.33
CA GLU L 199 -22.53 -57.78 91.53
C GLU L 199 -23.44 -56.55 91.49
N VAL L 200 -23.71 -55.99 90.30
CA VAL L 200 -24.60 -54.83 90.15
C VAL L 200 -26.07 -55.21 90.27
N ASP L 201 -26.92 -54.32 90.79
CA ASP L 201 -28.36 -54.57 90.93
C ASP L 201 -29.25 -53.32 90.76
N SER L 202 -28.70 -52.11 90.77
CA SER L 202 -29.50 -50.90 90.47
C SER L 202 -30.01 -50.97 89.03
N PRO L 203 -31.33 -50.86 88.80
CA PRO L 203 -31.89 -50.89 87.45
C PRO L 203 -31.30 -49.81 86.55
N GLU L 204 -31.21 -48.58 87.04
CA GLU L 204 -30.63 -47.47 86.29
C GLU L 204 -29.17 -47.75 85.96
N SER L 205 -28.40 -48.28 86.91
CA SER L 205 -27.02 -48.70 86.67
C SER L 205 -26.93 -49.77 85.59
N LYS L 206 -27.77 -50.81 85.65
CA LYS L 206 -27.80 -51.84 84.62
C LYS L 206 -28.11 -51.22 83.26
N ARG L 207 -29.05 -50.28 83.20
CA ARG L 207 -29.42 -49.57 81.96
C ARG L 207 -28.25 -48.77 81.42
N ILE L 208 -27.57 -48.04 82.29
CA ILE L 208 -26.31 -47.35 81.98
C ILE L 208 -25.30 -48.36 81.42
N ALA L 209 -25.04 -49.46 82.12
CA ALA L 209 -24.00 -50.41 81.76
C ALA L 209 -24.26 -51.00 80.37
N TYR L 210 -25.51 -51.39 80.12
CA TYR L 210 -25.87 -51.87 78.81
C TYR L 210 -25.60 -50.82 77.73
N LYS L 211 -26.07 -49.57 77.95
CA LYS L 211 -25.84 -48.49 76.99
C LYS L 211 -24.35 -48.26 76.77
N ILE L 212 -23.52 -48.38 77.80
CA ILE L 212 -22.07 -48.31 77.66
C ILE L 212 -21.57 -49.43 76.75
N VAL L 213 -21.96 -50.69 76.99
CA VAL L 213 -21.53 -51.79 76.12
C VAL L 213 -21.95 -51.51 74.68
N ALA L 214 -23.17 -51.03 74.49
CA ALA L 214 -23.65 -50.67 73.16
C ALA L 214 -22.79 -49.57 72.53
N ALA L 215 -22.50 -48.50 73.26
CA ALA L 215 -21.64 -47.43 72.76
C ALA L 215 -20.23 -47.94 72.43
N ALA L 216 -19.70 -48.90 73.21
CA ALA L 216 -18.42 -49.51 72.92
C ALA L 216 -18.47 -50.31 71.60
N ALA L 217 -19.50 -51.12 71.39
CA ALA L 217 -19.70 -51.76 70.11
C ALA L 217 -19.83 -50.72 68.97
N GLU L 218 -20.58 -49.64 69.20
CA GLU L 218 -20.74 -48.57 68.20
C GLU L 218 -19.41 -47.95 67.81
N PHE L 219 -18.56 -47.65 68.80
CA PHE L 219 -17.22 -47.14 68.56
C PHE L 219 -16.41 -48.13 67.73
N LEU L 220 -16.40 -49.41 68.10
CA LEU L 220 -15.70 -50.44 67.33
C LEU L 220 -16.16 -50.45 65.87
N LEU L 221 -17.47 -50.42 65.65
CA LEU L 221 -18.03 -50.40 64.30
C LEU L 221 -17.61 -49.14 63.53
N LYS L 222 -17.70 -47.96 64.16
CA LYS L 222 -17.30 -46.73 63.49
C LYS L 222 -15.80 -46.70 63.20
N ILE L 223 -14.94 -47.22 64.08
CA ILE L 223 -13.51 -47.35 63.78
C ILE L 223 -13.30 -48.25 62.55
N LEU L 224 -13.99 -49.38 62.48
CA LEU L 224 -13.89 -50.26 61.32
C LEU L 224 -14.31 -49.53 60.03
N ALA L 225 -15.37 -48.71 60.10
CA ALA L 225 -15.82 -47.88 58.99
C ALA L 225 -14.81 -46.80 58.59
N GLU L 226 -14.22 -46.08 59.56
CA GLU L 226 -13.14 -45.13 59.30
C GLU L 226 -11.91 -45.83 58.68
N GLY L 227 -11.68 -47.10 59.02
CA GLY L 227 -10.65 -47.95 58.43
C GLY L 227 -10.93 -48.42 57.00
N GLY L 228 -12.12 -48.17 56.46
CA GLY L 228 -12.45 -48.53 55.08
C GLY L 228 -12.45 -50.03 54.79
N ALA L 229 -12.80 -50.87 55.78
CA ALA L 229 -12.75 -52.33 55.67
C ALA L 229 -13.71 -52.92 54.61
N THR L 230 -13.43 -54.15 54.17
CA THR L 230 -14.22 -54.86 53.16
C THR L 230 -15.64 -55.16 53.65
N PRO L 231 -16.61 -55.38 52.74
CA PRO L 231 -17.96 -55.78 53.15
C PRO L 231 -17.98 -57.13 53.87
N GLU L 232 -17.05 -58.04 53.56
CA GLU L 232 -16.90 -59.30 54.32
C GLU L 232 -16.49 -59.04 55.78
N GLN L 233 -15.57 -58.10 56.02
CA GLN L 233 -15.23 -57.70 57.38
C GLN L 233 -16.41 -57.00 58.08
N LEU L 234 -17.09 -56.07 57.40
CA LEU L 234 -18.25 -55.38 57.97
C LEU L 234 -19.33 -56.39 58.38
N GLU L 235 -19.62 -57.37 57.54
CA GLU L 235 -20.54 -58.47 57.85
C GLU L 235 -20.08 -59.22 59.10
N ARG L 236 -18.88 -59.81 59.09
CA ARG L 236 -18.37 -60.65 60.18
C ARG L 236 -18.38 -59.93 61.50
N VAL L 237 -17.82 -58.72 61.53
CA VAL L 237 -17.76 -57.93 62.77
C VAL L 237 -19.16 -57.51 63.19
N THR L 238 -20.02 -57.05 62.28
CA THR L 238 -21.38 -56.63 62.66
C THR L 238 -22.14 -57.80 63.27
N GLU L 239 -22.05 -58.99 62.67
CA GLU L 239 -22.71 -60.18 63.19
C GLU L 239 -22.20 -60.53 64.59
N HIS L 240 -20.87 -60.62 64.76
CA HIS L 240 -20.28 -60.92 66.06
C HIS L 240 -20.68 -59.86 67.11
N ALA L 241 -20.67 -58.58 66.72
CA ALA L 241 -21.02 -57.48 67.62
C ALA L 241 -22.49 -57.57 68.04
N LEU L 242 -23.42 -57.71 67.10
CA LEU L 242 -24.82 -57.87 67.43
C LEU L 242 -25.04 -59.12 68.27
N GLU L 243 -24.35 -60.22 67.98
CA GLU L 243 -24.43 -61.46 68.75
C GLU L 243 -24.02 -61.25 70.20
N VAL L 244 -22.86 -60.63 70.42
CA VAL L 244 -22.42 -60.26 71.77
C VAL L 244 -23.46 -59.36 72.42
N LEU L 245 -23.89 -58.31 71.74
CA LEU L 245 -24.79 -57.32 72.31
C LEU L 245 -26.17 -57.93 72.65
N LYS L 246 -26.57 -58.94 71.89
CA LYS L 246 -27.73 -59.78 72.19
C LYS L 246 -27.49 -60.65 73.41
N GLU L 247 -26.41 -61.42 73.51
CA GLU L 247 -26.25 -62.27 74.70
C GLU L 247 -26.03 -61.44 75.97
N VAL L 248 -25.37 -60.29 75.87
CA VAL L 248 -25.28 -59.31 76.97
C VAL L 248 -26.67 -58.78 77.32
N ALA L 249 -27.57 -58.60 76.33
CA ALA L 249 -28.94 -58.27 76.65
C ALA L 249 -29.61 -59.42 77.42
N LYS L 250 -29.42 -60.68 77.00
CA LYS L 250 -29.99 -61.83 77.71
C LYS L 250 -29.48 -61.97 79.14
N GLU L 251 -28.26 -61.50 79.44
CA GLU L 251 -27.81 -61.37 80.82
C GLU L 251 -28.50 -60.20 81.53
N LEU L 252 -28.40 -58.97 81.02
CA LEU L 252 -28.78 -57.77 81.77
C LEU L 252 -30.29 -57.48 81.78
N ALA L 253 -31.04 -57.85 80.75
CA ALA L 253 -32.45 -57.46 80.60
C ALA L 253 -33.39 -58.26 81.51
N ASP L 254 -34.35 -57.56 82.11
CA ASP L 254 -35.22 -58.07 83.20
C ASP L 254 -36.64 -57.46 83.21
N SER L 255 -36.95 -56.54 82.29
CA SER L 255 -38.08 -55.61 82.42
C SER L 255 -38.40 -54.94 81.08
N PRO L 256 -39.59 -54.35 80.92
CA PRO L 256 -39.91 -53.55 79.74
C PRO L 256 -38.90 -52.42 79.52
N GLU L 257 -38.49 -51.72 80.57
CA GLU L 257 -37.53 -50.62 80.50
C GLU L 257 -36.21 -51.07 79.87
N SER L 258 -35.67 -52.20 80.33
CA SER L 258 -34.43 -52.78 79.79
C SER L 258 -34.65 -53.35 78.39
N GLY L 259 -35.80 -53.96 78.13
CA GLY L 259 -36.17 -54.42 76.79
C GLY L 259 -36.14 -53.28 75.79
N LEU L 260 -36.80 -52.17 76.10
CA LEU L 260 -36.84 -50.98 75.26
C LEU L 260 -35.42 -50.49 74.93
N ALA L 261 -34.56 -50.43 75.95
CA ALA L 261 -33.16 -50.06 75.73
C ALA L 261 -32.45 -51.05 74.82
N ALA L 262 -32.56 -52.35 75.11
CA ALA L 262 -31.87 -53.38 74.36
C ALA L 262 -32.27 -53.30 72.88
N LEU L 263 -33.56 -53.22 72.63
CA LEU L 263 -34.12 -53.05 71.31
C LEU L 263 -33.52 -51.83 70.63
N ALA L 264 -33.71 -50.66 71.24
CA ALA L 264 -33.32 -49.40 70.64
C ALA L 264 -31.84 -49.44 70.25
N ALA L 265 -30.99 -49.87 71.18
CA ALA L 265 -29.57 -49.95 70.96
C ALA L 265 -29.24 -50.93 69.83
N ILE L 266 -29.66 -52.20 69.96
CA ILE L 266 -29.30 -53.24 68.99
C ILE L 266 -29.71 -52.79 67.60
N ALA L 267 -30.97 -52.38 67.45
CA ALA L 267 -31.50 -52.04 66.16
C ALA L 267 -30.86 -50.75 65.63
N SER L 268 -30.57 -49.76 66.49
CA SER L 268 -29.79 -48.60 66.05
C SER L 268 -28.42 -49.02 65.53
N LEU L 269 -27.74 -49.92 66.23
CA LEU L 269 -26.42 -50.39 65.81
C LEU L 269 -26.50 -51.10 64.46
N ALA L 270 -27.50 -51.96 64.27
CA ALA L 270 -27.73 -52.58 62.98
C ALA L 270 -28.02 -51.53 61.89
N LYS L 271 -28.84 -50.51 62.18
CA LYS L 271 -29.17 -49.45 61.23
C LYS L 271 -27.92 -48.68 60.83
N LEU L 272 -27.09 -48.33 61.80
CA LEU L 272 -25.78 -47.73 61.57
C LEU L 272 -24.89 -48.63 60.72
N GLY L 273 -24.89 -49.95 60.96
CA GLY L 273 -24.17 -50.92 60.14
C GLY L 273 -24.64 -50.93 58.69
N LEU L 274 -25.96 -50.93 58.49
CA LEU L 274 -26.56 -50.83 57.17
C LEU L 274 -26.20 -49.50 56.48
N GLU L 275 -26.07 -48.40 57.22
CA GLU L 275 -25.57 -47.15 56.66
C GLU L 275 -24.12 -47.28 56.17
N GLN L 276 -23.28 -48.08 56.83
CA GLN L 276 -21.92 -48.35 56.32
C GLN L 276 -21.97 -49.18 55.03
N LEU L 277 -22.84 -50.20 54.97
CA LEU L 277 -23.07 -50.95 53.74
C LEU L 277 -23.58 -50.04 52.62
N LYS L 278 -24.48 -49.10 52.91
CA LYS L 278 -24.96 -48.10 51.95
C LYS L 278 -23.81 -47.21 51.48
N GLU L 279 -22.98 -46.72 52.39
CA GLU L 279 -21.87 -45.84 52.07
C GLU L 279 -20.78 -46.53 51.22
N ILE L 280 -20.41 -47.78 51.53
CA ILE L 280 -19.44 -48.54 50.72
C ILE L 280 -20.05 -49.09 49.42
N GLY L 281 -21.39 -49.07 49.29
CA GLY L 281 -22.09 -49.57 48.11
C GLY L 281 -22.15 -51.10 48.02
N ALA L 282 -22.28 -51.79 49.16
CA ALA L 282 -22.31 -53.26 49.22
C ALA L 282 -23.50 -53.86 48.43
N PRO L 283 -23.34 -55.04 47.80
CA PRO L 283 -24.38 -55.63 46.96
C PRO L 283 -25.58 -56.13 47.76
N PRO L 284 -26.77 -56.26 47.13
CA PRO L 284 -28.03 -56.53 47.82
C PRO L 284 -28.02 -57.72 48.78
N GLU L 285 -27.30 -58.80 48.49
CA GLU L 285 -27.26 -59.95 49.41
C GLU L 285 -26.62 -59.59 50.75
N GLN L 286 -25.58 -58.75 50.76
CA GLN L 286 -25.00 -58.25 52.02
C GLN L 286 -26.05 -57.44 52.80
N GLN L 287 -26.80 -56.58 52.12
CA GLN L 287 -27.85 -55.76 52.72
C GLN L 287 -28.93 -56.65 53.35
N ARG L 288 -29.35 -57.71 52.64
CA ARG L 288 -30.27 -58.72 53.18
C ARG L 288 -29.66 -59.45 54.37
N ARG L 289 -28.43 -59.97 54.27
CA ARG L 289 -27.75 -60.71 55.35
C ARG L 289 -27.71 -59.91 56.65
N VAL L 290 -27.25 -58.67 56.59
CA VAL L 290 -27.22 -57.79 57.77
C VAL L 290 -28.64 -57.53 58.29
N THR L 291 -29.59 -57.24 57.40
CA THR L 291 -30.98 -57.01 57.83
C THR L 291 -31.56 -58.25 58.51
N LYS L 292 -31.33 -59.44 57.97
CA LYS L 292 -31.74 -60.71 58.57
C LYS L 292 -31.14 -60.89 59.95
N ALA L 293 -29.82 -60.71 60.08
CA ALA L 293 -29.16 -60.80 61.38
C ALA L 293 -29.82 -59.84 62.40
N GLY L 294 -30.08 -58.61 61.99
CA GLY L 294 -30.75 -57.61 62.84
C GLY L 294 -32.16 -58.06 63.22
N ILE L 295 -32.97 -58.45 62.25
CA ILE L 295 -34.33 -58.91 62.51
C ILE L 295 -34.31 -60.16 63.40
N GLU L 296 -33.42 -61.12 63.17
CA GLU L 296 -33.28 -62.30 64.03
C GLU L 296 -32.85 -61.92 65.45
N ALA L 297 -32.05 -60.87 65.62
CA ALA L 297 -31.80 -60.33 66.94
C ALA L 297 -33.09 -59.76 67.54
N VAL L 298 -33.85 -58.94 66.81
CA VAL L 298 -35.13 -58.38 67.29
C VAL L 298 -36.10 -59.50 67.67
N ARG L 299 -36.15 -60.57 66.86
CA ARG L 299 -36.93 -61.79 67.10
C ARG L 299 -36.53 -62.42 68.42
N GLU L 300 -35.24 -62.66 68.62
CA GLU L 300 -34.72 -63.22 69.86
C GLU L 300 -34.95 -62.29 71.06
N ILE L 301 -34.83 -60.97 70.89
CA ILE L 301 -35.13 -60.01 71.95
C ILE L 301 -36.61 -60.09 72.34
N TYR L 302 -37.53 -60.11 71.37
CA TYR L 302 -38.95 -60.32 71.67
C TYR L 302 -39.17 -61.64 72.41
N ARG L 303 -38.64 -62.75 71.88
CA ARG L 303 -38.92 -64.08 72.43
C ARG L 303 -38.22 -64.34 73.77
N TYR L 304 -37.09 -63.69 74.05
CA TYR L 304 -36.55 -63.58 75.40
C TYR L 304 -37.49 -62.77 76.29
N GLY L 305 -37.91 -61.59 75.84
CA GLY L 305 -38.82 -60.72 76.61
C GLY L 305 -40.15 -61.40 76.94
N ARG L 306 -40.68 -62.22 76.04
CA ARG L 306 -41.89 -63.02 76.23
C ARG L 306 -41.75 -64.13 77.26
N LYS L 307 -40.54 -64.43 77.76
CA LYS L 307 -40.36 -65.24 78.98
C LYS L 307 -40.85 -64.49 80.23
N LEU L 308 -40.81 -63.15 80.20
CA LEU L 308 -41.11 -62.27 81.33
C LEU L 308 -42.47 -61.59 81.20
N TYR L 309 -42.82 -61.12 79.99
CA TYR L 309 -44.04 -60.36 79.69
C TYR L 309 -45.30 -61.24 79.56
N ASP M 3 -38.59 -71.31 -9.74
CA ASP M 3 -39.08 -72.42 -10.59
C ASP M 3 -39.23 -73.74 -9.82
N ASP M 4 -38.27 -74.11 -8.94
CA ASP M 4 -38.20 -75.43 -8.29
C ASP M 4 -39.49 -75.87 -7.59
N LEU M 5 -40.32 -74.92 -7.18
CA LEU M 5 -41.65 -75.18 -6.62
C LEU M 5 -42.42 -76.22 -7.46
N LEU M 6 -42.38 -76.17 -8.79
CA LEU M 6 -43.07 -77.17 -9.61
C LEU M 6 -42.49 -78.56 -9.36
N LEU M 7 -41.17 -78.70 -9.38
CA LEU M 7 -40.52 -79.98 -9.12
C LEU M 7 -40.87 -80.46 -7.71
N LYS M 8 -40.89 -79.57 -6.72
CA LYS M 8 -41.36 -79.91 -5.38
C LYS M 8 -42.83 -80.35 -5.37
N LEU M 9 -43.68 -79.73 -6.19
CA LEU M 9 -45.07 -80.15 -6.37
C LEU M 9 -45.12 -81.58 -6.91
N LEU M 10 -44.28 -81.91 -7.88
CA LEU M 10 -44.19 -83.27 -8.36
C LEU M 10 -43.75 -84.21 -7.24
N GLU M 11 -42.80 -83.82 -6.41
CA GLU M 11 -42.42 -84.65 -5.26
C GLU M 11 -43.64 -84.94 -4.38
N LEU M 12 -44.43 -83.92 -4.06
CA LEU M 12 -45.63 -84.12 -3.26
C LEU M 12 -46.63 -85.03 -3.96
N LEU M 13 -46.85 -84.83 -5.25
CA LEU M 13 -47.72 -85.70 -6.02
C LEU M 13 -47.23 -87.14 -5.93
N VAL M 14 -45.94 -87.37 -6.14
CA VAL M 14 -45.36 -88.72 -6.11
C VAL M 14 -45.46 -89.31 -4.71
N GLU M 15 -45.14 -88.57 -3.68
CA GLU M 15 -45.23 -89.11 -2.32
C GLU M 15 -46.69 -89.43 -1.96
N GLN M 16 -47.63 -88.58 -2.36
CA GLN M 16 -49.06 -88.85 -2.17
C GLN M 16 -49.46 -90.11 -2.93
N ALA M 17 -48.99 -90.25 -4.16
CA ALA M 17 -49.18 -91.48 -4.91
C ALA M 17 -48.53 -92.67 -4.20
N ARG M 18 -47.35 -92.53 -3.60
CA ARG M 18 -46.65 -93.63 -2.93
C ARG M 18 -47.45 -94.15 -1.76
N VAL M 19 -47.94 -93.25 -0.91
CA VAL M 19 -48.84 -93.64 0.19
C VAL M 19 -50.13 -94.22 -0.38
N SER M 20 -50.68 -93.63 -1.44
CA SER M 20 -51.84 -94.20 -2.10
C SER M 20 -51.57 -95.60 -2.66
N ALA M 21 -50.35 -95.91 -3.09
CA ALA M 21 -49.95 -97.20 -3.62
C ALA M 21 -49.70 -98.23 -2.50
N GLU M 22 -49.18 -97.81 -1.36
CA GLU M 22 -49.16 -98.65 -0.16
C GLU M 22 -50.60 -98.98 0.27
N PHE M 23 -51.49 -97.98 0.30
CA PHE M 23 -52.91 -98.16 0.60
C PHE M 23 -53.59 -99.10 -0.41
N ALA M 24 -53.36 -98.90 -1.71
CA ALA M 24 -53.88 -99.77 -2.76
C ALA M 24 -53.39 -101.22 -2.61
N ARG M 25 -52.12 -101.44 -2.25
CA ARG M 25 -51.56 -102.79 -2.02
C ARG M 25 -52.07 -103.45 -0.74
N ARG M 26 -52.52 -102.67 0.26
CA ARG M 26 -53.19 -103.20 1.45
C ARG M 26 -54.68 -103.48 1.21
N GLN M 27 -55.38 -102.66 0.42
CA GLN M 27 -56.82 -102.77 0.12
C GLN M 27 -57.19 -103.67 -1.08
N GLY M 28 -56.33 -103.76 -2.11
CA GLY M 28 -56.50 -104.66 -3.27
C GLY M 28 -57.26 -104.09 -4.48
N ASP M 29 -57.61 -102.81 -4.52
CA ASP M 29 -58.35 -102.22 -5.65
C ASP M 29 -57.44 -101.89 -6.86
N GLU M 30 -57.59 -102.65 -7.95
CA GLU M 30 -56.84 -102.41 -9.20
C GLU M 30 -57.14 -101.05 -9.84
N LYS M 31 -58.35 -100.48 -9.65
CA LYS M 31 -58.65 -99.14 -10.20
C LYS M 31 -57.84 -98.06 -9.49
N MET M 32 -57.57 -98.24 -8.20
CA MET M 32 -56.69 -97.34 -7.46
C MET M 32 -55.25 -97.44 -7.99
N LEU M 33 -54.77 -98.66 -8.29
CA LEU M 33 -53.47 -98.85 -8.95
C LEU M 33 -53.44 -98.17 -10.33
N GLU M 34 -54.52 -98.24 -11.10
CA GLU M 34 -54.64 -97.50 -12.35
C GLU M 34 -54.52 -95.99 -12.14
N GLU M 35 -55.20 -95.45 -11.13
CA GLU M 35 -55.13 -94.02 -10.82
C GLU M 35 -53.70 -93.57 -10.46
N VAL M 36 -53.02 -94.27 -9.55
CA VAL M 36 -51.63 -93.88 -9.24
C VAL M 36 -50.71 -94.05 -10.44
N ALA M 37 -50.89 -95.08 -11.27
CA ALA M 37 -50.08 -95.25 -12.47
C ALA M 37 -50.29 -94.07 -13.43
N ARG M 38 -51.55 -93.69 -13.70
CA ARG M 38 -51.90 -92.53 -14.52
C ARG M 38 -51.26 -91.27 -13.94
N LYS M 39 -51.41 -91.04 -12.64
CA LYS M 39 -50.83 -89.86 -11.97
C LYS M 39 -49.31 -89.83 -12.16
N ALA M 40 -48.65 -90.97 -12.04
CA ALA M 40 -47.21 -91.06 -12.27
C ALA M 40 -46.84 -90.79 -13.74
N GLU M 41 -47.66 -91.20 -14.71
CA GLU M 41 -47.47 -90.76 -16.08
C GLU M 41 -47.64 -89.23 -16.21
N GLU M 42 -48.61 -88.62 -15.53
CA GLU M 42 -48.74 -87.16 -15.53
C GLU M 42 -47.51 -86.49 -14.92
N VAL M 43 -46.95 -87.06 -13.86
CA VAL M 43 -45.65 -86.61 -13.34
C VAL M 43 -44.60 -86.77 -14.43
N ALA M 44 -44.54 -87.91 -15.10
CA ALA M 44 -43.55 -88.15 -16.15
C ALA M 44 -43.65 -87.08 -17.24
N ARG M 45 -44.87 -86.74 -17.67
CA ARG M 45 -45.13 -85.64 -18.61
C ARG M 45 -44.51 -84.34 -18.07
N LYS M 46 -44.90 -83.93 -16.88
CA LYS M 46 -44.48 -82.65 -16.32
C LYS M 46 -42.96 -82.60 -16.17
N ALA M 47 -42.37 -83.64 -15.59
CA ALA M 47 -40.95 -83.72 -15.35
C ALA M 47 -40.15 -83.78 -16.65
N GLU M 48 -40.56 -84.59 -17.63
CA GLU M 48 -39.93 -84.60 -18.95
C GLU M 48 -39.96 -83.21 -19.58
N SER M 49 -41.10 -82.51 -19.46
CA SER M 49 -41.27 -81.18 -20.04
C SER M 49 -40.32 -80.18 -19.39
N ILE M 50 -40.21 -80.19 -18.06
CA ILE M 50 -39.24 -79.34 -17.37
C ILE M 50 -37.81 -79.74 -17.78
N ALA M 51 -37.51 -81.04 -17.89
CA ALA M 51 -36.18 -81.52 -18.23
C ALA M 51 -35.77 -81.07 -19.64
N ARG M 52 -36.68 -81.07 -20.62
CA ARG M 52 -36.40 -80.52 -21.95
C ARG M 52 -36.04 -79.04 -21.89
N LYS M 53 -36.76 -78.24 -21.09
CA LYS M 53 -36.38 -76.84 -20.85
C LYS M 53 -35.01 -76.75 -20.18
N ALA M 54 -34.79 -77.50 -19.10
CA ALA M 54 -33.53 -77.46 -18.36
C ALA M 54 -32.32 -77.85 -19.23
N ARG M 55 -32.43 -78.85 -20.10
CA ARG M 55 -31.30 -79.24 -20.98
C ARG M 55 -31.02 -78.23 -22.10
N LYS M 56 -32.01 -77.42 -22.49
CA LYS M 56 -31.78 -76.23 -23.32
C LYS M 56 -31.11 -75.10 -22.52
N GLU M 57 -31.63 -74.79 -21.33
CA GLU M 57 -31.17 -73.65 -20.54
C GLU M 57 -29.83 -73.86 -19.82
N GLY M 58 -29.43 -75.10 -19.55
CA GLY M 58 -28.13 -75.42 -18.93
C GLY M 58 -28.05 -75.24 -17.41
N ASN M 59 -29.17 -75.01 -16.71
CA ASN M 59 -29.22 -74.98 -15.26
C ASN M 59 -29.27 -76.41 -14.69
N LEU M 60 -28.14 -77.12 -14.78
CA LEU M 60 -28.08 -78.59 -14.68
C LEU M 60 -28.68 -79.16 -13.40
N GLU M 61 -28.63 -78.44 -12.28
CA GLU M 61 -29.26 -78.93 -11.04
C GLU M 61 -30.77 -79.17 -11.21
N LEU M 62 -31.47 -78.38 -12.02
CA LEU M 62 -32.87 -78.63 -12.33
C LEU M 62 -33.02 -79.93 -13.10
N ALA M 63 -32.15 -80.19 -14.07
CA ALA M 63 -32.19 -81.43 -14.83
C ALA M 63 -31.94 -82.62 -13.90
N LEU M 64 -30.96 -82.53 -13.00
CA LEU M 64 -30.71 -83.58 -12.03
C LEU M 64 -31.92 -83.77 -11.11
N LYS M 65 -32.49 -82.69 -10.57
CA LYS M 65 -33.72 -82.76 -9.76
C LYS M 65 -34.85 -83.44 -10.52
N ALA M 66 -35.06 -83.05 -11.77
CA ALA M 66 -36.09 -83.64 -12.62
C ALA M 66 -35.83 -85.13 -12.86
N LEU M 67 -34.60 -85.51 -13.18
CA LEU M 67 -34.24 -86.90 -13.36
C LEU M 67 -34.48 -87.68 -12.07
N GLU M 68 -34.13 -87.13 -10.92
CA GLU M 68 -34.37 -87.79 -9.64
C GLU M 68 -35.87 -87.97 -9.40
N ILE M 69 -36.69 -86.97 -9.71
CA ILE M 69 -38.14 -87.13 -9.66
C ILE M 69 -38.58 -88.22 -10.62
N LEU M 70 -38.05 -88.24 -11.85
CA LEU M 70 -38.37 -89.28 -12.82
C LEU M 70 -38.00 -90.65 -12.28
N VAL M 71 -36.89 -90.77 -11.57
CA VAL M 71 -36.54 -92.00 -10.86
C VAL M 71 -37.60 -92.32 -9.82
N ARG M 72 -37.98 -91.39 -8.94
CA ARG M 72 -38.98 -91.67 -7.91
C ARG M 72 -40.27 -92.16 -8.54
N ALA M 73 -40.70 -91.49 -9.61
CA ALA M 73 -41.90 -91.86 -10.36
C ALA M 73 -41.74 -93.26 -10.97
N ALA M 74 -40.62 -93.53 -11.62
CA ALA M 74 -40.36 -94.84 -12.18
C ALA M 74 -40.36 -95.91 -11.08
N HIS M 75 -39.83 -95.59 -9.89
CA HIS M 75 -39.76 -96.52 -8.79
C HIS M 75 -41.14 -96.89 -8.31
N VAL M 76 -42.01 -95.91 -8.04
CA VAL M 76 -43.39 -96.24 -7.67
C VAL M 76 -44.12 -96.94 -8.81
N LEU M 77 -43.89 -96.56 -10.07
CA LEU M 77 -44.48 -97.26 -11.22
C LEU M 77 -44.05 -98.72 -11.25
N ALA M 78 -42.79 -99.00 -10.96
CA ALA M 78 -42.28 -100.36 -10.89
C ALA M 78 -42.93 -101.11 -9.72
N GLU M 79 -43.06 -100.49 -8.54
CA GLU M 79 -43.76 -101.11 -7.41
C GLU M 79 -45.21 -101.48 -7.78
N ILE M 80 -45.91 -100.57 -8.46
CA ILE M 80 -47.28 -100.79 -8.94
C ILE M 80 -47.29 -101.95 -9.93
N ALA M 81 -46.48 -101.86 -10.98
CA ALA M 81 -46.48 -102.84 -12.05
C ALA M 81 -46.13 -104.25 -11.57
N ARG M 82 -45.18 -104.37 -10.64
CA ARG M 82 -44.72 -105.65 -10.06
C ARG M 82 -45.86 -106.36 -9.31
N GLU M 83 -46.57 -105.65 -8.44
CA GLU M 83 -47.67 -106.25 -7.68
C GLU M 83 -48.94 -106.43 -8.52
N ARG M 84 -49.18 -105.55 -9.51
CA ARG M 84 -50.26 -105.73 -10.50
C ARG M 84 -50.00 -106.89 -11.47
N GLY M 85 -48.74 -107.26 -11.66
CA GLY M 85 -48.32 -108.26 -12.64
C GLY M 85 -48.49 -107.79 -14.09
N ASN M 86 -48.40 -106.48 -14.36
CA ASN M 86 -48.64 -105.91 -15.68
C ASN M 86 -47.32 -105.58 -16.43
N GLU M 87 -47.22 -106.00 -17.69
CA GLU M 87 -46.04 -105.72 -18.52
C GLU M 87 -46.04 -104.33 -19.17
N GLU M 88 -47.20 -103.74 -19.50
CA GLU M 88 -47.24 -102.44 -20.19
C GLU M 88 -46.58 -101.34 -19.36
N LEU M 89 -46.88 -101.27 -18.08
CA LEU M 89 -46.17 -100.35 -17.19
C LEU M 89 -44.67 -100.68 -17.12
N GLN M 90 -44.28 -101.96 -17.04
CA GLN M 90 -42.86 -102.34 -17.01
C GLN M 90 -42.13 -101.91 -18.29
N LYS M 91 -42.75 -102.12 -19.46
CA LYS M 91 -42.22 -101.66 -20.75
C LYS M 91 -42.12 -100.12 -20.78
N LYS M 92 -43.19 -99.41 -20.41
CA LYS M 92 -43.21 -97.94 -20.39
C LYS M 92 -42.12 -97.39 -19.47
N ALA M 93 -42.03 -97.92 -18.25
CA ALA M 93 -40.99 -97.56 -17.30
C ALA M 93 -39.60 -97.91 -17.83
N HIS M 94 -39.40 -99.09 -18.42
CA HIS M 94 -38.10 -99.50 -18.95
C HIS M 94 -37.60 -98.55 -20.02
N LYS M 95 -38.48 -98.14 -20.97
CA LYS M 95 -38.12 -97.13 -21.98
C LYS M 95 -37.66 -95.84 -21.31
N LEU M 96 -38.46 -95.32 -20.39
CA LEU M 96 -38.14 -94.09 -19.67
C LEU M 96 -36.80 -94.23 -18.92
N ALA M 97 -36.59 -95.33 -18.20
CA ALA M 97 -35.38 -95.56 -17.42
C ALA M 97 -34.14 -95.65 -18.32
N LYS M 98 -34.21 -96.42 -19.41
CA LYS M 98 -33.09 -96.57 -20.35
C LYS M 98 -32.73 -95.24 -21.00
N GLU M 99 -33.73 -94.46 -21.41
CA GLU M 99 -33.49 -93.12 -21.95
C GLU M 99 -32.94 -92.16 -20.88
N ALA M 100 -33.43 -92.25 -19.65
CA ALA M 100 -32.89 -91.47 -18.55
C ALA M 100 -31.41 -91.83 -18.30
N LEU M 101 -31.06 -93.12 -18.32
CA LEU M 101 -29.67 -93.55 -18.14
C LEU M 101 -28.78 -92.92 -19.20
N ARG M 102 -29.20 -93.01 -20.47
CA ARG M 102 -28.52 -92.38 -21.59
C ARG M 102 -28.34 -90.88 -21.35
N GLN M 103 -29.42 -90.17 -21.09
CA GLN M 103 -29.37 -88.72 -20.89
C GLN M 103 -28.55 -88.32 -19.68
N VAL M 104 -28.68 -89.00 -18.54
CA VAL M 104 -27.89 -88.65 -17.36
C VAL M 104 -26.43 -88.91 -17.61
N ILE M 105 -26.06 -89.96 -18.38
CA ILE M 105 -24.68 -90.16 -18.77
C ILE M 105 -24.19 -88.95 -19.58
N GLU M 106 -24.96 -88.49 -20.56
CA GLU M 106 -24.58 -87.31 -21.34
C GLU M 106 -24.46 -86.07 -20.46
N ILE M 107 -25.40 -85.87 -19.54
CA ILE M 107 -25.33 -84.75 -18.60
C ILE M 107 -24.09 -84.89 -17.72
N ALA M 108 -23.75 -86.09 -17.26
CA ALA M 108 -22.56 -86.33 -16.44
C ALA M 108 -21.28 -86.05 -17.24
N ILE M 109 -21.24 -86.46 -18.50
CA ILE M 109 -20.16 -86.08 -19.41
C ILE M 109 -20.09 -84.55 -19.49
N ARG M 110 -21.21 -83.86 -19.71
CA ARG M 110 -21.24 -82.39 -19.75
C ARG M 110 -20.73 -81.78 -18.44
N ALA M 111 -21.15 -82.28 -17.30
CA ALA M 111 -20.73 -81.78 -15.98
C ALA M 111 -19.22 -81.94 -15.77
N ILE M 112 -18.64 -83.08 -16.15
CA ILE M 112 -17.20 -83.30 -16.13
C ILE M 112 -16.50 -82.34 -17.11
N GLN M 113 -17.08 -82.15 -18.30
CA GLN M 113 -16.50 -81.26 -19.31
C GLN M 113 -16.51 -79.78 -18.87
N GLU M 114 -17.56 -79.33 -18.18
CA GLU M 114 -17.62 -78.02 -17.52
C GLU M 114 -16.80 -77.96 -16.21
N GLY M 115 -16.36 -79.10 -15.68
CA GLY M 115 -15.53 -79.22 -14.48
C GLY M 115 -16.28 -79.20 -13.14
N ASN M 116 -17.61 -79.24 -13.13
CA ASN M 116 -18.42 -79.25 -11.90
C ASN M 116 -18.56 -80.68 -11.35
N LEU M 117 -17.59 -81.10 -10.54
CA LEU M 117 -17.57 -82.45 -9.99
C LEU M 117 -18.75 -82.71 -9.05
N GLU M 118 -19.27 -81.70 -8.35
CA GLU M 118 -20.42 -81.85 -7.47
C GLU M 118 -21.67 -82.28 -8.23
N LEU M 119 -21.98 -81.61 -9.34
CA LEU M 119 -23.06 -82.04 -10.21
C LEU M 119 -22.78 -83.45 -10.73
N ALA M 120 -21.55 -83.76 -11.15
CA ALA M 120 -21.23 -85.10 -11.63
C ALA M 120 -21.43 -86.17 -10.55
N ILE M 121 -21.09 -85.87 -9.31
CA ILE M 121 -21.32 -86.77 -8.18
C ILE M 121 -22.83 -87.00 -8.02
N ILE M 122 -23.62 -85.94 -7.96
CA ILE M 122 -25.07 -86.06 -7.81
C ILE M 122 -25.66 -86.85 -8.97
N ALA M 123 -25.21 -86.56 -10.20
CA ALA M 123 -25.66 -87.28 -11.38
C ALA M 123 -25.32 -88.76 -11.27
N LEU M 124 -24.11 -89.11 -10.82
CA LEU M 124 -23.73 -90.51 -10.72
C LEU M 124 -24.55 -91.21 -9.64
N HIS M 125 -24.86 -90.52 -8.54
CA HIS M 125 -25.83 -90.97 -7.55
C HIS M 125 -27.18 -91.28 -8.20
N ILE M 126 -27.71 -90.35 -8.98
CA ILE M 126 -28.95 -90.59 -9.71
C ILE M 126 -28.79 -91.79 -10.64
N SER M 127 -27.66 -91.95 -11.31
CA SER M 127 -27.42 -93.10 -12.19
C SER M 127 -27.51 -94.40 -11.39
N VAL M 128 -26.88 -94.47 -10.23
CA VAL M 128 -26.98 -95.66 -9.39
C VAL M 128 -28.43 -95.88 -8.97
N ARG M 129 -29.18 -94.81 -8.67
CA ARG M 129 -30.61 -94.96 -8.39
C ARG M 129 -31.40 -95.42 -9.62
N ILE M 130 -31.04 -95.00 -10.82
CA ILE M 130 -31.60 -95.58 -12.04
C ILE M 130 -31.28 -97.07 -12.08
N ALA M 131 -30.07 -97.47 -11.68
CA ALA M 131 -29.74 -98.88 -11.60
C ALA M 131 -30.65 -99.61 -10.61
N GLU M 132 -31.07 -99.01 -9.50
CA GLU M 132 -32.06 -99.64 -8.62
C GLU M 132 -33.35 -99.93 -9.36
N VAL M 133 -33.83 -98.98 -10.17
CA VAL M 133 -35.02 -99.19 -10.99
C VAL M 133 -34.78 -100.30 -11.99
N LEU M 134 -33.67 -100.24 -12.73
CA LEU M 134 -33.37 -101.25 -13.74
C LEU M 134 -33.26 -102.65 -13.11
N LEU M 135 -32.59 -102.74 -11.96
CA LEU M 135 -32.39 -104.00 -11.25
C LEU M 135 -33.72 -104.61 -10.84
N GLU M 136 -34.61 -103.81 -10.26
CA GLU M 136 -35.96 -104.30 -9.96
C GLU M 136 -36.73 -104.64 -11.23
N THR M 137 -36.50 -103.92 -12.33
CA THR M 137 -37.23 -104.12 -13.58
C THR M 137 -36.93 -105.50 -14.18
N ARG M 138 -35.65 -105.83 -14.34
CA ARG M 138 -35.18 -107.11 -14.92
C ARG M 138 -33.81 -107.49 -14.34
N PRO M 139 -33.76 -108.28 -13.25
CA PRO M 139 -32.51 -108.70 -12.60
C PRO M 139 -31.74 -109.79 -13.37
N ASP M 140 -32.34 -110.37 -14.42
CA ASP M 140 -31.74 -111.42 -15.25
C ASP M 140 -30.91 -110.89 -16.44
N ASP M 141 -31.13 -109.65 -16.89
CA ASP M 141 -30.34 -109.03 -17.97
C ASP M 141 -29.00 -108.50 -17.46
N ARG M 142 -28.12 -109.44 -17.10
CA ARG M 142 -26.77 -109.16 -16.62
C ARG M 142 -25.97 -108.27 -17.56
N GLU M 143 -26.24 -108.33 -18.86
CA GLU M 143 -25.54 -107.52 -19.85
C GLU M 143 -25.97 -106.05 -19.76
N GLU M 144 -27.26 -105.74 -19.69
CA GLU M 144 -27.70 -104.36 -19.46
C GLU M 144 -27.15 -103.82 -18.13
N ILE M 145 -27.20 -104.64 -17.07
CA ILE M 145 -26.62 -104.27 -15.79
C ILE M 145 -25.12 -104.01 -15.95
N ARG M 146 -24.40 -104.86 -16.68
CA ARG M 146 -22.97 -104.68 -16.95
C ARG M 146 -22.72 -103.40 -17.74
N GLU M 147 -23.57 -103.00 -18.67
CA GLU M 147 -23.42 -101.71 -19.35
C GLU M 147 -23.46 -100.56 -18.34
N GLN M 148 -24.45 -100.57 -17.44
CA GLN M 148 -24.48 -99.58 -16.36
C GLN M 148 -23.20 -99.67 -15.52
N GLN M 149 -22.87 -100.85 -14.98
CA GLN M 149 -21.76 -100.99 -14.05
C GLN M 149 -20.41 -100.64 -14.69
N ALA M 150 -20.18 -101.02 -15.94
CA ALA M 150 -18.95 -100.67 -16.65
C ALA M 150 -18.85 -99.16 -16.83
N ILE M 151 -19.91 -98.51 -17.32
CA ILE M 151 -19.90 -97.06 -17.50
C ILE M 151 -19.70 -96.37 -16.15
N PHE M 152 -20.37 -96.87 -15.11
CA PHE M 152 -20.17 -96.37 -13.75
C PHE M 152 -18.72 -96.49 -13.34
N GLU M 153 -18.11 -97.67 -13.45
CA GLU M 153 -16.72 -97.85 -13.02
C GLU M 153 -15.75 -97.01 -13.86
N LEU M 154 -16.05 -96.80 -15.15
CA LEU M 154 -15.28 -95.87 -15.95
C LEU M 154 -15.42 -94.43 -15.43
N LEU M 155 -16.65 -93.98 -15.18
CA LEU M 155 -16.89 -92.66 -14.61
C LEU M 155 -16.25 -92.51 -13.23
N ILE M 156 -16.29 -93.55 -12.40
CA ILE M 156 -15.57 -93.57 -11.12
C ILE M 156 -14.07 -93.45 -11.34
N ALA M 157 -13.48 -94.17 -12.28
CA ALA M 157 -12.07 -94.00 -12.55
C ALA M 157 -11.75 -92.55 -12.97
N ALA M 158 -12.61 -91.96 -13.80
CA ALA M 158 -12.49 -90.57 -14.19
C ALA M 158 -12.64 -89.65 -12.97
N LEU M 159 -13.60 -89.88 -12.08
CA LEU M 159 -13.73 -89.14 -10.84
C LEU M 159 -12.51 -89.34 -9.93
N GLU M 160 -11.95 -90.54 -9.81
CA GLU M 160 -10.75 -90.78 -9.00
C GLU M 160 -9.57 -89.96 -9.52
N ALA M 161 -9.35 -89.98 -10.84
CA ALA M 161 -8.34 -89.12 -11.44
C ALA M 161 -8.66 -87.64 -11.18
N ALA M 162 -9.89 -87.22 -11.47
CA ALA M 162 -10.30 -85.83 -11.39
C ALA M 162 -10.16 -85.30 -9.97
N ILE M 163 -10.67 -86.02 -8.98
CA ILE M 163 -10.65 -85.62 -7.58
C ILE M 163 -9.23 -85.68 -7.05
N ARG M 164 -8.41 -86.67 -7.43
CA ARG M 164 -6.99 -86.69 -7.03
C ARG M 164 -6.27 -85.46 -7.56
N LEU M 165 -6.50 -85.10 -8.82
CA LEU M 165 -5.94 -83.89 -9.42
C LEU M 165 -6.47 -82.62 -8.75
N GLU M 166 -7.77 -82.51 -8.52
CA GLU M 166 -8.38 -81.35 -7.86
C GLU M 166 -7.83 -81.18 -6.44
N LYS M 167 -7.71 -82.28 -5.69
CA LYS M 167 -7.11 -82.30 -4.35
C LYS M 167 -5.64 -81.88 -4.41
N LEU M 168 -4.89 -82.38 -5.39
CA LEU M 168 -3.51 -81.97 -5.62
C LEU M 168 -3.42 -80.47 -5.94
N LYS M 169 -4.34 -79.94 -6.74
CA LYS M 169 -4.45 -78.51 -7.06
C LYS M 169 -4.75 -77.68 -5.80
N GLU M 170 -5.68 -78.15 -4.98
CA GLU M 170 -6.07 -77.49 -3.72
C GLU M 170 -4.91 -77.48 -2.70
N GLU M 171 -4.14 -78.55 -2.61
CA GLU M 171 -2.92 -78.59 -1.76
C GLU M 171 -1.75 -77.78 -2.34
N GLY M 172 -1.60 -77.74 -3.67
CA GLY M 172 -0.42 -77.24 -4.35
C GLY M 172 0.72 -78.27 -4.40
N ALA M 173 1.36 -78.42 -5.56
CA ALA M 173 2.37 -79.44 -5.83
C ALA M 173 3.35 -78.99 -6.93
N PRO M 174 4.55 -79.58 -7.02
CA PRO M 174 5.45 -79.35 -8.15
C PRO M 174 4.87 -79.98 -9.43
N PRO M 175 4.92 -79.31 -10.60
CA PRO M 175 4.34 -79.81 -11.84
C PRO M 175 4.73 -81.24 -12.21
N GLU M 176 5.95 -81.67 -11.89
CA GLU M 176 6.42 -83.04 -12.13
C GLU M 176 5.57 -84.07 -11.35
N GLN M 177 5.16 -83.76 -10.13
CA GLN M 177 4.23 -84.62 -9.38
C GLN M 177 2.86 -84.63 -10.06
N ILE M 178 2.40 -83.48 -10.55
CA ILE M 178 1.12 -83.39 -11.29
C ILE M 178 1.18 -84.24 -12.55
N GLU M 179 2.27 -84.17 -13.31
CA GLU M 179 2.47 -84.97 -14.51
C GLU M 179 2.55 -86.47 -14.20
N ARG M 180 3.27 -86.87 -13.14
CA ARG M 180 3.30 -88.27 -12.68
C ARG M 180 1.90 -88.80 -12.36
N VAL M 181 1.09 -88.00 -11.67
CA VAL M 181 -0.31 -88.35 -11.37
C VAL M 181 -1.12 -88.45 -12.66
N ALA M 182 -1.00 -87.48 -13.55
CA ALA M 182 -1.76 -87.45 -14.81
C ALA M 182 -1.45 -88.69 -15.68
N GLU M 183 -0.17 -89.03 -15.81
CA GLU M 183 0.27 -90.22 -16.52
C GLU M 183 -0.33 -91.49 -15.90
N HIS M 184 -0.17 -91.67 -14.59
CA HIS M 184 -0.72 -92.83 -13.89
C HIS M 184 -2.24 -92.95 -14.09
N GLY M 185 -2.95 -91.83 -13.99
CA GLY M 185 -4.39 -91.75 -14.23
C GLY M 185 -4.76 -92.17 -15.66
N LEU M 186 -4.13 -91.58 -16.66
CA LEU M 186 -4.41 -91.92 -18.05
C LEU M 186 -4.04 -93.38 -18.36
N GLU M 187 -2.95 -93.91 -17.81
CA GLU M 187 -2.60 -95.32 -17.99
C GLU M 187 -3.67 -96.25 -17.42
N ARG M 188 -4.11 -96.06 -16.17
CA ARG M 188 -5.15 -96.94 -15.63
C ARG M 188 -6.47 -96.77 -16.37
N LEU M 189 -6.81 -95.54 -16.77
CA LEU M 189 -7.96 -95.29 -17.65
C LEU M 189 -7.85 -96.08 -18.95
N LYS M 190 -6.68 -96.09 -19.59
CA LYS M 190 -6.44 -96.87 -20.80
C LYS M 190 -6.71 -98.35 -20.56
N GLU M 191 -6.09 -98.93 -19.54
CA GLU M 191 -6.23 -100.37 -19.28
C GLU M 191 -7.67 -100.73 -18.86
N ILE M 192 -8.33 -99.90 -18.06
CA ILE M 192 -9.75 -100.07 -17.75
C ILE M 192 -10.59 -100.03 -19.02
N ALA M 193 -10.38 -99.04 -19.90
CA ALA M 193 -11.15 -98.93 -21.13
C ALA M 193 -10.94 -100.16 -22.02
N LYS M 194 -9.71 -100.66 -22.10
CA LYS M 194 -9.39 -101.88 -22.84
C LYS M 194 -10.10 -103.09 -22.24
N GLU M 195 -10.08 -103.24 -20.92
CA GLU M 195 -10.84 -104.31 -20.26
C GLU M 195 -12.34 -104.20 -20.53
N ILE M 196 -12.91 -103.00 -20.48
CA ILE M 196 -14.32 -102.77 -20.82
C ILE M 196 -14.60 -103.12 -22.29
N SER M 197 -13.69 -102.77 -23.20
CA SER M 197 -13.81 -103.08 -24.63
C SER M 197 -13.87 -104.59 -24.91
N LYS M 198 -13.33 -105.43 -24.01
CA LYS M 198 -13.46 -106.91 -24.13
C LYS M 198 -14.90 -107.40 -23.93
N GLU M 199 -15.83 -106.55 -23.50
CA GLU M 199 -17.21 -106.95 -23.20
C GLU M 199 -18.27 -106.12 -23.92
N VAL M 200 -18.17 -104.79 -23.94
CA VAL M 200 -19.29 -103.92 -24.39
C VAL M 200 -19.56 -104.00 -25.90
N ASP M 201 -20.84 -103.97 -26.30
CA ASP M 201 -21.26 -104.15 -27.70
C ASP M 201 -21.92 -102.91 -28.31
N SER M 202 -22.71 -102.16 -27.55
CA SER M 202 -23.48 -101.03 -28.09
C SER M 202 -22.56 -99.96 -28.68
N PRO M 203 -22.79 -99.52 -29.93
CA PRO M 203 -22.03 -98.45 -30.55
C PRO M 203 -22.08 -97.15 -29.73
N GLU M 204 -23.27 -96.76 -29.26
CA GLU M 204 -23.41 -95.55 -28.46
C GLU M 204 -22.70 -95.71 -27.11
N SER M 205 -22.72 -96.92 -26.54
CA SER M 205 -21.96 -97.21 -25.32
C SER M 205 -20.46 -97.05 -25.53
N LYS M 206 -19.93 -97.64 -26.61
CA LYS M 206 -18.54 -97.44 -27.00
C LYS M 206 -18.22 -95.96 -27.19
N ARG M 207 -19.11 -95.22 -27.86
CA ARG M 207 -18.96 -93.76 -28.07
C ARG M 207 -18.89 -93.03 -26.74
N ILE M 208 -19.84 -93.33 -25.86
CA ILE M 208 -19.85 -92.82 -24.49
C ILE M 208 -18.51 -93.11 -23.82
N ALA M 209 -18.01 -94.33 -23.86
CA ALA M 209 -16.75 -94.68 -23.22
C ALA M 209 -15.60 -93.85 -23.77
N TYR M 210 -15.51 -93.74 -25.09
CA TYR M 210 -14.46 -92.93 -25.68
C TYR M 210 -14.57 -91.47 -25.26
N LYS M 211 -15.76 -90.89 -25.38
CA LYS M 211 -15.98 -89.49 -24.98
C LYS M 211 -15.69 -89.29 -23.51
N ILE M 212 -15.98 -90.26 -22.64
CA ILE M 212 -15.60 -90.17 -21.23
C ILE M 212 -14.07 -90.12 -21.13
N VAL M 213 -13.34 -91.04 -21.75
CA VAL M 213 -11.88 -91.02 -21.69
C VAL M 213 -11.35 -89.68 -22.20
N ALA M 214 -11.89 -89.20 -23.31
CA ALA M 214 -11.51 -87.93 -23.88
C ALA M 214 -11.80 -86.77 -22.92
N ALA M 215 -12.99 -86.72 -22.33
CA ALA M 215 -13.34 -85.70 -21.36
C ALA M 215 -12.44 -85.75 -20.13
N ALA M 216 -12.06 -86.95 -19.66
CA ALA M 216 -11.11 -87.09 -18.56
C ALA M 216 -9.75 -86.52 -18.96
N ALA M 217 -9.25 -86.85 -20.16
CA ALA M 217 -8.04 -86.22 -20.64
C ALA M 217 -8.19 -84.69 -20.76
N GLU M 218 -9.32 -84.21 -21.26
CA GLU M 218 -9.57 -82.77 -21.40
C GLU M 218 -9.53 -82.07 -20.04
N PHE M 219 -10.21 -82.63 -19.04
CA PHE M 219 -10.17 -82.12 -17.67
C PHE M 219 -8.72 -82.11 -17.17
N LEU M 220 -7.99 -83.21 -17.35
CA LEU M 220 -6.58 -83.30 -16.95
C LEU M 220 -5.78 -82.17 -17.60
N LEU M 221 -5.92 -81.96 -18.91
CA LEU M 221 -5.17 -80.95 -19.63
C LEU M 221 -5.54 -79.55 -19.12
N LYS M 222 -6.84 -79.21 -19.08
CA LYS M 222 -7.28 -77.89 -18.63
C LYS M 222 -6.81 -77.60 -17.21
N ILE M 223 -7.04 -78.52 -16.29
CA ILE M 223 -6.70 -78.33 -14.88
C ILE M 223 -5.19 -78.32 -14.68
N LEU M 224 -4.42 -79.15 -15.39
CA LEU M 224 -2.95 -79.10 -15.30
C LEU M 224 -2.43 -77.74 -15.78
N ALA M 225 -2.98 -77.23 -16.89
CA ALA M 225 -2.62 -75.91 -17.40
C ALA M 225 -3.03 -74.78 -16.43
N GLU M 226 -4.27 -74.77 -15.95
CA GLU M 226 -4.72 -73.78 -14.96
C GLU M 226 -3.94 -73.86 -13.63
N GLY M 227 -3.49 -75.05 -13.25
CA GLY M 227 -2.63 -75.27 -12.08
C GLY M 227 -1.18 -74.81 -12.25
N GLY M 228 -0.77 -74.44 -13.47
CA GLY M 228 0.57 -73.97 -13.81
C GLY M 228 1.57 -75.10 -14.08
N ALA M 229 2.15 -75.10 -15.28
CA ALA M 229 3.21 -76.01 -15.72
C ALA M 229 4.04 -75.36 -16.85
N THR M 230 5.24 -75.89 -17.11
CA THR M 230 6.10 -75.36 -18.20
C THR M 230 5.57 -75.79 -19.57
N PRO M 231 5.88 -75.04 -20.65
CA PRO M 231 5.56 -75.46 -22.01
C PRO M 231 6.05 -76.88 -22.35
N GLU M 232 7.23 -77.27 -21.87
CA GLU M 232 7.76 -78.62 -22.08
C GLU M 232 6.89 -79.67 -21.39
N GLN M 233 6.51 -79.46 -20.14
CA GLN M 233 5.62 -80.38 -19.45
C GLN M 233 4.25 -80.46 -20.16
N LEU M 234 3.68 -79.32 -20.55
CA LEU M 234 2.42 -79.27 -21.30
C LEU M 234 2.51 -80.07 -22.60
N GLU M 235 3.60 -79.93 -23.35
CA GLU M 235 3.79 -80.67 -24.60
C GLU M 235 3.94 -82.17 -24.33
N ARG M 236 4.74 -82.59 -23.34
CA ARG M 236 4.89 -84.01 -22.98
C ARG M 236 3.57 -84.63 -22.56
N VAL M 237 2.83 -83.94 -21.70
CA VAL M 237 1.46 -84.34 -21.33
C VAL M 237 0.59 -84.44 -22.57
N THR M 238 0.65 -83.45 -23.46
CA THR M 238 -0.18 -83.45 -24.66
C THR M 238 0.11 -84.67 -25.54
N GLU M 239 1.38 -84.96 -25.83
CA GLU M 239 1.70 -86.10 -26.68
C GLU M 239 1.32 -87.40 -25.99
N HIS M 240 1.60 -87.55 -24.70
CA HIS M 240 1.16 -88.72 -23.96
C HIS M 240 -0.36 -88.88 -24.05
N ALA M 241 -1.12 -87.79 -23.88
CA ALA M 241 -2.58 -87.84 -23.95
C ALA M 241 -3.05 -88.22 -25.36
N LEU M 242 -2.52 -87.58 -26.41
CA LEU M 242 -2.85 -87.97 -27.77
C LEU M 242 -2.50 -89.45 -28.03
N GLU M 243 -1.35 -89.92 -27.56
CA GLU M 243 -0.92 -91.30 -27.70
C GLU M 243 -1.89 -92.27 -27.02
N VAL M 244 -2.29 -91.95 -25.79
CA VAL M 244 -3.34 -92.70 -25.10
C VAL M 244 -4.61 -92.67 -25.93
N LEU M 245 -5.08 -91.50 -26.35
CA LEU M 245 -6.34 -91.38 -27.08
C LEU M 245 -6.28 -92.16 -28.38
N LYS M 246 -5.13 -92.20 -29.05
CA LYS M 246 -4.91 -93.02 -30.23
C LYS M 246 -4.99 -94.50 -29.90
N GLU M 247 -4.29 -95.00 -28.90
CA GLU M 247 -4.40 -96.41 -28.53
C GLU M 247 -5.84 -96.78 -28.15
N VAL M 248 -6.47 -95.97 -27.31
CA VAL M 248 -7.85 -96.21 -26.88
C VAL M 248 -8.79 -96.16 -28.08
N ALA M 249 -8.57 -95.25 -29.04
CA ALA M 249 -9.37 -95.21 -30.25
C ALA M 249 -9.22 -96.53 -31.02
N LYS M 250 -7.99 -97.00 -31.25
CA LYS M 250 -7.75 -98.26 -31.95
C LYS M 250 -8.44 -99.45 -31.27
N GLU M 251 -8.39 -99.50 -29.95
CA GLU M 251 -8.95 -100.61 -29.17
C GLU M 251 -10.48 -100.53 -28.98
N LEU M 252 -11.11 -99.36 -29.17
CA LEU M 252 -12.57 -99.21 -29.08
C LEU M 252 -13.26 -99.11 -30.45
N ALA M 253 -12.57 -98.68 -31.50
CA ALA M 253 -13.21 -98.45 -32.80
C ALA M 253 -13.73 -99.73 -33.45
N ASP M 254 -14.84 -99.62 -34.18
CA ASP M 254 -15.54 -100.75 -34.84
C ASP M 254 -16.28 -100.37 -36.14
N SER M 255 -16.34 -99.09 -36.47
CA SER M 255 -17.21 -98.54 -37.51
C SER M 255 -16.74 -97.15 -37.95
N PRO M 256 -17.10 -96.70 -39.17
CA PRO M 256 -16.86 -95.33 -39.59
C PRO M 256 -17.38 -94.30 -38.58
N GLU M 257 -18.56 -94.54 -38.02
CA GLU M 257 -19.16 -93.67 -37.00
C GLU M 257 -18.25 -93.55 -35.77
N SER M 258 -17.70 -94.68 -35.29
CA SER M 258 -16.76 -94.65 -34.17
C SER M 258 -15.51 -93.85 -34.52
N GLY M 259 -15.02 -93.98 -35.75
CA GLY M 259 -13.92 -93.14 -36.24
C GLY M 259 -14.28 -91.67 -36.21
N LEU M 260 -15.42 -91.31 -36.80
CA LEU M 260 -15.91 -89.94 -36.89
C LEU M 260 -15.95 -89.30 -35.50
N ALA M 261 -16.57 -89.99 -34.55
CA ALA M 261 -16.59 -89.53 -33.18
C ALA M 261 -15.18 -89.39 -32.61
N ALA M 262 -14.41 -90.49 -32.60
CA ALA M 262 -13.15 -90.53 -31.87
C ALA M 262 -12.17 -89.49 -32.40
N LEU M 263 -12.07 -89.40 -33.71
CA LEU M 263 -11.08 -88.51 -34.30
C LEU M 263 -11.52 -87.05 -34.18
N ALA M 264 -12.82 -86.76 -34.28
CA ALA M 264 -13.30 -85.42 -33.96
C ALA M 264 -12.92 -85.03 -32.53
N ALA M 265 -13.11 -85.95 -31.59
CA ALA M 265 -12.72 -85.71 -30.21
C ALA M 265 -11.20 -85.50 -30.10
N ILE M 266 -10.39 -86.34 -30.75
CA ILE M 266 -8.93 -86.17 -30.73
C ILE M 266 -8.57 -84.77 -31.21
N ALA M 267 -9.11 -84.36 -32.37
CA ALA M 267 -8.82 -83.05 -32.91
C ALA M 267 -9.30 -81.94 -31.97
N SER M 268 -10.41 -82.15 -31.27
CA SER M 268 -10.86 -81.22 -30.25
C SER M 268 -9.83 -81.10 -29.12
N LEU M 269 -9.27 -82.22 -28.64
CA LEU M 269 -8.22 -82.19 -27.63
C LEU M 269 -6.98 -81.47 -28.16
N ALA M 270 -6.61 -81.70 -29.41
CA ALA M 270 -5.51 -80.98 -30.03
C ALA M 270 -5.78 -79.47 -30.11
N LYS M 271 -7.00 -79.05 -30.45
CA LYS M 271 -7.40 -77.63 -30.49
C LYS M 271 -7.24 -76.97 -29.12
N LEU M 272 -7.62 -77.66 -28.06
CA LEU M 272 -7.33 -77.22 -26.69
C LEU M 272 -5.81 -77.15 -26.45
N GLY M 273 -5.06 -78.16 -26.87
CA GLY M 273 -3.60 -78.17 -26.69
C GLY M 273 -2.96 -76.93 -27.31
N LEU M 274 -3.31 -76.64 -28.57
CA LEU M 274 -2.88 -75.43 -29.28
C LEU M 274 -3.30 -74.16 -28.53
N GLU M 275 -4.53 -74.09 -28.04
CA GLU M 275 -5.01 -72.94 -27.28
C GLU M 275 -4.20 -72.73 -25.99
N GLN M 276 -3.84 -73.79 -25.26
CA GLN M 276 -2.98 -73.68 -24.09
C GLN M 276 -1.54 -73.31 -24.45
N LEU M 277 -1.00 -73.84 -25.55
CA LEU M 277 0.31 -73.39 -26.07
C LEU M 277 0.28 -71.90 -26.44
N LYS M 278 -0.83 -71.40 -26.99
CA LYS M 278 -1.03 -69.97 -27.25
C LYS M 278 -1.04 -69.19 -25.95
N GLU M 279 -1.80 -69.64 -24.96
CA GLU M 279 -1.95 -68.93 -23.69
C GLU M 279 -0.64 -68.89 -22.87
N ILE M 280 0.11 -69.98 -22.80
CA ILE M 280 1.43 -70.01 -22.12
C ILE M 280 2.51 -69.25 -22.91
N GLY M 281 2.24 -68.84 -24.16
CA GLY M 281 3.19 -68.13 -25.00
C GLY M 281 4.34 -69.01 -25.51
N ALA M 282 4.08 -70.28 -25.80
CA ALA M 282 5.08 -71.22 -26.30
C ALA M 282 5.61 -70.81 -27.70
N PRO M 283 6.88 -71.11 -28.03
CA PRO M 283 7.45 -70.76 -29.31
C PRO M 283 6.85 -71.60 -30.45
N PRO M 284 6.82 -71.09 -31.70
CA PRO M 284 6.16 -71.73 -32.83
C PRO M 284 6.55 -73.19 -33.07
N GLU M 285 7.78 -73.58 -32.80
CA GLU M 285 8.23 -74.98 -32.96
C GLU M 285 7.41 -75.94 -32.10
N GLN M 286 7.06 -75.57 -30.87
CA GLN M 286 6.20 -76.41 -30.04
C GLN M 286 4.79 -76.54 -30.65
N GLN M 287 4.25 -75.44 -31.20
CA GLN M 287 2.97 -75.47 -31.91
C GLN M 287 3.02 -76.44 -33.10
N ARG M 288 4.10 -76.38 -33.90
CA ARG M 288 4.32 -77.33 -34.99
C ARG M 288 4.42 -78.76 -34.47
N ARG M 289 5.25 -79.04 -33.45
CA ARG M 289 5.42 -80.39 -32.87
C ARG M 289 4.10 -81.00 -32.45
N VAL M 290 3.31 -80.27 -31.66
CA VAL M 290 1.97 -80.72 -31.24
C VAL M 290 1.08 -80.93 -32.47
N THR M 291 1.07 -79.99 -33.41
CA THR M 291 0.25 -80.11 -34.62
C THR M 291 0.61 -81.35 -35.41
N LYS M 292 1.90 -81.61 -35.59
CA LYS M 292 2.40 -82.82 -36.27
C LYS M 292 1.96 -84.08 -35.56
N ALA M 293 2.11 -84.16 -34.24
CA ALA M 293 1.61 -85.32 -33.49
C ALA M 293 0.10 -85.51 -33.73
N GLY M 294 -0.66 -84.42 -33.73
CA GLY M 294 -2.09 -84.46 -34.05
C GLY M 294 -2.35 -84.97 -35.47
N ILE M 295 -1.71 -84.39 -36.47
CA ILE M 295 -1.84 -84.83 -37.85
C ILE M 295 -1.42 -86.31 -38.01
N GLU M 296 -0.36 -86.75 -37.35
CA GLU M 296 0.06 -88.15 -37.37
C GLU M 296 -1.00 -89.06 -36.74
N ALA M 297 -1.63 -88.65 -35.65
CA ALA M 297 -2.76 -89.37 -35.10
C ALA M 297 -3.94 -89.40 -36.10
N VAL M 298 -4.23 -88.27 -36.76
CA VAL M 298 -5.27 -88.21 -37.79
C VAL M 298 -4.99 -89.23 -38.88
N ARG M 299 -3.77 -89.25 -39.39
CA ARG M 299 -3.32 -90.21 -40.39
C ARG M 299 -3.42 -91.65 -39.88
N GLU M 300 -2.93 -91.92 -38.67
CA GLU M 300 -2.96 -93.25 -38.10
C GLU M 300 -4.38 -93.78 -37.96
N ILE M 301 -5.30 -93.01 -37.38
CA ILE M 301 -6.69 -93.48 -37.22
C ILE M 301 -7.37 -93.56 -38.59
N TYR M 302 -7.14 -92.62 -39.50
CA TYR M 302 -7.63 -92.71 -40.86
C TYR M 302 -7.20 -94.01 -41.55
N ARG M 303 -5.92 -94.38 -41.44
CA ARG M 303 -5.37 -95.62 -42.02
C ARG M 303 -5.91 -96.86 -41.29
N TYR M 304 -5.91 -96.85 -39.96
CA TYR M 304 -6.47 -97.94 -39.15
C TYR M 304 -7.95 -98.17 -39.48
N GLY M 305 -8.67 -97.11 -39.88
CA GLY M 305 -10.04 -97.15 -40.39
C GLY M 305 -10.27 -98.10 -41.55
N ARG M 306 -9.22 -98.58 -42.25
CA ARG M 306 -9.35 -99.59 -43.30
C ARG M 306 -9.62 -101.01 -42.77
N LYS M 307 -9.57 -101.22 -41.45
CA LYS M 307 -10.26 -102.35 -40.80
C LYS M 307 -11.79 -102.27 -40.89
N LEU M 308 -12.33 -101.05 -40.99
CA LEU M 308 -13.74 -100.71 -40.73
C LEU M 308 -14.51 -100.45 -42.02
N TYR M 309 -13.89 -99.80 -43.01
CA TYR M 309 -14.46 -99.53 -44.35
C TYR M 309 -13.35 -99.41 -45.42
N ASP N 3 -78.17 -16.86 -20.84
CA ASP N 3 -79.64 -17.17 -20.92
C ASP N 3 -80.31 -16.71 -22.20
N ASP N 4 -80.02 -15.49 -22.71
CA ASP N 4 -80.85 -14.79 -23.70
C ASP N 4 -81.25 -15.63 -24.93
N LEU N 5 -80.39 -16.54 -25.37
CA LEU N 5 -80.70 -17.39 -26.50
C LEU N 5 -81.99 -18.20 -26.28
N LEU N 6 -82.26 -18.68 -25.07
CA LEU N 6 -83.51 -19.37 -24.76
C LEU N 6 -84.71 -18.46 -25.00
N LEU N 7 -84.62 -17.23 -24.52
CA LEU N 7 -85.65 -16.23 -24.79
C LEU N 7 -85.80 -16.01 -26.30
N LYS N 8 -84.71 -15.93 -27.06
CA LYS N 8 -84.80 -15.85 -28.51
C LYS N 8 -85.46 -17.10 -29.11
N LEU N 9 -85.26 -18.30 -28.56
CA LEU N 9 -86.00 -19.49 -29.03
C LEU N 9 -87.50 -19.31 -28.83
N LEU N 10 -87.92 -18.71 -27.71
CA LEU N 10 -89.33 -18.37 -27.54
C LEU N 10 -89.77 -17.41 -28.63
N GLU N 11 -88.98 -16.37 -28.93
CA GLU N 11 -89.32 -15.47 -30.03
C GLU N 11 -89.49 -16.22 -31.34
N LEU N 12 -88.55 -17.11 -31.67
CA LEU N 12 -88.66 -17.90 -32.89
C LEU N 12 -89.93 -18.75 -32.87
N LEU N 13 -90.17 -19.47 -31.78
CA LEU N 13 -91.36 -20.28 -31.64
C LEU N 13 -92.60 -19.43 -31.87
N VAL N 14 -92.71 -18.30 -31.18
CA VAL N 14 -93.93 -17.51 -31.22
C VAL N 14 -94.10 -16.86 -32.58
N GLU N 15 -93.02 -16.44 -33.22
CA GLU N 15 -93.11 -15.90 -34.56
C GLU N 15 -93.52 -16.99 -35.56
N GLN N 16 -92.97 -18.20 -35.45
CA GLN N 16 -93.39 -19.32 -36.28
C GLN N 16 -94.86 -19.62 -36.06
N ALA N 17 -95.29 -19.64 -34.80
CA ALA N 17 -96.70 -19.76 -34.49
C ALA N 17 -97.49 -18.60 -35.11
N ARG N 18 -96.97 -17.37 -35.18
CA ARG N 18 -97.67 -16.27 -35.85
C ARG N 18 -97.87 -16.57 -37.32
N VAL N 19 -96.88 -17.15 -37.97
CA VAL N 19 -96.99 -17.61 -39.36
C VAL N 19 -97.98 -18.78 -39.46
N SER N 20 -97.96 -19.74 -38.54
CA SER N 20 -99.00 -20.76 -38.50
C SER N 20 -100.37 -20.13 -38.30
N ALA N 21 -100.49 -19.06 -37.52
CA ALA N 21 -101.74 -18.35 -37.33
C ALA N 21 -102.15 -17.54 -38.59
N GLU N 22 -101.21 -17.07 -39.41
CA GLU N 22 -101.55 -16.66 -40.78
C GLU N 22 -102.08 -17.84 -41.61
N PHE N 23 -101.45 -19.01 -41.57
CA PHE N 23 -101.93 -20.19 -42.30
C PHE N 23 -103.35 -20.55 -41.87
N ALA N 24 -103.62 -20.53 -40.55
CA ALA N 24 -104.96 -20.71 -40.02
C ALA N 24 -105.94 -19.62 -40.48
N ARG N 25 -105.54 -18.34 -40.54
CA ARG N 25 -106.36 -17.25 -41.08
C ARG N 25 -106.65 -17.37 -42.58
N ARG N 26 -105.76 -18.00 -43.33
CA ARG N 26 -105.88 -18.23 -44.78
C ARG N 26 -106.67 -19.50 -45.13
N GLN N 27 -106.56 -20.58 -44.35
CA GLN N 27 -107.18 -21.89 -44.61
C GLN N 27 -108.42 -22.20 -43.73
N GLY N 28 -108.56 -21.59 -42.55
CA GLY N 28 -109.71 -21.74 -41.66
C GLY N 28 -109.67 -22.91 -40.66
N ASP N 29 -108.53 -23.58 -40.49
CA ASP N 29 -108.40 -24.76 -39.62
C ASP N 29 -108.47 -24.43 -38.11
N GLU N 30 -109.57 -24.80 -37.46
CA GLU N 30 -109.79 -24.54 -36.03
C GLU N 30 -108.87 -25.37 -35.14
N LYS N 31 -108.47 -26.58 -35.57
CA LYS N 31 -107.51 -27.40 -34.84
C LYS N 31 -106.13 -26.76 -34.89
N MET N 32 -105.76 -26.12 -36.00
CA MET N 32 -104.52 -25.33 -36.01
C MET N 32 -104.60 -24.16 -35.03
N LEU N 33 -105.74 -23.44 -34.96
CA LEU N 33 -105.91 -22.37 -33.96
C LEU N 33 -105.76 -22.90 -32.54
N GLU N 34 -106.38 -24.04 -32.24
CA GLU N 34 -106.20 -24.72 -30.96
C GLU N 34 -104.73 -25.10 -30.70
N GLU N 35 -104.02 -25.62 -31.70
CA GLU N 35 -102.61 -25.96 -31.57
C GLU N 35 -101.73 -24.73 -31.33
N VAL N 36 -101.89 -23.64 -32.08
CA VAL N 36 -101.12 -22.43 -31.79
C VAL N 36 -101.52 -21.83 -30.44
N ALA N 37 -102.78 -21.93 -30.00
CA ALA N 37 -103.14 -21.48 -28.66
C ALA N 37 -102.37 -22.27 -27.59
N ARG N 38 -102.32 -23.61 -27.72
CA ARG N 38 -101.54 -24.46 -26.80
C ARG N 38 -100.05 -24.11 -26.86
N LYS N 39 -99.49 -23.91 -28.06
CA LYS N 39 -98.11 -23.46 -28.25
C LYS N 39 -97.87 -22.12 -27.55
N ALA N 40 -98.82 -21.19 -27.66
CA ALA N 40 -98.71 -19.87 -27.06
C ALA N 40 -98.74 -19.96 -25.53
N GLU N 41 -99.57 -20.81 -24.96
CA GLU N 41 -99.52 -21.08 -23.52
C GLU N 41 -98.18 -21.71 -23.11
N GLU N 42 -97.62 -22.64 -23.88
CA GLU N 42 -96.29 -23.21 -23.61
C GLU N 42 -95.22 -22.11 -23.59
N VAL N 43 -95.25 -21.22 -24.58
CA VAL N 43 -94.36 -20.05 -24.59
C VAL N 43 -94.60 -19.21 -23.35
N ALA N 44 -95.85 -18.87 -23.04
CA ALA N 44 -96.18 -18.01 -21.92
C ALA N 44 -95.67 -18.61 -20.60
N ARG N 45 -95.85 -19.91 -20.42
CA ARG N 45 -95.33 -20.66 -19.29
C ARG N 45 -93.81 -20.59 -19.21
N LYS N 46 -93.10 -20.87 -20.31
CA LYS N 46 -91.63 -20.81 -20.31
C LYS N 46 -91.15 -19.40 -19.94
N ALA N 47 -91.74 -18.40 -20.57
CA ALA N 47 -91.37 -17.01 -20.33
C ALA N 47 -91.67 -16.57 -18.89
N GLU N 48 -92.81 -16.94 -18.33
CA GLU N 48 -93.16 -16.60 -16.95
C GLU N 48 -92.13 -17.16 -15.96
N SER N 49 -91.69 -18.40 -16.15
CA SER N 49 -90.63 -18.98 -15.31
C SER N 49 -89.33 -18.20 -15.42
N ILE N 50 -88.89 -17.87 -16.64
CA ILE N 50 -87.69 -17.06 -16.84
C ILE N 50 -87.86 -15.69 -16.17
N ALA N 51 -89.03 -15.06 -16.30
CA ALA N 51 -89.30 -13.75 -15.72
C ALA N 51 -89.19 -13.78 -14.19
N ARG N 52 -89.80 -14.75 -13.52
CA ARG N 52 -89.71 -14.85 -12.05
C ARG N 52 -88.29 -15.20 -11.57
N LYS N 53 -87.53 -15.98 -12.34
CA LYS N 53 -86.08 -16.13 -12.12
C LYS N 53 -85.40 -14.76 -12.17
N ALA N 54 -85.59 -14.01 -13.25
CA ALA N 54 -84.98 -12.69 -13.40
C ALA N 54 -85.38 -11.72 -12.28
N ARG N 55 -86.64 -11.75 -11.80
CA ARG N 55 -87.08 -10.97 -10.64
C ARG N 55 -86.27 -11.32 -9.39
N LYS N 56 -86.16 -12.60 -9.07
CA LYS N 56 -85.47 -13.08 -7.87
C LYS N 56 -83.94 -12.89 -7.94
N GLU N 57 -83.34 -13.02 -9.12
CA GLU N 57 -81.90 -12.75 -9.31
C GLU N 57 -81.56 -11.25 -9.44
N GLY N 58 -82.52 -10.40 -9.82
CA GLY N 58 -82.36 -8.95 -9.83
C GLY N 58 -81.67 -8.34 -11.06
N ASN N 59 -81.50 -9.09 -12.16
CA ASN N 59 -81.06 -8.50 -13.44
C ASN N 59 -82.25 -7.88 -14.19
N LEU N 60 -82.34 -6.55 -14.19
CA LEU N 60 -83.47 -5.84 -14.80
C LEU N 60 -83.54 -6.03 -16.31
N GLU N 61 -82.41 -6.06 -17.00
CA GLU N 61 -82.38 -6.20 -18.46
C GLU N 61 -83.05 -7.51 -18.91
N LEU N 62 -82.72 -8.62 -18.25
CA LEU N 62 -83.38 -9.90 -18.49
C LEU N 62 -84.87 -9.84 -18.20
N ALA N 63 -85.26 -9.27 -17.05
CA ALA N 63 -86.68 -9.17 -16.71
C ALA N 63 -87.44 -8.37 -17.77
N LEU N 64 -86.88 -7.24 -18.21
CA LEU N 64 -87.49 -6.45 -19.27
C LEU N 64 -87.56 -7.25 -20.57
N LYS N 65 -86.48 -7.91 -20.99
CA LYS N 65 -86.51 -8.78 -22.18
C LYS N 65 -87.61 -9.84 -22.07
N ALA N 66 -87.72 -10.50 -20.93
CA ALA N 66 -88.73 -11.52 -20.71
C ALA N 66 -90.14 -10.92 -20.77
N LEU N 67 -90.37 -9.78 -20.14
CA LEU N 67 -91.65 -9.10 -20.20
C LEU N 67 -91.99 -8.71 -21.64
N GLU N 68 -91.03 -8.19 -22.39
CA GLU N 68 -91.22 -7.84 -23.79
C GLU N 68 -91.65 -9.06 -24.61
N ILE N 69 -91.01 -10.20 -24.37
CA ILE N 69 -91.41 -11.44 -25.00
C ILE N 69 -92.79 -11.86 -24.52
N LEU N 70 -93.12 -11.70 -23.23
CA LEU N 70 -94.47 -11.95 -22.74
C LEU N 70 -95.48 -11.06 -23.46
N VAL N 71 -95.14 -9.82 -23.77
CA VAL N 71 -96.00 -9.00 -24.62
C VAL N 71 -96.11 -9.61 -26.01
N ARG N 72 -95.03 -10.06 -26.63
CA ARG N 72 -95.13 -10.73 -27.94
C ARG N 72 -96.04 -11.94 -27.87
N ALA N 73 -95.92 -12.74 -26.82
CA ALA N 73 -96.80 -13.87 -26.58
C ALA N 73 -98.25 -13.41 -26.38
N ALA N 74 -98.47 -12.35 -25.61
CA ALA N 74 -99.80 -11.79 -25.46
C ALA N 74 -100.35 -11.32 -26.81
N HIS N 75 -99.51 -10.78 -27.69
CA HIS N 75 -99.93 -10.36 -29.02
C HIS N 75 -100.45 -11.57 -29.81
N VAL N 76 -99.70 -12.67 -29.87
CA VAL N 76 -100.20 -13.86 -30.59
C VAL N 76 -101.44 -14.43 -29.91
N LEU N 77 -101.48 -14.47 -28.57
CA LEU N 77 -102.67 -14.91 -27.85
C LEU N 77 -103.88 -14.05 -28.25
N ALA N 78 -103.70 -12.75 -28.37
CA ALA N 78 -104.75 -11.83 -28.79
C ALA N 78 -105.12 -12.05 -30.26
N GLU N 79 -104.16 -12.24 -31.16
CA GLU N 79 -104.46 -12.57 -32.56
C GLU N 79 -105.30 -13.86 -32.64
N ILE N 80 -104.93 -14.89 -31.88
CA ILE N 80 -105.63 -16.18 -31.85
C ILE N 80 -107.01 -16.00 -31.22
N ALA N 81 -107.11 -15.29 -30.10
CA ALA N 81 -108.39 -15.04 -29.44
C ALA N 81 -109.36 -14.21 -30.32
N ARG N 82 -108.83 -13.27 -31.12
CA ARG N 82 -109.65 -12.46 -32.05
C ARG N 82 -110.31 -13.33 -33.12
N GLU N 83 -109.63 -14.38 -33.58
CA GLU N 83 -110.22 -15.36 -34.50
C GLU N 83 -111.11 -16.39 -33.78
N ARG N 84 -110.59 -17.06 -32.74
CA ARG N 84 -111.26 -18.20 -32.08
C ARG N 84 -112.39 -17.80 -31.13
N GLY N 85 -112.41 -16.55 -30.68
CA GLY N 85 -113.46 -15.97 -29.83
C GLY N 85 -113.51 -16.49 -28.39
N ASN N 86 -112.56 -17.33 -27.97
CA ASN N 86 -112.61 -18.00 -26.67
C ASN N 86 -112.26 -17.06 -25.50
N GLU N 87 -113.20 -16.87 -24.59
CA GLU N 87 -113.00 -16.07 -23.37
C GLU N 87 -111.89 -16.62 -22.47
N GLU N 88 -111.60 -17.92 -22.47
CA GLU N 88 -110.51 -18.51 -21.68
C GLU N 88 -109.17 -17.85 -22.03
N LEU N 89 -108.91 -17.67 -23.32
CA LEU N 89 -107.71 -16.98 -23.79
C LEU N 89 -107.74 -15.51 -23.37
N GLN N 90 -108.85 -14.81 -23.64
CA GLN N 90 -109.00 -13.38 -23.35
C GLN N 90 -108.75 -13.07 -21.87
N LYS N 91 -109.39 -13.83 -20.97
CA LYS N 91 -109.26 -13.65 -19.52
C LYS N 91 -107.83 -13.94 -19.05
N LYS N 92 -107.24 -15.06 -19.49
CA LYS N 92 -105.87 -15.41 -19.11
C LYS N 92 -104.88 -14.36 -19.62
N ALA N 93 -105.02 -13.92 -20.86
CA ALA N 93 -104.22 -12.83 -21.40
C ALA N 93 -104.40 -11.53 -20.59
N HIS N 94 -105.62 -11.13 -20.25
CA HIS N 94 -105.85 -9.91 -19.48
C HIS N 94 -105.20 -9.99 -18.10
N LYS N 95 -105.36 -11.12 -17.39
CA LYS N 95 -104.68 -11.33 -16.11
C LYS N 95 -103.17 -11.27 -16.26
N LEU N 96 -102.60 -11.94 -17.27
CA LEU N 96 -101.17 -11.88 -17.54
C LEU N 96 -100.72 -10.43 -17.81
N ALA N 97 -101.46 -9.67 -18.61
CA ALA N 97 -101.15 -8.27 -18.89
C ALA N 97 -101.21 -7.42 -17.62
N LYS N 98 -102.25 -7.60 -16.78
CA LYS N 98 -102.39 -6.90 -15.50
C LYS N 98 -101.22 -7.20 -14.56
N GLU N 99 -100.81 -8.46 -14.47
CA GLU N 99 -99.62 -8.85 -13.70
C GLU N 99 -98.36 -8.20 -14.29
N ALA N 100 -98.17 -8.28 -15.60
CA ALA N 100 -97.05 -7.64 -16.26
C ALA N 100 -97.03 -6.13 -15.98
N LEU N 101 -98.19 -5.47 -15.93
CA LEU N 101 -98.27 -4.05 -15.65
C LEU N 101 -97.71 -3.70 -14.28
N ARG N 102 -98.17 -4.36 -13.20
CA ARG N 102 -97.56 -4.13 -11.88
C ARG N 102 -96.08 -4.48 -11.87
N GLN N 103 -95.69 -5.59 -12.48
CA GLN N 103 -94.31 -6.05 -12.48
C GLN N 103 -93.40 -5.01 -13.16
N VAL N 104 -93.79 -4.55 -14.35
CA VAL N 104 -92.99 -3.56 -15.08
C VAL N 104 -93.00 -2.22 -14.35
N ILE N 105 -94.11 -1.85 -13.69
CA ILE N 105 -94.13 -0.64 -12.87
C ILE N 105 -93.11 -0.78 -11.74
N GLU N 106 -93.10 -1.89 -11.02
CA GLU N 106 -92.13 -2.11 -9.94
C GLU N 106 -90.69 -2.07 -10.46
N ILE N 107 -90.42 -2.73 -11.58
CA ILE N 107 -89.11 -2.66 -12.21
C ILE N 107 -88.77 -1.22 -12.58
N ALA N 108 -89.72 -0.45 -13.13
CA ALA N 108 -89.48 0.94 -13.52
C ALA N 108 -89.20 1.83 -12.29
N ILE N 109 -89.94 1.64 -11.20
CA ILE N 109 -89.63 2.29 -9.93
C ILE N 109 -88.21 1.92 -9.51
N ARG N 110 -87.83 0.63 -9.56
CA ARG N 110 -86.47 0.21 -9.21
C ARG N 110 -85.40 0.84 -10.10
N ALA N 111 -85.64 0.91 -11.41
CA ALA N 111 -84.71 1.52 -12.35
C ALA N 111 -84.51 3.02 -12.06
N ILE N 112 -85.58 3.75 -11.75
CA ILE N 112 -85.50 5.15 -11.29
C ILE N 112 -84.76 5.23 -9.96
N GLN N 113 -85.00 4.28 -9.04
CA GLN N 113 -84.33 4.25 -7.74
C GLN N 113 -82.80 4.02 -7.86
N GLU N 114 -82.37 3.08 -8.71
CA GLU N 114 -80.95 2.81 -8.97
C GLU N 114 -80.29 3.84 -9.92
N GLY N 115 -81.09 4.57 -10.69
CA GLY N 115 -80.67 5.75 -11.46
C GLY N 115 -80.26 5.50 -12.91
N ASN N 116 -80.27 4.26 -13.41
CA ASN N 116 -80.17 4.02 -14.86
C ASN N 116 -81.55 4.20 -15.52
N LEU N 117 -81.73 5.32 -16.21
CA LEU N 117 -83.01 5.63 -16.82
C LEU N 117 -83.20 4.99 -18.20
N GLU N 118 -82.15 4.44 -18.82
CA GLU N 118 -82.29 3.69 -20.08
C GLU N 118 -83.19 2.48 -19.87
N LEU N 119 -82.92 1.69 -18.83
CA LEU N 119 -83.79 0.58 -18.45
C LEU N 119 -85.20 1.09 -18.18
N ALA N 120 -85.36 2.20 -17.47
CA ALA N 120 -86.68 2.75 -17.20
C ALA N 120 -87.41 3.12 -18.50
N ILE N 121 -86.72 3.71 -19.46
CA ILE N 121 -87.30 4.07 -20.75
C ILE N 121 -87.70 2.81 -21.51
N ILE N 122 -86.84 1.79 -21.55
CA ILE N 122 -87.16 0.51 -22.17
C ILE N 122 -88.40 -0.10 -21.48
N ALA N 123 -88.43 -0.08 -20.15
CA ALA N 123 -89.57 -0.57 -19.39
C ALA N 123 -90.84 0.19 -19.76
N LEU N 124 -90.74 1.51 -19.87
CA LEU N 124 -91.89 2.34 -20.16
C LEU N 124 -92.39 2.09 -21.58
N HIS N 125 -91.47 1.90 -22.53
CA HIS N 125 -91.78 1.42 -23.85
C HIS N 125 -92.55 0.09 -23.80
N ILE N 126 -92.05 -0.89 -23.04
CA ILE N 126 -92.74 -2.16 -22.86
C ILE N 126 -94.12 -1.91 -22.26
N SER N 127 -94.25 -0.99 -21.31
CA SER N 127 -95.53 -0.66 -20.71
C SER N 127 -96.49 -0.10 -21.77
N VAL N 128 -96.03 0.78 -22.65
CA VAL N 128 -96.87 1.23 -23.76
C VAL N 128 -97.26 0.06 -24.66
N ARG N 129 -96.35 -0.89 -24.91
CA ARG N 129 -96.73 -2.10 -25.64
C ARG N 129 -97.75 -2.95 -24.87
N ILE N 130 -97.66 -3.06 -23.55
CA ILE N 130 -98.71 -3.68 -22.74
C ILE N 130 -100.02 -2.93 -22.96
N ALA N 131 -99.98 -1.60 -23.03
CA ALA N 131 -101.17 -0.83 -23.30
C ALA N 131 -101.77 -1.20 -24.65
N GLU N 132 -101.00 -1.56 -25.67
CA GLU N 132 -101.57 -2.07 -26.92
C GLU N 132 -102.39 -3.34 -26.69
N VAL N 133 -101.85 -4.28 -25.91
CA VAL N 133 -102.57 -5.50 -25.56
C VAL N 133 -103.84 -5.18 -24.79
N LEU N 134 -103.73 -4.35 -23.77
CA LEU N 134 -104.88 -3.94 -22.98
C LEU N 134 -105.92 -3.28 -23.88
N LEU N 135 -105.52 -2.31 -24.70
CA LEU N 135 -106.42 -1.57 -25.56
C LEU N 135 -107.12 -2.48 -26.57
N GLU N 136 -106.39 -3.43 -27.16
CA GLU N 136 -107.00 -4.41 -28.06
C GLU N 136 -108.01 -5.29 -27.31
N THR N 137 -107.75 -5.57 -26.03
CA THR N 137 -108.66 -6.36 -25.20
C THR N 137 -109.89 -5.55 -24.74
N ARG N 138 -109.71 -4.24 -24.52
CA ARG N 138 -110.65 -3.32 -23.85
C ARG N 138 -110.76 -1.99 -24.63
N PRO N 139 -111.49 -1.96 -25.77
CA PRO N 139 -111.60 -0.76 -26.60
C PRO N 139 -112.55 0.32 -26.03
N ASP N 140 -113.53 -0.08 -25.22
CA ASP N 140 -114.60 0.80 -24.71
C ASP N 140 -114.38 1.26 -23.25
N ASP N 141 -114.05 0.35 -22.33
CA ASP N 141 -113.78 0.65 -20.93
C ASP N 141 -112.53 1.53 -20.72
N ARG N 142 -112.74 2.80 -20.37
CA ARG N 142 -111.63 3.74 -20.14
C ARG N 142 -110.76 3.43 -18.92
N GLU N 143 -111.29 2.75 -17.91
CA GLU N 143 -110.80 2.96 -16.53
C GLU N 143 -109.37 2.47 -16.31
N GLU N 144 -109.08 1.20 -16.59
CA GLU N 144 -107.73 0.67 -16.44
C GLU N 144 -106.74 1.36 -17.40
N ILE N 145 -107.21 1.67 -18.61
CA ILE N 145 -106.42 2.41 -19.60
C ILE N 145 -106.04 3.78 -19.04
N ARG N 146 -106.99 4.52 -18.49
CA ARG N 146 -106.78 5.83 -17.88
C ARG N 146 -105.78 5.74 -16.73
N GLU N 147 -105.95 4.78 -15.82
CA GLU N 147 -105.00 4.62 -14.71
C GLU N 147 -103.59 4.29 -15.23
N GLN N 148 -103.46 3.39 -16.20
CA GLN N 148 -102.17 3.13 -16.81
C GLN N 148 -101.59 4.40 -17.45
N GLN N 149 -102.38 5.14 -18.21
CA GLN N 149 -101.93 6.37 -18.86
C GLN N 149 -101.52 7.43 -17.84
N ALA N 150 -102.24 7.56 -16.73
CA ALA N 150 -101.87 8.48 -15.67
C ALA N 150 -100.51 8.10 -15.07
N ILE N 151 -100.31 6.82 -14.79
CA ILE N 151 -99.03 6.31 -14.29
C ILE N 151 -97.93 6.59 -15.31
N PHE N 152 -98.20 6.35 -16.59
CA PHE N 152 -97.27 6.66 -17.66
C PHE N 152 -96.91 8.15 -17.64
N GLU N 153 -97.89 9.05 -17.64
CA GLU N 153 -97.60 10.48 -17.67
C GLU N 153 -96.86 10.92 -16.42
N LEU N 154 -97.16 10.34 -15.25
CA LEU N 154 -96.38 10.59 -14.05
C LEU N 154 -94.93 10.16 -14.25
N LEU N 155 -94.71 8.93 -14.72
CA LEU N 155 -93.37 8.44 -14.99
C LEU N 155 -92.65 9.32 -16.00
N ILE N 156 -93.32 9.75 -17.08
CA ILE N 156 -92.72 10.64 -18.06
C ILE N 156 -92.35 11.98 -17.42
N ALA N 157 -93.25 12.60 -16.67
CA ALA N 157 -92.93 13.86 -16.03
C ALA N 157 -91.73 13.72 -15.08
N ALA N 158 -91.72 12.65 -14.28
CA ALA N 158 -90.60 12.34 -13.40
C ALA N 158 -89.31 12.13 -14.20
N LEU N 159 -89.36 11.38 -15.30
CA LEU N 159 -88.21 11.19 -16.16
C LEU N 159 -87.76 12.51 -16.79
N GLU N 160 -88.66 13.39 -17.22
CA GLU N 160 -88.27 14.68 -17.80
C GLU N 160 -87.51 15.52 -16.78
N ALA N 161 -88.06 15.68 -15.58
CA ALA N 161 -87.37 16.37 -14.51
C ALA N 161 -86.03 15.70 -14.22
N ALA N 162 -86.02 14.37 -14.10
CA ALA N 162 -84.83 13.59 -13.77
C ALA N 162 -83.73 13.81 -14.81
N ILE N 163 -84.03 13.62 -16.08
CA ILE N 163 -83.04 13.72 -17.15
C ILE N 163 -82.59 15.17 -17.34
N ARG N 164 -83.50 16.15 -17.21
CA ARG N 164 -83.11 17.56 -17.24
C ARG N 164 -82.08 17.84 -16.16
N LEU N 165 -82.37 17.42 -14.93
CA LEU N 165 -81.48 17.61 -13.79
C LEU N 165 -80.15 16.84 -13.96
N GLU N 166 -80.21 15.60 -14.44
CA GLU N 166 -79.03 14.78 -14.72
C GLU N 166 -78.15 15.46 -15.78
N LYS N 167 -78.74 16.06 -16.82
CA LYS N 167 -77.92 16.81 -17.78
C LYS N 167 -77.40 18.12 -17.19
N LEU N 168 -78.15 18.82 -16.34
CA LEU N 168 -77.59 19.93 -15.57
C LEU N 168 -76.38 19.45 -14.75
N LYS N 169 -76.42 18.25 -14.16
CA LYS N 169 -75.29 17.65 -13.43
C LYS N 169 -74.11 17.33 -14.37
N GLU N 170 -74.38 16.76 -15.54
CA GLU N 170 -73.37 16.52 -16.57
C GLU N 170 -72.70 17.83 -17.03
N GLU N 171 -73.49 18.86 -17.33
CA GLU N 171 -73.02 20.19 -17.73
C GLU N 171 -72.39 21.00 -16.59
N GLY N 172 -72.46 20.55 -15.34
CA GLY N 172 -71.88 21.22 -14.18
C GLY N 172 -72.58 22.55 -13.80
N ALA N 173 -73.90 22.61 -13.97
CA ALA N 173 -74.70 23.81 -13.73
C ALA N 173 -74.64 24.33 -12.27
N PRO N 174 -74.88 25.64 -12.03
CA PRO N 174 -74.91 26.23 -10.70
C PRO N 174 -75.93 25.53 -9.78
N PRO N 175 -75.59 25.20 -8.53
CA PRO N 175 -76.51 24.57 -7.59
C PRO N 175 -77.86 25.30 -7.42
N GLU N 176 -77.89 26.62 -7.60
CA GLU N 176 -79.12 27.42 -7.57
C GLU N 176 -80.05 27.07 -8.75
N GLN N 177 -79.50 26.84 -9.94
CA GLN N 177 -80.30 26.37 -11.06
C GLN N 177 -80.81 24.95 -10.79
N ILE N 178 -79.97 24.10 -10.21
CA ILE N 178 -80.37 22.75 -9.81
C ILE N 178 -81.53 22.82 -8.80
N GLU N 179 -81.44 23.69 -7.79
CA GLU N 179 -82.54 23.93 -6.86
C GLU N 179 -83.80 24.40 -7.59
N ARG N 180 -83.70 25.41 -8.45
CA ARG N 180 -84.86 25.96 -9.19
C ARG N 180 -85.55 24.89 -10.02
N VAL N 181 -84.79 24.07 -10.74
CA VAL N 181 -85.35 22.95 -11.50
C VAL N 181 -85.96 21.89 -10.58
N ALA N 182 -85.28 21.53 -9.48
CA ALA N 182 -85.82 20.53 -8.56
C ALA N 182 -87.14 21.00 -7.91
N GLU N 183 -87.19 22.25 -7.48
CA GLU N 183 -88.38 22.90 -6.92
C GLU N 183 -89.52 22.92 -7.93
N HIS N 184 -89.25 23.39 -9.16
CA HIS N 184 -90.22 23.35 -10.25
C HIS N 184 -90.73 21.93 -10.48
N GLY N 185 -89.84 20.94 -10.45
CA GLY N 185 -90.17 19.53 -10.62
C GLY N 185 -91.11 19.03 -9.53
N LEU N 186 -90.77 19.25 -8.26
CA LEU N 186 -91.62 18.81 -7.16
C LEU N 186 -92.98 19.51 -7.20
N GLU N 187 -93.05 20.80 -7.49
CA GLU N 187 -94.33 21.50 -7.65
C GLU N 187 -95.15 20.89 -8.79
N ARG N 188 -94.56 20.66 -9.97
CA ARG N 188 -95.27 20.01 -11.08
C ARG N 188 -95.73 18.62 -10.70
N LEU N 189 -94.90 17.84 -10.01
CA LEU N 189 -95.29 16.51 -9.54
C LEU N 189 -96.50 16.61 -8.60
N LYS N 190 -96.53 17.60 -7.70
CA LYS N 190 -97.69 17.86 -6.84
C LYS N 190 -98.94 18.20 -7.65
N GLU N 191 -98.84 19.03 -8.68
CA GLU N 191 -99.99 19.31 -9.55
C GLU N 191 -100.45 18.06 -10.30
N ILE N 192 -99.53 17.25 -10.82
CA ILE N 192 -99.91 15.98 -11.46
C ILE N 192 -100.57 15.04 -10.44
N ALA N 193 -100.05 14.96 -9.22
CA ALA N 193 -100.66 14.15 -8.16
C ALA N 193 -102.08 14.62 -7.85
N LYS N 194 -102.34 15.94 -7.88
CA LYS N 194 -103.69 16.48 -7.78
C LYS N 194 -104.58 15.93 -8.89
N GLU N 195 -104.13 16.00 -10.14
CA GLU N 195 -104.92 15.50 -11.27
C GLU N 195 -105.14 13.98 -11.20
N ILE N 196 -104.15 13.22 -10.73
CA ILE N 196 -104.30 11.79 -10.45
C ILE N 196 -105.41 11.59 -9.42
N SER N 197 -105.33 12.30 -8.29
CA SER N 197 -106.31 12.22 -7.21
C SER N 197 -107.73 12.61 -7.67
N LYS N 198 -107.86 13.46 -8.70
CA LYS N 198 -109.17 13.79 -9.30
C LYS N 198 -109.86 12.62 -10.02
N GLU N 199 -109.17 11.53 -10.36
CA GLU N 199 -109.78 10.43 -11.12
C GLU N 199 -109.50 9.01 -10.61
N VAL N 200 -108.29 8.69 -10.14
CA VAL N 200 -107.93 7.30 -9.82
C VAL N 200 -108.59 6.79 -8.54
N ASP N 201 -108.77 5.48 -8.40
CA ASP N 201 -109.29 4.90 -7.16
C ASP N 201 -108.75 3.50 -6.80
N SER N 202 -107.95 2.85 -7.67
CA SER N 202 -107.29 1.61 -7.29
C SER N 202 -106.31 1.86 -6.13
N PRO N 203 -106.42 1.14 -5.00
CA PRO N 203 -105.50 1.29 -3.88
C PRO N 203 -104.06 1.03 -4.29
N GLU N 204 -103.84 -0.04 -5.05
CA GLU N 204 -102.52 -0.37 -5.59
C GLU N 204 -102.00 0.75 -6.49
N SER N 205 -102.85 1.33 -7.35
CA SER N 205 -102.45 2.46 -8.18
C SER N 205 -102.03 3.66 -7.35
N LYS N 206 -102.80 4.00 -6.31
CA LYS N 206 -102.43 5.08 -5.41
C LYS N 206 -101.11 4.78 -4.69
N ARG N 207 -100.90 3.52 -4.26
CA ARG N 207 -99.64 3.06 -3.64
C ARG N 207 -98.46 3.26 -4.58
N ILE N 208 -98.65 2.85 -5.84
CA ILE N 208 -97.71 3.08 -6.93
C ILE N 208 -97.45 4.58 -7.08
N ALA N 209 -98.48 5.40 -7.18
CA ALA N 209 -98.33 6.82 -7.46
C ALA N 209 -97.48 7.51 -6.38
N TYR N 210 -97.80 7.26 -5.11
CA TYR N 210 -97.00 7.85 -4.04
C TYR N 210 -95.55 7.37 -4.10
N LYS N 211 -95.34 6.06 -4.29
CA LYS N 211 -94.00 5.51 -4.43
C LYS N 211 -93.25 6.16 -5.58
N ILE N 212 -93.90 6.41 -6.72
CA ILE N 212 -93.25 7.10 -7.84
C ILE N 212 -92.87 8.52 -7.44
N VAL N 213 -93.76 9.28 -6.80
CA VAL N 213 -93.43 10.64 -6.36
C VAL N 213 -92.21 10.60 -5.42
N ALA N 214 -92.20 9.67 -4.48
CA ALA N 214 -91.08 9.48 -3.58
C ALA N 214 -89.79 9.11 -4.34
N ALA N 215 -89.87 8.19 -5.30
CA ALA N 215 -88.74 7.79 -6.12
C ALA N 215 -88.15 9.00 -6.85
N ALA N 216 -88.99 9.86 -7.45
CA ALA N 216 -88.55 11.08 -8.08
C ALA N 216 -87.88 12.02 -7.07
N ALA N 217 -88.45 12.18 -5.89
CA ALA N 217 -87.86 13.02 -4.85
C ALA N 217 -86.48 12.48 -4.42
N GLU N 218 -86.34 11.18 -4.15
CA GLU N 218 -85.02 10.66 -3.77
C GLU N 218 -84.02 10.73 -4.91
N PHE N 219 -84.44 10.58 -6.16
CA PHE N 219 -83.56 10.79 -7.30
C PHE N 219 -83.07 12.25 -7.31
N LEU N 220 -83.98 13.22 -7.21
CA LEU N 220 -83.62 14.64 -7.11
C LEU N 220 -82.60 14.88 -5.99
N LEU N 221 -82.86 14.32 -4.81
CA LEU N 221 -81.98 14.48 -3.66
C LEU N 221 -80.60 13.86 -3.91
N LYS N 222 -80.53 12.63 -4.42
CA LYS N 222 -79.24 11.99 -4.70
C LYS N 222 -78.50 12.71 -5.82
N ILE N 223 -79.19 13.22 -6.84
CA ILE N 223 -78.57 14.06 -7.87
C ILE N 223 -78.00 15.33 -7.26
N LEU N 224 -78.74 16.01 -6.37
CA LEU N 224 -78.21 17.19 -5.68
C LEU N 224 -76.94 16.84 -4.89
N ALA N 225 -76.93 15.69 -4.21
CA ALA N 225 -75.79 15.21 -3.47
C ALA N 225 -74.58 14.86 -4.37
N GLU N 226 -74.80 14.16 -5.48
CA GLU N 226 -73.74 13.93 -6.48
C GLU N 226 -73.25 15.25 -7.09
N GLY N 227 -74.11 16.28 -7.16
CA GLY N 227 -73.77 17.63 -7.57
C GLY N 227 -72.90 18.40 -6.56
N GLY N 228 -72.64 17.83 -5.38
CA GLY N 228 -71.75 18.42 -4.38
C GLY N 228 -72.25 19.73 -3.76
N ALA N 229 -73.57 19.97 -3.80
CA ALA N 229 -74.18 21.20 -3.30
C ALA N 229 -73.98 21.41 -1.78
N THR N 230 -73.98 22.67 -1.35
CA THR N 230 -73.68 23.04 0.04
C THR N 230 -74.80 22.63 1.02
N PRO N 231 -74.51 22.51 2.32
CA PRO N 231 -75.52 22.19 3.33
C PRO N 231 -76.76 23.09 3.30
N GLU N 232 -76.63 24.37 2.96
CA GLU N 232 -77.77 25.28 2.83
C GLU N 232 -78.71 24.85 1.70
N GLN N 233 -78.16 24.43 0.57
CA GLN N 233 -78.97 23.89 -0.52
C GLN N 233 -79.61 22.56 -0.11
N LEU N 234 -78.85 21.66 0.52
CA LEU N 234 -79.37 20.38 1.01
C LEU N 234 -80.54 20.61 1.95
N GLU N 235 -80.42 21.54 2.89
CA GLU N 235 -81.47 21.95 3.81
C GLU N 235 -82.73 22.39 3.04
N ARG N 236 -82.62 23.43 2.20
CA ARG N 236 -83.78 24.04 1.55
C ARG N 236 -84.54 23.03 0.70
N VAL N 237 -83.81 22.27 -0.10
CA VAL N 237 -84.41 21.24 -0.95
C VAL N 237 -85.03 20.15 -0.08
N THR N 238 -84.35 19.69 0.97
CA THR N 238 -84.90 18.65 1.85
C THR N 238 -86.22 19.11 2.47
N GLU N 239 -86.25 20.29 3.07
CA GLU N 239 -87.47 20.76 3.75
C GLU N 239 -88.62 20.95 2.75
N HIS N 240 -88.34 21.53 1.59
CA HIS N 240 -89.35 21.65 0.54
C HIS N 240 -89.85 20.26 0.10
N ALA N 241 -88.95 19.31 -0.12
CA ALA N 241 -89.32 17.97 -0.56
C ALA N 241 -90.19 17.26 0.47
N LEU N 242 -89.78 17.27 1.74
CA LEU N 242 -90.59 16.68 2.80
C LEU N 242 -91.97 17.35 2.86
N GLU N 243 -92.03 18.68 2.76
CA GLU N 243 -93.30 19.42 2.77
C GLU N 243 -94.21 18.98 1.61
N VAL N 244 -93.66 18.90 0.41
CA VAL N 244 -94.42 18.40 -0.74
C VAL N 244 -94.86 16.97 -0.50
N LEU N 245 -93.97 16.08 -0.03
CA LEU N 245 -94.32 14.68 0.20
C LEU N 245 -95.43 14.55 1.23
N LYS N 246 -95.39 15.36 2.29
CA LYS N 246 -96.44 15.45 3.30
C LYS N 246 -97.75 15.92 2.68
N GLU N 247 -97.72 16.98 1.87
CA GLU N 247 -98.93 17.47 1.22
C GLU N 247 -99.52 16.41 0.29
N VAL N 248 -98.70 15.83 -0.58
CA VAL N 248 -99.14 14.80 -1.53
C VAL N 248 -99.63 13.56 -0.80
N ALA N 249 -99.07 13.23 0.36
CA ALA N 249 -99.60 12.15 1.18
C ALA N 249 -101.03 12.47 1.61
N LYS N 250 -101.29 13.66 2.15
CA LYS N 250 -102.67 14.06 2.52
C LYS N 250 -103.61 14.06 1.32
N GLU N 251 -103.14 14.44 0.14
CA GLU N 251 -103.95 14.45 -1.09
C GLU N 251 -104.28 13.04 -1.64
N LEU N 252 -103.73 11.97 -1.06
CA LEU N 252 -103.95 10.59 -1.53
C LEU N 252 -104.37 9.61 -0.43
N ALA N 253 -103.82 9.71 0.77
CA ALA N 253 -103.98 8.72 1.84
C ALA N 253 -105.42 8.58 2.34
N ASP N 254 -105.83 7.35 2.66
CA ASP N 254 -107.23 6.96 2.90
C ASP N 254 -107.41 5.83 3.93
N SER N 255 -106.32 5.20 4.38
CA SER N 255 -106.33 3.92 5.10
C SER N 255 -105.02 3.70 5.86
N PRO N 256 -104.99 2.80 6.87
CA PRO N 256 -103.76 2.41 7.55
C PRO N 256 -102.68 1.96 6.56
N GLU N 257 -103.04 1.17 5.55
CA GLU N 257 -102.12 0.74 4.49
C GLU N 257 -101.45 1.93 3.81
N SER N 258 -102.24 2.93 3.41
CA SER N 258 -101.70 4.11 2.74
C SER N 258 -100.77 4.90 3.67
N GLY N 259 -101.15 5.04 4.93
CA GLY N 259 -100.31 5.74 5.90
C GLY N 259 -98.98 5.00 6.12
N LEU N 260 -99.06 3.68 6.31
CA LEU N 260 -97.89 2.81 6.46
C LEU N 260 -96.93 3.03 5.31
N ALA N 261 -97.41 2.89 4.08
CA ALA N 261 -96.57 3.09 2.90
C ALA N 261 -96.00 4.51 2.86
N ALA N 262 -96.86 5.52 2.91
CA ALA N 262 -96.46 6.89 2.65
C ALA N 262 -95.44 7.36 3.69
N LEU N 263 -95.77 7.18 4.96
CA LEU N 263 -94.92 7.72 6.00
C LEU N 263 -93.63 6.90 6.15
N ALA N 264 -93.65 5.60 5.87
CA ALA N 264 -92.42 4.83 5.78
C ALA N 264 -91.51 5.39 4.68
N ALA N 265 -92.08 5.72 3.53
CA ALA N 265 -91.32 6.33 2.44
C ALA N 265 -90.76 7.69 2.87
N ILE N 266 -91.58 8.54 3.50
CA ILE N 266 -91.13 9.84 3.99
C ILE N 266 -89.94 9.63 4.93
N ALA N 267 -90.09 8.77 5.94
CA ALA N 267 -89.04 8.52 6.92
C ALA N 267 -87.77 7.97 6.24
N SER N 268 -87.94 7.12 5.24
CA SER N 268 -86.82 6.64 4.44
C SER N 268 -86.11 7.80 3.75
N LEU N 269 -86.85 8.71 3.10
CA LEU N 269 -86.27 9.85 2.42
C LEU N 269 -85.60 10.82 3.40
N ALA N 270 -86.20 11.05 4.56
CA ALA N 270 -85.55 11.82 5.60
C ALA N 270 -84.22 11.15 6.03
N LYS N 271 -84.19 9.83 6.25
CA LYS N 271 -82.94 9.13 6.59
C LYS N 271 -81.89 9.26 5.49
N LEU N 272 -82.31 9.16 4.24
CA LEU N 272 -81.43 9.41 3.10
C LEU N 272 -80.88 10.85 3.13
N GLY N 273 -81.71 11.85 3.44
CA GLY N 273 -81.27 13.24 3.60
C GLY N 273 -80.27 13.38 4.73
N LEU N 274 -80.57 12.80 5.89
CA LEU N 274 -79.67 12.77 7.04
C LEU N 274 -78.34 12.07 6.70
N GLU N 275 -78.36 11.05 5.86
CA GLU N 275 -77.11 10.44 5.36
C GLU N 275 -76.32 11.39 4.45
N GLN N 276 -76.97 12.29 3.70
CA GLN N 276 -76.23 13.33 2.97
C GLN N 276 -75.60 14.33 3.95
N LEU N 277 -76.32 14.72 4.99
CA LEU N 277 -75.77 15.55 6.07
C LEU N 277 -74.57 14.85 6.74
N LYS N 278 -74.65 13.53 6.94
CA LYS N 278 -73.55 12.71 7.46
C LYS N 278 -72.36 12.72 6.49
N GLU N 279 -72.60 12.57 5.20
CA GLU N 279 -71.54 12.53 4.19
C GLU N 279 -70.82 13.89 4.04
N ILE N 280 -71.54 15.00 3.99
CA ILE N 280 -70.93 16.34 3.90
C ILE N 280 -70.28 16.79 5.21
N GLY N 281 -70.58 16.13 6.34
CA GLY N 281 -70.11 16.52 7.66
C GLY N 281 -70.84 17.74 8.23
N ALA N 282 -72.15 17.86 8.00
CA ALA N 282 -72.97 18.98 8.43
C ALA N 282 -73.01 19.14 9.97
N PRO N 283 -73.10 20.37 10.50
CA PRO N 283 -73.14 20.61 11.94
C PRO N 283 -74.43 20.08 12.58
N PRO N 284 -74.40 19.70 13.87
CA PRO N 284 -75.55 19.11 14.57
C PRO N 284 -76.85 19.90 14.46
N GLU N 285 -76.79 21.24 14.38
CA GLU N 285 -77.97 22.09 14.24
C GLU N 285 -78.78 21.77 12.98
N GLN N 286 -78.12 21.46 11.87
CA GLN N 286 -78.80 20.96 10.67
C GLN N 286 -79.43 19.59 10.92
N GLN N 287 -78.71 18.69 11.60
CA GLN N 287 -79.19 17.34 11.91
C GLN N 287 -80.47 17.39 12.74
N ARG N 288 -80.51 18.29 13.75
CA ARG N 288 -81.73 18.60 14.51
C ARG N 288 -82.85 19.05 13.59
N ARG N 289 -82.63 20.09 12.78
CA ARG N 289 -83.68 20.70 11.93
C ARG N 289 -84.29 19.70 10.96
N VAL N 290 -83.46 18.91 10.28
CA VAL N 290 -83.96 17.85 9.38
C VAL N 290 -84.76 16.83 10.17
N THR N 291 -84.26 16.38 11.33
CA THR N 291 -84.98 15.41 12.15
C THR N 291 -86.33 15.96 12.61
N LYS N 292 -86.37 17.22 13.05
CA LYS N 292 -87.60 17.91 13.42
C LYS N 292 -88.59 17.92 12.27
N ALA N 293 -88.15 18.31 11.07
CA ALA N 293 -89.04 18.33 9.91
C ALA N 293 -89.65 16.93 9.65
N GLY N 294 -88.83 15.89 9.76
CA GLY N 294 -89.31 14.51 9.67
C GLY N 294 -90.36 14.20 10.75
N ILE N 295 -90.01 14.43 12.01
CA ILE N 295 -90.93 14.17 13.11
C ILE N 295 -92.22 14.99 12.97
N GLU N 296 -92.17 16.24 12.52
CA GLU N 296 -93.37 17.03 12.24
C GLU N 296 -94.23 16.41 11.15
N ALA N 297 -93.63 15.87 10.08
CA ALA N 297 -94.39 15.10 9.11
C ALA N 297 -95.01 13.84 9.76
N VAL N 298 -94.27 13.14 10.62
CA VAL N 298 -94.83 12.01 11.38
C VAL N 298 -96.04 12.44 12.17
N ARG N 299 -95.94 13.53 12.93
CA ARG N 299 -97.05 14.08 13.71
C ARG N 299 -98.24 14.44 12.81
N GLU N 300 -98.00 15.17 11.73
CA GLU N 300 -99.08 15.61 10.83
C GLU N 300 -99.77 14.43 10.14
N ILE N 301 -99.00 13.49 9.59
CA ILE N 301 -99.58 12.35 8.89
C ILE N 301 -100.22 11.39 9.87
N TYR N 302 -99.65 11.21 11.07
CA TYR N 302 -100.32 10.49 12.14
C TYR N 302 -101.67 11.12 12.46
N ARG N 303 -101.73 12.44 12.71
CA ARG N 303 -102.98 13.14 13.06
C ARG N 303 -103.99 13.09 11.91
N TYR N 304 -103.54 13.26 10.66
CA TYR N 304 -104.40 13.07 9.50
C TYR N 304 -105.00 11.66 9.48
N GLY N 305 -104.17 10.63 9.68
CA GLY N 305 -104.61 9.24 9.78
C GLY N 305 -105.57 9.01 10.94
N ARG N 306 -105.30 9.61 12.11
CA ARG N 306 -106.14 9.52 13.31
C ARG N 306 -107.54 10.10 13.13
N LYS N 307 -107.74 11.00 12.16
CA LYS N 307 -109.10 11.47 11.76
C LYS N 307 -109.88 10.43 10.94
N LEU N 308 -109.18 9.54 10.23
CA LEU N 308 -109.77 8.48 9.41
C LEU N 308 -109.91 7.13 10.16
N TYR N 309 -109.01 6.87 11.11
CA TYR N 309 -108.83 5.58 11.78
C TYR N 309 -108.59 5.77 13.29
N ASP O 3 -11.45 -80.99 0.01
CA ASP O 3 -11.46 -82.39 0.54
C ASP O 3 -12.75 -83.16 0.26
N ASP O 4 -13.93 -82.64 0.58
CA ASP O 4 -15.18 -83.42 0.68
C ASP O 4 -15.52 -84.28 -0.54
N LEU O 5 -15.11 -83.88 -1.74
CA LEU O 5 -15.32 -84.66 -2.95
C LEU O 5 -14.80 -86.10 -2.79
N LEU O 6 -13.65 -86.28 -2.14
CA LEU O 6 -13.08 -87.61 -1.94
C LEU O 6 -13.99 -88.46 -1.06
N LEU O 7 -14.50 -87.88 0.02
CA LEU O 7 -15.49 -88.54 0.87
C LEU O 7 -16.74 -88.89 0.06
N LYS O 8 -17.24 -87.97 -0.75
CA LYS O 8 -18.39 -88.25 -1.62
C LYS O 8 -18.08 -89.37 -2.62
N LEU O 9 -16.84 -89.50 -3.07
CA LEU O 9 -16.39 -90.62 -3.91
C LEU O 9 -16.60 -91.94 -3.17
N LEU O 10 -16.23 -92.01 -1.89
CA LEU O 10 -16.51 -93.17 -1.09
C LEU O 10 -18.02 -93.43 -1.02
N GLU O 11 -18.83 -92.39 -0.82
CA GLU O 11 -20.28 -92.56 -0.79
C GLU O 11 -20.78 -93.19 -2.09
N LEU O 12 -20.31 -92.72 -3.23
CA LEU O 12 -20.67 -93.30 -4.53
C LEU O 12 -20.24 -94.75 -4.64
N LEU O 13 -18.99 -95.05 -4.26
CA LEU O 13 -18.50 -96.42 -4.28
C LEU O 13 -19.40 -97.32 -3.45
N VAL O 14 -19.68 -96.90 -2.21
CA VAL O 14 -20.55 -97.67 -1.30
C VAL O 14 -21.94 -97.81 -1.87
N GLU O 15 -22.51 -96.73 -2.40
CA GLU O 15 -23.86 -96.77 -2.95
C GLU O 15 -23.93 -97.81 -4.07
N GLN O 16 -22.99 -97.79 -5.03
CA GLN O 16 -23.00 -98.79 -6.08
C GLN O 16 -22.75 -100.17 -5.51
N ALA O 17 -21.79 -100.32 -4.60
CA ALA O 17 -21.53 -101.60 -3.98
C ALA O 17 -22.79 -102.15 -3.29
N ARG O 18 -23.63 -101.30 -2.68
CA ARG O 18 -24.89 -101.74 -2.10
C ARG O 18 -25.81 -102.29 -3.17
N VAL O 19 -25.95 -101.57 -4.28
CA VAL O 19 -26.75 -102.07 -5.42
C VAL O 19 -26.16 -103.36 -5.97
N SER O 20 -24.85 -103.47 -6.08
CA SER O 20 -24.17 -104.70 -6.47
C SER O 20 -24.45 -105.82 -5.46
N ALA O 21 -24.55 -105.53 -4.16
CA ALA O 21 -24.85 -106.52 -3.13
C ALA O 21 -26.34 -106.90 -3.11
N GLU O 22 -27.24 -106.00 -3.47
CA GLU O 22 -28.65 -106.35 -3.72
C GLU O 22 -28.77 -107.20 -5.00
N PHE O 23 -27.99 -106.91 -6.03
CA PHE O 23 -27.87 -107.73 -7.24
C PHE O 23 -27.31 -109.11 -6.91
N ALA O 24 -26.29 -109.19 -6.06
CA ALA O 24 -25.77 -110.45 -5.54
C ALA O 24 -26.83 -111.24 -4.75
N ARG O 25 -27.71 -110.57 -4.01
CA ARG O 25 -28.85 -111.21 -3.32
C ARG O 25 -29.93 -111.77 -4.26
N ARG O 26 -29.89 -111.42 -5.55
CA ARG O 26 -30.71 -112.05 -6.61
C ARG O 26 -29.95 -113.10 -7.42
N GLN O 27 -28.66 -112.88 -7.71
CA GLN O 27 -27.83 -113.75 -8.55
C GLN O 27 -27.06 -114.88 -7.82
N GLY O 28 -26.75 -114.72 -6.53
CA GLY O 28 -26.14 -115.75 -5.67
C GLY O 28 -24.63 -116.00 -5.86
N ASP O 29 -23.91 -115.17 -6.61
CA ASP O 29 -22.48 -115.38 -6.92
C ASP O 29 -21.54 -115.01 -5.75
N GLU O 30 -20.80 -116.02 -5.24
CA GLU O 30 -19.73 -115.84 -4.25
C GLU O 30 -18.68 -114.81 -4.68
N LYS O 31 -18.26 -114.80 -5.96
CA LYS O 31 -17.24 -113.85 -6.42
C LYS O 31 -17.77 -112.42 -6.43
N MET O 32 -19.06 -112.22 -6.70
CA MET O 32 -19.69 -110.90 -6.59
C MET O 32 -19.67 -110.42 -5.13
N LEU O 33 -20.00 -111.31 -4.18
CA LEU O 33 -19.89 -111.00 -2.75
C LEU O 33 -18.44 -110.71 -2.36
N GLU O 34 -17.48 -111.45 -2.88
CA GLU O 34 -16.05 -111.18 -2.69
C GLU O 34 -15.68 -109.78 -3.21
N GLU O 35 -16.12 -109.41 -4.41
CA GLU O 35 -15.85 -108.09 -4.99
C GLU O 35 -16.44 -106.96 -4.15
N VAL O 36 -17.69 -107.05 -3.71
CA VAL O 36 -18.24 -105.99 -2.85
C VAL O 36 -17.53 -105.97 -1.50
N ALA O 37 -17.18 -107.12 -0.92
CA ALA O 37 -16.42 -107.14 0.32
C ALA O 37 -15.06 -106.44 0.15
N ARG O 38 -14.33 -106.78 -0.92
CA ARG O 38 -13.05 -106.15 -1.28
C ARG O 38 -13.21 -104.64 -1.40
N LYS O 39 -14.16 -104.18 -2.23
CA LYS O 39 -14.35 -102.73 -2.44
C LYS O 39 -14.75 -102.04 -1.14
N ALA O 40 -15.58 -102.67 -0.32
CA ALA O 40 -15.96 -102.10 0.97
C ALA O 40 -14.77 -102.01 1.93
N GLU O 41 -13.93 -103.03 2.00
CA GLU O 41 -12.72 -102.97 2.80
C GLU O 41 -11.74 -101.91 2.28
N GLU O 42 -11.62 -101.76 0.95
CA GLU O 42 -10.83 -100.69 0.34
C GLU O 42 -11.37 -99.31 0.73
N VAL O 43 -12.68 -99.12 0.68
CA VAL O 43 -13.31 -97.91 1.21
C VAL O 43 -12.96 -97.75 2.68
N ALA O 44 -13.10 -98.80 3.49
CA ALA O 44 -12.82 -98.70 4.92
C ALA O 44 -11.38 -98.25 5.17
N ARG O 45 -10.42 -98.79 4.42
CA ARG O 45 -9.03 -98.37 4.45
C ARG O 45 -8.87 -96.91 4.02
N LYS O 46 -9.48 -96.50 2.91
CA LYS O 46 -9.44 -95.10 2.44
C LYS O 46 -9.97 -94.16 3.53
N ALA O 47 -11.12 -94.49 4.09
CA ALA O 47 -11.77 -93.68 5.12
C ALA O 47 -10.97 -93.67 6.42
N GLU O 48 -10.38 -94.78 6.82
CA GLU O 48 -9.52 -94.85 8.01
C GLU O 48 -8.38 -93.84 7.92
N SER O 49 -7.71 -93.78 6.76
CA SER O 49 -6.64 -92.80 6.55
C SER O 49 -7.17 -91.37 6.64
N ILE O 50 -8.28 -91.08 5.97
CA ILE O 50 -8.88 -89.74 6.02
C ILE O 50 -9.29 -89.39 7.46
N ALA O 51 -9.81 -90.35 8.22
CA ALA O 51 -10.20 -90.14 9.61
C ALA O 51 -8.99 -89.86 10.51
N ARG O 52 -7.89 -90.61 10.37
CA ARG O 52 -6.65 -90.32 11.13
C ARG O 52 -6.09 -88.95 10.78
N LYS O 53 -6.13 -88.58 9.50
CA LYS O 53 -5.85 -87.22 9.00
C LYS O 53 -6.72 -86.20 9.72
N ALA O 54 -8.04 -86.36 9.69
CA ALA O 54 -8.96 -85.41 10.30
C ALA O 54 -8.78 -85.31 11.82
N ARG O 55 -8.46 -86.42 12.50
CA ARG O 55 -8.13 -86.44 13.93
C ARG O 55 -6.94 -85.54 14.24
N LYS O 56 -5.86 -85.66 13.47
CA LYS O 56 -4.66 -84.83 13.64
C LYS O 56 -4.84 -83.39 13.16
N GLU O 57 -5.61 -83.15 12.11
CA GLU O 57 -5.90 -81.81 11.59
C GLU O 57 -6.91 -81.02 12.46
N GLY O 58 -7.74 -81.70 13.25
CA GLY O 58 -8.72 -81.07 14.14
C GLY O 58 -10.02 -80.58 13.49
N ASN O 59 -10.29 -80.94 12.22
CA ASN O 59 -11.58 -80.67 11.58
C ASN O 59 -12.61 -81.74 11.97
N LEU O 60 -13.40 -81.48 13.02
CA LEU O 60 -14.38 -82.44 13.53
C LEU O 60 -15.48 -82.74 12.51
N GLU O 61 -15.88 -81.77 11.68
CA GLU O 61 -16.92 -82.01 10.67
C GLU O 61 -16.48 -83.10 9.68
N LEU O 62 -15.26 -83.01 9.16
CA LEU O 62 -14.71 -84.06 8.31
C LEU O 62 -14.59 -85.39 9.04
N ALA O 63 -14.12 -85.38 10.30
CA ALA O 63 -14.01 -86.62 11.06
C ALA O 63 -15.37 -87.30 11.20
N LEU O 64 -16.41 -86.54 11.54
CA LEU O 64 -17.77 -87.09 11.63
C LEU O 64 -18.26 -87.57 10.26
N LYS O 65 -18.06 -86.81 9.19
CA LYS O 65 -18.41 -87.26 7.83
C LYS O 65 -17.75 -88.59 7.52
N ALA O 66 -16.44 -88.70 7.77
CA ALA O 66 -15.69 -89.92 7.54
C ALA O 66 -16.20 -91.08 8.40
N LEU O 67 -16.51 -90.82 9.67
CA LEU O 67 -17.10 -91.84 10.53
C LEU O 67 -18.46 -92.29 10.00
N GLU O 68 -19.31 -91.39 9.53
CA GLU O 68 -20.57 -91.81 8.94
C GLU O 68 -20.35 -92.68 7.70
N ILE O 69 -19.39 -92.31 6.85
CA ILE O 69 -19.03 -93.17 5.72
C ILE O 69 -18.52 -94.53 6.22
N LEU O 70 -17.69 -94.57 7.26
CA LEU O 70 -17.26 -95.83 7.86
C LEU O 70 -18.47 -96.64 8.33
N VAL O 71 -19.48 -95.99 8.91
CA VAL O 71 -20.72 -96.67 9.27
C VAL O 71 -21.45 -97.17 8.04
N ARG O 72 -21.60 -96.38 6.98
CA ARG O 72 -22.26 -96.86 5.76
C ARG O 72 -21.54 -98.06 5.18
N ALA O 73 -20.21 -98.01 5.17
CA ALA O 73 -19.39 -99.15 4.77
C ALA O 73 -19.63 -100.34 5.69
N ALA O 74 -19.67 -100.11 7.01
CA ALA O 74 -19.95 -101.18 7.95
C ALA O 74 -21.35 -101.77 7.71
N HIS O 75 -22.34 -100.97 7.36
CA HIS O 75 -23.70 -101.42 7.09
C HIS O 75 -23.69 -102.41 5.93
N VAL O 76 -23.13 -102.05 4.79
CA VAL O 76 -23.06 -103.00 3.68
C VAL O 76 -22.17 -104.21 4.04
N LEU O 77 -21.05 -104.02 4.74
CA LEU O 77 -20.21 -105.13 5.18
C LEU O 77 -21.00 -106.10 6.07
N ALA O 78 -21.83 -105.58 6.96
CA ALA O 78 -22.66 -106.39 7.84
C ALA O 78 -23.72 -107.15 7.05
N GLU O 79 -24.36 -106.53 6.05
CA GLU O 79 -25.29 -107.24 5.18
C GLU O 79 -24.58 -108.35 4.38
N ILE O 80 -23.37 -108.08 3.88
CA ILE O 80 -22.56 -109.09 3.18
C ILE O 80 -22.20 -110.24 4.14
N ALA O 81 -21.69 -109.93 5.33
CA ALA O 81 -21.34 -110.94 6.32
C ALA O 81 -22.56 -111.77 6.77
N ARG O 82 -23.73 -111.15 6.95
CA ARG O 82 -24.97 -111.80 7.36
C ARG O 82 -25.50 -112.77 6.29
N GLU O 83 -25.44 -112.38 5.02
CA GLU O 83 -25.80 -113.29 3.92
C GLU O 83 -24.77 -114.39 3.74
N ARG O 84 -23.48 -114.06 3.71
CA ARG O 84 -22.40 -115.01 3.42
C ARG O 84 -22.08 -115.96 4.58
N GLY O 85 -22.40 -115.58 5.81
CA GLY O 85 -22.10 -116.32 7.03
C GLY O 85 -20.64 -116.26 7.49
N ASN O 86 -19.80 -115.44 6.85
CA ASN O 86 -18.37 -115.40 7.12
C ASN O 86 -18.03 -114.65 8.42
N GLU O 87 -17.46 -115.36 9.39
CA GLU O 87 -17.13 -114.78 10.70
C GLU O 87 -15.97 -113.79 10.65
N GLU O 88 -15.02 -113.91 9.71
CA GLU O 88 -13.90 -112.96 9.62
C GLU O 88 -14.37 -111.57 9.18
N LEU O 89 -15.31 -111.50 8.23
CA LEU O 89 -15.99 -110.23 7.93
C LEU O 89 -16.71 -109.70 9.17
N GLN O 90 -17.48 -110.55 9.85
CA GLN O 90 -18.27 -110.14 11.03
C GLN O 90 -17.37 -109.62 12.16
N LYS O 91 -16.26 -110.30 12.46
CA LYS O 91 -15.27 -109.86 13.46
C LYS O 91 -14.59 -108.58 13.02
N LYS O 92 -14.16 -108.44 11.77
CA LYS O 92 -13.57 -107.18 11.26
C LYS O 92 -14.55 -106.02 11.40
N ALA O 93 -15.81 -106.21 11.03
CA ALA O 93 -16.84 -105.20 11.23
C ALA O 93 -17.03 -104.88 12.73
N HIS O 94 -17.09 -105.89 13.60
CA HIS O 94 -17.23 -105.70 15.04
C HIS O 94 -16.09 -104.87 15.61
N LYS O 95 -14.85 -105.21 15.27
CA LYS O 95 -13.66 -104.43 15.68
C LYS O 95 -13.73 -103.00 15.15
N LEU O 96 -13.99 -102.82 13.85
CA LEU O 96 -14.09 -101.49 13.27
C LEU O 96 -15.16 -100.65 13.97
N ALA O 97 -16.34 -101.23 14.23
CA ALA O 97 -17.41 -100.54 14.92
C ALA O 97 -17.04 -100.19 16.37
N LYS O 98 -16.40 -101.11 17.09
CA LYS O 98 -15.92 -100.87 18.47
C LYS O 98 -14.92 -99.72 18.52
N GLU O 99 -13.96 -99.70 17.58
CA GLU O 99 -13.01 -98.61 17.44
C GLU O 99 -13.71 -97.30 17.10
N ALA O 100 -14.63 -97.33 16.13
CA ALA O 100 -15.41 -96.14 15.78
C ALA O 100 -16.20 -95.63 16.98
N LEU O 101 -16.81 -96.50 17.78
CA LEU O 101 -17.55 -96.10 18.97
C LEU O 101 -16.63 -95.37 19.95
N ARG O 102 -15.45 -95.94 20.24
CA ARG O 102 -14.46 -95.26 21.06
C ARG O 102 -14.09 -93.89 20.49
N GLN O 103 -13.69 -93.83 19.22
CA GLN O 103 -13.28 -92.58 18.61
C GLN O 103 -14.40 -91.54 18.60
N VAL O 104 -15.62 -91.91 18.24
CA VAL O 104 -16.72 -90.95 18.20
C VAL O 104 -17.06 -90.47 19.60
N ILE O 105 -16.92 -91.31 20.62
CA ILE O 105 -17.07 -90.84 21.99
C ILE O 105 -16.01 -89.79 22.31
N GLU O 106 -14.74 -90.05 21.99
CA GLU O 106 -13.68 -89.06 22.22
C GLU O 106 -13.95 -87.76 21.47
N ILE O 107 -14.40 -87.85 20.23
CA ILE O 107 -14.79 -86.68 19.46
C ILE O 107 -15.97 -85.98 20.14
N ALA O 108 -16.95 -86.71 20.65
CA ALA O 108 -18.11 -86.13 21.33
C ALA O 108 -17.69 -85.40 22.61
N ILE O 109 -16.77 -85.99 23.38
CA ILE O 109 -16.16 -85.30 24.52
C ILE O 109 -15.52 -84.00 24.03
N ARG O 110 -14.70 -84.05 22.97
CA ARG O 110 -14.07 -82.85 22.43
C ARG O 110 -15.07 -81.80 21.95
N ALA O 111 -16.13 -82.21 21.27
CA ALA O 111 -17.18 -81.31 20.78
C ALA O 111 -17.94 -80.63 21.93
N ILE O 112 -18.22 -81.35 23.02
CA ILE O 112 -18.79 -80.76 24.24
C ILE O 112 -17.78 -79.78 24.85
N GLN O 113 -16.51 -80.13 24.91
CA GLN O 113 -15.45 -79.29 25.48
C GLN O 113 -15.25 -77.97 24.70
N GLU O 114 -15.26 -78.03 23.37
CA GLU O 114 -15.19 -76.86 22.47
C GLU O 114 -16.55 -76.13 22.32
N GLY O 115 -17.65 -76.74 22.77
CA GLY O 115 -18.98 -76.15 22.77
C GLY O 115 -19.74 -76.17 21.44
N ASN O 116 -19.26 -76.88 20.41
CA ASN O 116 -20.00 -77.04 19.16
C ASN O 116 -21.02 -78.18 19.29
N LEU O 117 -22.11 -77.92 20.02
CA LEU O 117 -23.07 -78.96 20.35
C LEU O 117 -23.85 -79.46 19.11
N GLU O 118 -23.92 -78.69 18.03
CA GLU O 118 -24.44 -79.19 16.74
C GLU O 118 -23.60 -80.36 16.23
N LEU O 119 -22.27 -80.22 16.20
CA LEU O 119 -21.43 -81.36 15.87
C LEU O 119 -21.60 -82.48 16.89
N ALA O 120 -21.73 -82.18 18.19
CA ALA O 120 -21.95 -83.23 19.18
C ALA O 120 -23.26 -84.00 18.91
N ILE O 121 -24.32 -83.30 18.52
CA ILE O 121 -25.58 -83.92 18.16
C ILE O 121 -25.39 -84.81 16.93
N ILE O 122 -24.71 -84.32 15.90
CA ILE O 122 -24.39 -85.11 14.71
C ILE O 122 -23.59 -86.35 15.11
N ALA O 123 -22.58 -86.19 15.96
CA ALA O 123 -21.79 -87.30 16.46
C ALA O 123 -22.68 -88.32 17.18
N LEU O 124 -23.61 -87.85 18.01
CA LEU O 124 -24.47 -88.73 18.77
C LEU O 124 -25.45 -89.47 17.84
N HIS O 125 -25.93 -88.81 16.78
CA HIS O 125 -26.63 -89.46 15.66
C HIS O 125 -25.79 -90.58 15.08
N ILE O 126 -24.54 -90.30 14.71
CA ILE O 126 -23.63 -91.31 14.18
C ILE O 126 -23.45 -92.44 15.19
N SER O 127 -23.35 -92.12 16.49
CA SER O 127 -23.22 -93.14 17.51
C SER O 127 -24.44 -94.07 17.51
N VAL O 128 -25.65 -93.52 17.40
CA VAL O 128 -26.84 -94.36 17.23
C VAL O 128 -26.72 -95.19 15.95
N ARG O 129 -26.19 -94.66 14.85
CA ARG O 129 -25.96 -95.49 13.65
C ARG O 129 -24.97 -96.60 13.92
N ILE O 130 -23.89 -96.36 14.67
CA ILE O 130 -22.98 -97.42 15.10
C ILE O 130 -23.76 -98.45 15.91
N ALA O 131 -24.66 -98.02 16.77
CA ALA O 131 -25.52 -98.93 17.51
C ALA O 131 -26.38 -99.77 16.56
N GLU O 132 -26.92 -99.22 15.47
CA GLU O 132 -27.63 -100.03 14.48
C GLU O 132 -26.74 -101.17 13.96
N VAL O 133 -25.50 -100.84 13.60
CA VAL O 133 -24.54 -101.83 13.12
C VAL O 133 -24.25 -102.86 14.20
N LEU O 134 -23.88 -102.43 15.40
CA LEU O 134 -23.57 -103.34 16.49
C LEU O 134 -24.76 -104.25 16.81
N LEU O 135 -25.96 -103.69 16.86
CA LEU O 135 -27.16 -104.44 17.19
C LEU O 135 -27.43 -105.54 16.16
N GLU O 136 -27.34 -105.23 14.87
CA GLU O 136 -27.48 -106.29 13.88
C GLU O 136 -26.30 -107.27 13.92
N THR O 137 -25.11 -106.83 14.33
CA THR O 137 -23.91 -107.69 14.37
C THR O 137 -24.13 -108.92 15.25
N ARG O 138 -24.67 -108.74 16.47
CA ARG O 138 -25.03 -109.84 17.38
C ARG O 138 -26.14 -109.43 18.36
N PRO O 139 -27.17 -110.26 18.59
CA PRO O 139 -28.22 -109.99 19.58
C PRO O 139 -27.82 -110.34 21.03
N ASP O 140 -26.83 -111.21 21.23
CA ASP O 140 -26.36 -111.72 22.53
C ASP O 140 -25.19 -110.92 23.13
N ASP O 141 -24.56 -110.01 22.39
CA ASP O 141 -23.50 -109.10 22.86
C ASP O 141 -24.05 -107.89 23.67
N ARG O 142 -25.25 -108.04 24.23
CA ARG O 142 -26.09 -106.98 24.84
C ARG O 142 -25.40 -106.12 25.89
N GLU O 143 -24.39 -106.64 26.59
CA GLU O 143 -23.65 -105.88 27.58
C GLU O 143 -22.94 -104.66 26.95
N GLU O 144 -22.33 -104.82 25.78
CA GLU O 144 -21.70 -103.70 25.08
C GLU O 144 -22.75 -102.68 24.65
N ILE O 145 -23.92 -103.17 24.21
CA ILE O 145 -25.04 -102.30 23.85
C ILE O 145 -25.51 -101.54 25.09
N ARG O 146 -25.62 -102.19 26.24
CA ARG O 146 -25.99 -101.55 27.51
C ARG O 146 -25.00 -100.45 27.87
N GLU O 147 -23.69 -100.72 27.75
CA GLU O 147 -22.64 -99.73 27.95
C GLU O 147 -22.84 -98.54 27.00
N GLN O 148 -23.00 -98.80 25.70
CA GLN O 148 -23.28 -97.74 24.74
C GLN O 148 -24.54 -96.96 25.11
N GLN O 149 -25.63 -97.63 25.49
CA GLN O 149 -26.88 -96.97 25.85
C GLN O 149 -26.72 -96.09 27.08
N ALA O 150 -26.03 -96.56 28.11
CA ALA O 150 -25.74 -95.76 29.28
C ALA O 150 -24.93 -94.51 28.89
N ILE O 151 -23.89 -94.68 28.06
CA ILE O 151 -23.10 -93.56 27.56
C ILE O 151 -24.00 -92.60 26.79
N PHE O 152 -24.86 -93.11 25.93
CA PHE O 152 -25.80 -92.27 25.17
C PHE O 152 -26.67 -91.46 26.12
N GLU O 153 -27.31 -92.09 27.09
CA GLU O 153 -28.20 -91.37 27.99
C GLU O 153 -27.43 -90.38 28.87
N LEU O 154 -26.20 -90.68 29.24
CA LEU O 154 -25.34 -89.72 29.90
C LEU O 154 -25.05 -88.52 28.99
N LEU O 155 -24.65 -88.76 27.73
CA LEU O 155 -24.43 -87.67 26.79
C LEU O 155 -25.70 -86.85 26.59
N ILE O 156 -26.87 -87.48 26.45
CA ILE O 156 -28.14 -86.77 26.34
C ILE O 156 -28.39 -85.94 27.60
N ALA O 157 -28.22 -86.48 28.79
CA ALA O 157 -28.41 -85.71 30.00
C ALA O 157 -27.50 -84.48 30.04
N ALA O 158 -26.22 -84.66 29.68
CA ALA O 158 -25.27 -83.56 29.59
C ALA O 158 -25.72 -82.53 28.55
N LEU O 159 -26.11 -82.97 27.36
CA LEU O 159 -26.60 -82.09 26.32
C LEU O 159 -27.87 -81.35 26.75
N GLU O 160 -28.83 -82.01 27.40
CA GLU O 160 -30.07 -81.37 27.84
C GLU O 160 -29.79 -80.25 28.85
N ALA O 161 -28.95 -80.53 29.85
CA ALA O 161 -28.53 -79.49 30.77
C ALA O 161 -27.81 -78.36 30.02
N ALA O 162 -26.85 -78.71 29.16
CA ALA O 162 -26.03 -77.75 28.43
C ALA O 162 -26.89 -76.83 27.56
N ILE O 163 -27.77 -77.38 26.74
CA ILE O 163 -28.59 -76.62 25.81
C ILE O 163 -29.67 -75.83 26.57
N ARG O 164 -30.25 -76.38 27.64
CA ARG O 164 -31.16 -75.62 28.51
C ARG O 164 -30.47 -74.39 29.06
N LEU O 165 -29.25 -74.55 29.57
CA LEU O 165 -28.50 -73.44 30.13
C LEU O 165 -28.03 -72.46 29.05
N GLU O 166 -27.58 -72.94 27.89
CA GLU O 166 -27.21 -72.09 26.76
C GLU O 166 -28.40 -71.24 26.29
N LYS O 167 -29.60 -71.83 26.23
CA LYS O 167 -30.82 -71.10 25.96
C LYS O 167 -31.09 -70.05 27.04
N LEU O 168 -30.98 -70.43 28.30
CA LEU O 168 -31.17 -69.50 29.41
C LEU O 168 -30.16 -68.33 29.35
N LYS O 169 -28.93 -68.58 28.89
CA LYS O 169 -27.88 -67.59 28.64
C LYS O 169 -28.23 -66.69 27.45
N GLU O 170 -28.69 -67.25 26.35
CA GLU O 170 -29.17 -66.49 25.20
C GLU O 170 -30.36 -65.58 25.58
N GLU O 171 -31.27 -66.06 26.41
CA GLU O 171 -32.39 -65.28 26.96
C GLU O 171 -31.97 -64.22 28.00
N GLY O 172 -30.73 -64.27 28.52
CA GLY O 172 -30.21 -63.29 29.46
C GLY O 172 -30.88 -63.28 30.84
N ALA O 173 -31.41 -64.43 31.28
CA ALA O 173 -32.13 -64.55 32.56
C ALA O 173 -31.22 -64.28 33.79
N PRO O 174 -31.80 -63.93 34.96
CA PRO O 174 -31.04 -63.62 36.17
C PRO O 174 -30.04 -64.73 36.56
N PRO O 175 -28.79 -64.40 36.89
CA PRO O 175 -27.76 -65.38 37.22
C PRO O 175 -28.14 -66.38 38.31
N GLU O 176 -29.01 -66.00 39.26
CA GLU O 176 -29.54 -66.90 40.28
C GLU O 176 -30.34 -68.07 39.67
N GLN O 177 -31.06 -67.84 38.58
CA GLN O 177 -31.72 -68.91 37.84
C GLN O 177 -30.69 -69.79 37.15
N ILE O 178 -29.65 -69.20 36.54
CA ILE O 178 -28.56 -69.94 35.89
C ILE O 178 -27.88 -70.84 36.93
N GLU O 179 -27.57 -70.32 38.10
CA GLU O 179 -27.06 -71.09 39.23
C GLU O 179 -28.00 -72.22 39.62
N ARG O 180 -29.29 -71.94 39.86
CA ARG O 180 -30.27 -72.96 40.28
C ARG O 180 -30.37 -74.09 39.26
N VAL O 181 -30.45 -73.77 37.97
CA VAL O 181 -30.49 -74.78 36.91
C VAL O 181 -29.17 -75.55 36.86
N ALA O 182 -28.02 -74.88 36.92
CA ALA O 182 -26.72 -75.55 36.87
C ALA O 182 -26.53 -76.51 38.05
N GLU O 183 -26.86 -76.06 39.26
CA GLU O 183 -26.81 -76.85 40.49
C GLU O 183 -27.70 -78.10 40.37
N HIS O 184 -28.96 -77.91 40.01
CA HIS O 184 -29.90 -78.99 39.77
C HIS O 184 -29.39 -79.96 38.69
N GLY O 185 -28.82 -79.44 37.62
CA GLY O 185 -28.23 -80.23 36.54
C GLY O 185 -27.07 -81.10 37.04
N LEU O 186 -26.15 -80.52 37.81
CA LEU O 186 -25.05 -81.29 38.39
C LEU O 186 -25.57 -82.36 39.35
N GLU O 187 -26.56 -82.05 40.19
CA GLU O 187 -27.16 -83.06 41.06
C GLU O 187 -27.82 -84.20 40.27
N ARG O 188 -28.55 -83.90 39.20
CA ARG O 188 -29.10 -84.93 38.32
C ARG O 188 -27.98 -85.74 37.66
N LEU O 189 -26.90 -85.10 37.22
CA LEU O 189 -25.74 -85.83 36.69
C LEU O 189 -25.14 -86.76 37.75
N LYS O 190 -25.09 -86.34 39.02
CA LYS O 190 -24.69 -87.21 40.13
C LYS O 190 -25.61 -88.43 40.23
N GLU O 191 -26.93 -88.21 40.28
CA GLU O 191 -27.89 -89.31 40.36
C GLU O 191 -27.79 -90.28 39.18
N ILE O 192 -27.68 -89.74 37.96
CA ILE O 192 -27.49 -90.55 36.75
C ILE O 192 -26.17 -91.32 36.82
N ALA O 193 -25.07 -90.70 37.25
CA ALA O 193 -23.81 -91.39 37.37
C ALA O 193 -23.89 -92.54 38.40
N LYS O 194 -24.53 -92.30 39.55
CA LYS O 194 -24.78 -93.32 40.56
C LYS O 194 -25.58 -94.48 39.99
N GLU O 195 -26.64 -94.22 39.23
CA GLU O 195 -27.41 -95.26 38.56
C GLU O 195 -26.56 -96.05 37.54
N ILE O 196 -25.86 -95.35 36.65
CA ILE O 196 -25.02 -95.98 35.62
C ILE O 196 -23.95 -96.86 36.27
N SER O 197 -23.34 -96.39 37.37
CA SER O 197 -22.32 -97.12 38.11
C SER O 197 -22.77 -98.49 38.62
N LYS O 198 -24.08 -98.76 38.73
CA LYS O 198 -24.57 -100.10 39.12
C LYS O 198 -24.41 -101.14 38.02
N GLU O 199 -24.40 -100.74 36.75
CA GLU O 199 -24.37 -101.67 35.63
C GLU O 199 -22.98 -101.80 34.98
N VAL O 200 -22.27 -100.68 34.79
CA VAL O 200 -21.05 -100.63 33.95
C VAL O 200 -19.83 -101.30 34.60
N ASP O 201 -18.93 -101.86 33.79
CA ASP O 201 -17.68 -102.46 34.27
C ASP O 201 -16.47 -102.32 33.32
N SER O 202 -16.63 -101.83 32.09
CA SER O 202 -15.48 -101.53 31.25
C SER O 202 -14.66 -100.38 31.85
N PRO O 203 -13.35 -100.58 32.12
CA PRO O 203 -12.53 -99.55 32.75
C PRO O 203 -12.51 -98.25 31.96
N GLU O 204 -12.24 -98.33 30.65
CA GLU O 204 -12.21 -97.14 29.81
C GLU O 204 -13.60 -96.52 29.68
N SER O 205 -14.67 -97.31 29.73
CA SER O 205 -16.03 -96.76 29.77
C SER O 205 -16.24 -95.94 31.03
N LYS O 206 -15.83 -96.46 32.19
CA LYS O 206 -15.91 -95.69 33.43
C LYS O 206 -15.07 -94.41 33.33
N ARG O 207 -13.87 -94.48 32.73
CA ARG O 207 -13.05 -93.28 32.44
C ARG O 207 -13.79 -92.30 31.56
N ILE O 208 -14.38 -92.77 30.48
CA ILE O 208 -15.24 -91.99 29.59
C ILE O 208 -16.37 -91.34 30.38
N ALA O 209 -17.11 -92.09 31.20
CA ALA O 209 -18.26 -91.55 31.93
C ALA O 209 -17.82 -90.43 32.87
N TYR O 210 -16.75 -90.65 33.62
CA TYR O 210 -16.21 -89.62 34.48
C TYR O 210 -15.77 -88.39 33.66
N LYS O 211 -15.03 -88.59 32.57
CA LYS O 211 -14.62 -87.48 31.70
C LYS O 211 -15.82 -86.76 31.11
N ILE O 212 -16.90 -87.45 30.76
CA ILE O 212 -18.13 -86.81 30.27
C ILE O 212 -18.75 -85.97 31.38
N VAL O 213 -18.86 -86.49 32.61
CA VAL O 213 -19.38 -85.70 33.73
C VAL O 213 -18.54 -84.45 33.93
N ALA O 214 -17.21 -84.60 33.87
CA ALA O 214 -16.28 -83.49 33.98
C ALA O 214 -16.45 -82.48 32.84
N ALA O 215 -16.53 -82.94 31.59
CA ALA O 215 -16.75 -82.09 30.42
C ALA O 215 -18.06 -81.31 30.55
N ALA O 216 -19.14 -81.96 31.00
CA ALA O 216 -20.40 -81.31 31.26
C ALA O 216 -20.26 -80.26 32.37
N ALA O 217 -19.63 -80.60 33.49
CA ALA O 217 -19.43 -79.66 34.58
C ALA O 217 -18.60 -78.45 34.14
N GLU O 218 -17.49 -78.64 33.44
CA GLU O 218 -16.65 -77.51 33.03
C GLU O 218 -17.31 -76.69 31.93
N PHE O 219 -18.09 -77.30 31.04
CA PHE O 219 -18.95 -76.55 30.13
C PHE O 219 -19.94 -75.69 30.91
N LEU O 220 -20.62 -76.25 31.91
CA LEU O 220 -21.51 -75.49 32.80
C LEU O 220 -20.78 -74.34 33.47
N LEU O 221 -19.56 -74.55 33.97
CA LEU O 221 -18.75 -73.49 34.57
C LEU O 221 -18.44 -72.39 33.55
N LYS O 222 -17.97 -72.75 32.35
CA LYS O 222 -17.71 -71.76 31.29
C LYS O 222 -18.98 -71.01 30.90
N ILE O 223 -20.12 -71.69 30.80
CA ILE O 223 -21.41 -71.04 30.52
C ILE O 223 -21.78 -70.06 31.64
N LEU O 224 -21.63 -70.44 32.90
CA LEU O 224 -21.90 -69.53 34.01
C LEU O 224 -20.97 -68.29 33.96
N ALA O 225 -19.71 -68.48 33.59
CA ALA O 225 -18.75 -67.40 33.40
C ALA O 225 -19.13 -66.47 32.24
N GLU O 226 -19.49 -67.03 31.08
CA GLU O 226 -20.04 -66.24 29.97
C GLU O 226 -21.33 -65.51 30.37
N GLY O 227 -22.16 -66.12 31.24
CA GLY O 227 -23.38 -65.54 31.77
C GLY O 227 -23.17 -64.38 32.76
N GLY O 228 -21.92 -64.05 33.11
CA GLY O 228 -21.61 -62.87 33.92
C GLY O 228 -22.03 -62.97 35.39
N ALA O 229 -22.16 -64.19 35.93
CA ALA O 229 -22.42 -64.40 37.35
C ALA O 229 -21.33 -63.78 38.26
N THR O 230 -21.69 -63.41 39.49
CA THR O 230 -20.76 -62.74 40.40
C THR O 230 -19.61 -63.66 40.85
N PRO O 231 -18.47 -63.12 41.26
CA PRO O 231 -17.37 -63.92 41.83
C PRO O 231 -17.83 -64.86 42.95
N GLU O 232 -18.72 -64.41 43.81
CA GLU O 232 -19.29 -65.22 44.88
C GLU O 232 -20.07 -66.41 44.33
N GLN O 233 -20.96 -66.19 43.35
CA GLN O 233 -21.74 -67.29 42.80
C GLN O 233 -20.86 -68.25 41.99
N LEU O 234 -19.86 -67.74 41.25
CA LEU O 234 -18.88 -68.57 40.57
C LEU O 234 -18.16 -69.47 41.57
N GLU O 235 -17.70 -68.92 42.69
CA GLU O 235 -17.04 -69.70 43.74
C GLU O 235 -17.98 -70.73 44.36
N ARG O 236 -19.22 -70.38 44.70
CA ARG O 236 -20.20 -71.32 45.27
C ARG O 236 -20.50 -72.49 44.35
N VAL O 237 -20.74 -72.21 43.06
CA VAL O 237 -20.91 -73.27 42.07
C VAL O 237 -19.61 -74.06 41.90
N THR O 238 -18.45 -73.41 41.95
CA THR O 238 -17.16 -74.12 41.82
C THR O 238 -16.99 -75.14 42.93
N GLU O 239 -17.26 -74.77 44.19
CA GLU O 239 -17.16 -75.74 45.30
C GLU O 239 -18.18 -76.87 45.14
N HIS O 240 -19.43 -76.55 44.80
CA HIS O 240 -20.43 -77.59 44.54
C HIS O 240 -19.98 -78.55 43.44
N ALA O 241 -19.46 -78.02 42.33
CA ALA O 241 -18.96 -78.81 41.22
C ALA O 241 -17.76 -79.67 41.63
N LEU O 242 -16.79 -79.12 42.35
CA LEU O 242 -15.69 -79.92 42.90
C LEU O 242 -16.22 -81.05 43.78
N GLU O 243 -17.20 -80.77 44.66
CA GLU O 243 -17.80 -81.80 45.52
C GLU O 243 -18.51 -82.89 44.70
N VAL O 244 -19.24 -82.49 43.66
CA VAL O 244 -19.85 -83.45 42.73
C VAL O 244 -18.76 -84.29 42.07
N LEU O 245 -17.70 -83.69 41.54
CA LEU O 245 -16.61 -84.43 40.92
C LEU O 245 -15.98 -85.40 41.92
N LYS O 246 -15.75 -84.94 43.14
CA LYS O 246 -15.22 -85.77 44.22
C LYS O 246 -16.14 -86.95 44.50
N GLU O 247 -17.43 -86.74 44.68
CA GLU O 247 -18.34 -87.84 44.98
C GLU O 247 -18.44 -88.81 43.80
N VAL O 248 -18.59 -88.30 42.57
CA VAL O 248 -18.66 -89.18 41.39
C VAL O 248 -17.36 -89.93 41.20
N ALA O 249 -16.21 -89.32 41.47
CA ALA O 249 -14.94 -90.02 41.47
C ALA O 249 -14.94 -91.15 42.51
N LYS O 250 -15.45 -90.92 43.72
CA LYS O 250 -15.54 -91.98 44.75
C LYS O 250 -16.43 -93.14 44.30
N GLU O 251 -17.49 -92.88 43.55
CA GLU O 251 -18.28 -93.96 42.96
C GLU O 251 -17.48 -94.72 41.89
N LEU O 252 -16.89 -94.00 40.93
CA LEU O 252 -16.34 -94.60 39.72
C LEU O 252 -14.89 -95.12 39.87
N ALA O 253 -14.14 -94.72 40.89
CA ALA O 253 -12.74 -95.14 41.07
C ALA O 253 -12.59 -96.64 41.38
N ASP O 254 -11.55 -97.27 40.81
CA ASP O 254 -11.20 -98.70 40.98
C ASP O 254 -9.69 -98.94 41.25
N SER O 255 -8.81 -98.16 40.61
CA SER O 255 -7.36 -98.39 40.58
C SER O 255 -6.58 -97.11 40.28
N PRO O 256 -5.26 -97.04 40.51
CA PRO O 256 -4.48 -95.79 40.40
C PRO O 256 -4.63 -95.04 39.06
N GLU O 257 -4.84 -95.75 37.96
CA GLU O 257 -5.08 -95.15 36.65
C GLU O 257 -6.35 -94.31 36.66
N SER O 258 -7.43 -94.83 37.26
CA SER O 258 -8.65 -94.06 37.50
C SER O 258 -8.38 -92.87 38.44
N GLY O 259 -7.40 -92.99 39.33
CA GLY O 259 -6.91 -91.87 40.11
C GLY O 259 -6.28 -90.78 39.24
N LEU O 260 -5.44 -91.14 38.28
CA LEU O 260 -4.85 -90.18 37.35
C LEU O 260 -5.95 -89.41 36.63
N ALA O 261 -6.95 -90.12 36.12
CA ALA O 261 -8.10 -89.50 35.50
C ALA O 261 -8.85 -88.58 36.47
N ALA O 262 -9.13 -89.08 37.67
CA ALA O 262 -9.85 -88.34 38.69
C ALA O 262 -9.19 -86.98 38.93
N LEU O 263 -7.88 -87.01 39.21
CA LEU O 263 -7.15 -85.79 39.49
C LEU O 263 -7.02 -84.92 38.25
N ALA O 264 -6.83 -85.48 37.05
CA ALA O 264 -6.70 -84.66 35.86
C ALA O 264 -7.96 -83.81 35.61
N ALA O 265 -9.14 -84.38 35.84
CA ALA O 265 -10.37 -83.61 35.71
C ALA O 265 -10.50 -82.58 36.83
N ILE O 266 -10.22 -82.94 38.07
CA ILE O 266 -10.26 -81.99 39.18
C ILE O 266 -9.30 -80.84 38.86
N ALA O 267 -8.11 -81.14 38.36
CA ALA O 267 -7.12 -80.17 37.93
C ALA O 267 -7.70 -79.25 36.87
N SER O 268 -8.30 -79.83 35.84
CA SER O 268 -8.92 -79.06 34.76
C SER O 268 -9.97 -78.09 35.32
N LEU O 269 -10.85 -78.56 36.20
CA LEU O 269 -11.91 -77.74 36.77
C LEU O 269 -11.32 -76.66 37.68
N ALA O 270 -10.33 -77.00 38.50
CA ALA O 270 -9.65 -76.05 39.36
C ALA O 270 -8.94 -74.97 38.53
N LYS O 271 -8.18 -75.36 37.50
CA LYS O 271 -7.46 -74.45 36.60
C LYS O 271 -8.43 -73.48 35.93
N LEU O 272 -9.53 -73.99 35.37
CA LEU O 272 -10.56 -73.13 34.79
C LEU O 272 -11.18 -72.21 35.84
N GLY O 273 -11.53 -72.73 37.02
CA GLY O 273 -12.08 -71.93 38.11
C GLY O 273 -11.16 -70.77 38.49
N LEU O 274 -9.88 -71.07 38.75
CA LEU O 274 -8.89 -70.06 39.07
C LEU O 274 -8.67 -69.08 37.92
N GLU O 275 -8.64 -69.53 36.67
CA GLU O 275 -8.53 -68.62 35.53
C GLU O 275 -9.75 -67.72 35.39
N GLN O 276 -10.96 -68.19 35.68
CA GLN O 276 -12.13 -67.31 35.70
C GLN O 276 -12.12 -66.34 36.88
N LEU O 277 -11.64 -66.76 38.05
CA LEU O 277 -11.39 -65.84 39.17
C LEU O 277 -10.35 -64.78 38.79
N LYS O 278 -9.29 -65.16 38.07
CA LYS O 278 -8.29 -64.24 37.53
C LYS O 278 -8.89 -63.27 36.51
N GLU O 279 -9.74 -63.77 35.62
CA GLU O 279 -10.39 -62.96 34.59
C GLU O 279 -11.39 -61.94 35.16
N ILE O 280 -12.22 -62.34 36.13
CA ILE O 280 -13.15 -61.41 36.81
C ILE O 280 -12.43 -60.50 37.82
N GLY O 281 -11.18 -60.81 38.17
CA GLY O 281 -10.38 -60.03 39.12
C GLY O 281 -10.78 -60.24 40.59
N ALA O 282 -11.18 -61.46 40.95
CA ALA O 282 -11.69 -61.79 42.29
C ALA O 282 -10.63 -61.55 43.41
N PRO O 283 -11.04 -61.10 44.61
CA PRO O 283 -10.15 -60.92 45.75
C PRO O 283 -9.28 -62.15 46.05
N PRO O 284 -8.00 -62.00 46.44
CA PRO O 284 -7.10 -63.12 46.70
C PRO O 284 -7.64 -64.18 47.65
N GLU O 285 -8.45 -63.82 48.65
CA GLU O 285 -9.05 -64.81 49.56
C GLU O 285 -10.01 -65.76 48.83
N GLN O 286 -10.73 -65.31 47.79
CA GLN O 286 -11.51 -66.22 46.93
C GLN O 286 -10.60 -67.23 46.23
N GLN O 287 -9.45 -66.76 45.73
CA GLN O 287 -8.45 -67.60 45.07
C GLN O 287 -7.88 -68.65 46.05
N ARG O 288 -7.63 -68.25 47.30
CA ARG O 288 -7.29 -69.17 48.39
C ARG O 288 -8.41 -70.19 48.63
N ARG O 289 -9.66 -69.76 48.81
CA ARG O 289 -10.82 -70.65 49.08
C ARG O 289 -10.95 -71.73 48.01
N VAL O 290 -10.85 -71.37 46.73
CA VAL O 290 -10.86 -72.35 45.63
C VAL O 290 -9.64 -73.27 45.71
N THR O 291 -8.45 -72.72 45.95
CA THR O 291 -7.22 -73.53 46.05
C THR O 291 -7.31 -74.55 47.20
N LYS O 292 -7.83 -74.14 48.36
CA LYS O 292 -8.11 -75.01 49.50
C LYS O 292 -9.03 -76.15 49.08
N ALA O 293 -10.17 -75.83 48.48
CA ALA O 293 -11.09 -76.87 48.00
C ALA O 293 -10.38 -77.84 47.03
N GLY O 294 -9.54 -77.33 46.14
CA GLY O 294 -8.72 -78.15 45.25
C GLY O 294 -7.81 -79.12 46.00
N ILE O 295 -6.97 -78.60 46.88
CA ILE O 295 -6.05 -79.44 47.66
C ILE O 295 -6.83 -80.44 48.53
N GLU O 296 -7.93 -80.02 49.16
CA GLU O 296 -8.78 -80.93 49.94
C GLU O 296 -9.41 -82.02 49.07
N ALA O 297 -9.80 -81.71 47.84
CA ALA O 297 -10.25 -82.73 46.91
C ALA O 297 -9.10 -83.71 46.58
N VAL O 298 -7.92 -83.19 46.24
CA VAL O 298 -6.73 -84.04 45.96
C VAL O 298 -6.44 -84.97 47.12
N ARG O 299 -6.46 -84.42 48.34
CA ARG O 299 -6.28 -85.14 49.61
C ARG O 299 -7.32 -86.25 49.77
N GLU O 300 -8.59 -85.93 49.62
CA GLU O 300 -9.65 -86.94 49.74
C GLU O 300 -9.51 -88.04 48.69
N ILE O 301 -9.25 -87.70 47.43
CA ILE O 301 -9.11 -88.70 46.38
C ILE O 301 -7.86 -89.56 46.59
N TYR O 302 -6.76 -88.97 47.06
CA TYR O 302 -5.60 -89.72 47.50
C TYR O 302 -5.97 -90.75 48.58
N ARG O 303 -6.60 -90.31 49.68
CA ARG O 303 -6.97 -91.21 50.78
C ARG O 303 -7.99 -92.26 50.35
N TYR O 304 -8.96 -91.89 49.53
CA TYR O 304 -9.95 -92.82 49.01
C TYR O 304 -9.32 -93.86 48.10
N GLY O 305 -8.42 -93.46 47.20
CA GLY O 305 -7.62 -94.38 46.40
C GLY O 305 -6.78 -95.31 47.28
N ARG O 306 -6.23 -94.79 48.38
CA ARG O 306 -5.52 -95.56 49.41
C ARG O 306 -6.41 -96.48 50.27
N LYS O 307 -7.74 -96.52 50.07
CA LYS O 307 -8.56 -97.66 50.51
C LYS O 307 -8.40 -98.90 49.63
N LEU O 308 -8.03 -98.69 48.35
CA LEU O 308 -7.93 -99.73 47.32
C LEU O 308 -6.46 -100.06 46.94
N TYR O 309 -5.53 -99.13 47.17
CA TYR O 309 -4.10 -99.24 46.81
C TYR O 309 -3.18 -98.87 47.98
N ASP P 3 80.94 -2.13 14.63
CA ASP P 3 82.38 -1.75 14.75
C ASP P 3 82.99 -1.96 16.13
N ASP P 4 82.34 -1.60 17.25
CA ASP P 4 82.98 -1.50 18.58
C ASP P 4 83.76 -2.74 19.01
N LEU P 5 83.34 -3.93 18.58
CA LEU P 5 84.07 -5.18 18.79
C LEU P 5 85.54 -5.05 18.39
N LEU P 6 85.84 -4.44 17.24
CA LEU P 6 87.23 -4.26 16.79
C LEU P 6 88.00 -3.42 17.78
N LEU P 7 87.44 -2.28 18.18
CA LEU P 7 88.06 -1.39 19.16
C LEU P 7 88.32 -2.14 20.46
N LYS P 8 87.34 -2.89 20.94
CA LYS P 8 87.50 -3.73 22.12
C LYS P 8 88.56 -4.82 21.93
N LEU P 9 88.70 -5.38 20.73
CA LEU P 9 89.77 -6.29 20.40
C LEU P 9 91.12 -5.61 20.56
N LEU P 10 91.24 -4.38 20.06
CA LEU P 10 92.42 -3.59 20.33
C LEU P 10 92.60 -3.37 21.83
N GLU P 11 91.55 -3.09 22.60
CA GLU P 11 91.71 -2.97 24.05
C GLU P 11 92.35 -4.23 24.62
N LEU P 12 91.80 -5.41 24.28
CA LEU P 12 92.35 -6.66 24.78
C LEU P 12 93.79 -6.86 24.36
N LEU P 13 94.11 -6.56 23.10
CA LEU P 13 95.48 -6.61 22.64
C LEU P 13 96.35 -5.69 23.48
N VAL P 14 95.91 -4.46 23.73
CA VAL P 14 96.67 -3.47 24.50
C VAL P 14 96.85 -3.93 25.93
N GLU P 15 95.79 -4.37 26.61
CA GLU P 15 95.94 -4.80 28.00
C GLU P 15 96.83 -6.04 28.05
N GLN P 16 96.70 -6.99 27.12
CA GLN P 16 97.56 -8.17 27.11
C GLN P 16 99.01 -7.77 26.87
N ALA P 17 99.24 -6.87 25.92
CA ALA P 17 100.55 -6.30 25.72
C ALA P 17 101.03 -5.62 27.00
N ARG P 18 100.19 -4.87 27.72
CA ARG P 18 100.58 -4.17 28.94
C ARG P 18 101.04 -5.16 29.99
N VAL P 19 100.28 -6.22 30.23
CA VAL P 19 100.70 -7.25 31.19
C VAL P 19 101.97 -7.93 30.72
N SER P 20 102.08 -8.20 29.42
CA SER P 20 103.30 -8.74 28.83
C SER P 20 104.49 -7.81 29.06
N ALA P 21 104.29 -6.49 28.96
CA ALA P 21 105.32 -5.48 29.16
C ALA P 21 105.67 -5.31 30.64
N GLU P 22 104.72 -5.40 31.55
CA GLU P 22 105.01 -5.44 32.99
C GLU P 22 105.89 -6.65 33.32
N PHE P 23 105.58 -7.83 32.78
CA PHE P 23 106.43 -9.01 32.89
C PHE P 23 107.82 -8.78 32.28
N ALA P 24 107.88 -8.27 31.05
CA ALA P 24 109.13 -8.06 30.33
C ALA P 24 110.04 -7.02 31.01
N ARG P 25 109.48 -5.98 31.64
CA ARG P 25 110.25 -4.97 32.39
C ARG P 25 110.65 -5.46 33.79
N ARG P 26 109.89 -6.37 34.40
CA ARG P 26 110.32 -7.08 35.63
C ARG P 26 111.48 -8.06 35.33
N GLN P 27 111.43 -8.78 34.21
CA GLN P 27 112.45 -9.76 33.80
C GLN P 27 113.69 -9.14 33.10
N GLY P 28 113.53 -8.04 32.37
CA GLY P 28 114.61 -7.31 31.68
C GLY P 28 114.98 -7.86 30.28
N ASP P 29 114.12 -8.64 29.63
CA ASP P 29 114.44 -9.27 28.32
C ASP P 29 114.24 -8.32 27.12
N GLU P 30 115.33 -7.89 26.50
CA GLU P 30 115.33 -7.11 25.25
C GLU P 30 114.49 -7.76 24.13
N LYS P 31 114.52 -9.09 23.98
CA LYS P 31 113.80 -9.75 22.88
C LYS P 31 112.28 -9.63 23.08
N MET P 32 111.78 -9.97 24.26
CA MET P 32 110.37 -9.79 24.55
C MET P 32 109.97 -8.30 24.53
N LEU P 33 110.84 -7.38 24.97
CA LEU P 33 110.59 -5.94 24.83
C LEU P 33 110.45 -5.54 23.35
N GLU P 34 111.29 -6.08 22.47
CA GLU P 34 111.13 -5.90 21.02
C GLU P 34 109.78 -6.44 20.54
N GLU P 35 109.38 -7.64 20.98
CA GLU P 35 108.11 -8.25 20.59
C GLU P 35 106.91 -7.42 21.04
N VAL P 36 106.86 -6.98 22.30
CA VAL P 36 105.74 -6.12 22.73
C VAL P 36 105.80 -4.77 22.02
N ALA P 37 106.97 -4.19 21.77
CA ALA P 37 107.06 -2.95 21.02
C ALA P 37 106.49 -3.11 19.60
N ARG P 38 106.90 -4.17 18.90
CA ARG P 38 106.37 -4.51 17.57
C ARG P 38 104.86 -4.70 17.61
N LYS P 39 104.35 -5.48 18.56
CA LYS P 39 102.91 -5.68 18.73
C LYS P 39 102.20 -4.35 18.98
N ALA P 40 102.74 -3.49 19.83
CA ALA P 40 102.15 -2.21 20.14
C ALA P 40 102.12 -1.29 18.92
N GLU P 41 103.18 -1.27 18.12
CA GLU P 41 103.15 -0.54 16.85
C GLU P 41 102.13 -1.13 15.87
N GLU P 42 102.05 -2.46 15.74
CA GLU P 42 101.05 -3.07 14.86
C GLU P 42 99.62 -2.80 15.35
N VAL P 43 99.40 -2.78 16.65
CA VAL P 43 98.15 -2.26 17.21
C VAL P 43 97.97 -0.80 16.82
N ALA P 44 98.99 0.04 16.95
CA ALA P 44 98.88 1.45 16.59
C ALA P 44 98.49 1.62 15.12
N ARG P 45 99.03 0.78 14.23
CA ARG P 45 98.63 0.70 12.82
C ARG P 45 97.14 0.36 12.70
N LYS P 46 96.66 -0.67 13.41
CA LYS P 46 95.23 -1.02 13.41
C LYS P 46 94.38 0.15 13.89
N ALA P 47 94.77 0.76 15.00
CA ALA P 47 94.06 1.88 15.61
C ALA P 47 94.00 3.08 14.67
N GLU P 48 95.13 3.48 14.08
CA GLU P 48 95.19 4.56 13.11
C GLU P 48 94.25 4.29 11.94
N SER P 49 94.19 3.05 11.47
CA SER P 49 93.31 2.66 10.37
C SER P 49 91.83 2.86 10.74
N ILE P 50 91.43 2.44 11.93
CA ILE P 50 90.07 2.71 12.41
C ILE P 50 89.86 4.22 12.57
N ALA P 51 90.84 4.94 13.11
CA ALA P 51 90.75 6.38 13.32
C ALA P 51 90.53 7.14 12.00
N ARG P 52 91.24 6.77 10.93
CA ARG P 52 91.00 7.34 9.59
C ARG P 52 89.58 7.07 9.09
N LYS P 53 89.08 5.84 9.25
CA LYS P 53 87.67 5.52 8.91
C LYS P 53 86.72 6.46 9.65
N ALA P 54 86.87 6.52 10.97
CA ALA P 54 86.01 7.37 11.81
C ALA P 54 86.09 8.85 11.41
N ARG P 55 87.29 9.36 11.09
CA ARG P 55 87.48 10.74 10.63
C ARG P 55 86.68 11.01 9.36
N LYS P 56 86.75 10.10 8.38
CA LYS P 56 86.03 10.24 7.11
C LYS P 56 84.52 10.07 7.27
N GLU P 57 84.05 9.11 8.06
CA GLU P 57 82.62 8.85 8.25
C GLU P 57 81.93 9.82 9.22
N GLY P 58 82.68 10.48 10.10
CA GLY P 58 82.19 11.58 10.93
C GLY P 58 81.42 11.21 12.20
N ASN P 59 81.41 9.93 12.64
CA ASN P 59 80.88 9.56 13.95
C ASN P 59 81.88 9.93 15.06
N LEU P 60 81.55 10.92 15.89
CA LEU P 60 82.46 11.41 16.94
C LEU P 60 82.76 10.35 17.99
N GLU P 61 81.76 9.59 18.43
CA GLU P 61 81.93 8.63 19.52
C GLU P 61 82.98 7.56 19.16
N LEU P 62 82.90 7.00 17.95
CA LEU P 62 83.90 6.07 17.45
C LEU P 62 85.28 6.73 17.35
N ALA P 63 85.37 7.96 16.84
CA ALA P 63 86.65 8.65 16.75
C ALA P 63 87.26 8.83 18.14
N LEU P 64 86.47 9.27 19.11
CA LEU P 64 86.93 9.40 20.48
C LEU P 64 87.37 8.04 21.05
N LYS P 65 86.59 6.99 20.86
CA LYS P 65 87.01 5.63 21.26
C LYS P 65 88.35 5.25 20.63
N ALA P 66 88.51 5.48 19.34
CA ALA P 66 89.77 5.21 18.65
C ALA P 66 90.92 6.03 19.23
N LEU P 67 90.70 7.31 19.50
CA LEU P 67 91.70 8.13 20.16
C LEU P 67 92.04 7.58 21.54
N GLU P 68 91.07 7.04 22.28
CA GLU P 68 91.36 6.41 23.57
C GLU P 68 92.23 5.17 23.40
N ILE P 69 91.99 4.36 22.37
CA ILE P 69 92.93 3.29 22.03
C ILE P 69 94.31 3.90 21.78
N LEU P 70 94.39 4.93 20.93
CA LEU P 70 95.67 5.54 20.60
C LEU P 70 96.37 6.05 21.86
N VAL P 71 95.64 6.61 22.81
CA VAL P 71 96.15 6.97 24.12
C VAL P 71 96.71 5.75 24.83
N ARG P 72 95.93 4.67 25.01
CA ARG P 72 96.43 3.52 25.77
C ARG P 72 97.65 2.92 25.07
N ALA P 73 97.63 2.86 23.76
CA ALA P 73 98.74 2.36 22.96
C ALA P 73 99.97 3.24 23.17
N ALA P 74 99.83 4.55 23.10
CA ALA P 74 100.91 5.45 23.41
C ALA P 74 101.42 5.22 24.83
N HIS P 75 100.53 4.99 25.80
CA HIS P 75 100.93 4.75 27.18
C HIS P 75 101.83 3.52 27.28
N VAL P 76 101.43 2.38 26.71
CA VAL P 76 102.30 1.20 26.76
C VAL P 76 103.57 1.41 25.94
N LEU P 77 103.52 2.07 24.78
CA LEU P 77 104.72 2.38 24.01
C LEU P 77 105.71 3.20 24.85
N ALA P 78 105.20 4.20 25.57
CA ALA P 78 105.99 5.02 26.48
C ALA P 78 106.52 4.21 27.67
N GLU P 79 105.70 3.36 28.28
CA GLU P 79 106.12 2.48 29.38
C GLU P 79 107.31 1.61 28.94
N ILE P 80 107.26 1.06 27.71
CA ILE P 80 108.36 0.30 27.12
C ILE P 80 109.57 1.21 26.88
N ALA P 81 109.36 2.34 26.21
CA ALA P 81 110.43 3.28 25.87
C ALA P 81 111.19 3.80 27.10
N ARG P 82 110.51 4.03 28.22
CA ARG P 82 111.09 4.65 29.42
C ARG P 82 112.17 3.78 30.06
N GLU P 83 111.98 2.47 30.09
CA GLU P 83 113.04 1.53 30.52
C GLU P 83 114.04 1.24 29.39
N ARG P 84 113.58 1.09 28.14
CA ARG P 84 114.43 0.65 27.03
C ARG P 84 115.39 1.74 26.51
N GLY P 85 115.02 3.01 26.65
CA GLY P 85 115.79 4.17 26.21
C GLY P 85 115.80 4.42 24.70
N ASN P 86 115.03 3.67 23.90
CA ASN P 86 115.04 3.83 22.44
C ASN P 86 114.33 5.11 21.97
N GLU P 87 115.04 5.91 21.16
CA GLU P 87 114.52 7.18 20.66
C GLU P 87 113.47 7.01 19.55
N GLU P 88 113.46 5.94 18.76
CA GLU P 88 112.43 5.76 17.72
C GLU P 88 111.05 5.62 18.35
N LEU P 89 110.94 4.89 19.46
CA LEU P 89 109.69 4.85 20.23
C LEU P 89 109.32 6.25 20.74
N GLN P 90 110.26 7.02 21.29
CA GLN P 90 109.97 8.38 21.78
C GLN P 90 109.52 9.32 20.65
N LYS P 91 110.20 9.30 19.50
CA LYS P 91 109.84 10.09 18.32
C LYS P 91 108.46 9.69 17.78
N LYS P 92 108.19 8.40 17.66
CA LYS P 92 106.87 7.88 17.23
C LYS P 92 105.78 8.33 18.19
N ALA P 93 105.96 8.12 19.49
CA ALA P 93 105.00 8.54 20.50
C ALA P 93 104.75 10.05 20.44
N HIS P 94 105.81 10.87 20.39
CA HIS P 94 105.70 12.32 20.27
C HIS P 94 104.87 12.73 19.05
N LYS P 95 105.23 12.20 17.87
CA LYS P 95 104.55 12.50 16.60
C LYS P 95 103.08 12.09 16.66
N LEU P 96 102.81 10.84 17.04
CA LEU P 96 101.45 10.33 17.16
C LEU P 96 100.65 11.16 18.15
N ALA P 97 101.23 11.51 19.31
CA ALA P 97 100.54 12.30 20.32
C ALA P 97 100.21 13.70 19.80
N LYS P 98 101.16 14.37 19.14
CA LYS P 98 100.94 15.70 18.58
C LYS P 98 99.87 15.68 17.49
N GLU P 99 99.90 14.68 16.63
CA GLU P 99 98.85 14.47 15.62
C GLU P 99 97.50 14.22 16.31
N ALA P 100 97.46 13.37 17.32
CA ALA P 100 96.25 13.12 18.08
C ALA P 100 95.74 14.42 18.74
N LEU P 101 96.63 15.25 19.27
CA LEU P 101 96.23 16.52 19.88
C LEU P 101 95.53 17.41 18.86
N ARG P 102 96.11 17.56 17.67
CA ARG P 102 95.44 18.27 16.58
C ARG P 102 94.11 17.61 16.23
N GLN P 103 94.08 16.30 16.02
CA GLN P 103 92.87 15.60 15.63
C GLN P 103 91.77 15.78 16.67
N VAL P 104 92.08 15.59 17.96
CA VAL P 104 91.09 15.73 19.02
C VAL P 104 90.66 17.19 19.15
N ILE P 105 91.55 18.15 18.91
CA ILE P 105 91.14 19.54 18.83
C ILE P 105 90.14 19.74 17.70
N GLU P 106 90.38 19.20 16.50
CA GLU P 106 89.42 19.31 15.40
C GLU P 106 88.09 18.64 15.74
N ILE P 107 88.13 17.47 16.37
CA ILE P 107 86.93 16.84 16.90
C ILE P 107 86.25 17.77 17.92
N ALA P 108 86.99 18.41 18.82
CA ALA P 108 86.42 19.27 19.86
C ALA P 108 85.78 20.53 19.24
N ILE P 109 86.46 21.13 18.27
CA ILE P 109 85.87 22.22 17.48
C ILE P 109 84.57 21.72 16.84
N ARG P 110 84.58 20.54 16.19
CA ARG P 110 83.36 19.99 15.59
C ARG P 110 82.27 19.73 16.62
N ALA P 111 82.61 19.21 17.79
CA ALA P 111 81.65 18.92 18.86
C ALA P 111 81.00 20.19 19.40
N ILE P 112 81.75 21.27 19.55
CA ILE P 112 81.20 22.60 19.88
C ILE P 112 80.35 23.11 18.71
N GLN P 113 80.79 22.95 17.47
CA GLN P 113 80.05 23.37 16.28
C GLN P 113 78.68 22.68 16.17
N GLU P 114 78.61 21.37 16.45
CA GLU P 114 77.35 20.61 16.49
C GLU P 114 76.59 20.74 17.83
N GLY P 115 77.22 21.29 18.88
CA GLY P 115 76.63 21.46 20.21
C GLY P 115 76.52 20.16 21.04
N ASN P 116 77.21 19.09 20.66
CA ASN P 116 77.19 17.79 21.32
C ASN P 116 78.20 17.76 22.50
N LEU P 117 78.04 18.71 23.44
CA LEU P 117 79.08 19.04 24.43
C LEU P 117 79.47 17.86 25.35
N GLU P 118 78.62 16.86 25.47
CA GLU P 118 78.92 15.63 26.22
C GLU P 118 80.12 14.91 25.60
N LEU P 119 80.13 14.79 24.26
CA LEU P 119 81.28 14.25 23.56
C LEU P 119 82.45 15.22 23.66
N ALA P 120 82.23 16.53 23.65
CA ALA P 120 83.32 17.48 23.84
C ALA P 120 84.00 17.27 25.20
N ILE P 121 83.21 17.04 26.25
CA ILE P 121 83.75 16.71 27.57
C ILE P 121 84.60 15.43 27.50
N ILE P 122 84.11 14.38 26.86
CA ILE P 122 84.89 13.14 26.68
C ILE P 122 86.16 13.42 25.88
N ALA P 123 86.08 14.22 24.83
CA ALA P 123 87.24 14.61 24.05
C ALA P 123 88.26 15.32 24.94
N LEU P 124 87.77 16.22 25.78
CA LEU P 124 88.64 17.01 26.63
C LEU P 124 89.29 16.12 27.70
N HIS P 125 88.57 15.12 28.21
CA HIS P 125 89.14 14.07 29.05
C HIS P 125 90.26 13.35 28.32
N ILE P 126 90.02 12.91 27.09
CA ILE P 126 91.06 12.30 26.26
C ILE P 126 92.22 13.27 26.07
N SER P 127 91.96 14.56 25.95
CA SER P 127 93.02 15.55 25.83
C SER P 127 93.87 15.62 27.09
N VAL P 128 93.27 15.50 28.29
CA VAL P 128 94.07 15.32 29.51
C VAL P 128 94.96 14.09 29.37
N ARG P 129 94.42 12.97 28.89
CA ARG P 129 95.24 11.76 28.76
C ARG P 129 96.37 11.96 27.75
N ILE P 130 96.11 12.68 26.66
CA ILE P 130 97.18 13.05 25.73
C ILE P 130 98.21 13.90 26.46
N ALA P 131 97.78 14.83 27.32
CA ALA P 131 98.72 15.55 28.15
C ALA P 131 99.50 14.62 29.06
N GLU P 132 98.92 13.55 29.60
CA GLU P 132 99.68 12.56 30.37
C GLU P 132 100.78 11.93 29.51
N VAL P 133 100.46 11.58 28.27
CA VAL P 133 101.47 11.06 27.34
C VAL P 133 102.55 12.11 27.08
N LEU P 134 102.15 13.35 26.80
CA LEU P 134 103.11 14.42 26.55
C LEU P 134 104.01 14.64 27.78
N LEU P 135 103.42 14.69 28.98
CA LEU P 135 104.14 14.86 30.22
C LEU P 135 105.17 13.76 30.40
N GLU P 136 104.77 12.51 30.21
CA GLU P 136 105.71 11.41 30.33
C GLU P 136 106.76 11.42 29.22
N THR P 137 106.46 12.03 28.06
CA THR P 137 107.40 12.13 26.94
C THR P 137 108.60 13.00 27.30
N ARG P 138 108.37 14.24 27.76
CA ARG P 138 109.41 15.20 28.20
C ARG P 138 108.81 16.24 29.16
N PRO P 139 109.43 16.52 30.32
CA PRO P 139 109.00 17.57 31.23
C PRO P 139 109.52 18.98 30.87
N ASP P 140 110.60 19.09 30.07
CA ASP P 140 111.34 20.35 29.87
C ASP P 140 110.86 21.22 28.69
N ASP P 141 110.11 20.66 27.73
CA ASP P 141 109.37 21.45 26.74
C ASP P 141 108.08 22.01 27.36
N ARG P 142 108.25 22.95 28.29
CA ARG P 142 107.17 23.57 29.04
C ARG P 142 106.19 24.25 28.10
N GLU P 143 106.70 24.88 27.05
CA GLU P 143 105.93 25.63 26.06
C GLU P 143 104.90 24.75 25.35
N GLU P 144 105.25 23.54 24.91
CA GLU P 144 104.27 22.65 24.26
C GLU P 144 103.12 22.31 25.23
N ILE P 145 103.46 22.00 26.47
CA ILE P 145 102.45 21.73 27.50
C ILE P 145 101.62 22.99 27.73
N ARG P 146 102.25 24.15 27.84
CA ARG P 146 101.58 25.45 28.03
C ARG P 146 100.61 25.74 26.89
N GLU P 147 101.00 25.48 25.64
CA GLU P 147 100.14 25.62 24.48
C GLU P 147 98.91 24.70 24.61
N GLN P 148 99.11 23.41 24.87
CA GLN P 148 97.99 22.52 25.12
C GLN P 148 97.11 23.02 26.26
N GLN P 149 97.70 23.40 27.39
CA GLN P 149 96.96 23.87 28.55
C GLN P 149 96.22 25.18 28.26
N ALA P 150 96.76 26.07 27.43
CA ALA P 150 96.06 27.27 27.04
C ALA P 150 94.81 26.91 26.25
N ILE P 151 94.95 26.03 25.27
CA ILE P 151 93.82 25.54 24.49
C ILE P 151 92.80 24.89 25.44
N PHE P 152 93.28 24.10 26.39
CA PHE P 152 92.43 23.47 27.38
C PHE P 152 91.65 24.50 28.18
N GLU P 153 92.34 25.48 28.77
CA GLU P 153 91.72 26.53 29.56
C GLU P 153 90.72 27.33 28.73
N LEU P 154 91.02 27.60 27.46
CA LEU P 154 90.08 28.24 26.56
C LEU P 154 88.84 27.37 26.36
N LEU P 155 89.02 26.10 26.01
CA LEU P 155 87.91 25.18 25.83
C LEU P 155 87.07 25.08 27.09
N ILE P 156 87.68 24.94 28.26
CA ILE P 156 86.96 24.88 29.54
C ILE P 156 86.18 26.17 29.76
N ALA P 157 86.81 27.32 29.62
CA ALA P 157 86.11 28.58 29.83
C ALA P 157 84.91 28.69 28.89
N ALA P 158 85.11 28.36 27.62
CA ALA P 158 84.07 28.36 26.61
C ALA P 158 82.95 27.38 26.99
N LEU P 159 83.30 26.16 27.40
CA LEU P 159 82.32 25.18 27.85
C LEU P 159 81.55 25.65 29.08
N GLU P 160 82.19 26.30 30.06
CA GLU P 160 81.50 26.75 31.27
C GLU P 160 80.46 27.81 30.93
N ALA P 161 80.83 28.79 30.11
CA ALA P 161 79.86 29.73 29.58
C ALA P 161 78.75 29.01 28.79
N ALA P 162 79.12 28.07 27.91
CA ALA P 162 78.18 27.38 27.04
C ALA P 162 77.15 26.59 27.84
N ILE P 163 77.59 25.81 28.81
CA ILE P 163 76.70 25.01 29.64
C ILE P 163 75.88 25.90 30.57
N ARG P 164 76.42 27.02 31.09
CA ARG P 164 75.62 27.99 31.83
C ARG P 164 74.47 28.51 30.96
N LEU P 165 74.77 28.89 29.73
CA LEU P 165 73.77 29.39 28.78
C LEU P 165 72.73 28.30 28.44
N GLU P 166 73.17 27.07 28.19
CA GLU P 166 72.27 25.94 27.96
C GLU P 166 71.39 25.67 29.18
N LYS P 167 71.93 25.82 30.39
CA LYS P 167 71.15 25.72 31.63
C LYS P 167 70.11 26.82 31.72
N LEU P 168 70.43 28.06 31.36
CA LEU P 168 69.43 29.11 31.24
C LEU P 168 68.33 28.75 30.23
N LYS P 169 68.69 28.07 29.13
CA LYS P 169 67.73 27.59 28.13
C LYS P 169 66.81 26.50 28.70
N GLU P 170 67.37 25.55 29.44
CA GLU P 170 66.61 24.53 30.16
C GLU P 170 65.67 25.15 31.23
N GLU P 171 66.15 26.16 31.96
CA GLU P 171 65.36 26.91 32.95
C GLU P 171 64.29 27.84 32.33
N GLY P 172 64.35 28.11 31.03
CA GLY P 172 63.44 29.06 30.37
C GLY P 172 63.64 30.51 30.81
N ALA P 173 64.88 30.91 31.07
CA ALA P 173 65.25 32.26 31.54
C ALA P 173 64.81 33.38 30.56
N PRO P 174 64.57 34.62 31.05
CA PRO P 174 64.22 35.74 30.19
C PRO P 174 65.38 36.10 29.24
N PRO P 175 65.13 36.40 27.96
CA PRO P 175 66.17 36.71 26.99
C PRO P 175 67.16 37.80 27.45
N GLU P 176 66.72 38.77 28.25
CA GLU P 176 67.61 39.78 28.81
C GLU P 176 68.68 39.18 29.73
N GLN P 177 68.31 38.22 30.58
CA GLN P 177 69.27 37.51 31.41
C GLN P 177 70.20 36.65 30.54
N ILE P 178 69.67 36.02 29.50
CA ILE P 178 70.47 35.26 28.53
C ILE P 178 71.49 36.19 27.85
N GLU P 179 71.09 37.39 27.46
CA GLU P 179 72.00 38.38 26.90
C GLU P 179 73.06 38.82 27.92
N ARG P 180 72.70 39.03 29.19
CA ARG P 180 73.68 39.37 30.25
C ARG P 180 74.74 38.28 30.39
N VAL P 181 74.33 37.01 30.33
CA VAL P 181 75.28 35.90 30.35
C VAL P 181 76.10 35.86 29.06
N ALA P 182 75.48 36.02 27.89
CA ALA P 182 76.20 36.00 26.62
C ALA P 182 77.26 37.11 26.56
N GLU P 183 76.92 38.29 27.06
CA GLU P 183 77.84 39.42 27.20
C GLU P 183 79.02 39.03 28.09
N HIS P 184 78.75 38.54 29.31
CA HIS P 184 79.82 38.06 30.18
C HIS P 184 80.69 37.01 29.47
N GLY P 185 80.08 36.09 28.72
CA GLY P 185 80.80 35.08 27.95
C GLY P 185 81.74 35.71 26.91
N LEU P 186 81.23 36.61 26.08
CA LEU P 186 82.05 37.32 25.10
C LEU P 186 83.18 38.11 25.79
N GLU P 187 82.90 38.84 26.87
CA GLU P 187 83.92 39.57 27.61
C GLU P 187 84.99 38.63 28.18
N ARG P 188 84.59 37.52 28.79
CA ARG P 188 85.53 36.53 29.31
C ARG P 188 86.39 35.97 28.19
N LEU P 189 85.78 35.61 27.06
CA LEU P 189 86.48 35.11 25.88
C LEU P 189 87.50 36.14 25.39
N LYS P 190 87.09 37.40 25.28
CA LYS P 190 87.96 38.51 24.87
C LYS P 190 89.21 38.56 25.75
N GLU P 191 89.01 38.65 27.06
CA GLU P 191 90.13 38.79 27.98
C GLU P 191 91.01 37.55 28.00
N ILE P 192 90.42 36.35 28.08
CA ILE P 192 91.19 35.10 28.05
C ILE P 192 91.98 34.97 26.75
N ALA P 193 91.40 35.31 25.60
CA ALA P 193 92.11 35.21 24.33
C ALA P 193 93.33 36.12 24.34
N LYS P 194 93.18 37.35 24.84
CA LYS P 194 94.32 38.26 24.99
C LYS P 194 95.35 37.72 25.97
N GLU P 195 94.93 37.17 27.10
CA GLU P 195 95.84 36.55 28.07
C GLU P 195 96.64 35.40 27.43
N ILE P 196 95.98 34.53 26.66
CA ILE P 196 96.66 33.45 25.94
C ILE P 196 97.64 34.03 24.92
N SER P 197 97.20 35.06 24.19
CA SER P 197 98.03 35.75 23.19
C SER P 197 99.27 36.42 23.78
N LYS P 198 99.43 36.52 25.12
CA LYS P 198 100.69 36.98 25.73
C LYS P 198 101.86 36.02 25.44
N GLU P 199 101.59 34.73 25.32
CA GLU P 199 102.64 33.71 25.38
C GLU P 199 102.69 32.80 24.15
N VAL P 200 101.54 32.45 23.56
CA VAL P 200 101.49 31.49 22.45
C VAL P 200 102.11 32.04 21.16
N ASP P 201 102.72 31.18 20.34
CA ASP P 201 103.36 31.57 19.08
C ASP P 201 103.25 30.53 17.96
N SER P 202 102.72 29.32 18.22
CA SER P 202 102.45 28.36 17.16
C SER P 202 101.37 28.91 16.21
N PRO P 203 101.63 29.02 14.90
CA PRO P 203 100.66 29.55 13.95
C PRO P 203 99.36 28.73 13.95
N GLU P 204 99.49 27.41 13.93
CA GLU P 204 98.35 26.51 13.93
C GLU P 204 97.57 26.62 15.24
N SER P 205 98.27 26.76 16.37
CA SER P 205 97.62 26.99 17.66
C SER P 205 96.85 28.30 17.67
N LYS P 206 97.45 29.39 17.18
CA LYS P 206 96.77 30.67 17.07
C LYS P 206 95.51 30.54 16.21
N ARG P 207 95.59 29.81 15.09
CA ARG P 207 94.43 29.51 14.24
C ARG P 207 93.36 28.75 15.01
N ILE P 208 93.75 27.68 15.68
CA ILE P 208 92.87 26.91 16.54
C ILE P 208 92.19 27.83 17.57
N ALA P 209 92.95 28.67 18.26
CA ALA P 209 92.42 29.56 19.28
C ALA P 209 91.36 30.49 18.69
N TYR P 210 91.64 31.12 17.56
CA TYR P 210 90.65 31.98 16.93
C TYR P 210 89.40 31.17 16.55
N LYS P 211 89.57 30.02 15.90
CA LYS P 211 88.42 29.20 15.50
C LYS P 211 87.61 28.77 16.71
N ILE P 212 88.24 28.45 17.83
CA ILE P 212 87.53 28.14 19.07
C ILE P 212 86.74 29.37 19.53
N VAL P 213 87.36 30.55 19.61
CA VAL P 213 86.65 31.76 20.02
C VAL P 213 85.43 31.97 19.13
N ALA P 214 85.63 31.84 17.82
CA ALA P 214 84.56 31.99 16.85
C ALA P 214 83.46 30.94 17.07
N ALA P 215 83.81 29.68 17.24
CA ALA P 215 82.85 28.62 17.50
C ALA P 215 82.08 28.89 18.80
N ALA P 216 82.73 29.45 19.83
CA ALA P 216 82.05 29.79 21.07
C ALA P 216 81.03 30.91 20.85
N ALA P 217 81.40 31.97 20.13
CA ALA P 217 80.44 32.98 19.73
C ALA P 217 79.30 32.38 18.89
N GLU P 218 79.62 31.46 17.96
CA GLU P 218 78.63 30.80 17.13
C GLU P 218 77.62 30.02 17.98
N PHE P 219 78.13 29.25 18.94
CA PHE P 219 77.28 28.53 19.88
C PHE P 219 76.40 29.49 20.67
N LEU P 220 76.97 30.57 21.22
CA LEU P 220 76.22 31.60 21.92
C LEU P 220 75.06 32.11 21.06
N LEU P 221 75.34 32.42 19.80
CA LEU P 221 74.34 32.96 18.89
C LEU P 221 73.26 31.91 18.56
N LYS P 222 73.65 30.67 18.26
CA LYS P 222 72.67 29.61 17.99
C LYS P 222 71.80 29.34 19.21
N ILE P 223 72.36 29.31 20.42
CA ILE P 223 71.59 29.15 21.65
C ILE P 223 70.63 30.33 21.85
N LEU P 224 71.08 31.57 21.64
CA LEU P 224 70.21 32.73 21.72
C LEU P 224 69.04 32.63 20.73
N ALA P 225 69.31 32.13 19.52
CA ALA P 225 68.29 31.91 18.48
C ALA P 225 67.33 30.76 18.84
N GLU P 226 67.81 29.65 19.39
CA GLU P 226 66.95 28.61 19.97
C GLU P 226 66.11 29.16 21.13
N GLY P 227 66.66 30.13 21.86
CA GLY P 227 65.97 30.89 22.90
C GLY P 227 64.88 31.84 22.38
N GLY P 228 64.73 32.00 21.06
CA GLY P 228 63.67 32.80 20.45
C GLY P 228 63.75 34.30 20.78
N ALA P 229 64.97 34.81 21.04
CA ALA P 229 65.18 36.20 21.45
C ALA P 229 64.72 37.22 20.39
N THR P 230 64.42 38.45 20.83
CA THR P 230 63.91 39.51 19.94
C THR P 230 64.96 39.94 18.91
N PRO P 231 64.55 40.51 17.76
CA PRO P 231 65.48 41.07 16.79
C PRO P 231 66.49 42.04 17.40
N GLU P 232 66.08 42.90 18.34
CA GLU P 232 66.98 43.82 19.01
C GLU P 232 68.05 43.09 19.82
N GLN P 233 67.68 42.07 20.59
CA GLN P 233 68.65 41.26 21.32
C GLN P 233 69.62 40.55 20.34
N LEU P 234 69.08 39.89 19.32
CA LEU P 234 69.89 39.18 18.31
C LEU P 234 70.88 40.14 17.64
N GLU P 235 70.40 41.30 17.21
CA GLU P 235 71.23 42.31 16.54
C GLU P 235 72.30 42.89 17.47
N ARG P 236 71.95 43.29 18.71
CA ARG P 236 72.92 43.83 19.66
C ARG P 236 74.00 42.82 20.01
N VAL P 237 73.61 41.57 20.27
CA VAL P 237 74.57 40.50 20.51
C VAL P 237 75.40 40.25 19.27
N THR P 238 74.79 40.23 18.08
CA THR P 238 75.52 40.01 16.83
C THR P 238 76.59 41.07 16.65
N GLU P 239 76.26 42.35 16.81
CA GLU P 239 77.24 43.42 16.68
C GLU P 239 78.34 43.26 17.73
N HIS P 240 77.98 43.07 19.00
CA HIS P 240 79.00 42.95 20.04
C HIS P 240 79.91 41.75 19.77
N ALA P 241 79.34 40.64 19.32
CA ALA P 241 80.09 39.43 18.98
C ALA P 241 81.03 39.67 17.80
N LEU P 242 80.54 40.21 16.69
CA LEU P 242 81.40 40.56 15.56
C LEU P 242 82.50 41.51 16.00
N GLU P 243 82.19 42.50 16.85
CA GLU P 243 83.17 43.45 17.37
C GLU P 243 84.23 42.75 18.22
N VAL P 244 83.83 41.85 19.12
CA VAL P 244 84.79 41.04 19.87
C VAL P 244 85.61 40.20 18.92
N LEU P 245 84.99 39.57 17.92
CA LEU P 245 85.71 38.76 16.94
C LEU P 245 86.74 39.61 16.21
N LYS P 246 86.40 40.85 15.88
CA LYS P 246 87.31 41.81 15.28
C LYS P 246 88.44 42.17 16.23
N GLU P 247 88.15 42.48 17.49
CA GLU P 247 89.20 42.78 18.47
C GLU P 247 90.17 41.60 18.58
N VAL P 248 89.65 40.41 18.82
CA VAL P 248 90.48 39.22 18.98
C VAL P 248 91.21 38.91 17.68
N ALA P 249 90.60 39.15 16.52
CA ALA P 249 91.29 38.99 15.25
C ALA P 249 92.49 39.93 15.16
N LYS P 250 92.34 41.21 15.50
CA LYS P 250 93.45 42.19 15.45
C LYS P 250 94.61 41.77 16.33
N GLU P 251 94.33 41.13 17.47
CA GLU P 251 95.37 40.59 18.34
C GLU P 251 96.02 39.34 17.73
N LEU P 252 95.22 38.34 17.34
CA LEU P 252 95.74 37.05 16.91
C LEU P 252 96.29 37.06 15.48
N ALA P 253 95.97 38.05 14.66
CA ALA P 253 96.46 38.16 13.29
C ALA P 253 97.98 38.31 13.22
N ASP P 254 98.60 37.71 12.20
CA ASP P 254 100.05 37.71 11.99
C ASP P 254 100.47 37.55 10.51
N SER P 255 99.55 37.18 9.61
CA SER P 255 99.87 36.75 8.25
C SER P 255 98.61 36.79 7.38
N PRO P 256 98.75 36.76 6.05
CA PRO P 256 97.61 36.56 5.15
C PRO P 256 96.80 35.33 5.54
N GLU P 257 97.44 34.21 5.88
CA GLU P 257 96.76 32.98 6.25
C GLU P 257 95.88 33.17 7.49
N SER P 258 96.41 33.80 8.55
CA SER P 258 95.58 34.05 9.74
C SER P 258 94.47 35.04 9.42
N GLY P 259 94.74 36.05 8.60
CA GLY P 259 93.71 36.95 8.11
C GLY P 259 92.60 36.20 7.36
N LEU P 260 92.97 35.30 6.45
CA LEU P 260 92.02 34.53 5.64
C LEU P 260 91.11 33.72 6.54
N ALA P 261 91.69 32.93 7.44
CA ALA P 261 90.92 32.14 8.38
C ALA P 261 90.01 33.05 9.23
N ALA P 262 90.57 34.11 9.80
CA ALA P 262 89.84 34.97 10.70
C ALA P 262 88.62 35.57 10.00
N LEU P 263 88.82 36.13 8.82
CA LEU P 263 87.71 36.74 8.12
C LEU P 263 86.70 35.70 7.66
N ALA P 264 87.15 34.54 7.18
CA ALA P 264 86.22 33.50 6.79
C ALA P 264 85.31 33.11 7.97
N ALA P 265 85.89 32.99 9.16
CA ALA P 265 85.13 32.74 10.38
C ALA P 265 84.18 33.91 10.69
N ILE P 266 84.65 35.16 10.64
CA ILE P 266 83.80 36.33 10.86
C ILE P 266 82.61 36.29 9.91
N ALA P 267 82.87 36.07 8.62
CA ALA P 267 81.86 36.01 7.59
C ALA P 267 80.88 34.87 7.84
N SER P 268 81.38 33.73 8.32
CA SER P 268 80.51 32.64 8.73
C SER P 268 79.58 33.06 9.87
N LEU P 269 80.09 33.73 10.90
CA LEU P 269 79.25 34.21 12.00
C LEU P 269 78.25 35.26 11.51
N ALA P 270 78.66 36.15 10.63
CA ALA P 270 77.75 37.10 10.03
C ALA P 270 76.65 36.40 9.23
N LYS P 271 77.00 35.40 8.41
CA LYS P 271 76.02 34.61 7.65
C LYS P 271 75.01 33.95 8.57
N LEU P 272 75.46 33.33 9.66
CA LEU P 272 74.56 32.78 10.67
C LEU P 272 73.63 33.86 11.21
N GLY P 273 74.16 35.01 11.63
CA GLY P 273 73.35 36.10 12.17
C GLY P 273 72.28 36.55 11.19
N LEU P 274 72.67 36.78 9.94
CA LEU P 274 71.76 37.15 8.87
C LEU P 274 70.69 36.07 8.63
N GLU P 275 71.09 34.79 8.57
CA GLU P 275 70.14 33.70 8.38
C GLU P 275 69.15 33.59 9.55
N GLN P 276 69.62 33.77 10.79
CA GLN P 276 68.72 33.77 11.94
C GLN P 276 67.77 34.97 11.91
N LEU P 277 68.24 36.17 11.57
CA LEU P 277 67.35 37.32 11.34
C LEU P 277 66.34 37.02 10.22
N LYS P 278 66.75 36.36 9.14
CA LYS P 278 65.85 35.98 8.03
C LYS P 278 64.80 34.97 8.50
N GLU P 279 65.19 33.95 9.25
CA GLU P 279 64.24 32.96 9.79
C GLU P 279 63.27 33.59 10.81
N ILE P 280 63.75 34.50 11.66
CA ILE P 280 62.91 35.29 12.58
C ILE P 280 61.96 36.22 11.84
N GLY P 281 62.27 36.60 10.60
CA GLY P 281 61.50 37.56 9.81
C GLY P 281 61.75 39.02 10.20
N ALA P 282 62.95 39.33 10.71
CA ALA P 282 63.32 40.67 11.16
C ALA P 282 63.32 41.72 10.01
N PRO P 283 63.01 43.01 10.28
CA PRO P 283 62.95 44.06 9.27
C PRO P 283 64.21 44.14 8.39
N PRO P 284 64.10 44.40 7.08
CA PRO P 284 65.23 44.52 6.17
C PRO P 284 66.30 45.50 6.61
N GLU P 285 65.96 46.60 7.30
CA GLU P 285 66.95 47.55 7.81
C GLU P 285 67.90 46.90 8.84
N GLN P 286 67.39 46.00 9.69
CA GLN P 286 68.25 45.26 10.61
C GLN P 286 69.23 44.36 9.84
N GLN P 287 68.74 43.69 8.78
CA GLN P 287 69.56 42.86 7.91
C GLN P 287 70.67 43.70 7.24
N ARG P 288 70.33 44.89 6.75
CA ARG P 288 71.33 45.87 6.26
C ARG P 288 72.31 46.25 7.35
N ARG P 289 71.87 46.65 8.54
CA ARG P 289 72.74 47.08 9.66
C ARG P 289 73.78 46.02 10.02
N VAL P 290 73.34 44.77 10.15
CA VAL P 290 74.25 43.63 10.37
C VAL P 290 75.22 43.50 9.19
N THR P 291 74.71 43.54 7.96
CA THR P 291 75.55 43.41 6.76
C THR P 291 76.61 44.51 6.72
N LYS P 292 76.24 45.76 7.04
CA LYS P 292 77.17 46.88 7.12
C LYS P 292 78.23 46.61 8.17
N ALA P 293 77.84 46.22 9.38
CA ALA P 293 78.81 45.94 10.43
C ALA P 293 79.81 44.85 9.98
N GLY P 294 79.31 43.79 9.34
CA GLY P 294 80.16 42.74 8.78
C GLY P 294 81.13 43.29 7.74
N ILE P 295 80.60 44.02 6.75
CA ILE P 295 81.43 44.63 5.73
C ILE P 295 82.45 45.62 6.35
N GLU P 296 82.08 46.36 7.38
CA GLU P 296 83.03 47.19 8.10
C GLU P 296 84.11 46.37 8.80
N ALA P 297 83.79 45.19 9.32
CA ALA P 297 84.82 44.27 9.77
C ALA P 297 85.71 43.80 8.61
N VAL P 298 85.15 43.50 7.44
CA VAL P 298 85.96 43.18 6.25
C VAL P 298 86.95 44.30 5.97
N ARG P 299 86.45 45.53 5.95
CA ARG P 299 87.25 46.75 5.72
C ARG P 299 88.34 46.92 6.76
N GLU P 300 88.01 46.74 8.04
CA GLU P 300 88.97 46.82 9.13
C GLU P 300 90.05 45.75 9.00
N ILE P 301 89.70 44.49 8.77
CA ILE P 301 90.68 43.41 8.66
C ILE P 301 91.56 43.64 7.44
N TYR P 302 90.96 44.01 6.30
CA TYR P 302 91.69 44.38 5.10
C TYR P 302 92.76 45.44 5.37
N ARG P 303 92.37 46.59 5.96
CA ARG P 303 93.30 47.69 6.22
C ARG P 303 94.32 47.36 7.30
N TYR P 304 93.87 46.81 8.42
CA TYR P 304 94.74 46.51 9.56
C TYR P 304 95.83 45.51 9.18
N GLY P 305 95.45 44.42 8.52
CA GLY P 305 96.35 43.35 8.12
C GLY P 305 97.27 43.67 6.94
N ARG P 306 97.10 44.83 6.28
CA ARG P 306 97.87 45.16 5.07
C ARG P 306 99.38 45.32 5.29
N LYS P 307 99.81 45.48 6.55
CA LYS P 307 101.22 45.51 6.98
C LYS P 307 101.87 44.11 7.09
N LEU P 308 101.08 43.03 7.09
CA LEU P 308 101.52 41.67 7.42
C LEU P 308 102.04 40.84 6.21
N TYR P 309 102.21 41.46 5.04
CA TYR P 309 102.36 40.78 3.75
C TYR P 309 103.38 41.46 2.84
N ASP Q 3 12.86 -15.59 79.70
CA ASP Q 3 13.08 -15.44 81.16
C ASP Q 3 12.51 -16.60 81.99
N ASP Q 4 11.33 -17.11 81.66
CA ASP Q 4 10.51 -17.95 82.55
C ASP Q 4 11.25 -19.17 83.10
N LEU Q 5 12.18 -19.74 82.34
CA LEU Q 5 12.96 -20.88 82.80
C LEU Q 5 13.75 -20.54 84.05
N LEU Q 6 14.27 -19.31 84.17
CA LEU Q 6 14.96 -18.87 85.38
C LEU Q 6 14.03 -18.92 86.59
N LEU Q 7 12.79 -18.45 86.42
CA LEU Q 7 11.78 -18.60 87.44
C LEU Q 7 11.52 -20.09 87.74
N LYS Q 8 11.46 -20.96 86.74
CA LYS Q 8 11.39 -22.39 87.01
C LYS Q 8 12.63 -22.94 87.72
N LEU Q 9 13.82 -22.39 87.55
CA LEU Q 9 14.96 -22.81 88.38
C LEU Q 9 14.70 -22.47 89.84
N LEU Q 10 14.10 -21.31 90.10
CA LEU Q 10 13.64 -21.02 91.45
C LEU Q 10 12.62 -22.07 91.89
N GLU Q 11 11.65 -22.42 91.05
CA GLU Q 11 10.69 -23.47 91.41
C GLU Q 11 11.41 -24.75 91.80
N LEU Q 12 12.39 -25.19 91.01
CA LEU Q 12 13.15 -26.38 91.33
C LEU Q 12 13.93 -26.23 92.64
N LEU Q 13 14.55 -25.08 92.86
CA LEU Q 13 15.23 -24.83 94.12
C LEU Q 13 14.24 -24.96 95.28
N VAL Q 14 13.08 -24.34 95.18
CA VAL Q 14 12.04 -24.41 96.21
C VAL Q 14 11.54 -25.84 96.38
N GLU Q 15 11.40 -26.59 95.28
CA GLU Q 15 10.96 -27.97 95.37
C GLU Q 15 11.99 -28.79 96.14
N GLN Q 16 13.27 -28.68 95.77
CA GLN Q 16 14.33 -29.38 96.48
C GLN Q 16 14.41 -28.93 97.93
N ALA Q 17 14.18 -27.65 98.20
CA ALA Q 17 14.07 -27.18 99.56
C ALA Q 17 12.91 -27.88 100.29
N ARG Q 18 11.72 -28.01 99.68
CA ARG Q 18 10.57 -28.65 100.33
C ARG Q 18 10.89 -30.09 100.68
N VAL Q 19 11.50 -30.82 99.75
CA VAL Q 19 11.91 -32.21 99.97
C VAL Q 19 13.02 -32.27 101.02
N SER Q 20 13.93 -31.31 101.01
CA SER Q 20 14.92 -31.18 102.07
C SER Q 20 14.29 -30.86 103.43
N ALA Q 21 13.15 -30.18 103.46
CA ALA Q 21 12.41 -29.90 104.70
C ALA Q 21 11.60 -31.10 105.19
N GLU Q 22 11.10 -31.96 104.30
CA GLU Q 22 10.69 -33.32 104.70
C GLU Q 22 11.88 -34.08 105.31
N PHE Q 23 13.06 -34.05 104.66
CA PHE Q 23 14.24 -34.76 105.15
C PHE Q 23 14.69 -34.24 106.51
N ALA Q 24 14.67 -32.92 106.71
CA ALA Q 24 14.93 -32.29 108.01
C ALA Q 24 13.93 -32.73 109.08
N ARG Q 25 12.62 -32.77 108.77
CA ARG Q 25 11.58 -33.26 109.69
C ARG Q 25 11.73 -34.75 110.06
N ARG Q 26 12.55 -35.50 109.30
CA ARG Q 26 12.90 -36.90 109.55
C ARG Q 26 14.33 -37.09 110.12
N GLN Q 27 15.11 -36.01 110.33
CA GLN Q 27 16.52 -36.07 110.73
C GLN Q 27 16.92 -35.09 111.86
N GLY Q 28 16.19 -33.99 112.08
CA GLY Q 28 16.34 -33.07 113.21
C GLY Q 28 17.52 -32.09 113.15
N ASP Q 29 18.31 -32.06 112.08
CA ASP Q 29 19.47 -31.19 111.96
C ASP Q 29 19.10 -29.71 111.72
N GLU Q 30 19.37 -28.83 112.68
CA GLU Q 30 19.17 -27.39 112.49
C GLU Q 30 20.02 -26.80 111.36
N LYS Q 31 21.21 -27.34 111.05
CA LYS Q 31 22.01 -26.81 109.94
C LYS Q 31 21.31 -27.07 108.61
N MET Q 32 20.56 -28.17 108.48
CA MET Q 32 19.73 -28.40 107.30
C MET Q 32 18.61 -27.35 107.22
N LEU Q 33 17.95 -27.03 108.34
CA LEU Q 33 16.96 -25.95 108.40
C LEU Q 33 17.59 -24.60 108.04
N GLU Q 34 18.79 -24.32 108.52
CA GLU Q 34 19.55 -23.13 108.15
C GLU Q 34 19.82 -23.09 106.64
N GLU Q 35 20.23 -24.21 106.04
CA GLU Q 35 20.46 -24.29 104.61
C GLU Q 35 19.19 -23.98 103.81
N VAL Q 36 18.07 -24.64 104.12
CA VAL Q 36 16.84 -24.36 103.37
C VAL Q 36 16.33 -22.95 103.63
N ALA Q 37 16.46 -22.42 104.84
CA ALA Q 37 16.06 -21.06 105.12
C ALA Q 37 16.86 -20.07 104.28
N ARG Q 38 18.19 -20.17 104.32
CA ARG Q 38 19.06 -19.25 103.57
C ARG Q 38 18.88 -19.42 102.07
N LYS Q 39 18.74 -20.65 101.58
CA LYS Q 39 18.39 -20.91 100.17
C LYS Q 39 17.07 -20.23 99.82
N ALA Q 40 16.06 -20.33 100.67
CA ALA Q 40 14.79 -19.67 100.43
C ALA Q 40 14.94 -18.14 100.43
N GLU Q 41 15.77 -17.58 101.29
CA GLU Q 41 16.10 -16.16 101.20
C GLU Q 41 16.82 -15.83 99.88
N GLU Q 42 17.73 -16.66 99.40
CA GLU Q 42 18.36 -16.44 98.09
C GLU Q 42 17.34 -16.51 96.96
N VAL Q 43 16.40 -17.44 97.02
CA VAL Q 43 15.26 -17.44 96.12
C VAL Q 43 14.50 -16.13 96.26
N ALA Q 44 14.20 -15.69 97.49
CA ALA Q 44 13.45 -14.47 97.70
C ALA Q 44 14.18 -13.27 97.08
N ARG Q 45 15.50 -13.20 97.23
CA ARG Q 45 16.34 -12.19 96.58
C ARG Q 45 16.17 -12.23 95.06
N LYS Q 46 16.37 -13.41 94.46
CA LYS Q 46 16.29 -13.59 93.01
C LYS Q 46 14.91 -13.20 92.49
N ALA Q 47 13.87 -13.73 93.12
CA ALA Q 47 12.50 -13.48 92.73
C ALA Q 47 12.11 -12.01 92.94
N GLU Q 48 12.45 -11.41 94.08
CA GLU Q 48 12.20 -9.98 94.30
C GLU Q 48 12.86 -9.15 93.20
N SER Q 49 14.09 -9.49 92.83
CA SER Q 49 14.80 -8.77 91.77
C SER Q 49 14.08 -8.88 90.44
N ILE Q 50 13.67 -10.10 90.06
CA ILE Q 50 12.86 -10.29 88.86
C ILE Q 50 11.54 -9.51 88.98
N ALA Q 51 10.90 -9.51 90.14
CA ALA Q 51 9.61 -8.85 90.36
C ALA Q 51 9.71 -7.34 90.20
N ARG Q 52 10.74 -6.69 90.77
CA ARG Q 52 10.95 -5.25 90.54
C ARG Q 52 11.18 -4.95 89.06
N LYS Q 53 11.96 -5.79 88.38
CA LYS Q 53 12.20 -5.68 86.93
C LYS Q 53 10.89 -5.80 86.15
N ALA Q 54 10.07 -6.79 86.48
CA ALA Q 54 8.75 -6.95 85.88
C ALA Q 54 7.83 -5.76 86.17
N ARG Q 55 7.92 -5.15 87.36
CA ARG Q 55 7.14 -3.94 87.69
C ARG Q 55 7.48 -2.81 86.73
N LYS Q 56 8.76 -2.63 86.41
CA LYS Q 56 9.22 -1.67 85.39
C LYS Q 56 8.77 -2.05 83.98
N GLU Q 57 8.90 -3.31 83.59
CA GLU Q 57 8.61 -3.77 82.22
C GLU Q 57 7.12 -3.90 81.89
N GLY Q 58 6.25 -4.11 82.88
CA GLY Q 58 4.79 -4.18 82.71
C GLY Q 58 4.22 -5.52 82.23
N ASN Q 59 5.05 -6.57 82.07
CA ASN Q 59 4.56 -7.93 81.83
C ASN Q 59 3.98 -8.52 83.12
N LEU Q 60 2.67 -8.39 83.30
CA LEU Q 60 2.01 -8.80 84.54
C LEU Q 60 2.07 -10.32 84.74
N GLU Q 61 2.07 -11.12 83.68
CA GLU Q 61 2.15 -12.58 83.82
C GLU Q 61 3.45 -12.99 84.51
N LEU Q 62 4.59 -12.42 84.12
CA LEU Q 62 5.85 -12.67 84.83
C LEU Q 62 5.74 -12.22 86.29
N ALA Q 63 5.24 -11.02 86.55
CA ALA Q 63 5.13 -10.51 87.91
C ALA Q 63 4.29 -11.45 88.79
N LEU Q 64 3.12 -11.87 88.28
CA LEU Q 64 2.27 -12.79 88.99
C LEU Q 64 2.97 -14.12 89.23
N LYS Q 65 3.62 -14.70 88.22
CA LYS Q 65 4.35 -15.96 88.42
C LYS Q 65 5.47 -15.81 89.44
N ALA Q 66 6.19 -14.70 89.41
CA ALA Q 66 7.21 -14.40 90.41
C ALA Q 66 6.60 -14.28 91.81
N LEU Q 67 5.48 -13.58 91.95
CA LEU Q 67 4.77 -13.52 93.21
C LEU Q 67 4.36 -14.90 93.67
N GLU Q 68 3.86 -15.76 92.80
CA GLU Q 68 3.48 -17.12 93.20
C GLU Q 68 4.72 -17.89 93.67
N ILE Q 69 5.86 -17.74 93.00
CA ILE Q 69 7.10 -18.31 93.49
C ILE Q 69 7.43 -17.74 94.86
N LEU Q 70 7.30 -16.43 95.06
CA LEU Q 70 7.53 -15.83 96.37
C LEU Q 70 6.60 -16.44 97.41
N VAL Q 71 5.35 -16.69 97.07
CA VAL Q 71 4.44 -17.39 97.98
C VAL Q 71 4.93 -18.80 98.24
N ARG Q 72 5.32 -19.55 97.21
CA ARG Q 72 5.78 -20.94 97.38
C ARG Q 72 6.98 -20.98 98.31
N ALA Q 73 7.91 -20.04 98.11
CA ALA Q 73 9.06 -19.86 98.99
C ALA Q 73 8.60 -19.48 100.40
N ALA Q 74 7.63 -18.58 100.52
CA ALA Q 74 7.10 -18.21 101.81
C ALA Q 74 6.49 -19.43 102.50
N HIS Q 75 5.81 -20.32 101.78
CA HIS Q 75 5.24 -21.53 102.35
C HIS Q 75 6.31 -22.40 102.97
N VAL Q 76 7.41 -22.68 102.26
CA VAL Q 76 8.48 -23.47 102.88
C VAL Q 76 9.14 -22.71 104.03
N LEU Q 77 9.34 -21.38 103.91
CA LEU Q 77 9.86 -20.59 105.03
C LEU Q 77 8.95 -20.68 106.24
N ALA Q 78 7.64 -20.67 106.03
CA ALA Q 78 6.66 -20.81 107.09
C ALA Q 78 6.72 -22.22 107.70
N GLU Q 79 6.86 -23.28 106.90
CA GLU Q 79 7.05 -24.61 107.44
C GLU Q 79 8.33 -24.70 108.29
N ILE Q 80 9.43 -24.10 107.84
CA ILE Q 80 10.69 -24.05 108.60
C ILE Q 80 10.47 -23.28 109.91
N ALA Q 81 9.86 -22.11 109.86
CA ALA Q 81 9.56 -21.31 111.04
C ALA Q 81 8.61 -22.05 112.01
N ARG Q 82 7.64 -22.80 111.50
CA ARG Q 82 6.65 -23.54 112.31
C ARG Q 82 7.29 -24.68 113.10
N GLU Q 83 8.27 -25.37 112.51
CA GLU Q 83 9.07 -26.36 113.23
C GLU Q 83 10.09 -25.71 114.18
N ARG Q 84 10.88 -24.75 113.70
CA ARG Q 84 12.03 -24.18 114.43
C ARG Q 84 11.65 -23.17 115.52
N GLY Q 85 10.50 -22.51 115.37
CA GLY Q 85 9.98 -21.50 116.29
C GLY Q 85 10.65 -20.12 116.22
N ASN Q 86 11.62 -19.91 115.32
CA ASN Q 86 12.40 -18.67 115.29
C ASN Q 86 11.63 -17.50 114.67
N GLU Q 87 11.48 -16.41 115.43
CA GLU Q 87 10.84 -15.17 115.00
C GLU Q 87 11.55 -14.48 113.83
N GLU Q 88 12.85 -14.69 113.59
CA GLU Q 88 13.59 -14.09 112.47
C GLU Q 88 12.90 -14.38 111.14
N LEU Q 89 12.53 -15.65 110.95
CA LEU Q 89 11.82 -16.11 109.77
C LEU Q 89 10.38 -15.58 109.75
N GLN Q 90 9.69 -15.61 110.89
CA GLN Q 90 8.31 -15.15 110.99
C GLN Q 90 8.18 -13.67 110.61
N LYS Q 91 9.09 -12.82 111.09
CA LYS Q 91 9.12 -11.40 110.75
C LYS Q 91 9.34 -11.20 109.26
N LYS Q 92 10.37 -11.82 108.68
CA LYS Q 92 10.66 -11.70 107.25
C LYS Q 92 9.50 -12.20 106.41
N ALA Q 93 8.95 -13.37 106.73
CA ALA Q 93 7.78 -13.91 106.04
C ALA Q 93 6.59 -12.95 106.13
N HIS Q 94 6.22 -12.49 107.32
CA HIS Q 94 5.08 -11.59 107.49
C HIS Q 94 5.26 -10.29 106.68
N LYS Q 95 6.44 -9.67 106.77
CA LYS Q 95 6.77 -8.47 105.99
C LYS Q 95 6.67 -8.73 104.49
N LEU Q 96 7.32 -9.78 104.00
CA LEU Q 96 7.29 -10.12 102.58
C LEU Q 96 5.85 -10.38 102.13
N ALA Q 97 5.09 -11.15 102.89
CA ALA Q 97 3.71 -11.45 102.57
C ALA Q 97 2.85 -10.18 102.54
N LYS Q 98 2.99 -9.30 103.53
CA LYS Q 98 2.22 -8.06 103.59
C LYS Q 98 2.52 -7.16 102.39
N GLU Q 99 3.79 -6.99 102.05
CA GLU Q 99 4.18 -6.21 100.88
C GLU Q 99 3.74 -6.89 99.58
N ALA Q 100 3.86 -8.21 99.49
CA ALA Q 100 3.37 -8.95 98.34
C ALA Q 100 1.86 -8.75 98.18
N LEU Q 101 1.08 -8.81 99.26
CA LEU Q 101 -0.35 -8.57 99.20
C LEU Q 101 -0.62 -7.19 98.63
N ARG Q 102 0.05 -6.18 99.20
CA ARG Q 102 -0.05 -4.80 98.74
C ARG Q 102 0.25 -4.72 97.23
N GLN Q 103 1.40 -5.23 96.80
CA GLN Q 103 1.80 -5.15 95.40
C GLN Q 103 0.88 -5.95 94.49
N VAL Q 104 0.44 -7.14 94.88
CA VAL Q 104 -0.48 -7.91 94.04
C VAL Q 104 -1.81 -7.19 93.96
N ILE Q 105 -2.24 -6.48 95.00
CA ILE Q 105 -3.43 -5.64 94.88
C ILE Q 105 -3.19 -4.54 93.86
N GLU Q 106 -2.03 -3.87 93.87
CA GLU Q 106 -1.72 -2.87 92.83
C GLU Q 106 -1.80 -3.50 91.43
N ILE Q 107 -1.19 -4.67 91.26
CA ILE Q 107 -1.24 -5.39 90.00
C ILE Q 107 -2.70 -5.74 89.66
N ALA Q 108 -3.51 -6.16 90.63
CA ALA Q 108 -4.90 -6.52 90.40
C ALA Q 108 -5.70 -5.29 89.94
N ILE Q 109 -5.51 -4.15 90.61
CA ILE Q 109 -6.11 -2.90 90.17
C ILE Q 109 -5.68 -2.61 88.74
N ARG Q 110 -4.37 -2.70 88.44
CA ARG Q 110 -3.87 -2.44 87.09
C ARG Q 110 -4.50 -3.39 86.07
N ALA Q 111 -4.56 -4.68 86.36
CA ALA Q 111 -5.10 -5.68 85.45
C ALA Q 111 -6.60 -5.44 85.17
N ILE Q 112 -7.38 -5.10 86.19
CA ILE Q 112 -8.79 -4.70 86.04
C ILE Q 112 -8.89 -3.41 85.21
N GLN Q 113 -8.00 -2.44 85.45
CA GLN Q 113 -7.98 -1.18 84.71
C GLN Q 113 -7.64 -1.38 83.22
N GLU Q 114 -6.71 -2.28 82.91
CA GLU Q 114 -6.36 -2.69 81.55
C GLU Q 114 -7.34 -3.72 80.96
N GLY Q 115 -8.31 -4.21 81.73
CA GLY Q 115 -9.33 -5.17 81.30
C GLY Q 115 -8.86 -6.62 81.13
N ASN Q 116 -7.67 -6.99 81.61
CA ASN Q 116 -7.18 -8.37 81.56
C ASN Q 116 -7.75 -9.19 82.74
N LEU Q 117 -9.01 -9.59 82.62
CA LEU Q 117 -9.74 -10.27 83.68
C LEU Q 117 -9.06 -11.61 84.04
N GLU Q 118 -8.46 -12.29 83.07
CA GLU Q 118 -7.76 -13.55 83.27
C GLU Q 118 -6.61 -13.39 84.26
N LEU Q 119 -5.69 -12.47 83.99
CA LEU Q 119 -4.60 -12.23 84.91
C LEU Q 119 -5.12 -11.70 86.25
N ALA Q 120 -6.18 -10.88 86.26
CA ALA Q 120 -6.76 -10.43 87.53
C ALA Q 120 -7.28 -11.62 88.36
N ILE Q 121 -7.95 -12.57 87.74
CA ILE Q 121 -8.41 -13.77 88.42
C ILE Q 121 -7.20 -14.56 88.95
N ILE Q 122 -6.18 -14.75 88.13
CA ILE Q 122 -4.96 -15.45 88.55
C ILE Q 122 -4.33 -14.71 89.74
N ALA Q 123 -4.24 -13.39 89.67
CA ALA Q 123 -3.74 -12.57 90.75
C ALA Q 123 -4.57 -12.77 92.01
N LEU Q 124 -5.88 -12.83 91.88
CA LEU Q 124 -6.74 -13.00 93.03
C LEU Q 124 -6.55 -14.39 93.63
N HIS Q 125 -6.29 -15.40 92.81
CA HIS Q 125 -5.85 -16.72 93.25
C HIS Q 125 -4.57 -16.58 94.08
N ILE Q 126 -3.57 -15.92 93.55
CA ILE Q 126 -2.32 -15.69 94.27
C ILE Q 126 -2.61 -14.96 95.58
N SER Q 127 -3.51 -13.99 95.59
CA SER Q 127 -3.87 -13.28 96.81
C SER Q 127 -4.42 -14.25 97.85
N VAL Q 128 -5.29 -15.17 97.45
CA VAL Q 128 -5.74 -16.21 98.36
C VAL Q 128 -4.57 -17.07 98.81
N ARG Q 129 -3.61 -17.39 97.95
CA ARG Q 129 -2.40 -18.09 98.41
C ARG Q 129 -1.63 -17.27 99.44
N ILE Q 130 -1.52 -15.96 99.27
CA ILE Q 130 -0.92 -15.11 100.30
C ILE Q 130 -1.74 -15.23 101.59
N ALA Q 131 -3.06 -15.27 101.50
CA ALA Q 131 -3.88 -15.47 102.67
C ALA Q 131 -3.57 -16.80 103.34
N GLU Q 132 -3.27 -17.87 102.59
CA GLU Q 132 -2.83 -19.12 103.21
C GLU Q 132 -1.61 -18.89 104.09
N VAL Q 133 -0.62 -18.18 103.57
CA VAL Q 133 0.61 -17.87 104.32
C VAL Q 133 0.27 -17.01 105.54
N LEU Q 134 -0.51 -15.95 105.35
CA LEU Q 134 -0.87 -15.08 106.46
C LEU Q 134 -1.61 -15.86 107.54
N LEU Q 135 -2.60 -16.66 107.16
CA LEU Q 135 -3.37 -17.46 108.09
C LEU Q 135 -2.47 -18.46 108.82
N GLU Q 136 -1.59 -19.14 108.09
CA GLU Q 136 -0.62 -20.03 108.70
C GLU Q 136 0.32 -19.29 109.65
N THR Q 137 0.64 -18.02 109.38
CA THR Q 137 1.60 -17.25 110.17
C THR Q 137 1.10 -17.08 111.61
N ARG Q 138 -0.08 -16.50 111.77
CA ARG Q 138 -0.81 -16.34 113.05
C ARG Q 138 -2.30 -16.08 112.74
N PRO Q 139 -3.25 -16.84 113.29
CA PRO Q 139 -4.68 -16.61 113.09
C PRO Q 139 -5.27 -15.49 113.97
N ASP Q 140 -4.53 -14.96 114.95
CA ASP Q 140 -5.04 -14.07 116.00
C ASP Q 140 -5.47 -12.69 115.46
N ASP Q 141 -4.74 -12.14 114.48
CA ASP Q 141 -5.09 -10.89 113.83
C ASP Q 141 -6.19 -11.09 112.76
N ARG Q 142 -7.36 -11.51 113.24
CA ARG Q 142 -8.58 -11.62 112.45
C ARG Q 142 -8.90 -10.34 111.68
N GLU Q 143 -8.45 -9.18 112.15
CA GLU Q 143 -8.68 -7.90 111.51
C GLU Q 143 -7.78 -7.72 110.27
N GLU Q 144 -6.51 -8.10 110.31
CA GLU Q 144 -5.69 -8.12 109.09
C GLU Q 144 -6.23 -9.13 108.08
N ILE Q 145 -6.70 -10.29 108.55
CA ILE Q 145 -7.41 -11.25 107.71
C ILE Q 145 -8.66 -10.59 107.12
N ARG Q 146 -9.49 -9.93 107.93
CA ARG Q 146 -10.68 -9.22 107.47
C ARG Q 146 -10.33 -8.18 106.43
N GLU Q 147 -9.26 -7.41 106.60
CA GLU Q 147 -8.81 -6.42 105.61
C GLU Q 147 -8.52 -7.12 104.28
N GLN Q 148 -7.73 -8.19 104.28
CA GLN Q 148 -7.52 -8.95 103.06
C GLN Q 148 -8.85 -9.45 102.49
N GLN Q 149 -9.69 -10.05 103.32
CA GLN Q 149 -10.96 -10.61 102.87
C GLN Q 149 -11.91 -9.54 102.34
N ALA Q 150 -11.95 -8.35 102.92
CA ALA Q 150 -12.79 -7.27 102.45
C ALA Q 150 -12.30 -6.81 101.08
N ILE Q 151 -10.99 -6.66 100.91
CA ILE Q 151 -10.43 -6.31 99.60
C ILE Q 151 -10.80 -7.40 98.59
N PHE Q 152 -10.63 -8.67 98.97
CA PHE Q 152 -11.05 -9.79 98.14
C PHE Q 152 -12.54 -9.71 97.79
N GLU Q 153 -13.39 -9.49 98.77
CA GLU Q 153 -14.83 -9.37 98.59
C GLU Q 153 -15.16 -8.26 97.59
N LEU Q 154 -14.53 -7.09 97.76
CA LEU Q 154 -14.71 -6.00 96.82
C LEU Q 154 -14.22 -6.39 95.42
N LEU Q 155 -13.04 -6.97 95.31
CA LEU Q 155 -12.50 -7.39 94.03
C LEU Q 155 -13.42 -8.41 93.35
N ILE Q 156 -13.90 -9.41 94.07
CA ILE Q 156 -14.87 -10.37 93.53
C ILE Q 156 -16.14 -9.66 93.10
N ALA Q 157 -16.70 -8.78 93.93
CA ALA Q 157 -17.91 -8.07 93.57
C ALA Q 157 -17.70 -7.27 92.28
N ALA Q 158 -16.56 -6.60 92.15
CA ALA Q 158 -16.20 -5.86 90.95
C ALA Q 158 -16.01 -6.79 89.75
N LEU Q 159 -15.31 -7.91 89.92
CA LEU Q 159 -15.13 -8.87 88.86
C LEU Q 159 -16.47 -9.47 88.42
N GLU Q 160 -17.39 -9.77 89.33
CA GLU Q 160 -18.74 -10.23 88.97
C GLU Q 160 -19.44 -9.23 88.06
N ALA Q 161 -19.45 -7.95 88.44
CA ALA Q 161 -20.04 -6.90 87.61
C ALA Q 161 -19.33 -6.82 86.26
N ALA Q 162 -17.99 -6.81 86.27
CA ALA Q 162 -17.18 -6.72 85.08
C ALA Q 162 -17.49 -7.86 84.10
N ILE Q 163 -17.48 -9.09 84.60
CA ILE Q 163 -17.68 -10.28 83.79
C ILE Q 163 -19.12 -10.37 83.31
N ARG Q 164 -20.12 -9.96 84.11
CA ARG Q 164 -21.49 -9.82 83.63
C ARG Q 164 -21.57 -8.88 82.44
N LEU Q 165 -20.98 -7.70 82.57
CA LEU Q 165 -21.01 -6.69 81.51
C LEU Q 165 -20.25 -7.16 80.26
N GLU Q 166 -19.09 -7.78 80.44
CA GLU Q 166 -18.32 -8.39 79.36
C GLU Q 166 -19.14 -9.47 78.66
N LYS Q 167 -19.85 -10.31 79.41
CA LYS Q 167 -20.75 -11.32 78.84
C LYS Q 167 -21.90 -10.68 78.07
N LEU Q 168 -22.51 -9.60 78.57
CA LEU Q 168 -23.51 -8.88 77.80
C LEU Q 168 -22.91 -8.33 76.50
N LYS Q 169 -21.66 -7.85 76.50
CA LYS Q 169 -20.98 -7.40 75.28
C LYS Q 169 -20.72 -8.57 74.32
N GLU Q 170 -20.27 -9.71 74.84
CA GLU Q 170 -20.08 -10.94 74.07
C GLU Q 170 -21.40 -11.44 73.44
N GLU Q 171 -22.51 -11.39 74.18
CA GLU Q 171 -23.84 -11.77 73.71
C GLU Q 171 -24.50 -10.75 72.77
N GLY Q 172 -24.00 -9.50 72.73
CA GLY Q 172 -24.60 -8.42 71.94
C GLY Q 172 -25.92 -7.90 72.50
N ALA Q 173 -26.03 -7.83 73.83
CA ALA Q 173 -27.25 -7.41 74.54
C ALA Q 173 -27.69 -5.96 74.19
N PRO Q 174 -28.99 -5.63 74.26
CA PRO Q 174 -29.48 -4.26 74.07
C PRO Q 174 -28.77 -3.26 75.00
N PRO Q 175 -28.25 -2.13 74.50
CA PRO Q 175 -27.55 -1.14 75.33
C PRO Q 175 -28.35 -0.68 76.55
N GLU Q 176 -29.67 -0.65 76.47
CA GLU Q 176 -30.55 -0.38 77.61
C GLU Q 176 -30.37 -1.41 78.72
N GLN Q 177 -30.33 -2.71 78.39
CA GLN Q 177 -30.04 -3.75 79.38
C GLN Q 177 -28.62 -3.60 79.94
N ILE Q 178 -27.63 -3.27 79.10
CA ILE Q 178 -26.25 -3.04 79.55
C ILE Q 178 -26.22 -1.90 80.57
N GLU Q 179 -26.92 -0.81 80.29
CA GLU Q 179 -27.07 0.30 81.22
C GLU Q 179 -27.76 -0.15 82.52
N ARG Q 180 -28.89 -0.86 82.46
CA ARG Q 180 -29.57 -1.34 83.67
C ARG Q 180 -28.68 -2.21 84.54
N VAL Q 181 -27.91 -3.12 83.94
CA VAL Q 181 -26.94 -3.94 84.66
C VAL Q 181 -25.82 -3.07 85.26
N ALA Q 182 -25.29 -2.09 84.52
CA ALA Q 182 -24.25 -1.22 85.02
C ALA Q 182 -24.72 -0.37 86.22
N GLU Q 183 -25.93 0.18 86.14
CA GLU Q 183 -26.53 0.97 87.23
C GLU Q 183 -26.70 0.10 88.48
N HIS Q 184 -27.27 -1.09 88.32
CA HIS Q 184 -27.38 -2.06 89.41
C HIS Q 184 -26.00 -2.43 89.97
N GLY Q 185 -25.00 -2.56 89.11
CA GLY Q 185 -23.62 -2.85 89.50
C GLY Q 185 -23.02 -1.73 90.36
N LEU Q 186 -23.09 -0.49 89.91
CA LEU Q 186 -22.62 0.65 90.69
C LEU Q 186 -23.32 0.69 92.06
N GLU Q 187 -24.64 0.51 92.09
CA GLU Q 187 -25.37 0.57 93.36
C GLU Q 187 -25.00 -0.57 94.30
N ARG Q 188 -24.88 -1.81 93.79
CA ARG Q 188 -24.40 -2.92 94.63
C ARG Q 188 -23.00 -2.63 95.15
N LEU Q 189 -22.10 -2.11 94.32
CA LEU Q 189 -20.77 -1.71 94.76
C LEU Q 189 -20.84 -0.62 95.82
N LYS Q 190 -21.72 0.37 95.68
CA LYS Q 190 -21.95 1.41 96.69
C LYS Q 190 -22.36 0.79 98.03
N GLU Q 191 -23.36 -0.09 98.03
CA GLU Q 191 -23.79 -0.76 99.26
C GLU Q 191 -22.65 -1.60 99.87
N ILE Q 192 -21.95 -2.39 99.06
CA ILE Q 192 -20.81 -3.19 99.53
C ILE Q 192 -19.71 -2.29 100.12
N ALA Q 193 -19.33 -1.22 99.44
CA ALA Q 193 -18.31 -0.30 99.94
C ALA Q 193 -18.75 0.33 101.27
N LYS Q 194 -20.03 0.68 101.39
CA LYS Q 194 -20.58 1.25 102.62
C LYS Q 194 -20.63 0.23 103.75
N GLU Q 195 -20.87 -1.04 103.46
CA GLU Q 195 -20.67 -2.11 104.44
C GLU Q 195 -19.20 -2.27 104.82
N ILE Q 196 -18.28 -2.30 103.85
CA ILE Q 196 -16.85 -2.44 104.10
C ILE Q 196 -16.35 -1.29 104.98
N SER Q 197 -16.86 -0.08 104.77
CA SER Q 197 -16.55 1.11 105.59
C SER Q 197 -16.78 0.87 107.09
N LYS Q 198 -17.73 0.00 107.47
CA LYS Q 198 -17.97 -0.36 108.88
C LYS Q 198 -16.79 -1.09 109.51
N GLU Q 199 -16.09 -1.90 108.72
CA GLU Q 199 -15.07 -2.83 109.20
C GLU Q 199 -13.66 -2.24 109.16
N VAL Q 200 -13.29 -1.61 108.05
CA VAL Q 200 -11.87 -1.29 107.72
C VAL Q 200 -11.31 -0.11 108.52
N ASP Q 201 -10.00 -0.06 108.68
CA ASP Q 201 -9.30 1.12 109.23
C ASP Q 201 -7.91 1.39 108.62
N SER Q 202 -7.30 0.46 107.88
CA SER Q 202 -6.00 0.69 107.25
C SER Q 202 -6.09 1.81 106.21
N PRO Q 203 -5.30 2.89 106.35
CA PRO Q 203 -5.40 4.05 105.44
C PRO Q 203 -5.18 3.67 103.98
N GLU Q 204 -4.11 2.94 103.68
CA GLU Q 204 -3.84 2.52 102.30
C GLU Q 204 -4.89 1.51 101.82
N SER Q 205 -5.44 0.68 102.71
CA SER Q 205 -6.54 -0.21 102.33
C SER Q 205 -7.76 0.58 101.90
N LYS Q 206 -8.12 1.61 102.67
CA LYS Q 206 -9.20 2.51 102.29
C LYS Q 206 -8.90 3.18 100.94
N ARG Q 207 -7.66 3.65 100.71
CA ARG Q 207 -7.22 4.19 99.41
C ARG Q 207 -7.40 3.17 98.28
N ILE Q 208 -6.95 1.95 98.52
CA ILE Q 208 -7.14 0.82 97.63
C ILE Q 208 -8.63 0.62 97.33
N ALA Q 209 -9.48 0.55 98.35
CA ALA Q 209 -10.90 0.30 98.15
C ALA Q 209 -11.53 1.37 97.27
N TYR Q 210 -11.19 2.63 97.54
CA TYR Q 210 -11.68 3.72 96.73
C TYR Q 210 -11.24 3.54 95.27
N LYS Q 211 -9.93 3.34 95.05
CA LYS Q 211 -9.42 3.16 93.69
C LYS Q 211 -10.01 1.95 93.01
N ILE Q 212 -10.31 0.87 93.72
CA ILE Q 212 -11.02 -0.27 93.16
C ILE Q 212 -12.40 0.16 92.68
N VAL Q 213 -13.19 0.85 93.51
CA VAL Q 213 -14.52 1.32 93.09
C VAL Q 213 -14.37 2.18 91.83
N ALA Q 214 -13.40 3.08 91.82
CA ALA Q 214 -13.13 3.92 90.67
C ALA Q 214 -12.75 3.11 89.42
N ALA Q 215 -11.86 2.13 89.55
CA ALA Q 215 -11.48 1.26 88.45
C ALA Q 215 -12.70 0.47 87.92
N ALA Q 216 -13.61 0.05 88.80
CA ALA Q 216 -14.85 -0.60 88.38
C ALA Q 216 -15.72 0.37 87.57
N ALA Q 217 -15.89 1.60 88.04
CA ALA Q 217 -16.59 2.61 87.26
C ALA Q 217 -15.91 2.83 85.89
N GLU Q 218 -14.58 2.95 85.84
CA GLU Q 218 -13.85 3.08 84.59
C GLU Q 218 -14.13 1.91 83.65
N PHE Q 219 -14.05 0.68 84.15
CA PHE Q 219 -14.34 -0.51 83.35
C PHE Q 219 -15.77 -0.44 82.81
N LEU Q 220 -16.73 -0.12 83.67
CA LEU Q 220 -18.12 0.05 83.26
C LEU Q 220 -18.25 1.07 82.14
N LEU Q 221 -17.68 2.26 82.29
CA LEU Q 221 -17.76 3.30 81.26
C LEU Q 221 -17.12 2.84 79.95
N LYS Q 222 -15.91 2.28 79.99
CA LYS Q 222 -15.23 1.84 78.77
C LYS Q 222 -16.02 0.75 78.05
N ILE Q 223 -16.51 -0.26 78.78
CA ILE Q 223 -17.33 -1.31 78.18
C ILE Q 223 -18.65 -0.77 77.66
N LEU Q 224 -19.31 0.13 78.40
CA LEU Q 224 -20.57 0.73 77.95
C LEU Q 224 -20.36 1.52 76.64
N ALA Q 225 -19.24 2.23 76.51
CA ALA Q 225 -18.87 2.89 75.27
C ALA Q 225 -18.58 1.90 74.13
N GLU Q 226 -17.78 0.86 74.38
CA GLU Q 226 -17.56 -0.20 73.38
C GLU Q 226 -18.85 -0.92 72.98
N GLY Q 227 -19.85 -0.98 73.87
CA GLY Q 227 -21.18 -1.54 73.62
C GLY Q 227 -22.08 -0.67 72.73
N GLY Q 228 -21.65 0.54 72.36
CA GLY Q 228 -22.40 1.43 71.47
C GLY Q 228 -23.61 2.11 72.11
N ALA Q 229 -23.61 2.29 73.43
CA ALA Q 229 -24.67 3.01 74.14
C ALA Q 229 -24.80 4.48 73.70
N THR Q 230 -25.97 5.08 73.91
CA THR Q 230 -26.25 6.47 73.51
C THR Q 230 -25.43 7.47 74.34
N PRO Q 231 -25.09 8.65 73.78
CA PRO Q 231 -24.37 9.66 74.54
C PRO Q 231 -25.18 10.15 75.75
N GLU Q 232 -26.51 10.19 75.67
CA GLU Q 232 -27.38 10.54 76.80
C GLU Q 232 -27.30 9.51 77.92
N GLN Q 233 -27.30 8.22 77.60
CA GLN Q 233 -27.15 7.20 78.64
C GLN Q 233 -25.71 7.17 79.19
N LEU Q 234 -24.69 7.38 78.36
CA LEU Q 234 -23.31 7.53 78.82
C LEU Q 234 -23.19 8.70 79.80
N GLU Q 235 -23.80 9.84 79.49
CA GLU Q 235 -23.93 10.98 80.40
C GLU Q 235 -24.60 10.57 81.71
N ARG Q 236 -25.80 9.99 81.68
CA ARG Q 236 -26.53 9.65 82.93
C ARG Q 236 -25.80 8.60 83.77
N VAL Q 237 -25.20 7.59 83.14
CA VAL Q 237 -24.35 6.63 83.87
C VAL Q 237 -23.15 7.35 84.45
N THR Q 238 -22.51 8.24 83.69
CA THR Q 238 -21.36 9.01 84.21
C THR Q 238 -21.76 9.83 85.42
N GLU Q 239 -22.90 10.52 85.34
CA GLU Q 239 -23.46 11.30 86.43
C GLU Q 239 -23.70 10.42 87.66
N HIS Q 240 -24.39 9.29 87.50
CA HIS Q 240 -24.66 8.43 88.64
C HIS Q 240 -23.38 7.80 89.20
N ALA Q 241 -22.40 7.49 88.34
CA ALA Q 241 -21.11 6.99 88.78
C ALA Q 241 -20.37 8.05 89.59
N LEU Q 242 -20.28 9.29 89.11
CA LEU Q 242 -19.68 10.37 89.89
C LEU Q 242 -20.43 10.56 91.20
N GLU Q 243 -21.76 10.49 91.19
CA GLU Q 243 -22.59 10.59 92.40
C GLU Q 243 -22.23 9.48 93.40
N VAL Q 244 -22.16 8.23 92.95
CA VAL Q 244 -21.70 7.14 93.79
C VAL Q 244 -20.29 7.43 94.29
N LEU Q 245 -19.35 7.84 93.43
CA LEU Q 245 -17.98 8.08 93.85
C LEU Q 245 -17.91 9.18 94.91
N LYS Q 246 -18.73 10.22 94.77
CA LYS Q 246 -18.88 11.28 95.76
C LYS Q 246 -19.41 10.71 97.07
N GLU Q 247 -20.45 9.89 97.03
CA GLU Q 247 -21.02 9.29 98.25
C GLU Q 247 -19.98 8.40 98.95
N VAL Q 248 -19.29 7.56 98.18
CA VAL Q 248 -18.23 6.69 98.69
C VAL Q 248 -17.05 7.50 99.22
N ALA Q 249 -16.74 8.66 98.62
CA ALA Q 249 -15.71 9.53 99.16
C ALA Q 249 -16.16 10.10 100.51
N LYS Q 250 -17.40 10.58 100.64
CA LYS Q 250 -17.94 11.08 101.92
C LYS Q 250 -18.00 9.99 103.00
N GLU Q 251 -18.00 8.71 102.64
CA GLU Q 251 -17.72 7.63 103.58
C GLU Q 251 -16.22 7.53 103.90
N LEU Q 252 -15.40 7.23 102.89
CA LEU Q 252 -14.03 6.76 103.12
C LEU Q 252 -13.05 7.87 103.51
N ALA Q 253 -13.26 9.12 103.08
CA ALA Q 253 -12.29 10.19 103.28
C ALA Q 253 -12.24 10.68 104.75
N ASP Q 254 -11.02 10.88 105.26
CA ASP Q 254 -10.73 11.12 106.68
C ASP Q 254 -9.52 12.05 106.92
N SER Q 255 -8.87 12.51 105.87
CA SER Q 255 -7.53 13.13 105.89
C SER Q 255 -7.28 13.88 104.58
N PRO Q 256 -6.31 14.80 104.54
CA PRO Q 256 -5.96 15.46 103.28
C PRO Q 256 -5.42 14.45 102.26
N GLU Q 257 -4.71 13.42 102.72
CA GLU Q 257 -4.24 12.33 101.88
C GLU Q 257 -5.40 11.65 101.15
N SER Q 258 -6.40 11.20 101.91
CA SER Q 258 -7.56 10.51 101.32
C SER Q 258 -8.36 11.44 100.43
N GLY Q 259 -8.53 12.70 100.81
CA GLY Q 259 -9.15 13.70 99.95
C GLY Q 259 -8.41 13.81 98.61
N LEU Q 260 -7.10 13.98 98.67
CA LEU Q 260 -6.24 14.10 97.48
C LEU Q 260 -6.46 12.90 96.58
N ALA Q 261 -6.29 11.69 97.11
CA ALA Q 261 -6.43 10.48 96.31
C ALA Q 261 -7.84 10.36 95.72
N ALA Q 262 -8.87 10.49 96.56
CA ALA Q 262 -10.24 10.25 96.11
C ALA Q 262 -10.61 11.25 95.03
N LEU Q 263 -10.36 12.52 95.27
CA LEU Q 263 -10.78 13.54 94.34
C LEU Q 263 -9.92 13.53 93.07
N ALA Q 264 -8.63 13.19 93.18
CA ALA Q 264 -7.82 12.95 92.00
C ALA Q 264 -8.45 11.84 91.15
N ALA Q 265 -8.81 10.72 91.79
CA ALA Q 265 -9.45 9.62 91.08
C ALA Q 265 -10.80 10.03 90.48
N ILE Q 266 -11.61 10.82 91.20
CA ILE Q 266 -12.85 11.38 90.64
C ILE Q 266 -12.53 12.15 89.37
N ALA Q 267 -11.51 13.01 89.42
CA ALA Q 267 -11.13 13.81 88.27
C ALA Q 267 -10.64 12.92 87.12
N SER Q 268 -9.88 11.88 87.40
CA SER Q 268 -9.51 10.89 86.39
C SER Q 268 -10.76 10.26 85.77
N LEU Q 269 -11.77 9.88 86.57
CA LEU Q 269 -13.00 9.30 86.03
C LEU Q 269 -13.76 10.32 85.18
N ALA Q 270 -13.85 11.56 85.63
CA ALA Q 270 -14.48 12.61 84.85
C ALA Q 270 -13.74 12.84 83.53
N LYS Q 271 -12.40 12.87 83.56
CA LYS Q 271 -11.55 13.02 82.37
C LYS Q 271 -11.84 11.92 81.36
N LEU Q 272 -11.95 10.68 81.81
CA LEU Q 272 -12.37 9.56 80.97
C LEU Q 272 -13.78 9.78 80.42
N GLY Q 273 -14.74 10.21 81.23
CA GLY Q 273 -16.10 10.49 80.78
C GLY Q 273 -16.12 11.54 79.67
N LEU Q 274 -15.39 12.64 79.88
CA LEU Q 274 -15.21 13.70 78.88
C LEU Q 274 -14.54 13.14 77.62
N GLU Q 275 -13.51 12.32 77.74
CA GLU Q 275 -12.85 11.68 76.60
C GLU Q 275 -13.83 10.83 75.78
N GLN Q 276 -14.68 10.04 76.44
CA GLN Q 276 -15.72 9.25 75.77
C GLN Q 276 -16.75 10.14 75.07
N LEU Q 277 -17.27 11.16 75.75
CA LEU Q 277 -18.21 12.11 75.14
C LEU Q 277 -17.58 12.87 73.97
N LYS Q 278 -16.28 13.16 74.03
CA LYS Q 278 -15.52 13.77 72.93
C LYS Q 278 -15.43 12.83 71.74
N GLU Q 279 -14.97 11.58 71.94
CA GLU Q 279 -14.72 10.68 70.82
C GLU Q 279 -15.99 10.08 70.19
N ILE Q 280 -17.09 9.96 70.93
CA ILE Q 280 -18.40 9.64 70.33
C ILE Q 280 -19.01 10.82 69.57
N GLY Q 281 -18.45 12.03 69.73
CA GLY Q 281 -18.91 13.24 69.05
C GLY Q 281 -20.17 13.87 69.67
N ALA Q 282 -20.40 13.70 70.98
CA ALA Q 282 -21.55 14.31 71.66
C ALA Q 282 -21.47 15.86 71.61
N PRO Q 283 -22.60 16.57 71.46
CA PRO Q 283 -22.60 18.02 71.30
C PRO Q 283 -22.15 18.73 72.59
N PRO Q 284 -21.58 19.95 72.49
CA PRO Q 284 -20.88 20.60 73.61
C PRO Q 284 -21.68 20.71 74.92
N GLU Q 285 -23.01 20.84 74.86
CA GLU Q 285 -23.83 20.86 76.08
C GLU Q 285 -23.64 19.62 76.94
N GLN Q 286 -23.54 18.43 76.35
CA GLN Q 286 -23.38 17.20 77.14
C GLN Q 286 -22.01 17.21 77.86
N GLN Q 287 -20.96 17.63 77.14
CA GLN Q 287 -19.61 17.75 77.69
C GLN Q 287 -19.58 18.77 78.84
N ARG Q 288 -20.27 19.90 78.66
CA ARG Q 288 -20.41 20.95 79.66
C ARG Q 288 -21.18 20.44 80.89
N ARG Q 289 -22.33 19.79 80.71
CA ARG Q 289 -23.12 19.21 81.83
C ARG Q 289 -22.26 18.33 82.73
N VAL Q 290 -21.55 17.37 82.13
CA VAL Q 290 -20.67 16.46 82.88
C VAL Q 290 -19.56 17.24 83.58
N THR Q 291 -18.95 18.20 82.88
CA THR Q 291 -17.89 19.04 83.47
C THR Q 291 -18.39 19.80 84.68
N LYS Q 292 -19.56 20.45 84.58
CA LYS Q 292 -20.19 21.17 85.70
C LYS Q 292 -20.46 20.23 86.85
N ALA Q 293 -21.07 19.07 86.59
CA ALA Q 293 -21.34 18.08 87.63
C ALA Q 293 -20.04 17.63 88.33
N GLY Q 294 -18.97 17.40 87.56
CA GLY Q 294 -17.66 17.08 88.10
C GLY Q 294 -17.15 18.19 89.01
N ILE Q 295 -17.18 19.44 88.53
CA ILE Q 295 -16.77 20.57 89.34
C ILE Q 295 -17.65 20.71 90.60
N GLU Q 296 -18.95 20.41 90.52
CA GLU Q 296 -19.80 20.36 91.72
C GLU Q 296 -19.39 19.23 92.67
N ALA Q 297 -18.95 18.08 92.16
CA ALA Q 297 -18.35 17.07 93.02
C ALA Q 297 -17.05 17.58 93.65
N VAL Q 298 -16.20 18.28 92.90
CA VAL Q 298 -15.00 18.92 93.43
C VAL Q 298 -15.37 19.87 94.56
N ARG Q 299 -16.38 20.72 94.35
CA ARG Q 299 -16.89 21.62 95.38
C ARG Q 299 -17.40 20.84 96.60
N GLU Q 300 -18.20 19.81 96.40
CA GLU Q 300 -18.76 19.05 97.52
C GLU Q 300 -17.69 18.31 98.33
N ILE Q 301 -16.72 17.68 97.66
CA ILE Q 301 -15.64 17.02 98.39
C ILE Q 301 -14.68 18.04 99.02
N TYR Q 302 -14.45 19.19 98.38
CA TYR Q 302 -13.78 20.31 99.04
C TYR Q 302 -14.52 20.73 100.32
N ARG Q 303 -15.85 20.90 100.28
CA ARG Q 303 -16.68 21.27 101.45
C ARG Q 303 -16.63 20.20 102.53
N TYR Q 304 -16.83 18.93 102.19
CA TYR Q 304 -16.64 17.82 103.14
C TYR Q 304 -15.22 17.87 103.75
N GLY Q 305 -14.23 18.18 102.92
CA GLY Q 305 -12.82 18.29 103.28
C GLY Q 305 -12.51 19.31 104.38
N ARG Q 306 -13.39 20.30 104.63
CA ARG Q 306 -13.19 21.27 105.73
C ARG Q 306 -13.23 20.63 107.11
N LYS Q 307 -13.76 19.41 107.25
CA LYS Q 307 -13.66 18.60 108.48
C LYS Q 307 -12.26 18.01 108.72
N LEU Q 308 -11.46 17.86 107.66
CA LEU Q 308 -10.30 16.95 107.63
C LEU Q 308 -8.95 17.62 107.90
N TYR Q 309 -8.80 18.92 107.57
CA TYR Q 309 -7.53 19.65 107.63
C TYR Q 309 -7.72 21.15 107.91
N ASP R 3 70.33 -10.62 42.99
CA ASP R 3 71.70 -11.09 43.32
C ASP R 3 72.75 -9.99 43.34
N ASP R 4 72.88 -9.17 42.29
CA ASP R 4 74.06 -8.32 42.06
C ASP R 4 74.45 -7.43 43.25
N LEU R 5 73.48 -6.94 44.00
CA LEU R 5 73.74 -6.13 45.18
C LEU R 5 74.67 -6.84 46.16
N LEU R 6 74.51 -8.16 46.36
CA LEU R 6 75.42 -8.94 47.21
C LEU R 6 76.83 -8.84 46.69
N LEU R 7 77.02 -9.10 45.39
CA LEU R 7 78.31 -8.97 44.75
C LEU R 7 78.90 -7.58 44.97
N LYS R 8 78.10 -6.52 44.84
CA LYS R 8 78.58 -5.17 45.13
C LYS R 8 78.95 -4.99 46.61
N LEU R 9 78.24 -5.61 47.55
CA LEU R 9 78.69 -5.61 48.94
C LEU R 9 80.00 -6.34 49.12
N LEU R 10 80.24 -7.43 48.39
CA LEU R 10 81.56 -8.03 48.38
C LEU R 10 82.59 -7.01 47.90
N GLU R 11 82.32 -6.29 46.82
CA GLU R 11 83.25 -5.25 46.36
C GLU R 11 83.54 -4.24 47.47
N LEU R 12 82.50 -3.75 48.14
CA LEU R 12 82.70 -2.81 49.24
C LEU R 12 83.51 -3.43 50.38
N LEU R 13 83.20 -4.66 50.77
CA LEU R 13 83.98 -5.36 51.78
C LEU R 13 85.44 -5.43 51.36
N VAL R 14 85.71 -5.81 50.11
CA VAL R 14 87.07 -5.93 49.57
C VAL R 14 87.75 -4.57 49.58
N GLU R 15 87.07 -3.52 49.18
CA GLU R 15 87.71 -2.22 49.15
C GLU R 15 88.00 -1.72 50.57
N GLN R 16 87.08 -1.92 51.51
CA GLN R 16 87.34 -1.61 52.92
C GLN R 16 88.52 -2.41 53.43
N ALA R 17 88.60 -3.69 53.07
CA ALA R 17 89.79 -4.47 53.37
C ALA R 17 91.02 -3.86 52.70
N ARG R 18 90.96 -3.38 51.46
CA ARG R 18 92.11 -2.81 50.76
C ARG R 18 92.63 -1.56 51.46
N VAL R 19 91.72 -0.67 51.87
CA VAL R 19 92.09 0.49 52.69
C VAL R 19 92.62 0.03 54.05
N SER R 20 92.03 -0.99 54.65
CA SER R 20 92.55 -1.56 55.88
C SER R 20 93.94 -2.18 55.69
N ALA R 21 94.27 -2.69 54.51
CA ALA R 21 95.59 -3.21 54.19
C ALA R 21 96.60 -2.08 54.01
N GLU R 22 96.20 -0.91 53.49
CA GLU R 22 97.04 0.29 53.66
C GLU R 22 97.23 0.62 55.15
N PHE R 23 96.18 0.64 55.97
CA PHE R 23 96.31 0.94 57.40
C PHE R 23 97.28 -0.02 58.09
N ALA R 24 97.13 -1.31 57.86
CA ALA R 24 98.01 -2.35 58.41
C ALA R 24 99.46 -2.22 57.92
N ARG R 25 99.69 -1.74 56.69
CA ARG R 25 101.05 -1.47 56.17
C ARG R 25 101.65 -0.14 56.67
N ARG R 26 100.82 0.86 57.00
CA ARG R 26 101.25 2.12 57.60
C ARG R 26 101.54 1.98 59.10
N GLN R 27 100.76 1.16 59.82
CA GLN R 27 100.92 0.92 61.27
C GLN R 27 101.73 -0.32 61.66
N GLY R 28 101.84 -1.33 60.79
CA GLY R 28 102.65 -2.54 61.02
C GLY R 28 102.05 -3.56 61.99
N ASP R 29 100.78 -3.94 61.82
CA ASP R 29 100.08 -4.91 62.69
C ASP R 29 99.79 -6.24 61.98
N GLU R 30 100.24 -7.36 62.58
CA GLU R 30 99.91 -8.72 62.14
C GLU R 30 98.41 -9.03 62.26
N LYS R 31 97.77 -8.62 63.35
CA LYS R 31 96.39 -9.05 63.65
C LYS R 31 95.40 -8.50 62.63
N MET R 32 95.52 -7.23 62.24
CA MET R 32 94.69 -6.70 61.16
C MET R 32 94.91 -7.46 59.84
N LEU R 33 96.14 -7.84 59.49
CA LEU R 33 96.39 -8.64 58.30
C LEU R 33 95.72 -10.01 58.40
N GLU R 34 95.77 -10.65 59.58
CA GLU R 34 95.02 -11.87 59.84
C GLU R 34 93.51 -11.67 59.63
N GLU R 35 92.95 -10.59 60.15
CA GLU R 35 91.54 -10.25 60.00
C GLU R 35 91.14 -9.99 58.54
N VAL R 36 91.90 -9.18 57.79
CA VAL R 36 91.56 -8.99 56.37
C VAL R 36 91.77 -10.27 55.57
N ALA R 37 92.74 -11.11 55.89
CA ALA R 37 92.88 -12.40 55.21
C ALA R 37 91.64 -13.27 55.45
N ARG R 38 91.18 -13.39 56.70
CA ARG R 38 89.94 -14.11 57.05
C ARG R 38 88.74 -13.51 56.32
N LYS R 39 88.58 -12.19 56.34
CA LYS R 39 87.51 -11.50 55.60
C LYS R 39 87.58 -11.79 54.10
N ALA R 40 88.76 -11.80 53.52
CA ALA R 40 88.92 -12.12 52.11
C ALA R 40 88.55 -13.57 51.79
N GLU R 41 88.88 -14.52 52.67
CA GLU R 41 88.34 -15.87 52.53
C GLU R 41 86.81 -15.89 52.64
N GLU R 42 86.20 -15.11 53.53
CA GLU R 42 84.74 -15.03 53.61
C GLU R 42 84.14 -14.49 52.31
N VAL R 43 84.74 -13.44 51.75
CA VAL R 43 84.37 -12.98 50.41
C VAL R 43 84.53 -14.11 49.39
N ALA R 44 85.67 -14.81 49.41
CA ALA R 44 85.94 -15.87 48.46
C ALA R 44 84.87 -16.94 48.53
N ARG R 45 84.48 -17.36 49.75
CA ARG R 45 83.38 -18.29 50.00
C ARG R 45 82.07 -17.78 49.39
N LYS R 46 81.68 -16.55 49.70
CA LYS R 46 80.43 -15.97 49.19
C LYS R 46 80.42 -15.92 47.67
N ALA R 47 81.49 -15.38 47.08
CA ALA R 47 81.61 -15.24 45.64
C ALA R 47 81.64 -16.60 44.94
N GLU R 48 82.43 -17.56 45.44
CA GLU R 48 82.48 -18.90 44.86
C GLU R 48 81.10 -19.56 44.88
N SER R 49 80.36 -19.37 45.99
CA SER R 49 79.00 -19.92 46.11
C SER R 49 78.06 -19.32 45.06
N ILE R 50 78.08 -17.99 44.90
CA ILE R 50 77.32 -17.34 43.84
C ILE R 50 77.79 -17.81 42.47
N ALA R 51 79.09 -18.00 42.26
CA ALA R 51 79.65 -18.41 40.98
C ALA R 51 79.22 -19.83 40.59
N ARG R 52 79.21 -20.79 41.52
CA ARG R 52 78.66 -22.13 41.25
C ARG R 52 77.17 -22.05 40.89
N LYS R 53 76.40 -21.20 41.58
CA LYS R 53 74.99 -20.96 41.23
C LYS R 53 74.86 -20.38 39.82
N ALA R 54 75.68 -19.40 39.47
CA ALA R 54 75.68 -18.82 38.13
C ALA R 54 76.08 -19.85 37.05
N ARG R 55 77.03 -20.75 37.35
CA ARG R 55 77.40 -21.86 36.45
C ARG R 55 76.19 -22.74 36.14
N LYS R 56 75.34 -23.02 37.14
CA LYS R 56 74.11 -23.80 36.96
C LYS R 56 73.00 -23.02 36.25
N GLU R 57 72.72 -21.78 36.65
CA GLU R 57 71.63 -20.98 36.04
C GLU R 57 71.96 -20.39 34.66
N GLY R 58 73.24 -20.26 34.31
CA GLY R 58 73.71 -20.01 32.94
C GLY R 58 73.78 -18.54 32.47
N ASN R 59 73.37 -17.54 33.26
CA ASN R 59 73.62 -16.14 32.91
C ASN R 59 75.10 -15.77 33.17
N LEU R 60 75.91 -15.79 32.12
CA LEU R 60 77.38 -15.69 32.23
C LEU R 60 77.86 -14.37 32.83
N GLU R 61 77.12 -13.28 32.66
CA GLU R 61 77.50 -11.97 33.20
C GLU R 61 77.72 -12.05 34.73
N LEU R 62 76.85 -12.75 35.43
CA LEU R 62 76.98 -12.94 36.88
C LEU R 62 78.29 -13.67 37.21
N ALA R 63 78.54 -14.79 36.53
CA ALA R 63 79.75 -15.57 36.73
C ALA R 63 81.00 -14.72 36.46
N LEU R 64 81.00 -13.98 35.35
CA LEU R 64 82.10 -13.09 35.03
C LEU R 64 82.30 -12.05 36.14
N LYS R 65 81.24 -11.35 36.56
CA LYS R 65 81.38 -10.34 37.62
C LYS R 65 81.86 -10.97 38.92
N ALA R 66 81.34 -12.14 39.28
CA ALA R 66 81.80 -12.88 40.46
C ALA R 66 83.28 -13.28 40.32
N LEU R 67 83.71 -13.74 39.16
CA LEU R 67 85.11 -14.01 38.91
C LEU R 67 85.93 -12.74 39.05
N GLU R 68 85.44 -11.58 38.58
CA GLU R 68 86.17 -10.33 38.76
C GLU R 68 86.29 -9.97 40.24
N ILE R 69 85.24 -10.17 41.03
CA ILE R 69 85.35 -10.04 42.47
C ILE R 69 86.39 -11.02 43.01
N LEU R 70 86.37 -12.27 42.58
CA LEU R 70 87.35 -13.26 43.03
C LEU R 70 88.76 -12.79 42.69
N VAL R 71 88.95 -12.21 41.51
CA VAL R 71 90.21 -11.59 41.13
C VAL R 71 90.55 -10.45 42.06
N ARG R 72 89.62 -9.53 42.32
CA ARG R 72 89.86 -8.37 43.20
C ARG R 72 90.27 -8.86 44.59
N ALA R 73 89.56 -9.83 45.11
CA ALA R 73 89.88 -10.46 46.38
C ALA R 73 91.25 -11.13 46.32
N ALA R 74 91.55 -11.87 45.25
CA ALA R 74 92.85 -12.48 45.08
C ALA R 74 93.94 -11.41 45.02
N HIS R 75 93.67 -10.24 44.45
CA HIS R 75 94.65 -9.16 44.39
C HIS R 75 94.99 -8.64 45.79
N VAL R 76 93.98 -8.32 46.61
CA VAL R 76 94.29 -7.90 47.98
C VAL R 76 94.93 -9.05 48.78
N LEU R 77 94.47 -10.29 48.60
CA LEU R 77 95.11 -11.45 49.22
C LEU R 77 96.57 -11.56 48.82
N ALA R 78 96.89 -11.31 47.55
CA ALA R 78 98.24 -11.33 47.05
C ALA R 78 99.06 -10.19 47.68
N GLU R 79 98.53 -8.97 47.76
CA GLU R 79 99.24 -7.88 48.46
C GLU R 79 99.53 -8.23 49.93
N ILE R 80 98.54 -8.79 50.63
CA ILE R 80 98.69 -9.24 52.02
C ILE R 80 99.77 -10.32 52.10
N ALA R 81 99.61 -11.40 51.34
CA ALA R 81 100.50 -12.55 51.39
C ALA R 81 101.94 -12.20 50.97
N ARG R 82 102.12 -11.33 49.95
CA ARG R 82 103.43 -10.89 49.45
C ARG R 82 104.21 -10.13 50.50
N GLU R 83 103.57 -9.15 51.14
CA GLU R 83 104.25 -8.29 52.13
C GLU R 83 104.35 -8.95 53.51
N ARG R 84 103.40 -9.82 53.87
CA ARG R 84 103.48 -10.65 55.09
C ARG R 84 104.42 -11.85 54.95
N GLY R 85 104.66 -12.30 53.71
CA GLY R 85 105.53 -13.43 53.37
C GLY R 85 104.90 -14.82 53.52
N ASN R 86 103.61 -14.92 53.83
CA ASN R 86 102.96 -16.21 54.10
C ASN R 86 102.77 -17.04 52.81
N GLU R 87 103.22 -18.29 52.82
CA GLU R 87 103.14 -19.19 51.67
C GLU R 87 101.73 -19.78 51.48
N GLU R 88 101.01 -20.08 52.57
CA GLU R 88 99.72 -20.77 52.49
C GLU R 88 98.65 -19.89 51.84
N LEU R 89 98.64 -18.59 52.12
CA LEU R 89 97.80 -17.65 51.37
C LEU R 89 98.18 -17.62 49.88
N GLN R 90 99.47 -17.65 49.53
CA GLN R 90 99.90 -17.70 48.12
C GLN R 90 99.43 -18.99 47.45
N LYS R 91 99.56 -20.15 48.10
CA LYS R 91 99.04 -21.42 47.60
C LYS R 91 97.52 -21.35 47.40
N LYS R 92 96.78 -20.89 48.41
CA LYS R 92 95.31 -20.79 48.37
C LYS R 92 94.86 -19.88 47.23
N ALA R 93 95.48 -18.70 47.11
CA ALA R 93 95.23 -17.80 46.00
C ALA R 93 95.58 -18.45 44.65
N HIS R 94 96.74 -19.09 44.53
CA HIS R 94 97.16 -19.74 43.28
C HIS R 94 96.16 -20.81 42.83
N LYS R 95 95.71 -21.66 43.75
CA LYS R 95 94.71 -22.69 43.45
C LYS R 95 93.40 -22.06 42.99
N LEU R 96 92.91 -21.07 43.73
CA LEU R 96 91.71 -20.33 43.32
C LEU R 96 91.90 -19.72 41.93
N ALA R 97 93.06 -19.10 41.66
CA ALA R 97 93.34 -18.47 40.38
C ALA R 97 93.39 -19.49 39.23
N LYS R 98 94.05 -20.64 39.42
CA LYS R 98 94.11 -21.68 38.38
C LYS R 98 92.73 -22.25 38.09
N GLU R 99 91.91 -22.46 39.11
CA GLU R 99 90.51 -22.84 38.92
C GLU R 99 89.74 -21.73 38.20
N ALA R 100 89.92 -20.47 38.57
CA ALA R 100 89.27 -19.35 37.89
C ALA R 100 89.68 -19.30 36.41
N LEU R 101 90.96 -19.53 36.09
CA LEU R 101 91.44 -19.57 34.71
C LEU R 101 90.70 -20.64 33.92
N ARG R 102 90.64 -21.85 34.46
CA ARG R 102 89.86 -22.94 33.85
C ARG R 102 88.39 -22.56 33.68
N GLN R 103 87.76 -22.06 34.73
CA GLN R 103 86.35 -21.68 34.69
C GLN R 103 86.11 -20.60 33.62
N VAL R 104 86.92 -19.55 33.61
CA VAL R 104 86.73 -18.47 32.62
C VAL R 104 87.00 -18.99 31.22
N ILE R 105 87.97 -19.88 31.03
CA ILE R 105 88.18 -20.51 29.73
C ILE R 105 86.92 -21.25 29.30
N GLU R 106 86.34 -22.08 30.15
CA GLU R 106 85.10 -22.80 29.83
C GLU R 106 83.95 -21.84 29.53
N ILE R 107 83.80 -20.81 30.34
CA ILE R 107 82.81 -19.77 30.11
C ILE R 107 83.06 -19.10 28.76
N ALA R 108 84.32 -18.78 28.42
CA ALA R 108 84.67 -18.12 27.18
C ALA R 108 84.38 -19.01 25.97
N ILE R 109 84.72 -20.30 26.05
CA ILE R 109 84.33 -21.27 25.04
C ILE R 109 82.81 -21.22 24.88
N ARG R 110 82.04 -21.29 25.98
CA ARG R 110 80.57 -21.24 25.91
C ARG R 110 80.07 -19.94 25.29
N ALA R 111 80.61 -18.79 25.68
CA ALA R 111 80.20 -17.48 25.17
C ALA R 111 80.46 -17.36 23.66
N ILE R 112 81.62 -17.85 23.18
CA ILE R 112 81.93 -17.90 21.75
C ILE R 112 80.96 -18.86 21.05
N GLN R 113 80.69 -20.02 21.65
CA GLN R 113 79.76 -21.00 21.08
C GLN R 113 78.31 -20.47 20.99
N GLU R 114 77.86 -19.67 21.96
CA GLU R 114 76.57 -18.95 21.90
C GLU R 114 76.59 -17.69 21.01
N GLY R 115 77.78 -17.22 20.61
CA GLY R 115 77.97 -16.09 19.70
C GLY R 115 77.92 -14.69 20.33
N ASN R 116 77.89 -14.57 21.66
CA ASN R 116 77.97 -13.28 22.34
C ASN R 116 79.44 -12.90 22.58
N LEU R 117 80.05 -12.28 21.56
CA LEU R 117 81.45 -11.88 21.64
C LEU R 117 81.67 -10.79 22.70
N GLU R 118 80.66 -10.00 23.03
CA GLU R 118 80.76 -8.96 24.05
C GLU R 118 81.09 -9.55 25.42
N LEU R 119 80.36 -10.57 25.84
CA LEU R 119 80.67 -11.32 27.05
C LEU R 119 82.03 -11.97 26.92
N ALA R 120 82.39 -12.54 25.76
CA ALA R 120 83.71 -13.13 25.57
C ALA R 120 84.83 -12.09 25.75
N ILE R 121 84.64 -10.88 25.24
CA ILE R 121 85.58 -9.79 25.43
C ILE R 121 85.74 -9.50 26.92
N ILE R 122 84.62 -9.35 27.64
CA ILE R 122 84.65 -9.13 29.08
C ILE R 122 85.39 -10.30 29.76
N ALA R 123 85.13 -11.52 29.32
CA ALA R 123 85.81 -12.69 29.85
C ALA R 123 87.31 -12.58 29.61
N LEU R 124 87.76 -12.23 28.40
CA LEU R 124 89.17 -12.09 28.16
C LEU R 124 89.76 -10.96 29.00
N HIS R 125 89.03 -9.87 29.23
CA HIS R 125 89.45 -8.84 30.18
C HIS R 125 89.70 -9.44 31.56
N ILE R 126 88.76 -10.25 32.05
CA ILE R 126 88.96 -10.97 33.29
C ILE R 126 90.16 -11.91 33.16
N SER R 127 90.36 -12.58 32.03
CA SER R 127 91.54 -13.42 31.85
C SER R 127 92.82 -12.61 31.94
N VAL R 128 92.88 -11.41 31.37
CA VAL R 128 94.02 -10.52 31.54
C VAL R 128 94.19 -10.22 33.02
N ARG R 129 93.13 -9.85 33.73
CA ARG R 129 93.25 -9.57 35.16
C ARG R 129 93.67 -10.81 35.95
N ILE R 130 93.22 -12.01 35.58
CA ILE R 130 93.70 -13.25 36.16
C ILE R 130 95.19 -13.38 35.89
N ALA R 131 95.63 -13.06 34.68
CA ALA R 131 97.04 -13.06 34.37
C ALA R 131 97.78 -12.06 35.27
N GLU R 132 97.22 -10.88 35.56
CA GLU R 132 97.83 -9.95 36.50
C GLU R 132 98.01 -10.59 37.88
N VAL R 133 97.01 -11.31 38.35
CA VAL R 133 97.13 -12.06 39.61
C VAL R 133 98.24 -13.10 39.48
N LEU R 134 98.21 -13.94 38.45
CA LEU R 134 99.21 -14.99 38.27
C LEU R 134 100.62 -14.39 38.19
N LEU R 135 100.77 -13.30 37.45
CA LEU R 135 102.04 -12.60 37.26
C LEU R 135 102.62 -12.18 38.61
N GLU R 136 101.86 -11.46 39.43
CA GLU R 136 102.38 -11.09 40.75
C GLU R 136 102.55 -12.33 41.64
N THR R 137 101.76 -13.38 41.46
CA THR R 137 101.83 -14.58 42.28
C THR R 137 103.17 -15.29 42.11
N ARG R 138 103.57 -15.58 40.87
CA ARG R 138 104.83 -16.25 40.52
C ARG R 138 105.34 -15.79 39.15
N PRO R 139 106.16 -14.72 39.09
CA PRO R 139 106.70 -14.20 37.82
C PRO R 139 107.81 -15.09 37.23
N ASP R 140 108.31 -16.08 37.99
CA ASP R 140 109.38 -17.01 37.62
C ASP R 140 108.87 -18.34 37.01
N ASP R 141 107.59 -18.69 37.19
CA ASP R 141 106.99 -19.93 36.65
C ASP R 141 106.63 -19.81 35.16
N ARG R 142 107.65 -19.49 34.36
CA ARG R 142 107.54 -19.07 32.95
C ARG R 142 106.70 -19.99 32.08
N GLU R 143 106.74 -21.29 32.31
CA GLU R 143 105.99 -22.26 31.50
C GLU R 143 104.49 -22.16 31.73
N GLU R 144 104.04 -22.08 32.99
CA GLU R 144 102.63 -21.90 33.32
C GLU R 144 102.10 -20.58 32.73
N ILE R 145 102.88 -19.51 32.93
CA ILE R 145 102.58 -18.19 32.36
C ILE R 145 102.49 -18.29 30.84
N ARG R 146 103.44 -18.98 30.20
CA ARG R 146 103.43 -19.13 28.75
C ARG R 146 102.23 -19.93 28.27
N GLU R 147 101.81 -20.99 28.96
CA GLU R 147 100.59 -21.69 28.56
C GLU R 147 99.37 -20.78 28.69
N GLN R 148 99.27 -19.98 29.74
CA GLN R 148 98.23 -18.98 29.81
C GLN R 148 98.30 -18.01 28.62
N GLN R 149 99.47 -17.46 28.33
CA GLN R 149 99.66 -16.57 27.18
C GLN R 149 99.23 -17.24 25.87
N ALA R 150 99.66 -18.47 25.63
CA ALA R 150 99.34 -19.18 24.41
C ALA R 150 97.83 -19.40 24.26
N ILE R 151 97.17 -19.78 25.35
CA ILE R 151 95.71 -19.91 25.35
C ILE R 151 95.10 -18.55 25.00
N PHE R 152 95.59 -17.48 25.62
CA PHE R 152 95.07 -16.16 25.34
C PHE R 152 95.28 -15.79 23.88
N GLU R 153 96.47 -16.01 23.33
CA GLU R 153 96.76 -15.78 21.93
C GLU R 153 95.82 -16.56 21.02
N LEU R 154 95.54 -17.83 21.35
CA LEU R 154 94.58 -18.61 20.59
C LEU R 154 93.19 -17.98 20.67
N LEU R 155 92.71 -17.63 21.86
CA LEU R 155 91.42 -17.00 22.02
C LEU R 155 91.36 -15.67 21.25
N ILE R 156 92.43 -14.89 21.28
CA ILE R 156 92.51 -13.65 20.52
C ILE R 156 92.46 -13.92 19.03
N ALA R 157 93.21 -14.90 18.53
CA ALA R 157 93.11 -15.26 17.12
C ALA R 157 91.67 -15.67 16.78
N ALA R 158 91.02 -16.42 17.66
CA ALA R 158 89.63 -16.81 17.47
C ALA R 158 88.72 -15.58 17.44
N LEU R 159 88.89 -14.64 18.35
CA LEU R 159 88.17 -13.38 18.29
C LEU R 159 88.49 -12.61 17.00
N GLU R 160 89.74 -12.59 16.51
CA GLU R 160 90.05 -11.91 15.25
C GLU R 160 89.25 -12.51 14.10
N ALA R 161 89.28 -13.83 13.94
CA ALA R 161 88.48 -14.49 12.92
C ALA R 161 86.98 -14.19 13.12
N ALA R 162 86.50 -14.29 14.36
CA ALA R 162 85.10 -14.11 14.67
C ALA R 162 84.63 -12.69 14.33
N ILE R 163 85.37 -11.69 14.78
CA ILE R 163 85.01 -10.29 14.61
C ILE R 163 85.17 -9.87 13.16
N ARG R 164 86.17 -10.39 12.43
CA ARG R 164 86.26 -10.17 10.98
C ARG R 164 85.02 -10.69 10.27
N LEU R 165 84.59 -11.92 10.58
CA LEU R 165 83.40 -12.49 9.96
C LEU R 165 82.12 -11.77 10.41
N GLU R 166 82.03 -11.37 11.67
CA GLU R 166 80.91 -10.57 12.17
C GLU R 166 80.84 -9.22 11.45
N LYS R 167 81.99 -8.58 11.19
CA LYS R 167 82.09 -7.38 10.35
C LYS R 167 81.54 -7.69 8.96
N LEU R 168 81.91 -8.81 8.34
CA LEU R 168 81.31 -9.19 7.07
C LEU R 168 79.78 -9.33 7.17
N LYS R 169 79.25 -9.92 8.25
CA LYS R 169 77.79 -10.03 8.44
C LYS R 169 77.13 -8.67 8.63
N GLU R 170 77.72 -7.79 9.44
CA GLU R 170 77.24 -6.43 9.66
C GLU R 170 77.26 -5.61 8.35
N GLU R 171 78.26 -5.81 7.50
CA GLU R 171 78.38 -5.16 6.17
C GLU R 171 77.52 -5.83 5.08
N GLY R 172 76.97 -7.02 5.32
CA GLY R 172 76.21 -7.78 4.33
C GLY R 172 77.05 -8.27 3.14
N ALA R 173 78.28 -8.72 3.39
CA ALA R 173 79.24 -9.15 2.37
C ALA R 173 78.75 -10.33 1.49
N PRO R 174 79.25 -10.48 0.25
CA PRO R 174 78.86 -11.59 -0.62
C PRO R 174 79.44 -12.92 -0.12
N PRO R 175 78.77 -14.06 -0.41
CA PRO R 175 79.26 -15.39 -0.06
C PRO R 175 80.70 -15.66 -0.51
N GLU R 176 81.12 -15.10 -1.65
CA GLU R 176 82.51 -15.18 -2.16
C GLU R 176 83.51 -14.65 -1.13
N GLN R 177 83.29 -13.43 -0.64
CA GLN R 177 84.18 -12.81 0.33
C GLN R 177 84.11 -13.56 1.67
N ILE R 178 82.91 -14.00 2.07
CA ILE R 178 82.70 -14.81 3.27
C ILE R 178 83.54 -16.09 3.21
N GLU R 179 83.48 -16.81 2.09
CA GLU R 179 84.27 -18.01 1.89
C GLU R 179 85.77 -17.71 2.02
N ARG R 180 86.28 -16.71 1.30
CA ARG R 180 87.73 -16.43 1.31
C ARG R 180 88.21 -15.97 2.68
N VAL R 181 87.41 -15.20 3.41
CA VAL R 181 87.72 -14.86 4.80
C VAL R 181 87.71 -16.10 5.69
N ALA R 182 86.69 -16.97 5.58
CA ALA R 182 86.61 -18.18 6.39
C ALA R 182 87.78 -19.13 6.11
N GLU R 183 88.10 -19.34 4.83
CA GLU R 183 89.22 -20.14 4.35
C GLU R 183 90.55 -19.63 4.96
N HIS R 184 90.80 -18.34 4.83
CA HIS R 184 91.98 -17.71 5.41
C HIS R 184 92.01 -17.88 6.92
N GLY R 185 90.88 -17.66 7.58
CA GLY R 185 90.73 -17.80 9.03
C GLY R 185 91.06 -19.22 9.49
N LEU R 186 90.45 -20.24 8.90
CA LEU R 186 90.70 -21.63 9.26
C LEU R 186 92.18 -21.96 9.12
N GLU R 187 92.80 -21.64 7.98
CA GLU R 187 94.21 -21.92 7.75
C GLU R 187 95.09 -21.22 8.77
N ARG R 188 94.90 -19.91 8.97
CA ARG R 188 95.74 -19.13 9.88
C ARG R 188 95.58 -19.61 11.31
N LEU R 189 94.35 -19.91 11.73
CA LEU R 189 94.10 -20.51 13.05
C LEU R 189 94.85 -21.83 13.18
N LYS R 190 94.78 -22.69 12.17
CA LYS R 190 95.48 -23.97 12.19
C LYS R 190 97.00 -23.81 12.27
N GLU R 191 97.58 -22.90 11.50
CA GLU R 191 99.02 -22.65 11.60
C GLU R 191 99.41 -22.08 12.97
N ILE R 192 98.62 -21.17 13.55
CA ILE R 192 98.83 -20.74 14.94
C ILE R 192 98.72 -21.94 15.89
N ALA R 193 97.71 -22.78 15.75
CA ALA R 193 97.55 -23.94 16.63
C ALA R 193 98.75 -24.88 16.55
N LYS R 194 99.30 -25.08 15.34
CA LYS R 194 100.52 -25.86 15.14
C LYS R 194 101.69 -25.27 15.92
N GLU R 195 101.93 -23.96 15.79
CA GLU R 195 103.01 -23.31 16.55
C GLU R 195 102.78 -23.39 18.06
N ILE R 196 101.55 -23.16 18.53
CA ILE R 196 101.21 -23.32 19.95
C ILE R 196 101.52 -24.74 20.42
N SER R 197 101.19 -25.74 19.60
CA SER R 197 101.48 -27.15 19.89
C SER R 197 102.98 -27.46 19.99
N LYS R 198 103.88 -26.59 19.50
CA LYS R 198 105.32 -26.74 19.74
C LYS R 198 105.68 -26.39 21.18
N GLU R 199 105.05 -25.35 21.71
CA GLU R 199 105.38 -24.85 23.05
C GLU R 199 104.65 -25.59 24.17
N VAL R 200 103.33 -25.78 24.06
CA VAL R 200 102.49 -26.28 25.16
C VAL R 200 102.61 -27.80 25.33
N ASP R 201 102.38 -28.31 26.54
CA ASP R 201 102.36 -29.76 26.79
C ASP R 201 101.36 -30.25 27.86
N SER R 202 100.68 -29.36 28.60
CA SER R 202 99.65 -29.80 29.54
C SER R 202 98.50 -30.49 28.80
N PRO R 203 98.08 -31.69 29.24
CA PRO R 203 96.91 -32.36 28.68
C PRO R 203 95.67 -31.47 28.71
N GLU R 204 95.45 -30.78 29.82
CA GLU R 204 94.31 -29.89 29.99
C GLU R 204 94.42 -28.69 29.02
N SER R 205 95.60 -28.13 28.85
CA SER R 205 95.81 -27.06 27.87
C SER R 205 95.49 -27.55 26.46
N LYS R 206 95.99 -28.72 26.07
CA LYS R 206 95.73 -29.27 24.75
C LYS R 206 94.23 -29.57 24.55
N ARG R 207 93.58 -30.11 25.56
CA ARG R 207 92.11 -30.30 25.64
C ARG R 207 91.41 -28.99 25.35
N ILE R 208 91.76 -27.95 26.09
CA ILE R 208 91.24 -26.61 25.89
C ILE R 208 91.47 -26.16 24.44
N ALA R 209 92.69 -26.24 23.95
CA ALA R 209 93.08 -25.72 22.65
C ALA R 209 92.25 -26.37 21.54
N TYR R 210 92.11 -27.69 21.55
CA TYR R 210 91.32 -28.34 20.52
C TYR R 210 89.87 -27.86 20.55
N LYS R 211 89.26 -27.84 21.75
CA LYS R 211 87.87 -27.41 21.87
C LYS R 211 87.72 -25.98 21.37
N ILE R 212 88.68 -25.10 21.63
CA ILE R 212 88.68 -23.73 21.10
C ILE R 212 88.70 -23.78 19.57
N VAL R 213 89.64 -24.50 18.96
CA VAL R 213 89.73 -24.57 17.49
C VAL R 213 88.40 -25.05 16.92
N ALA R 214 87.84 -26.10 17.51
CA ALA R 214 86.56 -26.64 17.08
C ALA R 214 85.45 -25.60 17.22
N ALA R 215 85.35 -24.93 18.36
CA ALA R 215 84.34 -23.92 18.57
C ALA R 215 84.49 -22.75 17.57
N ALA R 216 85.73 -22.38 17.23
CA ALA R 216 85.97 -21.35 16.22
C ALA R 216 85.46 -21.80 14.85
N ALA R 217 85.76 -23.02 14.44
CA ALA R 217 85.18 -23.57 13.23
C ALA R 217 83.64 -23.59 13.30
N GLU R 218 83.06 -23.99 14.44
CA GLU R 218 81.62 -24.03 14.62
C GLU R 218 80.99 -22.64 14.44
N PHE R 219 81.56 -21.62 15.06
CA PHE R 219 81.10 -20.24 14.88
C PHE R 219 81.18 -19.85 13.41
N LEU R 220 82.31 -20.11 12.75
CA LEU R 220 82.47 -19.84 11.33
C LEU R 220 81.34 -20.49 10.52
N LEU R 221 81.09 -21.77 10.73
CA LEU R 221 80.06 -22.49 9.99
C LEU R 221 78.67 -21.94 10.29
N LYS R 222 78.33 -21.68 11.56
CA LYS R 222 77.02 -21.14 11.90
C LYS R 222 76.83 -19.76 11.30
N ILE R 223 77.81 -18.88 11.38
CA ILE R 223 77.69 -17.52 10.82
C ILE R 223 77.64 -17.58 9.29
N LEU R 224 78.37 -18.49 8.64
CA LEU R 224 78.21 -18.72 7.20
C LEU R 224 76.78 -19.14 6.86
N ALA R 225 76.19 -20.04 7.67
CA ALA R 225 74.81 -20.46 7.49
C ALA R 225 73.81 -19.31 7.73
N GLU R 226 73.98 -18.51 8.77
CA GLU R 226 73.20 -17.26 8.95
C GLU R 226 73.36 -16.32 7.75
N GLY R 227 74.53 -16.31 7.13
CA GLY R 227 74.84 -15.49 5.95
C GLY R 227 74.15 -15.95 4.66
N GLY R 228 73.51 -17.11 4.64
CA GLY R 228 72.75 -17.60 3.48
C GLY R 228 73.61 -18.01 2.27
N ALA R 229 74.86 -18.41 2.49
CA ALA R 229 75.75 -18.89 1.43
C ALA R 229 75.20 -20.15 0.73
N THR R 230 75.66 -20.41 -0.50
CA THR R 230 75.13 -21.52 -1.32
C THR R 230 75.38 -22.89 -0.65
N PRO R 231 74.52 -23.89 -0.89
CA PRO R 231 74.73 -25.24 -0.37
C PRO R 231 76.10 -25.80 -0.74
N GLU R 232 76.58 -25.54 -1.95
CA GLU R 232 77.87 -26.02 -2.45
C GLU R 232 79.03 -25.34 -1.71
N GLN R 233 78.96 -24.03 -1.49
CA GLN R 233 80.03 -23.36 -0.76
C GLN R 233 80.01 -23.73 0.72
N LEU R 234 78.82 -23.94 1.30
CA LEU R 234 78.69 -24.46 2.66
C LEU R 234 79.35 -25.84 2.77
N GLU R 235 79.08 -26.74 1.83
CA GLU R 235 79.76 -28.03 1.72
C GLU R 235 81.28 -27.85 1.62
N ARG R 236 81.77 -27.02 0.70
CA ARG R 236 83.21 -26.80 0.50
C ARG R 236 83.89 -26.32 1.78
N VAL R 237 83.31 -25.33 2.44
CA VAL R 237 83.85 -24.83 3.71
C VAL R 237 83.74 -25.92 4.77
N THR R 238 82.65 -26.68 4.82
CA THR R 238 82.51 -27.79 5.79
C THR R 238 83.62 -28.81 5.61
N GLU R 239 83.87 -29.22 4.36
CA GLU R 239 84.92 -30.18 4.04
C GLU R 239 86.29 -29.63 4.44
N HIS R 240 86.59 -28.39 4.07
CA HIS R 240 87.81 -27.73 4.46
C HIS R 240 87.95 -27.68 5.99
N ALA R 241 86.88 -27.34 6.70
CA ALA R 241 86.88 -27.23 8.15
C ALA R 241 87.10 -28.58 8.82
N LEU R 242 86.40 -29.62 8.38
CA LEU R 242 86.62 -30.98 8.88
C LEU R 242 88.08 -31.38 8.64
N GLU R 243 88.62 -31.11 7.45
CA GLU R 243 90.00 -31.43 7.12
C GLU R 243 90.97 -30.68 8.02
N VAL R 244 90.74 -29.39 8.25
CA VAL R 244 91.50 -28.62 9.22
C VAL R 244 91.42 -29.24 10.60
N LEU R 245 90.22 -29.58 11.09
CA LEU R 245 90.07 -30.19 12.41
C LEU R 245 90.84 -31.50 12.49
N LYS R 246 90.82 -32.28 11.41
CA LYS R 246 91.61 -33.51 11.31
C LYS R 246 93.10 -33.22 11.32
N GLU R 247 93.57 -32.25 10.57
CA GLU R 247 94.98 -31.89 10.55
C GLU R 247 95.46 -31.46 11.94
N VAL R 248 94.68 -30.64 12.65
CA VAL R 248 94.99 -30.26 14.03
C VAL R 248 94.91 -31.47 14.96
N ALA R 249 93.95 -32.36 14.77
CA ALA R 249 93.86 -33.57 15.56
C ALA R 249 95.09 -34.45 15.38
N LYS R 250 95.66 -34.55 14.16
CA LYS R 250 96.88 -35.34 13.93
C LYS R 250 98.07 -34.83 14.76
N GLU R 251 98.09 -33.56 15.14
CA GLU R 251 99.02 -33.06 16.15
C GLU R 251 98.55 -33.36 17.58
N LEU R 252 97.31 -32.99 17.93
CA LEU R 252 96.87 -32.95 19.33
C LEU R 252 96.34 -34.28 19.91
N ALA R 253 95.97 -35.27 19.10
CA ALA R 253 95.30 -36.51 19.53
C ALA R 253 96.24 -37.54 20.22
N ASP R 254 96.98 -37.11 21.23
CA ASP R 254 98.01 -37.86 21.93
C ASP R 254 97.55 -39.10 22.73
N SER R 255 96.24 -39.27 22.98
CA SER R 255 95.74 -40.19 24.01
C SER R 255 94.29 -40.55 23.76
N PRO R 256 93.74 -41.60 24.40
CA PRO R 256 92.33 -41.94 24.30
C PRO R 256 91.42 -40.75 24.64
N GLU R 257 91.76 -39.98 25.67
CA GLU R 257 91.01 -38.77 26.04
C GLU R 257 90.94 -37.79 24.87
N SER R 258 92.09 -37.38 24.35
CA SER R 258 92.14 -36.36 23.30
C SER R 258 91.56 -36.89 22.00
N GLY R 259 91.71 -38.19 21.74
CA GLY R 259 90.98 -38.88 20.68
C GLY R 259 89.48 -38.71 20.84
N LEU R 260 88.92 -39.13 21.96
CA LEU R 260 87.48 -39.04 22.23
C LEU R 260 86.99 -37.61 22.09
N ALA R 261 87.72 -36.65 22.65
CA ALA R 261 87.38 -35.25 22.54
C ALA R 261 87.35 -34.81 21.06
N ALA R 262 88.42 -35.06 20.32
CA ALA R 262 88.52 -34.62 18.95
C ALA R 262 87.41 -35.26 18.11
N LEU R 263 87.16 -36.54 18.34
CA LEU R 263 86.11 -37.30 17.69
C LEU R 263 84.75 -36.65 17.96
N ALA R 264 84.41 -36.43 19.22
CA ALA R 264 83.14 -35.83 19.58
C ALA R 264 82.98 -34.44 18.94
N ALA R 265 84.04 -33.65 18.93
CA ALA R 265 84.02 -32.33 18.34
C ALA R 265 83.81 -32.40 16.82
N ILE R 266 84.58 -33.24 16.14
CA ILE R 266 84.42 -33.45 14.69
C ILE R 266 82.99 -33.89 14.40
N ALA R 267 82.48 -34.84 15.18
CA ALA R 267 81.13 -35.34 15.02
C ALA R 267 80.11 -34.23 15.18
N SER R 268 80.28 -33.41 16.20
CA SER R 268 79.42 -32.26 16.41
C SER R 268 79.44 -31.34 15.20
N LEU R 269 80.62 -31.02 14.66
CA LEU R 269 80.74 -30.17 13.49
C LEU R 269 80.06 -30.80 12.26
N ALA R 270 80.25 -32.10 12.05
CA ALA R 270 79.56 -32.80 10.97
C ALA R 270 78.04 -32.73 11.17
N LYS R 271 77.56 -33.00 12.38
CA LYS R 271 76.13 -33.03 12.70
C LYS R 271 75.49 -31.67 12.43
N LEU R 272 76.17 -30.59 12.84
CA LEU R 272 75.79 -29.24 12.49
C LEU R 272 75.75 -29.04 10.98
N GLY R 273 76.80 -29.44 10.26
CA GLY R 273 76.85 -29.27 8.80
C GLY R 273 75.66 -29.93 8.12
N LEU R 274 75.37 -31.18 8.50
CA LEU R 274 74.21 -31.90 8.00
C LEU R 274 72.90 -31.21 8.41
N GLU R 275 72.77 -30.79 9.65
CA GLU R 275 71.56 -30.11 10.14
C GLU R 275 71.29 -28.80 9.37
N GLN R 276 72.34 -28.04 9.06
CA GLN R 276 72.19 -26.85 8.22
C GLN R 276 71.79 -27.23 6.80
N LEU R 277 72.44 -28.21 6.17
CA LEU R 277 72.00 -28.69 4.84
C LEU R 277 70.55 -29.19 4.86
N LYS R 278 70.11 -29.83 5.94
CA LYS R 278 68.74 -30.29 6.14
C LYS R 278 67.77 -29.11 6.26
N GLU R 279 68.11 -28.07 7.01
CA GLU R 279 67.30 -26.85 7.08
C GLU R 279 67.26 -26.09 5.73
N ILE R 280 68.37 -26.09 4.99
CA ILE R 280 68.45 -25.55 3.62
C ILE R 280 67.65 -26.39 2.62
N GLY R 281 67.31 -27.64 2.96
CA GLY R 281 66.58 -28.56 2.08
C GLY R 281 67.44 -29.15 0.95
N ALA R 282 68.75 -29.30 1.17
CA ALA R 282 69.70 -29.74 0.16
C ALA R 282 69.42 -31.18 -0.36
N PRO R 283 69.70 -31.47 -1.64
CA PRO R 283 69.41 -32.76 -2.23
C PRO R 283 70.32 -33.88 -1.70
N PRO R 284 69.91 -35.16 -1.82
CA PRO R 284 70.60 -36.31 -1.24
C PRO R 284 72.10 -36.39 -1.53
N GLU R 285 72.58 -35.97 -2.70
CA GLU R 285 74.02 -36.00 -2.98
C GLU R 285 74.81 -35.10 -2.02
N GLN R 286 74.32 -33.90 -1.70
CA GLN R 286 74.97 -33.05 -0.69
C GLN R 286 75.01 -33.75 0.68
N GLN R 287 73.93 -34.43 1.05
CA GLN R 287 73.83 -35.19 2.29
C GLN R 287 74.88 -36.31 2.34
N ARG R 288 74.97 -37.08 1.25
CA ARG R 288 76.00 -38.12 1.06
C ARG R 288 77.40 -37.53 1.10
N ARG R 289 77.70 -36.46 0.35
CA ARG R 289 79.04 -35.84 0.31
C ARG R 289 79.57 -35.53 1.70
N VAL R 290 78.79 -34.79 2.50
CA VAL R 290 79.21 -34.44 3.87
C VAL R 290 79.28 -35.69 4.75
N THR R 291 78.34 -36.62 4.62
CA THR R 291 78.38 -37.86 5.40
C THR R 291 79.65 -38.65 5.10
N LYS R 292 80.04 -38.78 3.82
CA LYS R 292 81.31 -39.39 3.40
C LYS R 292 82.49 -38.66 4.03
N ALA R 293 82.54 -37.34 3.92
CA ALA R 293 83.64 -36.56 4.50
C ALA R 293 83.77 -36.85 6.01
N GLY R 294 82.66 -36.84 6.74
CA GLY R 294 82.65 -37.14 8.16
C GLY R 294 83.14 -38.56 8.44
N ILE R 295 82.58 -39.54 7.74
CA ILE R 295 82.99 -40.94 7.91
C ILE R 295 84.47 -41.14 7.58
N GLU R 296 84.98 -40.55 6.50
CA GLU R 296 86.40 -40.64 6.16
C GLU R 296 87.28 -39.96 7.22
N ALA R 297 86.84 -38.83 7.76
CA ALA R 297 87.53 -38.21 8.88
C ALA R 297 87.55 -39.16 10.08
N VAL R 298 86.42 -39.77 10.43
CA VAL R 298 86.34 -40.76 11.51
C VAL R 298 87.29 -41.92 11.27
N ARG R 299 87.35 -42.42 10.04
CA ARG R 299 88.25 -43.52 9.66
C ARG R 299 89.71 -43.11 9.85
N GLU R 300 90.09 -41.93 9.41
CA GLU R 300 91.45 -41.42 9.62
C GLU R 300 91.73 -41.21 11.11
N ILE R 301 90.79 -40.65 11.87
CA ILE R 301 90.96 -40.43 13.31
C ILE R 301 91.16 -41.77 14.02
N TYR R 302 90.36 -42.79 13.70
CA TYR R 302 90.57 -44.14 14.20
C TYR R 302 91.94 -44.68 13.81
N ARG R 303 92.24 -44.81 12.52
CA ARG R 303 93.45 -45.52 12.07
C ARG R 303 94.74 -44.77 12.42
N TYR R 304 94.69 -43.45 12.59
CA TYR R 304 95.78 -42.67 13.16
C TYR R 304 95.88 -42.89 14.67
N GLY R 305 94.77 -42.75 15.39
CA GLY R 305 94.72 -42.88 16.86
C GLY R 305 95.10 -44.27 17.37
N ARG R 306 94.83 -45.31 16.57
CA ARG R 306 95.26 -46.70 16.84
C ARG R 306 96.78 -46.84 17.04
N LYS R 307 97.58 -45.93 16.49
CA LYS R 307 99.04 -45.89 16.68
C LYS R 307 99.48 -45.43 18.08
N LEU R 308 98.59 -44.78 18.84
CA LEU R 308 98.90 -44.00 20.05
C LEU R 308 98.22 -44.55 21.32
N TYR R 309 97.72 -45.80 21.28
CA TYR R 309 96.98 -46.47 22.36
C TYR R 309 97.27 -47.98 22.37
N ASP S 3 46.25 70.91 -5.40
CA ASP S 3 46.66 71.41 -4.06
C ASP S 3 45.78 72.58 -3.61
N ASP S 4 44.48 72.35 -3.46
CA ASP S 4 43.45 73.39 -3.30
C ASP S 4 43.77 74.31 -2.13
N LEU S 5 44.13 73.72 -1.01
CA LEU S 5 44.44 74.45 0.21
C LEU S 5 45.70 75.28 0.04
N LEU S 6 46.76 74.78 -0.61
CA LEU S 6 47.96 75.59 -0.83
C LEU S 6 47.64 76.79 -1.71
N LEU S 7 46.84 76.59 -2.76
CA LEU S 7 46.38 77.71 -3.59
C LEU S 7 45.69 78.76 -2.71
N LYS S 8 44.81 78.34 -1.80
CA LYS S 8 44.20 79.25 -0.83
C LYS S 8 45.24 79.90 0.10
N LEU S 9 46.30 79.20 0.52
CA LEU S 9 47.38 79.85 1.27
C LEU S 9 48.08 80.92 0.44
N LEU S 10 48.29 80.70 -0.85
CA LEU S 10 48.81 81.75 -1.71
C LEU S 10 47.84 82.94 -1.69
N GLU S 11 46.53 82.73 -1.78
CA GLU S 11 45.60 83.85 -1.68
C GLU S 11 45.78 84.62 -0.38
N LEU S 12 45.87 83.92 0.75
CA LEU S 12 46.11 84.56 2.03
C LEU S 12 47.43 85.32 2.05
N LEU S 13 48.50 84.73 1.53
CA LEU S 13 49.77 85.41 1.42
C LEU S 13 49.64 86.66 0.55
N VAL S 14 48.95 86.59 -0.58
CA VAL S 14 48.74 87.73 -1.47
C VAL S 14 47.96 88.82 -0.75
N GLU S 15 46.89 88.46 -0.05
CA GLU S 15 46.13 89.46 0.69
C GLU S 15 46.98 90.07 1.80
N GLN S 16 47.72 89.27 2.57
CA GLN S 16 48.58 89.81 3.61
C GLN S 16 49.64 90.72 3.01
N ALA S 17 50.21 90.35 1.87
CA ALA S 17 51.10 91.22 1.14
C ALA S 17 50.37 92.50 0.73
N ARG S 18 49.15 92.43 0.20
CA ARG S 18 48.39 93.63 -0.19
C ARG S 18 48.18 94.56 0.99
N VAL S 19 47.76 94.02 2.14
CA VAL S 19 47.60 94.82 3.35
C VAL S 19 48.94 95.41 3.76
N SER S 20 50.00 94.62 3.69
CA SER S 20 51.35 95.10 3.98
C SER S 20 51.78 96.20 3.02
N ALA S 21 51.38 96.13 1.75
CA ALA S 21 51.72 97.13 0.74
C ALA S 21 50.91 98.41 0.93
N GLU S 22 49.62 98.31 1.22
CA GLU S 22 48.81 99.47 1.59
C GLU S 22 49.35 100.13 2.87
N PHE S 23 49.73 99.34 3.88
CA PHE S 23 50.43 99.80 5.08
C PHE S 23 51.72 100.53 4.71
N ALA S 24 52.53 99.93 3.84
CA ALA S 24 53.77 100.54 3.37
C ALA S 24 53.53 101.83 2.55
N ARG S 25 52.41 101.97 1.83
CA ARG S 25 52.03 103.22 1.14
C ARG S 25 51.60 104.32 2.11
N ARG S 26 51.00 103.98 3.25
CA ARG S 26 50.76 104.96 4.33
C ARG S 26 52.04 105.35 5.07
N GLN S 27 52.91 104.37 5.37
CA GLN S 27 54.18 104.59 6.09
C GLN S 27 55.33 105.19 5.25
N GLY S 28 55.34 104.98 3.94
CA GLY S 28 56.42 105.42 3.03
C GLY S 28 57.70 104.59 3.08
N ASP S 29 57.66 103.37 3.61
CA ASP S 29 58.86 102.54 3.84
C ASP S 29 59.34 101.80 2.59
N GLU S 30 60.42 102.31 1.98
CA GLU S 30 61.09 101.71 0.82
C GLU S 30 61.53 100.25 1.06
N LYS S 31 62.09 99.94 2.23
CA LYS S 31 62.57 98.59 2.53
C LYS S 31 61.39 97.63 2.66
N MET S 32 60.30 98.06 3.28
CA MET S 32 59.09 97.25 3.32
C MET S 32 58.51 97.03 1.92
N LEU S 33 58.46 98.06 1.09
CA LEU S 33 58.04 97.92 -0.31
C LEU S 33 58.93 96.92 -1.06
N GLU S 34 60.24 96.98 -0.87
CA GLU S 34 61.18 96.00 -1.44
C GLU S 34 60.85 94.58 -0.96
N GLU S 35 60.67 94.39 0.35
CA GLU S 35 60.36 93.09 0.93
C GLU S 35 59.04 92.51 0.41
N VAL S 36 57.95 93.28 0.43
CA VAL S 36 56.67 92.77 -0.09
C VAL S 36 56.78 92.50 -1.59
N ALA S 37 57.52 93.31 -2.36
CA ALA S 37 57.69 93.04 -3.78
C ALA S 37 58.38 91.68 -4.01
N ARG S 38 59.51 91.44 -3.33
CA ARG S 38 60.21 90.14 -3.36
C ARG S 38 59.25 89.01 -2.99
N LYS S 39 58.50 89.19 -1.90
CA LYS S 39 57.54 88.19 -1.41
C LYS S 39 56.49 87.87 -2.47
N ALA S 40 55.92 88.89 -3.08
CA ALA S 40 54.91 88.74 -4.11
C ALA S 40 55.46 88.02 -5.34
N GLU S 41 56.68 88.33 -5.78
CA GLU S 41 57.31 87.57 -6.86
C GLU S 41 57.54 86.10 -6.48
N GLU S 42 58.05 85.83 -5.29
CA GLU S 42 58.27 84.45 -4.83
C GLU S 42 56.95 83.67 -4.77
N VAL S 43 55.90 84.31 -4.28
CA VAL S 43 54.54 83.76 -4.34
C VAL S 43 54.10 83.54 -5.78
N ALA S 44 54.36 84.48 -6.68
CA ALA S 44 54.02 84.30 -8.09
C ALA S 44 54.73 83.07 -8.67
N ARG S 45 55.99 82.84 -8.30
CA ARG S 45 56.72 81.63 -8.69
C ARG S 45 56.08 80.37 -8.11
N LYS S 46 55.59 80.38 -6.86
CA LYS S 46 54.83 79.25 -6.30
C LYS S 46 53.59 78.96 -7.15
N ALA S 47 52.80 79.99 -7.44
CA ALA S 47 51.58 79.85 -8.23
C ALA S 47 51.89 79.34 -9.64
N GLU S 48 52.87 79.94 -10.31
CA GLU S 48 53.35 79.54 -11.63
C GLU S 48 53.72 78.05 -11.66
N SER S 49 54.42 77.59 -10.63
CA SER S 49 54.87 76.20 -10.53
C SER S 49 53.67 75.24 -10.45
N ILE S 50 52.65 75.59 -9.66
CA ILE S 50 51.40 74.81 -9.63
C ILE S 50 50.69 74.89 -10.97
N ALA S 51 50.64 76.07 -11.59
CA ALA S 51 49.89 76.32 -12.81
C ALA S 51 50.39 75.49 -14.00
N ARG S 52 51.70 75.44 -14.26
CA ARG S 52 52.22 74.63 -15.38
C ARG S 52 51.95 73.14 -15.17
N LYS S 53 52.03 72.66 -13.92
CA LYS S 53 51.65 71.30 -13.55
C LYS S 53 50.17 71.02 -13.84
N ALA S 54 49.29 71.96 -13.50
CA ALA S 54 47.86 71.84 -13.81
C ALA S 54 47.57 71.68 -15.32
N ARG S 55 48.36 72.30 -16.22
CA ARG S 55 48.20 72.11 -17.68
C ARG S 55 48.36 70.65 -18.06
N LYS S 56 49.34 69.96 -17.49
CA LYS S 56 49.58 68.52 -17.71
C LYS S 56 48.49 67.66 -17.06
N GLU S 57 48.04 68.02 -15.87
CA GLU S 57 46.99 67.25 -15.16
C GLU S 57 45.60 67.33 -15.82
N GLY S 58 45.27 68.44 -16.47
CA GLY S 58 44.02 68.60 -17.22
C GLY S 58 42.77 68.92 -16.40
N ASN S 59 42.90 69.21 -15.09
CA ASN S 59 41.80 69.79 -14.30
C ASN S 59 41.69 71.30 -14.60
N LEU S 60 40.74 71.67 -15.48
CA LEU S 60 40.60 73.05 -15.93
C LEU S 60 40.24 74.00 -14.78
N GLU S 61 39.39 73.58 -13.84
CA GLU S 61 38.98 74.45 -12.72
C GLU S 61 40.19 74.89 -11.89
N LEU S 62 41.07 73.94 -11.55
CA LEU S 62 42.30 74.27 -10.82
C LEU S 62 43.22 75.16 -11.64
N ALA S 63 43.41 74.88 -12.93
CA ALA S 63 44.26 75.72 -13.78
C ALA S 63 43.71 77.16 -13.84
N LEU S 64 42.40 77.29 -14.01
CA LEU S 64 41.73 78.58 -14.00
C LEU S 64 41.90 79.27 -12.65
N LYS S 65 41.70 78.56 -11.54
CA LYS S 65 41.93 79.14 -10.21
C LYS S 65 43.39 79.56 -10.02
N ALA S 66 44.34 78.80 -10.51
CA ALA S 66 45.74 79.20 -10.48
C ALA S 66 45.96 80.48 -11.31
N LEU S 67 45.35 80.59 -12.49
CA LEU S 67 45.40 81.82 -13.26
C LEU S 67 44.77 82.98 -12.49
N GLU S 68 43.64 82.77 -11.83
CA GLU S 68 43.02 83.81 -11.01
C GLU S 68 43.96 84.26 -9.88
N ILE S 69 44.62 83.30 -9.23
CA ILE S 69 45.64 83.63 -8.24
C ILE S 69 46.76 84.41 -8.90
N LEU S 70 47.22 84.01 -10.08
CA LEU S 70 48.26 84.75 -10.78
C LEU S 70 47.81 86.16 -11.09
N VAL S 71 46.54 86.37 -11.44
CA VAL S 71 45.98 87.71 -11.58
C VAL S 71 46.01 88.44 -10.25
N ARG S 72 45.57 87.82 -9.16
CA ARG S 72 45.58 88.46 -7.84
C ARG S 72 46.99 88.87 -7.45
N ALA S 73 47.97 88.02 -7.70
CA ALA S 73 49.38 88.35 -7.49
C ALA S 73 49.80 89.50 -8.41
N ALA S 74 49.40 89.45 -9.68
CA ALA S 74 49.70 90.51 -10.61
C ALA S 74 49.09 91.84 -10.14
N HIS S 75 47.92 91.86 -9.49
CA HIS S 75 47.34 93.08 -8.94
C HIS S 75 48.28 93.72 -7.93
N VAL S 76 48.66 93.03 -6.86
CA VAL S 76 49.56 93.62 -5.86
C VAL S 76 50.92 93.97 -6.49
N LEU S 77 51.46 93.12 -7.37
CA LEU S 77 52.70 93.44 -8.09
C LEU S 77 52.54 94.72 -8.89
N ALA S 78 51.42 94.90 -9.58
CA ALA S 78 51.15 96.06 -10.40
C ALA S 78 50.97 97.33 -9.56
N GLU S 79 50.37 97.27 -8.38
CA GLU S 79 50.29 98.44 -7.50
C GLU S 79 51.70 98.93 -7.14
N ILE S 80 52.62 98.01 -6.84
CA ILE S 80 54.01 98.36 -6.55
C ILE S 80 54.71 98.84 -7.82
N ALA S 81 54.53 98.16 -8.94
CA ALA S 81 55.13 98.53 -10.22
C ALA S 81 54.67 99.92 -10.72
N ARG S 82 53.46 100.35 -10.37
CA ARG S 82 52.91 101.68 -10.64
C ARG S 82 53.44 102.73 -9.66
N GLU S 83 53.29 102.50 -8.35
CA GLU S 83 53.59 103.52 -7.33
C GLU S 83 55.10 103.67 -7.05
N ARG S 84 55.88 102.59 -7.15
CA ARG S 84 57.35 102.60 -7.00
C ARG S 84 58.10 102.73 -8.32
N GLY S 85 57.45 102.40 -9.43
CA GLY S 85 57.93 102.70 -10.78
C GLY S 85 59.05 101.78 -11.32
N ASN S 86 59.33 100.65 -10.68
CA ASN S 86 60.39 99.74 -11.13
C ASN S 86 60.01 99.00 -12.43
N GLU S 87 60.73 99.26 -13.52
CA GLU S 87 60.55 98.58 -14.81
C GLU S 87 60.66 97.06 -14.72
N GLU S 88 61.47 96.53 -13.81
CA GLU S 88 61.66 95.08 -13.66
C GLU S 88 60.33 94.39 -13.34
N LEU S 89 59.55 94.98 -12.43
CA LEU S 89 58.22 94.49 -12.10
C LEU S 89 57.28 94.68 -13.29
N GLN S 90 57.30 95.85 -13.94
CA GLN S 90 56.42 96.17 -15.07
C GLN S 90 56.60 95.16 -16.21
N LYS S 91 57.85 94.87 -16.57
CA LYS S 91 58.21 93.94 -17.64
C LYS S 91 57.84 92.50 -17.26
N LYS S 92 58.20 92.04 -16.06
CA LYS S 92 57.86 90.68 -15.63
C LYS S 92 56.35 90.47 -15.54
N ALA S 93 55.61 91.41 -14.95
CA ALA S 93 54.16 91.37 -14.93
C ALA S 93 53.57 91.34 -16.36
N HIS S 94 54.04 92.21 -17.25
CA HIS S 94 53.59 92.26 -18.64
C HIS S 94 53.76 90.91 -19.34
N LYS S 95 54.96 90.32 -19.28
CA LYS S 95 55.24 89.02 -19.89
C LYS S 95 54.37 87.92 -19.29
N LEU S 96 54.26 87.87 -17.96
CA LEU S 96 53.42 86.89 -17.29
C LEU S 96 51.97 87.02 -17.73
N ALA S 97 51.46 88.25 -17.81
CA ALA S 97 50.10 88.50 -18.27
C ALA S 97 49.90 88.10 -19.73
N LYS S 98 50.85 88.40 -20.62
CA LYS S 98 50.74 88.02 -22.03
C LYS S 98 50.67 86.50 -22.18
N GLU S 99 51.53 85.75 -21.49
CA GLU S 99 51.43 84.29 -21.51
C GLU S 99 50.13 83.80 -20.86
N ALA S 100 49.70 84.41 -19.75
CA ALA S 100 48.42 84.06 -19.15
C ALA S 100 47.26 84.26 -20.14
N LEU S 101 47.27 85.34 -20.93
CA LEU S 101 46.25 85.57 -21.94
C LEU S 101 46.23 84.43 -22.95
N ARG S 102 47.39 84.05 -23.50
CA ARG S 102 47.44 82.90 -24.41
C ARG S 102 46.98 81.62 -23.71
N GLN S 103 47.48 81.33 -22.52
CA GLN S 103 47.11 80.12 -21.79
C GLN S 103 45.62 80.06 -21.51
N VAL S 104 45.00 81.15 -21.06
CA VAL S 104 43.56 81.15 -20.81
C VAL S 104 42.81 81.02 -22.12
N ILE S 105 43.29 81.61 -23.21
CA ILE S 105 42.66 81.41 -24.51
C ILE S 105 42.74 79.93 -24.90
N GLU S 106 43.90 79.29 -24.75
CA GLU S 106 44.04 77.86 -25.05
C GLU S 106 43.10 77.01 -24.20
N ILE S 107 43.01 77.30 -22.90
CA ILE S 107 42.05 76.64 -22.03
C ILE S 107 40.63 76.92 -22.52
N ALA S 108 40.30 78.13 -22.94
CA ALA S 108 38.96 78.47 -23.41
C ALA S 108 38.63 77.70 -24.70
N ILE S 109 39.58 77.60 -25.62
CA ILE S 109 39.44 76.76 -26.80
C ILE S 109 39.17 75.32 -26.37
N ARG S 110 39.96 74.78 -25.43
CA ARG S 110 39.72 73.42 -24.94
C ARG S 110 38.34 73.26 -24.30
N ALA S 111 37.93 74.20 -23.45
CA ALA S 111 36.66 74.16 -22.74
C ALA S 111 35.47 74.21 -23.72
N ILE S 112 35.54 75.06 -24.74
CA ILE S 112 34.53 75.11 -25.81
C ILE S 112 34.54 73.79 -26.59
N GLN S 113 35.73 73.27 -26.92
CA GLN S 113 35.86 72.02 -27.67
C GLN S 113 35.29 70.81 -26.90
N GLU S 114 35.51 70.74 -25.58
CA GLU S 114 34.92 69.72 -24.69
C GLU S 114 33.44 70.00 -24.34
N GLY S 115 32.94 71.20 -24.60
CA GLY S 115 31.57 71.62 -24.30
C GLY S 115 31.31 72.00 -22.83
N ASN S 116 32.34 72.18 -22.01
CA ASN S 116 32.20 72.68 -20.63
C ASN S 116 32.10 74.21 -20.61
N LEU S 117 30.98 74.71 -21.13
CA LEU S 117 30.77 76.14 -21.31
C LEU S 117 30.75 76.89 -19.97
N GLU S 118 30.41 76.20 -18.88
CA GLU S 118 30.45 76.72 -17.52
C GLU S 118 31.87 77.17 -17.15
N LEU S 119 32.85 76.28 -17.28
CA LEU S 119 34.24 76.65 -17.06
C LEU S 119 34.69 77.67 -18.10
N ALA S 120 34.23 77.57 -19.35
CA ALA S 120 34.60 78.58 -20.36
C ALA S 120 34.14 79.99 -19.94
N ILE S 121 32.94 80.12 -19.40
CA ILE S 121 32.44 81.39 -18.88
C ILE S 121 33.33 81.88 -17.73
N ILE S 122 33.65 81.00 -16.79
CA ILE S 122 34.55 81.35 -15.68
C ILE S 122 35.92 81.78 -16.24
N ALA S 123 36.44 81.06 -17.22
CA ALA S 123 37.69 81.41 -17.88
C ALA S 123 37.58 82.78 -18.54
N LEU S 124 36.47 83.07 -19.19
CA LEU S 124 36.29 84.34 -19.87
C LEU S 124 36.21 85.49 -18.85
N HIS S 125 35.61 85.24 -17.68
CA HIS S 125 35.70 86.14 -16.54
C HIS S 125 37.16 86.38 -16.15
N ILE S 126 37.94 85.32 -15.96
CA ILE S 126 39.37 85.44 -15.68
C ILE S 126 40.08 86.20 -16.81
N SER S 127 39.71 86.00 -18.07
CA SER S 127 40.28 86.74 -19.19
C SER S 127 39.98 88.23 -19.06
N VAL S 128 38.76 88.60 -18.69
CA VAL S 128 38.45 89.99 -18.35
C VAL S 128 39.33 90.45 -17.18
N ARG S 129 39.55 89.64 -16.15
CA ARG S 129 40.46 90.04 -15.08
C ARG S 129 41.89 90.23 -15.57
N ILE S 130 42.38 89.39 -16.48
CA ILE S 130 43.67 89.59 -17.11
C ILE S 130 43.65 90.91 -17.88
N ALA S 131 42.55 91.23 -18.55
CA ALA S 131 42.41 92.52 -19.19
C ALA S 131 42.53 93.66 -18.19
N GLU S 132 42.02 93.54 -16.96
CA GLU S 132 42.22 94.57 -15.94
C GLU S 132 43.71 94.82 -15.69
N VAL S 133 44.48 93.74 -15.54
CA VAL S 133 45.93 93.84 -15.33
C VAL S 133 46.57 94.50 -16.55
N LEU S 134 46.27 94.01 -17.75
CA LEU S 134 46.84 94.56 -18.97
C LEU S 134 46.50 96.05 -19.09
N LEU S 135 45.25 96.42 -18.85
CA LEU S 135 44.77 97.79 -18.91
C LEU S 135 45.55 98.69 -17.97
N GLU S 136 45.72 98.30 -16.72
CA GLU S 136 46.53 99.10 -15.80
C GLU S 136 48.00 99.15 -16.23
N THR S 137 48.50 98.07 -16.83
CA THR S 137 49.93 97.96 -17.19
C THR S 137 50.31 98.91 -18.32
N ARG S 138 49.55 98.93 -19.42
CA ARG S 138 49.94 99.64 -20.65
C ARG S 138 49.63 101.15 -20.58
N PRO S 139 50.63 102.03 -20.78
CA PRO S 139 50.39 103.45 -21.07
C PRO S 139 50.04 103.73 -22.55
N ASP S 140 50.11 102.72 -23.43
CA ASP S 140 50.35 102.90 -24.86
C ASP S 140 49.55 101.97 -25.80
N ASP S 141 49.77 100.66 -25.73
CA ASP S 141 49.33 99.69 -26.72
C ASP S 141 47.88 99.22 -26.48
N ARG S 142 46.95 100.15 -26.68
CA ARG S 142 45.52 99.87 -26.70
C ARG S 142 45.14 98.87 -27.80
N GLU S 143 45.96 98.71 -28.84
CA GLU S 143 45.66 97.80 -29.93
C GLU S 143 45.76 96.33 -29.47
N GLU S 144 46.74 95.96 -28.65
CA GLU S 144 46.76 94.63 -28.03
C GLU S 144 45.55 94.40 -27.13
N ILE S 145 45.13 95.43 -26.37
CA ILE S 145 43.90 95.37 -25.60
C ILE S 145 42.72 95.13 -26.53
N ARG S 146 42.65 95.83 -27.66
CA ARG S 146 41.59 95.64 -28.65
C ARG S 146 41.65 94.24 -29.27
N GLU S 147 42.82 93.65 -29.48
CA GLU S 147 42.90 92.24 -29.88
C GLU S 147 42.29 91.32 -28.81
N GLN S 148 42.63 91.52 -27.54
CA GLN S 148 41.96 90.79 -26.48
C GLN S 148 40.44 91.02 -26.54
N GLN S 149 39.96 92.25 -26.71
CA GLN S 149 38.53 92.55 -26.82
C GLN S 149 37.90 91.83 -28.01
N ALA S 150 38.55 91.83 -29.17
CA ALA S 150 38.05 91.17 -30.36
C ALA S 150 37.95 89.66 -30.12
N ILE S 151 38.98 89.06 -29.53
CA ILE S 151 38.98 87.65 -29.17
C ILE S 151 37.85 87.38 -28.17
N PHE S 152 37.67 88.24 -27.18
CA PHE S 152 36.56 88.17 -26.25
C PHE S 152 35.22 88.21 -27.00
N GLU S 153 35.02 89.14 -27.91
CA GLU S 153 33.77 89.21 -28.66
C GLU S 153 33.56 87.98 -29.54
N LEU S 154 34.62 87.42 -30.10
CA LEU S 154 34.52 86.17 -30.82
C LEU S 154 34.06 85.04 -29.88
N LEU S 155 34.74 84.89 -28.73
CA LEU S 155 34.36 83.90 -27.74
C LEU S 155 32.92 84.11 -27.27
N ILE S 156 32.50 85.35 -27.00
CA ILE S 156 31.13 85.67 -26.62
C ILE S 156 30.16 85.31 -27.73
N ALA S 157 30.44 85.66 -28.97
CA ALA S 157 29.55 85.32 -30.06
C ALA S 157 29.43 83.80 -30.17
N ALA S 158 30.54 83.09 -30.05
CA ALA S 158 30.55 81.63 -30.06
C ALA S 158 29.74 81.08 -28.90
N LEU S 159 29.93 81.59 -27.69
CA LEU S 159 29.14 81.20 -26.54
C LEU S 159 27.67 81.52 -26.74
N GLU S 160 27.29 82.68 -27.29
CA GLU S 160 25.90 83.01 -27.57
C GLU S 160 25.27 81.98 -28.51
N ALA S 161 25.95 81.64 -29.59
CA ALA S 161 25.46 80.60 -30.50
C ALA S 161 25.36 79.26 -29.75
N ALA S 162 26.43 78.87 -29.05
CA ALA S 162 26.52 77.59 -28.37
C ALA S 162 25.42 77.44 -27.33
N ILE S 163 25.21 78.46 -26.50
CA ILE S 163 24.21 78.45 -25.44
C ILE S 163 22.80 78.59 -26.04
N ARG S 164 22.62 79.33 -27.14
CA ARG S 164 21.33 79.31 -27.85
C ARG S 164 21.00 77.89 -28.31
N LEU S 165 21.96 77.18 -28.90
CA LEU S 165 21.75 75.80 -29.32
C LEU S 165 21.55 74.85 -28.14
N GLU S 166 22.33 74.98 -27.07
CA GLU S 166 22.13 74.21 -25.84
C GLU S 166 20.73 74.48 -25.26
N LYS S 167 20.24 75.72 -25.34
CA LYS S 167 18.88 76.07 -24.95
C LYS S 167 17.85 75.41 -25.85
N LEU S 168 18.07 75.35 -27.17
CA LEU S 168 17.23 74.54 -28.04
C LEU S 168 17.25 73.06 -27.63
N LYS S 169 18.40 72.51 -27.21
CA LYS S 169 18.50 71.13 -26.70
C LYS S 169 17.70 70.97 -25.40
N GLU S 170 17.83 71.90 -24.47
CA GLU S 170 17.11 71.94 -23.20
C GLU S 170 15.59 72.06 -23.40
N GLU S 171 15.15 72.86 -24.37
CA GLU S 171 13.73 73.03 -24.75
C GLU S 171 13.18 71.89 -25.63
N GLY S 172 14.03 71.06 -26.24
CA GLY S 172 13.61 69.99 -27.16
C GLY S 172 13.10 70.50 -28.52
N ALA S 173 13.70 71.57 -29.05
CA ALA S 173 13.30 72.22 -30.30
C ALA S 173 13.38 71.30 -31.54
N PRO S 174 12.59 71.55 -32.60
CA PRO S 174 12.58 70.73 -33.82
C PRO S 174 13.84 70.94 -34.67
N PRO S 175 14.32 69.91 -35.39
CA PRO S 175 15.53 70.00 -36.21
C PRO S 175 15.57 71.18 -37.19
N GLU S 176 14.44 71.62 -37.73
CA GLU S 176 14.39 72.79 -38.62
C GLU S 176 14.75 74.09 -37.91
N GLN S 177 14.34 74.26 -36.65
CA GLN S 177 14.76 75.42 -35.87
C GLN S 177 16.26 75.34 -35.60
N ILE S 178 16.76 74.15 -35.25
CA ILE S 178 18.20 73.90 -35.07
C ILE S 178 18.97 74.24 -36.36
N GLU S 179 18.46 73.88 -37.54
CA GLU S 179 19.06 74.26 -38.81
C GLU S 179 19.15 75.78 -38.95
N ARG S 180 18.04 76.51 -38.79
CA ARG S 180 18.04 77.97 -38.92
C ARG S 180 18.96 78.64 -37.91
N VAL S 181 19.00 78.15 -36.68
CA VAL S 181 19.93 78.67 -35.66
C VAL S 181 21.38 78.41 -36.04
N ALA S 182 21.73 77.18 -36.43
CA ALA S 182 23.09 76.84 -36.81
C ALA S 182 23.55 77.70 -37.99
N GLU S 183 22.69 77.80 -39.01
CA GLU S 183 22.91 78.63 -40.20
C GLU S 183 23.22 80.07 -39.80
N HIS S 184 22.31 80.70 -39.07
CA HIS S 184 22.44 82.09 -38.65
C HIS S 184 23.68 82.31 -37.80
N GLY S 185 23.95 81.39 -36.86
CA GLY S 185 25.13 81.48 -35.99
C GLY S 185 26.43 81.42 -36.77
N LEU S 186 26.57 80.45 -37.67
CA LEU S 186 27.76 80.34 -38.51
C LEU S 186 27.91 81.58 -39.40
N GLU S 187 26.83 82.10 -39.98
CA GLU S 187 26.88 83.34 -40.75
C GLU S 187 27.35 84.52 -39.90
N ARG S 188 26.81 84.71 -38.69
CA ARG S 188 27.23 85.80 -37.82
C ARG S 188 28.70 85.67 -37.49
N LEU S 189 29.16 84.46 -37.16
CA LEU S 189 30.57 84.20 -36.89
C LEU S 189 31.43 84.53 -38.10
N LYS S 190 31.01 84.16 -39.32
CA LYS S 190 31.72 84.51 -40.55
C LYS S 190 31.88 86.03 -40.65
N GLU S 191 30.81 86.78 -40.53
CA GLU S 191 30.87 88.23 -40.69
C GLU S 191 31.68 88.89 -39.56
N ILE S 192 31.57 88.41 -38.32
CA ILE S 192 32.47 88.85 -37.25
C ILE S 192 33.93 88.54 -37.61
N ALA S 193 34.23 87.37 -38.16
CA ALA S 193 35.60 87.05 -38.56
C ALA S 193 36.12 88.05 -39.59
N LYS S 194 35.25 88.51 -40.51
CA LYS S 194 35.61 89.59 -41.44
C LYS S 194 35.91 90.88 -40.71
N GLU S 195 35.08 91.28 -39.73
CA GLU S 195 35.39 92.46 -38.93
C GLU S 195 36.73 92.32 -38.21
N ILE S 196 37.00 91.17 -37.59
CA ILE S 196 38.26 90.90 -36.88
C ILE S 196 39.44 90.96 -37.85
N SER S 197 39.28 90.41 -39.05
CA SER S 197 40.29 90.44 -40.11
C SER S 197 40.76 91.87 -40.45
N LYS S 198 39.91 92.89 -40.26
CA LYS S 198 40.30 94.29 -40.48
C LYS S 198 41.40 94.77 -39.53
N GLU S 199 41.49 94.18 -38.35
CA GLU S 199 42.33 94.70 -37.27
C GLU S 199 43.54 93.81 -36.94
N VAL S 200 43.39 92.50 -36.96
CA VAL S 200 44.43 91.55 -36.48
C VAL S 200 45.61 91.42 -37.45
N ASP S 201 46.79 91.07 -36.92
CA ASP S 201 47.98 90.73 -37.74
C ASP S 201 48.80 89.57 -37.18
N SER S 202 48.91 89.41 -35.86
CA SER S 202 49.77 88.40 -35.24
C SER S 202 49.40 86.97 -35.67
N PRO S 203 50.37 86.13 -36.06
CA PRO S 203 50.12 84.74 -36.45
C PRO S 203 49.40 83.94 -35.37
N GLU S 204 49.78 84.12 -34.10
CA GLU S 204 49.10 83.47 -32.98
C GLU S 204 47.65 83.95 -32.90
N SER S 205 47.42 85.26 -33.05
CA SER S 205 46.08 85.84 -33.04
C SER S 205 45.21 85.26 -34.15
N LYS S 206 45.75 85.21 -35.37
CA LYS S 206 45.08 84.55 -36.50
C LYS S 206 44.76 83.10 -36.16
N ARG S 207 45.74 82.33 -35.66
CA ARG S 207 45.53 80.91 -35.35
C ARG S 207 44.48 80.72 -34.27
N ILE S 208 44.53 81.54 -33.22
CA ILE S 208 43.51 81.59 -32.18
C ILE S 208 42.14 81.83 -32.83
N ALA S 209 41.98 82.89 -33.62
CA ALA S 209 40.71 83.20 -34.23
C ALA S 209 40.18 82.04 -35.08
N TYR S 210 41.02 81.48 -35.94
CA TYR S 210 40.62 80.37 -36.78
C TYR S 210 40.18 79.18 -35.94
N LYS S 211 41.00 78.77 -34.96
CA LYS S 211 40.68 77.62 -34.12
C LYS S 211 39.41 77.88 -33.33
N ILE S 212 39.16 79.10 -32.87
CA ILE S 212 37.88 79.42 -32.21
C ILE S 212 36.74 79.24 -33.20
N VAL S 213 36.81 79.81 -34.40
CA VAL S 213 35.73 79.63 -35.39
C VAL S 213 35.50 78.14 -35.65
N ALA S 214 36.58 77.38 -35.80
CA ALA S 214 36.52 75.95 -36.01
C ALA S 214 35.86 75.24 -34.81
N ALA S 215 36.30 75.50 -33.59
CA ALA S 215 35.73 74.89 -32.40
C ALA S 215 34.25 75.24 -32.24
N ALA S 216 33.85 76.47 -32.58
CA ALA S 216 32.45 76.87 -32.57
C ALA S 216 31.63 76.05 -33.58
N ALA S 217 32.11 75.92 -34.81
CA ALA S 217 31.46 75.06 -35.78
C ALA S 217 31.43 73.59 -35.29
N GLU S 218 32.51 73.09 -34.74
CA GLU S 218 32.62 71.73 -34.22
C GLU S 218 31.56 71.46 -33.15
N PHE S 219 31.43 72.38 -32.19
CA PHE S 219 30.41 72.29 -31.15
C PHE S 219 29.01 72.28 -31.76
N LEU S 220 28.74 73.19 -32.70
CA LEU S 220 27.45 73.23 -33.39
C LEU S 220 27.16 71.88 -34.05
N LEU S 221 28.13 71.32 -34.77
CA LEU S 221 27.98 70.04 -35.44
C LEU S 221 27.69 68.93 -34.41
N LYS S 222 28.52 68.80 -33.37
CA LYS S 222 28.35 67.75 -32.37
C LYS S 222 26.99 67.84 -31.67
N ILE S 223 26.58 69.03 -31.24
CA ILE S 223 25.29 69.19 -30.57
C ILE S 223 24.13 68.94 -31.55
N LEU S 224 24.23 69.39 -32.80
CA LEU S 224 23.23 69.08 -33.81
C LEU S 224 23.11 67.56 -34.01
N ALA S 225 24.24 66.84 -34.02
CA ALA S 225 24.26 65.40 -34.13
C ALA S 225 23.66 64.71 -32.90
N GLU S 226 23.98 65.16 -31.69
CA GLU S 226 23.28 64.72 -30.47
C GLU S 226 21.78 65.03 -30.52
N GLY S 227 21.38 66.07 -31.25
CA GLY S 227 19.99 66.43 -31.54
C GLY S 227 19.26 65.45 -32.47
N GLY S 228 19.93 64.40 -32.97
CA GLY S 228 19.31 63.35 -33.79
C GLY S 228 18.91 63.82 -35.19
N ALA S 229 19.55 64.86 -35.72
CA ALA S 229 19.25 65.42 -37.03
C ALA S 229 19.44 64.40 -38.18
N THR S 230 18.73 64.61 -39.29
CA THR S 230 18.76 63.69 -40.44
C THR S 230 20.11 63.71 -41.18
N PRO S 231 20.45 62.69 -41.97
CA PRO S 231 21.60 62.73 -42.87
C PRO S 231 21.62 63.97 -43.78
N GLU S 232 20.46 64.41 -44.29
CA GLU S 232 20.38 65.61 -45.13
C GLU S 232 20.76 66.86 -44.35
N GLN S 233 20.28 66.99 -43.11
CA GLN S 233 20.69 68.09 -42.24
C GLN S 233 22.19 68.03 -41.94
N LEU S 234 22.74 66.85 -41.60
CA LEU S 234 24.17 66.67 -41.35
C LEU S 234 24.98 67.10 -42.56
N GLU S 235 24.55 66.74 -43.77
CA GLU S 235 25.20 67.21 -44.99
C GLU S 235 25.09 68.74 -45.11
N ARG S 236 23.89 69.32 -45.04
CA ARG S 236 23.71 70.76 -45.25
C ARG S 236 24.55 71.58 -44.27
N VAL S 237 24.55 71.21 -42.99
CA VAL S 237 25.40 71.91 -42.01
C VAL S 237 26.87 71.67 -42.30
N THR S 238 27.26 70.45 -42.69
CA THR S 238 28.67 70.18 -43.04
C THR S 238 29.10 71.07 -44.20
N GLU S 239 28.28 71.16 -45.24
CA GLU S 239 28.55 72.01 -46.39
C GLU S 239 28.70 73.47 -45.97
N HIS S 240 27.73 74.00 -45.23
CA HIS S 240 27.79 75.37 -44.76
C HIS S 240 29.02 75.60 -43.87
N ALA S 241 29.37 74.64 -43.01
CA ALA S 241 30.51 74.76 -42.12
C ALA S 241 31.83 74.73 -42.90
N LEU S 242 32.01 73.76 -43.79
CA LEU S 242 33.16 73.75 -44.69
C LEU S 242 33.23 75.06 -45.48
N GLU S 243 32.11 75.52 -46.01
CA GLU S 243 32.01 76.79 -46.75
C GLU S 243 32.51 77.97 -45.90
N VAL S 244 32.05 78.08 -44.66
CA VAL S 244 32.55 79.11 -43.74
C VAL S 244 34.04 78.93 -43.53
N LEU S 245 34.50 77.74 -43.15
CA LEU S 245 35.92 77.53 -42.83
C LEU S 245 36.79 77.85 -44.04
N LYS S 246 36.32 77.53 -45.24
CA LYS S 246 36.96 77.91 -46.50
C LYS S 246 36.98 79.41 -46.66
N GLU S 247 35.86 80.10 -46.52
CA GLU S 247 35.81 81.55 -46.71
C GLU S 247 36.71 82.27 -45.67
N VAL S 248 36.71 81.80 -44.43
CA VAL S 248 37.57 82.34 -43.36
C VAL S 248 39.03 82.00 -43.62
N ALA S 249 39.34 80.84 -44.19
CA ALA S 249 40.68 80.54 -44.62
C ALA S 249 41.13 81.51 -45.73
N LYS S 250 40.26 81.85 -46.68
CA LYS S 250 40.60 82.82 -47.73
C LYS S 250 40.88 84.23 -47.19
N GLU S 251 40.42 84.57 -45.99
CA GLU S 251 40.95 85.71 -45.24
C GLU S 251 42.31 85.41 -44.59
N LEU S 252 42.40 84.38 -43.75
CA LEU S 252 43.53 84.20 -42.82
C LEU S 252 44.75 83.44 -43.39
N ALA S 253 44.65 82.78 -44.54
CA ALA S 253 45.69 81.89 -45.09
C ALA S 253 46.88 82.60 -45.77
N ASP S 254 47.34 83.74 -45.25
CA ASP S 254 48.47 84.51 -45.82
C ASP S 254 49.87 84.04 -45.36
N SER S 255 49.98 82.85 -44.73
CA SER S 255 51.24 82.23 -44.34
C SER S 255 51.15 80.70 -44.36
N PRO S 256 52.26 79.98 -44.62
CA PRO S 256 52.28 78.52 -44.50
C PRO S 256 51.81 78.03 -43.12
N GLU S 257 52.10 78.78 -42.06
CA GLU S 257 51.67 78.41 -40.71
C GLU S 257 50.15 78.40 -40.58
N SER S 258 49.47 79.46 -41.03
CA SER S 258 48.00 79.47 -41.04
C SER S 258 47.45 78.47 -42.06
N GLY S 259 48.22 78.14 -43.10
CA GLY S 259 47.96 76.98 -43.94
C GLY S 259 47.85 75.69 -43.13
N LEU S 260 48.88 75.34 -42.37
CA LEU S 260 48.89 74.16 -41.50
C LEU S 260 47.69 74.17 -40.56
N ALA S 261 47.40 75.31 -39.94
CA ALA S 261 46.25 75.41 -39.05
C ALA S 261 44.94 75.14 -39.80
N ALA S 262 44.71 75.81 -40.93
CA ALA S 262 43.48 75.68 -41.68
C ALA S 262 43.28 74.25 -42.13
N LEU S 263 44.29 73.62 -42.71
CA LEU S 263 44.16 72.25 -43.18
C LEU S 263 43.90 71.31 -42.01
N ALA S 264 44.62 71.44 -40.90
CA ALA S 264 44.40 70.58 -39.74
C ALA S 264 42.96 70.68 -39.24
N ALA S 265 42.47 71.91 -39.10
CA ALA S 265 41.13 72.17 -38.62
C ALA S 265 40.08 71.62 -39.59
N ILE S 266 40.19 71.95 -40.87
CA ILE S 266 39.24 71.48 -41.87
C ILE S 266 39.24 69.96 -41.90
N ALA S 267 40.41 69.34 -41.90
CA ALA S 267 40.53 67.89 -41.93
C ALA S 267 39.83 67.29 -40.70
N SER S 268 40.04 67.88 -39.54
CA SER S 268 39.35 67.47 -38.32
C SER S 268 37.83 67.57 -38.49
N LEU S 269 37.34 68.68 -39.03
CA LEU S 269 35.91 68.89 -39.23
C LEU S 269 35.33 67.86 -40.20
N ALA S 270 36.04 67.59 -41.30
CA ALA S 270 35.65 66.55 -42.24
C ALA S 270 35.58 65.18 -41.54
N LYS S 271 36.61 64.82 -40.78
CA LYS S 271 36.67 63.53 -40.06
C LYS S 271 35.49 63.38 -39.11
N LEU S 272 35.20 64.43 -38.34
CA LEU S 272 34.01 64.47 -37.50
C LEU S 272 32.72 64.30 -38.32
N GLY S 273 32.55 65.05 -39.41
CA GLY S 273 31.35 64.97 -40.22
C GLY S 273 31.09 63.56 -40.72
N LEU S 274 32.11 62.94 -41.31
CA LEU S 274 32.01 61.55 -41.76
C LEU S 274 31.79 60.59 -40.59
N GLU S 275 32.41 60.83 -39.43
CA GLU S 275 32.18 60.00 -38.25
C GLU S 275 30.72 60.09 -37.75
N GLN S 276 30.09 61.27 -37.83
CA GLN S 276 28.66 61.38 -37.53
C GLN S 276 27.80 60.67 -38.57
N LEU S 277 28.16 60.73 -39.87
CA LEU S 277 27.48 59.90 -40.88
C LEU S 277 27.64 58.41 -40.57
N LYS S 278 28.84 57.97 -40.17
CA LYS S 278 29.10 56.58 -39.76
C LYS S 278 28.23 56.20 -38.58
N GLU S 279 28.16 57.05 -37.56
CA GLU S 279 27.37 56.79 -36.35
C GLU S 279 25.86 56.73 -36.63
N ILE S 280 25.29 57.64 -37.43
CA ILE S 280 23.85 57.60 -37.76
C ILE S 280 23.49 56.46 -38.73
N GLY S 281 24.50 55.84 -39.36
CA GLY S 281 24.31 54.77 -40.32
C GLY S 281 23.86 55.24 -41.71
N ALA S 282 24.28 56.44 -42.13
CA ALA S 282 23.95 56.99 -43.45
C ALA S 282 24.52 56.10 -44.59
N PRO S 283 23.79 55.87 -45.69
CA PRO S 283 24.22 54.96 -46.74
C PRO S 283 25.43 55.48 -47.52
N PRO S 284 26.19 54.59 -48.19
CA PRO S 284 27.48 54.92 -48.80
C PRO S 284 27.48 56.12 -49.73
N GLU S 285 26.39 56.38 -50.46
CA GLU S 285 26.30 57.55 -51.33
C GLU S 285 26.40 58.87 -50.56
N GLN S 286 25.81 58.96 -49.37
CA GLN S 286 25.98 60.12 -48.50
C GLN S 286 27.43 60.23 -48.02
N GLN S 287 28.04 59.10 -47.66
CA GLN S 287 29.44 59.05 -47.23
C GLN S 287 30.36 59.54 -48.34
N ARG S 288 30.12 59.11 -49.58
CA ARG S 288 30.81 59.62 -50.77
C ARG S 288 30.56 61.12 -50.94
N ARG S 289 29.32 61.60 -50.88
CA ARG S 289 28.99 63.04 -51.00
C ARG S 289 29.78 63.90 -50.01
N VAL S 290 29.79 63.51 -48.75
CA VAL S 290 30.58 64.23 -47.73
C VAL S 290 32.07 64.14 -48.04
N THR S 291 32.57 62.97 -48.41
CA THR S 291 33.98 62.80 -48.79
C THR S 291 34.35 63.71 -49.94
N LYS S 292 33.47 63.82 -50.95
CA LYS S 292 33.65 64.74 -52.08
C LYS S 292 33.71 66.18 -51.60
N ALA S 293 32.80 66.60 -50.75
CA ALA S 293 32.87 67.94 -50.16
C ALA S 293 34.21 68.15 -49.43
N GLY S 294 34.67 67.15 -48.69
CA GLY S 294 35.97 67.16 -48.03
C GLY S 294 37.11 67.35 -49.04
N ILE S 295 37.15 66.53 -50.08
CA ILE S 295 38.16 66.68 -51.14
C ILE S 295 38.05 68.07 -51.80
N GLU S 296 36.84 68.57 -52.06
CA GLU S 296 36.66 69.91 -52.63
C GLU S 296 37.20 71.00 -51.70
N ALA S 297 37.05 70.83 -50.39
CA ALA S 297 37.70 71.72 -49.44
C ALA S 297 39.23 71.59 -49.53
N VAL S 298 39.77 70.37 -49.51
CA VAL S 298 41.22 70.12 -49.64
C VAL S 298 41.76 70.82 -50.88
N ARG S 299 41.07 70.63 -52.00
CA ARG S 299 41.31 71.23 -53.31
C ARG S 299 41.34 72.74 -53.22
N GLU S 300 40.26 73.36 -52.76
CA GLU S 300 40.18 74.82 -52.69
C GLU S 300 41.25 75.39 -51.75
N ILE S 301 41.49 74.74 -50.62
CA ILE S 301 42.49 75.20 -49.66
C ILE S 301 43.88 75.13 -50.30
N TYR S 302 44.27 74.02 -50.93
CA TYR S 302 45.60 73.99 -51.55
C TYR S 302 45.70 74.92 -52.76
N ARG S 303 44.63 75.09 -53.55
CA ARG S 303 44.61 76.02 -54.69
C ARG S 303 44.72 77.47 -54.24
N TYR S 304 44.08 77.85 -53.14
CA TYR S 304 44.31 79.17 -52.55
C TYR S 304 45.72 79.28 -51.98
N GLY S 305 46.17 78.25 -51.25
CA GLY S 305 47.53 78.15 -50.73
C GLY S 305 48.61 78.21 -51.82
N ARG S 306 48.28 77.85 -53.06
CA ARG S 306 49.16 77.98 -54.24
C ARG S 306 49.57 79.44 -54.53
N LYS S 307 48.94 80.44 -53.92
CA LYS S 307 49.48 81.82 -53.84
C LYS S 307 50.93 81.85 -53.31
N LEU S 308 51.32 80.87 -52.49
CA LEU S 308 52.64 80.77 -51.85
C LEU S 308 53.57 79.72 -52.50
N TYR S 309 53.10 78.93 -53.47
CA TYR S 309 53.79 77.76 -54.04
C TYR S 309 53.70 77.70 -55.56
N ASP T 3 -42.48 61.55 33.60
CA ASP T 3 -43.80 62.20 33.37
C ASP T 3 -44.55 62.50 34.66
N ASP T 4 -45.09 61.49 35.35
CA ASP T 4 -46.09 61.65 36.41
C ASP T 4 -45.68 62.62 37.53
N LEU T 5 -44.37 62.71 37.82
CA LEU T 5 -43.87 63.58 38.87
C LEU T 5 -44.25 65.04 38.65
N LEU T 6 -44.36 65.52 37.41
CA LEU T 6 -44.85 66.87 37.13
C LEU T 6 -46.25 67.07 37.72
N LEU T 7 -47.17 66.17 37.37
CA LEU T 7 -48.51 66.15 37.94
C LEU T 7 -48.45 65.98 39.46
N LYS T 8 -47.56 65.13 39.97
CA LYS T 8 -47.39 64.95 41.40
C LYS T 8 -46.93 66.24 42.10
N LEU T 9 -46.14 67.11 41.47
CA LEU T 9 -45.85 68.42 42.03
C LEU T 9 -47.11 69.30 42.09
N LEU T 10 -47.96 69.22 41.06
CA LEU T 10 -49.25 69.88 41.17
C LEU T 10 -50.03 69.31 42.36
N GLU T 11 -50.02 67.99 42.59
CA GLU T 11 -50.67 67.43 43.78
C GLU T 11 -50.13 68.08 45.06
N LEU T 12 -48.80 68.18 45.19
CA LEU T 12 -48.22 68.83 46.36
C LEU T 12 -48.65 70.29 46.47
N LEU T 13 -48.65 71.02 45.37
CA LEU T 13 -49.12 72.39 45.37
C LEU T 13 -50.57 72.48 45.83
N VAL T 14 -51.43 71.59 45.35
CA VAL T 14 -52.83 71.54 45.80
C VAL T 14 -52.89 71.17 47.27
N GLU T 15 -52.08 70.24 47.74
CA GLU T 15 -52.07 69.88 49.15
C GLU T 15 -51.69 71.09 50.02
N GLN T 16 -50.62 71.80 49.65
CA GLN T 16 -50.19 72.99 50.36
C GLN T 16 -51.25 74.08 50.29
N ALA T 17 -51.91 74.23 49.14
CA ALA T 17 -53.05 75.13 49.05
C ALA T 17 -54.16 74.71 50.02
N ARG T 18 -54.50 73.41 50.12
CA ARG T 18 -55.57 72.94 51.00
C ARG T 18 -55.26 73.28 52.46
N VAL T 19 -54.03 73.01 52.89
CA VAL T 19 -53.56 73.37 54.23
C VAL T 19 -53.61 74.88 54.41
N SER T 20 -53.17 75.62 53.40
CA SER T 20 -53.23 77.08 53.44
C SER T 20 -54.67 77.60 53.51
N ALA T 21 -55.64 76.91 52.89
CA ALA T 21 -57.05 77.30 52.93
C ALA T 21 -57.68 77.03 54.30
N GLU T 22 -57.22 76.02 55.05
CA GLU T 22 -57.52 75.97 56.48
C GLU T 22 -56.82 77.10 57.24
N PHE T 23 -55.52 77.34 57.00
CA PHE T 23 -54.78 78.41 57.70
C PHE T 23 -55.43 79.78 57.52
N ALA T 24 -55.85 80.11 56.30
CA ALA T 24 -56.61 81.31 55.98
C ALA T 24 -57.94 81.39 56.73
N ARG T 25 -58.67 80.27 56.85
CA ARG T 25 -59.96 80.22 57.59
C ARG T 25 -59.80 80.27 59.11
N ARG T 26 -58.67 79.82 59.64
CA ARG T 26 -58.30 79.96 61.05
C ARG T 26 -57.75 81.36 61.38
N GLN T 27 -57.03 82.00 60.45
CA GLN T 27 -56.50 83.37 60.55
C GLN T 27 -57.52 84.48 60.24
N GLY T 28 -58.50 84.22 59.37
CA GLY T 28 -59.47 85.23 58.90
C GLY T 28 -58.92 86.20 57.85
N ASP T 29 -57.81 85.89 57.18
CA ASP T 29 -57.17 86.77 56.21
C ASP T 29 -57.76 86.60 54.79
N GLU T 30 -58.59 87.54 54.36
CA GLU T 30 -59.23 87.53 53.04
C GLU T 30 -58.22 87.68 51.89
N LYS T 31 -57.09 88.38 52.10
CA LYS T 31 -56.03 88.47 51.09
C LYS T 31 -55.28 87.14 50.98
N MET T 32 -55.13 86.40 52.07
CA MET T 32 -54.61 85.03 51.99
C MET T 32 -55.53 84.14 51.15
N LEU T 33 -56.86 84.25 51.34
CA LEU T 33 -57.82 83.55 50.48
C LEU T 33 -57.67 83.94 49.01
N GLU T 34 -57.53 85.23 48.72
CA GLU T 34 -57.28 85.71 47.36
C GLU T 34 -56.00 85.10 46.77
N GLU T 35 -54.90 85.12 47.53
CA GLU T 35 -53.62 84.55 47.09
C GLU T 35 -53.72 83.05 46.84
N VAL T 36 -54.27 82.28 47.77
CA VAL T 36 -54.37 80.83 47.53
C VAL T 36 -55.33 80.54 46.39
N ALA T 37 -56.42 81.29 46.22
CA ALA T 37 -57.32 81.11 45.08
C ALA T 37 -56.59 81.37 43.76
N ARG T 38 -55.85 82.48 43.68
CA ARG T 38 -55.03 82.84 42.52
C ARG T 38 -54.02 81.73 42.23
N LYS T 39 -53.30 81.26 43.25
CA LYS T 39 -52.35 80.16 43.11
C LYS T 39 -53.04 78.89 42.61
N ALA T 40 -54.19 78.55 43.17
CA ALA T 40 -54.93 77.36 42.76
C ALA T 40 -55.40 77.47 41.31
N GLU T 41 -55.87 78.64 40.89
CA GLU T 41 -56.22 78.84 39.49
C GLU T 41 -54.98 78.71 38.58
N GLU T 42 -53.83 79.25 38.97
CA GLU T 42 -52.58 79.07 38.22
C GLU T 42 -52.17 77.59 38.17
N VAL T 43 -52.35 76.85 39.25
CA VAL T 43 -52.15 75.40 39.23
C VAL T 43 -53.12 74.74 38.26
N ALA T 44 -54.39 75.11 38.30
CA ALA T 44 -55.38 74.55 37.38
C ALA T 44 -55.03 74.86 35.92
N ARG T 45 -54.54 76.06 35.65
CA ARG T 45 -54.00 76.45 34.35
C ARG T 45 -52.81 75.58 33.96
N LYS T 46 -51.88 75.27 34.87
CA LYS T 46 -50.78 74.34 34.57
C LYS T 46 -51.30 72.93 34.27
N ALA T 47 -52.21 72.43 35.08
CA ALA T 47 -52.81 71.12 34.88
C ALA T 47 -53.52 71.03 33.53
N GLU T 48 -54.32 72.05 33.19
CA GLU T 48 -55.02 72.14 31.92
C GLU T 48 -54.05 72.06 30.73
N SER T 49 -52.91 72.76 30.80
CA SER T 49 -51.89 72.68 29.75
C SER T 49 -51.38 71.25 29.57
N ILE T 50 -51.12 70.52 30.65
CA ILE T 50 -50.71 69.12 30.55
C ILE T 50 -51.85 68.29 29.95
N ALA T 51 -53.07 68.46 30.47
CA ALA T 51 -54.23 67.66 30.10
C ALA T 51 -54.58 67.76 28.61
N ARG T 52 -54.58 68.97 28.03
CA ARG T 52 -54.86 69.13 26.59
C ARG T 52 -53.85 68.36 25.73
N LYS T 53 -52.56 68.42 26.08
CA LYS T 53 -51.52 67.65 25.38
C LYS T 53 -51.71 66.15 25.57
N ALA T 54 -52.06 65.71 26.78
CA ALA T 54 -52.37 64.31 27.05
C ALA T 54 -53.51 63.78 26.15
N ARG T 55 -54.49 64.62 25.77
CA ARG T 55 -55.55 64.22 24.82
C ARG T 55 -54.97 63.74 23.48
N LYS T 56 -53.90 64.37 23.01
CA LYS T 56 -53.19 63.96 21.78
C LYS T 56 -52.23 62.79 22.02
N GLU T 57 -51.52 62.79 23.15
CA GLU T 57 -50.53 61.76 23.47
C GLU T 57 -51.14 60.35 23.69
N GLY T 58 -52.41 60.27 24.09
CA GLY T 58 -53.17 59.01 24.11
C GLY T 58 -52.87 58.06 25.29
N ASN T 59 -52.01 58.45 26.24
CA ASN T 59 -51.89 57.77 27.53
C ASN T 59 -53.09 58.16 28.41
N LEU T 60 -54.15 57.35 28.40
CA LEU T 60 -55.38 57.69 29.11
C LEU T 60 -55.17 57.71 30.63
N GLU T 61 -54.27 56.90 31.17
CA GLU T 61 -53.97 56.91 32.60
C GLU T 61 -53.45 58.28 33.06
N LEU T 62 -52.51 58.89 32.31
CA LEU T 62 -52.07 60.25 32.60
C LEU T 62 -53.22 61.25 32.47
N ALA T 63 -54.03 61.15 31.42
CA ALA T 63 -55.15 62.07 31.23
C ALA T 63 -56.12 61.98 32.42
N LEU T 64 -56.43 60.77 32.87
CA LEU T 64 -57.26 60.55 34.04
C LEU T 64 -56.60 61.10 35.30
N LYS T 65 -55.30 60.86 35.51
CA LYS T 65 -54.56 61.46 36.62
C LYS T 65 -54.67 62.99 36.59
N ALA T 66 -54.51 63.59 35.41
CA ALA T 66 -54.66 65.03 35.26
C ALA T 66 -56.08 65.49 35.58
N LEU T 67 -57.10 64.77 35.10
CA LEU T 67 -58.49 65.08 35.44
C LEU T 67 -58.70 64.99 36.95
N GLU T 68 -58.14 63.98 37.62
CA GLU T 68 -58.26 63.86 39.07
C GLU T 68 -57.61 65.05 39.77
N ILE T 69 -56.44 65.47 39.33
CA ILE T 69 -55.83 66.70 39.84
C ILE T 69 -56.75 67.90 39.60
N LEU T 70 -57.29 68.03 38.40
CA LEU T 70 -58.23 69.11 38.09
C LEU T 70 -59.44 69.06 39.03
N VAL T 71 -59.92 67.87 39.36
CA VAL T 71 -60.98 67.72 40.37
C VAL T 71 -60.49 68.18 41.73
N ARG T 72 -59.33 67.74 42.21
CA ARG T 72 -58.83 68.16 43.52
C ARG T 72 -58.70 69.67 43.60
N ALA T 73 -58.13 70.27 42.56
CA ALA T 73 -58.00 71.71 42.44
C ALA T 73 -59.39 72.37 42.45
N ALA T 74 -60.31 71.85 41.64
CA ALA T 74 -61.66 72.38 41.61
C ALA T 74 -62.30 72.29 43.00
N HIS T 75 -62.05 71.22 43.76
CA HIS T 75 -62.61 71.07 45.09
C HIS T 75 -62.13 72.17 46.04
N VAL T 76 -60.82 72.39 46.15
CA VAL T 76 -60.33 73.48 47.01
C VAL T 76 -60.79 74.85 46.49
N LEU T 77 -60.80 75.06 45.17
CA LEU T 77 -61.33 76.28 44.58
C LEU T 77 -62.79 76.48 44.97
N ALA T 78 -63.59 75.43 44.92
CA ALA T 78 -65.00 75.45 45.27
C ALA T 78 -65.21 75.71 46.76
N GLU T 79 -64.35 75.17 47.65
CA GLU T 79 -64.41 75.55 49.05
C GLU T 79 -64.17 77.06 49.21
N ILE T 80 -63.11 77.61 48.60
CA ILE T 80 -62.82 79.04 48.71
C ILE T 80 -63.96 79.88 48.10
N ALA T 81 -64.48 79.45 46.94
CA ALA T 81 -65.60 80.11 46.28
C ALA T 81 -66.84 80.17 47.19
N ARG T 82 -67.20 79.06 47.83
CA ARG T 82 -68.37 78.95 48.72
C ARG T 82 -68.18 79.68 50.05
N GLU T 83 -66.97 79.65 50.61
CA GLU T 83 -66.65 80.36 51.85
C GLU T 83 -66.61 81.88 51.66
N ARG T 84 -66.12 82.36 50.51
CA ARG T 84 -66.06 83.79 50.15
C ARG T 84 -67.35 84.33 49.52
N GLY T 85 -68.12 83.46 48.87
CA GLY T 85 -69.31 83.80 48.09
C GLY T 85 -69.02 84.34 46.68
N ASN T 86 -67.77 84.30 46.21
CA ASN T 86 -67.35 84.96 44.97
C ASN T 86 -67.84 84.24 43.70
N GLU T 87 -68.60 84.93 42.87
CA GLU T 87 -69.19 84.38 41.65
C GLU T 87 -68.16 84.08 40.55
N GLU T 88 -67.02 84.78 40.50
CA GLU T 88 -65.99 84.57 39.47
C GLU T 88 -65.39 83.17 39.63
N LEU T 89 -65.08 82.79 40.87
CA LEU T 89 -64.63 81.44 41.20
C LEU T 89 -65.73 80.42 40.93
N GLN T 90 -66.99 80.69 41.32
CA GLN T 90 -68.09 79.75 41.06
C GLN T 90 -68.30 79.49 39.56
N LYS T 91 -68.25 80.54 38.73
CA LYS T 91 -68.37 80.43 37.27
C LYS T 91 -67.22 79.62 36.69
N LYS T 92 -65.97 79.96 37.04
CA LYS T 92 -64.80 79.22 36.53
C LYS T 92 -64.83 77.76 36.96
N ALA T 93 -65.17 77.47 38.21
CA ALA T 93 -65.31 76.09 38.69
C ALA T 93 -66.39 75.33 37.89
N HIS T 94 -67.58 75.93 37.70
CA HIS T 94 -68.65 75.32 36.92
C HIS T 94 -68.20 74.99 35.49
N LYS T 95 -67.59 75.96 34.82
CA LYS T 95 -67.07 75.78 33.45
C LYS T 95 -66.06 74.65 33.37
N LEU T 96 -65.08 74.64 34.28
CA LEU T 96 -64.09 73.57 34.33
C LEU T 96 -64.75 72.22 34.58
N ALA T 97 -65.69 72.13 35.52
CA ALA T 97 -66.37 70.87 35.84
C ALA T 97 -67.18 70.34 34.65
N LYS T 98 -67.92 71.21 33.96
CA LYS T 98 -68.69 70.82 32.77
C LYS T 98 -67.77 70.30 31.67
N GLU T 99 -66.65 70.98 31.42
CA GLU T 99 -65.68 70.52 30.43
C GLU T 99 -65.02 69.21 30.85
N ALA T 100 -64.66 69.07 32.12
CA ALA T 100 -64.11 67.81 32.64
C ALA T 100 -65.11 66.67 32.46
N LEU T 101 -66.40 66.90 32.68
CA LEU T 101 -67.42 65.90 32.46
C LEU T 101 -67.44 65.46 30.99
N ARG T 102 -67.40 66.41 30.06
CA ARG T 102 -67.28 66.10 28.62
C ARG T 102 -66.06 65.24 28.36
N GLN T 103 -64.88 65.70 28.78
CA GLN T 103 -63.63 65.02 28.50
C GLN T 103 -63.64 63.61 29.09
N VAL T 104 -64.03 63.45 30.37
CA VAL T 104 -64.02 62.13 31.00
C VAL T 104 -65.01 61.22 30.31
N ILE T 105 -66.17 61.72 29.87
CA ILE T 105 -67.11 60.90 29.11
C ILE T 105 -66.46 60.44 27.80
N GLU T 106 -65.83 61.34 27.06
CA GLU T 106 -65.16 60.96 25.81
C GLU T 106 -64.05 59.93 26.04
N ILE T 107 -63.24 60.13 27.07
CA ILE T 107 -62.21 59.17 27.45
C ILE T 107 -62.86 57.85 27.84
N ALA T 108 -63.95 57.84 28.60
CA ALA T 108 -64.63 56.63 29.03
C ALA T 108 -65.23 55.89 27.84
N ILE T 109 -65.84 56.61 26.89
CA ILE T 109 -66.27 56.05 25.63
C ILE T 109 -65.07 55.37 24.94
N ARG T 110 -63.93 56.06 24.81
CA ARG T 110 -62.75 55.48 24.17
C ARG T 110 -62.26 54.24 24.91
N ALA T 111 -62.13 54.29 26.23
CA ALA T 111 -61.65 53.18 27.03
C ALA T 111 -62.58 51.96 26.94
N ILE T 112 -63.89 52.15 26.92
CA ILE T 112 -64.86 51.07 26.66
C ILE T 112 -64.69 50.55 25.22
N GLN T 113 -64.55 51.44 24.24
CA GLN T 113 -64.38 51.06 22.84
C GLN T 113 -63.09 50.23 22.60
N GLU T 114 -62.01 50.54 23.32
CA GLU T 114 -60.75 49.80 23.32
C GLU T 114 -60.71 48.59 24.27
N GLY T 115 -61.73 48.40 25.12
CA GLY T 115 -61.79 47.33 26.11
C GLY T 115 -60.87 47.51 27.33
N ASN T 116 -60.29 48.69 27.53
CA ASN T 116 -59.45 49.02 28.69
C ASN T 116 -60.33 49.37 29.91
N LEU T 117 -61.24 48.46 30.27
CA LEU T 117 -62.31 48.72 31.24
C LEU T 117 -61.79 49.08 32.64
N GLU T 118 -60.56 48.71 32.95
CA GLU T 118 -59.88 49.07 34.18
C GLU T 118 -59.75 50.59 34.30
N LEU T 119 -59.23 51.24 33.26
CA LEU T 119 -59.18 52.69 33.20
C LEU T 119 -60.58 53.26 33.08
N ALA T 120 -61.51 52.62 32.37
CA ALA T 120 -62.88 53.13 32.30
C ALA T 120 -63.52 53.20 33.69
N ILE T 121 -63.30 52.20 34.54
CA ILE T 121 -63.75 52.21 35.92
C ILE T 121 -63.11 53.35 36.69
N ILE T 122 -61.79 53.56 36.55
CA ILE T 122 -61.12 54.69 37.20
C ILE T 122 -61.69 56.03 36.69
N ALA T 123 -61.95 56.14 35.40
CA ALA T 123 -62.57 57.31 34.81
C ALA T 123 -63.96 57.52 35.42
N LEU T 124 -64.75 56.47 35.55
CA LEU T 124 -66.09 56.58 36.09
C LEU T 124 -66.04 56.92 37.59
N HIS T 125 -65.02 56.46 38.31
CA HIS T 125 -64.77 56.92 39.68
C HIS T 125 -64.51 58.42 39.70
N ILE T 126 -63.60 58.89 38.85
CA ILE T 126 -63.34 60.32 38.70
C ILE T 126 -64.62 61.06 38.30
N SER T 127 -65.47 60.48 37.46
CA SER T 127 -66.75 61.08 37.09
C SER T 127 -67.65 61.26 38.32
N VAL T 128 -67.72 60.27 39.21
CA VAL T 128 -68.44 60.45 40.47
C VAL T 128 -67.79 61.55 41.31
N ARG T 129 -66.45 61.65 41.34
CA ARG T 129 -65.80 62.78 41.99
C ARG T 129 -66.20 64.12 41.34
N ILE T 130 -66.30 64.18 40.01
CA ILE T 130 -66.80 65.37 39.33
C ILE T 130 -68.23 65.66 39.80
N ALA T 131 -69.05 64.63 39.98
CA ALA T 131 -70.37 64.81 40.54
C ALA T 131 -70.32 65.43 41.94
N GLU T 132 -69.34 65.10 42.79
CA GLU T 132 -69.17 65.80 44.08
C GLU T 132 -69.01 67.30 43.87
N VAL T 133 -68.16 67.69 42.92
CA VAL T 133 -67.92 69.10 42.60
C VAL T 133 -69.21 69.74 42.09
N LEU T 134 -69.90 69.10 41.16
CA LEU T 134 -71.15 69.64 40.62
C LEU T 134 -72.20 69.78 41.72
N LEU T 135 -72.34 68.76 42.57
CA LEU T 135 -73.30 68.76 43.67
C LEU T 135 -72.98 69.86 44.67
N GLU T 136 -71.70 70.03 45.03
CA GLU T 136 -71.28 71.13 45.87
C GLU T 136 -71.55 72.48 45.19
N THR T 137 -71.41 72.55 43.87
CA THR T 137 -71.57 73.80 43.12
C THR T 137 -73.00 74.33 43.24
N ARG T 138 -74.01 73.54 42.85
CA ARG T 138 -75.43 73.93 42.91
C ARG T 138 -76.36 72.71 43.10
N PRO T 139 -76.73 72.38 44.35
CA PRO T 139 -77.68 71.30 44.67
C PRO T 139 -79.09 71.46 44.05
N ASP T 140 -79.47 72.68 43.68
CA ASP T 140 -80.77 73.04 43.11
C ASP T 140 -80.83 72.98 41.58
N ASP T 141 -79.68 73.00 40.87
CA ASP T 141 -79.61 72.90 39.40
C ASP T 141 -79.74 71.43 38.92
N ARG T 142 -80.72 70.73 39.50
CA ARG T 142 -80.85 69.26 39.52
C ARG T 142 -80.88 68.58 38.15
N GLU T 143 -81.28 69.27 37.09
CA GLU T 143 -81.38 68.66 35.76
C GLU T 143 -80.00 68.21 35.27
N GLU T 144 -78.96 69.00 35.48
CA GLU T 144 -77.59 68.62 35.07
C GLU T 144 -77.10 67.42 35.88
N ILE T 145 -77.41 67.40 37.18
CA ILE T 145 -77.10 66.27 38.05
C ILE T 145 -77.79 65.02 37.50
N ARG T 146 -79.08 65.10 37.17
CA ARG T 146 -79.80 63.97 36.61
C ARG T 146 -79.23 63.54 35.25
N GLU T 147 -78.84 64.46 34.39
CA GLU T 147 -78.17 64.13 33.12
C GLU T 147 -76.86 63.35 33.38
N GLN T 148 -76.03 63.82 34.31
CA GLN T 148 -74.85 63.05 34.71
C GLN T 148 -75.25 61.68 35.26
N GLN T 149 -76.26 61.59 36.13
CA GLN T 149 -76.70 60.31 36.70
C GLN T 149 -77.18 59.34 35.63
N ALA T 150 -77.95 59.81 34.65
CA ALA T 150 -78.39 58.96 33.55
C ALA T 150 -77.18 58.42 32.79
N ILE T 151 -76.20 59.27 32.49
CA ILE T 151 -74.99 58.84 31.81
C ILE T 151 -74.23 57.80 32.66
N PHE T 152 -74.12 58.03 33.97
CA PHE T 152 -73.54 57.07 34.89
C PHE T 152 -74.30 55.74 34.85
N GLU T 153 -75.62 55.77 34.97
CA GLU T 153 -76.46 54.57 34.94
C GLU T 153 -76.25 53.80 33.63
N LEU T 154 -76.21 54.51 32.50
CA LEU T 154 -75.94 53.92 31.20
C LEU T 154 -74.55 53.29 31.14
N LEU T 155 -73.50 54.02 31.56
CA LEU T 155 -72.15 53.49 31.54
C LEU T 155 -72.03 52.26 32.44
N ILE T 156 -72.63 52.28 33.63
CA ILE T 156 -72.64 51.12 34.53
C ILE T 156 -73.36 49.96 33.88
N ALA T 157 -74.52 50.16 33.25
CA ALA T 157 -75.20 49.09 32.56
C ALA T 157 -74.30 48.48 31.47
N ALA T 158 -73.64 49.34 30.68
CA ALA T 158 -72.72 48.89 29.64
C ALA T 158 -71.54 48.11 30.24
N LEU T 159 -70.95 48.60 31.32
CA LEU T 159 -69.86 47.92 32.00
C LEU T 159 -70.33 46.59 32.61
N GLU T 160 -71.52 46.51 33.20
CA GLU T 160 -72.04 45.25 33.75
C GLU T 160 -72.14 44.18 32.67
N ALA T 161 -72.75 44.52 31.53
CA ALA T 161 -72.81 43.62 30.40
C ALA T 161 -71.39 43.25 29.93
N ALA T 162 -70.52 44.24 29.78
CA ALA T 162 -69.17 44.05 29.26
C ALA T 162 -68.37 43.09 30.14
N ILE T 163 -68.35 43.33 31.45
CA ILE T 163 -67.55 42.53 32.37
C ILE T 163 -68.17 41.15 32.55
N ARG T 164 -69.51 41.01 32.57
CA ARG T 164 -70.14 39.68 32.58
C ARG T 164 -69.74 38.87 31.37
N LEU T 165 -69.80 39.46 30.18
CA LEU T 165 -69.43 38.80 28.93
C LEU T 165 -67.93 38.46 28.90
N GLU T 166 -67.08 39.38 29.34
CA GLU T 166 -65.63 39.14 29.44
C GLU T 166 -65.34 38.00 30.42
N LYS T 167 -66.10 37.88 31.51
CA LYS T 167 -65.99 36.76 32.45
C LYS T 167 -66.39 35.44 31.78
N LEU T 168 -67.47 35.41 31.00
CA LEU T 168 -67.80 34.24 30.19
C LEU T 168 -66.65 33.90 29.22
N LYS T 169 -66.00 34.90 28.63
CA LYS T 169 -64.87 34.70 27.72
C LYS T 169 -63.65 34.11 28.44
N GLU T 170 -63.32 34.65 29.61
CA GLU T 170 -62.27 34.13 30.47
C GLU T 170 -62.56 32.69 30.94
N GLU T 171 -63.81 32.37 31.25
CA GLU T 171 -64.26 31.01 31.58
C GLU T 171 -64.28 30.05 30.38
N GLY T 172 -64.23 30.57 29.15
CA GLY T 172 -64.40 29.77 27.93
C GLY T 172 -65.83 29.20 27.76
N ALA T 173 -66.85 29.95 28.17
CA ALA T 173 -68.26 29.52 28.12
C ALA T 173 -68.73 29.14 26.69
N PRO T 174 -69.73 28.26 26.54
CA PRO T 174 -70.22 27.84 25.23
C PRO T 174 -70.91 29.00 24.50
N PRO T 175 -70.73 29.15 23.18
CA PRO T 175 -71.23 30.30 22.42
C PRO T 175 -72.72 30.59 22.61
N GLU T 176 -73.55 29.58 22.85
CA GLU T 176 -74.98 29.75 23.12
C GLU T 176 -75.22 30.62 24.37
N GLN T 177 -74.48 30.39 25.45
CA GLN T 177 -74.59 31.25 26.63
C GLN T 177 -74.11 32.67 26.34
N ILE T 178 -73.02 32.82 25.57
CA ILE T 178 -72.50 34.13 25.15
C ILE T 178 -73.57 34.89 24.37
N GLU T 179 -74.27 34.21 23.45
CA GLU T 179 -75.37 34.79 22.69
C GLU T 179 -76.52 35.22 23.62
N ARG T 180 -76.98 34.34 24.53
CA ARG T 180 -78.07 34.68 25.46
C ARG T 180 -77.72 35.87 26.34
N VAL T 181 -76.50 35.94 26.85
CA VAL T 181 -76.04 37.10 27.63
C VAL T 181 -76.02 38.36 26.77
N ALA T 182 -75.46 38.29 25.55
CA ALA T 182 -75.38 39.46 24.67
C ALA T 182 -76.78 39.99 24.33
N GLU T 183 -77.71 39.11 23.99
CA GLU T 183 -79.11 39.44 23.76
C GLU T 183 -79.74 40.11 24.98
N HIS T 184 -79.62 39.48 26.15
CA HIS T 184 -80.13 40.04 27.40
C HIS T 184 -79.57 41.44 27.69
N GLY T 185 -78.26 41.62 27.45
CA GLY T 185 -77.59 42.90 27.61
C GLY T 185 -78.13 43.96 26.65
N LEU T 186 -78.22 43.65 25.37
CA LEU T 186 -78.75 44.60 24.39
C LEU T 186 -80.20 44.95 24.68
N GLU T 187 -81.05 43.98 25.05
CA GLU T 187 -82.42 44.29 25.45
C GLU T 187 -82.45 45.18 26.71
N ARG T 188 -81.65 44.90 27.73
CA ARG T 188 -81.60 45.77 28.91
C ARG T 188 -81.15 47.18 28.54
N LEU T 189 -80.16 47.31 27.66
CA LEU T 189 -79.72 48.58 27.14
C LEU T 189 -80.85 49.29 26.36
N LYS T 190 -81.65 48.57 25.59
CA LYS T 190 -82.83 49.16 24.94
C LYS T 190 -83.81 49.71 25.98
N GLU T 191 -84.13 48.92 27.00
CA GLU T 191 -85.05 49.36 28.06
C GLU T 191 -84.50 50.57 28.81
N ILE T 192 -83.23 50.56 29.18
CA ILE T 192 -82.59 51.70 29.83
C ILE T 192 -82.57 52.92 28.91
N ALA T 193 -82.21 52.76 27.63
CA ALA T 193 -82.20 53.88 26.70
C ALA T 193 -83.60 54.49 26.57
N LYS T 194 -84.64 53.66 26.53
CA LYS T 194 -86.04 54.11 26.51
C LYS T 194 -86.39 54.89 27.79
N GLU T 195 -86.01 54.42 28.96
CA GLU T 195 -86.21 55.18 30.20
C GLU T 195 -85.42 56.49 30.21
N ILE T 196 -84.16 56.48 29.79
CA ILE T 196 -83.33 57.69 29.68
C ILE T 196 -83.98 58.69 28.72
N SER T 197 -84.52 58.24 27.59
CA SER T 197 -85.24 59.06 26.62
C SER T 197 -86.42 59.83 27.25
N LYS T 198 -87.06 59.32 28.31
CA LYS T 198 -88.10 60.07 29.03
C LYS T 198 -87.54 61.32 29.70
N GLU T 199 -86.31 61.25 30.18
CA GLU T 199 -85.73 62.24 31.09
C GLU T 199 -84.86 63.28 30.38
N VAL T 200 -84.05 62.86 29.41
CA VAL T 200 -82.99 63.71 28.84
C VAL T 200 -83.49 64.65 27.74
N ASP T 201 -82.82 65.78 27.56
CA ASP T 201 -83.04 66.66 26.40
C ASP T 201 -81.78 67.36 25.87
N SER T 202 -80.64 67.32 26.57
CA SER T 202 -79.42 67.94 26.08
C SER T 202 -78.96 67.30 24.76
N PRO T 203 -78.74 68.07 23.69
CA PRO T 203 -78.25 67.56 22.42
C PRO T 203 -76.94 66.80 22.57
N GLU T 204 -76.01 67.35 23.35
CA GLU T 204 -74.73 66.71 23.64
C GLU T 204 -74.93 65.42 24.42
N SER T 205 -75.82 65.41 25.41
CA SER T 205 -76.14 64.20 26.17
C SER T 205 -76.72 63.13 25.26
N LYS T 206 -77.65 63.48 24.39
CA LYS T 206 -78.22 62.55 23.42
C LYS T 206 -77.13 61.99 22.49
N ARG T 207 -76.22 62.84 21.98
CA ARG T 207 -75.05 62.43 21.19
C ARG T 207 -74.19 61.42 21.95
N ILE T 208 -73.87 61.74 23.20
CA ILE T 208 -73.16 60.84 24.11
C ILE T 208 -73.90 59.52 24.25
N ALA T 209 -75.19 59.55 24.61
CA ALA T 209 -75.96 58.35 24.93
C ALA T 209 -75.99 57.38 23.75
N TYR T 210 -76.26 57.89 22.55
CA TYR T 210 -76.27 57.00 21.39
C TYR T 210 -74.89 56.40 21.13
N LYS T 211 -73.83 57.20 21.19
CA LYS T 211 -72.47 56.68 21.00
C LYS T 211 -72.12 55.65 22.05
N ILE T 212 -72.54 55.82 23.30
CA ILE T 212 -72.35 54.81 24.35
C ILE T 212 -73.08 53.52 23.97
N VAL T 213 -74.35 53.59 23.56
CA VAL T 213 -75.07 52.39 23.15
C VAL T 213 -74.35 51.71 21.99
N ALA T 214 -73.90 52.46 21.00
CA ALA T 214 -73.15 51.93 19.88
C ALA T 214 -71.82 51.29 20.32
N ALA T 215 -71.06 51.94 21.19
CA ALA T 215 -69.82 51.39 21.73
C ALA T 215 -70.06 50.09 22.50
N ALA T 216 -71.16 49.99 23.25
CA ALA T 216 -71.53 48.75 23.93
C ALA T 216 -71.80 47.63 22.91
N ALA T 217 -72.59 47.92 21.86
CA ALA T 217 -72.80 46.95 20.80
C ALA T 217 -71.48 46.54 20.14
N GLU T 218 -70.59 47.49 19.84
CA GLU T 218 -69.27 47.22 19.27
C GLU T 218 -68.47 46.29 20.18
N PHE T 219 -68.42 46.58 21.48
CA PHE T 219 -67.70 45.74 22.43
C PHE T 219 -68.27 44.31 22.43
N LEU T 220 -69.59 44.17 22.52
CA LEU T 220 -70.26 42.88 22.47
C LEU T 220 -69.88 42.10 21.21
N LEU T 221 -69.93 42.73 20.04
CA LEU T 221 -69.61 42.08 18.77
C LEU T 221 -68.12 41.70 18.70
N LYS T 222 -67.20 42.59 19.11
CA LYS T 222 -65.78 42.25 19.11
C LYS T 222 -65.49 41.12 20.08
N ILE T 223 -66.12 41.09 21.25
CA ILE T 223 -65.98 39.98 22.20
C ILE T 223 -66.54 38.69 21.62
N LEU T 224 -67.70 38.72 20.95
CA LEU T 224 -68.24 37.54 20.29
C LEU T 224 -67.25 37.00 19.23
N ALA T 225 -66.59 37.89 18.50
CA ALA T 225 -65.56 37.51 17.53
C ALA T 225 -64.29 36.94 18.18
N GLU T 226 -63.80 37.52 19.29
CA GLU T 226 -62.73 36.90 20.08
C GLU T 226 -63.14 35.52 20.62
N GLY T 227 -64.43 35.32 20.91
CA GLY T 227 -65.02 34.04 21.30
C GLY T 227 -65.09 32.99 20.19
N GLY T 228 -64.75 33.34 18.95
CA GLY T 228 -64.67 32.39 17.83
C GLY T 228 -66.00 31.76 17.40
N ALA T 229 -67.12 32.43 17.66
CA ALA T 229 -68.46 31.94 17.35
C ALA T 229 -68.70 31.70 15.85
N THR T 230 -69.69 30.88 15.50
CA THR T 230 -70.01 30.54 14.11
C THR T 230 -70.53 31.76 13.32
N PRO T 231 -70.38 31.79 12.00
CA PRO T 231 -71.01 32.80 11.14
C PRO T 231 -72.52 32.96 11.40
N GLU T 232 -73.23 31.88 11.72
CA GLU T 232 -74.66 31.93 12.01
C GLU T 232 -74.97 32.72 13.29
N GLN T 233 -74.21 32.46 14.36
CA GLN T 233 -74.32 33.23 15.60
C GLN T 233 -73.93 34.70 15.37
N LEU T 234 -72.81 34.93 14.67
CA LEU T 234 -72.33 36.27 14.33
C LEU T 234 -73.40 37.06 13.58
N GLU T 235 -74.06 36.44 12.59
CA GLU T 235 -75.14 37.09 11.85
C GLU T 235 -76.31 37.42 12.78
N ARG T 236 -76.83 36.46 13.55
CA ARG T 236 -78.01 36.69 14.40
C ARG T 236 -77.77 37.81 15.40
N VAL T 237 -76.62 37.82 16.06
CA VAL T 237 -76.29 38.90 17.00
C VAL T 237 -76.08 40.21 16.25
N THR T 238 -75.42 40.21 15.09
CA THR T 238 -75.26 41.44 14.29
C THR T 238 -76.62 42.02 13.91
N GLU T 239 -77.52 41.19 13.41
CA GLU T 239 -78.88 41.59 13.06
C GLU T 239 -79.61 42.18 14.26
N HIS T 240 -79.63 41.44 15.37
CA HIS T 240 -80.25 41.92 16.60
C HIS T 240 -79.63 43.24 17.07
N ALA T 241 -78.32 43.39 17.01
CA ALA T 241 -77.63 44.60 17.42
C ALA T 241 -77.99 45.79 16.51
N LEU T 242 -77.95 45.62 15.19
CA LEU T 242 -78.39 46.66 14.28
C LEU T 242 -79.87 47.01 14.53
N GLU T 243 -80.71 46.01 14.79
CA GLU T 243 -82.13 46.20 15.08
C GLU T 243 -82.32 47.06 16.34
N VAL T 244 -81.61 46.74 17.41
CA VAL T 244 -81.62 47.55 18.63
C VAL T 244 -81.12 48.96 18.32
N LEU T 245 -80.01 49.11 17.60
CA LEU T 245 -79.47 50.42 17.26
C LEU T 245 -80.48 51.23 16.46
N LYS T 246 -81.16 50.61 15.50
CA LYS T 246 -82.20 51.23 14.71
C LYS T 246 -83.36 51.68 15.60
N GLU T 247 -83.86 50.81 16.46
CA GLU T 247 -84.98 51.18 17.34
C GLU T 247 -84.59 52.29 18.32
N VAL T 248 -83.40 52.22 18.91
CA VAL T 248 -82.91 53.28 19.82
C VAL T 248 -82.64 54.58 19.05
N ALA T 249 -82.17 54.52 17.81
CA ALA T 249 -81.99 55.72 17.01
C ALA T 249 -83.31 56.47 16.85
N LYS T 250 -84.43 55.77 16.66
CA LYS T 250 -85.75 56.40 16.50
C LYS T 250 -86.22 57.19 17.74
N GLU T 251 -85.68 56.92 18.92
CA GLU T 251 -85.91 57.80 20.08
C GLU T 251 -85.18 59.15 19.94
N LEU T 252 -83.99 59.16 19.33
CA LEU T 252 -83.07 60.30 19.34
C LEU T 252 -83.00 61.07 18.00
N ALA T 253 -83.39 60.48 16.87
CA ALA T 253 -83.22 61.01 15.52
C ALA T 253 -84.19 62.17 15.19
N ASP T 254 -84.00 63.30 15.86
CA ASP T 254 -84.83 64.51 15.80
C ASP T 254 -84.42 65.54 14.72
N SER T 255 -83.22 65.42 14.13
CA SER T 255 -82.57 66.50 13.38
C SER T 255 -81.47 65.96 12.46
N PRO T 256 -80.99 66.74 11.48
CA PRO T 256 -79.80 66.40 10.71
C PRO T 256 -78.59 66.08 11.61
N GLU T 257 -78.41 66.82 12.71
CA GLU T 257 -77.31 66.58 13.63
C GLU T 257 -77.39 65.18 14.25
N SER T 258 -78.53 64.82 14.82
CA SER T 258 -78.71 63.48 15.39
C SER T 258 -78.72 62.40 14.30
N GLY T 259 -79.23 62.73 13.11
CA GLY T 259 -79.12 61.87 11.95
C GLY T 259 -77.67 61.55 11.61
N LEU T 260 -76.81 62.56 11.53
CA LEU T 260 -75.38 62.38 11.23
C LEU T 260 -74.73 61.47 12.28
N ALA T 261 -75.01 61.69 13.55
CA ALA T 261 -74.50 60.81 14.60
C ALA T 261 -75.01 59.37 14.40
N ALA T 262 -76.32 59.19 14.26
CA ALA T 262 -76.93 57.88 14.16
C ALA T 262 -76.38 57.13 12.95
N LEU T 263 -76.35 57.79 11.79
CA LEU T 263 -75.88 57.15 10.56
C LEU T 263 -74.40 56.82 10.68
N ALA T 264 -73.56 57.72 11.20
CA ALA T 264 -72.14 57.42 11.36
C ALA T 264 -71.95 56.19 12.24
N ALA T 265 -72.65 56.13 13.37
CA ALA T 265 -72.54 55.02 14.29
C ALA T 265 -73.06 53.72 13.67
N ILE T 266 -74.25 53.73 13.07
CA ILE T 266 -74.82 52.53 12.45
C ILE T 266 -73.90 52.06 11.32
N ALA T 267 -73.41 52.97 10.49
CA ALA T 267 -72.46 52.66 9.43
C ALA T 267 -71.20 52.01 10.00
N SER T 268 -70.69 52.56 11.10
CA SER T 268 -69.55 51.97 11.80
C SER T 268 -69.86 50.54 12.24
N LEU T 269 -71.04 50.29 12.83
CA LEU T 269 -71.41 48.94 13.25
C LEU T 269 -71.58 47.99 12.06
N ALA T 270 -72.12 48.47 10.95
CA ALA T 270 -72.20 47.69 9.73
C ALA T 270 -70.80 47.33 9.21
N LYS T 271 -69.89 48.32 9.14
CA LYS T 271 -68.49 48.11 8.72
C LYS T 271 -67.81 47.09 9.61
N LEU T 272 -67.98 47.23 10.92
CA LEU T 272 -67.45 46.31 11.91
C LEU T 272 -67.97 44.90 11.67
N GLY T 273 -69.29 44.72 11.53
CA GLY T 273 -69.90 43.41 11.34
C GLY T 273 -69.40 42.72 10.08
N LEU T 274 -69.36 43.44 8.96
CA LEU T 274 -68.81 42.91 7.71
C LEU T 274 -67.34 42.55 7.86
N GLU T 275 -66.55 43.35 8.58
CA GLU T 275 -65.16 43.01 8.86
C GLU T 275 -65.03 41.74 9.72
N GLN T 276 -65.97 41.46 10.63
CA GLN T 276 -65.96 40.17 11.36
C GLN T 276 -66.22 39.00 10.41
N LEU T 277 -67.19 39.14 9.50
CA LEU T 277 -67.43 38.13 8.46
C LEU T 277 -66.21 37.95 7.55
N LYS T 278 -65.50 39.04 7.22
CA LYS T 278 -64.27 39.02 6.43
C LYS T 278 -63.17 38.25 7.15
N GLU T 279 -62.94 38.52 8.43
CA GLU T 279 -61.91 37.83 9.22
C GLU T 279 -62.24 36.35 9.44
N ILE T 280 -63.49 35.99 9.77
CA ILE T 280 -63.88 34.59 10.01
C ILE T 280 -63.98 33.76 8.72
N GLY T 281 -63.95 34.39 7.54
CA GLY T 281 -64.05 33.70 6.25
C GLY T 281 -65.47 33.18 5.96
N ALA T 282 -66.51 33.92 6.36
CA ALA T 282 -67.90 33.56 6.11
C ALA T 282 -68.23 33.52 4.59
N PRO T 283 -69.15 32.65 4.13
CA PRO T 283 -69.45 32.50 2.71
C PRO T 283 -70.12 33.75 2.13
N PRO T 284 -69.91 34.08 0.84
CA PRO T 284 -70.37 35.33 0.24
C PRO T 284 -71.84 35.66 0.45
N GLU T 285 -72.74 34.68 0.44
CA GLU T 285 -74.16 34.98 0.65
C GLU T 285 -74.45 35.49 2.07
N GLN T 286 -73.75 35.02 3.10
CA GLN T 286 -73.83 35.62 4.43
C GLN T 286 -73.34 37.08 4.40
N GLN T 287 -72.26 37.38 3.67
CA GLN T 287 -71.76 38.75 3.51
C GLN T 287 -72.83 39.64 2.84
N ARG T 288 -73.49 39.15 1.79
CA ARG T 288 -74.61 39.87 1.15
C ARG T 288 -75.79 40.04 2.10
N ARG T 289 -76.20 39.01 2.84
CA ARG T 289 -77.31 39.08 3.81
C ARG T 289 -77.07 40.15 4.87
N VAL T 290 -75.87 40.19 5.47
CA VAL T 290 -75.51 41.26 6.41
C VAL T 290 -75.52 42.62 5.73
N THR T 291 -74.98 42.71 4.51
CA THR T 291 -74.99 43.98 3.76
C THR T 291 -76.40 44.48 3.51
N LYS T 292 -77.33 43.59 3.12
CA LYS T 292 -78.75 43.92 2.96
C LYS T 292 -79.36 44.41 4.26
N ALA T 293 -79.12 43.74 5.38
CA ALA T 293 -79.58 44.22 6.68
C ALA T 293 -79.04 45.64 6.97
N GLY T 294 -77.77 45.89 6.65
CA GLY T 294 -77.17 47.22 6.73
C GLY T 294 -77.90 48.24 5.86
N ILE T 295 -78.13 47.93 4.59
CA ILE T 295 -78.88 48.78 3.68
C ILE T 295 -80.31 49.03 4.19
N GLU T 296 -80.98 48.03 4.77
CA GLU T 296 -82.30 48.25 5.39
C GLU T 296 -82.22 49.20 6.58
N ALA T 297 -81.15 49.18 7.36
CA ALA T 297 -80.90 50.24 8.35
C ALA T 297 -80.73 51.60 7.67
N VAL T 298 -79.92 51.70 6.60
CA VAL T 298 -79.75 52.96 5.85
C VAL T 298 -81.10 53.52 5.44
N ARG T 299 -81.92 52.66 4.84
CA ARG T 299 -83.28 52.98 4.37
C ARG T 299 -84.16 53.48 5.52
N GLU T 300 -84.16 52.80 6.65
CA GLU T 300 -85.00 53.18 7.78
C GLU T 300 -84.54 54.48 8.45
N ILE T 301 -83.23 54.70 8.58
CA ILE T 301 -82.73 55.95 9.17
C ILE T 301 -83.02 57.12 8.23
N TYR T 302 -82.82 56.95 6.91
CA TYR T 302 -83.30 57.90 5.91
C TYR T 302 -84.80 58.20 6.10
N ARG T 303 -85.65 57.16 6.11
CA ARG T 303 -87.11 57.30 6.25
C ARG T 303 -87.49 58.08 7.49
N TYR T 304 -86.94 57.69 8.64
CA TYR T 304 -87.31 58.29 9.90
C TYR T 304 -86.85 59.76 9.97
N GLY T 305 -85.65 60.06 9.49
CA GLY T 305 -85.20 61.45 9.36
C GLY T 305 -86.12 62.27 8.44
N ARG T 306 -86.56 61.67 7.34
CA ARG T 306 -87.52 62.27 6.39
C ARG T 306 -88.95 62.41 6.93
N LYS T 307 -89.26 61.92 8.14
CA LYS T 307 -90.47 62.37 8.85
C LYS T 307 -90.36 63.83 9.34
N LEU T 308 -89.14 64.32 9.55
CA LEU T 308 -88.86 65.63 10.18
C LEU T 308 -88.05 66.59 9.28
N TYR T 309 -87.40 66.09 8.22
CA TYR T 309 -86.49 66.85 7.34
C TYR T 309 -86.72 66.56 5.85
N ASP U 3 -15.33 29.47 -75.39
CA ASP U 3 -15.46 30.46 -76.49
C ASP U 3 -14.69 30.10 -77.75
N ASP U 4 -13.39 29.81 -77.67
CA ASP U 4 -12.49 29.78 -78.84
C ASP U 4 -13.00 28.93 -80.02
N LEU U 5 -13.73 27.85 -79.76
CA LEU U 5 -14.24 27.00 -80.82
C LEU U 5 -15.17 27.80 -81.76
N LEU U 6 -15.99 28.72 -81.26
CA LEU U 6 -16.80 29.58 -82.13
C LEU U 6 -15.91 30.40 -83.04
N LEU U 7 -14.86 30.99 -82.50
CA LEU U 7 -13.89 31.73 -83.28
C LEU U 7 -13.26 30.82 -84.34
N LYS U 8 -12.92 29.58 -84.00
CA LYS U 8 -12.44 28.63 -85.00
C LYS U 8 -13.51 28.28 -86.03
N LEU U 9 -14.80 28.26 -85.71
CA LEU U 9 -15.83 28.10 -86.74
C LEU U 9 -15.84 29.29 -87.69
N LEU U 10 -15.67 30.51 -87.18
CA LEU U 10 -15.50 31.66 -88.05
C LEU U 10 -14.27 31.46 -88.94
N GLU U 11 -13.15 30.98 -88.38
CA GLU U 11 -11.99 30.67 -89.21
C GLU U 11 -12.34 29.67 -90.31
N LEU U 12 -12.99 28.57 -89.98
CA LEU U 12 -13.38 27.59 -90.98
C LEU U 12 -14.31 28.20 -92.03
N LEU U 13 -15.29 28.99 -91.62
CA LEU U 13 -16.13 29.70 -92.55
C LEU U 13 -15.28 30.55 -93.49
N VAL U 14 -14.31 31.29 -92.95
CA VAL U 14 -13.43 32.15 -93.73
C VAL U 14 -12.55 31.31 -94.65
N GLU U 15 -12.00 30.20 -94.21
CA GLU U 15 -11.22 29.33 -95.08
C GLU U 15 -12.10 28.78 -96.21
N GLN U 16 -13.30 28.28 -95.90
CA GLN U 16 -14.17 27.78 -96.94
C GLN U 16 -14.58 28.88 -97.90
N ALA U 17 -14.89 30.07 -97.39
CA ALA U 17 -15.14 31.23 -98.22
C ALA U 17 -13.92 31.52 -99.10
N ARG U 18 -12.70 31.44 -98.57
CA ARG U 18 -11.49 31.68 -99.34
C ARG U 18 -11.37 30.66 -100.47
N VAL U 19 -11.62 29.38 -100.19
CA VAL U 19 -11.64 28.34 -101.22
C VAL U 19 -12.74 28.64 -102.23
N SER U 20 -13.93 29.03 -101.81
CA SER U 20 -14.98 29.45 -102.73
C SER U 20 -14.58 30.69 -103.55
N ALA U 21 -13.78 31.60 -103.01
CA ALA U 21 -13.31 32.80 -103.71
C ALA U 21 -12.15 32.50 -104.68
N GLU U 22 -11.29 31.54 -104.35
CA GLU U 22 -10.33 30.99 -105.31
C GLU U 22 -11.06 30.23 -106.42
N PHE U 23 -12.11 29.48 -106.08
CA PHE U 23 -12.98 28.83 -107.06
C PHE U 23 -13.70 29.85 -107.94
N ALA U 24 -14.22 30.94 -107.36
CA ALA U 24 -14.80 32.06 -108.12
C ALA U 24 -13.77 32.71 -109.07
N ARG U 25 -12.49 32.79 -108.70
CA ARG U 25 -11.41 33.26 -109.59
C ARG U 25 -11.13 32.34 -110.78
N ARG U 26 -11.66 31.11 -110.78
CA ARG U 26 -11.63 30.18 -111.92
C ARG U 26 -12.99 30.08 -112.64
N GLN U 27 -14.10 30.24 -111.93
CA GLN U 27 -15.49 30.09 -112.44
C GLN U 27 -16.16 31.39 -112.95
N GLY U 28 -15.79 32.56 -112.42
CA GLY U 28 -16.27 33.87 -112.87
C GLY U 28 -17.70 34.29 -112.46
N ASP U 29 -18.39 33.52 -111.63
CA ASP U 29 -19.78 33.80 -111.22
C ASP U 29 -19.90 34.98 -110.21
N GLU U 30 -20.62 36.03 -110.60
CA GLU U 30 -21.00 37.16 -109.74
C GLU U 30 -21.74 36.71 -108.47
N LYS U 31 -22.68 35.78 -108.56
CA LYS U 31 -23.45 35.34 -107.39
C LYS U 31 -22.58 34.57 -106.41
N MET U 32 -21.57 33.86 -106.89
CA MET U 32 -20.59 33.23 -106.01
C MET U 32 -19.79 34.29 -105.23
N LEU U 33 -19.33 35.36 -105.91
CA LEU U 33 -18.68 36.49 -105.24
C LEU U 33 -19.63 37.16 -104.24
N GLU U 34 -20.89 37.37 -104.62
CA GLU U 34 -21.91 37.90 -103.72
C GLU U 34 -22.05 37.03 -102.47
N GLU U 35 -22.14 35.71 -102.64
CA GLU U 35 -22.26 34.77 -101.52
C GLU U 35 -21.05 34.80 -100.59
N VAL U 36 -19.82 34.77 -101.11
CA VAL U 36 -18.66 34.87 -100.22
C VAL U 36 -18.60 36.24 -99.55
N ALA U 37 -18.93 37.32 -100.24
CA ALA U 37 -18.97 38.65 -99.63
C ALA U 37 -19.99 38.69 -98.49
N ARG U 38 -21.23 38.24 -98.76
CA ARG U 38 -22.30 38.09 -97.76
C ARG U 38 -21.80 37.31 -96.56
N LYS U 39 -21.32 36.09 -96.77
CA LYS U 39 -20.84 35.21 -95.71
C LYS U 39 -19.74 35.87 -94.89
N ALA U 40 -18.76 36.48 -95.55
CA ALA U 40 -17.66 37.12 -94.85
C ALA U 40 -18.16 38.33 -94.05
N GLU U 41 -19.05 39.14 -94.58
CA GLU U 41 -19.62 40.24 -93.80
C GLU U 41 -20.45 39.71 -92.62
N GLU U 42 -21.21 38.63 -92.80
CA GLU U 42 -21.92 37.98 -91.69
C GLU U 42 -20.95 37.48 -90.63
N VAL U 43 -19.87 36.82 -91.03
CA VAL U 43 -18.78 36.50 -90.11
C VAL U 43 -18.30 37.77 -89.42
N ALA U 44 -18.10 38.87 -90.15
CA ALA U 44 -17.65 40.11 -89.55
C ALA U 44 -18.64 40.61 -88.49
N ARG U 45 -19.95 40.46 -88.68
CA ARG U 45 -20.92 40.76 -87.61
C ARG U 45 -20.68 39.89 -86.39
N LYS U 46 -20.52 38.58 -86.56
CA LYS U 46 -20.27 37.66 -85.43
C LYS U 46 -18.99 38.07 -84.69
N ALA U 47 -17.92 38.25 -85.44
CA ALA U 47 -16.60 38.57 -84.89
C ALA U 47 -16.61 39.94 -84.20
N GLU U 48 -17.19 40.96 -84.81
CA GLU U 48 -17.30 42.30 -84.21
C GLU U 48 -18.08 42.22 -82.90
N SER U 49 -19.16 41.45 -82.88
CA SER U 49 -19.98 41.26 -81.68
C SER U 49 -19.15 40.61 -80.56
N ILE U 50 -18.47 39.50 -80.87
CA ILE U 50 -17.61 38.83 -79.90
C ILE U 50 -16.50 39.78 -79.44
N ALA U 51 -15.88 40.54 -80.34
CA ALA U 51 -14.79 41.45 -80.00
C ALA U 51 -15.24 42.58 -79.07
N ARG U 52 -16.35 43.26 -79.38
CA ARG U 52 -16.86 44.33 -78.50
C ARG U 52 -17.31 43.78 -77.15
N LYS U 53 -17.91 42.58 -77.13
CA LYS U 53 -18.20 41.85 -75.89
C LYS U 53 -16.92 41.54 -75.11
N ALA U 54 -15.88 41.07 -75.78
CA ALA U 54 -14.60 40.75 -75.14
C ALA U 54 -13.96 41.98 -74.47
N ARG U 55 -13.94 43.17 -75.09
CA ARG U 55 -13.40 44.37 -74.42
C ARG U 55 -14.22 44.79 -73.20
N LYS U 56 -15.55 44.63 -73.25
CA LYS U 56 -16.42 44.87 -72.09
C LYS U 56 -16.17 43.86 -70.96
N GLU U 57 -15.83 42.62 -71.29
CA GLU U 57 -15.50 41.58 -70.31
C GLU U 57 -14.02 41.59 -69.86
N GLY U 58 -13.12 42.20 -70.63
CA GLY U 58 -11.74 42.48 -70.26
C GLY U 58 -10.69 41.40 -70.59
N ASN U 59 -11.06 40.27 -71.21
CA ASN U 59 -10.07 39.28 -71.68
C ASN U 59 -9.40 39.74 -72.99
N LEU U 60 -8.12 40.10 -72.93
CA LEU U 60 -7.41 40.64 -74.09
C LEU U 60 -7.08 39.57 -75.14
N GLU U 61 -6.73 38.35 -74.72
CA GLU U 61 -6.36 37.29 -75.66
C GLU U 61 -7.50 36.95 -76.62
N LEU U 62 -8.72 36.82 -76.10
CA LEU U 62 -9.91 36.60 -76.92
C LEU U 62 -10.14 37.77 -77.87
N ALA U 63 -10.01 39.02 -77.40
CA ALA U 63 -10.17 40.19 -78.25
C ALA U 63 -9.14 40.19 -79.38
N LEU U 64 -7.88 39.89 -79.08
CA LEU U 64 -6.85 39.80 -80.10
C LEU U 64 -7.14 38.67 -81.08
N LYS U 65 -7.51 37.48 -80.60
CA LYS U 65 -7.93 36.38 -81.49
C LYS U 65 -9.05 36.82 -82.43
N ALA U 66 -10.08 37.46 -81.90
CA ALA U 66 -11.18 37.97 -82.70
C ALA U 66 -10.73 39.03 -83.70
N LEU U 67 -9.85 39.94 -83.29
CA LEU U 67 -9.30 40.94 -84.20
C LEU U 67 -8.56 40.27 -85.34
N GLU U 68 -7.76 39.23 -85.07
CA GLU U 68 -7.08 38.54 -86.16
C GLU U 68 -8.08 37.88 -87.11
N ILE U 69 -9.16 37.32 -86.59
CA ILE U 69 -10.22 36.84 -87.46
C ILE U 69 -10.80 37.99 -88.27
N LEU U 70 -11.06 39.15 -87.67
CA LEU U 70 -11.54 40.31 -88.40
C LEU U 70 -10.58 40.67 -89.52
N VAL U 71 -9.28 40.63 -89.26
CA VAL U 71 -8.29 40.84 -90.31
C VAL U 71 -8.38 39.75 -91.38
N ARG U 72 -8.44 38.47 -91.00
CA ARG U 72 -8.53 37.37 -91.97
C ARG U 72 -9.73 37.54 -92.88
N ALA U 73 -10.87 37.87 -92.28
CA ALA U 73 -12.10 38.15 -93.01
C ALA U 73 -11.92 39.38 -93.91
N ALA U 74 -11.33 40.45 -93.39
CA ALA U 74 -11.05 41.63 -94.19
C ALA U 74 -10.14 41.27 -95.36
N HIS U 75 -9.16 40.37 -95.18
CA HIS U 75 -8.25 39.98 -96.23
C HIS U 75 -9.00 39.32 -97.38
N VAL U 76 -9.82 38.31 -97.10
CA VAL U 76 -10.62 37.70 -98.17
C VAL U 76 -11.61 38.72 -98.76
N LEU U 77 -12.25 39.56 -97.94
CA LEU U 77 -13.13 40.61 -98.46
C LEU U 77 -12.38 41.56 -99.40
N ALA U 78 -11.13 41.89 -99.08
CA ALA U 78 -10.31 42.74 -99.91
C ALA U 78 -9.92 42.03 -101.20
N GLU U 79 -9.62 40.73 -101.17
CA GLU U 79 -9.40 39.98 -102.42
C GLU U 79 -10.67 39.94 -103.28
N ILE U 80 -11.84 39.75 -102.67
CA ILE U 80 -13.13 39.79 -103.37
C ILE U 80 -13.35 41.17 -103.98
N ALA U 81 -13.14 42.24 -103.21
CA ALA U 81 -13.25 43.61 -103.70
C ALA U 81 -12.26 43.90 -104.84
N ARG U 82 -11.03 43.36 -104.77
CA ARG U 82 -9.99 43.59 -105.78
C ARG U 82 -10.34 42.94 -107.12
N GLU U 83 -10.95 41.76 -107.11
CA GLU U 83 -11.48 41.15 -108.34
C GLU U 83 -12.77 41.85 -108.83
N ARG U 84 -13.74 42.11 -107.93
CA ARG U 84 -15.08 42.61 -108.30
C ARG U 84 -15.10 44.10 -108.65
N GLY U 85 -14.18 44.88 -108.10
CA GLY U 85 -14.08 46.34 -108.27
C GLY U 85 -15.08 47.15 -107.45
N ASN U 86 -15.95 46.52 -106.65
CA ASN U 86 -17.03 47.20 -105.92
C ASN U 86 -16.53 48.10 -104.78
N GLU U 87 -17.02 49.33 -104.75
CA GLU U 87 -16.65 50.33 -103.75
C GLU U 87 -17.24 50.06 -102.36
N GLU U 88 -18.44 49.50 -102.22
CA GLU U 88 -19.01 49.25 -100.89
C GLU U 88 -18.15 48.29 -100.07
N LEU U 89 -17.63 47.24 -100.69
CA LEU U 89 -16.67 46.36 -100.03
C LEU U 89 -15.39 47.12 -99.63
N GLN U 90 -14.85 47.98 -100.49
CA GLN U 90 -13.68 48.80 -100.14
C GLN U 90 -13.97 49.76 -98.98
N LYS U 91 -15.12 50.42 -98.97
CA LYS U 91 -15.55 51.34 -97.89
C LYS U 91 -15.72 50.57 -96.58
N LYS U 92 -16.41 49.42 -96.60
CA LYS U 92 -16.55 48.54 -95.44
C LYS U 92 -15.17 48.14 -94.91
N ALA U 93 -14.31 47.62 -95.77
CA ALA U 93 -12.97 47.20 -95.39
C ALA U 93 -12.16 48.36 -94.78
N HIS U 94 -12.12 49.51 -95.44
CA HIS U 94 -11.42 50.70 -94.94
C HIS U 94 -11.89 51.08 -93.54
N LYS U 95 -13.22 51.22 -93.35
CA LYS U 95 -13.81 51.59 -92.05
C LYS U 95 -13.49 50.55 -90.99
N LEU U 96 -13.76 49.27 -91.28
CA LEU U 96 -13.49 48.18 -90.36
C LEU U 96 -12.01 48.14 -89.98
N ALA U 97 -11.11 48.32 -90.95
CA ALA U 97 -9.69 48.31 -90.70
C ALA U 97 -9.26 49.48 -89.81
N LYS U 98 -9.73 50.69 -90.09
CA LYS U 98 -9.39 51.86 -89.27
C LYS U 98 -9.91 51.72 -87.84
N GLU U 99 -11.13 51.20 -87.69
CA GLU U 99 -11.68 50.87 -86.38
C GLU U 99 -10.83 49.80 -85.68
N ALA U 100 -10.48 48.72 -86.38
CA ALA U 100 -9.63 47.69 -85.81
C ALA U 100 -8.26 48.28 -85.41
N LEU U 101 -7.69 49.19 -86.19
CA LEU U 101 -6.43 49.83 -85.86
C LEU U 101 -6.55 50.59 -84.54
N ARG U 102 -7.57 51.42 -84.42
CA ARG U 102 -7.87 52.12 -83.16
C ARG U 102 -8.08 51.14 -82.01
N GLN U 103 -8.93 50.13 -82.19
CA GLN U 103 -9.21 49.15 -81.15
C GLN U 103 -7.93 48.43 -80.72
N VAL U 104 -7.13 47.94 -81.67
CA VAL U 104 -5.91 47.23 -81.33
C VAL U 104 -4.88 48.17 -80.72
N ILE U 105 -4.84 49.43 -81.12
CA ILE U 105 -4.03 50.43 -80.44
C ILE U 105 -4.47 50.56 -78.99
N GLU U 106 -5.77 50.69 -78.72
CA GLU U 106 -6.26 50.78 -77.34
C GLU U 106 -5.91 49.53 -76.54
N ILE U 107 -6.10 48.34 -77.11
CA ILE U 107 -5.69 47.11 -76.46
C ILE U 107 -4.18 47.11 -76.23
N ALA U 108 -3.37 47.56 -77.19
CA ALA U 108 -1.91 47.59 -77.05
C ALA U 108 -1.49 48.54 -75.93
N ILE U 109 -2.11 49.72 -75.85
CA ILE U 109 -1.90 50.62 -74.73
C ILE U 109 -2.25 49.89 -73.42
N ARG U 110 -3.41 49.23 -73.35
CA ARG U 110 -3.80 48.51 -72.14
C ARG U 110 -2.84 47.38 -71.77
N ALA U 111 -2.38 46.61 -72.76
CA ALA U 111 -1.41 45.54 -72.55
C ALA U 111 -0.07 46.06 -72.03
N ILE U 112 0.40 47.23 -72.52
CA ILE U 112 1.56 47.92 -71.98
C ILE U 112 1.30 48.38 -70.55
N GLN U 113 0.10 48.92 -70.25
CA GLN U 113 -0.25 49.37 -68.90
C GLN U 113 -0.36 48.22 -67.89
N GLU U 114 -0.85 47.05 -68.28
CA GLU U 114 -0.89 45.83 -67.45
C GLU U 114 0.43 45.02 -67.47
N GLY U 115 1.32 45.28 -68.43
CA GLY U 115 2.64 44.67 -68.54
C GLY U 115 2.73 43.33 -69.27
N ASN U 116 1.66 42.84 -69.91
CA ASN U 116 1.73 41.60 -70.71
C ASN U 116 2.28 41.88 -72.12
N LEU U 117 3.60 42.03 -72.21
CA LEU U 117 4.23 42.41 -73.46
C LEU U 117 4.15 41.32 -74.54
N GLU U 118 3.96 40.04 -74.16
CA GLU U 118 3.70 38.98 -75.14
C GLU U 118 2.41 39.26 -75.92
N LEU U 119 1.33 39.56 -75.21
CA LEU U 119 0.10 39.96 -75.87
C LEU U 119 0.30 41.24 -76.68
N ALA U 120 1.09 42.19 -76.19
CA ALA U 120 1.38 43.41 -76.95
C ALA U 120 2.09 43.07 -78.28
N ILE U 121 3.08 42.19 -78.25
CA ILE U 121 3.78 41.75 -79.46
C ILE U 121 2.79 41.08 -80.41
N ILE U 122 1.93 40.19 -79.91
CA ILE U 122 0.90 39.55 -80.72
C ILE U 122 -0.01 40.62 -81.34
N ALA U 123 -0.47 41.57 -80.54
CA ALA U 123 -1.30 42.66 -81.01
C ALA U 123 -0.58 43.45 -82.10
N LEU U 124 0.69 43.74 -81.90
CA LEU U 124 1.44 44.53 -82.85
C LEU U 124 1.62 43.75 -84.16
N HIS U 125 1.78 42.43 -84.09
CA HIS U 125 1.69 41.54 -85.26
C HIS U 125 0.36 41.74 -85.97
N ILE U 126 -0.75 41.67 -85.25
CA ILE U 126 -2.06 41.91 -85.84
C ILE U 126 -2.10 43.30 -86.48
N SER U 127 -1.52 44.31 -85.86
CA SER U 127 -1.46 45.64 -86.44
C SER U 127 -0.70 45.63 -87.77
N VAL U 128 0.42 44.91 -87.85
CA VAL U 128 1.10 44.72 -89.13
C VAL U 128 0.15 44.06 -90.14
N ARG U 129 -0.63 43.08 -89.73
CA ARG U 129 -1.60 42.48 -90.64
C ARG U 129 -2.66 43.49 -91.07
N ILE U 130 -3.13 44.35 -90.17
CA ILE U 130 -4.05 45.42 -90.55
C ILE U 130 -3.37 46.31 -91.57
N ALA U 131 -2.09 46.61 -91.39
CA ALA U 131 -1.36 47.37 -92.38
C ALA U 131 -1.34 46.66 -93.73
N GLU U 132 -1.22 45.33 -93.79
CA GLU U 132 -1.34 44.62 -95.06
C GLU U 132 -2.68 44.89 -95.73
N VAL U 133 -3.76 44.83 -94.95
CA VAL U 133 -5.09 45.12 -95.48
C VAL U 133 -5.16 46.58 -95.95
N LEU U 134 -4.69 47.52 -95.15
CA LEU U 134 -4.70 48.92 -95.53
C LEU U 134 -3.88 49.14 -96.81
N LEU U 135 -2.69 48.58 -96.89
CA LEU U 135 -1.81 48.78 -98.04
C LEU U 135 -2.40 48.14 -99.30
N GLU U 136 -3.01 46.96 -99.18
CA GLU U 136 -3.74 46.40 -100.32
C GLU U 136 -5.00 47.23 -100.66
N THR U 137 -5.61 47.90 -99.67
CA THR U 137 -6.79 48.74 -99.93
C THR U 137 -6.45 49.87 -100.89
N ARG U 138 -5.37 50.63 -100.61
CA ARG U 138 -4.82 51.64 -101.53
C ARG U 138 -3.30 51.79 -101.35
N PRO U 139 -2.52 52.00 -102.43
CA PRO U 139 -1.07 52.24 -102.36
C PRO U 139 -0.70 53.72 -102.12
N ASP U 140 -1.62 54.67 -102.29
CA ASP U 140 -1.33 56.11 -102.43
C ASP U 140 -1.68 56.98 -101.21
N ASP U 141 -2.44 56.49 -100.23
CA ASP U 141 -2.63 57.18 -98.93
C ASP U 141 -1.40 57.01 -98.01
N ARG U 142 -0.30 57.62 -98.47
CA ARG U 142 0.99 57.65 -97.77
C ARG U 142 0.86 58.16 -96.34
N GLU U 143 -0.10 59.04 -96.08
CA GLU U 143 -0.30 59.64 -94.76
C GLU U 143 -0.87 58.62 -93.77
N GLU U 144 -1.96 57.94 -94.11
CA GLU U 144 -2.52 56.91 -93.23
C GLU U 144 -1.48 55.82 -92.94
N ILE U 145 -0.76 55.39 -93.98
CA ILE U 145 0.31 54.41 -93.83
C ILE U 145 1.40 54.97 -92.91
N ARG U 146 1.86 56.19 -93.13
CA ARG U 146 2.88 56.82 -92.29
C ARG U 146 2.41 56.92 -90.85
N GLU U 147 1.16 57.26 -90.59
CA GLU U 147 0.62 57.32 -89.24
C GLU U 147 0.67 55.95 -88.58
N GLN U 148 0.17 54.92 -89.24
CA GLN U 148 0.26 53.57 -88.70
C GLN U 148 1.72 53.21 -88.43
N GLN U 149 2.61 53.43 -89.38
CA GLN U 149 4.01 53.07 -89.22
C GLN U 149 4.70 53.92 -88.13
N ALA U 150 4.34 55.19 -87.97
CA ALA U 150 4.86 56.02 -86.89
C ALA U 150 4.43 55.43 -85.55
N ILE U 151 3.14 55.11 -85.41
CA ILE U 151 2.60 54.51 -84.19
C ILE U 151 3.33 53.19 -83.92
N PHE U 152 3.50 52.37 -84.95
CA PHE U 152 4.25 51.13 -84.85
C PHE U 152 5.67 51.38 -84.37
N GLU U 153 6.41 52.26 -85.03
CA GLU U 153 7.81 52.52 -84.68
C GLU U 153 7.92 53.10 -83.27
N LEU U 154 6.97 53.93 -82.86
CA LEU U 154 6.86 54.38 -81.48
C LEU U 154 6.66 53.19 -80.54
N LEU U 155 5.65 52.35 -80.79
CA LEU U 155 5.38 51.21 -79.95
C LEU U 155 6.57 50.26 -79.91
N ILE U 156 7.27 50.06 -81.02
CA ILE U 156 8.49 49.25 -81.06
C ILE U 156 9.57 49.90 -80.22
N ALA U 157 9.83 51.20 -80.36
CA ALA U 157 10.85 51.84 -79.55
C ALA U 157 10.50 51.69 -78.05
N ALA U 158 9.22 51.88 -77.71
CA ALA U 158 8.74 51.72 -76.35
C ALA U 158 8.93 50.28 -75.88
N LEU U 159 8.55 49.30 -76.69
CA LEU U 159 8.77 47.89 -76.38
C LEU U 159 10.27 47.58 -76.26
N GLU U 160 11.15 48.13 -77.09
CA GLU U 160 12.59 47.89 -76.97
C GLU U 160 13.10 48.36 -75.62
N ALA U 161 12.76 49.58 -75.21
CA ALA U 161 13.11 50.06 -73.89
C ALA U 161 12.50 49.16 -72.80
N ALA U 162 11.21 48.85 -72.92
CA ALA U 162 10.48 48.08 -71.93
C ALA U 162 11.11 46.71 -71.73
N ILE U 163 11.41 46.02 -72.82
CA ILE U 163 11.95 44.67 -72.76
C ILE U 163 13.42 44.68 -72.34
N ARG U 164 14.20 45.69 -72.76
CA ARG U 164 15.55 45.90 -72.20
C ARG U 164 15.49 46.03 -70.69
N LEU U 165 14.53 46.80 -70.18
CA LEU U 165 14.33 46.97 -68.75
C LEU U 165 13.80 45.70 -68.08
N GLU U 166 12.89 44.95 -68.71
CA GLU U 166 12.44 43.66 -68.20
C GLU U 166 13.61 42.68 -68.08
N LYS U 167 14.54 42.72 -69.05
CA LYS U 167 15.78 41.93 -68.98
C LYS U 167 16.62 42.37 -67.78
N LEU U 168 16.81 43.67 -67.56
CA LEU U 168 17.47 44.16 -66.36
C LEU U 168 16.77 43.68 -65.08
N LYS U 169 15.42 43.64 -65.06
CA LYS U 169 14.64 43.16 -63.91
C LYS U 169 14.93 41.69 -63.61
N GLU U 170 14.82 40.79 -64.60
CA GLU U 170 15.10 39.38 -64.35
C GLU U 170 16.60 39.13 -64.07
N GLU U 171 17.51 39.94 -64.62
CA GLU U 171 18.94 39.88 -64.28
C GLU U 171 19.26 40.40 -62.87
N GLY U 172 18.33 41.10 -62.20
CA GLY U 172 18.57 41.69 -60.88
C GLY U 172 19.60 42.84 -60.91
N ALA U 173 19.62 43.62 -61.99
CA ALA U 173 20.63 44.65 -62.26
C ALA U 173 20.67 45.78 -61.21
N PRO U 174 21.81 46.49 -61.06
CA PRO U 174 21.92 47.60 -60.13
C PRO U 174 21.03 48.79 -60.56
N PRO U 175 20.32 49.45 -59.64
CA PRO U 175 19.46 50.59 -59.95
C PRO U 175 20.14 51.70 -60.77
N GLU U 176 21.45 51.89 -60.63
CA GLU U 176 22.21 52.86 -61.42
C GLU U 176 22.14 52.56 -62.93
N GLN U 177 22.30 51.30 -63.33
CA GLN U 177 22.16 50.92 -64.72
C GLN U 177 20.74 51.16 -65.20
N ILE U 178 19.76 50.78 -64.38
CA ILE U 178 18.34 50.97 -64.66
C ILE U 178 18.02 52.45 -64.87
N GLU U 179 18.54 53.34 -64.02
CA GLU U 179 18.37 54.78 -64.21
C GLU U 179 18.88 55.23 -65.58
N ARG U 180 20.14 54.95 -65.91
CA ARG U 180 20.74 55.47 -67.15
C ARG U 180 20.04 54.93 -68.38
N VAL U 181 19.68 53.65 -68.37
CA VAL U 181 18.87 53.06 -69.45
C VAL U 181 17.49 53.71 -69.53
N ALA U 182 16.79 53.90 -68.40
CA ALA U 182 15.47 54.50 -68.40
C ALA U 182 15.50 55.93 -68.94
N GLU U 183 16.46 56.74 -68.49
CA GLU U 183 16.65 58.11 -68.97
C GLU U 183 16.93 58.11 -70.48
N HIS U 184 17.86 57.27 -70.94
CA HIS U 184 18.14 57.12 -72.37
C HIS U 184 16.90 56.73 -73.16
N GLY U 185 16.10 55.81 -72.65
CA GLY U 185 14.84 55.40 -73.27
C GLY U 185 13.84 56.55 -73.39
N LEU U 186 13.64 57.30 -72.32
CA LEU U 186 12.77 58.47 -72.35
C LEU U 186 13.27 59.51 -73.35
N GLU U 187 14.57 59.82 -73.37
CA GLU U 187 15.12 60.80 -74.33
C GLU U 187 14.97 60.32 -75.78
N ARG U 188 15.21 59.04 -76.05
CA ARG U 188 14.96 58.45 -77.36
C ARG U 188 13.50 58.65 -77.76
N LEU U 189 12.58 58.27 -76.88
CA LEU U 189 11.15 58.39 -77.11
C LEU U 189 10.76 59.85 -77.33
N LYS U 190 11.34 60.78 -76.58
CA LYS U 190 11.12 62.21 -76.76
C LYS U 190 11.48 62.64 -78.18
N GLU U 191 12.68 62.34 -78.63
CA GLU U 191 13.10 62.77 -79.96
C GLU U 191 12.29 62.08 -81.06
N ILE U 192 11.93 60.81 -80.89
CA ILE U 192 10.97 60.14 -81.78
C ILE U 192 9.64 60.90 -81.79
N ALA U 193 9.11 61.28 -80.63
CA ALA U 193 7.84 61.99 -80.57
C ALA U 193 7.92 63.33 -81.31
N LYS U 194 9.05 64.04 -81.20
CA LYS U 194 9.30 65.25 -81.99
C LYS U 194 9.30 64.94 -83.49
N GLU U 195 10.00 63.91 -83.93
CA GLU U 195 10.00 63.53 -85.35
C GLU U 195 8.57 63.22 -85.83
N ILE U 196 7.80 62.46 -85.06
CA ILE U 196 6.40 62.16 -85.37
C ILE U 196 5.59 63.46 -85.44
N SER U 197 5.75 64.34 -84.46
CA SER U 197 5.06 65.63 -84.42
C SER U 197 5.36 66.48 -85.66
N LYS U 198 6.59 66.44 -86.17
CA LYS U 198 6.94 67.11 -87.43
C LYS U 198 6.31 66.42 -88.64
N GLU U 199 6.28 65.10 -88.66
CA GLU U 199 5.82 64.33 -89.81
C GLU U 199 4.30 64.31 -89.99
N VAL U 200 3.51 64.25 -88.92
CA VAL U 200 2.05 64.03 -89.00
C VAL U 200 1.24 64.91 -88.05
N ASP U 201 -0.05 65.12 -88.33
CA ASP U 201 -0.88 66.12 -87.65
C ASP U 201 -2.34 65.71 -87.35
N SER U 202 -2.74 64.45 -87.54
CA SER U 202 -4.11 64.03 -87.22
C SER U 202 -4.42 64.20 -85.72
N PRO U 203 -5.60 64.74 -85.35
CA PRO U 203 -5.95 64.95 -83.95
C PRO U 203 -5.93 63.64 -83.16
N GLU U 204 -6.59 62.63 -83.67
CA GLU U 204 -6.65 61.32 -83.02
C GLU U 204 -5.27 60.68 -82.95
N SER U 205 -4.45 60.86 -84.00
CA SER U 205 -3.08 60.37 -84.00
C SER U 205 -2.28 61.00 -82.87
N LYS U 206 -2.32 62.32 -82.74
CA LYS U 206 -1.68 63.01 -81.60
C LYS U 206 -2.20 62.45 -80.27
N ARG U 207 -3.53 62.28 -80.16
CA ARG U 207 -4.18 61.75 -78.94
C ARG U 207 -3.59 60.41 -78.54
N ILE U 208 -3.55 59.49 -79.50
CA ILE U 208 -2.93 58.19 -79.36
C ILE U 208 -1.46 58.34 -78.96
N ALA U 209 -0.68 59.08 -79.75
CA ALA U 209 0.76 59.12 -79.60
C ALA U 209 1.17 59.62 -78.21
N TYR U 210 0.55 60.70 -77.75
CA TYR U 210 0.84 61.20 -76.43
C TYR U 210 0.51 60.16 -75.35
N LYS U 211 -0.68 59.55 -75.43
CA LYS U 211 -1.04 58.50 -74.46
C LYS U 211 -0.05 57.35 -74.50
N ILE U 212 0.46 56.98 -75.68
CA ILE U 212 1.50 55.96 -75.79
C ILE U 212 2.76 56.42 -75.07
N VAL U 213 3.23 57.65 -75.28
CA VAL U 213 4.43 58.13 -74.57
C VAL U 213 4.22 58.05 -73.08
N ALA U 214 3.05 58.47 -72.60
CA ALA U 214 2.69 58.34 -71.20
C ALA U 214 2.71 56.88 -70.74
N ALA U 215 2.09 55.97 -71.50
CA ALA U 215 2.06 54.55 -71.20
C ALA U 215 3.49 53.99 -71.05
N ALA U 216 4.40 54.38 -71.93
CA ALA U 216 5.80 53.97 -71.84
C ALA U 216 6.45 54.49 -70.56
N ALA U 217 6.26 55.78 -70.25
CA ALA U 217 6.81 56.33 -69.03
C ALA U 217 6.27 55.61 -67.78
N GLU U 218 4.96 55.38 -67.67
CA GLU U 218 4.43 54.72 -66.48
C GLU U 218 4.88 53.27 -66.36
N PHE U 219 5.13 52.57 -67.47
CA PHE U 219 5.73 51.25 -67.41
C PHE U 219 7.15 51.32 -66.84
N LEU U 220 7.97 52.24 -67.34
CA LEU U 220 9.31 52.46 -66.79
C LEU U 220 9.24 52.74 -65.29
N LEU U 221 8.34 53.62 -64.87
CA LEU U 221 8.16 53.95 -63.45
C LEU U 221 7.74 52.72 -62.65
N LYS U 222 6.72 51.97 -63.09
CA LYS U 222 6.28 50.77 -62.39
C LYS U 222 7.39 49.73 -62.29
N ILE U 223 8.14 49.48 -63.36
CA ILE U 223 9.22 48.49 -63.29
C ILE U 223 10.37 48.97 -62.40
N LEU U 224 10.70 50.27 -62.40
CA LEU U 224 11.63 50.81 -61.41
C LEU U 224 11.12 50.54 -59.99
N ALA U 225 9.83 50.77 -59.74
CA ALA U 225 9.22 50.58 -58.44
C ALA U 225 9.19 49.10 -58.00
N GLU U 226 8.85 48.18 -58.89
CA GLU U 226 9.00 46.74 -58.64
C GLU U 226 10.48 46.36 -58.43
N GLY U 227 11.40 47.10 -59.03
CA GLY U 227 12.84 46.98 -58.83
C GLY U 227 13.33 47.43 -57.45
N GLY U 228 12.47 48.04 -56.63
CA GLY U 228 12.78 48.39 -55.24
C GLY U 228 13.92 49.42 -55.07
N ALA U 229 14.16 50.27 -56.08
CA ALA U 229 15.22 51.28 -56.05
C ALA U 229 15.09 52.27 -54.86
N THR U 230 16.21 52.81 -54.40
CA THR U 230 16.23 53.73 -53.25
C THR U 230 15.52 55.06 -53.55
N PRO U 231 14.93 55.72 -52.54
CA PRO U 231 14.10 56.90 -52.74
C PRO U 231 14.68 58.01 -53.64
N GLU U 232 15.98 58.28 -53.57
CA GLU U 232 16.58 59.32 -54.40
C GLU U 232 16.55 58.96 -55.89
N GLN U 233 16.75 57.69 -56.24
CA GLN U 233 16.57 57.23 -57.62
C GLN U 233 15.11 57.36 -58.05
N LEU U 234 14.15 56.99 -57.18
CA LEU U 234 12.73 57.17 -57.47
C LEU U 234 12.42 58.63 -57.76
N GLU U 235 12.93 59.55 -56.94
CA GLU U 235 12.80 60.99 -57.16
C GLU U 235 13.38 61.41 -58.51
N ARG U 236 14.66 61.11 -58.77
CA ARG U 236 15.35 61.57 -59.99
C ARG U 236 14.62 61.12 -61.24
N VAL U 237 14.25 59.84 -61.31
CA VAL U 237 13.51 59.33 -62.46
C VAL U 237 12.13 59.99 -62.54
N THR U 238 11.43 60.13 -61.42
CA THR U 238 10.11 60.76 -61.42
C THR U 238 10.17 62.17 -61.97
N GLU U 239 11.10 63.00 -61.48
CA GLU U 239 11.20 64.37 -61.95
C GLU U 239 11.57 64.41 -63.42
N HIS U 240 12.53 63.59 -63.85
CA HIS U 240 12.89 63.54 -65.26
C HIS U 240 11.69 63.10 -66.11
N ALA U 241 10.87 62.16 -65.63
CA ALA U 241 9.68 61.72 -66.34
C ALA U 241 8.64 62.83 -66.46
N LEU U 242 8.35 63.54 -65.37
CA LEU U 242 7.48 64.71 -65.45
C LEU U 242 8.03 65.72 -66.46
N GLU U 243 9.33 65.98 -66.44
CA GLU U 243 9.98 66.91 -67.35
C GLU U 243 9.82 66.48 -68.81
N VAL U 244 10.06 65.20 -69.08
CA VAL U 244 9.84 64.61 -70.40
C VAL U 244 8.38 64.78 -70.79
N LEU U 245 7.44 64.41 -69.93
CA LEU U 245 6.01 64.51 -70.27
C LEU U 245 5.65 65.94 -70.59
N LYS U 246 6.12 66.90 -69.79
CA LYS U 246 5.93 68.32 -70.04
C LYS U 246 6.49 68.70 -71.41
N GLU U 247 7.74 68.38 -71.68
CA GLU U 247 8.36 68.76 -72.96
C GLU U 247 7.60 68.14 -74.14
N VAL U 248 7.30 66.84 -74.07
CA VAL U 248 6.60 66.14 -75.16
C VAL U 248 5.19 66.72 -75.32
N ALA U 249 4.47 66.95 -74.23
CA ALA U 249 3.14 67.54 -74.32
C ALA U 249 3.19 68.88 -75.03
N LYS U 250 4.17 69.73 -74.71
CA LYS U 250 4.32 71.05 -75.33
C LYS U 250 4.57 70.94 -76.83
N GLU U 251 5.42 70.02 -77.25
CA GLU U 251 5.68 69.73 -78.67
C GLU U 251 4.55 68.94 -79.36
N LEU U 252 3.45 68.64 -78.66
CA LEU U 252 2.39 67.74 -79.12
C LEU U 252 1.00 68.19 -78.63
N ALA U 253 0.73 69.50 -78.67
CA ALA U 253 -0.55 70.07 -78.25
C ALA U 253 -1.01 71.27 -79.11
N ASP U 254 -2.33 71.43 -79.25
CA ASP U 254 -2.97 72.50 -80.04
C ASP U 254 -4.36 72.96 -79.54
N SER U 255 -4.97 72.24 -78.59
CA SER U 255 -6.39 72.40 -78.22
C SER U 255 -6.61 72.12 -76.73
N PRO U 256 -7.68 72.64 -76.11
CA PRO U 256 -8.18 72.15 -74.83
C PRO U 256 -8.33 70.62 -74.78
N GLU U 257 -8.64 69.96 -75.90
CA GLU U 257 -8.59 68.49 -75.98
C GLU U 257 -7.19 67.96 -75.64
N SER U 258 -6.16 68.55 -76.24
CA SER U 258 -4.77 68.24 -75.92
C SER U 258 -4.53 68.50 -74.43
N GLY U 259 -5.09 69.58 -73.90
CA GLY U 259 -5.04 69.89 -72.48
C GLY U 259 -5.56 68.72 -71.64
N LEU U 260 -6.78 68.27 -71.89
CA LEU U 260 -7.38 67.16 -71.16
C LEU U 260 -6.47 65.94 -71.18
N ALA U 261 -5.96 65.57 -72.35
CA ALA U 261 -5.04 64.45 -72.44
C ALA U 261 -3.78 64.71 -71.60
N ALA U 262 -3.15 65.87 -71.81
CA ALA U 262 -1.90 66.21 -71.17
C ALA U 262 -2.04 66.11 -69.65
N LEU U 263 -3.06 66.79 -69.11
CA LEU U 263 -3.27 66.84 -67.69
C LEU U 263 -3.64 65.47 -67.16
N ALA U 264 -4.54 64.74 -67.81
CA ALA U 264 -4.95 63.44 -67.30
C ALA U 264 -3.74 62.53 -67.15
N ALA U 265 -2.89 62.49 -68.18
CA ALA U 265 -1.71 61.66 -68.15
C ALA U 265 -0.75 62.11 -67.05
N ILE U 266 -0.44 63.40 -67.00
CA ILE U 266 0.55 63.89 -66.03
C ILE U 266 0.04 63.63 -64.62
N ALA U 267 -1.24 63.92 -64.36
CA ALA U 267 -1.86 63.66 -63.08
C ALA U 267 -1.77 62.19 -62.72
N SER U 268 -2.07 61.31 -63.66
CA SER U 268 -1.93 59.88 -63.46
C SER U 268 -0.49 59.53 -63.10
N LEU U 269 0.49 59.97 -63.87
CA LEU U 269 1.89 59.61 -63.65
C LEU U 269 2.38 60.12 -62.30
N ALA U 270 2.03 61.35 -61.94
CA ALA U 270 2.36 61.88 -60.64
C ALA U 270 1.70 61.08 -59.51
N LYS U 271 0.39 60.81 -59.61
CA LYS U 271 -0.37 60.04 -58.62
C LYS U 271 0.25 58.67 -58.41
N LEU U 272 0.57 57.99 -59.51
CA LEU U 272 1.26 56.71 -59.50
C LEU U 272 2.61 56.82 -58.76
N GLY U 273 3.41 57.85 -59.08
CA GLY U 273 4.69 58.08 -58.44
C GLY U 273 4.56 58.28 -56.94
N LEU U 274 3.61 59.12 -56.53
CA LEU U 274 3.33 59.38 -55.13
C LEU U 274 2.86 58.11 -54.42
N GLU U 275 2.07 57.27 -55.09
CA GLU U 275 1.67 55.97 -54.52
C GLU U 275 2.88 55.05 -54.29
N GLN U 276 3.92 55.12 -55.13
CA GLN U 276 5.17 54.38 -54.85
C GLN U 276 5.88 54.95 -53.62
N LEU U 277 5.94 56.27 -53.48
CA LEU U 277 6.48 56.91 -52.28
C LEU U 277 5.70 56.49 -51.03
N LYS U 278 4.37 56.38 -51.12
CA LYS U 278 3.54 55.86 -50.03
C LYS U 278 3.85 54.39 -49.72
N GLU U 279 4.01 53.56 -50.75
CA GLU U 279 4.31 52.13 -50.56
C GLU U 279 5.70 51.90 -49.93
N ILE U 280 6.74 52.59 -50.39
CA ILE U 280 8.09 52.47 -49.78
C ILE U 280 8.18 53.15 -48.41
N GLY U 281 7.19 53.97 -48.05
CA GLY U 281 7.18 54.72 -46.80
C GLY U 281 8.18 55.88 -46.79
N ALA U 282 8.32 56.58 -47.92
CA ALA U 282 9.26 57.70 -48.07
C ALA U 282 8.96 58.85 -47.07
N PRO U 283 9.99 59.52 -46.52
CA PRO U 283 9.80 60.54 -45.51
C PRO U 283 9.14 61.80 -46.09
N PRO U 284 8.49 62.63 -45.25
CA PRO U 284 7.68 63.76 -45.70
C PRO U 284 8.35 64.68 -46.71
N GLU U 285 9.66 64.95 -46.59
CA GLU U 285 10.34 65.82 -47.55
C GLU U 285 10.29 65.27 -48.99
N GLN U 286 10.40 63.95 -49.18
CA GLN U 286 10.22 63.36 -50.51
C GLN U 286 8.78 63.58 -51.02
N GLN U 287 7.79 63.46 -50.14
CA GLN U 287 6.38 63.71 -50.46
C GLN U 287 6.19 65.16 -50.92
N ARG U 288 6.78 66.12 -50.20
CA ARG U 288 6.80 67.53 -50.60
C ARG U 288 7.48 67.71 -51.94
N ARG U 289 8.70 67.18 -52.13
CA ARG U 289 9.47 67.31 -53.39
C ARG U 289 8.64 66.85 -54.59
N VAL U 290 8.14 65.62 -54.55
CA VAL U 290 7.36 65.05 -55.66
C VAL U 290 6.06 65.81 -55.88
N THR U 291 5.29 66.09 -54.84
CA THR U 291 4.02 66.83 -55.02
C THR U 291 4.27 68.22 -55.59
N LYS U 292 5.28 68.95 -55.10
CA LYS U 292 5.63 70.26 -55.66
C LYS U 292 6.08 70.13 -57.11
N ALA U 293 6.93 69.16 -57.43
CA ALA U 293 7.33 68.94 -58.82
C ALA U 293 6.10 68.69 -59.71
N GLY U 294 5.16 67.87 -59.23
CA GLY U 294 3.89 67.65 -59.90
C GLY U 294 3.11 68.95 -60.09
N ILE U 295 2.91 69.71 -59.02
CA ILE U 295 2.26 71.01 -59.09
C ILE U 295 2.99 71.95 -60.06
N GLU U 296 4.32 71.95 -60.12
CA GLU U 296 5.04 72.76 -61.11
C GLU U 296 4.77 72.30 -62.54
N ALA U 297 4.61 70.99 -62.76
CA ALA U 297 4.09 70.51 -64.03
C ALA U 297 2.66 70.99 -64.26
N VAL U 298 1.76 70.90 -63.27
CA VAL U 298 0.39 71.43 -63.37
C VAL U 298 0.42 72.89 -63.79
N ARG U 299 1.28 73.68 -63.13
CA ARG U 299 1.46 75.10 -63.36
C ARG U 299 1.91 75.37 -64.79
N GLU U 300 2.96 74.71 -65.26
CA GLU U 300 3.44 74.93 -66.62
C GLU U 300 2.48 74.40 -67.67
N ILE U 301 1.78 73.30 -67.42
CA ILE U 301 0.73 72.81 -68.32
C ILE U 301 -0.42 73.82 -68.36
N TYR U 302 -0.86 74.37 -67.23
CA TYR U 302 -1.85 75.43 -67.22
C TYR U 302 -1.38 76.61 -68.06
N ARG U 303 -0.16 77.12 -67.82
CA ARG U 303 0.36 78.30 -68.50
C ARG U 303 0.54 78.07 -70.00
N TYR U 304 1.10 76.94 -70.41
CA TYR U 304 1.19 76.60 -71.82
C TYR U 304 -0.21 76.44 -72.42
N GLY U 305 -1.15 75.86 -71.68
CA GLY U 305 -2.56 75.82 -72.05
C GLY U 305 -3.13 77.22 -72.28
N ARG U 306 -2.90 78.16 -71.36
CA ARG U 306 -3.31 79.56 -71.50
C ARG U 306 -2.64 80.24 -72.70
N LYS U 307 -1.42 79.85 -73.07
CA LYS U 307 -0.77 80.32 -74.31
C LYS U 307 -1.48 79.82 -75.57
N LEU U 308 -2.10 78.64 -75.54
CA LEU U 308 -2.91 78.12 -76.64
C LEU U 308 -4.36 78.67 -76.62
N TYR U 309 -4.89 79.01 -75.44
CA TYR U 309 -6.33 79.16 -75.19
C TYR U 309 -6.65 80.30 -74.21
N ASP V 3 -33.65 -72.74 20.04
CA ASP V 3 -34.57 -73.91 20.13
C ASP V 3 -34.09 -75.14 19.37
N ASP V 4 -33.63 -75.03 18.11
CA ASP V 4 -33.46 -76.19 17.21
C ASP V 4 -32.70 -77.37 17.82
N LEU V 5 -31.65 -77.11 18.60
CA LEU V 5 -30.89 -78.18 19.23
C LEU V 5 -31.78 -79.06 20.12
N LEU V 6 -32.70 -78.50 20.90
CA LEU V 6 -33.62 -79.28 21.72
C LEU V 6 -34.50 -80.17 20.85
N LEU V 7 -34.96 -79.65 19.72
CA LEU V 7 -35.70 -80.44 18.74
C LEU V 7 -34.86 -81.64 18.32
N LYS V 8 -33.61 -81.40 17.95
CA LYS V 8 -32.70 -82.46 17.55
C LYS V 8 -32.40 -83.42 18.70
N LEU V 9 -32.34 -82.98 19.96
CA LEU V 9 -32.22 -83.89 21.09
C LEU V 9 -33.43 -84.82 21.21
N LEU V 10 -34.63 -84.29 21.03
CA LEU V 10 -35.80 -85.13 20.95
C LEU V 10 -35.66 -86.12 19.80
N GLU V 11 -35.21 -85.67 18.62
CA GLU V 11 -35.02 -86.60 17.51
C GLU V 11 -34.02 -87.70 17.86
N LEU V 12 -32.92 -87.37 18.53
CA LEU V 12 -31.98 -88.39 19.00
C LEU V 12 -32.63 -89.35 19.99
N LEU V 13 -33.39 -88.83 20.96
CA LEU V 13 -34.12 -89.68 21.88
C LEU V 13 -35.05 -90.62 21.12
N VAL V 14 -35.78 -90.11 20.14
CA VAL V 14 -36.67 -90.92 19.31
C VAL V 14 -35.88 -91.95 18.54
N GLU V 15 -34.74 -91.58 17.97
CA GLU V 15 -33.95 -92.54 17.24
C GLU V 15 -33.42 -93.64 18.16
N GLN V 16 -32.95 -93.28 19.37
CA GLN V 16 -32.52 -94.26 20.36
C GLN V 16 -33.67 -95.17 20.76
N ALA V 17 -34.88 -94.63 20.89
CA ALA V 17 -36.06 -95.45 21.07
C ALA V 17 -36.30 -96.35 19.85
N ARG V 18 -36.16 -95.87 18.62
CA ARG V 18 -36.43 -96.65 17.41
C ARG V 18 -35.44 -97.80 17.25
N VAL V 19 -34.18 -97.56 17.56
CA VAL V 19 -33.17 -98.63 17.67
C VAL V 19 -33.49 -99.54 18.84
N SER V 20 -34.01 -99.01 19.95
CA SER V 20 -34.51 -99.85 21.03
C SER V 20 -35.75 -100.66 20.62
N ALA V 21 -36.53 -100.25 19.62
CA ALA V 21 -37.63 -101.05 19.07
C ALA V 21 -37.10 -102.19 18.20
N GLU V 22 -36.02 -101.96 17.44
CA GLU V 22 -35.24 -103.07 16.87
C GLU V 22 -34.67 -103.99 17.96
N PHE V 23 -34.19 -103.45 19.08
CA PHE V 23 -33.69 -104.25 20.21
C PHE V 23 -34.82 -105.09 20.82
N ALA V 24 -36.01 -104.51 20.99
CA ALA V 24 -37.20 -105.24 21.41
C ALA V 24 -37.59 -106.34 20.40
N ARG V 25 -37.40 -106.12 19.09
CA ARG V 25 -37.57 -107.18 18.07
C ARG V 25 -36.54 -108.31 18.17
N ARG V 26 -35.37 -108.08 18.79
CA ARG V 26 -34.41 -109.15 19.14
C ARG V 26 -34.77 -109.86 20.44
N GLN V 27 -35.08 -109.12 21.52
CA GLN V 27 -35.20 -109.70 22.88
C GLN V 27 -36.64 -110.08 23.33
N GLY V 28 -37.68 -109.44 22.79
CA GLY V 28 -39.10 -109.71 23.12
C GLY V 28 -39.62 -109.20 24.47
N ASP V 29 -38.88 -108.35 25.19
CA ASP V 29 -39.27 -107.83 26.51
C ASP V 29 -40.37 -106.75 26.48
N GLU V 30 -41.49 -106.99 27.17
CA GLU V 30 -42.52 -105.96 27.35
C GLU V 30 -42.10 -104.78 28.23
N LYS V 31 -41.20 -104.97 29.21
CA LYS V 31 -40.80 -103.86 30.08
C LYS V 31 -40.05 -102.79 29.29
N MET V 32 -39.16 -103.18 28.39
CA MET V 32 -38.59 -102.25 27.42
C MET V 32 -39.67 -101.56 26.58
N LEU V 33 -40.67 -102.30 26.07
CA LEU V 33 -41.74 -101.69 25.27
C LEU V 33 -42.51 -100.63 26.08
N GLU V 34 -42.84 -100.90 27.34
CA GLU V 34 -43.41 -99.92 28.26
C GLU V 34 -42.48 -98.71 28.43
N GLU V 35 -41.18 -98.93 28.65
CA GLU V 35 -40.20 -97.86 28.80
C GLU V 35 -40.10 -96.99 27.54
N VAL V 36 -39.95 -97.58 26.35
CA VAL V 36 -39.88 -96.77 25.12
C VAL V 36 -41.21 -96.10 24.82
N ALA V 37 -42.36 -96.73 25.12
CA ALA V 37 -43.65 -96.08 24.95
C ALA V 37 -43.74 -94.82 25.82
N ARG V 38 -43.44 -94.95 27.11
CA ARG V 38 -43.47 -93.81 28.04
C ARG V 38 -42.43 -92.76 27.65
N LYS V 39 -41.23 -93.15 27.21
CA LYS V 39 -40.25 -92.21 26.65
C LYS V 39 -40.80 -91.47 25.45
N ALA V 40 -41.46 -92.17 24.52
CA ALA V 40 -42.06 -91.53 23.36
C ALA V 40 -43.20 -90.60 23.77
N GLU V 41 -43.97 -90.95 24.80
CA GLU V 41 -44.94 -90.02 25.37
C GLU V 41 -44.26 -88.79 25.99
N GLU V 42 -43.11 -88.93 26.65
CA GLU V 42 -42.34 -87.77 27.12
C GLU V 42 -41.89 -86.89 25.96
N VAL V 43 -41.41 -87.50 24.87
CA VAL V 43 -41.14 -86.74 23.66
C VAL V 43 -42.40 -86.05 23.18
N ALA V 44 -43.53 -86.74 23.12
CA ALA V 44 -44.79 -86.17 22.66
C ALA V 44 -45.20 -84.97 23.52
N ARG V 45 -45.07 -85.07 24.85
CA ARG V 45 -45.28 -83.96 25.78
C ARG V 45 -44.38 -82.78 25.44
N LYS V 46 -43.07 -83.02 25.30
CA LYS V 46 -42.09 -81.98 25.02
C LYS V 46 -42.42 -81.29 23.71
N ALA V 47 -42.58 -82.09 22.65
CA ALA V 47 -42.85 -81.61 21.31
C ALA V 47 -44.20 -80.88 21.23
N GLU V 48 -45.26 -81.40 21.84
CA GLU V 48 -46.57 -80.74 21.82
C GLU V 48 -46.49 -79.38 22.53
N SER V 49 -45.81 -79.34 23.67
CA SER V 49 -45.60 -78.07 24.39
C SER V 49 -44.85 -77.07 23.51
N ILE V 50 -43.77 -77.50 22.89
CA ILE V 50 -43.00 -76.67 21.96
C ILE V 50 -43.87 -76.22 20.79
N ALA V 51 -44.72 -77.11 20.24
CA ALA V 51 -45.58 -76.78 19.11
C ALA V 51 -46.64 -75.74 19.47
N ARG V 52 -47.30 -75.88 20.62
CA ARG V 52 -48.25 -74.86 21.13
C ARG V 52 -47.54 -73.52 21.30
N LYS V 53 -46.34 -73.51 21.88
CA LYS V 53 -45.48 -72.32 21.99
C LYS V 53 -45.21 -71.71 20.62
N ALA V 54 -44.69 -72.50 19.68
CA ALA V 54 -44.35 -72.03 18.34
C ALA V 54 -45.58 -71.45 17.61
N ARG V 55 -46.75 -72.09 17.73
CA ARG V 55 -47.99 -71.57 17.12
C ARG V 55 -48.41 -70.23 17.73
N LYS V 56 -48.26 -70.07 19.04
CA LYS V 56 -48.50 -68.78 19.72
C LYS V 56 -47.46 -67.71 19.35
N GLU V 57 -46.20 -68.09 19.22
CA GLU V 57 -45.11 -67.18 18.79
C GLU V 57 -45.21 -66.75 17.32
N GLY V 58 -45.76 -67.62 16.46
CA GLY V 58 -45.95 -67.34 15.04
C GLY V 58 -44.79 -67.74 14.11
N ASN V 59 -43.81 -68.53 14.58
CA ASN V 59 -42.76 -69.08 13.72
C ASN V 59 -43.21 -70.43 13.13
N LEU V 60 -43.69 -70.41 11.88
CA LEU V 60 -44.21 -71.63 11.22
C LEU V 60 -43.11 -72.66 10.94
N GLU V 61 -41.88 -72.24 10.68
CA GLU V 61 -40.79 -73.19 10.45
C GLU V 61 -40.56 -74.06 11.69
N LEU V 62 -40.44 -73.43 12.87
CA LEU V 62 -40.31 -74.16 14.12
C LEU V 62 -41.53 -75.04 14.38
N ALA V 63 -42.74 -74.53 14.13
CA ALA V 63 -43.94 -75.34 14.31
C ALA V 63 -43.91 -76.58 13.41
N LEU V 64 -43.56 -76.43 12.14
CA LEU V 64 -43.49 -77.54 11.21
C LEU V 64 -42.38 -78.50 11.61
N LYS V 65 -41.21 -78.01 12.01
CA LYS V 65 -40.16 -78.86 12.59
C LYS V 65 -40.72 -79.68 13.76
N ALA V 66 -41.40 -79.05 14.70
CA ALA V 66 -41.99 -79.74 15.84
C ALA V 66 -43.04 -80.76 15.41
N LEU V 67 -43.89 -80.44 14.42
CA LEU V 67 -44.82 -81.42 13.88
C LEU V 67 -44.08 -82.60 13.28
N GLU V 68 -42.93 -82.40 12.64
CA GLU V 68 -42.12 -83.51 12.18
C GLU V 68 -41.55 -84.34 13.33
N ILE V 69 -41.22 -83.74 14.48
CA ILE V 69 -40.94 -84.55 15.68
C ILE V 69 -42.16 -85.38 16.01
N LEU V 70 -43.36 -84.77 16.06
CA LEU V 70 -44.57 -85.50 16.41
C LEU V 70 -44.82 -86.65 15.44
N VAL V 71 -44.56 -86.46 14.16
CA VAL V 71 -44.55 -87.54 13.17
C VAL V 71 -43.53 -88.61 13.53
N ARG V 72 -42.27 -88.24 13.76
CA ARG V 72 -41.20 -89.20 14.05
C ARG V 72 -41.57 -90.02 15.29
N ALA V 73 -42.04 -89.35 16.33
CA ALA V 73 -42.54 -89.98 17.54
C ALA V 73 -43.74 -90.89 17.24
N ALA V 74 -44.68 -90.43 16.42
CA ALA V 74 -45.81 -91.25 16.04
C ALA V 74 -45.34 -92.51 15.31
N HIS V 75 -44.31 -92.45 14.47
CA HIS V 75 -43.77 -93.66 13.83
C HIS V 75 -43.31 -94.65 14.89
N VAL V 76 -42.46 -94.24 15.83
CA VAL V 76 -42.00 -95.19 16.84
C VAL V 76 -43.16 -95.66 17.72
N LEU V 77 -44.11 -94.80 18.07
CA LEU V 77 -45.31 -95.21 18.80
C LEU V 77 -46.09 -96.26 18.03
N ALA V 78 -46.25 -96.09 16.72
CA ALA V 78 -46.93 -97.06 15.87
C ALA V 78 -46.16 -98.38 15.82
N GLU V 79 -44.83 -98.37 15.70
CA GLU V 79 -44.03 -99.58 15.79
C GLU V 79 -44.27 -100.30 17.13
N ILE V 80 -44.17 -99.58 18.24
CA ILE V 80 -44.34 -100.13 19.60
C ILE V 80 -45.75 -100.71 19.77
N ALA V 81 -46.77 -99.99 19.33
CA ALA V 81 -48.14 -100.46 19.34
C ALA V 81 -48.31 -101.72 18.48
N ARG V 82 -47.70 -101.78 17.29
CA ARG V 82 -47.81 -102.92 16.37
C ARG V 82 -47.13 -104.17 16.90
N GLU V 83 -46.01 -104.03 17.60
CA GLU V 83 -45.39 -105.15 18.32
C GLU V 83 -46.22 -105.59 19.54
N ARG V 84 -46.67 -104.64 20.38
CA ARG V 84 -47.32 -104.97 21.67
C ARG V 84 -48.80 -105.36 21.55
N GLY V 85 -49.48 -104.87 20.52
CA GLY V 85 -50.93 -105.05 20.29
C GLY V 85 -51.85 -104.20 21.17
N ASN V 86 -51.30 -103.42 22.11
CA ASN V 86 -52.05 -102.66 23.11
C ASN V 86 -52.79 -101.45 22.50
N GLU V 87 -54.06 -101.27 22.87
CA GLU V 87 -54.95 -100.25 22.31
C GLU V 87 -54.68 -98.82 22.82
N GLU V 88 -54.08 -98.66 24.00
CA GLU V 88 -53.83 -97.34 24.61
C GLU V 88 -52.99 -96.47 23.67
N LEU V 89 -51.93 -97.06 23.12
CA LEU V 89 -51.05 -96.38 22.17
C LEU V 89 -51.78 -96.07 20.88
N GLN V 90 -52.60 -96.99 20.35
CA GLN V 90 -53.36 -96.73 19.12
C GLN V 90 -54.36 -95.57 19.30
N LYS V 91 -55.04 -95.50 20.45
CA LYS V 91 -55.90 -94.36 20.79
C LYS V 91 -55.10 -93.06 20.90
N LYS V 92 -54.02 -93.05 21.67
CA LYS V 92 -53.13 -91.87 21.83
C LYS V 92 -52.62 -91.38 20.48
N ALA V 93 -52.10 -92.30 19.66
CA ALA V 93 -51.61 -91.99 18.33
C ALA V 93 -52.72 -91.42 17.46
N HIS V 94 -53.91 -92.03 17.44
CA HIS V 94 -55.03 -91.50 16.65
C HIS V 94 -55.42 -90.08 17.09
N LYS V 95 -55.56 -89.84 18.39
CA LYS V 95 -55.86 -88.51 18.95
C LYS V 95 -54.80 -87.49 18.53
N LEU V 96 -53.53 -87.81 18.76
CA LEU V 96 -52.42 -86.95 18.39
C LEU V 96 -52.40 -86.70 16.88
N ALA V 97 -52.56 -87.74 16.06
CA ALA V 97 -52.54 -87.62 14.61
C ALA V 97 -53.69 -86.76 14.10
N LYS V 98 -54.90 -86.94 14.61
CA LYS V 98 -56.06 -86.14 14.19
C LYS V 98 -55.88 -84.67 14.54
N GLU V 99 -55.40 -84.36 15.74
CA GLU V 99 -55.11 -82.99 16.14
C GLU V 99 -53.93 -82.39 15.36
N ALA V 100 -52.89 -83.18 15.11
CA ALA V 100 -51.78 -82.76 14.26
C ALA V 100 -52.26 -82.48 12.84
N LEU V 101 -53.13 -83.33 12.28
CA LEU V 101 -53.72 -83.12 10.96
C LEU V 101 -54.46 -81.80 10.92
N ARG V 102 -55.33 -81.54 11.89
CA ARG V 102 -56.03 -80.26 12.01
C ARG V 102 -55.03 -79.10 12.08
N GLN V 103 -54.13 -79.12 13.04
CA GLN V 103 -53.21 -78.00 13.24
C GLN V 103 -52.33 -77.78 12.01
N VAL V 104 -51.80 -78.84 11.40
CA VAL V 104 -50.97 -78.69 10.21
C VAL V 104 -51.79 -78.17 9.04
N ILE V 105 -53.06 -78.58 8.89
CA ILE V 105 -53.91 -77.99 7.86
C ILE V 105 -54.05 -76.49 8.11
N GLU V 106 -54.36 -76.09 9.34
CA GLU V 106 -54.53 -74.67 9.67
C GLU V 106 -53.23 -73.89 9.45
N ILE V 107 -52.10 -74.44 9.84
CA ILE V 107 -50.79 -73.87 9.55
C ILE V 107 -50.57 -73.80 8.04
N ALA V 108 -50.94 -74.83 7.27
CA ALA V 108 -50.74 -74.84 5.83
C ALA V 108 -51.63 -73.78 5.14
N ILE V 109 -52.85 -73.60 5.60
CA ILE V 109 -53.70 -72.50 5.16
C ILE V 109 -52.97 -71.18 5.44
N ARG V 110 -52.46 -70.99 6.66
CA ARG V 110 -51.72 -69.76 7.00
C ARG V 110 -50.50 -69.57 6.09
N ALA V 111 -49.72 -70.62 5.83
CA ALA V 111 -48.54 -70.56 4.97
C ALA V 111 -48.90 -70.13 3.54
N ILE V 112 -49.96 -70.70 2.97
CA ILE V 112 -50.48 -70.29 1.65
C ILE V 112 -50.99 -68.84 1.71
N GLN V 113 -51.70 -68.47 2.78
CA GLN V 113 -52.24 -67.13 2.96
C GLN V 113 -51.15 -66.06 3.06
N GLU V 114 -50.02 -66.37 3.71
CA GLU V 114 -48.82 -65.51 3.77
C GLU V 114 -47.92 -65.64 2.52
N GLY V 115 -48.21 -66.57 1.60
CA GLY V 115 -47.44 -66.78 0.37
C GLY V 115 -46.12 -67.54 0.53
N ASN V 116 -45.87 -68.16 1.68
CA ASN V 116 -44.70 -69.03 1.88
C ASN V 116 -45.00 -70.46 1.38
N LEU V 117 -44.98 -70.62 0.07
CA LEU V 117 -45.29 -71.90 -0.57
C LEU V 117 -44.26 -72.97 -0.17
N GLU V 118 -43.04 -72.58 0.16
CA GLU V 118 -41.99 -73.50 0.62
C GLU V 118 -42.40 -74.19 1.92
N LEU V 119 -42.81 -73.42 2.94
CA LEU V 119 -43.32 -74.01 4.16
C LEU V 119 -44.61 -74.79 3.89
N ALA V 120 -45.48 -74.33 2.99
CA ALA V 120 -46.67 -75.10 2.64
C ALA V 120 -46.29 -76.48 2.06
N ILE V 121 -45.29 -76.53 1.18
CA ILE V 121 -44.79 -77.79 0.63
C ILE V 121 -44.28 -78.67 1.76
N ILE V 122 -43.49 -78.14 2.68
CA ILE V 122 -43.02 -78.89 3.85
C ILE V 122 -44.22 -79.41 4.65
N ALA V 123 -45.23 -78.57 4.85
CA ALA V 123 -46.43 -78.97 5.57
C ALA V 123 -47.16 -80.09 4.86
N LEU V 124 -47.26 -80.06 3.53
CA LEU V 124 -47.87 -81.15 2.81
C LEU V 124 -47.02 -82.42 2.94
N HIS V 125 -45.69 -82.32 2.91
CA HIS V 125 -44.80 -83.45 3.18
C HIS V 125 -45.12 -84.07 4.54
N ILE V 126 -45.17 -83.24 5.59
CA ILE V 126 -45.56 -83.67 6.93
C ILE V 126 -46.96 -84.32 6.87
N SER V 127 -47.88 -83.74 6.11
CA SER V 127 -49.23 -84.28 5.98
C SER V 127 -49.20 -85.67 5.36
N VAL V 128 -48.36 -85.90 4.36
CA VAL V 128 -48.17 -87.24 3.82
C VAL V 128 -47.64 -88.17 4.91
N ARG V 129 -46.69 -87.74 5.73
CA ARG V 129 -46.22 -88.59 6.82
C ARG V 129 -47.34 -88.87 7.82
N ILE V 130 -48.19 -87.90 8.13
CA ILE V 130 -49.36 -88.15 8.97
C ILE V 130 -50.27 -89.18 8.30
N ALA V 131 -50.43 -89.12 6.98
CA ALA V 131 -51.15 -90.15 6.27
C ALA V 131 -50.49 -91.52 6.42
N GLU V 132 -49.15 -91.63 6.36
CA GLU V 132 -48.47 -92.90 6.64
C GLU V 132 -48.85 -93.44 8.02
N VAL V 133 -48.84 -92.57 9.02
CA VAL V 133 -49.20 -92.92 10.39
C VAL V 133 -50.66 -93.39 10.44
N LEU V 134 -51.58 -92.60 9.89
CA LEU V 134 -53.00 -92.98 9.88
C LEU V 134 -53.20 -94.30 9.16
N LEU V 135 -52.59 -94.49 8.00
CA LEU V 135 -52.69 -95.71 7.21
C LEU V 135 -52.25 -96.93 8.03
N GLU V 136 -51.08 -96.84 8.68
CA GLU V 136 -50.62 -97.95 9.51
C GLU V 136 -51.49 -98.13 10.75
N THR V 137 -52.12 -97.07 11.25
CA THR V 137 -52.95 -97.11 12.46
C THR V 137 -54.27 -97.84 12.22
N ARG V 138 -55.02 -97.45 11.18
CA ARG V 138 -56.31 -98.04 10.80
C ARG V 138 -56.53 -97.94 9.28
N PRO V 139 -56.13 -98.94 8.49
CA PRO V 139 -56.31 -98.94 7.03
C PRO V 139 -57.76 -99.21 6.59
N ASP V 140 -58.61 -99.70 7.49
CA ASP V 140 -60.02 -100.05 7.27
C ASP V 140 -61.00 -98.89 7.50
N ASP V 141 -60.64 -97.91 8.34
CA ASP V 141 -61.43 -96.72 8.68
C ASP V 141 -61.40 -95.65 7.57
N ARG V 142 -61.69 -96.13 6.36
CA ARG V 142 -61.39 -95.51 5.06
C ARG V 142 -61.97 -94.12 4.85
N GLU V 143 -63.07 -93.78 5.52
CA GLU V 143 -63.73 -92.48 5.39
C GLU V 143 -62.82 -91.35 5.86
N GLU V 144 -62.18 -91.51 7.03
CA GLU V 144 -61.23 -90.54 7.57
C GLU V 144 -60.04 -90.34 6.63
N ILE V 145 -59.52 -91.46 6.12
CA ILE V 145 -58.44 -91.46 5.14
C ILE V 145 -58.85 -90.69 3.90
N ARG V 146 -60.05 -90.96 3.38
CA ARG V 146 -60.54 -90.28 2.18
C ARG V 146 -60.74 -88.79 2.43
N GLU V 147 -61.22 -88.38 3.59
CA GLU V 147 -61.30 -86.96 3.95
C GLU V 147 -59.90 -86.33 3.92
N GLN V 148 -58.92 -86.99 4.53
CA GLN V 148 -57.54 -86.51 4.44
C GLN V 148 -57.07 -86.41 2.99
N GLN V 149 -57.31 -87.44 2.18
CA GLN V 149 -56.93 -87.43 0.77
C GLN V 149 -57.58 -86.27 0.01
N ALA V 150 -58.88 -86.06 0.20
CA ALA V 150 -59.60 -85.00 -0.49
C ALA V 150 -59.04 -83.62 -0.09
N ILE V 151 -58.80 -83.41 1.20
CA ILE V 151 -58.20 -82.15 1.67
C ILE V 151 -56.85 -81.97 1.01
N PHE V 152 -56.03 -83.02 0.96
CA PHE V 152 -54.74 -82.96 0.31
C PHE V 152 -54.87 -82.63 -1.17
N GLU V 153 -55.76 -83.29 -1.89
CA GLU V 153 -56.02 -82.99 -3.30
C GLU V 153 -56.45 -81.53 -3.49
N LEU V 154 -57.28 -80.99 -2.61
CA LEU V 154 -57.66 -79.58 -2.68
C LEU V 154 -56.44 -78.69 -2.45
N LEU V 155 -55.65 -78.95 -1.42
CA LEU V 155 -54.43 -78.20 -1.17
C LEU V 155 -53.48 -78.31 -2.38
N ILE V 156 -53.37 -79.47 -3.01
CA ILE V 156 -52.57 -79.66 -4.21
C ILE V 156 -53.11 -78.83 -5.37
N ALA V 157 -54.42 -78.82 -5.60
CA ALA V 157 -54.98 -77.96 -6.63
C ALA V 157 -54.66 -76.48 -6.33
N ALA V 158 -54.76 -76.08 -5.07
CA ALA V 158 -54.39 -74.73 -4.65
C ALA V 158 -52.90 -74.46 -4.90
N LEU V 159 -52.01 -75.40 -4.59
CA LEU V 159 -50.60 -75.27 -4.96
C LEU V 159 -50.42 -75.19 -6.47
N GLU V 160 -51.14 -75.97 -7.29
CA GLU V 160 -51.00 -75.88 -8.74
C GLU V 160 -51.38 -74.49 -9.25
N ALA V 161 -52.49 -73.94 -8.79
CA ALA V 161 -52.87 -72.58 -9.14
C ALA V 161 -51.81 -71.58 -8.65
N ALA V 162 -51.42 -71.69 -7.37
CA ALA V 162 -50.51 -70.77 -6.72
C ALA V 162 -49.16 -70.76 -7.43
N ILE V 163 -48.57 -71.93 -7.64
CA ILE V 163 -47.25 -72.07 -8.23
C ILE V 163 -47.28 -71.67 -9.71
N ARG V 164 -48.35 -71.99 -10.45
CA ARG V 164 -48.48 -71.53 -11.84
C ARG V 164 -48.43 -70.01 -11.91
N LEU V 165 -49.21 -69.34 -11.06
CA LEU V 165 -49.23 -67.88 -11.00
C LEU V 165 -47.89 -67.31 -10.52
N GLU V 166 -47.34 -67.86 -9.44
CA GLU V 166 -46.06 -67.40 -8.88
C GLU V 166 -44.94 -67.54 -9.91
N LYS V 167 -44.86 -68.67 -10.64
CA LYS V 167 -43.84 -68.82 -11.67
C LYS V 167 -44.12 -67.92 -12.88
N LEU V 168 -45.37 -67.60 -13.17
CA LEU V 168 -45.70 -66.61 -14.19
C LEU V 168 -45.25 -65.21 -13.75
N LYS V 169 -45.36 -64.88 -12.46
CA LYS V 169 -44.78 -63.66 -11.86
C LYS V 169 -43.26 -63.63 -11.99
N GLU V 170 -42.60 -64.76 -11.77
CA GLU V 170 -41.15 -64.90 -11.91
C GLU V 170 -40.67 -64.76 -13.37
N GLU V 171 -41.25 -65.51 -14.31
CA GLU V 171 -40.86 -65.47 -15.74
C GLU V 171 -41.26 -64.16 -16.45
N GLY V 172 -42.33 -63.51 -15.98
CA GLY V 172 -42.85 -62.25 -16.54
C GLY V 172 -43.77 -62.43 -17.75
N ALA V 173 -44.88 -61.67 -17.76
CA ALA V 173 -45.93 -61.71 -18.77
C ALA V 173 -46.77 -60.41 -18.76
N PRO V 174 -47.55 -60.09 -19.81
CA PRO V 174 -48.49 -58.98 -19.78
C PRO V 174 -49.63 -59.28 -18.80
N PRO V 175 -50.07 -58.32 -17.95
CA PRO V 175 -51.06 -58.57 -16.91
C PRO V 175 -52.38 -59.20 -17.41
N GLU V 176 -52.77 -58.90 -18.65
CA GLU V 176 -53.94 -59.51 -19.28
C GLU V 176 -53.81 -61.04 -19.37
N GLN V 177 -52.66 -61.55 -19.79
CA GLN V 177 -52.41 -62.98 -19.82
C GLN V 177 -52.46 -63.57 -18.41
N ILE V 178 -51.87 -62.87 -17.43
CA ILE V 178 -51.88 -63.30 -16.03
C ILE V 178 -53.32 -63.39 -15.51
N GLU V 179 -54.16 -62.39 -15.77
CA GLU V 179 -55.55 -62.43 -15.34
C GLU V 179 -56.33 -63.56 -16.03
N ARG V 180 -56.09 -63.81 -17.33
CA ARG V 180 -56.72 -64.92 -18.05
C ARG V 180 -56.34 -66.27 -17.45
N VAL V 181 -55.06 -66.44 -17.08
CA VAL V 181 -54.61 -67.62 -16.33
C VAL V 181 -55.29 -67.69 -14.96
N ALA V 182 -55.34 -66.57 -14.22
CA ALA V 182 -55.94 -66.54 -12.90
C ALA V 182 -57.43 -66.91 -12.94
N GLU V 183 -58.16 -66.44 -13.94
CA GLU V 183 -59.56 -66.81 -14.15
C GLU V 183 -59.71 -68.31 -14.42
N HIS V 184 -58.91 -68.87 -15.33
CA HIS V 184 -58.89 -70.32 -15.54
C HIS V 184 -58.59 -71.07 -14.24
N GLY V 185 -57.67 -70.54 -13.43
CA GLY V 185 -57.36 -71.03 -12.10
C GLY V 185 -58.57 -71.03 -11.17
N LEU V 186 -59.23 -69.88 -10.99
CA LEU V 186 -60.43 -69.77 -10.16
C LEU V 186 -61.50 -70.77 -10.61
N GLU V 187 -61.78 -70.85 -11.92
CA GLU V 187 -62.76 -71.80 -12.43
C GLU V 187 -62.41 -73.23 -12.06
N ARG V 188 -61.19 -73.68 -12.40
CA ARG V 188 -60.77 -75.06 -12.16
C ARG V 188 -60.78 -75.38 -10.67
N LEU V 189 -60.35 -74.45 -9.81
CA LEU V 189 -60.45 -74.60 -8.36
C LEU V 189 -61.89 -74.78 -7.93
N LYS V 190 -62.80 -73.94 -8.43
CA LYS V 190 -64.23 -74.02 -8.10
C LYS V 190 -64.79 -75.37 -8.53
N GLU V 191 -64.53 -75.81 -9.75
CA GLU V 191 -65.02 -77.10 -10.22
C GLU V 191 -64.45 -78.26 -9.40
N ILE V 192 -63.17 -78.23 -9.06
CA ILE V 192 -62.59 -79.23 -8.14
C ILE V 192 -63.31 -79.21 -6.79
N ALA V 193 -63.50 -78.03 -6.19
CA ALA V 193 -64.18 -77.95 -4.90
C ALA V 193 -65.61 -78.51 -5.00
N LYS V 194 -66.31 -78.21 -6.10
CA LYS V 194 -67.65 -78.71 -6.38
C LYS V 194 -67.67 -80.23 -6.51
N GLU V 195 -66.68 -80.82 -7.17
CA GLU V 195 -66.53 -82.27 -7.22
C GLU V 195 -66.25 -82.87 -5.83
N ILE V 196 -65.29 -82.30 -5.10
CA ILE V 196 -64.93 -82.77 -3.75
C ILE V 196 -66.13 -82.72 -2.81
N SER V 197 -66.97 -81.69 -2.94
CA SER V 197 -68.20 -81.54 -2.15
C SER V 197 -69.20 -82.69 -2.31
N LYS V 198 -69.04 -83.59 -3.29
CA LYS V 198 -69.85 -84.81 -3.38
C LYS V 198 -69.42 -85.88 -2.38
N GLU V 199 -68.13 -85.98 -2.10
CA GLU V 199 -67.61 -87.01 -1.20
C GLU V 199 -67.62 -86.58 0.27
N VAL V 200 -67.16 -85.37 0.57
CA VAL V 200 -66.89 -84.93 1.96
C VAL V 200 -68.18 -84.66 2.74
N ASP V 201 -68.15 -84.88 4.06
CA ASP V 201 -69.30 -84.59 4.93
C ASP V 201 -68.96 -84.19 6.38
N SER V 202 -67.69 -84.25 6.82
CA SER V 202 -67.30 -83.63 8.09
C SER V 202 -67.53 -82.11 8.03
N PRO V 203 -68.30 -81.53 8.97
CA PRO V 203 -68.46 -80.08 9.05
C PRO V 203 -67.13 -79.34 9.17
N GLU V 204 -66.21 -79.88 9.96
CA GLU V 204 -64.88 -79.32 10.13
C GLU V 204 -64.11 -79.35 8.81
N SER V 205 -64.18 -80.46 8.08
CA SER V 205 -63.57 -80.59 6.77
C SER V 205 -64.17 -79.59 5.80
N LYS V 206 -65.50 -79.44 5.77
CA LYS V 206 -66.16 -78.46 4.90
C LYS V 206 -65.69 -77.03 5.25
N ARG V 207 -65.57 -76.70 6.53
CA ARG V 207 -65.03 -75.41 7.01
C ARG V 207 -63.62 -75.19 6.49
N ILE V 208 -62.77 -76.20 6.68
CA ILE V 208 -61.42 -76.24 6.11
C ILE V 208 -61.46 -75.99 4.60
N ALA V 209 -62.23 -76.77 3.84
CA ALA V 209 -62.24 -76.71 2.39
C ALA V 209 -62.66 -75.33 1.90
N TYR V 210 -63.71 -74.78 2.48
CA TYR V 210 -64.15 -73.45 2.14
C TYR V 210 -63.04 -72.43 2.41
N LYS V 211 -62.44 -72.46 3.61
CA LYS V 211 -61.34 -71.54 3.91
C LYS V 211 -60.15 -71.74 2.98
N ILE V 212 -59.88 -72.97 2.54
CA ILE V 212 -58.83 -73.22 1.54
C ILE V 212 -59.19 -72.50 0.24
N VAL V 213 -60.41 -72.69 -0.29
CA VAL V 213 -60.80 -72.00 -1.53
C VAL V 213 -60.66 -70.49 -1.35
N ALA V 214 -61.09 -69.97 -0.20
CA ALA V 214 -60.96 -68.56 0.10
C ALA V 214 -59.49 -68.12 0.10
N ALA V 215 -58.61 -68.82 0.80
CA ALA V 215 -57.18 -68.52 0.83
C ALA V 215 -56.56 -68.57 -0.59
N ALA V 216 -56.99 -69.52 -1.42
CA ALA V 216 -56.52 -69.62 -2.79
C ALA V 216 -56.96 -68.39 -3.60
N ALA V 217 -58.24 -68.03 -3.55
CA ALA V 217 -58.71 -66.81 -4.20
C ALA V 217 -57.99 -65.57 -3.66
N GLU V 218 -57.80 -65.48 -2.35
CA GLU V 218 -57.09 -64.37 -1.71
C GLU V 218 -55.66 -64.24 -2.24
N PHE V 219 -54.93 -65.35 -2.30
CA PHE V 219 -53.58 -65.36 -2.85
C PHE V 219 -53.60 -64.92 -4.31
N LEU V 220 -54.49 -65.48 -5.14
CA LEU V 220 -54.61 -65.09 -6.55
C LEU V 220 -54.87 -63.59 -6.68
N LEU V 221 -55.79 -63.05 -5.88
CA LEU V 221 -56.10 -61.64 -5.88
C LEU V 221 -54.88 -60.81 -5.49
N LYS V 222 -54.25 -61.10 -4.35
CA LYS V 222 -53.12 -60.31 -3.86
C LYS V 222 -51.98 -60.33 -4.86
N ILE V 223 -51.62 -61.50 -5.37
CA ILE V 223 -50.53 -61.63 -6.32
C ILE V 223 -50.85 -60.89 -7.62
N LEU V 224 -52.06 -60.99 -8.16
CA LEU V 224 -52.39 -60.25 -9.38
C LEU V 224 -52.37 -58.73 -9.13
N ALA V 225 -52.80 -58.28 -7.95
CA ALA V 225 -52.76 -56.88 -7.57
C ALA V 225 -51.32 -56.37 -7.40
N GLU V 226 -50.44 -57.11 -6.72
CA GLU V 226 -49.00 -56.83 -6.69
C GLU V 226 -48.38 -56.86 -8.10
N GLY V 227 -48.94 -57.70 -8.98
CA GLY V 227 -48.56 -57.81 -10.40
C GLY V 227 -48.94 -56.58 -11.25
N GLY V 228 -49.57 -55.55 -10.68
CA GLY V 228 -49.82 -54.28 -11.37
C GLY V 228 -50.91 -54.35 -12.45
N ALA V 229 -51.86 -55.27 -12.34
CA ALA V 229 -53.00 -55.34 -13.26
C ALA V 229 -53.85 -54.05 -13.24
N THR V 230 -54.42 -53.68 -14.39
CA THR V 230 -55.19 -52.43 -14.54
C THR V 230 -56.52 -52.49 -13.79
N PRO V 231 -57.10 -51.35 -13.36
CA PRO V 231 -58.37 -51.32 -12.63
C PRO V 231 -59.52 -52.13 -13.26
N GLU V 232 -59.61 -52.23 -14.58
CA GLU V 232 -60.63 -53.04 -15.26
C GLU V 232 -60.41 -54.54 -15.04
N GLN V 233 -59.14 -54.98 -15.06
CA GLN V 233 -58.79 -56.34 -14.69
C GLN V 233 -59.04 -56.55 -13.19
N LEU V 234 -58.72 -55.59 -12.32
CA LEU V 234 -58.99 -55.69 -10.87
C LEU V 234 -60.49 -55.85 -10.61
N GLU V 235 -61.34 -55.10 -11.31
CA GLU V 235 -62.78 -55.27 -11.25
C GLU V 235 -63.15 -56.70 -11.68
N ARG V 236 -62.76 -57.13 -12.89
CA ARG V 236 -63.19 -58.43 -13.41
C ARG V 236 -62.73 -59.60 -12.55
N VAL V 237 -61.49 -59.60 -12.07
CA VAL V 237 -61.04 -60.67 -11.18
C VAL V 237 -61.82 -60.62 -9.88
N THR V 238 -62.09 -59.43 -9.32
CA THR V 238 -62.87 -59.33 -8.08
C THR V 238 -64.27 -59.89 -8.29
N GLU V 239 -64.91 -59.52 -9.40
CA GLU V 239 -66.22 -60.02 -9.78
C GLU V 239 -66.21 -61.55 -9.91
N HIS V 240 -65.26 -62.12 -10.64
CA HIS V 240 -65.15 -63.55 -10.75
C HIS V 240 -64.91 -64.20 -9.38
N ALA V 241 -64.04 -63.61 -8.56
CA ALA V 241 -63.71 -64.17 -7.26
C ALA V 241 -64.94 -64.19 -6.34
N LEU V 242 -65.67 -63.08 -6.27
CA LEU V 242 -66.93 -63.06 -5.55
C LEU V 242 -67.91 -64.10 -6.12
N GLU V 243 -68.02 -64.21 -7.44
CA GLU V 243 -68.89 -65.20 -8.09
C GLU V 243 -68.54 -66.62 -7.66
N VAL V 244 -67.25 -66.96 -7.66
CA VAL V 244 -66.79 -68.26 -7.19
C VAL V 244 -67.13 -68.43 -5.72
N LEU V 245 -66.77 -67.49 -4.85
CA LEU V 245 -67.02 -67.67 -3.43
C LEU V 245 -68.51 -67.79 -3.16
N LYS V 246 -69.33 -67.03 -3.89
CA LYS V 246 -70.79 -67.15 -3.85
C LYS V 246 -71.22 -68.55 -4.25
N GLU V 247 -70.76 -69.09 -5.38
CA GLU V 247 -71.13 -70.45 -5.75
C GLU V 247 -70.66 -71.48 -4.73
N VAL V 248 -69.40 -71.42 -4.31
CA VAL V 248 -68.83 -72.41 -3.39
C VAL V 248 -69.52 -72.33 -2.03
N ALA V 249 -69.86 -71.14 -1.55
CA ALA V 249 -70.69 -70.99 -0.37
C ALA V 249 -72.07 -71.64 -0.58
N LYS V 250 -72.75 -71.31 -1.69
CA LYS V 250 -74.09 -71.86 -2.01
C LYS V 250 -74.09 -73.39 -2.11
N GLU V 251 -72.97 -73.99 -2.52
CA GLU V 251 -72.79 -75.43 -2.47
C GLU V 251 -72.55 -75.95 -1.04
N LEU V 252 -71.50 -75.46 -0.36
CA LEU V 252 -71.04 -76.09 0.87
C LEU V 252 -71.90 -75.76 2.10
N ALA V 253 -72.42 -74.54 2.22
CA ALA V 253 -73.01 -74.06 3.46
C ALA V 253 -74.31 -74.78 3.85
N ASP V 254 -74.47 -75.10 5.13
CA ASP V 254 -75.52 -76.00 5.65
C ASP V 254 -76.02 -75.63 7.06
N SER V 255 -75.37 -74.68 7.73
CA SER V 255 -75.49 -74.40 9.17
C SER V 255 -75.10 -72.96 9.47
N PRO V 256 -75.60 -72.36 10.57
CA PRO V 256 -75.19 -71.02 10.99
C PRO V 256 -73.66 -70.86 11.07
N GLU V 257 -72.97 -71.88 11.58
CA GLU V 257 -71.51 -71.90 11.65
C GLU V 257 -70.88 -71.78 10.26
N SER V 258 -71.37 -72.54 9.28
CA SER V 258 -70.90 -72.40 7.91
C SER V 258 -71.22 -71.00 7.35
N GLY V 259 -72.33 -70.41 7.77
CA GLY V 259 -72.66 -69.02 7.48
C GLY V 259 -71.59 -68.08 8.00
N LEU V 260 -71.21 -68.19 9.27
CA LEU V 260 -70.15 -67.38 9.86
C LEU V 260 -68.87 -67.46 9.04
N ALA V 261 -68.47 -68.68 8.67
CA ALA V 261 -67.29 -68.84 7.81
C ALA V 261 -67.49 -68.16 6.46
N ALA V 262 -68.63 -68.39 5.82
CA ALA V 262 -68.93 -67.86 4.51
C ALA V 262 -68.79 -66.34 4.49
N LEU V 263 -69.48 -65.68 5.41
CA LEU V 263 -69.48 -64.23 5.49
C LEU V 263 -68.10 -63.72 5.87
N ALA V 264 -67.45 -64.32 6.87
CA ALA V 264 -66.16 -63.81 7.33
C ALA V 264 -65.19 -63.72 6.16
N ALA V 265 -65.09 -64.80 5.39
CA ALA V 265 -64.20 -64.86 4.24
C ALA V 265 -64.62 -63.86 3.17
N ILE V 266 -65.88 -63.87 2.76
CA ILE V 266 -66.32 -63.00 1.65
C ILE V 266 -66.09 -61.55 2.03
N ALA V 267 -66.51 -61.15 3.23
CA ALA V 267 -66.33 -59.79 3.70
C ALA V 267 -64.85 -59.44 3.72
N SER V 268 -64.00 -60.33 4.22
CA SER V 268 -62.57 -60.10 4.20
C SER V 268 -62.04 -59.92 2.77
N LEU V 269 -62.43 -60.79 1.85
CA LEU V 269 -61.97 -60.75 0.47
C LEU V 269 -62.41 -59.44 -0.20
N ALA V 270 -63.65 -59.04 0.02
CA ALA V 270 -64.15 -57.78 -0.50
C ALA V 270 -63.38 -56.60 0.10
N LYS V 271 -63.17 -56.56 1.42
CA LYS V 271 -62.39 -55.52 2.11
C LYS V 271 -61.00 -55.41 1.50
N LEU V 272 -60.35 -56.55 1.32
CA LEU V 272 -59.06 -56.64 0.68
C LEU V 272 -59.10 -56.11 -0.76
N GLY V 273 -60.14 -56.47 -1.53
CA GLY V 273 -60.33 -55.98 -2.89
C GLY V 273 -60.46 -54.47 -2.96
N LEU V 274 -61.31 -53.88 -2.12
CA LEU V 274 -61.43 -52.43 -2.00
C LEU V 274 -60.11 -51.81 -1.54
N GLU V 275 -59.36 -52.46 -0.67
CA GLU V 275 -58.03 -52.00 -0.28
C GLU V 275 -57.04 -52.00 -1.46
N GLN V 276 -57.18 -52.90 -2.44
CA GLN V 276 -56.38 -52.82 -3.68
C GLN V 276 -56.78 -51.59 -4.49
N LEU V 277 -58.07 -51.30 -4.61
CA LEU V 277 -58.55 -50.08 -5.27
C LEU V 277 -58.05 -48.81 -4.53
N LYS V 278 -58.02 -48.84 -3.20
CA LYS V 278 -57.42 -47.78 -2.38
C LYS V 278 -55.94 -47.61 -2.67
N GLU V 279 -55.18 -48.71 -2.68
CA GLU V 279 -53.73 -48.66 -2.93
C GLU V 279 -53.38 -48.19 -4.36
N ILE V 280 -54.09 -48.65 -5.39
CA ILE V 280 -53.83 -48.23 -6.78
C ILE V 280 -54.35 -46.81 -7.07
N GLY V 281 -55.14 -46.23 -6.16
CA GLY V 281 -55.75 -44.91 -6.34
C GLY V 281 -56.87 -44.90 -7.39
N ALA V 282 -57.67 -45.97 -7.47
CA ALA V 282 -58.78 -46.08 -8.42
C ALA V 282 -59.85 -44.98 -8.20
N PRO V 283 -60.55 -44.53 -9.26
CA PRO V 283 -61.48 -43.40 -9.16
C PRO V 283 -62.75 -43.76 -8.38
N PRO V 284 -63.45 -42.78 -7.78
CA PRO V 284 -64.64 -43.03 -6.97
C PRO V 284 -65.72 -43.87 -7.65
N GLU V 285 -65.93 -43.74 -8.97
CA GLU V 285 -66.88 -44.58 -9.71
C GLU V 285 -66.52 -46.08 -9.62
N GLN V 286 -65.23 -46.40 -9.74
CA GLN V 286 -64.75 -47.78 -9.58
C GLN V 286 -64.84 -48.23 -8.11
N GLN V 287 -64.49 -47.35 -7.16
CA GLN V 287 -64.64 -47.64 -5.72
C GLN V 287 -66.10 -47.98 -5.37
N ARG V 288 -67.04 -47.20 -5.90
CA ARG V 288 -68.48 -47.44 -5.78
C ARG V 288 -68.86 -48.77 -6.44
N ARG V 289 -68.51 -48.98 -7.71
CA ARG V 289 -68.79 -50.24 -8.45
C ARG V 289 -68.44 -51.47 -7.63
N VAL V 290 -67.18 -51.55 -7.18
CA VAL V 290 -66.70 -52.70 -6.39
C VAL V 290 -67.42 -52.79 -5.05
N THR V 291 -67.59 -51.66 -4.34
CA THR V 291 -68.29 -51.66 -3.05
C THR V 291 -69.71 -52.20 -3.19
N LYS V 292 -70.44 -51.72 -4.20
CA LYS V 292 -71.79 -52.18 -4.50
C LYS V 292 -71.80 -53.66 -4.86
N ALA V 293 -70.90 -54.10 -5.73
CA ALA V 293 -70.78 -55.51 -6.06
C ALA V 293 -70.53 -56.36 -4.80
N GLY V 294 -69.66 -55.89 -3.90
CA GLY V 294 -69.38 -56.55 -2.63
C GLY V 294 -70.63 -56.65 -1.76
N ILE V 295 -71.34 -55.53 -1.57
CA ILE V 295 -72.59 -55.54 -0.84
C ILE V 295 -73.61 -56.47 -1.52
N GLU V 296 -73.69 -56.51 -2.84
CA GLU V 296 -74.59 -57.41 -3.56
C GLU V 296 -74.21 -58.88 -3.36
N ALA V 297 -72.92 -59.22 -3.34
CA ALA V 297 -72.51 -60.56 -2.99
C ALA V 297 -72.95 -60.87 -1.56
N VAL V 298 -72.70 -59.96 -0.62
CA VAL V 298 -73.15 -60.07 0.77
C VAL V 298 -74.66 -60.25 0.83
N ARG V 299 -75.41 -59.53 0.00
CA ARG V 299 -76.86 -59.66 -0.13
C ARG V 299 -77.25 -61.08 -0.56
N GLU V 300 -76.58 -61.64 -1.56
CA GLU V 300 -76.82 -63.02 -1.93
C GLU V 300 -76.49 -64.00 -0.81
N ILE V 301 -75.41 -63.78 -0.05
CA ILE V 301 -75.11 -64.66 1.08
C ILE V 301 -76.15 -64.50 2.18
N TYR V 302 -76.64 -63.29 2.44
CA TYR V 302 -77.79 -63.06 3.31
C TYR V 302 -79.00 -63.87 2.85
N ARG V 303 -79.34 -63.85 1.56
CA ARG V 303 -80.47 -64.65 1.04
C ARG V 303 -80.24 -66.15 1.18
N TYR V 304 -79.00 -66.62 1.03
CA TYR V 304 -78.69 -68.00 1.38
C TYR V 304 -78.89 -68.25 2.89
N GLY V 305 -78.44 -67.33 3.74
CA GLY V 305 -78.65 -67.36 5.18
C GLY V 305 -80.13 -67.43 5.57
N ARG V 306 -81.00 -66.74 4.82
CA ARG V 306 -82.46 -66.80 4.98
C ARG V 306 -83.08 -68.16 4.62
N LYS V 307 -82.32 -69.10 4.06
CA LYS V 307 -82.72 -70.53 3.98
C LYS V 307 -82.56 -71.26 5.32
N LEU V 308 -81.62 -70.82 6.16
CA LEU V 308 -81.26 -71.44 7.42
C LEU V 308 -81.94 -70.78 8.64
N TYR V 309 -82.32 -69.50 8.54
CA TYR V 309 -82.79 -68.67 9.67
C TYR V 309 -83.99 -67.77 9.29
N ASP W 3 -62.38 38.45 38.03
CA ASP W 3 -63.48 38.87 38.94
C ASP W 3 -63.44 40.35 39.33
N ASP W 4 -62.28 40.91 39.70
CA ASP W 4 -62.16 42.18 40.46
C ASP W 4 -62.98 43.35 39.90
N LEU W 5 -63.10 43.46 38.58
CA LEU W 5 -63.85 44.55 37.97
C LEU W 5 -65.33 44.55 38.42
N LEU W 6 -65.95 43.40 38.65
CA LEU W 6 -67.30 43.32 39.20
C LEU W 6 -67.35 43.98 40.58
N LEU W 7 -66.40 43.65 41.45
CA LEU W 7 -66.28 44.27 42.75
C LEU W 7 -66.08 45.79 42.60
N LYS W 8 -65.24 46.22 41.67
CA LYS W 8 -65.10 47.65 41.39
C LYS W 8 -66.40 48.29 40.88
N LEU W 9 -67.25 47.60 40.12
CA LEU W 9 -68.57 48.14 39.78
C LEU W 9 -69.43 48.33 41.02
N LEU W 10 -69.35 47.41 41.98
CA LEU W 10 -70.00 47.65 43.27
C LEU W 10 -69.41 48.91 43.92
N GLU W 11 -68.09 49.08 43.93
CA GLU W 11 -67.50 50.30 44.49
C GLU W 11 -68.07 51.55 43.80
N LEU W 12 -68.18 51.55 42.47
CA LEU W 12 -68.75 52.67 41.74
C LEU W 12 -70.21 52.90 42.13
N LEU W 13 -71.02 51.85 42.19
CA LEU W 13 -72.39 51.98 42.64
C LEU W 13 -72.43 52.58 44.05
N VAL W 14 -71.59 52.10 44.96
CA VAL W 14 -71.51 52.62 46.33
C VAL W 14 -71.09 54.07 46.33
N GLU W 15 -70.16 54.47 45.49
CA GLU W 15 -69.76 55.86 45.41
C GLU W 15 -70.93 56.73 44.92
N GLN W 16 -71.64 56.29 43.88
CA GLN W 16 -72.82 57.00 43.40
C GLN W 16 -73.88 57.08 44.49
N ALA W 17 -74.06 56.01 45.26
CA ALA W 17 -74.94 56.02 46.40
C ALA W 17 -74.46 57.05 47.43
N ARG W 18 -73.16 57.11 47.75
CA ARG W 18 -72.63 58.05 48.73
C ARG W 18 -72.83 59.50 48.31
N VAL W 19 -72.57 59.81 47.05
CA VAL W 19 -72.89 61.15 46.50
C VAL W 19 -74.41 61.38 46.57
N SER W 20 -75.21 60.37 46.26
CA SER W 20 -76.65 60.48 46.41
C SER W 20 -77.10 60.62 47.87
N ALA W 21 -76.32 60.16 48.85
CA ALA W 21 -76.60 60.37 50.26
C ALA W 21 -76.30 61.81 50.69
N GLU W 22 -75.24 62.42 50.15
CA GLU W 22 -75.12 63.88 50.23
C GLU W 22 -76.29 64.58 49.54
N PHE W 23 -76.70 64.12 48.37
CA PHE W 23 -77.83 64.72 47.64
C PHE W 23 -79.11 64.64 48.48
N ALA W 24 -79.33 63.52 49.19
CA ALA W 24 -80.41 63.35 50.13
C ALA W 24 -80.28 64.27 51.37
N ARG W 25 -79.07 64.55 51.87
CA ARG W 25 -78.86 65.57 52.92
C ARG W 25 -79.13 66.99 52.42
N ARG W 26 -78.88 67.26 51.14
CA ARG W 26 -79.05 68.58 50.52
C ARG W 26 -80.49 68.86 50.07
N GLN W 27 -81.26 67.84 49.64
CA GLN W 27 -82.66 67.98 49.17
C GLN W 27 -83.72 67.39 50.10
N GLY W 28 -83.39 66.44 50.98
CA GLY W 28 -84.30 65.92 52.01
C GLY W 28 -85.40 64.94 51.54
N ASP W 29 -85.34 64.43 50.31
CA ASP W 29 -86.37 63.56 49.74
C ASP W 29 -86.33 62.11 50.28
N GLU W 30 -87.37 61.66 50.97
CA GLU W 30 -87.47 60.28 51.46
C GLU W 30 -87.54 59.24 50.32
N LYS W 31 -88.05 59.59 49.15
CA LYS W 31 -88.04 58.69 47.98
C LYS W 31 -86.62 58.49 47.44
N MET W 32 -85.78 59.51 47.52
CA MET W 32 -84.36 59.38 47.21
C MET W 32 -83.68 58.43 48.19
N LEU W 33 -83.97 58.54 49.50
CA LEU W 33 -83.49 57.59 50.51
C LEU W 33 -83.97 56.16 50.21
N GLU W 34 -85.24 55.98 49.85
CA GLU W 34 -85.78 54.67 49.45
C GLU W 34 -85.09 54.11 48.20
N GLU W 35 -84.73 54.95 47.22
CA GLU W 35 -83.91 54.53 46.07
C GLU W 35 -82.53 54.05 46.50
N VAL W 36 -81.76 54.87 47.22
CA VAL W 36 -80.40 54.45 47.60
C VAL W 36 -80.41 53.26 48.55
N ALA W 37 -81.43 53.13 49.42
CA ALA W 37 -81.60 51.94 50.24
C ALA W 37 -81.74 50.68 49.37
N ARG W 38 -82.64 50.71 48.38
CA ARG W 38 -82.82 49.60 47.42
C ARG W 38 -81.53 49.29 46.67
N LYS W 39 -80.82 50.31 46.18
CA LYS W 39 -79.52 50.12 45.53
C LYS W 39 -78.51 49.47 46.48
N ALA W 40 -78.45 49.92 47.73
CA ALA W 40 -77.52 49.39 48.71
C ALA W 40 -77.81 47.92 49.05
N GLU W 41 -79.08 47.54 49.13
CA GLU W 41 -79.46 46.13 49.21
C GLU W 41 -79.00 45.35 47.98
N GLU W 42 -79.16 45.88 46.77
CA GLU W 42 -78.70 45.20 45.54
C GLU W 42 -77.18 44.99 45.56
N VAL W 43 -76.43 46.01 45.98
CA VAL W 43 -74.99 45.87 46.23
C VAL W 43 -74.76 44.76 47.25
N ALA W 44 -75.44 44.80 48.39
CA ALA W 44 -75.24 43.82 49.46
C ALA W 44 -75.50 42.40 48.95
N ARG W 45 -76.56 42.20 48.16
CA ARG W 45 -76.89 40.92 47.51
C ARG W 45 -75.75 40.44 46.61
N LYS W 46 -75.25 41.30 45.71
CA LYS W 46 -74.14 40.95 44.81
C LYS W 46 -72.88 40.62 45.60
N ALA W 47 -72.53 41.49 46.53
CA ALA W 47 -71.32 41.37 47.34
C ALA W 47 -71.35 40.11 48.21
N GLU W 48 -72.44 39.85 48.92
CA GLU W 48 -72.60 38.64 49.73
C GLU W 48 -72.46 37.38 48.87
N SER W 49 -73.04 37.41 47.66
CA SER W 49 -72.95 36.30 46.73
C SER W 49 -71.50 36.05 46.29
N ILE W 50 -70.79 37.09 45.86
CA ILE W 50 -69.37 36.97 45.51
C ILE W 50 -68.57 36.52 46.73
N ALA W 51 -68.85 37.03 47.92
CA ALA W 51 -68.15 36.69 49.14
C ALA W 51 -68.30 35.19 49.48
N ARG W 52 -69.51 34.65 49.46
CA ARG W 52 -69.72 33.20 49.65
C ARG W 52 -69.00 32.38 48.58
N LYS W 53 -69.03 32.82 47.32
CA LYS W 53 -68.30 32.19 46.21
C LYS W 53 -66.80 32.14 46.51
N ALA W 54 -66.22 33.27 46.86
CA ALA W 54 -64.82 33.36 47.26
C ALA W 54 -64.51 32.48 48.48
N ARG W 55 -65.41 32.42 49.48
CA ARG W 55 -65.26 31.56 50.67
C ARG W 55 -65.14 30.09 50.30
N LYS W 56 -65.98 29.62 49.37
CA LYS W 56 -66.01 28.23 48.90
C LYS W 56 -64.86 27.89 47.95
N GLU W 57 -64.37 28.85 47.17
CA GLU W 57 -63.13 28.68 46.39
C GLU W 57 -61.86 28.74 47.24
N GLY W 58 -61.89 29.51 48.33
CA GLY W 58 -60.82 29.57 49.34
C GLY W 58 -59.74 30.64 49.15
N ASN W 59 -59.86 31.57 48.18
CA ASN W 59 -58.92 32.70 48.09
C ASN W 59 -59.25 33.82 49.11
N LEU W 60 -58.30 34.14 49.99
CA LEU W 60 -58.52 35.12 51.06
C LEU W 60 -58.59 36.56 50.52
N GLU W 61 -57.72 36.93 49.58
CA GLU W 61 -57.60 38.32 49.12
C GLU W 61 -58.92 38.85 48.55
N LEU W 62 -59.56 38.07 47.67
CA LEU W 62 -60.87 38.41 47.12
C LEU W 62 -61.91 38.53 48.24
N ALA W 63 -61.95 37.57 49.17
CA ALA W 63 -62.92 37.60 50.26
C ALA W 63 -62.75 38.86 51.11
N LEU W 64 -61.51 39.24 51.45
CA LEU W 64 -61.26 40.45 52.19
C LEU W 64 -61.70 41.69 51.39
N LYS W 65 -61.38 41.75 50.09
CA LYS W 65 -61.82 42.86 49.23
C LYS W 65 -63.35 42.97 49.19
N ALA W 66 -64.03 41.85 49.03
CA ALA W 66 -65.49 41.80 49.11
C ALA W 66 -66.00 42.23 50.49
N LEU W 67 -65.38 41.79 51.57
CA LEU W 67 -65.75 42.23 52.91
C LEU W 67 -65.57 43.74 53.07
N GLU W 68 -64.52 44.34 52.51
CA GLU W 68 -64.38 45.80 52.57
C GLU W 68 -65.48 46.50 51.78
N ILE W 69 -65.89 45.95 50.64
CA ILE W 69 -67.07 46.46 49.96
C ILE W 69 -68.30 46.32 50.85
N LEU W 70 -68.49 45.18 51.52
CA LEU W 70 -69.61 45.02 52.44
C LEU W 70 -69.55 46.06 53.55
N VAL W 71 -68.37 46.38 54.07
CA VAL W 71 -68.21 47.47 55.03
C VAL W 71 -68.61 48.79 54.40
N ARG W 72 -68.10 49.13 53.21
CA ARG W 72 -68.42 50.40 52.54
C ARG W 72 -69.92 50.52 52.33
N ALA W 73 -70.54 49.43 51.89
CA ALA W 73 -71.99 49.34 51.75
C ALA W 73 -72.69 49.52 53.09
N ALA W 74 -72.23 48.87 54.15
CA ALA W 74 -72.79 49.04 55.47
C ALA W 74 -72.67 50.50 55.95
N HIS W 75 -71.57 51.18 55.63
CA HIS W 75 -71.38 52.57 56.00
C HIS W 75 -72.43 53.46 55.36
N VAL W 76 -72.63 53.34 54.05
CA VAL W 76 -73.68 54.14 53.40
C VAL W 76 -75.06 53.70 53.88
N LEU W 77 -75.32 52.40 54.09
CA LEU W 77 -76.58 51.93 54.69
C LEU W 77 -76.83 52.61 56.03
N ALA W 78 -75.80 52.72 56.89
CA ALA W 78 -75.92 53.37 58.18
C ALA W 78 -76.22 54.85 58.03
N GLU W 79 -75.54 55.57 57.14
CA GLU W 79 -75.88 56.97 56.88
C GLU W 79 -77.33 57.11 56.37
N ILE W 80 -77.75 56.29 55.41
CA ILE W 80 -79.12 56.28 54.86
C ILE W 80 -80.12 56.04 55.99
N ALA W 81 -79.88 55.02 56.82
CA ALA W 81 -80.74 54.72 57.94
C ALA W 81 -80.80 55.87 58.95
N ARG W 82 -79.69 56.59 59.17
CA ARG W 82 -79.61 57.72 60.09
C ARG W 82 -80.36 58.94 59.56
N GLU W 83 -80.28 59.24 58.26
CA GLU W 83 -81.13 60.29 57.67
C GLU W 83 -82.61 59.92 57.77
N ARG W 84 -82.96 58.65 57.54
CA ARG W 84 -84.34 58.15 57.61
C ARG W 84 -84.86 57.98 59.05
N GLY W 85 -83.97 57.89 60.04
CA GLY W 85 -84.30 57.54 61.41
C GLY W 85 -84.87 56.11 61.55
N ASN W 86 -84.45 55.17 60.69
CA ASN W 86 -85.08 53.86 60.57
C ASN W 86 -84.31 52.74 61.28
N GLU W 87 -85.03 51.93 62.04
CA GLU W 87 -84.48 50.75 62.74
C GLU W 87 -84.22 49.56 61.81
N GLU W 88 -85.07 49.26 60.83
CA GLU W 88 -84.93 48.04 60.00
C GLU W 88 -83.59 47.99 59.28
N LEU W 89 -83.19 49.07 58.61
CA LEU W 89 -81.88 49.15 57.98
C LEU W 89 -80.75 48.96 59.00
N GLN W 90 -80.83 49.58 60.18
CA GLN W 90 -79.81 49.43 61.23
C GLN W 90 -79.76 48.01 61.81
N LYS W 91 -80.90 47.35 62.01
CA LYS W 91 -80.98 45.94 62.42
C LYS W 91 -80.35 45.03 61.36
N LYS W 92 -80.72 45.23 60.08
CA LYS W 92 -80.16 44.48 58.94
C LYS W 92 -78.66 44.67 58.83
N ALA W 93 -78.19 45.91 58.92
CA ALA W 93 -76.77 46.22 58.96
C ALA W 93 -76.07 45.58 60.17
N HIS W 94 -76.68 45.60 61.36
CA HIS W 94 -76.08 45.02 62.56
C HIS W 94 -75.87 43.52 62.39
N LYS W 95 -76.88 42.78 61.92
CA LYS W 95 -76.74 41.35 61.63
C LYS W 95 -75.69 41.08 60.56
N LEU W 96 -75.69 41.85 59.47
CA LEU W 96 -74.67 41.72 58.43
C LEU W 96 -73.27 41.95 59.00
N ALA W 97 -73.08 43.02 59.78
CA ALA W 97 -71.81 43.35 60.38
C ALA W 97 -71.36 42.29 61.39
N LYS W 98 -72.26 41.76 62.20
CA LYS W 98 -71.96 40.69 63.16
C LYS W 98 -71.44 39.44 62.44
N GLU W 99 -72.15 38.99 61.42
CA GLU W 99 -71.72 37.83 60.63
C GLU W 99 -70.44 38.11 59.85
N ALA W 100 -70.28 39.32 59.31
CA ALA W 100 -69.03 39.72 58.69
C ALA W 100 -67.87 39.67 59.70
N LEU W 101 -68.08 40.13 60.95
CA LEU W 101 -67.06 40.10 61.97
C LEU W 101 -66.61 38.66 62.24
N ARG W 102 -67.57 37.74 62.40
CA ARG W 102 -67.27 36.31 62.53
C ARG W 102 -66.48 35.82 61.33
N GLN W 103 -66.97 36.03 60.11
CA GLN W 103 -66.31 35.54 58.91
C GLN W 103 -64.89 36.13 58.77
N VAL W 104 -64.70 37.42 58.99
CA VAL W 104 -63.37 38.01 58.87
C VAL W 104 -62.45 37.49 59.98
N ILE W 105 -62.97 37.25 61.18
CA ILE W 105 -62.17 36.61 62.24
C ILE W 105 -61.75 35.22 61.80
N GLU W 106 -62.66 34.39 61.30
CA GLU W 106 -62.32 33.03 60.86
C GLU W 106 -61.34 33.04 59.68
N ILE W 107 -61.54 33.94 58.72
CA ILE W 107 -60.58 34.17 57.64
C ILE W 107 -59.23 34.61 58.22
N ALA W 108 -59.20 35.48 59.22
CA ALA W 108 -57.95 35.94 59.83
C ALA W 108 -57.25 34.82 60.60
N ILE W 109 -58.01 33.95 61.27
CA ILE W 109 -57.45 32.72 61.84
C ILE W 109 -56.80 31.91 60.72
N ARG W 110 -57.48 31.71 59.58
CA ARG W 110 -56.88 30.99 58.44
C ARG W 110 -55.62 31.68 57.93
N ALA W 111 -55.63 33.00 57.82
CA ALA W 111 -54.47 33.77 57.36
C ALA W 111 -53.26 33.63 58.30
N ILE W 112 -53.49 33.67 59.62
CA ILE W 112 -52.46 33.39 60.62
C ILE W 112 -52.00 31.93 60.51
N GLN W 113 -52.92 31.00 60.30
CA GLN W 113 -52.59 29.58 60.18
C GLN W 113 -51.75 29.27 58.93
N GLU W 114 -52.04 29.89 57.78
CA GLU W 114 -51.22 29.80 56.56
C GLU W 114 -49.97 30.70 56.58
N GLY W 115 -49.85 31.61 57.56
CA GLY W 115 -48.72 32.54 57.69
C GLY W 115 -48.72 33.71 56.72
N ASN W 116 -49.85 33.99 56.05
CA ASN W 116 -50.02 35.11 55.10
C ASN W 116 -50.38 36.40 55.87
N LEU W 117 -49.51 36.80 56.80
CA LEU W 117 -49.81 37.83 57.80
C LEU W 117 -50.12 39.20 57.19
N GLU W 118 -49.68 39.45 55.96
CA GLU W 118 -50.02 40.64 55.19
C GLU W 118 -51.54 40.74 55.01
N LEU W 119 -52.16 39.66 54.55
CA LEU W 119 -53.61 39.60 54.44
C LEU W 119 -54.24 39.65 55.83
N ALA W 120 -53.63 39.06 56.86
CA ALA W 120 -54.17 39.14 58.21
C ALA W 120 -54.23 40.60 58.69
N ILE W 121 -53.18 41.39 58.42
CA ILE W 121 -53.17 42.80 58.74
C ILE W 121 -54.29 43.53 58.00
N ILE W 122 -54.48 43.24 56.71
CA ILE W 122 -55.58 43.81 55.93
C ILE W 122 -56.93 43.41 56.55
N ALA W 123 -57.09 42.15 56.92
CA ALA W 123 -58.29 41.65 57.57
C ALA W 123 -58.54 42.39 58.89
N LEU W 124 -57.48 42.64 59.65
CA LEU W 124 -57.62 43.31 60.92
C LEU W 124 -57.96 44.78 60.71
N HIS W 125 -57.44 45.40 59.66
CA HIS W 125 -57.89 46.72 59.19
C HIS W 125 -59.39 46.70 58.89
N ILE W 126 -59.86 45.73 58.11
CA ILE W 126 -61.28 45.58 57.84
C ILE W 126 -62.04 45.41 59.16
N SER W 127 -61.52 44.64 60.11
CA SER W 127 -62.16 44.48 61.41
C SER W 127 -62.28 45.81 62.14
N VAL W 128 -61.25 46.64 62.12
CA VAL W 128 -61.36 48.00 62.66
C VAL W 128 -62.48 48.76 61.94
N ARG W 129 -62.61 48.64 60.62
CA ARG W 129 -63.72 49.31 59.95
C ARG W 129 -65.07 48.71 60.32
N ILE W 130 -65.16 47.41 60.56
CA ILE W 130 -66.38 46.82 61.10
C ILE W 130 -66.66 47.42 62.47
N ALA W 131 -65.64 47.65 63.29
CA ALA W 131 -65.83 48.37 64.54
C ALA W 131 -66.36 49.78 64.27
N GLU W 132 -65.84 50.51 63.29
CA GLU W 132 -66.39 51.82 62.91
C GLU W 132 -67.88 51.70 62.58
N VAL W 133 -68.27 50.70 61.81
CA VAL W 133 -69.67 50.47 61.46
C VAL W 133 -70.49 50.13 62.69
N LEU W 134 -70.02 49.26 63.57
CA LEU W 134 -70.74 48.90 64.78
C LEU W 134 -70.90 50.14 65.68
N LEU W 135 -69.82 50.88 65.88
CA LEU W 135 -69.80 52.09 66.69
C LEU W 135 -70.74 53.15 66.12
N GLU W 136 -70.80 53.29 64.80
CA GLU W 136 -71.77 54.15 64.15
C GLU W 136 -73.20 53.62 64.33
N THR W 137 -73.39 52.30 64.30
CA THR W 137 -74.71 51.66 64.46
C THR W 137 -75.27 51.92 65.85
N ARG W 138 -74.44 51.78 66.88
CA ARG W 138 -74.73 52.19 68.25
C ARG W 138 -73.46 52.64 68.96
N PRO W 139 -73.45 53.82 69.62
CA PRO W 139 -72.31 54.29 70.41
C PRO W 139 -72.15 53.55 71.77
N ASP W 140 -73.05 52.62 72.10
CA ASP W 140 -73.23 52.01 73.42
C ASP W 140 -73.45 50.48 73.39
N ASP W 141 -73.07 49.78 72.31
CA ASP W 141 -73.13 48.31 72.18
C ASP W 141 -71.98 47.60 72.95
N ARG W 142 -71.81 48.01 74.22
CA ARG W 142 -70.55 47.96 74.94
C ARG W 142 -69.91 46.59 75.05
N GLU W 143 -70.69 45.54 75.26
CA GLU W 143 -70.16 44.19 75.36
C GLU W 143 -69.64 43.67 74.01
N GLU W 144 -70.39 43.85 72.92
CA GLU W 144 -69.92 43.45 71.59
C GLU W 144 -68.66 44.23 71.22
N ILE W 145 -68.66 45.54 71.51
CA ILE W 145 -67.49 46.40 71.30
C ILE W 145 -66.30 45.88 72.11
N ARG W 146 -66.49 45.55 73.40
CA ARG W 146 -65.44 44.98 74.23
C ARG W 146 -64.95 43.66 73.65
N GLU W 147 -65.84 42.77 73.22
CA GLU W 147 -65.45 41.49 72.62
C GLU W 147 -64.63 41.70 71.35
N GLN W 148 -65.08 42.57 70.44
CA GLN W 148 -64.29 42.93 69.28
C GLN W 148 -62.92 43.46 69.69
N GLN W 149 -62.86 44.40 70.62
CA GLN W 149 -61.59 44.98 71.07
C GLN W 149 -60.68 43.95 71.73
N ALA W 150 -61.23 43.04 72.52
CA ALA W 150 -60.48 41.96 73.14
C ALA W 150 -59.88 41.05 72.08
N ILE W 151 -60.70 40.62 71.12
CA ILE W 151 -60.25 39.78 70.02
C ILE W 151 -59.19 40.52 69.20
N PHE W 152 -59.39 41.80 68.94
CA PHE W 152 -58.39 42.64 68.28
C PHE W 152 -57.08 42.61 69.05
N GLU W 153 -57.09 42.90 70.36
CA GLU W 153 -55.85 42.90 71.12
C GLU W 153 -55.20 41.52 71.18
N LEU W 154 -56.00 40.44 71.22
CA LEU W 154 -55.46 39.10 71.12
C LEU W 154 -54.78 38.88 69.77
N LEU W 155 -55.46 39.22 68.68
CA LEU W 155 -54.89 39.10 67.33
C LEU W 155 -53.64 39.96 67.16
N ILE W 156 -53.64 41.19 67.65
CA ILE W 156 -52.47 42.06 67.61
C ILE W 156 -51.34 41.45 68.43
N ALA W 157 -51.60 40.98 69.64
CA ALA W 157 -50.56 40.34 70.43
C ALA W 157 -49.99 39.15 69.67
N ALA W 158 -50.86 38.34 69.08
CA ALA W 158 -50.46 37.18 68.28
C ALA W 158 -49.61 37.62 67.09
N LEU W 159 -50.04 38.63 66.35
CA LEU W 159 -49.28 39.16 65.24
C LEU W 159 -47.95 39.79 65.70
N GLU W 160 -47.91 40.47 66.84
CA GLU W 160 -46.67 41.06 67.36
C GLU W 160 -45.66 39.96 67.64
N ALA W 161 -46.08 38.91 68.34
CA ALA W 161 -45.23 37.74 68.54
C ALA W 161 -44.83 37.15 67.18
N ALA W 162 -45.81 36.96 66.28
CA ALA W 162 -45.58 36.30 65.01
C ALA W 162 -44.54 37.02 64.17
N ILE W 163 -44.70 38.33 64.00
CA ILE W 163 -43.82 39.12 63.16
C ILE W 163 -42.47 39.32 63.86
N ARG W 164 -42.42 39.46 65.19
CA ARG W 164 -41.15 39.47 65.93
C ARG W 164 -40.37 38.18 65.67
N LEU W 165 -41.04 37.04 65.73
CA LEU W 165 -40.44 35.74 65.50
C LEU W 165 -40.03 35.56 64.02
N GLU W 166 -40.88 35.96 63.08
CA GLU W 166 -40.58 35.88 61.65
C GLU W 166 -39.37 36.73 61.28
N LYS W 167 -39.28 37.94 61.82
CA LYS W 167 -38.11 38.82 61.71
C LYS W 167 -36.88 38.14 62.28
N LEU W 168 -36.99 37.58 63.48
CA LEU W 168 -35.88 36.89 64.13
C LEU W 168 -35.43 35.64 63.33
N LYS W 169 -36.35 34.96 62.66
CA LYS W 169 -36.09 33.84 61.72
C LYS W 169 -35.38 34.33 60.46
N GLU W 170 -35.86 35.42 59.86
CA GLU W 170 -35.25 36.04 58.68
C GLU W 170 -33.79 36.47 58.96
N GLU W 171 -33.52 37.02 60.15
CA GLU W 171 -32.18 37.44 60.57
C GLU W 171 -31.24 36.31 61.00
N GLY W 172 -31.73 35.06 61.12
CA GLY W 172 -30.91 33.88 61.40
C GLY W 172 -30.33 33.80 62.83
N ALA W 173 -31.05 34.34 63.82
CA ALA W 173 -30.62 34.35 65.23
C ALA W 173 -30.50 32.93 65.85
N PRO W 174 -29.78 32.77 66.99
CA PRO W 174 -29.67 31.49 67.68
C PRO W 174 -31.04 30.87 68.04
N PRO W 175 -31.27 29.57 67.76
CA PRO W 175 -32.52 28.90 68.11
C PRO W 175 -32.93 29.06 69.57
N GLU W 176 -31.96 29.13 70.48
CA GLU W 176 -32.22 29.35 71.92
C GLU W 176 -32.93 30.69 72.17
N GLN W 177 -32.49 31.76 71.49
CA GLN W 177 -33.15 33.05 71.59
C GLN W 177 -34.54 32.99 70.97
N ILE W 178 -34.70 32.30 69.83
CA ILE W 178 -36.01 32.12 69.18
C ILE W 178 -36.97 31.42 70.15
N GLU W 179 -36.54 30.34 70.79
CA GLU W 179 -37.36 29.62 71.76
C GLU W 179 -37.71 30.48 72.99
N ARG W 180 -36.76 31.28 73.51
CA ARG W 180 -37.05 32.20 74.63
C ARG W 180 -38.09 33.25 74.23
N VAL W 181 -38.00 33.79 73.02
CA VAL W 181 -39.01 34.72 72.51
C VAL W 181 -40.35 34.01 72.29
N ALA W 182 -40.37 32.77 71.80
CA ALA W 182 -41.61 32.02 71.64
C ALA W 182 -42.28 31.74 72.99
N GLU W 183 -41.50 31.37 73.99
CA GLU W 183 -41.94 31.23 75.38
C GLU W 183 -42.52 32.56 75.89
N HIS W 184 -41.83 33.67 75.68
CA HIS W 184 -42.33 34.99 76.03
C HIS W 184 -43.67 35.30 75.35
N GLY W 185 -43.84 34.90 74.09
CA GLY W 185 -45.09 35.05 73.36
C GLY W 185 -46.23 34.27 74.03
N LEU W 186 -46.02 33.00 74.30
CA LEU W 186 -47.00 32.17 75.00
C LEU W 186 -47.31 32.70 76.41
N GLU W 187 -46.29 33.20 77.12
CA GLU W 187 -46.47 33.85 78.42
C GLU W 187 -47.35 35.09 78.33
N ARG W 188 -47.19 35.94 77.30
CA ARG W 188 -48.10 37.08 77.13
C ARG W 188 -49.52 36.56 76.86
N LEU W 189 -49.63 35.62 75.93
CA LEU W 189 -50.92 35.10 75.48
C LEU W 189 -51.71 34.49 76.63
N LYS W 190 -51.10 33.68 77.49
CA LYS W 190 -51.84 33.05 78.59
C LYS W 190 -52.42 34.09 79.55
N GLU W 191 -51.65 35.12 79.89
CA GLU W 191 -52.16 36.17 80.78
C GLU W 191 -53.22 37.03 80.10
N ILE W 192 -53.07 37.33 78.81
CA ILE W 192 -54.15 37.99 78.05
C ILE W 192 -55.41 37.13 78.08
N ALA W 193 -55.30 35.82 77.83
CA ALA W 193 -56.46 34.95 77.78
C ALA W 193 -57.23 34.97 79.11
N LYS W 194 -56.52 34.99 80.24
CA LYS W 194 -57.14 35.14 81.56
C LYS W 194 -57.90 36.46 81.67
N GLU W 195 -57.29 37.57 81.27
CA GLU W 195 -57.96 38.87 81.32
C GLU W 195 -59.22 38.89 80.45
N ILE W 196 -59.13 38.40 79.20
CA ILE W 196 -60.30 38.30 78.32
C ILE W 196 -61.39 37.45 78.98
N SER W 197 -61.02 36.27 79.51
CA SER W 197 -61.98 35.36 80.14
C SER W 197 -62.59 35.91 81.44
N LYS W 198 -61.97 36.93 82.06
CA LYS W 198 -62.56 37.67 83.18
C LYS W 198 -63.50 38.77 82.70
N GLU W 199 -63.15 39.48 81.64
CA GLU W 199 -64.01 40.56 81.14
C GLU W 199 -65.27 40.06 80.41
N VAL W 200 -65.16 38.98 79.63
CA VAL W 200 -66.21 38.51 78.72
C VAL W 200 -66.30 36.98 78.70
N ASP W 201 -67.48 36.44 78.35
CA ASP W 201 -67.82 35.03 78.55
C ASP W 201 -68.69 34.40 77.43
N SER W 202 -68.87 35.06 76.29
CA SER W 202 -69.70 34.52 75.19
C SER W 202 -69.12 33.22 74.63
N PRO W 203 -69.95 32.20 74.35
CA PRO W 203 -69.51 30.94 73.74
C PRO W 203 -68.75 31.15 72.42
N GLU W 204 -69.24 32.05 71.58
CA GLU W 204 -68.60 32.38 70.31
C GLU W 204 -67.20 32.96 70.55
N SER W 205 -67.11 33.92 71.48
CA SER W 205 -65.83 34.54 71.85
C SER W 205 -64.85 33.50 72.36
N LYS W 206 -65.29 32.62 73.26
CA LYS W 206 -64.47 31.52 73.75
C LYS W 206 -63.95 30.65 72.61
N ARG W 207 -64.83 30.25 71.68
CA ARG W 207 -64.46 29.44 70.50
C ARG W 207 -63.38 30.13 69.67
N ILE W 208 -63.60 31.41 69.39
CA ILE W 208 -62.63 32.24 68.69
C ILE W 208 -61.31 32.27 69.46
N ALA W 209 -61.35 32.65 70.73
CA ALA W 209 -60.16 32.89 71.53
C ALA W 209 -59.27 31.66 71.60
N TYR W 210 -59.87 30.50 71.88
CA TYR W 210 -59.11 29.26 71.95
C TYR W 210 -58.44 28.97 70.61
N LYS W 211 -59.20 29.02 69.51
CA LYS W 211 -58.63 28.73 68.20
C LYS W 211 -57.51 29.71 67.85
N ILE W 212 -57.63 30.97 68.22
CA ILE W 212 -56.55 31.95 68.04
C ILE W 212 -55.32 31.53 68.85
N VAL W 213 -55.47 31.27 70.15
CA VAL W 213 -54.33 30.87 70.98
C VAL W 213 -53.66 29.63 70.38
N ALA W 214 -54.47 28.66 69.94
CA ALA W 214 -53.96 27.46 69.30
C ALA W 214 -53.23 27.79 68.00
N ALA W 215 -53.81 28.59 67.12
CA ALA W 215 -53.16 29.00 65.88
C ALA W 215 -51.83 29.73 66.15
N ALA W 216 -51.76 30.54 67.21
CA ALA W 216 -50.54 31.22 67.59
C ALA W 216 -49.46 30.21 68.00
N ALA W 217 -49.81 29.25 68.86
CA ALA W 217 -48.90 28.17 69.16
C ALA W 217 -48.48 27.39 67.89
N GLU W 218 -49.42 27.11 66.99
CA GLU W 218 -49.12 26.40 65.75
C GLU W 218 -48.11 27.17 64.91
N PHE W 219 -48.33 28.46 64.72
CA PHE W 219 -47.41 29.33 63.99
C PHE W 219 -46.03 29.33 64.66
N LEU W 220 -45.96 29.49 65.98
CA LEU W 220 -44.72 29.43 66.73
C LEU W 220 -43.98 28.12 66.46
N LEU W 221 -44.68 26.99 66.53
CA LEU W 221 -44.09 25.68 66.29
C LEU W 221 -43.55 25.60 64.85
N LYS W 222 -44.35 25.97 63.86
CA LYS W 222 -43.91 25.93 62.46
C LYS W 222 -42.74 26.86 62.20
N ILE W 223 -42.69 28.03 62.83
CA ILE W 223 -41.55 28.95 62.72
C ILE W 223 -40.29 28.31 63.30
N LEU W 224 -40.34 27.74 64.50
CA LEU W 224 -39.16 27.10 65.07
C LEU W 224 -38.70 25.91 64.21
N ALA W 225 -39.65 25.18 63.61
CA ALA W 225 -39.35 24.09 62.69
C ALA W 225 -38.67 24.60 61.41
N GLU W 226 -39.18 25.67 60.78
CA GLU W 226 -38.48 26.35 59.69
C GLU W 226 -37.10 26.88 60.12
N GLY W 227 -36.95 27.25 61.39
CA GLY W 227 -35.69 27.66 62.00
C GLY W 227 -34.66 26.55 62.16
N GLY W 228 -35.02 25.29 61.88
CA GLY W 228 -34.08 24.17 61.90
C GLY W 228 -33.56 23.80 63.30
N ALA W 229 -34.30 24.13 64.36
CA ALA W 229 -33.89 23.91 65.75
C ALA W 229 -33.72 22.42 66.10
N THR W 230 -32.87 22.10 67.07
CA THR W 230 -32.60 20.72 67.48
C THR W 230 -33.78 20.10 68.25
N PRO W 231 -33.92 18.77 68.30
CA PRO W 231 -35.03 18.08 68.97
C PRO W 231 -35.30 18.53 70.40
N GLU W 232 -34.28 18.92 71.16
CA GLU W 232 -34.43 19.41 72.54
C GLU W 232 -35.27 20.69 72.59
N GLN W 233 -35.05 21.60 71.64
CA GLN W 233 -35.86 22.81 71.53
C GLN W 233 -37.30 22.45 71.13
N LEU W 234 -37.47 21.54 70.17
CA LEU W 234 -38.78 21.10 69.73
C LEU W 234 -39.58 20.51 70.90
N GLU W 235 -38.96 19.65 71.70
CA GLU W 235 -39.56 19.11 72.91
C GLU W 235 -39.95 20.22 73.89
N ARG W 236 -38.98 21.05 74.30
CA ARG W 236 -39.21 22.07 75.34
C ARG W 236 -40.35 22.99 74.94
N VAL W 237 -40.34 23.51 73.70
CA VAL W 237 -41.42 24.38 73.26
C VAL W 237 -42.72 23.60 73.17
N THR W 238 -42.72 22.37 72.67
CA THR W 238 -43.97 21.61 72.50
C THR W 238 -44.62 21.38 73.85
N GLU W 239 -43.86 20.91 74.83
CA GLU W 239 -44.39 20.66 76.16
C GLU W 239 -44.91 21.96 76.79
N HIS W 240 -44.12 23.04 76.74
CA HIS W 240 -44.58 24.32 77.26
C HIS W 240 -45.86 24.79 76.56
N ALA W 241 -45.94 24.64 75.23
CA ALA W 241 -47.10 25.07 74.45
C ALA W 241 -48.33 24.24 74.80
N LEU W 242 -48.23 22.92 74.82
CA LEU W 242 -49.34 22.07 75.23
C LEU W 242 -49.76 22.42 76.66
N GLU W 243 -48.80 22.65 77.57
CA GLU W 243 -49.08 23.05 78.95
C GLU W 243 -49.85 24.37 78.99
N VAL W 244 -49.43 25.37 78.23
CA VAL W 244 -50.17 26.63 78.11
C VAL W 244 -51.56 26.37 77.56
N LEU W 245 -51.70 25.59 76.48
CA LEU W 245 -53.01 25.33 75.90
C LEU W 245 -53.92 24.64 76.92
N LYS W 246 -53.37 23.73 77.71
CA LYS W 246 -54.06 23.05 78.81
C LYS W 246 -54.46 24.04 79.90
N GLU W 247 -53.58 24.97 80.28
CA GLU W 247 -53.90 26.00 81.25
C GLU W 247 -55.01 26.92 80.73
N VAL W 248 -54.93 27.35 79.47
CA VAL W 248 -55.99 28.17 78.85
C VAL W 248 -57.29 27.36 78.75
N ALA W 249 -57.22 26.06 78.49
CA ALA W 249 -58.39 25.21 78.51
C ALA W 249 -59.00 25.12 79.92
N LYS W 250 -58.21 25.15 81.00
CA LYS W 250 -58.77 25.20 82.37
C LYS W 250 -59.63 26.44 82.63
N GLU W 251 -59.40 27.53 81.90
CA GLU W 251 -60.32 28.67 81.89
C GLU W 251 -61.50 28.42 80.93
N LEU W 252 -61.21 28.13 79.66
CA LEU W 252 -62.21 28.22 78.58
C LEU W 252 -63.13 26.98 78.44
N ALA W 253 -62.78 25.82 79.00
CA ALA W 253 -63.54 24.55 78.85
C ALA W 253 -64.82 24.50 79.71
N ASP W 254 -65.76 25.40 79.44
CA ASP W 254 -67.03 25.55 80.18
C ASP W 254 -68.10 24.48 79.87
N SER W 255 -67.95 23.70 78.79
CA SER W 255 -69.03 22.89 78.22
C SER W 255 -68.47 21.79 77.32
N PRO W 256 -69.29 20.79 76.94
CA PRO W 256 -68.87 19.77 75.98
C PRO W 256 -68.34 20.40 74.68
N GLU W 257 -69.02 21.41 74.15
CA GLU W 257 -68.61 22.08 72.92
C GLU W 257 -67.20 22.65 73.03
N SER W 258 -66.93 23.43 74.08
CA SER W 258 -65.62 24.06 74.26
C SER W 258 -64.55 23.01 74.56
N GLY W 259 -64.89 21.98 75.34
CA GLY W 259 -63.98 20.85 75.57
C GLY W 259 -63.60 20.16 74.26
N LEU W 260 -64.60 19.82 73.43
CA LEU W 260 -64.38 19.18 72.14
C LEU W 260 -63.41 20.00 71.29
N ALA W 261 -63.72 21.27 71.09
CA ALA W 261 -62.87 22.14 70.30
C ALA W 261 -61.46 22.22 70.89
N ALA W 262 -61.34 22.52 72.19
CA ALA W 262 -60.05 22.75 72.80
C ALA W 262 -59.16 21.52 72.71
N LEU W 263 -59.70 20.36 73.06
CA LEU W 263 -58.89 19.16 73.12
C LEU W 263 -58.58 18.63 71.72
N ALA W 264 -59.51 18.80 70.77
CA ALA W 264 -59.21 18.56 69.37
C ALA W 264 -58.03 19.42 68.90
N ALA W 265 -58.04 20.70 69.26
CA ALA W 265 -56.96 21.61 68.91
C ALA W 265 -55.65 21.19 69.57
N ILE W 266 -55.67 20.85 70.87
CA ILE W 266 -54.50 20.33 71.57
C ILE W 266 -53.94 19.13 70.80
N ALA W 267 -54.78 18.15 70.47
CA ALA W 267 -54.33 16.95 69.77
C ALA W 267 -53.81 17.30 68.37
N SER W 268 -54.40 18.28 67.71
CA SER W 268 -53.89 18.76 66.44
C SER W 268 -52.48 19.34 66.60
N LEU W 269 -52.25 20.17 67.62
CA LEU W 269 -50.93 20.74 67.88
C LEU W 269 -49.92 19.64 68.20
N ALA W 270 -50.33 18.65 68.99
CA ALA W 270 -49.47 17.51 69.28
C ALA W 270 -49.17 16.69 68.01
N LYS W 271 -50.15 16.48 67.12
CA LYS W 271 -49.97 15.80 65.84
C LYS W 271 -48.92 16.52 65.01
N LEU W 272 -49.02 17.85 64.92
CA LEU W 272 -47.99 18.66 64.28
C LEU W 272 -46.62 18.46 64.96
N GLY W 273 -46.55 18.55 66.29
CA GLY W 273 -45.29 18.39 67.00
C GLY W 273 -44.61 17.06 66.69
N LEU W 274 -45.37 15.97 66.74
CA LEU W 274 -44.92 14.63 66.36
C LEU W 274 -44.49 14.58 64.89
N GLU W 275 -45.28 15.16 64.00
CA GLU W 275 -44.95 15.22 62.57
C GLU W 275 -43.65 15.99 62.31
N GLN W 276 -43.38 17.06 63.05
CA GLN W 276 -42.09 17.77 62.94
C GLN W 276 -40.93 16.96 63.53
N LEU W 277 -41.10 16.28 64.67
CA LEU W 277 -40.09 15.34 65.16
C LEU W 277 -39.80 14.25 64.10
N LYS W 278 -40.84 13.75 63.42
CA LYS W 278 -40.72 12.78 62.32
C LYS W 278 -39.98 13.37 61.12
N GLU W 279 -40.27 14.60 60.73
CA GLU W 279 -39.58 15.28 59.63
C GLU W 279 -38.09 15.52 59.95
N ILE W 280 -37.77 15.96 61.17
CA ILE W 280 -36.38 16.16 61.63
C ILE W 280 -35.65 14.81 61.78
N GLY W 281 -36.38 13.71 61.94
CA GLY W 281 -35.82 12.37 62.16
C GLY W 281 -35.35 12.12 63.60
N ALA W 282 -36.01 12.74 64.58
CA ALA W 282 -35.72 12.53 66.01
C ALA W 282 -35.97 11.06 66.42
N PRO W 283 -35.20 10.49 67.36
CA PRO W 283 -35.27 9.08 67.69
C PRO W 283 -36.59 8.69 68.37
N PRO W 284 -37.04 7.43 68.27
CA PRO W 284 -38.36 6.99 68.74
C PRO W 284 -38.68 7.34 70.19
N GLU W 285 -37.69 7.36 71.09
CA GLU W 285 -37.93 7.74 72.50
C GLU W 285 -38.46 9.16 72.65
N GLN W 286 -37.95 10.11 71.87
CA GLN W 286 -38.46 11.49 71.86
C GLN W 286 -39.92 11.53 71.36
N GLN W 287 -40.21 10.76 70.30
CA GLN W 287 -41.56 10.66 69.73
C GLN W 287 -42.54 10.12 70.78
N ARG W 288 -42.17 9.05 71.50
CA ARG W 288 -42.95 8.53 72.64
C ARG W 288 -43.12 9.59 73.73
N ARG W 289 -42.05 10.23 74.19
CA ARG W 289 -42.09 11.22 75.28
C ARG W 289 -43.10 12.32 75.00
N VAL W 290 -43.05 12.92 73.81
CA VAL W 290 -44.03 13.93 73.37
C VAL W 290 -45.43 13.33 73.33
N THR W 291 -45.58 12.14 72.73
CA THR W 291 -46.90 11.50 72.58
C THR W 291 -47.56 11.24 73.93
N LYS W 292 -46.81 10.71 74.91
CA LYS W 292 -47.33 10.47 76.26
C LYS W 292 -47.72 11.78 76.91
N ALA W 293 -46.90 12.82 76.82
CA ALA W 293 -47.28 14.13 77.34
C ALA W 293 -48.60 14.62 76.73
N GLY W 294 -48.79 14.43 75.43
CA GLY W 294 -50.06 14.72 74.76
C GLY W 294 -51.22 13.91 75.35
N ILE W 295 -51.08 12.60 75.46
CA ILE W 295 -52.11 11.75 76.04
C ILE W 295 -52.40 12.16 77.49
N GLU W 296 -51.39 12.51 78.28
CA GLU W 296 -51.59 13.02 79.63
C GLU W 296 -52.35 14.34 79.64
N ALA W 297 -52.08 15.25 78.70
CA ALA W 297 -52.91 16.45 78.57
C ALA W 297 -54.36 16.10 78.27
N VAL W 298 -54.60 15.15 77.35
CA VAL W 298 -55.94 14.66 77.03
C VAL W 298 -56.65 14.17 78.29
N ARG W 299 -55.98 13.30 79.05
CA ARG W 299 -56.50 12.75 80.31
C ARG W 299 -56.88 13.87 81.29
N GLU W 300 -56.00 14.84 81.50
CA GLU W 300 -56.25 15.84 82.53
C GLU W 300 -57.39 16.80 82.15
N ILE W 301 -57.56 17.18 80.89
CA ILE W 301 -58.76 17.95 80.51
C ILE W 301 -60.02 17.07 80.54
N TYR W 302 -59.94 15.81 80.10
CA TYR W 302 -61.04 14.85 80.27
C TYR W 302 -61.51 14.78 81.73
N ARG W 303 -60.58 14.68 82.70
CA ARG W 303 -60.92 14.70 84.13
C ARG W 303 -61.43 16.08 84.58
N TYR W 304 -60.79 17.17 84.15
CA TYR W 304 -61.17 18.52 84.55
C TYR W 304 -62.62 18.89 84.17
N GLY W 305 -63.13 18.37 83.06
CA GLY W 305 -64.51 18.61 82.62
C GLY W 305 -65.59 18.24 83.64
N ARG W 306 -65.28 17.35 84.60
CA ARG W 306 -66.21 16.92 85.66
C ARG W 306 -66.61 18.03 86.64
N LYS W 307 -66.01 19.23 86.55
CA LYS W 307 -66.55 20.44 87.20
C LYS W 307 -67.96 20.80 86.70
N LEU W 308 -68.26 20.57 85.42
CA LEU W 308 -69.43 21.12 84.71
C LEU W 308 -70.20 20.11 83.83
N TYR W 309 -69.63 18.93 83.54
CA TYR W 309 -70.26 17.85 82.75
C TYR W 309 -69.98 16.46 83.36
N CYS X 3 22.39 -94.55 15.62
CA CYS X 3 21.99 -93.13 15.76
C CYS X 3 22.64 -92.24 14.68
N ASP X 4 23.96 -92.23 14.55
CA ASP X 4 24.74 -91.25 13.78
C ASP X 4 24.23 -91.01 12.33
N ALA X 5 23.68 -92.02 11.65
CA ALA X 5 23.16 -91.84 10.29
C ALA X 5 21.98 -90.83 10.19
N ILE X 6 21.29 -90.54 11.29
CA ILE X 6 20.23 -89.51 11.34
C ILE X 6 20.82 -88.12 11.09
N GLN X 7 22.04 -87.85 11.57
CA GLN X 7 22.66 -86.53 11.41
C GLN X 7 22.89 -86.17 9.94
N ALA X 8 23.20 -87.15 9.10
CA ALA X 8 23.29 -86.95 7.66
C ALA X 8 21.94 -86.52 7.07
N ALA X 9 20.84 -87.18 7.45
CA ALA X 9 19.50 -86.76 7.03
C ALA X 9 19.17 -85.35 7.52
N ALA X 10 19.56 -84.99 8.75
CA ALA X 10 19.38 -83.63 9.26
C ALA X 10 20.17 -82.60 8.45
N ALA X 11 21.45 -82.87 8.14
CA ALA X 11 22.26 -81.99 7.30
C ALA X 11 21.68 -81.82 5.88
N LEU X 12 21.18 -82.89 5.27
CA LEU X 12 20.49 -82.84 3.97
C LEU X 12 19.15 -82.10 4.05
N GLY X 13 18.41 -82.22 5.16
CA GLY X 13 17.21 -81.45 5.43
C GLY X 13 17.49 -79.95 5.57
N GLU X 14 18.54 -79.56 6.29
CA GLU X 14 19.00 -78.16 6.39
C GLU X 14 19.52 -77.61 5.05
N ALA X 15 20.13 -78.45 4.21
CA ALA X 15 20.48 -78.10 2.83
C ALA X 15 19.25 -78.00 1.88
N GLY X 16 18.06 -78.40 2.33
CA GLY X 16 16.80 -78.30 1.57
C GLY X 16 16.56 -79.45 0.58
N ILE X 17 17.25 -80.59 0.72
CA ILE X 17 17.06 -81.78 -0.12
C ILE X 17 15.72 -82.46 0.23
N SER X 18 14.91 -82.83 -0.78
CA SER X 18 13.61 -83.46 -0.54
C SER X 18 13.74 -84.85 0.11
N SER X 19 12.72 -85.29 0.85
CA SER X 19 12.75 -86.58 1.54
C SER X 19 12.93 -87.77 0.57
N ASN X 20 12.34 -87.73 -0.62
CA ASN X 20 12.57 -88.74 -1.66
C ASN X 20 14.02 -88.73 -2.17
N GLU X 21 14.64 -87.56 -2.32
CA GLU X 21 16.04 -87.46 -2.72
C GLU X 21 17.01 -87.88 -1.60
N ILE X 22 16.69 -87.61 -0.33
CA ILE X 22 17.45 -88.17 0.80
C ILE X 22 17.36 -89.70 0.76
N LEU X 23 16.17 -90.28 0.55
CA LEU X 23 16.02 -91.71 0.39
C LEU X 23 16.81 -92.24 -0.82
N GLU X 24 16.81 -91.54 -1.95
CA GLU X 24 17.60 -91.93 -3.12
C GLU X 24 19.11 -91.89 -2.83
N LEU X 25 19.59 -90.83 -2.16
CA LEU X 25 20.99 -90.73 -1.73
C LEU X 25 21.34 -91.85 -0.74
N LEU X 26 20.43 -92.20 0.16
CA LEU X 26 20.61 -93.35 1.04
C LEU X 26 20.58 -94.68 0.27
N ALA X 27 19.83 -94.80 -0.83
CA ALA X 27 19.89 -95.97 -1.70
C ALA X 27 21.26 -96.09 -2.37
N ALA X 28 21.80 -94.99 -2.88
CA ALA X 28 23.18 -94.95 -3.38
C ALA X 28 24.18 -95.29 -2.28
N ALA X 29 24.01 -94.75 -1.07
CA ALA X 29 24.90 -95.07 0.05
C ALA X 29 24.89 -96.56 0.40
N ALA X 30 23.73 -97.22 0.32
CA ALA X 30 23.61 -98.65 0.54
C ALA X 30 24.29 -99.48 -0.58
N GLU X 31 24.13 -99.10 -1.85
CA GLU X 31 24.81 -99.76 -2.98
C GLU X 31 26.33 -99.58 -2.90
N LEU X 32 26.79 -98.34 -2.76
CA LEU X 32 28.21 -97.97 -2.83
C LEU X 32 28.95 -98.18 -1.49
N GLY X 33 28.22 -98.44 -0.40
CA GLY X 33 28.78 -98.70 0.93
C GLY X 33 29.42 -97.47 1.57
N LEU X 34 28.85 -96.29 1.40
CA LEU X 34 29.47 -95.01 1.77
C LEU X 34 29.58 -94.82 3.28
N ASP X 35 30.77 -94.45 3.75
CA ASP X 35 31.05 -94.11 5.15
C ASP X 35 30.47 -92.73 5.57
N PRO X 36 30.38 -92.41 6.87
CA PRO X 36 29.80 -91.15 7.35
C PRO X 36 30.49 -89.87 6.84
N ASP X 37 31.81 -89.89 6.61
CA ASP X 37 32.54 -88.71 6.12
C ASP X 37 32.31 -88.49 4.62
N ALA X 38 32.22 -89.55 3.83
CA ALA X 38 31.79 -89.48 2.44
C ALA X 38 30.34 -88.97 2.32
N ILE X 39 29.43 -89.44 3.18
CA ILE X 39 28.05 -88.93 3.21
C ILE X 39 28.01 -87.47 3.70
N GLN X 40 28.82 -87.08 4.68
CA GLN X 40 28.92 -85.69 5.10
C GLN X 40 29.42 -84.81 3.95
N ALA X 41 30.41 -85.27 3.17
CA ALA X 41 30.85 -84.57 1.97
C ALA X 41 29.70 -84.42 0.96
N ALA X 42 28.86 -85.45 0.78
CA ALA X 42 27.64 -85.32 -0.04
C ALA X 42 26.68 -84.25 0.52
N ALA X 43 26.51 -84.17 1.84
CA ALA X 43 25.75 -83.09 2.44
C ALA X 43 26.40 -81.71 2.19
N GLN X 44 27.73 -81.60 2.25
CA GLN X 44 28.42 -80.35 1.91
C GLN X 44 28.29 -79.98 0.42
N LEU X 45 28.28 -80.95 -0.50
CA LEU X 45 27.98 -80.71 -1.92
C LEU X 45 26.54 -80.18 -2.09
N GLY X 46 25.60 -80.67 -1.28
CA GLY X 46 24.25 -80.11 -1.18
C GLY X 46 24.22 -78.66 -0.68
N GLU X 47 24.99 -78.34 0.37
CA GLU X 47 25.15 -76.95 0.83
C GLU X 47 25.84 -76.05 -0.22
N ALA X 48 26.73 -76.59 -1.05
CA ALA X 48 27.31 -75.91 -2.20
C ALA X 48 26.31 -75.74 -3.38
N GLY X 49 25.11 -76.32 -3.29
CA GLY X 49 24.05 -76.24 -4.30
C GLY X 49 24.22 -77.20 -5.48
N ILE X 50 25.16 -78.13 -5.43
CA ILE X 50 25.34 -79.15 -6.48
C ILE X 50 24.12 -80.10 -6.43
N SER X 51 23.49 -80.36 -7.57
CA SER X 51 22.16 -81.02 -7.60
C SER X 51 22.22 -82.53 -7.34
N SER X 52 21.09 -83.11 -6.96
CA SER X 52 21.02 -84.50 -6.48
C SER X 52 21.63 -85.53 -7.43
N GLU X 53 21.28 -85.53 -8.71
CA GLU X 53 21.87 -86.50 -9.63
C GLU X 53 23.35 -86.23 -9.93
N GLU X 54 23.81 -84.98 -9.83
CA GLU X 54 25.25 -84.70 -9.87
C GLU X 54 25.96 -85.32 -8.65
N ILE X 55 25.36 -85.22 -7.47
CA ILE X 55 25.90 -85.90 -6.29
C ILE X 55 25.93 -87.41 -6.55
N LYS X 56 24.86 -87.99 -7.11
CA LYS X 56 24.85 -89.42 -7.45
C LYS X 56 25.97 -89.79 -8.42
N GLU X 57 26.22 -88.98 -9.44
CA GLU X 57 27.37 -89.17 -10.32
C GLU X 57 28.70 -89.01 -9.58
N LEU X 58 28.86 -88.00 -8.71
CA LEU X 58 30.08 -87.81 -7.92
C LEU X 58 30.38 -89.01 -7.04
N LEU X 59 29.36 -89.53 -6.36
CA LEU X 59 29.47 -90.73 -5.55
C LEU X 59 29.74 -91.96 -6.42
N ARG X 60 29.06 -92.12 -7.56
CA ARG X 60 29.33 -93.24 -8.49
C ARG X 60 30.78 -93.22 -8.92
N ALA X 61 31.27 -92.06 -9.36
CA ALA X 61 32.65 -91.91 -9.78
C ALA X 61 33.62 -92.22 -8.65
N ALA X 62 33.38 -91.71 -7.45
CA ALA X 62 34.24 -91.99 -6.31
C ALA X 62 34.39 -93.49 -6.05
N HIS X 63 33.28 -94.24 -6.11
CA HIS X 63 33.30 -95.69 -6.00
C HIS X 63 33.99 -96.36 -7.18
N GLU X 64 33.60 -96.04 -8.41
CA GLU X 64 34.12 -96.70 -9.62
C GLU X 64 35.57 -96.32 -9.97
N LEU X 65 36.11 -95.27 -9.36
CA LEU X 65 37.54 -94.96 -9.34
C LEU X 65 38.25 -95.56 -8.12
N GLY X 66 37.54 -95.78 -7.02
CA GLY X 66 38.14 -96.12 -5.73
C GLY X 66 38.85 -94.94 -5.07
N LEU X 67 38.26 -93.75 -5.12
CA LEU X 67 38.75 -92.60 -4.37
C LEU X 67 38.65 -92.85 -2.86
N ASP X 68 39.66 -92.42 -2.10
CA ASP X 68 39.65 -92.51 -0.64
C ASP X 68 38.76 -91.41 0.01
N PRO X 69 38.38 -91.56 1.29
CA PRO X 69 37.52 -90.60 1.97
C PRO X 69 38.03 -89.14 1.99
N ASP X 70 39.34 -88.91 2.03
CA ASP X 70 39.88 -87.55 2.06
C ASP X 70 39.84 -86.93 0.66
N ALA X 71 40.12 -87.70 -0.39
CA ALA X 71 39.87 -87.26 -1.76
C ALA X 71 38.38 -86.95 -1.99
N ILE X 72 37.49 -87.77 -1.44
CA ILE X 72 36.04 -87.50 -1.47
C ILE X 72 35.73 -86.22 -0.68
N ALA X 73 36.29 -86.03 0.51
CA ALA X 73 36.08 -84.83 1.32
C ALA X 73 36.55 -83.56 0.61
N ALA X 74 37.64 -83.62 -0.18
CA ALA X 74 38.13 -82.48 -0.92
C ALA X 74 37.12 -81.93 -1.94
N ALA X 75 36.16 -82.74 -2.41
CA ALA X 75 35.09 -82.27 -3.29
C ALA X 75 34.26 -81.15 -2.64
N ALA X 76 34.06 -81.20 -1.32
CA ALA X 76 33.34 -80.15 -0.60
C ALA X 76 34.09 -78.80 -0.66
N ASP X 77 35.39 -78.79 -0.37
CA ASP X 77 36.21 -77.57 -0.39
C ASP X 77 36.51 -77.06 -1.81
N LEU X 78 36.63 -77.95 -2.80
CA LEU X 78 36.61 -77.55 -4.21
C LEU X 78 35.25 -76.89 -4.58
N GLY X 79 34.15 -77.38 -4.03
CA GLY X 79 32.84 -76.71 -4.11
C GLY X 79 32.82 -75.34 -3.43
N GLN X 80 33.42 -75.19 -2.24
CA GLN X 80 33.58 -73.89 -1.59
C GLN X 80 34.43 -72.91 -2.42
N ALA X 81 35.45 -73.42 -3.12
CA ALA X 81 36.25 -72.66 -4.09
C ALA X 81 35.49 -72.32 -5.40
N GLY X 82 34.26 -72.82 -5.59
CA GLY X 82 33.45 -72.58 -6.78
C GLY X 82 33.86 -73.40 -8.01
N VAL X 83 34.66 -74.45 -7.84
CA VAL X 83 35.03 -75.40 -8.91
C VAL X 83 33.79 -76.23 -9.30
N SER X 84 33.56 -76.48 -10.59
CA SER X 84 32.34 -77.20 -11.01
C SER X 84 32.36 -78.67 -10.61
N PRO X 85 31.20 -79.30 -10.54
CA PRO X 85 31.08 -80.74 -10.28
C PRO X 85 31.87 -81.56 -11.29
N VAL X 86 31.79 -81.21 -12.57
CA VAL X 86 32.53 -81.88 -13.62
C VAL X 86 34.05 -81.66 -13.47
N GLU X 87 34.47 -80.44 -13.13
CA GLU X 87 35.88 -80.15 -12.87
C GLU X 87 36.39 -80.96 -11.69
N ILE X 88 35.61 -81.06 -10.61
CA ILE X 88 35.95 -81.89 -9.47
C ILE X 88 36.21 -83.32 -9.93
N LEU X 89 35.29 -83.90 -10.72
CA LEU X 89 35.42 -85.28 -11.18
C LEU X 89 36.78 -85.49 -11.84
N ALA X 90 37.11 -84.63 -12.80
CA ALA X 90 38.37 -84.79 -13.50
C ALA X 90 39.56 -84.47 -12.61
N LEU X 91 39.52 -83.43 -11.80
CA LEU X 91 40.64 -83.08 -10.93
C LEU X 91 40.99 -84.24 -10.03
N LEU X 92 40.00 -84.85 -9.39
CA LEU X 92 40.23 -85.98 -8.50
C LEU X 92 40.74 -87.19 -9.29
N ILE X 93 40.14 -87.50 -10.44
CA ILE X 93 40.62 -88.62 -11.27
C ILE X 93 42.06 -88.40 -11.70
N ALA X 94 42.39 -87.18 -12.12
CA ALA X 94 43.73 -86.85 -12.56
C ALA X 94 44.75 -87.05 -11.44
N ALA X 95 44.49 -86.50 -10.25
CA ALA X 95 45.37 -86.67 -9.12
C ALA X 95 45.58 -88.17 -8.81
N SER X 96 44.47 -88.91 -8.76
CA SER X 96 44.48 -90.35 -8.49
C SER X 96 45.31 -91.13 -9.51
N VAL X 97 45.16 -90.84 -10.80
CA VAL X 97 45.85 -91.58 -11.86
C VAL X 97 47.26 -91.08 -12.17
N LEU X 98 47.59 -89.85 -11.78
CA LEU X 98 48.98 -89.42 -11.62
C LEU X 98 49.63 -90.07 -10.37
N GLY X 99 48.87 -90.80 -9.55
CA GLY X 99 49.36 -91.44 -8.33
C GLY X 99 49.57 -90.46 -7.16
N LEU X 100 49.03 -89.24 -7.28
CA LEU X 100 49.10 -88.20 -6.25
C LEU X 100 48.12 -88.50 -5.09
N ASP X 101 48.18 -87.69 -4.05
CA ASP X 101 47.66 -88.02 -2.72
C ASP X 101 46.79 -86.88 -2.13
N PRO X 102 46.08 -87.09 -1.00
CA PRO X 102 45.23 -86.08 -0.40
C PRO X 102 45.91 -84.73 -0.12
N ASP X 103 47.20 -84.72 0.21
CA ASP X 103 47.94 -83.48 0.38
C ASP X 103 48.12 -82.75 -0.96
N ALA X 104 48.48 -83.46 -2.03
CA ALA X 104 48.53 -82.86 -3.37
C ALA X 104 47.13 -82.39 -3.82
N ILE X 105 46.08 -83.14 -3.52
CA ILE X 105 44.70 -82.72 -3.77
C ILE X 105 44.36 -81.46 -2.96
N GLN X 106 44.77 -81.37 -1.70
CA GLN X 106 44.60 -80.17 -0.91
C GLN X 106 45.35 -78.97 -1.50
N ALA X 107 46.57 -79.17 -2.01
CA ALA X 107 47.30 -78.11 -2.72
C ALA X 107 46.63 -77.70 -4.04
N ALA X 108 46.02 -78.64 -4.77
CA ALA X 108 45.16 -78.33 -5.91
C ALA X 108 43.93 -77.51 -5.46
N ALA X 109 43.31 -77.85 -4.33
CA ALA X 109 42.21 -77.06 -3.78
C ALA X 109 42.67 -75.64 -3.42
N ALA X 110 43.86 -75.48 -2.84
CA ALA X 110 44.45 -74.16 -2.58
C ALA X 110 44.71 -73.36 -3.88
N LEU X 111 45.20 -73.99 -4.95
CA LEU X 111 45.30 -73.35 -6.27
C LEU X 111 43.91 -72.94 -6.80
N GLY X 112 42.89 -73.76 -6.55
CA GLY X 112 41.50 -73.42 -6.87
C GLY X 112 41.00 -72.21 -6.09
N GLU X 113 41.25 -72.13 -4.79
CA GLU X 113 40.90 -70.96 -3.95
C GLU X 113 41.68 -69.69 -4.37
N ALA X 114 42.91 -69.84 -4.85
CA ALA X 114 43.67 -68.76 -5.49
C ALA X 114 43.13 -68.37 -6.88
N GLY X 115 42.17 -69.12 -7.42
CA GLY X 115 41.49 -68.85 -8.69
C GLY X 115 42.22 -69.34 -9.93
N ILE X 116 43.22 -70.22 -9.78
CA ILE X 116 43.98 -70.78 -10.91
C ILE X 116 43.07 -71.70 -11.73
N SER X 117 43.18 -71.67 -13.06
CA SER X 117 42.33 -72.50 -13.93
C SER X 117 42.60 -73.99 -13.73
N ALA X 118 41.57 -74.83 -13.86
CA ALA X 118 41.72 -76.28 -13.69
C ALA X 118 42.71 -76.88 -14.69
N GLU X 119 42.77 -76.38 -15.92
CA GLU X 119 43.82 -76.81 -16.86
C GLU X 119 45.21 -76.44 -16.37
N GLU X 120 45.43 -75.22 -15.87
CA GLU X 120 46.74 -74.86 -15.32
C GLU X 120 47.07 -75.67 -14.08
N ILE X 121 46.10 -75.97 -13.22
CA ILE X 121 46.30 -76.90 -12.11
C ILE X 121 46.76 -78.26 -12.64
N ILE X 122 46.07 -78.81 -13.63
CA ILE X 122 46.44 -80.11 -14.21
C ILE X 122 47.84 -80.07 -14.83
N GLU X 123 48.17 -79.04 -15.62
CA GLU X 123 49.51 -78.91 -16.18
C GLU X 123 50.56 -78.76 -15.06
N LEU X 124 50.27 -78.02 -13.98
CA LEU X 124 51.15 -77.90 -12.84
C LEU X 124 51.34 -79.26 -12.14
N LEU X 125 50.27 -80.01 -11.90
CA LEU X 125 50.38 -81.35 -11.32
C LEU X 125 51.17 -82.28 -12.25
N THR X 126 50.92 -82.23 -13.56
CA THR X 126 51.66 -83.03 -14.54
C THR X 126 53.15 -82.66 -14.52
N ALA X 127 53.46 -81.37 -14.56
CA ALA X 127 54.83 -80.89 -14.47
C ALA X 127 55.50 -81.37 -13.17
N ALA X 128 54.82 -81.26 -12.03
CA ALA X 128 55.35 -81.73 -10.74
C ALA X 128 55.63 -83.24 -10.76
N ARG X 129 54.70 -84.02 -11.31
CA ARG X 129 54.84 -85.46 -11.48
C ARG X 129 56.06 -85.80 -12.34
N ASP X 130 56.24 -85.11 -13.47
CA ASP X 130 57.37 -85.32 -14.38
C ASP X 130 58.71 -84.85 -13.79
N LEU X 131 58.72 -83.77 -13.01
CA LEU X 131 59.92 -83.28 -12.30
C LEU X 131 60.27 -84.11 -11.05
N GLY X 132 59.34 -84.92 -10.55
CA GLY X 132 59.52 -85.66 -9.29
C GLY X 132 59.45 -84.76 -8.05
N LEU X 133 58.78 -83.61 -8.15
CA LEU X 133 58.52 -82.71 -7.03
C LEU X 133 57.55 -83.37 -6.02
N ASP X 134 57.82 -83.19 -4.73
CA ASP X 134 57.00 -83.76 -3.65
C ASP X 134 55.79 -82.86 -3.30
N PRO X 135 54.82 -83.34 -2.51
CA PRO X 135 53.65 -82.55 -2.13
C PRO X 135 53.99 -81.23 -1.43
N ASP X 136 55.12 -81.14 -0.71
CA ASP X 136 55.58 -79.87 -0.13
C ASP X 136 55.96 -78.87 -1.22
N ALA X 137 56.71 -79.28 -2.25
CA ALA X 137 56.98 -78.42 -3.39
C ALA X 137 55.70 -78.04 -4.16
N ILE X 138 54.73 -78.95 -4.28
CA ILE X 138 53.42 -78.61 -4.87
C ILE X 138 52.69 -77.58 -3.97
N GLN X 139 52.71 -77.73 -2.65
CA GLN X 139 52.16 -76.74 -1.72
C GLN X 139 52.87 -75.40 -1.84
N ALA X 140 54.19 -75.38 -1.99
CA ALA X 140 54.92 -74.15 -2.23
C ALA X 140 54.52 -73.51 -3.58
N ALA X 141 54.27 -74.30 -4.63
CA ALA X 141 53.71 -73.80 -5.87
C ALA X 141 52.29 -73.25 -5.67
N ALA X 142 51.46 -73.89 -4.83
CA ALA X 142 50.17 -73.32 -4.45
C ALA X 142 50.33 -71.96 -3.73
N GLN X 143 51.35 -71.80 -2.90
CA GLN X 143 51.69 -70.50 -2.31
C GLN X 143 52.21 -69.49 -3.35
N LEU X 144 52.94 -69.90 -4.39
CA LEU X 144 53.23 -69.01 -5.53
C LEU X 144 51.93 -68.58 -6.24
N GLY X 145 50.93 -69.46 -6.30
CA GLY X 145 49.57 -69.11 -6.74
C GLY X 145 48.88 -68.10 -5.82
N GLU X 146 49.01 -68.22 -4.49
CA GLU X 146 48.52 -67.21 -3.55
C GLU X 146 49.26 -65.87 -3.72
N ALA X 147 50.54 -65.89 -4.05
CA ALA X 147 51.32 -64.71 -4.46
C ALA X 147 50.96 -64.21 -5.88
N GLY X 148 50.09 -64.90 -6.61
CA GLY X 148 49.58 -64.50 -7.92
C GLY X 148 50.56 -64.67 -9.09
N ILE X 149 51.63 -65.44 -8.92
CA ILE X 149 52.62 -65.66 -9.98
C ILE X 149 51.97 -66.44 -11.14
N SER X 150 52.24 -66.03 -12.39
CA SER X 150 51.64 -66.71 -13.56
C SER X 150 52.17 -68.13 -13.72
N SER X 151 51.37 -69.04 -14.27
CA SER X 151 51.72 -70.48 -14.30
C SER X 151 53.05 -70.77 -15.01
N GLU X 152 53.34 -70.10 -16.12
CA GLU X 152 54.63 -70.23 -16.80
C GLU X 152 55.81 -69.75 -15.92
N GLU X 153 55.61 -68.66 -15.16
CA GLU X 153 56.61 -68.16 -14.22
C GLU X 153 56.77 -69.09 -13.01
N ILE X 154 55.70 -69.70 -12.52
CA ILE X 154 55.79 -70.77 -11.52
C ILE X 154 56.64 -71.90 -12.10
N LYS X 155 56.35 -72.36 -13.32
CA LYS X 155 57.11 -73.43 -13.95
C LYS X 155 58.59 -73.08 -14.09
N GLU X 156 58.93 -71.84 -14.45
CA GLU X 156 60.32 -71.39 -14.48
C GLU X 156 60.95 -71.32 -13.08
N LEU X 157 60.25 -70.82 -12.07
CA LEU X 157 60.75 -70.82 -10.69
C LEU X 157 60.98 -72.25 -10.18
N LEU X 158 60.09 -73.18 -10.52
CA LEU X 158 60.28 -74.59 -10.23
C LEU X 158 61.46 -75.18 -11.01
N ARG X 159 61.63 -74.87 -12.30
CA ARG X 159 62.79 -75.31 -13.09
C ARG X 159 64.08 -74.80 -12.46
N ALA X 160 64.12 -73.53 -12.08
CA ALA X 160 65.26 -72.97 -11.38
C ALA X 160 65.51 -73.70 -10.06
N ALA X 161 64.51 -73.83 -9.19
CA ALA X 161 64.66 -74.52 -7.92
C ALA X 161 65.15 -75.97 -8.09
N HIS X 162 64.66 -76.66 -9.12
CA HIS X 162 65.04 -78.03 -9.47
C HIS X 162 66.49 -78.13 -9.96
N GLU X 163 66.93 -77.24 -10.84
CA GLU X 163 68.32 -77.19 -11.28
C GLU X 163 69.29 -76.75 -10.17
N LEU X 164 68.88 -75.83 -9.31
CA LEU X 164 69.70 -75.27 -8.22
C LEU X 164 69.67 -76.13 -6.94
N GLY X 165 68.73 -77.07 -6.82
CA GLY X 165 68.54 -77.90 -5.63
C GLY X 165 68.05 -77.11 -4.40
N LEU X 166 67.20 -76.11 -4.60
CA LEU X 166 66.55 -75.37 -3.51
C LEU X 166 65.44 -76.21 -2.84
N ASP X 167 65.06 -75.85 -1.62
CA ASP X 167 64.01 -76.55 -0.86
C ASP X 167 62.64 -75.81 -0.88
N PRO X 168 61.53 -76.48 -0.51
CA PRO X 168 60.21 -75.86 -0.49
C PRO X 168 60.10 -74.60 0.39
N ASP X 169 60.89 -74.48 1.46
CA ASP X 169 60.93 -73.25 2.26
C ASP X 169 61.50 -72.09 1.43
N CYS X 170 62.55 -72.32 0.64
CA CYS X 170 63.05 -71.32 -0.29
C CYS X 170 62.01 -70.97 -1.37
N ILE X 171 61.26 -71.95 -1.88
CA ILE X 171 60.16 -71.67 -2.82
C ILE X 171 59.04 -70.86 -2.13
N ALA X 172 58.72 -71.14 -0.86
CA ALA X 172 57.79 -70.32 -0.09
C ALA X 172 58.34 -68.89 0.14
N ALA X 173 59.64 -68.73 0.38
CA ALA X 173 60.25 -67.40 0.45
C ALA X 173 60.21 -66.66 -0.90
N ALA X 174 60.28 -67.38 -2.02
CA ALA X 174 60.03 -66.78 -3.34
C ALA X 174 58.59 -66.25 -3.44
N ALA X 175 57.59 -66.99 -2.92
CA ALA X 175 56.23 -66.49 -2.82
C ALA X 175 56.12 -65.25 -1.90
N ASP X 176 56.85 -65.19 -0.80
CA ASP X 176 56.92 -64.00 0.06
C ASP X 176 57.52 -62.78 -0.68
N LEU X 177 58.55 -62.96 -1.49
CA LEU X 177 59.07 -61.90 -2.37
C LEU X 177 58.06 -61.49 -3.46
N GLY X 178 57.26 -62.44 -3.96
CA GLY X 178 56.13 -62.15 -4.86
C GLY X 178 55.06 -61.31 -4.17
N GLN X 179 54.71 -61.60 -2.92
CA GLN X 179 53.80 -60.77 -2.11
C GLN X 179 54.38 -59.38 -1.80
N ALA X 180 55.70 -59.26 -1.66
CA ALA X 180 56.42 -57.99 -1.59
C ALA X 180 56.51 -57.24 -2.95
N GLY X 181 56.01 -57.84 -4.04
CA GLY X 181 55.87 -57.20 -5.36
C GLY X 181 57.12 -57.25 -6.24
N ILE X 182 58.12 -58.05 -5.88
CA ILE X 182 59.38 -58.19 -6.64
C ILE X 182 59.13 -58.92 -7.98
N SER X 183 59.81 -58.53 -9.07
CA SER X 183 59.66 -59.20 -10.38
C SER X 183 60.30 -60.60 -10.39
N SER X 184 59.82 -61.51 -11.23
CA SER X 184 60.25 -62.92 -11.23
C SER X 184 61.74 -63.12 -11.56
N SER X 185 62.33 -62.29 -12.43
CA SER X 185 63.78 -62.32 -12.67
C SER X 185 64.56 -61.84 -11.43
N GLU X 186 64.11 -60.77 -10.78
CA GLU X 186 64.72 -60.28 -9.53
C GLU X 186 64.55 -61.29 -8.38
N ILE X 187 63.39 -61.93 -8.24
CA ILE X 187 63.21 -63.05 -7.30
C ILE X 187 64.25 -64.12 -7.58
N THR X 188 64.44 -64.49 -8.85
CA THR X 188 65.44 -65.49 -9.24
C THR X 188 66.86 -65.04 -8.84
N ALA X 189 67.24 -63.80 -9.11
CA ALA X 189 68.52 -63.27 -8.68
C ALA X 189 68.66 -63.30 -7.13
N LEU X 190 67.62 -62.89 -6.40
CA LEU X 190 67.64 -62.90 -4.94
C LEU X 190 67.73 -64.32 -4.38
N LEU X 191 67.02 -65.28 -4.96
CA LEU X 191 67.19 -66.70 -4.62
C LEU X 191 68.63 -67.13 -4.85
N LEU X 192 69.20 -66.84 -6.03
CA LEU X 192 70.58 -67.22 -6.36
C LEU X 192 71.59 -66.61 -5.38
N ALA X 193 71.52 -65.31 -5.15
CA ALA X 193 72.45 -64.61 -4.26
C ALA X 193 72.32 -65.11 -2.79
N ALA X 194 71.10 -65.20 -2.27
CA ALA X 194 70.85 -65.68 -0.91
C ALA X 194 71.36 -67.12 -0.73
N ALA X 195 71.02 -68.02 -1.67
CA ALA X 195 71.47 -69.40 -1.64
C ALA X 195 73.01 -69.49 -1.73
N ALA X 196 73.65 -68.77 -2.64
CA ALA X 196 75.10 -68.78 -2.78
C ALA X 196 75.79 -68.34 -1.49
N ILE X 197 75.33 -67.25 -0.87
CA ILE X 197 75.93 -66.73 0.35
C ILE X 197 75.63 -67.64 1.54
N GLU X 198 74.41 -68.14 1.68
CA GLU X 198 74.05 -69.07 2.75
C GLU X 198 74.85 -70.37 2.65
N LEU X 199 75.02 -70.93 1.44
CA LEU X 199 75.89 -72.08 1.20
C LEU X 199 77.36 -71.75 1.48
N ALA X 200 77.85 -70.58 1.06
CA ALA X 200 79.22 -70.13 1.35
C ALA X 200 79.48 -69.97 2.86
N LYS X 201 78.42 -69.82 3.66
CA LYS X 201 78.45 -69.73 5.14
C LYS X 201 78.13 -71.05 5.86
N ARG X 202 77.57 -72.04 5.17
CA ARG X 202 77.64 -73.45 5.59
C ARG X 202 79.06 -73.99 5.37
N ALA X 203 79.66 -73.66 4.23
CA ALA X 203 81.11 -73.68 4.03
C ALA X 203 81.80 -72.58 4.85
N ASP X 204 83.13 -72.46 4.73
CA ASP X 204 83.92 -71.41 5.38
C ASP X 204 85.14 -70.94 4.55
N ASP X 205 85.28 -71.38 3.29
CA ASP X 205 86.48 -71.13 2.49
C ASP X 205 86.58 -69.67 2.02
N LYS X 206 87.69 -69.01 2.35
CA LYS X 206 88.01 -67.65 1.90
C LYS X 206 88.01 -67.51 0.37
N ASP X 207 88.42 -68.54 -0.37
CA ASP X 207 88.37 -68.48 -1.82
C ASP X 207 86.92 -68.50 -2.32
N VAL X 208 86.05 -69.29 -1.68
CA VAL X 208 84.61 -69.24 -1.97
C VAL X 208 84.06 -67.86 -1.62
N ARG X 209 84.47 -67.27 -0.49
CA ARG X 209 84.10 -65.88 -0.15
C ARG X 209 84.50 -64.91 -1.27
N GLU X 210 85.74 -64.94 -1.73
CA GLU X 210 86.23 -64.06 -2.81
C GLU X 210 85.48 -64.29 -4.13
N ILE X 211 85.26 -65.54 -4.52
CA ILE X 211 84.51 -65.87 -5.73
C ILE X 211 83.08 -65.34 -5.64
N VAL X 212 82.35 -65.65 -4.56
CA VAL X 212 80.96 -65.22 -4.40
C VAL X 212 80.89 -63.69 -4.33
N ARG X 213 81.80 -63.04 -3.61
CA ARG X 213 81.90 -61.57 -3.58
C ARG X 213 82.07 -60.99 -4.97
N ASP X 214 83.04 -61.47 -5.75
CA ASP X 214 83.28 -60.95 -7.09
C ASP X 214 82.11 -61.24 -8.05
N ALA X 215 81.42 -62.36 -7.88
CA ALA X 215 80.19 -62.63 -8.64
C ALA X 215 79.06 -61.66 -8.28
N LEU X 216 78.85 -61.38 -6.98
CA LEU X 216 77.90 -60.38 -6.53
C LEU X 216 78.29 -58.98 -7.02
N GLU X 217 79.59 -58.66 -7.03
CA GLU X 217 80.09 -57.37 -7.51
C GLU X 217 79.86 -57.22 -9.02
N LEU X 218 80.12 -58.27 -9.81
CA LEU X 218 79.78 -58.28 -11.23
C LEU X 218 78.28 -58.12 -11.45
N ALA X 219 77.46 -58.85 -10.68
CA ALA X 219 76.00 -58.72 -10.73
C ALA X 219 75.51 -57.33 -10.29
N SER X 220 76.26 -56.64 -9.42
CA SER X 220 75.98 -55.25 -9.06
C SER X 220 76.40 -54.27 -10.15
N ARG X 221 77.51 -54.54 -10.85
CA ARG X 221 77.97 -53.75 -12.01
C ARG X 221 77.04 -53.85 -13.20
N SER X 222 76.76 -55.07 -13.66
CA SER X 222 76.10 -55.31 -14.95
C SER X 222 74.57 -55.19 -14.85
N THR X 223 73.97 -54.34 -15.68
CA THR X 223 72.51 -54.20 -15.80
C THR X 223 71.85 -55.29 -16.68
N ASN X 224 72.63 -56.06 -17.43
CA ASN X 224 72.14 -57.17 -18.25
C ASN X 224 71.80 -58.38 -17.37
N ASP X 225 70.52 -58.70 -17.15
CA ASP X 225 70.15 -59.75 -16.20
C ASP X 225 70.53 -61.17 -16.65
N GLU X 226 70.90 -61.38 -17.92
CA GLU X 226 71.53 -62.62 -18.36
C GLU X 226 72.89 -62.79 -17.69
N VAL X 227 73.71 -61.74 -17.64
CA VAL X 227 74.98 -61.75 -16.90
C VAL X 227 74.72 -61.92 -15.41
N ILE X 228 73.68 -61.28 -14.85
CA ILE X 228 73.31 -61.47 -13.43
C ILE X 228 73.00 -62.94 -13.15
N ARG X 229 72.11 -63.53 -13.93
CA ARG X 229 71.71 -64.93 -13.76
C ARG X 229 72.89 -65.86 -14.00
N LEU X 230 73.70 -65.64 -15.03
CA LEU X 230 74.95 -66.39 -15.26
C LEU X 230 75.91 -66.31 -14.06
N ALA X 231 76.18 -65.10 -13.56
CA ALA X 231 77.14 -64.89 -12.48
C ALA X 231 76.65 -65.48 -11.16
N LEU X 232 75.38 -65.27 -10.80
CA LEU X 232 74.84 -65.78 -9.54
C LEU X 232 74.54 -67.28 -9.60
N GLU X 233 74.22 -67.85 -10.77
CA GLU X 233 74.21 -69.29 -10.96
C GLU X 233 75.61 -69.88 -10.77
N ALA X 234 76.64 -69.28 -11.38
CA ALA X 234 78.01 -69.69 -11.13
C ALA X 234 78.36 -69.58 -9.62
N ALA X 235 77.89 -68.53 -8.95
CA ALA X 235 78.11 -68.36 -7.51
C ALA X 235 77.46 -69.49 -6.70
N VAL X 236 76.23 -69.91 -7.04
CA VAL X 236 75.59 -71.07 -6.40
C VAL X 236 76.38 -72.34 -6.69
N LEU X 237 76.74 -72.60 -7.94
CA LEU X 237 77.45 -73.82 -8.33
C LEU X 237 78.84 -73.90 -7.66
N ALA X 238 79.56 -72.78 -7.58
CA ALA X 238 80.80 -72.70 -6.84
C ALA X 238 80.59 -72.93 -5.34
N ALA X 239 79.61 -72.26 -4.71
CA ALA X 239 79.34 -72.43 -3.29
C ALA X 239 78.84 -73.85 -2.93
N ARG X 240 78.21 -74.56 -3.87
CA ARG X 240 77.74 -75.95 -3.72
C ARG X 240 78.79 -77.00 -4.11
N SER X 241 80.02 -76.61 -4.46
CA SER X 241 81.08 -77.53 -4.89
C SER X 241 82.36 -77.38 -4.07
N THR X 242 83.00 -78.50 -3.75
CA THR X 242 84.32 -78.54 -3.08
C THR X 242 85.47 -78.42 -4.09
N ASP X 243 85.21 -78.62 -5.38
CA ASP X 243 86.26 -78.86 -6.38
C ASP X 243 87.08 -77.61 -6.73
N SER X 244 88.35 -77.62 -6.33
CA SER X 244 89.30 -76.54 -6.59
C SER X 244 89.45 -76.19 -8.08
N ASP X 245 89.28 -77.15 -9.00
CA ASP X 245 89.32 -76.84 -10.43
C ASP X 245 88.13 -75.98 -10.84
N VAL X 246 86.94 -76.26 -10.31
CA VAL X 246 85.76 -75.42 -10.55
C VAL X 246 85.98 -74.05 -9.93
N LEU X 247 86.53 -73.98 -8.72
CA LEU X 247 86.87 -72.69 -8.12
C LEU X 247 87.88 -71.91 -8.98
N GLU X 248 88.94 -72.54 -9.49
CA GLU X 248 89.91 -71.88 -10.36
C GLU X 248 89.29 -71.43 -11.69
N ILE X 249 88.46 -72.25 -12.33
CA ILE X 249 87.77 -71.91 -13.57
C ILE X 249 86.81 -70.72 -13.35
N VAL X 250 85.99 -70.77 -12.29
CA VAL X 250 85.07 -69.67 -11.96
C VAL X 250 85.86 -68.40 -11.59
N LYS X 251 86.95 -68.52 -10.82
CA LYS X 251 87.82 -67.38 -10.50
C LYS X 251 88.41 -66.77 -11.77
N ASP X 252 88.93 -67.57 -12.69
CA ASP X 252 89.43 -67.09 -13.98
C ASP X 252 88.34 -66.39 -14.80
N ALA X 253 87.13 -66.95 -14.87
CA ALA X 253 86.01 -66.33 -15.57
C ALA X 253 85.61 -64.97 -14.96
N LEU X 254 85.50 -64.90 -13.62
CA LEU X 254 85.19 -63.65 -12.92
C LEU X 254 86.33 -62.64 -13.04
N GLU X 255 87.58 -63.08 -12.97
CA GLU X 255 88.75 -62.22 -13.15
C GLU X 255 88.76 -61.64 -14.56
N LEU X 256 88.52 -62.46 -15.59
CA LEU X 256 88.37 -61.96 -16.96
C LEU X 256 87.21 -60.96 -17.07
N ALA X 257 86.07 -61.22 -16.41
CA ALA X 257 84.93 -60.30 -16.33
C ALA X 257 85.17 -59.05 -15.45
N LYS X 258 86.30 -58.99 -14.75
CA LYS X 258 86.78 -57.82 -14.01
C LYS X 258 87.83 -57.05 -14.83
N GLN X 259 88.71 -57.75 -15.54
CA GLN X 259 89.74 -57.16 -16.40
C GLN X 259 89.21 -56.63 -17.74
N SER X 260 88.14 -57.21 -18.28
CA SER X 260 87.46 -56.74 -19.51
C SER X 260 85.97 -56.55 -19.28
N THR X 261 85.41 -55.50 -19.88
CA THR X 261 83.97 -55.14 -19.82
C THR X 261 83.16 -55.75 -20.98
N ASN X 262 83.78 -56.51 -21.88
CA ASN X 262 83.13 -57.00 -23.10
C ASN X 262 82.07 -58.08 -22.81
N GLU X 263 80.79 -57.75 -23.00
CA GLU X 263 79.68 -58.69 -22.75
C GLU X 263 79.80 -59.97 -23.57
N GLU X 264 80.38 -59.94 -24.77
CA GLU X 264 80.55 -61.16 -25.59
C GLU X 264 81.49 -62.15 -24.90
N VAL X 265 82.64 -61.66 -24.43
CA VAL X 265 83.56 -62.47 -23.65
C VAL X 265 82.90 -62.90 -22.35
N ILE X 266 82.19 -62.01 -21.64
CA ILE X 266 81.57 -62.34 -20.36
C ILE X 266 80.49 -63.43 -20.52
N LYS X 267 79.60 -63.31 -21.51
CA LYS X 267 78.61 -64.33 -21.83
C LYS X 267 79.29 -65.69 -22.06
N LEU X 268 80.30 -65.72 -22.93
CA LEU X 268 81.04 -66.95 -23.23
C LEU X 268 81.78 -67.51 -22.01
N ALA X 269 82.47 -66.68 -21.25
CA ALA X 269 83.26 -67.10 -20.08
C ALA X 269 82.37 -67.64 -18.95
N LEU X 270 81.30 -66.92 -18.59
CA LEU X 270 80.38 -67.41 -17.56
C LEU X 270 79.62 -68.65 -18.02
N LYS X 271 79.17 -68.72 -19.29
CA LYS X 271 78.52 -69.92 -19.81
C LYS X 271 79.46 -71.13 -19.78
N ALA X 272 80.70 -70.98 -20.23
CA ALA X 272 81.72 -72.03 -20.13
C ALA X 272 81.97 -72.46 -18.68
N ALA X 273 82.08 -71.51 -17.74
CA ALA X 273 82.24 -71.81 -16.33
C ALA X 273 81.03 -72.55 -15.74
N VAL X 274 79.80 -72.13 -16.05
CA VAL X 274 78.57 -72.81 -15.61
C VAL X 274 78.50 -74.23 -16.18
N LEU X 275 78.80 -74.43 -17.46
CA LEU X 275 78.83 -75.75 -18.08
C LEU X 275 79.91 -76.63 -17.43
N ALA X 276 81.11 -76.10 -17.21
CA ALA X 276 82.17 -76.79 -16.48
C ALA X 276 81.74 -77.18 -15.06
N ALA X 277 81.02 -76.30 -14.36
CA ALA X 277 80.56 -76.54 -12.99
C ALA X 277 79.38 -77.53 -12.88
N LYS X 278 78.49 -77.60 -13.88
CA LYS X 278 77.46 -78.64 -13.99
C LYS X 278 78.01 -79.99 -14.47
N SER X 279 79.05 -79.97 -15.32
CA SER X 279 79.72 -81.16 -15.85
C SER X 279 80.58 -81.88 -14.79
N THR X 280 81.09 -83.06 -15.13
CA THR X 280 81.75 -84.00 -14.20
C THR X 280 83.00 -84.68 -14.79
N ASP X 281 83.58 -84.15 -15.87
CA ASP X 281 84.74 -84.74 -16.55
C ASP X 281 86.03 -83.96 -16.33
N GLU X 282 87.03 -84.60 -15.73
CA GLU X 282 88.35 -84.00 -15.42
C GLU X 282 89.14 -83.58 -16.68
N GLU X 283 88.97 -84.27 -17.81
CA GLU X 283 89.64 -83.87 -19.05
C GLU X 283 88.99 -82.62 -19.67
N VAL X 284 87.67 -82.47 -19.54
CA VAL X 284 86.97 -81.24 -19.94
C VAL X 284 87.36 -80.09 -19.02
N LEU X 285 87.41 -80.31 -17.70
CA LEU X 285 87.89 -79.30 -16.75
C LEU X 285 89.34 -78.88 -17.04
N GLU X 286 90.22 -79.83 -17.36
CA GLU X 286 91.59 -79.54 -17.78
C GLU X 286 91.64 -78.71 -19.08
N GLU X 287 90.95 -79.14 -20.13
CA GLU X 287 90.91 -78.40 -21.40
C GLU X 287 90.27 -77.02 -21.24
N VAL X 288 89.23 -76.85 -20.41
CA VAL X 288 88.66 -75.53 -20.10
C VAL X 288 89.67 -74.67 -19.35
N LYS X 289 90.40 -75.20 -18.37
CA LYS X 289 91.47 -74.46 -17.69
C LYS X 289 92.57 -74.07 -18.69
N GLU X 290 92.93 -74.96 -19.60
CA GLU X 290 93.87 -74.69 -20.69
C GLU X 290 93.34 -73.58 -21.63
N ALA X 291 92.07 -73.63 -22.01
CA ALA X 291 91.45 -72.59 -22.82
C ALA X 291 91.50 -71.23 -22.12
N LEU X 292 91.25 -71.19 -20.81
CA LEU X 292 91.40 -69.97 -20.01
C LEU X 292 92.87 -69.53 -19.90
N ARG X 293 93.82 -70.47 -19.85
CA ARG X 293 95.26 -70.18 -19.88
C ARG X 293 95.68 -69.52 -21.19
N ARG X 294 95.22 -70.06 -22.33
CA ARG X 294 95.39 -69.46 -23.67
C ARG X 294 94.74 -68.07 -23.74
N ALA X 295 93.53 -67.94 -23.20
CA ALA X 295 92.77 -66.70 -23.23
C ALA X 295 93.45 -65.55 -22.47
N LYS X 296 93.84 -65.77 -21.20
CA LYS X 296 94.50 -64.74 -20.36
C LYS X 296 95.82 -64.24 -20.96
N GLU X 297 96.52 -65.07 -21.73
CA GLU X 297 97.76 -64.72 -22.42
C GLU X 297 97.55 -63.96 -23.75
N SER X 298 96.32 -63.86 -24.27
CA SER X 298 96.05 -63.27 -25.60
C SER X 298 96.21 -61.74 -25.63
N THR X 299 96.73 -61.22 -26.74
CA THR X 299 96.70 -59.78 -27.08
C THR X 299 95.42 -59.35 -27.81
N ASP X 300 94.55 -60.28 -28.18
CA ASP X 300 93.31 -60.05 -28.93
C ASP X 300 92.11 -60.81 -28.33
N GLU X 301 90.97 -60.14 -28.16
CA GLU X 301 89.74 -60.77 -27.68
C GLU X 301 89.08 -61.71 -28.70
N GLU X 302 89.46 -61.68 -29.99
CA GLU X 302 88.98 -62.67 -30.97
C GLU X 302 89.45 -64.09 -30.63
N GLU X 303 90.71 -64.29 -30.26
CA GLU X 303 91.20 -65.61 -29.83
C GLU X 303 90.55 -66.05 -28.52
N ILE X 304 90.32 -65.11 -27.58
CA ILE X 304 89.58 -65.38 -26.34
C ILE X 304 88.17 -65.91 -26.67
N LYS X 305 87.43 -65.18 -27.50
CA LYS X 305 86.07 -65.57 -27.91
C LYS X 305 86.09 -66.93 -28.61
N GLU X 306 86.98 -67.19 -29.56
CA GLU X 306 87.00 -68.50 -30.25
C GLU X 306 87.39 -69.67 -29.34
N GLU X 307 88.37 -69.52 -28.44
CA GLU X 307 88.71 -70.58 -27.50
C GLU X 307 87.53 -70.94 -26.59
N LEU X 308 86.81 -69.93 -26.08
CA LEU X 308 85.60 -70.15 -25.28
C LEU X 308 84.44 -70.70 -26.13
N ARG X 309 84.23 -70.19 -27.35
CA ARG X 309 83.16 -70.64 -28.26
C ARG X 309 83.28 -72.13 -28.58
N LYS X 310 84.50 -72.59 -28.89
CA LYS X 310 84.78 -74.01 -29.16
C LYS X 310 84.44 -74.89 -27.96
N ALA X 311 84.83 -74.47 -26.75
CA ALA X 311 84.47 -75.18 -25.53
C ALA X 311 82.94 -75.22 -25.32
N VAL X 312 82.25 -74.08 -25.50
CA VAL X 312 80.80 -73.99 -25.33
C VAL X 312 80.06 -74.92 -26.29
N GLU X 313 80.40 -74.89 -27.59
CA GLU X 313 79.73 -75.74 -28.59
C GLU X 313 80.10 -77.23 -28.51
N GLU X 314 81.21 -77.58 -27.86
CA GLU X 314 81.53 -78.98 -27.51
C GLU X 314 80.77 -79.46 -26.26
N ALA X 315 80.53 -78.57 -25.28
CA ALA X 315 79.93 -78.89 -24.00
C ALA X 315 78.39 -78.87 -23.95
N GLU X 316 77.70 -78.02 -24.74
CA GLU X 316 76.23 -77.94 -24.76
C GLU X 316 75.54 -79.17 -25.39
N CYS Y 3 75.52 56.67 -24.94
CA CYS Y 3 74.30 55.82 -24.91
C CYS Y 3 74.26 54.87 -23.72
N ASP Y 4 75.29 54.03 -23.52
CA ASP Y 4 75.31 52.92 -22.56
C ASP Y 4 74.88 53.30 -21.13
N ALA Y 5 75.21 54.49 -20.63
CA ALA Y 5 74.80 54.90 -19.28
C ALA Y 5 73.27 55.08 -19.16
N ILE Y 6 72.59 55.48 -20.24
CA ILE Y 6 71.12 55.53 -20.26
C ILE Y 6 70.55 54.09 -20.29
N GLN Y 7 71.17 53.17 -21.05
CA GLN Y 7 70.75 51.77 -21.05
C GLN Y 7 70.89 51.12 -19.67
N ALA Y 8 71.97 51.43 -18.94
CA ALA Y 8 72.10 51.02 -17.54
C ALA Y 8 70.99 51.62 -16.67
N ALA Y 9 70.69 52.91 -16.79
CA ALA Y 9 69.57 53.53 -16.07
C ALA Y 9 68.23 52.84 -16.38
N ALA Y 10 67.97 52.49 -17.64
CA ALA Y 10 66.78 51.76 -18.04
C ALA Y 10 66.73 50.35 -17.44
N ALA Y 11 67.84 49.61 -17.44
CA ALA Y 11 67.92 48.32 -16.77
C ALA Y 11 67.64 48.43 -15.25
N LEU Y 12 68.19 49.45 -14.58
CA LEU Y 12 67.91 49.72 -13.17
C LEU Y 12 66.43 50.11 -12.94
N GLY Y 13 65.81 50.83 -13.87
CA GLY Y 13 64.38 51.12 -13.86
C GLY Y 13 63.51 49.87 -13.99
N GLU Y 14 63.85 48.94 -14.90
CA GLU Y 14 63.19 47.63 -15.01
C GLU Y 14 63.40 46.75 -13.76
N ALA Y 15 64.55 46.86 -13.09
CA ALA Y 15 64.80 46.24 -11.79
C ALA Y 15 64.06 46.92 -10.61
N GLY Y 16 63.33 48.02 -10.86
CA GLY Y 16 62.50 48.71 -9.88
C GLY Y 16 63.25 49.70 -8.97
N ILE Y 17 64.49 50.04 -9.28
CA ILE Y 17 65.31 50.99 -8.52
C ILE Y 17 64.77 52.43 -8.72
N SER Y 18 64.55 53.19 -7.65
CA SER Y 18 63.97 54.54 -7.75
C SER Y 18 64.95 55.56 -8.33
N SER Y 19 64.46 56.69 -8.85
CA SER Y 19 65.31 57.70 -9.51
C SER Y 19 66.38 58.29 -8.58
N ASN Y 20 66.07 58.58 -7.31
CA ASN Y 20 67.09 59.01 -6.34
C ASN Y 20 68.16 57.94 -6.10
N GLU Y 21 67.77 56.65 -6.04
CA GLU Y 21 68.73 55.54 -5.92
C GLU Y 21 69.59 55.37 -7.18
N ILE Y 22 69.02 55.49 -8.38
CA ILE Y 22 69.81 55.44 -9.62
C ILE Y 22 70.82 56.58 -9.62
N LEU Y 23 70.41 57.80 -9.26
CA LEU Y 23 71.31 58.94 -9.16
C LEU Y 23 72.41 58.71 -8.11
N GLU Y 24 72.10 58.12 -6.96
CA GLU Y 24 73.09 57.78 -5.94
C GLU Y 24 74.09 56.71 -6.44
N LEU Y 25 73.59 55.65 -7.10
CA LEU Y 25 74.44 54.62 -7.70
C LEU Y 25 75.33 55.23 -8.79
N LEU Y 26 74.79 56.11 -9.62
CA LEU Y 26 75.57 56.87 -10.58
C LEU Y 26 76.57 57.80 -9.88
N ALA Y 27 76.21 58.43 -8.76
CA ALA Y 27 77.11 59.27 -7.99
C ALA Y 27 78.32 58.48 -7.49
N ALA Y 28 78.08 57.28 -6.94
CA ALA Y 28 79.16 56.39 -6.54
C ALA Y 28 79.99 55.95 -7.75
N ALA Y 29 79.36 55.52 -8.85
CA ALA Y 29 80.08 55.05 -10.01
C ALA Y 29 81.01 56.14 -10.59
N ALA Y 30 80.54 57.39 -10.65
CA ALA Y 30 81.32 58.53 -11.08
C ALA Y 30 82.42 58.89 -10.06
N GLU Y 31 82.10 58.98 -8.76
CA GLU Y 31 83.06 59.30 -7.71
C GLU Y 31 84.22 58.30 -7.70
N LEU Y 32 83.91 57.02 -7.82
CA LEU Y 32 84.86 55.92 -7.82
C LEU Y 32 85.50 55.68 -9.21
N GLY Y 33 85.05 56.38 -10.25
CA GLY Y 33 85.57 56.26 -11.62
C GLY Y 33 85.29 54.90 -12.29
N LEU Y 34 84.28 54.17 -11.82
CA LEU Y 34 83.95 52.82 -12.30
C LEU Y 34 83.27 52.86 -13.68
N ASP Y 35 83.64 51.92 -14.55
CA ASP Y 35 83.26 51.90 -15.97
C ASP Y 35 81.83 51.36 -16.23
N PRO Y 36 81.28 51.51 -17.46
CA PRO Y 36 79.93 51.04 -17.78
C PRO Y 36 79.68 49.54 -17.57
N ASP Y 37 80.69 48.68 -17.75
CA ASP Y 37 80.51 47.25 -17.51
C ASP Y 37 80.54 46.93 -16.00
N ALA Y 38 81.29 47.68 -15.19
CA ALA Y 38 81.15 47.62 -13.74
C ALA Y 38 79.76 48.09 -13.27
N ILE Y 39 79.21 49.15 -13.87
CA ILE Y 39 77.82 49.57 -13.64
C ILE Y 39 76.84 48.46 -14.08
N GLN Y 40 77.06 47.83 -15.24
CA GLN Y 40 76.22 46.72 -15.68
C GLN Y 40 76.27 45.54 -14.72
N ALA Y 41 77.44 45.18 -14.18
CA ALA Y 41 77.56 44.18 -13.14
C ALA Y 41 76.78 44.57 -11.87
N ALA Y 42 76.82 45.85 -11.47
CA ALA Y 42 76.00 46.35 -10.37
C ALA Y 42 74.50 46.23 -10.66
N ALA Y 43 74.07 46.53 -11.89
CA ALA Y 43 72.69 46.31 -12.31
C ALA Y 43 72.30 44.83 -12.25
N GLN Y 44 73.19 43.92 -12.68
CA GLN Y 44 72.97 42.46 -12.58
C GLN Y 44 72.94 41.96 -11.13
N LEU Y 45 73.71 42.55 -10.21
CA LEU Y 45 73.56 42.31 -8.76
C LEU Y 45 72.19 42.80 -8.25
N GLY Y 46 71.66 43.91 -8.79
CA GLY Y 46 70.30 44.36 -8.50
C GLY Y 46 69.22 43.41 -9.02
N GLU Y 47 69.39 42.84 -10.22
CA GLU Y 47 68.52 41.80 -10.77
C GLU Y 47 68.60 40.47 -9.98
N ALA Y 48 69.77 40.14 -9.42
CA ALA Y 48 69.92 39.06 -8.44
C ALA Y 48 69.30 39.40 -7.06
N GLY Y 49 68.82 40.63 -6.85
CA GLY Y 49 68.09 41.06 -5.67
C GLY Y 49 68.95 41.64 -4.54
N ILE Y 50 70.25 41.89 -4.77
CA ILE Y 50 71.10 42.60 -3.79
C ILE Y 50 70.60 44.05 -3.65
N SER Y 51 70.45 44.56 -2.42
CA SER Y 51 69.86 45.90 -2.22
C SER Y 51 70.77 47.03 -2.71
N SER Y 52 70.17 48.16 -3.10
CA SER Y 52 70.89 49.35 -3.57
C SER Y 52 71.96 49.82 -2.58
N GLU Y 53 71.61 49.85 -1.29
CA GLU Y 53 72.53 50.25 -0.23
C GLU Y 53 73.71 49.28 -0.07
N GLU Y 54 73.47 47.96 -0.20
CA GLU Y 54 74.57 46.98 -0.26
C GLU Y 54 75.43 47.17 -1.51
N ILE Y 55 74.83 47.45 -2.66
CA ILE Y 55 75.59 47.65 -3.90
C ILE Y 55 76.54 48.84 -3.73
N LYS Y 56 76.15 49.90 -3.02
CA LYS Y 56 77.08 51.00 -2.71
C LYS Y 56 78.31 50.51 -1.94
N GLU Y 57 78.14 49.58 -1.00
CA GLU Y 57 79.29 48.95 -0.37
C GLU Y 57 80.09 48.11 -1.36
N LEU Y 58 79.44 47.33 -2.23
CA LEU Y 58 80.15 46.50 -3.20
C LEU Y 58 80.96 47.33 -4.19
N LEU Y 59 80.41 48.46 -4.66
CA LEU Y 59 81.14 49.43 -5.46
C LEU Y 59 82.33 49.99 -4.68
N ARG Y 60 82.12 50.46 -3.43
CA ARG Y 60 83.21 50.97 -2.60
C ARG Y 60 84.30 49.91 -2.43
N ALA Y 61 83.93 48.68 -2.14
CA ALA Y 61 84.85 47.59 -1.96
C ALA Y 61 85.67 47.34 -3.22
N ALA Y 62 85.03 47.26 -4.39
CA ALA Y 62 85.74 47.05 -5.64
C ALA Y 62 86.82 48.10 -5.86
N HIS Y 63 86.50 49.37 -5.58
CA HIS Y 63 87.45 50.47 -5.69
C HIS Y 63 88.54 50.41 -4.61
N GLU Y 64 88.18 50.23 -3.34
CA GLU Y 64 89.15 50.24 -2.23
C GLU Y 64 90.09 49.02 -2.24
N LEU Y 65 89.64 47.89 -2.79
CA LEU Y 65 90.51 46.75 -3.11
C LEU Y 65 91.31 46.99 -4.38
N GLY Y 66 90.76 47.76 -5.33
CA GLY Y 66 91.32 47.89 -6.67
C GLY Y 66 91.13 46.62 -7.49
N LEU Y 67 89.95 45.99 -7.42
CA LEU Y 67 89.62 44.82 -8.24
C LEU Y 67 89.72 45.15 -9.74
N ASP Y 68 90.22 44.20 -10.52
CA ASP Y 68 90.18 44.32 -11.99
C ASP Y 68 88.73 44.18 -12.50
N PRO Y 69 88.40 44.70 -13.69
CA PRO Y 69 87.00 44.76 -14.14
C PRO Y 69 86.37 43.39 -14.39
N ASP Y 70 87.16 42.35 -14.70
CA ASP Y 70 86.62 40.99 -14.84
C ASP Y 70 86.35 40.37 -13.48
N ALA Y 71 87.21 40.63 -12.48
CA ALA Y 71 86.93 40.26 -11.10
C ALA Y 71 85.68 40.99 -10.57
N ILE Y 72 85.50 42.27 -10.93
CA ILE Y 72 84.24 42.97 -10.67
C ILE Y 72 83.08 42.27 -11.39
N ALA Y 73 83.21 41.96 -12.68
CA ALA Y 73 82.14 41.31 -13.43
C ALA Y 73 81.75 39.95 -12.82
N ALA Y 74 82.72 39.19 -12.33
CA ALA Y 74 82.48 37.91 -11.67
C ALA Y 74 81.60 38.06 -10.42
N ALA Y 75 81.56 39.22 -9.77
CA ALA Y 75 80.65 39.45 -8.64
C ALA Y 75 79.19 39.19 -9.04
N ALA Y 76 78.77 39.60 -10.23
CA ALA Y 76 77.41 39.36 -10.71
C ALA Y 76 77.13 37.88 -11.01
N ASP Y 77 78.15 37.09 -11.35
CA ASP Y 77 78.01 35.64 -11.50
C ASP Y 77 77.85 34.94 -10.14
N LEU Y 78 78.63 35.34 -9.12
CA LEU Y 78 78.41 34.85 -7.75
C LEU Y 78 77.07 35.34 -7.18
N GLY Y 79 76.61 36.54 -7.56
CA GLY Y 79 75.28 37.05 -7.21
C GLY Y 79 74.16 36.19 -7.79
N GLN Y 80 74.26 35.83 -9.07
CA GLN Y 80 73.32 34.89 -9.72
C GLN Y 80 73.43 33.47 -9.15
N ALA Y 81 74.60 33.04 -8.68
CA ALA Y 81 74.77 31.81 -7.91
C ALA Y 81 74.14 31.87 -6.50
N GLY Y 82 73.63 33.03 -6.06
CA GLY Y 82 72.95 33.21 -4.78
C GLY Y 82 73.87 33.38 -3.57
N VAL Y 83 75.15 33.69 -3.77
CA VAL Y 83 76.12 33.96 -2.70
C VAL Y 83 75.75 35.28 -1.98
N SER Y 84 75.91 35.35 -0.66
CA SER Y 84 75.58 36.58 0.08
C SER Y 84 76.53 37.72 -0.26
N PRO Y 85 76.03 38.96 -0.17
CA PRO Y 85 76.78 40.15 -0.56
C PRO Y 85 78.13 40.25 0.14
N VAL Y 86 78.15 40.04 1.46
CA VAL Y 86 79.41 40.04 2.20
C VAL Y 86 80.31 38.87 1.78
N GLU Y 87 79.77 37.67 1.54
CA GLU Y 87 80.60 36.53 1.16
C GLU Y 87 81.20 36.70 -0.24
N ILE Y 88 80.49 37.34 -1.16
CA ILE Y 88 81.07 37.77 -2.43
C ILE Y 88 82.29 38.64 -2.13
N LEU Y 89 82.12 39.67 -1.28
CA LEU Y 89 83.21 40.59 -0.94
C LEU Y 89 84.40 39.82 -0.34
N ALA Y 90 84.11 38.94 0.60
CA ALA Y 90 85.12 38.14 1.28
C ALA Y 90 85.89 37.27 0.27
N LEU Y 91 85.18 36.52 -0.57
CA LEU Y 91 85.80 35.68 -1.59
C LEU Y 91 86.66 36.50 -2.54
N LEU Y 92 86.16 37.64 -3.02
CA LEU Y 92 86.94 38.50 -3.92
C LEU Y 92 88.19 39.03 -3.21
N ILE Y 93 88.06 39.56 -1.98
CA ILE Y 93 89.20 40.08 -1.23
C ILE Y 93 90.25 38.99 -1.06
N ALA Y 94 89.80 37.81 -0.65
CA ALA Y 94 90.70 36.68 -0.47
C ALA Y 94 91.41 36.32 -1.78
N ALA Y 95 90.67 36.13 -2.87
CA ALA Y 95 91.24 35.75 -4.15
C ALA Y 95 92.26 36.78 -4.65
N SER Y 96 91.94 38.06 -4.49
CA SER Y 96 92.79 39.19 -4.89
C SER Y 96 94.09 39.19 -4.08
N VAL Y 97 94.03 39.04 -2.76
CA VAL Y 97 95.23 39.01 -1.92
C VAL Y 97 96.04 37.72 -2.08
N LEU Y 98 95.39 36.60 -2.41
CA LEU Y 98 96.07 35.37 -2.85
C LEU Y 98 96.70 35.49 -4.25
N GLY Y 99 96.44 36.58 -4.99
CA GLY Y 99 96.98 36.81 -6.33
C GLY Y 99 96.33 35.95 -7.43
N LEU Y 100 95.10 35.48 -7.22
CA LEU Y 100 94.36 34.63 -8.16
C LEU Y 100 93.78 35.43 -9.34
N ASP Y 101 92.99 34.78 -10.20
CA ASP Y 101 92.51 35.35 -11.47
C ASP Y 101 91.01 35.09 -11.71
N PRO Y 102 90.36 35.75 -12.68
CA PRO Y 102 88.94 35.59 -12.95
C PRO Y 102 88.48 34.16 -13.20
N ASP Y 103 89.32 33.31 -13.80
CA ASP Y 103 89.00 31.89 -13.96
C ASP Y 103 88.97 31.18 -12.60
N ALA Y 104 89.92 31.46 -11.71
CA ALA Y 104 89.86 30.96 -10.35
C ALA Y 104 88.62 31.51 -9.60
N ILE Y 105 88.23 32.76 -9.83
CA ILE Y 105 87.01 33.31 -9.25
C ILE Y 105 85.77 32.59 -9.83
N GLN Y 106 85.73 32.27 -11.12
CA GLN Y 106 84.66 31.47 -11.70
C GLN Y 106 84.63 30.04 -11.11
N ALA Y 107 85.79 29.43 -10.88
CA ALA Y 107 85.85 28.14 -10.19
C ALA Y 107 85.31 28.25 -8.76
N ALA Y 108 85.62 29.33 -8.04
CA ALA Y 108 85.00 29.62 -6.75
C ALA Y 108 83.47 29.81 -6.88
N ALA Y 109 82.98 30.44 -7.96
CA ALA Y 109 81.55 30.54 -8.23
C ALA Y 109 80.88 29.17 -8.43
N ALA Y 110 81.52 28.27 -9.18
CA ALA Y 110 81.05 26.89 -9.33
C ALA Y 110 81.03 26.12 -8.00
N LEU Y 111 82.10 26.23 -7.20
CA LEU Y 111 82.13 25.67 -5.83
C LEU Y 111 81.06 26.31 -4.93
N GLY Y 112 80.71 27.56 -5.20
CA GLY Y 112 79.58 28.26 -4.59
C GLY Y 112 78.22 27.65 -4.97
N GLU Y 113 78.00 27.31 -6.23
CA GLU Y 113 76.79 26.54 -6.63
C GLU Y 113 76.76 25.15 -6.00
N ALA Y 114 77.92 24.52 -5.79
CA ALA Y 114 78.05 23.28 -5.01
C ALA Y 114 77.89 23.49 -3.50
N GLY Y 115 77.81 24.73 -3.01
CA GLY Y 115 77.56 25.08 -1.61
C GLY Y 115 78.77 24.98 -0.68
N ILE Y 116 80.00 24.91 -1.21
CA ILE Y 116 81.22 24.80 -0.41
C ILE Y 116 81.48 26.12 0.33
N SER Y 117 81.93 26.06 1.58
CA SER Y 117 82.21 27.26 2.39
C SER Y 117 83.40 28.05 1.83
N ALA Y 118 83.44 29.35 2.09
CA ALA Y 118 84.56 30.18 1.65
C ALA Y 118 85.89 29.67 2.22
N GLU Y 119 85.92 29.23 3.48
CA GLU Y 119 87.13 28.67 4.09
C GLU Y 119 87.62 27.45 3.29
N GLU Y 120 86.77 26.48 3.00
CA GLU Y 120 87.21 25.29 2.28
C GLU Y 120 87.57 25.60 0.82
N ILE Y 121 86.84 26.51 0.16
CA ILE Y 121 87.24 27.02 -1.16
C ILE Y 121 88.66 27.59 -1.10
N ILE Y 122 88.91 28.48 -0.15
CA ILE Y 122 90.20 29.16 -0.02
C ILE Y 122 91.31 28.22 0.45
N GLU Y 123 91.03 27.24 1.30
CA GLU Y 123 91.99 26.18 1.61
C GLU Y 123 92.35 25.42 0.35
N LEU Y 124 91.40 25.02 -0.50
CA LEU Y 124 91.69 24.33 -1.74
C LEU Y 124 92.51 25.22 -2.69
N LEU Y 125 92.15 26.49 -2.84
CA LEU Y 125 92.89 27.42 -3.71
C LEU Y 125 94.31 27.67 -3.17
N THR Y 126 94.46 27.90 -1.87
CA THR Y 126 95.78 28.10 -1.27
C THR Y 126 96.59 26.81 -1.30
N ALA Y 127 95.98 25.64 -1.12
CA ALA Y 127 96.67 24.36 -1.28
C ALA Y 127 97.19 24.17 -2.71
N ALA Y 128 96.43 24.57 -3.73
CA ALA Y 128 96.93 24.55 -5.11
C ALA Y 128 98.14 25.47 -5.28
N ARG Y 129 98.13 26.65 -4.65
CA ARG Y 129 99.30 27.54 -4.59
C ARG Y 129 100.48 26.93 -3.84
N ASP Y 130 100.26 26.32 -2.68
CA ASP Y 130 101.28 25.63 -1.88
C ASP Y 130 101.95 24.48 -2.65
N LEU Y 131 101.16 23.73 -3.43
CA LEU Y 131 101.64 22.65 -4.31
C LEU Y 131 102.22 23.16 -5.64
N GLY Y 132 102.08 24.44 -5.97
CA GLY Y 132 102.56 25.02 -7.24
C GLY Y 132 101.75 24.61 -8.48
N LEU Y 133 100.48 24.25 -8.28
CA LEU Y 133 99.53 23.91 -9.34
C LEU Y 133 98.91 25.16 -9.99
N ASP Y 134 97.93 24.99 -10.85
CA ASP Y 134 97.49 25.99 -11.82
C ASP Y 134 95.95 26.14 -11.92
N PRO Y 135 95.43 27.19 -12.58
CA PRO Y 135 94.01 27.39 -12.77
C PRO Y 135 93.28 26.19 -13.40
N ASP Y 136 93.95 25.38 -14.22
CA ASP Y 136 93.36 24.15 -14.76
C ASP Y 136 93.19 23.08 -13.67
N ALA Y 137 94.19 22.86 -12.81
CA ALA Y 137 94.02 22.00 -11.64
C ALA Y 137 92.91 22.52 -10.71
N ILE Y 138 92.80 23.83 -10.54
CA ILE Y 138 91.71 24.46 -9.79
C ILE Y 138 90.35 24.20 -10.45
N GLN Y 139 90.23 24.37 -11.77
CA GLN Y 139 89.01 24.09 -12.52
C GLN Y 139 88.64 22.60 -12.42
N ALA Y 140 89.61 21.70 -12.48
CA ALA Y 140 89.38 20.28 -12.29
C ALA Y 140 88.96 19.94 -10.84
N ALA Y 141 89.51 20.63 -9.84
CA ALA Y 141 89.03 20.53 -8.46
C ALA Y 141 87.56 21.01 -8.34
N ALA Y 142 87.17 22.06 -9.05
CA ALA Y 142 85.76 22.45 -9.13
C ALA Y 142 84.89 21.37 -9.81
N GLN Y 143 85.41 20.67 -10.82
CA GLN Y 143 84.70 19.52 -11.40
C GLN Y 143 84.57 18.34 -10.41
N LEU Y 144 85.56 18.08 -9.56
CA LEU Y 144 85.40 17.14 -8.45
C LEU Y 144 84.31 17.59 -7.47
N GLY Y 145 84.17 18.91 -7.27
CA GLY Y 145 83.03 19.50 -6.55
C GLY Y 145 81.68 19.24 -7.22
N GLU Y 146 81.59 19.36 -8.55
CA GLU Y 146 80.38 19.00 -9.29
C GLU Y 146 80.04 17.51 -9.15
N ALA Y 147 81.05 16.65 -9.10
CA ALA Y 147 80.92 15.22 -8.78
C ALA Y 147 80.64 14.93 -7.28
N GLY Y 148 80.59 15.95 -6.42
CA GLY Y 148 80.26 15.83 -5.01
C GLY Y 148 81.38 15.30 -4.10
N ILE Y 149 82.61 15.24 -4.59
CA ILE Y 149 83.78 14.74 -3.85
C ILE Y 149 84.17 15.72 -2.73
N SER Y 150 84.51 15.22 -1.53
CA SER Y 150 84.86 16.08 -0.40
C SER Y 150 86.23 16.75 -0.53
N SER Y 151 86.46 17.84 0.20
CA SER Y 151 87.70 18.61 0.15
C SER Y 151 88.94 17.79 0.51
N GLU Y 152 88.88 16.93 1.53
CA GLU Y 152 90.00 16.05 1.86
C GLU Y 152 90.27 15.02 0.75
N GLU Y 153 89.22 14.47 0.14
CA GLU Y 153 89.40 13.55 -0.99
C GLU Y 153 89.99 14.26 -2.21
N ILE Y 154 89.57 15.49 -2.49
CA ILE Y 154 90.20 16.34 -3.49
C ILE Y 154 91.69 16.51 -3.15
N LYS Y 155 92.03 16.81 -1.90
CA LYS Y 155 93.42 16.98 -1.49
C LYS Y 155 94.24 15.69 -1.62
N GLU Y 156 93.66 14.52 -1.34
CA GLU Y 156 94.34 13.24 -1.63
C GLU Y 156 94.55 13.06 -3.14
N LEU Y 157 93.53 13.30 -3.96
CA LEU Y 157 93.63 13.20 -5.41
C LEU Y 157 94.68 14.17 -5.97
N LEU Y 158 94.73 15.40 -5.47
CA LEU Y 158 95.76 16.37 -5.81
C LEU Y 158 97.15 15.92 -5.34
N ARG Y 159 97.31 15.39 -4.12
CA ARG Y 159 98.61 14.89 -3.64
C ARG Y 159 99.10 13.77 -4.54
N ALA Y 160 98.24 12.81 -4.87
CA ALA Y 160 98.60 11.74 -5.80
C ALA Y 160 98.97 12.31 -7.18
N ALA Y 161 98.17 13.23 -7.73
CA ALA Y 161 98.46 13.85 -9.02
C ALA Y 161 99.80 14.59 -9.02
N HIS Y 162 100.10 15.33 -7.95
CA HIS Y 162 101.34 16.07 -7.76
C HIS Y 162 102.55 15.16 -7.59
N GLU Y 163 102.46 14.12 -6.76
CA GLU Y 163 103.56 13.17 -6.55
C GLU Y 163 103.84 12.29 -7.78
N LEU Y 164 102.81 11.94 -8.57
CA LEU Y 164 102.90 10.92 -9.63
C LEU Y 164 102.65 11.46 -11.05
N GLY Y 165 102.59 12.78 -11.22
CA GLY Y 165 102.57 13.44 -12.53
C GLY Y 165 101.29 13.23 -13.34
N LEU Y 166 100.14 13.08 -12.68
CA LEU Y 166 98.84 13.16 -13.36
C LEU Y 166 98.57 14.62 -13.76
N ASP Y 167 97.49 14.86 -14.51
CA ASP Y 167 97.16 16.18 -15.07
C ASP Y 167 95.65 16.52 -14.93
N PRO Y 168 95.24 17.77 -15.16
CA PRO Y 168 93.84 18.20 -15.05
C PRO Y 168 92.85 17.35 -15.87
N ASP Y 169 93.26 16.82 -17.03
CA ASP Y 169 92.39 15.92 -17.81
C ASP Y 169 92.21 14.56 -17.11
N CYS Y 170 93.26 14.03 -16.48
CA CYS Y 170 93.12 12.86 -15.59
C CYS Y 170 92.23 13.17 -14.39
N ILE Y 171 92.33 14.37 -13.81
CA ILE Y 171 91.45 14.78 -12.71
C ILE Y 171 90.00 14.95 -13.21
N ALA Y 172 89.77 15.43 -14.43
CA ALA Y 172 88.45 15.46 -15.04
C ALA Y 172 87.89 14.04 -15.23
N ALA Y 173 88.70 13.10 -15.71
CA ALA Y 173 88.32 11.69 -15.79
C ALA Y 173 88.06 11.08 -14.40
N ALA Y 174 88.78 11.51 -13.36
CA ALA Y 174 88.48 11.13 -11.97
C ALA Y 174 87.10 11.65 -11.51
N ALA Y 175 86.72 12.87 -11.87
CA ALA Y 175 85.38 13.39 -11.62
C ALA Y 175 84.30 12.56 -12.37
N ASP Y 176 84.56 12.12 -13.60
CA ASP Y 176 83.67 11.21 -14.32
C ASP Y 176 83.53 9.84 -13.63
N LEU Y 177 84.61 9.29 -13.06
CA LEU Y 177 84.53 8.10 -12.20
C LEU Y 177 83.73 8.37 -10.91
N GLY Y 178 83.81 9.58 -10.36
CA GLY Y 178 82.94 10.04 -9.28
C GLY Y 178 81.46 10.06 -9.67
N GLN Y 179 81.12 10.55 -10.88
CA GLN Y 179 79.76 10.49 -11.41
C GLN Y 179 79.28 9.05 -11.69
N ALA Y 180 80.19 8.15 -12.08
CA ALA Y 180 79.94 6.70 -12.16
C ALA Y 180 79.81 6.04 -10.76
N GLY Y 181 80.07 6.76 -9.67
CA GLY Y 181 79.84 6.31 -8.29
C GLY Y 181 81.00 5.53 -7.66
N ILE Y 182 82.19 5.52 -8.27
CA ILE Y 182 83.37 4.81 -7.77
C ILE Y 182 83.89 5.49 -6.47
N SER Y 183 84.35 4.71 -5.48
CA SER Y 183 84.89 5.27 -4.23
C SER Y 183 86.26 5.95 -4.45
N SER Y 184 86.63 6.93 -3.62
CA SER Y 184 87.87 7.71 -3.81
C SER Y 184 89.16 6.86 -3.76
N SER Y 185 89.20 5.81 -2.93
CA SER Y 185 90.30 4.83 -2.96
C SER Y 185 90.38 4.12 -4.32
N GLU Y 186 89.24 3.63 -4.82
CA GLU Y 186 89.17 2.90 -6.10
C GLU Y 186 89.41 3.82 -7.30
N ILE Y 187 88.94 5.07 -7.29
CA ILE Y 187 89.30 6.07 -8.29
C ILE Y 187 90.83 6.22 -8.33
N THR Y 188 91.46 6.35 -7.16
CA THR Y 188 92.93 6.46 -7.08
C THR Y 188 93.60 5.22 -7.67
N ALA Y 189 93.15 4.02 -7.34
CA ALA Y 189 93.66 2.79 -7.94
C ALA Y 189 93.51 2.79 -9.47
N LEU Y 190 92.34 3.15 -9.99
CA LEU Y 190 92.09 3.19 -11.43
C LEU Y 190 92.96 4.25 -12.13
N LEU Y 191 93.16 5.42 -11.51
CA LEU Y 191 94.12 6.40 -12.01
C LEU Y 191 95.53 5.81 -12.10
N LEU Y 192 96.00 5.14 -11.03
CA LEU Y 192 97.33 4.54 -10.99
C LEU Y 192 97.50 3.45 -12.06
N ALA Y 193 96.53 2.55 -12.19
CA ALA Y 193 96.56 1.49 -13.21
C ALA Y 193 96.56 2.07 -14.64
N ALA Y 194 95.67 3.02 -14.92
CA ALA Y 194 95.60 3.67 -16.23
C ALA Y 194 96.92 4.38 -16.58
N ALA Y 195 97.48 5.16 -15.64
CA ALA Y 195 98.77 5.81 -15.83
C ALA Y 195 99.89 4.78 -16.08
N ALA Y 196 99.98 3.72 -15.28
CA ALA Y 196 100.99 2.69 -15.44
C ALA Y 196 100.90 2.03 -16.83
N ILE Y 197 99.69 1.79 -17.33
CA ILE Y 197 99.49 1.17 -18.64
C ILE Y 197 99.76 2.16 -19.78
N GLU Y 198 99.34 3.42 -19.67
CA GLU Y 198 99.71 4.44 -20.66
C GLU Y 198 101.23 4.67 -20.70
N LEU Y 199 101.91 4.63 -19.55
CA LEU Y 199 103.38 4.64 -19.49
C LEU Y 199 103.98 3.37 -20.12
N ALA Y 200 103.45 2.18 -19.84
CA ALA Y 200 103.89 0.93 -20.48
C ALA Y 200 103.60 0.86 -21.99
N LYS Y 201 102.77 1.76 -22.53
CA LYS Y 201 102.59 2.01 -23.97
C LYS Y 201 103.61 3.02 -24.52
N ARG Y 202 103.87 4.10 -23.78
CA ARG Y 202 104.92 5.09 -24.13
C ARG Y 202 106.34 4.51 -24.02
N ALA Y 203 106.55 3.54 -23.13
CA ALA Y 203 107.81 2.82 -22.93
C ALA Y 203 107.50 1.31 -22.87
N ASP Y 204 107.69 0.61 -23.98
CA ASP Y 204 107.34 -0.80 -24.20
C ASP Y 204 108.34 -1.81 -23.59
N ASP Y 205 109.08 -1.41 -22.57
CA ASP Y 205 110.15 -2.22 -21.97
C ASP Y 205 109.58 -3.50 -21.33
N LYS Y 206 110.13 -4.66 -21.69
CA LYS Y 206 109.75 -5.96 -21.13
C LYS Y 206 109.76 -5.97 -19.60
N ASP Y 207 110.74 -5.31 -18.97
CA ASP Y 207 110.87 -5.32 -17.50
C ASP Y 207 109.81 -4.46 -16.85
N VAL Y 208 109.49 -3.29 -17.42
CA VAL Y 208 108.31 -2.51 -17.02
C VAL Y 208 107.05 -3.35 -17.18
N ARG Y 209 106.85 -4.00 -18.33
CA ARG Y 209 105.65 -4.80 -18.59
C ARG Y 209 105.51 -5.99 -17.64
N GLU Y 210 106.58 -6.70 -17.32
CA GLU Y 210 106.57 -7.75 -16.30
C GLU Y 210 106.21 -7.20 -14.92
N ILE Y 211 106.86 -6.11 -14.50
CA ILE Y 211 106.59 -5.45 -13.22
C ILE Y 211 105.14 -5.00 -13.14
N VAL Y 212 104.64 -4.31 -14.17
CA VAL Y 212 103.25 -3.86 -14.24
C VAL Y 212 102.32 -5.05 -14.13
N ARG Y 213 102.53 -6.12 -14.91
CA ARG Y 213 101.64 -7.29 -14.88
C ARG Y 213 101.63 -7.94 -13.50
N ASP Y 214 102.79 -8.18 -12.91
CA ASP Y 214 102.88 -8.77 -11.58
C ASP Y 214 102.26 -7.87 -10.50
N ALA Y 215 102.46 -6.56 -10.58
CA ALA Y 215 101.83 -5.61 -9.67
C ALA Y 215 100.31 -5.58 -9.83
N LEU Y 216 99.81 -5.55 -11.06
CA LEU Y 216 98.38 -5.59 -11.34
C LEU Y 216 97.77 -6.91 -10.86
N GLU Y 217 98.44 -8.05 -11.05
CA GLU Y 217 97.99 -9.32 -10.48
C GLU Y 217 97.96 -9.26 -8.95
N LEU Y 218 99.03 -8.78 -8.31
CA LEU Y 218 99.09 -8.65 -6.85
C LEU Y 218 97.94 -7.76 -6.35
N ALA Y 219 97.70 -6.61 -6.98
CA ALA Y 219 96.61 -5.71 -6.64
C ALA Y 219 95.23 -6.34 -6.91
N SER Y 220 95.10 -7.19 -7.93
CA SER Y 220 93.84 -7.91 -8.23
C SER Y 220 93.60 -9.07 -7.27
N ARG Y 221 94.67 -9.69 -6.75
CA ARG Y 221 94.62 -10.70 -5.69
C ARG Y 221 94.30 -10.11 -4.31
N SER Y 222 94.83 -8.92 -4.02
CA SER Y 222 94.67 -8.24 -2.73
C SER Y 222 93.25 -7.71 -2.48
N THR Y 223 92.92 -7.46 -1.21
CA THR Y 223 91.66 -6.87 -0.75
C THR Y 223 91.86 -5.70 0.24
N ASN Y 224 93.07 -5.14 0.33
CA ASN Y 224 93.39 -3.96 1.15
C ASN Y 224 93.73 -2.75 0.25
N ASP Y 225 92.98 -1.67 0.36
CA ASP Y 225 93.12 -0.53 -0.57
C ASP Y 225 94.48 0.16 -0.47
N GLU Y 226 95.10 0.25 0.71
CA GLU Y 226 96.42 0.85 0.83
C GLU Y 226 97.52 -0.04 0.23
N VAL Y 227 97.43 -1.38 0.36
CA VAL Y 227 98.31 -2.30 -0.37
C VAL Y 227 98.13 -2.12 -1.88
N ILE Y 228 96.89 -1.98 -2.34
CA ILE Y 228 96.59 -1.74 -3.75
C ILE Y 228 97.23 -0.41 -4.20
N ARG Y 229 97.06 0.68 -3.44
CA ARG Y 229 97.74 1.94 -3.73
C ARG Y 229 99.26 1.76 -3.75
N LEU Y 230 99.85 1.07 -2.78
CA LEU Y 230 101.30 0.80 -2.76
C LEU Y 230 101.77 0.04 -4.00
N ALA Y 231 101.07 -1.02 -4.40
CA ALA Y 231 101.43 -1.81 -5.56
C ALA Y 231 101.30 -1.00 -6.86
N LEU Y 232 100.22 -0.24 -7.04
CA LEU Y 232 99.99 0.52 -8.26
C LEU Y 232 100.85 1.79 -8.31
N GLU Y 233 101.15 2.43 -7.17
CA GLU Y 233 102.14 3.50 -7.10
C GLU Y 233 103.54 2.97 -7.47
N ALA Y 234 103.94 1.81 -6.96
CA ALA Y 234 105.19 1.18 -7.37
C ALA Y 234 105.20 0.89 -8.88
N ALA Y 235 104.10 0.41 -9.46
CA ALA Y 235 104.00 0.19 -10.90
C ALA Y 235 104.15 1.49 -11.70
N VAL Y 236 103.49 2.58 -11.30
CA VAL Y 236 103.67 3.90 -11.94
C VAL Y 236 105.12 4.37 -11.83
N LEU Y 237 105.72 4.30 -10.65
CA LEU Y 237 107.09 4.77 -10.45
C LEU Y 237 108.10 3.91 -11.23
N ALA Y 238 107.92 2.60 -11.27
CA ALA Y 238 108.73 1.71 -12.10
C ALA Y 238 108.56 2.02 -13.60
N ALA Y 239 107.34 2.31 -14.05
CA ALA Y 239 107.08 2.68 -15.45
C ALA Y 239 107.61 4.08 -15.84
N ARG Y 240 107.69 5.03 -14.89
CA ARG Y 240 108.39 6.31 -15.06
C ARG Y 240 109.91 6.18 -15.02
N SER Y 241 110.44 5.23 -14.25
CA SER Y 241 111.87 4.96 -14.12
C SER Y 241 112.48 4.42 -15.42
N THR Y 242 113.79 4.62 -15.57
CA THR Y 242 114.64 3.98 -16.58
C THR Y 242 115.81 3.21 -15.95
N ASP Y 243 115.79 3.00 -14.64
CA ASP Y 243 116.93 2.48 -13.88
C ASP Y 243 116.76 0.98 -13.58
N SER Y 244 117.70 0.17 -14.09
CA SER Y 244 117.74 -1.28 -13.89
C SER Y 244 117.79 -1.67 -12.40
N ASP Y 245 118.40 -0.87 -11.53
CA ASP Y 245 118.38 -1.18 -10.09
C ASP Y 245 116.99 -0.97 -9.49
N VAL Y 246 116.28 0.10 -9.87
CA VAL Y 246 114.90 0.31 -9.43
C VAL Y 246 113.99 -0.78 -9.99
N LEU Y 247 114.18 -1.16 -11.26
CA LEU Y 247 113.46 -2.28 -11.85
C LEU Y 247 113.75 -3.59 -11.10
N GLU Y 248 115.01 -3.93 -10.81
CA GLU Y 248 115.34 -5.12 -10.04
C GLU Y 248 114.80 -5.09 -8.61
N ILE Y 249 114.91 -3.95 -7.92
CA ILE Y 249 114.35 -3.76 -6.57
C ILE Y 249 112.83 -3.97 -6.58
N VAL Y 250 112.10 -3.38 -7.52
CA VAL Y 250 110.65 -3.56 -7.62
C VAL Y 250 110.31 -5.01 -8.00
N LYS Y 251 111.03 -5.62 -8.95
CA LYS Y 251 110.79 -7.00 -9.37
C LYS Y 251 111.03 -7.97 -8.20
N ASP Y 252 112.10 -7.78 -7.43
CA ASP Y 252 112.34 -8.55 -6.20
C ASP Y 252 111.28 -8.31 -5.13
N ALA Y 253 110.84 -7.07 -4.92
CA ALA Y 253 109.78 -6.76 -3.94
C ALA Y 253 108.46 -7.44 -4.32
N LEU Y 254 108.09 -7.43 -5.61
CA LEU Y 254 106.94 -8.17 -6.11
C LEU Y 254 107.16 -9.68 -5.99
N GLU Y 255 108.35 -10.20 -6.24
CA GLU Y 255 108.64 -11.63 -6.09
C GLU Y 255 108.52 -12.09 -4.63
N LEU Y 256 108.95 -11.27 -3.68
CA LEU Y 256 108.69 -11.49 -2.26
C LEU Y 256 107.17 -11.47 -1.97
N ALA Y 257 106.42 -10.52 -2.51
CA ALA Y 257 104.96 -10.45 -2.35
C ALA Y 257 104.19 -11.59 -3.06
N LYS Y 258 104.77 -12.18 -4.11
CA LYS Y 258 104.26 -13.40 -4.77
C LYS Y 258 104.52 -14.66 -3.94
N GLN Y 259 105.55 -14.65 -3.08
CA GLN Y 259 105.87 -15.76 -2.19
C GLN Y 259 105.13 -15.70 -0.82
N SER Y 260 105.28 -14.61 -0.09
CA SER Y 260 104.74 -14.47 1.28
C SER Y 260 103.27 -14.01 1.32
N THR Y 261 102.54 -14.38 2.37
CA THR Y 261 101.19 -13.86 2.70
C THR Y 261 101.25 -12.66 3.68
N ASN Y 262 102.43 -12.33 4.21
CA ASN Y 262 102.61 -11.39 5.31
C ASN Y 262 102.36 -9.92 4.89
N GLU Y 263 101.24 -9.37 5.35
CA GLU Y 263 100.81 -8.00 5.02
C GLU Y 263 101.87 -6.95 5.37
N GLU Y 264 102.49 -7.04 6.54
CA GLU Y 264 103.47 -6.05 7.00
C GLU Y 264 104.75 -6.13 6.17
N VAL Y 265 105.26 -7.33 5.89
CA VAL Y 265 106.42 -7.49 4.99
C VAL Y 265 106.07 -6.98 3.60
N ILE Y 266 104.88 -7.26 3.08
CA ILE Y 266 104.44 -6.74 1.77
C ILE Y 266 104.40 -5.21 1.78
N LYS Y 267 103.79 -4.59 2.79
CA LYS Y 267 103.77 -3.12 2.91
C LYS Y 267 105.19 -2.56 3.01
N LEU Y 268 106.05 -3.14 3.84
CA LEU Y 268 107.44 -2.72 3.98
C LEU Y 268 108.19 -2.86 2.65
N ALA Y 269 108.03 -3.96 1.93
CA ALA Y 269 108.73 -4.20 0.67
C ALA Y 269 108.27 -3.24 -0.43
N LEU Y 270 106.96 -3.05 -0.61
CA LEU Y 270 106.43 -2.09 -1.56
C LEU Y 270 106.83 -0.66 -1.18
N LYS Y 271 106.77 -0.29 0.10
CA LYS Y 271 107.22 1.03 0.58
C LYS Y 271 108.72 1.24 0.36
N ALA Y 272 109.57 0.25 0.65
CA ALA Y 272 111.01 0.32 0.37
C ALA Y 272 111.28 0.50 -1.13
N ALA Y 273 110.57 -0.23 -1.99
CA ALA Y 273 110.68 -0.09 -3.44
C ALA Y 273 110.22 1.30 -3.93
N VAL Y 274 109.10 1.82 -3.40
CA VAL Y 274 108.61 3.18 -3.69
C VAL Y 274 109.63 4.24 -3.25
N LEU Y 275 110.16 4.13 -2.04
CA LEU Y 275 111.19 5.05 -1.53
C LEU Y 275 112.47 4.96 -2.37
N ALA Y 276 112.90 3.76 -2.76
CA ALA Y 276 114.02 3.57 -3.68
C ALA Y 276 113.78 4.25 -5.05
N ALA Y 277 112.56 4.15 -5.59
CA ALA Y 277 112.22 4.80 -6.85
C ALA Y 277 112.14 6.34 -6.76
N LYS Y 278 111.75 6.90 -5.60
CA LYS Y 278 111.75 8.35 -5.34
C LYS Y 278 113.14 8.90 -4.98
N SER Y 279 114.02 8.09 -4.38
CA SER Y 279 115.36 8.47 -3.92
C SER Y 279 116.37 8.68 -5.06
N THR Y 280 117.53 9.23 -4.73
CA THR Y 280 118.62 9.57 -5.66
C THR Y 280 119.99 9.03 -5.24
N ASP Y 281 120.08 8.15 -4.22
CA ASP Y 281 121.36 7.70 -3.67
C ASP Y 281 121.69 6.24 -4.05
N GLU Y 282 122.79 6.04 -4.79
CA GLU Y 282 123.24 4.73 -5.27
C GLU Y 282 123.66 3.78 -4.13
N GLU Y 283 124.17 4.29 -3.00
CA GLU Y 283 124.52 3.46 -1.86
C GLU Y 283 123.26 2.91 -1.17
N VAL Y 284 122.20 3.72 -1.09
CA VAL Y 284 120.89 3.27 -0.63
C VAL Y 284 120.30 2.23 -1.59
N LEU Y 285 120.39 2.44 -2.91
CA LEU Y 285 119.94 1.46 -3.89
C LEU Y 285 120.68 0.12 -3.76
N GLU Y 286 122.01 0.14 -3.68
CA GLU Y 286 122.78 -1.09 -3.46
C GLU Y 286 122.42 -1.77 -2.14
N GLU Y 287 122.32 -1.02 -1.04
CA GLU Y 287 121.95 -1.61 0.25
C GLU Y 287 120.52 -2.15 0.24
N VAL Y 288 119.55 -1.48 -0.39
CA VAL Y 288 118.19 -2.00 -0.53
C VAL Y 288 118.17 -3.27 -1.37
N LYS Y 289 118.90 -3.31 -2.49
CA LYS Y 289 118.99 -4.52 -3.32
C LYS Y 289 119.69 -5.66 -2.58
N GLU Y 290 120.73 -5.37 -1.81
CA GLU Y 290 121.37 -6.34 -0.91
C GLU Y 290 120.43 -6.80 0.22
N ALA Y 291 119.63 -5.90 0.80
CA ALA Y 291 118.64 -6.28 1.81
C ALA Y 291 117.57 -7.22 1.22
N LEU Y 292 117.10 -6.96 0.00
CA LEU Y 292 116.22 -7.88 -0.72
C LEU Y 292 116.94 -9.20 -1.04
N ARG Y 293 118.24 -9.20 -1.36
CA ARG Y 293 119.03 -10.44 -1.50
C ARG Y 293 119.06 -11.23 -0.18
N ARG Y 294 119.38 -10.58 0.94
CA ARG Y 294 119.32 -11.20 2.28
C ARG Y 294 117.94 -11.76 2.56
N ALA Y 295 116.87 -11.03 2.22
CA ALA Y 295 115.50 -11.49 2.40
C ALA Y 295 115.17 -12.75 1.58
N LYS Y 296 115.60 -12.83 0.31
CA LYS Y 296 115.41 -14.04 -0.52
C LYS Y 296 116.26 -15.23 -0.03
N GLU Y 297 117.46 -14.98 0.46
CA GLU Y 297 118.35 -16.02 0.99
C GLU Y 297 117.92 -16.55 2.37
N SER Y 298 117.34 -15.69 3.21
CA SER Y 298 116.84 -16.05 4.55
C SER Y 298 115.45 -16.71 4.51
N THR Y 299 114.96 -17.13 5.68
CA THR Y 299 113.60 -17.66 5.90
C THR Y 299 112.90 -17.04 7.13
N ASP Y 300 113.54 -16.10 7.83
CA ASP Y 300 112.97 -15.44 9.02
C ASP Y 300 112.30 -14.10 8.66
N GLU Y 301 110.98 -14.05 8.68
CA GLU Y 301 110.25 -12.82 8.32
C GLU Y 301 110.46 -11.67 9.32
N GLU Y 302 110.81 -11.94 10.57
CA GLU Y 302 111.15 -10.87 11.53
C GLU Y 302 112.56 -10.31 11.24
N GLU Y 303 113.47 -11.08 10.65
CA GLU Y 303 114.70 -10.53 10.07
C GLU Y 303 114.39 -9.66 8.85
N ILE Y 304 113.50 -10.13 7.95
CA ILE Y 304 113.09 -9.37 6.76
C ILE Y 304 112.45 -8.03 7.16
N LYS Y 305 111.60 -7.99 8.19
CA LYS Y 305 111.06 -6.75 8.74
C LYS Y 305 112.18 -5.77 9.09
N GLU Y 306 113.20 -6.19 9.82
CA GLU Y 306 114.33 -5.31 10.17
C GLU Y 306 115.15 -4.88 8.95
N GLU Y 307 115.47 -5.80 8.05
CA GLU Y 307 116.27 -5.50 6.84
C GLU Y 307 115.57 -4.48 5.92
N LEU Y 308 114.23 -4.50 5.87
CA LEU Y 308 113.46 -3.45 5.18
C LEU Y 308 113.32 -2.17 6.03
N ARG Y 309 112.99 -2.30 7.33
CA ARG Y 309 112.76 -1.16 8.23
C ARG Y 309 113.95 -0.21 8.28
N LYS Y 310 115.17 -0.74 8.36
CA LYS Y 310 116.39 0.07 8.44
C LYS Y 310 116.55 1.02 7.24
N ALA Y 311 116.07 0.65 6.06
CA ALA Y 311 115.98 1.55 4.91
C ALA Y 311 114.72 2.44 4.98
N VAL Y 312 113.55 1.85 5.23
CA VAL Y 312 112.25 2.55 5.20
C VAL Y 312 112.19 3.71 6.21
N GLU Y 313 112.71 3.54 7.42
CA GLU Y 313 112.69 4.58 8.46
C GLU Y 313 113.80 5.63 8.29
N GLU Y 314 114.80 5.38 7.45
CA GLU Y 314 115.85 6.35 7.09
C GLU Y 314 115.46 7.24 5.90
N ALA Y 315 114.77 6.67 4.90
CA ALA Y 315 114.49 7.32 3.62
C ALA Y 315 113.20 8.18 3.57
N GLU Y 316 112.27 8.05 4.53
CA GLU Y 316 111.00 8.80 4.57
C GLU Y 316 111.18 10.32 4.81
N CYS Z 3 28.48 19.42 91.91
CA CYS Z 3 27.63 19.14 90.74
C CYS Z 3 28.45 18.81 89.49
N ASP Z 4 29.44 19.63 89.10
CA ASP Z 4 30.08 19.56 87.77
C ASP Z 4 30.73 18.20 87.44
N ALA Z 5 31.13 17.39 88.43
CA ALA Z 5 31.66 16.06 88.16
C ALA Z 5 30.65 15.16 87.44
N ILE Z 6 29.34 15.34 87.69
CA ILE Z 6 28.28 14.62 86.97
C ILE Z 6 28.24 15.09 85.51
N GLN Z 7 28.39 16.39 85.25
CA GLN Z 7 28.42 16.93 83.89
C GLN Z 7 29.67 16.45 83.11
N ALA Z 8 30.81 16.33 83.78
CA ALA Z 8 31.98 15.69 83.19
C ALA Z 8 31.71 14.21 82.84
N ALA Z 9 31.03 13.45 83.72
CA ALA Z 9 30.62 12.09 83.38
C ALA Z 9 29.62 12.07 82.21
N ALA Z 10 28.71 13.04 82.12
CA ALA Z 10 27.78 13.16 81.01
C ALA Z 10 28.50 13.42 79.67
N ALA Z 11 29.60 14.19 79.66
CA ALA Z 11 30.43 14.31 78.47
C ALA Z 11 31.02 12.96 78.03
N LEU Z 12 31.50 12.12 78.96
CA LEU Z 12 31.94 10.75 78.65
C LEU Z 12 30.77 9.87 78.17
N GLY Z 13 29.56 10.10 78.69
CA GLY Z 13 28.33 9.44 78.22
C GLY Z 13 27.99 9.81 76.77
N GLU Z 14 28.04 11.09 76.41
CA GLU Z 14 27.84 11.56 75.02
C GLU Z 14 28.94 11.07 74.07
N ALA Z 15 30.19 10.94 74.55
CA ALA Z 15 31.27 10.27 73.82
C ALA Z 15 31.09 8.74 73.69
N GLY Z 16 30.08 8.15 74.35
CA GLY Z 16 29.74 6.73 74.23
C GLY Z 16 30.60 5.79 75.08
N ILE Z 17 31.31 6.31 76.09
CA ILE Z 17 32.14 5.48 76.99
C ILE Z 17 31.22 4.64 77.90
N SER Z 18 31.47 3.34 78.04
CA SER Z 18 30.62 2.45 78.83
C SER Z 18 30.69 2.75 80.33
N SER Z 19 29.65 2.38 81.09
CA SER Z 19 29.55 2.72 82.52
C SER Z 19 30.73 2.21 83.35
N ASN Z 20 31.14 0.93 83.21
CA ASN Z 20 32.33 0.42 83.90
C ASN Z 20 33.60 1.17 83.49
N GLU Z 21 33.73 1.59 82.23
CA GLU Z 21 34.89 2.38 81.79
C GLU Z 21 34.89 3.80 82.34
N ILE Z 22 33.73 4.46 82.43
CA ILE Z 22 33.63 5.76 83.12
C ILE Z 22 34.03 5.60 84.59
N LEU Z 23 33.54 4.56 85.27
CA LEU Z 23 33.92 4.27 86.65
C LEU Z 23 35.43 3.98 86.77
N GLU Z 24 36.02 3.26 85.83
CA GLU Z 24 37.47 3.01 85.82
C GLU Z 24 38.27 4.31 85.60
N LEU Z 25 37.83 5.16 84.65
CA LEU Z 25 38.42 6.48 84.44
C LEU Z 25 38.29 7.33 85.71
N LEU Z 26 37.16 7.28 86.39
CA LEU Z 26 36.98 7.93 87.68
C LEU Z 26 37.90 7.30 88.76
N ALA Z 27 38.15 6.00 88.75
CA ALA Z 27 39.09 5.35 89.66
C ALA Z 27 40.51 5.91 89.47
N ALA Z 28 40.95 6.07 88.22
CA ALA Z 28 42.20 6.74 87.92
C ALA Z 28 42.15 8.22 88.33
N ALA Z 29 41.07 8.93 88.03
CA ALA Z 29 40.96 10.33 88.41
C ALA Z 29 41.08 10.53 89.93
N ALA Z 30 40.56 9.59 90.72
CA ALA Z 30 40.75 9.56 92.17
C ALA Z 30 42.21 9.26 92.57
N GLU Z 31 42.79 8.15 92.10
CA GLU Z 31 44.19 7.78 92.42
C GLU Z 31 45.17 8.91 92.08
N LEU Z 32 45.03 9.46 90.89
CA LEU Z 32 45.90 10.50 90.34
C LEU Z 32 45.49 11.92 90.78
N GLY Z 33 44.36 12.08 91.47
CA GLY Z 33 43.90 13.38 91.98
C GLY Z 33 43.62 14.42 90.89
N LEU Z 34 43.02 14.01 89.77
CA LEU Z 34 42.83 14.86 88.60
C LEU Z 34 41.81 15.97 88.85
N ASP Z 35 42.17 17.20 88.50
CA ASP Z 35 41.30 18.37 88.55
C ASP Z 35 40.26 18.37 87.40
N PRO Z 36 39.22 19.24 87.45
CA PRO Z 36 38.19 19.32 86.42
C PRO Z 36 38.69 19.59 85.00
N ASP Z 37 39.76 20.38 84.82
CA ASP Z 37 40.31 20.66 83.48
C ASP Z 37 41.10 19.46 82.94
N ALA Z 38 41.83 18.73 83.79
CA ALA Z 38 42.45 17.46 83.42
C ALA Z 38 41.41 16.40 83.04
N ILE Z 39 40.32 16.29 83.79
CA ILE Z 39 39.21 15.39 83.45
C ILE Z 39 38.50 15.86 82.17
N GLN Z 40 38.30 17.16 81.99
CA GLN Z 40 37.75 17.71 80.75
C GLN Z 40 38.63 17.37 79.54
N ALA Z 41 39.95 17.46 79.67
CA ALA Z 41 40.88 17.01 78.64
C ALA Z 41 40.73 15.50 78.38
N ALA Z 42 40.58 14.67 79.43
CA ALA Z 42 40.31 13.25 79.27
C ALA Z 42 39.01 13.00 78.48
N ALA Z 43 37.94 13.74 78.78
CA ALA Z 43 36.69 13.67 78.03
C ALA Z 43 36.89 14.08 76.56
N GLN Z 44 37.66 15.13 76.27
CA GLN Z 44 37.97 15.54 74.91
C GLN Z 44 38.85 14.51 74.16
N LEU Z 45 39.77 13.82 74.84
CA LEU Z 45 40.49 12.67 74.27
C LEU Z 45 39.53 11.50 73.96
N GLY Z 46 38.48 11.31 74.77
CA GLY Z 46 37.38 10.40 74.48
C GLY Z 46 36.58 10.81 73.22
N GLU Z 47 36.24 12.09 73.08
CA GLU Z 47 35.59 12.62 71.86
C GLU Z 47 36.50 12.52 70.62
N ALA Z 48 37.82 12.63 70.80
CA ALA Z 48 38.82 12.35 69.76
C ALA Z 48 38.95 10.84 69.42
N GLY Z 49 38.31 9.96 70.21
CA GLY Z 49 38.27 8.52 69.96
C GLY Z 49 39.51 7.76 70.44
N ILE Z 50 40.31 8.31 71.36
CA ILE Z 50 41.44 7.58 71.97
C ILE Z 50 40.91 6.39 72.79
N SER Z 51 41.55 5.22 72.71
CA SER Z 51 41.07 4.01 73.41
C SER Z 51 41.15 4.15 74.93
N SER Z 52 40.21 3.53 75.66
CA SER Z 52 40.00 3.80 77.08
C SER Z 52 41.24 3.53 77.93
N GLU Z 53 41.93 2.41 77.74
CA GLU Z 53 43.14 2.12 78.50
C GLU Z 53 44.33 3.00 78.08
N GLU Z 54 44.37 3.48 76.83
CA GLU Z 54 45.34 4.50 76.45
C GLU Z 54 45.05 5.84 77.15
N ILE Z 55 43.79 6.20 77.36
CA ILE Z 55 43.49 7.37 78.20
C ILE Z 55 44.01 7.14 79.61
N LYS Z 56 43.81 5.95 80.19
CA LYS Z 56 44.36 5.63 81.51
C LYS Z 56 45.88 5.79 81.52
N GLU Z 57 46.58 5.28 80.51
CA GLU Z 57 48.01 5.49 80.38
C GLU Z 57 48.38 6.97 80.17
N LEU Z 58 47.65 7.73 79.36
CA LEU Z 58 47.90 9.15 79.16
C LEU Z 58 47.83 9.91 80.49
N LEU Z 59 46.81 9.63 81.28
CA LEU Z 59 46.65 10.22 82.60
C LEU Z 59 47.75 9.75 83.56
N ARG Z 60 48.05 8.44 83.60
CA ARG Z 60 49.10 7.89 84.47
C ARG Z 60 50.44 8.53 84.16
N ALA Z 61 50.80 8.60 82.89
CA ALA Z 61 52.03 9.24 82.45
C ALA Z 61 52.06 10.72 82.83
N ALA Z 62 50.96 11.46 82.64
CA ALA Z 62 50.91 12.85 83.03
C ALA Z 62 51.23 13.05 84.52
N HIS Z 63 50.69 12.19 85.38
CA HIS Z 63 50.99 12.19 86.80
C HIS Z 63 52.44 11.79 87.10
N GLU Z 64 52.94 10.71 86.52
CA GLU Z 64 54.31 10.24 86.78
C GLU Z 64 55.39 11.15 86.21
N LEU Z 65 55.11 11.90 85.15
CA LEU Z 65 55.93 13.02 84.69
C LEU Z 65 55.76 14.24 85.61
N GLY Z 66 54.55 14.46 86.11
CA GLY Z 66 54.18 15.71 86.78
C GLY Z 66 53.88 16.82 85.79
N LEU Z 67 53.19 16.50 84.68
CA LEU Z 67 52.69 17.50 83.74
C LEU Z 67 51.69 18.43 84.43
N ASP Z 68 51.79 19.72 84.15
CA ASP Z 68 50.84 20.71 84.66
C ASP Z 68 49.51 20.65 83.90
N PRO Z 69 48.42 21.25 84.43
CA PRO Z 69 47.11 21.22 83.79
C PRO Z 69 47.09 21.77 82.36
N ASP Z 70 47.95 22.73 82.01
CA ASP Z 70 47.98 23.29 80.65
C ASP Z 70 48.67 22.32 79.69
N ALA Z 71 49.75 21.66 80.13
CA ALA Z 71 50.35 20.56 79.38
C ALA Z 71 49.35 19.40 79.21
N ILE Z 72 48.58 19.07 80.24
CA ILE Z 72 47.49 18.10 80.11
C ILE Z 72 46.43 18.59 79.12
N ALA Z 73 46.02 19.86 79.18
CA ALA Z 73 45.07 20.41 78.21
C ALA Z 73 45.59 20.32 76.77
N ALA Z 74 46.88 20.58 76.57
CA ALA Z 74 47.51 20.45 75.27
C ALA Z 74 47.45 19.02 74.72
N ALA Z 75 47.35 17.99 75.57
CA ALA Z 75 47.14 16.62 75.11
C ALA Z 75 45.85 16.51 74.28
N ALA Z 76 44.75 17.10 74.77
CA ALA Z 76 43.49 17.13 74.04
C ALA Z 76 43.59 17.98 72.76
N ASP Z 77 44.29 19.12 72.82
CA ASP Z 77 44.51 19.96 71.63
C ASP Z 77 45.29 19.21 70.53
N LEU Z 78 46.35 18.48 70.90
CA LEU Z 78 47.10 17.60 70.00
C LEU Z 78 46.23 16.45 69.47
N GLY Z 79 45.39 15.85 70.31
CA GLY Z 79 44.45 14.80 69.90
C GLY Z 79 43.40 15.30 68.91
N GLN Z 80 42.88 16.52 69.11
CA GLN Z 80 41.98 17.19 68.17
C GLN Z 80 42.70 17.61 66.87
N ALA Z 81 43.99 17.93 66.93
CA ALA Z 81 44.84 18.10 65.76
C ALA Z 81 45.18 16.77 65.04
N GLY Z 82 44.75 15.62 65.57
CA GLY Z 82 44.92 14.29 64.97
C GLY Z 82 46.26 13.59 65.29
N VAL Z 83 47.04 14.13 66.22
CA VAL Z 83 48.31 13.53 66.67
C VAL Z 83 48.04 12.23 67.45
N SER Z 84 48.82 11.17 67.24
CA SER Z 84 48.55 9.87 67.89
C SER Z 84 48.77 9.93 69.39
N PRO Z 85 48.16 8.98 70.13
CA PRO Z 85 48.27 8.91 71.58
C PRO Z 85 49.74 8.80 72.02
N VAL Z 86 50.50 7.95 71.36
CA VAL Z 86 51.91 7.81 71.63
C VAL Z 86 52.65 9.11 71.30
N GLU Z 87 52.34 9.77 70.19
CA GLU Z 87 52.99 11.04 69.86
C GLU Z 87 52.67 12.14 70.86
N ILE Z 88 51.45 12.18 71.39
CA ILE Z 88 51.12 13.07 72.49
C ILE Z 88 52.06 12.78 73.66
N LEU Z 89 52.18 11.51 74.06
CA LEU Z 89 53.06 11.11 75.15
C LEU Z 89 54.49 11.52 74.88
N ALA Z 90 54.99 11.26 73.67
CA ALA Z 90 56.34 11.62 73.28
C ALA Z 90 56.53 13.12 73.38
N LEU Z 91 55.67 13.91 72.74
CA LEU Z 91 55.82 15.35 72.68
C LEU Z 91 55.81 15.94 74.08
N LEU Z 92 54.90 15.49 74.94
CA LEU Z 92 54.84 15.98 76.30
C LEU Z 92 56.04 15.50 77.12
N ILE Z 93 56.45 14.24 77.00
CA ILE Z 93 57.64 13.71 77.68
C ILE Z 93 58.88 14.50 77.29
N ALA Z 94 59.03 14.77 76.00
CA ALA Z 94 60.12 15.57 75.49
C ALA Z 94 60.03 17.00 76.03
N ALA Z 95 58.86 17.63 75.95
CA ALA Z 95 58.68 18.97 76.46
C ALA Z 95 59.05 19.06 77.94
N SER Z 96 58.70 18.06 78.72
CA SER Z 96 59.06 17.95 80.14
C SER Z 96 60.57 17.86 80.34
N VAL Z 97 61.27 17.00 79.62
CA VAL Z 97 62.73 16.91 79.76
C VAL Z 97 63.45 18.17 79.23
N LEU Z 98 62.93 18.78 78.17
CA LEU Z 98 63.39 20.07 77.67
C LEU Z 98 63.06 21.22 78.64
N GLY Z 99 62.10 21.04 79.54
CA GLY Z 99 61.62 22.07 80.45
C GLY Z 99 60.82 23.17 79.75
N LEU Z 100 60.12 22.86 78.66
CA LEU Z 100 59.36 23.83 77.87
C LEU Z 100 58.23 24.49 78.68
N ASP Z 101 58.00 25.78 78.43
CA ASP Z 101 56.84 26.49 78.93
C ASP Z 101 55.54 25.98 78.29
N PRO Z 102 54.39 26.08 78.97
CA PRO Z 102 53.09 25.80 78.37
C PRO Z 102 52.83 26.55 77.07
N ASP Z 103 53.34 27.78 76.94
CA ASP Z 103 53.26 28.54 75.68
C ASP Z 103 54.01 27.82 74.55
N ALA Z 104 55.21 27.30 74.83
CA ALA Z 104 55.95 26.49 73.86
C ALA Z 104 55.25 25.15 73.58
N ILE Z 105 54.62 24.54 74.58
CA ILE Z 105 53.80 23.34 74.36
C ILE Z 105 52.59 23.67 73.46
N GLN Z 106 51.94 24.82 73.66
CA GLN Z 106 50.88 25.28 72.76
C GLN Z 106 51.40 25.61 71.36
N ALA Z 107 52.61 26.14 71.23
CA ALA Z 107 53.26 26.28 69.93
C ALA Z 107 53.53 24.90 69.28
N ALA Z 108 53.88 23.88 70.06
CA ALA Z 108 53.97 22.51 69.55
C ALA Z 108 52.59 21.98 69.10
N ALA Z 109 51.52 22.28 69.85
CA ALA Z 109 50.16 21.98 69.39
C ALA Z 109 49.83 22.73 68.07
N ALA Z 110 50.26 23.98 67.92
CA ALA Z 110 50.10 24.72 66.67
C ALA Z 110 50.93 24.09 65.51
N LEU Z 111 52.14 23.60 65.76
CA LEU Z 111 52.91 22.83 64.77
C LEU Z 111 52.18 21.52 64.41
N GLY Z 112 51.49 20.91 65.37
CA GLY Z 112 50.58 19.79 65.12
C GLY Z 112 49.42 20.16 64.20
N GLU Z 113 48.75 21.29 64.44
CA GLU Z 113 47.69 21.80 63.55
C GLU Z 113 48.19 22.19 62.15
N ALA Z 114 49.44 22.67 62.05
CA ALA Z 114 50.14 22.87 60.78
C ALA Z 114 50.57 21.55 60.09
N GLY Z 115 50.37 20.40 60.74
CA GLY Z 115 50.64 19.08 60.20
C GLY Z 115 52.12 18.69 60.15
N ILE Z 116 52.98 19.38 60.90
CA ILE Z 116 54.42 19.10 60.93
C ILE Z 116 54.68 17.72 61.56
N SER Z 117 55.59 16.93 61.00
CA SER Z 117 55.84 15.57 61.53
C SER Z 117 56.44 15.61 62.93
N ALA Z 118 56.09 14.65 63.78
CA ALA Z 118 56.47 14.65 65.20
C ALA Z 118 57.99 14.68 65.42
N GLU Z 119 58.78 13.97 64.60
CA GLU Z 119 60.23 14.09 64.67
C GLU Z 119 60.69 15.51 64.34
N GLU Z 120 60.15 16.12 63.29
CA GLU Z 120 60.51 17.49 62.92
C GLU Z 120 60.11 18.49 64.01
N ILE Z 121 58.96 18.31 64.67
CA ILE Z 121 58.61 19.10 65.84
C ILE Z 121 59.67 18.94 66.93
N ILE Z 122 60.02 17.70 67.28
CA ILE Z 122 61.04 17.45 68.30
C ILE Z 122 62.38 18.08 67.92
N GLU Z 123 62.83 17.94 66.68
CA GLU Z 123 64.06 18.58 66.22
C GLU Z 123 63.96 20.11 66.24
N LEU Z 124 62.84 20.70 65.84
CA LEU Z 124 62.63 22.15 65.92
C LEU Z 124 62.68 22.63 67.37
N LEU Z 125 62.02 21.93 68.28
CA LEU Z 125 62.07 22.26 69.70
C LEU Z 125 63.50 22.10 70.24
N THR Z 126 64.19 21.01 69.88
CA THR Z 126 65.59 20.80 70.27
C THR Z 126 66.46 21.94 69.78
N ALA Z 127 66.35 22.31 68.51
CA ALA Z 127 67.09 23.42 67.95
C ALA Z 127 66.80 24.73 68.68
N ALA Z 128 65.53 25.06 68.90
CA ALA Z 128 65.16 26.29 69.63
C ALA Z 128 65.74 26.30 71.05
N ARG Z 129 65.74 25.14 71.72
CA ARG Z 129 66.32 24.97 73.05
C ARG Z 129 67.84 25.16 73.04
N ASP Z 130 68.55 24.48 72.14
CA ASP Z 130 70.01 24.60 72.01
C ASP Z 130 70.46 25.98 71.54
N LEU Z 131 69.68 26.65 70.69
CA LEU Z 131 69.91 28.05 70.28
C LEU Z 131 69.52 29.06 71.38
N GLY Z 132 68.75 28.65 72.39
CA GLY Z 132 68.31 29.53 73.48
C GLY Z 132 67.31 30.60 73.03
N LEU Z 133 66.45 30.27 72.06
CA LEU Z 133 65.43 31.19 71.54
C LEU Z 133 64.27 31.38 72.54
N ASP Z 134 63.48 32.43 72.34
CA ASP Z 134 62.21 32.64 73.03
C ASP Z 134 61.08 31.75 72.44
N PRO Z 135 59.97 31.54 73.17
CA PRO Z 135 58.81 30.84 72.61
C PRO Z 135 58.17 31.61 71.46
N ASP Z 136 58.37 32.93 71.37
CA ASP Z 136 57.96 33.73 70.21
C ASP Z 136 58.66 33.25 68.93
N ALA Z 137 59.95 32.90 68.97
CA ALA Z 137 60.60 32.28 67.82
C ALA Z 137 59.98 30.93 67.46
N ILE Z 138 59.54 30.13 68.44
CA ILE Z 138 58.81 28.88 68.15
C ILE Z 138 57.45 29.20 67.50
N GLN Z 139 56.73 30.22 67.98
CA GLN Z 139 55.48 30.65 67.36
C GLN Z 139 55.69 31.15 65.93
N ALA Z 140 56.77 31.88 65.68
CA ALA Z 140 57.18 32.26 64.33
C ALA Z 140 57.58 31.04 63.49
N ALA Z 141 58.21 30.01 64.07
CA ALA Z 141 58.48 28.76 63.37
C ALA Z 141 57.18 28.05 62.97
N ALA Z 142 56.14 28.08 63.83
CA ALA Z 142 54.82 27.61 63.44
C ALA Z 142 54.24 28.42 62.26
N GLN Z 143 54.38 29.74 62.27
CA GLN Z 143 53.99 30.57 61.11
C GLN Z 143 54.78 30.22 59.84
N LEU Z 144 56.09 29.95 59.93
CA LEU Z 144 56.88 29.46 58.79
C LEU Z 144 56.41 28.07 58.31
N GLY Z 145 55.95 27.22 59.23
CA GLY Z 145 55.30 25.97 58.90
C GLY Z 145 53.97 26.17 58.16
N GLU Z 146 53.14 27.13 58.58
CA GLU Z 146 51.91 27.49 57.87
C GLU Z 146 52.19 28.10 56.48
N ALA Z 147 53.31 28.83 56.33
CA ALA Z 147 53.80 29.29 55.04
C ALA Z 147 54.39 28.16 54.15
N GLY Z 148 54.53 26.94 54.68
CA GLY Z 148 55.00 25.76 53.94
C GLY Z 148 56.51 25.70 53.72
N ILE Z 149 57.31 26.45 54.49
CA ILE Z 149 58.78 26.44 54.39
C ILE Z 149 59.32 25.09 54.89
N SER Z 150 60.28 24.49 54.17
CA SER Z 150 60.84 23.19 54.56
C SER Z 150 61.59 23.29 55.90
N SER Z 151 61.59 22.23 56.72
CA SER Z 151 62.07 22.31 58.11
C SER Z 151 63.55 22.70 58.22
N GLU Z 152 64.43 22.23 57.34
CA GLU Z 152 65.81 22.70 57.31
C GLU Z 152 65.89 24.19 56.92
N GLU Z 153 65.04 24.68 56.01
CA GLU Z 153 65.00 26.12 55.70
C GLU Z 153 64.44 26.93 56.86
N ILE Z 154 63.48 26.40 57.62
CA ILE Z 154 63.06 27.04 58.88
C ILE Z 154 64.26 27.13 59.82
N LYS Z 155 65.00 26.03 60.01
CA LYS Z 155 66.19 26.02 60.85
C LYS Z 155 67.23 27.05 60.36
N GLU Z 156 67.49 27.13 59.07
CA GLU Z 156 68.40 28.13 58.52
C GLU Z 156 67.87 29.56 58.66
N LEU Z 157 66.58 29.81 58.48
CA LEU Z 157 65.98 31.14 58.70
C LEU Z 157 66.11 31.54 60.16
N LEU Z 158 65.86 30.62 61.09
CA LEU Z 158 66.10 30.86 62.51
C LEU Z 158 67.60 31.11 62.77
N ARG Z 159 68.49 30.29 62.20
CA ARG Z 159 69.94 30.42 62.38
C ARG Z 159 70.44 31.79 61.89
N ALA Z 160 69.97 32.20 60.72
CA ALA Z 160 70.22 33.52 60.19
C ALA Z 160 69.64 34.59 61.12
N ALA Z 161 68.34 34.54 61.45
CA ALA Z 161 67.69 35.56 62.25
C ALA Z 161 68.36 35.73 63.63
N HIS Z 162 68.80 34.63 64.24
CA HIS Z 162 69.53 34.59 65.50
C HIS Z 162 70.89 35.26 65.38
N GLU Z 163 71.71 34.87 64.40
CA GLU Z 163 73.01 35.50 64.14
C GLU Z 163 72.87 36.99 63.80
N LEU Z 164 71.81 37.35 63.08
CA LEU Z 164 71.49 38.71 62.67
C LEU Z 164 70.74 39.51 63.74
N GLY Z 165 70.40 38.92 64.89
CA GLY Z 165 69.69 39.63 65.97
C GLY Z 165 68.36 40.27 65.53
N LEU Z 166 67.66 39.66 64.56
CA LEU Z 166 66.35 40.12 64.10
C LEU Z 166 65.27 39.89 65.17
N ASP Z 167 64.25 40.74 65.20
CA ASP Z 167 63.09 40.56 66.06
C ASP Z 167 62.11 39.50 65.49
N PRO Z 168 61.26 38.88 66.33
CA PRO Z 168 60.30 37.88 65.88
C PRO Z 168 59.33 38.37 64.80
N ASP Z 169 58.98 39.65 64.77
CA ASP Z 169 58.09 40.18 63.72
C ASP Z 169 58.78 40.20 62.35
N CYS Z 170 60.10 40.39 62.28
CA CYS Z 170 60.85 40.15 61.04
C CYS Z 170 60.72 38.68 60.59
N ILE Z 171 60.72 37.72 61.52
CA ILE Z 171 60.50 36.31 61.18
C ILE Z 171 59.03 36.09 60.73
N ALA Z 172 58.05 36.77 61.36
CA ALA Z 172 56.67 36.73 60.92
C ALA Z 172 56.50 37.28 59.50
N ALA Z 173 57.19 38.37 59.16
CA ALA Z 173 57.23 38.91 57.80
C ALA Z 173 57.99 37.99 56.82
N ALA Z 174 59.03 37.27 57.28
CA ALA Z 174 59.70 36.25 56.46
C ALA Z 174 58.72 35.15 56.03
N ALA Z 175 57.81 34.73 56.92
CA ALA Z 175 56.76 33.78 56.58
C ALA Z 175 55.81 34.34 55.50
N ASP Z 176 55.43 35.62 55.55
CA ASP Z 176 54.65 36.26 54.50
C ASP Z 176 55.40 36.42 53.17
N LEU Z 177 56.72 36.65 53.16
CA LEU Z 177 57.52 36.53 51.93
C LEU Z 177 57.54 35.09 51.40
N GLY Z 178 57.42 34.10 52.28
CA GLY Z 178 57.16 32.71 51.91
C GLY Z 178 55.78 32.51 51.27
N GLN Z 179 54.73 33.14 51.80
CA GLN Z 179 53.40 33.15 51.18
C GLN Z 179 53.40 33.85 49.80
N ALA Z 180 54.22 34.89 49.63
CA ALA Z 180 54.48 35.53 48.33
C ALA Z 180 55.35 34.67 47.38
N GLY Z 181 55.96 33.58 47.85
CA GLY Z 181 56.70 32.63 47.02
C GLY Z 181 58.17 32.99 46.73
N ILE Z 182 58.77 33.89 47.52
CA ILE Z 182 60.18 34.30 47.37
C ILE Z 182 61.11 33.16 47.82
N SER Z 183 62.27 32.97 47.16
CA SER Z 183 63.23 31.91 47.55
C SER Z 183 63.89 32.21 48.91
N SER Z 184 64.23 31.20 49.72
CA SER Z 184 64.72 31.41 51.10
C SER Z 184 66.01 32.23 51.20
N SER Z 185 66.89 32.17 50.20
CA SER Z 185 68.06 33.06 50.11
C SER Z 185 67.66 34.52 49.84
N GLU Z 186 66.75 34.75 48.90
CA GLU Z 186 66.20 36.10 48.62
C GLU Z 186 65.35 36.66 49.77
N ILE Z 187 64.59 35.81 50.48
CA ILE Z 187 63.92 36.22 51.73
C ILE Z 187 64.98 36.77 52.68
N THR Z 188 66.05 36.02 52.92
CA THR Z 188 67.14 36.45 53.80
C THR Z 188 67.75 37.77 53.33
N ALA Z 189 67.99 37.94 52.04
CA ALA Z 189 68.44 39.22 51.48
C ALA Z 189 67.43 40.36 51.77
N LEU Z 190 66.13 40.13 51.58
CA LEU Z 190 65.12 41.14 51.88
C LEU Z 190 65.04 41.46 53.37
N LEU Z 191 65.20 40.48 54.26
CA LEU Z 191 65.36 40.75 55.69
C LEU Z 191 66.58 41.64 55.94
N LEU Z 192 67.74 41.31 55.36
CA LEU Z 192 68.96 42.10 55.52
C LEU Z 192 68.78 43.53 55.02
N ALA Z 193 68.21 43.71 53.83
CA ALA Z 193 67.99 45.03 53.24
C ALA Z 193 67.02 45.87 54.09
N ALA Z 194 65.87 45.30 54.45
CA ALA Z 194 64.88 46.00 55.26
C ALA Z 194 65.45 46.38 56.63
N ALA Z 195 66.19 45.47 57.28
CA ALA Z 195 66.88 45.76 58.53
C ALA Z 195 67.91 46.88 58.36
N ALA Z 196 68.78 46.81 57.35
CA ALA Z 196 69.80 47.83 57.09
C ALA Z 196 69.16 49.22 56.88
N ILE Z 197 68.02 49.29 56.21
CA ILE Z 197 67.33 50.56 55.98
C ILE Z 197 66.54 51.01 57.21
N GLU Z 198 65.95 50.11 57.99
CA GLU Z 198 65.37 50.50 59.29
C GLU Z 198 66.47 51.05 60.22
N LEU Z 199 67.63 50.40 60.27
CA LEU Z 199 68.80 50.89 61.01
C LEU Z 199 69.27 52.23 60.46
N ALA Z 200 69.31 52.42 59.13
CA ALA Z 200 69.64 53.70 58.54
C ALA Z 200 68.63 54.81 58.93
N LYS Z 201 67.35 54.49 59.16
CA LYS Z 201 66.36 55.46 59.67
C LYS Z 201 66.57 55.77 61.16
N ARG Z 202 66.94 54.76 61.96
CA ARG Z 202 67.31 54.94 63.38
C ARG Z 202 68.62 55.72 63.56
N ALA Z 203 69.55 55.60 62.63
CA ALA Z 203 70.88 56.22 62.65
C ALA Z 203 71.28 56.70 61.25
N ASP Z 204 70.74 57.84 60.84
CA ASP Z 204 70.84 58.42 59.50
C ASP Z 204 72.16 59.17 59.21
N ASP Z 205 73.27 58.73 59.80
CA ASP Z 205 74.59 59.31 59.51
C ASP Z 205 74.88 59.20 58.02
N LYS Z 206 75.34 60.30 57.39
CA LYS Z 206 75.65 60.35 55.96
C LYS Z 206 76.62 59.25 55.51
N ASP Z 207 77.59 58.84 56.32
CA ASP Z 207 78.47 57.72 55.95
C ASP Z 207 77.72 56.37 55.98
N VAL Z 208 76.85 56.15 56.97
CA VAL Z 208 75.97 54.96 57.01
C VAL Z 208 75.03 54.97 55.80
N ARG Z 209 74.39 56.11 55.53
CA ARG Z 209 73.47 56.29 54.40
C ARG Z 209 74.16 56.01 53.05
N GLU Z 210 75.37 56.52 52.85
CA GLU Z 210 76.19 56.23 51.66
C GLU Z 210 76.57 54.74 51.58
N ILE Z 211 77.09 54.17 52.67
CA ILE Z 211 77.50 52.75 52.68
C ILE Z 211 76.29 51.86 52.39
N VAL Z 212 75.18 52.07 53.07
CA VAL Z 212 73.96 51.27 52.87
C VAL Z 212 73.47 51.42 51.43
N ARG Z 213 73.41 52.65 50.90
CA ARG Z 213 73.05 52.89 49.50
C ARG Z 213 73.98 52.14 48.55
N ASP Z 214 75.28 52.30 48.69
CA ASP Z 214 76.25 51.68 47.80
C ASP Z 214 76.22 50.15 47.92
N ALA Z 215 75.98 49.60 49.11
CA ALA Z 215 75.78 48.18 49.30
C ALA Z 215 74.49 47.70 48.61
N LEU Z 216 73.38 48.42 48.76
CA LEU Z 216 72.13 48.11 48.06
C LEU Z 216 72.33 48.21 46.54
N GLU Z 217 73.06 49.21 46.07
CA GLU Z 217 73.39 49.35 44.65
C GLU Z 217 74.22 48.17 44.16
N LEU Z 218 75.30 47.81 44.85
CA LEU Z 218 76.09 46.61 44.53
C LEU Z 218 75.21 45.36 44.50
N ALA Z 219 74.33 45.19 45.48
CA ALA Z 219 73.40 44.07 45.55
C ALA Z 219 72.38 44.09 44.39
N SER Z 220 71.98 45.28 43.93
CA SER Z 220 71.09 45.44 42.77
C SER Z 220 71.83 45.18 41.44
N ARG Z 221 73.13 45.49 41.38
CA ARG Z 221 73.99 45.29 40.20
C ARG Z 221 74.46 43.84 40.05
N SER Z 222 74.76 43.17 41.15
CA SER Z 222 75.20 41.78 41.17
C SER Z 222 74.06 40.79 40.86
N THR Z 223 74.41 39.60 40.34
CA THR Z 223 73.50 38.46 40.15
C THR Z 223 73.83 37.28 41.07
N ASN Z 224 74.71 37.46 42.06
CA ASN Z 224 75.20 36.40 42.94
C ASN Z 224 74.65 36.57 44.37
N ASP Z 225 73.89 35.58 44.85
CA ASP Z 225 73.24 35.70 46.17
C ASP Z 225 74.24 35.70 47.33
N GLU Z 226 75.41 35.08 47.18
CA GLU Z 226 76.45 35.11 48.21
C GLU Z 226 77.03 36.52 48.34
N VAL Z 227 77.31 37.19 47.21
CA VAL Z 227 77.73 38.60 47.21
C VAL Z 227 76.64 39.46 47.84
N ILE Z 228 75.37 39.25 47.45
CA ILE Z 228 74.25 40.02 47.98
C ILE Z 228 74.15 39.84 49.49
N ARG Z 229 74.15 38.60 50.01
CA ARG Z 229 74.07 38.37 51.46
C ARG Z 229 75.28 38.93 52.19
N LEU Z 230 76.50 38.79 51.64
CA LEU Z 230 77.69 39.42 52.21
C LEU Z 230 77.55 40.95 52.28
N ALA Z 231 77.15 41.58 51.18
CA ALA Z 231 77.02 43.03 51.12
C ALA Z 231 75.94 43.55 52.07
N LEU Z 232 74.77 42.89 52.12
CA LEU Z 232 73.66 43.34 52.96
C LEU Z 232 73.92 43.03 54.45
N GLU Z 233 74.61 41.94 54.78
CA GLU Z 233 75.08 41.74 56.16
C GLU Z 233 76.13 42.80 56.55
N ALA Z 234 77.08 43.11 55.66
CA ALA Z 234 78.02 44.21 55.90
C ALA Z 234 77.28 45.54 56.12
N ALA Z 235 76.21 45.80 55.37
CA ALA Z 235 75.38 46.98 55.55
C ALA Z 235 74.67 46.98 56.92
N VAL Z 236 74.10 45.86 57.36
CA VAL Z 236 73.52 45.73 58.70
C VAL Z 236 74.57 46.00 59.79
N LEU Z 237 75.75 45.41 59.67
CA LEU Z 237 76.82 45.60 60.65
C LEU Z 237 77.32 47.05 60.65
N ALA Z 238 77.55 47.65 59.48
CA ALA Z 238 77.97 49.04 59.38
C ALA Z 238 76.90 50.02 59.93
N ALA Z 239 75.61 49.72 59.73
CA ALA Z 239 74.52 50.54 60.27
C ALA Z 239 74.31 50.36 61.79
N ARG Z 240 74.69 49.20 62.36
CA ARG Z 240 74.78 49.00 63.82
C ARG Z 240 76.03 49.60 64.44
N SER Z 241 77.11 49.69 63.67
CA SER Z 241 78.38 50.30 64.11
C SER Z 241 78.23 51.80 64.39
N THR Z 242 79.19 52.36 65.14
CA THR Z 242 79.44 53.81 65.17
C THR Z 242 80.96 54.04 65.16
N ASP Z 243 81.70 53.16 64.48
CA ASP Z 243 83.15 53.18 64.40
C ASP Z 243 83.62 53.60 63.01
N SER Z 244 84.33 54.72 62.94
CA SER Z 244 84.89 55.24 61.69
C SER Z 244 85.80 54.23 60.99
N ASP Z 245 86.49 53.34 61.71
CA ASP Z 245 87.29 52.30 61.07
C ASP Z 245 86.40 51.27 60.36
N VAL Z 246 85.27 50.87 60.97
CA VAL Z 246 84.32 49.98 60.30
C VAL Z 246 83.73 50.68 59.08
N LEU Z 247 83.35 51.95 59.21
CA LEU Z 247 82.85 52.73 58.08
C LEU Z 247 83.90 52.83 56.97
N GLU Z 248 85.15 53.16 57.29
CA GLU Z 248 86.24 53.24 56.30
C GLU Z 248 86.55 51.89 55.65
N ILE Z 249 86.64 50.80 56.43
CA ILE Z 249 86.89 49.45 55.92
C ILE Z 249 85.77 49.03 54.96
N VAL Z 250 84.50 49.19 55.36
CA VAL Z 250 83.36 48.82 54.50
C VAL Z 250 83.30 49.74 53.26
N LYS Z 251 83.56 51.05 53.41
CA LYS Z 251 83.62 51.97 52.28
C LYS Z 251 84.73 51.59 51.30
N ASP Z 252 85.94 51.30 51.76
CA ASP Z 252 87.02 50.81 50.91
C ASP Z 252 86.65 49.48 50.22
N ALA Z 253 86.02 48.55 50.93
CA ALA Z 253 85.56 47.29 50.33
C ALA Z 253 84.51 47.52 49.22
N LEU Z 254 83.54 48.41 49.43
CA LEU Z 254 82.56 48.77 48.40
C LEU Z 254 83.21 49.54 47.24
N GLU Z 255 84.17 50.43 47.50
CA GLU Z 255 84.94 51.11 46.45
C GLU Z 255 85.73 50.10 45.61
N LEU Z 256 86.34 49.09 46.21
CA LEU Z 256 86.96 47.99 45.46
C LEU Z 256 85.91 47.25 44.62
N ALA Z 257 84.71 46.99 45.17
CA ALA Z 257 83.62 46.34 44.46
C ALA Z 257 83.04 47.18 43.30
N LYS Z 258 83.15 48.50 43.36
CA LYS Z 258 82.84 49.38 42.23
C LYS Z 258 83.98 49.42 41.21
N GLN Z 259 85.24 49.36 41.65
CA GLN Z 259 86.42 49.47 40.78
C GLN Z 259 86.81 48.18 40.02
N SER Z 260 86.49 46.99 40.54
CA SER Z 260 86.82 45.70 39.91
C SER Z 260 85.59 44.80 39.73
N THR Z 261 85.54 44.06 38.61
CA THR Z 261 84.50 43.06 38.32
C THR Z 261 84.75 41.69 39.00
N ASN Z 262 85.87 41.51 39.70
CA ASN Z 262 86.29 40.23 40.27
C ASN Z 262 85.43 39.80 41.48
N GLU Z 263 84.40 38.97 41.24
CA GLU Z 263 83.52 38.48 42.30
C GLU Z 263 84.28 37.75 43.42
N GLU Z 264 85.36 37.04 43.10
CA GLU Z 264 86.11 36.26 44.08
C GLU Z 264 86.81 37.19 45.09
N VAL Z 265 87.49 38.22 44.58
CA VAL Z 265 88.08 39.27 45.43
C VAL Z 265 87.00 40.03 46.17
N ILE Z 266 85.86 40.34 45.54
CA ILE Z 266 84.73 41.01 46.22
C ILE Z 266 84.25 40.18 47.41
N LYS Z 267 84.00 38.88 47.23
CA LYS Z 267 83.54 38.02 48.32
C LYS Z 267 84.57 37.96 49.44
N LEU Z 268 85.85 37.82 49.11
CA LEU Z 268 86.93 37.86 50.10
C LEU Z 268 86.98 39.21 50.84
N ALA Z 269 86.84 40.33 50.13
CA ALA Z 269 86.89 41.67 50.72
C ALA Z 269 85.69 41.92 51.65
N LEU Z 270 84.48 41.56 51.21
CA LEU Z 270 83.28 41.66 52.04
C LEU Z 270 83.34 40.72 53.24
N LYS Z 271 83.82 39.47 53.08
CA LYS Z 271 84.06 38.54 54.20
C LYS Z 271 85.03 39.14 55.22
N ALA Z 272 86.18 39.66 54.78
CA ALA Z 272 87.13 40.32 55.66
C ALA Z 272 86.53 41.56 56.34
N ALA Z 273 85.74 42.38 55.64
CA ALA Z 273 85.06 43.53 56.23
C ALA Z 273 84.00 43.10 57.28
N VAL Z 274 83.23 42.05 57.01
CA VAL Z 274 82.27 41.46 57.97
C VAL Z 274 83.00 40.94 59.21
N LEU Z 275 84.08 40.18 59.03
CA LEU Z 275 84.90 39.71 60.13
C LEU Z 275 85.49 40.89 60.93
N ALA Z 276 85.99 41.93 60.27
CA ALA Z 276 86.47 43.14 60.93
C ALA Z 276 85.35 43.81 61.77
N ALA Z 277 84.16 43.99 61.20
CA ALA Z 277 83.03 44.59 61.90
C ALA Z 277 82.54 43.77 63.11
N LYS Z 278 82.74 42.44 63.10
CA LYS Z 278 82.48 41.56 64.25
C LYS Z 278 83.65 41.45 65.25
N SER Z 279 84.86 41.84 64.86
CA SER Z 279 86.08 41.66 65.66
C SER Z 279 86.23 42.68 66.79
N THR Z 280 86.95 42.29 67.84
CA THR Z 280 87.32 43.19 68.95
C THR Z 280 88.63 43.93 68.69
N ASP Z 281 89.58 43.32 67.98
CA ASP Z 281 90.97 43.76 67.96
C ASP Z 281 91.24 44.94 66.99
N GLU Z 282 91.55 46.11 67.53
CA GLU Z 282 91.91 47.31 66.77
C GLU Z 282 93.18 47.16 65.93
N GLU Z 283 94.12 46.28 66.31
CA GLU Z 283 95.29 46.00 65.46
C GLU Z 283 94.91 45.17 64.23
N VAL Z 284 93.92 44.28 64.34
CA VAL Z 284 93.34 43.62 63.17
C VAL Z 284 92.66 44.64 62.27
N LEU Z 285 91.93 45.61 62.84
CA LEU Z 285 91.34 46.70 62.04
C LEU Z 285 92.43 47.51 61.32
N GLU Z 286 93.51 47.87 62.00
CA GLU Z 286 94.63 48.60 61.38
C GLU Z 286 95.28 47.78 60.25
N GLU Z 287 95.63 46.52 60.51
CA GLU Z 287 96.21 45.67 59.48
C GLU Z 287 95.25 45.41 58.32
N VAL Z 288 93.94 45.28 58.57
CA VAL Z 288 92.92 45.20 57.50
C VAL Z 288 92.85 46.50 56.70
N LYS Z 289 92.88 47.67 57.36
CA LYS Z 289 92.90 48.96 56.66
C LYS Z 289 94.17 49.10 55.81
N GLU Z 290 95.32 48.70 56.35
CA GLU Z 290 96.57 48.66 55.58
C GLU Z 290 96.50 47.64 54.43
N ALA Z 291 95.91 46.46 54.62
CA ALA Z 291 95.71 45.50 53.54
C ALA Z 291 94.81 46.07 52.43
N LEU Z 292 93.77 46.82 52.78
CA LEU Z 292 92.96 47.55 51.79
C LEU Z 292 93.73 48.70 51.13
N ARG Z 293 94.64 49.39 51.83
CA ARG Z 293 95.55 50.37 51.21
C ARG Z 293 96.47 49.68 50.20
N ARG Z 294 97.10 48.56 50.57
CA ARG Z 294 97.88 47.71 49.66
C ARG Z 294 97.03 47.31 48.45
N ALA Z 295 95.78 46.89 48.66
CA ALA Z 295 94.86 46.53 47.59
C ALA Z 295 94.55 47.70 46.64
N LYS Z 296 94.29 48.91 47.15
CA LYS Z 296 94.06 50.11 46.31
C LYS Z 296 95.31 50.53 45.54
N GLU Z 297 96.50 50.39 46.14
CA GLU Z 297 97.77 50.68 45.46
C GLU Z 297 98.17 49.61 44.44
N SER Z 298 97.79 48.34 44.65
CA SER Z 298 98.21 47.21 43.81
C SER Z 298 97.60 47.23 42.40
N THR Z 299 98.41 46.87 41.40
CA THR Z 299 97.96 46.50 40.05
C THR Z 299 97.73 44.99 39.88
N ASP Z 300 98.03 44.19 40.91
CA ASP Z 300 97.92 42.72 40.91
C ASP Z 300 96.88 42.24 41.93
N GLU Z 301 95.84 41.55 41.46
CA GLU Z 301 94.78 41.00 42.31
C GLU Z 301 95.16 39.67 42.99
N GLU Z 302 96.16 38.92 42.52
CA GLU Z 302 96.56 37.66 43.16
C GLU Z 302 97.27 37.92 44.50
N GLU Z 303 97.97 39.05 44.65
CA GLU Z 303 98.46 39.50 45.96
C GLU Z 303 97.29 39.86 46.89
N ILE Z 304 96.25 40.51 46.36
CA ILE Z 304 95.06 40.88 47.13
C ILE Z 304 94.35 39.64 47.67
N LYS Z 305 94.20 38.58 46.84
CA LYS Z 305 93.64 37.29 47.27
C LYS Z 305 94.39 36.73 48.48
N GLU Z 306 95.73 36.68 48.44
CA GLU Z 306 96.52 36.19 49.58
C GLU Z 306 96.40 37.10 50.80
N GLU Z 307 96.49 38.42 50.64
CA GLU Z 307 96.33 39.34 51.76
C GLU Z 307 94.96 39.19 52.44
N LEU Z 308 93.89 39.00 51.68
CA LEU Z 308 92.55 38.76 52.24
C LEU Z 308 92.44 37.35 52.83
N ARG Z 309 93.07 36.33 52.25
CA ARG Z 309 93.10 34.97 52.79
C ARG Z 309 93.72 34.94 54.18
N LYS Z 310 94.80 35.71 54.41
CA LYS Z 310 95.40 35.87 55.74
C LYS Z 310 94.39 36.36 56.77
N ALA Z 311 93.52 37.30 56.39
CA ALA Z 311 92.45 37.77 57.26
C ALA Z 311 91.35 36.71 57.46
N VAL Z 312 90.96 35.98 56.41
CA VAL Z 312 89.85 35.02 56.47
C VAL Z 312 90.20 33.75 57.27
N GLU Z 313 91.38 33.16 57.05
CA GLU Z 313 91.78 31.91 57.71
C GLU Z 313 92.11 32.06 59.22
N GLU Z 314 92.04 33.26 59.78
CA GLU Z 314 92.02 33.49 61.23
C GLU Z 314 90.68 33.04 61.87
N ALA Z 315 89.58 32.98 61.10
CA ALA Z 315 88.24 32.73 61.61
C ALA Z 315 87.49 31.56 60.92
N GLU Z 316 87.75 31.30 59.64
CA GLU Z 316 87.10 30.23 58.84
C GLU Z 316 87.73 28.84 59.04
N CYS AA 3 23.49 -71.39 61.86
CA CYS AA 3 23.41 -70.13 61.08
C CYS AA 3 22.44 -70.22 59.89
N ASP AA 4 22.51 -71.24 59.04
CA ASP AA 4 21.78 -71.32 57.76
C ASP AA 4 20.26 -71.06 57.83
N ALA AA 5 19.58 -71.41 58.92
CA ALA AA 5 18.15 -71.13 59.06
C ALA AA 5 17.85 -69.62 59.04
N ILE AA 6 18.80 -68.76 59.41
CA ILE AA 6 18.69 -67.30 59.30
C ILE AA 6 18.69 -66.86 57.83
N GLN AA 7 19.46 -67.53 56.96
CA GLN AA 7 19.42 -67.26 55.52
C GLN AA 7 18.07 -67.66 54.91
N ALA AA 8 17.49 -68.78 55.35
CA ALA AA 8 16.13 -69.13 54.97
C ALA AA 8 15.13 -68.06 55.44
N ALA AA 9 15.22 -67.60 56.69
CA ALA AA 9 14.38 -66.51 57.19
C ALA AA 9 14.57 -65.22 56.37
N ALA AA 10 15.80 -64.89 55.97
CA ALA AA 10 16.09 -63.73 55.13
C ALA AA 10 15.47 -63.87 53.73
N ALA AA 11 15.53 -65.05 53.11
CA ALA AA 11 14.85 -65.30 51.84
C ALA AA 11 13.33 -65.11 51.96
N LEU AA 12 12.71 -65.64 53.02
CA LEU AA 12 11.27 -65.45 53.29
C LEU AA 12 10.93 -63.98 53.58
N GLY AA 13 11.80 -63.25 54.31
CA GLY AA 13 11.65 -61.82 54.56
C GLY AA 13 11.70 -60.98 53.28
N GLU AA 14 12.64 -61.26 52.37
CA GLU AA 14 12.71 -60.61 51.05
C GLU AA 14 11.52 -60.99 50.15
N ALA AA 15 10.96 -62.21 50.30
CA ALA AA 15 9.70 -62.60 49.68
C ALA AA 15 8.46 -61.92 50.30
N GLY AA 16 8.62 -61.16 51.39
CA GLY AA 16 7.57 -60.37 52.03
C GLY AA 16 6.73 -61.15 53.06
N ILE AA 17 7.16 -62.34 53.46
CA ILE AA 17 6.46 -63.19 54.45
C ILE AA 17 6.57 -62.55 55.85
N SER AA 18 5.45 -62.38 56.56
CA SER AA 18 5.45 -61.71 57.88
C SER AA 18 6.11 -62.57 58.96
N SER AA 19 6.54 -61.96 60.07
CA SER AA 19 7.23 -62.67 61.16
C SER AA 19 6.37 -63.80 61.76
N ASN AA 20 5.07 -63.59 61.99
CA ASN AA 20 4.16 -64.65 62.43
C ASN AA 20 4.09 -65.81 61.41
N GLU AA 21 4.09 -65.52 60.10
CA GLU AA 21 4.09 -66.55 59.05
C GLU AA 21 5.43 -67.29 58.96
N ILE AA 22 6.57 -66.62 59.13
CA ILE AA 22 7.87 -67.31 59.20
C ILE AA 22 7.88 -68.25 60.39
N LEU AA 23 7.40 -67.81 61.56
CA LEU AA 23 7.26 -68.68 62.72
C LEU AA 23 6.29 -69.84 62.44
N GLU AA 24 5.19 -69.61 61.74
CA GLU AA 24 4.26 -70.68 61.36
C GLU AA 24 4.93 -71.70 60.42
N LEU AA 25 5.73 -71.23 59.46
CA LEU AA 25 6.51 -72.10 58.59
C LEU AA 25 7.54 -72.90 59.38
N LEU AA 26 8.20 -72.29 60.37
CA LEU AA 26 9.12 -73.02 61.25
C LEU AA 26 8.38 -74.01 62.18
N ALA AA 27 7.16 -73.68 62.63
CA ALA AA 27 6.31 -74.60 63.39
C ALA AA 27 5.94 -75.83 62.56
N ALA AA 28 5.52 -75.62 61.31
CA ALA AA 28 5.27 -76.70 60.37
C ALA AA 28 6.55 -77.49 60.10
N ALA AA 29 7.67 -76.82 59.79
CA ALA AA 29 8.91 -77.50 59.47
C ALA AA 29 9.38 -78.44 60.60
N ALA AA 30 9.14 -78.07 61.86
CA ALA AA 30 9.40 -78.92 63.03
C ALA AA 30 8.49 -80.16 63.06
N GLU AA 31 7.17 -79.99 62.96
CA GLU AA 31 6.21 -81.11 62.92
C GLU AA 31 6.49 -82.05 61.75
N LEU AA 32 6.73 -81.48 60.56
CA LEU AA 32 6.98 -82.20 59.32
C LEU AA 32 8.43 -82.72 59.21
N GLY AA 33 9.30 -82.42 60.17
CA GLY AA 33 10.67 -82.94 60.22
C GLY AA 33 11.56 -82.48 59.04
N LEU AA 34 11.33 -81.29 58.50
CA LEU AA 34 12.03 -80.79 57.31
C LEU AA 34 13.52 -80.53 57.58
N ASP AA 35 14.35 -80.79 56.57
CA ASP AA 35 15.75 -80.40 56.54
C ASP AA 35 15.95 -79.02 55.87
N PRO AA 36 17.13 -78.38 56.01
CA PRO AA 36 17.41 -77.07 55.43
C PRO AA 36 17.18 -77.01 53.90
N ASP AA 37 17.42 -78.10 53.17
CA ASP AA 37 17.17 -78.13 51.72
C ASP AA 37 15.66 -78.12 51.40
N ALA AA 38 14.82 -78.86 52.14
CA ALA AA 38 13.37 -78.78 51.99
C ALA AA 38 12.81 -77.40 52.41
N ILE AA 39 13.38 -76.80 53.46
CA ILE AA 39 13.06 -75.41 53.83
C ILE AA 39 13.50 -74.44 52.72
N GLN AA 40 14.67 -74.64 52.10
CA GLN AA 40 15.11 -73.81 50.98
C GLN AA 40 14.19 -73.98 49.76
N ALA AA 41 13.68 -75.18 49.50
CA ALA AA 41 12.66 -75.38 48.47
C ALA AA 41 11.39 -74.58 48.79
N ALA AA 42 10.98 -74.50 50.07
CA ALA AA 42 9.87 -73.64 50.48
C ALA AA 42 10.18 -72.16 50.18
N ALA AA 43 11.39 -71.70 50.48
CA ALA AA 43 11.81 -70.34 50.14
C ALA AA 43 11.77 -70.10 48.62
N GLN AA 44 12.23 -71.05 47.81
CA GLN AA 44 12.17 -70.96 46.34
C GLN AA 44 10.73 -70.97 45.80
N LEU AA 45 9.80 -71.70 46.41
CA LEU AA 45 8.36 -71.58 46.13
C LEU AA 45 7.82 -70.18 46.48
N GLY AA 46 8.32 -69.58 47.56
CA GLY AA 46 8.03 -68.18 47.90
C GLY AA 46 8.56 -67.19 46.85
N GLU AA 47 9.78 -67.38 46.35
CA GLU AA 47 10.35 -66.59 45.25
C GLU AA 47 9.57 -66.78 43.93
N ALA AA 48 9.03 -67.98 43.69
CA ALA AA 48 8.10 -68.25 42.59
C ALA AA 48 6.70 -67.61 42.79
N GLY AA 49 6.44 -66.99 43.95
CA GLY AA 49 5.21 -66.24 44.25
C GLY AA 49 4.08 -67.09 44.82
N ILE AA 50 4.34 -68.34 45.21
CA ILE AA 50 3.34 -69.20 45.86
C ILE AA 50 3.01 -68.64 47.27
N SER AA 51 1.73 -68.59 47.65
CA SER AA 51 1.32 -67.96 48.92
C SER AA 51 1.70 -68.79 50.16
N SER AA 52 1.79 -68.16 51.32
CA SER AA 52 2.22 -68.82 52.56
C SER AA 52 1.33 -70.01 52.94
N GLU AA 53 0.01 -69.86 52.83
CA GLU AA 53 -0.93 -70.93 53.12
C GLU AA 53 -0.78 -72.11 52.14
N GLU AA 54 -0.54 -71.82 50.86
CA GLU AA 54 -0.22 -72.86 49.88
C GLU AA 54 1.09 -73.56 50.18
N ILE AA 55 2.13 -72.84 50.59
CA ILE AA 55 3.42 -73.44 50.94
C ILE AA 55 3.22 -74.38 52.13
N LYS AA 56 2.48 -73.96 53.16
CA LYS AA 56 2.16 -74.80 54.31
C LYS AA 56 1.44 -76.08 53.85
N GLU AA 57 0.45 -75.97 52.98
CA GLU AA 57 -0.20 -77.16 52.44
C GLU AA 57 0.72 -78.00 51.55
N LEU AA 58 1.57 -77.40 50.72
CA LEU AA 58 2.53 -78.09 49.86
C LEU AA 58 3.47 -78.95 50.69
N LEU AA 59 4.08 -78.35 51.72
CA LEU AA 59 4.96 -79.08 52.63
C LEU AA 59 4.18 -80.19 53.37
N ARG AA 60 3.00 -79.86 53.91
CA ARG AA 60 2.18 -80.82 54.65
C ARG AA 60 1.82 -82.02 53.79
N ALA AA 61 1.29 -81.78 52.60
CA ALA AA 61 0.95 -82.82 51.66
C ALA AA 61 2.20 -83.63 51.26
N ALA AA 62 3.31 -82.97 50.92
CA ALA AA 62 4.52 -83.69 50.51
C ALA AA 62 5.00 -84.66 51.60
N HIS AA 63 4.98 -84.24 52.85
CA HIS AA 63 5.31 -85.09 53.99
C HIS AA 63 4.29 -86.21 54.18
N GLU AA 64 2.99 -85.90 54.23
CA GLU AA 64 1.95 -86.91 54.44
C GLU AA 64 1.83 -87.92 53.28
N LEU AA 65 2.17 -87.51 52.05
CA LEU AA 65 2.34 -88.40 50.90
C LEU AA 65 3.62 -89.25 51.00
N GLY AA 66 4.63 -88.78 51.73
CA GLY AA 66 5.95 -89.40 51.77
C GLY AA 66 6.83 -89.07 50.56
N LEU AA 67 6.61 -87.92 49.92
CA LEU AA 67 7.49 -87.45 48.85
C LEU AA 67 8.91 -87.20 49.39
N ASP AA 68 9.91 -87.66 48.66
CA ASP AA 68 11.32 -87.53 49.06
C ASP AA 68 11.88 -86.10 48.85
N PRO AA 69 13.03 -85.77 49.44
CA PRO AA 69 13.64 -84.44 49.31
C PRO AA 69 13.93 -83.99 47.87
N ASP AA 70 14.23 -84.89 46.93
CA ASP AA 70 14.47 -84.49 45.55
C ASP AA 70 13.15 -84.22 44.82
N ALA AA 71 12.08 -84.94 45.14
CA ALA AA 71 10.73 -84.58 44.70
C ALA AA 71 10.32 -83.23 45.32
N ILE AA 72 10.66 -82.97 46.58
CA ILE AA 72 10.45 -81.64 47.18
C ILE AA 72 11.28 -80.58 46.44
N ALA AA 73 12.52 -80.87 46.06
CA ALA AA 73 13.32 -79.94 45.26
C ALA AA 73 12.67 -79.69 43.89
N ALA AA 74 12.15 -80.74 43.26
CA ALA AA 74 11.43 -80.61 41.99
C ALA AA 74 10.14 -79.77 42.14
N ALA AA 75 9.52 -79.73 43.32
CA ALA AA 75 8.39 -78.81 43.55
C ALA AA 75 8.80 -77.35 43.30
N ALA AA 76 9.99 -76.95 43.73
CA ALA AA 76 10.51 -75.62 43.45
C ALA AA 76 10.85 -75.42 41.96
N ASP AA 77 11.28 -76.47 41.24
CA ASP AA 77 11.49 -76.40 39.79
C ASP AA 77 10.17 -76.19 39.04
N LEU AA 78 9.14 -76.98 39.38
CA LEU AA 78 7.79 -76.84 38.85
C LEU AA 78 7.20 -75.46 39.20
N GLY AA 79 7.40 -74.99 40.44
CA GLY AA 79 6.96 -73.67 40.87
C GLY AA 79 7.60 -72.54 40.06
N GLN AA 80 8.91 -72.60 39.85
CA GLN AA 80 9.62 -71.64 38.98
C GLN AA 80 9.18 -71.75 37.51
N ALA AA 81 8.84 -72.95 37.04
CA ALA AA 81 8.19 -73.16 35.74
C ALA AA 81 6.75 -72.59 35.68
N GLY AA 82 6.19 -72.12 36.78
CA GLY AA 82 4.86 -71.50 36.85
C GLY AA 82 3.70 -72.47 37.06
N VAL AA 83 3.98 -73.73 37.44
CA VAL AA 83 2.95 -74.73 37.77
C VAL AA 83 2.25 -74.38 39.09
N SER AA 84 0.93 -74.52 39.16
CA SER AA 84 0.14 -74.16 40.35
C SER AA 84 0.27 -75.19 41.47
N PRO AA 85 0.00 -74.77 42.71
CA PRO AA 85 0.35 -75.55 43.90
C PRO AA 85 -0.33 -76.93 43.96
N VAL AA 86 -1.61 -77.02 43.59
CA VAL AA 86 -2.26 -78.32 43.49
C VAL AA 86 -1.70 -79.12 42.30
N GLU AA 87 -1.39 -78.48 41.16
CA GLU AA 87 -0.81 -79.21 40.03
C GLU AA 87 0.56 -79.79 40.38
N ILE AA 88 1.37 -79.09 41.16
CA ILE AA 88 2.60 -79.65 41.70
C ILE AA 88 2.28 -80.94 42.45
N LEU AA 89 1.38 -80.88 43.43
CA LEU AA 89 1.06 -82.04 44.27
C LEU AA 89 0.50 -83.19 43.44
N ALA AA 90 -0.39 -82.88 42.51
CA ALA AA 90 -0.93 -83.88 41.60
C ALA AA 90 0.17 -84.55 40.78
N LEU AA 91 1.01 -83.76 40.12
CA LEU AA 91 2.05 -84.30 39.25
C LEU AA 91 3.02 -85.17 40.05
N LEU AA 92 3.45 -84.69 41.21
CA LEU AA 92 4.35 -85.47 42.05
C LEU AA 92 3.66 -86.72 42.61
N ILE AA 93 2.41 -86.63 43.08
CA ILE AA 93 1.68 -87.80 43.56
C ILE AA 93 1.55 -88.83 42.45
N ALA AA 94 1.18 -88.40 41.26
CA ALA AA 94 1.05 -89.28 40.12
C ALA AA 94 2.38 -89.99 39.84
N ALA AA 95 3.48 -89.24 39.75
CA ALA AA 95 4.78 -89.83 39.52
C ALA AA 95 5.14 -90.85 40.62
N SER AA 96 4.92 -90.50 41.88
CA SER AA 96 5.16 -91.37 43.02
C SER AA 96 4.32 -92.66 42.96
N VAL AA 97 3.02 -92.56 42.67
CA VAL AA 97 2.14 -93.73 42.61
C VAL AA 97 2.37 -94.59 41.35
N LEU AA 98 2.85 -93.98 40.25
CA LEU AA 98 3.41 -94.72 39.12
C LEU AA 98 4.76 -95.38 39.47
N GLY AA 99 5.37 -95.04 40.61
CA GLY AA 99 6.66 -95.56 41.06
C GLY AA 99 7.87 -94.89 40.39
N LEU AA 100 7.67 -93.74 39.74
CA LEU AA 100 8.70 -93.01 39.02
C LEU AA 100 9.70 -92.31 39.95
N ASP AA 101 10.92 -92.12 39.45
CA ASP AA 101 12.08 -91.67 40.23
C ASP AA 101 12.36 -90.16 40.06
N PRO AA 102 13.27 -89.56 40.86
CA PRO AA 102 13.60 -88.15 40.76
C PRO AA 102 14.06 -87.70 39.37
N ASP AA 103 14.73 -88.55 38.59
CA ASP AA 103 15.11 -88.20 37.22
C ASP AA 103 13.89 -88.11 36.31
N ALA AA 104 12.96 -89.06 36.38
CA ALA AA 104 11.69 -88.96 35.67
C ALA AA 104 10.88 -87.74 36.13
N ILE AA 105 10.87 -87.45 37.43
CA ILE AA 105 10.23 -86.23 37.96
C ILE AA 105 10.94 -84.97 37.43
N GLN AA 106 12.27 -84.95 37.33
CA GLN AA 106 12.99 -83.83 36.74
C GLN AA 106 12.64 -83.67 35.25
N ALA AA 107 12.50 -84.77 34.51
CA ALA AA 107 11.99 -84.72 33.14
C ALA AA 107 10.54 -84.19 33.09
N ALA AA 108 9.70 -84.51 34.07
CA ALA AA 108 8.37 -83.91 34.19
C ALA AA 108 8.45 -82.39 34.46
N ALA AA 109 9.41 -81.94 35.28
CA ALA AA 109 9.67 -80.50 35.44
C ALA AA 109 10.12 -79.87 34.12
N ALA AA 110 10.93 -80.55 33.31
CA ALA AA 110 11.28 -80.10 31.97
C ALA AA 110 10.07 -80.03 31.03
N LEU AA 111 9.13 -80.99 31.09
CA LEU AA 111 7.85 -80.89 30.35
C LEU AA 111 7.02 -79.69 30.83
N GLY AA 112 7.09 -79.36 32.13
CA GLY AA 112 6.51 -78.14 32.69
C GLY AA 112 7.16 -76.88 32.12
N GLU AA 113 8.49 -76.80 32.05
CA GLU AA 113 9.20 -75.68 31.40
C GLU AA 113 8.91 -75.60 29.88
N ALA AA 114 8.69 -76.72 29.21
CA ALA AA 114 8.21 -76.78 27.84
C ALA AA 114 6.72 -76.37 27.69
N GLY AA 115 6.01 -76.15 28.80
CA GLY AA 115 4.62 -75.67 28.79
C GLY AA 115 3.58 -76.74 28.48
N ILE AA 116 3.94 -78.03 28.57
CA ILE AA 116 3.01 -79.14 28.31
C ILE AA 116 1.91 -79.14 29.38
N SER AA 117 0.65 -79.39 29.01
CA SER AA 117 -0.46 -79.41 29.97
C SER AA 117 -0.36 -80.60 30.93
N ALA AA 118 -0.88 -80.46 32.16
CA ALA AA 118 -0.74 -81.51 33.17
C ALA AA 118 -1.39 -82.83 32.73
N GLU AA 119 -2.56 -82.81 32.09
CA GLU AA 119 -3.15 -84.06 31.56
C GLU AA 119 -2.24 -84.71 30.50
N GLU AA 120 -1.60 -83.92 29.64
CA GLU AA 120 -0.64 -84.46 28.67
C GLU AA 120 0.63 -84.99 29.34
N ILE AA 121 1.17 -84.31 30.36
CA ILE AA 121 2.29 -84.85 31.15
C ILE AA 121 1.88 -86.18 31.76
N ILE AA 122 0.71 -86.24 32.39
CA ILE AA 122 0.20 -87.45 33.02
C ILE AA 122 0.02 -88.59 32.01
N GLU AA 123 -0.57 -88.31 30.85
CA GLU AA 123 -0.69 -89.31 29.78
C GLU AA 123 0.68 -89.76 29.26
N LEU AA 124 1.65 -88.84 29.11
CA LEU AA 124 3.01 -89.21 28.71
C LEU AA 124 3.65 -90.13 29.75
N LEU AA 125 3.59 -89.77 31.03
CA LEU AA 125 4.14 -90.61 32.09
C LEU AA 125 3.40 -91.95 32.16
N THR AA 126 2.07 -91.96 32.02
CA THR AA 126 1.28 -93.19 31.97
C THR AA 126 1.70 -94.07 30.80
N ALA AA 127 1.82 -93.50 29.61
CA ALA AA 127 2.26 -94.25 28.43
C ALA AA 127 3.67 -94.80 28.61
N ALA AA 128 4.61 -94.00 29.12
CA ALA AA 128 5.98 -94.45 29.37
C ALA AA 128 6.01 -95.61 30.36
N ARG AA 129 5.18 -95.55 31.41
CA ARG AA 129 5.03 -96.63 32.38
C ARG AA 129 4.45 -97.90 31.74
N ASP AA 130 3.33 -97.80 31.02
CA ASP AA 130 2.67 -98.97 30.42
C ASP AA 130 3.47 -99.60 29.26
N LEU AA 131 4.23 -98.80 28.50
CA LEU AA 131 5.18 -99.29 27.49
C LEU AA 131 6.47 -99.84 28.10
N GLY AA 132 6.75 -99.59 29.39
CA GLY AA 132 7.98 -100.02 30.06
C GLY AA 132 9.23 -99.29 29.57
N LEU AA 133 9.07 -98.02 29.18
CA LEU AA 133 10.17 -97.12 28.80
C LEU AA 133 10.94 -96.61 30.04
N ASP AA 134 11.86 -95.67 29.85
CA ASP AA 134 12.84 -95.24 30.87
C ASP AA 134 13.01 -93.70 30.90
N PRO AA 135 13.64 -93.13 31.96
CA PRO AA 135 13.86 -91.68 32.06
C PRO AA 135 14.54 -91.06 30.84
N ASP AA 136 15.42 -91.78 30.15
CA ASP AA 136 16.01 -91.30 28.89
C ASP AA 136 14.95 -91.16 27.79
N ALA AA 137 14.09 -92.15 27.59
CA ALA AA 137 12.96 -92.02 26.66
C ALA AA 137 12.02 -90.87 27.05
N ILE AA 138 11.74 -90.68 28.34
CA ILE AA 138 10.93 -89.55 28.81
C ILE AA 138 11.65 -88.22 28.53
N GLN AA 139 12.96 -88.13 28.75
CA GLN AA 139 13.74 -86.94 28.44
C GLN AA 139 13.75 -86.65 26.93
N ALA AA 140 13.89 -87.68 26.11
CA ALA AA 140 13.76 -87.53 24.66
C ALA AA 140 12.34 -87.06 24.26
N ALA AA 141 11.29 -87.54 24.92
CA ALA AA 141 9.94 -87.02 24.72
C ALA AA 141 9.85 -85.53 25.07
N ALA AA 142 10.49 -85.10 26.16
CA ALA AA 142 10.59 -83.68 26.48
C ALA AA 142 11.33 -82.89 25.37
N GLN AA 143 12.39 -83.45 24.80
CA GLN AA 143 13.06 -82.84 23.65
C GLN AA 143 12.16 -82.77 22.39
N LEU AA 144 11.31 -83.77 22.14
CA LEU AA 144 10.28 -83.67 21.10
C LEU AA 144 9.26 -82.55 21.39
N GLY AA 145 8.94 -82.34 22.66
CA GLY AA 145 8.14 -81.19 23.10
C GLY AA 145 8.84 -79.86 22.84
N GLU AA 146 10.15 -79.76 23.11
CA GLU AA 146 10.95 -78.57 22.79
C GLU AA 146 11.04 -78.32 21.28
N ALA AA 147 11.07 -79.38 20.46
CA ALA AA 147 10.95 -79.31 19.00
C ALA AA 147 9.53 -78.96 18.52
N GLY AA 148 8.54 -78.88 19.41
CA GLY AA 148 7.17 -78.46 19.11
C GLY AA 148 6.29 -79.56 18.48
N ILE AA 149 6.68 -80.84 18.58
CA ILE AA 149 5.87 -81.96 18.07
C ILE AA 149 4.56 -82.06 18.85
N SER AA 150 3.43 -82.31 18.19
CA SER AA 150 2.14 -82.47 18.87
C SER AA 150 2.13 -83.68 19.81
N SER AA 151 1.40 -83.63 20.92
CA SER AA 151 1.48 -84.66 21.97
C SER AA 151 1.06 -86.05 21.50
N GLU AA 152 0.05 -86.17 20.64
CA GLU AA 152 -0.27 -87.45 20.00
C GLU AA 152 0.88 -87.91 19.08
N GLU AA 153 1.51 -87.02 18.32
CA GLU AA 153 2.66 -87.40 17.50
C GLU AA 153 3.88 -87.79 18.34
N ILE AA 154 4.08 -87.21 19.53
CA ILE AA 154 5.07 -87.70 20.48
C ILE AA 154 4.73 -89.14 20.85
N LYS AA 155 3.48 -89.42 21.23
CA LYS AA 155 3.05 -90.79 21.54
C LYS AA 155 3.20 -91.73 20.34
N GLU AA 156 2.92 -91.28 19.12
CA GLU AA 156 3.16 -92.06 17.89
C GLU AA 156 4.65 -92.33 17.67
N LEU AA 157 5.52 -91.32 17.83
CA LEU AA 157 6.97 -91.49 17.67
C LEU AA 157 7.54 -92.42 18.74
N LEU AA 158 7.09 -92.29 19.99
CA LEU AA 158 7.45 -93.24 21.05
C LEU AA 158 6.95 -94.65 20.70
N ARG AA 159 5.68 -94.79 20.28
CA ARG AA 159 5.11 -96.08 19.89
C ARG AA 159 5.90 -96.72 18.74
N ALA AA 160 6.24 -95.93 17.72
CA ALA AA 160 7.07 -96.40 16.61
C ALA AA 160 8.46 -96.81 17.11
N ALA AA 161 9.15 -95.96 17.86
CA ALA AA 161 10.49 -96.27 18.36
C ALA AA 161 10.50 -97.52 19.25
N HIS AA 162 9.45 -97.71 20.05
CA HIS AA 162 9.23 -98.89 20.90
C HIS AA 162 9.00 -100.15 20.06
N GLU AA 163 8.03 -100.13 19.14
CA GLU AA 163 7.76 -101.26 18.23
C GLU AA 163 8.99 -101.63 17.38
N LEU AA 164 9.79 -100.63 16.99
CA LEU AA 164 11.02 -100.80 16.23
C LEU AA 164 12.26 -101.06 17.09
N GLY AA 165 12.17 -101.07 18.42
CA GLY AA 165 13.31 -101.30 19.32
C GLY AA 165 14.49 -100.34 19.10
N LEU AA 166 14.22 -99.06 18.82
CA LEU AA 166 15.24 -98.01 18.67
C LEU AA 166 15.66 -97.45 20.05
N ASP AA 167 16.90 -96.97 20.16
CA ASP AA 167 17.41 -96.34 21.39
C ASP AA 167 17.01 -94.85 21.52
N PRO AA 168 16.90 -94.31 22.76
CA PRO AA 168 16.54 -92.92 23.01
C PRO AA 168 17.41 -91.89 22.29
N ASP AA 169 18.68 -92.21 22.00
CA ASP AA 169 19.57 -91.32 21.25
C ASP AA 169 19.01 -91.02 19.85
N CYS AA 170 18.38 -91.99 19.20
CA CYS AA 170 17.71 -91.78 17.92
C CYS AA 170 16.48 -90.87 18.08
N ILE AA 171 15.74 -91.01 19.19
CA ILE AA 171 14.60 -90.13 19.50
C ILE AA 171 15.10 -88.69 19.74
N ALA AA 172 16.22 -88.53 20.45
CA ALA AA 172 16.86 -87.24 20.64
C ALA AA 172 17.33 -86.62 19.31
N ALA AA 173 17.95 -87.41 18.43
CA ALA AA 173 18.30 -86.95 17.09
C ALA AA 173 17.07 -86.59 16.24
N ALA AA 174 15.98 -87.36 16.32
CA ALA AA 174 14.74 -87.10 15.59
C ALA AA 174 14.11 -85.76 15.95
N ALA AA 175 14.32 -85.24 17.16
CA ALA AA 175 13.86 -83.91 17.54
C ALA AA 175 14.44 -82.80 16.64
N ASP AA 176 15.69 -82.95 16.17
CA ASP AA 176 16.27 -82.01 15.21
C ASP AA 176 15.69 -82.14 13.79
N LEU AA 177 15.19 -83.32 13.40
CA LEU AA 177 14.37 -83.43 12.18
C LEU AA 177 13.02 -82.70 12.38
N GLY AA 178 12.49 -82.69 13.60
CA GLY AA 178 11.38 -81.81 13.99
C GLY AA 178 11.73 -80.33 13.85
N GLN AA 179 12.90 -79.90 14.34
CA GLN AA 179 13.39 -78.52 14.14
C GLN AA 179 13.61 -78.18 12.65
N ALA AA 180 14.04 -79.14 11.83
CA ALA AA 180 14.13 -79.00 10.38
C ALA AA 180 12.76 -79.00 9.65
N GLY AA 181 11.65 -79.20 10.36
CA GLY AA 181 10.29 -79.15 9.82
C GLY AA 181 9.81 -80.43 9.13
N ILE AA 182 10.52 -81.55 9.28
CA ILE AA 182 10.14 -82.83 8.67
C ILE AA 182 8.88 -83.41 9.36
N SER AA 183 7.94 -83.96 8.58
CA SER AA 183 6.70 -84.55 9.14
C SER AA 183 6.95 -85.83 9.93
N SER AA 184 6.07 -86.18 10.87
CA SER AA 184 6.26 -87.37 11.74
C SER AA 184 6.34 -88.69 10.95
N SER AA 185 5.62 -88.82 9.84
CA SER AA 185 5.74 -89.97 8.93
C SER AA 185 7.12 -90.04 8.26
N GLU AA 186 7.60 -88.90 7.74
CA GLU AA 186 8.92 -88.82 7.11
C GLU AA 186 10.06 -88.98 8.13
N ILE AA 187 9.94 -88.45 9.33
CA ILE AA 187 10.87 -88.73 10.44
C ILE AA 187 10.92 -90.24 10.69
N THR AA 188 9.77 -90.90 10.73
CA THR AA 188 9.71 -92.36 10.90
C THR AA 188 10.43 -93.08 9.76
N ALA AA 189 10.20 -92.68 8.51
CA ALA AA 189 10.92 -93.24 7.37
C ALA AA 189 12.43 -93.01 7.49
N LEU AA 190 12.88 -91.81 7.89
CA LEU AA 190 14.29 -91.50 8.06
C LEU AA 190 14.93 -92.29 9.20
N LEU AA 191 14.22 -92.46 10.32
CA LEU AA 191 14.63 -93.35 11.40
C LEU AA 191 14.81 -94.78 10.87
N LEU AA 192 13.84 -95.30 10.12
CA LEU AA 192 13.92 -96.63 9.53
C LEU AA 192 15.10 -96.77 8.57
N ALA AA 193 15.29 -95.83 7.64
CA ALA AA 193 16.39 -95.86 6.68
C ALA AA 193 17.76 -95.78 7.38
N ALA AA 194 17.93 -94.86 8.33
CA ALA AA 194 19.16 -94.71 9.09
C ALA AA 194 19.50 -96.00 9.85
N ALA AA 195 18.52 -96.57 10.57
CA ALA AA 195 18.71 -97.83 11.28
C ALA AA 195 19.05 -98.98 10.32
N ALA AA 196 18.31 -99.15 9.22
CA ALA AA 196 18.55 -100.21 8.24
C ALA AA 196 19.96 -100.13 7.66
N ILE AA 197 20.44 -98.93 7.32
CA ILE AA 197 21.76 -98.75 6.74
C ILE AA 197 22.86 -98.93 7.81
N GLU AA 198 22.68 -98.45 9.04
CA GLU AA 198 23.63 -98.77 10.11
C GLU AA 198 23.70 -100.29 10.38
N LEU AA 199 22.55 -100.97 10.45
CA LEU AA 199 22.52 -102.43 10.60
C LEU AA 199 23.23 -103.13 9.45
N ALA AA 200 22.99 -102.72 8.20
CA ALA AA 200 23.66 -103.28 7.02
C ALA AA 200 25.17 -103.01 6.97
N LYS AA 201 25.67 -101.98 7.68
CA LYS AA 201 27.10 -101.70 7.86
C LYS AA 201 27.74 -102.48 9.01
N ARG AA 202 27.01 -102.63 10.12
CA ARG AA 202 27.44 -103.43 11.29
C ARG AA 202 27.47 -104.92 10.97
N ALA AA 203 26.50 -105.41 10.19
CA ALA AA 203 26.54 -106.71 9.53
C ALA AA 203 27.45 -106.67 8.28
N ASP AA 204 27.99 -107.83 7.88
CA ASP AA 204 28.83 -107.99 6.70
C ASP AA 204 28.11 -108.65 5.50
N ASP AA 205 26.85 -109.05 5.66
CA ASP AA 205 26.15 -109.90 4.70
C ASP AA 205 25.73 -109.17 3.41
N LYS AA 206 26.20 -109.64 2.26
CA LYS AA 206 25.78 -109.19 0.93
C LYS AA 206 24.26 -109.22 0.76
N ASP AA 207 23.57 -110.21 1.31
CA ASP AA 207 22.11 -110.34 1.15
C ASP AA 207 21.35 -109.28 1.94
N VAL AA 208 21.79 -108.98 3.17
CA VAL AA 208 21.27 -107.83 3.93
C VAL AA 208 21.54 -106.53 3.19
N ARG AA 209 22.76 -106.36 2.68
CA ARG AA 209 23.16 -105.16 1.94
C ARG AA 209 22.35 -104.99 0.65
N GLU AA 210 22.09 -106.07 -0.09
CA GLU AA 210 21.20 -106.06 -1.26
C GLU AA 210 19.75 -105.74 -0.88
N ILE AA 211 19.20 -106.40 0.15
CA ILE AA 211 17.83 -106.16 0.61
C ILE AA 211 17.65 -104.70 1.04
N VAL AA 212 18.55 -104.15 1.86
CA VAL AA 212 18.46 -102.76 2.31
C VAL AA 212 18.54 -101.80 1.12
N ARG AA 213 19.45 -102.01 0.17
CA ARG AA 213 19.51 -101.23 -1.07
C ARG AA 213 18.20 -101.32 -1.85
N ASP AA 214 17.71 -102.52 -2.10
CA ASP AA 214 16.52 -102.73 -2.92
C ASP AA 214 15.27 -102.14 -2.25
N ALA AA 215 15.17 -102.24 -0.93
CA ALA AA 215 14.12 -101.60 -0.16
C ALA AA 215 14.21 -100.06 -0.24
N LEU AA 216 15.42 -99.49 -0.09
CA LEU AA 216 15.62 -98.05 -0.26
C LEU AA 216 15.27 -97.60 -1.69
N GLU AA 217 15.60 -98.40 -2.71
CA GLU AA 217 15.18 -98.10 -4.08
C GLU AA 217 13.65 -98.11 -4.19
N LEU AA 218 12.98 -99.18 -3.74
CA LEU AA 218 11.53 -99.30 -3.81
C LEU AA 218 10.84 -98.14 -3.06
N ALA AA 219 11.33 -97.80 -1.87
CA ALA AA 219 10.84 -96.68 -1.08
C ALA AA 219 11.09 -95.32 -1.78
N SER AA 220 12.20 -95.15 -2.49
CA SER AA 220 12.46 -93.94 -3.28
C SER AA 220 11.57 -93.84 -4.51
N ARG AA 221 11.23 -94.98 -5.13
CA ARG AA 221 10.37 -95.06 -6.32
C ARG AA 221 8.88 -94.90 -6.00
N SER AA 222 8.39 -95.47 -4.91
CA SER AA 222 6.96 -95.46 -4.56
C SER AA 222 6.46 -94.08 -4.09
N THR AA 223 5.25 -93.69 -4.50
CA THR AA 223 4.58 -92.45 -4.07
C THR AA 223 3.68 -92.64 -2.83
N ASN AA 224 3.66 -93.81 -2.19
CA ASN AA 224 2.79 -94.13 -1.05
C ASN AA 224 3.60 -94.37 0.25
N ASP AA 225 3.37 -93.58 1.30
CA ASP AA 225 4.18 -93.72 2.53
C ASP AA 225 3.88 -94.99 3.35
N GLU AA 226 2.74 -95.67 3.11
CA GLU AA 226 2.49 -96.99 3.68
C GLU AA 226 3.46 -98.01 3.11
N VAL AA 227 3.66 -97.98 1.79
CA VAL AA 227 4.68 -98.80 1.14
C VAL AA 227 6.07 -98.43 1.63
N ILE AA 228 6.38 -97.13 1.81
CA ILE AA 228 7.68 -96.70 2.35
C ILE AA 228 7.90 -97.29 3.74
N ARG AA 229 6.94 -97.13 4.66
CA ARG AA 229 7.06 -97.64 6.02
C ARG AA 229 7.14 -99.16 6.03
N LEU AA 230 6.33 -99.86 5.22
CA LEU AA 230 6.43 -101.32 5.05
C LEU AA 230 7.84 -101.74 4.57
N ALA AA 231 8.36 -101.12 3.51
CA ALA AA 231 9.64 -101.49 2.93
C ALA AA 231 10.80 -101.19 3.89
N LEU AA 232 10.81 -100.03 4.56
CA LEU AA 232 11.91 -99.67 5.45
C LEU AA 232 11.82 -100.38 6.81
N GLU AA 233 10.62 -100.74 7.28
CA GLU AA 233 10.48 -101.67 8.41
C GLU AA 233 10.97 -103.07 8.03
N ALA AA 234 10.64 -103.57 6.84
CA ALA AA 234 11.18 -104.84 6.35
C ALA AA 234 12.71 -104.78 6.26
N ALA AA 235 13.27 -103.65 5.82
CA ALA AA 235 14.71 -103.44 5.77
C ALA AA 235 15.36 -103.51 7.17
N VAL AA 236 14.77 -102.87 8.19
CA VAL AA 236 15.25 -102.97 9.59
C VAL AA 236 15.15 -104.41 10.10
N LEU AA 237 14.00 -105.06 9.91
CA LEU AA 237 13.80 -106.44 10.38
C LEU AA 237 14.77 -107.41 9.71
N ALA AA 238 14.90 -107.36 8.38
CA ALA AA 238 15.82 -108.20 7.66
C ALA AA 238 17.28 -107.94 8.08
N ALA AA 239 17.66 -106.69 8.33
CA ALA AA 239 19.02 -106.35 8.75
C ALA AA 239 19.33 -106.73 10.21
N ARG AA 240 18.32 -106.88 11.09
CA ARG AA 240 18.47 -107.54 12.40
C ARG AA 240 18.44 -109.07 12.32
N SER AA 241 17.78 -109.63 11.32
CA SER AA 241 17.78 -111.07 11.05
C SER AA 241 19.16 -111.57 10.58
N THR AA 242 19.43 -112.85 10.80
CA THR AA 242 20.57 -113.58 10.20
C THR AA 242 20.10 -114.91 9.59
N ASP AA 243 18.81 -115.01 9.22
CA ASP AA 243 18.20 -116.24 8.73
C ASP AA 243 17.98 -116.18 7.22
N SER AA 244 18.60 -117.12 6.49
CA SER AA 244 18.47 -117.23 5.04
C SER AA 244 17.03 -117.38 4.57
N ASP AA 245 16.14 -118.02 5.34
CA ASP AA 245 14.72 -118.09 4.95
C ASP AA 245 14.08 -116.70 4.96
N VAL AA 246 14.27 -115.91 6.01
CA VAL AA 246 13.74 -114.54 6.09
C VAL AA 246 14.35 -113.69 4.99
N LEU AA 247 15.66 -113.78 4.77
CA LEU AA 247 16.32 -113.04 3.70
C LEU AA 247 15.77 -113.43 2.32
N GLU AA 248 15.61 -114.72 2.03
CA GLU AA 248 15.04 -115.19 0.76
C GLU AA 248 13.59 -114.73 0.59
N ILE AA 249 12.76 -114.87 1.63
CA ILE AA 249 11.39 -114.36 1.63
C ILE AA 249 11.35 -112.86 1.35
N VAL AA 250 12.19 -112.07 2.03
CA VAL AA 250 12.21 -110.62 1.83
C VAL AA 250 12.74 -110.26 0.43
N LYS AA 251 13.79 -110.93 -0.06
CA LYS AA 251 14.32 -110.69 -1.41
C LYS AA 251 13.28 -111.07 -2.49
N ASP AA 252 12.57 -112.17 -2.33
CA ASP AA 252 11.46 -112.54 -3.21
C ASP AA 252 10.31 -111.51 -3.16
N ALA AA 253 9.92 -111.06 -1.97
CA ALA AA 253 8.87 -110.05 -1.83
C ALA AA 253 9.26 -108.71 -2.48
N LEU AA 254 10.51 -108.26 -2.29
CA LEU AA 254 11.00 -107.05 -2.93
C LEU AA 254 11.07 -107.21 -4.46
N GLU AA 255 11.49 -108.38 -4.96
CA GLU AA 255 11.50 -108.66 -6.40
C GLU AA 255 10.08 -108.63 -6.98
N LEU AA 256 9.11 -109.29 -6.34
CA LEU AA 256 7.70 -109.20 -6.73
C LEU AA 256 7.20 -107.75 -6.71
N ALA AA 257 7.55 -106.98 -5.68
CA ALA AA 257 7.17 -105.57 -5.55
C ALA AA 257 7.89 -104.64 -6.56
N LYS AA 258 9.05 -105.02 -7.07
CA LYS AA 258 9.75 -104.33 -8.15
C LYS AA 258 9.20 -104.73 -9.53
N GLN AA 259 8.71 -105.97 -9.67
CA GLN AA 259 8.08 -106.48 -10.89
C GLN AA 259 6.68 -105.92 -11.13
N SER AA 260 5.75 -106.12 -10.20
CA SER AA 260 4.36 -105.62 -10.34
C SER AA 260 4.28 -104.11 -10.03
N THR AA 261 3.46 -103.37 -10.76
CA THR AA 261 3.11 -101.97 -10.47
C THR AA 261 1.93 -101.83 -9.49
N ASN AA 262 1.26 -102.92 -9.12
CA ASN AA 262 0.03 -102.93 -8.33
C ASN AA 262 0.29 -102.71 -6.83
N GLU AA 263 -0.17 -101.58 -6.28
CA GLU AA 263 0.01 -101.25 -4.86
C GLU AA 263 -0.57 -102.30 -3.92
N GLU AA 264 -1.65 -103.01 -4.28
CA GLU AA 264 -2.21 -104.05 -3.43
C GLU AA 264 -1.28 -105.27 -3.35
N VAL AA 265 -0.75 -105.73 -4.49
CA VAL AA 265 0.26 -106.80 -4.50
C VAL AA 265 1.50 -106.36 -3.73
N ILE AA 266 1.98 -105.13 -3.94
CA ILE AA 266 3.14 -104.58 -3.22
C ILE AA 266 2.89 -104.60 -1.70
N LYS AA 267 1.76 -104.05 -1.24
CA LYS AA 267 1.42 -104.00 0.19
C LYS AA 267 1.29 -105.41 0.77
N LEU AA 268 0.59 -106.31 0.07
CA LEU AA 268 0.43 -107.70 0.52
C LEU AA 268 1.76 -108.43 0.61
N ALA AA 269 2.63 -108.31 -0.40
CA ALA AA 269 3.94 -108.98 -0.43
C ALA AA 269 4.85 -108.47 0.71
N LEU AA 270 4.93 -107.15 0.89
CA LEU AA 270 5.71 -106.57 1.99
C LEU AA 270 5.12 -106.92 3.36
N LYS AA 271 3.79 -106.83 3.56
CA LYS AA 271 3.16 -107.20 4.83
C LYS AA 271 3.35 -108.68 5.16
N ALA AA 272 3.23 -109.59 4.19
CA ALA AA 272 3.53 -111.00 4.38
C ALA AA 272 4.99 -111.21 4.82
N ALA AA 273 5.96 -110.58 4.15
CA ALA AA 273 7.36 -110.64 4.53
C ALA AA 273 7.63 -110.04 5.93
N VAL AA 274 7.03 -108.89 6.26
CA VAL AA 274 7.15 -108.25 7.58
C VAL AA 274 6.60 -109.15 8.68
N LEU AA 275 5.40 -109.73 8.51
CA LEU AA 275 4.83 -110.67 9.47
C LEU AA 275 5.69 -111.93 9.60
N ALA AA 276 6.20 -112.47 8.49
CA ALA AA 276 7.15 -113.58 8.53
C ALA AA 276 8.45 -113.23 9.29
N ALA AA 277 8.97 -112.01 9.13
CA ALA AA 277 10.18 -111.55 9.80
C ALA AA 277 9.98 -111.22 11.29
N LYS AA 278 8.79 -110.75 11.70
CA LYS AA 278 8.41 -110.61 13.12
C LYS AA 278 8.16 -111.95 13.79
N SER AA 279 7.56 -112.89 13.06
CA SER AA 279 7.24 -114.26 13.52
C SER AA 279 8.47 -115.17 13.63
N THR AA 280 8.28 -116.38 14.16
CA THR AA 280 9.33 -117.40 14.36
C THR AA 280 8.93 -118.80 13.93
N ASP AA 281 7.68 -119.02 13.49
CA ASP AA 281 7.18 -120.36 13.15
C ASP AA 281 7.70 -120.85 11.78
N GLU AA 282 8.48 -121.92 11.79
CA GLU AA 282 9.06 -122.54 10.59
C GLU AA 282 8.00 -123.02 9.58
N GLU AA 283 6.81 -123.43 10.04
CA GLU AA 283 5.72 -123.84 9.15
C GLU AA 283 5.10 -122.63 8.43
N VAL AA 284 4.99 -121.49 9.13
CA VAL AA 284 4.57 -120.22 8.51
C VAL AA 284 5.63 -119.72 7.54
N LEU AA 285 6.91 -119.80 7.90
CA LEU AA 285 8.00 -119.45 6.99
C LEU AA 285 7.98 -120.33 5.73
N GLU AA 286 7.77 -121.64 5.86
CA GLU AA 286 7.63 -122.53 4.71
C GLU AA 286 6.41 -122.16 3.86
N GLU AA 287 5.22 -121.98 4.46
CA GLU AA 287 4.03 -121.59 3.71
C GLU AA 287 4.17 -120.21 3.05
N VAL AA 288 4.84 -119.23 3.67
CA VAL AA 288 5.11 -117.92 3.06
C VAL AA 288 6.10 -118.06 1.91
N LYS AA 289 7.15 -118.87 2.05
CA LYS AA 289 8.07 -119.18 0.95
C LYS AA 289 7.33 -119.84 -0.21
N GLU AA 290 6.46 -120.80 0.09
CA GLU AA 290 5.62 -121.44 -0.93
C GLU AA 290 4.62 -120.47 -1.56
N ALA AA 291 3.98 -119.58 -0.79
CA ALA AA 291 3.10 -118.56 -1.35
C ALA AA 291 3.84 -117.64 -2.33
N LEU AA 292 5.05 -117.21 -1.97
CA LEU AA 292 5.90 -116.44 -2.88
C LEU AA 292 6.36 -117.27 -4.09
N ARG AA 293 6.65 -118.57 -3.93
CA ARG AA 293 6.94 -119.47 -5.06
C ARG AA 293 5.74 -119.57 -6.01
N ARG AA 294 4.53 -119.83 -5.48
CA ARG AA 294 3.29 -119.84 -6.26
C ARG AA 294 3.08 -118.51 -6.99
N ALA AA 295 3.34 -117.38 -6.31
CA ALA AA 295 3.23 -116.06 -6.91
C ALA AA 295 4.23 -115.80 -8.05
N LYS AA 296 5.49 -116.23 -7.92
CA LYS AA 296 6.50 -116.11 -8.98
C LYS AA 296 6.24 -117.04 -10.17
N GLU AA 297 5.72 -118.24 -9.92
CA GLU AA 297 5.34 -119.20 -10.97
C GLU AA 297 4.03 -118.82 -11.69
N SER AA 298 3.11 -118.14 -11.01
CA SER AA 298 1.84 -117.65 -11.57
C SER AA 298 2.02 -116.39 -12.44
N THR AA 299 1.02 -116.13 -13.29
CA THR AA 299 0.90 -114.93 -14.14
C THR AA 299 -0.37 -114.12 -13.85
N ASP AA 300 -1.20 -114.52 -12.88
CA ASP AA 300 -2.48 -113.85 -12.56
C ASP AA 300 -2.46 -113.19 -11.17
N GLU AA 301 -2.66 -111.88 -11.11
CA GLU AA 301 -2.70 -111.16 -9.83
C GLU AA 301 -3.94 -111.53 -8.98
N GLU AA 302 -5.00 -112.08 -9.57
CA GLU AA 302 -6.13 -112.63 -8.81
C GLU AA 302 -5.76 -113.94 -8.08
N GLU AA 303 -4.70 -114.65 -8.49
CA GLU AA 303 -4.11 -115.72 -7.69
C GLU AA 303 -3.15 -115.15 -6.65
N ILE AA 304 -2.24 -114.26 -7.06
CA ILE AA 304 -1.18 -113.70 -6.19
C ILE AA 304 -1.76 -113.02 -4.94
N LYS AA 305 -2.77 -112.16 -5.12
CA LYS AA 305 -3.41 -111.44 -4.00
C LYS AA 305 -4.04 -112.41 -2.99
N GLU AA 306 -4.71 -113.46 -3.46
CA GLU AA 306 -5.34 -114.45 -2.56
C GLU AA 306 -4.31 -115.35 -1.87
N GLU AA 307 -3.27 -115.81 -2.58
CA GLU AA 307 -2.18 -116.59 -1.96
C GLU AA 307 -1.47 -115.80 -0.86
N LEU AA 308 -1.26 -114.49 -1.04
CA LEU AA 308 -0.71 -113.62 0.00
C LEU AA 308 -1.74 -113.34 1.11
N ARG AA 309 -2.99 -113.00 0.78
CA ARG AA 309 -4.05 -112.70 1.78
C ARG AA 309 -4.27 -113.87 2.74
N LYS AA 310 -4.31 -115.11 2.24
CA LYS AA 310 -4.51 -116.31 3.09
C LYS AA 310 -3.44 -116.45 4.18
N ALA AA 311 -2.19 -116.09 3.88
CA ALA AA 311 -1.13 -116.01 4.90
C ALA AA 311 -1.29 -114.78 5.80
N VAL AA 312 -1.48 -113.59 5.21
CA VAL AA 312 -1.54 -112.31 5.95
C VAL AA 312 -2.66 -112.30 7.00
N GLU AA 313 -3.88 -112.70 6.62
CA GLU AA 313 -5.02 -112.70 7.55
C GLU AA 313 -4.96 -113.81 8.62
N GLU AA 314 -4.11 -114.83 8.46
CA GLU AA 314 -3.81 -115.82 9.51
C GLU AA 314 -2.68 -115.34 10.44
N ALA AA 315 -1.69 -114.58 9.93
CA ALA AA 315 -0.51 -114.14 10.67
C ALA AA 315 -0.69 -112.81 11.46
N GLU AA 316 -1.66 -111.96 11.11
CA GLU AA 316 -1.96 -110.68 11.80
C GLU AA 316 -2.39 -110.83 13.27
N CYS BA 3 95.00 9.68 -20.76
CA CYS BA 3 93.55 9.74 -20.50
C CYS BA 3 92.79 8.47 -20.91
N ASP BA 4 92.97 7.97 -22.13
CA ASP BA 4 92.18 6.88 -22.73
C ASP BA 4 91.99 5.66 -21.81
N ALA BA 5 93.01 5.23 -21.05
CA ALA BA 5 92.88 4.09 -20.16
C ALA BA 5 91.97 4.37 -18.94
N ILE BA 6 91.94 5.62 -18.46
CA ILE BA 6 90.97 6.04 -17.44
C ILE BA 6 89.55 6.00 -18.04
N GLN BA 7 89.38 6.48 -19.27
CA GLN BA 7 88.09 6.46 -19.95
C GLN BA 7 87.59 5.02 -20.18
N ALA BA 8 88.49 4.10 -20.53
CA ALA BA 8 88.17 2.68 -20.63
C ALA BA 8 87.72 2.11 -19.28
N ALA BA 9 88.39 2.45 -18.19
CA ALA BA 9 87.95 2.07 -16.85
C ALA BA 9 86.58 2.69 -16.51
N ALA BA 10 86.31 3.93 -16.91
CA ALA BA 10 84.98 4.54 -16.74
C ALA BA 10 83.89 3.79 -17.51
N ALA BA 11 84.15 3.35 -18.75
CA ALA BA 11 83.22 2.52 -19.48
C ALA BA 11 82.94 1.18 -18.75
N LEU BA 12 83.97 0.51 -18.23
CA LEU BA 12 83.80 -0.72 -17.44
C LEU BA 12 83.08 -0.47 -16.10
N GLY BA 13 83.29 0.68 -15.48
CA GLY BA 13 82.57 1.09 -14.27
C GLY BA 13 81.08 1.37 -14.53
N GLU BA 14 80.75 2.03 -15.65
CA GLU BA 14 79.36 2.21 -16.09
C GLU BA 14 78.68 0.89 -16.49
N ALA BA 15 79.44 -0.08 -17.01
CA ALA BA 15 78.99 -1.46 -17.20
C ALA BA 15 78.85 -2.25 -15.88
N GLY BA 16 79.26 -1.70 -14.74
CA GLY BA 16 79.11 -2.30 -13.40
C GLY BA 16 80.19 -3.32 -13.03
N ILE BA 17 81.31 -3.38 -13.76
CA ILE BA 17 82.43 -4.30 -13.46
C ILE BA 17 83.14 -3.83 -12.19
N SER BA 18 83.43 -4.76 -11.25
CA SER BA 18 84.05 -4.39 -9.97
C SER BA 18 85.53 -4.01 -10.13
N SER BA 19 86.08 -3.31 -9.14
CA SER BA 19 87.46 -2.78 -9.22
C SER BA 19 88.53 -3.87 -9.39
N ASN BA 20 88.49 -4.96 -8.62
CA ASN BA 20 89.42 -6.08 -8.80
C ASN BA 20 89.27 -6.72 -10.20
N GLU BA 21 88.05 -6.81 -10.74
CA GLU BA 21 87.84 -7.30 -12.11
C GLU BA 21 88.43 -6.35 -13.16
N ILE BA 22 88.22 -5.03 -13.02
CA ILE BA 22 88.83 -4.06 -13.93
C ILE BA 22 90.35 -4.17 -13.88
N LEU BA 23 90.94 -4.27 -12.69
CA LEU BA 23 92.39 -4.44 -12.55
C LEU BA 23 92.87 -5.75 -13.18
N GLU BA 24 92.16 -6.86 -13.02
CA GLU BA 24 92.50 -8.14 -13.67
C GLU BA 24 92.40 -8.03 -15.20
N LEU BA 25 91.34 -7.39 -15.72
CA LEU BA 25 91.16 -7.15 -17.15
C LEU BA 25 92.28 -6.26 -17.70
N LEU BA 26 92.64 -5.20 -16.98
CA LEU BA 26 93.79 -4.38 -17.31
C LEU BA 26 95.10 -5.18 -17.25
N ALA BA 27 95.26 -6.11 -16.30
CA ALA BA 27 96.45 -6.98 -16.22
C ALA BA 27 96.59 -7.83 -17.49
N ALA BA 28 95.49 -8.41 -17.96
CA ALA BA 28 95.47 -9.12 -19.24
C ALA BA 28 95.79 -8.16 -20.40
N ALA BA 29 95.12 -7.01 -20.48
CA ALA BA 29 95.35 -6.07 -21.58
C ALA BA 29 96.82 -5.63 -21.69
N ALA BA 30 97.46 -5.39 -20.55
CA ALA BA 30 98.87 -5.02 -20.46
C ALA BA 30 99.80 -6.17 -20.91
N GLU BA 31 99.59 -7.40 -20.42
CA GLU BA 31 100.37 -8.57 -20.84
C GLU BA 31 100.28 -8.79 -22.35
N LEU BA 32 99.06 -8.71 -22.87
CA LEU BA 32 98.75 -8.97 -24.28
C LEU BA 32 99.04 -7.75 -25.18
N GLY BA 33 99.48 -6.62 -24.61
CA GLY BA 33 99.85 -5.42 -25.36
C GLY BA 33 98.69 -4.75 -26.11
N LEU BA 34 97.44 -5.01 -25.71
CA LEU BA 34 96.25 -4.56 -26.43
C LEU BA 34 96.03 -3.04 -26.30
N ASP BA 35 95.62 -2.40 -27.38
CA ASP BA 35 95.46 -0.94 -27.47
C ASP BA 35 94.13 -0.44 -26.87
N PRO BA 36 93.98 0.88 -26.63
CA PRO BA 36 92.78 1.44 -26.00
C PRO BA 36 91.47 1.11 -26.72
N ASP BA 37 91.48 1.03 -28.05
CA ASP BA 37 90.26 0.73 -28.83
C ASP BA 37 89.93 -0.77 -28.79
N ALA BA 38 90.92 -1.66 -28.75
CA ALA BA 38 90.70 -3.09 -28.48
C ALA BA 38 90.15 -3.30 -27.05
N ILE BA 39 90.65 -2.54 -26.06
CA ILE BA 39 90.09 -2.54 -24.71
C ILE BA 39 88.67 -1.96 -24.71
N GLN BA 40 88.40 -0.90 -25.49
CA GLN BA 40 87.06 -0.35 -25.62
C GLN BA 40 86.08 -1.36 -26.25
N ALA BA 41 86.52 -2.13 -27.23
CA ALA BA 41 85.72 -3.24 -27.77
C ALA BA 41 85.43 -4.32 -26.71
N ALA BA 42 86.41 -4.61 -25.83
CA ALA BA 42 86.17 -5.48 -24.67
C ALA BA 42 85.13 -4.86 -23.71
N ALA BA 43 85.19 -3.56 -23.47
CA ALA BA 43 84.15 -2.87 -22.70
C ALA BA 43 82.77 -2.94 -23.38
N GLN BA 44 82.70 -2.82 -24.71
CA GLN BA 44 81.46 -2.97 -25.48
C GLN BA 44 80.91 -4.40 -25.42
N LEU BA 45 81.76 -5.42 -25.36
CA LEU BA 45 81.33 -6.80 -25.07
C LEU BA 45 80.76 -6.90 -23.64
N GLY BA 46 81.34 -6.20 -22.66
CA GLY BA 46 80.76 -6.04 -21.32
C GLY BA 46 79.39 -5.34 -21.33
N GLU BA 47 79.23 -4.27 -22.11
CA GLU BA 47 77.93 -3.60 -22.31
C GLU BA 47 76.90 -4.52 -22.98
N ALA BA 48 77.33 -5.40 -23.89
CA ALA BA 48 76.51 -6.48 -24.45
C ALA BA 48 76.21 -7.62 -23.45
N GLY BA 49 76.71 -7.54 -22.22
CA GLY BA 49 76.43 -8.48 -21.12
C GLY BA 49 77.38 -9.68 -21.05
N ILE BA 50 78.43 -9.72 -21.87
CA ILE BA 50 79.45 -10.77 -21.81
C ILE BA 50 80.21 -10.65 -20.47
N SER BA 51 80.39 -11.75 -19.74
CA SER BA 51 80.98 -11.70 -18.39
C SER BA 51 82.47 -11.35 -18.40
N SER BA 52 82.97 -10.84 -17.27
CA SER BA 52 84.40 -10.55 -17.09
C SER BA 52 85.28 -11.79 -17.33
N GLU BA 53 84.83 -12.96 -16.89
CA GLU BA 53 85.49 -14.23 -17.16
C GLU BA 53 85.59 -14.51 -18.66
N GLU BA 54 84.48 -14.41 -19.40
CA GLU BA 54 84.49 -14.58 -20.86
C GLU BA 54 85.38 -13.55 -21.55
N ILE BA 55 85.36 -12.29 -21.09
CA ILE BA 55 86.20 -11.25 -21.68
C ILE BA 55 87.68 -11.64 -21.53
N LYS BA 56 88.11 -12.19 -20.40
CA LYS BA 56 89.48 -12.67 -20.25
C LYS BA 56 89.82 -13.76 -21.28
N GLU BA 57 88.88 -14.65 -21.60
CA GLU BA 57 89.09 -15.61 -22.68
C GLU BA 57 89.12 -14.95 -24.06
N LEU BA 58 88.22 -13.98 -24.32
CA LEU BA 58 88.18 -13.25 -25.58
C LEU BA 58 89.49 -12.48 -25.82
N LEU BA 59 89.98 -11.78 -24.81
CA LEU BA 59 91.26 -11.11 -24.82
C LEU BA 59 92.39 -12.11 -25.10
N ARG BA 60 92.46 -13.21 -24.35
CA ARG BA 60 93.49 -14.25 -24.52
C ARG BA 60 93.49 -14.78 -25.96
N ALA BA 61 92.33 -15.20 -26.44
CA ALA BA 61 92.21 -15.81 -27.75
C ALA BA 61 92.60 -14.84 -28.87
N ALA BA 62 92.18 -13.57 -28.78
CA ALA BA 62 92.53 -12.59 -29.79
C ALA BA 62 94.04 -12.46 -29.96
N HIS BA 63 94.79 -12.45 -28.86
CA HIS BA 63 96.25 -12.45 -28.88
C HIS BA 63 96.85 -13.79 -29.32
N GLU BA 64 96.35 -14.92 -28.81
CA GLU BA 64 96.86 -16.23 -29.20
C GLU BA 64 96.68 -16.52 -30.70
N LEU BA 65 95.59 -16.05 -31.31
CA LEU BA 65 95.39 -16.08 -32.76
C LEU BA 65 96.23 -15.01 -33.47
N GLY BA 66 96.34 -13.82 -32.89
CA GLY BA 66 96.87 -12.63 -33.54
C GLY BA 66 95.82 -11.91 -34.37
N LEU BA 67 94.59 -11.81 -33.86
CA LEU BA 67 93.56 -10.93 -34.43
C LEU BA 67 94.03 -9.48 -34.41
N ASP BA 68 93.67 -8.70 -35.44
CA ASP BA 68 93.87 -7.26 -35.42
C ASP BA 68 92.73 -6.54 -34.66
N PRO BA 69 92.92 -5.28 -34.26
CA PRO BA 69 91.89 -4.53 -33.53
C PRO BA 69 90.56 -4.44 -34.28
N ASP BA 70 90.56 -4.42 -35.62
CA ASP BA 70 89.33 -4.38 -36.40
C ASP BA 70 88.56 -5.70 -36.26
N ALA BA 71 89.23 -6.85 -36.26
CA ALA BA 71 88.58 -8.12 -35.94
C ALA BA 71 88.03 -8.11 -34.49
N ILE BA 72 88.77 -7.55 -33.54
CA ILE BA 72 88.27 -7.38 -32.18
C ILE BA 72 87.04 -6.43 -32.15
N ALA BA 73 87.01 -5.39 -32.97
CA ALA BA 73 85.85 -4.52 -33.11
C ALA BA 73 84.65 -5.27 -33.72
N ALA BA 74 84.88 -6.12 -34.72
CA ALA BA 74 83.85 -7.00 -35.25
C ALA BA 74 83.34 -7.98 -34.18
N ALA BA 75 84.19 -8.42 -33.25
CA ALA BA 75 83.74 -9.20 -32.10
C ALA BA 75 82.69 -8.43 -31.28
N ALA BA 76 82.95 -7.15 -30.99
CA ALA BA 76 81.99 -6.31 -30.29
C ALA BA 76 80.69 -6.11 -31.09
N ASP BA 77 80.74 -6.01 -32.42
CA ASP BA 77 79.52 -5.94 -33.25
C ASP BA 77 78.73 -7.25 -33.31
N LEU BA 78 79.40 -8.41 -33.30
CA LEU BA 78 78.73 -9.69 -33.04
C LEU BA 78 78.12 -9.70 -31.62
N GLY BA 79 78.74 -9.03 -30.66
CA GLY BA 79 78.16 -8.74 -29.34
C GLY BA 79 76.91 -7.87 -29.42
N GLN BA 80 76.91 -6.80 -30.22
CA GLN BA 80 75.70 -6.00 -30.49
C GLN BA 80 74.59 -6.82 -31.15
N ALA BA 81 74.97 -7.77 -32.02
CA ALA BA 81 74.05 -8.75 -32.60
C ALA BA 81 73.57 -9.83 -31.60
N GLY BA 82 74.10 -9.86 -30.36
CA GLY BA 82 73.70 -10.81 -29.31
C GLY BA 82 74.26 -12.23 -29.48
N VAL BA 83 75.31 -12.41 -30.29
CA VAL BA 83 75.95 -13.72 -30.54
C VAL BA 83 76.70 -14.20 -29.28
N SER BA 84 76.77 -15.51 -29.05
CA SER BA 84 77.47 -16.08 -27.89
C SER BA 84 78.99 -15.84 -27.94
N PRO BA 85 79.65 -15.77 -26.78
CA PRO BA 85 81.11 -15.55 -26.76
C PRO BA 85 81.86 -16.69 -27.47
N VAL BA 86 81.37 -17.92 -27.33
CA VAL BA 86 81.92 -19.05 -28.07
C VAL BA 86 81.73 -18.84 -29.56
N GLU BA 87 80.51 -18.53 -30.00
CA GLU BA 87 80.26 -18.37 -31.43
C GLU BA 87 81.04 -17.18 -32.00
N ILE BA 88 81.20 -16.11 -31.24
CA ILE BA 88 82.11 -15.01 -31.59
C ILE BA 88 83.50 -15.58 -31.84
N LEU BA 89 84.07 -16.26 -30.85
CA LEU BA 89 85.41 -16.79 -30.94
C LEU BA 89 85.57 -17.72 -32.12
N ALA BA 90 84.58 -18.59 -32.33
CA ALA BA 90 84.63 -19.59 -33.36
C ALA BA 90 84.62 -18.92 -34.72
N LEU BA 91 83.72 -17.97 -34.94
CA LEU BA 91 83.63 -17.25 -36.20
C LEU BA 91 84.95 -16.54 -36.51
N LEU BA 92 85.53 -15.86 -35.51
CA LEU BA 92 86.82 -15.20 -35.70
C LEU BA 92 87.92 -16.22 -36.00
N ILE BA 93 88.00 -17.31 -35.23
CA ILE BA 93 89.04 -18.34 -35.41
C ILE BA 93 88.95 -18.97 -36.78
N ALA BA 94 87.73 -19.20 -37.28
CA ALA BA 94 87.53 -19.65 -38.64
C ALA BA 94 88.02 -18.61 -39.64
N ALA BA 95 87.50 -17.38 -39.55
CA ALA BA 95 87.77 -16.35 -40.54
C ALA BA 95 89.28 -16.05 -40.66
N SER BA 96 89.96 -16.02 -39.53
CA SER BA 96 91.40 -15.77 -39.45
C SER BA 96 92.20 -16.86 -40.17
N VAL BA 97 91.87 -18.13 -39.93
CA VAL BA 97 92.57 -19.23 -40.58
C VAL BA 97 92.15 -19.43 -42.05
N LEU BA 98 90.92 -19.07 -42.41
CA LEU BA 98 90.52 -18.93 -43.82
C LEU BA 98 91.29 -17.80 -44.52
N GLY BA 99 91.91 -16.89 -43.78
CA GLY BA 99 92.63 -15.74 -44.32
C GLY BA 99 91.71 -14.59 -44.75
N LEU BA 100 90.48 -14.55 -44.24
CA LEU BA 100 89.52 -13.49 -44.55
C LEU BA 100 90.00 -12.13 -44.05
N ASP BA 101 89.70 -11.08 -44.81
CA ASP BA 101 90.08 -9.71 -44.49
C ASP BA 101 89.08 -9.03 -43.52
N PRO BA 102 89.44 -7.90 -42.90
CA PRO BA 102 88.57 -7.19 -41.97
C PRO BA 102 87.20 -6.81 -42.57
N ASP BA 103 87.12 -6.52 -43.87
CA ASP BA 103 85.83 -6.27 -44.52
C ASP BA 103 84.95 -7.53 -44.52
N ALA BA 104 85.49 -8.68 -44.92
CA ALA BA 104 84.78 -9.95 -44.85
C ALA BA 104 84.41 -10.31 -43.41
N ILE BA 105 85.30 -10.06 -42.44
CA ILE BA 105 84.99 -10.27 -41.03
C ILE BA 105 83.88 -9.32 -40.56
N GLN BA 106 83.88 -8.06 -40.98
CA GLN BA 106 82.77 -7.15 -40.68
C GLN BA 106 81.47 -7.61 -41.36
N ALA BA 107 81.55 -8.14 -42.58
CA ALA BA 107 80.39 -8.76 -43.22
C ALA BA 107 79.92 -10.01 -42.47
N ALA BA 108 80.81 -10.77 -41.83
CA ALA BA 108 80.42 -11.86 -40.94
C ALA BA 108 79.68 -11.31 -39.70
N ALA BA 109 80.09 -10.17 -39.16
CA ALA BA 109 79.32 -9.48 -38.13
C ALA BA 109 77.93 -9.06 -38.64
N ALA BA 110 77.82 -8.58 -39.88
CA ALA BA 110 76.54 -8.29 -40.51
C ALA BA 110 75.67 -9.54 -40.71
N LEU BA 111 76.25 -10.70 -41.07
CA LEU BA 111 75.50 -11.97 -41.11
C LEU BA 111 74.98 -12.37 -39.73
N GLY BA 112 75.73 -12.02 -38.67
CA GLY BA 112 75.27 -12.13 -37.29
C GLY BA 112 74.09 -11.20 -36.99
N GLU BA 113 74.14 -9.93 -37.39
CA GLU BA 113 72.99 -9.01 -37.29
C GLU BA 113 71.76 -9.49 -38.08
N ALA BA 114 71.97 -10.16 -39.21
CA ALA BA 114 70.92 -10.83 -39.99
C ALA BA 114 70.41 -12.13 -39.32
N GLY BA 115 71.06 -12.60 -38.25
CA GLY BA 115 70.63 -13.76 -37.46
C GLY BA 115 70.94 -15.11 -38.09
N ILE BA 116 71.84 -15.16 -39.08
CA ILE BA 116 72.21 -16.41 -39.77
C ILE BA 116 72.88 -17.38 -38.79
N SER BA 117 72.55 -18.68 -38.85
CA SER BA 117 73.14 -19.68 -37.95
C SER BA 117 74.65 -19.80 -38.18
N ALA BA 118 75.43 -19.99 -37.11
CA ALA BA 118 76.89 -19.95 -37.21
C ALA BA 118 77.44 -21.01 -38.17
N GLU BA 119 76.88 -22.22 -38.19
CA GLU BA 119 77.24 -23.24 -39.17
C GLU BA 119 77.01 -22.76 -40.61
N GLU BA 120 75.88 -22.10 -40.88
CA GLU BA 120 75.63 -21.54 -42.20
C GLU BA 120 76.59 -20.40 -42.54
N ILE BA 121 76.92 -19.50 -41.60
CA ILE BA 121 77.94 -18.48 -41.83
C ILE BA 121 79.26 -19.16 -42.21
N ILE BA 122 79.70 -20.14 -41.41
CA ILE BA 122 80.96 -20.84 -41.65
C ILE BA 122 80.97 -21.50 -43.02
N GLU BA 123 79.95 -22.29 -43.37
CA GLU BA 123 79.92 -22.97 -44.66
C GLU BA 123 79.76 -22.00 -45.83
N LEU BA 124 78.96 -20.94 -45.70
CA LEU BA 124 78.85 -19.89 -46.72
C LEU BA 124 80.20 -19.21 -46.93
N LEU BA 125 80.89 -18.81 -45.87
CA LEU BA 125 82.21 -18.21 -46.00
C LEU BA 125 83.20 -19.20 -46.63
N THR BA 126 83.20 -20.47 -46.21
CA THR BA 126 84.08 -21.48 -46.80
C THR BA 126 83.80 -21.66 -48.28
N ALA BA 127 82.53 -21.73 -48.67
CA ALA BA 127 82.13 -21.79 -50.07
C ALA BA 127 82.57 -20.54 -50.84
N ALA BA 128 82.39 -19.34 -50.30
CA ALA BA 128 82.80 -18.10 -50.96
C ALA BA 128 84.33 -18.05 -51.15
N ARG BA 129 85.09 -18.54 -50.17
CA ARG BA 129 86.54 -18.71 -50.25
C ARG BA 129 86.92 -19.70 -51.35
N ASP BA 130 86.28 -20.87 -51.40
CA ASP BA 130 86.50 -21.87 -52.45
C ASP BA 130 86.09 -21.40 -53.85
N LEU BA 131 85.07 -20.54 -53.96
CA LEU BA 131 84.64 -19.89 -55.20
C LEU BA 131 85.50 -18.68 -55.58
N GLY BA 132 86.41 -18.22 -54.72
CA GLY BA 132 87.28 -17.07 -54.99
C GLY BA 132 86.54 -15.74 -55.08
N LEU BA 133 85.41 -15.62 -54.37
CA LEU BA 133 84.57 -14.42 -54.31
C LEU BA 133 85.16 -13.33 -53.39
N ASP BA 134 84.36 -12.32 -53.06
CA ASP BA 134 84.78 -11.06 -52.45
C ASP BA 134 83.79 -10.60 -51.35
N PRO BA 135 84.18 -9.62 -50.50
CA PRO BA 135 83.29 -9.08 -49.46
C PRO BA 135 81.95 -8.57 -50.00
N ASP BA 136 81.90 -8.06 -51.24
CA ASP BA 136 80.64 -7.65 -51.86
C ASP BA 136 79.70 -8.83 -52.08
N ALA BA 137 80.19 -10.00 -52.52
CA ALA BA 137 79.38 -11.21 -52.57
C ALA BA 137 78.89 -11.63 -51.18
N ILE BA 138 79.70 -11.48 -50.14
CA ILE BA 138 79.28 -11.75 -48.76
C ILE BA 138 78.19 -10.76 -48.32
N GLN BA 139 78.32 -9.47 -48.65
CA GLN BA 139 77.30 -8.46 -48.38
C GLN BA 139 75.99 -8.76 -49.10
N ALA BA 140 76.05 -9.17 -50.37
CA ALA BA 140 74.87 -9.59 -51.10
C ALA BA 140 74.23 -10.84 -50.47
N ALA BA 141 75.03 -11.82 -50.05
CA ALA BA 141 74.54 -12.98 -49.31
C ALA BA 141 73.84 -12.56 -48.00
N ALA BA 142 74.38 -11.59 -47.27
CA ALA BA 142 73.71 -11.05 -46.09
C ALA BA 142 72.36 -10.42 -46.44
N GLN BA 143 72.28 -9.63 -47.52
CA GLN BA 143 71.00 -9.08 -47.98
C GLN BA 143 70.01 -10.16 -48.43
N LEU BA 144 70.48 -11.24 -49.08
CA LEU BA 144 69.63 -12.40 -49.39
C LEU BA 144 69.16 -13.09 -48.10
N GLY BA 145 69.98 -13.08 -47.05
CA GLY BA 145 69.59 -13.50 -45.70
C GLY BA 145 68.52 -12.59 -45.08
N GLU BA 146 68.64 -11.26 -45.23
CA GLU BA 146 67.60 -10.31 -44.80
C GLU BA 146 66.30 -10.50 -45.58
N ALA BA 147 66.37 -10.92 -46.84
CA ALA BA 147 65.21 -11.33 -47.64
C ALA BA 147 64.64 -12.72 -47.26
N GLY BA 148 65.35 -13.50 -46.44
CA GLY BA 148 64.93 -14.85 -46.01
C GLY BA 148 65.17 -15.97 -47.03
N ILE BA 149 66.01 -15.72 -48.05
CA ILE BA 149 66.41 -16.74 -49.04
C ILE BA 149 67.29 -17.79 -48.33
N SER BA 150 67.08 -19.08 -48.61
CA SER BA 150 67.82 -20.15 -47.92
C SER BA 150 69.31 -20.15 -48.31
N SER BA 151 70.16 -20.68 -47.44
CA SER BA 151 71.61 -20.76 -47.69
C SER BA 151 71.96 -21.58 -48.94
N GLU BA 152 71.23 -22.67 -49.21
CA GLU BA 152 71.43 -23.44 -50.44
C GLU BA 152 71.01 -22.66 -51.69
N GLU BA 153 69.94 -21.86 -51.61
CA GLU BA 153 69.57 -20.95 -52.71
C GLU BA 153 70.60 -19.84 -52.90
N ILE BA 154 71.18 -19.30 -51.82
CA ILE BA 154 72.31 -18.37 -51.93
C ILE BA 154 73.47 -19.05 -52.65
N LYS BA 155 73.82 -20.28 -52.28
CA LYS BA 155 74.89 -21.03 -52.96
C LYS BA 155 74.58 -21.24 -54.45
N GLU BA 156 73.34 -21.57 -54.81
CA GLU BA 156 72.94 -21.66 -56.22
C GLU BA 156 72.99 -20.31 -56.93
N LEU BA 157 72.52 -19.23 -56.32
CA LEU BA 157 72.58 -17.88 -56.90
C LEU BA 157 74.03 -17.46 -57.13
N LEU BA 158 74.92 -17.73 -56.18
CA LEU BA 158 76.36 -17.48 -56.35
C LEU BA 158 76.97 -18.40 -57.42
N ARG BA 159 76.61 -19.69 -57.48
CA ARG BA 159 77.09 -20.61 -58.52
C ARG BA 159 76.66 -20.14 -59.91
N ALA BA 160 75.40 -19.74 -60.05
CA ALA BA 160 74.89 -19.13 -61.28
C ALA BA 160 75.64 -17.83 -61.60
N ALA BA 161 75.80 -16.92 -60.64
CA ALA BA 161 76.51 -15.67 -60.85
C ALA BA 161 77.98 -15.89 -61.26
N HIS BA 162 78.62 -16.94 -60.75
CA HIS BA 162 79.99 -17.33 -61.09
C HIS BA 162 80.08 -17.89 -62.51
N GLU BA 163 79.19 -18.81 -62.88
CA GLU BA 163 79.08 -19.30 -64.27
C GLU BA 163 78.78 -18.16 -65.25
N LEU BA 164 77.94 -17.20 -64.86
CA LEU BA 164 77.56 -16.05 -65.67
C LEU BA 164 78.56 -14.88 -65.60
N GLY BA 165 79.55 -14.91 -64.71
CA GLY BA 165 80.52 -13.83 -64.55
C GLY BA 165 79.87 -12.47 -64.24
N LEU BA 166 78.80 -12.44 -63.45
CA LEU BA 166 78.13 -11.21 -63.06
C LEU BA 166 79.04 -10.32 -62.20
N ASP BA 167 78.95 -9.00 -62.36
CA ASP BA 167 79.69 -8.04 -61.54
C ASP BA 167 79.02 -7.79 -60.16
N PRO BA 168 79.72 -7.21 -59.17
CA PRO BA 168 79.18 -6.99 -57.84
C PRO BA 168 77.88 -6.19 -57.81
N ASP BA 169 77.69 -5.19 -58.68
CA ASP BA 169 76.44 -4.44 -58.77
C ASP BA 169 75.29 -5.33 -59.26
N CYS BA 170 75.53 -6.20 -60.26
CA CYS BA 170 74.55 -7.18 -60.69
C CYS BA 170 74.23 -8.19 -59.59
N ILE BA 171 75.23 -8.61 -58.81
CA ILE BA 171 75.01 -9.50 -57.67
C ILE BA 171 74.22 -8.79 -56.55
N ALA BA 172 74.47 -7.49 -56.32
CA ALA BA 172 73.66 -6.69 -55.42
C ALA BA 172 72.21 -6.55 -55.94
N ALA BA 173 72.03 -6.37 -57.24
CA ALA BA 173 70.71 -6.35 -57.85
C ALA BA 173 70.00 -7.72 -57.77
N ALA BA 174 70.73 -8.84 -57.78
CA ALA BA 174 70.15 -10.14 -57.46
C ALA BA 174 69.58 -10.18 -56.04
N ALA BA 175 70.32 -9.62 -55.06
CA ALA BA 175 69.81 -9.46 -53.70
C ALA BA 175 68.59 -8.52 -53.65
N ASP BA 176 68.52 -7.46 -54.47
CA ASP BA 176 67.33 -6.62 -54.60
C ASP BA 176 66.11 -7.38 -55.14
N LEU BA 177 66.28 -8.25 -56.16
CA LEU BA 177 65.20 -9.14 -56.61
C LEU BA 177 64.76 -10.11 -55.50
N GLY BA 178 65.70 -10.55 -54.65
CA GLY BA 178 65.40 -11.31 -53.43
C GLY BA 178 64.56 -10.51 -52.43
N GLN BA 179 64.96 -9.28 -52.11
CA GLN BA 179 64.21 -8.38 -51.22
C GLN BA 179 62.83 -7.98 -51.79
N ALA BA 180 62.69 -7.94 -53.12
CA ALA BA 180 61.39 -7.80 -53.80
C ALA BA 180 60.50 -9.06 -53.71
N GLY BA 181 61.02 -10.19 -53.24
CA GLY BA 181 60.27 -11.43 -53.00
C GLY BA 181 60.11 -12.34 -54.22
N ILE BA 182 60.92 -12.16 -55.26
CA ILE BA 182 60.92 -13.03 -56.45
C ILE BA 182 61.47 -14.42 -56.09
N SER BA 183 60.92 -15.50 -56.65
CA SER BA 183 61.39 -16.88 -56.38
C SER BA 183 62.79 -17.14 -56.98
N SER BA 184 63.57 -18.07 -56.41
CA SER BA 184 64.98 -18.28 -56.82
C SER BA 184 65.17 -18.69 -58.29
N SER BA 185 64.27 -19.52 -58.86
CA SER BA 185 64.24 -19.77 -60.31
C SER BA 185 63.99 -18.48 -61.10
N GLU BA 186 63.01 -17.67 -60.68
CA GLU BA 186 62.65 -16.43 -61.38
C GLU BA 186 63.73 -15.34 -61.25
N ILE BA 187 64.40 -15.21 -60.10
CA ILE BA 187 65.59 -14.35 -59.97
C ILE BA 187 66.60 -14.77 -61.05
N THR BA 188 66.89 -16.06 -61.16
CA THR BA 188 67.85 -16.57 -62.15
C THR BA 188 67.41 -16.24 -63.58
N ALA BA 189 66.13 -16.47 -63.92
CA ALA BA 189 65.60 -16.10 -65.23
C ALA BA 189 65.74 -14.60 -65.50
N LEU BA 190 65.37 -13.74 -64.54
CA LEU BA 190 65.44 -12.29 -64.72
C LEU BA 190 66.89 -11.81 -64.84
N LEU BA 191 67.82 -12.35 -64.05
CA LEU BA 191 69.24 -12.08 -64.22
C LEU BA 191 69.70 -12.46 -65.63
N LEU BA 192 69.37 -13.67 -66.09
CA LEU BA 192 69.77 -14.14 -67.42
C LEU BA 192 69.21 -13.24 -68.52
N ALA BA 193 67.91 -12.91 -68.49
CA ALA BA 193 67.27 -12.07 -69.49
C ALA BA 193 67.85 -10.64 -69.49
N ALA BA 194 67.98 -10.04 -68.31
CA ALA BA 194 68.54 -8.70 -68.17
C ALA BA 194 69.97 -8.64 -68.73
N ALA BA 195 70.83 -9.57 -68.32
CA ALA BA 195 72.19 -9.65 -68.82
C ALA BA 195 72.23 -9.86 -70.33
N ALA BA 196 71.46 -10.81 -70.88
CA ALA BA 196 71.41 -11.05 -72.32
C ALA BA 196 71.04 -9.79 -73.09
N ILE BA 197 70.00 -9.08 -72.67
CA ILE BA 197 69.53 -7.87 -73.35
C ILE BA 197 70.53 -6.73 -73.20
N GLU BA 198 71.07 -6.52 -72.01
CA GLU BA 198 72.04 -5.47 -71.77
C GLU BA 198 73.33 -5.67 -72.58
N LEU BA 199 73.83 -6.92 -72.65
CA LEU BA 199 74.96 -7.29 -73.50
C LEU BA 199 74.61 -7.13 -74.99
N ALA BA 200 73.43 -7.57 -75.42
CA ALA BA 200 72.98 -7.44 -76.80
C ALA BA 200 72.77 -5.99 -77.25
N LYS BA 201 72.59 -5.04 -76.32
CA LYS BA 201 72.49 -3.60 -76.61
C LYS BA 201 73.82 -2.84 -76.49
N ARG BA 202 74.81 -3.41 -75.79
CA ARG BA 202 76.22 -3.04 -75.97
C ARG BA 202 76.77 -3.54 -77.31
N ALA BA 203 76.40 -4.76 -77.70
CA ALA BA 203 76.58 -5.29 -79.05
C ALA BA 203 75.64 -4.61 -80.07
N ASP BA 204 75.86 -4.85 -81.37
CA ASP BA 204 75.11 -4.25 -82.47
C ASP BA 204 74.68 -5.25 -83.57
N ASP BA 205 74.99 -6.54 -83.43
CA ASP BA 205 74.72 -7.53 -84.49
C ASP BA 205 73.23 -7.91 -84.58
N LYS BA 206 72.65 -7.79 -85.78
CA LYS BA 206 71.29 -8.25 -86.09
C LYS BA 206 71.05 -9.71 -85.64
N ASP BA 207 72.05 -10.58 -85.81
CA ASP BA 207 71.92 -11.99 -85.44
C ASP BA 207 71.83 -12.16 -83.92
N VAL BA 208 72.60 -11.38 -83.15
CA VAL BA 208 72.47 -11.35 -81.69
C VAL BA 208 71.07 -10.88 -81.29
N ARG BA 209 70.57 -9.80 -81.92
CA ARG BA 209 69.21 -9.31 -81.63
C ARG BA 209 68.12 -10.34 -81.97
N GLU BA 210 68.23 -11.03 -83.11
CA GLU BA 210 67.32 -12.12 -83.48
C GLU BA 210 67.39 -13.31 -82.52
N ILE BA 211 68.59 -13.77 -82.18
CA ILE BA 211 68.80 -14.86 -81.21
C ILE BA 211 68.17 -14.49 -79.86
N VAL BA 212 68.41 -13.27 -79.38
CA VAL BA 212 67.80 -12.79 -78.14
C VAL BA 212 66.29 -12.78 -78.25
N ARG BA 213 65.70 -12.22 -79.32
CA ARG BA 213 64.23 -12.23 -79.50
C ARG BA 213 63.69 -13.66 -79.45
N ASP BA 214 64.24 -14.55 -80.25
CA ASP BA 214 63.76 -15.91 -80.36
C ASP BA 214 63.93 -16.68 -79.03
N ALA BA 215 65.03 -16.46 -78.31
CA ALA BA 215 65.24 -17.03 -77.00
C ALA BA 215 64.25 -16.49 -75.97
N LEU BA 216 64.02 -15.17 -75.93
CA LEU BA 216 63.05 -14.56 -75.04
C LEU BA 216 61.64 -15.06 -75.36
N GLU BA 217 61.29 -15.23 -76.63
CA GLU BA 217 60.01 -15.81 -77.04
C GLU BA 217 59.89 -17.27 -76.55
N LEU BA 218 60.90 -18.11 -76.82
CA LEU BA 218 60.90 -19.49 -76.35
C LEU BA 218 60.77 -19.56 -74.81
N ALA BA 219 61.52 -18.72 -74.09
CA ALA BA 219 61.45 -18.62 -72.63
C ALA BA 219 60.08 -18.11 -72.13
N SER BA 220 59.42 -17.24 -72.89
CA SER BA 220 58.06 -16.77 -72.56
C SER BA 220 57.02 -17.86 -72.75
N ARG BA 221 57.16 -18.67 -73.81
CA ARG BA 221 56.22 -19.73 -74.20
C ARG BA 221 56.39 -21.04 -73.45
N SER BA 222 57.63 -21.41 -73.08
CA SER BA 222 57.92 -22.71 -72.45
C SER BA 222 57.42 -22.81 -71.00
N THR BA 223 56.95 -24.01 -70.62
CA THR BA 223 56.52 -24.35 -69.25
C THR BA 223 57.66 -24.89 -68.36
N ASN BA 224 58.86 -25.11 -68.91
CA ASN BA 224 59.97 -25.77 -68.20
C ASN BA 224 61.10 -24.80 -67.85
N ASP BA 225 61.39 -24.59 -66.56
CA ASP BA 225 62.39 -23.60 -66.16
C ASP BA 225 63.84 -23.99 -66.52
N GLU BA 226 64.11 -25.27 -66.80
CA GLU BA 226 65.41 -25.69 -67.34
C GLU BA 226 65.59 -25.26 -68.79
N VAL BA 227 64.52 -25.31 -69.60
CA VAL BA 227 64.55 -24.73 -70.94
C VAL BA 227 64.74 -23.22 -70.84
N ILE BA 228 64.07 -22.54 -69.89
CA ILE BA 228 64.26 -21.10 -69.66
C ILE BA 228 65.72 -20.79 -69.30
N ARG BA 229 66.32 -21.52 -68.34
CA ARG BA 229 67.74 -21.38 -68.02
C ARG BA 229 68.60 -21.58 -69.27
N LEU BA 230 68.44 -22.71 -69.98
CA LEU BA 230 69.24 -23.02 -71.16
C LEU BA 230 69.12 -21.96 -72.25
N ALA BA 231 67.90 -21.53 -72.59
CA ALA BA 231 67.67 -20.55 -73.64
C ALA BA 231 68.26 -19.18 -73.28
N LEU BA 232 68.05 -18.70 -72.05
CA LEU BA 232 68.54 -17.39 -71.65
C LEU BA 232 70.06 -17.40 -71.39
N GLU BA 233 70.64 -18.51 -70.91
CA GLU BA 233 72.09 -18.66 -70.84
C GLU BA 233 72.72 -18.72 -72.24
N ALA BA 234 72.11 -19.43 -73.19
CA ALA BA 234 72.54 -19.42 -74.58
C ALA BA 234 72.49 -18.00 -75.16
N ALA BA 235 71.47 -17.20 -74.82
CA ALA BA 235 71.40 -15.80 -75.23
C ALA BA 235 72.53 -14.94 -74.64
N VAL BA 236 72.91 -15.14 -73.37
CA VAL BA 236 74.09 -14.50 -72.76
C VAL BA 236 75.38 -14.90 -73.49
N LEU BA 237 75.57 -16.19 -73.75
CA LEU BA 237 76.75 -16.68 -74.46
C LEU BA 237 76.82 -16.18 -75.91
N ALA BA 238 75.69 -16.15 -76.62
CA ALA BA 238 75.61 -15.58 -77.97
C ALA BA 238 75.97 -14.08 -77.96
N ALA BA 239 75.44 -13.29 -77.03
CA ALA BA 239 75.77 -11.87 -76.91
C ALA BA 239 77.26 -11.62 -76.54
N ARG BA 240 77.92 -12.58 -75.89
CA ARG BA 240 79.38 -12.56 -75.63
C ARG BA 240 80.23 -13.11 -76.79
N SER BA 241 79.62 -13.86 -77.71
CA SER BA 241 80.34 -14.50 -78.81
C SER BA 241 80.76 -13.50 -79.89
N THR BA 242 81.91 -13.76 -80.51
CA THR BA 242 82.39 -13.07 -81.72
C THR BA 242 82.49 -14.02 -82.91
N ASP BA 243 81.85 -15.20 -82.84
CA ASP BA 243 81.92 -16.24 -83.87
C ASP BA 243 80.55 -16.50 -84.51
N SER BA 244 80.47 -16.26 -85.82
CA SER BA 244 79.25 -16.51 -86.61
C SER BA 244 78.79 -17.96 -86.53
N ASP BA 245 79.70 -18.95 -86.40
CA ASP BA 245 79.27 -20.34 -86.25
C ASP BA 245 78.58 -20.58 -84.90
N VAL BA 246 79.01 -19.92 -83.82
CA VAL BA 246 78.31 -20.01 -82.54
C VAL BA 246 76.92 -19.38 -82.65
N LEU BA 247 76.83 -18.21 -83.31
CA LEU BA 247 75.53 -17.59 -83.57
C LEU BA 247 74.64 -18.48 -84.43
N GLU BA 248 75.14 -19.07 -85.51
CA GLU BA 248 74.37 -19.99 -86.35
C GLU BA 248 73.99 -21.27 -85.62
N ILE BA 249 74.87 -21.84 -84.78
CA ILE BA 249 74.55 -22.99 -83.92
C ILE BA 249 73.40 -22.65 -82.97
N VAL BA 250 73.44 -21.49 -82.31
CA VAL BA 250 72.35 -21.07 -81.41
C VAL BA 250 71.07 -20.79 -82.22
N LYS BA 251 71.16 -20.12 -83.37
CA LYS BA 251 69.99 -19.87 -84.23
C LYS BA 251 69.39 -21.17 -84.75
N ASP BA 252 70.19 -22.16 -85.11
CA ASP BA 252 69.72 -23.50 -85.48
C ASP BA 252 69.05 -24.22 -84.31
N ALA BA 253 69.61 -24.14 -83.10
CA ALA BA 253 69.00 -24.74 -81.93
C ALA BA 253 67.64 -24.10 -81.60
N LEU BA 254 67.54 -22.77 -81.69
CA LEU BA 254 66.28 -22.06 -81.53
C LEU BA 254 65.30 -22.37 -82.68
N GLU BA 255 65.77 -22.53 -83.91
CA GLU BA 255 64.94 -22.96 -85.02
C GLU BA 255 64.40 -24.37 -84.79
N LEU BA 256 65.22 -25.32 -84.37
CA LEU BA 256 64.79 -26.66 -84.01
C LEU BA 256 63.73 -26.63 -82.88
N ALA BA 257 63.91 -25.76 -81.89
CA ALA BA 257 62.92 -25.51 -80.83
C ALA BA 257 61.64 -24.80 -81.31
N LYS BA 258 61.71 -24.04 -82.40
CA LYS BA 258 60.54 -23.45 -83.08
C LYS BA 258 59.81 -24.51 -83.93
N GLN BA 259 60.54 -25.43 -84.56
CA GLN BA 259 60.01 -26.50 -85.40
C GLN BA 259 59.44 -27.71 -84.65
N SER BA 260 59.97 -28.05 -83.47
CA SER BA 260 59.45 -29.14 -82.61
C SER BA 260 59.33 -28.71 -81.14
N THR BA 261 58.23 -29.09 -80.50
CA THR BA 261 57.93 -28.80 -79.09
C THR BA 261 58.51 -29.83 -78.11
N ASN BA 262 59.28 -30.82 -78.60
CA ASN BA 262 59.90 -31.88 -77.79
C ASN BA 262 60.94 -31.34 -76.79
N GLU BA 263 60.61 -31.33 -75.49
CA GLU BA 263 61.47 -30.76 -74.45
C GLU BA 263 62.85 -31.43 -74.37
N GLU BA 264 62.96 -32.74 -74.59
CA GLU BA 264 64.26 -33.43 -74.53
C GLU BA 264 65.16 -33.00 -75.69
N VAL BA 265 64.61 -32.91 -76.91
CA VAL BA 265 65.33 -32.37 -78.06
C VAL BA 265 65.70 -30.91 -77.81
N ILE BA 266 64.80 -30.10 -77.28
CA ILE BA 266 65.07 -28.67 -76.99
C ILE BA 266 66.21 -28.53 -75.99
N LYS BA 267 66.16 -29.26 -74.86
CA LYS BA 267 67.24 -29.22 -73.87
C LYS BA 267 68.56 -29.71 -74.47
N LEU BA 268 68.55 -30.80 -75.25
CA LEU BA 268 69.75 -31.30 -75.92
C LEU BA 268 70.34 -30.28 -76.89
N ALA BA 269 69.52 -29.66 -77.74
CA ALA BA 269 69.98 -28.69 -78.74
C ALA BA 269 70.56 -27.43 -78.09
N LEU BA 270 69.85 -26.86 -77.11
CA LEU BA 270 70.34 -25.70 -76.38
C LEU BA 270 71.61 -26.04 -75.58
N LYS BA 271 71.66 -27.19 -74.89
CA LYS BA 271 72.85 -27.59 -74.14
C LYS BA 271 74.05 -27.87 -75.05
N ALA BA 272 73.86 -28.48 -76.21
CA ALA BA 272 74.93 -28.64 -77.21
C ALA BA 272 75.49 -27.28 -77.65
N ALA BA 273 74.61 -26.31 -77.91
CA ALA BA 273 75.03 -24.94 -78.23
C ALA BA 273 75.78 -24.26 -77.05
N VAL BA 274 75.29 -24.39 -75.82
CA VAL BA 274 75.93 -23.85 -74.61
C VAL BA 274 77.33 -24.45 -74.42
N LEU BA 275 77.46 -25.77 -74.52
CA LEU BA 275 78.75 -26.47 -74.44
C LEU BA 275 79.68 -26.03 -75.57
N ALA BA 276 79.19 -25.94 -76.80
CA ALA BA 276 79.99 -25.47 -77.93
C ALA BA 276 80.46 -24.01 -77.75
N ALA BA 277 79.64 -23.13 -77.18
CA ALA BA 277 80.01 -21.75 -76.89
C ALA BA 277 81.04 -21.64 -75.75
N LYS BA 278 80.97 -22.49 -74.72
CA LYS BA 278 81.96 -22.54 -73.62
C LYS BA 278 83.28 -23.22 -74.01
N SER BA 279 83.23 -24.20 -74.92
CA SER BA 279 84.39 -24.95 -75.40
C SER BA 279 85.37 -24.11 -76.21
N THR BA 280 86.65 -24.50 -76.21
CA THR BA 280 87.69 -23.92 -77.07
C THR BA 280 87.86 -24.67 -78.41
N ASP BA 281 87.15 -25.78 -78.65
CA ASP BA 281 87.51 -26.74 -79.70
C ASP BA 281 86.70 -26.56 -81.00
N GLU BA 282 87.41 -26.25 -82.09
CA GLU BA 282 86.86 -26.13 -83.44
C GLU BA 282 86.28 -27.45 -83.98
N GLU BA 283 86.81 -28.61 -83.55
CA GLU BA 283 86.26 -29.91 -83.95
C GLU BA 283 84.90 -30.17 -83.29
N VAL BA 284 84.73 -29.78 -82.02
CA VAL BA 284 83.43 -29.85 -81.34
C VAL BA 284 82.45 -28.91 -82.01
N LEU BA 285 82.85 -27.66 -82.30
CA LEU BA 285 82.02 -26.71 -83.03
C LEU BA 285 81.60 -27.25 -84.40
N GLU BA 286 82.54 -27.78 -85.20
CA GLU BA 286 82.25 -28.33 -86.52
C GLU BA 286 81.31 -29.54 -86.43
N GLU BA 287 81.59 -30.49 -85.54
CA GLU BA 287 80.72 -31.66 -85.37
C GLU BA 287 79.33 -31.26 -84.85
N VAL BA 288 79.22 -30.27 -83.96
CA VAL BA 288 77.91 -29.74 -83.51
C VAL BA 288 77.18 -29.05 -84.66
N LYS BA 289 77.87 -28.26 -85.49
CA LYS BA 289 77.29 -27.63 -86.69
C LYS BA 289 76.79 -28.68 -87.68
N GLU BA 290 77.59 -29.71 -87.94
CA GLU BA 290 77.19 -30.85 -88.77
C GLU BA 290 76.04 -31.65 -88.14
N ALA BA 291 76.05 -31.91 -86.83
CA ALA BA 291 74.97 -32.61 -86.15
C ALA BA 291 73.65 -31.84 -86.23
N LEU BA 292 73.69 -30.51 -86.08
CA LEU BA 292 72.51 -29.68 -86.28
C LEU BA 292 72.06 -29.69 -87.76
N ARG BA 293 72.98 -29.72 -88.73
CA ARG BA 293 72.63 -29.92 -90.15
C ARG BA 293 71.93 -31.27 -90.36
N ARG BA 294 72.49 -32.37 -89.85
CA ARG BA 294 71.84 -33.70 -89.87
C ARG BA 294 70.45 -33.62 -89.25
N ALA BA 295 70.31 -32.93 -88.11
CA ALA BA 295 69.04 -32.81 -87.39
C ALA BA 295 67.97 -31.99 -88.14
N LYS BA 296 68.34 -30.96 -88.90
CA LYS BA 296 67.39 -30.22 -89.75
C LYS BA 296 67.05 -30.95 -91.06
N GLU BA 297 67.97 -31.72 -91.63
CA GLU BA 297 67.71 -32.55 -92.81
C GLU BA 297 66.87 -33.80 -92.50
N SER BA 298 67.11 -34.44 -91.35
CA SER BA 298 66.38 -35.63 -90.90
C SER BA 298 65.00 -35.30 -90.31
N THR BA 299 64.19 -36.32 -90.06
CA THR BA 299 62.85 -36.23 -89.44
C THR BA 299 62.65 -37.18 -88.25
N ASP BA 300 63.62 -38.05 -87.94
CA ASP BA 300 63.53 -39.01 -86.84
C ASP BA 300 64.12 -38.45 -85.53
N GLU BA 301 63.27 -38.03 -84.59
CA GLU BA 301 63.73 -37.50 -83.31
C GLU BA 301 64.51 -38.54 -82.47
N GLU BA 302 64.30 -39.84 -82.68
CA GLU BA 302 65.09 -40.89 -82.02
C GLU BA 302 66.51 -41.03 -82.60
N GLU BA 303 66.78 -40.47 -83.79
CA GLU BA 303 68.14 -40.22 -84.31
C GLU BA 303 68.70 -38.88 -83.80
N ILE BA 304 67.90 -37.80 -83.90
CA ILE BA 304 68.32 -36.45 -83.50
C ILE BA 304 68.82 -36.41 -82.06
N LYS BA 305 68.09 -37.05 -81.14
CA LYS BA 305 68.49 -37.11 -79.72
C LYS BA 305 69.88 -37.71 -79.55
N GLU BA 306 70.22 -38.78 -80.28
CA GLU BA 306 71.57 -39.35 -80.24
C GLU BA 306 72.62 -38.44 -80.89
N GLU BA 307 72.33 -37.87 -82.05
CA GLU BA 307 73.26 -36.97 -82.73
C GLU BA 307 73.61 -35.72 -81.88
N LEU BA 308 72.73 -35.30 -80.97
CA LEU BA 308 73.03 -34.29 -79.95
C LEU BA 308 73.68 -34.89 -78.69
N ARG BA 309 73.16 -36.00 -78.16
CA ARG BA 309 73.65 -36.63 -76.92
C ARG BA 309 75.11 -37.06 -77.02
N LYS BA 310 75.53 -37.52 -78.20
CA LYS BA 310 76.94 -37.84 -78.51
C LYS BA 310 77.90 -36.74 -78.11
N ALA BA 311 77.54 -35.48 -78.35
CA ALA BA 311 78.27 -34.31 -77.86
C ALA BA 311 77.96 -33.99 -76.40
N VAL BA 312 76.67 -33.89 -76.04
CA VAL BA 312 76.22 -33.37 -74.73
C VAL BA 312 76.72 -34.19 -73.53
N GLU BA 313 76.92 -35.50 -73.70
CA GLU BA 313 77.40 -36.39 -72.62
C GLU BA 313 78.90 -36.71 -72.69
N GLU BA 314 79.65 -36.06 -73.58
CA GLU BA 314 81.12 -36.22 -73.72
C GLU BA 314 81.87 -34.89 -73.51
N ALA BA 315 81.29 -33.76 -73.92
CA ALA BA 315 81.89 -32.42 -73.81
C ALA BA 315 81.75 -31.77 -72.42
N GLU BA 316 80.90 -32.31 -71.53
CA GLU BA 316 80.59 -31.78 -70.19
C GLU BA 316 81.75 -31.86 -69.19
N CYS CA 3 -9.44 54.34 81.78
CA CYS CA 3 -9.06 53.69 80.51
C CYS CA 3 -8.91 52.16 80.60
N ASP CA 4 -7.93 51.65 81.36
CA ASP CA 4 -7.39 50.28 81.21
C ASP CA 4 -8.43 49.15 81.30
N ALA CA 5 -9.51 49.30 82.08
CA ALA CA 5 -10.49 48.23 82.27
C ALA CA 5 -11.16 47.77 80.95
N ILE CA 6 -11.17 48.61 79.92
CA ILE CA 6 -11.74 48.26 78.60
C ILE CA 6 -10.91 47.18 77.90
N GLN CA 7 -9.60 47.09 78.16
CA GLN CA 7 -8.71 46.13 77.49
C GLN CA 7 -9.13 44.68 77.73
N ALA CA 8 -9.72 44.37 78.89
CA ALA CA 8 -10.30 43.06 79.17
C ALA CA 8 -11.47 42.74 78.24
N ALA CA 9 -12.40 43.68 78.06
CA ALA CA 9 -13.51 43.53 77.12
C ALA CA 9 -13.01 43.38 75.67
N ALA CA 10 -11.95 44.12 75.29
CA ALA CA 10 -11.32 43.96 73.98
C ALA CA 10 -10.72 42.56 73.80
N ALA CA 11 -9.96 42.06 74.77
CA ALA CA 11 -9.39 40.71 74.71
C ALA CA 11 -10.48 39.62 74.64
N LEU CA 12 -11.55 39.73 75.43
CA LEU CA 12 -12.69 38.81 75.37
C LEU CA 12 -13.45 38.91 74.04
N GLY CA 13 -13.58 40.12 73.48
CA GLY CA 13 -14.21 40.34 72.17
C GLY CA 13 -13.39 39.74 71.02
N GLU CA 14 -12.06 39.86 71.07
CA GLU CA 14 -11.15 39.17 70.12
C GLU CA 14 -11.18 37.64 70.29
N ALA CA 15 -11.34 37.14 71.52
CA ALA CA 15 -11.60 35.72 71.81
C ALA CA 15 -13.02 35.25 71.40
N GLY CA 16 -13.86 36.14 70.85
CA GLY CA 16 -15.18 35.80 70.30
C GLY CA 16 -16.32 35.69 71.33
N ILE CA 17 -16.11 36.15 72.57
CA ILE CA 17 -17.13 36.13 73.62
C ILE CA 17 -18.23 37.17 73.32
N SER CA 18 -19.51 36.80 73.43
CA SER CA 18 -20.63 37.70 73.13
C SER CA 18 -20.81 38.79 74.20
N SER CA 19 -21.48 39.90 73.85
CA SER CA 19 -21.62 41.06 74.75
C SER CA 19 -22.33 40.73 76.07
N ASN CA 20 -23.43 39.97 76.07
CA ASN CA 20 -24.07 39.53 77.31
C ASN CA 20 -23.16 38.59 78.13
N GLU CA 21 -22.31 37.79 77.50
CA GLU CA 21 -21.33 36.97 78.23
C GLU CA 21 -20.19 37.81 78.83
N ILE CA 22 -19.68 38.81 78.13
CA ILE CA 22 -18.71 39.75 78.70
C ILE CA 22 -19.34 40.44 79.91
N LEU CA 23 -20.59 40.91 79.80
CA LEU CA 23 -21.30 41.50 80.93
C LEU CA 23 -21.47 40.48 82.09
N GLU CA 24 -21.77 39.21 81.82
CA GLU CA 24 -21.87 38.20 82.87
C GLU CA 24 -20.51 37.95 83.54
N LEU CA 25 -19.42 37.87 82.75
CA LEU CA 25 -18.07 37.74 83.28
C LEU CA 25 -17.71 38.96 84.14
N LEU CA 26 -18.07 40.16 83.69
CA LEU CA 26 -17.90 41.37 84.49
C LEU CA 26 -18.78 41.33 85.76
N ALA CA 27 -19.99 40.77 85.72
CA ALA CA 27 -20.82 40.57 86.91
C ALA CA 27 -20.12 39.67 87.94
N ALA CA 28 -19.52 38.57 87.49
CA ALA CA 28 -18.68 37.73 88.34
C ALA CA 28 -17.45 38.50 88.83
N ALA CA 29 -16.77 39.26 87.98
CA ALA CA 29 -15.60 40.02 88.39
C ALA CA 29 -15.93 41.01 89.52
N ALA CA 30 -17.09 41.67 89.44
CA ALA CA 30 -17.59 42.55 90.50
C ALA CA 30 -17.95 41.77 91.77
N GLU CA 31 -18.71 40.68 91.67
CA GLU CA 31 -19.12 39.86 92.82
C GLU CA 31 -17.90 39.30 93.57
N LEU CA 32 -16.96 38.74 92.82
CA LEU CA 32 -15.76 38.08 93.35
C LEU CA 32 -14.63 39.08 93.63
N GLY CA 33 -14.81 40.36 93.28
CA GLY CA 33 -13.84 41.42 93.52
C GLY CA 33 -12.52 41.22 92.78
N LEU CA 34 -12.55 40.68 91.56
CA LEU CA 34 -11.34 40.35 90.79
C LEU CA 34 -10.57 41.61 90.37
N ASP CA 35 -9.24 41.50 90.35
CA ASP CA 35 -8.36 42.54 89.82
C ASP CA 35 -8.12 42.37 88.31
N PRO CA 36 -7.61 43.39 87.60
CA PRO CA 36 -7.35 43.33 86.16
C PRO CA 36 -6.41 42.20 85.72
N ASP CA 37 -5.49 41.72 86.56
CA ASP CA 37 -4.60 40.62 86.20
C ASP CA 37 -5.30 39.26 86.33
N ALA CA 38 -6.14 39.06 87.35
CA ALA CA 38 -7.03 37.90 87.41
C ALA CA 38 -8.05 37.92 86.25
N ILE CA 39 -8.55 39.09 85.86
CA ILE CA 39 -9.44 39.25 84.70
C ILE CA 39 -8.67 38.99 83.39
N GLN CA 40 -7.42 39.45 83.27
CA GLN CA 40 -6.56 39.12 82.13
C GLN CA 40 -6.32 37.61 82.03
N ALA CA 41 -6.07 36.93 83.14
CA ALA CA 41 -5.99 35.47 83.18
C ALA CA 41 -7.32 34.82 82.73
N ALA CA 42 -8.48 35.38 83.11
CA ALA CA 42 -9.77 34.91 82.60
C ALA CA 42 -9.88 35.09 81.07
N ALA CA 43 -9.43 36.22 80.52
CA ALA CA 43 -9.34 36.40 79.07
C ALA CA 43 -8.39 35.38 78.41
N GLN CA 44 -7.27 35.05 79.05
CA GLN CA 44 -6.34 34.02 78.55
C GLN CA 44 -6.92 32.60 78.61
N LEU CA 45 -7.73 32.28 79.62
CA LEU CA 45 -8.54 31.05 79.62
C LEU CA 45 -9.55 31.05 78.45
N GLY CA 46 -10.12 32.21 78.11
CA GLY CA 46 -10.94 32.39 76.91
C GLY CA 46 -10.17 32.13 75.61
N GLU CA 47 -8.95 32.68 75.47
CA GLU CA 47 -8.07 32.41 74.33
C GLU CA 47 -7.64 30.94 74.25
N ALA CA 48 -7.48 30.26 75.39
CA ALA CA 48 -7.26 28.81 75.45
C ALA CA 48 -8.49 27.97 75.03
N GLY CA 49 -9.64 28.59 74.77
CA GLY CA 49 -10.85 27.93 74.28
C GLY CA 49 -11.77 27.36 75.38
N ILE CA 50 -11.58 27.76 76.63
CA ILE CA 50 -12.44 27.35 77.75
C ILE CA 50 -13.85 27.97 77.58
N SER CA 51 -14.90 27.19 77.85
CA SER CA 51 -16.30 27.67 77.72
C SER CA 51 -16.60 28.81 78.71
N SER CA 52 -17.47 29.75 78.33
CA SER CA 52 -17.77 30.93 79.15
C SER CA 52 -18.24 30.57 80.57
N GLU CA 53 -19.18 29.64 80.74
CA GLU CA 53 -19.60 29.23 82.08
C GLU CA 53 -18.54 28.39 82.82
N GLU CA 54 -17.64 27.71 82.11
CA GLU CA 54 -16.48 27.08 82.77
C GLU CA 54 -15.55 28.15 83.32
N ILE CA 55 -15.37 29.29 82.64
CA ILE CA 55 -14.62 30.41 83.23
C ILE CA 55 -15.35 30.90 84.48
N LYS CA 56 -16.68 31.01 84.45
CA LYS CA 56 -17.44 31.37 85.65
C LYS CA 56 -17.22 30.36 86.79
N GLU CA 57 -17.15 29.07 86.49
CA GLU CA 57 -16.75 28.07 87.47
C GLU CA 57 -15.31 28.28 87.95
N LEU CA 58 -14.35 28.48 87.05
CA LEU CA 58 -12.94 28.69 87.40
C LEU CA 58 -12.78 29.89 88.32
N LEU CA 59 -13.47 30.98 88.02
CA LEU CA 59 -13.47 32.17 88.86
C LEU CA 59 -14.19 31.93 90.19
N ARG CA 60 -15.36 31.27 90.20
CA ARG CA 60 -16.05 30.92 91.45
C ARG CA 60 -15.13 30.10 92.34
N ALA CA 61 -14.51 29.07 91.79
CA ALA CA 61 -13.61 28.21 92.53
C ALA CA 61 -12.39 28.99 93.02
N ALA CA 62 -11.79 29.85 92.21
CA ALA CA 62 -10.66 30.67 92.65
C ALA CA 62 -11.02 31.49 93.90
N HIS CA 63 -12.22 32.06 93.94
CA HIS CA 63 -12.73 32.77 95.11
C HIS CA 63 -13.01 31.84 96.29
N GLU CA 64 -13.78 30.77 96.08
CA GLU CA 64 -14.19 29.86 97.17
C GLU CA 64 -13.03 29.04 97.77
N LEU CA 65 -11.98 28.82 97.00
CA LEU CA 65 -10.69 28.33 97.50
C LEU CA 65 -9.88 29.46 98.15
N GLY CA 66 -9.98 30.68 97.61
CA GLY CA 66 -9.11 31.79 97.99
C GLY CA 66 -7.74 31.71 97.31
N LEU CA 67 -7.69 31.33 96.03
CA LEU CA 67 -6.46 31.34 95.24
C LEU CA 67 -5.91 32.77 95.10
N ASP CA 68 -4.59 32.92 95.19
CA ASP CA 68 -3.95 34.22 94.96
C ASP CA 68 -3.83 34.54 93.45
N PRO CA 69 -3.59 35.80 93.07
CA PRO CA 69 -3.49 36.21 91.67
C PRO CA 69 -2.42 35.45 90.86
N ASP CA 70 -1.31 35.05 91.47
CA ASP CA 70 -0.27 34.30 90.75
C ASP CA 70 -0.72 32.86 90.52
N ALA CA 71 -1.44 32.26 91.46
CA ALA CA 71 -2.11 30.98 91.24
C ALA CA 71 -3.19 31.10 90.15
N ILE CA 72 -3.96 32.19 90.13
CA ILE CA 72 -4.92 32.45 89.04
C ILE CA 72 -4.19 32.61 87.70
N ALA CA 73 -3.06 33.33 87.66
CA ALA CA 73 -2.25 33.43 86.45
C ALA CA 73 -1.71 32.05 86.02
N ALA CA 74 -1.26 31.23 86.97
CA ALA CA 74 -0.84 29.87 86.70
C ALA CA 74 -2.01 29.01 86.19
N ALA CA 75 -3.25 29.28 86.58
CA ALA CA 75 -4.42 28.60 86.03
C ALA CA 75 -4.53 28.84 84.51
N ALA CA 76 -4.34 30.08 84.06
CA ALA CA 76 -4.29 30.37 82.64
C ALA CA 76 -3.12 29.66 81.93
N ASP CA 77 -1.96 29.54 82.59
CA ASP CA 77 -0.81 28.84 82.01
C ASP CA 77 -1.01 27.31 81.95
N LEU CA 78 -1.69 26.72 82.94
CA LEU CA 78 -2.19 25.33 82.83
C LEU CA 78 -3.19 25.20 81.67
N GLY CA 79 -3.95 26.25 81.38
CA GLY CA 79 -4.77 26.35 80.17
C GLY CA 79 -3.94 26.33 78.89
N GLN CA 80 -2.84 27.10 78.82
CA GLN CA 80 -1.89 27.04 77.71
C GLN CA 80 -1.24 25.65 77.58
N ALA CA 81 -0.98 24.97 78.70
CA ALA CA 81 -0.51 23.58 78.74
C ALA CA 81 -1.58 22.54 78.33
N GLY CA 82 -2.83 22.95 78.08
CA GLY CA 82 -3.90 22.10 77.54
C GLY CA 82 -4.60 21.20 78.57
N VAL CA 83 -4.44 21.47 79.87
CA VAL CA 83 -5.08 20.71 80.95
C VAL CA 83 -6.61 20.99 80.96
N SER CA 84 -7.45 19.97 81.23
CA SER CA 84 -8.91 20.18 81.31
C SER CA 84 -9.31 21.02 82.52
N PRO CA 85 -10.39 21.79 82.42
CA PRO CA 85 -10.73 22.81 83.41
C PRO CA 85 -10.88 22.25 84.83
N VAL CA 86 -11.54 21.11 84.96
CA VAL CA 86 -11.67 20.44 86.26
C VAL CA 86 -10.30 20.01 86.80
N GLU CA 87 -9.43 19.48 85.95
CA GLU CA 87 -8.09 19.08 86.36
C GLU CA 87 -7.23 20.28 86.76
N ILE CA 88 -7.39 21.41 86.07
CA ILE CA 88 -6.78 22.66 86.52
C ILE CA 88 -7.24 22.92 87.96
N LEU CA 89 -8.55 22.88 88.23
CA LEU CA 89 -9.06 23.15 89.57
C LEU CA 89 -8.51 22.17 90.60
N ALA CA 90 -8.39 20.89 90.26
CA ALA CA 90 -7.77 19.95 91.16
C ALA CA 90 -6.30 20.25 91.41
N LEU CA 91 -5.51 20.54 90.38
CA LEU CA 91 -4.12 20.91 90.58
C LEU CA 91 -4.01 22.11 91.50
N LEU CA 92 -4.82 23.15 91.25
CA LEU CA 92 -4.82 24.35 92.08
C LEU CA 92 -5.23 24.02 93.52
N ILE CA 93 -6.35 23.32 93.71
CA ILE CA 93 -6.84 22.96 95.03
C ILE CA 93 -5.79 22.13 95.77
N ALA CA 94 -5.24 21.12 95.13
CA ALA CA 94 -4.25 20.26 95.74
C ALA CA 94 -3.03 21.09 96.18
N ALA CA 95 -2.49 21.92 95.29
CA ALA CA 95 -1.34 22.73 95.64
C ALA CA 95 -1.66 23.64 96.84
N SER CA 96 -2.78 24.35 96.76
CA SER CA 96 -3.24 25.28 97.79
C SER CA 96 -3.47 24.59 99.14
N VAL CA 97 -4.09 23.41 99.15
CA VAL CA 97 -4.37 22.68 100.38
C VAL CA 97 -3.15 21.93 100.93
N LEU CA 98 -2.22 21.51 100.08
CA LEU CA 98 -0.90 21.06 100.54
C LEU CA 98 -0.06 22.24 101.06
N GLY CA 99 -0.37 23.46 100.64
CA GLY CA 99 0.39 24.68 100.95
C GLY CA 99 1.55 24.94 99.99
N LEU CA 100 1.57 24.27 98.83
CA LEU CA 100 2.56 24.48 97.76
C LEU CA 100 2.36 25.83 97.06
N ASP CA 101 3.44 26.37 96.51
CA ASP CA 101 3.52 27.76 96.04
C ASP CA 101 3.29 27.92 94.53
N PRO CA 102 3.11 29.15 94.01
CA PRO CA 102 2.89 29.37 92.58
C PRO CA 102 4.00 28.83 91.69
N ASP CA 103 5.25 28.79 92.16
CA ASP CA 103 6.33 28.15 91.40
C ASP CA 103 6.11 26.65 91.29
N ALA CA 104 5.65 25.97 92.34
CA ALA CA 104 5.23 24.58 92.23
C ALA CA 104 4.04 24.42 91.27
N ILE CA 105 3.10 25.38 91.22
CA ILE CA 105 2.03 25.33 90.21
C ILE CA 105 2.62 25.49 88.79
N GLN CA 106 3.58 26.38 88.59
CA GLN CA 106 4.30 26.47 87.32
C GLN CA 106 5.05 25.18 86.99
N ALA CA 107 5.66 24.52 87.98
CA ALA CA 107 6.27 23.21 87.78
C ALA CA 107 5.23 22.15 87.38
N ALA CA 108 4.01 22.21 87.91
CA ALA CA 108 2.92 21.35 87.46
C ALA CA 108 2.54 21.63 86.00
N ALA CA 109 2.52 22.90 85.58
CA ALA CA 109 2.32 23.24 84.16
C ALA CA 109 3.46 22.68 83.29
N ALA CA 110 4.71 22.78 83.73
CA ALA CA 110 5.86 22.21 83.03
C ALA CA 110 5.78 20.66 82.94
N LEU CA 111 5.36 19.98 83.99
CA LEU CA 111 5.09 18.54 83.95
C LEU CA 111 3.93 18.20 82.97
N GLY CA 112 2.94 19.08 82.87
CA GLY CA 112 1.88 18.98 81.86
C GLY CA 112 2.39 19.15 80.43
N GLU CA 113 3.28 20.11 80.17
CA GLU CA 113 3.93 20.28 78.87
C GLU CA 113 4.87 19.10 78.53
N ALA CA 114 5.53 18.50 79.53
CA ALA CA 114 6.25 17.23 79.39
C ALA CA 114 5.33 16.01 79.17
N GLY CA 115 4.00 16.17 79.32
CA GLY CA 115 3.00 15.15 79.04
C GLY CA 115 2.73 14.16 80.19
N ILE CA 116 3.18 14.44 81.41
CA ILE CA 116 2.98 13.56 82.57
C ILE CA 116 1.49 13.54 82.95
N SER CA 117 0.96 12.38 83.37
CA SER CA 117 -0.47 12.27 83.74
C SER CA 117 -0.78 13.11 84.98
N ALA CA 118 -1.95 13.76 85.00
CA ALA CA 118 -2.31 14.68 86.09
C ALA CA 118 -2.34 14.00 87.46
N GLU CA 119 -2.82 12.76 87.52
CA GLU CA 119 -2.82 11.99 88.75
C GLU CA 119 -1.38 11.70 89.23
N GLU CA 120 -0.45 11.38 88.31
CA GLU CA 120 0.96 11.25 88.69
C GLU CA 120 1.57 12.58 89.12
N ILE CA 121 1.23 13.71 88.49
CA ILE CA 121 1.70 15.02 88.95
C ILE CA 121 1.24 15.23 90.40
N ILE CA 122 -0.05 15.00 90.68
CA ILE CA 122 -0.60 15.15 92.02
C ILE CA 122 0.14 14.24 93.02
N GLU CA 123 0.31 12.96 92.69
CA GLU CA 123 1.01 12.04 93.57
C GLU CA 123 2.49 12.42 93.77
N LEU CA 124 3.17 12.90 92.72
CA LEU CA 124 4.55 13.38 92.81
C LEU CA 124 4.63 14.62 93.70
N LEU CA 125 3.71 15.58 93.54
CA LEU CA 125 3.66 16.75 94.41
C LEU CA 125 3.42 16.32 95.87
N THR CA 126 2.48 15.39 96.10
CA THR CA 126 2.23 14.84 97.43
C THR CA 126 3.49 14.19 97.99
N ALA CA 127 4.15 13.34 97.21
CA ALA CA 127 5.37 12.68 97.65
C ALA CA 127 6.47 13.70 97.98
N ALA CA 128 6.68 14.72 97.14
CA ALA CA 128 7.67 15.75 97.40
C ALA CA 128 7.37 16.54 98.69
N ARG CA 129 6.08 16.83 98.94
CA ARG CA 129 5.62 17.45 100.18
C ARG CA 129 5.89 16.57 101.39
N ASP CA 130 5.55 15.28 101.32
CA ASP CA 130 5.78 14.34 102.43
C ASP CA 130 7.28 14.09 102.67
N LEU CA 131 8.11 14.12 101.63
CA LEU CA 131 9.58 14.08 101.72
C LEU CA 131 10.19 15.42 102.19
N GLY CA 132 9.39 16.49 102.33
CA GLY CA 132 9.87 17.80 102.79
C GLY CA 132 10.79 18.51 101.80
N LEU CA 133 10.71 18.17 100.51
CA LEU CA 133 11.55 18.75 99.46
C LEU CA 133 11.21 20.21 99.19
N ASP CA 134 12.19 20.97 98.69
CA ASP CA 134 12.01 22.36 98.27
C ASP CA 134 11.45 22.46 96.82
N PRO CA 135 10.85 23.61 96.45
CA PRO CA 135 10.31 23.80 95.12
C PRO CA 135 11.38 23.75 94.02
N ASP CA 136 12.65 24.02 94.35
CA ASP CA 136 13.75 23.78 93.41
C ASP CA 136 13.90 22.29 93.07
N ALA CA 137 13.88 21.39 94.07
CA ALA CA 137 13.88 19.97 93.80
C ALA CA 137 12.63 19.54 93.01
N ILE CA 138 11.47 20.14 93.25
CA ILE CA 138 10.29 19.90 92.42
C ILE CA 138 10.54 20.36 90.97
N GLN CA 139 11.12 21.54 90.75
CA GLN CA 139 11.45 22.01 89.40
C GLN CA 139 12.50 21.14 88.71
N ALA CA 140 13.48 20.63 89.44
CA ALA CA 140 14.42 19.66 88.90
C ALA CA 140 13.73 18.30 88.62
N ALA CA 141 12.75 17.88 89.41
CA ALA CA 141 11.90 16.74 89.06
C ALA CA 141 11.07 17.03 87.79
N ALA CA 142 10.63 18.26 87.57
CA ALA CA 142 10.03 18.63 86.29
C ALA CA 142 11.02 18.49 85.12
N GLN CA 143 12.31 18.78 85.32
CA GLN CA 143 13.34 18.45 84.32
C GLN CA 143 13.53 16.95 84.14
N LEU CA 144 13.44 16.11 85.18
CA LEU CA 144 13.40 14.65 85.00
C LEU CA 144 12.17 14.23 84.16
N GLY CA 145 11.06 14.95 84.30
CA GLY CA 145 9.89 14.82 83.44
C GLY CA 145 10.19 15.18 81.98
N GLU CA 146 10.89 16.28 81.73
CA GLU CA 146 11.36 16.64 80.36
C GLU CA 146 12.31 15.59 79.78
N ALA CA 147 13.15 14.97 80.62
CA ALA CA 147 13.98 13.83 80.27
C ALA CA 147 13.20 12.51 80.12
N GLY CA 148 11.90 12.48 80.41
CA GLY CA 148 11.01 11.33 80.23
C GLY CA 148 11.16 10.23 81.28
N ILE CA 149 11.77 10.50 82.43
CA ILE CA 149 11.98 9.52 83.50
C ILE CA 149 10.62 9.08 84.09
N SER CA 150 10.43 7.79 84.36
CA SER CA 150 9.17 7.27 84.92
C SER CA 150 8.96 7.76 86.36
N SER CA 151 7.70 7.87 86.81
CA SER CA 151 7.39 8.41 88.14
C SER CA 151 8.04 7.63 89.29
N GLU CA 152 8.12 6.29 89.22
CA GLU CA 152 8.88 5.50 90.19
C GLU CA 152 10.37 5.84 90.16
N GLU CA 153 10.97 6.00 88.97
CA GLU CA 153 12.38 6.33 88.86
C GLU CA 153 12.67 7.75 89.32
N ILE CA 154 11.75 8.71 89.13
CA ILE CA 154 11.86 10.02 89.77
C ILE CA 154 11.85 9.83 91.29
N LYS CA 155 10.91 9.07 91.85
CA LYS CA 155 10.85 8.84 93.29
C LYS CA 155 12.11 8.16 93.82
N GLU CA 156 12.68 7.21 93.10
CA GLU CA 156 13.95 6.59 93.49
C GLU CA 156 15.12 7.57 93.38
N LEU CA 157 15.20 8.40 92.34
CA LEU CA 157 16.22 9.44 92.24
C LEU CA 157 16.09 10.45 93.37
N LEU CA 158 14.86 10.81 93.76
CA LEU CA 158 14.63 11.66 94.92
C LEU CA 158 14.98 10.94 96.23
N ARG CA 159 14.70 9.63 96.37
CA ARG CA 159 15.16 8.85 97.53
C ARG CA 159 16.66 8.86 97.62
N ALA CA 160 17.35 8.61 96.50
CA ALA CA 160 18.80 8.71 96.45
C ALA CA 160 19.27 10.13 96.82
N ALA CA 161 18.70 11.17 96.23
CA ALA CA 161 19.10 12.54 96.53
C ALA CA 161 18.93 12.88 98.02
N HIS CA 162 17.83 12.43 98.63
CA HIS CA 162 17.57 12.57 100.07
C HIS CA 162 18.60 11.82 100.91
N GLU CA 163 18.79 10.52 100.66
CA GLU CA 163 19.72 9.71 101.46
C GLU CA 163 21.20 10.13 101.29
N LEU CA 164 21.58 10.60 100.10
CA LEU CA 164 22.96 10.96 99.76
C LEU CA 164 23.25 12.47 99.94
N GLY CA 165 22.25 13.29 100.23
CA GLY CA 165 22.40 14.74 100.38
C GLY CA 165 22.81 15.46 99.09
N LEU CA 166 22.31 15.01 97.94
CA LEU CA 166 22.50 15.69 96.66
C LEU CA 166 21.67 16.99 96.58
N ASP CA 167 21.72 17.69 95.45
CA ASP CA 167 21.06 18.98 95.25
C ASP CA 167 20.34 19.06 93.89
N PRO CA 168 19.47 20.08 93.66
CA PRO CA 168 18.74 20.24 92.41
C PRO CA 168 19.63 20.32 91.16
N ASP CA 169 20.86 20.84 91.25
CA ASP CA 169 21.80 20.85 90.13
C ASP CA 169 22.29 19.44 89.80
N CYS CA 170 22.54 18.61 90.81
CA CYS CA 170 22.81 17.19 90.61
C CYS CA 170 21.61 16.48 89.97
N ILE CA 171 20.38 16.82 90.37
CA ILE CA 171 19.18 16.28 89.71
C ILE CA 171 19.08 16.78 88.26
N ALA CA 172 19.41 18.04 87.98
CA ALA CA 172 19.47 18.56 86.62
C ALA CA 172 20.51 17.82 85.76
N ALA CA 173 21.69 17.53 86.32
CA ALA CA 173 22.69 16.71 85.66
C ALA CA 173 22.22 15.24 85.46
N ALA CA 174 21.44 14.68 86.39
CA ALA CA 174 20.79 13.39 86.17
C ALA CA 174 19.80 13.46 84.99
N ALA CA 175 19.04 14.55 84.84
CA ALA CA 175 18.18 14.76 83.67
C ALA CA 175 18.97 14.86 82.36
N ASP CA 176 20.20 15.41 82.37
CA ASP CA 176 21.10 15.35 81.21
C ASP CA 176 21.51 13.90 80.89
N LEU CA 177 21.89 13.10 81.89
CA LEU CA 177 22.21 11.67 81.70
C LEU CA 177 20.99 10.87 81.22
N GLY CA 178 19.78 11.26 81.64
CA GLY CA 178 18.52 10.69 81.16
C GLY CA 178 18.27 10.98 79.67
N GLN CA 179 18.54 12.21 79.22
CA GLN CA 179 18.50 12.57 77.79
C GLN CA 179 19.62 11.88 77.00
N ALA CA 180 20.76 11.60 77.61
CA ALA CA 180 21.80 10.73 77.05
C ALA CA 180 21.43 9.22 77.05
N GLY CA 181 20.31 8.83 77.65
CA GLY CA 181 19.78 7.46 77.61
C GLY CA 181 20.41 6.49 78.61
N ILE CA 182 21.14 6.99 79.61
CA ILE CA 182 21.75 6.14 80.66
C ILE CA 182 20.65 5.55 81.56
N SER CA 183 20.76 4.28 81.97
CA SER CA 183 19.75 3.64 82.82
C SER CA 183 19.73 4.24 84.24
N SER CA 184 18.58 4.23 84.92
CA SER CA 184 18.44 4.88 86.24
C SER CA 184 19.39 4.31 87.31
N SER CA 185 19.69 3.01 87.27
CA SER CA 185 20.70 2.39 88.14
C SER CA 185 22.11 2.94 87.85
N GLU CA 186 22.49 3.05 86.57
CA GLU CA 186 23.78 3.60 86.16
C GLU CA 186 23.88 5.12 86.42
N ILE CA 187 22.80 5.88 86.22
CA ILE CA 187 22.75 7.29 86.63
C ILE CA 187 23.01 7.38 88.13
N THR CA 188 22.40 6.51 88.94
CA THR CA 188 22.64 6.49 90.39
C THR CA 188 24.11 6.19 90.70
N ALA CA 189 24.72 5.22 90.01
CA ALA CA 189 26.15 4.98 90.15
C ALA CA 189 26.99 6.22 89.78
N LEU CA 190 26.66 6.90 88.68
CA LEU CA 190 27.38 8.11 88.28
C LEU CA 190 27.18 9.26 89.27
N LEU CA 191 25.98 9.44 89.82
CA LEU CA 191 25.75 10.37 90.91
C LEU CA 191 26.62 10.02 92.12
N LEU CA 192 26.61 8.75 92.55
CA LEU CA 192 27.41 8.28 93.68
C LEU CA 192 28.90 8.54 93.45
N ALA CA 193 29.44 8.16 92.30
CA ALA CA 193 30.86 8.34 92.00
C ALA CA 193 31.25 9.82 91.91
N ALA CA 194 30.46 10.65 91.21
CA ALA CA 194 30.72 12.07 91.10
C ALA CA 194 30.72 12.74 92.47
N ALA CA 195 29.71 12.45 93.30
CA ALA CA 195 29.66 12.92 94.68
C ALA CA 195 30.87 12.46 95.49
N ALA CA 196 31.21 11.16 95.46
CA ALA CA 196 32.35 10.63 96.19
C ALA CA 196 33.65 11.31 95.78
N ILE CA 197 33.86 11.58 94.49
CA ILE CA 197 35.11 12.19 94.02
C ILE CA 197 35.14 13.70 94.27
N GLU CA 198 34.02 14.42 94.19
CA GLU CA 198 33.99 15.80 94.67
C GLU CA 198 34.23 15.89 96.19
N LEU CA 199 33.66 14.97 96.98
CA LEU CA 199 33.96 14.89 98.41
C LEU CA 199 35.45 14.54 98.64
N ALA CA 200 36.03 13.65 97.84
CA ALA CA 200 37.47 13.37 97.84
C ALA CA 200 38.34 14.55 97.33
N LYS CA 201 37.76 15.72 97.03
CA LYS CA 201 38.46 16.99 96.77
C LYS CA 201 38.19 18.03 97.84
N ARG CA 202 36.94 18.14 98.31
CA ARG CA 202 36.56 19.00 99.45
C ARG CA 202 37.05 18.45 100.81
N ALA CA 203 37.38 17.17 100.87
CA ALA CA 203 37.99 16.44 101.98
C ALA CA 203 38.99 15.40 101.43
N ASP CA 204 40.06 15.90 100.82
CA ASP CA 204 41.03 15.14 100.02
C ASP CA 204 42.03 14.28 100.82
N ASP CA 205 41.60 13.67 101.93
CA ASP CA 205 42.45 12.80 102.73
C ASP CA 205 42.89 11.57 101.93
N LYS CA 206 44.17 11.19 102.02
CA LYS CA 206 44.71 9.94 101.47
C LYS CA 206 43.89 8.70 101.83
N ASP CA 207 43.29 8.63 103.02
CA ASP CA 207 42.39 7.52 103.36
C ASP CA 207 41.10 7.54 102.54
N VAL CA 208 40.50 8.73 102.36
CA VAL CA 208 39.35 8.90 101.48
C VAL CA 208 39.74 8.55 100.05
N ARG CA 209 40.91 9.00 99.58
CA ARG CA 209 41.43 8.64 98.24
C ARG CA 209 41.54 7.12 98.09
N GLU CA 210 42.16 6.42 99.04
CA GLU CA 210 42.28 4.95 98.99
C GLU CA 210 40.92 4.25 98.99
N ILE CA 211 40.02 4.63 99.89
CA ILE CA 211 38.69 4.03 99.98
C ILE CA 211 37.91 4.27 98.68
N VAL CA 212 37.85 5.52 98.22
CA VAL CA 212 37.11 5.89 97.02
C VAL CA 212 37.71 5.17 95.80
N ARG CA 213 39.03 5.14 95.65
CA ARG CA 213 39.70 4.42 94.56
C ARG CA 213 39.36 2.93 94.60
N ASP CA 214 39.55 2.28 95.74
CA ASP CA 214 39.31 0.85 95.86
C ASP CA 214 37.83 0.51 95.68
N ALA CA 215 36.92 1.39 96.11
CA ALA CA 215 35.50 1.24 95.83
C ALA CA 215 35.19 1.39 94.34
N LEU CA 216 35.72 2.41 93.67
CA LEU CA 216 35.54 2.57 92.23
C LEU CA 216 36.14 1.38 91.47
N GLU CA 217 37.28 0.87 91.89
CA GLU CA 217 37.87 -0.34 91.30
C GLU CA 217 36.97 -1.55 91.52
N LEU CA 218 36.54 -1.81 92.75
CA LEU CA 218 35.64 -2.93 93.06
C LEU CA 218 34.35 -2.83 92.25
N ALA CA 219 33.77 -1.63 92.13
CA ALA CA 219 32.60 -1.39 91.30
C ALA CA 219 32.88 -1.66 89.82
N SER CA 220 34.03 -1.21 89.30
CA SER CA 220 34.40 -1.42 87.90
C SER CA 220 34.70 -2.90 87.59
N ARG CA 221 35.17 -3.66 88.60
CA ARG CA 221 35.34 -5.12 88.54
C ARG CA 221 34.02 -5.90 88.64
N SER CA 222 33.02 -5.33 89.30
CA SER CA 222 31.74 -6.01 89.58
C SER CA 222 30.88 -6.23 88.33
N THR CA 223 30.25 -7.41 88.23
CA THR CA 223 29.14 -7.71 87.31
C THR CA 223 27.75 -7.61 87.98
N ASN CA 224 27.68 -7.25 89.26
CA ASN CA 224 26.43 -7.11 90.02
C ASN CA 224 26.21 -5.65 90.47
N ASP CA 225 25.13 -5.00 90.03
CA ASP CA 225 24.92 -3.58 90.32
C ASP CA 225 24.48 -3.28 91.76
N GLU CA 226 24.01 -4.28 92.51
CA GLU CA 226 23.75 -4.12 93.95
C GLU CA 226 25.07 -3.92 94.69
N VAL CA 227 26.09 -4.70 94.35
CA VAL CA 227 27.45 -4.49 94.86
C VAL CA 227 27.97 -3.11 94.43
N ILE CA 228 27.71 -2.67 93.19
CA ILE CA 228 28.14 -1.34 92.73
C ILE CA 228 27.49 -0.25 93.58
N ARG CA 229 26.17 -0.28 93.71
CA ARG CA 229 25.43 0.72 94.49
C ARG CA 229 25.88 0.68 95.95
N LEU CA 230 26.03 -0.50 96.55
CA LEU CA 230 26.59 -0.64 97.90
C LEU CA 230 27.98 -0.02 98.02
N ALA CA 231 28.91 -0.35 97.11
CA ALA CA 231 30.29 0.12 97.20
C ALA CA 231 30.38 1.64 97.02
N LEU CA 232 29.64 2.21 96.06
CA LEU CA 232 29.68 3.64 95.80
C LEU CA 232 28.87 4.43 96.84
N GLU CA 233 27.82 3.85 97.43
CA GLU CA 233 27.16 4.41 98.62
C GLU CA 233 28.11 4.41 99.82
N ALA CA 234 28.82 3.31 100.06
CA ALA CA 234 29.85 3.26 101.11
C ALA CA 234 30.93 4.32 100.85
N ALA CA 235 31.37 4.51 99.60
CA ALA CA 235 32.33 5.54 99.23
C ALA CA 235 31.79 6.95 99.55
N VAL CA 236 30.54 7.26 99.20
CA VAL CA 236 29.93 8.56 99.56
C VAL CA 236 29.86 8.73 101.07
N LEU CA 237 29.39 7.72 101.81
CA LEU CA 237 29.29 7.80 103.26
C LEU CA 237 30.66 7.97 103.92
N ALA CA 238 31.67 7.20 103.49
CA ALA CA 238 33.03 7.34 103.99
C ALA CA 238 33.64 8.71 103.66
N ALA CA 239 33.35 9.28 102.48
CA ALA CA 239 33.83 10.60 102.08
C ALA CA 239 33.06 11.76 102.75
N ARG CA 240 31.80 11.56 103.15
CA ARG CA 240 31.06 12.49 104.04
C ARG CA 240 31.54 12.39 105.50
N SER CA 241 31.90 11.20 105.95
CA SER CA 241 32.45 10.96 107.28
C SER CA 241 33.86 11.53 107.45
N THR CA 242 34.28 11.75 108.69
CA THR CA 242 35.68 11.95 109.07
C THR CA 242 36.12 10.95 110.14
N ASP CA 243 35.29 9.94 110.43
CA ASP CA 243 35.50 9.01 111.54
C ASP CA 243 36.49 7.90 111.16
N SER CA 244 37.60 7.81 111.89
CA SER CA 244 38.59 6.75 111.74
C SER CA 244 37.98 5.35 111.83
N ASP CA 245 36.94 5.12 112.63
CA ASP CA 245 36.28 3.82 112.66
C ASP CA 245 35.55 3.53 111.34
N VAL CA 246 34.89 4.53 110.75
CA VAL CA 246 34.26 4.37 109.44
C VAL CA 246 35.31 4.13 108.38
N LEU CA 247 36.42 4.86 108.41
CA LEU CA 247 37.53 4.63 107.49
C LEU CA 247 38.08 3.20 107.63
N GLU CA 248 38.36 2.74 108.85
CA GLU CA 248 38.86 1.38 109.08
C GLU CA 248 37.84 0.30 108.70
N ILE CA 249 36.58 0.43 109.10
CA ILE CA 249 35.53 -0.55 108.80
C ILE CA 249 35.29 -0.62 107.28
N VAL CA 250 35.18 0.52 106.59
CA VAL CA 250 34.98 0.52 105.14
C VAL CA 250 36.22 -0.02 104.42
N LYS CA 251 37.44 0.33 104.86
CA LYS CA 251 38.67 -0.23 104.27
C LYS CA 251 38.76 -1.74 104.48
N ASP CA 252 38.45 -2.24 105.66
CA ASP CA 252 38.39 -3.69 105.91
C ASP CA 252 37.33 -4.38 105.04
N ALA CA 253 36.14 -3.78 104.89
CA ALA CA 253 35.09 -4.34 104.06
C ALA CA 253 35.49 -4.39 102.57
N LEU CA 254 36.05 -3.30 102.04
CA LEU CA 254 36.57 -3.26 100.67
C LEU CA 254 37.72 -4.24 100.48
N GLU CA 255 38.61 -4.37 101.45
CA GLU CA 255 39.73 -5.31 101.39
C GLU CA 255 39.24 -6.76 101.42
N LEU CA 256 38.28 -7.09 102.28
CA LEU CA 256 37.63 -8.40 102.25
C LEU CA 256 36.97 -8.66 100.89
N ALA CA 257 36.30 -7.66 100.30
CA ALA CA 257 35.69 -7.79 98.97
C ALA CA 257 36.71 -7.87 97.82
N LYS CA 258 37.90 -7.29 97.99
CA LYS CA 258 39.04 -7.45 97.09
C LYS CA 258 39.64 -8.86 97.18
N GLN CA 259 39.70 -9.42 98.38
CA GLN CA 259 40.27 -10.75 98.65
C GLN CA 259 39.32 -11.92 98.32
N SER CA 260 38.04 -11.83 98.70
CA SER CA 260 37.05 -12.92 98.59
C SER CA 260 36.02 -12.67 97.49
N THR CA 261 35.76 -13.68 96.63
CA THR CA 261 34.85 -13.56 95.46
C THR CA 261 33.37 -13.83 95.77
N ASN CA 262 33.01 -14.23 97.00
CA ASN CA 262 31.64 -14.58 97.37
C ASN CA 262 30.71 -13.34 97.46
N GLU CA 263 29.76 -13.20 96.54
CA GLU CA 263 28.89 -12.02 96.47
C GLU CA 263 27.97 -11.83 97.69
N GLU CA 264 27.66 -12.87 98.45
CA GLU CA 264 26.87 -12.73 99.68
C GLU CA 264 27.75 -12.20 100.82
N VAL CA 265 28.97 -12.72 100.99
CA VAL CA 265 29.94 -12.14 101.93
C VAL CA 265 30.20 -10.68 101.58
N ILE CA 266 30.39 -10.37 100.29
CA ILE CA 266 30.61 -8.99 99.83
C ILE CA 266 29.42 -8.12 100.22
N LYS CA 267 28.19 -8.51 99.87
CA LYS CA 267 27.02 -7.68 100.20
C LYS CA 267 26.81 -7.58 101.71
N LEU CA 268 27.02 -8.65 102.47
CA LEU CA 268 26.95 -8.60 103.93
C LEU CA 268 27.97 -7.61 104.50
N ALA CA 269 29.23 -7.66 104.06
CA ALA CA 269 30.28 -6.77 104.56
C ALA CA 269 30.01 -5.31 104.19
N LEU CA 270 29.64 -5.03 102.93
CA LEU CA 270 29.33 -3.66 102.51
C LEU CA 270 28.07 -3.14 103.21
N LYS CA 271 27.01 -3.94 103.34
CA LYS CA 271 25.78 -3.52 104.05
C LYS CA 271 26.06 -3.23 105.52
N ALA CA 272 26.83 -4.09 106.21
CA ALA CA 272 27.25 -3.81 107.59
C ALA CA 272 28.03 -2.48 107.68
N ALA CA 273 28.98 -2.25 106.79
CA ALA CA 273 29.73 -0.99 106.74
C ALA CA 273 28.82 0.22 106.46
N VAL CA 274 27.88 0.12 105.50
CA VAL CA 274 26.92 1.18 105.18
C VAL CA 274 26.03 1.50 106.38
N LEU CA 275 25.46 0.48 107.03
CA LEU CA 275 24.63 0.67 108.22
C LEU CA 275 25.45 1.27 109.36
N ALA CA 276 26.68 0.80 109.59
CA ALA CA 276 27.57 1.37 110.58
C ALA CA 276 27.92 2.84 110.28
N ALA CA 277 28.07 3.21 109.00
CA ALA CA 277 28.37 4.58 108.59
C ALA CA 277 27.15 5.53 108.65
N LYS CA 278 25.92 5.02 108.42
CA LYS CA 278 24.69 5.78 108.67
C LYS CA 278 24.39 5.93 110.17
N SER CA 279 24.66 4.89 110.96
CA SER CA 279 24.47 4.88 112.41
C SER CA 279 25.42 5.84 113.14
N THR CA 280 25.03 6.26 114.35
CA THR CA 280 25.86 7.02 115.28
C THR CA 280 26.41 6.18 116.45
N ASP CA 281 26.06 4.90 116.53
CA ASP CA 281 26.34 4.08 117.72
C ASP CA 281 27.76 3.49 117.76
N GLU CA 282 28.57 3.97 118.70
CA GLU CA 282 29.95 3.52 118.93
C GLU CA 282 30.05 2.04 119.35
N GLU CA 283 29.02 1.48 120.00
CA GLU CA 283 29.02 0.06 120.37
C GLU CA 283 28.75 -0.84 119.17
N VAL CA 284 27.91 -0.39 118.23
CA VAL CA 284 27.73 -1.05 116.93
C VAL CA 284 29.03 -0.98 116.13
N LEU CA 285 29.67 0.20 116.06
CA LEU CA 285 30.97 0.35 115.39
C LEU CA 285 32.02 -0.60 115.98
N GLU CA 286 32.11 -0.69 117.31
CA GLU CA 286 33.05 -1.59 117.98
C GLU CA 286 32.76 -3.08 117.68
N GLU CA 287 31.52 -3.53 117.84
CA GLU CA 287 31.15 -4.91 117.55
C GLU CA 287 31.29 -5.24 116.05
N VAL CA 288 31.01 -4.29 115.14
CA VAL CA 288 31.25 -4.47 113.69
C VAL CA 288 32.75 -4.61 113.42
N LYS CA 289 33.60 -3.78 114.02
CA LYS CA 289 35.06 -3.91 113.87
C LYS CA 289 35.55 -5.25 114.43
N GLU CA 290 35.05 -5.66 115.59
CA GLU CA 290 35.35 -6.99 116.15
C GLU CA 290 34.83 -8.12 115.25
N ALA CA 291 33.65 -8.02 114.65
CA ALA CA 291 33.15 -9.01 113.72
C ALA CA 291 34.02 -9.09 112.45
N LEU CA 292 34.46 -7.96 111.90
CA LEU CA 292 35.42 -7.94 110.81
C LEU CA 292 36.78 -8.49 111.24
N ARG CA 293 37.22 -8.27 112.49
CA ARG CA 293 38.44 -8.90 113.03
C ARG CA 293 38.30 -10.42 113.09
N ARG CA 294 37.19 -10.94 113.64
CA ARG CA 294 36.88 -12.37 113.65
C ARG CA 294 36.91 -12.93 112.22
N ALA CA 295 36.26 -12.25 111.27
CA ALA CA 295 36.24 -12.65 109.87
C ALA CA 295 37.64 -12.66 109.21
N LYS CA 296 38.48 -11.67 109.50
CA LYS CA 296 39.86 -11.56 109.00
C LYS CA 296 40.76 -12.68 109.56
N GLU CA 297 40.62 -12.98 110.86
CA GLU CA 297 41.37 -14.06 111.51
C GLU CA 297 40.86 -15.46 111.11
N SER CA 298 39.57 -15.59 110.79
CA SER CA 298 38.96 -16.85 110.33
C SER CA 298 39.33 -17.21 108.89
N THR CA 299 39.02 -18.44 108.49
CA THR CA 299 39.15 -18.99 107.13
C THR CA 299 37.91 -19.78 106.70
N ASP CA 300 36.77 -19.60 107.37
CA ASP CA 300 35.50 -20.28 107.09
C ASP CA 300 34.41 -19.29 106.67
N GLU CA 301 33.91 -19.43 105.44
CA GLU CA 301 32.83 -18.58 104.94
C GLU CA 301 31.53 -18.72 105.73
N GLU CA 302 31.25 -19.88 106.34
CA GLU CA 302 30.06 -20.04 107.18
C GLU CA 302 30.18 -19.23 108.47
N GLU CA 303 31.36 -19.18 109.08
CA GLU CA 303 31.59 -18.31 110.23
C GLU CA 303 31.48 -16.83 109.83
N ILE CA 304 32.12 -16.44 108.73
CA ILE CA 304 32.11 -15.05 108.23
C ILE CA 304 30.68 -14.59 107.93
N LYS CA 305 29.90 -15.39 107.17
CA LYS CA 305 28.52 -15.04 106.83
C LYS CA 305 27.66 -14.89 108.08
N GLU CA 306 27.70 -15.84 109.02
CA GLU CA 306 26.88 -15.74 110.23
C GLU CA 306 27.31 -14.60 111.16
N GLU CA 307 28.61 -14.40 111.36
CA GLU CA 307 29.10 -13.27 112.19
C GLU CA 307 28.69 -11.92 111.61
N LEU CA 308 28.68 -11.75 110.28
CA LEU CA 308 28.13 -10.54 109.66
C LEU CA 308 26.60 -10.50 109.75
N ARG CA 309 25.90 -11.61 109.47
CA ARG CA 309 24.43 -11.68 109.49
C ARG CA 309 23.85 -11.25 110.83
N LYS CA 310 24.50 -11.65 111.94
CA LYS CA 310 24.11 -11.26 113.30
C LYS CA 310 23.94 -9.75 113.44
N ALA CA 311 24.90 -8.98 112.94
CA ALA CA 311 24.81 -7.53 112.90
C ALA CA 311 23.82 -7.06 111.82
N VAL CA 312 23.93 -7.58 110.60
CA VAL CA 312 23.16 -7.09 109.44
C VAL CA 312 21.65 -7.21 109.64
N GLU CA 313 21.16 -8.27 110.29
CA GLU CA 313 19.72 -8.43 110.56
C GLU CA 313 19.23 -7.69 111.82
N GLU CA 314 20.12 -7.10 112.62
CA GLU CA 314 19.75 -6.32 113.82
C GLU CA 314 19.94 -4.79 113.63
N ALA CA 315 20.89 -4.36 112.80
CA ALA CA 315 21.24 -2.96 112.58
C ALA CA 315 20.36 -2.21 111.55
N GLU CA 316 19.57 -2.92 110.73
CA GLU CA 316 18.64 -2.34 109.73
C GLU CA 316 17.46 -1.58 110.35
N CYS DA 3 61.57 45.29 62.64
CA CYS DA 3 60.19 44.78 62.47
C CYS DA 3 59.56 45.26 61.15
N ASP DA 4 58.95 46.45 61.10
CA ASP DA 4 57.95 46.83 60.08
C ASP DA 4 58.49 46.93 58.63
N ALA DA 5 59.78 47.25 58.45
CA ALA DA 5 60.34 47.70 57.17
C ALA DA 5 60.19 46.69 56.02
N ILE DA 6 60.00 45.41 56.31
CA ILE DA 6 59.84 44.33 55.33
C ILE DA 6 58.51 44.47 54.56
N GLN DA 7 57.48 45.10 55.14
CA GLN DA 7 56.15 45.17 54.55
C GLN DA 7 56.15 45.77 53.15
N ALA DA 8 57.01 46.77 52.90
CA ALA DA 8 57.18 47.35 51.57
C ALA DA 8 57.70 46.35 50.54
N ALA DA 9 58.70 45.52 50.91
CA ALA DA 9 59.21 44.48 50.04
C ALA DA 9 58.14 43.42 49.74
N ALA DA 10 57.32 43.05 50.73
CA ALA DA 10 56.20 42.14 50.52
C ALA DA 10 55.16 42.73 49.54
N ALA DA 11 54.77 44.01 49.73
CA ALA DA 11 53.84 44.68 48.83
C ALA DA 11 54.37 44.81 47.39
N LEU DA 12 55.65 45.14 47.21
CA LEU DA 12 56.30 45.16 45.89
C LEU DA 12 56.40 43.76 45.26
N GLY DA 13 56.61 42.72 46.07
CA GLY DA 13 56.59 41.32 45.61
C GLY DA 13 55.20 40.88 45.14
N GLU DA 14 54.14 41.24 45.86
CA GLU DA 14 52.75 41.01 45.42
C GLU DA 14 52.38 41.82 44.16
N ALA DA 15 52.96 43.01 43.98
CA ALA DA 15 52.86 43.79 42.75
C ALA DA 15 53.68 43.22 41.56
N GLY DA 16 54.49 42.17 41.79
CA GLY DA 16 55.25 41.47 40.75
C GLY DA 16 56.63 42.07 40.42
N ILE DA 17 57.15 42.99 41.25
CA ILE DA 17 58.49 43.57 41.08
C ILE DA 17 59.58 42.52 41.42
N SER DA 18 60.62 42.39 40.59
CA SER DA 18 61.69 41.40 40.80
C SER DA 18 62.64 41.78 41.96
N SER DA 19 63.34 40.80 42.54
CA SER DA 19 64.17 41.01 43.73
C SER DA 19 65.27 42.06 43.55
N ASN DA 20 66.02 42.05 42.44
CA ASN DA 20 67.01 43.11 42.15
C ASN DA 20 66.36 44.48 41.98
N GLU DA 21 65.13 44.58 41.45
CA GLU DA 21 64.41 45.85 41.35
C GLU DA 21 63.88 46.32 42.71
N ILE DA 22 63.45 45.41 43.59
CA ILE DA 22 63.13 45.78 44.98
C ILE DA 22 64.39 46.34 45.67
N LEU DA 23 65.53 45.69 45.51
CA LEU DA 23 66.79 46.20 46.03
C LEU DA 23 67.15 47.57 45.41
N GLU DA 24 66.91 47.79 44.13
CA GLU DA 24 67.14 49.08 43.48
C GLU DA 24 66.21 50.17 44.04
N LEU DA 25 64.92 49.87 44.21
CA LEU DA 25 63.96 50.78 44.85
C LEU DA 25 64.37 51.07 46.30
N LEU DA 26 64.87 50.08 47.02
CA LEU DA 26 65.43 50.29 48.35
C LEU DA 26 66.71 51.14 48.31
N ALA DA 27 67.56 51.00 47.28
CA ALA DA 27 68.73 51.86 47.10
C ALA DA 27 68.30 53.32 46.90
N ALA DA 28 67.27 53.56 46.09
CA ALA DA 28 66.68 54.88 45.96
C ALA DA 28 66.08 55.35 47.29
N ALA DA 29 65.33 54.52 48.00
CA ALA DA 29 64.74 54.89 49.28
C ALA DA 29 65.80 55.32 50.30
N ALA DA 30 66.96 54.67 50.32
CA ALA DA 30 68.12 55.06 51.13
C ALA DA 30 68.76 56.38 50.64
N GLU DA 31 69.03 56.51 49.35
CA GLU DA 31 69.60 57.74 48.77
C GLU DA 31 68.72 58.95 49.07
N LEU DA 32 67.42 58.81 48.86
CA LEU DA 32 66.43 59.87 49.00
C LEU DA 32 65.91 60.02 50.45
N GLY DA 33 66.23 59.08 51.34
CA GLY DA 33 65.80 59.13 52.74
C GLY DA 33 64.29 59.02 52.92
N LEU DA 34 63.62 58.16 52.15
CA LEU DA 34 62.16 58.07 52.12
C LEU DA 34 61.56 57.50 53.42
N ASP DA 35 60.45 58.08 53.86
CA ASP DA 35 59.64 57.59 54.98
C ASP DA 35 58.74 56.38 54.59
N PRO DA 36 58.21 55.63 55.56
CA PRO DA 36 57.37 54.45 55.30
C PRO DA 36 56.16 54.72 54.41
N ASP DA 37 55.48 55.85 54.58
CA ASP DA 37 54.27 56.17 53.80
C ASP DA 37 54.59 56.62 52.37
N ALA DA 38 55.70 57.34 52.14
CA ALA DA 38 56.20 57.59 50.79
C ALA DA 38 56.57 56.27 50.07
N ILE DA 39 57.19 55.32 50.78
CA ILE DA 39 57.49 54.00 50.23
C ILE DA 39 56.20 53.19 50.00
N GLN DA 40 55.21 53.28 50.91
CA GLN DA 40 53.90 52.65 50.70
C GLN DA 40 53.19 53.22 49.47
N ALA DA 41 53.26 54.54 49.25
CA ALA DA 41 52.77 55.16 48.02
C ALA DA 41 53.52 54.63 46.77
N ALA DA 42 54.83 54.39 46.86
CA ALA DA 42 55.58 53.73 45.79
C ALA DA 42 55.07 52.31 45.50
N ALA DA 43 54.80 51.51 46.54
CA ALA DA 43 54.19 50.20 46.38
C ALA DA 43 52.79 50.30 45.74
N GLN DA 44 51.98 51.31 46.11
CA GLN DA 44 50.68 51.56 45.52
C GLN DA 44 50.75 52.04 44.06
N LEU DA 45 51.79 52.79 43.66
CA LEU DA 45 52.09 53.06 42.25
C LEU DA 45 52.44 51.76 41.50
N GLY DA 46 53.11 50.81 42.17
CA GLY DA 46 53.32 49.46 41.65
C GLY DA 46 52.01 48.67 41.46
N GLU DA 47 51.09 48.73 42.43
CA GLU DA 47 49.73 48.16 42.30
C GLU DA 47 48.90 48.82 41.19
N ALA DA 48 49.09 50.13 40.96
CA ALA DA 48 48.53 50.85 39.82
C ALA DA 48 49.23 50.52 38.47
N GLY DA 49 50.30 49.73 38.48
CA GLY DA 49 50.97 49.23 37.27
C GLY DA 49 52.06 50.15 36.68
N ILE DA 50 52.53 51.16 37.41
CA ILE DA 50 53.64 52.03 36.98
C ILE DA 50 54.97 51.23 36.97
N SER DA 51 55.79 51.37 35.92
CA SER DA 51 57.02 50.57 35.76
C SER DA 51 58.13 50.97 36.75
N SER DA 52 59.07 50.07 37.02
CA SER DA 52 60.06 50.21 38.10
C SER DA 52 60.91 51.47 37.97
N GLU DA 53 61.46 51.76 36.81
CA GLU DA 53 62.26 52.98 36.63
C GLU DA 53 61.39 54.24 36.62
N GLU DA 54 60.13 54.18 36.19
CA GLU DA 54 59.22 55.31 36.35
C GLU DA 54 58.97 55.60 37.84
N ILE DA 55 58.79 54.57 38.68
CA ILE DA 55 58.67 54.78 40.12
C ILE DA 55 59.95 55.46 40.64
N LYS DA 56 61.13 54.97 40.23
CA LYS DA 56 62.39 55.55 40.65
C LYS DA 56 62.53 57.01 40.22
N GLU DA 57 62.15 57.34 38.99
CA GLU DA 57 62.05 58.71 38.53
C GLU DA 57 61.04 59.52 39.35
N LEU DA 58 59.83 59.00 39.59
CA LEU DA 58 58.81 59.67 40.39
C LEU DA 58 59.35 60.04 41.77
N LEU DA 59 59.99 59.09 42.44
CA LEU DA 59 60.59 59.32 43.74
C LEU DA 59 61.75 60.33 43.64
N ARG DA 60 62.69 60.14 42.71
CA ARG DA 60 63.84 61.04 42.61
C ARG DA 60 63.39 62.46 42.28
N ALA DA 61 62.45 62.62 41.36
CA ALA DA 61 61.84 63.90 41.06
C ALA DA 61 61.12 64.50 42.29
N ALA DA 62 60.38 63.70 43.05
CA ALA DA 62 59.74 64.17 44.26
C ALA DA 62 60.77 64.73 45.24
N HIS DA 63 61.94 64.10 45.38
CA HIS DA 63 63.04 64.62 46.18
C HIS DA 63 63.72 65.85 45.54
N GLU DA 64 63.95 65.85 44.23
CA GLU DA 64 64.54 66.99 43.51
C GLU DA 64 63.67 68.25 43.62
N LEU DA 65 62.35 68.07 43.75
CA LEU DA 65 61.40 69.14 44.06
C LEU DA 65 61.33 69.43 45.56
N GLY DA 66 61.47 68.40 46.40
CA GLY DA 66 61.15 68.47 47.82
C GLY DA 66 59.65 68.42 48.08
N LEU DA 67 58.92 67.56 47.35
CA LEU DA 67 57.51 67.28 47.62
C LEU DA 67 57.34 66.69 49.02
N ASP DA 68 56.25 67.04 49.70
CA ASP DA 68 55.89 66.49 51.01
C ASP DA 68 55.25 65.09 50.89
N PRO DA 69 55.20 64.31 51.98
CA PRO DA 69 54.63 62.96 51.97
C PRO DA 69 53.18 62.87 51.51
N ASP DA 70 52.34 63.87 51.75
CA ASP DA 70 50.94 63.84 51.34
C ASP DA 70 50.82 64.11 49.83
N ALA DA 71 51.66 64.99 49.26
CA ALA DA 71 51.80 65.10 47.82
C ALA DA 71 52.32 63.80 47.19
N ILE DA 72 53.28 63.13 47.84
CA ILE DA 72 53.74 61.81 47.38
C ILE DA 72 52.59 60.80 47.48
N ALA DA 73 51.79 60.80 48.55
CA ALA DA 73 50.60 59.96 48.64
C ALA DA 73 49.59 60.28 47.52
N ALA DA 74 49.43 61.57 47.18
CA ALA DA 74 48.56 61.97 46.09
C ALA DA 74 49.05 61.44 44.73
N ALA DA 75 50.35 61.14 44.55
CA ALA DA 75 50.82 60.46 43.36
C ALA DA 75 50.15 59.07 43.21
N ALA DA 76 50.07 58.30 44.29
CA ALA DA 76 49.38 57.01 44.29
C ALA DA 76 47.86 57.17 44.10
N ASP DA 77 47.24 58.24 44.60
CA ASP DA 77 45.82 58.54 44.35
C ASP DA 77 45.56 58.89 42.88
N LEU DA 78 46.37 59.76 42.28
CA LEU DA 78 46.31 60.08 40.84
C LEU DA 78 46.61 58.84 39.97
N GLY DA 79 47.53 57.98 40.40
CA GLY DA 79 47.86 56.73 39.72
C GLY DA 79 46.70 55.74 39.73
N GLN DA 80 46.01 55.59 40.87
CA GLN DA 80 44.78 54.77 40.96
C GLN DA 80 43.61 55.40 40.18
N ALA DA 81 43.57 56.73 40.06
CA ALA DA 81 42.67 57.45 39.16
C ALA DA 81 43.04 57.30 37.66
N GLY DA 82 44.16 56.66 37.32
CA GLY DA 82 44.59 56.36 35.95
C GLY DA 82 45.35 57.48 35.22
N VAL DA 83 45.81 58.50 35.95
CA VAL DA 83 46.61 59.60 35.38
C VAL DA 83 48.03 59.10 35.02
N SER DA 84 48.61 59.56 33.91
CA SER DA 84 49.96 59.12 33.48
C SER DA 84 51.06 59.62 34.41
N PRO DA 85 52.19 58.90 34.45
CA PRO DA 85 53.30 59.24 35.35
C PRO DA 85 53.84 60.64 35.09
N VAL DA 86 53.95 61.04 33.82
CA VAL DA 86 54.32 62.41 33.48
C VAL DA 86 53.29 63.42 33.96
N GLU DA 87 52.00 63.18 33.74
CA GLU DA 87 50.97 64.09 34.20
C GLU DA 87 50.94 64.19 35.72
N ILE DA 88 51.17 63.09 36.43
CA ILE DA 88 51.37 63.14 37.87
C ILE DA 88 52.51 64.10 38.19
N LEU DA 89 53.69 63.89 37.59
CA LEU DA 89 54.87 64.72 37.86
C LEU DA 89 54.56 66.19 37.61
N ALA DA 90 53.98 66.50 36.46
CA ALA DA 90 53.68 67.88 36.14
C ALA DA 90 52.62 68.47 37.05
N LEU DA 91 51.55 67.73 37.38
CA LEU DA 91 50.52 68.24 38.28
C LEU DA 91 51.11 68.56 39.64
N LEU DA 92 51.89 67.65 40.20
CA LEU DA 92 52.49 67.86 41.51
C LEU DA 92 53.50 69.01 41.45
N ILE DA 93 54.37 69.05 40.43
CA ILE DA 93 55.32 70.16 40.26
C ILE DA 93 54.59 71.48 40.11
N ALA DA 94 53.53 71.52 39.33
CA ALA DA 94 52.75 72.73 39.13
C ALA DA 94 52.17 73.22 40.45
N ALA DA 95 51.54 72.34 41.23
CA ALA DA 95 50.99 72.72 42.51
C ALA DA 95 52.09 73.27 43.42
N SER DA 96 53.22 72.56 43.51
CA SER DA 96 54.36 72.95 44.34
C SER DA 96 54.94 74.31 43.93
N VAL DA 97 55.12 74.56 42.64
CA VAL DA 97 55.69 75.82 42.13
C VAL DA 97 54.68 76.97 42.08
N LEU DA 98 53.38 76.68 42.07
CA LEU DA 98 52.33 77.66 42.37
C LEU DA 98 52.23 77.95 43.88
N GLY DA 99 52.78 77.07 44.72
CA GLY DA 99 52.65 77.12 46.18
C GLY DA 99 51.31 76.61 46.70
N LEU DA 100 50.57 75.83 45.90
CA LEU DA 100 49.33 75.18 46.30
C LEU DA 100 49.59 74.04 47.30
N ASP DA 101 48.61 73.78 48.17
CA ASP DA 101 48.77 72.92 49.35
C ASP DA 101 48.26 71.48 49.13
N PRO DA 102 48.52 70.53 50.06
CA PRO DA 102 48.06 69.15 49.94
C PRO DA 102 46.56 69.01 49.75
N ASP DA 103 45.75 69.90 50.33
CA ASP DA 103 44.29 69.87 50.11
C ASP DA 103 43.95 70.20 48.66
N ALA DA 104 44.56 71.25 48.09
CA ALA DA 104 44.42 71.54 46.67
C ALA DA 104 44.96 70.41 45.79
N ILE DA 105 46.05 69.76 46.17
CA ILE DA 105 46.56 68.57 45.47
C ILE DA 105 45.54 67.41 45.58
N GLN DA 106 44.92 67.19 46.73
CA GLN DA 106 43.85 66.21 46.86
C GLN DA 106 42.63 66.59 46.01
N ALA DA 107 42.29 67.87 45.91
CA ALA DA 107 41.27 68.33 44.97
C ALA DA 107 41.68 68.05 43.51
N ALA DA 108 42.96 68.18 43.15
CA ALA DA 108 43.45 67.77 41.84
C ALA DA 108 43.30 66.26 41.63
N ALA DA 109 43.58 65.43 42.66
CA ALA DA 109 43.32 64.00 42.59
C ALA DA 109 41.82 63.70 42.40
N ALA DA 110 40.93 64.44 43.07
CA ALA DA 110 39.49 64.33 42.86
C ALA DA 110 39.06 64.75 41.43
N LEU DA 111 39.64 65.82 40.88
CA LEU DA 111 39.42 66.19 39.47
C LEU DA 111 39.93 65.10 38.51
N GLY DA 112 41.00 64.40 38.87
CA GLY DA 112 41.48 63.22 38.18
C GLY DA 112 40.47 62.06 38.21
N GLU DA 113 39.89 61.76 39.38
CA GLU DA 113 38.82 60.76 39.50
C GLU DA 113 37.54 61.15 38.75
N ALA DA 114 37.24 62.45 38.66
CA ALA DA 114 36.19 62.99 37.78
C ALA DA 114 36.55 62.95 36.29
N GLY DA 115 37.79 62.58 35.94
CA GLY DA 115 38.25 62.39 34.56
C GLY DA 115 38.55 63.69 33.82
N ILE DA 116 38.76 64.81 34.53
CA ILE DA 116 39.04 66.11 33.93
C ILE DA 116 40.45 66.10 33.30
N SER DA 117 40.60 66.68 32.10
CA SER DA 117 41.88 66.73 31.38
C SER DA 117 42.94 67.51 32.16
N ALA DA 118 44.17 67.00 32.22
CA ALA DA 118 45.23 67.56 33.06
C ALA DA 118 45.53 69.03 32.75
N GLU DA 119 45.52 69.43 31.49
CA GLU DA 119 45.69 70.85 31.12
C GLU DA 119 44.54 71.70 31.68
N GLU DA 120 43.31 71.19 31.66
CA GLU DA 120 42.16 71.92 32.22
C GLU DA 120 42.26 71.98 33.74
N ILE DA 121 42.72 70.94 34.42
CA ILE DA 121 43.03 71.01 35.86
C ILE DA 121 44.06 72.12 36.11
N ILE DA 122 45.16 72.13 35.35
CA ILE DA 122 46.19 73.15 35.49
C ILE DA 122 45.64 74.56 35.26
N GLU DA 123 44.91 74.78 34.17
CA GLU DA 123 44.33 76.10 33.88
C GLU DA 123 43.31 76.50 34.95
N LEU DA 124 42.51 75.57 35.48
CA LEU DA 124 41.58 75.85 36.57
C LEU DA 124 42.33 76.23 37.85
N LEU DA 125 43.37 75.48 38.23
CA LEU DA 125 44.17 75.81 39.40
C LEU DA 125 44.88 77.15 39.20
N THR DA 126 45.44 77.42 38.02
CA THR DA 126 46.04 78.71 37.69
C THR DA 126 45.03 79.84 37.81
N ALA DA 127 43.83 79.66 37.25
CA ALA DA 127 42.77 80.65 37.39
C ALA DA 127 42.40 80.88 38.86
N ALA DA 128 42.22 79.83 39.66
CA ALA DA 128 41.91 79.96 41.08
C ALA DA 128 43.01 80.70 41.86
N ARG DA 129 44.28 80.41 41.54
CA ARG DA 129 45.44 81.11 42.10
C ARG DA 129 45.43 82.59 41.72
N ASP DA 130 45.23 82.93 40.45
CA ASP DA 130 45.19 84.32 39.97
C ASP DA 130 43.97 85.10 40.49
N LEU DA 131 42.84 84.43 40.69
CA LEU DA 131 41.63 84.99 41.31
C LEU DA 131 41.75 85.16 42.84
N GLY DA 132 42.66 84.43 43.49
CA GLY DA 132 42.79 84.45 44.95
C GLY DA 132 41.70 83.66 45.67
N LEU DA 133 41.18 82.61 45.03
CA LEU DA 133 40.20 81.69 45.64
C LEU DA 133 40.85 80.82 46.72
N ASP DA 134 40.06 80.33 47.67
CA ASP DA 134 40.52 79.43 48.72
C ASP DA 134 40.37 77.94 48.32
N PRO DA 135 41.03 77.00 49.04
CA PRO DA 135 40.91 75.56 48.78
C PRO DA 135 39.47 75.04 48.81
N ASP DA 136 38.58 75.63 49.61
CA ASP DA 136 37.15 75.28 49.60
C ASP DA 136 36.50 75.66 48.27
N ALA DA 137 36.73 76.86 47.73
CA ALA DA 137 36.29 77.22 46.40
C ALA DA 137 36.89 76.30 45.33
N ILE DA 138 38.15 75.87 45.47
CA ILE DA 138 38.73 74.86 44.59
C ILE DA 138 38.01 73.51 44.74
N GLN DA 139 37.70 73.06 45.95
CA GLN DA 139 36.95 71.81 46.16
C GLN DA 139 35.53 71.91 45.59
N ALA DA 140 34.89 73.07 45.70
CA ALA DA 140 33.62 73.33 45.05
C ALA DA 140 33.75 73.36 43.51
N ALA DA 141 34.88 73.83 42.97
CA ALA DA 141 35.16 73.67 41.54
C ALA DA 141 35.27 72.19 41.16
N ALA DA 142 35.89 71.36 41.99
CA ALA DA 142 35.89 69.91 41.79
C ALA DA 142 34.47 69.34 41.84
N GLN DA 143 33.61 69.81 42.75
CA GLN DA 143 32.18 69.44 42.76
C GLN DA 143 31.46 69.86 41.47
N LEU DA 144 31.74 71.03 40.89
CA LEU DA 144 31.20 71.40 39.57
C LEU DA 144 31.70 70.46 38.47
N GLY DA 145 32.93 69.94 38.59
CA GLY DA 145 33.45 68.87 37.74
C GLY DA 145 32.69 67.55 37.92
N GLU DA 146 32.36 67.16 39.16
CA GLU DA 146 31.51 65.99 39.43
C GLU DA 146 30.08 66.18 38.89
N ALA DA 147 29.57 67.41 38.87
CA ALA DA 147 28.33 67.78 38.20
C ALA DA 147 28.47 67.88 36.65
N GLY DA 148 29.67 67.72 36.10
CA GLY DA 148 29.93 67.65 34.66
C GLY DA 148 29.92 69.00 33.93
N ILE DA 149 30.01 70.12 34.63
CA ILE DA 149 29.98 71.47 34.03
C ILE DA 149 31.25 71.71 33.19
N SER DA 150 31.13 72.34 32.02
CA SER DA 150 32.29 72.59 31.15
C SER DA 150 33.27 73.59 31.80
N SER DA 151 34.57 73.47 31.54
CA SER DA 151 35.59 74.22 32.29
C SER DA 151 35.44 75.74 32.16
N GLU DA 152 35.13 76.27 30.98
CA GLU DA 152 34.86 77.70 30.83
C GLU DA 152 33.57 78.12 31.59
N GLU DA 153 32.57 77.25 31.68
CA GLU DA 153 31.40 77.50 32.52
C GLU DA 153 31.72 77.42 34.01
N ILE DA 154 32.62 76.54 34.44
CA ILE DA 154 33.14 76.55 35.80
C ILE DA 154 33.82 77.90 36.06
N LYS DA 155 34.66 78.38 35.13
CA LYS DA 155 35.29 79.70 35.25
C LYS DA 155 34.25 80.83 35.31
N GLU DA 156 33.19 80.79 34.50
CA GLU DA 156 32.09 81.74 34.59
C GLU DA 156 31.40 81.67 35.96
N LEU DA 157 31.08 80.48 36.46
CA LEU DA 157 30.41 80.29 37.74
C LEU DA 157 31.29 80.77 38.90
N LEU DA 158 32.57 80.43 38.90
CA LEU DA 158 33.53 80.92 39.88
C LEU DA 158 33.66 82.45 39.79
N ARG DA 159 33.82 83.00 38.58
CA ARG DA 159 33.92 84.44 38.37
C ARG DA 159 32.69 85.14 38.92
N ALA DA 160 31.50 84.67 38.58
CA ALA DA 160 30.26 85.20 39.13
C ALA DA 160 30.24 85.09 40.67
N ALA DA 161 30.47 83.91 41.23
CA ALA DA 161 30.39 83.70 42.68
C ALA DA 161 31.38 84.59 43.44
N HIS DA 162 32.58 84.79 42.90
CA HIS DA 162 33.62 85.64 43.49
C HIS DA 162 33.32 87.14 43.31
N GLU DA 163 32.83 87.57 42.15
CA GLU DA 163 32.32 88.93 41.97
C GLU DA 163 31.15 89.23 42.92
N LEU DA 164 30.31 88.24 43.20
CA LEU DA 164 29.15 88.36 44.08
C LEU DA 164 29.46 88.14 45.57
N GLY DA 165 30.63 87.63 45.94
CA GLY DA 165 30.96 87.31 47.33
C GLY DA 165 30.11 86.18 47.92
N LEU DA 166 29.69 85.21 47.10
CA LEU DA 166 29.02 83.99 47.57
C LEU DA 166 30.03 83.07 48.29
N ASP DA 167 29.58 82.35 49.30
CA ASP DA 167 30.38 81.33 49.97
C ASP DA 167 30.39 79.98 49.20
N PRO DA 168 31.42 79.13 49.38
CA PRO DA 168 31.54 77.84 48.70
C PRO DA 168 30.32 76.93 48.85
N ASP DA 169 29.54 77.04 49.94
CA ASP DA 169 28.29 76.29 50.09
C ASP DA 169 27.27 76.63 48.98
N CYS DA 170 27.18 77.89 48.56
CA CYS DA 170 26.34 78.27 47.42
C CYS DA 170 26.88 77.67 46.12
N ILE DA 171 28.19 77.50 45.99
CA ILE DA 171 28.81 76.82 44.83
C ILE DA 171 28.54 75.31 44.90
N ALA DA 172 28.50 74.70 46.09
CA ALA DA 172 28.06 73.32 46.26
C ALA DA 172 26.59 73.14 45.85
N ALA DA 173 25.72 74.09 46.20
CA ALA DA 173 24.34 74.10 45.73
C ALA DA 173 24.24 74.36 44.20
N ALA DA 174 25.15 75.15 43.62
CA ALA DA 174 25.25 75.28 42.17
C ALA DA 174 25.59 73.93 41.50
N ALA DA 175 26.51 73.15 42.07
CA ALA DA 175 26.79 71.80 41.61
C ALA DA 175 25.56 70.86 41.73
N ASP DA 176 24.77 70.97 42.81
CA ASP DA 176 23.51 70.22 42.93
C ASP DA 176 22.49 70.61 41.84
N LEU DA 177 22.34 71.90 41.51
CA LEU DA 177 21.53 72.33 40.36
C LEU DA 177 22.10 71.85 39.02
N GLY DA 178 23.42 71.71 38.92
CA GLY DA 178 24.10 71.09 37.78
C GLY DA 178 23.73 69.61 37.62
N GLN DA 179 23.68 68.85 38.71
CA GLN DA 179 23.16 67.47 38.70
C GLN DA 179 21.66 67.42 38.38
N ALA DA 180 20.87 68.43 38.78
CA ALA DA 180 19.48 68.60 38.35
C ALA DA 180 19.33 69.04 36.86
N GLY DA 181 20.43 69.32 36.16
CA GLY DA 181 20.46 69.61 34.73
C GLY DA 181 20.15 71.07 34.35
N ILE DA 182 20.15 72.00 35.31
CA ILE DA 182 19.85 73.42 35.05
C ILE DA 182 21.02 74.10 34.30
N SER DA 183 20.74 74.98 33.33
CA SER DA 183 21.79 75.67 32.55
C SER DA 183 22.59 76.66 33.40
N SER DA 184 23.85 76.93 33.06
CA SER DA 184 24.73 77.79 33.87
C SER DA 184 24.24 79.23 34.03
N SER DA 185 23.54 79.78 33.02
CA SER DA 185 22.89 81.09 33.14
C SER DA 185 21.70 81.06 34.12
N GLU DA 186 20.86 80.03 34.04
CA GLU DA 186 19.73 79.86 34.98
C GLU DA 186 20.21 79.57 36.40
N ILE DA 187 21.26 78.77 36.59
CA ILE DA 187 21.91 78.60 37.90
C ILE DA 187 22.37 79.96 38.42
N THR DA 188 23.00 80.78 37.58
CA THR DA 188 23.44 82.13 37.98
C THR DA 188 22.25 82.98 38.43
N ALA DA 189 21.13 82.97 37.71
CA ALA DA 189 19.92 83.64 38.14
C ALA DA 189 19.40 83.10 39.49
N LEU DA 190 19.36 81.78 39.67
CA LEU DA 190 18.90 81.16 40.92
C LEU DA 190 19.83 81.49 42.09
N LEU DA 191 21.14 81.53 41.89
CA LEU DA 191 22.07 82.05 42.88
C LEU DA 191 21.74 83.51 43.23
N LEU DA 192 21.59 84.37 42.23
CA LEU DA 192 21.33 85.80 42.46
C LEU DA 192 20.01 86.02 43.22
N ALA DA 193 18.94 85.34 42.83
CA ALA DA 193 17.64 85.46 43.48
C ALA DA 193 17.68 84.93 44.92
N ALA DA 194 18.24 83.73 45.14
CA ALA DA 194 18.37 83.16 46.47
C ALA DA 194 19.18 84.06 47.39
N ALA DA 195 20.33 84.55 46.92
CA ALA DA 195 21.16 85.49 47.65
C ALA DA 195 20.38 86.78 47.97
N ALA DA 196 19.73 87.42 47.00
CA ALA DA 196 18.96 88.64 47.24
C ALA DA 196 17.87 88.43 48.29
N ILE DA 197 17.17 87.31 48.25
CA ILE DA 197 16.09 87.04 49.19
C ILE DA 197 16.64 86.70 50.59
N GLU DA 198 17.72 85.92 50.70
CA GLU DA 198 18.36 85.70 51.99
C GLU DA 198 18.96 86.99 52.58
N LEU DA 199 19.54 87.85 51.75
CA LEU DA 199 19.96 89.19 52.17
C LEU DA 199 18.76 90.03 52.61
N ALA DA 200 17.62 89.94 51.93
CA ALA DA 200 16.34 90.53 52.35
C ALA DA 200 15.65 89.81 53.53
N LYS DA 201 16.36 88.88 54.20
CA LYS DA 201 16.01 88.32 55.52
C LYS DA 201 17.03 88.69 56.59
N ARG DA 202 18.31 88.80 56.24
CA ARG DA 202 19.36 89.35 57.10
C ARG DA 202 19.13 90.84 57.37
N ALA DA 203 18.96 91.63 56.31
CA ALA DA 203 18.29 92.93 56.33
C ALA DA 203 16.77 92.73 56.21
N ASP DA 204 15.97 93.72 56.63
CA ASP DA 204 14.51 93.59 56.72
C ASP DA 204 13.73 94.84 56.26
N ASP DA 205 14.39 95.77 55.57
CA ASP DA 205 13.77 97.02 55.15
C ASP DA 205 12.65 96.79 54.12
N LYS DA 206 11.47 97.37 54.36
CA LYS DA 206 10.34 97.34 53.43
C LYS DA 206 10.72 97.82 52.02
N ASP DA 207 11.61 98.81 51.91
CA ASP DA 207 12.04 99.32 50.60
C ASP DA 207 12.90 98.26 49.88
N VAL DA 208 13.75 97.54 50.62
CA VAL DA 208 14.50 96.40 50.08
C VAL DA 208 13.53 95.31 49.64
N ARG DA 209 12.50 95.00 50.44
CA ARG DA 209 11.45 94.05 50.02
C ARG DA 209 10.75 94.50 48.73
N GLU DA 210 10.34 95.76 48.62
CA GLU DA 210 9.73 96.29 47.38
C GLU DA 210 10.68 96.15 46.17
N ILE DA 211 11.93 96.58 46.32
CA ILE DA 211 12.89 96.56 45.22
C ILE DA 211 13.22 95.12 44.81
N VAL DA 212 13.49 94.24 45.77
CA VAL DA 212 13.77 92.82 45.46
C VAL DA 212 12.55 92.20 44.77
N ARG DA 213 11.33 92.42 45.29
CA ARG DA 213 10.10 91.92 44.65
C ARG DA 213 9.96 92.44 43.23
N ASP DA 214 10.06 93.73 43.02
CA ASP DA 214 9.87 94.33 41.70
C ASP DA 214 10.99 93.91 40.73
N ALA DA 215 12.22 93.71 41.20
CA ALA DA 215 13.28 93.11 40.41
C ALA DA 215 12.95 91.66 40.04
N LEU DA 216 12.47 90.84 40.98
CA LEU DA 216 12.02 89.48 40.68
C LEU DA 216 10.84 89.50 39.70
N GLU DA 217 9.91 90.44 39.81
CA GLU DA 217 8.81 90.60 38.87
C GLU DA 217 9.31 90.92 37.45
N LEU DA 218 10.22 91.89 37.32
CA LEU DA 218 10.88 92.19 36.04
C LEU DA 218 11.62 90.96 35.49
N ALA DA 219 12.38 90.27 36.33
CA ALA DA 219 13.12 89.06 35.95
C ALA DA 219 12.20 87.89 35.59
N SER DA 220 10.97 87.86 36.11
CA SER DA 220 9.96 86.86 35.73
C SER DA 220 9.26 87.25 34.41
N ARG DA 221 9.10 88.57 34.15
CA ARG DA 221 8.54 89.09 32.89
C ARG DA 221 9.48 88.90 31.70
N SER DA 222 10.70 89.42 31.77
CA SER DA 222 11.65 89.40 30.65
C SER DA 222 12.31 88.03 30.46
N THR DA 223 12.35 87.54 29.22
CA THR DA 223 13.08 86.32 28.83
C THR DA 223 14.56 86.57 28.50
N ASN DA 224 15.00 87.83 28.46
CA ASN DA 224 16.38 88.20 28.13
C ASN DA 224 17.30 88.04 29.36
N ASP DA 225 18.22 87.06 29.34
CA ASP DA 225 18.97 86.75 30.56
C ASP DA 225 20.01 87.82 30.97
N GLU DA 226 20.33 88.79 30.11
CA GLU DA 226 21.11 89.97 30.49
C GLU DA 226 20.26 90.93 31.35
N VAL DA 227 18.99 91.15 30.99
CA VAL DA 227 18.05 91.84 31.89
C VAL DA 227 17.92 91.07 33.20
N ILE DA 228 17.76 89.74 33.16
CA ILE DA 228 17.64 88.94 34.38
C ILE DA 228 18.87 89.12 35.27
N ARG DA 229 20.06 88.95 34.71
CA ARG DA 229 21.31 89.10 35.48
C ARG DA 229 21.44 90.52 36.02
N LEU DA 230 21.17 91.55 35.22
CA LEU DA 230 21.16 92.94 35.69
C LEU DA 230 20.17 93.16 36.84
N ALA DA 231 18.92 92.73 36.68
CA ALA DA 231 17.88 92.92 37.68
C ALA DA 231 18.20 92.20 39.00
N LEU DA 232 18.67 90.95 38.93
CA LEU DA 232 18.94 90.17 40.14
C LEU DA 232 20.27 90.56 40.80
N GLU DA 233 21.28 90.97 40.04
CA GLU DA 233 22.47 91.59 40.63
C GLU DA 233 22.13 92.94 41.28
N ALA DA 234 21.28 93.76 40.65
CA ALA DA 234 20.78 94.97 41.27
C ALA DA 234 20.00 94.65 42.56
N ALA DA 235 19.22 93.57 42.61
CA ALA DA 235 18.54 93.12 43.83
C ALA DA 235 19.54 92.73 44.93
N VAL DA 236 20.65 92.05 44.60
CA VAL DA 236 21.72 91.75 45.58
C VAL DA 236 22.36 93.04 46.09
N LEU DA 237 22.72 93.96 45.19
CA LEU DA 237 23.33 95.24 45.57
C LEU DA 237 22.38 96.12 46.38
N ALA DA 238 21.09 96.17 46.02
CA ALA DA 238 20.07 96.88 46.78
C ALA DA 238 19.90 96.30 48.19
N ALA DA 239 19.83 94.97 48.34
CA ALA DA 239 19.74 94.32 49.64
C ALA DA 239 20.99 94.54 50.53
N ARG DA 240 22.17 94.76 49.92
CA ARG DA 240 23.42 95.16 50.60
C ARG DA 240 23.55 96.67 50.81
N SER DA 241 22.72 97.50 50.17
CA SER DA 241 22.87 98.96 50.18
C SER DA 241 22.61 99.54 51.57
N THR DA 242 23.56 100.31 52.10
CA THR DA 242 23.34 101.23 53.22
C THR DA 242 22.80 102.59 52.74
N ASP DA 243 22.61 102.78 51.43
CA ASP DA 243 22.31 104.07 50.82
C ASP DA 243 20.90 104.09 50.17
N SER DA 244 20.06 105.00 50.65
CA SER DA 244 18.73 105.27 50.10
C SER DA 244 18.77 105.80 48.67
N ASP DA 245 19.78 106.56 48.26
CA ASP DA 245 19.85 107.01 46.86
C ASP DA 245 19.97 105.81 45.91
N VAL DA 246 20.77 104.81 46.27
CA VAL DA 246 20.84 103.57 45.48
C VAL DA 246 19.47 102.89 45.44
N LEU DA 247 18.76 102.81 46.56
CA LEU DA 247 17.43 102.23 46.58
C LEU DA 247 16.47 103.02 45.66
N GLU DA 248 16.40 104.33 45.80
CA GLU DA 248 15.54 105.19 44.98
C GLU DA 248 15.89 105.11 43.48
N ILE DA 249 17.19 105.16 43.15
CA ILE DA 249 17.68 105.05 41.78
C ILE DA 249 17.28 103.70 41.18
N VAL DA 250 17.48 102.60 41.91
CA VAL DA 250 17.05 101.28 41.43
C VAL DA 250 15.52 101.23 41.28
N LYS DA 251 14.75 101.76 42.24
CA LYS DA 251 13.28 101.72 42.15
C LYS DA 251 12.76 102.59 41.01
N ASP DA 252 13.38 103.74 40.74
CA ASP DA 252 13.10 104.52 39.52
C ASP DA 252 13.43 103.75 38.24
N ALA DA 253 14.53 103.01 38.20
CA ALA DA 253 14.86 102.17 37.06
C ALA DA 253 13.84 101.03 36.88
N LEU DA 254 13.43 100.35 37.96
CA LEU DA 254 12.41 99.32 37.91
C LEU DA 254 11.03 99.88 37.53
N GLU DA 255 10.69 101.09 37.97
CA GLU DA 255 9.48 101.81 37.57
C GLU DA 255 9.52 102.14 36.08
N LEU DA 256 10.64 102.66 35.55
CA LEU DA 256 10.82 102.84 34.11
C LEU DA 256 10.65 101.49 33.38
N ALA DA 257 11.20 100.41 33.95
CA ALA DA 257 11.01 99.02 33.50
C ALA DA 257 9.61 98.43 33.74
N LYS DA 258 8.64 99.27 34.13
CA LYS DA 258 7.21 98.97 34.11
C LYS DA 258 6.42 99.99 33.28
N GLN DA 259 6.93 101.21 33.12
CA GLN DA 259 6.39 102.23 32.20
C GLN DA 259 6.74 101.97 30.72
N SER DA 260 7.82 101.26 30.41
CA SER DA 260 8.26 100.95 29.03
C SER DA 260 8.66 99.48 28.85
N THR DA 261 8.54 98.99 27.62
CA THR DA 261 8.98 97.64 27.18
C THR DA 261 10.28 97.68 26.37
N ASN DA 262 10.97 98.82 26.28
CA ASN DA 262 12.24 98.98 25.56
C ASN DA 262 13.40 98.33 26.34
N GLU DA 263 13.64 97.04 26.11
CA GLU DA 263 14.62 96.27 26.89
C GLU DA 263 16.05 96.80 26.77
N GLU DA 264 16.44 97.45 25.67
CA GLU DA 264 17.74 98.10 25.57
C GLU DA 264 17.83 99.33 26.49
N VAL DA 265 16.82 100.19 26.53
CA VAL DA 265 16.81 101.32 27.50
C VAL DA 265 16.75 100.80 28.93
N ILE DA 266 16.00 99.72 29.20
CA ILE DA 266 16.00 99.07 30.52
C ILE DA 266 17.42 98.61 30.87
N LYS DA 267 18.14 97.95 29.95
CA LYS DA 267 19.51 97.54 30.20
C LYS DA 267 20.43 98.73 30.44
N LEU DA 268 20.29 99.84 29.71
CA LEU DA 268 21.02 101.07 30.01
C LEU DA 268 20.72 101.55 31.43
N ALA DA 269 19.44 101.63 31.83
CA ALA DA 269 19.04 102.11 33.15
C ALA DA 269 19.56 101.21 34.28
N LEU DA 270 19.39 99.89 34.16
CA LEU DA 270 19.90 98.94 35.16
C LEU DA 270 21.43 98.96 35.23
N LYS DA 271 22.13 98.95 34.09
CA LYS DA 271 23.60 98.98 34.07
C LYS DA 271 24.14 100.25 34.70
N ALA DA 272 23.58 101.42 34.37
CA ALA DA 272 23.95 102.68 35.02
C ALA DA 272 23.67 102.66 36.53
N ALA DA 273 22.52 102.12 36.96
CA ALA DA 273 22.21 101.97 38.38
C ALA DA 273 23.19 101.03 39.09
N VAL DA 274 23.56 99.90 38.48
CA VAL DA 274 24.53 98.94 39.02
C VAL DA 274 25.93 99.56 39.11
N LEU DA 275 26.36 100.29 38.07
CA LEU DA 275 27.62 101.03 38.09
C LEU DA 275 27.61 102.08 39.20
N ALA DA 276 26.54 102.86 39.34
CA ALA DA 276 26.41 103.85 40.41
C ALA DA 276 26.39 103.19 41.81
N ALA DA 277 25.74 102.02 41.96
CA ALA DA 277 25.70 101.27 43.21
C ALA DA 277 27.07 100.69 43.62
N LYS DA 278 27.88 100.24 42.65
CA LYS DA 278 29.25 99.78 42.89
C LYS DA 278 30.25 100.94 43.12
N SER DA 279 30.02 102.09 42.47
CA SER DA 279 30.87 103.28 42.57
C SER DA 279 30.79 103.96 43.94
N THR DA 280 31.85 104.70 44.29
CA THR DA 280 31.86 105.59 45.48
C THR DA 280 31.31 107.00 45.17
N ASP DA 281 31.23 107.40 43.89
CA ASP DA 281 31.04 108.81 43.52
C ASP DA 281 29.59 109.31 43.65
N GLU DA 282 29.35 110.20 44.62
CA GLU DA 282 28.06 110.85 44.86
C GLU DA 282 27.59 111.72 43.68
N GLU DA 283 28.50 112.30 42.90
CA GLU DA 283 28.13 113.10 41.72
C GLU DA 283 27.61 112.20 40.59
N VAL DA 284 28.12 110.97 40.47
CA VAL DA 284 27.57 109.98 39.52
C VAL DA 284 26.17 109.56 39.97
N LEU DA 285 25.96 109.30 41.26
CA LEU DA 285 24.61 109.01 41.78
C LEU DA 285 23.66 110.19 41.52
N GLU DA 286 24.08 111.43 41.76
CA GLU DA 286 23.25 112.61 41.50
C GLU DA 286 22.95 112.79 40.01
N GLU DA 287 23.95 112.63 39.15
CA GLU DA 287 23.78 112.71 37.69
C GLU DA 287 22.86 111.59 37.17
N VAL DA 288 22.96 110.38 37.71
CA VAL DA 288 22.04 109.27 37.40
C VAL DA 288 20.62 109.60 37.89
N LYS DA 289 20.47 110.17 39.09
CA LYS DA 289 19.17 110.57 39.62
C LYS DA 289 18.54 111.69 38.76
N GLU DA 290 19.34 112.64 38.29
CA GLU DA 290 18.90 113.63 37.29
C GLU DA 290 18.48 112.99 35.97
N ALA DA 291 19.26 112.05 35.43
CA ALA DA 291 18.88 111.32 34.22
C ALA DA 291 17.55 110.57 34.41
N LEU DA 292 17.37 109.88 35.54
CA LEU DA 292 16.12 109.18 35.84
C LEU DA 292 14.95 110.15 36.08
N ARG DA 293 15.18 111.33 36.68
CA ARG DA 293 14.14 112.39 36.79
C ARG DA 293 13.70 112.84 35.41
N ARG DA 294 14.66 113.15 34.53
CA ARG DA 294 14.40 113.53 33.13
C ARG DA 294 13.69 112.42 32.37
N ALA DA 295 14.06 111.15 32.59
CA ALA DA 295 13.38 109.99 32.02
C ALA DA 295 11.92 109.81 32.49
N LYS DA 296 11.55 110.33 33.67
CA LYS DA 296 10.15 110.38 34.11
C LYS DA 296 9.40 111.60 33.57
N GLU DA 297 10.08 112.75 33.48
CA GLU DA 297 9.47 114.00 32.96
C GLU DA 297 9.35 114.05 31.43
N SER DA 298 10.19 113.33 30.68
CA SER DA 298 10.24 113.31 29.22
C SER DA 298 9.89 111.94 28.64
N THR DA 299 9.12 111.91 27.55
CA THR DA 299 8.74 110.68 26.82
C THR DA 299 9.75 110.24 25.75
N ASP DA 300 10.78 111.06 25.46
CA ASP DA 300 11.76 110.77 24.40
C ASP DA 300 12.82 109.75 24.85
N GLU DA 301 12.65 108.49 24.46
CA GLU DA 301 13.61 107.44 24.79
C GLU DA 301 15.00 107.62 24.14
N GLU DA 302 15.12 108.41 23.07
CA GLU DA 302 16.43 108.76 22.51
C GLU DA 302 17.11 109.84 23.36
N GLU DA 303 16.34 110.73 24.01
CA GLU DA 303 16.87 111.61 25.05
C GLU DA 303 17.35 110.79 26.26
N ILE DA 304 16.61 109.73 26.64
CA ILE DA 304 17.04 108.81 27.71
C ILE DA 304 18.34 108.09 27.31
N LYS DA 305 18.49 107.62 26.06
CA LYS DA 305 19.76 107.07 25.57
C LYS DA 305 20.90 108.09 25.72
N GLU DA 306 20.73 109.30 25.20
CA GLU DA 306 21.77 110.33 25.24
C GLU DA 306 22.08 110.85 26.65
N GLU DA 307 21.15 110.76 27.61
CA GLU DA 307 21.48 110.90 29.02
C GLU DA 307 22.33 109.72 29.51
N LEU DA 308 21.82 108.49 29.42
CA LEU DA 308 22.44 107.32 30.05
C LEU DA 308 23.78 106.90 29.43
N ARG DA 309 24.03 107.25 28.15
CA ARG DA 309 25.34 107.04 27.49
C ARG DA 309 26.48 107.65 28.31
N LYS DA 310 26.29 108.78 28.99
CA LYS DA 310 27.34 109.43 29.79
C LYS DA 310 27.89 108.52 30.89
N ALA DA 311 27.05 107.68 31.47
CA ALA DA 311 27.49 106.61 32.37
C ALA DA 311 28.06 105.41 31.59
N VAL DA 312 27.33 104.91 30.60
CA VAL DA 312 27.60 103.59 29.99
C VAL DA 312 28.84 103.58 29.08
N GLU DA 313 29.16 104.67 28.38
CA GLU DA 313 30.29 104.73 27.43
C GLU DA 313 31.67 104.56 28.08
N GLU DA 314 31.81 104.86 29.38
CA GLU DA 314 33.07 104.75 30.14
C GLU DA 314 33.30 103.36 30.77
N ALA DA 315 32.28 102.48 30.77
CA ALA DA 315 32.26 101.27 31.58
C ALA DA 315 33.18 100.12 31.09
N GLU DA 316 33.63 100.12 29.83
CA GLU DA 316 34.36 99.00 29.19
C GLU DA 316 35.57 99.44 28.34
N CYS EA 3 -7.32 -26.54 -93.85
CA CYS EA 3 -7.60 -26.12 -92.46
C CYS EA 3 -6.64 -26.75 -91.44
N ASP EA 4 -6.47 -28.08 -91.41
CA ASP EA 4 -5.72 -28.80 -90.36
C ASP EA 4 -4.33 -28.23 -90.04
N ALA EA 5 -3.57 -27.73 -91.02
CA ALA EA 5 -2.23 -27.20 -90.77
C ALA EA 5 -2.21 -25.98 -89.82
N ILE EA 6 -3.33 -25.26 -89.67
CA ILE EA 6 -3.44 -24.14 -88.72
C ILE EA 6 -3.28 -24.64 -87.26
N GLN EA 7 -3.70 -25.87 -86.96
CA GLN EA 7 -3.62 -26.43 -85.60
C GLN EA 7 -2.18 -26.48 -85.09
N ALA EA 8 -1.22 -26.81 -85.97
CA ALA EA 8 0.20 -26.80 -85.62
C ALA EA 8 0.68 -25.39 -85.27
N ALA EA 9 0.31 -24.38 -86.07
CA ALA EA 9 0.65 -22.98 -85.76
C ALA EA 9 0.05 -22.55 -84.42
N ALA EA 10 -1.22 -22.92 -84.14
CA ALA EA 10 -1.84 -22.62 -82.86
C ALA EA 10 -1.12 -23.32 -81.68
N ALA EA 11 -0.75 -24.59 -81.82
CA ALA EA 11 0.00 -25.32 -80.80
C ALA EA 11 1.40 -24.69 -80.55
N LEU EA 12 2.11 -24.30 -81.61
CA LEU EA 12 3.39 -23.60 -81.51
C LEU EA 12 3.22 -22.20 -80.89
N GLY EA 13 2.12 -21.49 -81.18
CA GLY EA 13 1.76 -20.24 -80.53
C GLY EA 13 1.49 -20.39 -79.03
N GLU EA 14 0.77 -21.45 -78.61
CA GLU EA 14 0.59 -21.77 -77.19
C GLU EA 14 1.89 -22.21 -76.49
N ALA EA 15 2.80 -22.85 -77.22
CA ALA EA 15 4.17 -23.12 -76.76
C ALA EA 15 5.08 -21.86 -76.71
N GLY EA 16 4.57 -20.70 -77.14
CA GLY EA 16 5.28 -19.41 -77.10
C GLY EA 16 6.29 -19.18 -78.23
N ILE EA 17 6.25 -19.98 -79.29
CA ILE EA 17 7.10 -19.83 -80.49
C ILE EA 17 6.66 -18.58 -81.28
N SER EA 18 7.59 -17.71 -81.67
CA SER EA 18 7.26 -16.47 -82.38
C SER EA 18 6.75 -16.73 -83.81
N SER EA 19 5.98 -15.80 -84.37
CA SER EA 19 5.43 -15.94 -85.72
C SER EA 19 6.48 -16.16 -86.81
N ASN EA 20 7.65 -15.48 -86.73
CA ASN EA 20 8.78 -15.73 -87.64
C ASN EA 20 9.38 -17.13 -87.48
N GLU EA 21 9.47 -17.64 -86.24
CA GLU EA 21 9.95 -19.02 -86.01
C GLU EA 21 8.94 -20.07 -86.52
N ILE EA 22 7.64 -19.82 -86.39
CA ILE EA 22 6.62 -20.70 -87.00
C ILE EA 22 6.80 -20.69 -88.53
N LEU EA 23 6.99 -19.53 -89.15
CA LEU EA 23 7.24 -19.45 -90.59
C LEU EA 23 8.55 -20.18 -90.97
N GLU EA 24 9.61 -20.09 -90.19
CA GLU EA 24 10.83 -20.86 -90.42
C GLU EA 24 10.59 -22.38 -90.31
N LEU EA 25 9.82 -22.81 -89.31
CA LEU EA 25 9.41 -24.21 -89.16
C LEU EA 25 8.55 -24.67 -90.35
N LEU EA 26 7.68 -23.80 -90.86
CA LEU EA 26 6.94 -24.08 -92.08
C LEU EA 26 7.84 -24.08 -93.33
N ALA EA 27 8.91 -23.27 -93.37
CA ALA EA 27 9.92 -23.34 -94.43
C ALA EA 27 10.60 -24.72 -94.43
N ALA EA 28 10.98 -25.21 -93.24
CA ALA EA 28 11.51 -26.55 -93.08
C ALA EA 28 10.46 -27.61 -93.47
N ALA EA 29 9.20 -27.46 -93.06
CA ALA EA 29 8.16 -28.41 -93.42
C ALA EA 29 8.00 -28.56 -94.93
N ALA EA 30 8.04 -27.44 -95.67
CA ALA EA 30 7.98 -27.44 -97.13
C ALA EA 30 9.25 -28.05 -97.78
N GLU EA 31 10.45 -27.67 -97.31
CA GLU EA 31 11.71 -28.23 -97.80
C GLU EA 31 11.75 -29.74 -97.62
N LEU EA 32 11.50 -30.20 -96.39
CA LEU EA 32 11.64 -31.59 -95.98
C LEU EA 32 10.41 -32.44 -96.34
N GLY EA 33 9.29 -31.81 -96.73
CA GLY EA 33 8.05 -32.50 -97.07
C GLY EA 33 7.37 -33.16 -95.87
N LEU EA 34 7.39 -32.50 -94.71
CA LEU EA 34 6.92 -33.10 -93.44
C LEU EA 34 5.41 -33.37 -93.45
N ASP EA 35 5.02 -34.57 -93.05
CA ASP EA 35 3.64 -34.97 -92.80
C ASP EA 35 3.07 -34.32 -91.51
N PRO EA 36 1.72 -34.27 -91.35
CA PRO EA 36 1.10 -33.70 -90.16
C PRO EA 36 1.55 -34.33 -88.84
N ASP EA 37 1.76 -35.64 -88.77
CA ASP EA 37 2.15 -36.31 -87.52
C ASP EA 37 3.59 -35.97 -87.10
N ALA EA 38 4.53 -35.84 -88.04
CA ALA EA 38 5.86 -35.30 -87.77
C ALA EA 38 5.79 -33.83 -87.28
N ILE EA 39 4.92 -33.01 -87.88
CA ILE EA 39 4.73 -31.62 -87.43
C ILE EA 39 4.10 -31.58 -86.03
N GLN EA 40 3.12 -32.44 -85.74
CA GLN EA 40 2.54 -32.56 -84.40
C GLN EA 40 3.60 -33.03 -83.38
N ALA EA 41 4.46 -33.97 -83.74
CA ALA EA 41 5.58 -34.38 -82.89
C ALA EA 41 6.55 -33.20 -82.64
N ALA EA 42 6.81 -32.36 -83.65
CA ALA EA 42 7.60 -31.14 -83.47
C ALA EA 42 6.92 -30.15 -82.51
N ALA EA 43 5.60 -29.96 -82.62
CA ALA EA 43 4.86 -29.14 -81.65
C ALA EA 43 4.92 -29.75 -80.23
N GLN EA 44 4.80 -31.06 -80.09
CA GLN EA 44 4.92 -31.76 -78.80
C GLN EA 44 6.34 -31.66 -78.21
N LEU EA 45 7.39 -31.68 -79.02
CA LEU EA 45 8.76 -31.37 -78.58
C LEU EA 45 8.87 -29.92 -78.08
N GLY EA 46 8.15 -28.98 -78.68
CA GLY EA 46 8.00 -27.62 -78.17
C GLY EA 46 7.29 -27.55 -76.81
N GLU EA 47 6.23 -28.33 -76.60
CA GLU EA 47 5.56 -28.46 -75.29
C GLU EA 47 6.46 -29.14 -74.23
N ALA EA 48 7.33 -30.06 -74.64
CA ALA EA 48 8.41 -30.62 -73.82
C ALA EA 48 9.57 -29.62 -73.58
N GLY EA 49 9.56 -28.47 -74.23
CA GLY EA 49 10.54 -27.39 -74.02
C GLY EA 49 11.80 -27.45 -74.89
N ILE EA 50 11.85 -28.27 -75.95
CA ILE EA 50 12.95 -28.27 -76.91
C ILE EA 50 12.93 -26.96 -77.72
N SER EA 51 14.09 -26.31 -77.90
CA SER EA 51 14.15 -24.99 -78.56
C SER EA 51 13.90 -25.05 -80.07
N SER EA 52 13.48 -23.93 -80.66
CA SER EA 52 13.07 -23.85 -82.07
C SER EA 52 14.18 -24.29 -83.02
N GLU EA 53 15.41 -23.84 -82.82
CA GLU EA 53 16.52 -24.26 -83.68
C GLU EA 53 16.92 -25.73 -83.46
N GLU EA 54 16.81 -26.26 -82.24
CA GLU EA 54 16.99 -27.70 -82.02
C GLU EA 54 15.92 -28.52 -82.76
N ILE EA 55 14.67 -28.05 -82.79
CA ILE EA 55 13.62 -28.72 -83.56
C ILE EA 55 13.99 -28.70 -85.05
N LYS EA 56 14.50 -27.58 -85.57
CA LYS EA 56 14.96 -27.49 -86.96
C LYS EA 56 16.09 -28.50 -87.23
N GLU EA 57 17.07 -28.61 -86.32
CA GLU EA 57 18.08 -29.66 -86.43
C GLU EA 57 17.47 -31.06 -86.37
N LEU EA 58 16.52 -31.33 -85.47
CA LEU EA 58 15.91 -32.63 -85.32
C LEU EA 58 15.15 -33.05 -86.59
N LEU EA 59 14.43 -32.12 -87.18
CA LEU EA 59 13.74 -32.34 -88.44
C LEU EA 59 14.73 -32.55 -89.58
N ARG EA 60 15.83 -31.78 -89.66
CA ARG EA 60 16.91 -32.04 -90.63
C ARG EA 60 17.44 -33.45 -90.45
N ALA EA 61 17.76 -33.84 -89.22
CA ALA EA 61 18.30 -35.16 -88.92
C ALA EA 61 17.32 -36.26 -89.34
N ALA EA 62 16.04 -36.13 -89.01
CA ALA EA 62 15.03 -37.10 -89.40
C ALA EA 62 14.99 -37.30 -90.92
N HIS EA 63 15.09 -36.21 -91.69
CA HIS EA 63 15.18 -36.28 -93.15
C HIS EA 63 16.50 -36.89 -93.64
N GLU EA 64 17.64 -36.42 -93.16
CA GLU EA 64 18.96 -36.89 -93.62
C GLU EA 64 19.25 -38.35 -93.21
N LEU EA 65 18.63 -38.85 -92.15
CA LEU EA 65 18.62 -40.27 -91.80
C LEU EA 65 17.55 -41.04 -92.59
N GLY EA 66 16.42 -40.40 -92.90
CA GLY EA 66 15.24 -41.06 -93.45
C GLY EA 66 14.43 -41.80 -92.37
N LEU EA 67 14.26 -41.19 -91.20
CA LEU EA 67 13.38 -41.73 -90.16
C LEU EA 67 11.92 -41.74 -90.61
N ASP EA 68 11.18 -42.77 -90.23
CA ASP EA 68 9.74 -42.88 -90.48
C ASP EA 68 8.92 -42.04 -89.47
N PRO EA 69 7.64 -41.73 -89.76
CA PRO EA 69 6.81 -40.90 -88.90
C PRO EA 69 6.62 -41.39 -87.46
N ASP EA 70 6.63 -42.71 -87.23
CA ASP EA 70 6.48 -43.26 -85.87
C ASP EA 70 7.80 -43.16 -85.10
N ALA EA 71 8.94 -43.36 -85.78
CA ALA EA 71 10.24 -43.05 -85.19
C ALA EA 71 10.34 -41.55 -84.85
N ILE EA 72 9.84 -40.66 -85.70
CA ILE EA 72 9.72 -39.24 -85.35
C ILE EA 72 8.77 -39.04 -84.17
N ALA EA 73 7.61 -39.70 -84.15
CA ALA EA 73 6.66 -39.58 -83.04
C ALA EA 73 7.26 -40.00 -81.70
N ALA EA 74 8.11 -41.02 -81.68
CA ALA EA 74 8.79 -41.47 -80.47
C ALA EA 74 9.69 -40.38 -79.84
N ALA EA 75 10.17 -39.42 -80.63
CA ALA EA 75 10.94 -38.29 -80.11
C ALA EA 75 10.14 -37.49 -79.08
N ALA EA 76 8.84 -37.29 -79.29
CA ALA EA 76 8.01 -36.56 -78.34
C ALA EA 76 7.89 -37.31 -76.99
N ASP EA 77 7.71 -38.63 -77.03
CA ASP EA 77 7.68 -39.45 -75.80
C ASP EA 77 9.03 -39.41 -75.07
N LEU EA 78 10.15 -39.52 -75.79
CA LEU EA 78 11.48 -39.36 -75.20
C LEU EA 78 11.69 -37.94 -74.63
N GLY EA 79 11.17 -36.91 -75.30
CA GLY EA 79 11.21 -35.53 -74.82
C GLY EA 79 10.42 -35.34 -73.53
N GLN EA 80 9.21 -35.91 -73.44
CA GLN EA 80 8.41 -35.90 -72.21
C GLN EA 80 9.05 -36.75 -71.09
N ALA EA 81 9.76 -37.82 -71.44
CA ALA EA 81 10.62 -38.56 -70.51
C ALA EA 81 11.89 -37.78 -70.06
N GLY EA 82 12.17 -36.62 -70.67
CA GLY EA 82 13.29 -35.75 -70.32
C GLY EA 82 14.64 -36.13 -70.93
N VAL EA 83 14.65 -36.99 -71.96
CA VAL EA 83 15.88 -37.38 -72.68
C VAL EA 83 16.40 -36.19 -73.51
N SER EA 84 17.71 -35.93 -73.50
CA SER EA 84 18.27 -34.76 -74.18
C SER EA 84 18.15 -34.85 -75.71
N PRO EA 85 18.06 -33.70 -76.38
CA PRO EA 85 17.73 -33.65 -77.81
C PRO EA 85 18.71 -34.44 -78.68
N VAL EA 86 20.00 -34.31 -78.43
CA VAL EA 86 21.01 -35.08 -79.13
C VAL EA 86 20.89 -36.59 -78.83
N GLU EA 87 20.60 -36.97 -77.58
CA GLU EA 87 20.42 -38.38 -77.23
C GLU EA 87 19.19 -38.98 -77.90
N ILE EA 88 18.12 -38.21 -78.09
CA ILE EA 88 17.01 -38.67 -78.92
C ILE EA 88 17.54 -39.03 -80.31
N LEU EA 89 18.28 -38.12 -80.94
CA LEU EA 89 18.80 -38.36 -82.28
C LEU EA 89 19.72 -39.58 -82.31
N ALA EA 90 20.54 -39.78 -81.28
CA ALA EA 90 21.35 -40.99 -81.22
C ALA EA 90 20.49 -42.24 -81.06
N LEU EA 91 19.53 -42.27 -80.15
CA LEU EA 91 18.70 -43.44 -79.95
C LEU EA 91 17.99 -43.81 -81.26
N LEU EA 92 17.42 -42.82 -81.93
CA LEU EA 92 16.73 -43.05 -83.19
C LEU EA 92 17.72 -43.50 -84.28
N ILE EA 93 18.85 -42.81 -84.44
CA ILE EA 93 19.86 -43.17 -85.43
C ILE EA 93 20.34 -44.60 -85.22
N ALA EA 94 20.68 -44.95 -83.98
CA ALA EA 94 21.13 -46.27 -83.63
C ALA EA 94 20.08 -47.33 -83.97
N ALA EA 95 18.83 -47.14 -83.54
CA ALA EA 95 17.78 -48.11 -83.82
C ALA EA 95 17.58 -48.28 -85.33
N SER EA 96 17.59 -47.17 -86.07
CA SER EA 96 17.46 -47.14 -87.52
C SER EA 96 18.61 -47.86 -88.22
N VAL EA 97 19.86 -47.65 -87.79
CA VAL EA 97 21.02 -48.35 -88.34
C VAL EA 97 21.09 -49.83 -87.92
N LEU EA 98 20.60 -50.19 -86.73
CA LEU EA 98 20.37 -51.58 -86.33
C LEU EA 98 19.18 -52.22 -87.09
N GLY EA 99 18.38 -51.43 -87.81
CA GLY EA 99 17.19 -51.91 -88.52
C GLY EA 99 16.01 -52.26 -87.61
N LEU EA 100 16.03 -51.79 -86.36
CA LEU EA 100 14.97 -52.02 -85.37
C LEU EA 100 13.69 -51.25 -85.71
N ASP EA 101 12.53 -51.85 -85.42
CA ASP EA 101 11.23 -51.36 -85.83
C ASP EA 101 10.61 -50.33 -84.84
N PRO EA 102 9.53 -49.62 -85.23
CA PRO EA 102 8.89 -48.62 -84.37
C PRO EA 102 8.44 -49.16 -83.00
N ASP EA 103 8.07 -50.43 -82.88
CA ASP EA 103 7.76 -51.02 -81.57
C ASP EA 103 9.02 -51.16 -80.71
N ALA EA 104 10.14 -51.60 -81.26
CA ALA EA 104 11.42 -51.60 -80.55
C ALA EA 104 11.86 -50.17 -80.19
N ILE EA 105 11.65 -49.19 -81.09
CA ILE EA 105 11.87 -47.78 -80.77
C ILE EA 105 10.94 -47.30 -79.64
N GLN EA 106 9.67 -47.72 -79.63
CA GLN EA 106 8.75 -47.41 -78.54
C GLN EA 106 9.19 -48.07 -77.23
N ALA EA 107 9.72 -49.29 -77.27
CA ALA EA 107 10.32 -49.91 -76.10
C ALA EA 107 11.55 -49.11 -75.61
N ALA EA 108 12.35 -48.53 -76.51
CA ALA EA 108 13.41 -47.60 -76.11
C ALA EA 108 12.83 -46.33 -75.46
N ALA EA 109 11.70 -45.80 -75.96
CA ALA EA 109 11.00 -44.71 -75.29
C ALA EA 109 10.51 -45.12 -73.89
N ALA EA 110 10.01 -46.34 -73.72
CA ALA EA 110 9.64 -46.88 -72.41
C ALA EA 110 10.85 -47.03 -71.47
N LEU EA 111 12.01 -47.48 -71.97
CA LEU EA 111 13.26 -47.51 -71.19
C LEU EA 111 13.69 -46.07 -70.80
N GLY EA 112 13.42 -45.10 -71.66
CA GLY EA 112 13.59 -43.68 -71.36
C GLY EA 112 12.68 -43.21 -70.22
N GLU EA 113 11.38 -43.55 -70.25
CA GLU EA 113 10.43 -43.29 -69.16
C GLU EA 113 10.82 -44.01 -67.86
N ALA EA 114 11.41 -45.21 -67.95
CA ALA EA 114 11.99 -45.94 -66.82
C ALA EA 114 13.31 -45.32 -66.30
N GLY EA 115 13.87 -44.33 -66.98
CA GLY EA 115 15.07 -43.60 -66.56
C GLY EA 115 16.39 -44.32 -66.86
N ILE EA 116 16.39 -45.31 -67.75
CA ILE EA 116 17.61 -46.01 -68.16
C ILE EA 116 18.51 -45.06 -68.96
N SER EA 117 19.83 -45.05 -68.72
CA SER EA 117 20.74 -44.13 -69.41
C SER EA 117 20.93 -44.50 -70.89
N ALA EA 118 21.27 -43.52 -71.73
CA ALA EA 118 21.28 -43.71 -73.19
C ALA EA 118 22.21 -44.84 -73.64
N GLU EA 119 23.47 -44.89 -73.20
CA GLU EA 119 24.34 -46.01 -73.57
C GLU EA 119 23.82 -47.34 -73.01
N GLU EA 120 23.19 -47.38 -71.83
CA GLU EA 120 22.57 -48.61 -71.33
C GLU EA 120 21.41 -49.07 -72.22
N ILE EA 121 20.58 -48.16 -72.73
CA ILE EA 121 19.57 -48.51 -73.72
C ILE EA 121 20.24 -49.07 -74.97
N ILE EA 122 21.27 -48.40 -75.48
CA ILE EA 122 21.97 -48.87 -76.68
C ILE EA 122 22.65 -50.23 -76.46
N GLU EA 123 23.23 -50.48 -75.30
CA GLU EA 123 23.75 -51.80 -74.93
C GLU EA 123 22.64 -52.85 -74.81
N LEU EA 124 21.46 -52.50 -74.26
CA LEU EA 124 20.32 -53.41 -74.23
C LEU EA 124 19.84 -53.75 -75.65
N LEU EA 125 19.72 -52.75 -76.53
CA LEU EA 125 19.38 -52.99 -77.93
C LEU EA 125 20.46 -53.82 -78.63
N THR EA 126 21.74 -53.52 -78.41
CA THR EA 126 22.86 -54.29 -78.97
C THR EA 126 22.80 -55.74 -78.50
N ALA EA 127 22.56 -55.99 -77.22
CA ALA EA 127 22.39 -57.32 -76.69
C ALA EA 127 21.20 -58.05 -77.35
N ALA EA 128 20.02 -57.42 -77.42
CA ALA EA 128 18.86 -58.04 -78.07
C ALA EA 128 19.13 -58.38 -79.54
N ARG EA 129 19.82 -57.48 -80.27
CA ARG EA 129 20.26 -57.70 -81.64
C ARG EA 129 21.24 -58.88 -81.75
N ASP EA 130 22.30 -58.90 -80.95
CA ASP EA 130 23.33 -59.95 -81.01
C ASP EA 130 22.81 -61.32 -80.54
N LEU EA 131 21.89 -61.36 -79.57
CA LEU EA 131 21.18 -62.59 -79.18
C LEU EA 131 20.09 -63.01 -80.18
N GLY EA 132 19.67 -62.13 -81.09
CA GLY EA 132 18.60 -62.39 -82.05
C GLY EA 132 17.20 -62.50 -81.43
N LEU EA 133 16.98 -61.86 -80.27
CA LEU EA 133 15.70 -61.86 -79.59
C LEU EA 133 14.68 -60.93 -80.29
N ASP EA 134 13.41 -61.30 -80.25
CA ASP EA 134 12.29 -60.50 -80.77
C ASP EA 134 11.91 -59.35 -79.81
N PRO EA 135 11.27 -58.26 -80.31
CA PRO EA 135 10.98 -57.05 -79.52
C PRO EA 135 10.22 -57.26 -78.22
N ASP EA 136 9.43 -58.34 -78.10
CA ASP EA 136 8.79 -58.70 -76.83
C ASP EA 136 9.80 -58.92 -75.71
N ALA EA 137 11.00 -59.45 -76.00
CA ALA EA 137 12.07 -59.54 -75.02
C ALA EA 137 12.56 -58.15 -74.57
N ILE EA 138 12.61 -57.17 -75.48
CA ILE EA 138 12.96 -55.78 -75.15
C ILE EA 138 11.85 -55.20 -74.26
N GLN EA 139 10.58 -55.44 -74.58
CA GLN EA 139 9.45 -55.00 -73.77
C GLN EA 139 9.48 -55.63 -72.37
N ALA EA 140 9.79 -56.93 -72.27
CA ALA EA 140 9.96 -57.60 -70.99
C ALA EA 140 11.15 -57.04 -70.20
N ALA EA 141 12.27 -56.71 -70.87
CA ALA EA 141 13.39 -56.03 -70.22
C ALA EA 141 12.96 -54.66 -69.65
N ALA EA 142 12.16 -53.89 -70.39
CA ALA EA 142 11.61 -52.64 -69.88
C ALA EA 142 10.71 -52.87 -68.64
N GLN EA 143 9.92 -53.94 -68.62
CA GLN EA 143 9.16 -54.32 -67.42
C GLN EA 143 10.08 -54.71 -66.24
N LEU EA 144 11.22 -55.37 -66.48
CA LEU EA 144 12.21 -55.60 -65.42
C LEU EA 144 12.83 -54.28 -64.93
N GLY EA 145 12.96 -53.28 -65.81
CA GLY EA 145 13.30 -51.91 -65.43
C GLY EA 145 12.24 -51.27 -64.53
N GLU EA 146 10.96 -51.42 -64.84
CA GLU EA 146 9.85 -50.95 -63.98
C GLU EA 146 9.80 -51.69 -62.63
N ALA EA 147 10.18 -52.96 -62.59
CA ALA EA 147 10.35 -53.74 -61.37
C ALA EA 147 11.60 -53.36 -60.55
N GLY EA 148 12.48 -52.52 -61.09
CA GLY EA 148 13.69 -52.03 -60.40
C GLY EA 148 14.91 -52.94 -60.48
N ILE EA 149 14.94 -53.91 -61.40
CA ILE EA 149 16.10 -54.79 -61.60
C ILE EA 149 17.26 -54.01 -62.25
N SER EA 150 18.50 -54.24 -61.82
CA SER EA 150 19.68 -53.55 -62.37
C SER EA 150 19.94 -53.93 -63.83
N SER EA 151 20.50 -53.04 -64.63
CA SER EA 151 20.78 -53.31 -66.06
C SER EA 151 21.72 -54.50 -66.27
N GLU EA 152 22.71 -54.64 -65.39
CA GLU EA 152 23.57 -55.83 -65.28
C GLU EA 152 22.74 -57.11 -65.11
N GLU EA 153 21.83 -57.12 -64.14
CA GLU EA 153 21.01 -58.30 -63.88
C GLU EA 153 19.96 -58.53 -64.96
N ILE EA 154 19.43 -57.48 -65.60
CA ILE EA 154 18.56 -57.64 -66.78
C ILE EA 154 19.35 -58.35 -67.87
N LYS EA 155 20.58 -57.95 -68.16
CA LYS EA 155 21.42 -58.63 -69.14
C LYS EA 155 21.70 -60.08 -68.76
N GLU EA 156 21.98 -60.37 -67.48
CA GLU EA 156 22.13 -61.76 -67.03
C GLU EA 156 20.83 -62.57 -67.13
N LEU EA 157 19.67 -61.99 -66.79
CA LEU EA 157 18.37 -62.65 -66.91
C LEU EA 157 18.00 -62.89 -68.37
N LEU EA 158 18.24 -61.92 -69.25
CA LEU EA 158 18.08 -62.10 -70.69
C LEU EA 158 18.99 -63.23 -71.18
N ARG EA 159 20.27 -63.21 -70.82
CA ARG EA 159 21.23 -64.24 -71.22
C ARG EA 159 20.78 -65.62 -70.74
N ALA EA 160 20.41 -65.74 -69.47
CA ALA EA 160 19.89 -66.98 -68.92
C ALA EA 160 18.64 -67.44 -69.68
N ALA EA 161 17.63 -66.57 -69.86
CA ALA EA 161 16.40 -66.93 -70.54
C ALA EA 161 16.65 -67.38 -71.99
N HIS EA 162 17.57 -66.72 -72.70
CA HIS EA 162 17.99 -67.11 -74.04
C HIS EA 162 18.69 -68.46 -74.05
N GLU EA 163 19.69 -68.67 -73.19
CA GLU EA 163 20.40 -69.95 -73.08
C GLU EA 163 19.44 -71.11 -72.72
N LEU EA 164 18.47 -70.85 -71.86
CA LEU EA 164 17.44 -71.80 -71.44
C LEU EA 164 16.26 -71.93 -72.42
N GLY EA 165 16.18 -71.09 -73.46
CA GLY EA 165 15.06 -71.11 -74.41
C GLY EA 165 13.70 -70.79 -73.79
N LEU EA 166 13.66 -70.04 -72.67
CA LEU EA 166 12.43 -69.54 -72.08
C LEU EA 166 11.80 -68.46 -72.97
N ASP EA 167 10.47 -68.40 -73.02
CA ASP EA 167 9.73 -67.41 -73.80
C ASP EA 167 9.59 -66.06 -73.07
N PRO EA 168 9.45 -64.93 -73.81
CA PRO EA 168 9.33 -63.58 -73.22
C PRO EA 168 8.25 -63.44 -72.14
N ASP EA 169 7.16 -64.19 -72.23
CA ASP EA 169 6.11 -64.20 -71.19
C ASP EA 169 6.64 -64.65 -69.82
N CYS EA 170 7.60 -65.59 -69.78
CA CYS EA 170 8.28 -65.96 -68.53
C CYS EA 170 9.17 -64.82 -68.02
N ILE EA 171 9.86 -64.10 -68.91
CA ILE EA 171 10.66 -62.93 -68.54
C ILE EA 171 9.76 -61.82 -67.98
N ALA EA 172 8.59 -61.60 -68.59
CA ALA EA 172 7.58 -60.67 -68.10
C ALA EA 172 7.02 -61.10 -66.73
N ALA EA 173 6.72 -62.38 -66.53
CA ALA EA 173 6.25 -62.89 -65.25
C ALA EA 173 7.30 -62.73 -64.13
N ALA EA 174 8.60 -62.80 -64.43
CA ALA EA 174 9.66 -62.55 -63.45
C ALA EA 174 9.61 -61.14 -62.83
N ALA EA 175 8.98 -60.16 -63.49
CA ALA EA 175 8.80 -58.82 -62.92
C ALA EA 175 7.91 -58.80 -61.66
N ASP EA 176 7.01 -59.78 -61.49
CA ASP EA 176 6.26 -59.93 -60.23
C ASP EA 176 7.19 -60.38 -59.09
N LEU EA 177 8.11 -61.32 -59.36
CA LEU EA 177 9.14 -61.73 -58.41
C LEU EA 177 10.13 -60.59 -58.11
N GLY EA 178 10.45 -59.75 -59.09
CA GLY EA 178 11.22 -58.52 -58.90
C GLY EA 178 10.53 -57.53 -57.95
N GLN EA 179 9.23 -57.28 -58.15
CA GLN EA 179 8.43 -56.42 -57.27
C GLN EA 179 8.24 -57.01 -55.86
N ALA EA 180 8.19 -58.34 -55.73
CA ALA EA 180 8.22 -59.05 -54.44
C ALA EA 180 9.60 -59.01 -53.75
N GLY EA 181 10.66 -58.52 -54.43
CA GLY EA 181 12.01 -58.35 -53.88
C GLY EA 181 12.90 -59.59 -53.94
N ILE EA 182 12.55 -60.59 -54.75
CA ILE EA 182 13.34 -61.83 -54.90
C ILE EA 182 14.66 -61.52 -55.62
N SER EA 183 15.78 -62.15 -55.21
CA SER EA 183 17.09 -61.95 -55.84
C SER EA 183 17.15 -62.54 -57.26
N SER EA 184 18.03 -62.03 -58.12
CA SER EA 184 18.16 -62.52 -59.51
C SER EA 184 18.59 -64.00 -59.61
N SER EA 185 19.39 -64.51 -58.67
CA SER EA 185 19.65 -65.95 -58.57
C SER EA 185 18.38 -66.74 -58.24
N GLU EA 186 17.60 -66.31 -57.25
CA GLU EA 186 16.38 -66.99 -56.85
C GLU EA 186 15.27 -66.87 -57.92
N ILE EA 187 15.18 -65.74 -58.62
CA ILE EA 187 14.33 -65.61 -59.81
C ILE EA 187 14.74 -66.67 -60.83
N THR EA 188 16.04 -66.80 -61.12
CA THR EA 188 16.53 -67.83 -62.06
C THR EA 188 16.15 -69.24 -61.61
N ALA EA 189 16.34 -69.57 -60.33
CA ALA EA 189 15.93 -70.86 -59.81
C ALA EA 189 14.41 -71.08 -59.90
N LEU EA 190 13.60 -70.07 -59.53
CA LEU EA 190 12.14 -70.16 -59.61
C LEU EA 190 11.65 -70.27 -61.05
N LEU EA 191 12.24 -69.54 -62.00
CA LEU EA 191 11.99 -69.73 -63.43
C LEU EA 191 12.29 -71.17 -63.85
N LEU EA 192 13.44 -71.71 -63.46
CA LEU EA 192 13.82 -73.09 -63.80
C LEU EA 192 12.85 -74.11 -63.20
N ALA EA 193 12.53 -74.01 -61.92
CA ALA EA 193 11.60 -74.93 -61.25
C ALA EA 193 10.19 -74.84 -61.85
N ALA EA 194 9.67 -73.62 -62.04
CA ALA EA 194 8.37 -73.39 -62.66
C ALA EA 194 8.31 -74.02 -64.05
N ALA EA 195 9.30 -73.74 -64.90
CA ALA EA 195 9.38 -74.30 -66.24
C ALA EA 195 9.46 -75.84 -66.21
N ALA EA 196 10.36 -76.42 -65.42
CA ALA EA 196 10.53 -77.87 -65.35
C ALA EA 196 9.24 -78.57 -64.93
N ILE EA 197 8.56 -78.07 -63.90
CA ILE EA 197 7.33 -78.67 -63.40
C ILE EA 197 6.17 -78.45 -64.37
N GLU EA 198 6.05 -77.25 -64.94
CA GLU EA 198 4.98 -76.96 -65.91
C GLU EA 198 5.14 -77.82 -67.18
N LEU EA 199 6.37 -77.98 -67.69
CA LEU EA 199 6.67 -78.92 -68.77
C LEU EA 199 6.38 -80.36 -68.37
N ALA EA 200 6.81 -80.79 -67.17
CA ALA EA 200 6.54 -82.12 -66.65
C ALA EA 200 5.04 -82.40 -66.42
N LYS EA 201 4.17 -81.38 -66.50
CA LYS EA 201 2.70 -81.48 -66.43
C LYS EA 201 2.00 -81.24 -67.76
N ARG EA 202 2.71 -80.76 -68.80
CA ARG EA 202 2.31 -80.95 -70.20
C ARG EA 202 2.67 -82.36 -70.69
N ALA EA 203 3.83 -82.86 -70.29
CA ALA EA 203 4.16 -84.28 -70.26
C ALA EA 203 3.41 -85.01 -69.13
N ASP EA 204 3.52 -86.34 -69.09
CA ASP EA 204 2.94 -87.19 -68.04
C ASP EA 204 3.86 -88.35 -67.61
N ASP EA 205 5.13 -88.34 -68.00
CA ASP EA 205 6.04 -89.46 -67.76
C ASP EA 205 6.44 -89.59 -66.28
N LYS EA 206 6.12 -90.72 -65.66
CA LYS EA 206 6.48 -91.04 -64.28
C LYS EA 206 7.99 -90.95 -64.04
N ASP EA 207 8.82 -91.29 -65.03
CA ASP EA 207 10.27 -91.20 -64.89
C ASP EA 207 10.71 -89.74 -64.82
N VAL EA 208 10.05 -88.85 -65.56
CA VAL EA 208 10.25 -87.41 -65.41
C VAL EA 208 9.80 -86.95 -64.03
N ARG EA 209 8.66 -87.45 -63.52
CA ARG EA 209 8.21 -87.12 -62.16
C ARG EA 209 9.24 -87.56 -61.09
N GLU EA 210 9.85 -88.74 -61.23
CA GLU EA 210 10.93 -89.20 -60.34
C GLU EA 210 12.16 -88.27 -60.42
N ILE EA 211 12.64 -87.98 -61.63
CA ILE EA 211 13.81 -87.13 -61.83
C ILE EA 211 13.56 -85.72 -61.30
N VAL EA 212 12.37 -85.15 -61.57
CA VAL EA 212 11.96 -83.86 -61.02
C VAL EA 212 11.96 -83.91 -59.50
N ARG EA 213 11.40 -84.94 -58.86
CA ARG EA 213 11.45 -85.06 -57.40
C ARG EA 213 12.88 -85.05 -56.88
N ASP EA 214 13.77 -85.89 -57.41
CA ASP EA 214 15.16 -85.92 -56.96
C ASP EA 214 15.90 -84.60 -57.21
N ALA EA 215 15.63 -83.93 -58.33
CA ALA EA 215 16.21 -82.63 -58.62
C ALA EA 215 15.71 -81.56 -57.65
N LEU EA 216 14.39 -81.46 -57.45
CA LEU EA 216 13.80 -80.50 -56.52
C LEU EA 216 14.19 -80.81 -55.07
N GLU EA 217 14.37 -82.08 -54.71
CA GLU EA 217 14.90 -82.48 -53.40
C GLU EA 217 16.31 -81.90 -53.20
N LEU EA 218 17.23 -82.16 -54.13
CA LEU EA 218 18.58 -81.60 -54.07
C LEU EA 218 18.56 -80.06 -54.04
N ALA EA 219 17.73 -79.43 -54.86
CA ALA EA 219 17.58 -77.97 -54.89
C ALA EA 219 17.01 -77.41 -53.58
N SER EA 220 16.11 -78.13 -52.91
CA SER EA 220 15.55 -77.75 -51.61
C SER EA 220 16.55 -77.96 -50.47
N ARG EA 221 17.41 -78.99 -50.55
CA ARG EA 221 18.50 -79.24 -49.60
C ARG EA 221 19.61 -78.19 -49.68
N SER EA 222 20.03 -77.82 -50.89
CA SER EA 222 21.24 -77.03 -51.12
C SER EA 222 21.05 -75.52 -50.86
N THR EA 223 22.18 -74.83 -50.63
CA THR EA 223 22.29 -73.35 -50.68
C THR EA 223 23.36 -72.85 -51.68
N ASN EA 224 23.92 -73.76 -52.49
CA ASN EA 224 24.90 -73.45 -53.54
C ASN EA 224 24.15 -73.18 -54.86
N ASP EA 225 24.02 -71.92 -55.28
CA ASP EA 225 23.15 -71.60 -56.42
C ASP EA 225 23.65 -72.17 -57.76
N GLU EA 226 24.94 -72.50 -57.90
CA GLU EA 226 25.45 -73.21 -59.07
C GLU EA 226 24.94 -74.66 -59.12
N VAL EA 227 25.00 -75.37 -57.99
CA VAL EA 227 24.41 -76.72 -57.88
C VAL EA 227 22.91 -76.65 -58.13
N ILE EA 228 22.22 -75.65 -57.56
CA ILE EA 228 20.77 -75.48 -57.75
C ILE EA 228 20.46 -75.23 -59.23
N ARG EA 229 21.15 -74.29 -59.88
CA ARG EA 229 20.93 -74.01 -61.30
C ARG EA 229 21.27 -75.23 -62.16
N LEU EA 230 22.35 -75.95 -61.88
CA LEU EA 230 22.65 -77.21 -62.57
C LEU EA 230 21.52 -78.24 -62.43
N ALA EA 231 21.04 -78.49 -61.21
CA ALA EA 231 20.00 -79.47 -60.97
C ALA EA 231 18.67 -79.08 -61.64
N LEU EA 232 18.27 -77.81 -61.54
CA LEU EA 232 17.01 -77.36 -62.13
C LEU EA 232 17.11 -77.19 -63.66
N GLU EA 233 18.25 -76.83 -64.22
CA GLU EA 233 18.47 -76.89 -65.67
C GLU EA 233 18.45 -78.33 -66.18
N ALA EA 234 19.05 -79.28 -65.45
CA ALA EA 234 18.92 -80.69 -65.76
C ALA EA 234 17.45 -81.13 -65.70
N ALA EA 235 16.66 -80.64 -64.74
CA ALA EA 235 15.23 -80.92 -64.68
C ALA EA 235 14.46 -80.37 -65.89
N VAL EA 236 14.79 -79.17 -66.39
CA VAL EA 236 14.23 -78.63 -67.65
C VAL EA 236 14.62 -79.53 -68.82
N LEU EA 237 15.89 -79.92 -68.93
CA LEU EA 237 16.35 -80.80 -70.01
C LEU EA 237 15.70 -82.18 -69.95
N ALA EA 238 15.56 -82.78 -68.77
CA ALA EA 238 14.85 -84.04 -68.59
C ALA EA 238 13.35 -83.94 -68.91
N ALA EA 239 12.69 -82.81 -68.60
CA ALA EA 239 11.30 -82.58 -68.99
C ALA EA 239 11.13 -82.35 -70.50
N ARG EA 240 12.15 -81.79 -71.18
CA ARG EA 240 12.16 -81.61 -72.64
C ARG EA 240 12.53 -82.89 -73.40
N SER EA 241 13.50 -83.65 -72.93
CA SER EA 241 14.04 -84.83 -73.62
C SER EA 241 13.13 -86.04 -73.55
N THR EA 242 12.98 -86.77 -74.65
CA THR EA 242 12.37 -88.11 -74.68
C THR EA 242 13.42 -89.22 -74.51
N ASP EA 243 14.71 -88.90 -74.44
CA ASP EA 243 15.78 -89.89 -74.50
C ASP EA 243 16.01 -90.60 -73.15
N SER EA 244 15.73 -91.90 -73.11
CA SER EA 244 15.97 -92.75 -71.94
C SER EA 244 17.43 -92.69 -71.46
N ASP EA 245 18.42 -92.50 -72.34
CA ASP EA 245 19.81 -92.35 -71.89
C ASP EA 245 19.98 -91.07 -71.09
N VAL EA 246 19.36 -89.95 -71.52
CA VAL EA 246 19.38 -88.71 -70.74
C VAL EA 246 18.69 -88.94 -69.40
N LEU EA 247 17.53 -89.59 -69.39
CA LEU EA 247 16.84 -89.90 -68.14
C LEU EA 247 17.71 -90.76 -67.21
N GLU EA 248 18.32 -91.84 -67.71
CA GLU EA 248 19.19 -92.71 -66.91
C GLU EA 248 20.43 -91.97 -66.39
N ILE EA 249 21.10 -91.21 -67.25
CA ILE EA 249 22.31 -90.46 -66.88
C ILE EA 249 21.99 -89.38 -65.86
N VAL EA 250 20.90 -88.63 -66.04
CA VAL EA 250 20.46 -87.64 -65.05
C VAL EA 250 20.05 -88.32 -63.74
N LYS EA 251 19.33 -89.46 -63.79
CA LYS EA 251 18.95 -90.18 -62.57
C LYS EA 251 20.20 -90.70 -61.83
N ASP EA 252 21.17 -91.27 -62.54
CA ASP EA 252 22.44 -91.67 -61.94
C ASP EA 252 23.20 -90.49 -61.33
N ALA EA 253 23.26 -89.34 -62.01
CA ALA EA 253 23.91 -88.16 -61.47
C ALA EA 253 23.21 -87.64 -60.20
N LEU EA 254 21.87 -87.59 -60.20
CA LEU EA 254 21.09 -87.22 -59.02
C LEU EA 254 21.25 -88.25 -57.90
N GLU EA 255 21.26 -89.55 -58.21
CA GLU EA 255 21.46 -90.64 -57.23
C GLU EA 255 22.85 -90.57 -56.59
N LEU EA 256 23.89 -90.25 -57.38
CA LEU EA 256 25.22 -89.95 -56.86
C LEU EA 256 25.19 -88.71 -55.95
N ALA EA 257 24.51 -87.64 -56.35
CA ALA EA 257 24.37 -86.41 -55.56
C ALA EA 257 23.50 -86.59 -54.29
N LYS EA 258 22.59 -87.55 -54.28
CA LYS EA 258 21.80 -87.97 -53.13
C LYS EA 258 22.62 -88.77 -52.12
N GLN EA 259 23.76 -89.32 -52.55
CA GLN EA 259 24.70 -90.08 -51.71
C GLN EA 259 25.90 -89.25 -51.24
N SER EA 260 26.75 -88.76 -52.16
CA SER EA 260 27.99 -88.04 -51.81
C SER EA 260 27.71 -86.59 -51.36
N THR EA 261 28.45 -86.12 -50.35
CA THR EA 261 28.44 -84.71 -49.90
C THR EA 261 29.32 -83.79 -50.76
N ASN EA 262 30.15 -84.33 -51.66
CA ASN EA 262 31.16 -83.58 -52.42
C ASN EA 262 30.54 -82.70 -53.53
N GLU EA 263 30.51 -81.39 -53.32
CA GLU EA 263 29.92 -80.43 -54.26
C GLU EA 263 30.52 -80.53 -55.68
N GLU EA 264 31.81 -80.82 -55.80
CA GLU EA 264 32.47 -80.85 -57.10
C GLU EA 264 32.15 -82.14 -57.85
N VAL EA 265 32.06 -83.29 -57.16
CA VAL EA 265 31.47 -84.48 -57.76
C VAL EA 265 30.04 -84.19 -58.24
N ILE EA 266 29.24 -83.51 -57.42
CA ILE EA 266 27.85 -83.13 -57.78
C ILE EA 266 27.85 -82.24 -59.03
N LYS EA 267 28.66 -81.16 -59.04
CA LYS EA 267 28.75 -80.28 -60.20
C LYS EA 267 29.23 -81.04 -61.42
N LEU EA 268 30.27 -81.85 -61.33
CA LEU EA 268 30.80 -82.61 -62.46
C LEU EA 268 29.76 -83.61 -63.00
N ALA EA 269 29.05 -84.33 -62.12
CA ALA EA 269 28.02 -85.28 -62.55
C ALA EA 269 26.86 -84.57 -63.27
N LEU EA 270 26.30 -83.50 -62.68
CA LEU EA 270 25.21 -82.74 -63.28
C LEU EA 270 25.66 -82.03 -64.56
N LYS EA 271 26.83 -81.38 -64.58
CA LYS EA 271 27.36 -80.67 -65.75
C LYS EA 271 27.67 -81.63 -66.90
N ALA EA 272 28.26 -82.80 -66.62
CA ALA EA 272 28.45 -83.83 -67.65
C ALA EA 272 27.11 -84.32 -68.20
N ALA EA 273 26.11 -84.55 -67.33
CA ALA EA 273 24.76 -84.92 -67.78
C ALA EA 273 24.12 -83.82 -68.64
N VAL EA 274 24.20 -82.56 -68.22
CA VAL EA 274 23.68 -81.40 -68.96
C VAL EA 274 24.36 -81.26 -70.32
N LEU EA 275 25.68 -81.34 -70.38
CA LEU EA 275 26.43 -81.28 -71.64
C LEU EA 275 26.07 -82.46 -72.54
N ALA EA 276 25.98 -83.68 -72.01
CA ALA EA 276 25.57 -84.85 -72.78
C ALA EA 276 24.12 -84.75 -73.28
N ALA EA 277 23.23 -84.09 -72.54
CA ALA EA 277 21.85 -83.83 -72.96
C ALA EA 277 21.75 -82.72 -74.03
N LYS EA 278 22.61 -81.70 -73.98
CA LYS EA 278 22.69 -80.66 -75.01
C LYS EA 278 23.38 -81.12 -76.29
N SER EA 279 24.38 -82.00 -76.18
CA SER EA 279 25.07 -82.64 -77.30
C SER EA 279 24.17 -83.67 -78.01
N THR EA 280 24.45 -83.93 -79.29
CA THR EA 280 23.84 -85.03 -80.06
C THR EA 280 24.66 -86.32 -80.03
N ASP EA 281 25.82 -86.34 -79.37
CA ASP EA 281 26.79 -87.44 -79.48
C ASP EA 281 26.48 -88.64 -78.56
N GLU EA 282 25.98 -89.72 -79.15
CA GLU EA 282 25.71 -90.99 -78.45
C GLU EA 282 26.97 -91.61 -77.83
N GLU EA 283 28.17 -91.35 -78.36
CA GLU EA 283 29.41 -91.85 -77.77
C GLU EA 283 29.75 -91.09 -76.48
N VAL EA 284 29.44 -89.79 -76.40
CA VAL EA 284 29.56 -89.02 -75.15
C VAL EA 284 28.55 -89.53 -74.12
N LEU EA 285 27.31 -89.78 -74.53
CA LEU EA 285 26.31 -90.39 -73.65
C LEU EA 285 26.80 -91.76 -73.13
N GLU EA 286 27.32 -92.64 -74.00
CA GLU EA 286 27.85 -93.94 -73.57
C GLU EA 286 29.05 -93.81 -72.65
N GLU EA 287 30.00 -92.93 -72.96
CA GLU EA 287 31.18 -92.69 -72.13
C GLU EA 287 30.78 -92.10 -70.76
N VAL EA 288 29.81 -91.18 -70.72
CA VAL EA 288 29.28 -90.64 -69.46
C VAL EA 288 28.54 -91.74 -68.68
N LYS EA 289 27.77 -92.61 -69.34
CA LYS EA 289 27.14 -93.76 -68.67
C LYS EA 289 28.19 -94.72 -68.11
N GLU EA 290 29.27 -94.96 -68.84
CA GLU EA 290 30.41 -95.73 -68.33
C GLU EA 290 31.06 -95.06 -67.11
N ALA EA 291 31.32 -93.76 -67.16
CA ALA EA 291 31.87 -93.02 -66.03
C ALA EA 291 30.96 -93.12 -64.80
N LEU EA 292 29.64 -93.00 -64.97
CA LEU EA 292 28.68 -93.15 -63.87
C LEU EA 292 28.60 -94.60 -63.37
N ARG EA 293 28.67 -95.61 -64.25
CA ARG EA 293 28.76 -97.03 -63.82
C ARG EA 293 30.00 -97.25 -62.96
N ARG EA 294 31.15 -96.80 -63.44
CA ARG EA 294 32.44 -96.87 -62.71
C ARG EA 294 32.36 -96.12 -61.39
N ALA EA 295 31.72 -94.95 -61.36
CA ALA EA 295 31.51 -94.19 -60.13
C ALA EA 295 30.64 -94.92 -59.09
N LYS EA 296 29.57 -95.59 -59.52
CA LYS EA 296 28.73 -96.41 -58.63
C LYS EA 296 29.46 -97.67 -58.13
N GLU EA 297 30.34 -98.26 -58.93
CA GLU EA 297 31.14 -99.42 -58.52
C GLU EA 297 32.35 -99.05 -57.62
N SER EA 298 32.98 -97.90 -57.86
CA SER EA 298 34.16 -97.44 -57.11
C SER EA 298 33.82 -96.76 -55.77
N THR EA 299 34.85 -96.47 -54.96
CA THR EA 299 34.76 -95.85 -53.62
C THR EA 299 35.79 -94.72 -53.40
N ASP EA 300 36.34 -94.12 -54.46
CA ASP EA 300 37.25 -92.97 -54.38
C ASP EA 300 36.65 -91.74 -55.08
N GLU EA 301 36.34 -90.70 -54.32
CA GLU EA 301 35.71 -89.48 -54.85
C GLU EA 301 36.61 -88.76 -55.87
N GLU EA 302 37.94 -88.86 -55.75
CA GLU EA 302 38.85 -88.28 -56.74
C GLU EA 302 38.90 -89.11 -58.03
N GLU EA 303 38.74 -90.44 -57.97
CA GLU EA 303 38.59 -91.26 -59.18
C GLU EA 303 37.28 -90.92 -59.90
N ILE EA 304 36.21 -90.70 -59.13
CA ILE EA 304 34.93 -90.22 -59.65
C ILE EA 304 35.11 -88.86 -60.35
N LYS EA 305 35.80 -87.90 -59.72
CA LYS EA 305 36.12 -86.62 -60.38
C LYS EA 305 36.93 -86.81 -61.66
N GLU EA 306 37.97 -87.65 -61.67
CA GLU EA 306 38.76 -87.89 -62.88
C GLU EA 306 37.92 -88.50 -64.02
N GLU EA 307 37.11 -89.53 -63.74
CA GLU EA 307 36.29 -90.15 -64.78
C GLU EA 307 35.18 -89.21 -65.31
N LEU EA 308 34.64 -88.31 -64.48
CA LEU EA 308 33.62 -87.34 -64.92
C LEU EA 308 34.23 -86.10 -65.61
N ARG EA 309 35.32 -85.53 -65.12
CA ARG EA 309 35.88 -84.26 -65.63
C ARG EA 309 36.33 -84.37 -67.09
N LYS EA 310 36.73 -85.55 -67.54
CA LYS EA 310 37.02 -85.86 -68.96
C LYS EA 310 35.88 -85.46 -69.91
N ALA EA 311 34.62 -85.59 -69.46
CA ALA EA 311 33.44 -85.19 -70.24
C ALA EA 311 33.13 -83.68 -70.16
N VAL EA 312 33.68 -82.96 -69.17
CA VAL EA 312 33.45 -81.52 -68.94
C VAL EA 312 34.54 -80.64 -69.58
N GLU EA 313 35.80 -81.08 -69.58
CA GLU EA 313 36.93 -80.35 -70.18
C GLU EA 313 36.93 -80.35 -71.73
N GLU EA 314 35.94 -80.97 -72.37
CA GLU EA 314 35.59 -80.71 -73.78
C GLU EA 314 34.98 -79.31 -73.97
N ALA EA 315 34.32 -78.76 -72.95
CA ALA EA 315 33.57 -77.49 -73.01
C ALA EA 315 34.16 -76.37 -72.12
N GLU EA 316 34.81 -76.70 -71.00
CA GLU EA 316 35.44 -75.75 -70.06
C GLU EA 316 36.80 -75.21 -70.54
N CYS FA 3 53.36 43.18 -70.28
CA CYS FA 3 52.60 42.20 -69.47
C CYS FA 3 52.19 42.73 -68.09
N ASP FA 4 53.13 43.20 -67.25
CA ASP FA 4 52.89 43.44 -65.82
C ASP FA 4 51.73 44.42 -65.50
N ALA FA 5 51.35 45.32 -66.41
CA ALA FA 5 50.20 46.21 -66.18
C ALA FA 5 48.89 45.45 -65.98
N ILE FA 6 48.79 44.20 -66.46
CA ILE FA 6 47.63 43.33 -66.21
C ILE FA 6 47.53 42.93 -64.72
N GLN FA 7 48.64 42.86 -63.98
CA GLN FA 7 48.59 42.49 -62.56
C GLN FA 7 47.82 43.51 -61.72
N ALA FA 8 47.85 44.79 -62.09
CA ALA FA 8 47.03 45.81 -61.45
C ALA FA 8 45.54 45.52 -61.65
N ALA FA 9 45.12 45.18 -62.88
CA ALA FA 9 43.75 44.78 -63.15
C ALA FA 9 43.36 43.51 -62.35
N ALA FA 10 44.26 42.54 -62.23
CA ALA FA 10 44.03 41.35 -61.43
C ALA FA 10 43.85 41.69 -59.94
N ALA FA 11 44.71 42.54 -59.38
CA ALA FA 11 44.56 43.02 -58.00
C ALA FA 11 43.22 43.74 -57.79
N LEU FA 12 42.84 44.64 -58.70
CA LEU FA 12 41.56 45.37 -58.64
C LEU FA 12 40.36 44.44 -58.80
N GLY FA 13 40.47 43.40 -59.63
CA GLY FA 13 39.46 42.36 -59.78
C GLY FA 13 39.29 41.51 -58.51
N GLU FA 14 40.39 41.14 -57.85
CA GLU FA 14 40.34 40.45 -56.54
C GLU FA 14 39.79 41.37 -55.43
N ALA FA 15 40.02 42.68 -55.51
CA ALA FA 15 39.36 43.68 -54.66
C ALA FA 15 37.87 43.90 -55.02
N GLY FA 16 37.36 43.31 -56.10
CA GLY FA 16 35.96 43.38 -56.51
C GLY FA 16 35.57 44.64 -57.29
N ILE FA 17 36.54 45.39 -57.81
CA ILE FA 17 36.32 46.59 -58.62
C ILE FA 17 35.76 46.20 -60.01
N SER FA 18 34.69 46.85 -60.46
CA SER FA 18 34.03 46.49 -61.73
C SER FA 18 34.84 46.94 -62.95
N SER FA 19 34.59 46.36 -64.12
CA SER FA 19 35.38 46.66 -65.33
C SER FA 19 35.34 48.13 -65.74
N ASN FA 20 34.20 48.82 -65.68
CA ASN FA 20 34.16 50.28 -65.94
C ASN FA 20 34.97 51.08 -64.91
N GLU FA 21 34.98 50.68 -63.63
CA GLU FA 21 35.82 51.31 -62.61
C GLU FA 21 37.32 51.04 -62.83
N ILE FA 22 37.70 49.83 -63.29
CA ILE FA 22 39.09 49.57 -63.67
C ILE FA 22 39.46 50.43 -64.89
N LEU FA 23 38.60 50.52 -65.91
CA LEU FA 23 38.82 51.38 -67.07
C LEU FA 23 38.93 52.86 -66.66
N GLU FA 24 38.13 53.33 -65.71
CA GLU FA 24 38.27 54.67 -65.12
C GLU FA 24 39.66 54.86 -64.49
N LEU FA 25 40.09 53.92 -63.65
CA LEU FA 25 41.41 53.99 -63.00
C LEU FA 25 42.53 53.94 -64.04
N LEU FA 26 42.39 53.12 -65.09
CA LEU FA 26 43.32 53.09 -66.20
C LEU FA 26 43.32 54.41 -66.98
N ALA FA 27 42.17 55.06 -67.17
CA ALA FA 27 42.09 56.39 -67.80
C ALA FA 27 42.89 57.43 -67.01
N ALA FA 28 42.74 57.42 -65.69
CA ALA FA 28 43.52 58.27 -64.80
C ALA FA 28 45.01 57.92 -64.88
N ALA FA 29 45.37 56.64 -64.81
CA ALA FA 29 46.77 56.22 -64.87
C ALA FA 29 47.44 56.69 -66.16
N ALA FA 30 46.73 56.64 -67.28
CA ALA FA 30 47.21 57.11 -68.58
C ALA FA 30 47.40 58.63 -68.60
N GLU FA 31 46.42 59.42 -68.12
CA GLU FA 31 46.54 60.88 -68.07
C GLU FA 31 47.72 61.30 -67.18
N LEU FA 32 47.84 60.70 -66.00
CA LEU FA 32 48.84 61.06 -65.01
C LEU FA 32 50.20 60.40 -65.27
N GLY FA 33 50.29 59.41 -66.16
CA GLY FA 33 51.52 58.70 -66.48
C GLY FA 33 52.06 57.84 -65.33
N LEU FA 34 51.18 57.15 -64.60
CA LEU FA 34 51.56 56.40 -63.39
C LEU FA 34 52.39 55.14 -63.67
N ASP FA 35 53.27 54.78 -62.74
CA ASP FA 35 54.13 53.59 -62.79
C ASP FA 35 53.55 52.41 -61.97
N PRO FA 36 54.09 51.17 -62.12
CA PRO FA 36 53.56 50.00 -61.44
C PRO FA 36 53.58 50.09 -59.91
N ASP FA 37 54.53 50.82 -59.32
CA ASP FA 37 54.63 50.99 -57.87
C ASP FA 37 53.55 51.96 -57.34
N ALA FA 38 53.32 53.09 -58.02
CA ALA FA 38 52.22 54.00 -57.68
C ALA FA 38 50.85 53.35 -57.91
N ILE FA 39 50.70 52.56 -58.98
CA ILE FA 39 49.49 51.79 -59.26
C ILE FA 39 49.30 50.66 -58.22
N GLN FA 40 50.36 49.99 -57.79
CA GLN FA 40 50.31 49.02 -56.68
C GLN FA 40 49.84 49.68 -55.39
N ALA FA 41 50.37 50.87 -55.05
CA ALA FA 41 49.88 51.65 -53.93
C ALA FA 41 48.39 52.00 -54.07
N ALA FA 42 47.94 52.40 -55.27
CA ALA FA 42 46.53 52.62 -55.55
C ALA FA 42 45.69 51.34 -55.34
N ALA FA 43 46.18 50.18 -55.78
CA ALA FA 43 45.53 48.90 -55.54
C ALA FA 43 45.44 48.59 -54.03
N GLN FA 44 46.46 48.89 -53.23
CA GLN FA 44 46.38 48.72 -51.77
C GLN FA 44 45.36 49.66 -51.12
N LEU FA 45 45.19 50.88 -51.62
CA LEU FA 45 44.08 51.76 -51.20
C LEU FA 45 42.72 51.14 -51.58
N GLY FA 46 42.63 50.48 -52.73
CA GLY FA 46 41.45 49.70 -53.12
C GLY FA 46 41.18 48.51 -52.19
N GLU FA 47 42.21 47.76 -51.77
CA GLU FA 47 42.10 46.71 -50.76
C GLU FA 47 41.72 47.26 -49.38
N ALA FA 48 42.15 48.48 -49.06
CA ALA FA 48 41.68 49.25 -47.90
C ALA FA 48 40.25 49.82 -48.07
N GLY FA 49 39.57 49.51 -49.19
CA GLY FA 49 38.17 49.88 -49.42
C GLY FA 49 37.94 51.32 -49.88
N ILE FA 50 39.00 52.08 -50.21
CA ILE FA 50 38.86 53.44 -50.74
C ILE FA 50 38.19 53.41 -52.12
N SER FA 51 37.26 54.32 -52.42
CA SER FA 51 36.52 54.31 -53.70
C SER FA 51 37.40 54.70 -54.89
N SER FA 52 37.00 54.29 -56.11
CA SER FA 52 37.77 54.62 -57.32
C SER FA 52 37.81 56.13 -57.56
N GLU FA 53 36.74 56.86 -57.23
CA GLU FA 53 36.71 58.31 -57.39
C GLU FA 53 37.63 58.99 -56.38
N GLU FA 54 37.65 58.53 -55.12
CA GLU FA 54 38.65 58.99 -54.17
C GLU FA 54 40.06 58.69 -54.66
N ILE FA 55 40.33 57.47 -55.11
CA ILE FA 55 41.67 57.10 -55.60
C ILE FA 55 42.05 58.02 -56.77
N LYS FA 56 41.12 58.29 -57.68
CA LYS FA 56 41.36 59.18 -58.82
C LYS FA 56 41.71 60.58 -58.33
N GLU FA 57 40.94 61.14 -57.40
CA GLU FA 57 41.26 62.43 -56.82
C GLU FA 57 42.57 62.40 -56.01
N LEU FA 58 42.86 61.31 -55.30
CA LEU FA 58 44.11 61.13 -54.56
C LEU FA 58 45.30 61.24 -55.50
N LEU FA 59 45.28 60.45 -56.57
CA LEU FA 59 46.32 60.46 -57.57
C LEU FA 59 46.37 61.81 -58.30
N ARG FA 60 45.24 62.41 -58.63
CA ARG FA 60 45.19 63.71 -59.30
C ARG FA 60 45.80 64.79 -58.45
N ALA FA 61 45.40 64.89 -57.19
CA ALA FA 61 45.99 65.84 -56.25
C ALA FA 61 47.50 65.57 -56.12
N ALA FA 62 47.91 64.32 -55.94
CA ALA FA 62 49.32 63.97 -55.84
C ALA FA 62 50.11 64.50 -57.04
N HIS FA 63 49.59 64.29 -58.25
CA HIS FA 63 50.21 64.79 -59.47
C HIS FA 63 50.21 66.32 -59.57
N GLU FA 64 49.08 66.97 -59.32
CA GLU FA 64 48.99 68.44 -59.42
C GLU FA 64 49.84 69.15 -58.35
N LEU FA 65 50.04 68.52 -57.19
CA LEU FA 65 50.99 68.97 -56.17
C LEU FA 65 52.44 68.63 -56.55
N GLY FA 66 52.65 67.51 -57.25
CA GLY FA 66 53.97 66.99 -57.61
C GLY FA 66 54.56 66.04 -56.57
N LEU FA 67 53.72 65.33 -55.81
CA LEU FA 67 54.16 64.26 -54.92
C LEU FA 67 54.82 63.13 -55.72
N ASP FA 68 55.90 62.57 -55.20
CA ASP FA 68 56.63 61.48 -55.86
C ASP FA 68 56.03 60.10 -55.51
N PRO FA 69 56.42 59.02 -56.24
CA PRO FA 69 55.90 57.68 -55.98
C PRO FA 69 56.16 57.18 -54.56
N ASP FA 70 57.24 57.59 -53.90
CA ASP FA 70 57.49 57.21 -52.51
C ASP FA 70 56.46 57.85 -51.57
N ALA FA 71 56.07 59.10 -51.80
CA ALA FA 71 54.94 59.69 -51.08
C ALA FA 71 53.63 58.96 -51.41
N ILE FA 72 53.40 58.54 -52.66
CA ILE FA 72 52.23 57.72 -52.99
C ILE FA 72 52.29 56.36 -52.25
N ALA FA 73 53.46 55.74 -52.13
CA ALA FA 73 53.64 54.53 -51.33
C ALA FA 73 53.36 54.78 -49.83
N ALA FA 74 53.80 55.92 -49.29
CA ALA FA 74 53.42 56.32 -47.94
C ALA FA 74 51.90 56.54 -47.80
N ALA FA 75 51.21 56.98 -48.86
CA ALA FA 75 49.76 57.07 -48.87
C ALA FA 75 49.13 55.67 -48.68
N ALA FA 76 49.67 54.64 -49.31
CA ALA FA 76 49.23 53.27 -49.08
C ALA FA 76 49.50 52.81 -47.64
N ASP FA 77 50.65 53.14 -47.04
CA ASP FA 77 50.91 52.82 -45.64
C ASP FA 77 49.94 53.53 -44.68
N LEU FA 78 49.62 54.80 -44.92
CA LEU FA 78 48.58 55.53 -44.17
C LEU FA 78 47.20 54.90 -44.39
N GLY FA 79 46.91 54.39 -45.59
CA GLY FA 79 45.69 53.64 -45.89
C GLY FA 79 45.63 52.30 -45.15
N GLN FA 80 46.74 51.57 -45.06
CA GLN FA 80 46.85 50.35 -44.24
C GLN FA 80 46.71 50.67 -42.75
N ALA FA 81 47.18 51.83 -42.29
CA ALA FA 81 46.91 52.35 -40.95
C ALA FA 81 45.45 52.79 -40.73
N GLY FA 82 44.62 52.85 -41.79
CA GLY FA 82 43.20 53.21 -41.73
C GLY FA 82 42.91 54.71 -41.63
N VAL FA 83 43.87 55.57 -41.98
CA VAL FA 83 43.73 57.04 -41.94
C VAL FA 83 42.70 57.51 -42.99
N SER FA 84 41.91 58.54 -42.67
CA SER FA 84 40.89 59.08 -43.60
C SER FA 84 41.54 59.66 -44.86
N PRO FA 85 40.89 59.51 -46.01
CA PRO FA 85 41.53 59.83 -47.29
C PRO FA 85 41.88 61.32 -47.42
N VAL FA 86 41.06 62.22 -46.89
CA VAL FA 86 41.44 63.63 -46.82
C VAL FA 86 42.68 63.83 -45.94
N GLU FA 87 42.76 63.19 -44.78
CA GLU FA 87 43.93 63.33 -43.91
C GLU FA 87 45.17 62.78 -44.57
N ILE FA 88 45.07 61.69 -45.32
CA ILE FA 88 46.18 61.22 -46.15
C ILE FA 88 46.65 62.37 -47.05
N LEU FA 89 45.74 62.99 -47.80
CA LEU FA 89 46.09 64.09 -48.69
C LEU FA 89 46.74 65.24 -47.93
N ALA FA 90 46.08 65.70 -46.88
CA ALA FA 90 46.54 66.88 -46.16
C ALA FA 90 47.89 66.63 -45.49
N LEU FA 91 48.09 65.46 -44.88
CA LEU FA 91 49.36 65.12 -44.23
C LEU FA 91 50.50 65.15 -45.25
N LEU FA 92 50.34 64.42 -46.37
CA LEU FA 92 51.37 64.39 -47.38
C LEU FA 92 51.60 65.78 -47.98
N ILE FA 93 50.51 66.52 -48.25
CA ILE FA 93 50.60 67.86 -48.80
C ILE FA 93 51.36 68.80 -47.87
N ALA FA 94 51.05 68.77 -46.58
CA ALA FA 94 51.75 69.58 -45.61
C ALA FA 94 53.23 69.25 -45.58
N ALA FA 95 53.59 67.96 -45.56
CA ALA FA 95 54.99 67.56 -45.57
C ALA FA 95 55.70 68.08 -46.83
N SER FA 96 55.07 67.95 -47.99
CA SER FA 96 55.59 68.45 -49.26
C SER FA 96 55.73 69.98 -49.28
N VAL FA 97 54.75 70.71 -48.75
CA VAL FA 97 54.80 72.17 -48.66
C VAL FA 97 55.83 72.67 -47.63
N LEU FA 98 56.09 71.91 -46.57
CA LEU FA 98 57.24 72.12 -45.68
C LEU FA 98 58.58 71.74 -46.34
N GLY FA 99 58.55 71.03 -47.48
CA GLY FA 99 59.73 70.53 -48.16
C GLY FA 99 60.34 69.26 -47.54
N LEU FA 100 59.59 68.56 -46.69
CA LEU FA 100 60.04 67.34 -46.02
C LEU FA 100 60.21 66.17 -47.00
N ASP FA 101 61.16 65.30 -46.71
CA ASP FA 101 61.62 64.25 -47.62
C ASP FA 101 60.88 62.91 -47.42
N PRO FA 102 61.07 61.92 -48.31
CA PRO FA 102 60.44 60.61 -48.18
C PRO FA 102 60.70 59.89 -46.85
N ASP FA 103 61.86 60.07 -46.22
CA ASP FA 103 62.12 59.45 -44.92
C ASP FA 103 61.26 60.08 -43.82
N ALA FA 104 61.18 61.42 -43.78
CA ALA FA 104 60.28 62.11 -42.87
C ALA FA 104 58.81 61.75 -43.17
N ILE FA 105 58.43 61.64 -44.44
CA ILE FA 105 57.10 61.19 -44.83
C ILE FA 105 56.85 59.75 -44.38
N GLN FA 106 57.82 58.85 -44.49
CA GLN FA 106 57.70 57.50 -43.97
C GLN FA 106 57.57 57.47 -42.44
N ALA FA 107 58.30 58.33 -41.74
CA ALA FA 107 58.10 58.51 -40.31
C ALA FA 107 56.70 59.06 -39.99
N ALA FA 108 56.14 59.93 -40.83
CA ALA FA 108 54.75 60.37 -40.67
C ALA FA 108 53.76 59.21 -40.90
N ALA FA 109 54.04 58.30 -41.84
CA ALA FA 109 53.29 57.06 -41.97
C ALA FA 109 53.39 56.20 -40.70
N ALA FA 110 54.58 56.12 -40.09
CA ALA FA 110 54.75 55.43 -38.80
C ALA FA 110 53.97 56.12 -37.66
N LEU FA 111 53.93 57.45 -37.59
CA LEU FA 111 53.09 58.17 -36.61
C LEU FA 111 51.59 57.87 -36.84
N GLY FA 112 51.18 57.71 -38.10
CA GLY FA 112 49.85 57.24 -38.47
C GLY FA 112 49.58 55.81 -37.99
N GLU FA 113 50.53 54.89 -38.18
CA GLU FA 113 50.44 53.53 -37.62
C GLU FA 113 50.38 53.53 -36.08
N ALA FA 114 51.04 54.48 -35.43
CA ALA FA 114 50.93 54.71 -33.98
C ALA FA 114 49.61 55.40 -33.55
N GLY FA 115 48.75 55.78 -34.50
CA GLY FA 115 47.44 56.35 -34.23
C GLY FA 115 47.49 57.80 -33.72
N ILE FA 116 48.60 58.51 -33.90
CA ILE FA 116 48.74 59.91 -33.49
C ILE FA 116 47.76 60.79 -34.29
N SER FA 117 47.12 61.77 -33.65
CA SER FA 117 46.15 62.64 -34.33
C SER FA 117 46.81 63.54 -35.36
N ALA FA 118 46.11 63.86 -36.46
CA ALA FA 118 46.73 64.56 -37.59
C ALA FA 118 47.30 65.93 -37.21
N GLU FA 119 46.62 66.72 -36.39
CA GLU FA 119 47.21 67.99 -35.92
C GLU FA 119 48.46 67.74 -35.08
N GLU FA 120 48.50 66.70 -34.24
CA GLU FA 120 49.72 66.38 -33.47
C GLU FA 120 50.86 65.93 -34.38
N ILE FA 121 50.59 65.16 -35.45
CA ILE FA 121 51.62 64.86 -36.46
C ILE FA 121 52.11 66.17 -37.09
N ILE FA 122 51.20 67.02 -37.55
CA ILE FA 122 51.55 68.28 -38.19
C ILE FA 122 52.35 69.19 -37.27
N GLU FA 123 51.95 69.32 -36.01
CA GLU FA 123 52.69 70.08 -35.01
C GLU FA 123 54.07 69.46 -34.74
N LEU FA 124 54.19 68.14 -34.66
CA LEU FA 124 55.49 67.50 -34.50
C LEU FA 124 56.40 67.78 -35.70
N LEU FA 125 55.88 67.64 -36.92
CA LEU FA 125 56.63 67.98 -38.13
C LEU FA 125 57.01 69.47 -38.13
N THR FA 126 56.07 70.36 -37.79
CA THR FA 126 56.31 71.81 -37.67
C THR FA 126 57.43 72.09 -36.66
N ALA FA 127 57.35 71.51 -35.46
CA ALA FA 127 58.35 71.70 -34.43
C ALA FA 127 59.73 71.21 -34.91
N ALA FA 128 59.82 70.01 -35.49
CA ALA FA 128 61.10 69.50 -35.99
C ALA FA 128 61.69 70.38 -37.10
N ARG FA 129 60.84 70.92 -37.99
CA ARG FA 129 61.23 71.84 -39.04
C ARG FA 129 61.74 73.17 -38.47
N ASP FA 130 61.03 73.76 -37.52
CA ASP FA 130 61.43 75.02 -36.87
C ASP FA 130 62.68 74.86 -35.99
N LEU FA 131 62.85 73.73 -35.30
CA LEU FA 131 64.04 73.42 -34.52
C LEU FA 131 65.26 73.05 -35.40
N GLY FA 132 65.04 72.76 -36.68
CA GLY FA 132 66.10 72.36 -37.61
C GLY FA 132 66.66 70.96 -37.33
N LEU FA 133 65.83 70.05 -36.81
CA LEU FA 133 66.19 68.65 -36.59
C LEU FA 133 66.14 67.85 -37.90
N ASP FA 134 66.19 66.52 -37.83
CA ASP FA 134 66.36 65.63 -38.98
C ASP FA 134 65.38 64.43 -38.93
N PRO FA 135 65.22 63.65 -40.02
CA PRO FA 135 64.33 62.50 -40.06
C PRO FA 135 64.60 61.49 -38.95
N ASP FA 136 65.84 61.32 -38.50
CA ASP FA 136 66.17 60.44 -37.37
C ASP FA 136 65.58 60.98 -36.06
N ALA FA 137 65.67 62.29 -35.79
CA ALA FA 137 64.97 62.89 -34.65
C ALA FA 137 63.45 62.72 -34.74
N ILE FA 138 62.86 62.86 -35.93
CA ILE FA 138 61.43 62.58 -36.12
C ILE FA 138 61.11 61.09 -35.88
N GLN FA 139 61.94 60.17 -36.37
CA GLN FA 139 61.79 58.73 -36.13
C GLN FA 139 61.90 58.41 -34.64
N ALA FA 140 62.82 59.04 -33.91
CA ALA FA 140 62.93 58.89 -32.47
C ALA FA 140 61.72 59.50 -31.73
N ALA FA 141 61.16 60.62 -32.20
CA ALA FA 141 59.91 61.14 -31.69
C ALA FA 141 58.74 60.15 -31.92
N ALA FA 142 58.71 59.47 -33.07
CA ALA FA 142 57.74 58.40 -33.28
C ALA FA 142 57.95 57.23 -32.29
N GLN FA 143 59.19 56.90 -31.91
CA GLN FA 143 59.43 55.93 -30.84
C GLN FA 143 58.93 56.43 -29.47
N LEU FA 144 59.03 57.72 -29.15
CA LEU FA 144 58.37 58.27 -27.94
C LEU FA 144 56.83 58.12 -28.03
N GLY FA 145 56.27 58.24 -29.24
CA GLY FA 145 54.86 57.93 -29.51
C GLY FA 145 54.52 56.45 -29.29
N GLU FA 146 55.38 55.52 -29.70
CA GLU FA 146 55.22 54.09 -29.43
C GLU FA 146 55.30 53.78 -27.92
N ALA FA 147 56.12 54.53 -27.18
CA ALA FA 147 56.17 54.50 -25.72
C ALA FA 147 54.93 55.16 -25.05
N GLY FA 148 54.03 55.77 -25.82
CA GLY FA 148 52.78 56.36 -25.32
C GLY FA 148 52.96 57.71 -24.62
N ILE FA 149 54.10 58.38 -24.82
CA ILE FA 149 54.39 59.68 -24.20
C ILE FA 149 53.50 60.77 -24.82
N SER FA 150 52.97 61.69 -24.00
CA SER FA 150 52.08 62.75 -24.50
C SER FA 150 52.81 63.70 -25.45
N SER FA 151 52.08 64.28 -26.41
CA SER FA 151 52.67 65.13 -27.45
C SER FA 151 53.42 66.35 -26.89
N GLU FA 152 52.90 66.97 -25.83
CA GLU FA 152 53.64 68.03 -25.13
C GLU FA 152 54.92 67.50 -24.49
N GLU FA 153 54.90 66.34 -23.84
CA GLU FA 153 56.12 65.77 -23.26
C GLU FA 153 57.12 65.34 -24.33
N ILE FA 154 56.67 64.89 -25.50
CA ILE FA 154 57.54 64.71 -26.66
C ILE FA 154 58.19 66.05 -27.04
N LYS FA 155 57.41 67.13 -27.14
CA LYS FA 155 57.97 68.44 -27.44
C LYS FA 155 58.93 68.92 -26.35
N GLU FA 156 58.65 68.66 -25.08
CA GLU FA 156 59.57 68.96 -23.97
C GLU FA 156 60.88 68.17 -24.11
N LEU FA 157 60.82 66.87 -24.39
CA LEU FA 157 61.99 66.03 -24.58
C LEU FA 157 62.81 66.48 -25.79
N LEU FA 158 62.16 66.87 -26.88
CA LEU FA 158 62.84 67.44 -28.04
C LEU FA 158 63.49 68.78 -27.71
N ARG FA 159 62.79 69.68 -26.98
CA ARG FA 159 63.36 70.97 -26.56
C ARG FA 159 64.54 70.77 -25.61
N ALA FA 160 64.45 69.80 -24.71
CA ALA FA 160 65.56 69.41 -23.86
C ALA FA 160 66.74 68.89 -24.71
N ALA FA 161 66.52 67.93 -25.60
CA ALA FA 161 67.59 67.39 -26.45
C ALA FA 161 68.25 68.49 -27.32
N HIS FA 162 67.47 69.46 -27.80
CA HIS FA 162 67.96 70.61 -28.57
C HIS FA 162 68.81 71.57 -27.72
N GLU FA 163 68.39 71.90 -26.51
CA GLU FA 163 69.20 72.69 -25.57
C GLU FA 163 70.48 71.96 -25.13
N LEU FA 164 70.40 70.66 -24.89
CA LEU FA 164 71.46 69.87 -24.28
C LEU FA 164 72.44 69.26 -25.28
N GLY FA 165 72.10 69.23 -26.57
CA GLY FA 165 72.92 68.58 -27.61
C GLY FA 165 72.96 67.06 -27.46
N LEU FA 166 71.84 66.44 -27.07
CA LEU FA 166 71.65 64.98 -27.11
C LEU FA 166 71.37 64.51 -28.55
N ASP FA 167 71.15 63.21 -28.76
CA ASP FA 167 71.01 62.61 -30.09
C ASP FA 167 69.84 61.59 -30.18
N PRO FA 168 69.42 61.16 -31.39
CA PRO FA 168 68.32 60.22 -31.56
C PRO FA 168 68.46 58.90 -30.79
N ASP FA 169 69.67 58.38 -30.57
CA ASP FA 169 69.86 57.19 -29.73
C ASP FA 169 69.57 57.48 -28.25
N CYS FA 170 69.93 58.66 -27.75
CA CYS FA 170 69.49 59.09 -26.42
C CYS FA 170 67.95 59.20 -26.37
N ILE FA 171 67.31 59.71 -27.41
CA ILE FA 171 65.84 59.78 -27.48
C ILE FA 171 65.22 58.37 -27.59
N ALA FA 172 65.86 57.41 -28.26
CA ALA FA 172 65.44 56.01 -28.27
C ALA FA 172 65.52 55.39 -26.87
N ALA FA 173 66.60 55.66 -26.13
CA ALA FA 173 66.70 55.25 -24.73
C ALA FA 173 65.66 55.97 -23.84
N ALA FA 174 65.30 57.23 -24.14
CA ALA FA 174 64.20 57.91 -23.46
C ALA FA 174 62.84 57.23 -23.74
N ALA FA 175 62.61 56.74 -24.96
CA ALA FA 175 61.44 55.91 -25.26
C ALA FA 175 61.44 54.61 -24.45
N ASP FA 176 62.60 53.94 -24.29
CA ASP FA 176 62.70 52.77 -23.42
C ASP FA 176 62.46 53.10 -21.93
N LEU FA 177 62.92 54.26 -21.43
CA LEU FA 177 62.54 54.73 -20.09
C LEU FA 177 61.03 55.03 -20.00
N GLY FA 178 60.40 55.45 -21.09
CA GLY FA 178 58.94 55.55 -21.22
C GLY FA 178 58.25 54.19 -21.13
N GLN FA 179 58.80 53.14 -21.74
CA GLN FA 179 58.31 51.76 -21.58
C GLN FA 179 58.48 51.28 -20.13
N ALA FA 180 59.56 51.69 -19.45
CA ALA FA 180 59.76 51.48 -18.01
C ALA FA 180 58.85 52.36 -17.11
N GLY FA 181 58.06 53.27 -17.69
CA GLY FA 181 57.08 54.09 -16.97
C GLY FA 181 57.66 55.27 -16.18
N ILE FA 182 58.90 55.67 -16.45
CA ILE FA 182 59.55 56.81 -15.76
C ILE FA 182 58.88 58.14 -16.18
N SER FA 183 58.67 59.08 -15.26
CA SER FA 183 58.07 60.39 -15.58
C SER FA 183 58.99 61.26 -16.45
N SER FA 184 58.46 62.17 -17.25
CA SER FA 184 59.26 62.97 -18.21
C SER FA 184 60.34 63.85 -17.54
N SER FA 185 60.08 64.39 -16.34
CA SER FA 185 61.11 65.12 -15.58
C SER FA 185 62.23 64.19 -15.10
N GLU FA 186 61.89 63.00 -14.62
CA GLU FA 186 62.87 61.98 -14.22
C GLU FA 186 63.64 61.39 -15.41
N ILE FA 187 63.00 61.17 -16.57
CA ILE FA 187 63.70 60.82 -17.82
C ILE FA 187 64.72 61.90 -18.13
N THR FA 188 64.32 63.18 -18.07
CA THR FA 188 65.22 64.31 -18.30
C THR FA 188 66.41 64.27 -17.33
N ALA FA 189 66.17 64.04 -16.03
CA ALA FA 189 67.24 63.88 -15.06
C ALA FA 189 68.16 62.70 -15.41
N LEU FA 190 67.63 61.52 -15.76
CA LEU FA 190 68.44 60.36 -16.12
C LEU FA 190 69.24 60.59 -17.40
N LEU FA 191 68.66 61.25 -18.40
CA LEU FA 191 69.39 61.70 -19.60
C LEU FA 191 70.54 62.62 -19.20
N LEU FA 192 70.29 63.63 -18.38
CA LEU FA 192 71.33 64.56 -17.93
C LEU FA 192 72.45 63.85 -17.16
N ALA FA 193 72.12 63.00 -16.19
CA ALA FA 193 73.10 62.26 -15.40
C ALA FA 193 73.95 61.34 -16.28
N ALA FA 194 73.32 60.57 -17.17
CA ALA FA 194 74.02 59.69 -18.10
C ALA FA 194 74.95 60.47 -19.03
N ALA FA 195 74.45 61.56 -19.63
CA ALA FA 195 75.25 62.42 -20.50
C ALA FA 195 76.44 63.04 -19.75
N ALA FA 196 76.22 63.58 -18.54
CA ALA FA 196 77.30 64.16 -17.73
C ALA FA 196 78.39 63.14 -17.42
N ILE FA 197 78.00 61.91 -17.05
CA ILE FA 197 78.95 60.86 -16.70
C ILE FA 197 79.69 60.34 -17.94
N GLU FA 198 79.01 60.17 -19.07
CA GLU FA 198 79.69 59.82 -20.33
C GLU FA 198 80.65 60.92 -20.80
N LEU FA 199 80.23 62.19 -20.73
CA LEU FA 199 81.10 63.33 -21.04
C LEU FA 199 82.32 63.39 -20.10
N ALA FA 200 82.12 63.12 -18.80
CA ALA FA 200 83.19 63.04 -17.81
C ALA FA 200 84.14 61.83 -17.99
N LYS FA 201 83.87 60.94 -18.96
CA LYS FA 201 84.73 59.81 -19.37
C LYS FA 201 85.31 59.98 -20.78
N ARG FA 202 84.69 60.80 -21.64
CA ARG FA 202 85.32 61.32 -22.87
C ARG FA 202 86.39 62.36 -22.53
N ALA FA 203 86.08 63.27 -21.60
CA ALA FA 203 87.05 64.03 -20.84
C ALA FA 203 87.75 63.13 -19.80
N ASP FA 204 88.87 63.58 -19.23
CA ASP FA 204 89.63 62.85 -18.20
C ASP FA 204 90.05 63.74 -17.00
N ASP FA 205 89.63 65.00 -16.96
CA ASP FA 205 89.97 65.94 -15.90
C ASP FA 205 89.29 65.56 -14.56
N LYS FA 206 90.08 65.41 -13.49
CA LYS FA 206 89.53 65.13 -12.16
C LYS FA 206 88.56 66.21 -11.70
N ASP FA 207 88.75 67.48 -12.08
CA ASP FA 207 87.87 68.55 -11.63
C ASP FA 207 86.46 68.41 -12.22
N VAL FA 208 86.34 67.86 -13.44
CA VAL FA 208 85.04 67.47 -14.01
C VAL FA 208 84.43 66.33 -13.19
N ARG FA 209 85.22 65.28 -12.87
CA ARG FA 209 84.77 64.17 -12.01
C ARG FA 209 84.33 64.64 -10.62
N GLU FA 210 85.03 65.59 -10.01
CA GLU FA 210 84.65 66.19 -8.72
C GLU FA 210 83.38 67.04 -8.82
N ILE FA 211 83.24 67.87 -9.86
CA ILE FA 211 82.00 68.62 -10.11
C ILE FA 211 80.83 67.64 -10.33
N VAL FA 212 81.02 66.58 -11.10
CA VAL FA 212 80.01 65.54 -11.30
C VAL FA 212 79.65 64.87 -9.97
N ARG FA 213 80.63 64.46 -9.14
CA ARG FA 213 80.37 63.93 -7.79
C ARG FA 213 79.47 64.88 -7.00
N ASP FA 214 79.86 66.13 -6.90
CA ASP FA 214 79.15 67.11 -6.08
C ASP FA 214 77.74 67.41 -6.63
N ALA FA 215 77.60 67.50 -7.95
CA ALA FA 215 76.29 67.69 -8.58
C ALA FA 215 75.39 66.47 -8.42
N LEU FA 216 75.89 65.25 -8.66
CA LEU FA 216 75.13 64.02 -8.51
C LEU FA 216 74.76 63.78 -7.05
N GLU FA 217 75.62 64.10 -6.09
CA GLU FA 217 75.31 64.03 -4.66
C GLU FA 217 74.14 64.96 -4.32
N LEU FA 218 74.23 66.23 -4.72
CA LEU FA 218 73.15 67.20 -4.52
C LEU FA 218 71.85 66.71 -5.17
N ALA FA 219 71.91 66.25 -6.41
CA ALA FA 219 70.75 65.72 -7.14
C ALA FA 219 70.17 64.44 -6.50
N SER FA 220 70.98 63.63 -5.84
CA SER FA 220 70.52 62.42 -5.16
C SER FA 220 69.78 62.74 -3.85
N ARG FA 221 70.21 63.75 -3.10
CA ARG FA 221 69.57 64.17 -1.83
C ARG FA 221 68.49 65.25 -1.98
N SER FA 222 68.49 66.05 -3.03
CA SER FA 222 67.54 67.17 -3.18
C SER FA 222 66.09 66.69 -3.38
N THR FA 223 65.13 67.39 -2.76
CA THR FA 223 63.68 67.10 -2.84
C THR FA 223 62.98 67.83 -4.00
N ASN FA 224 63.67 68.73 -4.71
CA ASN FA 224 63.08 69.58 -5.74
C ASN FA 224 63.62 69.22 -7.14
N ASP FA 225 62.76 68.77 -8.06
CA ASP FA 225 63.21 68.33 -9.39
C ASP FA 225 63.76 69.49 -10.24
N GLU FA 226 63.40 70.74 -9.94
CA GLU FA 226 64.00 71.92 -10.58
C GLU FA 226 65.48 72.04 -10.22
N VAL FA 227 65.83 71.84 -8.94
CA VAL FA 227 67.22 71.83 -8.48
C VAL FA 227 67.96 70.65 -9.09
N ILE FA 228 67.32 69.47 -9.16
CA ILE FA 228 67.91 68.28 -9.81
C ILE FA 228 68.25 68.61 -11.26
N ARG FA 229 67.30 69.10 -12.06
CA ARG FA 229 67.57 69.44 -13.46
C ARG FA 229 68.61 70.54 -13.58
N LEU FA 230 68.58 71.58 -12.74
CA LEU FA 230 69.60 72.63 -12.76
C LEU FA 230 70.99 72.10 -12.45
N ALA FA 231 71.14 71.29 -11.41
CA ALA FA 231 72.43 70.71 -11.01
C ALA FA 231 72.97 69.77 -12.10
N LEU FA 232 72.12 68.91 -12.66
CA LEU FA 232 72.54 67.97 -13.69
C LEU FA 232 72.80 68.65 -15.04
N GLU FA 233 72.07 69.71 -15.40
CA GLU FA 233 72.42 70.55 -16.56
C GLU FA 233 73.76 71.26 -16.34
N ALA FA 234 74.00 71.82 -15.15
CA ALA FA 234 75.30 72.41 -14.83
C ALA FA 234 76.43 71.36 -14.93
N ALA FA 235 76.21 70.13 -14.49
CA ALA FA 235 77.17 69.04 -14.64
C ALA FA 235 77.41 68.69 -16.12
N VAL FA 236 76.35 68.57 -16.95
CA VAL FA 236 76.49 68.37 -18.40
C VAL FA 236 77.32 69.49 -19.02
N LEU FA 237 77.02 70.75 -18.72
CA LEU FA 237 77.73 71.90 -19.27
C LEU FA 237 79.19 71.95 -18.79
N ALA FA 238 79.45 71.68 -17.50
CA ALA FA 238 80.82 71.60 -16.99
C ALA FA 238 81.64 70.47 -17.65
N ALA FA 239 81.02 69.33 -17.96
CA ALA FA 239 81.68 68.22 -18.63
C ALA FA 239 81.84 68.42 -20.16
N ARG FA 240 80.92 69.14 -20.81
CA ARG FA 240 80.98 69.50 -22.24
C ARG FA 240 81.90 70.70 -22.50
N SER FA 241 82.02 71.61 -21.54
CA SER FA 241 83.00 72.70 -21.52
C SER FA 241 84.43 72.20 -21.24
N THR FA 242 85.41 73.03 -21.58
CA THR FA 242 86.84 72.83 -21.24
C THR FA 242 87.45 74.08 -20.59
N ASP FA 243 86.62 74.96 -20.01
CA ASP FA 243 87.05 76.26 -19.51
C ASP FA 243 87.11 76.29 -17.98
N SER FA 244 88.29 76.56 -17.42
CA SER FA 244 88.51 76.62 -15.98
C SER FA 244 87.64 77.67 -15.28
N ASP FA 245 87.26 78.77 -15.95
CA ASP FA 245 86.32 79.73 -15.35
C ASP FA 245 84.95 79.09 -15.15
N VAL FA 246 84.48 78.31 -16.12
CA VAL FA 246 83.22 77.56 -16.00
C VAL FA 246 83.34 76.53 -14.90
N LEU FA 247 84.46 75.79 -14.84
CA LEU FA 247 84.69 74.84 -13.75
C LEU FA 247 84.71 75.53 -12.38
N GLU FA 248 85.40 76.66 -12.23
CA GLU FA 248 85.43 77.41 -10.97
C GLU FA 248 84.06 77.96 -10.58
N ILE FA 249 83.32 78.57 -11.52
CA ILE FA 249 81.98 79.12 -11.27
C ILE FA 249 81.01 78.00 -10.87
N VAL FA 250 81.01 76.87 -11.57
CA VAL FA 250 80.17 75.71 -11.21
C VAL FA 250 80.59 75.13 -9.86
N LYS FA 251 81.90 75.01 -9.59
CA LYS FA 251 82.39 74.54 -8.29
C LYS FA 251 81.97 75.47 -7.15
N ASP FA 252 82.07 76.79 -7.33
CA ASP FA 252 81.57 77.75 -6.35
C ASP FA 252 80.05 77.67 -6.16
N ALA FA 253 79.28 77.49 -7.22
CA ALA FA 253 77.83 77.32 -7.11
C ALA FA 253 77.45 76.03 -6.35
N LEU FA 254 78.12 74.91 -6.63
CA LEU FA 254 77.92 73.65 -5.90
C LEU FA 254 78.43 73.76 -4.45
N GLU FA 255 79.54 74.45 -4.21
CA GLU FA 255 80.04 74.71 -2.87
C GLU FA 255 79.03 75.53 -2.07
N LEU FA 256 78.49 76.61 -2.65
CA LEU FA 256 77.41 77.37 -2.03
C LEU FA 256 76.18 76.48 -1.75
N ALA FA 257 75.83 75.57 -2.67
CA ALA FA 257 74.75 74.60 -2.46
C ALA FA 257 75.06 73.51 -1.42
N LYS FA 258 76.33 73.31 -1.04
CA LYS FA 258 76.70 72.54 0.15
C LYS FA 258 76.73 73.39 1.42
N GLN FA 259 77.08 74.68 1.32
CA GLN FA 259 77.11 75.61 2.45
C GLN FA 259 75.72 76.06 2.94
N SER FA 260 74.73 76.19 2.05
CA SER FA 260 73.36 76.58 2.39
C SER FA 260 72.31 75.72 1.67
N THR FA 261 71.22 75.37 2.37
CA THR FA 261 70.08 74.61 1.85
C THR FA 261 68.95 75.50 1.28
N ASN FA 262 69.17 76.82 1.17
CA ASN FA 262 68.18 77.76 0.64
C ASN FA 262 67.88 77.50 -0.86
N GLU FA 263 66.69 76.99 -1.16
CA GLU FA 263 66.33 76.58 -2.52
C GLU FA 263 66.38 77.74 -3.53
N GLU FA 264 66.02 78.96 -3.14
CA GLU FA 264 66.07 80.11 -4.05
C GLU FA 264 67.51 80.51 -4.36
N VAL FA 265 68.37 80.58 -3.34
CA VAL FA 265 69.81 80.81 -3.56
C VAL FA 265 70.40 79.70 -4.43
N ILE FA 266 70.07 78.43 -4.16
CA ILE FA 266 70.56 77.29 -4.97
C ILE FA 266 70.11 77.42 -6.42
N LYS FA 267 68.82 77.63 -6.67
CA LYS FA 267 68.29 77.76 -8.04
C LYS FA 267 68.96 78.93 -8.76
N LEU FA 268 69.09 80.08 -8.09
CA LEU FA 268 69.76 81.25 -8.66
C LEU FA 268 71.25 81.00 -8.93
N ALA FA 269 71.99 80.38 -8.01
CA ALA FA 269 73.41 80.11 -8.18
C ALA FA 269 73.68 79.11 -9.32
N LEU FA 270 72.90 78.02 -9.38
CA LEU FA 270 72.98 77.07 -10.48
C LEU FA 270 72.58 77.73 -11.80
N LYS FA 271 71.50 78.52 -11.85
CA LYS FA 271 71.11 79.25 -13.06
C LYS FA 271 72.19 80.23 -13.51
N ALA FA 272 72.78 81.03 -12.62
CA ALA FA 272 73.88 81.92 -12.96
C ALA FA 272 75.10 81.15 -13.50
N ALA FA 273 75.44 79.99 -12.92
CA ALA FA 273 76.49 79.14 -13.44
C ALA FA 273 76.15 78.52 -14.81
N VAL FA 274 74.91 78.08 -15.03
CA VAL FA 274 74.43 77.58 -16.33
C VAL FA 274 74.50 78.68 -17.39
N LEU FA 275 74.03 79.89 -17.08
CA LEU FA 275 74.12 81.03 -17.98
C LEU FA 275 75.59 81.39 -18.27
N ALA FA 276 76.46 81.40 -17.25
CA ALA FA 276 77.89 81.60 -17.44
C ALA FA 276 78.51 80.52 -18.34
N ALA FA 277 78.10 79.26 -18.20
CA ALA FA 277 78.58 78.15 -19.04
C ALA FA 277 78.09 78.23 -20.50
N LYS FA 278 76.91 78.82 -20.75
CA LYS FA 278 76.42 79.12 -22.10
C LYS FA 278 76.97 80.43 -22.69
N SER FA 279 77.44 81.35 -21.84
CA SER FA 279 78.01 82.66 -22.23
C SER FA 279 79.37 82.53 -22.92
N THR FA 280 79.77 83.60 -23.62
CA THR FA 280 81.06 83.73 -24.31
C THR FA 280 81.78 85.04 -23.98
N ASP FA 281 81.42 85.72 -22.88
CA ASP FA 281 81.99 87.00 -22.47
C ASP FA 281 82.79 86.90 -21.16
N GLU FA 282 84.09 87.23 -21.23
CA GLU FA 282 85.00 87.23 -20.09
C GLU FA 282 84.61 88.26 -19.01
N GLU FA 283 83.94 89.36 -19.36
CA GLU FA 283 83.44 90.32 -18.38
C GLU FA 283 82.26 89.74 -17.58
N VAL FA 284 81.37 88.97 -18.23
CA VAL FA 284 80.30 88.24 -17.54
C VAL FA 284 80.90 87.18 -16.63
N LEU FA 285 81.88 86.41 -17.11
CA LEU FA 285 82.58 85.43 -16.29
C LEU FA 285 83.26 86.08 -15.07
N GLU FA 286 83.97 87.20 -15.26
CA GLU FA 286 84.60 87.91 -14.14
C GLU FA 286 83.58 88.46 -13.14
N GLU FA 287 82.53 89.12 -13.60
CA GLU FA 287 81.50 89.65 -12.70
C GLU FA 287 80.73 88.52 -11.99
N VAL FA 288 80.46 87.40 -12.65
CA VAL FA 288 79.85 86.23 -11.98
C VAL FA 288 80.80 85.64 -10.94
N LYS FA 289 82.10 85.49 -11.27
CA LYS FA 289 83.09 85.00 -10.30
C LYS FA 289 83.20 85.95 -9.09
N GLU FA 290 83.24 87.25 -9.33
CA GLU FA 290 83.21 88.26 -8.27
C GLU FA 290 81.90 88.24 -7.48
N ALA FA 291 80.74 88.06 -8.11
CA ALA FA 291 79.48 87.92 -7.40
C ALA FA 291 79.47 86.69 -6.47
N LEU FA 292 80.02 85.57 -6.93
CA LEU FA 292 80.21 84.39 -6.08
C LEU FA 292 81.23 84.65 -4.97
N ARG FA 293 82.31 85.41 -5.21
CA ARG FA 293 83.24 85.83 -4.15
C ARG FA 293 82.54 86.69 -3.09
N ARG FA 294 81.77 87.70 -3.51
CA ARG FA 294 80.92 88.50 -2.61
C ARG FA 294 79.99 87.59 -1.81
N ALA FA 295 79.36 86.61 -2.45
CA ALA FA 295 78.46 85.67 -1.78
C ALA FA 295 79.17 84.77 -0.75
N LYS FA 296 80.41 84.33 -1.01
CA LYS FA 296 81.21 83.57 -0.05
C LYS FA 296 81.70 84.43 1.13
N GLU FA 297 82.04 85.69 0.88
CA GLU FA 297 82.51 86.62 1.92
C GLU FA 297 81.37 87.17 2.80
N SER FA 298 80.18 87.39 2.24
CA SER FA 298 78.98 87.86 2.95
C SER FA 298 78.25 86.74 3.70
N THR FA 299 77.29 87.11 4.54
CA THR FA 299 76.39 86.19 5.28
C THR FA 299 74.90 86.56 5.14
N ASP FA 300 74.55 87.56 4.33
CA ASP FA 300 73.17 87.97 4.07
C ASP FA 300 72.64 87.33 2.79
N GLU FA 301 71.77 86.33 2.90
CA GLU FA 301 71.22 85.64 1.73
C GLU FA 301 70.33 86.53 0.86
N GLU FA 302 69.74 87.62 1.38
CA GLU FA 302 69.01 88.57 0.54
C GLU FA 302 69.96 89.38 -0.36
N GLU FA 303 71.17 89.69 0.11
CA GLU FA 303 72.22 90.27 -0.74
C GLU FA 303 72.64 89.27 -1.83
N ILE FA 304 72.85 88.01 -1.46
CA ILE FA 304 73.23 86.94 -2.41
C ILE FA 304 72.16 86.79 -3.50
N LYS FA 305 70.86 86.73 -3.12
CA LYS FA 305 69.76 86.65 -4.10
C LYS FA 305 69.77 87.86 -5.05
N GLU FA 306 69.96 89.09 -4.55
CA GLU FA 306 70.01 90.27 -5.42
C GLU FA 306 71.23 90.26 -6.35
N GLU FA 307 72.42 89.93 -5.85
CA GLU FA 307 73.62 89.81 -6.68
C GLU FA 307 73.41 88.81 -7.83
N LEU FA 308 72.81 87.65 -7.54
CA LEU FA 308 72.50 86.66 -8.57
C LEU FA 308 71.35 87.12 -9.50
N ARG FA 309 70.29 87.72 -8.96
CA ARG FA 309 69.15 88.23 -9.75
C ARG FA 309 69.61 89.23 -10.81
N LYS FA 310 70.52 90.14 -10.46
CA LYS FA 310 71.10 91.12 -11.39
C LYS FA 310 71.84 90.47 -12.56
N ALA FA 311 72.41 89.28 -12.38
CA ALA FA 311 72.97 88.49 -13.48
C ALA FA 311 71.89 87.71 -14.26
N VAL FA 312 70.85 87.22 -13.58
CA VAL FA 312 69.85 86.29 -14.13
C VAL FA 312 68.78 86.96 -14.99
N GLU FA 313 68.28 88.14 -14.63
CA GLU FA 313 67.11 88.76 -15.30
C GLU FA 313 67.32 89.16 -16.77
N GLU FA 314 68.57 89.27 -17.25
CA GLU FA 314 68.88 89.52 -18.66
C GLU FA 314 68.49 88.35 -19.59
N ALA FA 315 68.35 87.13 -19.05
CA ALA FA 315 68.22 85.90 -19.84
C ALA FA 315 66.84 85.20 -19.75
N GLU FA 316 65.83 85.83 -19.11
CA GLU FA 316 64.49 85.24 -18.87
C GLU FA 316 63.33 86.24 -19.05
N CYS GA 3 -63.48 -61.78 43.63
CA CYS GA 3 -62.78 -60.92 42.65
C CYS GA 3 -61.64 -60.10 43.29
N ASP GA 4 -61.91 -59.30 44.32
CA ASP GA 4 -61.00 -58.23 44.77
C ASP GA 4 -59.60 -58.71 45.22
N ALA GA 5 -59.44 -59.98 45.65
CA ALA GA 5 -58.14 -60.52 46.03
C ALA GA 5 -57.08 -60.44 44.91
N ILE GA 6 -57.50 -60.40 43.63
CA ILE GA 6 -56.59 -60.25 42.50
C ILE GA 6 -55.92 -58.87 42.49
N GLN GA 7 -56.55 -57.82 43.04
CA GLN GA 7 -55.99 -56.47 43.03
C GLN GA 7 -54.67 -56.37 43.79
N ALA GA 8 -54.47 -57.18 44.84
CA ALA GA 8 -53.18 -57.25 45.53
C ALA GA 8 -52.07 -57.74 44.59
N ALA GA 9 -52.34 -58.79 43.81
CA ALA GA 9 -51.38 -59.28 42.81
C ALA GA 9 -51.10 -58.22 41.74
N ALA GA 10 -52.13 -57.49 41.30
CA ALA GA 10 -51.95 -56.38 40.36
C ALA GA 10 -51.08 -55.27 40.96
N ALA GA 11 -51.34 -54.85 42.20
CA ALA GA 11 -50.51 -53.86 42.87
C ALA GA 11 -49.05 -54.32 43.02
N LEU GA 12 -48.81 -55.57 43.42
CA LEU GA 12 -47.45 -56.12 43.52
C LEU GA 12 -46.76 -56.24 42.15
N GLY GA 13 -47.50 -56.59 41.10
CA GLY GA 13 -47.00 -56.59 39.73
C GLY GA 13 -46.63 -55.18 39.24
N GLU GA 14 -47.44 -54.17 39.56
CA GLU GA 14 -47.13 -52.75 39.28
C GLU GA 14 -45.92 -52.25 40.07
N ALA GA 15 -45.69 -52.76 41.28
CA ALA GA 15 -44.46 -52.55 42.05
C ALA GA 15 -43.23 -53.34 41.51
N GLY GA 16 -43.41 -54.18 40.47
CA GLY GA 16 -42.33 -54.93 39.84
C GLY GA 16 -41.96 -56.25 40.55
N ILE GA 17 -42.77 -56.71 41.50
CA ILE GA 17 -42.54 -57.98 42.21
C ILE GA 17 -42.79 -59.16 41.25
N SER GA 18 -41.90 -60.15 41.23
CA SER GA 18 -42.00 -61.29 40.29
C SER GA 18 -43.10 -62.29 40.69
N SER GA 19 -43.57 -63.10 39.74
CA SER GA 19 -44.68 -64.04 39.97
C SER GA 19 -44.41 -65.03 41.12
N ASN GA 20 -43.22 -65.63 41.20
CA ASN GA 20 -42.87 -66.51 42.33
C ASN GA 20 -42.82 -65.77 43.67
N GLU GA 21 -42.42 -64.50 43.70
CA GLU GA 21 -42.46 -63.69 44.92
C GLU GA 21 -43.90 -63.37 45.33
N ILE GA 22 -44.78 -63.02 44.39
CA ILE GA 22 -46.20 -62.81 44.70
C ILE GA 22 -46.80 -64.11 45.26
N LEU GA 23 -46.51 -65.26 44.64
CA LEU GA 23 -46.94 -66.55 45.17
C LEU GA 23 -46.36 -66.83 46.56
N GLU GA 24 -45.08 -66.55 46.83
CA GLU GA 24 -44.49 -66.75 48.15
C GLU GA 24 -45.13 -65.83 49.20
N LEU GA 25 -45.37 -64.56 48.87
CA LEU GA 25 -46.05 -63.60 49.74
C LEU GA 25 -47.49 -64.06 50.00
N LEU GA 26 -48.18 -64.53 48.98
CA LEU GA 26 -49.49 -65.14 49.14
C LEU GA 26 -49.41 -66.39 50.03
N ALA GA 27 -48.38 -67.23 49.91
CA ALA GA 27 -48.20 -68.41 50.76
C ALA GA 27 -48.08 -68.02 52.24
N ALA GA 28 -47.27 -67.01 52.54
CA ALA GA 28 -47.15 -66.47 53.88
C ALA GA 28 -48.48 -65.88 54.35
N ALA GA 29 -49.12 -65.02 53.55
CA ALA GA 29 -50.37 -64.40 53.91
C ALA GA 29 -51.48 -65.43 54.19
N ALA GA 30 -51.48 -66.55 53.46
CA ALA GA 30 -52.38 -67.67 53.68
C ALA GA 30 -52.08 -68.41 54.99
N GLU GA 31 -50.82 -68.76 55.27
CA GLU GA 31 -50.42 -69.40 56.54
C GLU GA 31 -50.80 -68.54 57.75
N LEU GA 32 -50.50 -67.24 57.67
CA LEU GA 32 -50.75 -66.27 58.74
C LEU GA 32 -52.22 -65.80 58.78
N GLY GA 33 -53.03 -66.13 57.77
CA GLY GA 33 -54.44 -65.78 57.71
C GLY GA 33 -54.73 -64.28 57.60
N LEU GA 34 -53.78 -63.51 57.07
CA LEU GA 34 -53.87 -62.04 57.07
C LEU GA 34 -54.90 -61.52 56.05
N ASP GA 35 -55.63 -60.47 56.42
CA ASP GA 35 -56.75 -59.93 55.62
C ASP GA 35 -56.28 -59.11 54.39
N PRO GA 36 -57.17 -58.80 53.43
CA PRO GA 36 -56.82 -58.08 52.22
C PRO GA 36 -56.22 -56.68 52.44
N ASP GA 37 -56.59 -55.97 53.50
CA ASP GA 37 -56.05 -54.63 53.78
C ASP GA 37 -54.67 -54.71 54.48
N ALA GA 38 -54.43 -55.73 55.31
CA ALA GA 38 -53.07 -56.06 55.78
C ALA GA 38 -52.15 -56.42 54.61
N ILE GA 39 -52.66 -57.18 53.63
CA ILE GA 39 -51.94 -57.46 52.39
C ILE GA 39 -51.77 -56.17 51.55
N GLN GA 40 -52.75 -55.27 51.51
CA GLN GA 40 -52.61 -53.98 50.84
C GLN GA 40 -51.51 -53.13 51.49
N ALA GA 41 -51.38 -53.14 52.82
CA ALA GA 41 -50.24 -52.51 53.50
C ALA GA 41 -48.90 -53.14 53.08
N ALA GA 42 -48.83 -54.46 52.92
CA ALA GA 42 -47.65 -55.11 52.34
C ALA GA 42 -47.38 -54.63 50.91
N ALA GA 43 -48.41 -54.47 50.08
CA ALA GA 43 -48.26 -53.89 48.75
C ALA GA 43 -47.75 -52.44 48.81
N GLN GA 44 -48.24 -51.60 49.73
CA GLN GA 44 -47.73 -50.24 49.92
C GLN GA 44 -46.26 -50.24 50.39
N LEU GA 45 -45.84 -51.18 51.24
CA LEU GA 45 -44.42 -51.36 51.59
C LEU GA 45 -43.58 -51.76 50.36
N GLY GA 46 -44.11 -52.62 49.48
CA GLY GA 46 -43.47 -52.95 48.20
C GLY GA 46 -43.33 -51.73 47.27
N GLU GA 47 -44.36 -50.90 47.17
CA GLU GA 47 -44.31 -49.63 46.43
C GLU GA 47 -43.33 -48.62 47.06
N ALA GA 48 -43.17 -48.64 48.39
CA ALA GA 48 -42.12 -47.91 49.10
C ALA GA 48 -40.71 -48.52 48.90
N GLY GA 49 -40.58 -49.62 48.16
CA GLY GA 49 -39.32 -50.25 47.79
C GLY GA 49 -38.77 -51.24 48.83
N ILE GA 50 -39.54 -51.59 49.87
CA ILE GA 50 -39.12 -52.57 50.87
C ILE GA 50 -39.00 -53.95 50.21
N SER GA 51 -37.90 -54.68 50.43
CA SER GA 51 -37.63 -55.95 49.75
C SER GA 51 -38.67 -57.03 50.12
N SER GA 52 -39.06 -57.85 49.15
CA SER GA 52 -40.02 -58.96 49.35
C SER GA 52 -39.61 -59.88 50.51
N GLU GA 53 -38.33 -60.24 50.58
CA GLU GA 53 -37.80 -61.11 51.63
C GLU GA 53 -37.83 -60.46 53.02
N GLU GA 54 -37.79 -59.13 53.10
CA GLU GA 54 -38.01 -58.40 54.36
C GLU GA 54 -39.50 -58.36 54.71
N ILE GA 55 -40.38 -58.17 53.73
CA ILE GA 55 -41.83 -58.17 53.96
C ILE GA 55 -42.26 -59.49 54.59
N LYS GA 56 -41.66 -60.63 54.21
CA LYS GA 56 -41.93 -61.92 54.85
C LYS GA 56 -41.67 -61.87 56.37
N GLU GA 57 -40.62 -61.18 56.80
CA GLU GA 57 -40.40 -60.96 58.23
C GLU GA 57 -41.44 -59.98 58.81
N LEU GA 58 -41.79 -58.90 58.11
CA LEU GA 58 -42.81 -57.96 58.60
C LEU GA 58 -44.17 -58.66 58.82
N LEU GA 59 -44.57 -59.50 57.88
CA LEU GA 59 -45.77 -60.33 57.99
C LEU GA 59 -45.66 -61.29 59.19
N ARG GA 60 -44.56 -62.04 59.29
CA ARG GA 60 -44.33 -62.99 60.39
C ARG GA 60 -44.39 -62.28 61.74
N ALA GA 61 -43.68 -61.18 61.87
CA ALA GA 61 -43.65 -60.40 63.10
C ALA GA 61 -45.04 -59.89 63.47
N ALA GA 62 -45.81 -59.36 62.52
CA ALA GA 62 -47.16 -58.90 62.79
C ALA GA 62 -48.02 -60.00 63.39
N HIS GA 63 -47.92 -61.21 62.86
CA HIS GA 63 -48.63 -62.38 63.40
C HIS GA 63 -48.12 -62.79 64.78
N GLU GA 64 -46.80 -62.91 64.97
CA GLU GA 64 -46.23 -63.31 66.26
C GLU GA 64 -46.47 -62.29 67.38
N LEU GA 65 -46.59 -61.01 67.05
CA LEU GA 65 -47.03 -59.96 67.97
C LEU GA 65 -48.56 -59.95 68.12
N GLY GA 66 -49.29 -60.42 67.12
CA GLY GA 66 -50.74 -60.29 67.05
C GLY GA 66 -51.18 -58.84 66.83
N LEU GA 67 -50.47 -58.11 65.97
CA LEU GA 67 -50.82 -56.73 65.62
C LEU GA 67 -52.20 -56.65 64.96
N ASP GA 68 -52.96 -55.62 65.30
CA ASP GA 68 -54.21 -55.31 64.60
C ASP GA 68 -53.96 -54.69 63.22
N PRO GA 69 -54.97 -54.66 62.33
CA PRO GA 69 -54.81 -54.15 60.97
C PRO GA 69 -54.34 -52.69 60.87
N ASP GA 70 -54.73 -51.81 61.80
CA ASP GA 70 -54.28 -50.42 61.77
C ASP GA 70 -52.82 -50.31 62.21
N ALA GA 71 -52.40 -51.08 63.21
CA ALA GA 71 -50.99 -51.19 63.58
C ALA GA 71 -50.14 -51.74 62.41
N ILE GA 72 -50.66 -52.72 61.67
CA ILE GA 72 -50.03 -53.18 60.43
C ILE GA 72 -50.01 -52.04 59.40
N ALA GA 73 -51.11 -51.32 59.20
CA ALA GA 73 -51.18 -50.23 58.24
C ALA GA 73 -50.18 -49.10 58.54
N ALA GA 74 -49.91 -48.82 59.82
CA ALA GA 74 -48.94 -47.80 60.21
C ALA GA 74 -47.52 -48.07 59.67
N ALA GA 75 -47.17 -49.34 59.41
CA ALA GA 75 -45.90 -49.67 58.77
C ALA GA 75 -45.78 -49.05 57.37
N ALA GA 76 -46.86 -49.00 56.59
CA ALA GA 76 -46.82 -48.38 55.26
C ALA GA 76 -46.56 -46.87 55.36
N ASP GA 77 -47.17 -46.17 56.31
CA ASP GA 77 -46.92 -44.74 56.54
C ASP GA 77 -45.47 -44.49 56.95
N LEU GA 78 -44.93 -45.31 57.86
CA LEU GA 78 -43.51 -45.27 58.24
C LEU GA 78 -42.59 -45.57 57.04
N GLY GA 79 -42.95 -46.54 56.21
CA GLY GA 79 -42.19 -46.88 55.00
C GLY GA 79 -42.16 -45.75 53.97
N GLN GA 80 -43.30 -45.09 53.75
CA GLN GA 80 -43.40 -43.92 52.87
C GLN GA 80 -42.72 -42.68 53.48
N ALA GA 81 -42.64 -42.59 54.81
CA ALA GA 81 -41.76 -41.65 55.52
C ALA GA 81 -40.26 -42.02 55.43
N GLY GA 82 -39.90 -43.15 54.82
CA GLY GA 82 -38.52 -43.59 54.61
C GLY GA 82 -37.89 -44.36 55.77
N VAL GA 83 -38.66 -44.72 56.80
CA VAL GA 83 -38.19 -45.49 57.96
C VAL GA 83 -37.94 -46.95 57.55
N SER GA 84 -36.85 -47.58 58.03
CA SER GA 84 -36.50 -48.94 57.62
C SER GA 84 -37.45 -50.00 58.18
N PRO GA 85 -37.46 -51.18 57.55
CA PRO GA 85 -38.19 -52.35 58.03
C PRO GA 85 -37.82 -52.69 59.47
N VAL GA 86 -36.53 -52.63 59.81
CA VAL GA 86 -36.09 -52.90 61.16
C VAL GA 86 -36.58 -51.82 62.14
N GLU GA 87 -36.52 -50.53 61.77
CA GLU GA 87 -37.05 -49.47 62.63
C GLU GA 87 -38.56 -49.56 62.82
N ILE GA 88 -39.29 -49.94 61.77
CA ILE GA 88 -40.70 -50.29 61.88
C ILE GA 88 -40.87 -51.39 62.93
N LEU GA 89 -40.07 -52.45 62.85
CA LEU GA 89 -40.11 -53.53 63.83
C LEU GA 89 -39.80 -53.01 65.23
N ALA GA 90 -38.88 -52.07 65.42
CA ALA GA 90 -38.69 -51.46 66.72
C ALA GA 90 -39.99 -50.83 67.22
N LEU GA 91 -40.54 -49.90 66.45
CA LEU GA 91 -41.67 -49.11 66.91
C LEU GA 91 -42.85 -50.01 67.25
N LEU GA 92 -43.15 -50.98 66.39
CA LEU GA 92 -44.25 -51.90 66.64
C LEU GA 92 -43.96 -52.81 67.83
N ILE GA 93 -42.78 -53.44 67.90
CA ILE GA 93 -42.46 -54.37 68.98
C ILE GA 93 -42.52 -53.67 70.33
N ALA GA 94 -42.04 -52.43 70.40
CA ALA GA 94 -42.13 -51.61 71.58
C ALA GA 94 -43.58 -51.22 71.91
N ALA GA 95 -44.32 -50.70 70.91
CA ALA GA 95 -45.70 -50.27 71.09
C ALA GA 95 -46.56 -51.39 71.67
N SER GA 96 -46.29 -52.63 71.28
CA SER GA 96 -46.96 -53.82 71.79
C SER GA 96 -46.76 -53.97 73.30
N VAL GA 97 -45.52 -54.04 73.79
CA VAL GA 97 -45.31 -54.19 75.24
C VAL GA 97 -45.72 -52.94 76.04
N LEU GA 98 -45.60 -51.75 75.45
CA LEU GA 98 -46.14 -50.52 76.03
C LEU GA 98 -47.68 -50.51 76.08
N GLY GA 99 -48.35 -51.41 75.34
CA GLY GA 99 -49.81 -51.49 75.29
C GLY GA 99 -50.47 -50.35 74.52
N LEU GA 100 -49.77 -49.73 73.59
CA LEU GA 100 -50.27 -48.56 72.86
C LEU GA 100 -51.46 -48.90 71.96
N ASP GA 101 -52.35 -47.94 71.79
CA ASP GA 101 -53.49 -48.03 70.88
C ASP GA 101 -53.14 -47.52 69.47
N PRO GA 102 -53.98 -47.80 68.45
CA PRO GA 102 -53.73 -47.35 67.09
C PRO GA 102 -53.52 -45.85 66.94
N ASP GA 103 -54.18 -45.02 67.76
CA ASP GA 103 -53.97 -43.57 67.73
C ASP GA 103 -52.55 -43.22 68.18
N ALA GA 104 -52.07 -43.78 69.29
CA ALA GA 104 -50.70 -43.61 69.74
C ALA GA 104 -49.69 -44.16 68.72
N ILE GA 105 -49.99 -45.30 68.09
CA ILE GA 105 -49.16 -45.83 67.01
C ILE GA 105 -49.16 -44.89 65.80
N GLN GA 106 -50.30 -44.30 65.44
CA GLN GA 106 -50.35 -43.31 64.37
C GLN GA 106 -49.56 -42.05 64.74
N ALA GA 107 -49.60 -41.62 66.00
CA ALA GA 107 -48.74 -40.54 66.46
C ALA GA 107 -47.26 -40.92 66.37
N ALA GA 108 -46.89 -42.18 66.64
CA ALA GA 108 -45.54 -42.65 66.38
C ALA GA 108 -45.21 -42.62 64.87
N ALA GA 109 -46.15 -42.94 63.99
CA ALA GA 109 -45.96 -42.76 62.55
C ALA GA 109 -45.75 -41.28 62.19
N ALA GA 110 -46.49 -40.36 62.81
CA ALA GA 110 -46.28 -38.92 62.65
C ALA GA 110 -44.91 -38.47 63.18
N LEU GA 111 -44.41 -39.01 64.30
CA LEU GA 111 -43.05 -38.75 64.76
C LEU GA 111 -42.00 -39.29 63.78
N GLY GA 112 -42.32 -40.39 63.10
CA GLY GA 112 -41.55 -40.90 61.97
C GLY GA 112 -41.56 -39.93 60.77
N GLU GA 113 -42.71 -39.36 60.41
CA GLU GA 113 -42.79 -38.31 59.39
C GLU GA 113 -42.03 -37.03 59.80
N ALA GA 114 -41.99 -36.70 61.09
CA ALA GA 114 -41.13 -35.65 61.64
C ALA GA 114 -39.63 -36.03 61.68
N GLY GA 115 -39.27 -37.28 61.41
CA GLY GA 115 -37.90 -37.76 61.34
C GLY GA 115 -37.21 -37.93 62.70
N ILE GA 116 -37.96 -37.98 63.80
CA ILE GA 116 -37.40 -38.16 65.16
C ILE GA 116 -36.72 -39.53 65.27
N SER GA 117 -35.60 -39.64 65.99
CA SER GA 117 -34.89 -40.93 66.13
C SER GA 117 -35.71 -41.93 66.94
N ALA GA 118 -35.62 -43.22 66.65
CA ALA GA 118 -36.48 -44.22 67.27
C ALA GA 118 -36.29 -44.28 68.78
N GLU GA 119 -35.05 -44.18 69.29
CA GLU GA 119 -34.83 -44.15 70.74
C GLU GA 119 -35.56 -42.96 71.38
N GLU GA 120 -35.48 -41.77 70.78
CA GLU GA 120 -36.20 -40.60 71.29
C GLU GA 120 -37.71 -40.80 71.22
N ILE GA 121 -38.25 -41.39 70.15
CA ILE GA 121 -39.67 -41.74 70.09
C ILE GA 121 -40.02 -42.68 71.24
N ILE GA 122 -39.28 -43.78 71.42
CA ILE GA 122 -39.59 -44.75 72.47
C ILE GA 122 -39.47 -44.14 73.87
N GLU GA 123 -38.47 -43.31 74.12
CA GLU GA 123 -38.34 -42.63 75.40
C GLU GA 123 -39.47 -41.61 75.61
N LEU GA 124 -39.91 -40.90 74.56
CA LEU GA 124 -41.08 -40.02 74.64
C LEU GA 124 -42.35 -40.84 74.91
N LEU GA 125 -42.52 -41.98 74.27
CA LEU GA 125 -43.65 -42.87 74.54
C LEU GA 125 -43.58 -43.40 75.98
N THR GA 126 -42.39 -43.81 76.47
CA THR GA 126 -42.21 -44.22 77.86
C THR GA 126 -42.57 -43.10 78.82
N ALA GA 127 -42.12 -41.88 78.54
CA ALA GA 127 -42.48 -40.73 79.37
C ALA GA 127 -44.00 -40.49 79.39
N ALA GA 128 -44.67 -40.51 78.24
CA ALA GA 128 -46.12 -40.33 78.18
C ALA GA 128 -46.87 -41.46 78.92
N ARG GA 129 -46.37 -42.69 78.81
CA ARG GA 129 -46.88 -43.87 79.53
C ARG GA 129 -46.73 -43.71 81.05
N ASP GA 130 -45.55 -43.34 81.54
CA ASP GA 130 -45.29 -43.13 82.97
C ASP GA 130 -46.05 -41.92 83.55
N LEU GA 131 -46.21 -40.84 82.77
CA LEU GA 131 -47.03 -39.69 83.13
C LEU GA 131 -48.54 -39.94 82.98
N GLY GA 132 -48.96 -41.10 82.47
CA GLY GA 132 -50.38 -41.49 82.35
C GLY GA 132 -51.18 -40.64 81.36
N LEU GA 133 -50.53 -40.06 80.36
CA LEU GA 133 -51.15 -39.12 79.42
C LEU GA 133 -51.97 -39.84 78.33
N ASP GA 134 -52.93 -39.13 77.75
CA ASP GA 134 -53.71 -39.58 76.60
C ASP GA 134 -52.98 -39.32 75.26
N PRO GA 135 -53.35 -40.02 74.16
CA PRO GA 135 -52.68 -39.89 72.86
C PRO GA 135 -52.57 -38.46 72.31
N ASP GA 136 -53.48 -37.56 72.69
CA ASP GA 136 -53.39 -36.15 72.32
C ASP GA 136 -52.10 -35.50 72.82
N ALA GA 137 -51.57 -35.89 73.99
CA ALA GA 137 -50.26 -35.43 74.44
C ALA GA 137 -49.14 -35.91 73.51
N ILE GA 138 -49.24 -37.12 72.96
CA ILE GA 138 -48.27 -37.64 71.98
C ILE GA 138 -48.40 -36.86 70.66
N GLN GA 139 -49.62 -36.59 70.22
CA GLN GA 139 -49.85 -35.77 69.02
C GLN GA 139 -49.29 -34.36 69.18
N ALA GA 140 -49.48 -33.75 70.35
CA ALA GA 140 -48.88 -32.46 70.67
C ALA GA 140 -47.34 -32.55 70.76
N ALA GA 141 -46.77 -33.65 71.29
CA ALA GA 141 -45.33 -33.87 71.24
C ALA GA 141 -44.82 -33.96 69.79
N ALA GA 142 -45.56 -34.60 68.89
CA ALA GA 142 -45.24 -34.59 67.46
C ALA GA 142 -45.29 -33.16 66.88
N GLN GA 143 -46.26 -32.34 67.27
CA GLN GA 143 -46.30 -30.93 66.89
C GLN GA 143 -45.10 -30.14 67.44
N LEU GA 144 -44.65 -30.41 68.68
CA LEU GA 144 -43.39 -29.82 69.19
C LEU GA 144 -42.17 -30.29 68.40
N GLY GA 145 -42.17 -31.53 67.91
CA GLY GA 145 -41.17 -32.01 66.96
C GLY GA 145 -41.21 -31.28 65.62
N GLU GA 146 -42.40 -31.01 65.07
CA GLU GA 146 -42.55 -30.16 63.88
C GLU GA 146 -42.11 -28.72 64.13
N ALA GA 147 -42.26 -28.21 65.35
CA ALA GA 147 -41.71 -26.93 65.79
C ALA GA 147 -40.19 -26.95 66.05
N GLY GA 148 -39.53 -28.12 65.94
CA GLY GA 148 -38.09 -28.28 66.07
C GLY GA 148 -37.55 -28.27 67.50
N ILE GA 149 -38.42 -28.44 68.51
CA ILE GA 149 -38.03 -28.45 69.92
C ILE GA 149 -37.20 -29.71 70.24
N SER GA 150 -36.10 -29.56 70.99
CA SER GA 150 -35.25 -30.71 71.34
C SER GA 150 -35.97 -31.69 72.27
N SER GA 151 -35.65 -32.98 72.18
CA SER GA 151 -36.47 -34.03 72.82
C SER GA 151 -36.57 -33.88 74.35
N GLU GA 152 -35.49 -33.54 75.06
CA GLU GA 152 -35.60 -33.29 76.50
C GLU GA 152 -36.27 -31.94 76.83
N GLU GA 153 -36.30 -30.97 75.90
CA GLU GA 153 -37.16 -29.79 76.08
C GLU GA 153 -38.64 -30.11 75.85
N ILE GA 154 -38.96 -31.07 74.97
CA ILE GA 154 -40.31 -31.64 74.93
C ILE GA 154 -40.62 -32.27 76.29
N LYS GA 155 -39.69 -33.04 76.88
CA LYS GA 155 -39.89 -33.60 78.23
C LYS GA 155 -40.08 -32.50 79.29
N GLU GA 156 -39.33 -31.39 79.22
CA GLU GA 156 -39.56 -30.25 80.10
C GLU GA 156 -40.96 -29.66 79.92
N LEU GA 157 -41.39 -29.43 78.69
CA LEU GA 157 -42.72 -28.88 78.39
C LEU GA 157 -43.83 -29.84 78.82
N LEU GA 158 -43.66 -31.15 78.65
CA LEU GA 158 -44.61 -32.14 79.15
C LEU GA 158 -44.64 -32.13 80.69
N ARG GA 159 -43.49 -32.15 81.35
CA ARG GA 159 -43.41 -32.12 82.83
C ARG GA 159 -44.07 -30.86 83.38
N ALA GA 160 -43.81 -29.72 82.73
CA ALA GA 160 -44.47 -28.46 83.06
C ALA GA 160 -45.99 -28.55 82.85
N ALA GA 161 -46.46 -28.96 81.67
CA ALA GA 161 -47.89 -29.05 81.38
C ALA GA 161 -48.62 -30.01 82.35
N HIS GA 162 -47.95 -31.11 82.75
CA HIS GA 162 -48.45 -32.06 83.73
C HIS GA 162 -48.55 -31.46 85.13
N GLU GA 163 -47.50 -30.80 85.63
CA GLU GA 163 -47.53 -30.06 86.89
C GLU GA 163 -48.61 -28.96 86.89
N LEU GA 164 -48.77 -28.26 85.77
CA LEU GA 164 -49.66 -27.12 85.61
C LEU GA 164 -51.09 -27.49 85.18
N GLY GA 165 -51.40 -28.77 84.96
CA GLY GA 165 -52.74 -29.24 84.61
C GLY GA 165 -53.31 -28.62 83.32
N LEU GA 166 -52.43 -28.29 82.37
CA LEU GA 166 -52.80 -27.62 81.10
C LEU GA 166 -53.48 -28.58 80.12
N ASP GA 167 -54.32 -28.05 79.23
CA ASP GA 167 -54.91 -28.82 78.14
C ASP GA 167 -53.90 -29.07 76.98
N PRO GA 168 -54.12 -30.08 76.11
CA PRO GA 168 -53.24 -30.35 74.98
C PRO GA 168 -53.15 -29.19 73.98
N ASP GA 169 -54.20 -28.39 73.83
CA ASP GA 169 -54.16 -27.23 72.94
C ASP GA 169 -53.19 -26.15 73.45
N CYS GA 170 -52.95 -26.03 74.75
CA CYS GA 170 -51.85 -25.22 75.27
C CYS GA 170 -50.50 -25.74 74.78
N ILE GA 171 -50.33 -27.06 74.68
CA ILE GA 171 -49.10 -27.66 74.13
C ILE GA 171 -49.03 -27.39 72.61
N ALA GA 172 -50.16 -27.41 71.89
CA ALA GA 172 -50.20 -26.98 70.49
C ALA GA 172 -49.83 -25.49 70.33
N ALA GA 173 -50.31 -24.62 71.22
CA ALA GA 173 -49.93 -23.22 71.24
C ALA GA 173 -48.44 -23.03 71.63
N ALA GA 174 -47.89 -23.90 72.47
CA ALA GA 174 -46.45 -23.93 72.72
C ALA GA 174 -45.67 -24.30 71.45
N ALA GA 175 -46.16 -25.23 70.62
CA ALA GA 175 -45.58 -25.48 69.30
C ALA GA 175 -45.70 -24.27 68.37
N ASP GA 176 -46.81 -23.52 68.38
CA ASP GA 176 -46.93 -22.26 67.63
C ASP GA 176 -45.90 -21.22 68.10
N LEU GA 177 -45.71 -21.06 69.41
CA LEU GA 177 -44.66 -20.19 69.96
C LEU GA 177 -43.25 -20.68 69.60
N GLY GA 178 -43.04 -21.99 69.51
CA GLY GA 178 -41.79 -22.59 69.02
C GLY GA 178 -41.52 -22.26 67.55
N GLN GA 179 -42.53 -22.34 66.69
CA GLN GA 179 -42.44 -21.88 65.29
C GLN GA 179 -42.23 -20.36 65.18
N ALA GA 180 -42.77 -19.57 66.11
CA ALA GA 180 -42.48 -18.14 66.24
C ALA GA 180 -41.05 -17.83 66.76
N GLY GA 181 -40.28 -18.84 67.18
CA GLY GA 181 -38.87 -18.71 67.58
C GLY GA 181 -38.65 -18.35 69.05
N ILE GA 182 -39.68 -18.40 69.89
CA ILE GA 182 -39.59 -18.12 71.34
C ILE GA 182 -38.81 -19.24 72.06
N SER GA 183 -37.97 -18.91 73.04
CA SER GA 183 -37.18 -19.92 73.80
C SER GA 183 -38.06 -20.75 74.74
N SER GA 184 -37.65 -21.98 75.07
CA SER GA 184 -38.47 -22.89 75.90
C SER GA 184 -38.77 -22.36 77.31
N SER GA 185 -37.84 -21.61 77.93
CA SER GA 185 -38.10 -20.92 79.21
C SER GA 185 -39.14 -19.81 79.06
N GLU GA 186 -39.04 -18.99 77.99
CA GLU GA 186 -40.03 -17.94 77.72
C GLU GA 186 -41.40 -18.50 77.32
N ILE GA 187 -41.45 -19.60 76.56
CA ILE GA 187 -42.71 -20.34 76.32
C ILE GA 187 -43.31 -20.78 77.65
N THR GA 188 -42.49 -21.30 78.56
CA THR GA 188 -42.96 -21.67 79.90
C THR GA 188 -43.52 -20.47 80.65
N ALA GA 189 -42.84 -19.32 80.63
CA ALA GA 189 -43.37 -18.09 81.21
C ALA GA 189 -44.71 -17.68 80.58
N LEU GA 190 -44.83 -17.75 79.25
CA LEU GA 190 -46.07 -17.42 78.55
C LEU GA 190 -47.20 -18.40 78.87
N LEU GA 191 -46.91 -19.71 78.93
CA LEU GA 191 -47.85 -20.71 79.42
C LEU GA 191 -48.33 -20.36 80.83
N LEU GA 192 -47.41 -20.11 81.76
CA LEU GA 192 -47.74 -19.75 83.14
C LEU GA 192 -48.61 -18.50 83.23
N ALA GA 193 -48.19 -17.39 82.62
CA ALA GA 193 -48.92 -16.13 82.70
C ALA GA 193 -50.30 -16.21 82.03
N ALA GA 194 -50.37 -16.77 80.81
CA ALA GA 194 -51.62 -16.89 80.09
C ALA GA 194 -52.60 -17.82 80.82
N ALA GA 195 -52.13 -18.95 81.37
CA ALA GA 195 -52.95 -19.83 82.19
C ALA GA 195 -53.45 -19.11 83.46
N ALA GA 196 -52.60 -18.37 84.18
CA ALA GA 196 -53.03 -17.62 85.36
C ALA GA 196 -54.12 -16.59 85.01
N ILE GA 197 -54.00 -15.91 83.87
CA ILE GA 197 -55.00 -14.94 83.45
C ILE GA 197 -56.26 -15.63 82.89
N GLU GA 198 -56.15 -16.77 82.21
CA GLU GA 198 -57.31 -17.56 81.79
C GLU GA 198 -58.11 -18.07 83.00
N LEU GA 199 -57.43 -18.52 84.06
CA LEU GA 199 -58.04 -18.83 85.35
C LEU GA 199 -58.65 -17.58 85.99
N ALA GA 200 -57.96 -16.43 85.97
CA ALA GA 200 -58.51 -15.18 86.51
C ALA GA 200 -59.76 -14.70 85.75
N LYS GA 201 -59.90 -14.99 84.45
CA LYS GA 201 -61.13 -14.71 83.69
C LYS GA 201 -62.30 -15.60 84.12
N ARG GA 202 -62.02 -16.82 84.60
CA ARG GA 202 -63.01 -17.73 85.19
C ARG GA 202 -63.33 -17.39 86.66
N ALA GA 203 -62.40 -16.80 87.38
CA ALA GA 203 -62.52 -16.43 88.79
C ALA GA 203 -61.88 -15.05 89.05
N ASP GA 204 -62.61 -13.98 88.74
CA ASP GA 204 -62.12 -12.59 88.68
C ASP GA 204 -62.06 -11.87 90.04
N ASP GA 205 -61.76 -12.61 91.11
CA ASP GA 205 -61.67 -12.08 92.47
C ASP GA 205 -60.59 -10.98 92.56
N LYS GA 206 -60.88 -9.90 93.31
CA LYS GA 206 -59.93 -8.80 93.54
C LYS GA 206 -58.56 -9.29 94.00
N ASP GA 207 -58.51 -10.28 94.90
CA ASP GA 207 -57.26 -10.81 95.42
C ASP GA 207 -56.51 -11.61 94.34
N VAL GA 208 -57.23 -12.37 93.51
CA VAL GA 208 -56.66 -13.06 92.35
C VAL GA 208 -56.10 -12.04 91.36
N ARG GA 209 -56.86 -11.00 91.01
CA ARG GA 209 -56.39 -9.94 90.11
C ARG GA 209 -55.15 -9.22 90.67
N GLU GA 210 -55.15 -8.86 91.94
CA GLU GA 210 -53.99 -8.23 92.59
C GLU GA 210 -52.75 -9.14 92.58
N ILE GA 211 -52.90 -10.40 92.98
CA ILE GA 211 -51.80 -11.36 93.00
C ILE GA 211 -51.26 -11.57 91.58
N VAL GA 212 -52.13 -11.86 90.61
CA VAL GA 212 -51.70 -12.11 89.23
C VAL GA 212 -51.00 -10.88 88.67
N ARG GA 213 -51.56 -9.67 88.87
CA ARG GA 213 -50.92 -8.41 88.46
C ARG GA 213 -49.55 -8.25 89.10
N ASP GA 214 -49.47 -8.38 90.42
CA ASP GA 214 -48.21 -8.19 91.14
C ASP GA 214 -47.15 -9.22 90.71
N ALA GA 215 -47.56 -10.45 90.42
CA ALA GA 215 -46.67 -11.46 89.86
C ALA GA 215 -46.20 -11.07 88.45
N LEU GA 216 -47.12 -10.68 87.55
CA LEU GA 216 -46.74 -10.24 86.21
C LEU GA 216 -45.83 -9.01 86.26
N GLU GA 217 -46.08 -8.07 87.17
CA GLU GA 217 -45.21 -6.91 87.37
C GLU GA 217 -43.82 -7.35 87.85
N LEU GA 218 -43.74 -8.13 88.93
CA LEU GA 218 -42.47 -8.61 89.46
C LEU GA 218 -41.69 -9.39 88.39
N ALA GA 219 -42.38 -10.24 87.62
CA ALA GA 219 -41.78 -10.96 86.50
C ALA GA 219 -41.27 -10.02 85.41
N SER GA 220 -42.01 -8.97 85.08
CA SER GA 220 -41.60 -7.96 84.09
C SER GA 220 -40.43 -7.10 84.59
N ARG GA 221 -40.32 -6.90 85.92
CA ARG GA 221 -39.19 -6.22 86.56
C ARG GA 221 -37.93 -7.09 86.67
N SER GA 222 -38.09 -8.39 86.89
CA SER GA 222 -36.99 -9.33 87.12
C SER GA 222 -36.12 -9.57 85.88
N THR GA 223 -34.80 -9.49 86.05
CA THR GA 223 -33.79 -9.97 85.08
C THR GA 223 -33.46 -11.47 85.24
N ASN GA 224 -33.96 -12.13 86.29
CA ASN GA 224 -33.72 -13.52 86.63
C ASN GA 224 -34.98 -14.38 86.33
N ASP GA 225 -34.88 -15.38 85.45
CA ASP GA 225 -36.06 -16.16 85.04
C ASP GA 225 -36.51 -17.24 86.05
N GLU GA 226 -35.69 -17.57 87.05
CA GLU GA 226 -36.11 -18.40 88.18
C GLU GA 226 -37.17 -17.64 89.00
N VAL GA 227 -36.95 -16.35 89.24
CA VAL GA 227 -37.93 -15.47 89.87
C VAL GA 227 -39.19 -15.36 89.01
N ILE GA 228 -39.06 -15.28 87.67
CA ILE GA 228 -40.22 -15.27 86.76
C ILE GA 228 -41.03 -16.56 86.93
N ARG GA 229 -40.38 -17.72 86.80
CA ARG GA 229 -41.07 -19.00 86.88
C ARG GA 229 -41.68 -19.23 88.26
N LEU GA 230 -40.98 -18.87 89.35
CA LEU GA 230 -41.54 -18.88 90.71
C LEU GA 230 -42.79 -17.99 90.83
N ALA GA 231 -42.69 -16.72 90.41
CA ALA GA 231 -43.79 -15.76 90.56
C ALA GA 231 -45.02 -16.16 89.72
N LEU GA 232 -44.81 -16.59 88.47
CA LEU GA 232 -45.92 -16.96 87.59
C LEU GA 232 -46.50 -18.34 87.95
N GLU GA 233 -45.73 -19.29 88.47
CA GLU GA 233 -46.29 -20.51 89.05
C GLU GA 233 -47.10 -20.22 90.33
N ALA GA 234 -46.60 -19.34 91.20
CA ALA GA 234 -47.38 -18.89 92.36
C ALA GA 234 -48.71 -18.26 91.92
N ALA GA 235 -48.70 -17.46 90.84
CA ALA GA 235 -49.92 -16.89 90.27
C ALA GA 235 -50.89 -17.99 89.79
N VAL GA 236 -50.41 -19.03 89.11
CA VAL GA 236 -51.27 -20.17 88.71
C VAL GA 236 -51.85 -20.89 89.92
N LEU GA 237 -51.03 -21.18 90.95
CA LEU GA 237 -51.50 -21.86 92.16
C LEU GA 237 -52.54 -21.01 92.90
N ALA GA 238 -52.29 -19.71 93.07
CA ALA GA 238 -53.24 -18.80 93.70
C ALA GA 238 -54.54 -18.64 92.89
N ALA GA 239 -54.47 -18.63 91.55
CA ALA GA 239 -55.64 -18.54 90.68
C ALA GA 239 -56.49 -19.83 90.69
N ARG GA 240 -55.89 -21.01 90.92
CA ARG GA 240 -56.64 -22.26 91.21
C ARG GA 240 -57.16 -22.33 92.64
N SER GA 241 -56.45 -21.75 93.60
CA SER GA 241 -56.79 -21.81 95.02
C SER GA 241 -58.11 -21.09 95.35
N THR GA 242 -58.79 -21.56 96.39
CA THR GA 242 -59.94 -20.88 97.01
C THR GA 242 -59.68 -20.58 98.49
N ASP GA 243 -58.41 -20.59 98.93
CA ASP GA 243 -58.04 -20.48 100.34
C ASP GA 243 -57.44 -19.11 100.66
N SER GA 244 -58.09 -18.40 101.58
CA SER GA 244 -57.63 -17.11 102.10
C SER GA 244 -56.21 -17.16 102.66
N ASP GA 245 -55.77 -18.26 103.27
CA ASP GA 245 -54.39 -18.36 103.75
C ASP GA 245 -53.40 -18.37 102.60
N VAL GA 246 -53.67 -19.14 101.54
CA VAL GA 246 -52.80 -19.15 100.36
C VAL GA 246 -52.78 -17.77 99.71
N LEU GA 247 -53.95 -17.13 99.57
CA LEU GA 247 -54.04 -15.78 99.03
C LEU GA 247 -53.23 -14.79 99.90
N GLU GA 248 -53.37 -14.81 101.22
CA GLU GA 248 -52.59 -13.93 102.11
C GLU GA 248 -51.09 -14.21 102.02
N ILE GA 249 -50.67 -15.47 102.10
CA ILE GA 249 -49.26 -15.87 102.05
C ILE GA 249 -48.64 -15.44 100.72
N VAL GA 250 -49.31 -15.72 99.59
CA VAL GA 250 -48.81 -15.31 98.27
C VAL GA 250 -48.79 -13.78 98.13
N LYS GA 251 -49.82 -13.07 98.59
CA LYS GA 251 -49.82 -11.59 98.53
C LYS GA 251 -48.72 -10.99 99.41
N ASP GA 252 -48.51 -11.50 100.62
CA ASP GA 252 -47.38 -11.10 101.49
C ASP GA 252 -46.03 -11.37 100.83
N ALA GA 253 -45.84 -12.55 100.23
CA ALA GA 253 -44.60 -12.89 99.56
C ALA GA 253 -44.34 -11.99 98.34
N LEU GA 254 -45.34 -11.73 97.49
CA LEU GA 254 -45.21 -10.83 96.35
C LEU GA 254 -44.96 -9.38 96.80
N GLU GA 255 -45.64 -8.91 97.84
CA GLU GA 255 -45.41 -7.58 98.39
C GLU GA 255 -43.98 -7.46 98.94
N LEU GA 256 -43.54 -8.41 99.76
CA LEU GA 256 -42.17 -8.48 100.27
C LEU GA 256 -41.16 -8.52 99.11
N ALA GA 257 -41.43 -9.29 98.05
CA ALA GA 257 -40.55 -9.38 96.89
C ALA GA 257 -40.55 -8.09 96.04
N LYS GA 258 -41.67 -7.36 95.97
CA LYS GA 258 -41.74 -6.03 95.34
C LYS GA 258 -41.06 -4.94 96.20
N GLN GA 259 -41.06 -5.09 97.53
CA GLN GA 259 -40.33 -4.21 98.45
C GLN GA 259 -38.81 -4.47 98.48
N SER GA 260 -38.39 -5.72 98.56
CA SER GA 260 -36.98 -6.12 98.76
C SER GA 260 -36.11 -5.90 97.51
N THR GA 261 -34.81 -5.71 97.71
CA THR GA 261 -33.80 -5.55 96.65
C THR GA 261 -32.85 -6.75 96.50
N ASN GA 262 -33.03 -7.83 97.27
CA ASN GA 262 -32.13 -9.00 97.25
C ASN GA 262 -32.80 -10.22 96.60
N GLU GA 263 -32.22 -10.69 95.49
CA GLU GA 263 -32.70 -11.87 94.75
C GLU GA 263 -32.78 -13.14 95.60
N GLU GA 264 -31.96 -13.27 96.63
CA GLU GA 264 -31.97 -14.45 97.52
C GLU GA 264 -33.19 -14.44 98.45
N VAL GA 265 -33.45 -13.30 99.10
CA VAL GA 265 -34.67 -13.14 99.91
C VAL GA 265 -35.92 -13.27 99.03
N ILE GA 266 -35.89 -12.69 97.83
CA ILE GA 266 -36.98 -12.82 96.85
C ILE GA 266 -37.24 -14.30 96.52
N LYS GA 267 -36.21 -15.06 96.15
CA LYS GA 267 -36.39 -16.48 95.85
C LYS GA 267 -36.82 -17.29 97.08
N LEU GA 268 -36.28 -16.99 98.27
CA LEU GA 268 -36.71 -17.63 99.51
C LEU GA 268 -38.21 -17.40 99.77
N ALA GA 269 -38.67 -16.15 99.72
CA ALA GA 269 -40.07 -15.81 99.97
C ALA GA 269 -41.02 -16.43 98.94
N LEU GA 270 -40.70 -16.35 97.64
CA LEU GA 270 -41.52 -16.96 96.60
C LEU GA 270 -41.52 -18.49 96.69
N LYS GA 271 -40.36 -19.13 96.91
CA LYS GA 271 -40.27 -20.59 97.07
C LYS GA 271 -41.07 -21.06 98.29
N ALA GA 272 -40.97 -20.37 99.43
CA ALA GA 272 -41.78 -20.68 100.61
C ALA GA 272 -43.29 -20.60 100.29
N ALA GA 273 -43.72 -19.54 99.61
CA ALA GA 273 -45.12 -19.39 99.19
C ALA GA 273 -45.55 -20.49 98.21
N VAL GA 274 -44.71 -20.85 97.23
CA VAL GA 274 -44.99 -21.95 96.29
C VAL GA 274 -45.12 -23.27 97.04
N LEU GA 275 -44.18 -23.62 97.92
CA LEU GA 275 -44.26 -24.85 98.71
C LEU GA 275 -45.51 -24.85 99.60
N ALA GA 276 -45.85 -23.73 100.23
CA ALA GA 276 -47.07 -23.60 101.01
C ALA GA 276 -48.34 -23.79 100.14
N ALA GA 277 -48.34 -23.31 98.89
CA ALA GA 277 -49.44 -23.47 97.95
C ALA GA 277 -49.53 -24.87 97.30
N LYS GA 278 -48.40 -25.58 97.14
CA LYS GA 278 -48.37 -27.01 96.77
C LYS GA 278 -48.88 -27.89 97.91
N SER GA 279 -48.51 -27.56 99.15
CA SER GA 279 -48.86 -28.25 100.39
C SER GA 279 -50.34 -28.07 100.79
N THR GA 280 -50.80 -28.83 101.78
CA THR GA 280 -52.21 -28.92 102.21
C THR GA 280 -52.37 -28.95 103.74
N ASP GA 281 -51.38 -28.48 104.52
CA ASP GA 281 -51.38 -28.56 105.98
C ASP GA 281 -51.55 -27.18 106.64
N GLU GA 282 -52.64 -27.01 107.41
CA GLU GA 282 -52.99 -25.78 108.12
C GLU GA 282 -51.94 -25.37 109.17
N GLU GA 283 -51.21 -26.31 109.77
CA GLU GA 283 -50.14 -26.00 110.73
C GLU GA 283 -48.90 -25.46 110.03
N VAL GA 284 -48.57 -26.00 108.85
CA VAL GA 284 -47.48 -25.48 108.00
C VAL GA 284 -47.87 -24.09 107.48
N LEU GA 285 -49.10 -23.89 107.03
CA LEU GA 285 -49.60 -22.58 106.63
C LEU GA 285 -49.54 -21.56 107.78
N GLU GA 286 -49.93 -21.95 109.00
CA GLU GA 286 -49.83 -21.06 110.16
C GLU GA 286 -48.37 -20.71 110.47
N GLU GA 287 -47.47 -21.69 110.53
CA GLU GA 287 -46.03 -21.44 110.75
C GLU GA 287 -45.44 -20.57 109.63
N VAL GA 288 -45.83 -20.76 108.37
CA VAL GA 288 -45.37 -19.93 107.25
C VAL GA 288 -45.89 -18.50 107.39
N LYS GA 289 -47.16 -18.30 107.78
CA LYS GA 289 -47.70 -16.96 108.03
C LYS GA 289 -46.96 -16.28 109.20
N GLU GA 290 -46.66 -17.02 110.25
CA GLU GA 290 -45.79 -16.56 111.35
C GLU GA 290 -44.40 -16.20 110.84
N ALA GA 291 -43.75 -17.04 110.02
CA ALA GA 291 -42.45 -16.76 109.45
C ALA GA 291 -42.46 -15.49 108.57
N LEU GA 292 -43.54 -15.24 107.82
CA LEU GA 292 -43.71 -14.00 107.08
C LEU GA 292 -43.89 -12.79 108.01
N ARG GA 293 -44.61 -12.92 109.14
CA ARG GA 293 -44.62 -11.86 110.16
C ARG GA 293 -43.22 -11.61 110.73
N ARG GA 294 -42.52 -12.66 111.16
CA ARG GA 294 -41.14 -12.57 111.66
C ARG GA 294 -40.22 -11.89 110.65
N ALA GA 295 -40.38 -12.17 109.35
CA ALA GA 295 -39.63 -11.53 108.29
C ALA GA 295 -39.97 -10.05 108.12
N LYS GA 296 -41.26 -9.71 107.96
CA LYS GA 296 -41.73 -8.33 107.75
C LYS GA 296 -41.40 -7.40 108.93
N GLU GA 297 -41.44 -7.93 110.15
CA GLU GA 297 -41.08 -7.22 111.38
C GLU GA 297 -39.60 -7.38 111.78
N SER GA 298 -38.75 -7.96 110.94
CA SER GA 298 -37.34 -8.26 111.29
C SER GA 298 -36.46 -7.02 111.43
N THR GA 299 -35.52 -7.05 112.39
CA THR GA 299 -34.42 -6.08 112.50
C THR GA 299 -33.18 -6.45 111.66
N ASP GA 300 -33.08 -7.69 111.17
CA ASP GA 300 -31.90 -8.20 110.44
C ASP GA 300 -32.32 -9.04 109.22
N GLU GA 301 -31.70 -8.77 108.07
CA GLU GA 301 -31.92 -9.57 106.86
C GLU GA 301 -31.37 -11.00 106.98
N GLU GA 302 -30.32 -11.24 107.77
CA GLU GA 302 -29.86 -12.62 108.03
C GLU GA 302 -30.90 -13.43 108.81
N GLU GA 303 -31.70 -12.80 109.66
CA GLU GA 303 -32.83 -13.46 110.32
C GLU GA 303 -33.97 -13.74 109.34
N ILE GA 304 -34.21 -12.85 108.36
CA ILE GA 304 -35.14 -13.12 107.26
C ILE GA 304 -34.69 -14.37 106.49
N LYS GA 305 -33.40 -14.41 106.09
CA LYS GA 305 -32.82 -15.54 105.36
C LYS GA 305 -32.94 -16.84 106.14
N GLU GA 306 -32.53 -16.87 107.41
CA GLU GA 306 -32.54 -18.11 108.19
C GLU GA 306 -33.96 -18.57 108.58
N GLU GA 307 -34.88 -17.67 108.93
CA GLU GA 307 -36.28 -18.06 109.14
C GLU GA 307 -36.91 -18.65 107.88
N LEU GA 308 -36.76 -17.99 106.73
CA LEU GA 308 -37.28 -18.52 105.47
C LEU GA 308 -36.57 -19.81 105.07
N ARG GA 309 -35.26 -19.95 105.28
CA ARG GA 309 -34.55 -21.21 105.01
C ARG GA 309 -35.15 -22.35 105.83
N LYS GA 310 -35.35 -22.16 107.14
CA LYS GA 310 -35.92 -23.20 108.02
C LYS GA 310 -37.31 -23.62 107.56
N ALA GA 311 -38.16 -22.67 107.15
CA ALA GA 311 -39.46 -22.99 106.58
C ALA GA 311 -39.33 -23.78 105.27
N VAL GA 312 -38.50 -23.33 104.33
CA VAL GA 312 -38.28 -24.00 103.04
C VAL GA 312 -37.74 -25.42 103.25
N GLU GA 313 -36.71 -25.59 104.07
CA GLU GA 313 -36.09 -26.89 104.31
C GLU GA 313 -36.95 -27.86 105.14
N GLU GA 314 -37.98 -27.37 105.85
CA GLU GA 314 -39.00 -28.24 106.46
C GLU GA 314 -40.09 -28.66 105.44
N ALA GA 315 -40.45 -27.78 104.50
CA ALA GA 315 -41.54 -28.00 103.55
C ALA GA 315 -41.14 -28.79 102.28
N GLU GA 316 -39.88 -28.70 101.84
CA GLU GA 316 -39.37 -29.33 100.60
C GLU GA 316 -39.29 -30.87 100.63
N CYS HA 3 74.38 -3.88 -65.20
CA CYS HA 3 73.52 -3.79 -64.01
C CYS HA 3 72.10 -3.30 -64.33
N ASP HA 4 71.93 -2.14 -64.98
CA ASP HA 4 70.64 -1.43 -65.06
C ASP HA 4 69.47 -2.26 -65.61
N ALA HA 5 69.71 -3.23 -66.51
CA ALA HA 5 68.62 -4.08 -67.00
C ALA HA 5 67.99 -4.92 -65.88
N ILE HA 6 68.76 -5.29 -64.85
CA ILE HA 6 68.24 -6.00 -63.66
C ILE HA 6 67.37 -5.03 -62.85
N GLN HA 7 67.77 -3.77 -62.69
CA GLN HA 7 66.94 -2.76 -62.04
C GLN HA 7 65.62 -2.52 -62.80
N ALA HA 8 65.65 -2.51 -64.13
CA ALA HA 8 64.43 -2.44 -64.92
C ALA HA 8 63.50 -3.64 -64.66
N ALA HA 9 64.06 -4.86 -64.58
CA ALA HA 9 63.29 -6.03 -64.19
C ALA HA 9 62.75 -5.91 -62.75
N ALA HA 10 63.53 -5.37 -61.82
CA ALA HA 10 63.09 -5.14 -60.44
C ALA HA 10 61.92 -4.13 -60.37
N ALA HA 11 61.96 -3.07 -61.17
CA ALA HA 11 60.84 -2.12 -61.29
C ALA HA 11 59.56 -2.80 -61.81
N LEU HA 12 59.67 -3.69 -62.81
CA LEU HA 12 58.53 -4.50 -63.26
C LEU HA 12 58.05 -5.50 -62.20
N GLY HA 13 58.96 -6.03 -61.38
CA GLY HA 13 58.63 -6.86 -60.22
C GLY HA 13 57.85 -6.09 -59.15
N GLU HA 14 58.26 -4.86 -58.83
CA GLU HA 14 57.53 -3.97 -57.91
C GLU HA 14 56.19 -3.48 -58.48
N ALA HA 15 56.08 -3.35 -59.81
CA ALA HA 15 54.81 -3.13 -60.51
C ALA HA 15 53.90 -4.39 -60.53
N GLY HA 16 54.37 -5.54 -60.05
CA GLY HA 16 53.58 -6.77 -59.91
C GLY HA 16 53.46 -7.63 -61.17
N ILE HA 17 54.25 -7.36 -62.21
CA ILE HA 17 54.20 -8.09 -63.49
C ILE HA 17 54.75 -9.52 -63.31
N SER HA 18 54.06 -10.55 -63.82
CA SER HA 18 54.54 -11.94 -63.68
C SER HA 18 55.77 -12.22 -64.56
N SER HA 19 56.55 -13.25 -64.23
CA SER HA 19 57.83 -13.51 -64.93
C SER HA 19 57.66 -13.79 -66.43
N ASN HA 20 56.66 -14.57 -66.87
CA ASN HA 20 56.38 -14.74 -68.31
C ASN HA 20 55.98 -13.41 -68.98
N GLU HA 21 55.24 -12.53 -68.30
CA GLU HA 21 54.89 -11.20 -68.81
C GLU HA 21 56.11 -10.26 -68.88
N ILE HA 22 57.03 -10.31 -67.92
CA ILE HA 22 58.30 -9.57 -68.01
C ILE HA 22 59.09 -10.05 -69.23
N LEU HA 23 59.23 -11.37 -69.41
CA LEU HA 23 59.93 -11.94 -70.56
C LEU HA 23 59.25 -11.55 -71.88
N GLU HA 24 57.93 -11.54 -71.93
CA GLU HA 24 57.16 -11.05 -73.10
C GLU HA 24 57.46 -9.58 -73.42
N LEU HA 25 57.43 -8.70 -72.41
CA LEU HA 25 57.75 -7.28 -72.60
C LEU HA 25 59.21 -7.10 -73.04
N LEU HA 26 60.12 -7.83 -72.40
CA LEU HA 26 61.52 -7.83 -72.77
C LEU HA 26 61.73 -8.34 -74.20
N ALA HA 27 60.97 -9.32 -74.68
CA ALA HA 27 61.09 -9.82 -76.05
C ALA HA 27 60.83 -8.72 -77.10
N ALA HA 28 59.78 -7.92 -76.89
CA ALA HA 28 59.53 -6.76 -77.72
C ALA HA 28 60.58 -5.66 -77.51
N ALA HA 29 60.92 -5.33 -76.27
CA ALA HA 29 61.90 -4.28 -76.00
C ALA HA 29 63.28 -4.60 -76.60
N ALA HA 30 63.61 -5.89 -76.76
CA ALA HA 30 64.77 -6.36 -77.50
C ALA HA 30 64.61 -6.19 -79.02
N GLU HA 31 63.53 -6.71 -79.62
CA GLU HA 31 63.32 -6.63 -81.07
C GLU HA 31 63.22 -5.18 -81.57
N LEU HA 32 62.54 -4.33 -80.80
CA LEU HA 32 62.35 -2.92 -81.08
C LEU HA 32 63.55 -2.05 -80.65
N GLY HA 33 64.52 -2.62 -79.94
CA GLY HA 33 65.76 -1.92 -79.57
C GLY HA 33 65.57 -0.78 -78.55
N LEU HA 34 64.43 -0.68 -77.88
CA LEU HA 34 64.07 0.42 -76.99
C LEU HA 34 64.86 0.37 -75.68
N ASP HA 35 65.31 1.53 -75.19
CA ASP HA 35 66.30 1.63 -74.11
C ASP HA 35 65.70 1.40 -72.69
N PRO HA 36 66.53 1.25 -71.65
CA PRO HA 36 66.07 1.02 -70.28
C PRO HA 36 65.15 2.10 -69.70
N ASP HA 37 65.21 3.35 -70.17
CA ASP HA 37 64.30 4.41 -69.69
C ASP HA 37 62.96 4.36 -70.42
N ALA HA 38 62.93 3.96 -71.70
CA ALA HA 38 61.69 3.58 -72.37
C ALA HA 38 61.06 2.35 -71.70
N ILE HA 39 61.86 1.36 -71.28
CA ILE HA 39 61.36 0.25 -70.46
C ILE HA 39 60.86 0.75 -69.10
N GLN HA 40 61.52 1.73 -68.46
CA GLN HA 40 61.02 2.31 -67.22
C GLN HA 40 59.66 3.00 -67.41
N ALA HA 41 59.45 3.70 -68.53
CA ALA HA 41 58.13 4.21 -68.89
C ALA HA 41 57.11 3.07 -69.11
N ALA HA 42 57.52 1.94 -69.69
CA ALA HA 42 56.67 0.76 -69.78
C ALA HA 42 56.31 0.21 -68.38
N ALA HA 43 57.25 0.19 -67.43
CA ALA HA 43 56.97 -0.16 -66.04
C ALA HA 43 55.98 0.83 -65.40
N GLN HA 44 56.09 2.13 -65.69
CA GLN HA 44 55.12 3.13 -65.23
C GLN HA 44 53.72 2.95 -65.85
N LEU HA 45 53.63 2.54 -67.12
CA LEU HA 45 52.35 2.12 -67.73
C LEU HA 45 51.80 0.86 -67.03
N GLY HA 46 52.67 -0.06 -66.60
CA GLY HA 46 52.30 -1.21 -65.77
C GLY HA 46 51.73 -0.79 -64.41
N GLU HA 47 52.35 0.19 -63.73
CA GLU HA 47 51.81 0.79 -62.50
C GLU HA 47 50.47 1.53 -62.75
N ALA HA 48 50.29 2.10 -63.95
CA ALA HA 48 49.02 2.67 -64.40
C ALA HA 48 47.96 1.61 -64.76
N GLY HA 49 48.27 0.31 -64.64
CA GLY HA 49 47.34 -0.80 -64.87
C GLY HA 49 47.09 -1.15 -66.33
N ILE HA 50 47.92 -0.65 -67.25
CA ILE HA 50 47.84 -0.98 -68.69
C ILE HA 50 48.26 -2.45 -68.91
N SER HA 51 47.49 -3.23 -69.70
CA SER HA 51 47.77 -4.67 -69.89
C SER HA 51 48.95 -4.92 -70.83
N SER HA 52 49.56 -6.11 -70.77
CA SER HA 52 50.84 -6.34 -71.46
C SER HA 52 50.75 -6.09 -72.96
N GLU HA 53 49.74 -6.61 -73.66
CA GLU HA 53 49.66 -6.40 -75.11
C GLU HA 53 49.33 -4.95 -75.49
N GLU HA 54 48.66 -4.19 -74.62
CA GLU HA 54 48.52 -2.74 -74.82
C GLU HA 54 49.89 -2.07 -74.73
N ILE HA 55 50.72 -2.46 -73.76
CA ILE HA 55 52.09 -1.98 -73.70
C ILE HA 55 52.86 -2.41 -74.95
N LYS HA 56 52.70 -3.65 -75.44
CA LYS HA 56 53.33 -4.10 -76.69
C LYS HA 56 52.91 -3.23 -77.86
N GLU HA 57 51.63 -2.90 -77.98
CA GLU HA 57 51.16 -1.96 -78.99
C GLU HA 57 51.75 -0.56 -78.80
N LEU HA 58 51.82 -0.05 -77.57
CA LEU HA 58 52.46 1.24 -77.30
C LEU HA 58 53.92 1.24 -77.74
N LEU HA 59 54.68 0.20 -77.41
CA LEU HA 59 56.06 0.05 -77.84
C LEU HA 59 56.15 -0.08 -79.38
N ARG HA 60 55.31 -0.90 -80.01
CA ARG HA 60 55.30 -1.09 -81.47
C ARG HA 60 55.03 0.24 -82.18
N ALA HA 61 54.00 0.96 -81.75
CA ALA HA 61 53.67 2.26 -82.32
C ALA HA 61 54.83 3.23 -82.15
N ALA HA 62 55.41 3.32 -80.95
CA ALA HA 62 56.53 4.22 -80.70
C ALA HA 62 57.70 3.93 -81.63
N HIS HA 63 58.03 2.65 -81.84
CA HIS HA 63 59.06 2.23 -82.79
C HIS HA 63 58.71 2.59 -84.23
N GLU HA 64 57.52 2.21 -84.71
CA GLU HA 64 57.15 2.44 -86.11
C GLU HA 64 57.01 3.94 -86.46
N LEU HA 65 56.49 4.74 -85.52
CA LEU HA 65 56.42 6.19 -85.65
C LEU HA 65 57.80 6.86 -85.47
N GLY HA 66 58.69 6.24 -84.70
CA GLY HA 66 59.93 6.87 -84.25
C GLY HA 66 59.72 7.87 -83.11
N LEU HA 67 58.76 7.63 -82.21
CA LEU HA 67 58.61 8.43 -81.00
C LEU HA 67 59.89 8.32 -80.15
N ASP HA 68 60.46 9.46 -79.77
CA ASP HA 68 61.68 9.50 -78.97
C ASP HA 68 61.41 9.09 -77.50
N PRO HA 69 62.45 8.78 -76.71
CA PRO HA 69 62.27 8.33 -75.32
C PRO HA 69 61.51 9.31 -74.42
N ASP HA 70 61.58 10.63 -74.67
CA ASP HA 70 60.81 11.60 -73.90
C ASP HA 70 59.33 11.56 -74.29
N ALA HA 71 59.02 11.36 -75.58
CA ALA HA 71 57.66 11.11 -76.02
C ALA HA 71 57.12 9.78 -75.45
N ILE HA 72 57.95 8.73 -75.38
CA ILE HA 72 57.58 7.49 -74.69
C ILE HA 72 57.34 7.75 -73.19
N ALA HA 73 58.17 8.55 -72.54
CA ALA HA 73 57.94 8.94 -71.14
C ALA HA 73 56.63 9.74 -70.99
N ALA HA 74 56.33 10.62 -71.95
CA ALA HA 74 55.08 11.35 -71.98
C ALA HA 74 53.87 10.41 -72.14
N ALA HA 75 54.02 9.27 -72.82
CA ALA HA 75 52.97 8.24 -72.88
C ALA HA 75 52.59 7.74 -71.47
N ALA HA 76 53.60 7.47 -70.63
CA ALA HA 76 53.37 7.08 -69.24
C ALA HA 76 52.73 8.21 -68.41
N ASP HA 77 53.13 9.47 -68.63
CA ASP HA 77 52.51 10.62 -67.94
C ASP HA 77 51.09 10.93 -68.41
N LEU HA 78 50.74 10.70 -69.67
CA LEU HA 78 49.34 10.67 -70.11
C LEU HA 78 48.56 9.52 -69.42
N GLY HA 79 49.22 8.40 -69.16
CA GLY HA 79 48.71 7.33 -68.29
C GLY HA 79 48.48 7.78 -66.85
N GLN HA 80 49.41 8.55 -66.26
CA GLN HA 80 49.23 9.17 -64.93
C GLN HA 80 48.08 10.18 -64.92
N ALA HA 81 47.90 10.94 -66.00
CA ALA HA 81 46.75 11.84 -66.20
C ALA HA 81 45.41 11.09 -66.41
N GLY HA 82 45.42 9.76 -66.54
CA GLY HA 82 44.23 8.92 -66.67
C GLY HA 82 43.63 8.86 -68.09
N VAL HA 83 44.40 9.23 -69.12
CA VAL HA 83 43.99 9.15 -70.53
C VAL HA 83 43.86 7.67 -70.96
N SER HA 84 42.85 7.33 -71.76
CA SER HA 84 42.65 5.94 -72.22
C SER HA 84 43.77 5.50 -73.18
N PRO HA 85 44.13 4.22 -73.17
CA PRO HA 85 45.35 3.76 -73.83
C PRO HA 85 45.40 4.09 -75.33
N VAL HA 86 44.32 3.89 -76.05
CA VAL HA 86 44.26 4.28 -77.45
C VAL HA 86 44.30 5.81 -77.66
N GLU HA 87 43.78 6.60 -76.73
CA GLU HA 87 43.94 8.05 -76.80
C GLU HA 87 45.39 8.45 -76.56
N ILE HA 88 46.10 7.80 -75.64
CA ILE HA 88 47.54 8.02 -75.50
C ILE HA 88 48.21 7.81 -76.86
N LEU HA 89 47.92 6.67 -77.50
CA LEU HA 89 48.48 6.34 -78.81
C LEU HA 89 48.21 7.45 -79.82
N ALA HA 90 46.94 7.79 -80.01
CA ALA HA 90 46.59 8.73 -81.06
C ALA HA 90 47.05 10.15 -80.74
N LEU HA 91 46.99 10.58 -79.49
CA LEU HA 91 47.47 11.91 -79.13
C LEU HA 91 48.93 12.05 -79.50
N LEU HA 92 49.75 11.06 -79.16
CA LEU HA 92 51.16 11.09 -79.55
C LEU HA 92 51.31 11.05 -81.07
N ILE HA 93 50.59 10.14 -81.74
CA ILE HA 93 50.68 9.98 -83.20
C ILE HA 93 50.34 11.26 -83.94
N ALA HA 94 49.32 11.96 -83.45
CA ALA HA 94 48.96 13.28 -83.93
C ALA HA 94 50.05 14.30 -83.65
N ALA HA 95 50.47 14.42 -82.39
CA ALA HA 95 51.43 15.44 -81.98
C ALA HA 95 52.71 15.37 -82.80
N SER HA 96 53.23 14.16 -83.01
CA SER HA 96 54.42 13.89 -83.80
C SER HA 96 54.25 14.36 -85.26
N VAL HA 97 53.09 14.12 -85.87
CA VAL HA 97 52.81 14.55 -87.24
C VAL HA 97 52.45 16.03 -87.36
N LEU HA 98 51.91 16.64 -86.30
CA LEU HA 98 51.87 18.09 -86.13
C LEU HA 98 53.27 18.68 -85.85
N GLY HA 99 54.31 17.85 -85.72
CA GLY HA 99 55.70 18.27 -85.52
C GLY HA 99 56.03 18.72 -84.09
N LEU HA 100 55.15 18.46 -83.13
CA LEU HA 100 55.28 18.92 -81.75
C LEU HA 100 56.44 18.24 -81.02
N ASP HA 101 57.10 18.99 -80.15
CA ASP HA 101 58.20 18.50 -79.30
C ASP HA 101 57.67 17.93 -77.96
N PRO HA 102 58.51 17.20 -77.19
CA PRO HA 102 58.09 16.65 -75.90
C PRO HA 102 57.51 17.68 -74.93
N ASP HA 103 57.96 18.93 -74.96
CA ASP HA 103 57.36 19.99 -74.15
C ASP HA 103 55.92 20.31 -74.60
N ALA HA 104 55.67 20.45 -75.90
CA ALA HA 104 54.32 20.61 -76.40
C ALA HA 104 53.45 19.36 -76.14
N ILE HA 105 54.01 18.16 -76.19
CA ILE HA 105 53.31 16.95 -75.75
C ILE HA 105 53.00 17.03 -74.25
N GLN HA 106 53.92 17.52 -73.41
CA GLN HA 106 53.65 17.71 -71.99
C GLN HA 106 52.55 18.76 -71.77
N ALA HA 107 52.50 19.84 -72.57
CA ALA HA 107 51.40 20.80 -72.51
C ALA HA 107 50.05 20.15 -72.88
N ALA HA 108 50.03 19.22 -73.84
CA ALA HA 108 48.86 18.40 -74.11
C ALA HA 108 48.50 17.51 -72.90
N ALA HA 109 49.49 16.93 -72.21
CA ALA HA 109 49.26 16.20 -70.97
C ALA HA 109 48.71 17.09 -69.85
N ALA HA 110 49.15 18.34 -69.75
CA ALA HA 110 48.59 19.33 -68.83
C ALA HA 110 47.12 19.67 -69.15
N LEU HA 111 46.75 19.81 -70.43
CA LEU HA 111 45.34 19.91 -70.83
C LEU HA 111 44.55 18.64 -70.45
N GLY HA 112 45.19 17.47 -70.53
CA GLY HA 112 44.65 16.21 -70.03
C GLY HA 112 44.40 16.22 -68.52
N GLU HA 113 45.36 16.70 -67.72
CA GLU HA 113 45.19 16.86 -66.27
C GLU HA 113 44.12 17.91 -65.92
N ALA HA 114 43.96 18.96 -66.74
CA ALA HA 114 42.84 19.89 -66.66
C ALA HA 114 41.49 19.28 -67.12
N GLY HA 115 41.49 18.04 -67.63
CA GLY HA 115 40.28 17.29 -68.02
C GLY HA 115 39.70 17.68 -69.38
N ILE HA 116 40.47 18.37 -70.24
CA ILE HA 116 40.00 18.78 -71.57
C ILE HA 116 39.86 17.55 -72.48
N SER HA 117 38.85 17.53 -73.34
CA SER HA 117 38.61 16.39 -74.25
C SER HA 117 39.74 16.23 -75.26
N ALA HA 118 40.06 14.99 -75.65
CA ALA HA 118 41.13 14.72 -76.62
C ALA HA 118 40.86 15.38 -77.96
N GLU HA 119 39.60 15.41 -78.42
CA GLU HA 119 39.26 16.12 -79.64
C GLU HA 119 39.54 17.63 -79.51
N GLU HA 120 39.19 18.27 -78.39
CA GLU HA 120 39.50 19.68 -78.18
C GLU HA 120 41.01 19.92 -78.07
N ILE HA 121 41.76 19.02 -77.44
CA ILE HA 121 43.22 19.11 -77.42
C ILE HA 121 43.75 19.09 -78.87
N ILE HA 122 43.30 18.15 -79.69
CA ILE HA 122 43.73 18.08 -81.07
C ILE HA 122 43.31 19.31 -81.87
N GLU HA 123 42.07 19.78 -81.74
CA GLU HA 123 41.62 21.00 -82.42
C GLU HA 123 42.45 22.20 -81.97
N LEU HA 124 42.77 22.33 -80.67
CA LEU HA 124 43.63 23.41 -80.17
C LEU HA 124 45.04 23.30 -80.75
N LEU HA 125 45.62 22.10 -80.76
CA LEU HA 125 46.95 21.89 -81.34
C LEU HA 125 46.93 22.16 -82.85
N THR HA 126 45.87 21.77 -83.55
CA THR HA 126 45.70 22.10 -84.97
C THR HA 126 45.61 23.61 -85.17
N ALA HA 127 44.83 24.31 -84.35
CA ALA HA 127 44.76 25.76 -84.43
C ALA HA 127 46.12 26.41 -84.18
N ALA HA 128 46.88 25.93 -83.19
CA ALA HA 128 48.24 26.43 -82.96
C ALA HA 128 49.16 26.19 -84.16
N ARG HA 129 49.09 25.00 -84.77
CA ARG HA 129 49.84 24.65 -85.98
C ARG HA 129 49.46 25.56 -87.16
N ASP HA 130 48.18 25.82 -87.38
CA ASP HA 130 47.70 26.67 -88.48
C ASP HA 130 47.99 28.17 -88.24
N LEU HA 131 47.88 28.66 -87.01
CA LEU HA 131 48.20 30.04 -86.64
C LEU HA 131 49.72 30.31 -86.63
N GLY HA 132 50.55 29.29 -86.42
CA GLY HA 132 51.98 29.47 -86.21
C GLY HA 132 52.34 29.92 -84.79
N LEU HA 133 51.54 29.52 -83.80
CA LEU HA 133 51.84 29.70 -82.39
C LEU HA 133 52.98 28.78 -81.94
N ASP HA 134 53.71 29.21 -80.91
CA ASP HA 134 54.84 28.49 -80.33
C ASP HA 134 54.44 27.63 -79.11
N PRO HA 135 55.30 26.68 -78.68
CA PRO HA 135 55.06 25.87 -77.48
C PRO HA 135 54.76 26.68 -76.22
N ASP HA 136 55.32 27.89 -76.08
CA ASP HA 136 55.01 28.78 -74.97
C ASP HA 136 53.56 29.27 -75.03
N ALA HA 137 53.06 29.70 -76.19
CA ALA HA 137 51.65 30.03 -76.35
C ALA HA 137 50.75 28.79 -76.12
N ILE HA 138 51.19 27.60 -76.53
CA ILE HA 138 50.46 26.36 -76.22
C ILE HA 138 50.44 26.12 -74.69
N GLN HA 139 51.55 26.32 -73.97
CA GLN HA 139 51.58 26.20 -72.51
C GLN HA 139 50.68 27.26 -71.83
N ALA HA 140 50.64 28.47 -72.36
CA ALA HA 140 49.71 29.50 -71.89
C ALA HA 140 48.24 29.11 -72.17
N ALA HA 141 47.94 28.46 -73.29
CA ALA HA 141 46.63 27.87 -73.54
C ALA HA 141 46.33 26.72 -72.55
N ALA HA 142 47.32 25.91 -72.18
CA ALA HA 142 47.15 24.93 -71.11
C ALA HA 142 46.80 25.59 -69.78
N GLN HA 143 47.42 26.72 -69.45
CA GLN HA 143 47.05 27.51 -68.26
C GLN HA 143 45.62 28.08 -68.36
N LEU HA 144 45.14 28.50 -69.53
CA LEU HA 144 43.72 28.85 -69.69
C LEU HA 144 42.81 27.63 -69.45
N GLY HA 145 43.26 26.43 -69.80
CA GLY HA 145 42.62 25.18 -69.42
C GLY HA 145 42.59 24.97 -67.90
N GLU HA 146 43.69 25.25 -67.20
CA GLU HA 146 43.73 25.20 -65.72
C GLU HA 146 42.78 26.23 -65.09
N ALA HA 147 42.58 27.38 -65.73
CA ALA HA 147 41.58 28.38 -65.36
C ALA HA 147 40.13 28.00 -65.77
N GLY HA 148 39.94 26.90 -66.50
CA GLY HA 148 38.63 26.36 -66.89
C GLY HA 148 37.97 27.07 -68.08
N ILE HA 149 38.72 27.88 -68.85
CA ILE HA 149 38.19 28.63 -69.99
C ILE HA 149 37.75 27.67 -71.12
N SER HA 150 36.59 27.90 -71.73
CA SER HA 150 36.08 27.02 -72.81
C SER HA 150 36.98 27.07 -74.05
N SER HA 151 37.07 25.98 -74.81
CA SER HA 151 37.97 25.88 -75.96
C SER HA 151 37.71 26.96 -77.01
N GLU HA 152 36.45 27.30 -77.26
CA GLU HA 152 36.06 28.43 -78.12
C GLU HA 152 36.64 29.76 -77.61
N GLU HA 153 36.59 30.00 -76.30
CA GLU HA 153 37.10 31.23 -75.70
C GLU HA 153 38.63 31.26 -75.67
N ILE HA 154 39.29 30.11 -75.48
CA ILE HA 154 40.73 30.01 -75.70
C ILE HA 154 41.06 30.42 -77.14
N LYS HA 155 40.35 29.86 -78.13
CA LYS HA 155 40.58 30.20 -79.53
C LYS HA 155 40.34 31.69 -79.81
N GLU HA 156 39.30 32.29 -79.24
CA GLU HA 156 39.06 33.72 -79.37
C GLU HA 156 40.19 34.55 -78.72
N LEU HA 157 40.62 34.19 -77.51
CA LEU HA 157 41.73 34.87 -76.82
C LEU HA 157 43.03 34.76 -77.60
N LEU HA 158 43.35 33.57 -78.11
CA LEU HA 158 44.52 33.37 -78.97
C LEU HA 158 44.41 34.19 -80.27
N ARG HA 159 43.24 34.24 -80.91
CA ARG HA 159 43.05 35.02 -82.14
C ARG HA 159 43.28 36.51 -81.90
N ALA HA 160 42.70 37.04 -80.83
CA ALA HA 160 42.95 38.41 -80.42
C ALA HA 160 44.43 38.65 -80.11
N ALA HA 161 45.05 37.79 -79.30
CA ALA HA 161 46.43 37.92 -78.89
C ALA HA 161 47.40 37.91 -80.08
N HIS HA 162 47.20 37.00 -81.03
CA HIS HA 162 48.09 36.81 -82.19
C HIS HA 162 47.92 37.91 -83.25
N GLU HA 163 46.74 38.52 -83.39
CA GLU HA 163 46.59 39.74 -84.17
C GLU HA 163 47.22 40.97 -83.49
N LEU HA 164 46.94 41.16 -82.19
CA LEU HA 164 47.21 42.42 -81.49
C LEU HA 164 48.51 42.43 -80.67
N GLY HA 165 49.42 41.51 -80.95
CA GLY HA 165 50.81 41.57 -80.48
C GLY HA 165 50.97 41.35 -78.96
N LEU HA 166 50.02 40.67 -78.33
CA LEU HA 166 50.19 40.16 -76.97
C LEU HA 166 51.18 38.98 -76.95
N ASP HA 167 51.52 38.47 -75.77
CA ASP HA 167 52.53 37.44 -75.58
C ASP HA 167 52.10 36.37 -74.55
N PRO HA 168 52.77 35.21 -74.47
CA PRO HA 168 52.43 34.15 -73.51
C PRO HA 168 52.34 34.62 -72.05
N ASP HA 169 53.12 35.61 -71.62
CA ASP HA 169 53.00 36.16 -70.27
C ASP HA 169 51.68 36.93 -70.09
N CYS HA 170 51.26 37.71 -71.09
CA CYS HA 170 49.92 38.31 -71.08
C CYS HA 170 48.82 37.25 -71.10
N ILE HA 171 49.00 36.15 -71.86
CA ILE HA 171 48.02 35.06 -71.89
C ILE HA 171 47.99 34.33 -70.53
N ALA HA 172 49.13 34.17 -69.85
CA ALA HA 172 49.18 33.66 -68.48
C ALA HA 172 48.43 34.58 -67.51
N ALA HA 173 48.60 35.90 -67.64
CA ALA HA 173 47.82 36.85 -66.86
C ALA HA 173 46.31 36.82 -67.22
N ALA HA 174 45.94 36.51 -68.47
CA ALA HA 174 44.54 36.25 -68.83
C ALA HA 174 43.98 35.04 -68.07
N ALA HA 175 44.75 33.96 -67.91
CA ALA HA 175 44.38 32.83 -67.07
C ALA HA 175 44.25 33.20 -65.58
N ASP HA 176 45.03 34.16 -65.08
CA ASP HA 176 44.84 34.71 -63.73
C ASP HA 176 43.53 35.51 -63.61
N LEU HA 177 43.19 36.33 -64.61
CA LEU HA 177 41.88 37.02 -64.66
C LEU HA 177 40.70 36.04 -64.79
N GLY HA 178 40.91 34.91 -65.48
CA GLY HA 178 39.95 33.81 -65.54
C GLY HA 178 39.74 33.15 -64.17
N GLN HA 179 40.80 32.94 -63.41
CA GLN HA 179 40.73 32.47 -62.01
C GLN HA 179 40.11 33.51 -61.07
N ALA HA 180 40.26 34.80 -61.36
CA ALA HA 180 39.52 35.88 -60.70
C ALA HA 180 38.03 35.97 -61.16
N GLY HA 181 37.61 35.17 -62.14
CA GLY HA 181 36.22 35.07 -62.59
C GLY HA 181 35.75 36.15 -63.57
N ILE HA 182 36.66 36.91 -64.16
CA ILE HA 182 36.32 37.96 -65.15
C ILE HA 182 35.82 37.31 -66.47
N SER HA 183 34.84 37.91 -67.15
CA SER HA 183 34.32 37.38 -68.42
C SER HA 183 35.33 37.53 -69.57
N SER HA 184 35.31 36.63 -70.56
CA SER HA 184 36.33 36.61 -71.63
C SER HA 184 36.38 37.89 -72.49
N SER HA 185 35.24 38.55 -72.72
CA SER HA 185 35.19 39.86 -73.37
C SER HA 185 35.88 40.95 -72.52
N GLU HA 186 35.55 41.01 -71.22
CA GLU HA 186 36.19 41.94 -70.30
C GLU HA 186 37.68 41.66 -70.09
N ILE HA 187 38.09 40.38 -70.03
CA ILE HA 187 39.51 40.01 -70.04
C ILE HA 187 40.17 40.59 -71.29
N THR HA 188 39.58 40.39 -72.47
CA THR HA 188 40.15 40.89 -73.74
C THR HA 188 40.31 42.42 -73.68
N ALA HA 189 39.30 43.13 -73.21
CA ALA HA 189 39.41 44.57 -73.00
C ALA HA 189 40.55 44.91 -72.03
N LEU HA 190 40.63 44.26 -70.87
CA LEU HA 190 41.68 44.53 -69.88
C LEU HA 190 43.09 44.26 -70.43
N LEU HA 191 43.27 43.19 -71.20
CA LEU HA 191 44.53 42.94 -71.89
C LEU HA 191 44.90 44.11 -72.81
N LEU HA 192 43.98 44.56 -73.65
CA LEU HA 192 44.24 45.64 -74.60
C LEU HA 192 44.45 46.99 -73.92
N ALA HA 193 43.71 47.29 -72.84
CA ALA HA 193 43.92 48.50 -72.06
C ALA HA 193 45.32 48.50 -71.39
N ALA HA 194 45.71 47.38 -70.78
CA ALA HA 194 47.04 47.23 -70.17
C ALA HA 194 48.16 47.40 -71.20
N ALA HA 195 48.03 46.74 -72.35
CA ALA HA 195 48.97 46.89 -73.46
C ALA HA 195 49.05 48.34 -73.96
N ALA HA 196 47.90 49.00 -74.17
CA ALA HA 196 47.87 50.40 -74.61
C ALA HA 196 48.60 51.31 -73.61
N ILE HA 197 48.44 51.08 -72.30
CA ILE HA 197 49.05 51.93 -71.29
C ILE HA 197 50.54 51.62 -71.10
N GLU HA 198 50.97 50.38 -71.28
CA GLU HA 198 52.40 50.07 -71.41
C GLU HA 198 53.00 50.76 -72.63
N LEU HA 199 52.34 50.69 -73.78
CA LEU HA 199 52.79 51.35 -75.01
C LEU HA 199 52.82 52.88 -74.86
N ALA HA 200 51.84 53.48 -74.18
CA ALA HA 200 51.80 54.92 -73.88
C ALA HA 200 52.90 55.39 -72.90
N LYS HA 201 53.73 54.48 -72.39
CA LYS HA 201 54.95 54.77 -71.61
C LYS HA 201 56.24 54.35 -72.32
N ARG HA 202 56.20 53.29 -73.13
CA ARG HA 202 57.28 52.97 -74.10
C ARG HA 202 57.42 54.06 -75.17
N ALA HA 203 56.31 54.66 -75.56
CA ALA HA 203 56.18 55.79 -76.47
C ALA HA 203 55.30 56.87 -75.79
N ASP HA 204 55.92 57.66 -74.92
CA ASP HA 204 55.27 58.72 -74.12
C ASP HA 204 54.89 59.98 -74.92
N ASP HA 205 54.58 59.84 -76.21
CA ASP HA 205 54.11 60.93 -77.07
C ASP HA 205 52.78 61.48 -76.58
N LYS HA 206 52.64 62.80 -76.51
CA LYS HA 206 51.39 63.47 -76.12
C LYS HA 206 50.19 63.01 -76.94
N ASP HA 207 50.35 62.74 -78.23
CA ASP HA 207 49.25 62.32 -79.10
C ASP HA 207 48.83 60.89 -78.79
N VAL HA 208 49.79 59.99 -78.59
CA VAL HA 208 49.52 58.62 -78.11
C VAL HA 208 48.82 58.67 -76.76
N ARG HA 209 49.31 59.49 -75.82
CA ARG HA 209 48.72 59.61 -74.50
C ARG HA 209 47.30 60.17 -74.54
N GLU HA 210 47.05 61.22 -75.32
CA GLU HA 210 45.70 61.76 -75.52
C GLU HA 210 44.75 60.73 -76.14
N ILE HA 211 45.17 60.04 -77.20
CA ILE HA 211 44.35 59.04 -77.87
C ILE HA 211 44.03 57.90 -76.92
N VAL HA 212 45.04 57.33 -76.25
CA VAL HA 212 44.82 56.23 -75.30
C VAL HA 212 43.90 56.68 -74.16
N ARG HA 213 44.09 57.87 -73.60
CA ARG HA 213 43.23 58.42 -72.55
C ARG HA 213 41.79 58.59 -73.04
N ASP HA 214 41.58 59.26 -74.17
CA ASP HA 214 40.23 59.51 -74.67
C ASP HA 214 39.55 58.21 -75.08
N ALA HA 215 40.30 57.23 -75.59
CA ALA HA 215 39.78 55.90 -75.84
C ALA HA 215 39.37 55.19 -74.53
N LEU HA 216 40.19 55.25 -73.48
CA LEU HA 216 39.84 54.70 -72.17
C LEU HA 216 38.61 55.41 -71.58
N GLU HA 217 38.46 56.72 -71.79
CA GLU HA 217 37.26 57.45 -71.40
C GLU HA 217 36.02 56.95 -72.17
N LEU HA 218 36.10 56.88 -73.50
CA LEU HA 218 35.03 56.34 -74.33
C LEU HA 218 34.68 54.91 -73.89
N ALA HA 219 35.67 54.06 -73.61
CA ALA HA 219 35.47 52.71 -73.12
C ALA HA 219 34.81 52.68 -71.73
N SER HA 220 35.15 53.62 -70.85
CA SER HA 220 34.51 53.76 -69.53
C SER HA 220 33.06 54.22 -69.66
N ARG HA 221 32.76 55.08 -70.65
CA ARG HA 221 31.41 55.58 -70.97
C ARG HA 221 30.52 54.54 -71.65
N SER HA 222 31.09 53.72 -72.53
CA SER HA 222 30.33 52.80 -73.41
C SER HA 222 29.57 51.70 -72.67
N THR HA 223 28.32 51.47 -73.06
CA THR HA 223 27.51 50.28 -72.67
C THR HA 223 27.65 49.11 -73.66
N ASN HA 224 28.35 49.29 -74.78
CA ASN HA 224 28.56 48.29 -75.83
C ASN HA 224 30.02 47.78 -75.78
N ASP HA 225 30.23 46.49 -75.60
CA ASP HA 225 31.57 45.92 -75.42
C ASP HA 225 32.31 45.72 -76.75
N GLU HA 226 31.63 45.54 -77.88
CA GLU HA 226 32.30 45.54 -79.18
C GLU HA 226 32.87 46.93 -79.49
N VAL HA 227 32.14 48.00 -79.13
CA VAL HA 227 32.70 49.36 -79.17
C VAL HA 227 33.91 49.48 -78.25
N ILE HA 228 33.89 48.86 -77.06
CA ILE HA 228 35.08 48.84 -76.18
C ILE HA 228 36.25 48.13 -76.88
N ARG HA 229 36.02 46.93 -77.44
CA ARG HA 229 37.07 46.21 -78.17
C ARG HA 229 37.60 47.04 -79.34
N LEU HA 230 36.73 47.67 -80.13
CA LEU HA 230 37.12 48.56 -81.23
C LEU HA 230 37.94 49.75 -80.74
N ALA HA 231 37.51 50.41 -79.66
CA ALA HA 231 38.24 51.55 -79.11
C ALA HA 231 39.62 51.14 -78.59
N LEU HA 232 39.73 50.01 -77.89
CA LEU HA 232 41.00 49.54 -77.34
C LEU HA 232 41.92 48.96 -78.41
N GLU HA 233 41.39 48.29 -79.43
CA GLU HA 233 42.16 47.93 -80.62
C GLU HA 233 42.70 49.19 -81.31
N ALA HA 234 41.86 50.20 -81.53
CA ALA HA 234 42.30 51.46 -82.13
C ALA HA 234 43.39 52.14 -81.27
N ALA HA 235 43.23 52.16 -79.95
CA ALA HA 235 44.22 52.70 -79.03
C ALA HA 235 45.56 51.94 -79.10
N VAL HA 236 45.52 50.60 -79.07
CA VAL HA 236 46.73 49.77 -79.26
C VAL HA 236 47.38 50.05 -80.62
N LEU HA 237 46.60 50.11 -81.70
CA LEU HA 237 47.13 50.39 -83.03
C LEU HA 237 47.74 51.79 -83.13
N ALA HA 238 47.08 52.81 -82.58
CA ALA HA 238 47.64 54.16 -82.52
C ALA HA 238 48.94 54.22 -81.70
N ALA HA 239 49.02 53.46 -80.61
CA ALA HA 239 50.22 53.41 -79.76
C ALA HA 239 51.36 52.53 -80.34
N ARG HA 240 51.04 51.54 -81.19
CA ARG HA 240 52.02 50.79 -82.00
C ARG HA 240 52.51 51.61 -83.21
N SER HA 241 51.64 52.42 -83.80
CA SER HA 241 51.94 53.28 -84.94
C SER HA 241 52.84 54.47 -84.57
N THR HA 242 53.57 54.99 -85.56
CA THR HA 242 54.31 56.26 -85.50
C THR HA 242 53.78 57.29 -86.50
N ASP HA 243 52.71 56.98 -87.25
CA ASP HA 243 52.22 57.81 -88.35
C ASP HA 243 51.26 58.90 -87.86
N SER HA 244 51.62 60.17 -88.09
CA SER HA 244 50.79 61.33 -87.75
C SER HA 244 49.39 61.25 -88.38
N ASP HA 245 49.23 60.68 -89.57
CA ASP HA 245 47.89 60.52 -90.16
C ASP HA 245 47.07 59.47 -89.41
N VAL HA 246 47.67 58.35 -88.96
CA VAL HA 246 46.95 57.39 -88.11
C VAL HA 246 46.57 58.03 -86.79
N LEU HA 247 47.49 58.79 -86.17
CA LEU HA 247 47.18 59.53 -84.95
C LEU HA 247 46.02 60.53 -85.18
N GLU HA 248 46.08 61.36 -86.22
CA GLU HA 248 45.02 62.35 -86.48
C GLU HA 248 43.68 61.70 -86.89
N ILE HA 249 43.70 60.65 -87.70
CA ILE HA 249 42.49 59.89 -88.06
C ILE HA 249 41.86 59.27 -86.81
N VAL HA 250 42.64 58.62 -85.94
CA VAL HA 250 42.11 58.07 -84.69
C VAL HA 250 41.63 59.17 -83.76
N LYS HA 251 42.36 60.29 -83.64
CA LYS HA 251 41.93 61.43 -82.80
C LYS HA 251 40.61 62.03 -83.32
N ASP HA 252 40.45 62.18 -84.63
CA ASP HA 252 39.17 62.57 -85.24
C ASP HA 252 38.06 61.56 -84.95
N ALA HA 253 38.33 60.25 -85.07
CA ALA HA 253 37.34 59.22 -84.79
C ALA HA 253 36.87 59.26 -83.33
N LEU HA 254 37.80 59.40 -82.38
CA LEU HA 254 37.45 59.55 -80.96
C LEU HA 254 36.70 60.86 -80.72
N GLU HA 255 37.07 61.95 -81.38
CA GLU HA 255 36.37 63.23 -81.26
C GLU HA 255 34.95 63.16 -81.83
N LEU HA 256 34.73 62.42 -82.91
CA LEU HA 256 33.37 62.11 -83.39
C LEU HA 256 32.59 61.30 -82.36
N ALA HA 257 33.21 60.30 -81.72
CA ALA HA 257 32.59 59.55 -80.63
C ALA HA 257 32.34 60.38 -79.36
N LYS HA 258 33.14 61.43 -79.14
CA LYS HA 258 32.89 62.44 -78.10
C LYS HA 258 31.70 63.33 -78.43
N GLN HA 259 31.52 63.67 -79.71
CA GLN HA 259 30.42 64.51 -80.20
C GLN HA 259 29.07 63.79 -80.29
N SER HA 260 29.01 62.53 -80.73
CA SER HA 260 27.76 61.76 -80.89
C SER HA 260 27.84 60.36 -80.30
N THR HA 261 26.78 59.95 -79.59
CA THR HA 261 26.65 58.61 -78.97
C THR HA 261 26.10 57.53 -79.92
N ASN HA 262 25.98 57.82 -81.22
CA ASN HA 262 25.49 56.86 -82.22
C ASN HA 262 26.43 55.65 -82.37
N GLU HA 263 26.04 54.49 -81.84
CA GLU HA 263 26.91 53.31 -81.81
C GLU HA 263 27.32 52.85 -83.21
N GLU HA 264 26.43 52.89 -84.21
CA GLU HA 264 26.77 52.45 -85.56
C GLU HA 264 27.79 53.39 -86.21
N VAL HA 265 27.62 54.70 -86.06
CA VAL HA 265 28.61 55.68 -86.54
C VAL HA 265 29.94 55.50 -85.82
N ILE HA 266 29.91 55.26 -84.49
CA ILE HA 266 31.12 54.98 -83.71
C ILE HA 266 31.82 53.72 -84.26
N LYS HA 267 31.10 52.62 -84.47
CA LYS HA 267 31.68 51.40 -85.04
C LYS HA 267 32.25 51.65 -86.44
N LEU HA 268 31.53 52.37 -87.30
CA LEU HA 268 32.01 52.73 -88.63
C LEU HA 268 33.30 53.55 -88.57
N ALA HA 269 33.38 54.57 -87.72
CA ALA HA 269 34.56 55.42 -87.59
C ALA HA 269 35.76 54.65 -87.02
N LEU HA 270 35.55 53.88 -85.96
CA LEU HA 270 36.61 53.04 -85.37
C LEU HA 270 37.08 51.99 -86.39
N LYS HA 271 36.17 51.28 -87.08
CA LYS HA 271 36.53 50.27 -88.08
C LYS HA 271 37.37 50.87 -89.22
N ALA HA 272 36.98 52.03 -89.76
CA ALA HA 272 37.76 52.71 -90.80
C ALA HA 272 39.17 53.07 -90.32
N ALA HA 273 39.28 53.65 -89.12
CA ALA HA 273 40.57 54.00 -88.54
C ALA HA 273 41.44 52.76 -88.26
N VAL HA 274 40.83 51.68 -87.74
CA VAL HA 274 41.49 50.39 -87.47
C VAL HA 274 42.01 49.78 -88.78
N LEU HA 275 41.20 49.75 -89.84
CA LEU HA 275 41.63 49.28 -91.15
C LEU HA 275 42.81 50.10 -91.67
N ALA HA 276 42.72 51.43 -91.60
CA ALA HA 276 43.78 52.33 -92.05
C ALA HA 276 45.08 52.19 -91.24
N ALA HA 277 45.01 51.75 -89.99
CA ALA HA 277 46.20 51.43 -89.18
C ALA HA 277 46.76 50.03 -89.45
N LYS HA 278 45.90 49.03 -89.70
CA LYS HA 278 46.31 47.63 -89.99
C LYS HA 278 46.86 47.46 -91.42
N SER HA 279 46.51 48.36 -92.34
CA SER HA 279 47.15 48.50 -93.65
C SER HA 279 47.22 49.98 -94.05
N THR HA 280 48.41 50.56 -93.96
CA THR HA 280 48.68 52.00 -94.15
C THR HA 280 48.73 52.40 -95.64
N ASP HA 281 47.70 52.05 -96.41
CA ASP HA 281 47.61 52.39 -97.84
C ASP HA 281 47.31 53.89 -98.04
N GLU HA 282 48.19 54.63 -98.70
CA GLU HA 282 48.24 56.10 -98.67
C GLU HA 282 46.98 56.77 -99.25
N GLU HA 283 46.43 56.27 -100.35
CA GLU HA 283 45.19 56.82 -100.92
C GLU HA 283 43.95 56.47 -100.08
N VAL HA 284 43.98 55.36 -99.33
CA VAL HA 284 42.93 55.01 -98.37
C VAL HA 284 43.00 55.94 -97.16
N LEU HA 285 44.19 56.17 -96.62
CA LEU HA 285 44.42 57.16 -95.56
C LEU HA 285 43.92 58.55 -96.00
N GLU HA 286 44.27 59.00 -97.20
CA GLU HA 286 43.81 60.28 -97.75
C GLU HA 286 42.28 60.36 -97.85
N GLU HA 287 41.65 59.37 -98.49
CA GLU HA 287 40.20 59.37 -98.65
C GLU HA 287 39.47 59.22 -97.30
N VAL HA 288 39.98 58.42 -96.36
CA VAL HA 288 39.41 58.31 -95.01
C VAL HA 288 39.55 59.62 -94.24
N LYS HA 289 40.71 60.28 -94.31
CA LYS HA 289 40.92 61.59 -93.66
C LYS HA 289 39.98 62.64 -94.25
N GLU HA 290 39.80 62.65 -95.58
CA GLU HA 290 38.80 63.50 -96.23
C GLU HA 290 37.36 63.11 -95.86
N ALA HA 291 37.01 61.83 -95.76
CA ALA HA 291 35.69 61.41 -95.33
C ALA HA 291 35.38 61.88 -93.91
N LEU HA 292 36.35 61.76 -93.00
CA LEU HA 292 36.23 62.33 -91.65
C LEU HA 292 36.15 63.86 -91.69
N ARG HA 293 36.87 64.55 -92.58
CA ARG HA 293 36.70 66.01 -92.77
C ARG HA 293 35.29 66.35 -93.24
N ARG HA 294 34.77 65.66 -94.26
CA ARG HA 294 33.37 65.80 -94.71
C ARG HA 294 32.40 65.57 -93.54
N ALA HA 295 32.63 64.53 -92.74
CA ALA HA 295 31.81 64.22 -91.57
C ALA HA 295 31.83 65.33 -90.51
N LYS HA 296 32.99 65.92 -90.21
CA LYS HA 296 33.11 67.04 -89.26
C LYS HA 296 32.47 68.33 -89.79
N GLU HA 297 32.60 68.61 -91.09
CA GLU HA 297 32.00 69.80 -91.71
C GLU HA 297 30.48 69.66 -91.89
N SER HA 298 29.99 68.44 -92.12
CA SER HA 298 28.55 68.14 -92.23
C SER HA 298 27.83 68.10 -90.87
N THR HA 299 26.51 68.14 -90.89
CA THR HA 299 25.62 68.07 -89.71
C THR HA 299 24.60 66.95 -89.79
N ASP HA 300 24.59 66.13 -90.86
CA ASP HA 300 23.64 65.03 -91.06
C ASP HA 300 24.33 63.65 -90.94
N GLU HA 301 23.95 62.86 -89.94
CA GLU HA 301 24.51 61.52 -89.74
C GLU HA 301 24.22 60.55 -90.90
N GLU HA 302 23.17 60.78 -91.70
CA GLU HA 302 22.92 59.92 -92.87
C GLU HA 302 23.98 60.08 -93.97
N GLU HA 303 24.62 61.25 -94.07
CA GLU HA 303 25.80 61.42 -94.93
C GLU HA 303 27.01 60.70 -94.31
N ILE HA 304 27.22 60.88 -92.98
CA ILE HA 304 28.34 60.27 -92.27
C ILE HA 304 28.31 58.74 -92.40
N LYS HA 305 27.14 58.12 -92.21
CA LYS HA 305 26.94 56.68 -92.39
C LYS HA 305 27.42 56.21 -93.77
N GLU HA 306 26.91 56.80 -94.85
CA GLU HA 306 27.28 56.38 -96.21
C GLU HA 306 28.74 56.69 -96.54
N GLU HA 307 29.26 57.85 -96.16
CA GLU HA 307 30.67 58.18 -96.41
C GLU HA 307 31.63 57.19 -95.75
N LEU HA 308 31.34 56.75 -94.52
CA LEU HA 308 32.14 55.73 -93.85
C LEU HA 308 31.84 54.31 -94.38
N ARG HA 309 30.58 53.96 -94.65
CA ARG HA 309 30.20 52.64 -95.18
C ARG HA 309 30.92 52.34 -96.50
N LYS HA 310 31.01 53.32 -97.40
CA LYS HA 310 31.72 53.17 -98.68
C LYS HA 310 33.20 52.81 -98.49
N ALA HA 311 33.86 53.37 -97.48
CA ALA HA 311 35.23 52.98 -97.15
C ALA HA 311 35.28 51.59 -96.49
N VAL HA 312 34.38 51.31 -95.53
CA VAL HA 312 34.40 50.08 -94.73
C VAL HA 312 34.05 48.83 -95.54
N GLU HA 313 32.97 48.87 -96.33
CA GLU HA 313 32.45 47.66 -97.00
C GLU HA 313 33.24 47.22 -98.25
N GLU HA 314 34.22 48.02 -98.70
CA GLU HA 314 35.18 47.60 -99.73
C GLU HA 314 36.24 46.62 -99.17
N ALA HA 315 36.51 46.65 -97.86
CA ALA HA 315 37.67 45.99 -97.24
C ALA HA 315 37.47 44.52 -96.80
N GLU HA 316 36.22 44.04 -96.67
CA GLU HA 316 35.90 42.75 -96.02
C GLU HA 316 34.69 42.02 -96.62
N CYS IA 3 4.96 -70.61 -68.37
CA CYS IA 3 4.35 -69.33 -67.92
C CYS IA 3 3.68 -69.46 -66.55
N ASP IA 4 2.47 -70.04 -66.49
CA ASP IA 4 1.56 -69.99 -65.33
C ASP IA 4 2.19 -70.37 -63.99
N ALA IA 5 3.10 -71.35 -63.95
CA ALA IA 5 3.73 -71.79 -62.71
C ALA IA 5 4.54 -70.68 -62.01
N ILE IA 6 5.02 -69.68 -62.75
CA ILE IA 6 5.72 -68.52 -62.18
C ILE IA 6 4.75 -67.67 -61.35
N GLN IA 7 3.49 -67.53 -61.76
CA GLN IA 7 2.49 -66.77 -61.00
C GLN IA 7 2.18 -67.46 -59.66
N ALA IA 8 2.15 -68.79 -59.64
CA ALA IA 8 2.02 -69.55 -58.41
C ALA IA 8 3.22 -69.32 -57.48
N ALA IA 9 4.45 -69.31 -58.00
CA ALA IA 9 5.63 -68.95 -57.21
C ALA IA 9 5.52 -67.51 -56.68
N ALA IA 10 5.05 -66.56 -57.48
CA ALA IA 10 4.87 -65.17 -57.06
C ALA IA 10 3.83 -65.05 -55.94
N ALA IA 11 2.72 -65.79 -55.99
CA ALA IA 11 1.76 -65.82 -54.89
C ALA IA 11 2.40 -66.32 -53.58
N LEU IA 12 3.22 -67.38 -53.63
CA LEU IA 12 3.98 -67.87 -52.47
C LEU IA 12 5.04 -66.86 -51.99
N GLY IA 13 5.68 -66.13 -52.92
CA GLY IA 13 6.64 -65.07 -52.61
C GLY IA 13 5.98 -63.87 -51.91
N GLU IA 14 4.80 -63.44 -52.36
CA GLU IA 14 4.00 -62.41 -51.69
C GLU IA 14 3.44 -62.86 -50.33
N ALA IA 15 3.17 -64.15 -50.15
CA ALA IA 15 2.89 -64.76 -48.83
C ALA IA 15 4.14 -64.85 -47.92
N GLY IA 16 5.33 -64.52 -48.41
CA GLY IA 16 6.57 -64.47 -47.65
C GLY IA 16 7.32 -65.81 -47.53
N ILE IA 17 6.96 -66.83 -48.30
CA ILE IA 17 7.60 -68.16 -48.26
C ILE IA 17 9.02 -68.07 -48.84
N SER IA 18 10.03 -68.66 -48.17
CA SER IA 18 11.43 -68.61 -48.64
C SER IA 18 11.67 -69.49 -49.87
N SER IA 19 12.74 -69.21 -50.63
CA SER IA 19 13.01 -69.92 -51.89
C SER IA 19 13.18 -71.45 -51.70
N ASN IA 20 13.91 -71.90 -50.66
CA ASN IA 20 14.01 -73.33 -50.35
C ASN IA 20 12.65 -73.95 -49.98
N GLU IA 21 11.77 -73.21 -49.29
CA GLU IA 21 10.42 -73.68 -48.99
C GLU IA 21 9.52 -73.70 -50.23
N ILE IA 22 9.61 -72.73 -51.14
CA ILE IA 22 8.88 -72.79 -52.42
C ILE IA 22 9.35 -74.02 -53.19
N LEU IA 23 10.66 -74.26 -53.27
CA LEU IA 23 11.20 -75.46 -53.91
C LEU IA 23 10.69 -76.75 -53.23
N GLU IA 24 10.62 -76.79 -51.90
CA GLU IA 24 10.06 -77.94 -51.18
C GLU IA 24 8.56 -78.14 -51.49
N LEU IA 25 7.77 -77.07 -51.50
CA LEU IA 25 6.36 -77.12 -51.85
C LEU IA 25 6.16 -77.59 -53.30
N LEU IA 26 7.01 -77.11 -54.20
CA LEU IA 26 7.06 -77.58 -55.57
C LEU IA 26 7.49 -79.06 -55.65
N ALA IA 27 8.44 -79.52 -54.84
CA ALA IA 27 8.85 -80.92 -54.78
C ALA IA 27 7.68 -81.83 -54.41
N ALA IA 28 6.90 -81.43 -53.39
CA ALA IA 28 5.68 -82.11 -53.04
C ALA IA 28 4.67 -82.06 -54.20
N ALA IA 29 4.36 -80.87 -54.73
CA ALA IA 29 3.35 -80.74 -55.78
C ALA IA 29 3.73 -81.50 -57.06
N ALA IA 30 5.01 -81.74 -57.31
CA ALA IA 30 5.50 -82.59 -58.40
C ALA IA 30 5.27 -84.08 -58.11
N GLU IA 31 5.72 -84.60 -56.96
CA GLU IA 31 5.53 -86.01 -56.60
C GLU IA 31 4.04 -86.36 -56.48
N LEU IA 32 3.29 -85.49 -55.80
CA LEU IA 32 1.86 -85.66 -55.57
C LEU IA 32 1.03 -85.33 -56.83
N GLY IA 33 1.63 -84.76 -57.87
CA GLY IA 33 0.96 -84.45 -59.14
C GLY IA 33 -0.13 -83.38 -59.04
N LEU IA 34 -0.12 -82.56 -57.99
CA LEU IA 34 -1.14 -81.55 -57.73
C LEU IA 34 -1.02 -80.36 -58.70
N ASP IA 35 -2.13 -79.96 -59.29
CA ASP IA 35 -2.17 -78.99 -60.40
C ASP IA 35 -2.01 -77.52 -59.94
N PRO IA 36 -1.83 -76.56 -60.87
CA PRO IA 36 -1.65 -75.15 -60.52
C PRO IA 36 -2.77 -74.54 -59.66
N ASP IA 37 -4.02 -74.98 -59.81
CA ASP IA 37 -5.11 -74.50 -58.97
C ASP IA 37 -5.04 -75.09 -57.54
N ALA IA 38 -4.64 -76.36 -57.39
CA ALA IA 38 -4.34 -76.92 -56.07
C ALA IA 38 -3.14 -76.21 -55.42
N ILE IA 39 -2.11 -75.86 -56.19
CA ILE IA 39 -1.01 -75.02 -55.70
C ILE IA 39 -1.52 -73.62 -55.33
N GLN IA 40 -2.45 -73.04 -56.09
CA GLN IA 40 -3.05 -71.74 -55.74
C GLN IA 40 -3.79 -71.80 -54.41
N ALA IA 41 -4.53 -72.89 -54.14
CA ALA IA 41 -5.12 -73.12 -52.82
C ALA IA 41 -4.05 -73.26 -51.73
N ALA IA 42 -2.92 -73.89 -52.01
CA ALA IA 42 -1.78 -73.93 -51.09
C ALA IA 42 -1.22 -72.52 -50.81
N ALA IA 43 -1.08 -71.68 -51.84
CA ALA IA 43 -0.69 -70.29 -51.66
C ALA IA 43 -1.73 -69.51 -50.83
N GLN IA 44 -3.03 -69.75 -51.03
CA GLN IA 44 -4.09 -69.16 -50.22
C GLN IA 44 -4.10 -69.64 -48.76
N LEU IA 45 -3.70 -70.89 -48.50
CA LEU IA 45 -3.41 -71.35 -47.13
C LEU IA 45 -2.20 -70.61 -46.53
N GLY IA 46 -1.20 -70.28 -47.35
CA GLY IA 46 -0.10 -69.38 -46.97
C GLY IA 46 -0.58 -67.97 -46.64
N GLU IA 47 -1.46 -67.39 -47.44
CA GLU IA 47 -2.10 -66.08 -47.15
C GLU IA 47 -2.95 -66.11 -45.88
N ALA IA 48 -3.61 -67.25 -45.59
CA ALA IA 48 -4.29 -67.52 -44.33
C ALA IA 48 -3.32 -67.74 -43.14
N GLY IA 49 -2.00 -67.72 -43.38
CA GLY IA 49 -0.96 -67.81 -42.36
C GLY IA 49 -0.60 -69.23 -41.91
N ILE IA 50 -1.06 -70.26 -42.62
CA ILE IA 50 -0.68 -71.65 -42.33
C ILE IA 50 0.82 -71.84 -42.61
N SER IA 51 1.53 -72.56 -41.73
CA SER IA 51 2.99 -72.76 -41.88
C SER IA 51 3.34 -73.65 -43.08
N SER IA 52 4.55 -73.47 -43.63
CA SER IA 52 5.03 -74.27 -44.77
C SER IA 52 5.00 -75.77 -44.48
N GLU IA 53 5.40 -76.17 -43.28
CA GLU IA 53 5.34 -77.58 -42.87
C GLU IA 53 3.90 -78.10 -42.81
N GLU IA 54 2.96 -77.33 -42.27
CA GLU IA 54 1.54 -77.70 -42.30
C GLU IA 54 0.97 -77.74 -43.72
N ILE IA 55 1.37 -76.82 -44.60
CA ILE IA 55 0.94 -76.89 -46.00
C ILE IA 55 1.43 -78.20 -46.61
N LYS IA 56 2.68 -78.59 -46.35
CA LYS IA 56 3.21 -79.88 -46.82
C LYS IA 56 2.42 -81.06 -46.25
N GLU IA 57 1.99 -81.01 -44.99
CA GLU IA 57 1.05 -82.01 -44.48
C GLU IA 57 -0.30 -81.96 -45.19
N LEU IA 58 -0.88 -80.78 -45.41
CA LEU IA 58 -2.18 -80.64 -46.08
C LEU IA 58 -2.14 -81.17 -47.50
N LEU IA 59 -1.08 -80.88 -48.23
CA LEU IA 59 -0.82 -81.44 -49.56
C LEU IA 59 -0.69 -82.96 -49.48
N ARG IA 60 0.16 -83.48 -48.58
CA ARG IA 60 0.34 -84.94 -48.39
C ARG IA 60 -1.00 -85.61 -48.14
N ALA IA 61 -1.76 -85.09 -47.18
CA ALA IA 61 -3.04 -85.63 -46.82
C ALA IA 61 -4.02 -85.59 -47.98
N ALA IA 62 -4.12 -84.46 -48.68
CA ALA IA 62 -5.04 -84.35 -49.81
C ALA IA 62 -4.77 -85.43 -50.86
N HIS IA 63 -3.50 -85.70 -51.16
CA HIS IA 63 -3.13 -86.80 -52.06
C HIS IA 63 -3.43 -88.17 -51.46
N GLU IA 64 -3.00 -88.44 -50.23
CA GLU IA 64 -3.21 -89.74 -49.59
C GLU IA 64 -4.69 -90.09 -49.40
N LEU IA 65 -5.53 -89.09 -49.14
CA LEU IA 65 -6.98 -89.22 -49.13
C LEU IA 65 -7.55 -89.35 -50.54
N GLY IA 66 -6.94 -88.68 -51.52
CA GLY IA 66 -7.53 -88.48 -52.83
C GLY IA 66 -8.63 -87.42 -52.82
N LEU IA 67 -8.44 -86.34 -52.06
CA LEU IA 67 -9.33 -85.18 -52.12
C LEU IA 67 -9.31 -84.56 -53.51
N ASP IA 68 -10.47 -84.22 -54.05
CA ASP IA 68 -10.57 -83.57 -55.35
C ASP IA 68 -10.18 -82.07 -55.28
N PRO IA 69 -9.91 -81.42 -56.42
CA PRO IA 69 -9.49 -80.02 -56.46
C PRO IA 69 -10.48 -79.05 -55.83
N ASP IA 70 -11.79 -79.32 -55.84
CA ASP IA 70 -12.78 -78.42 -55.25
C ASP IA 70 -12.77 -78.58 -53.72
N ALA IA 71 -12.58 -79.79 -53.20
CA ALA IA 71 -12.32 -80.00 -51.79
C ALA IA 71 -11.00 -79.33 -51.36
N ILE IA 72 -9.94 -79.43 -52.18
CA ILE IA 72 -8.71 -78.69 -51.94
C ILE IA 72 -8.98 -77.17 -51.95
N ALA IA 73 -9.79 -76.66 -52.87
CA ALA IA 73 -10.17 -75.25 -52.87
C ALA IA 73 -10.97 -74.87 -51.59
N ALA IA 74 -11.84 -75.76 -51.12
CA ALA IA 74 -12.55 -75.55 -49.86
C ALA IA 74 -11.60 -75.49 -48.64
N ALA IA 75 -10.42 -76.12 -48.71
CA ALA IA 75 -9.41 -75.95 -47.67
C ALA IA 75 -8.99 -74.47 -47.56
N ALA IA 76 -8.79 -73.79 -48.69
CA ALA IA 76 -8.49 -72.36 -48.69
C ALA IA 76 -9.67 -71.53 -48.15
N ASP IA 77 -10.92 -71.87 -48.47
CA ASP IA 77 -12.11 -71.22 -47.90
C ASP IA 77 -12.17 -71.39 -46.37
N LEU IA 78 -11.94 -72.61 -45.87
CA LEU IA 78 -11.84 -72.90 -44.44
C LEU IA 78 -10.67 -72.14 -43.79
N GLY IA 79 -9.55 -72.00 -44.50
CA GLY IA 79 -8.41 -71.19 -44.07
C GLY IA 79 -8.76 -69.71 -43.93
N GLN IA 80 -9.49 -69.14 -44.88
CA GLN IA 80 -10.02 -67.76 -44.79
C GLN IA 80 -11.05 -67.61 -43.66
N ALA IA 81 -11.83 -68.66 -43.38
CA ALA IA 81 -12.68 -68.73 -42.18
C ALA IA 81 -11.90 -68.89 -40.86
N GLY IA 82 -10.57 -69.05 -40.91
CA GLY IA 82 -9.69 -69.17 -39.73
C GLY IA 82 -9.68 -70.56 -39.09
N VAL IA 83 -10.22 -71.57 -39.78
CA VAL IA 83 -10.28 -72.96 -39.31
C VAL IA 83 -8.87 -73.59 -39.32
N SER IA 84 -8.51 -74.38 -38.31
CA SER IA 84 -7.13 -74.90 -38.19
C SER IA 84 -6.80 -75.95 -39.24
N PRO IA 85 -5.51 -76.22 -39.43
CA PRO IA 85 -5.04 -77.26 -40.34
C PRO IA 85 -5.62 -78.62 -39.96
N VAL IA 86 -5.58 -78.99 -38.69
CA VAL IA 86 -6.20 -80.23 -38.23
C VAL IA 86 -7.71 -80.22 -38.44
N GLU IA 87 -8.39 -79.11 -38.18
CA GLU IA 87 -9.83 -79.02 -38.39
C GLU IA 87 -10.19 -79.17 -39.86
N ILE IA 88 -9.45 -78.52 -40.76
CA ILE IA 88 -9.58 -78.73 -42.19
C ILE IA 88 -9.43 -80.21 -42.50
N LEU IA 89 -8.38 -80.84 -42.00
CA LEU IA 89 -8.10 -82.25 -42.28
C LEU IA 89 -9.27 -83.11 -41.83
N ALA IA 90 -9.76 -82.91 -40.62
CA ALA IA 90 -10.92 -83.65 -40.14
C ALA IA 90 -12.16 -83.38 -40.98
N LEU IA 91 -12.50 -82.12 -41.23
CA LEU IA 91 -13.72 -81.79 -41.95
C LEU IA 91 -13.71 -82.45 -43.32
N LEU IA 92 -12.62 -82.29 -44.07
CA LEU IA 92 -12.52 -82.84 -45.40
C LEU IA 92 -12.47 -84.37 -45.34
N ILE IA 93 -11.65 -84.97 -44.46
CA ILE IA 93 -11.59 -86.43 -44.31
C ILE IA 93 -12.97 -86.99 -44.01
N ALA IA 94 -13.66 -86.42 -43.04
CA ALA IA 94 -14.97 -86.87 -42.64
C ALA IA 94 -15.96 -86.78 -43.80
N ALA IA 95 -16.04 -85.62 -44.46
CA ALA IA 95 -16.95 -85.45 -45.59
C ALA IA 95 -16.66 -86.47 -46.68
N SER IA 96 -15.39 -86.66 -47.01
CA SER IA 96 -14.91 -87.60 -48.01
C SER IA 96 -15.27 -89.05 -47.65
N VAL IA 97 -15.01 -89.48 -46.41
CA VAL IA 97 -15.36 -90.83 -45.97
C VAL IA 97 -16.88 -91.03 -45.86
N LEU IA 98 -17.64 -89.99 -45.55
CA LEU IA 98 -19.11 -89.99 -45.65
C LEU IA 98 -19.61 -89.97 -47.10
N GLY IA 99 -18.74 -89.77 -48.08
CA GLY IA 99 -19.11 -89.68 -49.50
C GLY IA 99 -19.76 -88.35 -49.89
N LEU IA 100 -19.68 -87.33 -49.04
CA LEU IA 100 -20.30 -86.02 -49.23
C LEU IA 100 -19.55 -85.19 -50.28
N ASP IA 101 -20.31 -84.48 -51.10
CA ASP IA 101 -19.83 -83.83 -52.32
C ASP IA 101 -19.24 -82.41 -52.07
N PRO IA 102 -18.58 -81.80 -53.08
CA PRO IA 102 -18.02 -80.45 -52.95
C PRO IA 102 -19.04 -79.38 -52.54
N ASP IA 103 -20.32 -79.54 -52.90
CA ASP IA 103 -21.37 -78.61 -52.46
C ASP IA 103 -21.64 -78.78 -50.95
N ALA IA 104 -21.76 -80.00 -50.45
CA ALA IA 104 -21.83 -80.24 -49.01
C ALA IA 104 -20.57 -79.74 -48.29
N ILE IA 105 -19.40 -79.93 -48.88
CA ILE IA 105 -18.15 -79.38 -48.34
C ILE IA 105 -18.17 -77.84 -48.37
N GLN IA 106 -18.71 -77.20 -49.41
CA GLN IA 106 -18.85 -75.75 -49.43
C GLN IA 106 -19.83 -75.26 -48.35
N ALA IA 107 -20.91 -75.99 -48.11
CA ALA IA 107 -21.77 -75.71 -46.95
C ALA IA 107 -21.00 -75.90 -45.63
N ALA IA 108 -20.12 -76.90 -45.52
CA ALA IA 108 -19.24 -77.03 -44.37
C ALA IA 108 -18.29 -75.83 -44.22
N ALA IA 109 -17.79 -75.27 -45.32
CA ALA IA 109 -17.02 -74.02 -45.28
C ALA IA 109 -17.88 -72.86 -44.75
N ALA IA 110 -19.13 -72.74 -45.18
CA ALA IA 110 -20.06 -71.75 -44.63
C ALA IA 110 -20.36 -71.99 -43.14
N LEU IA 111 -20.50 -73.24 -42.68
CA LEU IA 111 -20.63 -73.56 -41.25
C LEU IA 111 -19.36 -73.17 -40.48
N GLY IA 112 -18.20 -73.27 -41.12
CA GLY IA 112 -16.93 -72.73 -40.61
C GLY IA 112 -16.95 -71.21 -40.48
N GLU IA 113 -17.46 -70.48 -41.48
CA GLU IA 113 -17.64 -69.03 -41.39
C GLU IA 113 -18.66 -68.62 -40.31
N ALA IA 114 -19.69 -69.44 -40.07
CA ALA IA 114 -20.59 -69.31 -38.93
C ALA IA 114 -19.95 -69.73 -37.58
N GLY IA 115 -18.76 -70.34 -37.59
CA GLY IA 115 -18.00 -70.72 -36.41
C GLY IA 115 -18.53 -71.95 -35.67
N ILE IA 116 -19.33 -72.80 -36.34
CA ILE IA 116 -19.95 -73.98 -35.71
C ILE IA 116 -18.85 -75.00 -35.33
N SER IA 117 -19.00 -75.67 -34.18
CA SER IA 117 -18.01 -76.66 -33.72
C SER IA 117 -17.93 -77.88 -34.64
N ALA IA 118 -16.76 -78.49 -34.75
CA ALA IA 118 -16.53 -79.58 -35.70
C ALA IA 118 -17.44 -80.78 -35.47
N GLU IA 119 -17.62 -81.23 -34.23
CA GLU IA 119 -18.55 -82.33 -33.93
C GLU IA 119 -19.97 -81.95 -34.36
N GLU IA 120 -20.44 -80.73 -34.07
CA GLU IA 120 -21.79 -80.32 -34.50
C GLU IA 120 -21.91 -80.31 -36.03
N ILE IA 121 -20.91 -79.83 -36.76
CA ILE IA 121 -20.93 -79.91 -38.23
C ILE IA 121 -21.06 -81.37 -38.65
N ILE IA 122 -20.18 -82.24 -38.16
CA ILE IA 122 -20.15 -83.63 -38.60
C ILE IA 122 -21.41 -84.39 -38.19
N GLU IA 123 -21.95 -84.12 -37.00
CA GLU IA 123 -23.21 -84.73 -36.57
C GLU IA 123 -24.38 -84.23 -37.40
N LEU IA 124 -24.44 -82.94 -37.75
CA LEU IA 124 -25.47 -82.44 -38.68
C LEU IA 124 -25.32 -83.10 -40.05
N LEU IA 125 -24.10 -83.24 -40.56
CA LEU IA 125 -23.87 -83.96 -41.81
C LEU IA 125 -24.30 -85.42 -41.70
N THR IA 126 -23.94 -86.12 -40.62
CA THR IA 126 -24.36 -87.50 -40.38
C THR IA 126 -25.88 -87.61 -40.32
N ALA IA 127 -26.53 -86.75 -39.55
CA ALA IA 127 -27.98 -86.75 -39.44
C ALA IA 127 -28.65 -86.49 -40.80
N ALA IA 128 -28.17 -85.52 -41.58
CA ALA IA 128 -28.69 -85.25 -42.91
C ALA IA 128 -28.53 -86.46 -43.84
N ARG IA 129 -27.38 -87.13 -43.79
CA ARG IA 129 -27.10 -88.35 -44.54
C ARG IA 129 -28.03 -89.49 -44.15
N ASP IA 130 -28.23 -89.71 -42.85
CA ASP IA 130 -29.15 -90.75 -42.35
C ASP IA 130 -30.63 -90.46 -42.60
N LEU IA 131 -31.04 -89.17 -42.64
CA LEU IA 131 -32.38 -88.74 -43.01
C LEU IA 131 -32.64 -88.78 -44.53
N GLY IA 132 -31.59 -88.78 -45.36
CA GLY IA 132 -31.70 -88.65 -46.82
C GLY IA 132 -31.94 -87.21 -47.29
N LEU IA 133 -31.58 -86.22 -46.47
CA LEU IA 133 -31.55 -84.81 -46.85
C LEU IA 133 -30.37 -84.51 -47.81
N ASP IA 134 -30.28 -83.28 -48.30
CA ASP IA 134 -29.43 -82.89 -49.44
C ASP IA 134 -28.64 -81.60 -49.18
N PRO IA 135 -27.66 -81.24 -50.04
CA PRO IA 135 -26.86 -80.03 -49.85
C PRO IA 135 -27.67 -78.74 -49.72
N ASP IA 136 -28.84 -78.63 -50.37
CA ASP IA 136 -29.72 -77.47 -50.17
C ASP IA 136 -30.29 -77.44 -48.74
N ALA IA 137 -30.75 -78.58 -48.20
CA ALA IA 137 -31.16 -78.67 -46.81
C ALA IA 137 -30.00 -78.37 -45.85
N ILE IA 138 -28.79 -78.86 -46.14
CA ILE IA 138 -27.60 -78.56 -45.35
C ILE IA 138 -27.27 -77.05 -45.43
N GLN IA 139 -27.36 -76.43 -46.60
CA GLN IA 139 -27.14 -74.98 -46.75
C GLN IA 139 -28.21 -74.17 -46.02
N ALA IA 140 -29.46 -74.62 -46.01
CA ALA IA 140 -30.48 -74.00 -45.17
C ALA IA 140 -30.15 -74.19 -43.68
N ALA IA 141 -29.60 -75.35 -43.26
CA ALA IA 141 -29.12 -75.52 -41.90
C ALA IA 141 -27.96 -74.57 -41.58
N ALA IA 142 -27.08 -74.27 -42.54
CA ALA IA 142 -26.09 -73.21 -42.37
C ALA IA 142 -26.74 -71.83 -42.17
N GLN IA 143 -27.85 -71.54 -42.85
CA GLN IA 143 -28.63 -70.33 -42.57
C GLN IA 143 -29.29 -70.37 -41.18
N LEU IA 144 -29.75 -71.52 -40.68
CA LEU IA 144 -30.17 -71.64 -39.26
C LEU IA 144 -29.00 -71.32 -38.31
N GLY IA 145 -27.78 -71.68 -38.72
CA GLY IA 145 -26.54 -71.26 -38.05
C GLY IA 145 -26.31 -69.75 -38.09
N GLU IA 146 -26.59 -69.08 -39.22
CA GLU IA 146 -26.56 -67.62 -39.32
C GLU IA 146 -27.63 -66.96 -38.44
N ALA IA 147 -28.79 -67.62 -38.28
CA ALA IA 147 -29.83 -67.24 -37.30
C ALA IA 147 -29.45 -67.59 -35.84
N GLY IA 148 -28.31 -68.26 -35.61
CA GLY IA 148 -27.79 -68.60 -34.28
C GLY IA 148 -28.54 -69.74 -33.57
N ILE IA 149 -29.35 -70.50 -34.30
CA ILE IA 149 -30.19 -71.58 -33.74
C ILE IA 149 -29.30 -72.75 -33.29
N SER IA 150 -29.57 -73.33 -32.12
CA SER IA 150 -28.74 -74.41 -31.55
C SER IA 150 -28.86 -75.71 -32.34
N SER IA 151 -27.83 -76.56 -32.28
CA SER IA 151 -27.78 -77.80 -33.07
C SER IA 151 -28.92 -78.77 -32.75
N GLU IA 152 -29.35 -78.89 -31.50
CA GLU IA 152 -30.54 -79.68 -31.14
C GLU IA 152 -31.81 -79.09 -31.78
N GLU IA 153 -31.96 -77.77 -31.76
CA GLU IA 153 -33.11 -77.11 -32.39
C GLU IA 153 -33.07 -77.22 -33.91
N ILE IA 154 -31.89 -77.17 -34.54
CA ILE IA 154 -31.72 -77.50 -35.95
C ILE IA 154 -32.20 -78.93 -36.18
N LYS IA 155 -31.78 -79.91 -35.37
CA LYS IA 155 -32.22 -81.29 -35.53
C LYS IA 155 -33.75 -81.45 -35.36
N GLU IA 156 -34.37 -80.73 -34.43
CA GLU IA 156 -35.83 -80.68 -34.36
C GLU IA 156 -36.44 -80.06 -35.63
N LEU IA 157 -35.92 -78.93 -36.12
CA LEU IA 157 -36.45 -78.27 -37.31
C LEU IA 157 -36.28 -79.14 -38.56
N LEU IA 158 -35.15 -79.83 -38.70
CA LEU IA 158 -34.94 -80.80 -39.77
C LEU IA 158 -35.87 -82.01 -39.61
N ARG IA 159 -36.02 -82.58 -38.41
CA ARG IA 159 -36.96 -83.69 -38.19
C ARG IA 159 -38.38 -83.28 -38.56
N ALA IA 160 -38.80 -82.10 -38.13
CA ALA IA 160 -40.09 -81.54 -38.51
C ALA IA 160 -40.19 -81.38 -40.03
N ALA IA 161 -39.24 -80.70 -40.68
CA ALA IA 161 -39.27 -80.49 -42.12
C ALA IA 161 -39.33 -81.81 -42.91
N HIS IA 162 -38.62 -82.84 -42.43
CA HIS IA 162 -38.65 -84.20 -42.99
C HIS IA 162 -40.02 -84.87 -42.83
N GLU IA 163 -40.53 -84.97 -41.59
CA GLU IA 163 -41.83 -85.58 -41.33
C GLU IA 163 -43.00 -84.83 -42.00
N LEU IA 164 -42.84 -83.52 -42.21
CA LEU IA 164 -43.84 -82.65 -42.86
C LEU IA 164 -43.61 -82.46 -44.36
N GLY IA 165 -42.55 -83.04 -44.93
CA GLY IA 165 -42.25 -82.98 -46.37
C GLY IA 165 -42.05 -81.57 -46.93
N LEU IA 166 -41.53 -80.65 -46.12
CA LEU IA 166 -41.30 -79.26 -46.51
C LEU IA 166 -40.06 -79.12 -47.42
N ASP IA 167 -40.08 -78.13 -48.32
CA ASP IA 167 -38.94 -77.80 -49.19
C ASP IA 167 -37.84 -77.02 -48.43
N PRO IA 168 -36.56 -77.05 -48.88
CA PRO IA 168 -35.48 -76.27 -48.27
C PRO IA 168 -35.78 -74.78 -48.12
N ASP IA 169 -36.54 -74.17 -49.03
CA ASP IA 169 -36.95 -72.77 -48.91
C ASP IA 169 -37.82 -72.51 -47.66
N CYS IA 170 -38.55 -73.51 -47.18
CA CYS IA 170 -39.25 -73.41 -45.89
C CYS IA 170 -38.26 -73.35 -44.73
N ILE IA 171 -37.16 -74.10 -44.81
CA ILE IA 171 -36.07 -74.04 -43.83
C ILE IA 171 -35.32 -72.70 -43.92
N ALA IA 172 -35.16 -72.15 -45.13
CA ALA IA 172 -34.63 -70.80 -45.32
C ALA IA 172 -35.55 -69.73 -44.69
N ALA IA 173 -36.87 -69.87 -44.85
CA ALA IA 173 -37.83 -69.01 -44.15
C ALA IA 173 -37.78 -69.22 -42.62
N ALA IA 174 -37.54 -70.44 -42.13
CA ALA IA 174 -37.34 -70.68 -40.70
C ALA IA 174 -36.12 -69.92 -40.16
N ALA IA 175 -35.04 -69.81 -40.93
CA ALA IA 175 -33.90 -68.96 -40.57
C ALA IA 175 -34.27 -67.46 -40.54
N ASP IA 176 -35.14 -66.98 -41.43
CA ASP IA 176 -35.66 -65.61 -41.36
C ASP IA 176 -36.54 -65.40 -40.11
N LEU IA 177 -37.38 -66.36 -39.72
CA LEU IA 177 -38.15 -66.29 -38.47
C LEU IA 177 -37.24 -66.35 -37.22
N GLY IA 178 -36.12 -67.07 -37.30
CA GLY IA 178 -35.09 -67.05 -36.26
C GLY IA 178 -34.42 -65.68 -36.12
N GLN IA 179 -34.11 -65.02 -37.24
CA GLN IA 179 -33.60 -63.63 -37.25
C GLN IA 179 -34.65 -62.60 -36.78
N ALA IA 180 -35.93 -62.86 -37.00
CA ALA IA 180 -37.05 -62.11 -36.42
C ALA IA 180 -37.24 -62.37 -34.90
N GLY IA 181 -36.52 -63.33 -34.31
CA GLY IA 181 -36.51 -63.61 -32.86
C GLY IA 181 -37.60 -64.58 -32.39
N ILE IA 182 -38.25 -65.31 -33.28
CA ILE IA 182 -39.31 -66.29 -32.93
C ILE IA 182 -38.68 -67.56 -32.31
N SER IA 183 -39.32 -68.16 -31.29
CA SER IA 183 -38.84 -69.41 -30.67
C SER IA 183 -38.98 -70.62 -31.60
N SER IA 184 -38.14 -71.64 -31.46
CA SER IA 184 -38.14 -72.83 -32.35
C SER IA 184 -39.48 -73.59 -32.35
N SER IA 185 -40.20 -73.66 -31.23
CA SER IA 185 -41.56 -74.19 -31.18
C SER IA 185 -42.52 -73.35 -32.03
N GLU IA 186 -42.48 -72.03 -31.88
CA GLU IA 186 -43.38 -71.12 -32.61
C GLU IA 186 -43.01 -71.07 -34.11
N ILE IA 187 -41.73 -71.12 -34.47
CA ILE IA 187 -41.30 -71.30 -35.86
C ILE IA 187 -41.96 -72.56 -36.42
N THR IA 188 -41.90 -73.67 -35.69
CA THR IA 188 -42.52 -74.93 -36.13
C THR IA 188 -44.03 -74.77 -36.30
N ALA IA 189 -44.71 -74.12 -35.36
CA ALA IA 189 -46.13 -73.82 -35.50
C ALA IA 189 -46.42 -72.96 -36.75
N LEU IA 190 -45.61 -71.94 -37.03
CA LEU IA 190 -45.79 -71.08 -38.19
C LEU IA 190 -45.51 -71.82 -39.50
N LEU IA 191 -44.49 -72.69 -39.53
CA LEU IA 191 -44.28 -73.61 -40.65
C LEU IA 191 -45.52 -74.49 -40.86
N LEU IA 192 -46.04 -75.11 -39.80
CA LEU IA 192 -47.22 -75.97 -39.88
C LEU IA 192 -48.44 -75.22 -40.41
N ALA IA 193 -48.77 -74.06 -39.84
CA ALA IA 193 -49.91 -73.27 -40.28
C ALA IA 193 -49.76 -72.82 -41.74
N ALA IA 194 -48.61 -72.26 -42.12
CA ALA IA 194 -48.36 -71.81 -43.48
C ALA IA 194 -48.48 -72.98 -44.48
N ALA IA 195 -47.90 -74.13 -44.17
CA ALA IA 195 -48.02 -75.33 -45.01
C ALA IA 195 -49.47 -75.78 -45.13
N ALA IA 196 -50.19 -75.91 -44.00
CA ALA IA 196 -51.59 -76.36 -44.01
C ALA IA 196 -52.47 -75.42 -44.83
N ILE IA 197 -52.28 -74.11 -44.69
CA ILE IA 197 -53.10 -73.11 -45.37
C ILE IA 197 -52.71 -72.99 -46.85
N GLU IA 198 -51.44 -73.16 -47.20
CA GLU IA 198 -51.04 -73.29 -48.59
C GLU IA 198 -51.65 -74.56 -49.22
N LEU IA 199 -51.57 -75.71 -48.54
CA LEU IA 199 -52.20 -76.96 -49.00
C LEU IA 199 -53.72 -76.81 -49.14
N ALA IA 200 -54.38 -76.12 -48.22
CA ALA IA 200 -55.82 -75.83 -48.27
C ALA IA 200 -56.22 -74.78 -49.34
N LYS IA 201 -55.25 -74.30 -50.14
CA LYS IA 201 -55.46 -73.53 -51.37
C LYS IA 201 -54.90 -74.22 -52.62
N ARG IA 202 -53.89 -75.10 -52.48
CA ARG IA 202 -53.45 -76.01 -53.56
C ARG IA 202 -54.53 -77.05 -53.86
N ALA IA 203 -55.02 -77.74 -52.84
CA ALA IA 203 -56.34 -78.35 -52.83
C ALA IA 203 -57.39 -77.29 -52.47
N ASP IA 204 -58.65 -77.52 -52.82
CA ASP IA 204 -59.75 -76.56 -52.61
C ASP IA 204 -60.89 -77.11 -51.72
N ASP IA 205 -60.69 -78.22 -51.03
CA ASP IA 205 -61.78 -78.92 -50.34
C ASP IA 205 -62.29 -78.13 -49.13
N LYS IA 206 -63.58 -77.81 -49.12
CA LYS IA 206 -64.23 -77.10 -48.02
C LYS IA 206 -64.20 -77.87 -46.70
N ASP IA 207 -64.17 -79.20 -46.73
CA ASP IA 207 -64.01 -79.99 -45.48
C ASP IA 207 -62.61 -79.78 -44.89
N VAL IA 208 -61.56 -79.80 -45.72
CA VAL IA 208 -60.20 -79.46 -45.28
C VAL IA 208 -60.15 -78.05 -44.74
N ARG IA 209 -60.80 -77.10 -45.42
CA ARG IA 209 -60.80 -75.69 -45.02
C ARG IA 209 -61.55 -75.48 -43.69
N GLU IA 210 -62.63 -76.22 -43.42
CA GLU IA 210 -63.25 -76.26 -42.10
C GLU IA 210 -62.34 -76.87 -41.02
N ILE IA 211 -61.72 -78.02 -41.31
CA ILE IA 211 -60.78 -78.69 -40.41
C ILE IA 211 -59.64 -77.74 -40.05
N VAL IA 212 -59.07 -77.05 -41.04
CA VAL IA 212 -58.06 -76.02 -40.82
C VAL IA 212 -58.58 -74.92 -39.90
N ARG IA 213 -59.77 -74.35 -40.12
CA ARG IA 213 -60.29 -73.32 -39.22
C ARG IA 213 -60.46 -73.85 -37.79
N ASP IA 214 -61.02 -75.03 -37.62
CA ASP IA 214 -61.14 -75.64 -36.29
C ASP IA 214 -59.78 -75.86 -35.62
N ALA IA 215 -58.79 -76.36 -36.36
CA ALA IA 215 -57.45 -76.58 -35.84
C ALA IA 215 -56.75 -75.26 -35.48
N LEU IA 216 -56.82 -74.26 -36.37
CA LEU IA 216 -56.22 -72.95 -36.13
C LEU IA 216 -56.92 -72.23 -34.98
N GLU IA 217 -58.23 -72.35 -34.85
CA GLU IA 217 -58.96 -71.83 -33.69
C GLU IA 217 -58.47 -72.51 -32.41
N LEU IA 218 -58.45 -73.84 -32.37
CA LEU IA 218 -57.97 -74.58 -31.21
C LEU IA 218 -56.54 -74.18 -30.83
N ALA IA 219 -55.65 -74.08 -31.82
CA ALA IA 219 -54.28 -73.62 -31.62
C ALA IA 219 -54.20 -72.15 -31.13
N SER IA 220 -55.10 -71.28 -31.60
CA SER IA 220 -55.16 -69.88 -31.15
C SER IA 220 -55.72 -69.75 -29.74
N ARG IA 221 -56.63 -70.64 -29.33
CA ARG IA 221 -57.24 -70.68 -27.98
C ARG IA 221 -56.35 -71.36 -26.94
N SER IA 222 -55.53 -72.34 -27.34
CA SER IA 222 -54.61 -73.06 -26.46
C SER IA 222 -53.37 -72.22 -26.08
N THR IA 223 -52.70 -72.58 -24.97
CA THR IA 223 -51.46 -71.93 -24.48
C THR IA 223 -50.29 -72.92 -24.35
N ASN IA 224 -50.41 -74.16 -24.84
CA ASN IA 224 -49.37 -75.19 -24.75
C ASN IA 224 -48.79 -75.52 -26.14
N ASP IA 225 -47.46 -75.39 -26.30
CA ASP IA 225 -46.83 -75.51 -27.63
C ASP IA 225 -46.94 -76.93 -28.22
N GLU IA 226 -46.88 -77.99 -27.42
CA GLU IA 226 -47.02 -79.36 -27.92
C GLU IA 226 -48.48 -79.66 -28.36
N VAL IA 227 -49.48 -79.18 -27.62
CA VAL IA 227 -50.88 -79.26 -28.08
C VAL IA 227 -51.06 -78.48 -29.38
N ILE IA 228 -50.44 -77.30 -29.49
CA ILE IA 228 -50.43 -76.52 -30.72
C ILE IA 228 -49.77 -77.29 -31.85
N ARG IA 229 -48.59 -77.90 -31.63
CA ARG IA 229 -47.98 -78.77 -32.65
C ARG IA 229 -48.92 -79.91 -33.03
N LEU IA 230 -49.53 -80.61 -32.08
CA LEU IA 230 -50.48 -81.69 -32.36
C LEU IA 230 -51.64 -81.23 -33.24
N ALA IA 231 -52.25 -80.08 -32.92
CA ALA IA 231 -53.34 -79.53 -33.71
C ALA IA 231 -52.87 -79.13 -35.13
N LEU IA 232 -51.76 -78.43 -35.26
CA LEU IA 232 -51.30 -77.91 -36.55
C LEU IA 232 -50.65 -79.01 -37.42
N GLU IA 233 -50.05 -80.02 -36.82
CA GLU IA 233 -49.61 -81.23 -37.52
C GLU IA 233 -50.82 -82.02 -38.04
N ALA IA 234 -51.86 -82.20 -37.23
CA ALA IA 234 -53.10 -82.81 -37.69
C ALA IA 234 -53.70 -82.03 -38.87
N ALA IA 235 -53.66 -80.68 -38.82
CA ALA IA 235 -54.08 -79.83 -39.93
C ALA IA 235 -53.26 -80.06 -41.20
N VAL IA 236 -51.92 -80.13 -41.11
CA VAL IA 236 -51.06 -80.47 -42.26
C VAL IA 236 -51.38 -81.87 -42.79
N LEU IA 237 -51.53 -82.87 -41.92
CA LEU IA 237 -51.81 -84.24 -42.32
C LEU IA 237 -53.17 -84.36 -43.01
N ALA IA 238 -54.21 -83.72 -42.48
CA ALA IA 238 -55.51 -83.63 -43.15
C ALA IA 238 -55.40 -82.93 -44.51
N ALA IA 239 -54.63 -81.85 -44.63
CA ALA IA 239 -54.45 -81.12 -45.88
C ALA IA 239 -53.55 -81.84 -46.90
N ARG IA 240 -52.63 -82.71 -46.46
CA ARG IA 240 -51.88 -83.64 -47.32
C ARG IA 240 -52.73 -84.85 -47.73
N SER IA 241 -53.66 -85.28 -46.89
CA SER IA 241 -54.57 -86.40 -47.17
C SER IA 241 -55.61 -86.07 -48.24
N THR IA 242 -56.18 -87.11 -48.83
CA THR IA 242 -57.35 -87.08 -49.74
C THR IA 242 -58.42 -88.10 -49.34
N ASP IA 243 -58.35 -88.64 -48.12
CA ASP IA 243 -59.23 -89.72 -47.65
C ASP IA 243 -60.27 -89.20 -46.66
N SER IA 244 -61.55 -89.36 -47.01
CA SER IA 244 -62.68 -88.93 -46.19
C SER IA 244 -62.70 -89.55 -44.79
N ASP IA 245 -62.20 -90.78 -44.60
CA ASP IA 245 -62.10 -91.35 -43.26
C ASP IA 245 -61.10 -90.58 -42.40
N VAL IA 246 -59.93 -90.21 -42.96
CA VAL IA 246 -58.95 -89.39 -42.26
C VAL IA 246 -59.52 -88.00 -41.97
N LEU IA 247 -60.22 -87.39 -42.93
CA LEU IA 247 -60.89 -86.12 -42.69
C LEU IA 247 -61.95 -86.24 -41.58
N GLU IA 248 -62.83 -87.24 -41.61
CA GLU IA 248 -63.82 -87.45 -40.54
C GLU IA 248 -63.17 -87.71 -39.18
N ILE IA 249 -62.09 -88.49 -39.12
CA ILE IA 249 -61.35 -88.74 -37.89
C ILE IA 249 -60.77 -87.44 -37.31
N VAL IA 250 -60.09 -86.63 -38.13
CA VAL IA 250 -59.55 -85.34 -37.67
C VAL IA 250 -60.68 -84.37 -37.28
N LYS IA 251 -61.76 -84.31 -38.05
CA LYS IA 251 -62.91 -83.45 -37.77
C LYS IA 251 -63.61 -83.84 -36.47
N ASP IA 252 -63.81 -85.14 -36.22
CA ASP IA 252 -64.32 -85.64 -34.94
C ASP IA 252 -63.36 -85.36 -33.78
N ALA IA 253 -62.05 -85.54 -33.96
CA ALA IA 253 -61.07 -85.22 -32.92
C ALA IA 253 -61.07 -83.73 -32.56
N LEU IA 254 -61.17 -82.84 -33.55
CA LEU IA 254 -61.27 -81.40 -33.32
C LEU IA 254 -62.63 -81.02 -32.71
N GLU IA 255 -63.72 -81.65 -33.13
CA GLU IA 255 -65.03 -81.46 -32.52
C GLU IA 255 -65.00 -81.85 -31.04
N LEU IA 256 -64.45 -83.02 -30.72
CA LEU IA 256 -64.23 -83.45 -29.34
C LEU IA 256 -63.36 -82.44 -28.57
N ALA IA 257 -62.25 -81.98 -29.15
CA ALA IA 257 -61.38 -80.96 -28.54
C ALA IA 257 -62.05 -79.58 -28.37
N LYS IA 258 -63.14 -79.30 -29.10
CA LYS IA 258 -63.99 -78.12 -28.90
C LYS IA 258 -65.16 -78.38 -27.93
N GLN IA 259 -65.62 -79.62 -27.80
CA GLN IA 259 -66.65 -80.03 -26.83
C GLN IA 259 -66.11 -80.21 -25.39
N SER IA 260 -64.90 -80.74 -25.21
CA SER IA 260 -64.25 -80.89 -23.90
C SER IA 260 -62.85 -80.27 -23.89
N THR IA 261 -62.56 -79.46 -22.89
CA THR IA 261 -61.30 -78.71 -22.74
C THR IA 261 -60.17 -79.52 -22.07
N ASN IA 262 -60.42 -80.77 -21.68
CA ASN IA 262 -59.45 -81.61 -20.96
C ASN IA 262 -58.19 -81.88 -21.80
N GLU IA 263 -57.01 -81.47 -21.32
CA GLU IA 263 -55.75 -81.57 -22.05
C GLU IA 263 -55.40 -83.00 -22.47
N GLU IA 264 -55.63 -83.97 -21.59
CA GLU IA 264 -55.31 -85.37 -21.88
C GLU IA 264 -56.29 -85.95 -22.91
N VAL IA 265 -57.58 -85.62 -22.85
CA VAL IA 265 -58.53 -85.97 -23.93
C VAL IA 265 -58.08 -85.34 -25.24
N ILE IA 266 -57.70 -84.05 -25.24
CA ILE IA 266 -57.24 -83.34 -26.43
C ILE IA 266 -56.00 -84.03 -27.01
N LYS IA 267 -54.98 -84.32 -26.18
CA LYS IA 267 -53.79 -85.04 -26.66
C LYS IA 267 -54.12 -86.46 -27.12
N LEU IA 268 -54.97 -87.20 -26.41
CA LEU IA 268 -55.39 -88.54 -26.84
C LEU IA 268 -56.07 -88.50 -28.21
N ALA IA 269 -57.03 -87.58 -28.40
CA ALA IA 269 -57.76 -87.46 -29.66
C ALA IA 269 -56.83 -87.02 -30.81
N LEU IA 270 -56.01 -85.99 -30.60
CA LEU IA 270 -55.07 -85.52 -31.63
C LEU IA 270 -53.99 -86.57 -31.94
N LYS IA 271 -53.38 -87.22 -30.95
CA LYS IA 271 -52.37 -88.27 -31.17
C LYS IA 271 -52.97 -89.47 -31.92
N ALA IA 272 -54.16 -89.93 -31.54
CA ALA IA 272 -54.88 -90.97 -32.28
C ALA IA 272 -55.12 -90.54 -33.74
N ALA IA 273 -55.64 -89.34 -33.98
CA ALA IA 273 -55.88 -88.85 -35.32
C ALA IA 273 -54.59 -88.70 -36.15
N VAL IA 274 -53.51 -88.20 -35.56
CA VAL IA 274 -52.20 -88.06 -36.22
C VAL IA 274 -51.62 -89.42 -36.60
N LEU IA 275 -51.62 -90.40 -35.69
CA LEU IA 275 -51.12 -91.74 -35.98
C LEU IA 275 -52.02 -92.48 -36.99
N ALA IA 276 -53.34 -92.29 -36.91
CA ALA IA 276 -54.26 -92.78 -37.92
C ALA IA 276 -53.97 -92.17 -39.30
N ALA IA 277 -53.69 -90.86 -39.37
CA ALA IA 277 -53.35 -90.18 -40.62
C ALA IA 277 -51.98 -90.60 -41.19
N LYS IA 278 -50.98 -90.90 -40.35
CA LYS IA 278 -49.67 -91.42 -40.78
C LYS IA 278 -49.73 -92.90 -41.20
N SER IA 279 -50.63 -93.69 -40.62
CA SER IA 279 -50.80 -95.13 -40.91
C SER IA 279 -51.52 -95.40 -42.24
N THR IA 280 -51.20 -96.54 -42.86
CA THR IA 280 -51.87 -97.04 -44.07
C THR IA 280 -53.02 -98.03 -43.75
N ASP IA 281 -53.09 -98.56 -42.53
CA ASP IA 281 -53.97 -99.70 -42.22
C ASP IA 281 -55.46 -99.31 -42.07
N GLU IA 282 -56.30 -99.81 -42.99
CA GLU IA 282 -57.75 -99.56 -43.04
C GLU IA 282 -58.49 -100.12 -41.81
N GLU IA 283 -58.00 -101.20 -41.19
CA GLU IA 283 -58.60 -101.74 -39.95
C GLU IA 283 -58.39 -100.80 -38.77
N VAL IA 284 -57.21 -100.17 -38.67
CA VAL IA 284 -56.91 -99.16 -37.64
C VAL IA 284 -57.77 -97.91 -37.86
N LEU IA 285 -57.90 -97.44 -39.12
CA LEU IA 285 -58.77 -96.32 -39.46
C LEU IA 285 -60.23 -96.60 -39.08
N GLU IA 286 -60.76 -97.79 -39.40
CA GLU IA 286 -62.12 -98.18 -39.00
C GLU IA 286 -62.28 -98.23 -37.48
N GLU IA 287 -61.40 -98.92 -36.75
CA GLU IA 287 -61.48 -99.00 -35.30
C GLU IA 287 -61.33 -97.63 -34.63
N VAL IA 288 -60.43 -96.76 -35.10
CA VAL IA 288 -60.29 -95.40 -34.56
C VAL IA 288 -61.56 -94.59 -34.81
N LYS IA 289 -62.17 -94.67 -36.00
CA LYS IA 289 -63.41 -93.94 -36.27
C LYS IA 289 -64.57 -94.48 -35.43
N GLU IA 290 -64.68 -95.80 -35.27
CA GLU IA 290 -65.67 -96.39 -34.35
C GLU IA 290 -65.39 -96.04 -32.88
N ALA IA 291 -64.14 -95.98 -32.45
CA ALA IA 291 -63.80 -95.51 -31.11
C ALA IA 291 -64.22 -94.05 -30.89
N LEU IA 292 -64.01 -93.18 -31.88
CA LEU IA 292 -64.54 -91.82 -31.85
C LEU IA 292 -66.08 -91.82 -31.85
N ARG IA 293 -66.74 -92.74 -32.57
CA ARG IA 293 -68.20 -92.91 -32.51
C ARG IA 293 -68.66 -93.24 -31.08
N ARG IA 294 -68.03 -94.22 -30.44
CA ARG IA 294 -68.27 -94.59 -29.04
C ARG IA 294 -68.06 -93.39 -28.11
N ALA IA 295 -66.97 -92.65 -28.31
CA ALA IA 295 -66.64 -91.46 -27.52
C ALA IA 295 -67.72 -90.38 -27.63
N LYS IA 296 -68.17 -90.05 -28.86
CA LYS IA 296 -69.24 -89.06 -29.08
C LYS IA 296 -70.59 -89.53 -28.51
N GLU IA 297 -70.88 -90.82 -28.57
CA GLU IA 297 -72.10 -91.38 -27.97
C GLU IA 297 -72.06 -91.41 -26.43
N SER IA 298 -70.88 -91.43 -25.82
CA SER IA 298 -70.70 -91.43 -24.37
C SER IA 298 -70.94 -90.05 -23.73
N THR IA 299 -71.19 -90.04 -22.42
CA THR IA 299 -71.21 -88.85 -21.56
C THR IA 299 -70.19 -88.92 -20.42
N ASP IA 300 -69.26 -89.89 -20.44
CA ASP IA 300 -68.23 -90.08 -19.41
C ASP IA 300 -66.82 -89.86 -19.97
N GLU IA 301 -66.08 -88.90 -19.42
CA GLU IA 301 -64.70 -88.62 -19.84
C GLU IA 301 -63.78 -89.84 -19.62
N GLU IA 302 -64.06 -90.71 -18.65
CA GLU IA 302 -63.27 -91.94 -18.45
C GLU IA 302 -63.46 -92.95 -19.59
N GLU IA 303 -64.68 -93.14 -20.09
CA GLU IA 303 -64.90 -94.00 -21.25
C GLU IA 303 -64.23 -93.40 -22.50
N ILE IA 304 -64.36 -92.08 -22.70
CA ILE IA 304 -63.71 -91.37 -23.81
C ILE IA 304 -62.19 -91.54 -23.75
N LYS IA 305 -61.57 -91.32 -22.59
CA LYS IA 305 -60.13 -91.51 -22.41
C LYS IA 305 -59.73 -92.97 -22.67
N GLU IA 306 -60.43 -93.96 -22.11
CA GLU IA 306 -60.04 -95.36 -22.30
C GLU IA 306 -60.24 -95.87 -23.74
N GLU IA 307 -61.34 -95.50 -24.41
CA GLU IA 307 -61.55 -95.88 -25.82
C GLU IA 307 -60.49 -95.27 -26.76
N LEU IA 308 -59.96 -94.08 -26.45
CA LEU IA 308 -58.80 -93.55 -27.16
C LEU IA 308 -57.47 -94.18 -26.70
N ARG IA 309 -57.24 -94.33 -25.38
CA ARG IA 309 -55.98 -94.84 -24.82
C ARG IA 309 -55.66 -96.26 -25.32
N LYS IA 310 -56.67 -97.12 -25.43
CA LYS IA 310 -56.53 -98.49 -25.97
C LYS IA 310 -55.99 -98.52 -27.41
N ALA IA 311 -56.25 -97.50 -28.22
CA ALA IA 311 -55.59 -97.33 -29.52
C ALA IA 311 -54.22 -96.66 -29.38
N VAL IA 312 -54.12 -95.57 -28.61
CA VAL IA 312 -52.91 -94.74 -28.53
C VAL IA 312 -51.70 -95.48 -27.94
N GLU IA 313 -51.88 -96.36 -26.95
CA GLU IA 313 -50.76 -97.17 -26.41
C GLU IA 313 -50.30 -98.29 -27.36
N GLU IA 314 -51.15 -98.74 -28.29
CA GLU IA 314 -50.80 -99.77 -29.28
C GLU IA 314 -50.14 -99.16 -30.54
N ALA IA 315 -50.52 -97.94 -30.92
CA ALA IA 315 -50.04 -97.28 -32.15
C ALA IA 315 -48.62 -96.67 -32.03
N GLU IA 316 -48.08 -96.49 -30.81
CA GLU IA 316 -46.76 -95.89 -30.53
C GLU IA 316 -45.56 -96.81 -30.86
N CYS JA 3 -92.42 -30.88 13.18
CA CYS JA 3 -91.14 -30.14 12.97
C CYS JA 3 -89.92 -31.06 12.90
N ASP JA 4 -89.65 -31.90 13.91
CA ASP JA 4 -88.36 -32.57 14.10
C ASP JA 4 -87.89 -33.43 12.91
N ALA JA 5 -88.79 -33.92 12.05
CA ALA JA 5 -88.41 -34.66 10.85
C ALA JA 5 -87.44 -33.88 9.92
N ILE JA 6 -87.44 -32.54 9.97
CA ILE JA 6 -86.52 -31.69 9.19
C ILE JA 6 -85.06 -31.84 9.67
N GLN JA 7 -84.84 -32.16 10.95
CA GLN JA 7 -83.48 -32.26 11.51
C GLN JA 7 -82.64 -33.34 10.82
N ALA JA 8 -83.26 -34.45 10.39
CA ALA JA 8 -82.58 -35.46 9.59
C ALA JA 8 -82.08 -34.90 8.25
N ALA JA 9 -82.91 -34.12 7.54
CA ALA JA 9 -82.51 -33.47 6.31
C ALA JA 9 -81.40 -32.43 6.56
N ALA JA 10 -81.44 -31.70 7.66
CA ALA JA 10 -80.38 -30.77 8.05
C ALA JA 10 -79.05 -31.51 8.27
N ALA JA 11 -79.06 -32.62 9.00
CA ALA JA 11 -77.85 -33.43 9.20
C ALA JA 11 -77.30 -33.99 7.88
N LEU JA 12 -78.16 -34.51 6.98
CA LEU JA 12 -77.73 -35.00 5.66
C LEU JA 12 -77.22 -33.86 4.76
N GLY JA 13 -77.78 -32.65 4.87
CA GLY JA 13 -77.30 -31.46 4.19
C GLY JA 13 -75.92 -31.01 4.70
N GLU JA 14 -75.69 -31.07 6.01
CA GLU JA 14 -74.36 -30.82 6.61
C GLU JA 14 -73.33 -31.90 6.24
N ALA JA 15 -73.76 -33.16 6.04
CA ALA JA 15 -72.96 -34.22 5.45
C ALA JA 15 -72.73 -34.05 3.93
N GLY JA 16 -73.36 -33.07 3.29
CA GLY JA 16 -73.18 -32.76 1.86
C GLY JA 16 -73.96 -33.65 0.89
N ILE JA 17 -74.99 -34.38 1.36
CA ILE JA 17 -75.81 -35.23 0.49
C ILE JA 17 -76.68 -34.35 -0.44
N SER JA 18 -76.75 -34.69 -1.73
CA SER JA 18 -77.55 -33.92 -2.70
C SER JA 18 -79.06 -34.04 -2.45
N SER JA 19 -79.84 -33.02 -2.81
CA SER JA 19 -81.28 -32.97 -2.47
C SER JA 19 -82.10 -34.14 -3.02
N ASN JA 20 -81.86 -34.60 -4.25
CA ASN JA 20 -82.52 -35.80 -4.78
C ASN JA 20 -82.10 -37.08 -4.04
N GLU JA 21 -80.87 -37.16 -3.53
CA GLU JA 21 -80.44 -38.29 -2.68
C GLU JA 21 -81.05 -38.21 -1.27
N ILE JA 22 -81.21 -37.01 -0.69
CA ILE JA 22 -81.95 -36.86 0.58
C ILE JA 22 -83.39 -37.33 0.39
N LEU JA 23 -84.05 -36.93 -0.72
CA LEU JA 23 -85.39 -37.39 -1.05
C LEU JA 23 -85.42 -38.92 -1.27
N GLU JA 24 -84.43 -39.50 -1.95
CA GLU JA 24 -84.37 -40.96 -2.11
C GLU JA 24 -84.21 -41.67 -0.76
N LEU JA 25 -83.32 -41.18 0.11
CA LEU JA 25 -83.15 -41.72 1.46
C LEU JA 25 -84.43 -41.57 2.27
N LEU JA 26 -85.14 -40.45 2.16
CA LEU JA 26 -86.46 -40.29 2.76
C LEU JA 26 -87.49 -41.26 2.15
N ALA JA 27 -87.43 -41.56 0.84
CA ALA JA 27 -88.32 -42.54 0.22
C ALA JA 27 -88.11 -43.93 0.84
N ALA JA 28 -86.87 -44.34 1.03
CA ALA JA 28 -86.56 -45.57 1.73
C ALA JA 28 -87.01 -45.50 3.20
N ALA JA 29 -86.67 -44.43 3.92
CA ALA JA 29 -87.00 -44.30 5.33
C ALA JA 29 -88.51 -44.39 5.59
N ALA JA 30 -89.32 -43.82 4.70
CA ALA JA 30 -90.77 -43.92 4.73
C ALA JA 30 -91.25 -45.35 4.45
N GLU JA 31 -90.80 -45.98 3.36
CA GLU JA 31 -91.21 -47.34 3.00
C GLU JA 31 -90.81 -48.38 4.06
N LEU JA 32 -89.60 -48.24 4.60
CA LEU JA 32 -89.07 -49.09 5.66
C LEU JA 32 -89.57 -48.67 7.06
N GLY JA 33 -90.39 -47.62 7.16
CA GLY JA 33 -91.06 -47.22 8.41
C GLY JA 33 -90.12 -46.81 9.54
N LEU JA 34 -88.97 -46.22 9.23
CA LEU JA 34 -87.90 -45.95 10.19
C LEU JA 34 -88.24 -44.82 11.17
N ASP JA 35 -87.86 -44.99 12.44
CA ASP JA 35 -87.95 -43.96 13.47
C ASP JA 35 -86.84 -42.89 13.32
N PRO JA 36 -86.96 -41.69 13.92
CA PRO JA 36 -86.05 -40.59 13.65
C PRO JA 36 -84.65 -40.79 14.24
N ASP JA 37 -84.48 -41.59 15.29
CA ASP JA 37 -83.15 -41.88 15.84
C ASP JA 37 -82.42 -42.94 14.99
N ALA JA 38 -83.15 -43.91 14.43
CA ALA JA 38 -82.60 -44.80 13.40
C ALA JA 38 -82.19 -44.01 12.14
N ILE JA 39 -83.00 -43.05 11.71
CA ILE JA 39 -82.63 -42.14 10.61
C ILE JA 39 -81.44 -41.26 11.01
N GLN JA 40 -81.33 -40.81 12.26
CA GLN JA 40 -80.17 -40.06 12.72
C GLN JA 40 -78.90 -40.93 12.67
N ALA JA 41 -78.98 -42.22 13.03
CA ALA JA 41 -77.86 -43.14 12.84
C ALA JA 41 -77.49 -43.28 11.35
N ALA JA 42 -78.46 -43.32 10.44
CA ALA JA 42 -78.21 -43.30 9.00
C ALA JA 42 -77.50 -41.99 8.57
N ALA JA 43 -77.92 -40.85 9.11
CA ALA JA 43 -77.23 -39.58 8.88
C ALA JA 43 -75.79 -39.59 9.43
N GLN JA 44 -75.56 -40.19 10.60
CA GLN JA 44 -74.22 -40.36 11.17
C GLN JA 44 -73.31 -41.27 10.33
N LEU JA 45 -73.85 -42.31 9.68
CA LEU JA 45 -73.11 -43.07 8.67
C LEU JA 45 -72.74 -42.19 7.45
N GLY JA 46 -73.63 -41.29 7.04
CA GLY JA 46 -73.33 -40.26 6.04
C GLY JA 46 -72.20 -39.31 6.46
N GLU JA 47 -72.18 -38.85 7.71
CA GLU JA 47 -71.07 -38.07 8.27
C GLU JA 47 -69.76 -38.89 8.35
N ALA JA 48 -69.84 -40.20 8.57
CA ALA JA 48 -68.72 -41.14 8.44
C ALA JA 48 -68.31 -41.42 6.97
N GLY JA 49 -68.96 -40.77 5.99
CA GLY JA 49 -68.62 -40.86 4.57
C GLY JA 49 -69.19 -42.07 3.84
N ILE JA 50 -70.10 -42.83 4.45
CA ILE JA 50 -70.78 -43.95 3.79
C ILE JA 50 -71.71 -43.41 2.69
N SER JA 51 -71.59 -43.92 1.45
CA SER JA 51 -72.29 -43.35 0.30
C SER JA 51 -73.78 -43.73 0.24
N SER JA 52 -74.56 -42.94 -0.49
CA SER JA 52 -76.03 -42.99 -0.45
C SER JA 52 -76.60 -44.40 -0.71
N GLU JA 53 -76.19 -45.10 -1.76
CA GLU JA 53 -76.73 -46.43 -2.03
C GLU JA 53 -76.24 -47.49 -1.03
N GLU JA 54 -75.06 -47.29 -0.41
CA GLU JA 54 -74.67 -48.13 0.73
C GLU JA 54 -75.63 -47.93 1.90
N ILE JA 55 -76.00 -46.68 2.20
CA ILE JA 55 -77.01 -46.42 3.23
C ILE JA 55 -78.32 -47.11 2.84
N LYS JA 56 -78.75 -47.02 1.57
CA LYS JA 56 -79.97 -47.69 1.12
C LYS JA 56 -79.91 -49.20 1.34
N GLU JA 57 -78.79 -49.85 1.02
CA GLU JA 57 -78.59 -51.25 1.34
C GLU JA 57 -78.57 -51.50 2.87
N LEU JA 58 -77.90 -50.67 3.65
CA LEU JA 58 -77.86 -50.80 5.12
C LEU JA 58 -79.25 -50.74 5.72
N LEU JA 59 -80.06 -49.79 5.26
CA LEU JA 59 -81.44 -49.68 5.69
C LEU JA 59 -82.29 -50.87 5.21
N ARG JA 60 -82.12 -51.32 3.95
CA ARG JA 60 -82.81 -52.51 3.45
C ARG JA 60 -82.50 -53.71 4.33
N ALA JA 61 -81.22 -53.97 4.59
CA ALA JA 61 -80.81 -55.08 5.42
C ALA JA 61 -81.39 -54.96 6.83
N ALA JA 62 -81.29 -53.79 7.45
CA ALA JA 62 -81.84 -53.57 8.77
C ALA JA 62 -83.33 -53.91 8.82
N HIS JA 63 -84.11 -53.52 7.81
CA HIS JA 63 -85.52 -53.89 7.71
C HIS JA 63 -85.72 -55.39 7.47
N GLU JA 64 -85.07 -55.97 6.46
CA GLU JA 64 -85.31 -57.36 6.07
C GLU JA 64 -84.81 -58.39 7.09
N LEU JA 65 -83.80 -58.03 7.88
CA LEU JA 65 -83.39 -58.78 9.08
C LEU JA 65 -84.22 -58.41 10.31
N GLY JA 66 -84.83 -57.23 10.34
CA GLY JA 66 -85.53 -56.72 11.52
C GLY JA 66 -84.58 -56.33 12.64
N LEU JA 67 -83.45 -55.70 12.31
CA LEU JA 67 -82.55 -55.12 13.29
C LEU JA 67 -83.28 -54.03 14.09
N ASP JA 68 -83.16 -54.07 15.41
CA ASP JA 68 -83.77 -53.09 16.29
C ASP JA 68 -83.02 -51.73 16.25
N PRO JA 69 -83.61 -50.64 16.78
CA PRO JA 69 -82.99 -49.31 16.74
C PRO JA 69 -81.60 -49.23 17.36
N ASP JA 70 -81.30 -50.01 18.41
CA ASP JA 70 -79.97 -49.98 19.03
C ASP JA 70 -78.97 -50.76 18.19
N ALA JA 71 -79.38 -51.86 17.55
CA ALA JA 71 -78.56 -52.52 16.54
C ALA JA 71 -78.27 -51.59 15.34
N ILE JA 72 -79.26 -50.80 14.92
CA ILE JA 72 -79.04 -49.75 13.92
C ILE JA 72 -78.07 -48.68 14.46
N ALA JA 73 -78.20 -48.26 15.71
CA ALA JA 73 -77.26 -47.29 16.31
C ALA JA 73 -75.82 -47.85 16.35
N ALA JA 74 -75.66 -49.13 16.66
CA ALA JA 74 -74.35 -49.79 16.65
C ALA JA 74 -73.69 -49.77 15.26
N ALA JA 75 -74.47 -49.70 14.17
CA ALA JA 75 -73.91 -49.51 12.83
C ALA JA 75 -73.16 -48.17 12.73
N ALA JA 76 -73.74 -47.08 13.25
CA ALA JA 76 -73.06 -45.78 13.29
C ALA JA 76 -71.81 -45.82 14.20
N ASP JA 77 -71.84 -46.53 15.32
CA ASP JA 77 -70.65 -46.71 16.17
C ASP JA 77 -69.54 -47.49 15.45
N LEU JA 78 -69.87 -48.57 14.75
CA LEU JA 78 -68.92 -49.28 13.88
C LEU JA 78 -68.41 -48.40 12.74
N GLY JA 79 -69.26 -47.50 12.21
CA GLY JA 79 -68.86 -46.50 11.22
C GLY JA 79 -67.86 -45.47 11.76
N GLN JA 80 -68.07 -44.98 12.98
CA GLN JA 80 -67.09 -44.15 13.68
C GLN JA 80 -65.79 -44.91 13.99
N ALA JA 81 -65.87 -46.20 14.29
CA ALA JA 81 -64.71 -47.08 14.41
C ALA JA 81 -64.00 -47.36 13.07
N GLY JA 82 -64.59 -46.98 11.93
CA GLY JA 82 -63.99 -47.13 10.59
C GLY JA 82 -64.15 -48.52 9.96
N VAL JA 83 -65.06 -49.36 10.48
CA VAL JA 83 -65.34 -50.69 9.92
C VAL JA 83 -66.03 -50.55 8.55
N SER JA 84 -65.71 -51.40 7.57
CA SER JA 84 -66.29 -51.30 6.23
C SER JA 84 -67.78 -51.62 6.21
N PRO JA 85 -68.54 -51.01 5.31
CA PRO JA 85 -70.01 -51.08 5.33
C PRO JA 85 -70.51 -52.53 5.21
N VAL JA 86 -69.92 -53.32 4.32
CA VAL JA 86 -70.26 -54.73 4.19
C VAL JA 86 -69.87 -55.53 5.43
N GLU JA 87 -68.75 -55.21 6.10
CA GLU JA 87 -68.45 -55.85 7.38
C GLU JA 87 -69.46 -55.45 8.45
N ILE JA 88 -69.91 -54.20 8.49
CA ILE JA 88 -70.98 -53.80 9.39
C ILE JA 88 -72.21 -54.67 9.15
N LEU JA 89 -72.63 -54.80 7.88
CA LEU JA 89 -73.77 -55.63 7.50
C LEU JA 89 -73.62 -57.04 8.05
N ALA JA 90 -72.51 -57.68 7.72
CA ALA JA 90 -72.35 -59.07 8.09
C ALA JA 90 -72.12 -59.25 9.59
N LEU JA 91 -71.44 -58.33 10.27
CA LEU JA 91 -71.30 -58.40 11.72
C LEU JA 91 -72.66 -58.36 12.39
N LEU JA 92 -73.51 -57.42 11.99
CA LEU JA 92 -74.85 -57.33 12.54
C LEU JA 92 -75.67 -58.57 12.16
N ILE JA 93 -75.60 -59.02 10.91
CA ILE JA 93 -76.34 -60.21 10.49
C ILE JA 93 -75.92 -61.44 11.26
N ALA JA 94 -74.62 -61.62 11.49
CA ALA JA 94 -74.11 -62.70 12.30
C ALA JA 94 -74.65 -62.61 13.73
N ALA JA 95 -74.62 -61.43 14.35
CA ALA JA 95 -75.16 -61.26 15.69
C ALA JA 95 -76.65 -61.63 15.76
N SER JA 96 -77.43 -61.20 14.77
CA SER JA 96 -78.84 -61.56 14.63
C SER JA 96 -79.05 -63.07 14.46
N VAL JA 97 -78.28 -63.73 13.60
CA VAL JA 97 -78.40 -65.17 13.38
C VAL JA 97 -77.92 -65.98 14.60
N LEU JA 98 -76.95 -65.49 15.35
CA LEU JA 98 -76.56 -66.03 16.65
C LEU JA 98 -77.61 -65.76 17.74
N GLY JA 99 -78.58 -64.89 17.50
CA GLY JA 99 -79.61 -64.51 18.47
C GLY JA 99 -79.10 -63.59 19.59
N LEU JA 100 -78.03 -62.84 19.35
CA LEU JA 100 -77.44 -61.92 20.32
C LEU JA 100 -78.36 -60.72 20.62
N ASP JA 101 -78.24 -60.20 21.84
CA ASP JA 101 -79.02 -59.04 22.32
C ASP JA 101 -78.30 -57.69 22.07
N PRO JA 102 -78.97 -56.54 22.24
CA PRO JA 102 -78.38 -55.23 22.00
C PRO JA 102 -77.10 -54.96 22.79
N ASP JA 103 -77.01 -55.44 24.04
CA ASP JA 103 -75.79 -55.28 24.85
C ASP JA 103 -74.61 -56.06 24.23
N ALA JA 104 -74.83 -57.30 23.80
CA ALA JA 104 -73.82 -58.07 23.08
C ALA JA 104 -73.44 -57.42 21.75
N ILE JA 105 -74.40 -56.86 21.01
CA ILE JA 105 -74.11 -56.09 19.79
C ILE JA 105 -73.29 -54.84 20.13
N GLN JA 106 -73.61 -54.12 21.20
CA GLN JA 106 -72.83 -52.97 21.62
C GLN JA 106 -71.40 -53.37 22.02
N ALA JA 107 -71.22 -54.51 22.69
CA ALA JA 107 -69.90 -55.06 22.96
C ALA JA 107 -69.16 -55.43 21.66
N ALA JA 108 -69.86 -55.88 20.60
CA ALA JA 108 -69.25 -56.08 19.30
C ALA JA 108 -68.80 -54.75 18.67
N ALA JA 109 -69.58 -53.67 18.82
CA ALA JA 109 -69.13 -52.33 18.45
C ALA JA 109 -67.90 -51.89 19.26
N ALA JA 110 -67.86 -52.21 20.56
CA ALA JA 110 -66.70 -51.93 21.41
C ALA JA 110 -65.44 -52.69 20.95
N LEU JA 111 -65.56 -53.96 20.54
CA LEU JA 111 -64.44 -54.69 19.91
C LEU JA 111 -64.00 -54.02 18.59
N GLY JA 112 -64.93 -53.42 17.85
CA GLY JA 112 -64.64 -52.58 16.70
C GLY JA 112 -63.83 -51.32 17.07
N GLU JA 113 -64.23 -50.61 18.13
CA GLU JA 113 -63.48 -49.46 18.66
C GLU JA 113 -62.09 -49.85 19.20
N ALA JA 114 -61.95 -51.06 19.74
CA ALA JA 114 -60.65 -51.67 20.09
C ALA JA 114 -59.83 -52.14 18.87
N GLY JA 115 -60.40 -52.11 17.66
CA GLY JA 115 -59.71 -52.42 16.41
C GLY JA 115 -59.59 -53.91 16.09
N ILE JA 116 -60.33 -54.77 16.78
CA ILE JA 116 -60.30 -56.23 16.56
C ILE JA 116 -60.80 -56.56 15.15
N SER JA 117 -60.16 -57.49 14.43
CA SER JA 117 -60.58 -57.83 13.06
C SER JA 117 -61.96 -58.50 13.04
N ALA JA 118 -62.71 -58.34 11.95
CA ALA JA 118 -64.09 -58.83 11.88
C ALA JA 118 -64.18 -60.34 12.06
N GLU JA 119 -63.29 -61.14 11.46
CA GLU JA 119 -63.26 -62.58 11.69
C GLU JA 119 -62.98 -62.92 13.16
N GLU JA 120 -62.07 -62.20 13.82
CA GLU JA 120 -61.80 -62.43 15.24
C GLU JA 120 -62.99 -62.04 16.12
N ILE JA 121 -63.70 -60.95 15.82
CA ILE JA 121 -64.96 -60.63 16.51
C ILE JA 121 -65.95 -61.78 16.33
N ILE JA 122 -66.14 -62.23 15.10
CA ILE JA 122 -67.08 -63.31 14.80
C ILE JA 122 -66.70 -64.59 15.56
N GLU JA 123 -65.44 -64.99 15.54
CA GLU JA 123 -64.96 -66.16 16.26
C GLU JA 123 -65.09 -65.99 17.77
N LEU JA 124 -64.82 -64.80 18.32
CA LEU JA 124 -65.03 -64.51 19.75
C LEU JA 124 -66.51 -64.64 20.11
N LEU JA 125 -67.40 -64.06 19.32
CA LEU JA 125 -68.83 -64.20 19.54
C LEU JA 125 -69.28 -65.67 19.39
N THR JA 126 -68.75 -66.39 18.40
CA THR JA 126 -69.03 -67.82 18.22
C THR JA 126 -68.60 -68.60 19.46
N ALA JA 127 -67.38 -68.38 19.93
CA ALA JA 127 -66.89 -69.04 21.14
C ALA JA 127 -67.75 -68.69 22.36
N ALA JA 128 -68.10 -67.42 22.56
CA ALA JA 128 -68.95 -67.01 23.68
C ALA JA 128 -70.33 -67.70 23.62
N ARG JA 129 -70.92 -67.79 22.44
CA ARG JA 129 -72.19 -68.47 22.19
C ARG JA 129 -72.09 -69.98 22.49
N ASP JA 130 -71.06 -70.65 22.00
CA ASP JA 130 -70.85 -72.08 22.27
C ASP JA 130 -70.51 -72.38 23.75
N LEU JA 131 -69.78 -71.49 24.43
CA LEU JA 131 -69.48 -71.61 25.87
C LEU JA 131 -70.67 -71.22 26.77
N GLY JA 132 -71.70 -70.58 26.23
CA GLY JA 132 -72.85 -70.08 27.02
C GLY JA 132 -72.50 -68.87 27.91
N LEU JA 133 -71.47 -68.10 27.53
CA LEU JA 133 -71.07 -66.88 28.24
C LEU JA 133 -72.11 -65.76 28.07
N ASP JA 134 -72.22 -64.89 29.06
CA ASP JA 134 -73.17 -63.78 29.08
C ASP JA 134 -72.57 -62.47 28.53
N PRO JA 135 -73.39 -61.45 28.24
CA PRO JA 135 -72.89 -60.17 27.73
C PRO JA 135 -71.86 -59.50 28.64
N ASP JA 136 -71.90 -59.71 29.95
CA ASP JA 136 -70.87 -59.21 30.86
C ASP JA 136 -69.52 -59.91 30.60
N ALA JA 137 -69.51 -61.22 30.41
CA ALA JA 137 -68.29 -61.92 30.00
C ALA JA 137 -67.78 -61.47 28.62
N ILE JA 138 -68.67 -61.19 27.66
CA ILE JA 138 -68.26 -60.59 26.38
C ILE JA 138 -67.69 -59.18 26.60
N GLN JA 139 -68.29 -58.35 27.45
CA GLN JA 139 -67.77 -57.02 27.80
C GLN JA 139 -66.39 -57.11 28.45
N ALA JA 140 -66.15 -58.12 29.30
CA ALA JA 140 -64.83 -58.39 29.84
C ALA JA 140 -63.84 -58.90 28.78
N ALA JA 141 -64.29 -59.70 27.80
CA ALA JA 141 -63.47 -60.06 26.64
C ALA JA 141 -63.06 -58.82 25.84
N ALA JA 142 -63.95 -57.84 25.67
CA ALA JA 142 -63.60 -56.56 25.07
C ALA JA 142 -62.55 -55.80 25.90
N GLN JA 143 -62.62 -55.85 27.23
CA GLN JA 143 -61.54 -55.30 28.08
C GLN JA 143 -60.21 -56.03 27.90
N LEU JA 144 -60.19 -57.37 27.69
CA LEU JA 144 -58.96 -58.06 27.31
C LEU JA 144 -58.43 -57.55 25.96
N GLY JA 145 -59.32 -57.23 25.02
CA GLY JA 145 -58.96 -56.56 23.78
C GLY JA 145 -58.35 -55.18 24.00
N GLU JA 146 -58.92 -54.35 24.89
CA GLU JA 146 -58.36 -53.06 25.27
C GLU JA 146 -56.98 -53.21 25.94
N ALA JA 147 -56.79 -54.26 26.75
CA ALA JA 147 -55.49 -54.63 27.32
C ALA JA 147 -54.50 -55.19 26.26
N GLY JA 148 -54.91 -55.34 25.01
CA GLY JA 148 -54.06 -55.77 23.90
C GLY JA 148 -53.78 -57.28 23.84
N ILE JA 149 -54.54 -58.09 24.57
CA ILE JA 149 -54.36 -59.55 24.60
C ILE JA 149 -54.68 -60.15 23.23
N SER JA 150 -53.85 -61.09 22.74
CA SER JA 150 -54.08 -61.74 21.44
C SER JA 150 -55.35 -62.59 21.45
N SER JA 151 -56.04 -62.74 20.31
CA SER JA 151 -57.34 -63.41 20.27
C SER JA 151 -57.31 -64.87 20.77
N GLU JA 152 -56.25 -65.61 20.47
CA GLU JA 152 -56.04 -66.95 21.04
C GLU JA 152 -55.90 -66.89 22.58
N GLU JA 153 -55.15 -65.91 23.11
CA GLU JA 153 -54.99 -65.76 24.56
C GLU JA 153 -56.28 -65.28 25.23
N ILE JA 154 -57.11 -64.48 24.56
CA ILE JA 154 -58.46 -64.20 25.02
C ILE JA 154 -59.23 -65.51 25.12
N LYS JA 155 -59.23 -66.33 24.06
CA LYS JA 155 -59.94 -67.61 24.07
C LYS JA 155 -59.41 -68.56 25.16
N GLU JA 156 -58.11 -68.57 25.40
CA GLU JA 156 -57.52 -69.34 26.51
C GLU JA 156 -57.95 -68.80 27.88
N LEU JA 157 -57.93 -67.48 28.09
CA LEU JA 157 -58.38 -66.89 29.35
C LEU JA 157 -59.88 -67.11 29.59
N LEU JA 158 -60.69 -67.01 28.54
CA LEU JA 158 -62.11 -67.37 28.60
C LEU JA 158 -62.29 -68.86 28.89
N ARG JA 159 -61.51 -69.74 28.26
CA ARG JA 159 -61.57 -71.18 28.54
C ARG JA 159 -61.20 -71.47 29.99
N ALA JA 160 -60.11 -70.87 30.48
CA ALA JA 160 -59.72 -70.99 31.88
C ALA JA 160 -60.83 -70.48 32.80
N ALA JA 161 -61.37 -69.29 32.56
CA ALA JA 161 -62.44 -68.73 33.38
C ALA JA 161 -63.69 -69.62 33.39
N HIS JA 162 -64.07 -70.19 32.25
CA HIS JA 162 -65.20 -71.11 32.12
C HIS JA 162 -64.96 -72.44 32.86
N GLU JA 163 -63.78 -73.03 32.72
CA GLU JA 163 -63.42 -74.25 33.44
C GLU JA 163 -63.36 -74.03 34.97
N LEU JA 164 -62.84 -72.88 35.40
CA LEU JA 164 -62.63 -72.53 36.80
C LEU JA 164 -63.84 -71.87 37.47
N GLY JA 165 -64.84 -71.40 36.72
CA GLY JA 165 -65.98 -70.66 37.28
C GLY JA 165 -65.61 -69.27 37.83
N LEU JA 166 -64.59 -68.62 37.25
CA LEU JA 166 -64.25 -67.23 37.56
C LEU JA 166 -65.30 -66.27 36.99
N ASP JA 167 -65.52 -65.12 37.64
CA ASP JA 167 -66.51 -64.13 37.23
C ASP JA 167 -65.93 -63.03 36.29
N PRO JA 168 -66.78 -62.26 35.59
CA PRO JA 168 -66.32 -61.17 34.72
C PRO JA 168 -65.45 -60.12 35.40
N ASP JA 169 -65.61 -59.87 36.71
CA ASP JA 169 -64.72 -58.96 37.45
C ASP JA 169 -63.31 -59.56 37.61
N CYS JA 170 -63.17 -60.86 37.80
CA CYS JA 170 -61.87 -61.53 37.72
C CYS JA 170 -61.26 -61.38 36.31
N ILE JA 171 -62.07 -61.46 35.26
CA ILE JA 171 -61.60 -61.23 33.88
C ILE JA 171 -61.19 -59.76 33.68
N ALA JA 172 -61.91 -58.80 34.28
CA ALA JA 172 -61.50 -57.40 34.27
C ALA JA 172 -60.16 -57.19 34.99
N ALA JA 173 -59.94 -57.85 36.13
CA ALA JA 173 -58.65 -57.85 36.79
C ALA JA 173 -57.55 -58.53 35.95
N ALA JA 174 -57.88 -59.60 35.21
CA ALA JA 174 -56.95 -60.21 34.26
C ALA JA 174 -56.53 -59.23 33.15
N ALA JA 175 -57.46 -58.43 32.63
CA ALA JA 175 -57.15 -57.36 31.69
C ALA JA 175 -56.18 -56.34 32.31
N ASP JA 176 -56.39 -55.94 33.58
CA ASP JA 176 -55.45 -55.04 34.27
C ASP JA 176 -54.08 -55.67 34.53
N LEU JA 177 -53.98 -56.98 34.79
CA LEU JA 177 -52.68 -57.68 34.81
C LEU JA 177 -52.03 -57.67 33.42
N GLY JA 178 -52.82 -57.69 32.35
CA GLY JA 178 -52.36 -57.43 30.98
C GLY JA 178 -51.85 -55.99 30.78
N GLN JA 179 -52.55 -54.99 31.32
CA GLN JA 179 -52.08 -53.59 31.32
C GLN JA 179 -50.77 -53.43 32.12
N ALA JA 180 -50.59 -54.20 33.21
CA ALA JA 180 -49.34 -54.32 33.94
C ALA JA 180 -48.24 -55.16 33.21
N GLY JA 181 -48.55 -55.76 32.06
CA GLY JA 181 -47.60 -56.50 31.22
C GLY JA 181 -47.29 -57.93 31.67
N ILE JA 182 -48.11 -58.51 32.55
CA ILE JA 182 -47.93 -59.90 33.01
C ILE JA 182 -48.23 -60.88 31.86
N SER JA 183 -47.45 -61.98 31.72
CA SER JA 183 -47.67 -63.00 30.69
C SER JA 183 -48.95 -63.81 30.94
N SER JA 184 -49.61 -64.33 29.91
CA SER JA 184 -50.90 -65.03 30.05
C SER JA 184 -50.84 -66.28 30.95
N SER JA 185 -49.71 -67.00 30.98
CA SER JA 185 -49.49 -68.09 31.93
C SER JA 185 -49.46 -67.57 33.37
N GLU JA 186 -48.69 -66.52 33.64
CA GLU JA 186 -48.58 -65.92 34.97
C GLU JA 186 -49.89 -65.24 35.41
N ILE JA 187 -50.64 -64.61 34.51
CA ILE JA 187 -52.00 -64.13 34.78
C ILE JA 187 -52.84 -65.31 35.29
N THR JA 188 -52.83 -66.43 34.58
CA THR JA 188 -53.59 -67.62 34.96
C THR JA 188 -53.18 -68.13 36.35
N ALA JA 189 -51.88 -68.20 36.64
CA ALA JA 189 -51.42 -68.56 37.97
C ALA JA 189 -51.92 -67.58 39.05
N LEU JA 190 -51.81 -66.26 38.82
CA LEU JA 190 -52.24 -65.25 39.78
C LEU JA 190 -53.76 -65.28 40.00
N LEU JA 191 -54.55 -65.51 38.94
CA LEU JA 191 -55.98 -65.74 39.07
C LEU JA 191 -56.26 -66.97 39.94
N LEU JA 192 -55.61 -68.10 39.67
CA LEU JA 192 -55.80 -69.33 40.44
C LEU JA 192 -55.44 -69.13 41.92
N ALA JA 193 -54.28 -68.52 42.20
CA ALA JA 193 -53.83 -68.28 43.57
C ALA JA 193 -54.77 -67.34 44.34
N ALA JA 194 -55.12 -66.19 43.75
CA ALA JA 194 -56.01 -65.23 44.37
C ALA JA 194 -57.38 -65.86 44.64
N ALA JA 195 -57.94 -66.61 43.69
CA ALA JA 195 -59.22 -67.30 43.87
C ALA JA 195 -59.14 -68.35 45.00
N ALA JA 196 -58.12 -69.21 45.02
CA ALA JA 196 -57.97 -70.22 46.06
C ALA JA 196 -57.92 -69.57 47.45
N ILE JA 197 -57.15 -68.49 47.59
CA ILE JA 197 -56.96 -67.81 48.87
C ILE JA 197 -58.21 -67.01 49.27
N GLU JA 198 -58.89 -66.36 48.33
CA GLU JA 198 -60.14 -65.66 48.60
C GLU JA 198 -61.24 -66.66 49.06
N LEU JA 199 -61.36 -67.80 48.38
CA LEU JA 199 -62.24 -68.90 48.79
C LEU JA 199 -61.86 -69.43 50.17
N ALA JA 200 -60.57 -69.62 50.43
CA ALA JA 200 -60.03 -70.02 51.74
C ALA JA 200 -60.17 -68.95 52.84
N LYS JA 201 -60.80 -67.80 52.56
CA LYS JA 201 -61.21 -66.78 53.55
C LYS JA 201 -62.73 -66.60 53.62
N ARG JA 202 -63.48 -67.12 52.65
CA ARG JA 202 -64.93 -67.36 52.78
C ARG JA 202 -65.17 -68.61 53.62
N ALA JA 203 -64.46 -69.70 53.31
CA ALA JA 203 -64.19 -70.79 54.25
C ALA JA 203 -63.18 -70.35 55.33
N ASP JA 204 -63.04 -71.14 56.39
CA ASP JA 204 -62.16 -70.84 57.54
C ASP JA 204 -61.43 -72.09 58.09
N ASP JA 205 -61.43 -73.20 57.35
CA ASP JA 205 -60.94 -74.49 57.82
C ASP JA 205 -59.40 -74.56 57.94
N LYS JA 206 -58.91 -75.02 59.09
CA LYS JA 206 -57.49 -75.31 59.34
C LYS JA 206 -56.88 -76.26 58.30
N ASP JA 207 -57.62 -77.24 57.80
CA ASP JA 207 -57.11 -78.15 56.78
C ASP JA 207 -57.00 -77.45 55.42
N VAL JA 208 -57.91 -76.53 55.09
CA VAL JA 208 -57.78 -75.67 53.91
C VAL JA 208 -56.58 -74.74 54.07
N ARG JA 209 -56.37 -74.17 55.26
CA ARG JA 209 -55.20 -73.36 55.59
C ARG JA 209 -53.89 -74.11 55.30
N GLU JA 210 -53.77 -75.36 55.74
CA GLU JA 210 -52.62 -76.22 55.43
C GLU JA 210 -52.50 -76.54 53.94
N ILE JA 211 -53.56 -77.03 53.32
CA ILE JA 211 -53.53 -77.52 51.93
C ILE JA 211 -53.22 -76.38 50.96
N VAL JA 212 -53.88 -75.22 51.09
CA VAL JA 212 -53.62 -74.07 50.23
C VAL JA 212 -52.19 -73.60 50.39
N ARG JA 213 -51.69 -73.46 51.62
CA ARG JA 213 -50.28 -73.10 51.87
C ARG JA 213 -49.32 -74.09 51.22
N ASP JA 214 -49.51 -75.39 51.43
CA ASP JA 214 -48.64 -76.40 50.86
C ASP JA 214 -48.65 -76.39 49.34
N ALA JA 215 -49.81 -76.17 48.72
CA ALA JA 215 -49.91 -75.98 47.28
C ALA JA 215 -49.17 -74.71 46.82
N LEU JA 216 -49.35 -73.59 47.53
CA LEU JA 216 -48.68 -72.32 47.21
C LEU JA 216 -47.16 -72.45 47.38
N GLU JA 217 -46.69 -73.17 48.40
CA GLU JA 217 -45.27 -73.48 48.56
C GLU JA 217 -44.76 -74.31 47.39
N LEU JA 218 -45.42 -75.43 47.07
CA LEU JA 218 -45.05 -76.27 45.94
C LEU JA 218 -44.97 -75.46 44.65
N ALA JA 219 -45.98 -74.63 44.39
CA ALA JA 219 -46.01 -73.75 43.24
C ALA JA 219 -44.83 -72.77 43.23
N SER JA 220 -44.55 -72.11 44.34
CA SER JA 220 -43.45 -71.15 44.46
C SER JA 220 -42.07 -71.81 44.29
N ARG JA 221 -41.94 -73.08 44.73
CA ARG JA 221 -40.74 -73.92 44.56
C ARG JA 221 -40.63 -74.60 43.19
N SER JA 222 -41.65 -74.53 42.34
CA SER JA 222 -41.81 -75.43 41.18
C SER JA 222 -40.73 -75.28 40.10
N THR JA 223 -40.36 -76.40 39.49
CA THR JA 223 -39.53 -76.48 38.27
C THR JA 223 -40.32 -76.24 36.97
N ASN JA 224 -41.66 -76.28 37.00
CA ASN JA 224 -42.53 -76.29 35.82
C ASN JA 224 -43.88 -75.61 36.06
N ASP JA 225 -44.45 -74.94 35.04
CA ASP JA 225 -45.69 -74.17 35.22
C ASP JA 225 -46.98 -74.99 35.09
N GLU JA 226 -46.95 -76.19 34.51
CA GLU JA 226 -48.10 -77.10 34.53
C GLU JA 226 -48.32 -77.64 35.95
N VAL JA 227 -47.25 -77.93 36.68
CA VAL JA 227 -47.34 -78.21 38.12
C VAL JA 227 -47.96 -77.03 38.86
N ILE JA 228 -47.63 -75.79 38.50
CA ILE JA 228 -48.24 -74.61 39.11
C ILE JA 228 -49.74 -74.57 38.83
N ARG JA 229 -50.16 -74.74 37.57
CA ARG JA 229 -51.58 -74.82 37.23
C ARG JA 229 -52.28 -75.94 38.00
N LEU JA 230 -51.71 -77.15 38.01
CA LEU JA 230 -52.25 -78.29 38.74
C LEU JA 230 -52.40 -78.01 40.24
N ALA JA 231 -51.35 -77.52 40.89
CA ALA JA 231 -51.35 -77.25 42.32
C ALA JA 231 -52.35 -76.15 42.69
N LEU JA 232 -52.41 -75.05 41.94
CA LEU JA 232 -53.30 -73.94 42.25
C LEU JA 232 -54.76 -74.23 41.89
N GLU JA 233 -55.03 -75.02 40.84
CA GLU JA 233 -56.37 -75.55 40.60
C GLU JA 233 -56.79 -76.53 41.72
N ALA JA 234 -55.89 -77.41 42.17
CA ALA JA 234 -56.16 -78.26 43.32
C ALA JA 234 -56.44 -77.43 44.59
N ALA JA 235 -55.75 -76.30 44.79
CA ALA JA 235 -56.02 -75.37 45.88
C ALA JA 235 -57.43 -74.74 45.77
N VAL JA 236 -57.87 -74.34 44.57
CA VAL JA 236 -59.26 -73.90 44.34
C VAL JA 236 -60.26 -75.02 44.66
N LEU JA 237 -60.01 -76.24 44.16
CA LEU JA 237 -60.89 -77.39 44.39
C LEU JA 237 -60.97 -77.78 45.87
N ALA JA 238 -59.84 -77.77 46.58
CA ALA JA 238 -59.81 -78.02 48.02
C ALA JA 238 -60.52 -76.91 48.83
N ALA JA 239 -60.40 -75.64 48.42
CA ALA JA 239 -61.11 -74.54 49.06
C ALA JA 239 -62.64 -74.59 48.81
N ARG JA 240 -63.08 -75.18 47.69
CA ARG JA 240 -64.50 -75.43 47.38
C ARG JA 240 -65.08 -76.69 48.01
N SER JA 241 -64.33 -77.79 48.02
CA SER JA 241 -64.84 -79.09 48.46
C SER JA 241 -65.02 -79.18 49.97
N THR JA 242 -66.14 -79.76 50.40
CA THR JA 242 -66.40 -80.15 51.79
C THR JA 242 -65.92 -81.57 52.12
N ASP JA 243 -65.41 -82.32 51.14
CA ASP JA 243 -65.13 -83.74 51.29
C ASP JA 243 -63.74 -84.02 51.90
N SER JA 244 -63.73 -84.57 53.11
CA SER JA 244 -62.51 -84.99 53.79
C SER JA 244 -61.66 -85.97 52.98
N ASP JA 245 -62.25 -86.84 52.14
CA ASP JA 245 -61.47 -87.70 51.25
C ASP JA 245 -60.71 -86.88 50.21
N VAL JA 246 -61.31 -85.84 49.65
CA VAL JA 246 -60.61 -84.94 48.72
C VAL JA 246 -59.51 -84.19 49.46
N LEU JA 247 -59.77 -83.68 50.67
CA LEU JA 247 -58.73 -83.05 51.47
C LEU JA 247 -57.57 -84.02 51.77
N GLU JA 248 -57.85 -85.27 52.17
CA GLU JA 248 -56.82 -86.27 52.43
C GLU JA 248 -56.04 -86.63 51.17
N ILE JA 249 -56.71 -86.88 50.05
CA ILE JA 249 -56.08 -87.20 48.76
C ILE JA 249 -55.18 -86.04 48.31
N VAL JA 250 -55.65 -84.81 48.40
CA VAL JA 250 -54.85 -83.63 48.06
C VAL JA 250 -53.66 -83.50 49.01
N LYS JA 251 -53.86 -83.66 50.33
CA LYS JA 251 -52.75 -83.55 51.31
C LYS JA 251 -51.70 -84.64 51.10
N ASP JA 252 -52.10 -85.87 50.82
CA ASP JA 252 -51.17 -86.96 50.47
C ASP JA 252 -50.42 -86.66 49.16
N ALA JA 253 -51.09 -86.14 48.14
CA ALA JA 253 -50.43 -85.75 46.89
C ALA JA 253 -49.41 -84.62 47.10
N LEU JA 254 -49.76 -83.60 47.89
CA LEU JA 254 -48.83 -82.51 48.21
C LEU JA 254 -47.66 -83.01 49.07
N GLU JA 255 -47.91 -83.91 50.04
CA GLU JA 255 -46.85 -84.55 50.81
C GLU JA 255 -45.90 -85.31 49.90
N LEU JA 256 -46.42 -86.16 49.00
CA LEU JA 256 -45.61 -86.86 48.01
C LEU JA 256 -44.80 -85.87 47.14
N ALA JA 257 -45.40 -84.73 46.77
CA ALA JA 257 -44.72 -83.67 46.02
C ALA JA 257 -43.65 -82.89 46.84
N LYS JA 258 -43.68 -82.96 48.17
CA LYS JA 258 -42.55 -82.56 49.01
C LYS JA 258 -41.52 -83.68 49.19
N GLN JA 259 -41.96 -84.94 49.28
CA GLN JA 259 -41.08 -86.11 49.45
C GLN JA 259 -40.21 -86.42 48.22
N SER JA 260 -40.71 -86.22 47.00
CA SER JA 260 -39.95 -86.45 45.76
C SER JA 260 -40.08 -85.28 44.78
N THR JA 261 -38.98 -84.96 44.09
CA THR JA 261 -38.92 -83.90 43.05
C THR JA 261 -39.29 -84.42 41.64
N ASN JA 262 -39.70 -85.69 41.53
CA ASN JA 262 -40.09 -86.32 40.25
C ASN JA 262 -41.35 -85.66 39.64
N GLU JA 263 -41.18 -84.92 38.54
CA GLU JA 263 -42.28 -84.19 37.93
C GLU JA 263 -43.43 -85.09 37.45
N GLU JA 264 -43.15 -86.25 36.86
CA GLU JA 264 -44.23 -87.13 36.39
C GLU JA 264 -45.01 -87.74 37.54
N VAL JA 265 -44.35 -88.13 38.63
CA VAL JA 265 -45.05 -88.56 39.84
C VAL JA 265 -45.91 -87.41 40.35
N ILE JA 266 -45.37 -86.19 40.43
CA ILE JA 266 -46.13 -84.99 40.86
C ILE JA 266 -47.33 -84.74 39.95
N LYS JA 267 -47.12 -84.72 38.63
CA LYS JA 267 -48.15 -84.42 37.65
C LYS JA 267 -49.25 -85.49 37.68
N LEU JA 268 -48.89 -86.76 37.77
CA LEU JA 268 -49.86 -87.86 37.93
C LEU JA 268 -50.60 -87.76 39.27
N ALA JA 269 -49.91 -87.51 40.38
CA ALA JA 269 -50.55 -87.43 41.69
C ALA JA 269 -51.52 -86.24 41.78
N LEU JA 270 -51.12 -85.05 41.30
CA LEU JA 270 -52.02 -83.90 41.25
C LEU JA 270 -53.17 -84.10 40.27
N LYS JA 271 -52.95 -84.67 39.07
CA LYS JA 271 -54.04 -84.98 38.14
C LYS JA 271 -55.01 -86.00 38.73
N ALA JA 272 -54.53 -87.04 39.40
CA ALA JA 272 -55.37 -88.00 40.13
C ALA JA 272 -56.19 -87.32 41.24
N ALA JA 273 -55.58 -86.40 42.01
CA ALA JA 273 -56.31 -85.63 43.02
C ALA JA 273 -57.36 -84.68 42.40
N VAL JA 274 -57.06 -84.03 41.28
CA VAL JA 274 -58.03 -83.19 40.54
C VAL JA 274 -59.18 -84.05 40.01
N LEU JA 275 -58.88 -85.21 39.42
CA LEU JA 275 -59.90 -86.18 38.99
C LEU JA 275 -60.75 -86.65 40.18
N ALA JA 276 -60.14 -86.94 41.33
CA ALA JA 276 -60.87 -87.29 42.55
C ALA JA 276 -61.81 -86.16 43.01
N ALA JA 277 -61.34 -84.89 42.98
CA ALA JA 277 -62.16 -83.74 43.33
C ALA JA 277 -63.33 -83.49 42.35
N LYS JA 278 -63.15 -83.80 41.06
CA LYS JA 278 -64.18 -83.65 40.02
C LYS JA 278 -65.13 -84.86 39.88
N SER JA 279 -64.75 -86.04 40.36
CA SER JA 279 -65.52 -87.29 40.28
C SER JA 279 -66.74 -87.33 41.21
N THR JA 280 -67.65 -88.27 40.95
CA THR JA 280 -68.87 -88.51 41.75
C THR JA 280 -68.96 -89.92 42.34
N ASP JA 281 -67.92 -90.75 42.19
CA ASP JA 281 -67.88 -92.15 42.66
C ASP JA 281 -66.84 -92.38 43.76
N GLU JA 282 -67.29 -92.86 44.93
CA GLU JA 282 -66.45 -93.16 46.09
C GLU JA 282 -65.46 -94.32 45.84
N GLU JA 283 -65.75 -95.23 44.90
CA GLU JA 283 -64.81 -96.30 44.54
C GLU JA 283 -63.52 -95.75 43.90
N VAL JA 284 -63.62 -94.65 43.15
CA VAL JA 284 -62.45 -93.94 42.61
C VAL JA 284 -61.66 -93.29 43.74
N LEU JA 285 -62.32 -92.71 44.74
CA LEU JA 285 -61.64 -92.14 45.90
C LEU JA 285 -60.89 -93.21 46.69
N GLU JA 286 -61.50 -94.37 46.93
CA GLU JA 286 -60.84 -95.50 47.61
C GLU JA 286 -59.66 -96.03 46.80
N GLU JA 287 -59.81 -96.18 45.47
CA GLU JA 287 -58.72 -96.62 44.59
C GLU JA 287 -57.56 -95.60 44.58
N VAL JA 288 -57.85 -94.30 44.50
CA VAL JA 288 -56.83 -93.26 44.55
C VAL JA 288 -56.15 -93.21 45.92
N LYS JA 289 -56.90 -93.35 47.02
CA LYS JA 289 -56.32 -93.41 48.36
C LYS JA 289 -55.45 -94.66 48.54
N GLU JA 290 -55.86 -95.80 48.00
CA GLU JA 290 -55.01 -96.99 47.92
C GLU JA 290 -53.72 -96.71 47.13
N ALA JA 291 -53.81 -96.10 45.96
CA ALA JA 291 -52.62 -95.78 45.16
C ALA JA 291 -51.67 -94.84 45.93
N LEU JA 292 -52.20 -93.84 46.62
CA LEU JA 292 -51.39 -92.93 47.44
C LEU JA 292 -50.82 -93.63 48.70
N ARG JA 293 -51.56 -94.54 49.34
CA ARG JA 293 -51.01 -95.38 50.42
C ARG JA 293 -49.83 -96.20 49.92
N ARG JA 294 -50.02 -96.92 48.82
CA ARG JA 294 -48.97 -97.71 48.17
C ARG JA 294 -47.78 -96.84 47.77
N ALA JA 295 -48.02 -95.61 47.29
CA ALA JA 295 -46.95 -94.66 46.97
C ALA JA 295 -46.16 -94.17 48.19
N LYS JA 296 -46.78 -94.02 49.36
CA LYS JA 296 -46.08 -93.73 50.62
C LYS JA 296 -45.31 -94.94 51.16
N GLU JA 297 -45.83 -96.15 50.97
CA GLU JA 297 -45.19 -97.39 51.42
C GLU JA 297 -44.03 -97.85 50.52
N SER JA 298 -44.15 -97.73 49.20
CA SER JA 298 -43.17 -98.22 48.22
C SER JA 298 -41.99 -97.26 47.99
N THR JA 299 -40.84 -97.82 47.61
CA THR JA 299 -39.65 -97.06 47.16
C THR JA 299 -39.62 -96.87 45.62
N ASP JA 300 -40.29 -97.73 44.86
CA ASP JA 300 -40.14 -97.80 43.39
C ASP JA 300 -41.04 -96.80 42.64
N GLU JA 301 -40.46 -95.73 42.13
CA GLU JA 301 -41.22 -94.73 41.36
C GLU JA 301 -41.77 -95.27 40.03
N GLU JA 302 -41.26 -96.36 39.46
CA GLU JA 302 -41.88 -96.99 38.28
C GLU JA 302 -43.20 -97.69 38.65
N GLU JA 303 -43.27 -98.30 39.85
CA GLU JA 303 -44.52 -98.85 40.37
C GLU JA 303 -45.53 -97.73 40.66
N ILE JA 304 -45.08 -96.63 41.28
CA ILE JA 304 -45.92 -95.48 41.58
C ILE JA 304 -46.48 -94.85 40.30
N LYS JA 305 -45.62 -94.57 39.31
CA LYS JA 305 -46.04 -94.02 38.02
C LYS JA 305 -47.01 -94.97 37.31
N GLU JA 306 -46.78 -96.27 37.29
CA GLU JA 306 -47.70 -97.20 36.63
C GLU JA 306 -49.04 -97.34 37.37
N GLU JA 307 -49.07 -97.42 38.70
CA GLU JA 307 -50.35 -97.43 39.44
C GLU JA 307 -51.14 -96.14 39.22
N LEU JA 308 -50.50 -94.97 39.36
CA LEU JA 308 -51.18 -93.70 39.11
C LEU JA 308 -51.59 -93.55 37.63
N ARG JA 309 -50.78 -93.99 36.67
CA ARG JA 309 -51.15 -93.95 35.24
C ARG JA 309 -52.40 -94.81 34.99
N LYS JA 310 -52.47 -96.02 35.53
CA LYS JA 310 -53.66 -96.89 35.42
C LYS JA 310 -54.89 -96.27 36.08
N ALA JA 311 -54.74 -95.59 37.21
CA ALA JA 311 -55.86 -94.84 37.81
C ALA JA 311 -56.30 -93.65 36.94
N VAL JA 312 -55.36 -92.94 36.31
CA VAL JA 312 -55.64 -91.73 35.53
C VAL JA 312 -56.22 -92.05 34.14
N GLU JA 313 -55.59 -92.93 33.37
CA GLU JA 313 -55.80 -93.00 31.91
C GLU JA 313 -57.08 -93.75 31.45
N GLU JA 314 -57.92 -94.23 32.36
CA GLU JA 314 -59.29 -94.66 32.04
C GLU JA 314 -60.24 -93.45 31.85
N ALA JA 315 -59.90 -92.28 32.41
CA ALA JA 315 -60.79 -91.10 32.47
C ALA JA 315 -60.78 -90.20 31.20
N GLU JA 316 -59.88 -90.43 30.23
CA GLU JA 316 -59.62 -89.52 29.09
C GLU JA 316 -59.34 -90.23 27.75
N CYS KA 3 22.72 80.18 51.95
CA CYS KA 3 22.75 79.06 50.99
C CYS KA 3 21.38 78.43 50.78
N ASP KA 4 20.71 77.95 51.84
CA ASP KA 4 19.56 77.02 51.79
C ASP KA 4 18.44 77.35 50.77
N ALA KA 5 18.17 78.63 50.46
CA ALA KA 5 17.18 78.97 49.43
C ALA KA 5 17.54 78.38 48.04
N ILE KA 6 18.81 78.12 47.75
CA ILE KA 6 19.25 77.43 46.54
C ILE KA 6 18.84 75.96 46.58
N GLN KA 7 18.90 75.30 47.74
CA GLN KA 7 18.39 73.92 47.91
C GLN KA 7 16.86 73.87 47.82
N ALA KA 8 16.17 74.91 48.28
CA ALA KA 8 14.73 75.05 48.04
C ALA KA 8 14.42 75.21 46.54
N ALA KA 9 15.19 76.03 45.81
CA ALA KA 9 15.07 76.11 44.36
C ALA KA 9 15.35 74.75 43.69
N ALA KA 10 16.33 73.99 44.17
CA ALA KA 10 16.60 72.65 43.67
C ALA KA 10 15.40 71.70 43.90
N ALA KA 11 14.75 71.77 45.06
CA ALA KA 11 13.52 71.00 45.30
C ALA KA 11 12.39 71.38 44.31
N LEU KA 12 12.21 72.68 44.01
CA LEU KA 12 11.24 73.12 42.99
C LEU KA 12 11.63 72.65 41.57
N GLY KA 13 12.92 72.65 41.25
CA GLY KA 13 13.45 72.12 39.98
C GLY KA 13 13.25 70.61 39.86
N GLU KA 14 13.47 69.83 40.92
CA GLU KA 14 13.18 68.39 40.97
C GLU KA 14 11.67 68.10 40.90
N ALA KA 15 10.81 68.98 41.41
CA ALA KA 15 9.37 68.93 41.18
C ALA KA 15 8.96 69.30 39.73
N GLY KA 16 9.92 69.67 38.87
CA GLY KA 16 9.71 69.95 37.45
C GLY KA 16 9.29 71.39 37.12
N ILE KA 17 9.32 72.30 38.09
CA ILE KA 17 8.90 73.70 37.92
C ILE KA 17 9.98 74.47 37.13
N SER KA 18 9.59 75.27 36.14
CA SER KA 18 10.53 76.00 35.28
C SER KA 18 11.22 77.17 35.98
N SER KA 19 12.35 77.64 35.46
CA SER KA 19 13.09 78.75 36.06
C SER KA 19 12.28 80.06 36.17
N ASN KA 20 11.46 80.41 35.18
CA ASN KA 20 10.58 81.59 35.27
C ASN KA 20 9.50 81.42 36.36
N GLU KA 21 8.95 80.21 36.52
CA GLU KA 21 7.99 79.91 37.59
C GLU KA 21 8.65 79.92 38.98
N ILE KA 22 9.88 79.41 39.11
CA ILE KA 22 10.64 79.52 40.36
C ILE KA 22 10.87 81.00 40.68
N LEU KA 23 11.23 81.84 39.70
CA LEU KA 23 11.39 83.27 39.91
C LEU KA 23 10.07 83.93 40.34
N GLU KA 24 8.92 83.54 39.77
CA GLU KA 24 7.62 84.04 40.24
C GLU KA 24 7.31 83.58 41.68
N LEU KA 25 7.60 82.32 42.02
CA LEU KA 25 7.45 81.81 43.39
C LEU KA 25 8.39 82.53 44.37
N LEU KA 26 9.61 82.84 43.94
CA LEU KA 26 10.51 83.68 44.70
C LEU KA 26 10.00 85.12 44.80
N ALA KA 27 9.33 85.67 43.79
CA ALA KA 27 8.69 86.97 43.86
C ALA KA 27 7.59 86.98 44.94
N ALA KA 28 6.76 85.93 44.97
CA ALA KA 28 5.79 85.75 46.04
C ALA KA 28 6.51 85.61 47.40
N ALA KA 29 7.57 84.81 47.49
CA ALA KA 29 8.31 84.66 48.73
C ALA KA 29 8.86 86.00 49.24
N ALA KA 30 9.33 86.87 48.35
CA ALA KA 30 9.83 88.21 48.68
C ALA KA 30 8.71 89.17 49.11
N GLU KA 31 7.56 89.14 48.44
CA GLU KA 31 6.39 89.95 48.81
C GLU KA 31 5.83 89.53 50.18
N LEU KA 32 5.54 88.25 50.31
CA LEU KA 32 4.84 87.68 51.47
C LEU KA 32 5.80 87.45 52.65
N GLY KA 33 7.12 87.44 52.41
CA GLY KA 33 8.14 87.18 53.43
C GLY KA 33 8.20 85.71 53.86
N LEU KA 34 8.08 84.77 52.91
CA LEU KA 34 7.98 83.35 53.22
C LEU KA 34 9.26 82.77 53.84
N ASP KA 35 9.13 82.05 54.95
CA ASP KA 35 10.19 81.28 55.58
C ASP KA 35 10.53 79.98 54.82
N PRO KA 36 11.67 79.34 55.10
CA PRO KA 36 12.09 78.12 54.40
C PRO KA 36 11.10 76.95 54.54
N ASP KA 37 10.44 76.81 55.68
CA ASP KA 37 9.49 75.71 55.91
C ASP KA 37 8.18 75.91 55.11
N ALA KA 38 7.68 77.14 54.97
CA ALA KA 38 6.60 77.46 54.05
C ALA KA 38 6.99 77.20 52.58
N ILE KA 39 8.21 77.57 52.17
CA ILE KA 39 8.70 77.29 50.82
C ILE KA 39 8.87 75.77 50.60
N GLN KA 40 9.35 75.04 51.59
CA GLN KA 40 9.43 73.58 51.56
C GLN KA 40 8.03 72.95 51.45
N ALA KA 41 7.03 73.46 52.15
CA ALA KA 41 5.65 73.03 51.98
C ALA KA 41 5.15 73.30 50.54
N ALA KA 42 5.49 74.45 49.95
CA ALA KA 42 5.19 74.73 48.55
C ALA KA 42 5.86 73.71 47.60
N ALA KA 43 7.12 73.36 47.86
CA ALA KA 43 7.81 72.33 47.11
C ALA KA 43 7.13 70.95 47.27
N GLN KA 44 6.70 70.57 48.47
CA GLN KA 44 5.96 69.32 48.70
C GLN KA 44 4.58 69.32 48.04
N LEU KA 45 3.89 70.46 47.97
CA LEU KA 45 2.67 70.61 47.16
C LEU KA 45 2.96 70.43 45.66
N GLY KA 46 4.11 70.91 45.18
CA GLY KA 46 4.61 70.62 43.84
C GLY KA 46 4.88 69.13 43.61
N GLU KA 47 5.54 68.43 44.55
CA GLU KA 47 5.74 66.98 44.49
C GLU KA 47 4.41 66.20 44.52
N ALA KA 48 3.41 66.68 45.25
CA ALA KA 48 2.04 66.16 45.24
C ALA KA 48 1.27 66.44 43.92
N GLY KA 49 1.84 67.24 43.01
CA GLY KA 49 1.30 67.53 41.68
C GLY KA 49 0.39 68.76 41.60
N ILE KA 50 0.36 69.61 42.63
CA ILE KA 50 -0.38 70.89 42.59
C ILE KA 50 0.28 71.84 41.58
N SER KA 51 -0.49 72.51 40.72
CA SER KA 51 0.05 73.36 39.66
C SER KA 51 0.71 74.65 40.19
N SER KA 52 1.66 75.21 39.44
CA SER KA 52 2.42 76.40 39.85
C SER KA 52 1.51 77.60 40.12
N GLU KA 53 0.51 77.82 39.28
CA GLU KA 53 -0.46 78.90 39.48
C GLU KA 53 -1.28 78.69 40.78
N GLU KA 54 -1.73 77.46 41.04
CA GLU KA 54 -2.43 77.15 42.29
C GLU KA 54 -1.53 77.37 43.50
N ILE KA 55 -0.25 76.96 43.45
CA ILE KA 55 0.68 77.19 44.56
C ILE KA 55 0.80 78.69 44.83
N LYS KA 56 0.88 79.52 43.80
CA LYS KA 56 0.91 80.97 43.96
C LYS KA 56 -0.35 81.48 44.66
N GLU KA 57 -1.53 81.01 44.27
CA GLU KA 57 -2.75 81.36 44.99
C GLU KA 57 -2.74 80.81 46.43
N LEU KA 58 -2.29 79.57 46.65
CA LEU KA 58 -2.24 78.93 47.97
C LEU KA 58 -1.39 79.74 48.94
N LEU KA 59 -0.19 80.11 48.52
CA LEU KA 59 0.69 80.96 49.30
C LEU KA 59 0.05 82.32 49.54
N ARG KA 60 -0.52 82.96 48.50
CA ARG KA 60 -1.16 84.27 48.63
C ARG KA 60 -2.27 84.22 49.68
N ALA KA 61 -3.16 83.24 49.57
CA ALA KA 61 -4.25 83.05 50.51
C ALA KA 61 -3.71 82.77 51.91
N ALA KA 62 -2.72 81.88 52.07
CA ALA KA 62 -2.16 81.57 53.37
C ALA KA 62 -1.62 82.82 54.07
N HIS KA 63 -0.96 83.71 53.31
CA HIS KA 63 -0.47 84.97 53.85
C HIS KA 63 -1.59 85.98 54.15
N GLU KA 64 -2.56 86.14 53.26
CA GLU KA 64 -3.70 87.04 53.51
C GLU KA 64 -4.48 86.63 54.77
N LEU KA 65 -4.65 85.32 54.98
CA LEU KA 65 -5.22 84.79 56.21
C LEU KA 65 -4.26 84.94 57.41
N GLY KA 66 -2.96 84.94 57.16
CA GLY KA 66 -1.95 84.88 58.20
C GLY KA 66 -1.86 83.51 58.85
N LEU KA 67 -1.98 82.43 58.07
CA LEU KA 67 -1.74 81.09 58.55
C LEU KA 67 -0.32 80.96 59.10
N ASP KA 68 -0.16 80.32 60.24
CA ASP KA 68 1.16 80.08 60.82
C ASP KA 68 1.94 79.00 60.04
N PRO KA 69 3.27 78.90 60.21
CA PRO KA 69 4.09 77.94 59.48
C PRO KA 69 3.68 76.48 59.65
N ASP KA 70 3.16 76.08 60.82
CA ASP KA 70 2.77 74.69 61.05
C ASP KA 70 1.45 74.39 60.35
N ALA KA 71 0.52 75.35 60.29
CA ALA KA 71 -0.66 75.24 59.45
C ALA KA 71 -0.26 75.13 57.96
N ILE KA 72 0.73 75.92 57.52
CA ILE KA 72 1.26 75.81 56.16
C ILE KA 72 1.92 74.44 55.95
N ALA KA 73 2.64 73.90 56.92
CA ALA KA 73 3.19 72.54 56.84
C ALA KA 73 2.08 71.49 56.71
N ALA KA 74 1.00 71.62 57.48
CA ALA KA 74 -0.15 70.72 57.37
C ALA KA 74 -0.82 70.79 55.98
N ALA KA 75 -0.71 71.91 55.27
CA ALA KA 75 -1.20 72.01 53.89
C ALA KA 75 -0.52 70.98 52.98
N ALA KA 76 0.80 70.77 53.13
CA ALA KA 76 1.52 69.76 52.37
C ALA KA 76 1.09 68.33 52.75
N ASP KA 77 0.81 68.05 54.02
CA ASP KA 77 0.26 66.75 54.43
C ASP KA 77 -1.14 66.50 53.84
N LEU KA 78 -2.03 67.50 53.84
CA LEU KA 78 -3.33 67.43 53.18
C LEU KA 78 -3.17 67.23 51.67
N GLY KA 79 -2.20 67.88 51.03
CA GLY KA 79 -1.89 67.70 49.61
C GLY KA 79 -1.37 66.30 49.29
N GLN KA 80 -0.48 65.74 50.12
CA GLN KA 80 0.01 64.36 49.98
C GLN KA 80 -1.09 63.33 50.28
N ALA KA 81 -2.06 63.66 51.14
CA ALA KA 81 -3.28 62.88 51.32
C ALA KA 81 -4.28 62.99 50.14
N GLY KA 82 -4.03 63.88 49.17
CA GLY KA 82 -4.84 64.06 47.97
C GLY KA 82 -6.04 65.02 48.10
N VAL KA 83 -6.11 65.81 49.17
CA VAL KA 83 -7.17 66.82 49.37
C VAL KA 83 -7.04 67.94 48.31
N SER KA 84 -8.15 68.45 47.78
CA SER KA 84 -8.12 69.48 46.74
C SER KA 84 -7.54 70.79 47.24
N PRO KA 85 -6.97 71.58 46.34
CA PRO KA 85 -6.36 72.88 46.69
C PRO KA 85 -7.37 73.83 47.33
N VAL KA 86 -8.62 73.81 46.85
CA VAL KA 86 -9.73 74.50 47.49
C VAL KA 86 -9.90 74.06 48.95
N GLU KA 87 -10.09 72.75 49.15
CA GLU KA 87 -10.42 72.22 50.46
C GLU KA 87 -9.27 72.35 51.44
N ILE KA 88 -8.02 72.29 50.98
CA ILE KA 88 -6.87 72.67 51.79
C ILE KA 88 -7.11 74.06 52.38
N LEU KA 89 -7.34 75.05 51.53
CA LEU KA 89 -7.50 76.43 52.00
C LEU KA 89 -8.69 76.56 52.93
N ALA KA 90 -9.84 76.00 52.55
CA ALA KA 90 -11.01 76.11 53.41
C ALA KA 90 -10.83 75.40 54.73
N LEU KA 91 -10.26 74.19 54.77
CA LEU KA 91 -10.04 73.48 56.02
C LEU KA 91 -9.14 74.30 56.94
N LEU KA 92 -8.03 74.81 56.40
CA LEU KA 92 -7.12 75.62 57.20
C LEU KA 92 -7.81 76.90 57.68
N ILE KA 93 -8.50 77.62 56.79
CA ILE KA 93 -9.20 78.86 57.15
C ILE KA 93 -10.28 78.58 58.19
N ALA KA 94 -11.00 77.47 58.06
CA ALA KA 94 -12.02 77.10 59.03
C ALA KA 94 -11.40 76.91 60.40
N ALA KA 95 -10.35 76.09 60.53
CA ALA KA 95 -9.68 75.89 61.80
C ALA KA 95 -9.16 77.22 62.37
N SER KA 96 -8.55 78.03 61.51
CA SER KA 96 -8.02 79.35 61.85
C SER KA 96 -9.09 80.30 62.40
N VAL KA 97 -10.27 80.38 61.76
CA VAL KA 97 -11.34 81.25 62.24
C VAL KA 97 -12.16 80.64 63.37
N LEU KA 98 -12.24 79.32 63.50
CA LEU KA 98 -12.70 78.66 64.73
C LEU KA 98 -11.74 78.92 65.89
N GLY KA 99 -10.48 79.27 65.60
CA GLY KA 99 -9.42 79.43 66.58
C GLY KA 99 -8.77 78.11 67.03
N LEU KA 100 -8.99 77.02 66.28
CA LEU KA 100 -8.42 75.72 66.55
C LEU KA 100 -6.90 75.70 66.31
N ASP KA 101 -6.19 75.00 67.17
CA ASP KA 101 -4.73 75.06 67.28
C ASP KA 101 -4.01 74.17 66.24
N PRO KA 102 -2.68 74.35 66.05
CA PRO KA 102 -1.91 73.56 65.10
C PRO KA 102 -2.00 72.04 65.33
N ASP KA 103 -2.14 71.58 66.56
CA ASP KA 103 -2.33 70.15 66.83
C ASP KA 103 -3.69 69.67 66.30
N ALA KA 104 -4.76 70.43 66.53
CA ALA KA 104 -6.05 70.14 65.92
C ALA KA 104 -5.99 70.22 64.38
N ILE KA 105 -5.20 71.14 63.82
CA ILE KA 105 -4.95 71.17 62.38
C ILE KA 105 -4.20 69.92 61.93
N GLN KA 106 -3.21 69.44 62.69
CA GLN KA 106 -2.54 68.18 62.35
C GLN KA 106 -3.48 66.98 62.47
N ALA KA 107 -4.40 66.99 63.43
CA ALA KA 107 -5.48 66.01 63.50
C ALA KA 107 -6.42 66.12 62.29
N ALA KA 108 -6.66 67.32 61.75
CA ALA KA 108 -7.38 67.48 60.49
C ALA KA 108 -6.59 66.89 59.31
N ALA KA 109 -5.28 67.07 59.27
CA ALA KA 109 -4.43 66.37 58.30
C ALA KA 109 -4.54 64.85 58.45
N ALA KA 110 -4.56 64.33 59.68
CA ALA KA 110 -4.79 62.92 59.94
C ALA KA 110 -6.18 62.44 59.48
N LEU KA 111 -7.25 63.22 59.69
CA LEU KA 111 -8.58 62.92 59.14
C LEU KA 111 -8.57 62.91 57.61
N GLY KA 112 -7.78 63.79 57.00
CA GLY KA 112 -7.53 63.79 55.55
C GLY KA 112 -6.82 62.52 55.08
N GLU KA 113 -5.78 62.07 55.79
CA GLU KA 113 -5.10 60.80 55.53
C GLU KA 113 -6.02 59.58 55.74
N ALA KA 114 -6.94 59.65 56.70
CA ALA KA 114 -8.02 58.67 56.88
C ALA KA 114 -9.13 58.76 55.82
N GLY KA 115 -9.07 59.73 54.91
CA GLY KA 115 -9.98 59.87 53.78
C GLY KA 115 -11.37 60.42 54.14
N ILE KA 116 -11.51 61.08 55.29
CA ILE KA 116 -12.77 61.69 55.72
C ILE KA 116 -13.12 62.88 54.81
N SER KA 117 -14.37 63.03 54.39
CA SER KA 117 -14.78 64.15 53.51
C SER KA 117 -14.69 65.50 54.22
N ALA KA 118 -14.42 66.58 53.48
CA ALA KA 118 -14.17 67.90 54.09
C ALA KA 118 -15.36 68.40 54.91
N GLU KA 119 -16.59 68.23 54.46
CA GLU KA 119 -17.76 68.61 55.25
C GLU KA 119 -17.82 67.83 56.56
N GLU KA 120 -17.53 66.53 56.54
CA GLU KA 120 -17.50 65.73 57.77
C GLU KA 120 -16.37 66.16 58.70
N ILE KA 121 -15.19 66.50 58.18
CA ILE KA 121 -14.12 67.09 59.00
C ILE KA 121 -14.62 68.39 59.64
N ILE KA 122 -15.22 69.28 58.85
CA ILE KA 122 -15.72 70.56 59.34
C ILE KA 122 -16.79 70.37 60.41
N GLU KA 123 -17.75 69.48 60.21
CA GLU KA 123 -18.76 69.16 61.21
C GLU KA 123 -18.13 68.55 62.47
N LEU KA 124 -17.15 67.66 62.34
CA LEU KA 124 -16.43 67.09 63.49
C LEU KA 124 -15.70 68.18 64.28
N LEU KA 125 -14.97 69.06 63.60
CA LEU KA 125 -14.29 70.16 64.26
C LEU KA 125 -15.30 71.10 64.93
N THR KA 126 -16.39 71.46 64.24
CA THR KA 126 -17.46 72.30 64.78
C THR KA 126 -18.06 71.67 66.04
N ALA KA 127 -18.39 70.39 65.99
CA ALA KA 127 -18.90 69.67 67.13
C ALA KA 127 -17.90 69.67 68.29
N ALA KA 128 -16.64 69.28 68.06
CA ALA KA 128 -15.62 69.25 69.10
C ALA KA 128 -15.40 70.63 69.74
N ARG KA 129 -15.44 71.69 68.93
CA ARG KA 129 -15.32 73.07 69.39
C ARG KA 129 -16.50 73.48 70.26
N ASP KA 130 -17.73 73.27 69.81
CA ASP KA 130 -18.93 73.62 70.57
C ASP KA 130 -19.13 72.75 71.83
N LEU KA 131 -18.66 71.50 71.81
CA LEU KA 131 -18.58 70.64 73.00
C LEU KA 131 -17.42 71.00 73.93
N GLY KA 132 -16.45 71.80 73.48
CA GLY KA 132 -15.27 72.19 74.26
C GLY KA 132 -14.30 71.04 74.53
N LEU KA 133 -14.23 70.05 73.65
CA LEU KA 133 -13.31 68.92 73.77
C LEU KA 133 -11.86 69.33 73.48
N ASP KA 134 -10.91 68.56 74.01
CA ASP KA 134 -9.48 68.71 73.73
C ASP KA 134 -9.06 68.06 72.40
N PRO KA 135 -7.92 68.46 71.80
CA PRO KA 135 -7.42 67.86 70.56
C PRO KA 135 -7.26 66.34 70.60
N ASP KA 136 -7.04 65.75 71.78
CA ASP KA 136 -7.01 64.30 71.92
C ASP KA 136 -8.35 63.64 71.56
N ALA KA 137 -9.49 64.29 71.85
CA ALA KA 137 -10.77 63.78 71.38
C ALA KA 137 -10.85 63.80 69.84
N ILE KA 138 -10.26 64.81 69.18
CA ILE KA 138 -10.19 64.86 67.73
C ILE KA 138 -9.24 63.77 67.20
N GLN KA 139 -8.10 63.54 67.85
CA GLN KA 139 -7.18 62.46 67.48
C GLN KA 139 -7.85 61.09 67.64
N ALA KA 140 -8.61 60.88 68.70
CA ALA KA 140 -9.41 59.66 68.86
C ALA KA 140 -10.52 59.57 67.82
N ALA KA 141 -11.15 60.68 67.42
CA ALA KA 141 -12.09 60.69 66.31
C ALA KA 141 -11.43 60.26 64.99
N ALA KA 142 -10.18 60.67 64.74
CA ALA KA 142 -9.41 60.17 63.61
C ALA KA 142 -9.17 58.65 63.71
N GLN KA 143 -8.85 58.12 64.90
CA GLN KA 143 -8.74 56.68 65.11
C GLN KA 143 -10.08 55.95 64.88
N LEU KA 144 -11.22 56.51 65.28
CA LEU KA 144 -12.53 55.96 64.97
C LEU KA 144 -12.80 55.97 63.45
N GLY KA 145 -12.32 56.98 62.73
CA GLY KA 145 -12.31 57.01 61.28
C GLY KA 145 -11.45 55.91 60.65
N GLU KA 146 -10.24 55.68 61.18
CA GLU KA 146 -9.38 54.56 60.76
C GLU KA 146 -10.02 53.19 61.07
N ALA KA 147 -10.79 53.09 62.17
CA ALA KA 147 -11.61 51.92 62.48
C ALA KA 147 -12.90 51.80 61.62
N GLY KA 148 -13.18 52.77 60.74
CA GLY KA 148 -14.31 52.73 59.80
C GLY KA 148 -15.68 53.08 60.41
N ILE KA 149 -15.72 53.73 61.57
CA ILE KA 149 -16.97 54.15 62.21
C ILE KA 149 -17.62 55.29 61.42
N SER KA 150 -18.94 55.25 61.21
CA SER KA 150 -19.65 56.31 60.47
C SER KA 150 -19.62 57.64 61.24
N SER KA 151 -19.57 58.77 60.54
CA SER KA 151 -19.35 60.08 61.19
C SER KA 151 -20.44 60.45 62.20
N GLU KA 152 -21.70 60.11 61.95
CA GLU KA 152 -22.76 60.31 62.94
C GLU KA 152 -22.58 59.41 64.17
N GLU KA 153 -22.09 58.18 64.01
CA GLU KA 153 -21.75 57.32 65.15
C GLU KA 153 -20.51 57.82 65.90
N ILE KA 154 -19.52 58.41 65.21
CA ILE KA 154 -18.44 59.12 65.89
C ILE KA 154 -19.04 60.24 66.75
N LYS KA 155 -19.93 61.05 66.19
CA LYS KA 155 -20.59 62.11 66.95
C LYS KA 155 -21.39 61.57 68.13
N GLU KA 156 -22.09 60.44 67.99
CA GLU KA 156 -22.78 59.79 69.11
C GLU KA 156 -21.79 59.27 70.17
N LEU KA 157 -20.70 58.62 69.77
CA LEU KA 157 -19.68 58.13 70.70
C LEU KA 157 -19.01 59.28 71.44
N LEU KA 158 -18.70 60.38 70.74
CA LEU KA 158 -18.20 61.61 71.36
C LEU KA 158 -19.25 62.18 72.31
N ARG KA 159 -20.52 62.29 71.90
CA ARG KA 159 -21.60 62.80 72.75
C ARG KA 159 -21.73 61.97 74.02
N ALA KA 160 -21.74 60.66 73.89
CA ALA KA 160 -21.75 59.75 75.03
C ALA KA 160 -20.51 59.98 75.90
N ALA KA 161 -19.31 59.94 75.34
CA ALA KA 161 -18.08 60.12 76.10
C ALA KA 161 -18.04 61.47 76.84
N HIS KA 162 -18.56 62.54 76.23
CA HIS KA 162 -18.71 63.86 76.83
C HIS KA 162 -19.71 63.86 77.97
N GLU KA 163 -20.93 63.36 77.75
CA GLU KA 163 -21.95 63.26 78.78
C GLU KA 163 -21.50 62.39 79.96
N LEU KA 164 -20.76 61.32 79.69
CA LEU KA 164 -20.27 60.36 80.68
C LEU KA 164 -18.92 60.76 81.30
N GLY KA 165 -18.24 61.78 80.79
CA GLY KA 165 -16.94 62.21 81.30
C GLY KA 165 -15.86 61.11 81.23
N LEU KA 166 -15.87 60.30 80.16
CA LEU KA 166 -14.83 59.31 79.90
C LEU KA 166 -13.52 59.99 79.46
N ASP KA 167 -12.37 59.32 79.66
CA ASP KA 167 -11.07 59.82 79.19
C ASP KA 167 -10.85 59.54 77.68
N PRO KA 168 -9.96 60.29 76.99
CA PRO KA 168 -9.70 60.10 75.56
C PRO KA 168 -9.20 58.69 75.20
N ASP KA 169 -8.45 58.03 76.08
CA ASP KA 169 -7.97 56.68 75.84
C ASP KA 169 -9.11 55.64 75.87
N CYS KA 170 -10.24 55.92 76.53
CA CYS KA 170 -11.45 55.14 76.34
C CYS KA 170 -11.99 55.28 74.91
N ILE KA 171 -11.90 56.47 74.30
CA ILE KA 171 -12.31 56.70 72.91
C ILE KA 171 -11.33 55.99 71.95
N ALA KA 172 -10.04 55.96 72.28
CA ALA KA 172 -9.06 55.14 71.57
C ALA KA 172 -9.39 53.64 71.68
N ALA KA 173 -9.75 53.15 72.86
CA ALA KA 173 -10.19 51.77 73.02
C ALA KA 173 -11.51 51.49 72.27
N ALA KA 174 -12.42 52.45 72.17
CA ALA KA 174 -13.63 52.31 71.36
C ALA KA 174 -13.31 52.10 69.87
N ALA KA 175 -12.25 52.72 69.34
CA ALA KA 175 -11.74 52.42 68.00
C ALA KA 175 -11.21 50.98 67.89
N ASP KA 176 -10.50 50.47 68.90
CA ASP KA 176 -10.08 49.06 68.92
C ASP KA 176 -11.27 48.09 68.99
N LEU KA 177 -12.30 48.39 69.78
CA LEU KA 177 -13.55 47.61 69.76
C LEU KA 177 -14.31 47.74 68.43
N GLY KA 178 -14.13 48.85 67.70
CA GLY KA 178 -14.57 49.04 66.33
C GLY KA 178 -13.83 48.14 65.34
N GLN KA 179 -12.51 47.98 65.48
CA GLN KA 179 -11.71 47.00 64.72
C GLN KA 179 -12.09 45.55 65.08
N ALA KA 180 -12.53 45.28 66.31
CA ALA KA 180 -13.15 43.99 66.69
C ALA KA 180 -14.57 43.77 66.13
N GLY KA 181 -15.18 44.78 65.51
CA GLY KA 181 -16.47 44.69 64.81
C GLY KA 181 -17.72 44.84 65.68
N ILE KA 182 -17.58 45.28 66.94
CA ILE KA 182 -18.70 45.42 67.88
C ILE KA 182 -19.58 46.63 67.50
N SER KA 183 -20.91 46.54 67.66
CA SER KA 183 -21.82 47.66 67.34
C SER KA 183 -21.63 48.86 68.27
N SER KA 184 -21.85 50.09 67.79
CA SER KA 184 -21.59 51.32 68.57
C SER KA 184 -22.40 51.42 69.88
N SER KA 185 -23.62 50.89 69.92
CA SER KA 185 -24.40 50.80 71.17
C SER KA 185 -23.79 49.81 72.16
N GLU KA 186 -23.41 48.61 71.70
CA GLU KA 186 -22.73 47.61 72.54
C GLU KA 186 -21.34 48.08 73.00
N ILE KA 187 -20.58 48.78 72.15
CA ILE KA 187 -19.33 49.45 72.56
C ILE KA 187 -19.64 50.40 73.72
N THR KA 188 -20.67 51.24 73.60
CA THR KA 188 -21.05 52.17 74.67
C THR KA 188 -21.38 51.43 75.97
N ALA KA 189 -22.12 50.33 75.89
CA ALA KA 189 -22.36 49.48 77.06
C ALA KA 189 -21.05 48.94 77.65
N LEU KA 190 -20.14 48.42 76.83
CA LEU KA 190 -18.84 47.93 77.29
C LEU KA 190 -17.98 49.04 77.93
N LEU KA 191 -17.99 50.24 77.37
CA LEU KA 191 -17.36 51.40 78.00
C LEU KA 191 -17.96 51.66 79.38
N LEU KA 192 -19.30 51.67 79.51
CA LEU KA 192 -19.97 51.88 80.79
C LEU KA 192 -19.65 50.78 81.80
N ALA KA 193 -19.70 49.51 81.41
CA ALA KA 193 -19.41 48.39 82.30
C ALA KA 193 -17.95 48.39 82.77
N ALA KA 194 -17.00 48.60 81.86
CA ALA KA 194 -15.59 48.70 82.19
C ALA KA 194 -15.35 49.88 83.14
N ALA KA 195 -15.93 51.04 82.85
CA ALA KA 195 -15.86 52.21 83.73
C ALA KA 195 -16.46 51.91 85.12
N ALA KA 196 -17.61 51.25 85.22
CA ALA KA 196 -18.22 50.95 86.52
C ALA KA 196 -17.28 50.13 87.41
N ILE KA 197 -16.64 49.10 86.84
CA ILE KA 197 -15.69 48.28 87.61
C ILE KA 197 -14.37 49.02 87.84
N GLU KA 198 -13.92 49.84 86.89
CA GLU KA 198 -12.74 50.70 87.08
C GLU KA 198 -12.95 51.73 88.21
N LEU KA 199 -14.14 52.31 88.32
CA LEU KA 199 -14.53 53.18 89.43
C LEU KA 199 -14.63 52.40 90.74
N ALA KA 200 -15.14 51.17 90.70
CA ALA KA 200 -15.22 50.30 91.87
C ALA KA 200 -13.83 49.92 92.46
N LYS KA 201 -12.72 50.14 91.73
CA LYS KA 201 -11.36 50.07 92.32
C LYS KA 201 -11.22 50.99 93.55
N ARG KA 202 -11.81 52.18 93.48
CA ARG KA 202 -11.92 53.13 94.60
C ARG KA 202 -13.22 52.92 95.39
N ALA KA 203 -14.34 52.83 94.68
CA ALA KA 203 -15.68 52.68 95.26
C ALA KA 203 -15.99 51.22 95.64
N ASP KA 204 -15.18 50.64 96.52
CA ASP KA 204 -15.28 49.25 96.95
C ASP KA 204 -16.38 48.98 98.01
N ASP KA 205 -17.19 49.99 98.34
CA ASP KA 205 -18.28 49.91 99.32
C ASP KA 205 -19.28 48.80 98.97
N LYS KA 206 -19.72 48.02 99.97
CA LYS KA 206 -20.67 46.92 99.81
C LYS KA 206 -21.90 47.30 98.98
N ASP KA 207 -22.43 48.51 99.16
CA ASP KA 207 -23.63 48.94 98.44
C ASP KA 207 -23.30 49.20 96.96
N VAL KA 208 -22.14 49.77 96.66
CA VAL KA 208 -21.66 49.92 95.29
C VAL KA 208 -21.38 48.54 94.68
N ARG KA 209 -20.76 47.62 95.42
CA ARG KA 209 -20.56 46.23 94.97
C ARG KA 209 -21.91 45.59 94.60
N GLU KA 210 -22.90 45.65 95.49
CA GLU KA 210 -24.24 45.10 95.23
C GLU KA 210 -24.92 45.78 94.04
N ILE KA 211 -24.93 47.11 93.99
CA ILE KA 211 -25.57 47.87 92.91
C ILE KA 211 -24.92 47.55 91.56
N VAL KA 212 -23.58 47.57 91.48
CA VAL KA 212 -22.87 47.17 90.25
C VAL KA 212 -23.24 45.74 89.89
N ARG KA 213 -23.17 44.79 90.83
CA ARG KA 213 -23.47 43.39 90.55
C ARG KA 213 -24.90 43.21 90.05
N ASP KA 214 -25.89 43.80 90.71
CA ASP KA 214 -27.28 43.75 90.29
C ASP KA 214 -27.50 44.44 88.93
N ALA KA 215 -26.85 45.58 88.68
CA ALA KA 215 -26.94 46.24 87.39
C ALA KA 215 -26.32 45.38 86.26
N LEU KA 216 -25.15 44.80 86.50
CA LEU KA 216 -24.50 43.92 85.54
C LEU KA 216 -25.33 42.63 85.34
N GLU KA 217 -25.93 42.09 86.40
CA GLU KA 217 -26.85 40.96 86.30
C GLU KA 217 -28.07 41.31 85.45
N LEU KA 218 -28.73 42.44 85.71
CA LEU KA 218 -29.85 42.93 84.92
C LEU KA 218 -29.43 43.13 83.45
N ALA KA 219 -28.29 43.76 83.21
CA ALA KA 219 -27.76 43.98 81.86
C ALA KA 219 -27.42 42.67 81.13
N SER KA 220 -26.93 41.66 81.86
CA SER KA 220 -26.62 40.34 81.31
C SER KA 220 -27.88 39.54 81.00
N ARG KA 221 -28.94 39.70 81.81
CA ARG KA 221 -30.24 39.05 81.62
C ARG KA 221 -31.10 39.71 80.53
N SER KA 222 -31.00 41.03 80.38
CA SER KA 222 -31.79 41.80 79.41
C SER KA 222 -31.30 41.65 77.96
N THR KA 223 -32.20 41.87 77.00
CA THR KA 223 -31.90 41.98 75.56
C THR KA 223 -32.22 43.38 74.99
N ASN KA 224 -32.48 44.38 75.85
CA ASN KA 224 -32.87 45.74 75.46
C ASN KA 224 -31.71 46.72 75.71
N ASP KA 225 -31.13 47.28 74.66
CA ASP KA 225 -29.89 48.06 74.78
C ASP KA 225 -30.07 49.39 75.51
N GLU KA 226 -31.26 50.02 75.45
CA GLU KA 226 -31.51 51.24 76.22
C GLU KA 226 -31.66 50.92 77.72
N VAL KA 227 -32.31 49.81 78.09
CA VAL KA 227 -32.32 49.34 79.48
C VAL KA 227 -30.89 49.04 79.94
N ILE KA 228 -30.09 48.37 79.11
CA ILE KA 228 -28.69 48.08 79.43
C ILE KA 228 -27.92 49.39 79.66
N ARG KA 229 -28.00 50.35 78.73
CA ARG KA 229 -27.32 51.63 78.88
C ARG KA 229 -27.82 52.41 80.09
N LEU KA 230 -29.12 52.42 80.37
CA LEU KA 230 -29.68 53.01 81.59
C LEU KA 230 -29.09 52.36 82.84
N ALA KA 231 -29.07 51.03 82.90
CA ALA KA 231 -28.55 50.30 84.06
C ALA KA 231 -27.05 50.55 84.26
N LEU KA 232 -26.25 50.53 83.19
CA LEU KA 232 -24.80 50.71 83.28
C LEU KA 232 -24.42 52.18 83.52
N GLU KA 233 -25.17 53.15 83.00
CA GLU KA 233 -25.04 54.54 83.41
C GLU KA 233 -25.41 54.72 84.88
N ALA KA 234 -26.49 54.10 85.36
CA ALA KA 234 -26.84 54.12 86.77
C ALA KA 234 -25.73 53.51 87.64
N ALA KA 235 -25.10 52.42 87.21
CA ALA KA 235 -23.97 51.82 87.90
C ALA KA 235 -22.75 52.78 87.95
N VAL KA 236 -22.44 53.47 86.85
CA VAL KA 236 -21.39 54.51 86.82
C VAL KA 236 -21.73 55.66 87.77
N LEU KA 237 -22.97 56.16 87.76
CA LEU KA 237 -23.42 57.21 88.66
C LEU KA 237 -23.37 56.77 90.12
N ALA KA 238 -23.80 55.54 90.44
CA ALA KA 238 -23.70 54.99 91.79
C ALA KA 238 -22.24 54.88 92.26
N ALA KA 239 -21.32 54.40 91.41
CA ALA KA 239 -19.90 54.32 91.75
C ALA KA 239 -19.22 55.70 91.87
N ARG KA 240 -19.76 56.74 91.22
CA ARG KA 240 -19.35 58.15 91.42
C ARG KA 240 -20.03 58.83 92.61
N SER KA 241 -21.18 58.34 93.06
CA SER KA 241 -21.91 58.87 94.20
C SER KA 241 -21.19 58.60 95.53
N THR KA 242 -21.43 59.45 96.52
CA THR KA 242 -21.12 59.19 97.94
C THR KA 242 -22.37 59.27 98.82
N ASP KA 243 -23.57 59.25 98.23
CA ASP KA 243 -24.83 59.50 98.93
C ASP KA 243 -25.67 58.22 99.05
N SER KA 244 -25.90 57.79 100.30
CA SER KA 244 -26.68 56.61 100.62
C SER KA 244 -28.11 56.67 100.09
N ASP KA 245 -28.74 57.85 99.98
CA ASP KA 245 -30.07 57.94 99.37
C ASP KA 245 -30.03 57.64 97.87
N VAL KA 246 -29.01 58.12 97.15
CA VAL KA 246 -28.83 57.76 95.74
C VAL KA 246 -28.60 56.26 95.61
N LEU KA 247 -27.75 55.68 96.45
CA LEU KA 247 -27.53 54.24 96.45
C LEU KA 247 -28.83 53.46 96.76
N GLU KA 248 -29.59 53.86 97.77
CA GLU KA 248 -30.86 53.21 98.11
C GLU KA 248 -31.91 53.37 97.00
N ILE KA 249 -32.01 54.55 96.37
CA ILE KA 249 -32.88 54.79 95.23
C ILE KA 249 -32.51 53.86 94.06
N VAL KA 250 -31.23 53.76 93.72
CA VAL KA 250 -30.77 52.87 92.65
C VAL KA 250 -31.00 51.40 93.04
N LYS KA 251 -30.76 51.02 94.30
CA LYS KA 251 -30.99 49.64 94.76
C LYS KA 251 -32.48 49.29 94.73
N ASP KA 252 -33.37 50.19 95.14
CA ASP KA 252 -34.81 50.02 94.98
C ASP KA 252 -35.21 49.91 93.50
N ALA KA 253 -34.63 50.72 92.62
CA ALA KA 253 -34.90 50.61 91.18
C ALA KA 253 -34.46 49.26 90.61
N LEU KA 254 -33.25 48.79 90.94
CA LEU KA 254 -32.75 47.49 90.50
C LEU KA 254 -33.55 46.34 91.12
N GLU KA 255 -33.98 46.48 92.37
CA GLU KA 255 -34.88 45.53 93.03
C GLU KA 255 -36.22 45.46 92.28
N LEU KA 256 -36.85 46.60 91.98
CA LEU KA 256 -38.07 46.62 91.17
C LEU KA 256 -37.84 45.97 89.80
N ALA KA 257 -36.68 46.22 89.17
CA ALA KA 257 -36.29 45.58 87.91
C ALA KA 257 -36.01 44.07 88.03
N LYS KA 258 -35.79 43.55 89.25
CA LYS KA 258 -35.76 42.11 89.52
C LYS KA 258 -37.15 41.56 89.88
N GLN KA 259 -38.02 42.39 90.47
CA GLN KA 259 -39.40 42.01 90.84
C GLN KA 259 -40.35 41.91 89.66
N SER KA 260 -40.23 42.77 88.64
CA SER KA 260 -41.15 42.83 87.48
C SER KA 260 -40.44 42.67 86.14
N THR KA 261 -41.09 42.02 85.18
CA THR KA 261 -40.65 41.86 83.78
C THR KA 261 -40.98 43.09 82.91
N ASN KA 262 -41.73 44.06 83.42
CA ASN KA 262 -42.19 45.24 82.66
C ASN KA 262 -41.05 46.17 82.24
N GLU KA 263 -40.55 46.02 81.01
CA GLU KA 263 -39.40 46.79 80.49
C GLU KA 263 -39.61 48.31 80.56
N GLU KA 264 -40.83 48.81 80.35
CA GLU KA 264 -41.07 50.25 80.33
C GLU KA 264 -41.15 50.84 81.75
N VAL KA 265 -41.69 50.09 82.72
CA VAL KA 265 -41.52 50.45 84.13
C VAL KA 265 -40.05 50.40 84.52
N ILE KA 266 -39.27 49.42 84.03
CA ILE KA 266 -37.81 49.40 84.26
C ILE KA 266 -37.15 50.65 83.66
N LYS KA 267 -37.46 51.03 82.42
CA LYS KA 267 -36.94 52.27 81.84
C LYS KA 267 -37.30 53.46 82.71
N LEU KA 268 -38.56 53.59 83.12
CA LEU KA 268 -39.01 54.69 83.97
C LEU KA 268 -38.28 54.70 85.32
N ALA KA 269 -38.16 53.56 86.00
CA ALA KA 269 -37.48 53.46 87.29
C ALA KA 269 -35.98 53.80 87.18
N LEU KA 270 -35.28 53.23 86.19
CA LEU KA 270 -33.88 53.54 85.95
C LEU KA 270 -33.70 55.01 85.57
N LYS KA 271 -34.51 55.56 84.66
CA LYS KA 271 -34.41 56.97 84.27
C LYS KA 271 -34.70 57.92 85.43
N ALA KA 272 -35.72 57.64 86.25
CA ALA KA 272 -35.99 58.42 87.46
C ALA KA 272 -34.81 58.36 88.45
N ALA KA 273 -34.22 57.17 88.66
CA ALA KA 273 -33.05 57.02 89.50
C ALA KA 273 -31.83 57.77 88.93
N VAL KA 274 -31.61 57.72 87.61
CA VAL KA 274 -30.54 58.46 86.93
C VAL KA 274 -30.73 59.97 87.06
N LEU KA 275 -31.94 60.46 86.81
CA LEU KA 275 -32.25 61.89 86.99
C LEU KA 275 -32.09 62.31 88.45
N ALA KA 276 -32.54 61.48 89.40
CA ALA KA 276 -32.33 61.73 90.83
C ALA KA 276 -30.83 61.75 91.19
N ALA KA 277 -30.01 60.84 90.64
CA ALA KA 277 -28.57 60.82 90.86
C ALA KA 277 -27.84 62.04 90.26
N LYS KA 278 -28.33 62.58 89.14
CA LYS KA 278 -27.80 63.82 88.54
C LYS KA 278 -28.32 65.10 89.21
N SER KA 279 -29.49 65.06 89.83
CA SER KA 279 -30.10 66.22 90.50
C SER KA 279 -29.29 66.73 91.70
N THR KA 280 -29.33 68.04 91.94
CA THR KA 280 -28.74 68.69 93.11
C THR KA 280 -29.73 68.84 94.28
N ASP KA 281 -30.99 68.40 94.16
CA ASP KA 281 -32.06 68.74 95.09
C ASP KA 281 -32.47 67.56 96.01
N GLU KA 282 -32.33 67.76 97.32
CA GLU KA 282 -32.74 66.79 98.35
C GLU KA 282 -34.26 66.56 98.40
N GLU KA 283 -35.08 67.55 98.01
CA GLU KA 283 -36.54 67.36 97.95
C GLU KA 283 -36.94 66.45 96.79
N VAL KA 284 -36.25 66.54 95.64
CA VAL KA 284 -36.45 65.61 94.52
C VAL KA 284 -36.01 64.20 94.92
N LEU KA 285 -34.86 64.07 95.59
CA LEU KA 285 -34.40 62.79 96.14
C LEU KA 285 -35.42 62.20 97.14
N GLU KA 286 -35.91 63.00 98.09
CA GLU KA 286 -36.90 62.52 99.06
C GLU KA 286 -38.21 62.10 98.39
N GLU KA 287 -38.73 62.89 97.45
CA GLU KA 287 -39.92 62.53 96.69
C GLU KA 287 -39.69 61.27 95.85
N VAL KA 288 -38.54 61.10 95.21
CA VAL KA 288 -38.23 59.88 94.43
C VAL KA 288 -38.12 58.66 95.37
N LYS KA 289 -37.49 58.81 96.54
CA LYS KA 289 -37.41 57.75 97.55
C LYS KA 289 -38.81 57.36 98.04
N GLU KA 290 -39.66 58.35 98.31
CA GLU KA 290 -41.06 58.10 98.66
C GLU KA 290 -41.85 57.48 97.50
N ALA KA 291 -41.62 57.90 96.26
CA ALA KA 291 -42.26 57.29 95.08
C ALA KA 291 -41.89 55.81 94.94
N LEU KA 292 -40.62 55.46 95.18
CA LEU KA 292 -40.20 54.06 95.21
C LEU KA 292 -40.81 53.31 96.41
N ARG KA 293 -40.96 53.94 97.58
CA ARG KA 293 -41.72 53.35 98.69
C ARG KA 293 -43.17 53.08 98.32
N ARG KA 294 -43.87 54.05 97.72
CA ARG KA 294 -45.24 53.87 97.18
C ARG KA 294 -45.26 52.70 96.20
N ALA KA 295 -44.29 52.62 95.29
CA ALA KA 295 -44.20 51.53 94.31
C ALA KA 295 -43.99 50.14 94.94
N LYS KA 296 -43.17 50.02 95.99
CA LYS KA 296 -42.98 48.76 96.72
C LYS KA 296 -44.20 48.36 97.54
N GLU KA 297 -44.89 49.31 98.16
CA GLU KA 297 -46.11 49.06 98.94
C GLU KA 297 -47.34 48.76 98.07
N SER KA 298 -47.46 49.38 96.89
CA SER KA 298 -48.55 49.16 95.93
C SER KA 298 -48.37 47.87 95.11
N THR KA 299 -49.41 47.51 94.34
CA THR KA 299 -49.43 46.37 93.41
C THR KA 299 -49.96 46.74 92.02
N ASP KA 300 -50.16 48.02 91.70
CA ASP KA 300 -50.67 48.48 90.40
C ASP KA 300 -49.55 49.16 89.58
N GLU KA 301 -49.18 48.54 88.46
CA GLU KA 301 -48.13 49.11 87.59
C GLU KA 301 -48.59 50.36 86.84
N GLU KA 302 -49.88 50.60 86.63
CA GLU KA 302 -50.35 51.86 86.03
C GLU KA 302 -50.20 53.03 87.01
N GLU KA 303 -50.40 52.82 88.32
CA GLU KA 303 -50.10 53.82 89.35
C GLU KA 303 -48.60 54.12 89.39
N ILE KA 304 -47.76 53.07 89.36
CA ILE KA 304 -46.31 53.20 89.31
C ILE KA 304 -45.86 53.98 88.06
N LYS KA 305 -46.42 53.68 86.87
CA LYS KA 305 -46.09 54.45 85.66
C LYS KA 305 -46.44 55.93 85.81
N GLU KA 306 -47.59 56.32 86.36
CA GLU KA 306 -47.91 57.73 86.56
C GLU KA 306 -46.98 58.41 87.59
N GLU KA 307 -46.69 57.74 88.72
CA GLU KA 307 -45.78 58.28 89.72
C GLU KA 307 -44.37 58.50 89.14
N LEU KA 308 -43.81 57.50 88.46
CA LEU KA 308 -42.48 57.61 87.83
C LEU KA 308 -42.50 58.57 86.63
N ARG KA 309 -43.58 58.64 85.85
CA ARG KA 309 -43.71 59.62 84.76
C ARG KA 309 -43.58 61.03 85.30
N LYS KA 310 -44.29 61.38 86.38
CA LYS KA 310 -44.14 62.69 87.03
C LYS KA 310 -42.70 62.92 87.48
N ALA KA 311 -42.09 61.93 88.13
CA ALA KA 311 -40.70 62.01 88.59
C ALA KA 311 -39.68 62.21 87.44
N VAL KA 312 -39.97 61.71 86.24
CA VAL KA 312 -39.17 61.95 85.03
C VAL KA 312 -39.49 63.32 84.40
N GLU KA 313 -40.76 63.58 84.09
CA GLU KA 313 -41.17 64.75 83.29
C GLU KA 313 -41.05 66.09 84.03
N GLU KA 314 -40.98 66.09 85.36
CA GLU KA 314 -40.63 67.28 86.16
C GLU KA 314 -39.11 67.49 86.35
N ALA KA 315 -38.26 66.55 85.90
CA ALA KA 315 -36.81 66.54 86.13
C ALA KA 315 -35.93 66.52 84.86
N GLU KA 316 -36.46 66.12 83.70
CA GLU KA 316 -35.75 66.12 82.40
C GLU KA 316 -35.46 67.53 81.86
N CYS LA 3 -56.55 -29.36 -75.30
CA CYS LA 3 -55.87 -29.12 -74.01
C CYS LA 3 -54.63 -28.23 -74.14
N ASP LA 4 -53.65 -28.57 -74.98
CA ASP LA 4 -52.31 -27.93 -75.02
C ASP LA 4 -52.29 -26.40 -75.04
N ALA LA 5 -53.30 -25.74 -75.63
CA ALA LA 5 -53.38 -24.28 -75.66
C ALA LA 5 -53.36 -23.62 -74.28
N ILE LA 6 -53.74 -24.33 -73.20
CA ILE LA 6 -53.69 -23.80 -71.83
C ILE LA 6 -52.24 -23.63 -71.35
N GLN LA 7 -51.29 -24.40 -71.86
CA GLN LA 7 -49.88 -24.33 -71.40
C GLN LA 7 -49.26 -22.95 -71.66
N ALA LA 8 -49.67 -22.27 -72.74
CA ALA LA 8 -49.27 -20.90 -73.01
C ALA LA 8 -49.78 -19.93 -71.92
N ALA LA 9 -51.05 -20.06 -71.50
CA ALA LA 9 -51.58 -19.27 -70.40
C ALA LA 9 -50.83 -19.56 -69.10
N ALA LA 10 -50.49 -20.82 -68.83
CA ALA LA 10 -49.70 -21.19 -67.65
C ALA LA 10 -48.30 -20.54 -67.68
N ALA LA 11 -47.59 -20.60 -68.80
CA ALA LA 11 -46.30 -19.94 -68.96
C ALA LA 11 -46.40 -18.41 -68.79
N LEU LA 12 -47.41 -17.77 -69.37
CA LEU LA 12 -47.66 -16.33 -69.20
C LEU LA 12 -48.04 -15.97 -67.75
N GLY LA 13 -48.78 -16.84 -67.05
CA GLY LA 13 -49.08 -16.67 -65.63
C GLY LA 13 -47.84 -16.78 -64.74
N GLU LA 14 -46.94 -17.73 -65.03
CA GLU LA 14 -45.64 -17.83 -64.35
C GLU LA 14 -44.71 -16.65 -64.65
N ALA LA 15 -44.79 -16.06 -65.84
CA ALA LA 15 -44.16 -14.77 -66.17
C ALA LA 15 -44.84 -13.55 -65.50
N GLY LA 16 -45.96 -13.74 -64.80
CA GLY LA 16 -46.68 -12.69 -64.05
C GLY LA 16 -47.62 -11.82 -64.89
N ILE LA 17 -47.97 -12.26 -66.11
CA ILE LA 17 -48.90 -11.54 -67.00
C ILE LA 17 -50.34 -11.72 -66.50
N SER LA 18 -51.13 -10.64 -66.39
CA SER LA 18 -52.49 -10.69 -65.82
C SER LA 18 -53.50 -11.32 -66.78
N SER LA 19 -54.64 -11.77 -66.27
CA SER LA 19 -55.68 -12.44 -67.05
C SER LA 19 -56.21 -11.58 -68.22
N ASN LA 20 -56.50 -10.29 -68.02
CA ASN LA 20 -56.89 -9.40 -69.13
C ASN LA 20 -55.79 -9.24 -70.18
N GLU LA 21 -54.51 -9.24 -69.78
CA GLU LA 21 -53.39 -9.18 -70.73
C GLU LA 21 -53.24 -10.50 -71.50
N ILE LA 22 -53.39 -11.66 -70.84
CA ILE LA 22 -53.41 -12.95 -71.53
C ILE LA 22 -54.57 -12.99 -72.53
N LEU LA 23 -55.76 -12.50 -72.15
CA LEU LA 23 -56.88 -12.40 -73.08
C LEU LA 23 -56.54 -11.47 -74.26
N GLU LA 24 -55.87 -10.35 -74.03
CA GLU LA 24 -55.42 -9.50 -75.14
C GLU LA 24 -54.38 -10.20 -76.03
N LEU LA 25 -53.44 -10.94 -75.44
CA LEU LA 25 -52.48 -11.75 -76.20
C LEU LA 25 -53.19 -12.84 -77.00
N LEU LA 26 -54.24 -13.46 -76.45
CA LEU LA 26 -55.07 -14.40 -77.21
C LEU LA 26 -55.90 -13.68 -78.28
N ALA LA 27 -56.32 -12.43 -78.06
CA ALA LA 27 -56.98 -11.61 -79.08
C ALA LA 27 -56.03 -11.35 -80.26
N ALA LA 28 -54.78 -11.00 -79.97
CA ALA LA 28 -53.73 -10.90 -80.98
C ALA LA 28 -53.50 -12.26 -81.65
N ALA LA 29 -53.43 -13.35 -80.89
CA ALA LA 29 -53.24 -14.68 -81.47
C ALA LA 29 -54.35 -15.05 -82.45
N ALA LA 30 -55.61 -14.71 -82.15
CA ALA LA 30 -56.75 -14.94 -83.04
C ALA LA 30 -56.71 -14.02 -84.27
N GLU LA 31 -56.43 -12.73 -84.09
CA GLU LA 31 -56.34 -11.76 -85.20
C GLU LA 31 -55.22 -12.13 -86.17
N LEU LA 32 -54.04 -12.45 -85.65
CA LEU LA 32 -52.83 -12.68 -86.42
C LEU LA 32 -52.65 -14.16 -86.81
N GLY LA 33 -53.42 -15.07 -86.21
CA GLY LA 33 -53.30 -16.52 -86.44
C GLY LA 33 -52.02 -17.13 -85.87
N LEU LA 34 -51.59 -16.69 -84.69
CA LEU LA 34 -50.30 -17.09 -84.10
C LEU LA 34 -50.25 -18.57 -83.75
N ASP LA 35 -49.23 -19.26 -84.24
CA ASP LA 35 -48.91 -20.65 -83.92
C ASP LA 35 -48.36 -20.81 -82.48
N PRO LA 36 -48.37 -22.03 -81.91
CA PRO LA 36 -47.88 -22.28 -80.56
C PRO LA 36 -46.42 -21.89 -80.33
N ASP LA 37 -45.53 -22.07 -81.31
CA ASP LA 37 -44.10 -21.77 -81.14
C ASP LA 37 -43.82 -20.26 -81.11
N ALA LA 38 -44.51 -19.46 -81.93
CA ALA LA 38 -44.51 -18.00 -81.81
C ALA LA 38 -45.06 -17.54 -80.44
N ILE LA 39 -46.14 -18.16 -79.95
CA ILE LA 39 -46.69 -17.83 -78.63
C ILE LA 39 -45.73 -18.26 -77.50
N GLN LA 40 -45.06 -19.40 -77.64
CA GLN LA 40 -44.03 -19.83 -76.70
C GLN LA 40 -42.85 -18.84 -76.69
N ALA LA 41 -42.44 -18.32 -77.85
CA ALA LA 41 -41.44 -17.26 -77.92
C ALA LA 41 -41.93 -15.98 -77.20
N ALA LA 42 -43.21 -15.60 -77.35
CA ALA LA 42 -43.79 -14.49 -76.61
C ALA LA 42 -43.76 -14.73 -75.09
N ALA LA 43 -44.07 -15.95 -74.63
CA ALA LA 43 -43.92 -16.30 -73.22
C ALA LA 43 -42.46 -16.21 -72.76
N GLN LA 44 -41.50 -16.68 -73.56
CA GLN LA 44 -40.07 -16.57 -73.23
C GLN LA 44 -39.56 -15.11 -73.27
N LEU LA 45 -40.11 -14.24 -74.12
CA LEU LA 45 -39.89 -12.79 -74.04
C LEU LA 45 -40.47 -12.21 -72.74
N GLY LA 46 -41.59 -12.74 -72.26
CA GLY LA 46 -42.12 -12.42 -70.93
C GLY LA 46 -41.19 -12.87 -69.79
N GLU LA 47 -40.61 -14.07 -69.87
CA GLU LA 47 -39.58 -14.54 -68.93
C GLU LA 47 -38.30 -13.69 -68.98
N ALA LA 48 -37.93 -13.20 -70.17
CA ALA LA 48 -36.85 -12.22 -70.36
C ALA LA 48 -37.23 -10.79 -69.86
N GLY LA 49 -38.48 -10.57 -69.43
CA GLY LA 49 -38.94 -9.32 -68.81
C GLY LA 49 -39.43 -8.25 -69.79
N ILE LA 50 -39.66 -8.58 -71.07
CA ILE LA 50 -40.22 -7.64 -72.05
C ILE LA 50 -41.67 -7.30 -71.68
N SER LA 51 -42.07 -6.03 -71.72
CA SER LA 51 -43.39 -5.59 -71.25
C SER LA 51 -44.53 -6.06 -72.14
N SER LA 52 -45.73 -6.24 -71.58
CA SER LA 52 -46.86 -6.87 -72.27
C SER LA 52 -47.27 -6.13 -73.54
N GLU LA 53 -47.37 -4.80 -73.51
CA GLU LA 53 -47.68 -4.04 -74.71
C GLU LA 53 -46.52 -4.02 -75.72
N GLU LA 54 -45.26 -4.11 -75.28
CA GLU LA 54 -44.17 -4.36 -76.23
C GLU LA 54 -44.30 -5.72 -76.89
N ILE LA 55 -44.68 -6.77 -76.16
CA ILE LA 55 -44.92 -8.09 -76.77
C ILE LA 55 -46.03 -7.96 -77.82
N LYS LA 56 -47.11 -7.22 -77.52
CA LYS LA 56 -48.17 -6.96 -78.50
C LYS LA 56 -47.64 -6.24 -79.73
N GLU LA 57 -46.79 -5.22 -79.57
CA GLU LA 57 -46.11 -4.61 -80.72
C GLU LA 57 -45.21 -5.60 -81.46
N LEU LA 58 -44.43 -6.42 -80.76
CA LEU LA 58 -43.54 -7.41 -81.35
C LEU LA 58 -44.33 -8.37 -82.22
N LEU LA 59 -45.44 -8.90 -81.69
CA LEU LA 59 -46.31 -9.79 -82.44
C LEU LA 59 -46.95 -9.07 -83.63
N ARG LA 60 -47.52 -7.88 -83.42
CA ARG LA 60 -48.12 -7.05 -84.47
C ARG LA 60 -47.15 -6.84 -85.62
N ALA LA 61 -45.95 -6.36 -85.30
CA ALA LA 61 -44.93 -6.12 -86.30
C ALA LA 61 -44.48 -7.41 -86.97
N ALA LA 62 -44.23 -8.49 -86.21
CA ALA LA 62 -43.77 -9.74 -86.79
C ALA LA 62 -44.74 -10.29 -87.84
N HIS LA 63 -46.04 -10.24 -87.54
CA HIS LA 63 -47.07 -10.63 -88.50
C HIS LA 63 -47.13 -9.66 -89.68
N GLU LA 64 -47.08 -8.36 -89.44
CA GLU LA 64 -47.18 -7.36 -90.50
C GLU LA 64 -45.98 -7.40 -91.46
N LEU LA 65 -44.79 -7.71 -90.93
CA LEU LA 65 -43.59 -8.01 -91.71
C LEU LA 65 -43.71 -9.37 -92.43
N GLY LA 66 -44.46 -10.31 -91.85
CA GLY LA 66 -44.52 -11.69 -92.32
C GLY LA 66 -43.29 -12.50 -91.92
N LEU LA 67 -42.77 -12.30 -90.71
CA LEU LA 67 -41.67 -13.11 -90.18
C LEU LA 67 -42.10 -14.56 -90.00
N ASP LA 68 -41.19 -15.50 -90.28
CA ASP LA 68 -41.44 -16.92 -90.07
C ASP LA 68 -41.27 -17.34 -88.59
N PRO LA 69 -41.80 -18.50 -88.17
CA PRO LA 69 -41.76 -18.94 -86.78
C PRO LA 69 -40.35 -19.05 -86.18
N ASP LA 70 -39.34 -19.41 -86.96
CA ASP LA 70 -37.97 -19.53 -86.45
C ASP LA 70 -37.33 -18.15 -86.28
N ALA LA 71 -37.59 -17.22 -87.20
CA ALA LA 71 -37.21 -15.82 -87.04
C ALA LA 71 -37.90 -15.20 -85.81
N ILE LA 72 -39.17 -15.52 -85.58
CA ILE LA 72 -39.87 -15.14 -84.35
C ILE LA 72 -39.23 -15.81 -83.13
N ALA LA 73 -38.88 -17.09 -83.19
CA ALA LA 73 -38.24 -17.79 -82.08
C ALA LA 73 -36.88 -17.18 -81.70
N ALA LA 74 -36.12 -16.70 -82.68
CA ALA LA 74 -34.85 -16.03 -82.43
C ALA LA 74 -35.00 -14.74 -81.60
N ALA LA 75 -36.17 -14.10 -81.60
CA ALA LA 75 -36.42 -12.93 -80.75
C ALA LA 75 -36.22 -13.25 -79.26
N ALA LA 76 -36.62 -14.44 -78.80
CA ALA LA 76 -36.45 -14.81 -77.40
C ALA LA 76 -34.96 -14.95 -77.02
N ASP LA 77 -34.13 -15.51 -77.90
CA ASP LA 77 -32.68 -15.59 -77.67
C ASP LA 77 -32.04 -14.20 -77.67
N LEU LA 78 -32.43 -13.32 -78.59
CA LEU LA 78 -31.99 -11.91 -78.59
C LEU LA 78 -32.45 -11.17 -77.32
N GLY LA 79 -33.65 -11.47 -76.81
CA GLY LA 79 -34.16 -10.91 -75.57
C GLY LA 79 -33.38 -11.39 -74.34
N GLN LA 80 -33.03 -12.68 -74.29
CA GLN LA 80 -32.13 -13.22 -73.25
C GLN LA 80 -30.71 -12.66 -73.36
N ALA LA 81 -30.23 -12.37 -74.58
CA ALA LA 81 -28.99 -11.63 -74.81
C ALA LA 81 -29.08 -10.13 -74.44
N GLY LA 82 -30.27 -9.62 -74.12
CA GLY LA 82 -30.50 -8.24 -73.68
C GLY LA 82 -30.62 -7.21 -74.82
N VAL LA 83 -30.79 -7.65 -76.07
CA VAL LA 83 -31.07 -6.75 -77.21
C VAL LA 83 -32.47 -6.12 -77.04
N SER LA 84 -32.63 -4.83 -77.36
CA SER LA 84 -33.93 -4.16 -77.20
C SER LA 84 -34.98 -4.70 -78.16
N PRO LA 85 -36.25 -4.62 -77.75
CA PRO LA 85 -37.39 -5.09 -78.54
C PRO LA 85 -37.45 -4.44 -79.92
N VAL LA 86 -37.18 -3.15 -80.00
CA VAL LA 86 -37.12 -2.44 -81.26
C VAL LA 86 -35.96 -2.93 -82.14
N GLU LA 87 -34.77 -3.11 -81.57
CA GLU LA 87 -33.62 -3.59 -82.33
C GLU LA 87 -33.83 -5.02 -82.80
N ILE LA 88 -34.51 -5.86 -82.02
CA ILE LA 88 -34.94 -7.17 -82.49
C ILE LA 88 -35.76 -6.99 -83.76
N LEU LA 89 -36.80 -6.15 -83.73
CA LEU LA 89 -37.67 -5.97 -84.90
C LEU LA 89 -36.88 -5.47 -86.10
N ALA LA 90 -35.98 -4.53 -85.90
CA ALA LA 90 -35.12 -4.09 -86.99
C ALA LA 90 -34.20 -5.19 -87.50
N LEU LA 91 -33.52 -5.93 -86.63
CA LEU LA 91 -32.62 -7.00 -87.03
C LEU LA 91 -33.38 -8.01 -87.89
N LEU LA 92 -34.57 -8.40 -87.44
CA LEU LA 92 -35.41 -9.33 -88.18
C LEU LA 92 -35.87 -8.69 -89.49
N ILE LA 93 -36.35 -7.44 -89.49
CA ILE LA 93 -36.78 -6.74 -90.71
C ILE LA 93 -35.65 -6.66 -91.73
N ALA LA 94 -34.45 -6.34 -91.28
CA ALA LA 94 -33.28 -6.29 -92.12
C ALA LA 94 -32.95 -7.66 -92.69
N ALA LA 95 -32.87 -8.70 -91.85
CA ALA LA 95 -32.52 -10.04 -92.30
C ALA LA 95 -33.53 -10.52 -93.35
N SER LA 96 -34.81 -10.33 -93.08
CA SER LA 96 -35.92 -10.66 -93.97
C SER LA 96 -35.80 -9.95 -95.32
N VAL LA 97 -35.48 -8.65 -95.33
CA VAL LA 97 -35.34 -7.88 -96.57
C VAL LA 97 -34.04 -8.16 -97.33
N LEU LA 98 -32.98 -8.54 -96.63
CA LEU LA 98 -31.78 -9.13 -97.23
C LEU LA 98 -32.03 -10.56 -97.72
N GLY LA 99 -33.13 -11.19 -97.34
CA GLY LA 99 -33.46 -12.57 -97.67
C GLY LA 99 -32.66 -13.61 -96.87
N LEU LA 100 -32.07 -13.20 -95.76
CA LEU LA 100 -31.27 -14.07 -94.87
C LEU LA 100 -32.14 -15.06 -94.12
N ASP LA 101 -31.61 -16.26 -93.90
CA ASP LA 101 -32.33 -17.40 -93.37
C ASP LA 101 -32.29 -17.47 -91.82
N PRO LA 102 -33.10 -18.34 -91.19
CA PRO LA 102 -33.12 -18.50 -89.74
C PRO LA 102 -31.76 -18.85 -89.12
N ASP LA 103 -30.89 -19.58 -89.82
CA ASP LA 103 -29.55 -19.87 -89.32
C ASP LA 103 -28.70 -18.60 -89.28
N ALA LA 104 -28.75 -17.75 -90.31
CA ALA LA 104 -28.10 -16.44 -90.28
C ALA LA 104 -28.70 -15.55 -89.17
N ILE LA 105 -30.02 -15.60 -88.96
CA ILE LA 105 -30.64 -14.90 -87.84
C ILE LA 105 -30.14 -15.48 -86.50
N GLN LA 106 -29.97 -16.79 -86.38
CA GLN LA 106 -29.41 -17.39 -85.17
C GLN LA 106 -27.95 -16.98 -84.97
N ALA LA 107 -27.17 -16.84 -86.04
CA ALA LA 107 -25.84 -16.25 -85.96
C ALA LA 107 -25.88 -14.77 -85.51
N ALA LA 108 -26.90 -14.01 -85.90
CA ALA LA 108 -27.11 -12.67 -85.36
C ALA LA 108 -27.43 -12.72 -83.85
N ALA LA 109 -28.21 -13.70 -83.39
CA ALA LA 109 -28.40 -13.93 -81.95
C ALA LA 109 -27.07 -14.29 -81.25
N ALA LA 110 -26.23 -15.12 -81.85
CA ALA LA 110 -24.91 -15.42 -81.33
C ALA LA 110 -24.00 -14.18 -81.27
N LEU LA 111 -24.03 -13.30 -82.28
CA LEU LA 111 -23.33 -12.01 -82.24
C LEU LA 111 -23.89 -11.11 -81.11
N GLY LA 112 -25.19 -11.18 -80.85
CA GLY LA 112 -25.82 -10.53 -79.71
C GLY LA 112 -25.31 -11.07 -78.38
N GLU LA 113 -25.18 -12.39 -78.24
CA GLU LA 113 -24.58 -13.01 -77.04
C GLU LA 113 -23.08 -12.69 -76.87
N ALA LA 114 -22.36 -12.52 -77.98
CA ALA LA 114 -21.00 -11.98 -78.00
C ALA LA 114 -20.95 -10.47 -77.69
N GLY LA 115 -22.11 -9.80 -77.59
CA GLY LA 115 -22.21 -8.39 -77.23
C GLY LA 115 -21.91 -7.41 -78.37
N ILE LA 116 -21.90 -7.87 -79.63
CA ILE LA 116 -21.63 -7.03 -80.80
C ILE LA 116 -22.79 -6.03 -81.01
N SER LA 117 -22.47 -4.78 -81.32
CA SER LA 117 -23.48 -3.73 -81.47
C SER LA 117 -24.42 -3.97 -82.66
N ALA LA 118 -25.67 -3.54 -82.56
CA ALA LA 118 -26.69 -3.85 -83.58
C ALA LA 118 -26.32 -3.28 -84.97
N GLU LA 119 -25.76 -2.08 -85.02
CA GLU LA 119 -25.24 -1.54 -86.29
C GLU LA 119 -24.12 -2.43 -86.84
N GLU LA 120 -23.18 -2.89 -86.00
CA GLU LA 120 -22.11 -3.77 -86.47
C GLU LA 120 -22.64 -5.11 -86.95
N ILE LA 121 -23.64 -5.70 -86.28
CA ILE LA 121 -24.31 -6.90 -86.78
C ILE LA 121 -24.88 -6.62 -88.17
N ILE LA 122 -25.67 -5.55 -88.32
CA ILE LA 122 -26.28 -5.19 -89.59
C ILE LA 122 -25.23 -4.97 -90.68
N GLU LA 123 -24.16 -4.25 -90.38
CA GLU LA 123 -23.09 -3.99 -91.35
C GLU LA 123 -22.33 -5.27 -91.70
N LEU LA 124 -22.07 -6.16 -90.75
CA LEU LA 124 -21.45 -7.46 -91.04
C LEU LA 124 -22.37 -8.31 -91.92
N LEU LA 125 -23.67 -8.35 -91.62
CA LEU LA 125 -24.63 -9.05 -92.47
C LEU LA 125 -24.68 -8.42 -93.88
N THR LA 126 -24.72 -7.09 -93.96
CA THR LA 126 -24.71 -6.36 -95.24
C THR LA 126 -23.44 -6.69 -96.04
N ALA LA 127 -22.28 -6.64 -95.38
CA ALA LA 127 -21.02 -7.01 -96.01
C ALA LA 127 -21.04 -8.47 -96.49
N ALA LA 128 -21.52 -9.42 -95.67
CA ALA LA 128 -21.61 -10.81 -96.07
C ALA LA 128 -22.52 -11.01 -97.29
N ARG LA 129 -23.66 -10.32 -97.33
CA ARG LA 129 -24.55 -10.30 -98.47
C ARG LA 129 -23.88 -9.74 -99.73
N ASP LA 130 -23.21 -8.58 -99.61
CA ASP LA 130 -22.49 -7.96 -100.73
C ASP LA 130 -21.29 -8.78 -101.24
N LEU LA 131 -20.59 -9.48 -100.35
CA LEU LA 131 -19.51 -10.41 -100.71
C LEU LA 131 -20.03 -11.77 -101.22
N GLY LA 132 -21.33 -12.07 -101.05
CA GLY LA 132 -21.90 -13.37 -101.44
C GLY LA 132 -21.44 -14.54 -100.55
N LEU LA 133 -21.04 -14.24 -99.32
CA LEU LA 133 -20.62 -15.24 -98.32
C LEU LA 133 -21.81 -16.06 -97.81
N ASP LA 134 -21.57 -17.30 -97.43
CA ASP LA 134 -22.62 -18.24 -96.98
C ASP LA 134 -22.86 -18.19 -95.45
N PRO LA 135 -23.96 -18.78 -94.94
CA PRO LA 135 -24.27 -18.79 -93.51
C PRO LA 135 -23.17 -19.39 -92.64
N ASP LA 136 -22.40 -20.36 -93.15
CA ASP LA 136 -21.24 -20.88 -92.43
C ASP LA 136 -20.16 -19.81 -92.25
N ALA LA 137 -19.86 -19.02 -93.28
CA ALA LA 137 -18.94 -17.89 -93.13
C ALA LA 137 -19.48 -16.85 -92.13
N ILE LA 138 -20.79 -16.58 -92.11
CA ILE LA 138 -21.40 -15.73 -91.08
C ILE LA 138 -21.25 -16.36 -89.68
N GLN LA 139 -21.47 -17.67 -89.53
CA GLN LA 139 -21.28 -18.37 -88.26
C GLN LA 139 -19.81 -18.33 -87.81
N ALA LA 140 -18.87 -18.45 -88.73
CA ALA LA 140 -17.46 -18.24 -88.43
C ALA LA 140 -17.19 -16.78 -88.01
N ALA LA 141 -17.81 -15.79 -88.64
CA ALA LA 141 -17.73 -14.41 -88.19
C ALA LA 141 -18.30 -14.22 -86.77
N ALA LA 142 -19.37 -14.92 -86.40
CA ALA LA 142 -19.86 -14.95 -85.02
C ALA LA 142 -18.80 -15.54 -84.07
N GLN LA 143 -18.10 -16.60 -84.47
CA GLN LA 143 -16.96 -17.12 -83.70
C GLN LA 143 -15.79 -16.12 -83.60
N LEU LA 144 -15.51 -15.32 -84.64
CA LEU LA 144 -14.53 -14.22 -84.52
C LEU LA 144 -15.00 -13.17 -83.49
N GLY LA 145 -16.30 -12.94 -83.39
CA GLY LA 145 -16.91 -12.14 -82.33
C GLY LA 145 -16.69 -12.73 -80.94
N GLU LA 146 -16.86 -14.05 -80.77
CA GLU LA 146 -16.51 -14.75 -79.52
C GLU LA 146 -15.01 -14.68 -79.20
N ALA LA 147 -14.15 -14.65 -80.22
CA ALA LA 147 -12.71 -14.39 -80.08
C ALA LA 147 -12.36 -12.91 -79.81
N GLY LA 148 -13.34 -12.00 -79.80
CA GLY LA 148 -13.15 -10.58 -79.49
C GLY LA 148 -12.53 -9.75 -80.62
N ILE LA 149 -12.52 -10.26 -81.85
CA ILE LA 149 -12.00 -9.55 -83.04
C ILE LA 149 -12.91 -8.36 -83.37
N SER LA 150 -12.37 -7.17 -83.64
CA SER LA 150 -13.19 -5.99 -83.93
C SER LA 150 -13.83 -6.09 -85.32
N SER LA 151 -14.95 -5.39 -85.55
CA SER LA 151 -15.70 -5.51 -86.81
C SER LA 151 -14.88 -5.18 -88.06
N GLU LA 152 -14.00 -4.17 -88.02
CA GLU LA 152 -13.11 -3.89 -89.14
C GLU LA 152 -12.04 -4.99 -89.34
N GLU LA 153 -11.55 -5.60 -88.27
CA GLU LA 153 -10.65 -6.76 -88.38
C GLU LA 153 -11.38 -8.01 -88.89
N ILE LA 154 -12.64 -8.21 -88.52
CA ILE LA 154 -13.47 -9.24 -89.15
C ILE LA 154 -13.59 -8.93 -90.65
N LYS LA 155 -13.86 -7.69 -91.03
CA LYS LA 155 -13.95 -7.32 -92.44
C LYS LA 155 -12.63 -7.51 -93.18
N GLU LA 156 -11.47 -7.23 -92.56
CA GLU LA 156 -10.18 -7.63 -93.12
C GLU LA 156 -10.11 -9.15 -93.34
N LEU LA 157 -10.42 -9.93 -92.31
CA LEU LA 157 -10.21 -11.38 -92.34
C LEU LA 157 -11.16 -12.08 -93.31
N LEU LA 158 -12.43 -11.67 -93.34
CA LEU LA 158 -13.38 -12.14 -94.34
C LEU LA 158 -12.95 -11.71 -95.74
N ARG LA 159 -12.54 -10.45 -95.95
CA ARG LA 159 -12.10 -9.99 -97.28
C ARG LA 159 -10.86 -10.75 -97.74
N ALA LA 160 -9.90 -10.96 -96.85
CA ALA LA 160 -8.74 -11.80 -97.13
C ALA LA 160 -9.17 -13.23 -97.49
N ALA LA 161 -10.00 -13.88 -96.67
CA ALA LA 161 -10.43 -15.25 -96.94
C ALA LA 161 -11.14 -15.38 -98.30
N HIS LA 162 -12.00 -14.41 -98.62
CA HIS LA 162 -12.73 -14.34 -99.89
C HIS LA 162 -11.79 -14.13 -101.08
N GLU LA 163 -10.87 -13.17 -101.01
CA GLU LA 163 -9.89 -12.91 -102.07
C GLU LA 163 -8.93 -14.09 -102.26
N LEU LA 164 -8.54 -14.78 -101.19
CA LEU LA 164 -7.58 -15.90 -101.19
C LEU LA 164 -8.22 -17.27 -101.46
N GLY LA 165 -9.55 -17.39 -101.43
CA GLY LA 165 -10.23 -18.67 -101.63
C GLY LA 165 -10.07 -19.66 -100.46
N LEU LA 166 -9.97 -19.15 -99.24
CA LEU LA 166 -10.02 -19.94 -98.02
C LEU LA 166 -11.47 -20.38 -97.70
N ASP LA 167 -11.70 -21.08 -96.59
CA ASP LA 167 -13.00 -21.65 -96.24
C ASP LA 167 -13.40 -21.38 -94.76
N PRO LA 168 -14.70 -21.52 -94.40
CA PRO LA 168 -15.18 -21.26 -93.04
C PRO LA 168 -14.48 -22.07 -91.95
N ASP LA 169 -14.00 -23.29 -92.24
CA ASP LA 169 -13.21 -24.06 -91.28
C ASP LA 169 -11.87 -23.37 -90.98
N CYS LA 170 -11.19 -22.81 -91.99
CA CYS LA 170 -10.00 -22.00 -91.76
C CYS LA 170 -10.31 -20.73 -90.95
N ILE LA 171 -11.43 -20.06 -91.23
CA ILE LA 171 -11.86 -18.88 -90.45
C ILE LA 171 -12.17 -19.29 -89.01
N ALA LA 172 -12.81 -20.43 -88.78
CA ALA LA 172 -13.08 -20.98 -87.45
C ALA LA 172 -11.78 -21.34 -86.72
N ALA LA 173 -10.78 -21.89 -87.40
CA ALA LA 173 -9.46 -22.14 -86.81
C ALA LA 173 -8.72 -20.84 -86.47
N ALA LA 174 -8.87 -19.79 -87.28
CA ALA LA 174 -8.26 -18.48 -87.02
C ALA LA 174 -8.74 -17.86 -85.70
N ALA LA 175 -9.94 -18.19 -85.21
CA ALA LA 175 -10.43 -17.74 -83.91
C ALA LA 175 -9.55 -18.22 -82.73
N ASP LA 176 -8.85 -19.35 -82.86
CA ASP LA 176 -7.88 -19.81 -81.84
C ASP LA 176 -6.61 -18.95 -81.85
N LEU LA 177 -6.15 -18.52 -83.04
CA LEU LA 177 -5.05 -17.56 -83.17
C LEU LA 177 -5.46 -16.18 -82.62
N GLY LA 178 -6.72 -15.78 -82.81
CA GLY LA 178 -7.30 -14.58 -82.22
C GLY LA 178 -7.29 -14.61 -80.69
N GLN LA 179 -7.69 -15.72 -80.08
CA GLN LA 179 -7.64 -15.93 -78.63
C GLN LA 179 -6.20 -16.06 -78.10
N ALA LA 180 -5.25 -16.55 -78.90
CA ALA LA 180 -3.82 -16.50 -78.63
C ALA LA 180 -3.20 -15.09 -78.81
N GLY LA 181 -3.99 -14.09 -79.23
CA GLY LA 181 -3.59 -12.68 -79.33
C GLY LA 181 -2.83 -12.31 -80.61
N ILE LA 182 -2.86 -13.16 -81.65
CA ILE LA 182 -2.14 -12.93 -82.91
C ILE LA 182 -2.83 -11.81 -83.73
N SER LA 183 -2.05 -10.93 -84.37
CA SER LA 183 -2.59 -9.81 -85.16
C SER LA 183 -3.33 -10.27 -86.44
N SER LA 184 -4.24 -9.47 -87.00
CA SER LA 184 -4.96 -9.81 -88.24
C SER LA 184 -4.00 -10.05 -89.43
N SER LA 185 -2.90 -9.29 -89.49
CA SER LA 185 -1.83 -9.49 -90.47
C SER LA 185 -1.13 -10.84 -90.27
N GLU LA 186 -0.73 -11.19 -89.04
CA GLU LA 186 -0.06 -12.46 -88.78
C GLU LA 186 -1.00 -13.67 -88.88
N ILE LA 187 -2.28 -13.53 -88.50
CA ILE LA 187 -3.30 -14.54 -88.81
C ILE LA 187 -3.34 -14.76 -90.31
N THR LA 188 -3.38 -13.70 -91.11
CA THR LA 188 -3.37 -13.81 -92.57
C THR LA 188 -2.09 -14.49 -93.06
N ALA LA 189 -0.92 -14.15 -92.53
CA ALA LA 189 0.33 -14.81 -92.88
C ALA LA 189 0.29 -16.30 -92.54
N LEU LA 190 -0.17 -16.67 -91.34
CA LEU LA 190 -0.27 -18.07 -90.93
C LEU LA 190 -1.30 -18.84 -91.76
N LEU LA 191 -2.43 -18.22 -92.09
CA LEU LA 191 -3.39 -18.78 -93.03
C LEU LA 191 -2.75 -19.02 -94.40
N LEU LA 192 -2.02 -18.04 -94.94
CA LEU LA 192 -1.34 -18.16 -96.22
C LEU LA 192 -0.31 -19.29 -96.21
N ALA LA 193 0.53 -19.38 -95.19
CA ALA LA 193 1.52 -20.45 -95.08
C ALA LA 193 0.87 -21.83 -94.93
N ALA LA 194 -0.15 -21.96 -94.08
CA ALA LA 194 -0.90 -23.21 -93.90
C ALA LA 194 -1.54 -23.65 -95.24
N ALA LA 195 -2.24 -22.74 -95.90
CA ALA LA 195 -2.86 -23.00 -97.20
C ALA LA 195 -1.81 -23.36 -98.26
N ALA LA 196 -0.69 -22.63 -98.36
CA ALA LA 196 0.35 -22.92 -99.33
C ALA LA 196 0.90 -24.33 -99.15
N ILE LA 197 1.16 -24.76 -97.91
CA ILE LA 197 1.72 -26.07 -97.64
C ILE LA 197 0.66 -27.17 -97.82
N GLU LA 198 -0.60 -26.94 -97.45
CA GLU LA 198 -1.68 -27.88 -97.78
C GLU LA 198 -1.86 -28.04 -99.30
N LEU LA 199 -1.82 -26.95 -100.06
CA LEU LA 199 -1.86 -26.98 -101.52
C LEU LA 199 -0.63 -27.68 -102.10
N ALA LA 200 0.56 -27.45 -101.55
CA ALA LA 200 1.79 -28.17 -101.92
C ALA LA 200 1.77 -29.67 -101.56
N LYS LA 201 0.67 -30.18 -100.97
CA LYS LA 201 0.41 -31.61 -100.73
C LYS LA 201 -0.78 -32.14 -101.54
N ARG LA 202 -1.88 -31.40 -101.57
CA ARG LA 202 -3.09 -31.74 -102.35
C ARG LA 202 -2.87 -31.62 -103.87
N ALA LA 203 -1.97 -30.73 -104.29
CA ALA LA 203 -1.53 -30.50 -105.66
C ALA LA 203 0.01 -30.37 -105.67
N ASP LA 204 0.68 -31.39 -105.14
CA ASP LA 204 2.11 -31.38 -104.89
C ASP LA 204 2.99 -31.28 -106.15
N ASP LA 205 4.10 -30.56 -106.03
CA ASP LA 205 5.23 -30.61 -106.95
C ASP LA 205 6.51 -30.23 -106.18
N LYS LA 206 7.66 -30.81 -106.50
CA LYS LA 206 8.95 -30.35 -105.96
C LYS LA 206 9.19 -28.88 -106.32
N ASP LA 207 8.79 -28.44 -107.51
CA ASP LA 207 8.97 -27.04 -107.92
C ASP LA 207 8.08 -26.11 -107.08
N VAL LA 208 6.87 -26.55 -106.74
CA VAL LA 208 5.98 -25.84 -105.82
C VAL LA 208 6.58 -25.82 -104.42
N ARG LA 209 7.12 -26.95 -103.92
CA ARG LA 209 7.81 -26.98 -102.61
C ARG LA 209 9.02 -26.04 -102.58
N GLU LA 210 9.81 -25.95 -103.65
CA GLU LA 210 10.92 -24.99 -103.75
C GLU LA 210 10.42 -23.54 -103.70
N ILE LA 211 9.38 -23.19 -104.46
CA ILE LA 211 8.80 -21.85 -104.44
C ILE LA 211 8.25 -21.51 -103.05
N VAL LA 212 7.45 -22.40 -102.48
CA VAL LA 212 6.85 -22.22 -101.15
C VAL LA 212 7.95 -22.07 -100.10
N ARG LA 213 8.98 -22.92 -100.12
CA ARG LA 213 10.14 -22.81 -99.24
C ARG LA 213 10.83 -21.45 -99.39
N ASP LA 214 11.17 -21.05 -100.60
CA ASP LA 214 11.89 -19.81 -100.84
C ASP LA 214 11.06 -18.58 -100.42
N ALA LA 215 9.73 -18.63 -100.64
CA ALA LA 215 8.83 -17.61 -100.13
C ALA LA 215 8.78 -17.59 -98.59
N LEU LA 216 8.62 -18.75 -97.94
CA LEU LA 216 8.62 -18.85 -96.48
C LEU LA 216 9.97 -18.38 -95.90
N GLU LA 217 11.09 -18.71 -96.54
CA GLU LA 217 12.42 -18.25 -96.15
C GLU LA 217 12.52 -16.72 -96.22
N LEU LA 218 12.17 -16.13 -97.36
CA LEU LA 218 12.17 -14.68 -97.54
C LEU LA 218 11.25 -14.00 -96.53
N ALA LA 219 10.04 -14.54 -96.32
CA ALA LA 219 9.10 -14.03 -95.33
C ALA LA 219 9.66 -14.12 -93.91
N SER LA 220 10.29 -15.23 -93.52
CA SER LA 220 10.87 -15.42 -92.19
C SER LA 220 12.02 -14.44 -91.92
N ARG LA 221 12.77 -14.04 -92.95
CA ARG LA 221 13.81 -12.99 -92.86
C ARG LA 221 13.28 -11.55 -93.00
N SER LA 222 12.02 -11.35 -93.42
CA SER LA 222 11.47 -10.02 -93.72
C SER LA 222 11.18 -9.20 -92.46
N THR LA 223 11.64 -7.94 -92.45
CA THR LA 223 11.45 -6.98 -91.34
C THR LA 223 10.18 -6.12 -91.48
N ASN LA 224 9.44 -6.23 -92.60
CA ASN LA 224 8.20 -5.49 -92.87
C ASN LA 224 7.13 -6.43 -93.49
N ASP LA 225 5.89 -6.39 -93.00
CA ASP LA 225 4.89 -7.41 -93.31
C ASP LA 225 4.22 -7.28 -94.70
N GLU LA 226 4.43 -6.17 -95.42
CA GLU LA 226 4.04 -6.07 -96.83
C GLU LA 226 4.78 -7.13 -97.66
N VAL LA 227 6.09 -7.30 -97.43
CA VAL LA 227 6.89 -8.35 -98.08
C VAL LA 227 6.37 -9.73 -97.68
N ILE LA 228 6.04 -9.93 -96.40
CA ILE LA 228 5.50 -11.21 -95.91
C ILE LA 228 4.20 -11.53 -96.64
N ARG LA 229 3.24 -10.61 -96.63
CA ARG LA 229 1.94 -10.82 -97.27
C ARG LA 229 2.12 -11.07 -98.77
N LEU LA 230 2.93 -10.27 -99.47
CA LEU LA 230 3.22 -10.47 -100.88
C LEU LA 230 3.84 -11.84 -101.16
N ALA LA 231 4.87 -12.25 -100.40
CA ALA LA 231 5.55 -13.52 -100.61
C ALA LA 231 4.62 -14.72 -100.34
N LEU LA 232 3.87 -14.69 -99.24
CA LEU LA 232 3.00 -15.82 -98.88
C LEU LA 232 1.73 -15.87 -99.74
N GLU LA 233 1.24 -14.73 -100.23
CA GLU LA 233 0.20 -14.70 -101.26
C GLU LA 233 0.73 -15.25 -102.59
N ALA LA 234 1.93 -14.88 -103.00
CA ALA LA 234 2.56 -15.48 -104.19
C ALA LA 234 2.71 -16.99 -104.04
N ALA LA 235 3.10 -17.49 -102.86
CA ALA LA 235 3.20 -18.90 -102.58
C ALA LA 235 1.85 -19.62 -102.75
N VAL LA 236 0.76 -19.06 -102.22
CA VAL LA 236 -0.59 -19.61 -102.42
C VAL LA 236 -1.00 -19.57 -103.89
N LEU LA 237 -0.79 -18.46 -104.58
CA LEU LA 237 -1.15 -18.33 -105.99
C LEU LA 237 -0.36 -19.33 -106.86
N ALA LA 238 0.94 -19.47 -106.63
CA ALA LA 238 1.75 -20.48 -107.31
C ALA LA 238 1.24 -21.91 -107.03
N ALA LA 239 0.87 -22.22 -105.78
CA ALA LA 239 0.37 -23.53 -105.39
C ALA LA 239 -1.06 -23.83 -105.91
N ARG LA 240 -1.88 -22.81 -106.20
CA ARG LA 240 -3.15 -22.97 -106.94
C ARG LA 240 -2.96 -23.03 -108.46
N SER LA 241 -1.92 -22.41 -109.00
CA SER LA 241 -1.61 -22.38 -110.43
C SER LA 241 -1.20 -23.75 -110.99
N THR LA 242 -1.40 -23.94 -112.29
CA THR LA 242 -0.91 -25.09 -113.06
C THR LA 242 -0.01 -24.69 -114.23
N ASP LA 243 0.51 -23.45 -114.24
CA ASP LA 243 1.29 -22.89 -115.36
C ASP LA 243 2.76 -22.70 -115.00
N SER LA 244 3.64 -23.42 -115.71
CA SER LA 244 5.10 -23.32 -115.54
C SER LA 244 5.63 -21.92 -115.76
N ASP LA 245 5.05 -21.11 -116.67
CA ASP LA 245 5.50 -19.73 -116.84
C ASP LA 245 5.19 -18.88 -115.60
N VAL LA 246 4.08 -19.14 -114.91
CA VAL LA 246 3.81 -18.50 -113.61
C VAL LA 246 4.84 -18.96 -112.58
N LEU LA 247 5.15 -20.25 -112.52
CA LEU LA 247 6.18 -20.75 -111.60
C LEU LA 247 7.55 -20.11 -111.90
N GLU LA 248 7.94 -19.99 -113.17
CA GLU LA 248 9.18 -19.33 -113.57
C GLU LA 248 9.17 -17.84 -113.24
N ILE LA 249 8.06 -17.13 -113.50
CA ILE LA 249 7.90 -15.73 -113.10
C ILE LA 249 8.05 -15.58 -111.58
N VAL LA 250 7.44 -16.47 -110.78
CA VAL LA 250 7.55 -16.43 -109.32
C VAL LA 250 8.98 -16.77 -108.86
N LYS LA 251 9.67 -17.74 -109.47
CA LYS LA 251 11.08 -18.00 -109.20
C LYS LA 251 11.98 -16.81 -109.56
N ASP LA 252 11.76 -16.19 -110.72
CA ASP LA 252 12.49 -14.99 -111.12
C ASP LA 252 12.30 -13.86 -110.11
N ALA LA 253 11.06 -13.64 -109.65
CA ALA LA 253 10.76 -12.64 -108.64
C ALA LA 253 11.38 -12.95 -107.28
N LEU LA 254 11.26 -14.19 -106.78
CA LEU LA 254 11.88 -14.60 -105.52
C LEU LA 254 13.41 -14.50 -105.57
N GLU LA 255 14.02 -14.89 -106.69
CA GLU LA 255 15.47 -14.78 -106.88
C GLU LA 255 15.91 -13.31 -106.98
N LEU LA 256 15.25 -12.49 -107.79
CA LEU LA 256 15.53 -11.05 -107.88
C LEU LA 256 15.37 -10.37 -106.52
N ALA LA 257 14.33 -10.74 -105.76
CA ALA LA 257 14.15 -10.27 -104.38
C ALA LA 257 15.29 -10.75 -103.46
N LYS LA 258 15.66 -12.03 -103.49
CA LYS LA 258 16.76 -12.59 -102.67
C LYS LA 258 18.13 -12.00 -103.01
N GLN LA 259 18.36 -11.63 -104.27
CA GLN LA 259 19.54 -10.89 -104.74
C GLN LA 259 19.50 -9.38 -104.46
N SER LA 260 18.32 -8.82 -104.13
CA SER LA 260 18.10 -7.37 -104.15
C SER LA 260 18.92 -6.57 -103.13
N THR LA 261 19.43 -5.42 -103.57
CA THR LA 261 19.98 -4.33 -102.72
C THR LA 261 18.90 -3.51 -102.01
N ASN LA 262 17.65 -3.54 -102.48
CA ASN LA 262 16.61 -2.56 -102.15
C ASN LA 262 15.25 -3.22 -101.80
N GLU LA 263 14.62 -2.78 -100.72
CA GLU LA 263 13.30 -3.23 -100.29
C GLU LA 263 12.20 -2.88 -101.29
N GLU LA 264 12.29 -1.74 -101.97
CA GLU LA 264 11.28 -1.32 -102.93
C GLU LA 264 11.29 -2.22 -104.18
N VAL LA 265 12.48 -2.63 -104.64
CA VAL LA 265 12.62 -3.65 -105.69
C VAL LA 265 12.02 -4.98 -105.22
N ILE LA 266 12.22 -5.39 -103.96
CA ILE LA 266 11.59 -6.61 -103.42
C ILE LA 266 10.07 -6.51 -103.50
N LYS LA 267 9.50 -5.41 -103.01
CA LYS LA 267 8.05 -5.17 -103.01
C LYS LA 267 7.50 -5.15 -104.43
N LEU LA 268 8.15 -4.43 -105.34
CA LEU LA 268 7.79 -4.41 -106.77
C LEU LA 268 7.87 -5.80 -107.40
N ALA LA 269 8.91 -6.57 -107.16
CA ALA LA 269 9.09 -7.90 -107.76
C ALA LA 269 7.99 -8.87 -107.30
N LEU LA 270 7.74 -8.95 -105.99
CA LEU LA 270 6.70 -9.85 -105.47
C LEU LA 270 5.30 -9.38 -105.87
N LYS LA 271 5.01 -8.07 -105.86
CA LYS LA 271 3.72 -7.52 -106.31
C LYS LA 271 3.49 -7.77 -107.80
N ALA LA 272 4.50 -7.54 -108.65
CA ALA LA 272 4.41 -7.89 -110.06
C ALA LA 272 4.17 -9.40 -110.27
N ALA LA 273 4.82 -10.28 -109.50
CA ALA LA 273 4.59 -11.72 -109.57
C ALA LA 273 3.17 -12.10 -109.12
N VAL LA 274 2.66 -11.53 -108.02
CA VAL LA 274 1.27 -11.73 -107.57
C VAL LA 274 0.28 -11.32 -108.65
N LEU LA 275 0.46 -10.13 -109.23
CA LEU LA 275 -0.42 -9.61 -110.28
C LEU LA 275 -0.31 -10.40 -111.58
N ALA LA 276 0.88 -10.88 -111.94
CA ALA LA 276 1.04 -11.83 -113.03
C ALA LA 276 0.31 -13.15 -112.74
N ALA LA 277 0.42 -13.70 -111.53
CA ALA LA 277 -0.24 -14.95 -111.15
C ALA LA 277 -1.79 -14.83 -111.12
N LYS LA 278 -2.33 -13.64 -110.87
CA LYS LA 278 -3.77 -13.33 -111.02
C LYS LA 278 -4.18 -13.02 -112.47
N SER LA 279 -3.23 -12.81 -113.38
CA SER LA 279 -3.51 -12.45 -114.78
C SER LA 279 -4.09 -13.62 -115.60
N THR LA 280 -4.76 -13.28 -116.69
CA THR LA 280 -5.48 -14.21 -117.59
C THR LA 280 -5.02 -14.11 -119.05
N ASP LA 281 -4.02 -13.29 -119.37
CA ASP LA 281 -3.55 -13.04 -120.74
C ASP LA 281 -2.08 -13.47 -120.94
N GLU LA 282 -1.86 -14.41 -121.87
CA GLU LA 282 -0.52 -14.91 -122.20
C GLU LA 282 0.42 -13.84 -122.78
N GLU LA 283 -0.08 -12.80 -123.44
CA GLU LA 283 0.76 -11.70 -123.94
C GLU LA 283 1.30 -10.85 -122.78
N VAL LA 284 0.48 -10.63 -121.75
CA VAL LA 284 0.90 -9.95 -120.52
C VAL LA 284 1.91 -10.81 -119.75
N LEU LA 285 1.64 -12.11 -119.62
CA LEU LA 285 2.60 -13.03 -118.99
C LEU LA 285 3.93 -13.08 -119.76
N GLU LA 286 3.91 -13.15 -121.09
CA GLU LA 286 5.13 -13.14 -121.90
C GLU LA 286 5.90 -11.81 -121.74
N GLU LA 287 5.23 -10.67 -121.83
CA GLU LA 287 5.90 -9.38 -121.63
C GLU LA 287 6.46 -9.24 -120.20
N VAL LA 288 5.75 -9.73 -119.17
CA VAL LA 288 6.27 -9.76 -117.81
C VAL LA 288 7.50 -10.67 -117.70
N LYS LA 289 7.46 -11.85 -118.33
CA LYS LA 289 8.60 -12.79 -118.35
C LYS LA 289 9.81 -12.16 -119.04
N GLU LA 290 9.61 -11.50 -120.17
CA GLU LA 290 10.66 -10.73 -120.85
C GLU LA 290 11.13 -9.52 -120.03
N ALA LA 291 10.23 -8.80 -119.34
CA ALA LA 291 10.61 -7.71 -118.46
C ALA LA 291 11.48 -8.21 -117.29
N LEU LA 292 11.17 -9.38 -116.73
CA LEU LA 292 12.01 -10.02 -115.72
C LEU LA 292 13.35 -10.46 -116.31
N ARG LA 293 13.39 -10.98 -117.53
CA ARG LA 293 14.67 -11.25 -118.22
C ARG LA 293 15.49 -9.97 -118.37
N ARG LA 294 14.90 -8.88 -118.87
CA ARG LA 294 15.57 -7.56 -118.97
C ARG LA 294 16.03 -7.04 -117.61
N ALA LA 295 15.23 -7.21 -116.56
CA ALA LA 295 15.62 -6.84 -115.20
C ALA LA 295 16.83 -7.64 -114.69
N LYS LA 296 16.85 -8.98 -114.86
CA LYS LA 296 17.99 -9.82 -114.46
C LYS LA 296 19.26 -9.55 -115.28
N GLU LA 297 19.13 -9.23 -116.56
CA GLU LA 297 20.25 -8.83 -117.42
C GLU LA 297 20.81 -7.44 -117.06
N SER LA 298 19.98 -6.53 -116.55
CA SER LA 298 20.37 -5.20 -116.08
C SER LA 298 21.10 -5.22 -114.71
N THR LA 299 21.73 -4.11 -114.36
CA THR LA 299 22.38 -3.85 -113.05
C THR LA 299 22.00 -2.48 -112.47
N ASP LA 300 20.96 -1.82 -112.99
CA ASP LA 300 20.52 -0.49 -112.52
C ASP LA 300 19.16 -0.57 -111.81
N GLU LA 301 19.11 -0.17 -110.54
CA GLU LA 301 17.86 -0.14 -109.77
C GLU LA 301 16.79 0.75 -110.43
N GLU LA 302 17.15 1.87 -111.07
CA GLU LA 302 16.17 2.73 -111.74
C GLU LA 302 15.59 2.06 -113.00
N GLU LA 303 16.33 1.16 -113.66
CA GLU LA 303 15.80 0.37 -114.77
C GLU LA 303 14.95 -0.80 -114.26
N ILE LA 304 15.44 -1.54 -113.26
CA ILE LA 304 14.72 -2.68 -112.66
C ILE LA 304 13.37 -2.21 -112.09
N LYS LA 305 13.32 -1.08 -111.38
CA LYS LA 305 12.06 -0.53 -110.86
C LYS LA 305 11.09 -0.17 -111.98
N GLU LA 306 11.53 0.42 -113.08
CA GLU LA 306 10.66 0.72 -114.22
C GLU LA 306 10.14 -0.55 -114.92
N GLU LA 307 10.99 -1.55 -115.14
CA GLU LA 307 10.57 -2.83 -115.74
C GLU LA 307 9.53 -3.57 -114.90
N LEU LA 308 9.57 -3.43 -113.57
CA LEU LA 308 8.54 -3.96 -112.67
C LEU LA 308 7.31 -3.03 -112.57
N ARG LA 309 7.48 -1.71 -112.47
CA ARG LA 309 6.39 -0.73 -112.27
C ARG LA 309 5.32 -0.82 -113.35
N LYS LA 310 5.71 -1.01 -114.61
CA LYS LA 310 4.78 -1.15 -115.75
C LYS LA 310 3.78 -2.32 -115.59
N ALA LA 311 4.12 -3.35 -114.80
CA ALA LA 311 3.21 -4.45 -114.46
C ALA LA 311 2.29 -4.18 -113.25
N VAL LA 312 2.58 -3.16 -112.43
CA VAL LA 312 1.91 -2.90 -111.14
C VAL LA 312 0.88 -1.75 -111.20
N GLU LA 313 1.12 -0.71 -112.00
CA GLU LA 313 0.38 0.57 -111.93
C GLU LA 313 -1.14 0.50 -112.18
N GLU LA 314 -1.62 -0.50 -112.92
CA GLU LA 314 -3.06 -0.66 -113.24
C GLU LA 314 -3.87 -1.35 -112.12
N ALA LA 315 -3.20 -1.99 -111.16
CA ALA LA 315 -3.85 -2.88 -110.19
C ALA LA 315 -4.61 -2.17 -109.04
N GLU LA 316 -4.35 -0.88 -108.78
CA GLU LA 316 -4.87 -0.14 -107.61
C GLU LA 316 -5.13 1.34 -107.90
N CYS MA 3 -57.33 -23.07 76.70
CA CYS MA 3 -56.20 -22.76 75.78
C CYS MA 3 -56.17 -21.31 75.28
N ASP MA 4 -57.30 -20.62 75.10
CA ASP MA 4 -57.42 -19.38 74.32
C ASP MA 4 -56.41 -18.28 74.69
N ALA MA 5 -56.09 -18.07 75.97
CA ALA MA 5 -55.13 -17.05 76.38
C ALA MA 5 -53.71 -17.33 75.86
N ILE MA 6 -53.30 -18.60 75.82
CA ILE MA 6 -52.00 -19.00 75.27
C ILE MA 6 -52.02 -18.75 73.75
N GLN MA 7 -53.14 -18.96 73.06
CA GLN MA 7 -53.26 -18.65 71.63
C GLN MA 7 -53.20 -17.12 71.37
N ALA MA 8 -53.76 -16.31 72.26
CA ALA MA 8 -53.57 -14.85 72.20
C ALA MA 8 -52.10 -14.46 72.41
N ALA MA 9 -51.38 -15.10 73.34
CA ALA MA 9 -49.94 -14.89 73.48
C ALA MA 9 -49.18 -15.31 72.22
N ALA MA 10 -49.54 -16.42 71.57
CA ALA MA 10 -48.97 -16.83 70.28
C ALA MA 10 -49.24 -15.79 69.18
N ALA MA 11 -50.43 -15.18 69.14
CA ALA MA 11 -50.69 -14.06 68.23
C ALA MA 11 -49.79 -12.84 68.52
N LEU MA 12 -49.56 -12.49 69.79
CA LEU MA 12 -48.62 -11.42 70.14
C LEU MA 12 -47.17 -11.77 69.78
N GLY MA 13 -46.79 -13.04 69.87
CA GLY MA 13 -45.50 -13.54 69.38
C GLY MA 13 -45.37 -13.45 67.85
N GLU MA 14 -46.42 -13.78 67.10
CA GLU MA 14 -46.48 -13.60 65.64
C GLU MA 14 -46.44 -12.11 65.23
N ALA MA 15 -47.02 -11.22 66.05
CA ALA MA 15 -46.89 -9.77 65.90
C ALA MA 15 -45.49 -9.23 66.27
N GLY MA 16 -44.58 -10.07 66.78
CA GLY MA 16 -43.20 -9.72 67.09
C GLY MA 16 -43.00 -8.99 68.42
N ILE MA 17 -44.00 -9.01 69.32
CA ILE MA 17 -43.90 -8.40 70.65
C ILE MA 17 -42.95 -9.24 71.53
N SER MA 18 -41.98 -8.63 72.21
CA SER MA 18 -41.01 -9.39 73.04
C SER MA 18 -41.65 -9.94 74.33
N SER MA 19 -41.00 -10.91 74.96
CA SER MA 19 -41.54 -11.62 76.13
C SER MA 19 -41.88 -10.68 77.30
N ASN MA 20 -40.97 -9.78 77.72
CA ASN MA 20 -41.27 -8.81 78.78
C ASN MA 20 -42.37 -7.80 78.37
N GLU MA 21 -42.48 -7.45 77.09
CA GLU MA 21 -43.59 -6.61 76.61
C GLU MA 21 -44.93 -7.35 76.69
N ILE MA 22 -44.99 -8.64 76.32
CA ILE MA 22 -46.19 -9.45 76.52
C ILE MA 22 -46.51 -9.54 78.01
N LEU MA 23 -45.53 -9.80 78.88
CA LEU MA 23 -45.76 -9.86 80.32
C LEU MA 23 -46.28 -8.52 80.88
N GLU MA 24 -45.79 -7.39 80.40
CA GLU MA 24 -46.34 -6.09 80.78
C GLU MA 24 -47.78 -5.90 80.27
N LEU MA 25 -48.07 -6.28 79.02
CA LEU MA 25 -49.44 -6.24 78.48
C LEU MA 25 -50.37 -7.17 79.26
N LEU MA 26 -49.89 -8.33 79.69
CA LEU MA 26 -50.62 -9.22 80.57
C LEU MA 26 -50.76 -8.63 82.00
N ALA MA 27 -49.79 -7.87 82.51
CA ALA MA 27 -49.95 -7.12 83.75
C ALA MA 27 -51.10 -6.10 83.62
N ALA MA 28 -51.17 -5.38 82.50
CA ALA MA 28 -52.28 -4.49 82.21
C ALA MA 28 -53.59 -5.26 82.08
N ALA MA 29 -53.60 -6.41 81.39
CA ALA MA 29 -54.79 -7.24 81.28
C ALA MA 29 -55.34 -7.67 82.65
N ALA MA 30 -54.48 -8.04 83.60
CA ALA MA 30 -54.85 -8.39 84.97
C ALA MA 30 -55.34 -7.18 85.79
N GLU MA 31 -54.65 -6.04 85.73
CA GLU MA 31 -55.06 -4.81 86.42
C GLU MA 31 -56.41 -4.32 85.89
N LEU MA 32 -56.52 -4.12 84.58
CA LEU MA 32 -57.69 -3.53 83.93
C LEU MA 32 -58.84 -4.53 83.71
N GLY MA 33 -58.60 -5.83 83.89
CA GLY MA 33 -59.59 -6.88 83.67
C GLY MA 33 -59.97 -7.05 82.19
N LEU MA 34 -58.99 -6.97 81.27
CA LEU MA 34 -59.26 -6.99 79.83
C LEU MA 34 -59.83 -8.33 79.34
N ASP MA 35 -60.83 -8.25 78.48
CA ASP MA 35 -61.46 -9.41 77.83
C ASP MA 35 -60.68 -9.84 76.56
N PRO MA 36 -60.96 -11.04 76.00
CA PRO MA 36 -60.27 -11.53 74.81
C PRO MA 36 -60.34 -10.62 73.58
N ASP MA 37 -61.45 -9.93 73.34
CA ASP MA 37 -61.62 -9.07 72.16
C ASP MA 37 -60.90 -7.72 72.34
N ALA MA 38 -60.82 -7.19 73.57
CA ALA MA 38 -59.95 -6.06 73.88
C ALA MA 38 -58.47 -6.42 73.69
N ILE MA 39 -58.05 -7.61 74.12
CA ILE MA 39 -56.69 -8.11 73.91
C ILE MA 39 -56.41 -8.37 72.43
N GLN MA 40 -57.37 -8.92 71.67
CA GLN MA 40 -57.27 -9.06 70.22
C GLN MA 40 -57.11 -7.68 69.54
N ALA MA 41 -57.83 -6.65 69.98
CA ALA MA 41 -57.64 -5.29 69.50
C ALA MA 41 -56.22 -4.77 69.82
N ALA MA 42 -55.69 -5.03 71.02
CA ALA MA 42 -54.30 -4.71 71.35
C ALA MA 42 -53.31 -5.43 70.42
N ALA MA 43 -53.54 -6.71 70.13
CA ALA MA 43 -52.72 -7.45 69.17
C ALA MA 43 -52.81 -6.83 67.76
N GLN MA 44 -54.00 -6.42 67.31
CA GLN MA 44 -54.19 -5.77 66.01
C GLN MA 44 -53.56 -4.35 65.95
N LEU MA 45 -53.56 -3.60 67.05
CA LEU MA 45 -52.78 -2.36 67.17
C LEU MA 45 -51.27 -2.65 67.08
N GLY MA 46 -50.81 -3.76 67.64
CA GLY MA 46 -49.45 -4.26 67.46
C GLY MA 46 -49.11 -4.57 65.99
N GLU MA 47 -49.98 -5.31 65.29
CA GLU MA 47 -49.82 -5.59 63.85
C GLU MA 47 -49.89 -4.33 62.97
N ALA MA 48 -50.69 -3.33 63.37
CA ALA MA 48 -50.70 -2.00 62.75
C ALA MA 48 -49.41 -1.19 63.02
N GLY MA 49 -48.54 -1.66 63.93
CA GLY MA 49 -47.23 -1.07 64.23
C GLY MA 49 -47.24 -0.04 65.36
N ILE MA 50 -48.33 0.08 66.12
CA ILE MA 50 -48.38 0.95 67.30
C ILE MA 50 -47.44 0.38 68.37
N SER MA 51 -46.65 1.23 69.03
CA SER MA 51 -45.64 0.75 70.00
C SER MA 51 -46.29 0.16 71.27
N SER MA 52 -45.61 -0.79 71.90
CA SER MA 52 -46.07 -1.45 73.12
C SER MA 52 -46.35 -0.42 74.24
N GLU MA 53 -45.45 0.55 74.41
CA GLU MA 53 -45.60 1.62 75.39
C GLU MA 53 -46.85 2.48 75.11
N GLU MA 54 -47.11 2.82 73.85
CA GLU MA 54 -48.35 3.52 73.49
C GLU MA 54 -49.58 2.63 73.71
N ILE MA 55 -49.55 1.35 73.35
CA ILE MA 55 -50.69 0.45 73.57
C ILE MA 55 -51.03 0.38 75.06
N LYS MA 56 -50.04 0.39 75.95
CA LYS MA 56 -50.29 0.43 77.39
C LYS MA 56 -51.01 1.73 77.79
N GLU MA 57 -50.64 2.87 77.21
CA GLU MA 57 -51.44 4.09 77.39
C GLU MA 57 -52.84 3.96 76.76
N LEU MA 58 -52.98 3.36 75.58
CA LEU MA 58 -54.29 3.19 74.94
C LEU MA 58 -55.22 2.35 75.80
N LEU MA 59 -54.72 1.24 76.34
CA LEU MA 59 -55.49 0.37 77.22
C LEU MA 59 -55.82 1.10 78.53
N ARG MA 60 -54.86 1.79 79.15
CA ARG MA 60 -55.12 2.60 80.36
C ARG MA 60 -56.24 3.61 80.07
N ALA MA 61 -56.13 4.34 78.97
CA ALA MA 61 -57.12 5.33 78.59
C ALA MA 61 -58.49 4.68 78.35
N ALA MA 62 -58.56 3.58 77.62
CA ALA MA 62 -59.84 2.92 77.35
C ALA MA 62 -60.58 2.55 78.65
N HIS MA 63 -59.84 2.05 79.64
CA HIS MA 63 -60.39 1.76 80.96
C HIS MA 63 -60.76 3.03 81.74
N GLU MA 64 -59.89 4.04 81.80
CA GLU MA 64 -60.16 5.28 82.55
C GLU MA 64 -61.29 6.12 81.92
N LEU MA 65 -61.52 5.98 80.62
CA LEU MA 65 -62.70 6.47 79.90
C LEU MA 65 -63.95 5.62 80.19
N GLY MA 66 -63.77 4.32 80.40
CA GLY MA 66 -64.87 3.35 80.45
C GLY MA 66 -65.42 3.05 79.06
N LEU MA 67 -64.56 2.95 78.04
CA LEU MA 67 -64.96 2.51 76.71
C LEU MA 67 -65.48 1.06 76.73
N ASP MA 68 -66.48 0.78 75.89
CA ASP MA 68 -66.99 -0.59 75.68
C ASP MA 68 -66.10 -1.39 74.70
N PRO MA 69 -66.25 -2.73 74.64
CA PRO MA 69 -65.44 -3.58 73.78
C PRO MA 69 -65.49 -3.23 72.28
N ASP MA 70 -66.63 -2.75 71.77
CA ASP MA 70 -66.75 -2.42 70.35
C ASP MA 70 -66.02 -1.09 70.06
N ALA MA 71 -66.06 -0.13 70.97
CA ALA MA 71 -65.22 1.05 70.89
C ALA MA 71 -63.73 0.68 70.98
N ILE MA 72 -63.36 -0.28 71.83
CA ILE MA 72 -61.98 -0.79 71.86
C ILE MA 72 -61.63 -1.47 70.53
N ALA MA 73 -62.52 -2.24 69.93
CA ALA MA 73 -62.29 -2.79 68.59
C ALA MA 73 -62.13 -1.68 67.54
N ALA MA 74 -62.92 -0.62 67.63
CA ALA MA 74 -62.76 0.53 66.77
C ALA MA 74 -61.41 1.22 66.94
N ALA MA 75 -60.77 1.14 68.12
CA ALA MA 75 -59.41 1.64 68.29
C ALA MA 75 -58.44 0.94 67.32
N ALA MA 76 -58.56 -0.39 67.18
CA ALA MA 76 -57.75 -1.15 66.22
C ALA MA 76 -58.12 -0.82 64.76
N ASP MA 77 -59.40 -0.57 64.45
CA ASP MA 77 -59.79 -0.12 63.11
C ASP MA 77 -59.18 1.25 62.76
N LEU MA 78 -59.23 2.22 63.67
CA LEU MA 78 -58.56 3.51 63.51
C LEU MA 78 -57.03 3.34 63.42
N GLY MA 79 -56.46 2.38 64.16
CA GLY MA 79 -55.04 2.03 64.09
C GLY MA 79 -54.63 1.48 62.72
N GLN MA 80 -55.40 0.55 62.15
CA GLN MA 80 -55.17 0.05 60.79
C GLN MA 80 -55.44 1.11 59.71
N ALA MA 81 -56.33 2.07 59.98
CA ALA MA 81 -56.47 3.27 59.15
C ALA MA 81 -55.28 4.26 59.26
N GLY MA 82 -54.35 4.04 60.19
CA GLY MA 82 -53.14 4.85 60.37
C GLY MA 82 -53.34 6.14 61.18
N VAL MA 83 -54.46 6.28 61.90
CA VAL MA 83 -54.74 7.44 62.74
C VAL MA 83 -53.73 7.51 63.91
N SER MA 84 -53.24 8.70 64.27
CA SER MA 84 -52.24 8.82 65.33
C SER MA 84 -52.81 8.43 66.70
N PRO MA 85 -51.97 7.88 67.57
CA PRO MA 85 -52.44 7.18 68.77
C PRO MA 85 -53.28 8.06 69.69
N VAL MA 86 -52.86 9.30 69.95
CA VAL MA 86 -53.69 10.21 70.74
C VAL MA 86 -54.98 10.62 70.00
N GLU MA 87 -54.97 10.70 68.67
CA GLU MA 87 -56.19 11.01 67.92
C GLU MA 87 -57.19 9.88 67.95
N ILE MA 88 -56.74 8.63 68.01
CA ILE MA 88 -57.64 7.51 68.32
C ILE MA 88 -58.36 7.82 69.64
N LEU MA 89 -57.61 8.14 70.69
CA LEU MA 89 -58.20 8.42 72.00
C LEU MA 89 -59.12 9.63 71.97
N ALA MA 90 -58.76 10.69 71.27
CA ALA MA 90 -59.66 11.83 71.11
C ALA MA 90 -60.95 11.42 70.41
N LEU MA 91 -60.86 10.70 69.28
CA LEU MA 91 -62.05 10.33 68.53
C LEU MA 91 -62.99 9.51 69.40
N LEU MA 92 -62.44 8.51 70.08
CA LEU MA 92 -63.23 7.65 70.95
C LEU MA 92 -63.80 8.45 72.12
N ILE MA 93 -62.99 9.27 72.80
CA ILE MA 93 -63.45 10.11 73.91
C ILE MA 93 -64.59 11.01 73.46
N ALA MA 94 -64.42 11.71 72.35
CA ALA MA 94 -65.42 12.62 71.85
C ALA MA 94 -66.74 11.89 71.59
N ALA MA 95 -66.70 10.77 70.85
CA ALA MA 95 -67.90 10.01 70.57
C ALA MA 95 -68.59 9.54 71.87
N SER MA 96 -67.80 8.99 72.80
CA SER MA 96 -68.26 8.51 74.10
C SER MA 96 -68.89 9.63 74.94
N VAL MA 97 -68.24 10.80 75.04
CA VAL MA 97 -68.75 11.94 75.80
C VAL MA 97 -69.94 12.63 75.13
N LEU MA 98 -70.05 12.59 73.80
CA LEU MA 98 -71.27 12.96 73.08
C LEU MA 98 -72.40 11.94 73.27
N GLY MA 99 -72.09 10.72 73.75
CA GLY MA 99 -73.05 9.62 73.90
C GLY MA 99 -73.31 8.84 72.60
N LEU MA 100 -72.47 8.99 71.58
CA LEU MA 100 -72.57 8.28 70.31
C LEU MA 100 -72.33 6.77 70.48
N ASP MA 101 -72.91 5.97 69.60
CA ASP MA 101 -72.91 4.51 69.67
C ASP MA 101 -71.80 3.86 68.80
N PRO MA 102 -71.53 2.55 68.96
CA PRO MA 102 -70.51 1.85 68.17
C PRO MA 102 -70.68 1.96 66.66
N ASP MA 103 -71.90 2.04 66.14
CA ASP MA 103 -72.12 2.24 64.70
C ASP MA 103 -71.65 3.63 64.26
N ALA MA 104 -71.99 4.69 65.02
CA ALA MA 104 -71.46 6.02 64.75
C ALA MA 104 -69.93 6.06 64.87
N ILE MA 105 -69.35 5.37 65.86
CA ILE MA 105 -67.89 5.24 65.97
C ILE MA 105 -67.31 4.50 64.75
N GLN MA 106 -67.94 3.42 64.28
CA GLN MA 106 -67.48 2.72 63.08
C GLN MA 106 -67.56 3.61 61.84
N ALA MA 107 -68.60 4.44 61.71
CA ALA MA 107 -68.67 5.43 60.66
C ALA MA 107 -67.58 6.51 60.80
N ALA MA 108 -67.18 6.89 62.02
CA ALA MA 108 -66.01 7.74 62.24
C ALA MA 108 -64.72 7.03 61.80
N ALA MA 109 -64.58 5.72 62.03
CA ALA MA 109 -63.46 4.95 61.49
C ALA MA 109 -63.47 4.94 59.95
N ALA MA 110 -64.64 4.86 59.32
CA ALA MA 110 -64.76 5.01 57.88
C ALA MA 110 -64.36 6.42 57.39
N LEU MA 111 -64.68 7.49 58.12
CA LEU MA 111 -64.17 8.83 57.81
C LEU MA 111 -62.64 8.90 57.94
N GLY MA 112 -62.06 8.16 58.89
CA GLY MA 112 -60.62 7.98 59.02
C GLY MA 112 -60.01 7.25 57.82
N GLU MA 113 -60.63 6.16 57.36
CA GLU MA 113 -60.23 5.46 56.13
C GLU MA 113 -60.39 6.34 54.87
N ALA MA 114 -61.38 7.24 54.84
CA ALA MA 114 -61.54 8.26 53.80
C ALA MA 114 -60.49 9.40 53.92
N GLY MA 115 -59.65 9.40 54.96
CA GLY MA 115 -58.58 10.38 55.16
C GLY MA 115 -59.05 11.75 55.63
N ILE MA 116 -60.26 11.87 56.18
CA ILE MA 116 -60.80 13.15 56.68
C ILE MA 116 -60.03 13.59 57.93
N SER MA 117 -59.74 14.89 58.06
CA SER MA 117 -58.97 15.43 59.20
C SER MA 117 -59.73 15.26 60.51
N ALA MA 118 -59.04 14.99 61.62
CA ALA MA 118 -59.70 14.68 62.90
C ALA MA 118 -60.63 15.80 63.39
N GLU MA 119 -60.22 17.07 63.34
CA GLU MA 119 -61.10 18.18 63.69
C GLU MA 119 -62.33 18.25 62.77
N GLU MA 120 -62.17 17.97 61.48
CA GLU MA 120 -63.29 17.90 60.54
C GLU MA 120 -64.24 16.73 60.86
N ILE MA 121 -63.71 15.56 61.24
CA ILE MA 121 -64.54 14.47 61.73
C ILE MA 121 -65.33 14.92 62.96
N ILE MA 122 -64.67 15.57 63.91
CA ILE MA 122 -65.32 16.00 65.15
C ILE MA 122 -66.39 17.06 64.89
N GLU MA 123 -66.14 18.04 64.03
CA GLU MA 123 -67.17 18.99 63.62
C GLU MA 123 -68.32 18.31 62.87
N LEU MA 124 -68.04 17.30 62.02
CA LEU MA 124 -69.07 16.53 61.34
C LEU MA 124 -69.92 15.75 62.36
N LEU MA 125 -69.29 15.09 63.32
CA LEU MA 125 -70.01 14.41 64.40
C LEU MA 125 -70.85 15.40 65.22
N THR MA 126 -70.29 16.56 65.57
CA THR MA 126 -71.04 17.60 66.28
C THR MA 126 -72.24 18.07 65.46
N ALA MA 127 -72.06 18.33 64.17
CA ALA MA 127 -73.15 18.73 63.30
C ALA MA 127 -74.24 17.65 63.23
N ALA MA 128 -73.88 16.38 63.01
CA ALA MA 128 -74.84 15.28 62.95
C ALA MA 128 -75.61 15.13 64.27
N ARG MA 129 -74.93 15.29 65.41
CA ARG MA 129 -75.52 15.25 66.75
C ARG MA 129 -76.51 16.40 66.97
N ASP MA 130 -76.12 17.64 66.66
CA ASP MA 130 -76.99 18.82 66.81
C ASP MA 130 -78.18 18.82 65.83
N LEU MA 131 -77.98 18.34 64.61
CA LEU MA 131 -79.04 18.16 63.61
C LEU MA 131 -79.93 16.93 63.90
N GLY MA 132 -79.56 16.09 64.87
CA GLY MA 132 -80.35 14.92 65.30
C GLY MA 132 -80.42 13.80 64.26
N LEU MA 133 -79.43 13.70 63.38
CA LEU MA 133 -79.40 12.71 62.29
C LEU MA 133 -79.06 11.30 62.80
N ASP MA 134 -79.44 10.27 62.05
CA ASP MA 134 -79.06 8.88 62.29
C ASP MA 134 -77.61 8.59 61.83
N PRO MA 135 -76.95 7.52 62.33
CA PRO MA 135 -75.57 7.18 61.98
C PRO MA 135 -75.30 7.03 60.48
N ASP MA 136 -76.32 6.65 59.70
CA ASP MA 136 -76.22 6.59 58.25
C ASP MA 136 -75.85 7.95 57.62
N ALA MA 137 -76.17 9.09 58.25
CA ALA MA 137 -75.66 10.39 57.81
C ALA MA 137 -74.14 10.49 57.92
N ILE MA 138 -73.55 9.89 58.95
CA ILE MA 138 -72.09 9.82 59.10
C ILE MA 138 -71.51 8.88 58.04
N GLN MA 139 -72.18 7.74 57.78
CA GLN MA 139 -71.77 6.82 56.71
C GLN MA 139 -71.83 7.50 55.32
N ALA MA 140 -72.89 8.28 55.07
CA ALA MA 140 -72.98 9.09 53.87
C ALA MA 140 -71.88 10.17 53.81
N ALA MA 141 -71.52 10.79 54.93
CA ALA MA 141 -70.40 11.73 54.97
C ALA MA 141 -69.09 11.05 54.57
N ALA MA 142 -68.83 9.81 55.02
CA ALA MA 142 -67.69 9.03 54.56
C ALA MA 142 -67.75 8.75 53.05
N GLN MA 143 -68.90 8.36 52.53
CA GLN MA 143 -69.10 8.13 51.09
C GLN MA 143 -68.92 9.41 50.25
N LEU MA 144 -69.38 10.57 50.75
CA LEU MA 144 -69.13 11.87 50.14
C LEU MA 144 -67.63 12.25 50.18
N GLY MA 145 -66.93 11.86 51.24
CA GLY MA 145 -65.48 11.98 51.34
C GLY MA 145 -64.75 11.12 50.30
N GLU MA 146 -65.16 9.87 50.11
CA GLU MA 146 -64.66 9.00 49.03
C GLU MA 146 -64.98 9.58 47.64
N ALA MA 147 -66.14 10.23 47.46
CA ALA MA 147 -66.48 10.97 46.25
C ALA MA 147 -65.69 12.30 46.07
N GLY MA 148 -64.89 12.71 47.07
CA GLY MA 148 -64.03 13.90 47.01
C GLY MA 148 -64.71 15.22 47.35
N ILE MA 149 -65.93 15.18 47.92
CA ILE MA 149 -66.68 16.37 48.34
C ILE MA 149 -66.01 16.99 49.59
N SER MA 150 -65.86 18.32 49.63
CA SER MA 150 -65.25 19.01 50.77
C SER MA 150 -66.12 18.94 52.02
N SER MA 151 -65.53 19.09 53.21
CA SER MA 151 -66.28 19.10 54.47
C SER MA 151 -67.31 20.23 54.53
N GLU MA 152 -66.98 21.41 54.01
CA GLU MA 152 -67.93 22.52 53.83
C GLU MA 152 -69.12 22.09 52.97
N GLU MA 153 -68.88 21.41 51.86
CA GLU MA 153 -69.95 20.96 50.96
C GLU MA 153 -70.73 19.77 51.53
N ILE MA 154 -70.11 18.87 52.28
CA ILE MA 154 -70.84 17.85 53.04
C ILE MA 154 -71.78 18.54 54.04
N LYS MA 155 -71.27 19.53 54.78
CA LYS MA 155 -72.08 20.32 55.71
C LYS MA 155 -73.19 21.07 54.98
N GLU MA 156 -72.94 21.64 53.80
CA GLU MA 156 -73.99 22.24 52.97
C GLU MA 156 -75.05 21.20 52.56
N LEU MA 157 -74.64 20.01 52.11
CA LEU MA 157 -75.56 18.97 51.68
C LEU MA 157 -76.42 18.48 52.85
N LEU MA 158 -75.81 18.21 54.00
CA LEU MA 158 -76.55 17.84 55.20
C LEU MA 158 -77.46 18.98 55.67
N ARG MA 159 -76.99 20.23 55.65
CA ARG MA 159 -77.79 21.41 56.02
C ARG MA 159 -79.00 21.53 55.10
N ALA MA 160 -78.80 21.44 53.80
CA ALA MA 160 -79.88 21.46 52.83
C ALA MA 160 -80.85 20.29 53.07
N ALA MA 161 -80.36 19.08 53.26
CA ALA MA 161 -81.21 17.91 53.49
C ALA MA 161 -82.05 18.07 54.79
N HIS MA 162 -81.48 18.64 55.85
CA HIS MA 162 -82.20 18.93 57.09
C HIS MA 162 -83.21 20.07 56.92
N GLU MA 163 -82.82 21.20 56.32
CA GLU MA 163 -83.72 22.34 56.09
C GLU MA 163 -84.90 22.00 55.17
N LEU MA 164 -84.68 21.18 54.15
CA LEU MA 164 -85.71 20.64 53.27
C LEU MA 164 -86.45 19.43 53.87
N GLY MA 165 -85.95 18.86 54.97
CA GLY MA 165 -86.50 17.65 55.57
C GLY MA 165 -86.57 16.47 54.59
N LEU MA 166 -85.54 16.27 53.76
CA LEU MA 166 -85.50 15.20 52.77
C LEU MA 166 -85.46 13.81 53.43
N ASP MA 167 -85.84 12.79 52.68
CA ASP MA 167 -85.73 11.38 53.10
C ASP MA 167 -84.27 10.87 53.03
N PRO MA 168 -83.93 9.78 53.76
CA PRO MA 168 -82.56 9.25 53.82
C PRO MA 168 -81.94 8.92 52.45
N ASP MA 169 -82.75 8.56 51.44
CA ASP MA 169 -82.28 8.35 50.06
C ASP MA 169 -81.50 9.57 49.53
N CYS MA 170 -81.96 10.79 49.80
CA CYS MA 170 -81.30 12.01 49.33
C CYS MA 170 -79.96 12.25 50.02
N ILE MA 171 -79.76 11.75 51.24
CA ILE MA 171 -78.47 11.77 51.94
C ILE MA 171 -77.56 10.65 51.40
N ALA MA 172 -78.12 9.45 51.19
CA ALA MA 172 -77.36 8.27 50.74
C ALA MA 172 -76.89 8.35 49.27
N ALA MA 173 -77.76 8.76 48.34
CA ALA MA 173 -77.47 8.73 46.90
C ALA MA 173 -76.59 9.90 46.42
N ALA MA 174 -76.40 10.96 47.21
CA ALA MA 174 -75.68 12.16 46.79
C ALA MA 174 -74.24 11.89 46.33
N ALA MA 175 -73.56 10.89 46.91
CA ALA MA 175 -72.20 10.50 46.54
C ALA MA 175 -72.09 9.97 45.09
N ASP MA 176 -73.18 9.48 44.48
CA ASP MA 176 -73.17 9.08 43.07
C ASP MA 176 -73.14 10.29 42.13
N LEU MA 177 -73.84 11.38 42.50
CA LEU MA 177 -73.79 12.65 41.77
C LEU MA 177 -72.42 13.34 41.95
N GLY MA 178 -71.81 13.18 43.12
CA GLY MA 178 -70.42 13.57 43.38
C GLY MA 178 -69.42 12.82 42.49
N GLN MA 179 -69.56 11.49 42.38
CA GLN MA 179 -68.72 10.67 41.48
C GLN MA 179 -68.96 10.97 39.99
N ALA MA 180 -70.18 11.35 39.60
CA ALA MA 180 -70.47 11.90 38.28
C ALA MA 180 -69.83 13.30 38.02
N GLY MA 181 -69.22 13.92 39.03
CA GLY MA 181 -68.49 15.18 38.91
C GLY MA 181 -69.36 16.43 38.88
N ILE MA 182 -70.63 16.32 39.27
CA ILE MA 182 -71.58 17.45 39.30
C ILE MA 182 -71.16 18.49 40.37
N SER MA 183 -71.37 19.79 40.13
CA SER MA 183 -71.08 20.85 41.13
C SER MA 183 -72.01 20.75 42.34
N SER MA 184 -71.57 21.12 43.55
CA SER MA 184 -72.38 20.91 44.77
C SER MA 184 -73.72 21.67 44.78
N SER MA 185 -73.80 22.83 44.13
CA SER MA 185 -75.08 23.52 43.90
C SER MA 185 -76.00 22.68 42.99
N GLU MA 186 -75.48 22.19 41.87
CA GLU MA 186 -76.25 21.34 40.94
C GLU MA 186 -76.60 19.96 41.53
N ILE MA 187 -75.76 19.37 42.38
CA ILE MA 187 -76.13 18.16 43.14
C ILE MA 187 -77.37 18.46 43.97
N THR MA 188 -77.35 19.58 44.71
CA THR MA 188 -78.48 19.98 45.55
C THR MA 188 -79.74 20.21 44.70
N ALA MA 189 -79.61 20.85 43.55
CA ALA MA 189 -80.72 21.02 42.61
C ALA MA 189 -81.23 19.68 42.05
N LEU MA 190 -80.36 18.75 41.69
CA LEU MA 190 -80.76 17.43 41.19
C LEU MA 190 -81.45 16.61 42.27
N LEU MA 191 -80.96 16.65 43.51
CA LEU MA 191 -81.64 16.02 44.64
C LEU MA 191 -83.02 16.67 44.85
N LEU MA 192 -83.12 18.00 44.81
CA LEU MA 192 -84.37 18.74 44.89
C LEU MA 192 -85.36 18.32 43.80
N ALA MA 193 -84.93 18.29 42.53
CA ALA MA 193 -85.78 17.92 41.41
C ALA MA 193 -86.20 16.44 41.49
N ALA MA 194 -85.29 15.54 41.85
CA ALA MA 194 -85.58 14.12 42.02
C ALA MA 194 -86.62 13.90 43.14
N ALA MA 195 -86.45 14.56 44.29
CA ALA MA 195 -87.44 14.53 45.36
C ALA MA 195 -88.78 15.11 44.88
N ALA MA 196 -88.80 16.28 44.24
CA ALA MA 196 -90.02 16.92 43.76
C ALA MA 196 -90.78 16.02 42.78
N ILE MA 197 -90.11 15.40 41.81
CA ILE MA 197 -90.80 14.54 40.85
C ILE MA 197 -91.23 13.21 41.48
N GLU MA 198 -90.43 12.60 42.36
CA GLU MA 198 -90.87 11.39 43.05
C GLU MA 198 -92.09 11.66 43.95
N LEU MA 199 -92.11 12.81 44.64
CA LEU MA 199 -93.28 13.28 45.38
C LEU MA 199 -94.48 13.51 44.43
N ALA MA 200 -94.27 14.13 43.26
CA ALA MA 200 -95.33 14.35 42.29
C ALA MA 200 -95.90 13.05 41.69
N LYS MA 201 -95.10 11.97 41.66
CA LYS MA 201 -95.55 10.61 41.28
C LYS MA 201 -96.31 9.92 42.41
N ARG MA 202 -95.84 10.06 43.65
CA ARG MA 202 -96.52 9.54 44.85
C ARG MA 202 -97.86 10.23 45.08
N ALA MA 203 -97.93 11.53 44.84
CA ALA MA 203 -99.18 12.28 44.75
C ALA MA 203 -100.01 11.84 43.53
N ASP MA 204 -101.32 11.73 43.70
CA ASP MA 204 -102.26 11.42 42.61
C ASP MA 204 -102.75 12.69 41.88
N ASP MA 205 -102.55 13.88 42.42
CA ASP MA 205 -103.17 15.11 41.92
C ASP MA 205 -102.48 15.67 40.67
N LYS MA 206 -103.21 15.70 39.55
CA LYS MA 206 -102.74 16.35 38.32
C LYS MA 206 -102.43 17.82 38.50
N ASP MA 207 -103.09 18.53 39.40
CA ASP MA 207 -102.81 19.95 39.64
C ASP MA 207 -101.46 20.13 40.36
N VAL MA 208 -101.08 19.20 41.25
CA VAL MA 208 -99.72 19.15 41.79
C VAL MA 208 -98.73 18.92 40.64
N ARG MA 209 -99.03 17.99 39.73
CA ARG MA 209 -98.17 17.74 38.57
C ARG MA 209 -98.07 18.95 37.63
N GLU MA 210 -99.14 19.73 37.43
CA GLU MA 210 -99.08 21.02 36.72
C GLU MA 210 -98.17 22.03 37.43
N ILE MA 211 -98.32 22.20 38.75
CA ILE MA 211 -97.51 23.15 39.51
C ILE MA 211 -96.04 22.73 39.47
N VAL MA 212 -95.74 21.45 39.71
CA VAL MA 212 -94.37 20.92 39.65
C VAL MA 212 -93.80 21.06 38.24
N ARG MA 213 -94.57 20.76 37.18
CA ARG MA 213 -94.16 21.00 35.79
C ARG MA 213 -93.80 22.46 35.58
N ASP MA 214 -94.64 23.39 35.99
CA ASP MA 214 -94.37 24.81 35.80
C ASP MA 214 -93.17 25.29 36.63
N ALA MA 215 -92.94 24.73 37.81
CA ALA MA 215 -91.72 25.00 38.57
C ALA MA 215 -90.47 24.47 37.83
N LEU MA 216 -90.54 23.25 37.29
CA LEU MA 216 -89.46 22.69 36.45
C LEU MA 216 -89.29 23.50 35.16
N GLU MA 217 -90.36 24.03 34.57
CA GLU MA 217 -90.29 24.94 33.42
C GLU MA 217 -89.48 26.18 33.79
N LEU MA 218 -89.87 26.88 34.87
CA LEU MA 218 -89.17 28.07 35.34
C LEU MA 218 -87.69 27.76 35.65
N ALA MA 219 -87.42 26.65 36.32
CA ALA MA 219 -86.07 26.20 36.60
C ALA MA 219 -85.27 25.90 35.32
N SER MA 220 -85.88 25.31 34.30
CA SER MA 220 -85.23 25.00 33.02
C SER MA 220 -84.98 26.26 32.19
N ARG MA 221 -85.86 27.28 32.29
CA ARG MA 221 -85.65 28.62 31.73
C ARG MA 221 -84.52 29.38 32.43
N SER MA 222 -84.36 29.17 33.74
CA SER MA 222 -83.46 29.98 34.57
C SER MA 222 -81.97 29.77 34.27
N THR MA 223 -81.23 30.88 34.22
CA THR MA 223 -79.76 30.93 34.25
C THR MA 223 -79.20 31.23 35.66
N ASN MA 224 -80.09 31.38 36.66
CA ASN MA 224 -79.79 31.72 38.06
C ASN MA 224 -80.14 30.52 38.97
N ASP MA 225 -79.17 29.98 39.71
CA ASP MA 225 -79.39 28.76 40.49
C ASP MA 225 -80.07 28.99 41.85
N GLU MA 226 -80.12 30.22 42.36
CA GLU MA 226 -80.95 30.59 43.53
C GLU MA 226 -82.42 30.55 43.13
N VAL MA 227 -82.76 31.07 41.96
CA VAL MA 227 -84.11 30.94 41.40
C VAL MA 227 -84.46 29.47 41.17
N ILE MA 228 -83.53 28.64 40.68
CA ILE MA 228 -83.75 27.19 40.55
C ILE MA 228 -84.06 26.58 41.92
N ARG MA 229 -83.22 26.84 42.92
CA ARG MA 229 -83.39 26.31 44.27
C ARG MA 229 -84.72 26.77 44.89
N LEU MA 230 -85.10 28.04 44.72
CA LEU MA 230 -86.42 28.55 45.13
C LEU MA 230 -87.57 27.81 44.43
N ALA MA 231 -87.51 27.68 43.11
CA ALA MA 231 -88.58 27.02 42.34
C ALA MA 231 -88.73 25.54 42.74
N LEU MA 232 -87.62 24.82 42.91
CA LEU MA 232 -87.69 23.41 43.28
C LEU MA 232 -88.07 23.20 44.75
N GLU MA 233 -87.66 24.08 45.67
CA GLU MA 233 -88.15 24.03 47.05
C GLU MA 233 -89.66 24.28 47.10
N ALA MA 234 -90.16 25.27 46.35
CA ALA MA 234 -91.60 25.47 46.20
C ALA MA 234 -92.28 24.23 45.62
N ALA MA 235 -91.66 23.54 44.67
CA ALA MA 235 -92.20 22.30 44.10
C ALA MA 235 -92.26 21.16 45.15
N VAL MA 236 -91.20 20.96 45.96
CA VAL MA 236 -91.21 19.98 47.05
C VAL MA 236 -92.31 20.29 48.06
N LEU MA 237 -92.43 21.55 48.48
CA LEU MA 237 -93.46 21.98 49.44
C LEU MA 237 -94.87 21.82 48.87
N ALA MA 238 -95.11 22.24 47.63
CA ALA MA 238 -96.40 22.06 46.96
C ALA MA 238 -96.77 20.57 46.83
N ALA MA 239 -95.83 19.70 46.44
CA ALA MA 239 -96.07 18.26 46.32
C ALA MA 239 -96.29 17.55 47.67
N ARG MA 240 -95.73 18.07 48.77
CA ARG MA 240 -96.04 17.64 50.15
C ARG MA 240 -97.35 18.21 50.70
N SER MA 241 -97.79 19.37 50.24
CA SER MA 241 -98.99 20.03 50.75
C SER MA 241 -100.27 19.31 50.34
N THR MA 242 -101.27 19.33 51.23
CA THR MA 242 -102.66 18.94 50.94
C THR MA 242 -103.59 20.14 50.78
N ASP MA 243 -103.06 21.38 50.77
CA ASP MA 243 -103.87 22.59 50.90
C ASP MA 243 -103.95 23.38 49.58
N SER MA 244 -105.17 23.54 49.08
CA SER MA 244 -105.47 24.32 47.87
C SER MA 244 -105.00 25.77 47.97
N ASP MA 245 -104.96 26.39 49.15
CA ASP MA 245 -104.41 27.75 49.28
C ASP MA 245 -102.91 27.79 48.98
N VAL MA 246 -102.15 26.79 49.44
CA VAL MA 246 -100.73 26.69 49.13
C VAL MA 246 -100.54 26.45 47.64
N LEU MA 247 -101.33 25.54 47.05
CA LEU MA 247 -101.27 25.29 45.62
C LEU MA 247 -101.61 26.56 44.82
N GLU MA 248 -102.67 27.29 45.18
CA GLU MA 248 -103.02 28.55 44.52
C GLU MA 248 -101.92 29.61 44.67
N ILE MA 249 -101.38 29.80 45.88
CA ILE MA 249 -100.31 30.77 46.13
C ILE MA 249 -99.07 30.42 45.29
N VAL MA 250 -98.64 29.15 45.27
CA VAL MA 250 -97.50 28.74 44.44
C VAL MA 250 -97.82 28.91 42.95
N LYS MA 251 -99.02 28.54 42.50
CA LYS MA 251 -99.38 28.68 41.07
C LYS MA 251 -99.44 30.14 40.64
N ASP MA 252 -99.99 31.03 41.45
CA ASP MA 252 -99.92 32.48 41.22
C ASP MA 252 -98.47 32.99 41.23
N ALA MA 253 -97.64 32.54 42.16
CA ALA MA 253 -96.24 32.93 42.20
C ALA MA 253 -95.47 32.48 40.95
N LEU MA 254 -95.69 31.25 40.47
CA LEU MA 254 -95.10 30.77 39.21
C LEU MA 254 -95.63 31.55 38.00
N GLU MA 255 -96.94 31.84 37.97
CA GLU MA 255 -97.56 32.63 36.90
C GLU MA 255 -97.00 34.07 36.84
N LEU MA 256 -96.80 34.69 37.99
CA LEU MA 256 -96.08 35.96 38.07
C LEU MA 256 -94.62 35.80 37.63
N ALA MA 257 -93.92 34.76 38.10
CA ALA MA 257 -92.50 34.54 37.83
C ALA MA 257 -92.18 34.21 36.36
N LYS MA 258 -93.10 33.58 35.61
CA LYS MA 258 -92.94 33.41 34.16
C LYS MA 258 -93.34 34.65 33.34
N GLN MA 259 -94.12 35.56 33.90
CA GLN MA 259 -94.46 36.84 33.28
C GLN MA 259 -93.36 37.91 33.47
N SER MA 260 -93.02 38.26 34.72
CA SER MA 260 -92.00 39.29 35.00
C SER MA 260 -90.58 38.80 34.67
N THR MA 261 -89.75 39.66 34.07
CA THR MA 261 -88.34 39.38 33.78
C THR MA 261 -87.41 39.68 34.96
N ASN MA 262 -87.90 40.30 36.03
CA ASN MA 262 -87.07 40.80 37.13
C ASN MA 262 -86.72 39.73 38.18
N GLU MA 263 -85.42 39.53 38.44
CA GLU MA 263 -84.94 38.54 39.42
C GLU MA 263 -85.56 38.72 40.81
N GLU MA 264 -85.68 39.95 41.28
CA GLU MA 264 -86.09 40.23 42.66
C GLU MA 264 -87.60 40.16 42.82
N VAL MA 265 -88.39 40.47 41.79
CA VAL MA 265 -89.81 40.07 41.74
C VAL MA 265 -89.92 38.56 41.87
N ILE MA 266 -89.14 37.79 41.08
CA ILE MA 266 -89.16 36.33 41.13
C ILE MA 266 -88.75 35.83 42.52
N LYS MA 267 -87.66 36.35 43.08
CA LYS MA 267 -87.19 36.01 44.44
C LYS MA 267 -88.28 36.29 45.47
N LEU MA 268 -88.87 37.47 45.46
CA LEU MA 268 -89.90 37.85 46.42
C LEU MA 268 -91.18 37.01 46.26
N ALA MA 269 -91.63 36.75 45.03
CA ALA MA 269 -92.83 35.94 44.79
C ALA MA 269 -92.64 34.48 45.26
N LEU MA 270 -91.53 33.84 44.87
CA LEU MA 270 -91.23 32.47 45.31
C LEU MA 270 -90.94 32.40 46.81
N LYS MA 271 -90.20 33.35 47.38
CA LYS MA 271 -89.94 33.39 48.83
C LYS MA 271 -91.22 33.59 49.64
N ALA MA 272 -92.11 34.51 49.24
CA ALA MA 272 -93.41 34.67 49.89
C ALA MA 272 -94.24 33.38 49.80
N ALA MA 273 -94.24 32.70 48.65
CA ALA MA 273 -94.92 31.42 48.48
C ALA MA 273 -94.30 30.30 49.35
N VAL MA 274 -92.97 30.22 49.45
CA VAL MA 274 -92.26 29.25 50.31
C VAL MA 274 -92.55 29.52 51.78
N LEU MA 275 -92.51 30.79 52.21
CA LEU MA 275 -92.88 31.20 53.57
C LEU MA 275 -94.34 30.83 53.86
N ALA MA 276 -95.26 31.12 52.95
CA ALA MA 276 -96.66 30.72 53.10
C ALA MA 276 -96.81 29.18 53.19
N ALA MA 277 -96.08 28.42 52.37
CA ALA MA 277 -96.13 26.95 52.39
C ALA MA 277 -95.53 26.33 53.68
N LYS MA 278 -94.53 26.99 54.29
CA LYS MA 278 -93.98 26.58 55.60
C LYS MA 278 -94.80 27.08 56.81
N SER MA 279 -95.53 28.19 56.66
CA SER MA 279 -96.34 28.79 57.72
C SER MA 279 -97.54 27.93 58.14
N THR MA 280 -98.01 28.12 59.37
CA THR MA 280 -99.21 27.47 59.93
C THR MA 280 -100.38 28.44 60.17
N ASP MA 281 -100.33 29.66 59.64
CA ASP MA 281 -101.30 30.71 59.93
C ASP MA 281 -102.19 31.06 58.72
N GLU MA 282 -103.51 30.92 58.88
CA GLU MA 282 -104.51 31.29 57.87
C GLU MA 282 -104.53 32.80 57.57
N GLU MA 283 -104.18 33.66 58.52
CA GLU MA 283 -104.09 35.10 58.29
C GLU MA 283 -102.90 35.45 57.38
N VAL MA 284 -101.78 34.72 57.51
CA VAL MA 284 -100.62 34.85 56.62
C VAL MA 284 -100.96 34.34 55.22
N LEU MA 285 -101.63 33.19 55.12
CA LEU MA 285 -102.10 32.68 53.83
C LEU MA 285 -103.05 33.67 53.13
N GLU MA 286 -104.01 34.25 53.86
CA GLU MA 286 -104.89 35.28 53.28
C GLU MA 286 -104.12 36.54 52.88
N GLU MA 287 -103.24 37.07 53.74
CA GLU MA 287 -102.44 38.25 53.42
C GLU MA 287 -101.57 38.02 52.18
N VAL MA 288 -100.89 36.87 52.07
CA VAL MA 288 -100.07 36.53 50.90
C VAL MA 288 -100.93 36.35 49.65
N LYS MA 289 -102.11 35.70 49.75
CA LYS MA 289 -103.03 35.62 48.61
C LYS MA 289 -103.48 37.01 48.16
N GLU MA 290 -103.82 37.88 49.10
CA GLU MA 290 -104.16 39.28 48.81
C GLU MA 290 -102.98 40.08 48.25
N ALA MA 291 -101.74 39.77 48.65
CA ALA MA 291 -100.55 40.39 48.07
C ALA MA 291 -100.36 39.97 46.61
N LEU MA 292 -100.52 38.68 46.30
CA LEU MA 292 -100.49 38.19 44.93
C LEU MA 292 -101.68 38.73 44.11
N ARG MA 293 -102.86 38.92 44.72
CA ARG MA 293 -103.98 39.59 44.05
C ARG MA 293 -103.63 41.04 43.68
N ARG MA 294 -103.11 41.82 44.64
CA ARG MA 294 -102.58 43.17 44.39
C ARG MA 294 -101.52 43.16 43.29
N ALA MA 295 -100.61 42.18 43.29
CA ALA MA 295 -99.57 42.07 42.27
C ALA MA 295 -100.14 41.79 40.86
N LYS MA 296 -101.13 40.91 40.73
CA LYS MA 296 -101.79 40.63 39.43
C LYS MA 296 -102.64 41.79 38.93
N GLU MA 297 -103.27 42.54 39.83
CA GLU MA 297 -104.03 43.75 39.47
C GLU MA 297 -103.14 44.97 39.14
N SER MA 298 -101.94 45.04 39.72
CA SER MA 298 -100.97 46.11 39.45
C SER MA 298 -100.28 46.00 38.08
N THR MA 299 -99.69 47.10 37.62
CA THR MA 299 -98.81 47.17 36.43
C THR MA 299 -97.46 47.84 36.74
N ASP MA 300 -97.07 47.97 38.00
CA ASP MA 300 -95.78 48.53 38.43
C ASP MA 300 -94.92 47.51 39.20
N GLU MA 301 -93.75 47.18 38.68
CA GLU MA 301 -92.83 46.21 39.31
C GLU MA 301 -92.36 46.69 40.69
N GLU MA 302 -92.23 48.00 40.94
CA GLU MA 302 -91.89 48.51 42.27
C GLU MA 302 -93.05 48.36 43.27
N GLU MA 303 -94.31 48.48 42.82
CA GLU MA 303 -95.48 48.22 43.67
C GLU MA 303 -95.59 46.72 43.99
N ILE MA 304 -95.37 45.86 42.99
CA ILE MA 304 -95.35 44.40 43.14
C ILE MA 304 -94.29 44.00 44.19
N LYS MA 305 -93.05 44.49 44.04
CA LYS MA 305 -91.99 44.25 45.03
C LYS MA 305 -92.37 44.78 46.40
N GLU MA 306 -92.97 45.96 46.51
CA GLU MA 306 -93.42 46.52 47.80
C GLU MA 306 -94.43 45.59 48.52
N GLU MA 307 -95.53 45.24 47.86
CA GLU MA 307 -96.58 44.47 48.53
C GLU MA 307 -96.11 43.05 48.89
N LEU MA 308 -95.13 42.49 48.18
CA LEU MA 308 -94.46 41.25 48.59
C LEU MA 308 -93.44 41.49 49.72
N ARG MA 309 -92.59 42.53 49.64
CA ARG MA 309 -91.59 42.89 50.65
C ARG MA 309 -92.24 43.07 52.02
N LYS MA 310 -93.39 43.74 52.09
CA LYS MA 310 -94.16 43.94 53.33
C LYS MA 310 -94.46 42.62 54.06
N ALA MA 311 -94.70 41.53 53.32
CA ALA MA 311 -94.86 40.21 53.90
C ALA MA 311 -93.51 39.53 54.20
N VAL MA 312 -92.58 39.54 53.24
CA VAL MA 312 -91.32 38.78 53.32
C VAL MA 312 -90.41 39.26 54.46
N GLU MA 313 -90.29 40.57 54.66
CA GLU MA 313 -89.37 41.13 55.67
C GLU MA 313 -89.83 40.99 57.13
N GLU MA 314 -90.95 40.32 57.41
CA GLU MA 314 -91.27 39.83 58.76
C GLU MA 314 -90.43 38.60 59.16
N ALA MA 315 -90.01 37.78 58.18
CA ALA MA 315 -89.38 36.49 58.42
C ALA MA 315 -87.84 36.52 58.61
N GLU MA 316 -87.16 37.58 58.15
CA GLU MA 316 -85.69 37.68 58.13
C GLU MA 316 -85.17 39.13 58.21
N CYS NA 3 -44.15 -72.90 -50.06
CA CYS NA 3 -43.13 -72.04 -49.40
C CYS NA 3 -43.68 -70.66 -49.04
N ASP NA 4 -44.16 -69.87 -50.02
CA ASP NA 4 -44.45 -68.44 -49.91
C ASP NA 4 -45.33 -68.04 -48.71
N ALA NA 5 -46.27 -68.91 -48.30
CA ALA NA 5 -47.19 -68.65 -47.20
C ALA NA 5 -46.49 -68.30 -45.87
N ILE NA 6 -45.24 -68.72 -45.67
CA ILE NA 6 -44.46 -68.39 -44.47
C ILE NA 6 -44.11 -66.89 -44.41
N GLN NA 7 -43.95 -66.22 -45.56
CA GLN NA 7 -43.54 -64.81 -45.62
C GLN NA 7 -44.57 -63.88 -44.94
N ALA NA 8 -45.85 -64.24 -45.00
CA ALA NA 8 -46.89 -63.50 -44.29
C ALA NA 8 -46.65 -63.52 -42.76
N ALA NA 9 -46.35 -64.69 -42.21
CA ALA NA 9 -46.04 -64.81 -40.80
C ALA NA 9 -44.77 -64.02 -40.43
N ALA NA 10 -43.75 -64.04 -41.30
CA ALA NA 10 -42.54 -63.25 -41.10
C ALA NA 10 -42.84 -61.74 -41.10
N ALA NA 11 -43.64 -61.24 -42.05
CA ALA NA 11 -44.03 -59.83 -42.09
C ALA NA 11 -44.82 -59.41 -40.85
N LEU NA 12 -45.79 -60.23 -40.41
CA LEU NA 12 -46.55 -59.96 -39.18
C LEU NA 12 -45.66 -60.05 -37.92
N GLY NA 13 -44.66 -60.94 -37.91
CA GLY NA 13 -43.67 -61.03 -36.83
C GLY NA 13 -42.78 -59.77 -36.75
N GLU NA 14 -42.32 -59.25 -37.89
CA GLU NA 14 -41.59 -57.97 -37.94
C GLU NA 14 -42.47 -56.76 -37.55
N ALA NA 15 -43.78 -56.80 -37.85
CA ALA NA 15 -44.76 -55.85 -37.35
C ALA NA 15 -45.07 -56.02 -35.84
N GLY NA 16 -44.52 -57.04 -35.18
CA GLY NA 16 -44.63 -57.28 -33.74
C GLY NA 16 -45.91 -58.00 -33.29
N ILE NA 17 -46.67 -58.60 -34.21
CA ILE NA 17 -47.90 -59.36 -33.89
C ILE NA 17 -47.55 -60.68 -33.19
N SER NA 18 -48.26 -61.04 -32.12
CA SER NA 18 -47.95 -62.26 -31.34
C SER NA 18 -48.30 -63.55 -32.09
N SER NA 19 -47.70 -64.68 -31.69
CA SER NA 19 -47.89 -65.96 -32.37
C SER NA 19 -49.34 -66.43 -32.41
N ASN NA 20 -50.09 -66.36 -31.31
CA ASN NA 20 -51.52 -66.69 -31.32
C ASN NA 20 -52.33 -65.71 -32.19
N GLU NA 21 -51.96 -64.44 -32.25
CA GLU NA 21 -52.64 -63.49 -33.14
C GLU NA 21 -52.35 -63.79 -34.62
N ILE NA 22 -51.11 -64.13 -34.98
CA ILE NA 22 -50.80 -64.57 -36.34
C ILE NA 22 -51.64 -65.80 -36.69
N LEU NA 23 -51.73 -66.79 -35.79
CA LEU NA 23 -52.55 -67.97 -36.01
C LEU NA 23 -54.04 -67.61 -36.16
N GLU NA 24 -54.56 -66.66 -35.38
CA GLU NA 24 -55.95 -66.24 -35.52
C GLU NA 24 -56.20 -65.46 -36.82
N LEU NA 25 -55.28 -64.58 -37.22
CA LEU NA 25 -55.34 -63.88 -38.50
C LEU NA 25 -55.27 -64.88 -39.65
N LEU NA 26 -54.41 -65.88 -39.54
CA LEU NA 26 -54.36 -66.99 -40.49
C LEU NA 26 -55.66 -67.79 -40.49
N ALA NA 27 -56.30 -68.02 -39.33
CA ALA NA 27 -57.58 -68.73 -39.24
C ALA NA 27 -58.67 -68.03 -40.07
N ALA NA 28 -58.75 -66.71 -39.94
CA ALA NA 28 -59.62 -65.91 -40.79
C ALA NA 28 -59.16 -65.97 -42.27
N ALA NA 29 -57.88 -65.78 -42.56
CA ALA NA 29 -57.40 -65.77 -43.94
C ALA NA 29 -57.71 -67.08 -44.67
N ALA NA 30 -57.65 -68.22 -43.98
CA ALA NA 30 -58.03 -69.53 -44.51
C ALA NA 30 -59.54 -69.63 -44.77
N GLU NA 31 -60.39 -69.26 -43.80
CA GLU NA 31 -61.85 -69.27 -43.97
C GLU NA 31 -62.29 -68.37 -45.13
N LEU NA 32 -61.71 -67.17 -45.19
CA LEU NA 32 -61.97 -66.17 -46.22
C LEU NA 32 -61.22 -66.49 -47.55
N GLY NA 33 -60.38 -67.52 -47.58
CA GLY NA 33 -59.69 -67.97 -48.80
C GLY NA 33 -58.73 -66.95 -49.42
N LEU NA 34 -58.08 -66.12 -48.60
CA LEU NA 34 -57.27 -64.99 -49.05
C LEU NA 34 -55.98 -65.41 -49.78
N ASP NA 35 -55.58 -64.61 -50.77
CA ASP NA 35 -54.36 -64.76 -51.55
C ASP NA 35 -53.17 -63.95 -50.97
N PRO NA 36 -51.94 -64.14 -51.44
CA PRO NA 36 -50.77 -63.44 -50.93
C PRO NA 36 -50.85 -61.92 -50.99
N ASP NA 37 -51.53 -61.35 -52.00
CA ASP NA 37 -51.68 -59.90 -52.14
C ASP NA 37 -52.65 -59.31 -51.10
N ALA NA 38 -53.81 -59.95 -50.86
CA ALA NA 38 -54.72 -59.55 -49.79
C ALA NA 38 -54.11 -59.76 -48.40
N ILE NA 39 -53.36 -60.85 -48.20
CA ILE NA 39 -52.65 -61.10 -46.94
C ILE NA 39 -51.48 -60.11 -46.75
N GLN NA 40 -50.75 -59.76 -47.81
CA GLN NA 40 -49.72 -58.72 -47.76
C GLN NA 40 -50.34 -57.36 -47.41
N ALA NA 41 -51.51 -57.03 -47.98
CA ALA NA 41 -52.25 -55.83 -47.59
C ALA NA 41 -52.63 -55.86 -46.09
N ALA NA 42 -53.06 -57.02 -45.57
CA ALA NA 42 -53.30 -57.19 -44.14
C ALA NA 42 -52.02 -56.94 -43.31
N ALA NA 43 -50.87 -57.46 -43.75
CA ALA NA 43 -49.60 -57.19 -43.10
C ALA NA 43 -49.24 -55.69 -43.16
N GLN NA 44 -49.49 -55.02 -44.28
CA GLN NA 44 -49.24 -53.58 -44.43
C GLN NA 44 -50.20 -52.71 -43.59
N LEU NA 45 -51.44 -53.16 -43.37
CA LEU NA 45 -52.34 -52.56 -42.36
C LEU NA 45 -51.76 -52.74 -40.95
N GLY NA 46 -51.16 -53.90 -40.66
CA GLY NA 46 -50.41 -54.12 -39.42
C GLY NA 46 -49.20 -53.18 -39.27
N GLU NA 47 -48.40 -53.00 -40.31
CA GLU NA 47 -47.29 -52.03 -40.33
C GLU NA 47 -47.76 -50.57 -40.21
N ALA NA 48 -48.94 -50.25 -40.75
CA ALA NA 48 -49.63 -48.97 -40.54
C ALA NA 48 -50.20 -48.82 -39.11
N GLY NA 49 -50.09 -49.84 -38.26
CA GLY NA 49 -50.48 -49.82 -36.85
C GLY NA 49 -51.95 -50.18 -36.57
N ILE NA 50 -52.68 -50.72 -37.55
CA ILE NA 50 -54.05 -51.19 -37.36
C ILE NA 50 -54.05 -52.41 -36.43
N SER NA 51 -54.97 -52.47 -35.45
CA SER NA 51 -54.99 -53.55 -34.45
C SER NA 51 -55.45 -54.89 -35.03
N SER NA 52 -55.07 -56.00 -34.41
CA SER NA 52 -55.33 -57.34 -34.94
C SER NA 52 -56.82 -57.60 -35.16
N GLU NA 53 -57.69 -57.25 -34.22
CA GLU NA 53 -59.12 -57.46 -34.41
C GLU NA 53 -59.75 -56.47 -35.41
N GLU NA 54 -59.21 -55.25 -35.54
CA GLU NA 54 -59.61 -54.40 -36.67
C GLU NA 54 -59.28 -55.07 -38.00
N ILE NA 55 -58.11 -55.71 -38.13
CA ILE NA 55 -57.77 -56.44 -39.35
C ILE NA 55 -58.79 -57.56 -39.57
N LYS NA 56 -59.20 -58.29 -38.53
CA LYS NA 56 -60.24 -59.32 -38.67
C LYS NA 56 -61.54 -58.72 -39.23
N GLU NA 57 -61.97 -57.57 -38.73
CA GLU NA 57 -63.12 -56.87 -39.30
C GLU NA 57 -62.87 -56.40 -40.73
N LEU NA 58 -61.69 -55.85 -41.03
CA LEU NA 58 -61.33 -55.39 -42.37
C LEU NA 58 -61.42 -56.53 -43.37
N LEU NA 59 -60.79 -57.66 -43.05
CA LEU NA 59 -60.82 -58.83 -43.91
C LEU NA 59 -62.24 -59.41 -44.01
N ARG NA 60 -62.99 -59.48 -42.91
CA ARG NA 60 -64.39 -59.93 -42.93
C ARG NA 60 -65.18 -59.12 -43.94
N ALA NA 61 -65.17 -57.79 -43.78
CA ALA NA 61 -65.93 -56.91 -44.64
C ALA NA 61 -65.46 -56.99 -46.10
N ALA NA 62 -64.14 -56.99 -46.33
CA ALA NA 62 -63.60 -57.04 -47.68
C ALA NA 62 -64.06 -58.29 -48.43
N HIS NA 63 -64.02 -59.45 -47.77
CA HIS NA 63 -64.48 -60.70 -48.37
C HIS NA 63 -65.99 -60.77 -48.51
N GLU NA 64 -66.75 -60.28 -47.53
CA GLU NA 64 -68.21 -60.23 -47.61
C GLU NA 64 -68.70 -59.30 -48.72
N LEU NA 65 -68.01 -58.19 -48.98
CA LEU NA 65 -68.24 -57.35 -50.16
C LEU NA 65 -67.69 -57.99 -51.44
N GLY NA 66 -66.63 -58.79 -51.33
CA GLY NA 66 -65.91 -59.36 -52.45
C GLY NA 66 -65.04 -58.33 -53.17
N LEU NA 67 -64.37 -57.47 -52.42
CA LEU NA 67 -63.43 -56.48 -52.98
C LEU NA 67 -62.32 -57.17 -53.77
N ASP NA 68 -61.92 -56.58 -54.89
CA ASP NA 68 -60.72 -57.03 -55.61
C ASP NA 68 -59.47 -56.83 -54.74
N PRO NA 69 -58.46 -57.71 -54.82
CA PRO NA 69 -57.21 -57.55 -54.08
C PRO NA 69 -56.55 -56.19 -54.27
N ASP NA 70 -56.66 -55.58 -55.45
CA ASP NA 70 -56.15 -54.22 -55.70
C ASP NA 70 -56.87 -53.18 -54.84
N ALA NA 71 -58.18 -53.32 -54.63
CA ALA NA 71 -58.92 -52.47 -53.71
C ALA NA 71 -58.55 -52.75 -52.25
N ILE NA 72 -58.30 -54.01 -51.89
CA ILE NA 72 -57.78 -54.35 -50.56
C ILE NA 72 -56.38 -53.75 -50.36
N ALA NA 73 -55.53 -53.75 -51.37
CA ALA NA 73 -54.25 -53.05 -51.33
C ALA NA 73 -54.44 -51.53 -51.19
N ALA NA 74 -55.40 -50.94 -51.90
CA ALA NA 74 -55.75 -49.54 -51.71
C ALA NA 74 -56.26 -49.24 -50.28
N ALA NA 75 -56.91 -50.21 -49.61
CA ALA NA 75 -57.24 -50.10 -48.20
C ALA NA 75 -55.99 -49.92 -47.34
N ALA NA 76 -54.93 -50.70 -47.59
CA ALA NA 76 -53.64 -50.53 -46.93
C ALA NA 76 -52.97 -49.19 -47.29
N ASP NA 77 -53.10 -48.71 -48.54
CA ASP NA 77 -52.59 -47.40 -48.94
C ASP NA 77 -53.29 -46.25 -48.21
N LEU NA 78 -54.62 -46.30 -48.06
CA LEU NA 78 -55.38 -45.38 -47.21
C LEU NA 78 -54.96 -45.50 -45.73
N GLY NA 79 -54.63 -46.71 -45.28
CA GLY NA 79 -54.09 -46.96 -43.94
C GLY NA 79 -52.73 -46.28 -43.72
N GLN NA 80 -51.82 -46.38 -44.70
CA GLN NA 80 -50.55 -45.64 -44.69
C GLN NA 80 -50.73 -44.13 -44.85
N ALA NA 81 -51.79 -43.68 -45.52
CA ALA NA 81 -52.20 -42.27 -45.52
C ALA NA 81 -52.80 -41.80 -44.17
N GLY NA 82 -53.08 -42.73 -43.23
CA GLY NA 82 -53.58 -42.44 -41.89
C GLY NA 82 -55.10 -42.30 -41.75
N VAL NA 83 -55.88 -42.75 -42.74
CA VAL NA 83 -57.35 -42.75 -42.67
C VAL NA 83 -57.83 -43.80 -41.65
N SER NA 84 -58.93 -43.56 -40.93
CA SER NA 84 -59.43 -44.54 -39.95
C SER NA 84 -59.91 -45.83 -40.62
N PRO NA 85 -59.78 -46.95 -39.93
CA PRO NA 85 -60.13 -48.28 -40.44
C PRO NA 85 -61.59 -48.34 -40.87
N VAL NA 86 -62.48 -47.76 -40.08
CA VAL NA 86 -63.89 -47.72 -40.41
C VAL NA 86 -64.12 -46.89 -41.69
N GLU NA 87 -63.55 -45.69 -41.78
CA GLU NA 87 -63.72 -44.86 -42.97
C GLU NA 87 -63.17 -45.55 -44.22
N ILE NA 88 -62.05 -46.25 -44.09
CA ILE NA 88 -61.52 -47.04 -45.20
C ILE NA 88 -62.58 -48.01 -45.69
N LEU NA 89 -63.14 -48.82 -44.78
CA LEU NA 89 -64.14 -49.79 -45.17
C LEU NA 89 -65.35 -49.11 -45.80
N ALA NA 90 -65.80 -48.00 -45.27
CA ALA NA 90 -66.98 -47.37 -45.83
C ALA NA 90 -66.69 -46.67 -47.15
N LEU NA 91 -65.51 -46.10 -47.33
CA LEU NA 91 -65.09 -45.60 -48.64
C LEU NA 91 -65.16 -46.73 -49.66
N LEU NA 92 -64.67 -47.90 -49.30
CA LEU NA 92 -64.77 -49.08 -50.16
C LEU NA 92 -66.23 -49.49 -50.36
N ILE NA 93 -67.05 -49.56 -49.30
CA ILE NA 93 -68.46 -49.97 -49.40
C ILE NA 93 -69.24 -49.05 -50.32
N ALA NA 94 -68.97 -47.76 -50.20
CA ALA NA 94 -69.53 -46.75 -51.08
C ALA NA 94 -69.09 -46.99 -52.52
N ALA NA 95 -67.79 -47.12 -52.75
CA ALA NA 95 -67.27 -47.37 -54.09
C ALA NA 95 -67.91 -48.62 -54.72
N SER NA 96 -68.13 -49.66 -53.91
CA SER NA 96 -68.76 -50.90 -54.32
C SER NA 96 -70.18 -50.67 -54.83
N VAL NA 97 -71.05 -49.99 -54.07
CA VAL NA 97 -72.41 -49.71 -54.56
C VAL NA 97 -72.44 -48.67 -55.69
N LEU NA 98 -71.52 -47.71 -55.68
CA LEU NA 98 -71.33 -46.81 -56.82
C LEU NA 98 -70.79 -47.55 -58.06
N GLY NA 99 -70.29 -48.78 -57.91
CA GLY NA 99 -69.67 -49.55 -58.98
C GLY NA 99 -68.31 -49.02 -59.43
N LEU NA 100 -67.66 -48.20 -58.59
CA LEU NA 100 -66.35 -47.60 -58.87
C LEU NA 100 -65.24 -48.64 -58.75
N ASP NA 101 -64.28 -48.56 -59.67
CA ASP NA 101 -63.26 -49.60 -59.86
C ASP NA 101 -62.01 -49.35 -58.99
N PRO NA 102 -61.06 -50.32 -58.89
CA PRO NA 102 -59.85 -50.17 -58.11
C PRO NA 102 -59.01 -48.95 -58.50
N ASP NA 103 -59.02 -48.50 -59.75
CA ASP NA 103 -58.34 -47.27 -60.14
C ASP NA 103 -59.02 -46.04 -59.53
N ALA NA 104 -60.35 -45.96 -59.55
CA ALA NA 104 -61.07 -44.92 -58.84
C ALA NA 104 -60.87 -45.00 -57.33
N ILE NA 105 -60.81 -46.20 -56.76
CA ILE NA 105 -60.47 -46.39 -55.34
C ILE NA 105 -59.02 -45.92 -55.07
N GLN NA 106 -58.08 -46.16 -55.98
CA GLN NA 106 -56.74 -45.58 -55.87
C GLN NA 106 -56.77 -44.05 -55.99
N ALA NA 107 -57.64 -43.48 -56.83
CA ALA NA 107 -57.85 -42.04 -56.81
C ALA NA 107 -58.42 -41.55 -55.46
N ALA NA 108 -59.29 -42.34 -54.79
CA ALA NA 108 -59.71 -42.05 -53.42
C ALA NA 108 -58.53 -42.13 -52.45
N ALA NA 109 -57.61 -43.08 -52.61
CA ALA NA 109 -56.38 -43.13 -51.83
C ALA NA 109 -55.51 -41.89 -52.07
N ALA NA 110 -55.40 -41.41 -53.31
CA ALA NA 110 -54.71 -40.17 -53.64
C ALA NA 110 -55.37 -38.94 -52.98
N LEU NA 111 -56.71 -38.86 -52.98
CA LEU NA 111 -57.45 -37.83 -52.24
C LEU NA 111 -57.22 -37.93 -50.72
N GLY NA 112 -57.06 -39.16 -50.20
CA GLY NA 112 -56.65 -39.40 -48.82
C GLY NA 112 -55.24 -38.89 -48.51
N GLU NA 113 -54.28 -39.13 -49.40
CA GLU NA 113 -52.92 -38.56 -49.28
C GLU NA 113 -52.90 -37.03 -49.42
N ALA NA 114 -53.82 -36.45 -50.21
CA ALA NA 114 -54.08 -35.01 -50.27
C ALA NA 114 -54.81 -34.47 -49.01
N GLY NA 115 -55.24 -35.35 -48.10
CA GLY NA 115 -55.89 -34.99 -46.83
C GLY NA 115 -57.36 -34.59 -46.95
N ILE NA 116 -58.02 -34.88 -48.07
CA ILE NA 116 -59.45 -34.55 -48.28
C ILE NA 116 -60.31 -35.37 -47.32
N SER NA 117 -61.34 -34.74 -46.72
CA SER NA 117 -62.21 -35.43 -45.75
C SER NA 117 -63.02 -36.56 -46.40
N ALA NA 118 -63.31 -37.62 -45.66
CA ALA NA 118 -64.03 -38.78 -46.21
C ALA NA 118 -65.39 -38.40 -46.78
N GLU NA 119 -66.15 -37.52 -46.13
CA GLU NA 119 -67.41 -37.03 -46.67
C GLU NA 119 -67.21 -36.25 -47.98
N GLU NA 120 -66.16 -35.42 -48.08
CA GLU NA 120 -65.88 -34.72 -49.35
C GLU NA 120 -65.47 -35.69 -50.45
N ILE NA 121 -64.65 -36.69 -50.15
CA ILE NA 121 -64.33 -37.74 -51.12
C ILE NA 121 -65.63 -38.40 -51.58
N ILE NA 122 -66.51 -38.79 -50.65
CA ILE NA 122 -67.77 -39.43 -50.98
C ILE NA 122 -68.67 -38.52 -51.83
N GLU NA 123 -68.84 -37.25 -51.47
CA GLU NA 123 -69.63 -36.32 -52.26
C GLU NA 123 -69.01 -36.10 -53.65
N LEU NA 124 -67.68 -36.02 -53.75
CA LEU NA 124 -66.98 -35.89 -55.02
C LEU NA 124 -67.20 -37.13 -55.89
N LEU NA 125 -67.04 -38.33 -55.32
CA LEU NA 125 -67.31 -39.57 -56.04
C LEU NA 125 -68.77 -39.66 -56.46
N THR NA 126 -69.71 -39.29 -55.56
CA THR NA 126 -71.13 -39.26 -55.87
C THR NA 126 -71.41 -38.31 -57.03
N ALA NA 127 -70.88 -37.09 -56.96
CA ALA NA 127 -71.06 -36.10 -58.02
C ALA NA 127 -70.47 -36.59 -59.35
N ALA NA 128 -69.27 -37.16 -59.34
CA ALA NA 128 -68.65 -37.71 -60.53
C ALA NA 128 -69.50 -38.83 -61.15
N ARG NA 129 -70.04 -39.71 -60.31
CA ARG NA 129 -70.94 -40.79 -60.74
C ARG NA 129 -72.23 -40.25 -61.33
N ASP NA 130 -72.86 -39.27 -60.68
CA ASP NA 130 -74.10 -38.64 -61.16
C ASP NA 130 -73.91 -37.82 -62.44
N LEU NA 131 -72.75 -37.18 -62.63
CA LEU NA 131 -72.37 -36.51 -63.87
C LEU NA 131 -71.97 -37.48 -64.99
N GLY NA 132 -71.70 -38.76 -64.67
CA GLY NA 132 -71.20 -39.73 -65.65
C GLY NA 132 -69.74 -39.51 -66.06
N LEU NA 133 -68.93 -38.94 -65.16
CA LEU NA 133 -67.48 -38.79 -65.31
C LEU NA 133 -66.75 -40.14 -65.12
N ASP NA 134 -65.43 -40.14 -65.23
CA ASP NA 134 -64.58 -41.34 -65.29
C ASP NA 134 -63.34 -41.25 -64.37
N PRO NA 135 -62.62 -42.36 -64.11
CA PRO NA 135 -61.46 -42.35 -63.22
C PRO NA 135 -60.38 -41.33 -63.59
N ASP NA 136 -60.18 -41.01 -64.87
CA ASP NA 136 -59.25 -39.96 -65.27
C ASP NA 136 -59.74 -38.57 -64.85
N ALA NA 137 -61.02 -38.25 -65.03
CA ALA NA 137 -61.59 -37.02 -64.48
C ALA NA 137 -61.51 -36.98 -62.95
N ILE NA 138 -61.73 -38.11 -62.26
CA ILE NA 138 -61.57 -38.20 -60.80
C ILE NA 138 -60.09 -37.98 -60.40
N GLN NA 139 -59.13 -38.56 -61.13
CA GLN NA 139 -57.71 -38.34 -60.90
C GLN NA 139 -57.32 -36.87 -61.13
N ALA NA 140 -57.88 -36.22 -62.15
CA ALA NA 140 -57.68 -34.79 -62.35
C ALA NA 140 -58.33 -33.93 -61.25
N ALA NA 141 -59.47 -34.35 -60.69
CA ALA NA 141 -60.04 -33.74 -59.49
C ALA NA 141 -59.14 -33.94 -58.26
N ALA NA 142 -58.47 -35.09 -58.12
CA ALA NA 142 -57.45 -35.29 -57.09
C ALA NA 142 -56.25 -34.33 -57.28
N GLN NA 143 -55.84 -34.06 -58.52
CA GLN NA 143 -54.84 -33.03 -58.80
C GLN NA 143 -55.31 -31.61 -58.45
N LEU NA 144 -56.59 -31.28 -58.62
CA LEU NA 144 -57.16 -30.03 -58.07
C LEU NA 144 -57.10 -29.99 -56.53
N GLY NA 145 -57.26 -31.15 -55.87
CA GLY NA 145 -57.01 -31.31 -54.45
C GLY NA 145 -55.55 -31.07 -54.05
N GLU NA 146 -54.58 -31.60 -54.80
CA GLU NA 146 -53.15 -31.30 -54.61
C GLU NA 146 -52.83 -29.81 -54.83
N ALA NA 147 -53.51 -29.15 -55.77
CA ALA NA 147 -53.45 -27.71 -55.99
C ALA NA 147 -54.18 -26.87 -54.90
N GLY NA 148 -54.87 -27.51 -53.96
CA GLY NA 148 -55.52 -26.87 -52.81
C GLY NA 148 -56.88 -26.22 -53.11
N ILE NA 149 -57.51 -26.55 -54.24
CA ILE NA 149 -58.83 -25.99 -54.61
C ILE NA 149 -59.92 -26.53 -53.66
N SER NA 150 -60.84 -25.68 -53.20
CA SER NA 150 -61.93 -26.11 -52.30
C SER NA 150 -62.90 -27.06 -52.99
N SER NA 151 -63.51 -27.99 -52.26
CA SER NA 151 -64.31 -29.07 -52.86
C SER NA 151 -65.50 -28.56 -53.69
N GLU NA 152 -66.20 -27.51 -53.26
CA GLU NA 152 -67.27 -26.91 -54.06
C GLU NA 152 -66.72 -26.22 -55.33
N GLU NA 153 -65.53 -25.60 -55.27
CA GLU NA 153 -64.88 -25.06 -56.47
C GLU NA 153 -64.42 -26.17 -57.41
N ILE NA 154 -63.98 -27.32 -56.89
CA ILE NA 154 -63.76 -28.51 -57.72
C ILE NA 154 -65.07 -28.91 -58.40
N LYS NA 155 -66.18 -28.98 -57.68
CA LYS NA 155 -67.48 -29.30 -58.29
C LYS NA 155 -67.86 -28.29 -59.38
N GLU NA 156 -67.64 -27.00 -59.17
CA GLU NA 156 -67.88 -26.01 -60.22
C GLU NA 156 -66.92 -26.16 -61.42
N LEU NA 157 -65.64 -26.44 -61.20
CA LEU NA 157 -64.71 -26.70 -62.29
C LEU NA 157 -65.11 -27.95 -63.07
N LEU NA 158 -65.49 -29.03 -62.38
CA LEU NA 158 -66.03 -30.23 -63.00
C LEU NA 158 -67.31 -29.94 -63.79
N ARG NA 159 -68.25 -29.15 -63.23
CA ARG NA 159 -69.48 -28.76 -63.92
C ARG NA 159 -69.16 -27.97 -65.18
N ALA NA 160 -68.27 -26.97 -65.09
CA ALA NA 160 -67.83 -26.21 -66.24
C ALA NA 160 -67.20 -27.12 -67.30
N ALA NA 161 -66.21 -27.95 -66.93
CA ALA NA 161 -65.56 -28.87 -67.87
C ALA NA 161 -66.56 -29.83 -68.53
N HIS NA 162 -67.53 -30.33 -67.78
CA HIS NA 162 -68.58 -31.23 -68.27
C HIS NA 162 -69.53 -30.53 -69.25
N GLU NA 163 -70.05 -29.35 -68.90
CA GLU NA 163 -70.88 -28.56 -69.82
C GLU NA 163 -70.11 -28.14 -71.09
N LEU NA 164 -68.83 -27.81 -70.95
CA LEU NA 164 -67.95 -27.40 -72.05
C LEU NA 164 -67.36 -28.58 -72.84
N GLY NA 165 -67.54 -29.82 -72.39
CA GLY NA 165 -66.99 -31.01 -73.07
C GLY NA 165 -65.45 -31.02 -73.13
N LEU NA 166 -64.79 -30.46 -72.12
CA LEU NA 166 -63.32 -30.49 -71.99
C LEU NA 166 -62.82 -31.85 -71.50
N ASP NA 167 -61.59 -32.22 -71.85
CA ASP NA 167 -60.96 -33.47 -71.44
C ASP NA 167 -60.19 -33.34 -70.09
N PRO NA 168 -59.89 -34.45 -69.39
CA PRO NA 168 -59.12 -34.44 -68.14
C PRO NA 168 -57.77 -33.70 -68.21
N ASP NA 169 -57.13 -33.61 -69.37
CA ASP NA 169 -55.91 -32.81 -69.53
C ASP NA 169 -56.16 -31.30 -69.29
N CYS NA 170 -57.33 -30.77 -69.67
CA CYS NA 170 -57.71 -29.41 -69.31
C CYS NA 170 -57.92 -29.26 -67.80
N ILE NA 171 -58.49 -30.28 -67.14
CA ILE NA 171 -58.68 -30.28 -65.68
C ILE NA 171 -57.31 -30.36 -64.96
N ALA NA 172 -56.36 -31.12 -65.49
CA ALA NA 172 -54.97 -31.13 -65.02
C ALA NA 172 -54.29 -29.75 -65.23
N ALA NA 173 -54.47 -29.12 -66.39
CA ALA NA 173 -53.95 -27.77 -66.63
C ALA NA 173 -54.60 -26.72 -65.70
N ALA NA 174 -55.88 -26.88 -65.34
CA ALA NA 174 -56.52 -26.05 -64.31
C ALA NA 174 -55.85 -26.21 -62.94
N ALA NA 175 -55.43 -27.43 -62.56
CA ALA NA 175 -54.64 -27.64 -61.35
C ALA NA 175 -53.26 -26.95 -61.43
N ASP NA 176 -52.59 -26.95 -62.59
CA ASP NA 176 -51.35 -26.20 -62.78
C ASP NA 176 -51.55 -24.68 -62.68
N LEU NA 177 -52.67 -24.14 -63.19
CA LEU NA 177 -53.04 -22.73 -62.95
C LEU NA 177 -53.37 -22.46 -61.47
N GLY NA 178 -53.91 -23.44 -60.75
CA GLY NA 178 -54.06 -23.39 -59.30
C GLY NA 178 -52.70 -23.28 -58.57
N GLN NA 179 -51.69 -24.05 -59.01
CA GLN NA 179 -50.32 -23.94 -58.50
C GLN NA 179 -49.65 -22.60 -58.87
N ALA NA 180 -49.97 -22.02 -60.03
CA ALA NA 180 -49.61 -20.66 -60.39
C ALA NA 180 -50.34 -19.57 -59.56
N GLY NA 181 -51.31 -19.95 -58.72
CA GLY NA 181 -52.03 -19.06 -57.80
C GLY NA 181 -53.22 -18.31 -58.43
N ILE NA 182 -53.67 -18.72 -59.62
CA ILE NA 182 -54.75 -18.05 -60.35
C ILE NA 182 -56.12 -18.33 -59.68
N SER NA 183 -57.04 -17.35 -59.64
CA SER NA 183 -58.36 -17.51 -59.02
C SER NA 183 -59.29 -18.42 -59.84
N SER NA 184 -60.27 -19.07 -59.22
CA SER NA 184 -61.16 -20.03 -59.90
C SER NA 184 -62.02 -19.41 -61.02
N SER NA 185 -62.45 -18.16 -60.88
CA SER NA 185 -63.07 -17.42 -62.00
C SER NA 185 -62.11 -17.22 -63.18
N GLU NA 186 -60.87 -16.81 -62.91
CA GLU NA 186 -59.86 -16.59 -63.94
C GLU NA 186 -59.39 -17.89 -64.59
N ILE NA 187 -59.24 -18.99 -63.84
CA ILE NA 187 -59.03 -20.33 -64.39
C ILE NA 187 -60.15 -20.65 -65.38
N THR NA 188 -61.40 -20.47 -64.98
CA THR NA 188 -62.56 -20.75 -65.86
C THR NA 188 -62.49 -19.93 -67.14
N ALA NA 189 -62.18 -18.63 -67.05
CA ALA NA 189 -61.97 -17.79 -68.21
C ALA NA 189 -60.80 -18.29 -69.08
N LEU NA 190 -59.67 -18.67 -68.49
CA LEU NA 190 -58.52 -19.17 -69.24
C LEU NA 190 -58.80 -20.50 -69.93
N LEU NA 191 -59.54 -21.40 -69.30
CA LEU NA 191 -60.03 -22.61 -69.96
C LEU NA 191 -60.88 -22.24 -71.18
N LEU NA 192 -61.86 -21.34 -71.03
CA LEU NA 192 -62.71 -20.92 -72.14
C LEU NA 192 -61.90 -20.27 -73.26
N ALA NA 193 -60.96 -19.39 -72.93
CA ALA NA 193 -60.15 -18.68 -73.91
C ALA NA 193 -59.20 -19.61 -74.67
N ALA NA 194 -58.45 -20.46 -73.96
CA ALA NA 194 -57.55 -21.42 -74.58
C ALA NA 194 -58.33 -22.41 -75.46
N ALA NA 195 -59.49 -22.88 -74.98
CA ALA NA 195 -60.39 -23.70 -75.79
C ALA NA 195 -60.86 -22.96 -77.05
N ALA NA 196 -61.27 -21.70 -76.95
CA ALA NA 196 -61.72 -20.92 -78.11
C ALA NA 196 -60.61 -20.80 -79.17
N ILE NA 197 -59.38 -20.48 -78.74
CA ILE NA 197 -58.25 -20.36 -79.66
C ILE NA 197 -57.88 -21.73 -80.23
N GLU NA 198 -57.90 -22.80 -79.44
CA GLU NA 198 -57.67 -24.14 -79.97
C GLU NA 198 -58.76 -24.56 -80.98
N LEU NA 199 -60.02 -24.26 -80.71
CA LEU NA 199 -61.13 -24.51 -81.65
C LEU NA 199 -60.96 -23.69 -82.92
N ALA NA 200 -60.50 -22.45 -82.83
CA ALA NA 200 -60.15 -21.60 -83.97
C ALA NA 200 -58.86 -22.04 -84.70
N LYS NA 201 -58.20 -23.11 -84.24
CA LYS NA 201 -57.09 -23.79 -84.91
C LYS NA 201 -57.47 -25.18 -85.43
N ARG NA 202 -58.42 -25.86 -84.78
CA ARG NA 202 -59.04 -27.10 -85.27
C ARG NA 202 -59.94 -26.81 -86.48
N ALA NA 203 -60.91 -25.90 -86.30
CA ALA NA 203 -61.49 -25.14 -87.40
C ALA NA 203 -60.53 -24.01 -87.81
N ASP NA 204 -60.79 -23.32 -88.91
CA ASP NA 204 -59.88 -22.30 -89.44
C ASP NA 204 -60.60 -21.11 -90.13
N ASP NA 205 -61.92 -20.99 -89.98
CA ASP NA 205 -62.69 -19.98 -90.69
C ASP NA 205 -62.34 -18.56 -90.22
N LYS NA 206 -62.00 -17.66 -91.15
CA LYS NA 206 -61.76 -16.25 -90.87
C LYS NA 206 -62.93 -15.59 -90.14
N ASP NA 207 -64.17 -15.98 -90.46
CA ASP NA 207 -65.34 -15.42 -89.80
C ASP NA 207 -65.42 -15.87 -88.34
N VAL NA 208 -65.08 -17.14 -88.05
CA VAL NA 208 -64.95 -17.63 -86.68
C VAL NA 208 -63.84 -16.87 -85.97
N ARG NA 209 -62.68 -16.69 -86.62
CA ARG NA 209 -61.55 -15.96 -86.05
C ARG NA 209 -61.91 -14.50 -85.76
N GLU NA 210 -62.69 -13.82 -86.60
CA GLU NA 210 -63.23 -12.49 -86.30
C GLU NA 210 -64.11 -12.49 -85.04
N ILE NA 211 -65.08 -13.41 -84.97
CA ILE NA 211 -65.98 -13.46 -83.82
C ILE NA 211 -65.20 -13.78 -82.54
N VAL NA 212 -64.31 -14.77 -82.58
CA VAL NA 212 -63.46 -15.12 -81.44
C VAL NA 212 -62.61 -13.92 -81.04
N ARG NA 213 -61.94 -13.26 -81.99
CA ARG NA 213 -61.16 -12.04 -81.72
C ARG NA 213 -62.01 -10.97 -81.06
N ASP NA 214 -63.17 -10.66 -81.60
CA ASP NA 214 -64.05 -9.61 -81.08
C ASP NA 214 -64.56 -9.96 -79.68
N ALA NA 215 -64.87 -11.24 -79.41
CA ALA NA 215 -65.20 -11.70 -78.07
C ALA NA 215 -64.00 -11.59 -77.12
N LEU NA 216 -62.81 -11.98 -77.56
CA LEU NA 216 -61.59 -11.84 -76.76
C LEU NA 216 -61.28 -10.36 -76.50
N GLU NA 217 -61.51 -9.46 -77.45
CA GLU NA 217 -61.40 -8.03 -77.23
C GLU NA 217 -62.40 -7.55 -76.17
N LEU NA 218 -63.69 -7.89 -76.31
CA LEU NA 218 -64.71 -7.51 -75.34
C LEU NA 218 -64.36 -8.02 -73.93
N ALA NA 219 -63.91 -9.27 -73.84
CA ALA NA 219 -63.45 -9.86 -72.58
C ALA NA 219 -62.19 -9.18 -72.03
N SER NA 220 -61.26 -8.75 -72.89
CA SER NA 220 -60.07 -7.99 -72.50
C SER NA 220 -60.41 -6.59 -72.02
N ARG NA 221 -61.46 -5.96 -72.58
CA ARG NA 221 -61.98 -4.66 -72.14
C ARG NA 221 -62.77 -4.74 -70.83
N SER NA 222 -63.53 -5.82 -70.64
CA SER NA 222 -64.39 -6.03 -69.47
C SER NA 222 -63.63 -6.30 -68.17
N THR NA 223 -64.27 -6.03 -67.03
CA THR NA 223 -63.76 -6.32 -65.67
C THR NA 223 -64.78 -7.10 -64.82
N ASN NA 224 -65.79 -7.70 -65.44
CA ASN NA 224 -66.84 -8.50 -64.77
C ASN NA 224 -66.75 -9.97 -65.20
N ASP NA 225 -66.57 -10.90 -64.26
CA ASP NA 225 -66.31 -12.30 -64.61
C ASP NA 225 -67.52 -13.00 -65.26
N GLU NA 226 -68.76 -12.62 -64.96
CA GLU NA 226 -69.93 -13.19 -65.63
C GLU NA 226 -70.04 -12.72 -67.08
N VAL NA 227 -69.79 -11.43 -67.35
CA VAL NA 227 -69.70 -10.93 -68.74
C VAL NA 227 -68.58 -11.66 -69.49
N ILE NA 228 -67.42 -11.85 -68.85
CA ILE NA 228 -66.30 -12.60 -69.43
C ILE NA 228 -66.70 -14.06 -69.70
N ARG NA 229 -67.36 -14.74 -68.76
CA ARG NA 229 -67.87 -16.09 -69.01
C ARG NA 229 -68.85 -16.11 -70.18
N LEU NA 230 -69.81 -15.18 -70.22
CA LEU NA 230 -70.77 -15.06 -71.32
C LEU NA 230 -70.05 -14.87 -72.66
N ALA NA 231 -69.09 -13.95 -72.74
CA ALA NA 231 -68.34 -13.68 -73.97
C ALA NA 231 -67.50 -14.90 -74.42
N LEU NA 232 -66.76 -15.53 -73.50
CA LEU NA 232 -65.85 -16.60 -73.87
C LEU NA 232 -66.57 -17.94 -74.08
N GLU NA 233 -67.68 -18.19 -73.38
CA GLU NA 233 -68.56 -19.32 -73.71
C GLU NA 233 -69.22 -19.11 -75.07
N ALA NA 234 -69.69 -17.90 -75.38
CA ALA NA 234 -70.20 -17.59 -76.72
C ALA NA 234 -69.12 -17.83 -77.78
N ALA NA 235 -67.86 -17.44 -77.52
CA ALA NA 235 -66.75 -17.72 -78.44
C ALA NA 235 -66.56 -19.22 -78.66
N VAL NA 236 -66.63 -20.04 -77.61
CA VAL NA 236 -66.54 -21.51 -77.73
C VAL NA 236 -67.71 -22.08 -78.53
N LEU NA 237 -68.95 -21.64 -78.24
CA LEU NA 237 -70.13 -22.07 -78.96
C LEU NA 237 -70.07 -21.68 -80.44
N ALA NA 238 -69.69 -20.44 -80.75
CA ALA NA 238 -69.52 -19.96 -82.12
C ALA NA 238 -68.42 -20.74 -82.86
N ALA NA 239 -67.28 -21.01 -82.22
CA ALA NA 239 -66.20 -21.79 -82.82
C ALA NA 239 -66.57 -23.26 -83.10
N ARG NA 240 -67.52 -23.83 -82.33
CA ARG NA 240 -68.14 -25.14 -82.61
C ARG NA 240 -69.29 -25.08 -83.62
N SER NA 241 -69.90 -23.92 -83.83
CA SER NA 241 -71.10 -23.79 -84.67
C SER NA 241 -70.83 -24.03 -86.15
N THR NA 242 -71.73 -24.74 -86.80
CA THR NA 242 -71.78 -24.89 -88.27
C THR NA 242 -72.71 -23.86 -88.92
N ASP NA 243 -73.37 -22.99 -88.16
CA ASP NA 243 -74.46 -22.15 -88.67
C ASP NA 243 -74.08 -20.68 -88.76
N SER NA 244 -74.07 -20.15 -89.99
CA SER NA 244 -73.84 -18.74 -90.27
C SER NA 244 -74.84 -17.82 -89.54
N ASP NA 245 -76.07 -18.25 -89.30
CA ASP NA 245 -77.01 -17.43 -88.54
C ASP NA 245 -76.59 -17.34 -87.07
N VAL NA 246 -76.06 -18.42 -86.48
CA VAL NA 246 -75.50 -18.35 -85.13
C VAL NA 246 -74.28 -17.44 -85.12
N LEU NA 247 -73.41 -17.55 -86.12
CA LEU NA 247 -72.29 -16.62 -86.25
C LEU NA 247 -72.77 -15.17 -86.33
N GLU NA 248 -73.74 -14.86 -87.17
CA GLU NA 248 -74.27 -13.50 -87.30
C GLU NA 248 -75.00 -13.03 -86.05
N ILE NA 249 -75.76 -13.89 -85.36
CA ILE NA 249 -76.39 -13.57 -84.07
C ILE NA 249 -75.32 -13.17 -83.05
N VAL NA 250 -74.24 -13.97 -82.92
CA VAL NA 250 -73.15 -13.64 -81.99
C VAL NA 250 -72.43 -12.37 -82.43
N LYS NA 251 -72.16 -12.18 -83.73
CA LYS NA 251 -71.48 -10.98 -84.25
C LYS NA 251 -72.32 -9.72 -84.04
N ASP NA 252 -73.63 -9.78 -84.22
CA ASP NA 252 -74.54 -8.69 -83.89
C ASP NA 252 -74.50 -8.35 -82.39
N ALA NA 253 -74.49 -9.35 -81.52
CA ALA NA 253 -74.38 -9.12 -80.08
C ALA NA 253 -73.03 -8.48 -79.70
N LEU NA 254 -71.92 -8.96 -80.24
CA LEU NA 254 -70.60 -8.38 -80.02
C LEU NA 254 -70.48 -6.97 -80.59
N GLU NA 255 -71.04 -6.72 -81.77
CA GLU NA 255 -71.08 -5.38 -82.38
C GLU NA 255 -71.88 -4.41 -81.50
N LEU NA 256 -73.07 -4.80 -81.05
CA LEU NA 256 -73.84 -4.00 -80.11
C LEU NA 256 -73.06 -3.76 -78.81
N ALA NA 257 -72.34 -4.76 -78.29
CA ALA NA 257 -71.48 -4.64 -77.12
C ALA NA 257 -70.23 -3.76 -77.35
N LYS NA 258 -69.81 -3.58 -78.60
CA LYS NA 258 -68.73 -2.65 -78.98
C LYS NA 258 -69.27 -1.23 -79.25
N GLN NA 259 -70.53 -1.11 -79.68
CA GLN NA 259 -71.21 0.17 -79.89
C GLN NA 259 -71.68 0.83 -78.59
N SER NA 260 -72.30 0.07 -77.67
CA SER NA 260 -72.92 0.60 -76.44
C SER NA 260 -72.09 0.30 -75.19
N THR NA 261 -71.97 1.26 -74.28
CA THR NA 261 -71.38 1.08 -72.95
C THR NA 261 -72.34 0.45 -71.92
N ASN NA 262 -73.60 0.18 -72.29
CA ASN NA 262 -74.62 -0.34 -71.37
C ASN NA 262 -74.40 -1.82 -71.00
N GLU NA 263 -73.86 -2.07 -69.80
CA GLU NA 263 -73.61 -3.44 -69.31
C GLU NA 263 -74.85 -4.33 -69.28
N GLU NA 264 -76.03 -3.79 -68.99
CA GLU NA 264 -77.24 -4.60 -68.84
C GLU NA 264 -77.76 -5.07 -70.20
N VAL NA 265 -77.70 -4.19 -71.21
CA VAL NA 265 -77.92 -4.59 -72.60
C VAL NA 265 -76.90 -5.65 -73.02
N ILE NA 266 -75.62 -5.50 -72.64
CA ILE NA 266 -74.59 -6.52 -72.94
C ILE NA 266 -74.94 -7.85 -72.28
N LYS NA 267 -75.27 -7.86 -70.98
CA LYS NA 267 -75.64 -9.07 -70.23
C LYS NA 267 -76.84 -9.75 -70.88
N LEU NA 268 -77.88 -8.99 -71.22
CA LEU NA 268 -79.04 -9.49 -71.97
C LEU NA 268 -78.65 -10.05 -73.34
N ALA NA 269 -77.90 -9.30 -74.15
CA ALA NA 269 -77.56 -9.71 -75.52
C ALA NA 269 -76.67 -10.96 -75.54
N LEU NA 270 -75.62 -11.01 -74.72
CA LEU NA 270 -74.76 -12.18 -74.64
C LEU NA 270 -75.51 -13.37 -74.04
N LYS NA 271 -76.36 -13.19 -73.02
CA LYS NA 271 -77.20 -14.29 -72.50
C LYS NA 271 -78.14 -14.83 -73.58
N ALA NA 272 -78.81 -13.96 -74.33
CA ALA NA 272 -79.67 -14.39 -75.45
C ALA NA 272 -78.86 -15.16 -76.52
N ALA NA 273 -77.70 -14.64 -76.92
CA ALA NA 273 -76.82 -15.32 -77.86
C ALA NA 273 -76.34 -16.69 -77.33
N VAL NA 274 -75.90 -16.77 -76.08
CA VAL NA 274 -75.45 -18.02 -75.44
C VAL NA 274 -76.60 -19.03 -75.39
N LEU NA 275 -77.80 -18.64 -74.94
CA LEU NA 275 -78.96 -19.54 -74.92
C LEU NA 275 -79.29 -20.01 -76.34
N ALA NA 276 -79.34 -19.10 -77.31
CA ALA NA 276 -79.64 -19.43 -78.70
C ALA NA 276 -78.60 -20.37 -79.34
N ALA NA 277 -77.32 -20.25 -78.97
CA ALA NA 277 -76.23 -21.06 -79.51
C ALA NA 277 -76.01 -22.40 -78.77
N LYS NA 278 -76.31 -22.46 -77.46
CA LYS NA 278 -76.16 -23.64 -76.60
C LYS NA 278 -77.33 -24.62 -76.76
N SER NA 279 -78.55 -24.09 -76.87
CA SER NA 279 -79.72 -24.79 -77.41
C SER NA 279 -79.68 -24.78 -78.95
N THR NA 280 -80.72 -25.28 -79.62
CA THR NA 280 -80.97 -25.10 -81.07
C THR NA 280 -82.44 -25.36 -81.39
N ASP NA 281 -83.13 -24.37 -81.96
CA ASP NA 281 -84.40 -24.59 -82.68
C ASP NA 281 -84.57 -23.53 -83.78
N GLU NA 282 -85.17 -23.88 -84.92
CA GLU NA 282 -85.19 -23.06 -86.14
C GLU NA 282 -86.00 -21.77 -85.95
N GLU NA 283 -87.21 -21.88 -85.41
CA GLU NA 283 -88.09 -20.73 -85.16
C GLU NA 283 -87.56 -19.82 -84.04
N VAL NA 284 -86.84 -20.38 -83.07
CA VAL NA 284 -86.18 -19.59 -82.01
C VAL NA 284 -85.02 -18.80 -82.59
N LEU NA 285 -84.16 -19.42 -83.41
CA LEU NA 285 -83.07 -18.72 -84.10
C LEU NA 285 -83.63 -17.63 -85.04
N GLU NA 286 -84.70 -17.91 -85.77
CA GLU NA 286 -85.37 -16.90 -86.60
C GLU NA 286 -85.90 -15.72 -85.76
N GLU NA 287 -86.59 -15.99 -84.66
CA GLU NA 287 -87.08 -14.92 -83.77
C GLU NA 287 -85.93 -14.15 -83.11
N VAL NA 288 -84.84 -14.81 -82.69
CA VAL NA 288 -83.68 -14.13 -82.11
C VAL NA 288 -83.00 -13.23 -83.14
N LYS NA 289 -82.81 -13.73 -84.36
CA LYS NA 289 -82.28 -12.96 -85.48
C LYS NA 289 -83.15 -11.74 -85.78
N GLU NA 290 -84.48 -11.92 -85.83
CA GLU NA 290 -85.40 -10.80 -85.99
C GLU NA 290 -85.37 -9.85 -84.80
N ALA NA 291 -85.29 -10.33 -83.56
CA ALA NA 291 -85.19 -9.48 -82.38
C ALA NA 291 -83.93 -8.61 -82.42
N LEU NA 292 -82.79 -9.17 -82.84
CA LEU NA 292 -81.58 -8.40 -83.08
C LEU NA 292 -81.72 -7.43 -84.26
N ARG NA 293 -82.45 -7.78 -85.32
CA ARG NA 293 -82.76 -6.84 -86.40
C ARG NA 293 -83.60 -5.66 -85.89
N ARG NA 294 -84.67 -5.92 -85.12
CA ARG NA 294 -85.46 -4.88 -84.44
C ARG NA 294 -84.57 -4.00 -83.55
N ALA NA 295 -83.68 -4.61 -82.78
CA ALA NA 295 -82.76 -3.88 -81.92
C ALA NA 295 -81.82 -2.96 -82.70
N LYS NA 296 -81.19 -3.44 -83.78
CA LYS NA 296 -80.31 -2.61 -84.63
C LYS NA 296 -81.06 -1.49 -85.35
N GLU NA 297 -82.31 -1.74 -85.76
CA GLU NA 297 -83.15 -0.70 -86.39
C GLU NA 297 -83.71 0.34 -85.39
N SER NA 298 -83.82 0.00 -84.10
CA SER NA 298 -84.36 0.91 -83.08
C SER NA 298 -83.40 2.04 -82.70
N THR NA 299 -83.97 3.18 -82.27
CA THR NA 299 -83.22 4.30 -81.66
C THR NA 299 -83.07 4.17 -80.13
N ASP NA 300 -83.88 3.34 -79.46
CA ASP NA 300 -84.07 3.37 -78.00
C ASP NA 300 -83.64 2.07 -77.30
N GLU NA 301 -82.71 2.15 -76.35
CA GLU NA 301 -82.28 0.99 -75.56
C GLU NA 301 -83.41 0.39 -74.70
N GLU NA 302 -84.49 1.12 -74.39
CA GLU NA 302 -85.67 0.52 -73.75
C GLU NA 302 -86.33 -0.54 -74.65
N GLU NA 303 -86.42 -0.30 -75.96
CA GLU NA 303 -86.96 -1.29 -76.88
C GLU NA 303 -86.00 -2.47 -77.01
N ILE NA 304 -84.70 -2.23 -77.07
CA ILE NA 304 -83.67 -3.28 -77.09
C ILE NA 304 -83.80 -4.17 -75.85
N LYS NA 305 -83.93 -3.57 -74.65
CA LYS NA 305 -84.10 -4.32 -73.41
C LYS NA 305 -85.40 -5.14 -73.41
N GLU NA 306 -86.52 -4.61 -73.87
CA GLU NA 306 -87.76 -5.39 -73.93
C GLU NA 306 -87.72 -6.51 -74.99
N GLU NA 307 -87.17 -6.28 -76.17
CA GLU NA 307 -87.00 -7.34 -77.17
C GLU NA 307 -86.08 -8.45 -76.65
N LEU NA 308 -84.92 -8.10 -76.08
CA LEU NA 308 -84.02 -9.09 -75.50
C LEU NA 308 -84.63 -9.79 -74.28
N ARG NA 309 -85.38 -9.07 -73.42
CA ARG NA 309 -86.06 -9.69 -72.28
C ARG NA 309 -87.05 -10.75 -72.74
N LYS NA 310 -87.88 -10.44 -73.74
CA LYS NA 310 -88.84 -11.42 -74.29
C LYS NA 310 -88.13 -12.66 -74.83
N ALA NA 311 -87.01 -12.49 -75.53
CA ALA NA 311 -86.19 -13.62 -75.97
C ALA NA 311 -85.64 -14.44 -74.78
N VAL NA 312 -85.02 -13.78 -73.80
CA VAL NA 312 -84.42 -14.44 -72.62
C VAL NA 312 -85.46 -15.18 -71.79
N GLU NA 313 -86.57 -14.52 -71.45
CA GLU NA 313 -87.62 -15.14 -70.61
C GLU NA 313 -88.45 -16.19 -71.36
N GLU NA 314 -88.39 -16.26 -72.69
CA GLU NA 314 -88.90 -17.40 -73.46
C GLU NA 314 -87.90 -18.57 -73.51
N ALA NA 315 -86.60 -18.28 -73.63
CA ALA NA 315 -85.56 -19.29 -73.85
C ALA NA 315 -85.04 -20.00 -72.58
N GLU NA 316 -85.06 -19.37 -71.40
CA GLU NA 316 -84.57 -19.96 -70.13
C GLU NA 316 -85.46 -21.10 -69.59
N CYS OA 3 -51.04 84.25 1.18
CA CYS OA 3 -50.37 82.93 1.21
C CYS OA 3 -48.85 82.96 0.98
N ASP OA 4 -48.35 83.42 -0.17
CA ASP OA 4 -47.01 83.09 -0.70
C ASP OA 4 -45.82 83.26 0.26
N ALA OA 5 -45.85 84.20 1.21
CA ALA OA 5 -44.79 84.37 2.20
C ALA OA 5 -44.46 83.09 2.99
N ILE OA 6 -45.41 82.17 3.14
CA ILE OA 6 -45.18 80.87 3.81
C ILE OA 6 -44.15 80.03 3.04
N GLN OA 7 -44.03 80.15 1.71
CA GLN OA 7 -43.10 79.32 0.93
C GLN OA 7 -41.63 79.53 1.36
N ALA OA 8 -41.26 80.74 1.78
CA ALA OA 8 -39.94 80.99 2.35
C ALA OA 8 -39.72 80.21 3.66
N ALA OA 9 -40.72 80.18 4.53
CA ALA OA 9 -40.66 79.37 5.74
C ALA OA 9 -40.58 77.87 5.39
N ALA OA 10 -41.31 77.40 4.38
CA ALA OA 10 -41.24 76.01 3.92
C ALA OA 10 -39.85 75.66 3.38
N ALA OA 11 -39.23 76.53 2.58
CA ALA OA 11 -37.87 76.34 2.10
C ALA OA 11 -36.85 76.27 3.25
N LEU OA 12 -36.95 77.18 4.23
CA LEU OA 12 -36.08 77.15 5.42
C LEU OA 12 -36.34 75.91 6.31
N GLY OA 13 -37.59 75.45 6.40
CA GLY OA 13 -37.95 74.21 7.08
C GLY OA 13 -37.36 72.97 6.40
N GLU OA 14 -37.39 72.91 5.07
CA GLU OA 14 -36.72 71.85 4.28
C GLU OA 14 -35.19 71.91 4.40
N ALA OA 15 -34.61 73.10 4.55
CA ALA OA 15 -33.20 73.27 4.90
C ALA OA 15 -32.88 72.89 6.37
N GLY OA 16 -33.88 72.58 7.19
CA GLY OA 16 -33.71 72.14 8.58
C GLY OA 16 -33.49 73.27 9.60
N ILE OA 17 -33.76 74.52 9.23
CA ILE OA 17 -33.64 75.68 10.14
C ILE OA 17 -34.75 75.60 11.21
N SER OA 18 -34.42 75.84 12.48
CA SER OA 18 -35.40 75.72 13.58
C SER OA 18 -36.43 76.84 13.59
N SER OA 19 -37.58 76.64 14.23
CA SER OA 19 -38.68 77.63 14.22
C SER OA 19 -38.27 78.97 14.84
N ASN OA 20 -37.55 79.00 15.96
CA ASN OA 20 -37.04 80.26 16.54
C ASN OA 20 -36.06 80.99 15.61
N GLU OA 21 -35.23 80.26 14.85
CA GLU OA 21 -34.36 80.84 13.83
C GLU OA 21 -35.14 81.38 12.63
N ILE OA 22 -36.13 80.64 12.12
CA ILE OA 22 -36.99 81.14 11.03
C ILE OA 22 -37.70 82.41 11.49
N LEU OA 23 -38.25 82.43 12.71
CA LEU OA 23 -38.87 83.63 13.29
C LEU OA 23 -37.87 84.79 13.43
N GLU OA 24 -36.62 84.52 13.79
CA GLU OA 24 -35.57 85.55 13.84
C GLU OA 24 -35.23 86.08 12.44
N LEU OA 25 -35.07 85.20 11.46
CA LEU OA 25 -34.84 85.58 10.06
C LEU OA 25 -36.02 86.38 9.51
N LEU OA 26 -37.25 86.00 9.86
CA LEU OA 26 -38.43 86.78 9.56
C LEU OA 26 -38.41 88.14 10.28
N ALA OA 27 -37.95 88.22 11.54
CA ALA OA 27 -37.81 89.48 12.27
C ALA OA 27 -36.86 90.43 11.52
N ALA OA 28 -35.73 89.91 11.07
CA ALA OA 28 -34.81 90.68 10.24
C ALA OA 28 -35.47 91.06 8.90
N ALA OA 29 -36.11 90.13 8.21
CA ALA OA 29 -36.72 90.42 6.91
C ALA OA 29 -37.78 91.53 6.99
N ALA OA 30 -38.55 91.57 8.07
CA ALA OA 30 -39.53 92.62 8.33
C ALA OA 30 -38.86 93.95 8.71
N GLU OA 31 -37.91 93.95 9.63
CA GLU OA 31 -37.18 95.16 10.05
C GLU OA 31 -36.46 95.82 8.87
N LEU OA 32 -35.80 95.00 8.05
CA LEU OA 32 -35.07 95.44 6.87
C LEU OA 32 -35.98 95.64 5.65
N GLY OA 33 -37.27 95.31 5.74
CA GLY OA 33 -38.26 95.53 4.68
C GLY OA 33 -37.97 94.77 3.38
N LEU OA 34 -37.48 93.53 3.47
CA LEU OA 34 -37.00 92.78 2.33
C LEU OA 34 -38.11 92.34 1.35
N ASP OA 35 -37.78 92.31 0.06
CA ASP OA 35 -38.64 91.75 -0.98
C ASP OA 35 -38.58 90.21 -1.00
N PRO OA 36 -39.62 89.52 -1.52
CA PRO OA 36 -39.65 88.06 -1.62
C PRO OA 36 -38.44 87.45 -2.33
N ASP OA 37 -37.88 88.11 -3.35
CA ASP OA 37 -36.69 87.63 -4.07
C ASP OA 37 -35.42 87.69 -3.22
N ALA OA 38 -35.23 88.74 -2.41
CA ALA OA 38 -34.14 88.82 -1.44
C ALA OA 38 -34.29 87.76 -0.33
N ILE OA 39 -35.53 87.53 0.14
CA ILE OA 39 -35.84 86.49 1.12
C ILE OA 39 -35.61 85.10 0.52
N GLN OA 40 -36.00 84.87 -0.73
CA GLN OA 40 -35.71 83.65 -1.49
C GLN OA 40 -34.20 83.43 -1.62
N ALA OA 41 -33.42 84.47 -1.92
CA ALA OA 41 -31.96 84.37 -1.92
C ALA OA 41 -31.42 83.99 -0.52
N ALA OA 42 -31.96 84.54 0.56
CA ALA OA 42 -31.61 84.11 1.92
C ALA OA 42 -31.93 82.63 2.15
N ALA OA 43 -33.09 82.15 1.69
CA ALA OA 43 -33.42 80.73 1.74
C ALA OA 43 -32.43 79.89 0.92
N GLN OA 44 -32.05 80.34 -0.28
CA GLN OA 44 -31.05 79.65 -1.11
C GLN OA 44 -29.65 79.64 -0.49
N LEU OA 45 -29.26 80.69 0.23
CA LEU OA 45 -28.04 80.68 1.05
C LEU OA 45 -28.14 79.64 2.19
N GLY OA 46 -29.32 79.48 2.79
CA GLY OA 46 -29.58 78.41 3.76
C GLY OA 46 -29.48 77.02 3.13
N GLU OA 47 -30.02 76.80 1.93
CA GLU OA 47 -29.86 75.56 1.17
C GLU OA 47 -28.39 75.31 0.78
N ALA OA 48 -27.63 76.36 0.49
CA ALA OA 48 -26.17 76.31 0.32
C ALA OA 48 -25.40 76.06 1.64
N GLY OA 49 -26.08 75.95 2.77
CA GLY OA 49 -25.51 75.59 4.07
C GLY OA 49 -24.96 76.76 4.88
N ILE OA 50 -25.19 78.01 4.45
CA ILE OA 50 -24.78 79.19 5.21
C ILE OA 50 -25.58 79.24 6.53
N SER OA 51 -24.92 79.51 7.66
CA SER OA 51 -25.58 79.49 8.97
C SER OA 51 -26.58 80.64 9.14
N SER OA 52 -27.60 80.43 9.99
CA SER OA 52 -28.61 81.44 10.34
C SER OA 52 -27.97 82.74 10.83
N GLU OA 53 -26.96 82.63 11.68
CA GLU OA 53 -26.21 83.78 12.19
C GLU OA 53 -25.49 84.54 11.07
N GLU OA 54 -24.86 83.84 10.12
CA GLU OA 54 -24.28 84.49 8.95
C GLU OA 54 -25.33 85.13 8.06
N ILE OA 55 -26.49 84.49 7.85
CA ILE OA 55 -27.56 85.09 7.04
C ILE OA 55 -27.98 86.42 7.69
N LYS OA 56 -28.11 86.48 9.01
CA LYS OA 56 -28.43 87.74 9.70
C LYS OA 56 -27.39 88.82 9.42
N GLU OA 57 -26.11 88.49 9.44
CA GLU OA 57 -25.07 89.43 9.02
C GLU OA 57 -25.17 89.80 7.54
N LEU OA 58 -25.41 88.82 6.65
CA LEU OA 58 -25.53 89.04 5.21
C LEU OA 58 -26.65 90.03 4.91
N LEU OA 59 -27.82 89.82 5.51
CA LEU OA 59 -28.96 90.71 5.34
C LEU OA 59 -28.71 92.08 5.97
N ARG OA 60 -28.12 92.13 7.18
CA ARG OA 60 -27.77 93.41 7.82
C ARG OA 60 -26.86 94.22 6.88
N ALA OA 61 -25.81 93.60 6.39
CA ALA OA 61 -24.87 94.23 5.48
C ALA OA 61 -25.58 94.66 4.19
N ALA OA 62 -26.40 93.81 3.58
CA ALA OA 62 -27.10 94.15 2.36
C ALA OA 62 -27.95 95.43 2.52
N HIS OA 63 -28.64 95.57 3.65
CA HIS OA 63 -29.39 96.78 3.98
C HIS OA 63 -28.46 97.98 4.22
N GLU OA 64 -27.43 97.83 5.05
CA GLU OA 64 -26.51 98.93 5.37
C GLU OA 64 -25.68 99.40 4.16
N LEU OA 65 -25.50 98.55 3.16
CA LEU OA 65 -24.96 98.88 1.84
C LEU OA 65 -26.02 99.46 0.89
N GLY OA 66 -27.28 99.09 1.05
CA GLY OA 66 -28.33 99.40 0.10
C GLY OA 66 -28.25 98.56 -1.19
N LEU OA 67 -27.87 97.28 -1.08
CA LEU OA 67 -27.88 96.35 -2.21
C LEU OA 67 -29.31 96.16 -2.74
N ASP OA 68 -29.46 96.09 -4.06
CA ASP OA 68 -30.72 95.72 -4.69
C ASP OA 68 -30.94 94.20 -4.66
N PRO OA 69 -32.18 93.70 -4.86
CA PRO OA 69 -32.48 92.27 -4.83
C PRO OA 69 -31.65 91.41 -5.80
N ASP OA 70 -31.21 91.93 -6.95
CA ASP OA 70 -30.39 91.15 -7.88
C ASP OA 70 -28.96 91.01 -7.34
N ALA OA 71 -28.41 92.09 -6.77
CA ALA OA 71 -27.14 92.01 -6.06
C ALA OA 71 -27.24 91.03 -4.88
N ILE OA 72 -28.34 91.06 -4.13
CA ILE OA 72 -28.59 90.06 -3.08
C ILE OA 72 -28.68 88.66 -3.70
N ALA OA 73 -29.36 88.49 -4.84
CA ALA OA 73 -29.47 87.19 -5.49
C ALA OA 73 -28.11 86.63 -5.93
N ALA OA 74 -27.18 87.49 -6.35
CA ALA OA 74 -25.83 87.05 -6.70
C ALA OA 74 -25.10 86.41 -5.51
N ALA OA 75 -25.45 86.76 -4.26
CA ALA OA 75 -24.90 86.08 -3.09
C ALA OA 75 -25.24 84.59 -3.11
N ALA OA 76 -26.46 84.20 -3.50
CA ALA OA 76 -26.83 82.79 -3.59
C ALA OA 76 -26.04 82.04 -4.67
N ASP OA 77 -25.79 82.67 -5.83
CA ASP OA 77 -24.93 82.09 -6.87
C ASP OA 77 -23.48 81.90 -6.38
N LEU OA 78 -22.90 82.92 -5.73
CA LEU OA 78 -21.60 82.81 -5.08
C LEU OA 78 -21.58 81.73 -3.98
N GLY OA 79 -22.68 81.57 -3.24
CA GLY OA 79 -22.85 80.53 -2.24
C GLY OA 79 -22.89 79.12 -2.86
N GLN OA 80 -23.58 78.93 -3.98
CA GLN OA 80 -23.53 77.68 -4.75
C GLN OA 80 -22.15 77.43 -5.38
N ALA OA 81 -21.42 78.49 -5.73
CA ALA OA 81 -20.00 78.41 -6.10
C ALA OA 81 -19.07 78.12 -4.89
N GLY OA 82 -19.58 78.14 -3.65
CA GLY OA 82 -18.84 77.83 -2.44
C GLY OA 82 -17.98 78.98 -1.88
N VAL OA 83 -18.17 80.20 -2.35
CA VAL OA 83 -17.44 81.40 -1.88
C VAL OA 83 -17.90 81.75 -0.45
N SER OA 84 -16.98 82.16 0.43
CA SER OA 84 -17.32 82.42 1.83
C SER OA 84 -18.25 83.62 2.00
N PRO OA 85 -19.01 83.63 3.09
CA PRO OA 85 -19.97 84.70 3.38
C PRO OA 85 -19.29 86.07 3.48
N VAL OA 86 -18.13 86.15 4.13
CA VAL OA 86 -17.40 87.41 4.19
C VAL OA 86 -16.91 87.82 2.79
N GLU OA 87 -16.38 86.89 1.99
CA GLU OA 87 -15.92 87.23 0.64
C GLU OA 87 -17.06 87.65 -0.27
N ILE OA 88 -18.24 87.05 -0.12
CA ILE OA 88 -19.45 87.53 -0.75
C ILE OA 88 -19.68 89.00 -0.39
N LEU OA 89 -19.67 89.34 0.91
CA LEU OA 89 -19.89 90.71 1.32
C LEU OA 89 -18.81 91.65 0.81
N ALA OA 90 -17.56 91.20 0.77
CA ALA OA 90 -16.51 91.99 0.15
C ALA OA 90 -16.77 92.22 -1.33
N LEU OA 91 -17.05 91.19 -2.11
CA LEU OA 91 -17.30 91.33 -3.53
C LEU OA 91 -18.45 92.31 -3.78
N LEU OA 92 -19.53 92.17 -3.02
CA LEU OA 92 -20.68 93.06 -3.14
C LEU OA 92 -20.32 94.48 -2.72
N ILE OA 93 -19.66 94.68 -1.59
CA ILE OA 93 -19.24 96.01 -1.12
C ILE OA 93 -18.34 96.66 -2.15
N ALA OA 94 -17.35 95.93 -2.65
CA ALA OA 94 -16.43 96.43 -3.64
C ALA OA 94 -17.20 96.86 -4.90
N ALA OA 95 -18.10 96.03 -5.41
CA ALA OA 95 -18.89 96.39 -6.57
C ALA OA 95 -19.70 97.67 -6.31
N SER OA 96 -20.39 97.74 -5.17
CA SER OA 96 -21.17 98.91 -4.78
C SER OA 96 -20.31 100.18 -4.72
N VAL OA 97 -19.18 100.14 -4.01
CA VAL OA 97 -18.32 101.31 -3.85
C VAL OA 97 -17.57 101.68 -5.14
N LEU OA 98 -17.23 100.71 -5.99
CA LEU OA 98 -16.76 100.98 -7.36
C LEU OA 98 -17.86 101.58 -8.24
N GLY OA 99 -19.13 101.41 -7.87
CA GLY OA 99 -20.29 101.80 -8.67
C GLY OA 99 -20.63 100.80 -9.79
N LEU OA 100 -20.10 99.58 -9.72
CA LEU OA 100 -20.39 98.50 -10.66
C LEU OA 100 -21.85 98.06 -10.59
N ASP OA 101 -22.40 97.68 -11.74
CA ASP OA 101 -23.82 97.33 -11.90
C ASP OA 101 -24.08 95.83 -11.63
N PRO OA 102 -25.36 95.41 -11.53
CA PRO OA 102 -25.71 94.02 -11.27
C PRO OA 102 -25.17 93.04 -12.32
N ASP OA 103 -25.02 93.46 -13.57
CA ASP OA 103 -24.43 92.60 -14.60
C ASP OA 103 -22.94 92.35 -14.30
N ALA OA 104 -22.19 93.38 -13.91
CA ALA OA 104 -20.81 93.22 -13.45
C ALA OA 104 -20.75 92.34 -12.19
N ILE OA 105 -21.71 92.47 -11.27
CA ILE OA 105 -21.80 91.55 -10.13
C ILE OA 105 -22.09 90.12 -10.60
N GLN OA 106 -22.96 89.92 -11.59
CA GLN OA 106 -23.22 88.59 -12.13
C GLN OA 106 -21.97 88.01 -12.81
N ALA OA 107 -21.18 88.84 -13.49
CA ALA OA 107 -19.87 88.42 -13.99
C ALA OA 107 -18.91 88.07 -12.84
N ALA OA 108 -18.96 88.77 -11.70
CA ALA OA 108 -18.19 88.37 -10.52
C ALA OA 108 -18.65 86.99 -10.00
N ALA OA 109 -19.96 86.71 -10.00
CA ALA OA 109 -20.46 85.38 -9.70
C ALA OA 109 -19.95 84.34 -10.72
N ALA OA 110 -19.93 84.67 -12.01
CA ALA OA 110 -19.36 83.79 -13.02
C ALA OA 110 -17.86 83.52 -12.80
N LEU OA 111 -17.07 84.54 -12.42
CA LEU OA 111 -15.66 84.35 -12.04
C LEU OA 111 -15.51 83.45 -10.80
N GLY OA 112 -16.43 83.57 -9.85
CA GLY OA 112 -16.53 82.66 -8.71
C GLY OA 112 -16.83 81.23 -9.11
N GLU OA 113 -17.78 81.01 -10.03
CA GLU OA 113 -18.08 79.69 -10.60
C GLU OA 113 -16.89 79.11 -11.38
N ALA OA 114 -16.11 79.96 -12.04
CA ALA OA 114 -14.83 79.61 -12.67
C ALA OA 114 -13.70 79.36 -11.64
N GLY OA 115 -13.92 79.61 -10.35
CA GLY OA 115 -12.97 79.34 -9.28
C GLY OA 115 -11.81 80.33 -9.20
N ILE OA 116 -11.93 81.50 -9.83
CA ILE OA 116 -10.89 82.54 -9.78
C ILE OA 116 -10.75 83.06 -8.33
N SER OA 117 -9.53 83.34 -7.88
CA SER OA 117 -9.32 83.80 -6.50
C SER OA 117 -9.97 85.17 -6.26
N ALA OA 118 -10.55 85.37 -5.08
CA ALA OA 118 -11.32 86.59 -4.77
C ALA OA 118 -10.47 87.85 -4.88
N GLU OA 119 -9.19 87.80 -4.48
CA GLU OA 119 -8.25 88.90 -4.69
C GLU OA 119 -8.07 89.23 -6.17
N GLU OA 120 -7.91 88.21 -7.03
CA GLU OA 120 -7.79 88.43 -8.47
C GLU OA 120 -9.09 88.96 -9.07
N ILE OA 121 -10.26 88.46 -8.64
CA ILE OA 121 -11.54 89.04 -9.07
C ILE OA 121 -11.57 90.53 -8.73
N ILE OA 122 -11.23 90.89 -7.50
CA ILE OA 122 -11.25 92.29 -7.06
C ILE OA 122 -10.26 93.15 -7.87
N GLU OA 123 -9.03 92.71 -8.07
CA GLU OA 123 -8.06 93.46 -8.88
C GLU OA 123 -8.49 93.55 -10.35
N LEU OA 124 -9.07 92.48 -10.93
CA LEU OA 124 -9.60 92.51 -12.29
C LEU OA 124 -10.77 93.49 -12.41
N LEU OA 125 -11.71 93.47 -11.47
CA LEU OA 125 -12.80 94.45 -11.44
C LEU OA 125 -12.25 95.86 -11.31
N THR OA 126 -11.29 96.11 -10.41
CA THR OA 126 -10.66 97.42 -10.25
C THR OA 126 -9.97 97.86 -11.54
N ALA OA 127 -9.21 96.97 -12.17
CA ALA OA 127 -8.54 97.28 -13.43
C ALA OA 127 -9.55 97.61 -14.54
N ALA OA 128 -10.62 96.83 -14.69
CA ALA OA 128 -11.64 97.09 -15.70
C ALA OA 128 -12.35 98.43 -15.47
N ARG OA 129 -12.61 98.78 -14.20
CA ARG OA 129 -13.15 100.07 -13.82
C ARG OA 129 -12.20 101.21 -14.18
N ASP OA 130 -10.92 101.12 -13.80
CA ASP OA 130 -9.93 102.17 -14.09
C ASP OA 130 -9.60 102.29 -15.59
N LEU OA 131 -9.63 101.19 -16.34
CA LEU OA 131 -9.57 101.18 -17.81
C LEU OA 131 -10.86 101.68 -18.48
N GLY OA 132 -11.96 101.84 -17.74
CA GLY OA 132 -13.23 102.34 -18.27
C GLY OA 132 -13.95 101.37 -19.22
N LEU OA 133 -13.73 100.07 -19.05
CA LEU OA 133 -14.30 99.04 -19.94
C LEU OA 133 -15.80 98.84 -19.70
N ASP OA 134 -16.50 98.34 -20.72
CA ASP OA 134 -17.86 97.85 -20.66
C ASP OA 134 -17.97 96.49 -19.94
N PRO OA 135 -19.11 96.15 -19.32
CA PRO OA 135 -19.26 94.90 -18.58
C PRO OA 135 -19.18 93.67 -19.48
N ASP OA 136 -19.47 93.79 -20.77
CA ASP OA 136 -19.22 92.72 -21.74
C ASP OA 136 -17.73 92.37 -21.83
N ALA OA 137 -16.82 93.34 -21.66
CA ALA OA 137 -15.39 93.04 -21.58
C ALA OA 137 -15.05 92.29 -20.30
N ILE OA 138 -15.71 92.59 -19.18
CA ILE OA 138 -15.57 91.80 -17.95
C ILE OA 138 -16.09 90.37 -18.19
N GLN OA 139 -17.24 90.20 -18.84
CA GLN OA 139 -17.78 88.88 -19.17
C GLN OA 139 -16.85 88.08 -20.09
N ALA OA 140 -16.27 88.72 -21.10
CA ALA OA 140 -15.26 88.09 -21.95
C ALA OA 140 -13.96 87.78 -21.18
N ALA OA 141 -13.57 88.61 -20.21
CA ALA OA 141 -12.47 88.28 -19.30
C ALA OA 141 -12.81 87.05 -18.43
N ALA OA 142 -14.07 86.87 -18.02
CA ALA OA 142 -14.48 85.64 -17.37
C ALA OA 142 -14.33 84.43 -18.32
N GLN OA 143 -14.63 84.58 -19.61
CA GLN OA 143 -14.33 83.53 -20.59
C GLN OA 143 -12.83 83.26 -20.75
N LEU OA 144 -11.95 84.27 -20.67
CA LEU OA 144 -10.51 84.04 -20.59
C LEU OA 144 -10.12 83.27 -19.32
N GLY OA 145 -10.85 83.48 -18.22
CA GLY OA 145 -10.75 82.68 -17.01
C GLY OA 145 -11.16 81.22 -17.24
N GLU OA 146 -12.25 80.97 -17.95
CA GLU OA 146 -12.66 79.61 -18.35
C GLU OA 146 -11.61 78.95 -19.25
N ALA OA 147 -10.95 79.72 -20.13
CA ALA OA 147 -9.81 79.28 -20.93
C ALA OA 147 -8.50 79.13 -20.12
N GLY OA 148 -8.50 79.46 -18.83
CA GLY OA 148 -7.37 79.25 -17.92
C GLY OA 148 -6.22 80.27 -18.04
N ILE OA 149 -6.45 81.41 -18.70
CA ILE OA 149 -5.41 82.45 -18.87
C ILE OA 149 -5.06 83.07 -17.52
N SER OA 150 -3.78 83.33 -17.24
CA SER OA 150 -3.37 83.96 -15.98
C SER OA 150 -3.84 85.42 -15.90
N SER OA 151 -4.14 85.91 -14.70
CA SER OA 151 -4.81 87.21 -14.51
C SER OA 151 -4.02 88.39 -15.09
N GLU OA 152 -2.71 88.44 -14.92
CA GLU OA 152 -1.89 89.48 -15.56
C GLU OA 152 -1.88 89.37 -17.09
N GLU OA 153 -1.95 88.15 -17.64
CA GLU OA 153 -2.06 87.95 -19.09
C GLU OA 153 -3.45 88.33 -19.61
N ILE OA 154 -4.52 88.15 -18.81
CA ILE OA 154 -5.80 88.76 -19.10
C ILE OA 154 -5.64 90.29 -19.19
N LYS OA 155 -4.94 90.91 -18.25
CA LYS OA 155 -4.72 92.36 -18.29
C LYS OA 155 -3.92 92.79 -19.53
N GLU OA 156 -2.94 92.02 -19.97
CA GLU OA 156 -2.27 92.27 -21.25
C GLU OA 156 -3.22 92.12 -22.44
N LEU OA 157 -4.05 91.07 -22.49
CA LEU OA 157 -5.03 90.90 -23.56
C LEU OA 157 -6.05 92.03 -23.57
N LEU OA 158 -6.47 92.52 -22.40
CA LEU OA 158 -7.32 93.70 -22.30
C LEU OA 158 -6.58 94.97 -22.74
N ARG OA 159 -5.31 95.16 -22.36
CA ARG OA 159 -4.51 96.30 -22.86
C ARG OA 159 -4.39 96.26 -24.36
N ALA OA 160 -4.12 95.10 -24.92
CA ALA OA 160 -4.08 94.90 -26.36
C ALA OA 160 -5.44 95.26 -26.97
N ALA OA 161 -6.54 94.71 -26.47
CA ALA OA 161 -7.87 95.01 -27.00
C ALA OA 161 -8.20 96.51 -26.95
N HIS OA 162 -7.82 97.18 -25.85
CA HIS OA 162 -7.95 98.62 -25.66
C HIS OA 162 -7.14 99.41 -26.71
N GLU OA 163 -5.85 99.15 -26.82
CA GLU OA 163 -4.99 99.87 -27.77
C GLU OA 163 -5.33 99.58 -29.23
N LEU OA 164 -5.77 98.37 -29.56
CA LEU OA 164 -6.05 97.90 -30.92
C LEU OA 164 -7.51 98.13 -31.37
N GLY OA 165 -8.40 98.53 -30.45
CA GLY OA 165 -9.83 98.74 -30.75
C GLY OA 165 -10.57 97.45 -31.08
N LEU OA 166 -10.20 96.34 -30.45
CA LEU OA 166 -10.94 95.07 -30.54
C LEU OA 166 -12.24 95.14 -29.71
N ASP OA 167 -13.00 94.05 -29.67
CA ASP OA 167 -14.31 93.97 -29.02
C ASP OA 167 -14.48 92.66 -28.20
N PRO OA 168 -15.51 92.55 -27.34
CA PRO OA 168 -15.78 91.36 -26.55
C PRO OA 168 -15.89 90.06 -27.38
N ASP OA 169 -16.36 90.12 -28.63
CA ASP OA 169 -16.39 88.92 -29.49
C ASP OA 169 -14.98 88.51 -29.93
N CYS OA 170 -14.09 89.46 -30.22
CA CYS OA 170 -12.68 89.17 -30.44
C CYS OA 170 -12.03 88.59 -29.18
N ILE OA 171 -12.36 89.10 -27.99
CA ILE OA 171 -11.87 88.55 -26.72
C ILE OA 171 -12.44 87.13 -26.50
N ALA OA 172 -13.69 86.86 -26.88
CA ALA OA 172 -14.26 85.52 -26.85
C ALA OA 172 -13.54 84.57 -27.83
N ALA OA 173 -13.18 85.05 -29.03
CA ALA OA 173 -12.36 84.28 -29.95
C ALA OA 173 -10.93 84.07 -29.41
N ALA OA 174 -10.37 85.02 -28.65
CA ALA OA 174 -9.11 84.84 -27.93
C ALA OA 174 -9.21 83.72 -26.88
N ALA OA 175 -10.33 83.65 -26.14
CA ALA OA 175 -10.60 82.53 -25.23
C ALA OA 175 -10.66 81.18 -25.97
N ASP OA 176 -11.25 81.13 -27.16
CA ASP OA 176 -11.21 79.92 -28.00
C ASP OA 176 -9.80 79.59 -28.50
N LEU OA 177 -8.93 80.56 -28.82
CA LEU OA 177 -7.52 80.28 -29.06
C LEU OA 177 -6.82 79.74 -27.80
N GLY OA 178 -7.25 80.16 -26.61
CA GLY OA 178 -6.86 79.54 -25.34
C GLY OA 178 -7.34 78.08 -25.23
N GLN OA 179 -8.58 77.78 -25.63
CA GLN OA 179 -9.10 76.40 -25.71
C GLN OA 179 -8.34 75.54 -26.74
N ALA OA 180 -7.87 76.14 -27.84
CA ALA OA 180 -6.94 75.53 -28.79
C ALA OA 180 -5.49 75.38 -28.25
N GLY OA 181 -5.19 75.89 -27.05
CA GLY OA 181 -3.89 75.75 -26.40
C GLY OA 181 -2.81 76.74 -26.87
N ILE OA 182 -3.17 77.78 -27.61
CA ILE OA 182 -2.23 78.77 -28.15
C ILE OA 182 -1.62 79.62 -27.02
N SER OA 183 -0.33 79.97 -27.10
CA SER OA 183 0.35 80.81 -26.10
C SER OA 183 -0.14 82.27 -26.15
N SER OA 184 -0.11 83.00 -25.03
CA SER OA 184 -0.70 84.36 -24.95
C SER OA 184 -0.08 85.37 -25.93
N SER OA 185 1.22 85.28 -26.22
CA SER OA 185 1.83 86.11 -27.28
C SER OA 185 1.32 85.71 -28.67
N GLU OA 186 1.20 84.42 -28.96
CA GLU OA 186 0.65 83.95 -30.24
C GLU OA 186 -0.86 84.23 -30.39
N ILE OA 187 -1.64 84.18 -29.31
CA ILE OA 187 -3.03 84.67 -29.31
C ILE OA 187 -3.03 86.14 -29.74
N THR OA 188 -2.16 86.96 -29.15
CA THR OA 188 -2.02 88.37 -29.51
C THR OA 188 -1.64 88.54 -30.99
N ALA OA 189 -0.67 87.76 -31.49
CA ALA OA 189 -0.31 87.78 -32.90
C ALA OA 189 -1.48 87.41 -33.81
N LEU OA 190 -2.22 86.34 -33.49
CA LEU OA 190 -3.37 85.93 -34.30
C LEU OA 190 -4.50 86.94 -34.23
N LEU OA 191 -4.75 87.57 -33.08
CA LEU OA 191 -5.66 88.71 -32.99
C LEU OA 191 -5.21 89.84 -33.92
N LEU OA 192 -3.94 90.25 -33.84
CA LEU OA 192 -3.41 91.32 -34.67
C LEU OA 192 -3.55 91.02 -36.16
N ALA OA 193 -3.10 89.84 -36.60
CA ALA OA 193 -3.16 89.43 -37.99
C ALA OA 193 -4.60 89.36 -38.51
N ALA OA 194 -5.49 88.65 -37.81
CA ALA OA 194 -6.87 88.48 -38.22
C ALA OA 194 -7.59 89.83 -38.30
N ALA OA 195 -7.45 90.68 -37.29
CA ALA OA 195 -8.04 92.01 -37.29
C ALA OA 195 -7.47 92.88 -38.43
N ALA OA 196 -6.16 92.89 -38.65
CA ALA OA 196 -5.55 93.69 -39.72
C ALA OA 196 -6.13 93.30 -41.08
N ILE OA 197 -6.22 92.00 -41.37
CA ILE OA 197 -6.75 91.53 -42.64
C ILE OA 197 -8.26 91.76 -42.74
N GLU OA 198 -9.02 91.50 -41.67
CA GLU OA 198 -10.46 91.76 -41.64
C GLU OA 198 -10.76 93.24 -41.89
N LEU OA 199 -10.00 94.15 -41.27
CA LEU OA 199 -10.08 95.58 -41.54
C LEU OA 199 -9.63 95.92 -42.97
N ALA OA 200 -8.51 95.39 -43.45
CA ALA OA 200 -7.98 95.68 -44.78
C ALA OA 200 -8.92 95.25 -45.92
N LYS OA 201 -9.82 94.29 -45.65
CA LYS OA 201 -10.89 93.85 -46.57
C LYS OA 201 -12.25 94.51 -46.33
N ARG OA 202 -12.43 95.22 -45.21
CA ARG OA 202 -13.51 96.22 -45.06
C ARG OA 202 -13.14 97.53 -45.77
N ALA OA 203 -11.87 97.92 -45.72
CA ALA OA 203 -11.24 98.74 -46.74
C ALA OA 203 -11.07 97.96 -48.06
N ASP OA 204 -10.50 98.58 -49.08
CA ASP OA 204 -10.18 97.92 -50.36
C ASP OA 204 -8.91 98.45 -51.04
N ASP OA 205 -8.08 99.23 -50.34
CA ASP OA 205 -6.89 99.84 -50.92
C ASP OA 205 -5.78 98.81 -51.17
N LYS OA 206 -5.34 98.70 -52.43
CA LYS OA 206 -4.25 97.82 -52.84
C LYS OA 206 -2.95 98.14 -52.10
N ASP OA 207 -2.64 99.39 -51.80
CA ASP OA 207 -1.44 99.70 -51.01
C ASP OA 207 -1.56 99.15 -49.60
N VAL OA 208 -2.72 99.29 -48.93
CA VAL OA 208 -2.95 98.69 -47.61
C VAL OA 208 -2.82 97.17 -47.69
N ARG OA 209 -3.43 96.55 -48.70
CA ARG OA 209 -3.34 95.10 -48.95
C ARG OA 209 -1.90 94.64 -49.17
N GLU OA 210 -1.11 95.35 -49.96
CA GLU OA 210 0.31 95.03 -50.21
C GLU OA 210 1.20 95.28 -48.98
N ILE OA 211 0.98 96.37 -48.25
CA ILE OA 211 1.67 96.64 -46.98
C ILE OA 211 1.34 95.54 -45.96
N VAL OA 212 0.08 95.12 -45.87
CA VAL OA 212 -0.33 94.00 -45.03
C VAL OA 212 0.38 92.72 -45.47
N ARG OA 213 0.47 92.42 -46.77
CA ARG OA 213 1.27 91.26 -47.22
C ARG OA 213 2.71 91.40 -46.77
N ASP OA 214 3.37 92.53 -47.00
CA ASP OA 214 4.75 92.73 -46.56
C ASP OA 214 4.90 92.53 -45.05
N ALA OA 215 3.99 93.06 -44.24
CA ALA OA 215 4.06 92.92 -42.78
C ALA OA 215 3.82 91.47 -42.34
N LEU OA 216 2.78 90.82 -42.86
CA LEU OA 216 2.47 89.42 -42.54
C LEU OA 216 3.60 88.50 -43.02
N GLU OA 217 4.16 88.77 -44.20
CA GLU OA 217 5.29 88.02 -44.74
C GLU OA 217 6.53 88.21 -43.88
N LEU OA 218 6.87 89.44 -43.49
CA LEU OA 218 7.97 89.70 -42.55
C LEU OA 218 7.74 88.93 -41.24
N ALA OA 219 6.53 88.97 -40.70
CA ALA OA 219 6.17 88.23 -39.48
C ALA OA 219 6.22 86.70 -39.68
N SER OA 220 6.00 86.21 -40.90
CA SER OA 220 6.11 84.79 -41.24
C SER OA 220 7.57 84.37 -41.46
N ARG OA 221 8.43 85.29 -41.96
CA ARG OA 221 9.86 85.07 -42.18
C ARG OA 221 10.69 85.18 -40.90
N SER OA 222 10.32 86.09 -39.99
CA SER OA 222 10.99 86.29 -38.70
C SER OA 222 10.68 85.18 -37.68
N THR OA 223 11.57 84.97 -36.71
CA THR OA 223 11.39 84.05 -35.57
C THR OA 223 11.43 84.75 -34.21
N ASN OA 224 11.40 86.09 -34.17
CA ASN OA 224 11.45 86.88 -32.94
C ASN OA 224 10.07 87.49 -32.64
N ASP OA 225 9.48 87.17 -31.47
CA ASP OA 225 8.11 87.62 -31.18
C ASP OA 225 8.00 89.14 -31.00
N GLU OA 226 9.07 89.84 -30.65
CA GLU OA 226 9.07 91.31 -30.57
C GLU OA 226 8.89 91.93 -31.96
N VAL OA 227 9.64 91.42 -32.96
CA VAL OA 227 9.48 91.83 -34.35
C VAL OA 227 8.07 91.47 -34.84
N ILE OA 228 7.57 90.27 -34.52
CA ILE OA 228 6.24 89.82 -34.93
C ILE OA 228 5.17 90.75 -34.35
N ARG OA 229 5.19 91.00 -33.02
CA ARG OA 229 4.23 91.90 -32.38
C ARG OA 229 4.33 93.30 -32.98
N LEU OA 230 5.54 93.83 -33.18
CA LEU OA 230 5.74 95.13 -33.85
C LEU OA 230 5.16 95.17 -35.27
N ALA OA 231 5.47 94.18 -36.10
CA ALA OA 231 5.04 94.15 -37.50
C ALA OA 231 3.52 93.98 -37.62
N LEU OA 232 2.91 93.17 -36.75
CA LEU OA 232 1.47 92.96 -36.80
C LEU OA 232 0.69 94.11 -36.15
N GLU OA 233 1.25 94.78 -35.15
CA GLU OA 233 0.72 96.07 -34.69
C GLU OA 233 0.81 97.13 -35.79
N ALA OA 234 1.94 97.20 -36.50
CA ALA OA 234 2.05 98.06 -37.67
C ALA OA 234 1.01 97.69 -38.75
N ALA OA 235 0.72 96.40 -38.96
CA ALA OA 235 -0.32 95.96 -39.89
C ALA OA 235 -1.72 96.42 -39.46
N VAL OA 236 -2.06 96.35 -38.16
CA VAL OA 236 -3.33 96.92 -37.66
C VAL OA 236 -3.34 98.44 -37.83
N LEU OA 237 -2.27 99.15 -37.48
CA LEU OA 237 -2.22 100.60 -37.64
C LEU OA 237 -2.29 101.02 -39.11
N ALA OA 238 -1.68 100.27 -40.03
CA ALA OA 238 -1.85 100.48 -41.47
C ALA OA 238 -3.30 100.24 -41.91
N ALA OA 239 -3.93 99.14 -41.46
CA ALA OA 239 -5.32 98.84 -41.79
C ALA OA 239 -6.34 99.83 -41.20
N ARG OA 240 -6.00 100.49 -40.08
CA ARG OA 240 -6.77 101.62 -39.51
C ARG OA 240 -6.43 102.98 -40.11
N SER OA 241 -5.27 103.11 -40.78
CA SER OA 241 -4.80 104.38 -41.34
C SER OA 241 -5.65 104.87 -42.51
N THR OA 242 -5.71 106.19 -42.70
CA THR OA 242 -6.27 106.85 -43.89
C THR OA 242 -5.26 107.83 -44.51
N ASP OA 243 -3.97 107.73 -44.15
CA ASP OA 243 -2.94 108.71 -44.52
C ASP OA 243 -1.81 108.07 -45.33
N SER OA 244 -1.64 108.55 -46.57
CA SER OA 244 -0.60 108.07 -47.48
C SER OA 244 0.81 108.26 -46.91
N ASP OA 245 1.08 109.31 -46.12
CA ASP OA 245 2.41 109.47 -45.52
C ASP OA 245 2.67 108.43 -44.43
N VAL OA 246 1.66 108.09 -43.63
CA VAL OA 246 1.78 107.00 -42.65
C VAL OA 246 2.00 105.68 -43.37
N LEU OA 247 1.23 105.41 -44.43
CA LEU OA 247 1.42 104.22 -45.23
C LEU OA 247 2.80 104.19 -45.91
N GLU OA 248 3.31 105.30 -46.44
CA GLU OA 248 4.66 105.35 -47.01
C GLU OA 248 5.76 105.22 -45.95
N ILE OA 249 5.59 105.77 -44.74
CA ILE OA 249 6.50 105.55 -43.61
C ILE OA 249 6.54 104.06 -43.24
N VAL OA 250 5.38 103.41 -43.12
CA VAL OA 250 5.32 101.97 -42.84
C VAL OA 250 5.93 101.17 -44.00
N LYS OA 251 5.63 101.52 -45.25
CA LYS OA 251 6.17 100.85 -46.43
C LYS OA 251 7.70 101.02 -46.54
N ASP OA 252 8.24 102.19 -46.22
CA ASP OA 252 9.68 102.39 -46.12
C ASP OA 252 10.31 101.57 -44.99
N ALA OA 253 9.65 101.47 -43.83
CA ALA OA 253 10.15 100.64 -42.73
C ALA OA 253 10.15 99.15 -43.09
N LEU OA 254 9.10 98.66 -43.75
CA LEU OA 254 9.05 97.28 -44.26
C LEU OA 254 10.07 97.06 -45.39
N GLU OA 255 10.29 98.05 -46.25
CA GLU OA 255 11.33 97.98 -47.28
C GLU OA 255 12.72 97.90 -46.64
N LEU OA 256 13.01 98.70 -45.61
CA LEU OA 256 14.25 98.58 -44.85
C LEU OA 256 14.37 97.17 -44.23
N ALA OA 257 13.28 96.61 -43.68
CA ALA OA 257 13.25 95.25 -43.17
C ALA OA 257 13.38 94.16 -44.26
N LYS OA 258 13.14 94.50 -45.52
CA LYS OA 258 13.46 93.66 -46.68
C LYS OA 258 14.93 93.82 -47.11
N GLN OA 259 15.47 95.05 -47.02
CA GLN OA 259 16.84 95.38 -47.42
C GLN OA 259 17.93 94.92 -46.43
N SER OA 260 17.67 94.95 -45.13
CA SER OA 260 18.62 94.52 -44.08
C SER OA 260 18.01 93.53 -43.10
N THR OA 261 18.79 92.52 -42.71
CA THR OA 261 18.43 91.49 -41.71
C THR OA 261 18.72 91.92 -40.26
N ASN OA 262 19.23 93.14 -40.02
CA ASN OA 262 19.57 93.65 -38.69
C ASN OA 262 18.32 93.83 -37.80
N GLU OA 263 18.11 92.92 -36.86
CA GLU OA 263 16.91 92.92 -36.00
C GLU OA 263 16.78 94.19 -35.16
N GLU OA 264 17.89 94.79 -34.73
CA GLU OA 264 17.84 96.01 -33.90
C GLU OA 264 17.41 97.22 -34.74
N VAL OA 265 17.95 97.37 -35.96
CA VAL OA 265 17.47 98.38 -36.91
C VAL OA 265 15.99 98.15 -37.22
N ILE OA 266 15.58 96.90 -37.46
CA ILE OA 266 14.18 96.55 -37.71
C ILE OA 266 13.30 96.96 -36.52
N LYS OA 267 13.67 96.58 -35.29
CA LYS OA 267 12.88 96.92 -34.10
C LYS OA 267 12.81 98.43 -33.89
N LEU OA 268 13.90 99.15 -34.11
CA LEU OA 268 13.92 100.62 -34.08
C LEU OA 268 12.98 101.19 -35.16
N ALA OA 269 13.07 100.73 -36.40
CA ALA OA 269 12.28 101.23 -37.52
C ALA OA 269 10.78 100.94 -37.34
N LEU OA 270 10.41 99.72 -36.95
CA LEU OA 270 9.01 99.37 -36.70
C LEU OA 270 8.47 100.14 -35.48
N LYS OA 271 9.21 100.27 -34.38
CA LYS OA 271 8.77 101.08 -33.24
C LYS OA 271 8.56 102.55 -33.62
N ALA OA 272 9.51 103.15 -34.34
CA ALA OA 272 9.39 104.53 -34.83
C ALA OA 272 8.17 104.69 -35.76
N ALA OA 273 7.95 103.77 -36.69
CA ALA OA 273 6.77 103.78 -37.56
C ALA OA 273 5.46 103.62 -36.77
N VAL OA 274 5.41 102.70 -35.79
CA VAL OA 274 4.24 102.49 -34.92
C VAL OA 274 3.92 103.76 -34.12
N LEU OA 275 4.91 104.35 -33.47
CA LEU OA 275 4.71 105.59 -32.71
C LEU OA 275 4.30 106.74 -33.64
N ALA OA 276 4.90 106.85 -34.83
CA ALA OA 276 4.49 107.83 -35.83
C ALA OA 276 3.03 107.61 -36.28
N ALA OA 277 2.60 106.36 -36.47
CA ALA OA 277 1.23 106.03 -36.87
C ALA OA 277 0.20 106.25 -35.75
N LYS OA 278 0.58 106.11 -34.46
CA LYS OA 278 -0.25 106.52 -33.31
C LYS OA 278 -0.28 108.03 -33.10
N SER OA 279 0.78 108.76 -33.47
CA SER OA 279 0.90 110.20 -33.27
C SER OA 279 0.00 111.03 -34.18
N THR OA 280 -0.40 112.21 -33.68
CA THR OA 280 -1.20 113.21 -34.42
C THR OA 280 -0.34 114.17 -35.26
N ASP OA 281 0.95 114.33 -34.93
CA ASP OA 281 1.74 115.48 -35.38
C ASP OA 281 2.32 115.34 -36.80
N GLU OA 282 1.82 116.16 -37.72
CA GLU OA 282 2.26 116.23 -39.11
C GLU OA 282 3.73 116.67 -39.30
N GLU OA 283 4.26 117.53 -38.40
CA GLU OA 283 5.66 117.95 -38.48
C GLU OA 283 6.60 116.82 -38.08
N VAL OA 284 6.21 116.02 -37.07
CA VAL OA 284 6.94 114.79 -36.71
C VAL OA 284 6.84 113.76 -37.83
N LEU OA 285 5.68 113.60 -38.47
CA LEU OA 285 5.55 112.72 -39.64
C LEU OA 285 6.48 113.14 -40.78
N GLU OA 286 6.55 114.43 -41.12
CA GLU OA 286 7.48 114.94 -42.13
C GLU OA 286 8.94 114.65 -41.75
N GLU OA 287 9.35 114.98 -40.52
CA GLU OA 287 10.71 114.71 -40.06
C GLU OA 287 11.01 113.20 -40.03
N VAL OA 288 10.07 112.35 -39.62
CA VAL OA 288 10.24 110.89 -39.67
C VAL OA 288 10.37 110.41 -41.11
N LYS OA 289 9.57 110.93 -42.05
CA LYS OA 289 9.67 110.58 -43.47
C LYS OA 289 11.04 110.96 -44.02
N GLU OA 290 11.53 112.16 -43.70
CA GLU OA 290 12.90 112.57 -44.04
C GLU OA 290 13.97 111.72 -43.33
N ALA OA 291 13.78 111.34 -42.06
CA ALA OA 291 14.72 110.46 -41.36
C ALA OA 291 14.84 109.09 -42.05
N LEU OA 292 13.71 108.50 -42.46
CA LEU OA 292 13.73 107.28 -43.27
C LEU OA 292 14.37 107.52 -44.64
N ARG OA 293 14.17 108.69 -45.27
CA ARG OA 293 14.85 109.05 -46.51
C ARG OA 293 16.37 109.06 -46.34
N ARG OA 294 16.87 109.76 -45.32
CA ARG OA 294 18.30 109.79 -44.94
C ARG OA 294 18.82 108.36 -44.69
N ALA OA 295 18.05 107.54 -43.97
CA ALA OA 295 18.40 106.16 -43.71
C ALA OA 295 18.54 105.32 -45.00
N LYS OA 296 17.57 105.36 -45.91
CA LYS OA 296 17.63 104.62 -47.18
C LYS OA 296 18.77 105.08 -48.09
N GLU OA 297 19.06 106.38 -48.12
CA GLU OA 297 20.19 106.92 -48.89
C GLU OA 297 21.56 106.63 -48.27
N SER OA 298 21.64 106.33 -46.97
CA SER OA 298 22.90 106.04 -46.29
C SER OA 298 23.45 104.64 -46.58
N THR OA 299 24.77 104.50 -46.54
CA THR OA 299 25.50 103.21 -46.54
C THR OA 299 25.73 102.67 -45.12
N ASP OA 300 25.60 103.49 -44.07
CA ASP OA 300 26.05 103.15 -42.72
C ASP OA 300 24.87 102.85 -41.77
N GLU OA 301 24.79 101.62 -41.26
CA GLU OA 301 23.73 101.27 -40.30
C GLU OA 301 23.84 102.03 -38.97
N GLU OA 302 25.00 102.59 -38.60
CA GLU OA 302 25.07 103.49 -37.45
C GLU OA 302 24.42 104.84 -37.73
N GLU OA 303 24.46 105.36 -38.96
CA GLU OA 303 23.71 106.56 -39.32
C GLU OA 303 22.21 106.28 -39.35
N ILE OA 304 21.80 105.09 -39.81
CA ILE OA 304 20.41 104.63 -39.72
C ILE OA 304 19.97 104.59 -38.25
N LYS OA 305 20.72 103.90 -37.38
CA LYS OA 305 20.42 103.83 -35.95
C LYS OA 305 20.34 105.22 -35.31
N GLU OA 306 21.22 106.15 -35.64
CA GLU OA 306 21.16 107.52 -35.12
C GLU OA 306 19.90 108.26 -35.59
N GLU OA 307 19.57 108.23 -36.88
CA GLU OA 307 18.36 108.91 -37.38
C GLU OA 307 17.06 108.30 -36.85
N LEU OA 308 17.05 106.99 -36.54
CA LEU OA 308 15.95 106.36 -35.79
C LEU OA 308 15.95 106.76 -34.31
N ARG OA 309 17.12 106.77 -33.66
CA ARG OA 309 17.27 107.13 -32.24
C ARG OA 309 16.71 108.52 -31.95
N LYS OA 310 16.92 109.48 -32.85
CA LYS OA 310 16.36 110.84 -32.72
C LYS OA 310 14.86 110.84 -32.42
N ALA OA 311 14.08 109.99 -33.09
CA ALA OA 311 12.67 109.82 -32.78
C ALA OA 311 12.46 108.93 -31.55
N VAL OA 312 13.13 107.78 -31.50
CA VAL OA 312 12.88 106.75 -30.47
C VAL OA 312 13.15 107.25 -29.04
N GLU OA 313 14.15 108.11 -28.84
CA GLU OA 313 14.44 108.71 -27.53
C GLU OA 313 13.62 109.97 -27.20
N GLU OA 314 12.92 110.56 -28.17
CA GLU OA 314 12.02 111.71 -27.94
C GLU OA 314 10.59 111.29 -27.58
N ALA OA 315 10.11 110.16 -28.12
CA ALA OA 315 8.71 109.74 -28.05
C ALA OA 315 8.27 109.02 -26.74
N GLU OA 316 9.20 108.59 -25.89
CA GLU OA 316 8.92 107.78 -24.67
C GLU OA 316 9.88 108.05 -23.49
N CYS PA 3 -86.23 6.73 45.91
CA CYS PA 3 -84.88 6.41 45.36
C CYS PA 3 -84.76 6.68 43.86
N ASP PA 4 -85.52 5.99 43.00
CA ASP PA 4 -85.24 5.82 41.57
C ASP PA 4 -85.03 7.12 40.77
N ALA PA 5 -85.68 8.22 41.16
CA ALA PA 5 -85.48 9.52 40.51
C ALA PA 5 -84.03 10.01 40.60
N ILE PA 6 -83.32 9.75 41.71
CA ILE PA 6 -81.91 10.13 41.86
C ILE PA 6 -81.02 9.21 41.01
N GLN PA 7 -81.31 7.90 40.96
CA GLN PA 7 -80.59 6.97 40.07
C GLN PA 7 -80.71 7.38 38.60
N ALA PA 8 -81.90 7.80 38.17
CA ALA PA 8 -82.11 8.33 36.83
C ALA PA 8 -81.30 9.62 36.60
N ALA PA 9 -81.34 10.57 37.53
CA ALA PA 9 -80.53 11.78 37.43
C ALA PA 9 -79.02 11.46 37.35
N ALA PA 10 -78.54 10.50 38.13
CA ALA PA 10 -77.16 10.03 38.08
C ALA PA 10 -76.83 9.40 36.72
N ALA PA 11 -77.70 8.56 36.17
CA ALA PA 11 -77.51 8.00 34.84
C ALA PA 11 -77.42 9.10 33.75
N LEU PA 12 -78.27 10.13 33.82
CA LEU PA 12 -78.23 11.26 32.88
C LEU PA 12 -76.97 12.13 33.08
N GLY PA 13 -76.51 12.30 34.32
CA GLY PA 13 -75.24 12.96 34.63
C GLY PA 13 -74.02 12.18 34.11
N GLU PA 14 -74.00 10.86 34.24
CA GLU PA 14 -72.96 9.99 33.67
C GLU PA 14 -73.00 9.96 32.12
N ALA PA 15 -74.19 10.07 31.52
CA ALA PA 15 -74.35 10.29 30.09
C ALA PA 15 -73.93 11.70 29.61
N GLY PA 16 -73.61 12.62 30.53
CA GLY PA 16 -73.11 13.97 30.22
C GLY PA 16 -74.19 15.01 29.92
N ILE PA 17 -75.45 14.74 30.28
CA ILE PA 17 -76.57 15.67 30.03
C ILE PA 17 -76.44 16.90 30.95
N SER PA 18 -76.64 18.11 30.42
CA SER PA 18 -76.50 19.37 31.18
C SER PA 18 -77.61 19.53 32.23
N SER PA 19 -77.39 20.30 33.29
CA SER PA 19 -78.37 20.45 34.39
C SER PA 19 -79.70 21.05 33.92
N ASN PA 20 -79.71 22.11 33.09
CA ASN PA 20 -80.95 22.62 32.49
C ASN PA 20 -81.62 21.59 31.57
N GLU PA 21 -80.86 20.71 30.91
CA GLU PA 21 -81.42 19.63 30.09
C GLU PA 21 -82.06 18.53 30.95
N ILE PA 22 -81.44 18.14 32.06
CA ILE PA 22 -82.06 17.21 33.02
C ILE PA 22 -83.35 17.85 33.57
N LEU PA 23 -83.30 19.13 33.96
CA LEU PA 23 -84.51 19.83 34.42
C LEU PA 23 -85.59 19.86 33.32
N GLU PA 24 -85.22 20.08 32.06
CA GLU PA 24 -86.19 20.02 30.95
C GLU PA 24 -86.75 18.60 30.79
N LEU PA 25 -85.91 17.57 30.86
CA LEU PA 25 -86.35 16.18 30.82
C LEU PA 25 -87.28 15.85 31.99
N LEU PA 26 -87.03 16.38 33.18
CA LEU PA 26 -87.94 16.23 34.31
C LEU PA 26 -89.23 17.06 34.14
N ALA PA 27 -89.18 18.22 33.48
CA ALA PA 27 -90.39 18.98 33.11
C ALA PA 27 -91.27 18.15 32.16
N ALA PA 28 -90.65 17.52 31.15
CA ALA PA 28 -91.35 16.61 30.27
C ALA PA 28 -91.88 15.40 31.04
N ALA PA 29 -91.08 14.78 31.89
CA ALA PA 29 -91.53 13.63 32.67
C ALA PA 29 -92.73 13.95 33.56
N ALA PA 30 -92.78 15.14 34.15
CA ALA PA 30 -93.94 15.62 34.91
C ALA PA 30 -95.17 15.86 34.00
N GLU PA 31 -95.01 16.57 32.89
CA GLU PA 31 -96.11 16.85 31.93
C GLU PA 31 -96.69 15.55 31.35
N LEU PA 32 -95.82 14.65 30.92
CA LEU PA 32 -96.17 13.41 30.24
C LEU PA 32 -96.43 12.25 31.22
N GLY PA 33 -96.19 12.44 32.52
CA GLY PA 33 -96.41 11.44 33.57
C GLY PA 33 -95.51 10.20 33.46
N LEU PA 34 -94.25 10.36 33.05
CA LEU PA 34 -93.37 9.24 32.71
C LEU PA 34 -92.97 8.39 33.93
N ASP PA 35 -93.08 7.07 33.78
CA ASP PA 35 -92.63 6.07 34.73
C ASP PA 35 -91.10 5.88 34.72
N PRO PA 36 -90.51 5.27 35.77
CA PRO PA 36 -89.07 5.02 35.86
C PRO PA 36 -88.50 4.20 34.68
N ASP PA 37 -89.24 3.23 34.15
CA ASP PA 37 -88.76 2.39 33.05
C ASP PA 37 -88.72 3.16 31.72
N ALA PA 38 -89.69 4.03 31.44
CA ALA PA 38 -89.62 4.96 30.30
C ALA PA 38 -88.44 5.93 30.45
N ILE PA 39 -88.18 6.45 31.65
CA ILE PA 39 -87.05 7.34 31.89
C ILE PA 39 -85.72 6.57 31.77
N GLN PA 40 -85.65 5.33 32.25
CA GLN PA 40 -84.50 4.45 32.04
C GLN PA 40 -84.28 4.17 30.55
N ALA PA 41 -85.34 3.91 29.78
CA ALA PA 41 -85.25 3.77 28.34
C ALA PA 41 -84.73 5.06 27.68
N ALA PA 42 -85.15 6.24 28.15
CA ALA PA 42 -84.61 7.52 27.69
C ALA PA 42 -83.11 7.64 27.99
N ALA PA 43 -82.67 7.24 29.19
CA ALA PA 43 -81.25 7.20 29.52
C ALA PA 43 -80.47 6.21 28.63
N GLN PA 44 -81.02 5.02 28.36
CA GLN PA 44 -80.41 4.05 27.43
C GLN PA 44 -80.37 4.53 25.98
N LEU PA 45 -81.37 5.29 25.52
CA LEU PA 45 -81.31 6.02 24.25
C LEU PA 45 -80.21 7.09 24.26
N GLY PA 46 -80.01 7.78 25.38
CA GLY PA 46 -78.88 8.71 25.57
C GLY PA 46 -77.52 8.00 25.50
N GLU PA 47 -77.36 6.83 26.14
CA GLU PA 47 -76.16 5.99 26.02
C GLU PA 47 -75.95 5.44 24.60
N ALA PA 48 -77.03 5.15 23.88
CA ALA PA 48 -77.01 4.82 22.45
C ALA PA 48 -76.68 6.04 21.55
N GLY PA 49 -76.59 7.25 22.12
CA GLY PA 49 -76.14 8.47 21.44
C GLY PA 49 -77.25 9.36 20.88
N ILE PA 50 -78.53 9.08 21.16
CA ILE PA 50 -79.65 9.93 20.72
C ILE PA 50 -79.58 11.30 21.43
N SER PA 51 -79.76 12.40 20.70
CA SER PA 51 -79.59 13.75 21.25
C SER PA 51 -80.71 14.14 22.25
N SER PA 52 -80.43 15.09 23.14
CA SER PA 52 -81.35 15.51 24.19
C SER PA 52 -82.69 16.02 23.65
N GLU PA 53 -82.65 16.85 22.62
CA GLU PA 53 -83.89 17.36 22.01
C GLU PA 53 -84.67 16.25 21.29
N GLU PA 54 -83.99 15.31 20.63
CA GLU PA 54 -84.67 14.12 20.08
C GLU PA 54 -85.35 13.31 21.18
N ILE PA 55 -84.68 13.07 22.32
CA ILE PA 55 -85.29 12.34 23.43
C ILE PA 55 -86.59 13.04 23.86
N LYS PA 56 -86.57 14.37 23.97
CA LYS PA 56 -87.76 15.14 24.27
C LYS PA 56 -88.85 14.93 23.21
N GLU PA 57 -88.52 15.04 21.93
CA GLU PA 57 -89.50 14.77 20.88
C GLU PA 57 -90.05 13.34 20.93
N LEU PA 58 -89.20 12.34 21.18
CA LEU PA 58 -89.56 10.94 21.26
C LEU PA 58 -90.55 10.70 22.39
N LEU PA 59 -90.23 11.17 23.59
CA LEU PA 59 -91.12 11.06 24.73
C LEU PA 59 -92.44 11.81 24.45
N ARG PA 60 -92.37 13.01 23.87
CA ARG PA 60 -93.56 13.80 23.53
C ARG PA 60 -94.44 13.07 22.53
N ALA PA 61 -93.86 12.28 21.63
CA ALA PA 61 -94.64 11.38 20.77
C ALA PA 61 -95.28 10.24 21.56
N ALA PA 62 -94.50 9.54 22.37
CA ALA PA 62 -94.95 8.32 23.05
C ALA PA 62 -96.23 8.53 23.86
N HIS PA 63 -96.39 9.72 24.44
CA HIS PA 63 -97.59 10.14 25.16
C HIS PA 63 -98.85 10.15 24.29
N GLU PA 64 -98.89 10.93 23.21
CA GLU PA 64 -100.09 10.96 22.35
C GLU PA 64 -100.29 9.65 21.59
N LEU PA 65 -99.20 8.94 21.26
CA LEU PA 65 -99.26 7.58 20.72
C LEU PA 65 -99.80 6.58 21.75
N GLY PA 66 -99.83 6.91 23.04
CA GLY PA 66 -100.33 6.04 24.10
C GLY PA 66 -99.50 4.77 24.30
N LEU PA 67 -98.19 4.84 24.01
CA LEU PA 67 -97.31 3.66 24.07
C LEU PA 67 -97.16 3.11 25.48
N ASP PA 68 -97.13 1.80 25.62
CA ASP PA 68 -96.87 1.13 26.90
C ASP PA 68 -95.35 1.07 27.21
N PRO PA 69 -94.96 0.89 28.49
CA PRO PA 69 -93.56 0.88 28.89
C PRO PA 69 -92.70 -0.17 28.19
N ASP PA 70 -93.24 -1.33 27.85
CA ASP PA 70 -92.44 -2.38 27.18
C ASP PA 70 -92.18 -2.00 25.72
N ALA PA 71 -93.15 -1.38 25.03
CA ALA PA 71 -92.89 -0.78 23.73
C ALA PA 71 -91.86 0.35 23.83
N ILE PA 72 -91.94 1.20 24.86
CA ILE PA 72 -90.94 2.23 25.09
C ILE PA 72 -89.55 1.61 25.39
N ALA PA 73 -89.48 0.50 26.13
CA ALA PA 73 -88.23 -0.23 26.33
C ALA PA 73 -87.70 -0.81 25.01
N ALA PA 74 -88.56 -1.36 24.16
CA ALA PA 74 -88.18 -1.79 22.83
C ALA PA 74 -87.66 -0.62 21.97
N ALA PA 75 -88.11 0.61 22.21
CA ALA PA 75 -87.54 1.78 21.57
C ALA PA 75 -86.05 1.94 21.92
N ALA PA 76 -85.66 1.70 23.18
CA ALA PA 76 -84.25 1.71 23.57
C ALA PA 76 -83.46 0.54 22.93
N ASP PA 77 -84.04 -0.65 22.83
CA ASP PA 77 -83.40 -1.77 22.10
C ASP PA 77 -83.19 -1.44 20.62
N LEU PA 78 -84.19 -0.85 19.95
CA LEU PA 78 -84.05 -0.35 18.58
C LEU PA 78 -82.96 0.74 18.48
N GLY PA 79 -82.88 1.63 19.47
CA GLY PA 79 -81.83 2.64 19.56
C GLY PA 79 -80.43 2.03 19.67
N GLN PA 80 -80.25 1.04 20.55
CA GLN PA 80 -78.99 0.30 20.67
C GLN PA 80 -78.69 -0.57 19.44
N ALA PA 81 -79.71 -1.04 18.72
CA ALA PA 81 -79.57 -1.64 17.39
C ALA PA 81 -79.18 -0.62 16.28
N GLY PA 82 -79.15 0.68 16.60
CA GLY PA 82 -78.75 1.74 15.67
C GLY PA 82 -79.85 2.21 14.71
N VAL PA 83 -81.11 1.86 14.96
CA VAL PA 83 -82.26 2.33 14.17
C VAL PA 83 -82.52 3.82 14.44
N SER PA 84 -82.82 4.61 13.41
CA SER PA 84 -82.95 6.07 13.57
C SER PA 84 -84.15 6.46 14.42
N PRO PA 85 -84.08 7.63 15.07
CA PRO PA 85 -85.12 8.11 15.98
C PRO PA 85 -86.48 8.21 15.30
N VAL PA 86 -86.53 8.69 14.06
CA VAL PA 86 -87.77 8.73 13.31
C VAL PA 86 -88.28 7.32 12.97
N GLU PA 87 -87.41 6.40 12.58
CA GLU PA 87 -87.82 5.02 12.31
C GLU PA 87 -88.32 4.32 13.55
N ILE PA 88 -87.75 4.62 14.72
CA ILE PA 88 -88.29 4.15 15.99
C ILE PA 88 -89.74 4.62 16.10
N LEU PA 89 -90.02 5.91 15.86
CA LEU PA 89 -91.41 6.38 15.92
C LEU PA 89 -92.29 5.68 14.90
N ALA PA 90 -91.79 5.45 13.69
CA ALA PA 90 -92.57 4.74 12.70
C ALA PA 90 -92.87 3.32 13.12
N LEU PA 91 -91.88 2.55 13.58
CA LEU PA 91 -92.10 1.18 13.98
C LEU PA 91 -93.14 1.12 15.12
N LEU PA 92 -93.02 2.01 16.09
CA LEU PA 92 -93.95 2.08 17.20
C LEU PA 92 -95.35 2.48 16.71
N ILE PA 93 -95.47 3.56 15.93
CA ILE PA 93 -96.76 4.04 15.41
C ILE PA 93 -97.43 2.96 14.57
N ALA PA 94 -96.68 2.31 13.70
CA ALA PA 94 -97.19 1.25 12.85
C ALA PA 94 -97.70 0.09 13.69
N ALA PA 95 -96.90 -0.40 14.64
CA ALA PA 95 -97.32 -1.51 15.49
C ALA PA 95 -98.60 -1.17 16.26
N SER PA 96 -98.69 0.06 16.77
CA SER PA 96 -99.88 0.55 17.45
C SER PA 96 -101.11 0.59 16.54
N VAL PA 97 -100.99 1.16 15.34
CA VAL PA 97 -102.11 1.21 14.39
C VAL PA 97 -102.51 -0.18 13.87
N LEU PA 98 -101.55 -1.09 13.70
CA LEU PA 98 -101.81 -2.49 13.36
C LEU PA 98 -102.44 -3.27 14.53
N GLY PA 99 -102.31 -2.75 15.77
CA GLY PA 99 -102.77 -3.41 16.98
C GLY PA 99 -101.83 -4.53 17.47
N LEU PA 100 -100.57 -4.51 17.04
CA LEU PA 100 -99.53 -5.46 17.47
C LEU PA 100 -99.15 -5.28 18.94
N ASP PA 101 -98.75 -6.37 19.59
CA ASP PA 101 -98.49 -6.42 21.03
C ASP PA 101 -96.98 -6.28 21.35
N PRO PA 102 -96.61 -6.14 22.65
CA PRO PA 102 -95.20 -6.02 23.04
C PRO PA 102 -94.29 -7.14 22.57
N ASP PA 103 -94.77 -8.39 22.47
CA ASP PA 103 -93.96 -9.48 21.91
C ASP PA 103 -93.67 -9.26 20.43
N ALA PA 104 -94.68 -8.86 19.64
CA ALA PA 104 -94.47 -8.50 18.25
C ALA PA 104 -93.55 -7.27 18.12
N ILE PA 105 -93.69 -6.27 18.99
CA ILE PA 105 -92.78 -5.11 18.99
C ILE PA 105 -91.36 -5.55 19.39
N GLN PA 106 -91.19 -6.49 20.32
CA GLN PA 106 -89.87 -7.01 20.65
C GLN PA 106 -89.29 -7.82 19.48
N ALA PA 107 -90.13 -8.56 18.74
CA ALA PA 107 -89.68 -9.19 17.50
C ALA PA 107 -89.27 -8.14 16.44
N ALA PA 108 -89.94 -6.99 16.38
CA ALA PA 108 -89.48 -5.87 15.55
C ALA PA 108 -88.12 -5.35 16.03
N ALA PA 109 -87.88 -5.26 17.34
CA ALA PA 109 -86.57 -4.93 17.87
C ALA PA 109 -85.51 -5.98 17.46
N ALA PA 110 -85.86 -7.27 17.48
CA ALA PA 110 -84.98 -8.33 16.99
C ALA PA 110 -84.70 -8.22 15.48
N LEU PA 111 -85.69 -7.86 14.67
CA LEU PA 111 -85.47 -7.57 13.24
C LEU PA 111 -84.54 -6.36 13.05
N GLY PA 112 -84.61 -5.38 13.95
CA GLY PA 112 -83.66 -4.26 14.01
C GLY PA 112 -82.25 -4.72 14.35
N GLU PA 113 -82.07 -5.56 15.36
CA GLU PA 113 -80.77 -6.17 15.69
C GLU PA 113 -80.21 -7.04 14.55
N ALA PA 114 -81.07 -7.74 13.80
CA ALA PA 114 -80.71 -8.46 12.57
C ALA PA 114 -80.39 -7.52 11.38
N GLY PA 115 -80.61 -6.21 11.51
CA GLY PA 115 -80.29 -5.22 10.48
C GLY PA 115 -81.25 -5.20 9.29
N ILE PA 116 -82.46 -5.73 9.44
CA ILE PA 116 -83.50 -5.68 8.40
C ILE PA 116 -83.97 -4.22 8.23
N SER PA 117 -84.16 -3.74 6.99
CA SER PA 117 -84.56 -2.35 6.75
C SER PA 117 -85.97 -2.06 7.29
N ALA PA 118 -86.22 -0.85 7.78
CA ALA PA 118 -87.50 -0.50 8.41
C ALA PA 118 -88.69 -0.71 7.49
N GLU PA 119 -88.56 -0.37 6.20
CA GLU PA 119 -89.63 -0.64 5.23
C GLU PA 119 -89.89 -2.15 5.09
N GLU PA 120 -88.86 -2.98 5.02
CA GLU PA 120 -89.03 -4.44 4.97
C GLU PA 120 -89.64 -4.98 6.26
N ILE PA 121 -89.27 -4.46 7.43
CA ILE PA 121 -89.95 -4.81 8.68
C ILE PA 121 -91.44 -4.48 8.56
N ILE PA 122 -91.79 -3.28 8.11
CA ILE PA 122 -93.18 -2.87 8.00
C ILE PA 122 -93.96 -3.72 7.01
N GLU PA 123 -93.39 -4.03 5.86
CA GLU PA 123 -94.01 -4.97 4.91
C GLU PA 123 -94.15 -6.37 5.51
N LEU PA 124 -93.15 -6.88 6.23
CA LEU PA 124 -93.23 -8.18 6.90
C LEU PA 124 -94.32 -8.18 7.97
N LEU PA 125 -94.40 -7.13 8.80
CA LEU PA 125 -95.45 -7.00 9.81
C LEU PA 125 -96.83 -6.90 9.14
N THR PA 126 -96.96 -6.11 8.06
CA THR PA 126 -98.20 -6.01 7.30
C THR PA 126 -98.61 -7.38 6.77
N ALA PA 127 -97.69 -8.11 6.14
CA ALA PA 127 -97.97 -9.44 5.62
C ALA PA 127 -98.36 -10.41 6.74
N ALA PA 128 -97.66 -10.41 7.88
CA ALA PA 128 -98.00 -11.28 9.01
C ALA PA 128 -99.40 -10.98 9.56
N ARG PA 129 -99.76 -9.69 9.64
CA ARG PA 129 -101.09 -9.25 10.04
C ARG PA 129 -102.17 -9.70 9.05
N ASP PA 130 -101.94 -9.54 7.74
CA ASP PA 130 -102.86 -10.00 6.70
C ASP PA 130 -103.00 -11.53 6.65
N LEU PA 131 -101.92 -12.28 6.87
CA LEU PA 131 -101.95 -13.74 7.00
C LEU PA 131 -102.59 -14.21 8.33
N GLY PA 132 -102.76 -13.31 9.29
CA GLY PA 132 -103.36 -13.62 10.60
C GLY PA 132 -102.48 -14.49 11.50
N LEU PA 133 -101.16 -14.46 11.29
CA LEU PA 133 -100.22 -15.27 12.05
C LEU PA 133 -99.91 -14.67 13.43
N ASP PA 134 -99.63 -15.53 14.40
CA ASP PA 134 -99.21 -15.15 15.74
C ASP PA 134 -97.75 -14.67 15.78
N PRO PA 135 -97.32 -13.92 16.81
CA PRO PA 135 -95.96 -13.39 16.92
C PRO PA 135 -94.83 -14.42 16.79
N ASP PA 136 -95.08 -15.69 17.08
CA ASP PA 136 -94.11 -16.76 16.81
C ASP PA 136 -93.71 -16.82 15.33
N ALA PA 137 -94.62 -16.55 14.39
CA ALA PA 137 -94.28 -16.45 12.98
C ALA PA 137 -93.37 -15.25 12.71
N ILE PA 138 -93.57 -14.13 13.41
CA ILE PA 138 -92.69 -12.96 13.30
C ILE PA 138 -91.30 -13.30 13.87
N GLN PA 139 -91.24 -14.00 15.00
CA GLN PA 139 -89.98 -14.45 15.59
C GLN PA 139 -89.26 -15.43 14.65
N ALA PA 140 -89.98 -16.34 14.01
CA ALA PA 140 -89.41 -17.22 12.98
C ALA PA 140 -88.94 -16.44 11.75
N ALA PA 141 -89.67 -15.40 11.33
CA ALA PA 141 -89.22 -14.51 10.26
C ALA PA 141 -87.92 -13.77 10.65
N ALA PA 142 -87.80 -13.33 11.92
CA ALA PA 142 -86.55 -12.78 12.43
C ALA PA 142 -85.40 -13.80 12.39
N GLN PA 143 -85.67 -15.07 12.74
CA GLN PA 143 -84.68 -16.14 12.59
C GLN PA 143 -84.31 -16.39 11.12
N LEU PA 144 -85.24 -16.31 10.17
CA LEU PA 144 -84.90 -16.36 8.74
C LEU PA 144 -84.05 -15.15 8.31
N GLY PA 145 -84.28 -13.99 8.93
CA GLY PA 145 -83.43 -12.80 8.77
C GLY PA 145 -82.01 -13.03 9.30
N GLU PA 146 -81.86 -13.68 10.46
CA GLU PA 146 -80.55 -14.10 11.00
C GLU PA 146 -79.86 -15.14 10.09
N ALA PA 147 -80.63 -16.02 9.46
CA ALA PA 147 -80.15 -16.93 8.42
C ALA PA 147 -79.84 -16.23 7.07
N GLY PA 148 -80.13 -14.93 6.94
CA GLY PA 148 -79.81 -14.11 5.77
C GLY PA 148 -80.72 -14.33 4.56
N ILE PA 149 -81.90 -14.93 4.74
CA ILE PA 149 -82.87 -15.13 3.65
C ILE PA 149 -83.44 -13.78 3.19
N SER PA 150 -83.59 -13.59 1.88
CA SER PA 150 -84.13 -12.33 1.33
C SER PA 150 -85.59 -12.12 1.72
N SER PA 151 -86.03 -10.88 1.91
CA SER PA 151 -87.37 -10.59 2.45
C SER PA 151 -88.52 -11.14 1.60
N GLU PA 152 -88.41 -11.11 0.27
CA GLU PA 152 -89.42 -11.74 -0.60
C GLU PA 152 -89.42 -13.27 -0.47
N GLU PA 153 -88.26 -13.90 -0.21
CA GLU PA 153 -88.19 -15.33 0.07
C GLU PA 153 -88.72 -15.68 1.46
N ILE PA 154 -88.52 -14.82 2.47
CA ILE PA 154 -89.20 -14.95 3.75
C ILE PA 154 -90.71 -14.91 3.53
N LYS PA 155 -91.21 -13.98 2.71
CA LYS PA 155 -92.62 -13.93 2.35
C LYS PA 155 -93.07 -15.22 1.63
N GLU PA 156 -92.30 -15.74 0.68
CA GLU PA 156 -92.63 -17.02 0.05
C GLU PA 156 -92.64 -18.18 1.05
N LEU PA 157 -91.68 -18.23 1.98
CA LEU PA 157 -91.64 -19.27 3.01
C LEU PA 157 -92.85 -19.18 3.94
N LEU PA 158 -93.25 -17.96 4.33
CA LEU PA 158 -94.49 -17.76 5.07
C LEU PA 158 -95.71 -18.18 4.22
N ARG PA 159 -95.76 -17.80 2.94
CA ARG PA 159 -96.84 -18.14 2.01
C ARG PA 159 -97.03 -19.66 1.92
N ALA PA 160 -95.92 -20.37 1.73
CA ALA PA 160 -95.89 -21.82 1.73
C ALA PA 160 -96.33 -22.38 3.10
N ALA PA 161 -95.72 -21.94 4.20
CA ALA PA 161 -96.03 -22.49 5.53
C ALA PA 161 -97.51 -22.31 5.89
N HIS PA 162 -98.10 -21.16 5.53
CA HIS PA 162 -99.52 -20.85 5.70
C HIS PA 162 -100.41 -21.78 4.87
N GLU PA 163 -100.10 -21.95 3.59
CA GLU PA 163 -100.84 -22.86 2.70
C GLU PA 163 -100.75 -24.32 3.16
N LEU PA 164 -99.59 -24.74 3.66
CA LEU PA 164 -99.31 -26.11 4.12
C LEU PA 164 -99.74 -26.37 5.57
N GLY PA 165 -100.20 -25.36 6.30
CA GLY PA 165 -100.64 -25.48 7.69
C GLY PA 165 -99.54 -25.89 8.68
N LEU PA 166 -98.28 -25.54 8.39
CA LEU PA 166 -97.13 -25.89 9.23
C LEU PA 166 -97.06 -25.01 10.49
N ASP PA 167 -96.45 -25.54 11.55
CA ASP PA 167 -96.19 -24.81 12.80
C ASP PA 167 -94.86 -24.02 12.74
N PRO PA 168 -94.71 -22.93 13.53
CA PRO PA 168 -93.53 -22.07 13.51
C PRO PA 168 -92.19 -22.78 13.72
N ASP PA 169 -92.17 -23.90 14.46
CA ASP PA 169 -90.95 -24.70 14.64
C ASP PA 169 -90.43 -25.27 13.30
N CYS PA 170 -91.30 -25.54 12.32
CA CYS PA 170 -90.86 -25.88 10.96
C CYS PA 170 -90.16 -24.69 10.28
N ILE PA 171 -90.66 -23.46 10.49
CA ILE PA 171 -90.05 -22.25 9.94
C ILE PA 171 -88.70 -21.98 10.65
N ALA PA 172 -88.59 -22.27 11.95
CA ALA PA 172 -87.32 -22.22 12.67
C ALA PA 172 -86.32 -23.24 12.10
N ALA PA 173 -86.75 -24.47 11.81
CA ALA PA 173 -85.91 -25.45 11.12
C ALA PA 173 -85.55 -25.03 9.69
N ALA PA 174 -86.43 -24.30 8.97
CA ALA PA 174 -86.08 -23.73 7.68
C ALA PA 174 -84.97 -22.67 7.80
N ALA PA 175 -84.94 -21.88 8.88
CA ALA PA 175 -83.81 -20.99 9.17
C ALA PA 175 -82.51 -21.77 9.44
N ASP PA 176 -82.56 -22.92 10.12
CA ASP PA 176 -81.40 -23.81 10.26
C ASP PA 176 -80.89 -24.36 8.92
N LEU PA 177 -81.79 -24.72 7.99
CA LEU PA 177 -81.40 -25.06 6.61
C LEU PA 177 -80.83 -23.86 5.84
N GLY PA 178 -81.29 -22.65 6.14
CA GLY PA 178 -80.71 -21.40 5.62
C GLY PA 178 -79.27 -21.18 6.12
N GLN PA 179 -79.00 -21.42 7.40
CA GLN PA 179 -77.63 -21.42 7.95
C GLN PA 179 -76.74 -22.51 7.35
N ALA PA 180 -77.32 -23.68 7.00
CA ALA PA 180 -76.63 -24.73 6.24
C ALA PA 180 -76.37 -24.38 4.75
N GLY PA 181 -76.99 -23.31 4.23
CA GLY PA 181 -76.77 -22.82 2.87
C GLY PA 181 -77.65 -23.45 1.78
N ILE PA 182 -78.75 -24.11 2.15
CA ILE PA 182 -79.68 -24.75 1.20
C ILE PA 182 -80.48 -23.69 0.41
N SER PA 183 -80.79 -23.94 -0.86
CA SER PA 183 -81.60 -23.03 -1.70
C SER PA 183 -83.08 -22.99 -1.24
N SER PA 184 -83.79 -21.88 -1.44
CA SER PA 184 -85.18 -21.73 -0.95
C SER PA 184 -86.17 -22.71 -1.60
N SER PA 185 -85.95 -23.10 -2.85
CA SER PA 185 -86.72 -24.17 -3.50
C SER PA 185 -86.46 -25.53 -2.83
N GLU PA 186 -85.20 -25.88 -2.55
CA GLU PA 186 -84.86 -27.14 -1.87
C GLU PA 186 -85.34 -27.13 -0.41
N ILE PA 187 -85.25 -26.00 0.31
CA ILE PA 187 -85.87 -25.85 1.64
C ILE PA 187 -87.37 -26.14 1.54
N THR PA 188 -88.05 -25.62 0.52
CA THR PA 188 -89.48 -25.88 0.30
C THR PA 188 -89.74 -27.38 0.08
N ALA PA 189 -88.96 -28.04 -0.78
CA ALA PA 189 -89.08 -29.49 -0.98
C ALA PA 189 -88.83 -30.27 0.32
N LEU PA 190 -87.80 -29.92 1.09
CA LEU PA 190 -87.47 -30.59 2.35
C LEU PA 190 -88.53 -30.36 3.42
N LEU PA 191 -89.11 -29.16 3.50
CA LEU PA 191 -90.29 -28.90 4.33
C LEU PA 191 -91.45 -29.83 3.93
N LEU PA 192 -91.78 -29.88 2.64
CA LEU PA 192 -92.87 -30.72 2.14
C LEU PA 192 -92.65 -32.21 2.43
N ALA PA 193 -91.46 -32.74 2.13
CA ALA PA 193 -91.12 -34.14 2.38
C ALA PA 193 -91.15 -34.48 3.88
N ALA PA 194 -90.51 -33.66 4.72
CA ALA PA 194 -90.49 -33.87 6.15
C ALA PA 194 -91.91 -33.85 6.73
N ALA PA 195 -92.72 -32.86 6.36
CA ALA PA 195 -94.12 -32.78 6.76
C ALA PA 195 -94.95 -33.99 6.30
N ALA PA 196 -94.86 -34.39 5.02
CA ALA PA 196 -95.59 -35.53 4.50
C ALA PA 196 -95.26 -36.82 5.26
N ILE PA 197 -93.97 -37.08 5.50
CA ILE PA 197 -93.55 -38.29 6.18
C ILE PA 197 -93.89 -38.23 7.68
N GLU PA 198 -93.68 -37.09 8.34
CA GLU PA 198 -94.04 -36.91 9.74
C GLU PA 198 -95.55 -37.05 9.97
N LEU PA 199 -96.39 -36.49 9.07
CA LEU PA 199 -97.83 -36.72 9.09
C LEU PA 199 -98.18 -38.18 8.79
N ALA PA 200 -97.50 -38.84 7.85
CA ALA PA 200 -97.70 -40.27 7.59
C ALA PA 200 -97.32 -41.17 8.79
N LYS PA 201 -96.49 -40.65 9.72
CA LYS PA 201 -96.16 -41.27 11.01
C LYS PA 201 -97.11 -40.90 12.15
N ARG PA 202 -97.84 -39.78 12.05
CA ARG PA 202 -99.00 -39.50 12.92
C ARG PA 202 -100.19 -40.37 12.52
N ALA PA 203 -100.42 -40.53 11.23
CA ALA PA 203 -101.16 -41.65 10.66
C ALA PA 203 -100.38 -42.98 10.80
N ASP PA 204 -100.96 -44.08 10.34
CA ASP PA 204 -100.31 -45.40 10.30
C ASP PA 204 -100.66 -46.24 9.06
N ASP PA 205 -101.33 -45.65 8.06
CA ASP PA 205 -101.89 -46.39 6.93
C ASP PA 205 -100.82 -46.81 5.92
N LYS PA 206 -100.76 -48.12 5.61
CA LYS PA 206 -99.89 -48.67 4.56
C LYS PA 206 -100.15 -48.04 3.20
N ASP PA 207 -101.40 -47.69 2.88
CA ASP PA 207 -101.73 -47.06 1.60
C ASP PA 207 -101.15 -45.64 1.56
N VAL PA 208 -101.20 -44.91 2.66
CA VAL PA 208 -100.50 -43.61 2.78
C VAL PA 208 -99.00 -43.82 2.66
N ARG PA 209 -98.43 -44.84 3.32
CA ARG PA 209 -96.99 -45.17 3.21
C ARG PA 209 -96.57 -45.39 1.76
N GLU PA 210 -97.34 -46.16 0.99
CA GLU PA 210 -97.07 -46.40 -0.44
C GLU PA 210 -97.30 -45.15 -1.31
N ILE PA 211 -98.38 -44.39 -1.09
CA ILE PA 211 -98.61 -43.13 -1.84
C ILE PA 211 -97.48 -42.14 -1.58
N VAL PA 212 -97.08 -41.97 -0.33
CA VAL PA 212 -95.95 -41.11 0.05
C VAL PA 212 -94.66 -41.63 -0.60
N ARG PA 213 -94.36 -42.93 -0.53
CA ARG PA 213 -93.21 -43.53 -1.20
C ARG PA 213 -93.22 -43.21 -2.70
N ASP PA 214 -94.33 -43.44 -3.37
CA ASP PA 214 -94.45 -43.19 -4.81
C ASP PA 214 -94.27 -41.70 -5.14
N ALA PA 215 -94.80 -40.81 -4.32
CA ALA PA 215 -94.58 -39.37 -4.46
C ALA PA 215 -93.11 -38.98 -4.24
N LEU PA 216 -92.45 -39.53 -3.22
CA LEU PA 216 -91.03 -39.29 -2.96
C LEU PA 216 -90.17 -39.87 -4.09
N GLU PA 217 -90.54 -41.02 -4.65
CA GLU PA 217 -89.85 -41.57 -5.82
C GLU PA 217 -90.00 -40.63 -7.02
N LEU PA 218 -91.23 -40.23 -7.35
CA LEU PA 218 -91.50 -39.29 -8.45
C LEU PA 218 -90.69 -38.00 -8.26
N ALA PA 219 -90.68 -37.45 -7.05
CA ALA PA 219 -89.89 -36.27 -6.71
C ALA PA 219 -88.38 -36.52 -6.92
N SER PA 220 -87.85 -37.63 -6.40
CA SER PA 220 -86.42 -37.97 -6.51
C SER PA 220 -85.99 -38.20 -7.97
N ARG PA 221 -86.88 -38.73 -8.80
CA ARG PA 221 -86.70 -38.93 -10.25
C ARG PA 221 -86.97 -37.68 -11.09
N SER PA 222 -87.54 -36.62 -10.51
CA SER PA 222 -88.14 -35.52 -11.28
C SER PA 222 -87.13 -34.70 -12.10
N THR PA 223 -87.51 -34.40 -13.34
CA THR PA 223 -86.83 -33.43 -14.23
C THR PA 223 -87.21 -31.97 -13.95
N ASN PA 224 -88.21 -31.70 -13.11
CA ASN PA 224 -88.75 -30.36 -12.85
C ASN PA 224 -89.08 -30.14 -11.35
N ASP PA 225 -88.69 -29.00 -10.77
CA ASP PA 225 -88.97 -28.72 -9.35
C ASP PA 225 -90.44 -28.34 -9.08
N GLU PA 226 -91.21 -27.90 -10.08
CA GLU PA 226 -92.65 -27.68 -9.94
C GLU PA 226 -93.38 -29.01 -9.76
N VAL PA 227 -92.94 -30.05 -10.47
CA VAL PA 227 -93.39 -31.42 -10.22
C VAL PA 227 -93.01 -31.86 -8.80
N ILE PA 228 -91.81 -31.52 -8.31
CA ILE PA 228 -91.41 -31.84 -6.92
C ILE PA 228 -92.37 -31.17 -5.93
N ARG PA 229 -92.62 -29.86 -6.09
CA ARG PA 229 -93.59 -29.14 -5.27
C ARG PA 229 -94.97 -29.80 -5.32
N LEU PA 230 -95.50 -30.05 -6.52
CA LEU PA 230 -96.83 -30.64 -6.67
C LEU PA 230 -96.92 -32.06 -6.09
N ALA PA 231 -95.92 -32.90 -6.32
CA ALA PA 231 -95.89 -34.26 -5.81
C ALA PA 231 -95.82 -34.30 -4.28
N LEU PA 232 -94.97 -33.47 -3.67
CA LEU PA 232 -94.83 -33.46 -2.22
C LEU PA 232 -95.96 -32.70 -1.53
N GLU PA 233 -96.56 -31.70 -2.17
CA GLU PA 233 -97.82 -31.10 -1.69
C GLU PA 233 -98.97 -32.11 -1.75
N ALA PA 234 -99.08 -32.90 -2.82
CA ALA PA 234 -100.03 -34.01 -2.88
C ALA PA 234 -99.75 -35.04 -1.78
N ALA PA 235 -98.49 -35.34 -1.47
CA ALA PA 235 -98.13 -36.20 -0.35
C ALA PA 235 -98.56 -35.61 1.01
N VAL PA 236 -98.35 -34.31 1.24
CA VAL PA 236 -98.85 -33.63 2.45
C VAL PA 236 -100.37 -33.70 2.54
N LEU PA 237 -101.09 -33.37 1.46
CA LEU PA 237 -102.55 -33.40 1.45
C LEU PA 237 -103.10 -34.82 1.63
N ALA PA 238 -102.51 -35.82 0.98
CA ALA PA 238 -102.87 -37.23 1.19
C ALA PA 238 -102.63 -37.65 2.66
N ALA PA 239 -101.53 -37.23 3.29
CA ALA PA 239 -101.25 -37.52 4.70
C ALA PA 239 -102.16 -36.73 5.67
N ARG PA 240 -102.63 -35.54 5.30
CA ARG PA 240 -103.67 -34.78 6.04
C ARG PA 240 -105.08 -35.36 5.85
N SER PA 241 -105.35 -35.96 4.69
CA SER PA 241 -106.64 -36.55 4.34
C SER PA 241 -106.93 -37.84 5.12
N THR PA 242 -108.22 -38.20 5.21
CA THR PA 242 -108.70 -39.52 5.66
C THR PA 242 -109.71 -40.11 4.67
N ASP PA 243 -109.72 -39.62 3.43
CA ASP PA 243 -110.70 -40.02 2.41
C ASP PA 243 -110.07 -40.95 1.36
N SER PA 244 -110.60 -42.17 1.27
CA SER PA 244 -110.14 -43.18 0.32
C SER PA 244 -110.22 -42.69 -1.13
N ASP PA 245 -111.23 -41.89 -1.50
CA ASP PA 245 -111.29 -41.38 -2.87
C ASP PA 245 -110.19 -40.35 -3.14
N VAL PA 246 -109.77 -39.56 -2.15
CA VAL PA 246 -108.60 -38.68 -2.30
C VAL PA 246 -107.34 -39.53 -2.48
N LEU PA 247 -107.17 -40.58 -1.68
CA LEU PA 247 -106.04 -41.49 -1.86
C LEU PA 247 -106.06 -42.16 -3.24
N GLU PA 248 -107.21 -42.62 -3.72
CA GLU PA 248 -107.34 -43.22 -5.05
C GLU PA 248 -107.06 -42.20 -6.17
N ILE PA 249 -107.56 -40.97 -6.06
CA ILE PA 249 -107.29 -39.89 -7.00
C ILE PA 249 -105.79 -39.54 -7.03
N VAL PA 250 -105.15 -39.42 -5.86
CA VAL PA 250 -103.70 -39.18 -5.78
C VAL PA 250 -102.92 -40.36 -6.36
N LYS PA 251 -103.28 -41.61 -6.03
CA LYS PA 251 -102.62 -42.81 -6.57
C LYS PA 251 -102.79 -42.91 -8.08
N ASP PA 252 -103.97 -42.65 -8.63
CA ASP PA 252 -104.16 -42.58 -10.08
C ASP PA 252 -103.25 -41.52 -10.71
N ALA PA 253 -103.15 -40.32 -10.11
CA ALA PA 253 -102.27 -39.27 -10.62
C ALA PA 253 -100.78 -39.67 -10.56
N LEU PA 254 -100.33 -40.26 -9.46
CA LEU PA 254 -98.97 -40.76 -9.32
C LEU PA 254 -98.68 -41.92 -10.28
N GLU PA 255 -99.61 -42.87 -10.45
CA GLU PA 255 -99.44 -44.01 -11.34
C GLU PA 255 -99.39 -43.56 -12.80
N LEU PA 256 -100.24 -42.60 -13.19
CA LEU PA 256 -100.14 -41.96 -14.50
C LEU PA 256 -98.79 -41.25 -14.67
N ALA PA 257 -98.32 -40.52 -13.65
CA ALA PA 257 -97.04 -39.83 -13.68
C ALA PA 257 -95.81 -40.78 -13.68
N LYS PA 258 -95.95 -41.98 -13.11
CA LYS PA 258 -94.92 -43.03 -13.21
C LYS PA 258 -94.92 -43.71 -14.58
N GLN PA 259 -96.08 -43.80 -15.25
CA GLN PA 259 -96.20 -44.33 -16.61
C GLN PA 259 -95.71 -43.36 -17.70
N SER PA 260 -96.20 -42.10 -17.70
CA SER PA 260 -95.83 -41.08 -18.71
C SER PA 260 -94.96 -39.96 -18.12
N THR PA 261 -93.86 -39.65 -18.80
CA THR PA 261 -92.92 -38.56 -18.46
C THR PA 261 -93.37 -37.17 -18.92
N ASN PA 262 -94.58 -37.01 -19.47
CA ASN PA 262 -95.11 -35.72 -19.92
C ASN PA 262 -95.35 -34.76 -18.74
N GLU PA 263 -94.47 -33.77 -18.56
CA GLU PA 263 -94.53 -32.86 -17.40
C GLU PA 263 -95.86 -32.10 -17.30
N GLU PA 264 -96.48 -31.73 -18.41
CA GLU PA 264 -97.77 -31.04 -18.38
C GLU PA 264 -98.89 -31.96 -17.91
N VAL PA 265 -98.94 -33.21 -18.40
CA VAL PA 265 -99.88 -34.20 -17.86
C VAL PA 265 -99.61 -34.44 -16.38
N ILE PA 266 -98.34 -34.63 -15.99
CA ILE PA 266 -97.96 -34.85 -14.58
C ILE PA 266 -98.46 -33.71 -13.70
N LYS PA 267 -98.14 -32.47 -14.08
CA LYS PA 267 -98.53 -31.29 -13.30
C LYS PA 267 -100.05 -31.14 -13.25
N LEU PA 268 -100.75 -31.33 -14.37
CA LEU PA 268 -102.21 -31.26 -14.39
C LEU PA 268 -102.86 -32.36 -13.55
N ALA PA 269 -102.36 -33.60 -13.59
CA ALA PA 269 -102.90 -34.70 -12.80
C ALA PA 269 -102.67 -34.49 -11.30
N LEU PA 270 -101.45 -34.09 -10.91
CA LEU PA 270 -101.15 -33.74 -9.52
C LEU PA 270 -101.98 -32.53 -9.07
N LYS PA 271 -102.07 -31.47 -9.88
CA LYS PA 271 -102.85 -30.26 -9.53
C LYS PA 271 -104.35 -30.57 -9.40
N ALA PA 272 -104.91 -31.43 -10.25
CA ALA PA 272 -106.29 -31.88 -10.11
C ALA PA 272 -106.50 -32.60 -8.78
N ALA PA 273 -105.61 -33.53 -8.41
CA ALA PA 273 -105.67 -34.21 -7.13
C ALA PA 273 -105.49 -33.24 -5.93
N VAL PA 274 -104.54 -32.29 -6.03
CA VAL PA 274 -104.29 -31.26 -5.01
C VAL PA 274 -105.52 -30.38 -4.80
N LEU PA 275 -106.09 -29.82 -5.87
CA LEU PA 275 -107.28 -28.98 -5.77
C LEU PA 275 -108.51 -29.80 -5.33
N ALA PA 276 -108.64 -31.06 -5.77
CA ALA PA 276 -109.68 -31.95 -5.26
C ALA PA 276 -109.53 -32.19 -3.74
N ALA PA 277 -108.30 -32.37 -3.24
CA ALA PA 277 -108.03 -32.56 -1.82
C ALA PA 277 -108.24 -31.28 -0.98
N LYS PA 278 -108.00 -30.09 -1.56
CA LYS PA 278 -108.33 -28.80 -0.90
C LYS PA 278 -109.83 -28.49 -0.92
N SER PA 279 -110.53 -28.89 -1.98
CA SER PA 279 -111.99 -28.80 -2.10
C SER PA 279 -112.71 -29.81 -1.18
N THR PA 280 -114.03 -29.70 -1.09
CA THR PA 280 -114.91 -30.68 -0.41
C THR PA 280 -116.11 -31.11 -1.27
N ASP PA 281 -116.23 -30.62 -2.52
CA ASP PA 281 -117.37 -30.93 -3.38
C ASP PA 281 -117.30 -32.35 -3.97
N GLU PA 282 -118.24 -33.21 -3.57
CA GLU PA 282 -118.33 -34.61 -4.02
C GLU PA 282 -118.55 -34.75 -5.54
N GLU PA 283 -119.19 -33.78 -6.19
CA GLU PA 283 -119.38 -33.79 -7.65
C GLU PA 283 -118.07 -33.44 -8.38
N VAL PA 284 -117.25 -32.55 -7.81
CA VAL PA 284 -115.90 -32.29 -8.33
C VAL PA 284 -115.01 -33.51 -8.12
N LEU PA 285 -115.06 -34.15 -6.95
CA LEU PA 285 -114.35 -35.41 -6.70
C LEU PA 285 -114.78 -36.50 -7.69
N GLU PA 286 -116.08 -36.68 -7.93
CA GLU PA 286 -116.57 -37.66 -8.88
C GLU PA 286 -116.12 -37.35 -10.31
N GLU PA 287 -116.27 -36.10 -10.78
CA GLU PA 287 -115.81 -35.72 -12.12
C GLU PA 287 -114.30 -35.86 -12.26
N VAL PA 288 -113.50 -35.55 -11.24
CA VAL PA 288 -112.05 -35.79 -11.25
C VAL PA 288 -111.74 -37.30 -11.32
N LYS PA 289 -112.43 -38.13 -10.54
CA LYS PA 289 -112.26 -39.58 -10.56
C LYS PA 289 -112.63 -40.18 -11.91
N GLU PA 290 -113.73 -39.73 -12.51
CA GLU PA 290 -114.11 -40.13 -13.87
C GLU PA 290 -113.17 -39.57 -14.93
N ALA PA 291 -112.66 -38.34 -14.79
CA ALA PA 291 -111.63 -37.82 -15.69
C ALA PA 291 -110.35 -38.69 -15.66
N LEU PA 292 -109.94 -39.14 -14.48
CA LEU PA 292 -108.82 -40.09 -14.35
C LEU PA 292 -109.19 -41.46 -14.95
N ARG PA 293 -110.44 -41.92 -14.82
CA ARG PA 293 -110.91 -43.14 -15.50
C ARG PA 293 -110.80 -43.03 -17.02
N ARG PA 294 -111.30 -41.93 -17.59
CA ARG PA 294 -111.17 -41.60 -19.01
C ARG PA 294 -109.70 -41.55 -19.42
N ALA PA 295 -108.84 -40.92 -18.60
CA ALA PA 295 -107.42 -40.80 -18.88
C ALA PA 295 -106.67 -42.14 -18.88
N LYS PA 296 -107.04 -43.08 -18.00
CA LYS PA 296 -106.47 -44.44 -18.01
C LYS PA 296 -106.94 -45.27 -19.21
N GLU PA 297 -108.18 -45.08 -19.66
CA GLU PA 297 -108.73 -45.77 -20.83
C GLU PA 297 -108.25 -45.19 -22.18
N SER PA 298 -108.04 -43.87 -22.27
CA SER PA 298 -107.61 -43.17 -23.49
C SER PA 298 -106.11 -43.34 -23.80
N THR PA 299 -105.70 -42.94 -25.01
CA THR PA 299 -104.31 -43.02 -25.50
C THR PA 299 -103.78 -41.70 -26.11
N ASP PA 300 -104.54 -40.59 -26.02
CA ASP PA 300 -104.12 -39.29 -26.54
C ASP PA 300 -103.92 -38.27 -25.41
N GLU PA 301 -102.69 -37.83 -25.20
CA GLU PA 301 -102.36 -36.85 -24.16
C GLU PA 301 -102.98 -35.47 -24.43
N GLU PA 302 -103.31 -35.13 -25.67
CA GLU PA 302 -104.05 -33.89 -26.00
C GLU PA 302 -105.55 -33.96 -25.60
N GLU PA 303 -106.10 -35.14 -25.33
CA GLU PA 303 -107.39 -35.28 -24.65
C GLU PA 303 -107.21 -35.23 -23.12
N ILE PA 304 -106.25 -36.01 -22.60
CA ILE PA 304 -106.00 -36.14 -21.16
C ILE PA 304 -105.76 -34.77 -20.51
N LYS PA 305 -104.94 -33.91 -21.14
CA LYS PA 305 -104.68 -32.55 -20.63
C LYS PA 305 -105.96 -31.73 -20.49
N GLU PA 306 -106.90 -31.80 -21.43
CA GLU PA 306 -108.17 -31.07 -21.31
C GLU PA 306 -109.10 -31.68 -20.25
N GLU PA 307 -109.20 -33.01 -20.17
CA GLU PA 307 -110.00 -33.69 -19.15
C GLU PA 307 -109.53 -33.34 -17.72
N LEU PA 308 -108.24 -33.09 -17.54
CA LEU PA 308 -107.68 -32.59 -16.28
C LEU PA 308 -107.84 -31.06 -16.14
N ARG PA 309 -107.50 -30.26 -17.18
CA ARG PA 309 -107.55 -28.80 -17.14
C ARG PA 309 -108.94 -28.26 -16.81
N LYS PA 310 -109.99 -28.85 -17.38
CA LYS PA 310 -111.39 -28.43 -17.12
C LYS PA 310 -111.73 -28.46 -15.63
N ALA PA 311 -111.31 -29.51 -14.92
CA ALA PA 311 -111.47 -29.59 -13.46
C ALA PA 311 -110.53 -28.62 -12.70
N VAL PA 312 -109.27 -28.51 -13.13
CA VAL PA 312 -108.25 -27.67 -12.49
C VAL PA 312 -108.61 -26.18 -12.52
N GLU PA 313 -108.92 -25.61 -13.69
CA GLU PA 313 -109.10 -24.16 -13.83
C GLU PA 313 -110.47 -23.66 -13.33
N GLU PA 314 -111.41 -24.55 -13.03
CA GLU PA 314 -112.63 -24.22 -12.27
C GLU PA 314 -112.45 -24.35 -10.74
N ALA PA 315 -111.53 -25.21 -10.27
CA ALA PA 315 -111.24 -25.41 -8.84
C ALA PA 315 -110.17 -24.45 -8.27
N GLU PA 316 -109.33 -23.82 -9.10
CA GLU PA 316 -108.29 -22.85 -8.72
C GLU PA 316 -108.83 -21.56 -8.07
N CYS QA 3 -14.69 90.33 -36.06
CA CYS QA 3 -14.44 89.19 -35.14
C CYS QA 3 -14.18 87.88 -35.89
N ASP QA 4 -15.06 87.43 -36.79
CA ASP QA 4 -15.03 86.08 -37.42
C ASP QA 4 -13.67 85.65 -38.01
N ALA QA 5 -12.82 86.57 -38.48
CA ALA QA 5 -11.49 86.22 -38.98
C ALA QA 5 -10.64 85.51 -37.90
N ILE QA 6 -10.81 85.88 -36.63
CA ILE QA 6 -10.13 85.22 -35.51
C ILE QA 6 -10.70 83.81 -35.31
N GLN QA 7 -11.99 83.59 -35.55
CA GLN QA 7 -12.59 82.26 -35.46
C GLN QA 7 -12.08 81.32 -36.56
N ALA QA 8 -11.84 81.85 -37.76
CA ALA QA 8 -11.12 81.10 -38.80
C ALA QA 8 -9.69 80.77 -38.36
N ALA QA 9 -8.97 81.72 -37.75
CA ALA QA 9 -7.65 81.44 -37.18
C ALA QA 9 -7.72 80.37 -36.07
N ALA QA 10 -8.76 80.37 -35.24
CA ALA QA 10 -8.96 79.36 -34.20
C ALA QA 10 -9.22 77.97 -34.80
N ALA QA 11 -9.95 77.87 -35.90
CA ALA QA 11 -10.08 76.60 -36.62
C ALA QA 11 -8.70 76.08 -37.11
N LEU QA 12 -7.82 76.96 -37.60
CA LEU QA 12 -6.44 76.59 -37.97
C LEU QA 12 -5.58 76.23 -36.73
N GLY QA 13 -5.82 76.87 -35.59
CA GLY QA 13 -5.21 76.51 -34.31
C GLY QA 13 -5.64 75.12 -33.82
N GLU QA 14 -6.92 74.77 -33.94
CA GLU QA 14 -7.44 73.43 -33.66
C GLU QA 14 -6.94 72.37 -34.65
N ALA QA 15 -6.68 72.74 -35.90
CA ALA QA 15 -5.97 71.92 -36.88
C ALA QA 15 -4.46 71.78 -36.59
N GLY QA 16 -3.92 72.49 -35.59
CA GLY QA 16 -2.52 72.37 -35.15
C GLY QA 16 -1.51 73.11 -36.03
N ILE QA 17 -1.94 74.02 -36.89
CA ILE QA 17 -1.08 74.79 -37.79
C ILE QA 17 -0.20 75.76 -36.96
N SER QA 18 1.12 75.81 -37.20
CA SER QA 18 2.01 76.66 -36.41
C SER QA 18 1.81 78.15 -36.71
N SER QA 19 2.19 79.04 -35.79
CA SER QA 19 1.90 80.48 -35.92
C SER QA 19 2.51 81.10 -37.18
N ASN QA 20 3.78 80.85 -37.52
CA ASN QA 20 4.36 81.33 -38.78
C ASN QA 20 3.63 80.77 -40.02
N GLU QA 21 3.10 79.54 -39.96
CA GLU QA 21 2.30 78.98 -41.06
C GLU QA 21 0.92 79.63 -41.18
N ILE QA 22 0.22 79.88 -40.06
CA ILE QA 22 -1.05 80.63 -40.12
C ILE QA 22 -0.79 82.03 -40.67
N LEU QA 23 0.28 82.69 -40.23
CA LEU QA 23 0.66 84.01 -40.74
C LEU QA 23 1.00 83.96 -42.24
N GLU QA 24 1.68 82.91 -42.71
CA GLU QA 24 1.96 82.73 -44.14
C GLU QA 24 0.66 82.51 -44.92
N LEU QA 25 -0.24 81.63 -44.43
CA LEU QA 25 -1.54 81.40 -45.03
C LEU QA 25 -2.39 82.68 -45.04
N LEU QA 26 -2.30 83.48 -44.00
CA LEU QA 26 -2.94 84.79 -43.96
C LEU QA 26 -2.30 85.77 -44.94
N ALA QA 27 -0.96 85.78 -45.10
CA ALA QA 27 -0.28 86.60 -46.09
C ALA QA 27 -0.76 86.26 -47.51
N ALA QA 28 -0.90 84.97 -47.80
CA ALA QA 28 -1.53 84.52 -49.03
C ALA QA 28 -2.99 84.96 -49.10
N ALA QA 29 -3.79 84.71 -48.07
CA ALA QA 29 -5.22 85.00 -48.13
C ALA QA 29 -5.50 86.48 -48.40
N ALA QA 30 -4.69 87.37 -47.84
CA ALA QA 30 -4.75 88.81 -48.12
C ALA QA 30 -4.27 89.15 -49.54
N GLU QA 31 -3.12 88.63 -49.97
CA GLU QA 31 -2.60 88.84 -51.32
C GLU QA 31 -3.62 88.41 -52.38
N LEU QA 32 -4.22 87.25 -52.17
CA LEU QA 32 -5.21 86.64 -53.06
C LEU QA 32 -6.63 87.17 -52.81
N GLY QA 33 -6.85 88.00 -51.79
CA GLY QA 33 -8.14 88.66 -51.53
C GLY QA 33 -9.28 87.70 -51.15
N LEU QA 34 -8.97 86.59 -50.47
CA LEU QA 34 -9.93 85.53 -50.16
C LEU QA 34 -11.00 85.98 -49.17
N ASP QA 35 -12.25 85.57 -49.39
CA ASP QA 35 -13.34 85.76 -48.42
C ASP QA 35 -13.25 84.76 -47.25
N PRO QA 36 -13.96 85.00 -46.14
CA PRO QA 36 -13.88 84.14 -44.95
C PRO QA 36 -14.25 82.67 -45.20
N ASP QA 37 -15.21 82.39 -46.08
CA ASP QA 37 -15.62 81.01 -46.36
C ASP QA 37 -14.66 80.30 -47.32
N ALA QA 38 -14.01 81.01 -48.24
CA ALA QA 38 -12.89 80.46 -49.01
C ALA QA 38 -11.70 80.13 -48.08
N ILE QA 39 -11.42 80.95 -47.08
CA ILE QA 39 -10.42 80.64 -46.05
C ILE QA 39 -10.88 79.45 -45.19
N GLN QA 40 -12.18 79.37 -44.84
CA GLN QA 40 -12.71 78.22 -44.12
C GLN QA 40 -12.61 76.92 -44.93
N ALA QA 41 -12.79 76.98 -46.25
CA ALA QA 41 -12.52 75.85 -47.14
C ALA QA 41 -11.03 75.47 -47.14
N ALA QA 42 -10.11 76.43 -47.06
CA ALA QA 42 -8.69 76.14 -46.86
C ALA QA 42 -8.45 75.43 -45.51
N ALA QA 43 -9.11 75.86 -44.43
CA ALA QA 43 -9.05 75.14 -43.16
C ALA QA 43 -9.64 73.72 -43.28
N GLN QA 44 -10.73 73.52 -44.03
CA GLN QA 44 -11.30 72.19 -44.27
C GLN QA 44 -10.38 71.29 -45.10
N LEU QA 45 -9.61 71.84 -46.05
CA LEU QA 45 -8.51 71.10 -46.70
C LEU QA 45 -7.41 70.72 -45.69
N GLY QA 46 -7.14 71.57 -44.70
CA GLY QA 46 -6.28 71.24 -43.56
C GLY QA 46 -6.85 70.10 -42.68
N GLU QA 47 -8.15 70.09 -42.42
CA GLU QA 47 -8.84 68.98 -41.73
C GLU QA 47 -8.81 67.68 -42.55
N ALA QA 48 -8.86 67.78 -43.88
CA ALA QA 48 -8.62 66.66 -44.81
C ALA QA 48 -7.13 66.22 -44.86
N GLY QA 49 -6.24 66.90 -44.14
CA GLY QA 49 -4.83 66.54 -44.00
C GLY QA 49 -3.92 67.07 -45.12
N ILE QA 50 -4.40 67.97 -45.98
CA ILE QA 50 -3.58 68.61 -47.01
C ILE QA 50 -2.55 69.54 -46.32
N SER QA 51 -1.28 69.51 -46.74
CA SER QA 51 -0.23 70.30 -46.07
C SER QA 51 -0.34 71.80 -46.32
N SER QA 52 0.19 72.60 -45.39
CA SER QA 52 0.25 74.07 -45.50
C SER QA 52 0.91 74.52 -46.80
N GLU QA 53 2.04 73.90 -47.14
CA GLU QA 53 2.79 74.19 -48.36
C GLU QA 53 1.94 73.90 -49.61
N GLU QA 54 1.19 72.79 -49.63
CA GLU QA 54 0.25 72.51 -50.70
C GLU QA 54 -0.91 73.50 -50.73
N ILE QA 55 -1.51 73.83 -49.59
CA ILE QA 55 -2.64 74.77 -49.56
C ILE QA 55 -2.21 76.12 -50.15
N LYS QA 56 -0.99 76.58 -49.89
CA LYS QA 56 -0.47 77.80 -50.49
C LYS QA 56 -0.44 77.68 -52.03
N GLU QA 57 -0.02 76.54 -52.57
CA GLU QA 57 -0.17 76.30 -54.00
C GLU QA 57 -1.63 76.22 -54.44
N LEU QA 58 -2.51 75.55 -53.70
CA LEU QA 58 -3.93 75.41 -54.05
C LEU QA 58 -4.57 76.79 -54.20
N LEU QA 59 -4.40 77.63 -53.20
CA LEU QA 59 -4.96 78.97 -53.20
C LEU QA 59 -4.30 79.81 -54.31
N ARG QA 60 -2.99 79.74 -54.50
CA ARG QA 60 -2.31 80.45 -55.58
C ARG QA 60 -2.91 80.07 -56.92
N ALA QA 61 -3.02 78.77 -57.19
CA ALA QA 61 -3.62 78.28 -58.41
C ALA QA 61 -5.06 78.77 -58.57
N ALA QA 62 -5.89 78.66 -57.52
CA ALA QA 62 -7.27 79.10 -57.59
C ALA QA 62 -7.38 80.57 -58.01
N HIS QA 63 -6.50 81.43 -57.48
CA HIS QA 63 -6.44 82.83 -57.86
C HIS QA 63 -5.92 83.02 -59.28
N GLU QA 64 -4.81 82.39 -59.66
CA GLU QA 64 -4.25 82.51 -61.01
C GLU QA 64 -5.18 81.94 -62.09
N LEU QA 65 -6.09 81.03 -61.73
CA LEU QA 65 -7.18 80.57 -62.57
C LEU QA 65 -8.38 81.52 -62.55
N GLY QA 66 -8.67 82.11 -61.40
CA GLY QA 66 -9.95 82.76 -61.15
C GLY QA 66 -11.06 81.73 -60.86
N LEU QA 67 -10.73 80.65 -60.15
CA LEU QA 67 -11.75 79.77 -59.56
C LEU QA 67 -12.58 80.59 -58.56
N ASP QA 68 -13.90 80.50 -58.64
CA ASP QA 68 -14.79 81.20 -57.70
C ASP QA 68 -14.89 80.47 -56.34
N PRO QA 69 -15.43 81.13 -55.29
CA PRO QA 69 -15.54 80.53 -53.97
C PRO QA 69 -16.31 79.20 -53.93
N ASP QA 70 -17.28 79.00 -54.83
CA ASP QA 70 -18.00 77.72 -54.89
C ASP QA 70 -17.11 76.61 -55.44
N ALA QA 71 -16.27 76.90 -56.44
CA ALA QA 71 -15.24 75.96 -56.87
C ALA QA 71 -14.21 75.69 -55.76
N ILE QA 72 -13.82 76.71 -55.00
CA ILE QA 72 -12.96 76.53 -53.82
C ILE QA 72 -13.67 75.66 -52.77
N ALA QA 73 -14.96 75.83 -52.56
CA ALA QA 73 -15.74 74.98 -51.66
C ALA QA 73 -15.79 73.53 -52.19
N ALA QA 74 -15.96 73.34 -53.50
CA ALA QA 74 -15.88 72.01 -54.11
C ALA QA 74 -14.50 71.38 -53.92
N ALA QA 75 -13.42 72.16 -53.88
CA ALA QA 75 -12.10 71.65 -53.53
C ALA QA 75 -12.09 71.03 -52.13
N ALA QA 76 -12.69 71.69 -51.14
CA ALA QA 76 -12.80 71.12 -49.80
C ALA QA 76 -13.67 69.84 -49.78
N ASP QA 77 -14.76 69.78 -50.54
CA ASP QA 77 -15.55 68.54 -50.66
C ASP QA 77 -14.77 67.40 -51.30
N LEU QA 78 -13.98 67.66 -52.36
CA LEU QA 78 -13.06 66.69 -52.94
C LEU QA 78 -11.96 66.28 -51.94
N GLY QA 79 -11.52 67.21 -51.09
CA GLY QA 79 -10.61 66.93 -49.98
C GLY QA 79 -11.21 65.96 -48.97
N GLN QA 80 -12.47 66.19 -48.55
CA GLN QA 80 -13.20 65.25 -47.70
C GLN QA 80 -13.43 63.89 -48.39
N ALA QA 81 -13.64 63.89 -49.71
CA ALA QA 81 -13.66 62.67 -50.52
C ALA QA 81 -12.29 61.96 -50.62
N GLY QA 82 -11.21 62.57 -50.14
CA GLY QA 82 -9.87 61.98 -50.11
C GLY QA 82 -9.11 62.05 -51.44
N VAL QA 83 -9.53 62.90 -52.37
CA VAL QA 83 -8.82 63.13 -53.66
C VAL QA 83 -7.50 63.88 -53.40
N SER QA 84 -6.43 63.58 -54.15
CA SER QA 84 -5.14 64.27 -53.94
C SER QA 84 -5.21 65.74 -54.36
N PRO QA 85 -4.38 66.57 -53.72
CA PRO QA 85 -4.31 68.01 -54.02
C PRO QA 85 -4.07 68.27 -55.52
N VAL QA 86 -3.16 67.52 -56.12
CA VAL QA 86 -2.86 67.63 -57.53
C VAL QA 86 -4.07 67.26 -58.39
N GLU QA 87 -4.75 66.15 -58.09
CA GLU QA 87 -5.93 65.76 -58.86
C GLU QA 87 -7.07 66.75 -58.67
N ILE QA 88 -7.26 67.27 -57.46
CA ILE QA 88 -8.21 68.36 -57.23
C ILE QA 88 -7.91 69.50 -58.20
N LEU QA 89 -6.65 69.96 -58.25
CA LEU QA 89 -6.27 71.06 -59.12
C LEU QA 89 -6.61 70.75 -60.57
N ALA QA 90 -6.18 69.60 -61.05
CA ALA QA 90 -6.38 69.27 -62.45
C ALA QA 90 -7.86 69.10 -62.79
N LEU QA 91 -8.66 68.50 -61.91
CA LEU QA 91 -10.09 68.37 -62.12
C LEU QA 91 -10.76 69.73 -62.21
N LEU QA 92 -10.50 70.60 -61.25
CA LEU QA 92 -11.08 71.94 -61.26
C LEU QA 92 -10.59 72.72 -62.48
N ILE QA 93 -9.29 72.66 -62.79
CA ILE QA 93 -8.70 73.29 -63.96
C ILE QA 93 -9.41 72.88 -65.22
N ALA QA 94 -9.58 71.59 -65.41
CA ALA QA 94 -10.23 71.08 -66.60
C ALA QA 94 -11.67 71.60 -66.69
N ALA QA 95 -12.43 71.52 -65.60
CA ALA QA 95 -13.79 72.02 -65.57
C ALA QA 95 -13.84 73.51 -65.95
N SER QA 96 -12.92 74.29 -65.40
CA SER QA 96 -12.79 75.72 -65.68
C SER QA 96 -12.40 75.99 -67.14
N VAL QA 97 -11.45 75.25 -67.70
CA VAL QA 97 -11.08 75.36 -69.11
C VAL QA 97 -12.24 74.97 -70.04
N LEU QA 98 -12.99 73.94 -69.70
CA LEU QA 98 -14.23 73.55 -70.39
C LEU QA 98 -15.36 74.57 -70.21
N GLY QA 99 -15.21 75.51 -69.28
CA GLY QA 99 -16.23 76.52 -68.97
C GLY QA 99 -17.39 75.99 -68.13
N LEU QA 100 -17.21 74.87 -67.42
CA LEU QA 100 -18.25 74.25 -66.63
C LEU QA 100 -18.70 75.12 -65.44
N ASP QA 101 -19.99 75.08 -65.17
CA ASP QA 101 -20.62 75.79 -64.06
C ASP QA 101 -20.35 75.13 -62.69
N PRO QA 102 -20.55 75.85 -61.57
CA PRO QA 102 -20.28 75.33 -60.25
C PRO QA 102 -21.17 74.13 -59.86
N ASP QA 103 -22.38 73.99 -60.39
CA ASP QA 103 -23.20 72.81 -60.12
C ASP QA 103 -22.60 71.56 -60.79
N ALA QA 104 -22.12 71.67 -62.02
CA ALA QA 104 -21.37 70.61 -62.67
C ALA QA 104 -20.09 70.30 -61.89
N ILE QA 105 -19.37 71.31 -61.39
CA ILE QA 105 -18.23 71.09 -60.49
C ILE QA 105 -18.67 70.37 -59.20
N GLN QA 106 -19.84 70.70 -58.65
CA GLN QA 106 -20.35 69.98 -57.47
C GLN QA 106 -20.70 68.53 -57.80
N ALA QA 107 -21.23 68.26 -59.00
CA ALA QA 107 -21.39 66.89 -59.48
C ALA QA 107 -20.02 66.20 -59.67
N ALA QA 108 -18.98 66.92 -60.06
CA ALA QA 108 -17.63 66.37 -60.09
C ALA QA 108 -17.13 66.03 -58.67
N ALA QA 109 -17.45 66.85 -57.65
CA ALA QA 109 -17.20 66.48 -56.27
C ALA QA 109 -17.97 65.20 -55.87
N ALA QA 110 -19.22 65.06 -56.30
CA ALA QA 110 -19.98 63.82 -56.08
C ALA QA 110 -19.36 62.61 -56.80
N LEU QA 111 -18.86 62.75 -58.03
CA LEU QA 111 -18.13 61.68 -58.72
C LEU QA 111 -16.83 61.30 -57.97
N GLY QA 112 -16.18 62.30 -57.34
CA GLY QA 112 -15.05 62.08 -56.44
C GLY QA 112 -15.46 61.29 -55.20
N GLU QA 113 -16.59 61.63 -54.56
CA GLU QA 113 -17.14 60.86 -53.44
C GLU QA 113 -17.50 59.43 -53.83
N ALA QA 114 -17.95 59.20 -55.08
CA ALA QA 114 -18.16 57.88 -55.64
C ALA QA 114 -16.85 57.14 -56.01
N GLY QA 115 -15.69 57.80 -55.89
CA GLY QA 115 -14.39 57.19 -56.13
C GLY QA 115 -14.07 56.91 -57.61
N ILE QA 116 -14.74 57.60 -58.54
CA ILE QA 116 -14.50 57.44 -59.98
C ILE QA 116 -13.08 57.93 -60.31
N SER QA 117 -12.37 57.25 -61.23
CA SER QA 117 -11.01 57.67 -61.62
C SER QA 117 -11.05 59.02 -62.35
N ALA QA 118 -10.02 59.86 -62.14
CA ALA QA 118 -10.02 61.23 -62.66
C ALA QA 118 -10.12 61.27 -64.18
N GLU QA 119 -9.43 60.40 -64.91
CA GLU QA 119 -9.58 60.33 -66.37
C GLU QA 119 -11.01 59.97 -66.78
N GLU QA 120 -11.67 59.04 -66.08
CA GLU QA 120 -13.08 58.74 -66.37
C GLU QA 120 -13.99 59.93 -66.06
N ILE QA 121 -13.75 60.67 -64.97
CA ILE QA 121 -14.49 61.91 -64.70
C ILE QA 121 -14.29 62.88 -65.87
N ILE QA 122 -13.05 63.14 -66.26
CA ILE QA 122 -12.72 64.06 -67.35
C ILE QA 122 -13.37 63.63 -68.66
N GLU QA 123 -13.28 62.36 -69.02
CA GLU QA 123 -13.89 61.84 -70.24
C GLU QA 123 -15.41 61.90 -70.21
N LEU QA 124 -16.03 61.62 -69.06
CA LEU QA 124 -17.48 61.80 -68.90
C LEU QA 124 -17.86 63.27 -69.05
N LEU QA 125 -17.09 64.18 -68.44
CA LEU QA 125 -17.33 65.61 -68.61
C LEU QA 125 -17.14 66.03 -70.08
N THR QA 126 -16.13 65.51 -70.77
CA THR QA 126 -15.95 65.72 -72.21
C THR QA 126 -17.16 65.23 -72.99
N ALA QA 127 -17.63 64.02 -72.73
CA ALA QA 127 -18.80 63.49 -73.41
C ALA QA 127 -20.04 64.36 -73.15
N ALA QA 128 -20.29 64.77 -71.90
CA ALA QA 128 -21.42 65.64 -71.58
C ALA QA 128 -21.31 67.00 -72.29
N ARG QA 129 -20.10 67.56 -72.36
CA ARG QA 129 -19.80 68.80 -73.08
C ARG QA 129 -20.05 68.66 -74.59
N ASP QA 130 -19.58 67.58 -75.20
CA ASP QA 130 -19.81 67.28 -76.62
C ASP QA 130 -21.29 67.01 -76.93
N LEU QA 131 -22.01 66.31 -76.06
CA LEU QA 131 -23.44 66.04 -76.20
C LEU QA 131 -24.31 67.27 -75.82
N GLY QA 132 -23.73 68.29 -75.19
CA GLY QA 132 -24.44 69.51 -74.79
C GLY QA 132 -25.48 69.30 -73.68
N LEU QA 133 -25.28 68.27 -72.85
CA LEU QA 133 -26.22 67.91 -71.77
C LEU QA 133 -26.09 68.84 -70.55
N ASP QA 134 -27.10 68.85 -69.70
CA ASP QA 134 -27.18 69.68 -68.50
C ASP QA 134 -26.48 69.04 -67.27
N PRO QA 135 -26.22 69.80 -66.20
CA PRO QA 135 -25.69 69.25 -64.96
C PRO QA 135 -26.55 68.13 -64.36
N ASP QA 136 -27.85 68.12 -64.59
CA ASP QA 136 -28.71 67.01 -64.17
C ASP QA 136 -28.33 65.69 -64.87
N ALA QA 137 -28.02 65.72 -66.18
CA ALA QA 137 -27.47 64.54 -66.84
C ALA QA 137 -26.13 64.11 -66.24
N ILE QA 138 -25.26 65.05 -65.85
CA ILE QA 138 -24.01 64.72 -65.16
C ILE QA 138 -24.32 64.09 -63.78
N GLN QA 139 -25.26 64.64 -63.02
CA GLN QA 139 -25.65 64.12 -61.71
C GLN QA 139 -26.29 62.73 -61.83
N ALA QA 140 -27.10 62.50 -62.85
CA ALA QA 140 -27.63 61.19 -63.15
C ALA QA 140 -26.52 60.20 -63.56
N ALA QA 141 -25.50 60.64 -64.31
CA ALA QA 141 -24.31 59.83 -64.55
C ALA QA 141 -23.58 59.52 -63.23
N ALA QA 142 -23.50 60.46 -62.29
CA ALA QA 142 -22.96 60.19 -60.96
C ALA QA 142 -23.79 59.13 -60.21
N GLN QA 143 -25.11 59.16 -60.32
CA GLN QA 143 -25.97 58.11 -59.79
C GLN QA 143 -25.74 56.75 -60.46
N LEU QA 144 -25.45 56.70 -61.78
CA LEU QA 144 -25.01 55.46 -62.42
C LEU QA 144 -23.65 54.99 -61.89
N GLY QA 145 -22.78 55.92 -61.49
CA GLY QA 145 -21.56 55.61 -60.75
C GLY QA 145 -21.83 55.02 -59.37
N GLU QA 146 -22.82 55.55 -58.63
CA GLU QA 146 -23.26 54.95 -57.36
C GLU QA 146 -23.83 53.54 -57.56
N ALA QA 147 -24.55 53.32 -58.66
CA ALA QA 147 -25.00 52.00 -59.10
C ALA QA 147 -23.87 51.10 -59.64
N GLY QA 148 -22.63 51.60 -59.73
CA GLY QA 148 -21.44 50.83 -60.12
C GLY QA 148 -21.32 50.53 -61.61
N ILE QA 149 -22.07 51.22 -62.47
CA ILE QA 149 -22.03 51.02 -63.92
C ILE QA 149 -20.68 51.49 -64.48
N SER QA 150 -20.07 50.71 -65.38
CA SER QA 150 -18.77 51.08 -65.97
C SER QA 150 -18.88 52.33 -66.86
N SER QA 151 -17.81 53.09 -67.01
CA SER QA 151 -17.84 54.36 -67.76
C SER QA 151 -18.26 54.19 -69.22
N GLU QA 152 -17.82 53.15 -69.91
CA GLU QA 152 -18.30 52.82 -71.25
C GLU QA 152 -19.80 52.51 -71.28
N GLU QA 153 -20.32 51.81 -70.27
CA GLU QA 153 -21.76 51.53 -70.17
C GLU QA 153 -22.55 52.79 -69.82
N ILE QA 154 -22.02 53.68 -68.99
CA ILE QA 154 -22.61 55.01 -68.78
C ILE QA 154 -22.67 55.75 -70.11
N LYS QA 155 -21.58 55.73 -70.90
CA LYS QA 155 -21.57 56.36 -72.22
C LYS QA 155 -22.58 55.73 -73.18
N GLU QA 156 -22.76 54.41 -73.16
CA GLU QA 156 -23.81 53.75 -73.94
C GLU QA 156 -25.21 54.18 -73.46
N LEU QA 157 -25.45 54.24 -72.15
CA LEU QA 157 -26.73 54.72 -71.61
C LEU QA 157 -26.97 56.19 -71.98
N LEU QA 158 -25.94 57.02 -71.96
CA LEU QA 158 -26.03 58.40 -72.44
C LEU QA 158 -26.30 58.45 -73.95
N ARG QA 159 -25.62 57.64 -74.77
CA ARG QA 159 -25.88 57.58 -76.21
C ARG QA 159 -27.33 57.17 -76.46
N ALA QA 160 -27.81 56.16 -75.75
CA ALA QA 160 -29.20 55.75 -75.81
C ALA QA 160 -30.12 56.92 -75.41
N ALA QA 161 -29.91 57.54 -74.24
CA ALA QA 161 -30.75 58.64 -73.79
C ALA QA 161 -30.75 59.81 -74.77
N HIS QA 162 -29.61 60.12 -75.38
CA HIS QA 162 -29.44 61.14 -76.42
C HIS QA 162 -30.25 60.80 -77.67
N GLU QA 163 -30.09 59.60 -78.21
CA GLU QA 163 -30.83 59.17 -79.40
C GLU QA 163 -32.35 59.03 -79.16
N LEU QA 164 -32.75 58.65 -77.93
CA LEU QA 164 -34.14 58.35 -77.56
C LEU QA 164 -34.89 59.52 -76.91
N GLY QA 165 -34.22 60.61 -76.55
CA GLY QA 165 -34.84 61.74 -75.85
C GLY QA 165 -35.35 61.41 -74.44
N LEU QA 166 -34.71 60.45 -73.76
CA LEU QA 166 -34.98 60.16 -72.35
C LEU QA 166 -34.50 61.32 -71.46
N ASP QA 167 -35.12 61.52 -70.31
CA ASP QA 167 -34.76 62.60 -69.37
C ASP QA 167 -33.89 62.11 -68.18
N PRO QA 168 -33.26 63.01 -67.41
CA PRO QA 168 -32.45 62.62 -66.25
C PRO QA 168 -33.18 61.76 -65.21
N ASP QA 169 -34.49 61.92 -65.04
CA ASP QA 169 -35.26 61.04 -64.14
C ASP QA 169 -35.35 59.61 -64.71
N CYS QA 170 -35.48 59.46 -66.02
CA CYS QA 170 -35.36 58.14 -66.66
C CYS QA 170 -33.95 57.55 -66.47
N ILE QA 171 -32.91 58.38 -66.53
CA ILE QA 171 -31.55 57.92 -66.21
C ILE QA 171 -31.44 57.55 -64.72
N ALA QA 172 -32.10 58.27 -63.81
CA ALA QA 172 -32.15 57.89 -62.39
C ALA QA 172 -32.84 56.53 -62.20
N ALA QA 173 -33.92 56.27 -62.93
CA ALA QA 173 -34.55 54.95 -62.94
C ALA QA 173 -33.65 53.86 -63.57
N ALA QA 174 -32.80 54.21 -64.55
CA ALA QA 174 -31.77 53.29 -65.03
C ALA QA 174 -30.78 52.93 -63.92
N ALA QA 175 -30.35 53.90 -63.09
CA ALA QA 175 -29.53 53.64 -61.92
C ALA QA 175 -30.26 52.75 -60.88
N ASP QA 176 -31.57 52.93 -60.67
CA ASP QA 176 -32.36 52.02 -59.83
C ASP QA 176 -32.37 50.59 -60.39
N LEU QA 177 -32.51 50.40 -61.71
CA LEU QA 177 -32.39 49.08 -62.34
C LEU QA 177 -30.96 48.50 -62.21
N GLY QA 178 -29.94 49.37 -62.20
CA GLY QA 178 -28.56 48.99 -61.88
C GLY QA 178 -28.41 48.50 -60.44
N GLN QA 179 -29.03 49.16 -59.47
CA GLN QA 179 -29.10 48.70 -58.07
C GLN QA 179 -29.93 47.41 -57.91
N ALA QA 180 -30.95 47.20 -58.76
CA ALA QA 180 -31.65 45.93 -58.88
C ALA QA 180 -30.81 44.81 -59.54
N GLY QA 181 -29.62 45.13 -60.07
CA GLY QA 181 -28.67 44.16 -60.64
C GLY QA 181 -28.96 43.74 -62.08
N ILE QA 182 -29.81 44.47 -62.80
CA ILE QA 182 -30.16 44.19 -64.20
C ILE QA 182 -28.94 44.48 -65.12
N SER QA 183 -28.70 43.65 -66.14
CA SER QA 183 -27.59 43.85 -67.09
C SER QA 183 -27.82 45.09 -67.97
N SER QA 184 -26.77 45.78 -68.41
CA SER QA 184 -26.91 47.07 -69.13
C SER QA 184 -27.70 46.96 -70.46
N SER QA 185 -27.60 45.84 -71.17
CA SER QA 185 -28.43 45.58 -72.35
C SER QA 185 -29.91 45.46 -71.98
N GLU QA 186 -30.22 44.73 -70.89
CA GLU QA 186 -31.60 44.59 -70.40
C GLU QA 186 -32.13 45.89 -69.79
N ILE QA 187 -31.31 46.70 -69.10
CA ILE QA 187 -31.72 48.05 -68.68
C ILE QA 187 -32.12 48.85 -69.92
N THR QA 188 -31.32 48.79 -70.98
CA THR QA 188 -31.64 49.48 -72.25
C THR QA 188 -32.97 48.98 -72.82
N ALA QA 189 -33.21 47.67 -72.86
CA ALA QA 189 -34.50 47.13 -73.26
C ALA QA 189 -35.66 47.62 -72.37
N LEU QA 190 -35.49 47.61 -71.05
CA LEU QA 190 -36.53 48.06 -70.11
C LEU QA 190 -36.79 49.56 -70.27
N LEU QA 191 -35.77 50.38 -70.46
CA LEU QA 191 -35.94 51.80 -70.79
C LEU QA 191 -36.75 51.96 -72.08
N LEU QA 192 -36.39 51.23 -73.13
CA LEU QA 192 -37.07 51.30 -74.41
C LEU QA 192 -38.54 50.90 -74.29
N ALA QA 193 -38.84 49.77 -73.66
CA ALA QA 193 -40.22 49.29 -73.51
C ALA QA 193 -41.06 50.21 -72.61
N ALA QA 194 -40.52 50.63 -71.46
CA ALA QA 194 -41.21 51.53 -70.55
C ALA QA 194 -41.52 52.86 -71.23
N ALA QA 195 -40.55 53.45 -71.92
CA ALA QA 195 -40.76 54.67 -72.70
C ALA QA 195 -41.79 54.46 -73.81
N ALA QA 196 -41.71 53.37 -74.57
CA ALA QA 196 -42.67 53.10 -75.65
C ALA QA 196 -44.11 53.07 -75.12
N ILE QA 197 -44.34 52.39 -74.00
CA ILE QA 197 -45.67 52.35 -73.38
C ILE QA 197 -46.05 53.70 -72.77
N GLU QA 198 -45.15 54.37 -72.06
CA GLU QA 198 -45.43 55.66 -71.45
C GLU QA 198 -45.78 56.73 -72.50
N LEU QA 199 -45.12 56.70 -73.65
CA LEU QA 199 -45.50 57.48 -74.83
C LEU QA 199 -46.82 57.00 -75.45
N ALA QA 200 -47.04 55.69 -75.59
CA ALA QA 200 -48.27 55.16 -76.15
C ALA QA 200 -49.52 55.50 -75.32
N LYS QA 201 -49.38 55.73 -74.01
CA LYS QA 201 -50.45 56.26 -73.14
C LYS QA 201 -50.84 57.70 -73.49
N ARG QA 202 -49.87 58.52 -73.90
CA ARG QA 202 -50.12 59.89 -74.39
C ARG QA 202 -50.71 59.88 -75.79
N ALA QA 203 -50.24 58.99 -76.67
CA ALA QA 203 -50.78 58.82 -78.01
C ALA QA 203 -52.23 58.31 -77.98
N ASP QA 204 -53.09 58.82 -78.87
CA ASP QA 204 -54.49 58.33 -79.01
C ASP QA 204 -54.60 57.12 -79.95
N ASP QA 205 -53.56 56.82 -80.74
CA ASP QA 205 -53.69 55.95 -81.90
C ASP QA 205 -53.74 54.45 -81.57
N LYS QA 206 -54.72 53.75 -82.17
CA LYS QA 206 -54.77 52.29 -82.24
C LYS QA 206 -53.53 51.69 -82.90
N ASP QA 207 -52.99 52.33 -83.94
CA ASP QA 207 -51.86 51.79 -84.69
C ASP QA 207 -50.57 51.80 -83.86
N VAL QA 208 -50.36 52.82 -83.02
CA VAL QA 208 -49.26 52.83 -82.04
C VAL QA 208 -49.42 51.69 -81.05
N ARG QA 209 -50.63 51.42 -80.57
CA ARG QA 209 -50.92 50.29 -79.67
C ARG QA 209 -50.66 48.95 -80.35
N GLU QA 210 -51.05 48.78 -81.61
CA GLU QA 210 -50.75 47.57 -82.39
C GLU QA 210 -49.24 47.38 -82.59
N ILE QA 211 -48.53 48.44 -82.97
CA ILE QA 211 -47.09 48.41 -83.17
C ILE QA 211 -46.38 48.03 -81.87
N VAL QA 212 -46.74 48.65 -80.76
CA VAL QA 212 -46.19 48.29 -79.44
C VAL QA 212 -46.48 46.82 -79.14
N ARG QA 213 -47.72 46.34 -79.33
CA ARG QA 213 -48.08 44.95 -79.07
C ARG QA 213 -47.21 44.00 -79.90
N ASP QA 214 -47.16 44.20 -81.21
CA ASP QA 214 -46.36 43.37 -82.11
C ASP QA 214 -44.86 43.44 -81.77
N ALA QA 215 -44.33 44.61 -81.49
CA ALA QA 215 -42.92 44.80 -81.17
C ALA QA 215 -42.55 44.12 -79.85
N LEU QA 216 -43.31 44.36 -78.78
CA LEU QA 216 -43.02 43.75 -77.49
C LEU QA 216 -43.28 42.25 -77.52
N GLU QA 217 -44.26 41.76 -78.29
CA GLU QA 217 -44.42 40.33 -78.52
C GLU QA 217 -43.19 39.75 -79.22
N LEU QA 218 -42.77 40.32 -80.35
CA LEU QA 218 -41.56 39.89 -81.06
C LEU QA 218 -40.34 39.89 -80.14
N ALA QA 219 -40.16 40.94 -79.35
CA ALA QA 219 -39.08 41.05 -78.39
C ALA QA 219 -39.17 39.99 -77.28
N SER QA 220 -40.38 39.64 -76.83
CA SER QA 220 -40.60 38.59 -75.83
C SER QA 220 -40.40 37.19 -76.41
N ARG QA 221 -40.62 37.00 -77.72
CA ARG QA 221 -40.36 35.75 -78.45
C ARG QA 221 -38.88 35.55 -78.80
N SER QA 222 -38.18 36.62 -79.17
CA SER QA 222 -36.77 36.61 -79.56
C SER QA 222 -35.79 36.48 -78.38
N THR QA 223 -34.54 36.14 -78.67
CA THR QA 223 -33.40 36.13 -77.72
C THR QA 223 -32.17 36.89 -78.25
N ASN QA 224 -32.21 37.42 -79.47
CA ASN QA 224 -31.16 38.26 -80.04
C ASN QA 224 -31.32 39.70 -79.53
N ASP QA 225 -30.46 40.16 -78.63
CA ASP QA 225 -30.69 41.46 -77.98
C ASP QA 225 -30.48 42.68 -78.90
N GLU QA 226 -29.80 42.53 -80.05
CA GLU QA 226 -29.76 43.57 -81.09
C GLU QA 226 -31.12 43.66 -81.78
N VAL QA 227 -31.74 42.52 -82.13
CA VAL QA 227 -33.11 42.51 -82.66
C VAL QA 227 -34.08 43.09 -81.64
N ILE QA 228 -33.97 42.70 -80.37
CA ILE QA 228 -34.83 43.23 -79.30
C ILE QA 228 -34.68 44.75 -79.21
N ARG QA 229 -33.43 45.25 -79.13
CA ARG QA 229 -33.18 46.68 -79.08
C ARG QA 229 -33.73 47.39 -80.32
N LEU QA 230 -33.53 46.85 -81.51
CA LEU QA 230 -34.11 47.40 -82.74
C LEU QA 230 -35.63 47.44 -82.71
N ALA QA 231 -36.29 46.38 -82.24
CA ALA QA 231 -37.75 46.33 -82.16
C ALA QA 231 -38.29 47.34 -81.15
N LEU QA 232 -37.71 47.41 -79.96
CA LEU QA 232 -38.16 48.33 -78.91
C LEU QA 232 -37.79 49.78 -79.24
N GLU QA 233 -36.67 50.02 -79.92
CA GLU QA 233 -36.34 51.33 -80.49
C GLU QA 233 -37.35 51.75 -81.57
N ALA QA 234 -37.70 50.84 -82.49
CA ALA QA 234 -38.75 51.12 -83.46
C ALA QA 234 -40.09 51.43 -82.77
N ALA QA 235 -40.41 50.74 -81.67
CA ALA QA 235 -41.60 51.04 -80.87
C ALA QA 235 -41.54 52.44 -80.24
N VAL QA 236 -40.40 52.86 -79.69
CA VAL QA 236 -40.22 54.25 -79.19
C VAL QA 236 -40.36 55.25 -80.34
N LEU QA 237 -39.70 55.03 -81.47
CA LEU QA 237 -39.77 55.95 -82.60
C LEU QA 237 -41.18 56.04 -83.19
N ALA QA 238 -41.91 54.93 -83.28
CA ALA QA 238 -43.31 54.93 -83.67
C ALA QA 238 -44.18 55.68 -82.65
N ALA QA 239 -43.98 55.49 -81.35
CA ALA QA 239 -44.72 56.20 -80.31
C ALA QA 239 -44.37 57.70 -80.23
N ARG QA 240 -43.17 58.12 -80.66
CA ARG QA 240 -42.80 59.53 -80.89
C ARG QA 240 -43.38 60.09 -82.20
N SER QA 241 -43.58 59.25 -83.20
CA SER QA 241 -44.12 59.64 -84.51
C SER QA 241 -45.60 60.05 -84.45
N THR QA 242 -46.04 60.82 -85.44
CA THR QA 242 -47.45 61.13 -85.71
C THR QA 242 -47.82 60.95 -87.19
N ASP QA 243 -46.99 60.24 -87.97
CA ASP QA 243 -47.19 60.05 -89.41
C ASP QA 243 -47.63 58.61 -89.70
N SER QA 244 -48.83 58.47 -90.27
CA SER QA 244 -49.42 57.18 -90.61
C SER QA 244 -48.56 56.39 -91.60
N ASP QA 245 -47.80 57.02 -92.49
CA ASP QA 245 -46.90 56.28 -93.37
C ASP QA 245 -45.73 55.68 -92.59
N VAL QA 246 -45.18 56.39 -91.60
CA VAL QA 246 -44.15 55.83 -90.72
C VAL QA 246 -44.74 54.67 -89.92
N LEU QA 247 -45.97 54.83 -89.40
CA LEU QA 247 -46.64 53.73 -88.72
C LEU QA 247 -46.89 52.54 -89.66
N GLU QA 248 -47.35 52.75 -90.90
CA GLU QA 248 -47.51 51.68 -91.87
C GLU QA 248 -46.18 51.01 -92.23
N ILE QA 249 -45.09 51.77 -92.39
CA ILE QA 249 -43.74 51.24 -92.61
C ILE QA 249 -43.30 50.35 -91.43
N VAL QA 250 -43.48 50.82 -90.19
CA VAL QA 250 -43.15 50.03 -89.00
C VAL QA 250 -44.05 48.80 -88.90
N LYS QA 251 -45.37 48.91 -89.18
CA LYS QA 251 -46.29 47.77 -89.16
C LYS QA 251 -45.92 46.75 -90.23
N ASP QA 252 -45.56 47.17 -91.44
CA ASP QA 252 -45.07 46.28 -92.49
C ASP QA 252 -43.78 45.56 -92.07
N ALA QA 253 -42.86 46.25 -91.40
CA ALA QA 253 -41.62 45.64 -90.91
C ALA QA 253 -41.91 44.58 -89.83
N LEU QA 254 -42.80 44.87 -88.89
CA LEU QA 254 -43.20 43.91 -87.85
C LEU QA 254 -44.03 42.75 -88.44
N GLU QA 255 -44.86 43.02 -89.45
CA GLU QA 255 -45.57 41.98 -90.21
C GLU QA 255 -44.57 41.04 -90.89
N LEU QA 256 -43.58 41.57 -91.60
CA LEU QA 256 -42.51 40.76 -92.19
C LEU QA 256 -41.75 39.96 -91.11
N ALA QA 257 -41.48 40.55 -89.94
CA ALA QA 257 -40.88 39.84 -88.80
C ALA QA 257 -41.81 38.80 -88.15
N LYS QA 258 -43.11 38.84 -88.40
CA LYS QA 258 -44.06 37.79 -88.05
C LYS QA 258 -44.14 36.71 -89.13
N GLN QA 259 -44.04 37.09 -90.41
CA GLN QA 259 -44.04 36.19 -91.56
C GLN QA 259 -42.78 35.33 -91.68
N SER QA 260 -41.59 35.87 -91.37
CA SER QA 260 -40.31 35.15 -91.44
C SER QA 260 -39.46 35.35 -90.19
N THR QA 261 -38.78 34.28 -89.74
CA THR QA 261 -37.85 34.27 -88.59
C THR QA 261 -36.41 34.66 -88.97
N ASN QA 262 -36.13 34.99 -90.24
CA ASN QA 262 -34.80 35.35 -90.73
C ASN QA 262 -34.25 36.61 -90.03
N GLU QA 263 -33.30 36.45 -89.12
CA GLU QA 263 -32.78 37.54 -88.29
C GLU QA 263 -32.07 38.64 -89.09
N GLU QA 264 -31.52 38.34 -90.27
CA GLU QA 264 -30.94 39.37 -91.14
C GLU QA 264 -32.05 40.19 -91.80
N VAL QA 265 -33.07 39.54 -92.36
CA VAL QA 265 -34.24 40.24 -92.92
C VAL QA 265 -34.92 41.07 -91.85
N ILE QA 266 -35.07 40.55 -90.63
CA ILE QA 266 -35.64 41.29 -89.50
C ILE QA 266 -34.80 42.53 -89.20
N LYS QA 267 -33.48 42.40 -89.02
CA LYS QA 267 -32.64 43.58 -88.76
C LYS QA 267 -32.66 44.57 -89.92
N LEU QA 268 -32.66 44.09 -91.16
CA LEU QA 268 -32.76 44.94 -92.36
C LEU QA 268 -34.08 45.73 -92.38
N ALA QA 269 -35.21 45.07 -92.12
CA ALA QA 269 -36.53 45.70 -92.10
C ALA QA 269 -36.66 46.70 -90.94
N LEU QA 270 -36.23 46.32 -89.74
CA LEU QA 270 -36.22 47.21 -88.58
C LEU QA 270 -35.31 48.42 -88.83
N LYS QA 271 -34.09 48.23 -89.35
CA LYS QA 271 -33.20 49.36 -89.66
C LYS QA 271 -33.79 50.29 -90.72
N ALA QA 272 -34.41 49.76 -91.78
CA ALA QA 272 -35.08 50.60 -92.79
C ALA QA 272 -36.21 51.44 -92.17
N ALA QA 273 -37.04 50.84 -91.32
CA ALA QA 273 -38.09 51.56 -90.60
C ALA QA 273 -37.52 52.59 -89.60
N VAL QA 274 -36.47 52.24 -88.85
CA VAL QA 274 -35.78 53.15 -87.93
C VAL QA 274 -35.18 54.35 -88.67
N LEU QA 275 -34.54 54.13 -89.82
CA LEU QA 275 -34.00 55.21 -90.66
C LEU QA 275 -35.14 56.13 -91.15
N ALA QA 276 -36.23 55.55 -91.65
CA ALA QA 276 -37.40 56.29 -92.08
C ALA QA 276 -38.03 57.11 -90.94
N ALA QA 277 -38.03 56.59 -89.70
CA ALA QA 277 -38.55 57.29 -88.53
C ALA QA 277 -37.58 58.36 -87.97
N LYS QA 278 -36.26 58.13 -88.01
CA LYS QA 278 -35.25 59.12 -87.58
C LYS QA 278 -35.08 60.27 -88.58
N SER QA 279 -35.38 60.06 -89.86
CA SER QA 279 -35.46 61.13 -90.86
C SER QA 279 -36.55 60.84 -91.89
N THR QA 280 -37.68 61.53 -91.76
CA THR QA 280 -38.90 61.36 -92.56
C THR QA 280 -38.80 62.02 -93.94
N ASP QA 281 -37.69 61.80 -94.65
CA ASP QA 281 -37.46 62.41 -95.97
C ASP QA 281 -38.37 61.79 -97.05
N GLU QA 282 -39.04 62.61 -97.87
CA GLU QA 282 -40.17 62.18 -98.71
C GLU QA 282 -39.81 61.07 -99.73
N GLU QA 283 -38.70 61.25 -100.45
CA GLU QA 283 -38.22 60.25 -101.42
C GLU QA 283 -37.76 58.94 -100.75
N VAL QA 284 -37.17 59.04 -99.55
CA VAL QA 284 -36.77 57.89 -98.74
C VAL QA 284 -38.01 57.13 -98.27
N LEU QA 285 -39.03 57.84 -97.76
CA LEU QA 285 -40.30 57.23 -97.37
C LEU QA 285 -40.97 56.53 -98.56
N GLU QA 286 -41.02 57.17 -99.74
CA GLU QA 286 -41.63 56.55 -100.92
C GLU QA 286 -40.87 55.30 -101.36
N GLU QA 287 -39.54 55.35 -101.48
CA GLU QA 287 -38.76 54.17 -101.86
C GLU QA 287 -38.84 53.08 -100.79
N VAL QA 288 -38.79 53.40 -99.49
CA VAL QA 288 -38.94 52.40 -98.42
C VAL QA 288 -40.32 51.77 -98.47
N LYS QA 289 -41.39 52.56 -98.67
CA LYS QA 289 -42.76 52.05 -98.80
C LYS QA 289 -42.91 51.16 -100.03
N GLU QA 290 -42.33 51.55 -101.17
CA GLU QA 290 -42.31 50.73 -102.37
C GLU QA 290 -41.46 49.46 -102.18
N ALA QA 291 -40.31 49.54 -101.52
CA ALA QA 291 -39.49 48.35 -101.24
C ALA QA 291 -40.22 47.37 -100.32
N LEU QA 292 -40.92 47.86 -99.30
CA LEU QA 292 -41.78 47.02 -98.46
C LEU QA 292 -42.97 46.46 -99.25
N ARG QA 293 -43.56 47.20 -100.19
CA ARG QA 293 -44.56 46.66 -101.12
C ARG QA 293 -43.98 45.54 -101.97
N ARG QA 294 -42.81 45.73 -102.60
CA ARG QA 294 -42.11 44.68 -103.34
C ARG QA 294 -41.86 43.45 -102.46
N ALA QA 295 -41.43 43.65 -101.22
CA ALA QA 295 -41.21 42.56 -100.27
C ALA QA 295 -42.49 41.78 -99.92
N LYS QA 296 -43.60 42.47 -99.62
CA LYS QA 296 -44.90 41.82 -99.34
C LYS QA 296 -45.50 41.13 -100.56
N GLU QA 297 -45.34 41.69 -101.75
CA GLU QA 297 -45.78 41.05 -103.00
C GLU QA 297 -44.91 39.85 -103.37
N SER QA 298 -43.63 39.85 -102.98
CA SER QA 298 -42.70 38.74 -103.19
C SER QA 298 -42.94 37.56 -102.24
N THR QA 299 -42.36 36.41 -102.60
CA THR QA 299 -42.26 35.21 -101.75
C THR QA 299 -40.84 34.62 -101.71
N ASP QA 300 -39.84 35.35 -102.20
CA ASP QA 300 -38.43 34.92 -102.23
C ASP QA 300 -37.53 35.84 -101.41
N GLU QA 301 -36.85 35.31 -100.39
CA GLU QA 301 -35.93 36.10 -99.57
C GLU QA 301 -34.69 36.59 -100.35
N GLU QA 302 -34.34 35.96 -101.48
CA GLU QA 302 -33.29 36.49 -102.37
C GLU QA 302 -33.75 37.75 -103.15
N GLU QA 303 -35.05 38.06 -103.17
CA GLU QA 303 -35.52 39.39 -103.55
C GLU QA 303 -35.62 40.30 -102.32
N ILE QA 304 -36.26 39.85 -101.23
CA ILE QA 304 -36.53 40.68 -100.04
C ILE QA 304 -35.23 41.26 -99.46
N LYS QA 305 -34.19 40.43 -99.28
CA LYS QA 305 -32.90 40.87 -98.74
C LYS QA 305 -32.30 41.98 -99.60
N GLU QA 306 -32.32 41.85 -100.92
CA GLU QA 306 -31.75 42.85 -101.83
C GLU QA 306 -32.57 44.14 -101.87
N GLU QA 307 -33.90 44.06 -101.89
CA GLU QA 307 -34.76 45.25 -101.86
C GLU QA 307 -34.59 46.05 -100.56
N LEU QA 308 -34.46 45.38 -99.41
CA LEU QA 308 -34.13 46.06 -98.15
C LEU QA 308 -32.68 46.57 -98.14
N ARG QA 309 -31.70 45.76 -98.56
CA ARG QA 309 -30.27 46.12 -98.57
C ARG QA 309 -30.02 47.40 -99.36
N LYS QA 310 -30.60 47.53 -100.56
CA LYS QA 310 -30.41 48.72 -101.42
C LYS QA 310 -30.80 50.02 -100.73
N ALA QA 311 -31.86 50.02 -99.93
CA ALA QA 311 -32.20 51.18 -99.10
C ALA QA 311 -31.26 51.33 -97.91
N VAL QA 312 -30.96 50.23 -97.19
CA VAL QA 312 -30.17 50.26 -95.94
C VAL QA 312 -28.72 50.69 -96.16
N GLU QA 313 -28.06 50.22 -97.22
CA GLU QA 313 -26.62 50.45 -97.43
C GLU QA 313 -26.24 51.87 -97.90
N GLU QA 314 -27.22 52.77 -98.08
CA GLU QA 314 -26.95 54.21 -98.20
C GLU QA 314 -26.58 54.87 -96.84
N ALA QA 315 -26.94 54.25 -95.71
CA ALA QA 315 -26.61 54.69 -94.35
C ALA QA 315 -25.37 53.99 -93.76
N GLU QA 316 -24.90 54.47 -92.60
CA GLU QA 316 -23.82 53.87 -91.79
C GLU QA 316 -24.22 52.55 -91.11
N CYS RA 3 -77.70 52.92 -30.99
CA CYS RA 3 -76.25 52.91 -30.74
C CYS RA 3 -75.92 53.00 -29.23
N ASP RA 4 -76.19 54.14 -28.58
CA ASP RA 4 -75.77 54.45 -27.20
C ASP RA 4 -75.99 53.33 -26.16
N ALA RA 5 -77.18 52.74 -26.07
CA ALA RA 5 -77.45 51.75 -25.02
C ALA RA 5 -76.70 50.44 -25.28
N ILE RA 6 -76.49 50.07 -26.55
CA ILE RA 6 -75.75 48.86 -26.90
C ILE RA 6 -74.28 49.04 -26.50
N GLN RA 7 -73.71 50.24 -26.61
CA GLN RA 7 -72.37 50.52 -26.09
C GLN RA 7 -72.30 50.33 -24.56
N ALA RA 8 -73.32 50.77 -23.83
CA ALA RA 8 -73.39 50.50 -22.39
C ALA RA 8 -73.52 49.00 -22.08
N ALA RA 9 -74.36 48.27 -22.82
CA ALA RA 9 -74.46 46.81 -22.68
C ALA RA 9 -73.12 46.12 -22.96
N ALA RA 10 -72.39 46.54 -23.98
CA ALA RA 10 -71.05 46.05 -24.28
C ALA RA 10 -70.08 46.30 -23.12
N ALA RA 11 -70.10 47.50 -22.52
CA ALA RA 11 -69.30 47.78 -21.33
C ALA RA 11 -69.64 46.84 -20.15
N LEU RA 12 -70.93 46.57 -19.90
CA LEU RA 12 -71.35 45.61 -18.87
C LEU RA 12 -70.91 44.17 -19.18
N GLY RA 13 -70.87 43.80 -20.46
CA GLY RA 13 -70.27 42.55 -20.92
C GLY RA 13 -68.76 42.49 -20.64
N GLU RA 14 -68.03 43.56 -20.94
CA GLU RA 14 -66.58 43.67 -20.64
C GLU RA 14 -66.26 43.68 -19.13
N ALA RA 15 -67.19 44.16 -18.29
CA ALA RA 15 -67.10 44.03 -16.83
C ALA RA 15 -67.30 42.58 -16.32
N GLY RA 16 -67.72 41.66 -17.19
CA GLY RA 16 -67.87 40.24 -16.87
C GLY RA 16 -69.19 39.86 -16.19
N ILE RA 17 -70.19 40.74 -16.22
CA ILE RA 17 -71.51 40.50 -15.60
C ILE RA 17 -72.29 39.43 -16.40
N SER RA 18 -73.00 38.51 -15.73
CA SER RA 18 -73.78 37.46 -16.40
C SER RA 18 -75.02 38.02 -17.12
N SER RA 19 -75.51 37.32 -18.15
CA SER RA 19 -76.60 37.81 -19.01
C SER RA 19 -77.90 38.13 -18.25
N ASN RA 20 -78.36 37.24 -17.35
CA ASN RA 20 -79.53 37.52 -16.51
C ASN RA 20 -79.28 38.70 -15.55
N GLU RA 21 -78.06 38.86 -15.03
CA GLU RA 21 -77.72 40.01 -14.18
C GLU RA 21 -77.68 41.32 -14.97
N ILE RA 22 -77.17 41.33 -16.21
CA ILE RA 22 -77.29 42.51 -17.07
C ILE RA 22 -78.76 42.82 -17.32
N LEU RA 23 -79.60 41.84 -17.63
CA LEU RA 23 -81.03 42.06 -17.83
C LEU RA 23 -81.70 42.62 -16.56
N GLU RA 24 -81.34 42.14 -15.36
CA GLU RA 24 -81.87 42.69 -14.11
C GLU RA 24 -81.38 44.13 -13.87
N LEU RA 25 -80.09 44.41 -14.10
CA LEU RA 25 -79.55 45.76 -14.01
C LEU RA 25 -80.23 46.69 -15.03
N LEU RA 26 -80.48 46.20 -16.24
CA LEU RA 26 -81.24 46.93 -17.24
C LEU RA 26 -82.70 47.13 -16.80
N ALA RA 27 -83.33 46.17 -16.12
CA ALA RA 27 -84.66 46.33 -15.56
C ALA RA 27 -84.71 47.50 -14.55
N ALA RA 28 -83.73 47.55 -13.66
CA ALA RA 28 -83.56 48.68 -12.76
C ALA RA 28 -83.29 49.97 -13.54
N ALA RA 29 -82.35 49.96 -14.49
CA ALA RA 29 -81.99 51.16 -15.24
C ALA RA 29 -83.19 51.75 -16.00
N ALA RA 30 -84.06 50.90 -16.54
CA ALA RA 30 -85.29 51.31 -17.21
C ALA RA 30 -86.30 51.97 -16.25
N GLU RA 31 -86.52 51.39 -15.07
CA GLU RA 31 -87.39 51.96 -14.03
C GLU RA 31 -86.83 53.29 -13.50
N LEU RA 32 -85.56 53.30 -13.11
CA LEU RA 32 -84.89 54.45 -12.50
C LEU RA 32 -84.49 55.52 -13.52
N GLY RA 33 -84.56 55.22 -14.82
CA GLY RA 33 -84.23 56.17 -15.90
C GLY RA 33 -82.75 56.53 -15.96
N LEU RA 34 -81.86 55.59 -15.68
CA LEU RA 34 -80.41 55.85 -15.56
C LEU RA 34 -79.77 56.24 -16.89
N ASP RA 35 -79.00 57.32 -16.90
CA ASP RA 35 -78.27 57.80 -18.07
C ASP RA 35 -76.95 57.00 -18.31
N PRO RA 36 -76.26 57.18 -19.46
CA PRO RA 36 -75.04 56.44 -19.77
C PRO RA 36 -73.92 56.57 -18.73
N ASP RA 37 -73.78 57.73 -18.09
CA ASP RA 37 -72.75 57.96 -17.08
C ASP RA 37 -73.09 57.29 -15.74
N ALA RA 38 -74.37 57.28 -15.33
CA ALA RA 38 -74.81 56.51 -14.17
C ALA RA 38 -74.67 54.99 -14.41
N ILE RA 39 -74.97 54.51 -15.61
CA ILE RA 39 -74.74 53.09 -15.97
C ILE RA 39 -73.23 52.80 -16.05
N GLN RA 40 -72.41 53.72 -16.56
CA GLN RA 40 -70.95 53.58 -16.53
C GLN RA 40 -70.41 53.52 -15.10
N ALA RA 41 -70.93 54.33 -14.18
CA ALA RA 41 -70.61 54.23 -12.77
C ALA RA 41 -71.03 52.86 -12.19
N ALA RA 42 -72.20 52.33 -12.58
CA ALA RA 42 -72.60 50.97 -12.20
C ALA RA 42 -71.60 49.92 -12.71
N ALA RA 43 -71.11 50.05 -13.95
CA ALA RA 43 -70.07 49.18 -14.48
C ALA RA 43 -68.76 49.33 -13.69
N GLN RA 44 -68.35 50.54 -13.31
CA GLN RA 44 -67.15 50.76 -12.50
C GLN RA 44 -67.28 50.24 -11.07
N LEU RA 45 -68.47 50.28 -10.47
CA LEU RA 45 -68.76 49.57 -9.21
C LEU RA 45 -68.64 48.04 -9.41
N GLY RA 46 -69.08 47.52 -10.56
CA GLY RA 46 -68.87 46.12 -10.95
C GLY RA 46 -67.39 45.73 -11.09
N GLU RA 47 -66.59 46.56 -11.76
CA GLU RA 47 -65.13 46.38 -11.87
C GLU RA 47 -64.44 46.47 -10.50
N ALA RA 48 -64.95 47.32 -9.59
CA ALA RA 48 -64.50 47.38 -8.20
C ALA RA 48 -64.97 46.16 -7.35
N GLY RA 49 -65.72 45.23 -7.95
CA GLY RA 49 -66.15 43.97 -7.32
C GLY RA 49 -67.39 44.09 -6.42
N ILE RA 50 -68.12 45.20 -6.47
CA ILE RA 50 -69.38 45.37 -5.76
C ILE RA 50 -70.41 44.37 -6.32
N SER RA 51 -71.17 43.67 -5.46
CA SER RA 51 -72.08 42.60 -5.92
C SER RA 51 -73.27 43.17 -6.71
N SER RA 52 -73.83 42.41 -7.66
CA SER RA 52 -74.98 42.88 -8.47
C SER RA 52 -76.17 43.31 -7.61
N GLU RA 53 -76.52 42.55 -6.57
CA GLU RA 53 -77.58 42.93 -5.64
C GLU RA 53 -77.27 44.23 -4.87
N GLU RA 54 -76.01 44.45 -4.50
CA GLU RA 54 -75.58 45.71 -3.89
C GLU RA 54 -75.68 46.86 -4.89
N ILE RA 55 -75.27 46.67 -6.14
CA ILE RA 55 -75.38 47.69 -7.18
C ILE RA 55 -76.85 48.07 -7.36
N LYS RA 56 -77.75 47.09 -7.43
CA LYS RA 56 -79.18 47.33 -7.58
C LYS RA 56 -79.70 48.21 -6.44
N GLU RA 57 -79.34 47.91 -5.19
CA GLU RA 57 -79.71 48.78 -4.07
C GLU RA 57 -79.00 50.14 -4.10
N LEU RA 58 -77.73 50.21 -4.50
CA LEU RA 58 -76.98 51.47 -4.63
C LEU RA 58 -77.71 52.41 -5.58
N LEU RA 59 -78.03 51.92 -6.77
CA LEU RA 59 -78.76 52.68 -7.77
C LEU RA 59 -80.16 53.03 -7.27
N ARG RA 60 -80.89 52.08 -6.68
CA ARG RA 60 -82.25 52.33 -6.19
C ARG RA 60 -82.25 53.42 -5.13
N ALA RA 61 -81.39 53.31 -4.13
CA ALA RA 61 -81.25 54.31 -3.10
C ALA RA 61 -80.82 55.66 -3.68
N ALA RA 62 -79.84 55.69 -4.59
CA ALA RA 62 -79.40 56.94 -5.20
C ALA RA 62 -80.54 57.65 -5.92
N HIS RA 63 -81.36 56.91 -6.66
CA HIS RA 63 -82.53 57.46 -7.33
C HIS RA 63 -83.60 57.93 -6.34
N GLU RA 64 -83.92 57.14 -5.33
CA GLU RA 64 -84.92 57.51 -4.33
C GLU RA 64 -84.47 58.68 -3.44
N LEU RA 65 -83.16 58.86 -3.25
CA LEU RA 65 -82.57 60.07 -2.67
C LEU RA 65 -82.62 61.26 -3.64
N GLY RA 66 -82.57 61.00 -4.95
CA GLY RA 66 -82.38 62.03 -5.96
C GLY RA 66 -80.93 62.48 -6.10
N LEU RA 67 -79.96 61.60 -5.85
CA LEU RA 67 -78.55 61.87 -6.13
C LEU RA 67 -78.34 62.11 -7.63
N ASP RA 68 -77.62 63.16 -8.00
CA ASP RA 68 -77.34 63.48 -9.39
C ASP RA 68 -76.24 62.54 -9.98
N PRO RA 69 -76.06 62.50 -11.30
CA PRO RA 69 -75.08 61.64 -11.95
C PRO RA 69 -73.64 61.84 -11.49
N ASP RA 70 -73.24 63.05 -11.07
CA ASP RA 70 -71.89 63.29 -10.57
C ASP RA 70 -71.73 62.72 -9.16
N ALA RA 71 -72.76 62.80 -8.31
CA ALA RA 71 -72.76 62.09 -7.04
C ALA RA 71 -72.73 60.56 -7.27
N ILE RA 72 -73.46 60.06 -8.27
CA ILE RA 72 -73.37 58.64 -8.65
C ILE RA 72 -71.95 58.31 -9.16
N ALA RA 73 -71.30 59.20 -9.92
CA ALA RA 73 -69.91 59.00 -10.32
C ALA RA 73 -68.97 58.99 -9.09
N ALA RA 74 -69.20 59.86 -8.11
CA ALA RA 74 -68.45 59.82 -6.85
C ALA RA 74 -68.65 58.49 -6.10
N ALA RA 75 -69.80 57.82 -6.25
CA ALA RA 75 -69.99 56.47 -5.71
C ALA RA 75 -68.99 55.48 -6.32
N ALA RA 76 -68.81 55.50 -7.64
CA ALA RA 76 -67.81 54.66 -8.29
C ALA RA 76 -66.38 55.03 -7.88
N ASP RA 77 -66.06 56.31 -7.71
CA ASP RA 77 -64.75 56.72 -7.16
C ASP RA 77 -64.53 56.22 -5.73
N LEU RA 78 -65.52 56.31 -4.84
CA LEU RA 78 -65.45 55.72 -3.50
C LEU RA 78 -65.35 54.18 -3.55
N GLY RA 79 -65.98 53.53 -4.52
CA GLY RA 79 -65.85 52.09 -4.76
C GLY RA 79 -64.43 51.71 -5.18
N GLN RA 80 -63.82 52.48 -6.09
CA GLN RA 80 -62.40 52.33 -6.47
C GLN RA 80 -61.45 52.66 -5.31
N ALA RA 81 -61.83 53.57 -4.41
CA ALA RA 81 -61.15 53.80 -3.12
C ALA RA 81 -61.33 52.65 -2.10
N GLY RA 82 -62.19 51.66 -2.39
CA GLY RA 82 -62.40 50.46 -1.56
C GLY RA 82 -63.42 50.63 -0.43
N VAL RA 83 -64.20 51.71 -0.41
CA VAL RA 83 -65.24 51.95 0.60
C VAL RA 83 -66.41 50.96 0.43
N SER RA 84 -66.99 50.45 1.53
CA SER RA 84 -68.08 49.48 1.47
C SER RA 84 -69.42 50.11 1.08
N PRO RA 85 -70.31 49.34 0.46
CA PRO RA 85 -71.45 49.88 -0.28
C PRO RA 85 -72.42 50.68 0.58
N VAL RA 86 -72.71 50.26 1.81
CA VAL RA 86 -73.55 51.05 2.69
C VAL RA 86 -72.84 52.32 3.15
N GLU RA 87 -71.53 52.28 3.39
CA GLU RA 87 -70.77 53.48 3.72
C GLU RA 87 -70.75 54.47 2.56
N ILE RA 88 -70.62 54.00 1.32
CA ILE RA 88 -70.80 54.85 0.15
C ILE RA 88 -72.17 55.54 0.22
N LEU RA 89 -73.25 54.76 0.42
CA LEU RA 89 -74.59 55.33 0.46
C LEU RA 89 -74.74 56.35 1.59
N ALA RA 90 -74.34 56.01 2.79
CA ALA RA 90 -74.47 56.92 3.92
C ALA RA 90 -73.61 58.17 3.72
N LEU RA 91 -72.40 58.05 3.19
CA LEU RA 91 -71.55 59.22 2.93
C LEU RA 91 -72.24 60.17 1.96
N LEU RA 92 -72.71 59.64 0.83
CA LEU RA 92 -73.38 60.47 -0.17
C LEU RA 92 -74.70 61.01 0.36
N ILE RA 93 -75.48 60.19 1.07
CA ILE RA 93 -76.73 60.63 1.70
C ILE RA 93 -76.48 61.76 2.67
N ALA RA 94 -75.49 61.62 3.54
CA ALA RA 94 -75.15 62.66 4.50
C ALA RA 94 -74.76 63.94 3.77
N ALA RA 95 -73.90 63.85 2.75
CA ALA RA 95 -73.52 65.02 1.97
C ALA RA 95 -74.75 65.71 1.36
N SER RA 96 -75.67 64.92 0.80
CA SER RA 96 -76.91 65.39 0.20
C SER RA 96 -77.84 66.04 1.24
N VAL RA 97 -77.99 65.43 2.41
CA VAL RA 97 -78.83 65.97 3.48
C VAL RA 97 -78.20 67.21 4.16
N LEU RA 98 -76.87 67.31 4.22
CA LEU RA 98 -76.17 68.55 4.52
C LEU RA 98 -76.35 69.63 3.44
N GLY RA 99 -76.78 69.24 2.24
CA GLY RA 99 -76.93 70.13 1.09
C GLY RA 99 -75.62 70.43 0.35
N LEU RA 100 -74.61 69.58 0.49
CA LEU RA 100 -73.31 69.75 -0.18
C LEU RA 100 -73.43 69.63 -1.70
N ASP RA 101 -72.56 70.35 -2.41
CA ASP RA 101 -72.52 70.40 -3.88
C ASP RA 101 -71.63 69.29 -4.48
N PRO RA 102 -71.70 69.04 -5.80
CA PRO RA 102 -70.89 68.02 -6.45
C PRO RA 102 -69.38 68.17 -6.22
N ASP RA 103 -68.86 69.39 -6.12
CA ASP RA 103 -67.44 69.62 -5.84
C ASP RA 103 -67.09 69.13 -4.43
N ALA RA 104 -67.88 69.48 -3.42
CA ALA RA 104 -67.69 68.95 -2.07
C ALA RA 104 -67.86 67.42 -2.02
N ILE RA 105 -68.81 66.86 -2.77
CA ILE RA 105 -68.96 65.42 -2.90
C ILE RA 105 -67.73 64.78 -3.56
N GLN RA 106 -67.15 65.40 -4.58
CA GLN RA 106 -65.90 64.94 -5.17
C GLN RA 106 -64.74 65.04 -4.17
N ALA RA 107 -64.68 66.11 -3.37
CA ALA RA 107 -63.71 66.20 -2.29
C ALA RA 107 -63.93 65.11 -1.23
N ALA RA 108 -65.18 64.70 -0.97
CA ALA RA 108 -65.45 63.56 -0.09
C ALA RA 108 -64.93 62.25 -0.72
N ALA RA 109 -65.04 62.09 -2.04
CA ALA RA 109 -64.39 60.97 -2.72
C ALA RA 109 -62.86 61.03 -2.59
N ALA RA 110 -62.26 62.22 -2.71
CA ALA RA 110 -60.82 62.40 -2.48
C ALA RA 110 -60.40 62.10 -1.03
N LEU RA 111 -61.20 62.48 -0.02
CA LEU RA 111 -60.97 62.07 1.37
C LEU RA 111 -61.08 60.54 1.55
N GLY RA 112 -61.98 59.90 0.80
CA GLY RA 112 -62.05 58.45 0.70
C GLY RA 112 -60.76 57.84 0.13
N GLU RA 113 -60.24 58.40 -0.96
CA GLU RA 113 -58.96 57.98 -1.56
C GLU RA 113 -57.75 58.24 -0.63
N ALA RA 114 -57.81 59.29 0.20
CA ALA RA 114 -56.84 59.54 1.27
C ALA RA 114 -57.00 58.57 2.47
N GLY RA 115 -58.04 57.74 2.49
CA GLY RA 115 -58.27 56.71 3.50
C GLY RA 115 -58.86 57.24 4.82
N ILE RA 116 -59.38 58.46 4.84
CA ILE RA 116 -59.95 59.08 6.05
C ILE RA 116 -61.19 58.28 6.52
N SER RA 117 -61.33 58.06 7.82
CA SER RA 117 -62.47 57.28 8.35
C SER RA 117 -63.80 57.99 8.13
N ALA RA 118 -64.88 57.23 7.95
CA ALA RA 118 -66.19 57.80 7.56
C ALA RA 118 -66.71 58.79 8.59
N GLU RA 119 -66.62 58.49 9.89
CA GLU RA 119 -67.00 59.43 10.94
C GLU RA 119 -66.16 60.71 10.88
N GLU RA 120 -64.87 60.62 10.61
CA GLU RA 120 -64.03 61.82 10.46
C GLU RA 120 -64.42 62.64 9.22
N ILE RA 121 -64.70 61.99 8.08
CA ILE RA 121 -65.20 62.70 6.90
C ILE RA 121 -66.50 63.43 7.26
N ILE RA 122 -67.44 62.73 7.90
CA ILE RA 122 -68.73 63.31 8.28
C ILE RA 122 -68.56 64.47 9.26
N GLU RA 123 -67.78 64.30 10.31
CA GLU RA 123 -67.55 65.38 11.29
C GLU RA 123 -66.80 66.56 10.66
N LEU RA 124 -65.82 66.32 9.79
CA LEU RA 124 -65.13 67.39 9.07
C LEU RA 124 -66.10 68.14 8.15
N LEU RA 125 -66.93 67.43 7.39
CA LEU RA 125 -67.93 68.07 6.54
C LEU RA 125 -68.96 68.83 7.38
N THR RA 126 -69.43 68.25 8.49
CA THR RA 126 -70.35 68.94 9.40
C THR RA 126 -69.71 70.21 9.96
N ALA RA 127 -68.47 70.12 10.43
CA ALA RA 127 -67.75 71.28 10.93
C ALA RA 127 -67.61 72.35 9.85
N ALA RA 128 -67.23 71.99 8.62
CA ALA RA 128 -67.10 72.94 7.52
C ALA RA 128 -68.44 73.65 7.22
N ARG RA 129 -69.54 72.89 7.24
CA ARG RA 129 -70.89 73.41 7.07
C ARG RA 129 -71.28 74.38 8.19
N ASP RA 130 -71.05 74.02 9.45
CA ASP RA 130 -71.37 74.88 10.60
C ASP RA 130 -70.45 76.12 10.72
N LEU RA 131 -69.17 76.00 10.34
CA LEU RA 131 -68.22 77.11 10.31
C LEU RA 131 -68.47 78.08 9.14
N GLY RA 132 -69.09 77.63 8.06
CA GLY RA 132 -69.23 78.43 6.84
C GLY RA 132 -67.97 78.45 5.96
N LEU RA 133 -67.24 77.33 5.92
CA LEU RA 133 -66.13 77.10 4.99
C LEU RA 133 -66.68 76.81 3.57
N ASP RA 134 -65.81 76.42 2.64
CA ASP RA 134 -66.10 76.20 1.23
C ASP RA 134 -65.40 74.94 0.67
N PRO RA 135 -65.77 74.45 -0.53
CA PRO RA 135 -65.14 73.28 -1.14
C PRO RA 135 -63.61 73.39 -1.28
N ASP RA 136 -63.06 74.59 -1.48
CA ASP RA 136 -61.62 74.80 -1.52
C ASP RA 136 -60.97 74.53 -0.14
N ALA RA 137 -61.55 75.05 0.95
CA ALA RA 137 -61.09 74.72 2.29
C ALA RA 137 -61.23 73.21 2.59
N ILE RA 138 -62.31 72.58 2.14
CA ILE RA 138 -62.48 71.13 2.28
C ILE RA 138 -61.41 70.38 1.47
N GLN RA 139 -61.11 70.82 0.24
CA GLN RA 139 -60.05 70.22 -0.58
C GLN RA 139 -58.66 70.41 0.04
N ALA RA 140 -58.40 71.58 0.64
CA ALA RA 140 -57.18 71.78 1.40
C ALA RA 140 -57.14 70.92 2.67
N ALA RA 141 -58.29 70.68 3.33
CA ALA RA 141 -58.36 69.71 4.42
C ALA RA 141 -58.03 68.30 3.92
N ALA RA 142 -58.42 67.93 2.71
CA ALA RA 142 -57.98 66.68 2.10
C ALA RA 142 -56.45 66.65 1.92
N GLN RA 143 -55.83 67.76 1.51
CA GLN RA 143 -54.36 67.85 1.50
C GLN RA 143 -53.75 67.74 2.91
N LEU RA 144 -54.37 68.29 3.96
CA LEU RA 144 -53.93 68.05 5.34
C LEU RA 144 -54.04 66.56 5.71
N GLY RA 145 -55.04 65.85 5.17
CA GLY RA 145 -55.14 64.40 5.26
C GLY RA 145 -54.00 63.69 4.53
N GLU RA 146 -53.63 64.13 3.33
CA GLU RA 146 -52.45 63.63 2.60
C GLU RA 146 -51.13 63.93 3.34
N ALA RA 147 -51.09 65.03 4.10
CA ALA RA 147 -50.00 65.35 5.02
C ALA RA 147 -50.05 64.54 6.35
N GLY RA 148 -51.09 63.75 6.57
CA GLY RA 148 -51.23 62.88 7.74
C GLY RA 148 -51.61 63.60 9.05
N ILE RA 149 -52.12 64.83 8.98
CA ILE RA 149 -52.51 65.60 10.19
C ILE RA 149 -53.72 64.93 10.86
N SER RA 150 -53.73 64.86 12.20
CA SER RA 150 -54.87 64.30 12.94
C SER RA 150 -56.13 65.17 12.80
N SER RA 151 -57.32 64.58 12.80
CA SER RA 151 -58.57 65.32 12.52
C SER RA 151 -58.86 66.45 13.52
N GLU RA 152 -58.53 66.30 14.80
CA GLU RA 152 -58.61 67.40 15.76
C GLU RA 152 -57.69 68.56 15.36
N GLU RA 153 -56.46 68.26 14.95
CA GLU RA 153 -55.50 69.28 14.53
C GLU RA 153 -55.89 69.91 13.19
N ILE RA 154 -56.54 69.16 12.29
CA ILE RA 154 -57.18 69.76 11.11
C ILE RA 154 -58.25 70.74 11.56
N LYS RA 155 -59.13 70.38 12.50
CA LYS RA 155 -60.17 71.28 12.99
C LYS RA 155 -59.56 72.53 13.65
N GLU RA 156 -58.50 72.39 14.44
CA GLU RA 156 -57.80 73.55 14.98
C GLU RA 156 -57.14 74.41 13.89
N LEU RA 157 -56.49 73.80 12.89
CA LEU RA 157 -55.91 74.54 11.76
C LEU RA 157 -56.97 75.30 10.96
N LEU RA 158 -58.10 74.65 10.66
CA LEU RA 158 -59.22 75.29 9.97
C LEU RA 158 -59.81 76.41 10.82
N ARG RA 159 -60.02 76.19 12.13
CA ARG RA 159 -60.49 77.22 13.06
C ARG RA 159 -59.54 78.41 13.06
N ALA RA 160 -58.24 78.17 13.20
CA ALA RA 160 -57.25 79.21 13.14
C ALA RA 160 -57.30 79.96 11.81
N ALA RA 161 -57.22 79.26 10.68
CA ALA RA 161 -57.19 79.90 9.35
C ALA RA 161 -58.44 80.75 9.10
N HIS RA 162 -59.61 80.29 9.55
CA HIS RA 162 -60.88 81.00 9.43
C HIS RA 162 -60.97 82.22 10.37
N GLU RA 163 -60.57 82.09 11.64
CA GLU RA 163 -60.48 83.22 12.56
C GLU RA 163 -59.47 84.28 12.11
N LEU RA 164 -58.35 83.85 11.50
CA LEU RA 164 -57.30 84.72 10.96
C LEU RA 164 -57.60 85.26 9.56
N GLY RA 165 -58.69 84.81 8.93
CA GLY RA 165 -59.11 85.25 7.60
C GLY RA 165 -58.09 84.94 6.49
N LEU RA 166 -57.35 83.84 6.60
CA LEU RA 166 -56.32 83.45 5.62
C LEU RA 166 -56.96 83.03 4.28
N ASP RA 167 -56.23 83.20 3.18
CA ASP RA 167 -56.58 82.57 1.90
C ASP RA 167 -56.31 81.05 1.95
N PRO RA 168 -57.10 80.21 1.26
CA PRO RA 168 -57.05 78.75 1.45
C PRO RA 168 -55.75 78.12 0.96
N ASP RA 169 -54.98 78.80 0.11
CA ASP RA 169 -53.62 78.39 -0.23
C ASP RA 169 -52.69 78.38 0.99
N CYS RA 170 -52.98 79.14 2.05
CA CYS RA 170 -52.29 78.99 3.32
C CYS RA 170 -52.51 77.60 3.93
N ILE RA 171 -53.70 77.02 3.76
CA ILE RA 171 -54.00 75.66 4.25
C ILE RA 171 -53.23 74.63 3.40
N ALA RA 172 -53.07 74.88 2.10
CA ALA RA 172 -52.20 74.07 1.24
C ALA RA 172 -50.73 74.15 1.70
N ALA RA 173 -50.23 75.36 1.99
CA ALA RA 173 -48.90 75.53 2.55
C ALA RA 173 -48.74 74.87 3.94
N ALA RA 174 -49.78 74.90 4.79
CA ALA RA 174 -49.78 74.16 6.05
C ALA RA 174 -49.66 72.64 5.84
N ALA RA 175 -50.31 72.08 4.82
CA ALA RA 175 -50.11 70.68 4.43
C ALA RA 175 -48.66 70.40 3.98
N ASP RA 176 -48.05 71.30 3.20
CA ASP RA 176 -46.64 71.17 2.83
C ASP RA 176 -45.69 71.23 4.04
N LEU RA 177 -45.95 72.12 5.02
CA LEU RA 177 -45.19 72.14 6.29
C LEU RA 177 -45.41 70.87 7.12
N GLY RA 178 -46.62 70.29 7.05
CA GLY RA 178 -46.93 68.98 7.62
C GLY RA 178 -46.10 67.86 6.97
N GLN RA 179 -45.99 67.84 5.65
CA GLN RA 179 -45.10 66.90 4.93
C GLN RA 179 -43.61 67.16 5.24
N ALA RA 180 -43.21 68.40 5.50
CA ALA RA 180 -41.88 68.74 6.02
C ALA RA 180 -41.66 68.32 7.49
N GLY RA 181 -42.70 67.85 8.21
CA GLY RA 181 -42.58 67.32 9.57
C GLY RA 181 -42.66 68.37 10.68
N ILE RA 182 -43.07 69.60 10.38
CA ILE RA 182 -43.24 70.68 11.36
C ILE RA 182 -44.40 70.36 12.32
N SER RA 183 -44.27 70.62 13.64
CA SER RA 183 -45.35 70.37 14.60
C SER RA 183 -46.53 71.33 14.41
N SER RA 184 -47.76 70.94 14.77
CA SER RA 184 -48.97 71.75 14.47
C SER RA 184 -48.99 73.13 15.14
N SER RA 185 -48.42 73.26 16.35
CA SER RA 185 -48.24 74.57 17.00
C SER RA 185 -47.24 75.45 16.22
N GLU RA 186 -46.13 74.87 15.75
CA GLU RA 186 -45.15 75.57 14.93
C GLU RA 186 -45.66 75.90 13.52
N ILE RA 187 -46.43 75.01 12.87
CA ILE RA 187 -47.13 75.34 11.62
C ILE RA 187 -47.99 76.57 11.85
N THR RA 188 -48.79 76.58 12.91
CA THR RA 188 -49.65 77.72 13.26
C THR RA 188 -48.81 78.98 13.49
N ALA RA 189 -47.70 78.91 14.21
CA ALA RA 189 -46.79 80.03 14.36
C ALA RA 189 -46.25 80.52 13.01
N LEU RA 190 -45.82 79.64 12.12
CA LEU RA 190 -45.33 80.02 10.79
C LEU RA 190 -46.44 80.63 9.93
N LEU RA 191 -47.67 80.12 9.99
CA LEU RA 191 -48.81 80.78 9.35
C LEU RA 191 -48.99 82.20 9.89
N LEU RA 192 -49.02 82.36 11.22
CA LEU RA 192 -49.22 83.66 11.86
C LEU RA 192 -48.11 84.64 11.45
N ALA RA 193 -46.84 84.22 11.52
CA ALA RA 193 -45.70 85.06 11.18
C ALA RA 193 -45.70 85.46 9.70
N ALA RA 194 -45.89 84.49 8.79
CA ALA RA 194 -45.91 84.77 7.36
C ALA RA 194 -47.08 85.70 6.99
N ALA RA 195 -48.27 85.45 7.52
CA ALA RA 195 -49.44 86.31 7.29
C ALA RA 195 -49.23 87.72 7.85
N ALA RA 196 -48.71 87.86 9.08
CA ALA RA 196 -48.44 89.15 9.68
C ALA RA 196 -47.46 89.95 8.82
N ILE RA 197 -46.36 89.34 8.40
CA ILE RA 197 -45.31 90.02 7.62
C ILE RA 197 -45.80 90.33 6.20
N GLU RA 198 -46.51 89.40 5.56
CA GLU RA 198 -47.08 89.62 4.24
C GLU RA 198 -48.07 90.80 4.24
N LEU RA 199 -48.96 90.87 5.23
CA LEU RA 199 -49.86 92.01 5.41
C LEU RA 199 -49.08 93.28 5.79
N ALA RA 200 -48.13 93.21 6.72
CA ALA RA 200 -47.40 94.37 7.23
C ALA RA 200 -46.46 95.00 6.19
N LYS RA 201 -46.01 94.25 5.18
CA LYS RA 201 -45.23 94.77 4.05
C LYS RA 201 -46.06 95.15 2.83
N ARG RA 202 -47.31 94.67 2.73
CA ARG RA 202 -48.33 95.29 1.86
C ARG RA 202 -48.77 96.65 2.43
N ALA RA 203 -48.87 96.75 3.76
CA ALA RA 203 -48.90 98.01 4.50
C ALA RA 203 -47.50 98.66 4.56
N ASP RA 204 -47.43 99.90 5.05
CA ASP RA 204 -46.18 100.64 5.20
C ASP RA 204 -46.12 101.53 6.47
N ASP RA 205 -47.05 101.38 7.40
CA ASP RA 205 -47.06 102.17 8.63
C ASP RA 205 -45.90 101.79 9.55
N LYS RA 206 -45.06 102.77 9.91
CA LYS RA 206 -43.94 102.60 10.84
C LYS RA 206 -44.34 101.89 12.12
N ASP RA 207 -45.53 102.16 12.66
CA ASP RA 207 -45.99 101.56 13.92
C ASP RA 207 -46.29 100.07 13.73
N VAL RA 208 -46.90 99.68 12.62
CA VAL RA 208 -47.10 98.26 12.27
C VAL RA 208 -45.74 97.57 12.09
N ARG RA 209 -44.79 98.21 11.42
CA ARG RA 209 -43.42 97.69 11.26
C ARG RA 209 -42.73 97.49 12.61
N GLU RA 210 -42.77 98.48 13.50
CA GLU RA 210 -42.20 98.38 14.86
C GLU RA 210 -42.89 97.28 15.70
N ILE RA 211 -44.21 97.20 15.62
CA ILE RA 211 -44.98 96.17 16.33
C ILE RA 211 -44.57 94.79 15.83
N VAL RA 212 -44.47 94.58 14.52
CA VAL RA 212 -44.02 93.31 13.95
C VAL RA 212 -42.59 92.99 14.40
N ARG RA 213 -41.65 93.94 14.35
CA ARG RA 213 -40.29 93.76 14.86
C ARG RA 213 -40.32 93.25 16.30
N ASP RA 214 -41.01 93.97 17.18
CA ASP RA 214 -41.06 93.62 18.59
C ASP RA 214 -41.78 92.29 18.84
N ALA RA 215 -42.86 91.99 18.12
CA ALA RA 215 -43.57 90.73 18.25
C ALA RA 215 -42.74 89.54 17.77
N LEU RA 216 -42.09 89.65 16.61
CA LEU RA 216 -41.26 88.57 16.07
C LEU RA 216 -40.02 88.36 16.95
N GLU RA 217 -39.39 89.43 17.43
CA GLU RA 217 -38.31 89.32 18.41
C GLU RA 217 -38.80 88.63 19.71
N LEU RA 218 -39.93 89.07 20.26
CA LEU RA 218 -40.52 88.46 21.45
C LEU RA 218 -40.79 86.96 21.21
N ALA RA 219 -41.28 86.60 20.02
CA ALA RA 219 -41.53 85.21 19.67
C ALA RA 219 -40.24 84.36 19.68
N SER RA 220 -39.16 84.79 19.01
CA SER RA 220 -37.88 84.07 19.06
C SER RA 220 -37.26 84.07 20.46
N ARG RA 221 -37.51 85.09 21.29
CA ARG RA 221 -37.11 85.14 22.70
C ARG RA 221 -37.97 84.29 23.64
N SER RA 222 -39.15 83.86 23.22
CA SER RA 222 -40.17 83.31 24.13
C SER RA 222 -39.81 81.95 24.73
N THR RA 223 -40.09 81.79 26.02
CA THR RA 223 -40.05 80.52 26.77
C THR RA 223 -41.32 79.66 26.57
N ASN RA 224 -42.38 80.20 25.97
CA ASN RA 224 -43.74 79.64 25.98
C ASN RA 224 -44.43 79.77 24.59
N ASP RA 225 -44.99 78.68 24.05
CA ASP RA 225 -45.58 78.70 22.70
C ASP RA 225 -46.98 79.34 22.65
N GLU RA 226 -47.71 79.36 23.76
CA GLU RA 226 -48.96 80.14 23.85
C GLU RA 226 -48.63 81.64 23.79
N VAL RA 227 -47.55 82.07 24.44
CA VAL RA 227 -47.04 83.45 24.29
C VAL RA 227 -46.61 83.73 22.85
N ILE RA 228 -45.96 82.78 22.17
CA ILE RA 228 -45.62 82.93 20.74
C ILE RA 228 -46.90 83.15 19.92
N ARG RA 229 -47.87 82.25 20.03
CA ARG RA 229 -49.09 82.36 19.24
C ARG RA 229 -49.90 83.60 19.61
N LEU RA 230 -49.93 84.02 20.87
CA LEU RA 230 -50.49 85.32 21.27
C LEU RA 230 -49.78 86.49 20.60
N ALA RA 231 -48.44 86.54 20.65
CA ALA RA 231 -47.67 87.63 20.06
C ALA RA 231 -47.86 87.68 18.54
N LEU RA 232 -47.85 86.53 17.86
CA LEU RA 232 -48.03 86.48 16.41
C LEU RA 232 -49.48 86.70 15.98
N GLU RA 233 -50.49 86.29 16.76
CA GLU RA 233 -51.88 86.69 16.53
C GLU RA 233 -52.05 88.21 16.72
N ALA RA 234 -51.46 88.80 17.77
CA ALA RA 234 -51.44 90.24 17.92
C ALA RA 234 -50.75 90.94 16.73
N ALA RA 235 -49.69 90.34 16.17
CA ALA RA 235 -49.04 90.87 14.97
C ALA RA 235 -49.94 90.79 13.73
N VAL RA 236 -50.67 89.69 13.51
CA VAL RA 236 -51.69 89.62 12.44
C VAL RA 236 -52.78 90.68 12.65
N LEU RA 237 -53.29 90.82 13.87
CA LEU RA 237 -54.34 91.78 14.17
C LEU RA 237 -53.85 93.23 14.02
N ALA RA 238 -52.62 93.56 14.44
CA ALA RA 238 -52.01 94.85 14.17
C ALA RA 238 -51.83 95.10 12.66
N ALA RA 239 -51.41 94.09 11.89
CA ALA RA 239 -51.27 94.21 10.43
C ALA RA 239 -52.62 94.33 9.69
N ARG RA 240 -53.71 93.79 10.25
CA ARG RA 240 -55.11 94.04 9.80
C ARG RA 240 -55.68 95.36 10.31
N SER RA 241 -55.19 95.90 11.42
CA SER RA 241 -55.70 97.11 12.06
C SER RA 241 -55.40 98.38 11.24
N THR RA 242 -56.28 99.36 11.34
CA THR RA 242 -56.08 100.73 10.82
C THR RA 242 -56.25 101.78 11.92
N ASP RA 243 -56.22 101.38 13.19
CA ASP RA 243 -56.44 102.27 14.33
C ASP RA 243 -55.17 102.44 15.15
N SER RA 244 -54.63 103.65 15.15
CA SER RA 244 -53.42 104.01 15.89
C SER RA 244 -53.54 103.72 17.38
N ASP RA 245 -54.73 103.82 17.98
CA ASP RA 245 -54.88 103.52 19.41
C ASP RA 245 -54.79 102.02 19.66
N VAL RA 246 -55.28 101.18 18.75
CA VAL RA 246 -55.07 99.73 18.83
C VAL RA 246 -53.59 99.43 18.67
N LEU RA 247 -52.92 100.08 17.71
CA LEU RA 247 -51.47 99.95 17.58
C LEU RA 247 -50.74 100.39 18.85
N GLU RA 248 -51.11 101.51 19.49
CA GLU RA 248 -50.50 101.92 20.76
C GLU RA 248 -50.78 100.94 21.89
N ILE RA 249 -52.00 100.40 22.00
CA ILE RA 249 -52.33 99.34 22.97
C ILE RA 249 -51.43 98.10 22.75
N VAL RA 250 -51.27 97.66 21.51
CA VAL RA 250 -50.37 96.53 21.18
C VAL RA 250 -48.92 96.89 21.49
N LYS RA 251 -48.46 98.10 21.13
CA LYS RA 251 -47.09 98.56 21.39
C LYS RA 251 -46.80 98.62 22.89
N ASP RA 252 -47.75 99.11 23.69
CA ASP RA 252 -47.64 99.07 25.17
C ASP RA 252 -47.54 97.63 25.70
N ALA RA 253 -48.32 96.69 25.16
CA ALA RA 253 -48.24 95.30 25.58
C ALA RA 253 -46.87 94.67 25.22
N LEU RA 254 -46.36 94.92 24.01
CA LEU RA 254 -45.04 94.42 23.60
C LEU RA 254 -43.90 95.12 24.36
N GLU RA 255 -44.04 96.41 24.69
CA GLU RA 255 -43.12 97.14 25.55
C GLU RA 255 -43.09 96.52 26.96
N LEU RA 256 -44.25 96.27 27.56
CA LEU RA 256 -44.32 95.54 28.82
C LEU RA 256 -43.64 94.16 28.72
N ALA RA 257 -43.83 93.45 27.61
CA ALA RA 257 -43.17 92.17 27.33
C ALA RA 257 -41.64 92.30 27.06
N LYS RA 258 -41.10 93.50 26.88
CA LYS RA 258 -39.66 93.78 26.96
C LYS RA 258 -39.23 94.26 28.35
N GLN RA 259 -40.09 94.95 29.10
CA GLN RA 259 -39.82 95.42 30.47
C GLN RA 259 -39.83 94.29 31.51
N SER RA 260 -40.60 93.22 31.30
CA SER RA 260 -40.67 92.04 32.19
C SER RA 260 -40.80 90.74 31.39
N THR RA 261 -40.28 89.64 31.95
CA THR RA 261 -40.36 88.27 31.39
C THR RA 261 -41.54 87.45 31.93
N ASN RA 262 -42.38 88.01 32.80
CA ASN RA 262 -43.49 87.31 33.47
C ASN RA 262 -44.54 86.79 32.47
N GLU RA 263 -44.58 85.48 32.25
CA GLU RA 263 -45.42 84.86 31.21
C GLU RA 263 -46.92 85.14 31.41
N GLU RA 264 -47.42 85.14 32.65
CA GLU RA 264 -48.84 85.34 32.90
C GLU RA 264 -49.25 86.81 32.71
N VAL RA 265 -48.40 87.76 33.15
CA VAL RA 265 -48.60 89.18 32.81
C VAL RA 265 -48.55 89.38 31.31
N ILE RA 266 -47.59 88.75 30.62
CA ILE RA 266 -47.48 88.83 29.15
C ILE RA 266 -48.73 88.26 28.49
N LYS RA 267 -49.22 87.08 28.90
CA LYS RA 267 -50.46 86.53 28.36
C LYS RA 267 -51.63 87.47 28.60
N LEU RA 268 -51.78 88.00 29.81
CA LEU RA 268 -52.85 88.94 30.11
C LEU RA 268 -52.77 90.21 29.26
N ALA RA 269 -51.59 90.81 29.11
CA ALA RA 269 -51.40 92.01 28.29
C ALA RA 269 -51.67 91.74 26.79
N LEU RA 270 -51.11 90.67 26.24
CA LEU RA 270 -51.34 90.29 24.85
C LEU RA 270 -52.81 89.93 24.61
N LYS RA 271 -53.42 89.11 25.47
CA LYS RA 271 -54.84 88.74 25.34
C LYS RA 271 -55.76 89.96 25.46
N ALA RA 272 -55.50 90.90 26.36
CA ALA RA 272 -56.27 92.14 26.44
C ALA RA 272 -56.18 92.94 25.12
N ALA RA 273 -54.97 93.11 24.58
CA ALA RA 273 -54.79 93.78 23.29
C ALA RA 273 -55.45 93.02 22.13
N VAL RA 274 -55.36 91.69 22.10
CA VAL RA 274 -56.00 90.82 21.11
C VAL RA 274 -57.52 90.96 21.17
N LEU RA 275 -58.14 90.90 22.35
CA LEU RA 275 -59.58 91.11 22.51
C LEU RA 275 -59.97 92.53 22.10
N ALA RA 276 -59.14 93.53 22.41
CA ALA RA 276 -59.27 94.92 21.95
C ALA RA 276 -58.93 95.13 20.45
N ALA RA 277 -58.71 94.06 19.67
CA ALA RA 277 -58.50 94.12 18.22
C ALA RA 277 -59.43 93.15 17.44
N LYS RA 278 -59.82 92.02 18.05
CA LYS RA 278 -60.90 91.13 17.55
C LYS RA 278 -62.30 91.74 17.79
N SER RA 279 -62.40 92.70 18.70
CA SER RA 279 -63.54 93.62 18.90
C SER RA 279 -63.04 95.01 19.30
N THR RA 280 -63.81 96.06 19.04
CA THR RA 280 -63.35 97.46 19.12
C THR RA 280 -64.40 98.40 19.73
N ASP RA 281 -64.94 98.02 20.88
CA ASP RA 281 -65.89 98.85 21.65
C ASP RA 281 -65.18 100.04 22.32
N GLU RA 282 -65.73 101.25 22.20
CA GLU RA 282 -65.04 102.51 22.56
C GLU RA 282 -64.65 102.58 24.05
N GLU RA 283 -65.56 102.19 24.96
CA GLU RA 283 -65.30 102.21 26.41
C GLU RA 283 -64.28 101.14 26.82
N VAL RA 284 -64.31 99.97 26.17
CA VAL RA 284 -63.29 98.93 26.37
C VAL RA 284 -61.92 99.41 25.91
N LEU RA 285 -61.84 100.07 24.75
CA LEU RA 285 -60.59 100.66 24.26
C LEU RA 285 -60.05 101.73 25.22
N GLU RA 286 -60.89 102.65 25.69
CA GLU RA 286 -60.46 103.67 26.66
C GLU RA 286 -60.01 103.05 28.00
N GLU RA 287 -60.78 102.10 28.56
CA GLU RA 287 -60.41 101.46 29.81
C GLU RA 287 -59.17 100.56 29.66
N VAL RA 288 -58.98 99.87 28.53
CA VAL RA 288 -57.76 99.08 28.28
C VAL RA 288 -56.54 99.99 28.11
N LYS RA 289 -56.70 101.11 27.39
CA LYS RA 289 -55.65 102.15 27.27
C LYS RA 289 -55.26 102.67 28.66
N GLU RA 290 -56.23 103.03 29.48
CA GLU RA 290 -55.99 103.46 30.85
C GLU RA 290 -55.41 102.35 31.74
N ALA RA 291 -55.87 101.10 31.61
CA ALA RA 291 -55.31 99.98 32.36
C ALA RA 291 -53.83 99.76 32.03
N LEU RA 292 -53.44 99.85 30.76
CA LEU RA 292 -52.04 99.80 30.37
C LEU RA 292 -51.26 101.02 30.88
N ARG RA 293 -51.84 102.22 30.89
CA ARG RA 293 -51.20 103.39 31.51
C ARG RA 293 -50.95 103.14 33.01
N ARG RA 294 -51.97 102.68 33.74
CA ARG RA 294 -51.84 102.30 35.17
C ARG RA 294 -50.75 101.23 35.35
N ALA RA 295 -50.67 100.25 34.46
CA ALA RA 295 -49.66 99.19 34.50
C ALA RA 295 -48.24 99.67 34.21
N LYS RA 296 -48.05 100.66 33.32
CA LYS RA 296 -46.73 101.31 33.10
C LYS RA 296 -46.33 102.25 34.24
N GLU RA 297 -47.29 102.92 34.87
CA GLU RA 297 -47.04 103.80 36.02
C GLU RA 297 -46.74 103.02 37.32
N SER RA 298 -47.43 101.90 37.55
CA SER RA 298 -47.20 101.00 38.69
C SER RA 298 -45.99 100.06 38.44
N THR RA 299 -45.57 99.35 39.50
CA THR RA 299 -44.47 98.36 39.49
C THR RA 299 -44.88 97.00 40.09
N ASP RA 300 -46.09 96.87 40.64
CA ASP RA 300 -46.58 95.64 41.27
C ASP RA 300 -47.21 94.70 40.23
N GLU RA 301 -46.53 93.61 39.91
CA GLU RA 301 -47.02 92.64 38.91
C GLU RA 301 -48.30 91.92 39.35
N GLU RA 302 -48.58 91.76 40.65
CA GLU RA 302 -49.84 91.19 41.12
C GLU RA 302 -51.00 92.20 40.98
N GLU RA 303 -50.74 93.50 41.17
CA GLU RA 303 -51.70 94.55 40.83
C GLU RA 303 -51.98 94.56 39.32
N ILE RA 304 -50.94 94.48 38.49
CA ILE RA 304 -51.08 94.41 37.03
C ILE RA 304 -51.89 93.16 36.61
N LYS RA 305 -51.62 91.98 37.19
CA LYS RA 305 -52.41 90.77 36.89
C LYS RA 305 -53.90 90.99 37.17
N GLU RA 306 -54.27 91.48 38.35
CA GLU RA 306 -55.68 91.76 38.64
C GLU RA 306 -56.26 92.85 37.73
N GLU RA 307 -55.51 93.93 37.49
CA GLU RA 307 -55.96 95.05 36.67
C GLU RA 307 -56.30 94.60 35.24
N LEU RA 308 -55.45 93.76 34.65
CA LEU RA 308 -55.71 93.19 33.32
C LEU RA 308 -56.75 92.06 33.37
N ARG RA 309 -56.75 91.20 34.40
CA ARG RA 309 -57.74 90.11 34.54
C ARG RA 309 -59.17 90.62 34.54
N LYS RA 310 -59.44 91.75 35.22
CA LYS RA 310 -60.77 92.40 35.24
C LYS RA 310 -61.28 92.73 33.84
N ALA RA 311 -60.41 93.09 32.91
CA ALA RA 311 -60.77 93.24 31.50
C ALA RA 311 -60.84 91.87 30.79
N VAL RA 312 -59.81 91.04 30.93
CA VAL RA 312 -59.64 89.79 30.17
C VAL RA 312 -60.73 88.74 30.45
N GLU RA 313 -61.31 88.70 31.66
CA GLU RA 313 -62.45 87.81 31.95
C GLU RA 313 -63.82 88.33 31.43
N GLU RA 314 -63.92 89.61 31.03
CA GLU RA 314 -65.18 90.24 30.60
C GLU RA 314 -65.25 90.50 29.07
N ALA RA 315 -64.11 90.76 28.43
CA ALA RA 315 -64.01 91.16 27.02
C ALA RA 315 -64.13 90.02 25.98
N GLU RA 316 -64.27 88.75 26.41
CA GLU RA 316 -64.35 87.56 25.53
C GLU RA 316 -65.62 87.50 24.64
N CYS SA 3 -41.05 59.12 -66.91
CA CYS SA 3 -40.13 58.31 -66.07
C CYS SA 3 -40.81 57.10 -65.40
N ASP SA 4 -41.93 57.28 -64.68
CA ASP SA 4 -42.45 56.28 -63.73
C ASP SA 4 -42.74 54.89 -64.31
N ALA SA 5 -42.99 54.75 -65.62
CA ALA SA 5 -43.12 53.44 -66.25
C ALA SA 5 -41.86 52.55 -66.02
N ILE SA 6 -40.68 53.16 -65.96
CA ILE SA 6 -39.43 52.46 -65.67
C ILE SA 6 -39.41 52.03 -64.19
N GLN SA 7 -39.94 52.86 -63.27
CA GLN SA 7 -40.03 52.50 -61.86
C GLN SA 7 -41.00 51.32 -61.63
N ALA SA 8 -42.09 51.26 -62.39
CA ALA SA 8 -42.98 50.10 -62.40
C ALA SA 8 -42.25 48.84 -62.86
N ALA SA 9 -41.44 48.92 -63.93
CA ALA SA 9 -40.58 47.81 -64.34
C ALA SA 9 -39.55 47.46 -63.26
N ALA SA 10 -38.99 48.45 -62.56
CA ALA SA 10 -38.05 48.20 -61.46
C ALA SA 10 -38.69 47.42 -60.30
N ALA SA 11 -39.97 47.66 -59.99
CA ALA SA 11 -40.68 46.81 -59.03
C ALA SA 11 -40.74 45.33 -59.48
N LEU SA 12 -40.97 45.07 -60.78
CA LEU SA 12 -40.94 43.71 -61.33
C LEU SA 12 -39.51 43.12 -61.35
N GLY SA 13 -38.49 43.95 -61.57
CA GLY SA 13 -37.09 43.56 -61.44
C GLY SA 13 -36.71 43.15 -60.02
N GLU SA 14 -37.15 43.92 -59.01
CA GLU SA 14 -36.96 43.56 -57.60
C GLU SA 14 -37.76 42.30 -57.19
N ALA SA 15 -38.92 42.06 -57.82
CA ALA SA 15 -39.66 40.80 -57.69
C ALA SA 15 -38.97 39.60 -58.39
N GLY SA 16 -37.90 39.83 -59.15
CA GLY SA 16 -37.11 38.78 -59.79
C GLY SA 16 -37.68 38.28 -61.13
N ILE SA 17 -38.63 39.00 -61.72
CA ILE SA 17 -39.23 38.65 -63.01
C ILE SA 17 -38.20 38.83 -64.14
N SER SA 18 -38.04 37.85 -65.02
CA SER SA 18 -37.04 37.91 -66.10
C SER SA 18 -37.42 38.94 -67.17
N SER SA 19 -36.45 39.44 -67.95
CA SER SA 19 -36.68 40.50 -68.94
C SER SA 19 -37.73 40.14 -70.00
N ASN SA 20 -37.71 38.94 -70.59
CA ASN SA 20 -38.75 38.51 -71.54
C ASN SA 20 -40.14 38.40 -70.87
N GLU SA 21 -40.22 38.03 -69.58
CA GLU SA 21 -41.49 38.03 -68.85
C GLU SA 21 -41.98 39.45 -68.56
N ILE SA 22 -41.11 40.39 -68.16
CA ILE SA 22 -41.49 41.79 -68.01
C ILE SA 22 -41.99 42.32 -69.36
N LEU SA 23 -41.28 42.05 -70.46
CA LEU SA 23 -41.71 42.48 -71.79
C LEU SA 23 -43.06 41.89 -72.18
N GLU SA 24 -43.33 40.63 -71.87
CA GLU SA 24 -44.63 40.01 -72.13
C GLU SA 24 -45.73 40.65 -71.26
N LEU SA 25 -45.47 40.88 -69.97
CA LEU SA 25 -46.39 41.57 -69.08
C LEU SA 25 -46.68 42.99 -69.58
N LEU SA 26 -45.65 43.68 -70.07
CA LEU SA 26 -45.80 44.98 -70.69
C LEU SA 26 -46.60 44.89 -71.99
N ALA SA 27 -46.40 43.86 -72.83
CA ALA SA 27 -47.18 43.64 -74.05
C ALA SA 27 -48.67 43.46 -73.73
N ALA SA 28 -48.98 42.67 -72.71
CA ALA SA 28 -50.33 42.57 -72.19
C ALA SA 28 -50.82 43.93 -71.66
N ALA SA 29 -50.03 44.63 -70.84
CA ALA SA 29 -50.45 45.91 -70.27
C ALA SA 29 -50.80 46.94 -71.35
N ALA SA 30 -50.07 46.94 -72.46
CA ALA SA 30 -50.35 47.78 -73.63
C ALA SA 30 -51.65 47.35 -74.35
N GLU SA 31 -51.78 46.07 -74.71
CA GLU SA 31 -52.99 45.57 -75.39
C GLU SA 31 -54.25 45.79 -74.54
N LEU SA 32 -54.15 45.54 -73.24
CA LEU SA 32 -55.23 45.70 -72.28
C LEU SA 32 -55.40 47.17 -71.80
N GLY SA 33 -54.53 48.09 -72.23
CA GLY SA 33 -54.64 49.51 -71.93
C GLY SA 33 -54.54 49.87 -70.44
N LEU SA 34 -53.71 49.14 -69.69
CA LEU SA 34 -53.62 49.29 -68.24
C LEU SA 34 -53.01 50.63 -67.81
N ASP SA 35 -53.42 51.12 -66.64
CA ASP SA 35 -52.91 52.36 -66.03
C ASP SA 35 -51.86 52.05 -64.93
N PRO SA 36 -51.18 53.07 -64.37
CA PRO SA 36 -50.15 52.87 -63.34
C PRO SA 36 -50.63 52.09 -62.11
N ASP SA 37 -51.88 52.30 -61.67
CA ASP SA 37 -52.43 51.61 -60.50
C ASP SA 37 -52.71 50.13 -60.78
N ALA SA 38 -53.25 49.79 -61.95
CA ALA SA 38 -53.42 48.39 -62.37
C ALA SA 38 -52.05 47.69 -62.58
N ILE SA 39 -51.06 48.39 -63.13
CA ILE SA 39 -49.71 47.83 -63.30
C ILE SA 39 -48.99 47.70 -61.94
N GLN SA 40 -49.16 48.65 -61.03
CA GLN SA 40 -48.68 48.53 -59.65
C GLN SA 40 -49.32 47.33 -58.94
N ALA SA 41 -50.62 47.12 -59.12
CA ALA SA 41 -51.29 45.91 -58.63
C ALA SA 41 -50.69 44.64 -59.27
N ALA SA 42 -50.36 44.65 -60.56
CA ALA SA 42 -49.67 43.52 -61.20
C ALA SA 42 -48.30 43.26 -60.54
N ALA SA 43 -47.53 44.32 -60.25
CA ALA SA 43 -46.28 44.17 -59.50
C ALA SA 43 -46.51 43.61 -58.09
N GLN SA 44 -47.55 44.05 -57.38
CA GLN SA 44 -47.87 43.52 -56.06
C GLN SA 44 -48.37 42.07 -56.09
N LEU SA 45 -49.04 41.63 -57.16
CA LEU SA 45 -49.31 40.20 -57.39
C LEU SA 45 -48.01 39.41 -57.59
N GLY SA 46 -47.01 40.00 -58.25
CA GLY SA 46 -45.65 39.44 -58.33
C GLY SA 46 -44.97 39.34 -56.96
N GLU SA 47 -45.04 40.38 -56.13
CA GLU SA 47 -44.53 40.33 -54.75
C GLU SA 47 -45.29 39.33 -53.86
N ALA SA 48 -46.59 39.14 -54.10
CA ALA SA 48 -47.41 38.09 -53.49
C ALA SA 48 -47.07 36.67 -54.01
N GLY SA 49 -46.13 36.55 -54.96
CA GLY SA 49 -45.64 35.28 -55.48
C GLY SA 49 -46.56 34.61 -56.51
N ILE SA 50 -47.53 35.33 -57.05
CA ILE SA 50 -48.38 34.82 -58.14
C ILE SA 50 -47.51 34.62 -59.39
N SER SA 51 -47.67 33.49 -60.10
CA SER SA 51 -46.82 33.19 -61.26
C SER SA 51 -47.05 34.14 -62.43
N SER SA 52 -46.02 34.35 -63.25
CA SER SA 52 -46.06 35.34 -64.34
C SER SA 52 -47.21 35.09 -65.31
N GLU SA 53 -47.43 33.84 -65.72
CA GLU SA 53 -48.53 33.54 -66.63
C GLU SA 53 -49.90 33.60 -65.95
N GLU SA 54 -50.00 33.31 -64.65
CA GLU SA 54 -51.23 33.60 -63.91
C GLU SA 54 -51.51 35.10 -63.89
N ILE SA 55 -50.50 35.96 -63.76
CA ILE SA 55 -50.73 37.40 -63.85
C ILE SA 55 -51.26 37.74 -65.24
N LYS SA 56 -50.70 37.16 -66.31
CA LYS SA 56 -51.24 37.36 -67.67
C LYS SA 56 -52.71 36.93 -67.74
N GLU SA 57 -53.08 35.81 -67.14
CA GLU SA 57 -54.49 35.42 -67.03
C GLU SA 57 -55.30 36.42 -66.19
N LEU SA 58 -54.82 36.86 -65.03
CA LEU SA 58 -55.53 37.78 -64.15
C LEU SA 58 -55.83 39.09 -64.87
N LEU SA 59 -54.83 39.63 -65.57
CA LEU SA 59 -55.00 40.84 -66.35
C LEU SA 59 -55.96 40.62 -67.52
N ARG SA 60 -55.82 39.51 -68.27
CA ARG SA 60 -56.76 39.17 -69.36
C ARG SA 60 -58.18 39.13 -68.82
N ALA SA 61 -58.39 38.44 -67.72
CA ALA SA 61 -59.69 38.31 -67.09
C ALA SA 61 -60.22 39.66 -66.63
N ALA SA 62 -59.41 40.49 -65.96
CA ALA SA 62 -59.83 41.81 -65.53
C ALA SA 62 -60.36 42.65 -66.69
N HIS SA 63 -59.71 42.57 -67.86
CA HIS SA 63 -60.19 43.21 -69.08
C HIS SA 63 -61.46 42.57 -69.62
N GLU SA 64 -61.51 41.23 -69.77
CA GLU SA 64 -62.70 40.55 -70.28
C GLU SA 64 -63.93 40.72 -69.38
N LEU SA 65 -63.72 40.94 -68.09
CA LEU SA 65 -64.75 41.35 -67.12
C LEU SA 65 -65.08 42.84 -67.22
N GLY SA 66 -64.10 43.68 -67.54
CA GLY SA 66 -64.22 45.13 -67.45
C GLY SA 66 -64.11 45.63 -66.01
N LEU SA 67 -63.25 45.01 -65.19
CA LEU SA 67 -62.99 45.47 -63.83
C LEU SA 67 -62.37 46.86 -63.81
N ASP SA 68 -62.83 47.71 -62.89
CA ASP SA 68 -62.22 49.01 -62.65
C ASP SA 68 -60.88 48.88 -61.89
N PRO SA 69 -60.03 49.92 -61.90
CA PRO SA 69 -58.73 49.88 -61.23
C PRO SA 69 -58.79 49.59 -59.72
N ASP SA 70 -59.85 49.97 -59.00
CA ASP SA 70 -59.95 49.68 -57.58
C ASP SA 70 -60.26 48.19 -57.36
N ALA SA 71 -61.11 47.59 -58.20
CA ALA SA 71 -61.28 46.14 -58.21
C ALA SA 71 -59.96 45.43 -58.56
N ILE SA 72 -59.19 45.94 -59.52
CA ILE SA 72 -57.86 45.39 -59.81
C ILE SA 72 -56.93 45.58 -58.60
N ALA SA 73 -56.97 46.71 -57.89
CA ALA SA 73 -56.21 46.88 -56.67
C ALA SA 73 -56.62 45.88 -55.59
N ALA SA 74 -57.92 45.63 -55.44
CA ALA SA 74 -58.43 44.61 -54.53
C ALA SA 74 -57.93 43.20 -54.90
N ALA SA 75 -57.69 42.91 -56.19
CA ALA SA 75 -57.08 41.65 -56.60
C ALA SA 75 -55.68 41.47 -55.98
N ALA SA 76 -54.87 42.53 -55.96
CA ALA SA 76 -53.56 42.49 -55.28
C ALA SA 76 -53.71 42.33 -53.77
N ASP SA 77 -54.67 43.02 -53.13
CA ASP SA 77 -54.92 42.88 -51.69
C ASP SA 77 -55.36 41.46 -51.31
N LEU SA 78 -56.29 40.86 -52.07
CA LEU SA 78 -56.71 39.47 -51.90
C LEU SA 78 -55.54 38.50 -52.15
N GLY SA 79 -54.68 38.79 -53.13
CA GLY SA 79 -53.46 38.00 -53.38
C GLY SA 79 -52.49 38.04 -52.20
N GLN SA 80 -52.29 39.22 -51.59
CA GLN SA 80 -51.49 39.36 -50.37
C GLN SA 80 -52.14 38.68 -49.15
N ALA SA 81 -53.47 38.63 -49.09
CA ALA SA 81 -54.21 37.81 -48.13
C ALA SA 81 -54.11 36.28 -48.41
N GLY SA 82 -53.49 35.87 -49.51
CA GLY SA 82 -53.26 34.46 -49.87
C GLY SA 82 -54.43 33.79 -50.60
N VAL SA 83 -55.43 34.55 -51.04
CA VAL SA 83 -56.60 34.03 -51.79
C VAL SA 83 -56.16 33.57 -53.20
N SER SA 84 -56.73 32.49 -53.73
CA SER SA 84 -56.34 31.97 -55.05
C SER SA 84 -56.60 32.99 -56.16
N PRO SA 85 -55.76 32.96 -57.18
CA PRO SA 85 -55.98 33.68 -58.44
C PRO SA 85 -57.36 33.37 -59.01
N VAL SA 86 -57.80 32.12 -59.00
CA VAL SA 86 -59.16 31.79 -59.45
C VAL SA 86 -60.21 32.43 -58.54
N GLU SA 87 -60.05 32.27 -57.22
CA GLU SA 87 -61.02 32.77 -56.26
C GLU SA 87 -61.16 34.28 -56.35
N ILE SA 88 -60.06 34.99 -56.55
CA ILE SA 88 -60.07 36.41 -56.82
C ILE SA 88 -60.99 36.71 -58.00
N LEU SA 89 -60.77 36.04 -59.14
CA LEU SA 89 -61.55 36.33 -60.33
C LEU SA 89 -63.03 36.05 -60.10
N ALA SA 90 -63.35 34.94 -59.45
CA ALA SA 90 -64.73 34.64 -59.12
C ALA SA 90 -65.33 35.68 -58.18
N LEU SA 91 -64.63 36.05 -57.12
CA LEU SA 91 -65.13 37.03 -56.16
C LEU SA 91 -65.43 38.36 -56.87
N LEU SA 92 -64.49 38.82 -57.69
CA LEU SA 92 -64.66 40.07 -58.40
C LEU SA 92 -65.78 39.95 -59.45
N ILE SA 93 -65.85 38.84 -60.19
CA ILE SA 93 -66.94 38.59 -61.15
C ILE SA 93 -68.29 38.62 -60.43
N ALA SA 94 -68.38 37.92 -59.31
CA ALA SA 94 -69.61 37.86 -58.54
C ALA SA 94 -70.03 39.25 -58.10
N ALA SA 95 -69.12 40.00 -57.49
CA ALA SA 95 -69.43 41.35 -57.05
C ALA SA 95 -69.92 42.22 -58.21
N SER SA 96 -69.18 42.20 -59.32
CA SER SA 96 -69.50 42.93 -60.54
C SER SA 96 -70.87 42.55 -61.10
N VAL SA 97 -71.18 41.27 -61.22
CA VAL SA 97 -72.47 40.81 -61.74
C VAL SA 97 -73.63 41.07 -60.77
N LEU SA 98 -73.40 40.97 -59.47
CA LEU SA 98 -74.37 41.39 -58.44
C LEU SA 98 -74.52 42.91 -58.37
N GLY SA 99 -73.66 43.67 -59.05
CA GLY SA 99 -73.62 45.13 -58.98
C GLY SA 99 -73.01 45.69 -57.69
N LEU SA 100 -72.35 44.84 -56.89
CA LEU SA 100 -71.67 45.21 -55.66
C LEU SA 100 -70.44 46.07 -55.97
N ASP SA 101 -70.29 47.14 -55.20
CA ASP SA 101 -69.39 48.26 -55.50
C ASP SA 101 -67.97 48.06 -54.91
N PRO SA 102 -67.01 48.94 -55.21
CA PRO SA 102 -65.66 48.87 -54.66
C PRO SA 102 -65.58 48.84 -53.13
N ASP SA 103 -66.54 49.43 -52.41
CA ASP SA 103 -66.56 49.33 -50.94
C ASP SA 103 -66.99 47.92 -50.50
N ALA SA 104 -67.97 47.32 -51.15
CA ALA SA 104 -68.29 45.90 -50.93
C ALA SA 104 -67.11 45.00 -51.30
N ILE SA 105 -66.41 45.28 -52.39
CA ILE SA 105 -65.20 44.55 -52.77
C ILE SA 105 -64.08 44.76 -51.74
N GLN SA 106 -63.92 45.97 -51.21
CA GLN SA 106 -62.98 46.23 -50.12
C GLN SA 106 -63.33 45.41 -48.88
N ALA SA 107 -64.61 45.33 -48.52
CA ALA SA 107 -65.06 44.45 -47.44
C ALA SA 107 -64.78 42.97 -47.76
N ALA SA 108 -64.91 42.54 -49.03
CA ALA SA 108 -64.52 41.20 -49.43
C ALA SA 108 -63.01 40.96 -49.24
N ALA SA 109 -62.16 41.95 -49.53
CA ALA SA 109 -60.75 41.87 -49.22
C ALA SA 109 -60.52 41.70 -47.70
N ALA SA 110 -61.24 42.45 -46.88
CA ALA SA 110 -61.17 42.29 -45.42
C ALA SA 110 -61.64 40.89 -44.95
N LEU SA 111 -62.69 40.32 -45.55
CA LEU SA 111 -63.14 38.95 -45.27
C LEU SA 111 -62.09 37.91 -45.67
N GLY SA 112 -61.36 38.15 -46.77
CA GLY SA 112 -60.20 37.36 -47.17
C GLY SA 112 -59.08 37.44 -46.15
N GLU SA 113 -58.77 38.64 -45.64
CA GLU SA 113 -57.77 38.82 -44.57
C GLU SA 113 -58.20 38.17 -43.24
N ALA SA 114 -59.51 38.12 -42.95
CA ALA SA 114 -60.07 37.35 -41.83
C ALA SA 114 -60.08 35.83 -42.09
N GLY SA 115 -59.71 35.38 -43.29
CA GLY SA 115 -59.60 33.96 -43.63
C GLY SA 115 -60.94 33.25 -43.88
N ILE SA 116 -62.01 34.02 -44.11
CA ILE SA 116 -63.34 33.44 -44.38
C ILE SA 116 -63.32 32.63 -45.69
N SER SA 117 -64.01 31.48 -45.73
CA SER SA 117 -64.06 30.65 -46.94
C SER SA 117 -64.77 31.39 -48.08
N ALA SA 118 -64.24 31.28 -49.29
CA ALA SA 118 -64.73 32.08 -50.42
C ALA SA 118 -66.21 31.80 -50.73
N GLU SA 119 -66.67 30.56 -50.59
CA GLU SA 119 -68.09 30.25 -50.71
C GLU SA 119 -68.93 30.99 -49.66
N GLU SA 120 -68.49 31.03 -48.40
CA GLU SA 120 -69.20 31.79 -47.37
C GLU SA 120 -69.18 33.29 -47.65
N ILE SA 121 -68.08 33.85 -48.18
CA ILE SA 121 -68.06 35.25 -48.62
C ILE SA 121 -69.15 35.46 -49.68
N ILE SA 122 -69.19 34.59 -50.70
CA ILE SA 122 -70.16 34.71 -51.77
C ILE SA 122 -71.59 34.58 -51.25
N GLU SA 123 -71.88 33.61 -50.40
CA GLU SA 123 -73.21 33.45 -49.82
C GLU SA 123 -73.59 34.65 -48.95
N LEU SA 124 -72.67 35.17 -48.13
CA LEU SA 124 -72.91 36.37 -47.33
C LEU SA 124 -73.18 37.59 -48.21
N LEU SA 125 -72.39 37.78 -49.26
CA LEU SA 125 -72.64 38.86 -50.22
C LEU SA 125 -73.98 38.67 -50.93
N THR SA 126 -74.34 37.44 -51.31
CA THR SA 126 -75.66 37.13 -51.89
C THR SA 126 -76.76 37.48 -50.91
N ALA SA 127 -76.63 37.09 -49.65
CA ALA SA 127 -77.62 37.42 -48.64
C ALA SA 127 -77.75 38.94 -48.46
N ALA SA 128 -76.63 39.68 -48.38
CA ALA SA 128 -76.68 41.14 -48.28
C ALA SA 128 -77.36 41.80 -49.49
N ARG SA 129 -77.10 41.27 -50.69
CA ARG SA 129 -77.76 41.70 -51.92
C ARG SA 129 -79.27 41.43 -51.87
N ASP SA 130 -79.70 40.20 -51.54
CA ASP SA 130 -81.12 39.83 -51.46
C ASP SA 130 -81.87 40.58 -50.34
N LEU SA 131 -81.22 40.82 -49.20
CA LEU SA 131 -81.76 41.60 -48.09
C LEU SA 131 -81.75 43.12 -48.35
N GLY SA 132 -81.14 43.59 -49.44
CA GLY SA 132 -81.08 45.02 -49.76
C GLY SA 132 -80.28 45.83 -48.75
N LEU SA 133 -79.22 45.25 -48.19
CA LEU SA 133 -78.33 45.92 -47.23
C LEU SA 133 -77.28 46.79 -47.96
N ASP SA 134 -76.26 47.22 -47.24
CA ASP SA 134 -75.27 48.21 -47.69
C ASP SA 134 -73.83 47.82 -47.28
N PRO SA 135 -72.80 48.45 -47.87
CA PRO SA 135 -71.41 48.17 -47.52
C PRO SA 135 -71.10 48.29 -46.03
N ASP SA 136 -71.81 49.15 -45.28
CA ASP SA 136 -71.67 49.22 -43.83
C ASP SA 136 -72.15 47.92 -43.14
N ALA SA 137 -73.30 47.38 -43.52
CA ALA SA 137 -73.74 46.09 -43.00
C ALA SA 137 -72.74 44.97 -43.36
N ILE SA 138 -72.20 44.98 -44.59
CA ILE SA 138 -71.18 44.00 -45.01
C ILE SA 138 -69.90 44.18 -44.19
N GLN SA 139 -69.43 45.41 -43.96
CA GLN SA 139 -68.27 45.72 -43.13
C GLN SA 139 -68.49 45.25 -41.69
N ALA SA 140 -69.69 45.43 -41.14
CA ALA SA 140 -70.03 44.90 -39.83
C ALA SA 140 -70.07 43.36 -39.83
N ALA SA 141 -70.54 42.72 -40.90
CA ALA SA 141 -70.43 41.26 -41.04
C ALA SA 141 -68.96 40.81 -41.07
N ALA SA 142 -68.06 41.57 -41.70
CA ALA SA 142 -66.63 41.31 -41.63
C ALA SA 142 -66.08 41.42 -40.18
N GLN SA 143 -66.57 42.39 -39.38
CA GLN SA 143 -66.24 42.44 -37.96
C GLN SA 143 -66.79 41.24 -37.18
N LEU SA 144 -68.00 40.75 -37.48
CA LEU SA 144 -68.49 39.50 -36.89
C LEU SA 144 -67.60 38.31 -37.28
N GLY SA 145 -67.03 38.33 -38.49
CA GLY SA 145 -66.02 37.38 -38.93
C GLY SA 145 -64.70 37.50 -38.15
N GLU SA 146 -64.24 38.73 -37.86
CA GLU SA 146 -63.09 38.94 -36.97
C GLU SA 146 -63.37 38.44 -35.54
N ALA SA 147 -64.61 38.57 -35.08
CA ALA SA 147 -65.09 37.98 -33.83
C ALA SA 147 -65.31 36.44 -33.91
N GLY SA 148 -65.12 35.83 -35.08
CA GLY SA 148 -65.19 34.39 -35.29
C GLY SA 148 -66.60 33.80 -35.33
N ILE SA 149 -67.64 34.63 -35.48
CA ILE SA 149 -69.03 34.18 -35.51
C ILE SA 149 -69.29 33.31 -36.76
N SER SA 150 -69.99 32.19 -36.61
CA SER SA 150 -70.27 31.31 -37.75
C SER SA 150 -71.20 31.97 -38.78
N SER SA 151 -71.14 31.57 -40.04
CA SER SA 151 -71.87 32.24 -41.12
C SER SA 151 -73.38 32.19 -40.94
N GLU SA 152 -73.95 31.07 -40.48
CA GLU SA 152 -75.37 31.01 -40.12
C GLU SA 152 -75.72 32.00 -38.99
N GLU SA 153 -74.87 32.10 -37.97
CA GLU SA 153 -75.10 33.05 -36.87
C GLU SA 153 -75.01 34.50 -37.34
N ILE SA 154 -74.10 34.82 -38.27
CA ILE SA 154 -74.11 36.13 -38.93
C ILE SA 154 -75.46 36.34 -39.63
N LYS SA 155 -75.96 35.36 -40.38
CA LYS SA 155 -77.24 35.50 -41.07
C LYS SA 155 -78.41 35.68 -40.09
N GLU SA 156 -78.41 35.00 -38.95
CA GLU SA 156 -79.39 35.26 -37.89
C GLU SA 156 -79.25 36.68 -37.34
N LEU SA 157 -78.03 37.14 -37.03
CA LEU SA 157 -77.81 38.50 -36.54
C LEU SA 157 -78.24 39.55 -37.56
N LEU SA 158 -78.02 39.29 -38.84
CA LEU SA 158 -78.52 40.16 -39.91
C LEU SA 158 -80.04 40.12 -39.98
N ARG SA 159 -80.72 38.96 -39.88
CA ARG SA 159 -82.18 38.92 -39.84
C ARG SA 159 -82.72 39.71 -38.65
N ALA SA 160 -82.08 39.55 -37.49
CA ALA SA 160 -82.43 40.33 -36.32
C ALA SA 160 -82.25 41.84 -36.59
N ALA SA 161 -81.07 42.28 -37.02
CA ALA SA 161 -80.81 43.69 -37.30
C ALA SA 161 -81.77 44.27 -38.35
N HIS SA 162 -82.13 43.48 -39.36
CA HIS SA 162 -83.13 43.81 -40.37
C HIS SA 162 -84.52 44.04 -39.76
N GLU SA 163 -85.07 43.05 -39.06
CA GLU SA 163 -86.42 43.16 -38.49
C GLU SA 163 -86.49 44.22 -37.37
N LEU SA 164 -85.42 44.41 -36.62
CA LEU SA 164 -85.33 45.37 -35.52
C LEU SA 164 -84.93 46.79 -35.96
N GLY SA 165 -84.44 46.97 -37.18
CA GLY SA 165 -83.93 48.25 -37.66
C GLY SA 165 -82.70 48.76 -36.90
N LEU SA 166 -81.82 47.86 -36.43
CA LEU SA 166 -80.61 48.24 -35.71
C LEU SA 166 -79.62 48.99 -36.61
N ASP SA 167 -78.86 49.92 -36.04
CA ASP SA 167 -77.77 50.59 -36.75
C ASP SA 167 -76.48 49.73 -36.84
N PRO SA 168 -75.59 49.97 -37.83
CA PRO SA 168 -74.34 49.23 -37.96
C PRO SA 168 -73.43 49.28 -36.74
N ASP SA 169 -73.43 50.38 -35.96
CA ASP SA 169 -72.60 50.47 -34.76
C ASP SA 169 -73.06 49.46 -33.69
N CYS SA 170 -74.36 49.17 -33.60
CA CYS SA 170 -74.87 48.08 -32.76
C CYS SA 170 -74.34 46.72 -33.24
N ILE SA 171 -74.22 46.50 -34.55
CA ILE SA 171 -73.59 45.28 -35.08
C ILE SA 171 -72.08 45.27 -34.77
N ALA SA 172 -71.40 46.42 -34.79
CA ALA SA 172 -70.00 46.51 -34.39
C ALA SA 172 -69.81 46.15 -32.90
N ALA SA 173 -70.67 46.67 -32.03
CA ALA SA 173 -70.68 46.30 -30.62
C ALA SA 173 -71.08 44.82 -30.41
N ALA SA 174 -71.93 44.24 -31.26
CA ALA SA 174 -72.20 42.81 -31.23
C ALA SA 174 -70.94 41.99 -31.53
N ALA SA 175 -70.09 42.43 -32.47
CA ALA SA 175 -68.77 41.82 -32.68
C ALA SA 175 -67.85 41.98 -31.45
N ASP SA 176 -67.88 43.13 -30.77
CA ASP SA 176 -67.15 43.29 -29.50
C ASP SA 176 -67.66 42.36 -28.39
N LEU SA 177 -68.98 42.15 -28.27
CA LEU SA 177 -69.54 41.13 -27.37
C LEU SA 177 -69.15 39.70 -27.79
N GLY SA 178 -68.97 39.46 -29.08
CA GLY SA 178 -68.38 38.22 -29.60
C GLY SA 178 -66.92 38.04 -29.16
N GLN SA 179 -66.11 39.10 -29.19
CA GLN SA 179 -64.75 39.07 -28.64
C GLN SA 179 -64.74 38.92 -27.10
N ALA SA 180 -65.77 39.41 -26.41
CA ALA SA 180 -66.03 39.13 -24.99
C ALA SA 180 -66.55 37.68 -24.74
N GLY SA 181 -66.78 36.89 -25.78
CA GLY SA 181 -67.15 35.47 -25.68
C GLY SA 181 -68.64 35.19 -25.41
N ILE SA 182 -69.51 36.20 -25.52
CA ILE SA 182 -70.94 36.06 -25.24
C ILE SA 182 -71.63 35.25 -26.35
N SER SA 183 -72.56 34.35 -26.02
CA SER SA 183 -73.25 33.51 -27.02
C SER SA 183 -74.20 34.32 -27.91
N SER SA 184 -74.46 33.86 -29.13
CA SER SA 184 -75.28 34.60 -30.12
C SER SA 184 -76.72 34.85 -29.65
N SER SA 185 -77.33 33.91 -28.91
CA SER SA 185 -78.62 34.14 -28.23
C SER SA 185 -78.52 35.28 -27.20
N GLU SA 186 -77.50 35.26 -26.35
CA GLU SA 186 -77.31 36.28 -25.31
C GLU SA 186 -76.96 37.65 -25.91
N ILE SA 187 -76.14 37.70 -26.97
CA ILE SA 187 -75.91 38.93 -27.73
C ILE SA 187 -77.23 39.45 -28.30
N THR SA 188 -78.07 38.58 -28.85
CA THR SA 188 -79.38 38.97 -29.38
C THR SA 188 -80.25 39.56 -28.28
N ALA SA 189 -80.33 38.92 -27.11
CA ALA SA 189 -81.05 39.46 -25.97
C ALA SA 189 -80.49 40.82 -25.53
N LEU SA 190 -79.16 40.97 -25.44
CA LEU SA 190 -78.51 42.23 -25.09
C LEU SA 190 -78.84 43.32 -26.11
N LEU SA 191 -78.79 43.02 -27.41
CA LEU SA 191 -79.23 43.94 -28.45
C LEU SA 191 -80.69 44.34 -28.25
N LEU SA 192 -81.59 43.38 -28.07
CA LEU SA 192 -83.02 43.65 -27.91
C LEU SA 192 -83.30 44.53 -26.69
N ALA SA 193 -82.77 44.15 -25.53
CA ALA SA 193 -82.94 44.90 -24.29
C ALA SA 193 -82.38 46.33 -24.41
N ALA SA 194 -81.14 46.47 -24.87
CA ALA SA 194 -80.51 47.77 -25.00
C ALA SA 194 -81.26 48.65 -26.01
N ALA SA 195 -81.65 48.11 -27.17
CA ALA SA 195 -82.43 48.85 -28.15
C ALA SA 195 -83.78 49.32 -27.58
N ALA SA 196 -84.51 48.45 -26.88
CA ALA SA 196 -85.76 48.85 -26.23
C ALA SA 196 -85.55 49.98 -25.23
N ILE SA 197 -84.48 49.91 -24.44
CA ILE SA 197 -84.16 50.93 -23.43
C ILE SA 197 -83.70 52.23 -24.09
N GLU SA 198 -82.91 52.17 -25.17
CA GLU SA 198 -82.53 53.36 -25.92
C GLU SA 198 -83.78 54.06 -26.52
N LEU SA 199 -84.66 53.29 -27.14
CA LEU SA 199 -85.92 53.79 -27.68
C LEU SA 199 -86.80 54.39 -26.56
N ALA SA 200 -86.86 53.73 -25.40
CA ALA SA 200 -87.54 54.23 -24.21
C ALA SA 200 -86.90 55.50 -23.60
N LYS SA 201 -85.76 55.97 -24.11
CA LYS SA 201 -85.19 57.30 -23.85
C LYS SA 201 -85.48 58.29 -24.98
N ARG SA 202 -85.55 57.83 -26.23
CA ARG SA 202 -85.97 58.67 -27.38
C ARG SA 202 -87.43 59.14 -27.23
N ALA SA 203 -88.32 58.24 -26.82
CA ALA SA 203 -89.68 58.52 -26.37
C ALA SA 203 -89.97 57.68 -25.12
N ASP SA 204 -90.53 58.29 -24.07
CA ASP SA 204 -90.29 57.83 -22.69
C ASP SA 204 -91.55 57.58 -21.83
N ASP SA 205 -92.74 57.56 -22.45
CA ASP SA 205 -94.03 57.66 -21.76
C ASP SA 205 -94.30 56.57 -20.70
N LYS SA 206 -95.21 56.84 -19.76
CA LYS SA 206 -95.53 55.97 -18.61
C LYS SA 206 -95.87 54.53 -19.01
N ASP SA 207 -96.58 54.32 -20.10
CA ASP SA 207 -96.91 52.98 -20.59
C ASP SA 207 -95.69 52.26 -21.18
N VAL SA 208 -94.79 52.98 -21.86
CA VAL SA 208 -93.48 52.44 -22.28
C VAL SA 208 -92.65 52.08 -21.05
N ARG SA 209 -92.63 52.95 -20.02
CA ARG SA 209 -91.94 52.70 -18.76
C ARG SA 209 -92.40 51.38 -18.12
N GLU SA 210 -93.72 51.20 -17.99
CA GLU SA 210 -94.31 49.98 -17.43
C GLU SA 210 -94.05 48.75 -18.31
N ILE SA 211 -94.26 48.85 -19.63
CA ILE SA 211 -94.04 47.72 -20.56
C ILE SA 211 -92.58 47.28 -20.51
N VAL SA 212 -91.62 48.20 -20.62
CA VAL SA 212 -90.20 47.85 -20.60
C VAL SA 212 -89.84 47.24 -19.25
N ARG SA 213 -90.30 47.81 -18.13
CA ARG SA 213 -90.04 47.24 -16.80
C ARG SA 213 -90.58 45.82 -16.70
N ASP SA 214 -91.84 45.60 -17.09
CA ASP SA 214 -92.45 44.27 -17.08
C ASP SA 214 -91.71 43.30 -18.00
N ALA SA 215 -91.32 43.73 -19.20
CA ALA SA 215 -90.61 42.88 -20.14
C ALA SA 215 -89.22 42.48 -19.61
N LEU SA 216 -88.43 43.45 -19.14
CA LEU SA 216 -87.08 43.18 -18.64
C LEU SA 216 -87.16 42.32 -17.37
N GLU SA 217 -88.13 42.56 -16.49
CA GLU SA 217 -88.37 41.68 -15.34
C GLU SA 217 -88.73 40.26 -15.79
N LEU SA 218 -89.73 40.11 -16.67
CA LEU SA 218 -90.16 38.80 -17.16
C LEU SA 218 -88.98 38.05 -17.81
N ALA SA 219 -88.20 38.74 -18.64
CA ALA SA 219 -87.00 38.18 -19.26
C ALA SA 219 -85.95 37.75 -18.23
N SER SA 220 -85.76 38.53 -17.16
CA SER SA 220 -84.81 38.19 -16.09
C SER SA 220 -85.29 37.02 -15.24
N ARG SA 221 -86.61 36.89 -15.02
CA ARG SA 221 -87.22 35.79 -14.28
C ARG SA 221 -87.31 34.49 -15.09
N SER SA 222 -87.51 34.59 -16.40
CA SER SA 222 -87.58 33.45 -17.32
C SER SA 222 -86.24 32.72 -17.50
N THR SA 223 -86.28 31.48 -17.99
CA THR SA 223 -85.10 30.69 -18.38
C THR SA 223 -85.22 30.11 -19.81
N ASN SA 224 -86.13 30.66 -20.63
CA ASN SA 224 -86.42 30.20 -21.98
C ASN SA 224 -86.05 31.30 -23.01
N ASP SA 225 -85.07 31.04 -23.89
CA ASP SA 225 -84.56 32.13 -24.74
C ASP SA 225 -85.56 32.58 -25.82
N GLU SA 226 -86.50 31.72 -26.23
CA GLU SA 226 -87.58 32.09 -27.16
C GLU SA 226 -88.55 33.06 -26.48
N VAL SA 227 -88.95 32.77 -25.24
CA VAL SA 227 -89.77 33.69 -24.43
C VAL SA 227 -89.03 34.99 -24.21
N ILE SA 228 -87.75 34.94 -23.86
CA ILE SA 228 -86.92 36.14 -23.64
C ILE SA 228 -86.85 36.98 -24.92
N ARG SA 229 -86.51 36.37 -26.05
CA ARG SA 229 -86.45 37.08 -27.33
C ARG SA 229 -87.82 37.63 -27.72
N LEU SA 230 -88.90 36.88 -27.53
CA LEU SA 230 -90.26 37.38 -27.76
C LEU SA 230 -90.59 38.60 -26.89
N ALA SA 231 -90.29 38.55 -25.59
CA ALA SA 231 -90.58 39.64 -24.67
C ALA SA 231 -89.76 40.89 -25.02
N LEU SA 232 -88.46 40.74 -25.29
CA LEU SA 232 -87.59 41.86 -25.59
C LEU SA 232 -87.85 42.42 -27.01
N GLU SA 233 -88.23 41.60 -27.98
CA GLU SA 233 -88.74 42.08 -29.27
C GLU SA 233 -90.05 42.84 -29.12
N ALA SA 234 -90.99 42.34 -28.32
CA ALA SA 234 -92.21 43.08 -28.01
C ALA SA 234 -91.89 44.43 -27.35
N ALA SA 235 -90.91 44.48 -26.44
CA ALA SA 235 -90.44 45.74 -25.84
C ALA SA 235 -89.83 46.68 -26.89
N VAL SA 236 -89.03 46.18 -27.84
CA VAL SA 236 -88.54 46.99 -28.97
C VAL SA 236 -89.70 47.54 -29.80
N LEU SA 237 -90.63 46.67 -30.21
CA LEU SA 237 -91.78 47.08 -31.03
C LEU SA 237 -92.67 48.09 -30.30
N ALA SA 238 -92.94 47.89 -29.01
CA ALA SA 238 -93.69 48.85 -28.20
C ALA SA 238 -92.96 50.20 -28.09
N ALA SA 239 -91.62 50.20 -27.95
CA ALA SA 239 -90.84 51.43 -27.86
C ALA SA 239 -90.63 52.11 -29.24
N ARG SA 240 -90.69 51.37 -30.36
CA ARG SA 240 -90.81 51.93 -31.73
C ARG SA 240 -92.21 52.46 -32.03
N SER SA 241 -93.25 51.84 -31.48
CA SER SA 241 -94.64 52.24 -31.66
C SER SA 241 -94.98 53.56 -30.94
N THR SA 242 -96.07 54.18 -31.35
CA THR SA 242 -96.72 55.30 -30.65
C THR SA 242 -98.23 55.04 -30.46
N ASP SA 243 -98.68 53.79 -30.58
CA ASP SA 243 -100.09 53.43 -30.67
C ASP SA 243 -100.60 52.82 -29.36
N SER SA 244 -101.62 53.45 -28.77
CA SER SA 244 -102.25 53.01 -27.53
C SER SA 244 -102.81 51.59 -27.62
N ASP SA 245 -103.27 51.14 -28.79
CA ASP SA 245 -103.72 49.75 -28.95
C ASP SA 245 -102.54 48.77 -28.79
N VAL SA 246 -101.39 49.09 -29.40
CA VAL SA 246 -100.18 48.27 -29.24
C VAL SA 246 -99.71 48.30 -27.79
N LEU SA 247 -99.72 49.47 -27.16
CA LEU SA 247 -99.36 49.58 -25.74
C LEU SA 247 -100.31 48.74 -24.87
N GLU SA 248 -101.63 48.83 -25.05
CA GLU SA 248 -102.59 48.04 -24.29
C GLU SA 248 -102.44 46.53 -24.53
N ILE SA 249 -102.32 46.10 -25.79
CA ILE SA 249 -102.16 44.69 -26.15
C ILE SA 249 -100.85 44.12 -25.56
N VAL SA 250 -99.73 44.83 -25.72
CA VAL SA 250 -98.44 44.39 -25.15
C VAL SA 250 -98.50 44.36 -23.63
N LYS SA 251 -99.07 45.38 -22.97
CA LYS SA 251 -99.16 45.40 -21.51
C LYS SA 251 -100.11 44.31 -20.98
N ASP SA 252 -101.22 44.04 -21.67
CA ASP SA 252 -102.10 42.91 -21.35
C ASP SA 252 -101.39 41.56 -21.53
N ALA SA 253 -100.59 41.39 -22.58
CA ALA SA 253 -99.82 40.16 -22.79
C ALA SA 253 -98.79 39.93 -21.67
N LEU SA 254 -98.05 40.97 -21.27
CA LEU SA 254 -97.09 40.90 -20.17
C LEU SA 254 -97.80 40.69 -18.82
N GLU SA 255 -98.97 41.31 -18.62
CA GLU SA 255 -99.81 41.07 -17.45
C GLU SA 255 -100.25 39.61 -17.39
N LEU SA 256 -100.79 39.06 -18.48
CA LEU SA 256 -101.15 37.65 -18.54
C LEU SA 256 -99.94 36.74 -18.27
N ALA SA 257 -98.75 37.10 -18.75
CA ALA SA 257 -97.51 36.38 -18.46
C ALA SA 257 -97.05 36.49 -16.99
N LYS SA 258 -97.53 37.47 -16.23
CA LYS SA 258 -97.41 37.50 -14.77
C LYS SA 258 -98.55 36.73 -14.06
N GLN SA 259 -99.74 36.66 -14.66
CA GLN SA 259 -100.89 35.93 -14.10
C GLN SA 259 -100.76 34.40 -14.21
N SER SA 260 -100.15 33.87 -15.28
CA SER SA 260 -99.89 32.43 -15.46
C SER SA 260 -98.50 32.16 -16.05
N THR SA 261 -97.84 31.10 -15.58
CA THR SA 261 -96.45 30.75 -15.91
C THR SA 261 -96.29 29.82 -17.14
N ASN SA 262 -97.39 29.41 -17.78
CA ASN SA 262 -97.38 28.42 -18.87
C ASN SA 262 -96.62 28.93 -20.11
N GLU SA 263 -95.55 28.22 -20.52
CA GLU SA 263 -94.70 28.65 -21.65
C GLU SA 263 -95.48 28.85 -22.95
N GLU SA 264 -96.37 27.93 -23.30
CA GLU SA 264 -97.11 27.99 -24.56
C GLU SA 264 -98.09 29.17 -24.57
N VAL SA 265 -98.83 29.40 -23.47
CA VAL SA 265 -99.71 30.57 -23.36
C VAL SA 265 -98.88 31.85 -23.42
N ILE SA 266 -97.72 31.90 -22.75
CA ILE SA 266 -96.83 33.06 -22.81
C ILE SA 266 -96.35 33.30 -24.23
N LYS SA 267 -95.82 32.27 -24.93
CA LYS SA 267 -95.40 32.42 -26.32
C LYS SA 267 -96.56 32.86 -27.21
N LEU SA 268 -97.74 32.29 -27.04
CA LEU SA 268 -98.94 32.67 -27.78
C LEU SA 268 -99.32 34.14 -27.55
N ALA SA 269 -99.36 34.61 -26.30
CA ALA SA 269 -99.72 35.99 -25.99
C ALA SA 269 -98.67 36.99 -26.53
N LEU SA 270 -97.38 36.72 -26.30
CA LEU SA 270 -96.30 37.56 -26.81
C LEU SA 270 -96.28 37.57 -28.34
N LYS SA 271 -96.39 36.41 -29.01
CA LYS SA 271 -96.43 36.35 -30.47
C LYS SA 271 -97.66 37.04 -31.05
N ALA SA 272 -98.85 36.88 -30.45
CA ALA SA 272 -100.03 37.64 -30.87
C ALA SA 272 -99.80 39.15 -30.76
N ALA SA 273 -99.18 39.62 -29.67
CA ALA SA 273 -98.83 41.03 -29.52
C ALA SA 273 -97.80 41.50 -30.56
N VAL SA 274 -96.75 40.71 -30.82
CA VAL SA 274 -95.74 40.99 -31.86
C VAL SA 274 -96.39 41.09 -33.25
N LEU SA 275 -97.22 40.11 -33.61
CA LEU SA 275 -97.93 40.11 -34.90
C LEU SA 275 -98.90 41.29 -35.00
N ALA SA 276 -99.64 41.60 -33.93
CA ALA SA 276 -100.50 42.78 -33.89
C ALA SA 276 -99.70 44.09 -34.04
N ALA SA 277 -98.49 44.18 -33.47
CA ALA SA 277 -97.62 45.35 -33.59
C ALA SA 277 -96.98 45.48 -34.98
N LYS SA 278 -96.64 44.37 -35.65
CA LYS SA 278 -96.15 44.36 -37.04
C LYS SA 278 -97.26 44.61 -38.08
N SER SA 279 -98.49 44.15 -37.81
CA SER SA 279 -99.65 44.33 -38.70
C SER SA 279 -100.17 45.77 -38.72
N THR SA 280 -100.79 46.16 -39.83
CA THR SA 280 -101.51 47.44 -39.98
C THR SA 280 -103.01 47.32 -39.70
N ASP SA 281 -103.56 46.11 -39.55
CA ASP SA 281 -105.02 45.90 -39.57
C ASP SA 281 -105.69 46.24 -38.22
N GLU SA 282 -106.53 47.28 -38.24
CA GLU SA 282 -107.33 47.71 -37.08
C GLU SA 282 -108.31 46.63 -36.60
N GLU SA 283 -108.81 45.77 -37.49
CA GLU SA 283 -109.69 44.66 -37.08
C GLU SA 283 -108.92 43.57 -36.35
N VAL SA 284 -107.65 43.32 -36.73
CA VAL SA 284 -106.76 42.41 -35.98
C VAL SA 284 -106.42 43.01 -34.63
N LEU SA 285 -106.12 44.31 -34.55
CA LEU SA 285 -105.91 45.00 -33.27
C LEU SA 285 -107.15 44.89 -32.37
N GLU SA 286 -108.35 45.15 -32.89
CA GLU SA 286 -109.59 45.03 -32.14
C GLU SA 286 -109.85 43.58 -31.68
N GLU SA 287 -109.76 42.60 -32.58
CA GLU SA 287 -110.00 41.20 -32.23
C GLU SA 287 -108.94 40.65 -31.27
N VAL SA 288 -107.68 41.06 -31.40
CA VAL SA 288 -106.63 40.66 -30.43
C VAL SA 288 -106.89 41.30 -29.07
N LYS SA 289 -107.31 42.57 -29.01
CA LYS SA 289 -107.70 43.21 -27.74
C LYS SA 289 -108.90 42.49 -27.12
N GLU SA 290 -109.90 42.13 -27.92
CA GLU SA 290 -111.04 41.33 -27.44
C GLU SA 290 -110.63 39.92 -27.01
N ALA SA 291 -109.72 39.24 -27.72
CA ALA SA 291 -109.21 37.93 -27.30
C ALA SA 291 -108.50 38.00 -25.94
N LEU SA 292 -107.68 39.04 -25.71
CA LEU SA 292 -107.06 39.28 -24.42
C LEU SA 292 -108.11 39.66 -23.36
N ARG SA 293 -109.16 40.41 -23.70
CA ARG SA 293 -110.27 40.71 -22.77
C ARG SA 293 -111.02 39.42 -22.38
N ARG SA 294 -111.35 38.55 -23.33
CA ARG SA 294 -111.92 37.22 -23.07
C ARG SA 294 -111.01 36.43 -22.14
N ALA SA 295 -109.70 36.42 -22.40
CA ALA SA 295 -108.73 35.74 -21.54
C ALA SA 295 -108.66 36.30 -20.10
N LYS SA 296 -108.70 37.63 -19.92
CA LYS SA 296 -108.69 38.28 -18.59
C LYS SA 296 -109.99 38.06 -17.81
N GLU SA 297 -111.15 38.10 -18.48
CA GLU SA 297 -112.45 37.86 -17.84
C GLU SA 297 -112.70 36.37 -17.55
N SER SA 298 -112.20 35.47 -18.40
CA SER SA 298 -112.31 34.01 -18.23
C SER SA 298 -111.34 33.45 -17.17
N THR SA 299 -111.50 32.17 -16.82
CA THR SA 299 -110.70 31.44 -15.81
C THR SA 299 -110.15 30.11 -16.31
N ASP SA 300 -110.37 29.74 -17.59
CA ASP SA 300 -109.93 28.46 -18.15
C ASP SA 300 -108.87 28.61 -19.25
N GLU SA 301 -107.68 28.06 -19.00
CA GLU SA 301 -106.56 28.07 -19.96
C GLU SA 301 -106.92 27.38 -21.29
N GLU SA 302 -107.83 26.41 -21.28
CA GLU SA 302 -108.24 25.69 -22.50
C GLU SA 302 -109.04 26.58 -23.47
N GLU SA 303 -109.68 27.65 -22.99
CA GLU SA 303 -110.25 28.67 -23.86
C GLU SA 303 -109.14 29.60 -24.40
N ILE SA 304 -108.27 30.07 -23.50
CA ILE SA 304 -107.21 31.05 -23.81
C ILE SA 304 -106.28 30.54 -24.90
N LYS SA 305 -105.83 29.28 -24.81
CA LYS SA 305 -104.95 28.64 -25.81
C LYS SA 305 -105.54 28.73 -27.22
N GLU SA 306 -106.81 28.37 -27.38
CA GLU SA 306 -107.47 28.41 -28.70
C GLU SA 306 -107.79 29.84 -29.14
N GLU SA 307 -108.24 30.72 -28.25
CA GLU SA 307 -108.52 32.12 -28.58
C GLU SA 307 -107.26 32.84 -29.10
N LEU SA 308 -106.09 32.55 -28.53
CA LEU SA 308 -104.81 33.05 -29.05
C LEU SA 308 -104.36 32.29 -30.32
N ARG SA 309 -104.45 30.95 -30.35
CA ARG SA 309 -104.02 30.15 -31.51
C ARG SA 309 -104.70 30.58 -32.80
N LYS SA 310 -106.01 30.83 -32.76
CA LYS SA 310 -106.80 31.25 -33.93
C LYS SA 310 -106.28 32.54 -34.56
N ALA SA 311 -105.76 33.48 -33.78
CA ALA SA 311 -105.05 34.64 -34.31
C ALA SA 311 -103.64 34.27 -34.78
N VAL SA 312 -102.84 33.60 -33.92
CA VAL SA 312 -101.41 33.35 -34.16
C VAL SA 312 -101.15 32.50 -35.41
N GLU SA 313 -101.98 31.50 -35.70
CA GLU SA 313 -101.84 30.65 -36.89
C GLU SA 313 -102.44 31.27 -38.17
N GLU SA 314 -103.17 32.39 -38.08
CA GLU SA 314 -103.71 33.12 -39.23
C GLU SA 314 -102.87 34.36 -39.61
N ALA SA 315 -102.32 35.07 -38.63
CA ALA SA 315 -101.64 36.36 -38.80
C ALA SA 315 -100.15 36.28 -39.19
N GLU SA 316 -99.52 35.09 -39.16
CA GLU SA 316 -98.09 34.88 -39.49
C GLU SA 316 -97.72 35.20 -40.96
N ASP TA 3 -78.63 15.21 -25.90
CA ASP TA 3 -79.83 15.15 -25.01
C ASP TA 3 -80.55 13.80 -25.19
N ASP TA 4 -79.81 12.72 -24.98
CA ASP TA 4 -80.05 11.43 -25.61
C ASP TA 4 -81.33 10.78 -25.12
N LEU TA 5 -81.47 10.70 -23.80
CA LEU TA 5 -82.65 10.14 -23.20
C LEU TA 5 -83.86 11.06 -23.40
N LEU TA 6 -83.68 12.38 -23.49
CA LEU TA 6 -84.82 13.25 -23.81
C LEU TA 6 -85.37 12.94 -25.18
N LEU TA 7 -84.50 12.74 -26.17
CA LEU TA 7 -84.95 12.26 -27.48
C LEU TA 7 -85.74 10.95 -27.32
N LYS TA 8 -85.26 10.01 -26.52
CA LYS TA 8 -86.05 8.81 -26.23
C LYS TA 8 -87.37 9.11 -25.52
N LEU TA 9 -87.44 10.11 -24.64
CA LEU TA 9 -88.71 10.54 -24.05
C LEU TA 9 -89.66 11.10 -25.10
N LEU TA 10 -89.15 11.85 -26.08
CA LEU TA 10 -89.97 12.24 -27.20
C LEU TA 10 -90.51 10.98 -27.89
N GLU TA 11 -89.68 9.96 -28.10
CA GLU TA 11 -90.18 8.72 -28.70
C GLU TA 11 -91.26 8.07 -27.84
N LEU TA 12 -91.10 8.04 -26.52
CA LEU TA 12 -92.15 7.54 -25.65
C LEU TA 12 -93.42 8.38 -25.77
N LEU TA 13 -93.31 9.71 -25.79
CA LEU TA 13 -94.45 10.57 -26.00
C LEU TA 13 -95.14 10.26 -27.32
N VAL TA 14 -94.38 10.07 -28.39
CA VAL TA 14 -94.91 9.75 -29.72
C VAL TA 14 -95.52 8.35 -29.73
N GLU TA 15 -94.93 7.38 -29.05
CA GLU TA 15 -95.50 6.04 -29.00
C GLU TA 15 -96.80 6.06 -28.19
N GLN TA 16 -96.84 6.80 -27.08
CA GLN TA 16 -98.07 7.02 -26.34
C GLN TA 16 -99.12 7.71 -27.20
N ALA TA 17 -98.72 8.70 -27.98
CA ALA TA 17 -99.61 9.30 -28.96
C ALA TA 17 -100.09 8.25 -29.98
N ARG TA 18 -99.24 7.35 -30.47
CA ARG TA 18 -99.65 6.33 -31.44
C ARG TA 18 -100.71 5.41 -30.86
N VAL TA 19 -100.49 4.92 -29.64
CA VAL TA 19 -101.48 4.11 -28.93
C VAL TA 19 -102.75 4.93 -28.68
N SER TA 20 -102.59 6.19 -28.32
CA SER TA 20 -103.72 7.11 -28.19
C SER TA 20 -104.44 7.34 -29.53
N ALA TA 21 -103.78 7.22 -30.68
CA ALA TA 21 -104.42 7.37 -31.98
C ALA TA 21 -105.29 6.15 -32.30
N GLU TA 22 -104.84 4.94 -31.96
CA GLU TA 22 -105.76 3.79 -31.93
C GLU TA 22 -106.88 4.00 -30.91
N PHE TA 23 -106.59 4.53 -29.73
CA PHE TA 23 -107.61 4.78 -28.71
C PHE TA 23 -108.67 5.76 -29.25
N ALA TA 24 -108.25 6.78 -30.00
CA ALA TA 24 -109.14 7.70 -30.70
C ALA TA 24 -109.94 7.00 -31.82
N ARG TA 25 -109.33 6.09 -32.60
CA ARG TA 25 -110.06 5.26 -33.58
C ARG TA 25 -111.11 4.33 -32.94
N ARG TA 26 -110.90 3.92 -31.70
CA ARG TA 26 -111.81 3.07 -30.90
C ARG TA 26 -112.89 3.86 -30.13
N GLN TA 27 -112.56 5.07 -29.63
CA GLN TA 27 -113.46 5.92 -28.83
C GLN TA 27 -114.23 7.00 -29.62
N GLY TA 28 -113.65 7.57 -30.68
CA GLY TA 28 -114.33 8.49 -31.60
C GLY TA 28 -114.45 9.96 -31.17
N ASP TA 29 -113.62 10.46 -30.26
CA ASP TA 29 -113.69 11.84 -29.75
C ASP TA 29 -112.56 12.76 -30.26
N GLU TA 30 -112.91 13.89 -30.88
CA GLU TA 30 -111.93 14.89 -31.34
C GLU TA 30 -111.06 15.47 -30.23
N LYS TA 31 -111.53 15.49 -28.97
CA LYS TA 31 -110.72 16.02 -27.85
C LYS TA 31 -109.41 15.24 -27.70
N MET TA 32 -109.46 13.92 -27.91
CA MET TA 32 -108.26 13.09 -27.88
C MET TA 32 -107.32 13.42 -29.06
N LEU TA 33 -107.88 13.61 -30.27
CA LEU TA 33 -107.11 14.04 -31.44
C LEU TA 33 -106.46 15.41 -31.21
N GLU TA 34 -107.17 16.34 -30.56
CA GLU TA 34 -106.63 17.63 -30.17
C GLU TA 34 -105.43 17.45 -29.22
N GLU TA 35 -105.57 16.61 -28.19
CA GLU TA 35 -104.48 16.32 -27.25
C GLU TA 35 -103.27 15.74 -27.96
N VAL TA 36 -103.43 14.71 -28.80
CA VAL TA 36 -102.27 14.15 -29.50
C VAL TA 36 -101.69 15.12 -30.52
N ALA TA 37 -102.49 15.94 -31.20
CA ALA TA 37 -101.97 16.96 -32.09
C ALA TA 37 -101.07 17.94 -31.33
N ARG TA 38 -101.57 18.47 -30.21
CA ARG TA 38 -100.83 19.36 -29.32
C ARG TA 38 -99.53 18.70 -28.85
N LYS TA 39 -99.62 17.48 -28.33
CA LYS TA 39 -98.45 16.73 -27.85
C LYS TA 39 -97.43 16.54 -28.96
N ALA TA 40 -97.87 16.17 -30.16
CA ALA TA 40 -97.00 15.99 -31.30
C ALA TA 40 -96.36 17.32 -31.73
N GLU TA 41 -97.09 18.43 -31.67
CA GLU TA 41 -96.48 19.73 -31.89
C GLU TA 41 -95.47 20.09 -30.80
N GLU TA 42 -95.73 19.78 -29.53
CA GLU TA 42 -94.74 19.99 -28.46
C GLU TA 42 -93.49 19.14 -28.70
N VAL TA 43 -93.66 17.92 -29.16
CA VAL TA 43 -92.55 17.12 -29.64
C VAL TA 43 -91.86 17.83 -30.80
N ALA TA 44 -92.61 18.33 -31.78
CA ALA TA 44 -92.03 19.01 -32.93
C ALA TA 44 -91.21 20.20 -32.50
N ARG TA 45 -91.70 21.02 -31.55
CA ARG TA 45 -90.94 22.07 -30.89
C ARG TA 45 -89.64 21.52 -30.33
N LYS TA 46 -89.73 20.58 -29.38
CA LYS TA 46 -88.56 20.09 -28.65
C LYS TA 46 -87.52 19.56 -29.63
N ALA TA 47 -87.95 18.72 -30.56
CA ALA TA 47 -87.09 18.10 -31.54
C ALA TA 47 -86.51 19.11 -32.52
N GLU TA 48 -87.27 20.10 -32.98
CA GLU TA 48 -86.76 21.17 -33.84
C GLU TA 48 -85.65 21.93 -33.13
N SER TA 49 -85.86 22.31 -31.87
CA SER TA 49 -84.83 23.00 -31.09
C SER TA 49 -83.59 22.13 -30.93
N ILE TA 50 -83.75 20.86 -30.60
CA ILE TA 50 -82.62 19.94 -30.52
C ILE TA 50 -81.92 19.86 -31.88
N ALA TA 51 -82.65 19.77 -32.99
CA ALA TA 51 -82.07 19.66 -34.32
C ALA TA 51 -81.27 20.91 -34.73
N ARG TA 52 -81.82 22.12 -34.49
CA ARG TA 52 -81.07 23.36 -34.72
C ARG TA 52 -79.80 23.41 -33.87
N LYS TA 53 -79.90 23.05 -32.59
CA LYS TA 53 -78.77 22.99 -31.68
C LYS TA 53 -77.73 21.99 -32.18
N ALA TA 54 -78.16 20.79 -32.57
CA ALA TA 54 -77.28 19.77 -33.11
C ALA TA 54 -76.55 20.24 -34.38
N ARG TA 55 -77.23 20.99 -35.26
CA ARG TA 55 -76.60 21.60 -36.44
C ARG TA 55 -75.48 22.55 -36.04
N LYS TA 56 -75.71 23.40 -35.03
CA LYS TA 56 -74.67 24.29 -34.49
C LYS TA 56 -73.53 23.52 -33.79
N GLU TA 57 -73.85 22.45 -33.06
CA GLU TA 57 -72.84 21.59 -32.41
C GLU TA 57 -72.03 20.74 -33.40
N GLY TA 58 -72.60 20.40 -34.55
CA GLY TA 58 -71.93 19.63 -35.61
C GLY TA 58 -71.92 18.09 -35.42
N ASN TA 59 -72.58 17.55 -34.40
CA ASN TA 59 -72.73 16.09 -34.25
C ASN TA 59 -73.87 15.57 -35.14
N LEU TA 60 -73.51 15.07 -36.33
CA LEU TA 60 -74.51 14.67 -37.32
C LEU TA 60 -75.29 13.41 -36.91
N GLU TA 61 -74.72 12.51 -36.11
CA GLU TA 61 -75.45 11.34 -35.63
C GLU TA 61 -76.65 11.76 -34.78
N LEU TA 62 -76.43 12.64 -33.81
CA LEU TA 62 -77.52 13.20 -33.02
C LEU TA 62 -78.50 13.96 -33.90
N ALA TA 63 -78.02 14.78 -34.84
CA ALA TA 63 -78.90 15.52 -35.73
C ALA TA 63 -79.80 14.57 -36.55
N LEU TA 64 -79.23 13.51 -37.09
CA LEU TA 64 -80.01 12.54 -37.84
C LEU TA 64 -81.01 11.82 -36.94
N LYS TA 65 -80.62 11.42 -35.73
CA LYS TA 65 -81.57 10.83 -34.78
C LYS TA 65 -82.72 11.79 -34.47
N ALA TA 66 -82.42 13.08 -34.28
CA ALA TA 66 -83.44 14.09 -34.10
C ALA TA 66 -84.35 14.20 -35.34
N LEU TA 67 -83.79 14.21 -36.54
CA LEU TA 67 -84.59 14.20 -37.76
C LEU TA 67 -85.47 12.96 -37.83
N GLU TA 68 -84.96 11.78 -37.51
CA GLU TA 68 -85.76 10.55 -37.53
C GLU TA 68 -86.92 10.66 -36.55
N ILE TA 69 -86.69 11.24 -35.38
CA ILE TA 69 -87.76 11.49 -34.43
C ILE TA 69 -88.73 12.52 -34.99
N LEU TA 70 -88.27 13.58 -35.64
CA LEU TA 70 -89.17 14.51 -36.33
C LEU TA 70 -90.02 13.79 -37.36
N VAL TA 71 -89.45 12.88 -38.12
CA VAL TA 71 -90.23 12.07 -39.06
C VAL TA 71 -91.21 11.18 -38.30
N ARG TA 72 -90.79 10.57 -37.19
CA ARG TA 72 -91.67 9.71 -36.39
C ARG TA 72 -92.88 10.52 -35.91
N ALA TA 73 -92.64 11.73 -35.44
CA ALA TA 73 -93.69 12.66 -35.08
C ALA TA 73 -94.54 13.04 -36.30
N ALA TA 74 -93.92 13.30 -37.44
CA ALA TA 74 -94.65 13.59 -38.64
C ALA TA 74 -95.59 12.43 -39.01
N HIS TA 75 -95.17 11.18 -38.82
CA HIS TA 75 -96.03 10.04 -39.10
C HIS TA 75 -97.30 10.09 -38.25
N VAL TA 76 -97.16 10.26 -36.94
CA VAL TA 76 -98.37 10.33 -36.11
C VAL TA 76 -99.18 11.57 -36.44
N LEU TA 77 -98.56 12.72 -36.71
CA LEU TA 77 -99.29 13.92 -37.16
C LEU TA 77 -100.10 13.61 -38.42
N ALA TA 78 -99.53 12.86 -39.36
CA ALA TA 78 -100.21 12.48 -40.58
C ALA TA 78 -101.38 11.52 -40.29
N GLU TA 79 -101.23 10.58 -39.37
CA GLU TA 79 -102.38 9.78 -38.93
C GLU TA 79 -103.46 10.67 -38.32
N ILE TA 80 -103.10 11.63 -37.47
CA ILE TA 80 -104.07 12.50 -36.80
C ILE TA 80 -104.80 13.37 -37.82
N ALA TA 81 -104.07 13.91 -38.81
CA ALA TA 81 -104.67 14.62 -39.92
C ALA TA 81 -105.62 13.73 -40.74
N ARG TA 82 -105.25 12.46 -40.97
CA ARG TA 82 -106.08 11.48 -41.69
C ARG TA 82 -107.37 11.13 -40.94
N GLU TA 83 -107.32 11.02 -39.62
CA GLU TA 83 -108.53 10.88 -38.80
C GLU TA 83 -109.42 12.11 -38.87
N ARG TA 84 -108.84 13.31 -38.66
CA ARG TA 84 -109.61 14.55 -38.49
C ARG TA 84 -110.10 15.17 -39.80
N GLY TA 85 -109.44 14.88 -40.93
CA GLY TA 85 -109.75 15.47 -42.23
C GLY TA 85 -109.41 16.96 -42.33
N ASN TA 86 -108.53 17.47 -41.46
CA ASN TA 86 -108.30 18.89 -41.23
C ASN TA 86 -106.99 19.39 -41.88
N GLU TA 87 -107.07 20.47 -42.65
CA GLU TA 87 -105.93 21.02 -43.40
C GLU TA 87 -104.84 21.66 -42.54
N GLU TA 88 -105.13 22.13 -41.33
CA GLU TA 88 -104.16 22.85 -40.49
C GLU TA 88 -102.94 21.97 -40.16
N LEU TA 89 -103.22 20.70 -39.84
CA LEU TA 89 -102.18 19.69 -39.66
C LEU TA 89 -101.51 19.35 -40.99
N GLN TA 90 -102.27 19.17 -42.07
CA GLN TA 90 -101.71 18.79 -43.39
C GLN TA 90 -100.70 19.83 -43.88
N LYS TA 91 -101.03 21.12 -43.75
CA LYS TA 91 -100.15 22.22 -44.16
C LYS TA 91 -98.89 22.25 -43.30
N LYS TA 92 -99.03 22.21 -41.97
CA LYS TA 92 -97.87 22.18 -41.06
C LYS TA 92 -96.98 20.97 -41.31
N ALA TA 93 -97.57 19.80 -41.51
CA ALA TA 93 -96.83 18.59 -41.85
C ALA TA 93 -96.09 18.75 -43.19
N HIS TA 94 -96.77 19.18 -44.25
CA HIS TA 94 -96.16 19.38 -45.57
C HIS TA 94 -94.96 20.32 -45.50
N LYS TA 95 -95.13 21.47 -44.83
CA LYS TA 95 -94.05 22.44 -44.59
C LYS TA 95 -92.88 21.81 -43.83
N LEU TA 96 -93.16 21.22 -42.67
CA LEU TA 96 -92.13 20.57 -41.86
C LEU TA 96 -91.42 19.47 -42.63
N ALA TA 97 -92.15 18.66 -43.41
CA ALA TA 97 -91.58 17.60 -44.21
C ALA TA 97 -90.65 18.16 -45.28
N LYS TA 98 -91.06 19.19 -46.03
CA LYS TA 98 -90.21 19.79 -47.05
C LYS TA 98 -88.97 20.43 -46.44
N GLU TA 99 -89.12 21.09 -45.29
CA GLU TA 99 -87.99 21.64 -44.55
C GLU TA 99 -87.04 20.54 -44.09
N ALA TA 100 -87.57 19.47 -43.50
CA ALA TA 100 -86.77 18.33 -43.11
C ALA TA 100 -86.08 17.71 -44.34
N LEU TA 101 -86.76 17.61 -45.48
CA LEU TA 101 -86.16 17.06 -46.69
C LEU TA 101 -84.96 17.90 -47.11
N ARG TA 102 -85.13 19.21 -47.18
CA ARG TA 102 -84.02 20.13 -47.45
C ARG TA 102 -82.90 19.93 -46.43
N GLN TA 103 -83.20 19.99 -45.15
CA GLN TA 103 -82.20 19.86 -44.10
C GLN TA 103 -81.45 18.54 -44.23
N VAL TA 104 -82.15 17.42 -44.37
CA VAL TA 104 -81.52 16.12 -44.43
C VAL TA 104 -80.70 15.99 -45.70
N ILE TA 105 -81.15 16.54 -46.82
CA ILE TA 105 -80.34 16.57 -48.03
C ILE TA 105 -79.03 17.30 -47.76
N GLU TA 106 -79.09 18.49 -47.18
CA GLU TA 106 -77.89 19.27 -46.89
C GLU TA 106 -76.98 18.54 -45.90
N ILE TA 107 -77.55 17.96 -44.86
CA ILE TA 107 -76.80 17.15 -43.91
C ILE TA 107 -76.21 15.93 -44.63
N ALA TA 108 -76.89 15.31 -45.58
CA ALA TA 108 -76.36 14.18 -46.33
C ALA TA 108 -75.20 14.62 -47.23
N ILE TA 109 -75.30 15.77 -47.87
CA ILE TA 109 -74.16 16.37 -48.57
C ILE TA 109 -73.01 16.59 -47.57
N ARG TA 110 -73.30 17.10 -46.37
CA ARG TA 110 -72.30 17.30 -45.30
C ARG TA 110 -71.63 15.98 -44.93
N ALA TA 111 -72.41 14.93 -44.71
CA ALA TA 111 -71.92 13.60 -44.35
C ALA TA 111 -71.06 12.98 -45.47
N ILE TA 112 -71.44 13.17 -46.74
CA ILE TA 112 -70.62 12.78 -47.89
C ILE TA 112 -69.32 13.58 -47.88
N GLN TA 113 -69.36 14.89 -47.58
CA GLN TA 113 -68.16 15.72 -47.53
C GLN TA 113 -67.20 15.28 -46.41
N GLU TA 114 -67.70 14.94 -45.23
CA GLU TA 114 -66.89 14.33 -44.15
C GLU TA 114 -66.49 12.87 -44.43
N GLY TA 115 -67.16 12.20 -45.37
CA GLY TA 115 -66.90 10.82 -45.79
C GLY TA 115 -67.55 9.73 -44.93
N ASN TA 116 -68.45 10.07 -43.99
CA ASN TA 116 -69.17 9.09 -43.17
C ASN TA 116 -70.35 8.48 -43.95
N LEU TA 117 -70.04 7.46 -44.75
CA LEU TA 117 -71.03 6.80 -45.60
C LEU TA 117 -72.16 6.17 -44.77
N GLU TA 118 -71.89 5.66 -43.57
CA GLU TA 118 -72.90 5.04 -42.72
C GLU TA 118 -73.98 6.03 -42.30
N LEU TA 119 -73.58 7.20 -41.81
CA LEU TA 119 -74.54 8.25 -41.50
C LEU TA 119 -75.26 8.69 -42.77
N ALA TA 120 -74.57 8.82 -43.90
CA ALA TA 120 -75.24 9.18 -45.15
C ALA TA 120 -76.30 8.14 -45.54
N ILE TA 121 -76.03 6.87 -45.35
CA ILE TA 121 -77.00 5.79 -45.59
C ILE TA 121 -78.18 5.96 -44.65
N ILE TA 122 -77.94 6.14 -43.35
CA ILE TA 122 -79.01 6.34 -42.37
C ILE TA 122 -79.84 7.57 -42.75
N ALA TA 123 -79.19 8.66 -43.14
CA ALA TA 123 -79.87 9.86 -43.61
C ALA TA 123 -80.74 9.54 -44.81
N LEU TA 124 -80.23 8.78 -45.77
CA LEU TA 124 -80.99 8.47 -46.96
C LEU TA 124 -82.18 7.57 -46.62
N HIS TA 125 -82.04 6.67 -45.65
CA HIS TA 125 -83.17 5.95 -45.06
C HIS TA 125 -84.20 6.91 -44.48
N ILE TA 126 -83.77 7.88 -43.67
CA ILE TA 126 -84.66 8.90 -43.13
C ILE TA 126 -85.35 9.62 -44.28
N SER TA 127 -84.63 9.94 -45.36
CA SER TA 127 -85.24 10.60 -46.52
C SER TA 127 -86.33 9.73 -47.13
N VAL TA 128 -86.11 8.43 -47.29
CA VAL TA 128 -87.17 7.54 -47.76
C VAL TA 128 -88.36 7.58 -46.79
N ARG TA 129 -88.10 7.59 -45.48
CA ARG TA 129 -89.19 7.77 -44.52
C ARG TA 129 -89.88 9.12 -44.66
N ILE TA 130 -89.18 10.20 -45.00
CA ILE TA 130 -89.85 11.47 -45.33
C ILE TA 130 -90.74 11.26 -46.55
N ALA TA 131 -90.28 10.52 -47.55
CA ALA TA 131 -91.11 10.22 -48.70
C ALA TA 131 -92.39 9.50 -48.29
N GLU TA 132 -92.36 8.63 -47.28
CA GLU TA 132 -93.60 8.02 -46.76
C GLU TA 132 -94.57 9.08 -46.25
N VAL TA 133 -94.07 10.10 -45.55
CA VAL TA 133 -94.91 11.21 -45.10
C VAL TA 133 -95.46 11.95 -46.30
N LEU TA 134 -94.63 12.27 -47.28
CA LEU TA 134 -95.09 12.96 -48.49
C LEU TA 134 -96.18 12.13 -49.19
N LEU TA 135 -95.95 10.83 -49.35
CA LEU TA 135 -96.86 9.91 -50.00
C LEU TA 135 -98.21 9.82 -49.27
N GLU TA 136 -98.21 9.89 -47.95
CA GLU TA 136 -99.45 10.01 -47.20
C GLU TA 136 -100.14 11.37 -47.42
N THR TA 137 -99.34 12.45 -47.54
CA THR TA 137 -99.83 13.82 -47.41
C THR TA 137 -100.76 14.27 -48.56
N ARG TA 138 -100.54 13.81 -49.79
CA ARG TA 138 -101.36 14.19 -50.96
C ARG TA 138 -101.47 13.06 -52.00
N PRO TA 139 -102.57 13.01 -52.78
CA PRO TA 139 -102.73 12.09 -53.91
C PRO TA 139 -102.07 12.58 -55.22
N ASP TA 140 -101.74 13.86 -55.32
CA ASP TA 140 -101.51 14.58 -56.58
C ASP TA 140 -100.22 15.41 -56.68
N ASP TA 141 -99.45 15.55 -55.59
CA ASP TA 141 -98.21 16.37 -55.51
C ASP TA 141 -96.99 15.70 -56.18
N ARG TA 142 -97.22 15.11 -57.34
CA ARG TA 142 -96.29 14.21 -58.06
C ARG TA 142 -94.94 14.83 -58.34
N GLU TA 143 -94.87 16.14 -58.56
CA GLU TA 143 -93.62 16.82 -58.82
C GLU TA 143 -92.69 16.75 -57.61
N GLU TA 144 -93.18 16.99 -56.39
CA GLU TA 144 -92.33 16.88 -55.20
C GLU TA 144 -91.83 15.45 -55.03
N ILE TA 145 -92.70 14.47 -55.28
CA ILE TA 145 -92.33 13.06 -55.23
C ILE TA 145 -91.20 12.78 -56.25
N ARG TA 146 -91.35 13.27 -57.49
CA ARG TA 146 -90.29 13.18 -58.49
C ARG TA 146 -89.00 13.83 -58.01
N GLU TA 147 -89.07 15.01 -57.42
CA GLU TA 147 -87.89 15.72 -56.93
C GLU TA 147 -87.16 14.87 -55.88
N GLN TA 148 -87.88 14.37 -54.89
CA GLN TA 148 -87.29 13.47 -53.90
C GLN TA 148 -86.68 12.25 -54.60
N GLN TA 149 -87.42 11.57 -55.47
CA GLN TA 149 -86.92 10.36 -56.13
C GLN TA 149 -85.67 10.64 -56.97
N ALA TA 150 -85.66 11.73 -57.72
CA ALA TA 150 -84.51 12.12 -58.52
C ALA TA 150 -83.29 12.35 -57.63
N ILE TA 151 -83.45 13.15 -56.57
CA ILE TA 151 -82.36 13.45 -55.66
C ILE TA 151 -81.89 12.17 -54.97
N PHE TA 152 -82.82 11.30 -54.58
CA PHE TA 152 -82.49 10.00 -54.03
C PHE TA 152 -81.66 9.18 -55.02
N GLU TA 153 -82.13 9.01 -56.25
CA GLU TA 153 -81.41 8.19 -57.22
C GLU TA 153 -80.05 8.79 -57.54
N LEU TA 154 -79.93 10.12 -57.56
CA LEU TA 154 -78.65 10.78 -57.69
C LEU TA 154 -77.74 10.44 -56.49
N LEU TA 155 -78.22 10.59 -55.26
CA LEU TA 155 -77.46 10.24 -54.08
C LEU TA 155 -77.08 8.77 -54.07
N ILE TA 156 -77.98 7.88 -54.48
CA ILE TA 156 -77.65 6.44 -54.61
C ILE TA 156 -76.56 6.24 -55.65
N ALA TA 157 -76.66 6.84 -56.83
CA ALA TA 157 -75.61 6.70 -57.83
C ALA TA 157 -74.26 7.19 -57.29
N ALA TA 158 -74.26 8.31 -56.56
CA ALA TA 158 -73.06 8.80 -55.91
C ALA TA 158 -72.55 7.81 -54.86
N LEU TA 159 -73.42 7.28 -54.01
CA LEU TA 159 -73.02 6.29 -53.02
C LEU TA 159 -72.51 5.00 -53.67
N GLU TA 160 -73.11 4.53 -54.77
CA GLU TA 160 -72.64 3.34 -55.49
C GLU TA 160 -71.20 3.53 -55.96
N ALA TA 161 -70.91 4.67 -56.61
CA ALA TA 161 -69.55 4.98 -56.98
C ALA TA 161 -68.66 5.05 -55.74
N ALA TA 162 -69.09 5.80 -54.72
CA ALA TA 162 -68.30 6.04 -53.52
C ALA TA 162 -67.90 4.74 -52.83
N ILE TA 163 -68.84 3.83 -52.63
CA ILE TA 163 -68.60 2.57 -51.92
C ILE TA 163 -67.75 1.63 -52.78
N ARG TA 164 -67.99 1.56 -54.10
CA ARG TA 164 -67.13 0.76 -54.99
C ARG TA 164 -65.69 1.25 -54.90
N LEU TA 165 -65.49 2.56 -55.04
CA LEU TA 165 -64.18 3.19 -55.02
C LEU TA 165 -63.53 3.05 -53.64
N GLU TA 166 -64.28 3.22 -52.56
CA GLU TA 166 -63.80 3.04 -51.19
C GLU TA 166 -63.33 1.61 -50.97
N LYS TA 167 -64.08 0.60 -51.44
CA LYS TA 167 -63.60 -0.78 -51.29
C LYS TA 167 -62.38 -1.04 -52.18
N LEU TA 168 -62.29 -0.46 -53.37
CA LEU TA 168 -61.04 -0.51 -54.14
C LEU TA 168 -59.87 0.06 -53.32
N LYS TA 169 -60.08 1.13 -52.54
CA LYS TA 169 -59.07 1.71 -51.64
C LYS TA 169 -58.72 0.76 -50.50
N GLU TA 170 -59.71 0.15 -49.86
CA GLU TA 170 -59.48 -0.84 -48.80
C GLU TA 170 -58.77 -2.10 -49.31
N GLU TA 171 -59.10 -2.58 -50.50
CA GLU TA 171 -58.44 -3.73 -51.15
C GLU TA 171 -57.04 -3.41 -51.72
N GLY TA 172 -56.65 -2.14 -51.79
CA GLY TA 172 -55.35 -1.72 -52.35
C GLY TA 172 -55.25 -1.89 -53.87
N ALA TA 173 -56.34 -1.66 -54.60
CA ALA TA 173 -56.42 -1.87 -56.04
C ALA TA 173 -55.42 -1.01 -56.85
N PRO TA 174 -54.97 -1.45 -58.04
CA PRO TA 174 -54.15 -0.64 -58.93
C PRO TA 174 -54.83 0.71 -59.23
N PRO TA 175 -54.12 1.86 -59.14
CA PRO TA 175 -54.70 3.17 -59.40
C PRO TA 175 -55.41 3.29 -60.76
N GLU TA 176 -55.02 2.51 -61.75
CA GLU TA 176 -55.67 2.44 -63.07
C GLU TA 176 -57.12 1.94 -62.98
N GLN TA 177 -57.42 1.05 -62.03
CA GLN TA 177 -58.81 0.68 -61.76
C GLN TA 177 -59.55 1.87 -61.15
N ILE TA 178 -58.95 2.53 -60.16
CA ILE TA 178 -59.53 3.69 -59.49
C ILE TA 178 -59.84 4.80 -60.51
N GLU TA 179 -58.93 5.02 -61.46
CA GLU TA 179 -59.14 5.90 -62.61
C GLU TA 179 -60.39 5.50 -63.39
N ARG TA 180 -60.44 4.27 -63.94
CA ARG TA 180 -61.54 3.90 -64.84
C ARG TA 180 -62.89 3.85 -64.13
N VAL TA 181 -62.92 3.43 -62.87
CA VAL TA 181 -64.15 3.49 -62.07
C VAL TA 181 -64.57 4.94 -61.87
N ALA TA 182 -63.68 5.82 -61.44
CA ALA TA 182 -64.01 7.23 -61.21
C ALA TA 182 -64.49 7.92 -62.50
N GLU TA 183 -63.80 7.67 -63.61
CA GLU TA 183 -64.14 8.18 -64.93
C GLU TA 183 -65.57 7.78 -65.32
N HIS TA 184 -65.85 6.47 -65.29
CA HIS TA 184 -67.18 5.96 -65.59
C HIS TA 184 -68.23 6.52 -64.63
N GLY TA 185 -67.89 6.64 -63.35
CA GLY TA 185 -68.78 7.21 -62.34
C GLY TA 185 -69.19 8.63 -62.68
N LEU TA 186 -68.22 9.50 -62.97
CA LEU TA 186 -68.48 10.87 -63.39
C LEU TA 186 -69.36 10.90 -64.64
N GLU TA 187 -69.06 10.08 -65.65
CA GLU TA 187 -69.91 10.02 -66.85
C GLU TA 187 -71.35 9.61 -66.52
N ARG TA 188 -71.53 8.55 -65.72
CA ARG TA 188 -72.86 8.07 -65.32
C ARG TA 188 -73.61 9.17 -64.58
N LEU TA 189 -72.94 9.84 -63.64
CA LEU TA 189 -73.50 10.96 -62.91
C LEU TA 189 -73.88 12.09 -63.87
N LYS TA 190 -73.04 12.42 -64.85
CA LYS TA 190 -73.36 13.45 -65.83
C LYS TA 190 -74.61 13.10 -66.63
N GLU TA 191 -74.69 11.87 -67.13
CA GLU TA 191 -75.88 11.44 -67.87
C GLU TA 191 -77.13 11.43 -66.99
N ILE TA 192 -77.03 10.94 -65.75
CA ILE TA 192 -78.15 11.02 -64.81
C ILE TA 192 -78.55 12.48 -64.57
N ALA TA 193 -77.59 13.37 -64.33
CA ALA TA 193 -77.87 14.79 -64.10
C ALA TA 193 -78.60 15.38 -65.31
N LYS TA 194 -78.20 15.01 -66.52
CA LYS TA 194 -78.93 15.40 -67.73
C LYS TA 194 -80.35 14.84 -67.71
N GLU TA 195 -80.55 13.56 -67.45
CA GLU TA 195 -81.89 12.97 -67.41
C GLU TA 195 -82.79 13.62 -66.35
N ILE TA 196 -82.25 14.00 -65.19
CA ILE TA 196 -82.96 14.79 -64.18
C ILE TA 196 -83.30 16.16 -64.76
N SER TA 197 -82.30 16.87 -65.27
CA SER TA 197 -82.43 18.23 -65.82
C SER TA 197 -83.41 18.30 -66.99
N LYS TA 198 -83.61 17.20 -67.73
CA LYS TA 198 -84.61 17.11 -68.81
C LYS TA 198 -86.06 17.28 -68.33
N GLU TA 199 -86.34 17.25 -67.03
CA GLU TA 199 -87.71 17.51 -66.54
C GLU TA 199 -87.83 18.34 -65.26
N VAL TA 200 -86.85 18.33 -64.34
CA VAL TA 200 -86.94 19.14 -63.10
C VAL TA 200 -86.74 20.63 -63.37
N ASP TA 201 -87.30 21.49 -62.52
CA ASP TA 201 -87.21 22.96 -62.68
C ASP TA 201 -87.12 23.78 -61.38
N SER TA 202 -87.17 23.20 -60.19
CA SER TA 202 -86.92 23.98 -58.98
C SER TA 202 -85.48 24.48 -58.95
N PRO TA 203 -85.24 25.79 -58.82
CA PRO TA 203 -83.88 26.32 -58.71
C PRO TA 203 -83.13 25.72 -57.53
N GLU TA 204 -83.80 25.56 -56.39
CA GLU TA 204 -83.19 24.97 -55.20
C GLU TA 204 -82.86 23.49 -55.42
N SER TA 205 -83.73 22.76 -56.13
CA SER TA 205 -83.42 21.39 -56.50
C SER TA 205 -82.19 21.33 -57.40
N LYS TA 206 -82.14 22.18 -58.41
CA LYS TA 206 -80.99 22.21 -59.33
C LYS TA 206 -79.72 22.60 -58.57
N ARG TA 207 -79.79 23.54 -57.63
CA ARG TA 207 -78.71 23.85 -56.67
C ARG TA 207 -78.25 22.60 -55.94
N ILE TA 208 -79.19 21.88 -55.34
CA ILE TA 208 -78.91 20.61 -54.68
C ILE TA 208 -78.22 19.64 -55.65
N ALA TA 209 -78.74 19.46 -56.86
CA ALA TA 209 -78.19 18.50 -57.81
C ALA TA 209 -76.74 18.82 -58.14
N TYR TA 210 -76.45 20.08 -58.44
CA TYR TA 210 -75.08 20.46 -58.71
C TYR TA 210 -74.19 20.24 -57.49
N LYS TA 211 -74.64 20.69 -56.31
CA LYS TA 211 -73.92 20.49 -55.06
C LYS TA 211 -73.57 19.02 -54.89
N ILE TA 212 -74.52 18.12 -55.15
CA ILE TA 212 -74.27 16.68 -55.03
C ILE TA 212 -73.23 16.25 -56.05
N VAL TA 213 -73.39 16.57 -57.34
CA VAL TA 213 -72.42 16.15 -58.34
C VAL TA 213 -71.02 16.65 -57.97
N ALA TA 214 -70.94 17.90 -57.51
CA ALA TA 214 -69.68 18.47 -57.06
C ALA TA 214 -69.11 17.71 -55.86
N ALA TA 215 -69.92 17.45 -54.84
CA ALA TA 215 -69.48 16.67 -53.70
C ALA TA 215 -69.00 15.28 -54.11
N ALA TA 216 -69.63 14.66 -55.12
CA ALA TA 216 -69.22 13.36 -55.62
C ALA TA 216 -67.84 13.44 -56.28
N ALA TA 217 -67.62 14.43 -57.14
CA ALA TA 217 -66.29 14.66 -57.67
C ALA TA 217 -65.27 14.90 -56.54
N GLU TA 218 -65.64 15.72 -55.55
CA GLU TA 218 -64.74 16.04 -54.43
C GLU TA 218 -64.36 14.78 -53.65
N PHE TA 219 -65.34 13.94 -53.34
CA PHE TA 219 -65.08 12.65 -52.71
C PHE TA 219 -64.17 11.78 -53.58
N LEU TA 220 -64.45 11.67 -54.88
CA LEU TA 220 -63.63 10.94 -55.82
C LEU TA 220 -62.17 11.41 -55.77
N LEU TA 221 -61.93 12.72 -55.82
CA LEU TA 221 -60.57 13.24 -55.75
C LEU TA 221 -59.94 12.95 -54.38
N LYS TA 222 -60.67 13.12 -53.27
CA LYS TA 222 -60.13 12.78 -51.96
C LYS TA 222 -59.74 11.31 -51.88
N ILE TA 223 -60.58 10.40 -52.38
CA ILE TA 223 -60.27 8.97 -52.43
C ILE TA 223 -59.03 8.71 -53.29
N LEU TA 224 -58.95 9.30 -54.48
CA LEU TA 224 -57.78 9.14 -55.34
C LEU TA 224 -56.51 9.62 -54.62
N ALA TA 225 -56.59 10.74 -53.89
CA ALA TA 225 -55.49 11.31 -53.13
C ALA TA 225 -55.08 10.43 -51.94
N GLU TA 226 -56.05 9.92 -51.17
CA GLU TA 226 -55.76 8.91 -50.14
C GLU TA 226 -55.15 7.64 -50.74
N GLY TA 227 -55.51 7.30 -51.98
CA GLY TA 227 -54.93 6.21 -52.76
C GLY TA 227 -53.49 6.43 -53.21
N GLY TA 228 -52.93 7.64 -53.02
CA GLY TA 228 -51.52 7.93 -53.32
C GLY TA 228 -51.16 7.88 -54.81
N ALA TA 229 -52.12 8.12 -55.70
CA ALA TA 229 -51.93 8.05 -57.15
C ALA TA 229 -50.90 9.07 -57.69
N THR TA 230 -50.38 8.81 -58.90
CA THR TA 230 -49.35 9.65 -59.52
C THR TA 230 -49.86 11.06 -59.85
N PRO TA 231 -48.97 12.07 -59.93
CA PRO TA 231 -49.32 13.39 -60.45
C PRO TA 231 -50.07 13.38 -61.78
N GLU TA 232 -49.74 12.46 -62.69
CA GLU TA 232 -50.44 12.31 -63.97
C GLU TA 232 -51.87 11.82 -63.80
N GLN TA 233 -52.11 10.85 -62.92
CA GLN TA 233 -53.47 10.43 -62.58
C GLN TA 233 -54.24 11.59 -61.92
N LEU TA 234 -53.63 12.24 -60.92
CA LEU TA 234 -54.25 13.38 -60.23
C LEU TA 234 -54.65 14.45 -61.24
N GLU TA 235 -53.76 14.82 -62.16
CA GLU TA 235 -54.09 15.75 -63.23
C GLU TA 235 -55.24 15.23 -64.10
N ARG TA 236 -55.12 14.06 -64.72
CA ARG TA 236 -56.08 13.65 -65.75
C ARG TA 236 -57.47 13.38 -65.19
N VAL TA 237 -57.55 12.84 -63.98
CA VAL TA 237 -58.84 12.73 -63.30
C VAL TA 237 -59.35 14.12 -62.93
N THR TA 238 -58.51 15.02 -62.42
CA THR TA 238 -58.94 16.39 -62.13
C THR TA 238 -59.44 17.10 -63.39
N GLU TA 239 -58.77 16.92 -64.52
CA GLU TA 239 -59.16 17.48 -65.81
C GLU TA 239 -60.54 16.97 -66.20
N HIS TA 240 -60.71 15.64 -66.24
CA HIS TA 240 -62.01 15.06 -66.56
C HIS TA 240 -63.08 15.55 -65.59
N ALA TA 241 -62.78 15.64 -64.30
CA ALA TA 241 -63.72 16.09 -63.29
C ALA TA 241 -64.12 17.55 -63.52
N LEU TA 242 -63.16 18.45 -63.66
CA LEU TA 242 -63.46 19.85 -63.98
C LEU TA 242 -64.28 19.94 -65.27
N GLU TA 243 -63.92 19.17 -66.29
CA GLU TA 243 -64.64 19.15 -67.57
C GLU TA 243 -66.09 18.73 -67.38
N VAL TA 244 -66.32 17.64 -66.66
CA VAL TA 244 -67.68 17.24 -66.30
C VAL TA 244 -68.36 18.33 -65.49
N LEU TA 245 -67.69 18.95 -64.52
CA LEU TA 245 -68.30 20.00 -63.70
C LEU TA 245 -68.72 21.17 -64.57
N LYS TA 246 -67.92 21.52 -65.57
CA LYS TA 246 -68.28 22.53 -66.57
C LYS TA 246 -69.47 22.08 -67.41
N GLU TA 247 -69.47 20.86 -67.93
CA GLU TA 247 -70.59 20.37 -68.73
C GLU TA 247 -71.87 20.38 -67.91
N VAL TA 248 -71.85 19.77 -66.73
CA VAL TA 248 -73.01 19.72 -65.83
C VAL TA 248 -73.44 21.12 -65.44
N ALA TA 249 -72.50 22.05 -65.20
CA ALA TA 249 -72.86 23.42 -64.91
C ALA TA 249 -73.61 24.04 -66.09
N LYS TA 250 -73.10 23.89 -67.32
CA LYS TA 250 -73.77 24.43 -68.52
C LYS TA 250 -75.18 23.86 -68.69
N GLU TA 251 -75.37 22.57 -68.40
CA GLU TA 251 -76.69 21.97 -68.45
C GLU TA 251 -77.62 22.51 -67.35
N LEU TA 252 -77.17 22.58 -66.10
CA LEU TA 252 -78.01 22.93 -64.95
C LEU TA 252 -78.20 24.44 -64.75
N ALA TA 253 -77.34 25.29 -65.28
CA ALA TA 253 -77.41 26.73 -65.06
C ALA TA 253 -78.67 27.38 -65.67
N ASP TA 254 -79.15 28.45 -65.06
CA ASP TA 254 -80.35 29.23 -65.47
C ASP TA 254 -80.24 30.73 -65.13
N SER TA 255 -79.58 31.09 -64.04
CA SER TA 255 -79.45 32.48 -63.57
C SER TA 255 -78.16 32.67 -62.76
N PRO TA 256 -77.68 33.91 -62.52
CA PRO TA 256 -76.36 34.17 -61.94
C PRO TA 256 -76.05 33.41 -60.64
N GLU TA 257 -77.06 33.18 -59.82
CA GLU TA 257 -76.93 32.45 -58.56
C GLU TA 257 -76.42 31.03 -58.79
N SER TA 258 -76.91 30.38 -59.84
CA SER TA 258 -76.41 29.05 -60.23
C SER TA 258 -74.94 29.13 -60.60
N GLY TA 259 -74.52 30.23 -61.22
CA GLY TA 259 -73.11 30.50 -61.47
C GLY TA 259 -72.32 30.65 -60.17
N LEU TA 260 -72.83 31.40 -59.19
CA LEU TA 260 -72.16 31.57 -57.90
C LEU TA 260 -71.80 30.22 -57.32
N ALA TA 261 -72.81 29.35 -57.20
CA ALA TA 261 -72.60 28.01 -56.68
C ALA TA 261 -71.62 27.23 -57.55
N ALA TA 262 -71.87 27.16 -58.86
CA ALA TA 262 -71.10 26.31 -59.74
C ALA TA 262 -69.62 26.68 -59.69
N LEU TA 263 -69.33 27.97 -59.80
CA LEU TA 263 -67.98 28.46 -59.74
C LEU TA 263 -67.37 28.19 -58.37
N ALA TA 264 -68.05 28.56 -57.28
CA ALA TA 264 -67.49 28.34 -55.96
C ALA TA 264 -67.10 26.87 -55.76
N ALA TA 265 -67.95 25.96 -56.21
CA ALA TA 265 -67.66 24.55 -56.19
C ALA TA 265 -66.47 24.22 -57.09
N ILE TA 266 -66.45 24.65 -58.34
CA ILE TA 266 -65.33 24.39 -59.25
C ILE TA 266 -64.02 24.85 -58.61
N ALA TA 267 -63.96 26.08 -58.11
CA ALA TA 267 -62.77 26.57 -57.44
C ALA TA 267 -62.43 25.72 -56.23
N SER TA 268 -63.41 25.35 -55.43
CA SER TA 268 -63.16 24.47 -54.29
C SER TA 268 -62.52 23.16 -54.75
N LEU TA 269 -63.03 22.57 -55.84
CA LEU TA 269 -62.50 21.32 -56.37
C LEU TA 269 -61.06 21.51 -56.85
N ALA TA 270 -60.81 22.58 -57.61
CA ALA TA 270 -59.48 22.91 -58.05
C ALA TA 270 -58.53 23.15 -56.87
N LYS TA 271 -58.98 23.88 -55.84
CA LYS TA 271 -58.18 24.22 -54.67
C LYS TA 271 -57.77 22.98 -53.88
N LEU TA 272 -58.69 22.02 -53.74
CA LEU TA 272 -58.35 20.67 -53.27
C LEU TA 272 -57.29 20.03 -54.17
N GLY TA 273 -57.50 20.03 -55.49
CA GLY TA 273 -56.55 19.44 -56.44
C GLY TA 273 -55.14 20.01 -56.27
N LEU TA 274 -55.03 21.34 -56.23
CA LEU TA 274 -53.76 22.03 -56.02
C LEU TA 274 -53.15 21.71 -54.65
N GLU TA 275 -53.95 21.65 -53.58
CA GLU TA 275 -53.46 21.28 -52.26
C GLU TA 275 -52.91 19.84 -52.25
N GLN TA 276 -53.56 18.91 -52.94
CA GLN TA 276 -53.06 17.54 -53.08
C GLN TA 276 -51.81 17.47 -53.97
N LEU TA 277 -51.74 18.25 -55.05
CA LEU TA 277 -50.52 18.40 -55.85
C LEU TA 277 -49.38 18.96 -54.99
N LYS TA 278 -49.67 19.87 -54.05
CA LYS TA 278 -48.69 20.39 -53.09
C LYS TA 278 -48.21 19.27 -52.16
N GLU TA 279 -49.14 18.52 -51.58
CA GLU TA 279 -48.81 17.44 -50.64
C GLU TA 279 -47.98 16.32 -51.29
N ILE TA 280 -48.32 15.89 -52.50
CA ILE TA 280 -47.52 14.87 -53.23
C ILE TA 280 -46.20 15.44 -53.78
N GLY TA 281 -46.03 16.77 -53.77
CA GLY TA 281 -44.83 17.44 -54.27
C GLY TA 281 -44.72 17.49 -55.80
N ALA TA 282 -45.84 17.56 -56.52
CA ALA TA 282 -45.84 17.68 -57.98
C ALA TA 282 -45.19 19.01 -58.44
N PRO TA 283 -44.42 19.03 -59.54
CA PRO TA 283 -43.67 20.20 -59.95
C PRO TA 283 -44.58 21.33 -60.42
N PRO TA 284 -44.14 22.60 -60.29
CA PRO TA 284 -44.98 23.77 -60.53
C PRO TA 284 -45.71 23.81 -61.88
N GLU TA 285 -45.13 23.23 -62.94
CA GLU TA 285 -45.80 23.14 -64.24
C GLU TA 285 -47.15 22.43 -64.15
N GLN TA 286 -47.26 21.36 -63.38
CA GLN TA 286 -48.53 20.65 -63.21
C GLN TA 286 -49.54 21.55 -62.48
N GLN TA 287 -49.08 22.26 -61.45
CA GLN TA 287 -49.90 23.20 -60.69
C GLN TA 287 -50.43 24.32 -61.61
N ARG TA 288 -49.56 24.85 -62.47
CA ARG TA 288 -49.95 25.81 -63.51
C ARG TA 288 -50.97 25.21 -64.47
N ARG TA 289 -50.73 24.01 -65.02
CA ARG TA 289 -51.66 23.35 -65.96
C ARG TA 289 -53.06 23.21 -65.37
N VAL TA 290 -53.16 22.75 -64.12
CA VAL TA 290 -54.43 22.68 -63.41
C VAL TA 290 -55.03 24.07 -63.26
N THR TA 291 -54.25 25.05 -62.81
CA THR TA 291 -54.72 26.42 -62.62
C THR TA 291 -55.25 27.01 -63.93
N LYS TA 292 -54.55 26.79 -65.05
CA LYS TA 292 -55.00 27.22 -66.37
C LYS TA 292 -56.34 26.60 -66.72
N ALA TA 293 -56.46 25.28 -66.60
CA ALA TA 293 -57.74 24.62 -66.87
C ALA TA 293 -58.84 25.20 -65.97
N GLY TA 294 -58.54 25.48 -64.71
CA GLY TA 294 -59.46 26.12 -63.79
C GLY TA 294 -59.90 27.49 -64.28
N ILE TA 295 -58.95 28.38 -64.55
CA ILE TA 295 -59.25 29.69 -65.10
C ILE TA 295 -60.03 29.57 -66.42
N GLU TA 296 -59.70 28.62 -67.29
CA GLU TA 296 -60.47 28.39 -68.52
C GLU TA 296 -61.90 28.01 -68.21
N ALA TA 297 -62.15 27.13 -67.23
CA ALA TA 297 -63.50 26.85 -66.81
C ALA TA 297 -64.19 28.11 -66.27
N VAL TA 298 -63.50 28.91 -65.45
CA VAL TA 298 -64.05 30.18 -64.92
C VAL TA 298 -64.51 31.07 -66.06
N ARG TA 299 -63.63 31.25 -67.05
CA ARG TA 299 -63.93 32.06 -68.23
C ARG TA 299 -65.13 31.51 -68.98
N GLU TA 300 -65.10 30.24 -69.34
CA GLU TA 300 -66.14 29.69 -70.20
C GLU TA 300 -67.49 29.65 -69.49
N ILE TA 301 -67.53 29.43 -68.17
CA ILE TA 301 -68.77 29.58 -67.41
C ILE TA 301 -69.20 31.05 -67.36
N TYR TA 302 -68.29 31.98 -67.06
CA TYR TA 302 -68.58 33.42 -67.09
C TYR TA 302 -69.18 33.85 -68.43
N ARG TA 303 -68.57 33.45 -69.55
CA ARG TA 303 -69.05 33.84 -70.88
C ARG TA 303 -70.30 33.06 -71.29
N TYR TA 304 -70.43 31.78 -70.93
CA TYR TA 304 -71.67 31.04 -71.13
C TYR TA 304 -72.84 31.73 -70.43
N GLY TA 305 -72.59 32.34 -69.26
CA GLY TA 305 -73.56 33.13 -68.52
C GLY TA 305 -74.21 34.28 -69.29
N ARG TA 306 -73.65 34.72 -70.42
CA ARG TA 306 -74.27 35.76 -71.27
C ARG TA 306 -75.49 35.24 -72.06
N LYS TA 307 -75.71 33.93 -72.08
CA LYS TA 307 -77.01 33.33 -72.47
C LYS TA 307 -78.11 33.58 -71.42
N LEU TA 308 -77.74 33.90 -70.19
CA LEU TA 308 -78.61 33.92 -69.01
C LEU TA 308 -78.81 35.34 -68.45
N TYR TA 309 -77.78 36.19 -68.47
CA TYR TA 309 -77.74 37.52 -67.85
C TYR TA 309 -76.77 38.46 -68.58
N ASP UA 3 34.61 -59.57 -45.00
CA ASP UA 3 34.97 -60.43 -46.16
C ASP UA 3 36.46 -60.72 -46.30
N ASP UA 4 37.36 -59.74 -46.19
CA ASP UA 4 38.77 -59.86 -46.62
C ASP UA 4 39.51 -61.09 -46.10
N LEU UA 5 39.19 -61.53 -44.89
CA LEU UA 5 39.81 -62.72 -44.32
C LEU UA 5 39.66 -63.94 -45.24
N LEU UA 6 38.53 -64.11 -45.93
CA LEU UA 6 38.37 -65.18 -46.92
C LEU UA 6 39.45 -65.10 -47.98
N LEU UA 7 39.63 -63.92 -48.57
CA LEU UA 7 40.67 -63.69 -49.55
C LEU UA 7 42.05 -63.99 -48.97
N LYS UA 8 42.32 -63.58 -47.73
CA LYS UA 8 43.57 -63.94 -47.08
C LYS UA 8 43.73 -65.46 -46.89
N LEU UA 9 42.67 -66.21 -46.61
CA LEU UA 9 42.77 -67.66 -46.59
C LEU UA 9 43.14 -68.22 -47.96
N LEU UA 10 42.61 -67.64 -49.04
CA LEU UA 10 43.07 -68.01 -50.37
C LEU UA 10 44.55 -67.71 -50.52
N GLU UA 11 45.03 -66.55 -50.07
CA GLU UA 11 46.47 -66.26 -50.14
C GLU UA 11 47.28 -67.30 -49.38
N LEU UA 12 46.86 -67.67 -48.17
CA LEU UA 12 47.56 -68.71 -47.41
C LEU UA 12 47.51 -70.06 -48.12
N LEU UA 13 46.37 -70.43 -48.70
CA LEU UA 13 46.27 -71.62 -49.51
C LEU UA 13 47.26 -71.55 -50.68
N VAL UA 14 47.30 -70.44 -51.41
CA VAL UA 14 48.20 -70.30 -52.55
C VAL UA 14 49.64 -70.38 -52.11
N GLU UA 15 50.03 -69.70 -51.05
CA GLU UA 15 51.42 -69.74 -50.63
C GLU UA 15 51.79 -71.14 -50.11
N GLN UA 16 50.90 -71.82 -49.40
CA GLN UA 16 51.10 -73.21 -48.99
C GLN UA 16 51.26 -74.10 -50.22
N ALA UA 17 50.44 -73.89 -51.25
CA ALA UA 17 50.63 -74.56 -52.53
C ALA UA 17 51.99 -74.19 -53.15
N ARG UA 18 52.44 -72.93 -53.07
CA ARG UA 18 53.70 -72.50 -53.68
C ARG UA 18 54.89 -73.17 -53.02
N VAL UA 19 54.89 -73.24 -51.70
CA VAL UA 19 55.89 -74.02 -50.95
C VAL UA 19 55.75 -75.52 -51.24
N SER UA 20 54.52 -76.01 -51.36
CA SER UA 20 54.29 -77.39 -51.81
C SER UA 20 54.80 -77.62 -53.24
N ALA UA 21 54.89 -76.59 -54.08
CA ALA UA 21 55.43 -76.69 -55.43
C ALA UA 21 56.97 -76.63 -55.43
N GLU UA 22 57.60 -75.93 -54.50
CA GLU UA 22 59.02 -76.19 -54.19
C GLU UA 22 59.21 -77.64 -53.74
N PHE UA 23 58.37 -78.15 -52.82
CA PHE UA 23 58.45 -79.54 -52.37
C PHE UA 23 58.25 -80.53 -53.53
N ALA UA 24 57.33 -80.26 -54.45
CA ALA UA 24 57.12 -81.05 -55.65
C ALA UA 24 58.34 -81.01 -56.59
N ARG UA 25 59.00 -79.86 -56.74
CA ARG UA 25 60.25 -79.74 -57.53
C ARG UA 25 61.42 -80.50 -56.90
N ARG UA 26 61.42 -80.67 -55.58
CA ARG UA 26 62.46 -81.42 -54.84
C ARG UA 26 62.15 -82.93 -54.70
N GLN UA 27 60.88 -83.34 -54.67
CA GLN UA 27 60.45 -84.75 -54.53
C GLN UA 27 60.04 -85.44 -55.85
N GLY UA 28 59.60 -84.69 -56.86
CA GLY UA 28 59.30 -85.20 -58.22
C GLY UA 28 57.97 -85.93 -58.40
N ASP UA 29 57.07 -85.92 -57.41
CA ASP UA 29 55.80 -86.66 -57.46
C ASP UA 29 54.72 -86.00 -58.34
N GLU UA 30 54.32 -86.68 -59.41
CA GLU UA 30 53.17 -86.29 -60.26
C GLU UA 30 51.88 -86.06 -59.48
N LYS UA 31 51.57 -86.91 -58.50
CA LYS UA 31 50.33 -86.76 -57.71
C LYS UA 31 50.37 -85.49 -56.86
N MET UA 32 51.55 -85.10 -56.39
CA MET UA 32 51.72 -83.83 -55.66
C MET UA 32 51.47 -82.65 -56.59
N LEU UA 33 51.98 -82.68 -57.83
CA LEU UA 33 51.66 -81.67 -58.85
C LEU UA 33 50.14 -81.65 -59.14
N GLU UA 34 49.52 -82.82 -59.26
CA GLU UA 34 48.08 -82.94 -59.43
C GLU UA 34 47.30 -82.35 -58.23
N GLU UA 35 47.78 -82.53 -57.00
CA GLU UA 35 47.20 -81.91 -55.82
C GLU UA 35 47.30 -80.39 -55.86
N VAL UA 36 48.48 -79.81 -56.09
CA VAL UA 36 48.59 -78.35 -56.12
C VAL UA 36 47.82 -77.75 -57.31
N ALA UA 37 47.76 -78.44 -58.45
CA ALA UA 37 46.96 -77.99 -59.58
C ALA UA 37 45.47 -77.92 -59.18
N ARG UA 38 44.94 -78.99 -58.58
CA ARG UA 38 43.56 -79.03 -58.08
C ARG UA 38 43.33 -77.93 -57.04
N LYS UA 39 44.20 -77.79 -56.05
CA LYS UA 39 44.08 -76.73 -55.03
C LYS UA 39 44.05 -75.34 -55.68
N ALA UA 40 44.90 -75.09 -56.68
CA ALA UA 40 44.89 -73.82 -57.39
C ALA UA 40 43.59 -73.61 -58.17
N GLU UA 41 43.03 -74.64 -58.79
CA GLU UA 41 41.70 -74.54 -59.39
C GLU UA 41 40.62 -74.27 -58.33
N GLU UA 42 40.71 -74.86 -57.13
CA GLU UA 42 39.80 -74.54 -56.03
C GLU UA 42 39.93 -73.09 -55.58
N VAL UA 43 41.15 -72.56 -55.54
CA VAL UA 43 41.35 -71.13 -55.34
C VAL UA 43 40.69 -70.36 -56.48
N ALA UA 44 40.90 -70.76 -57.73
CA ALA UA 44 40.31 -70.07 -58.88
C ALA UA 44 38.78 -70.01 -58.76
N ARG UA 45 38.15 -71.12 -58.39
CA ARG UA 45 36.71 -71.20 -58.06
C ARG UA 45 36.34 -70.17 -57.00
N LYS UA 46 36.98 -70.20 -55.84
CA LYS UA 46 36.63 -69.32 -54.72
C LYS UA 46 36.83 -67.85 -55.09
N ALA UA 47 37.98 -67.53 -55.69
CA ALA UA 47 38.34 -66.18 -56.09
C ALA UA 47 37.40 -65.65 -57.17
N GLU UA 48 37.11 -66.42 -58.22
CA GLU UA 48 36.13 -66.06 -59.25
C GLU UA 48 34.77 -65.75 -58.61
N SER UA 49 34.35 -66.55 -57.64
CA SER UA 49 33.06 -66.35 -56.98
C SER UA 49 33.01 -65.02 -56.22
N ILE UA 50 34.05 -64.71 -55.45
CA ILE UA 50 34.13 -63.41 -54.77
C ILE UA 50 34.28 -62.28 -55.80
N ALA UA 51 35.01 -62.50 -56.88
CA ALA UA 51 35.17 -61.49 -57.94
C ALA UA 51 33.82 -61.15 -58.62
N ARG UA 52 32.95 -62.14 -58.88
CA ARG UA 52 31.59 -61.88 -59.37
C ARG UA 52 30.76 -61.08 -58.36
N LYS UA 53 30.87 -61.38 -57.05
CA LYS UA 53 30.24 -60.57 -56.00
C LYS UA 53 30.72 -59.12 -56.09
N ALA UA 54 32.03 -58.89 -56.14
CA ALA UA 54 32.59 -57.56 -56.28
C ALA UA 54 32.15 -56.86 -57.58
N ARG UA 55 32.02 -57.61 -58.69
CA ARG UA 55 31.55 -57.10 -60.00
C ARG UA 55 30.18 -56.44 -59.87
N LYS UA 56 29.29 -57.03 -59.06
CA LYS UA 56 27.99 -56.44 -58.70
C LYS UA 56 28.12 -55.30 -57.70
N GLU UA 57 28.81 -55.54 -56.59
CA GLU UA 57 28.76 -54.64 -55.41
C GLU UA 57 29.56 -53.34 -55.56
N GLY UA 58 30.56 -53.28 -56.44
CA GLY UA 58 31.32 -52.05 -56.72
C GLY UA 58 32.38 -51.65 -55.67
N ASN UA 59 32.69 -52.53 -54.71
CA ASN UA 59 33.90 -52.39 -53.89
C ASN UA 59 35.12 -52.77 -54.74
N LEU UA 60 35.71 -51.79 -55.44
CA LEU UA 60 36.83 -52.04 -56.35
C LEU UA 60 38.06 -52.59 -55.60
N GLU UA 61 38.29 -52.20 -54.35
CA GLU UA 61 39.42 -52.71 -53.58
C GLU UA 61 39.35 -54.24 -53.44
N LEU UA 62 38.17 -54.79 -53.09
CA LEU UA 62 37.97 -56.23 -53.09
C LEU UA 62 38.18 -56.83 -54.49
N ALA UA 63 37.67 -56.20 -55.54
CA ALA UA 63 37.87 -56.70 -56.89
C ALA UA 63 39.36 -56.81 -57.23
N LEU UA 64 40.14 -55.76 -56.95
CA LEU UA 64 41.57 -55.80 -57.16
C LEU UA 64 42.23 -56.87 -56.29
N LYS UA 65 41.88 -56.99 -55.00
CA LYS UA 65 42.41 -58.04 -54.14
C LYS UA 65 42.13 -59.42 -54.73
N ALA UA 66 40.91 -59.67 -55.18
CA ALA UA 66 40.55 -60.94 -55.81
C ALA UA 66 41.35 -61.17 -57.09
N LEU UA 67 41.48 -60.15 -57.95
CA LEU UA 67 42.31 -60.24 -59.14
C LEU UA 67 43.76 -60.54 -58.78
N GLU UA 68 44.29 -59.95 -57.71
CA GLU UA 68 45.65 -60.25 -57.26
C GLU UA 68 45.79 -61.71 -56.84
N ILE UA 69 44.80 -62.25 -56.13
CA ILE UA 69 44.80 -63.68 -55.86
C ILE UA 69 44.76 -64.45 -57.17
N LEU UA 70 43.92 -64.06 -58.13
CA LEU UA 70 43.88 -64.74 -59.43
C LEU UA 70 45.24 -64.69 -60.12
N VAL UA 71 45.94 -63.56 -60.05
CA VAL UA 71 47.32 -63.45 -60.53
C VAL UA 71 48.22 -64.42 -59.79
N ARG UA 72 48.21 -64.41 -58.46
CA ARG UA 72 49.07 -65.29 -57.64
C ARG UA 72 48.81 -66.75 -57.98
N ALA UA 73 47.54 -67.13 -58.08
CA ALA UA 73 47.12 -68.46 -58.46
C ALA UA 73 47.58 -68.80 -59.88
N ALA UA 74 47.41 -67.88 -60.83
CA ALA UA 74 47.87 -68.08 -62.18
C ALA UA 74 49.40 -68.24 -62.21
N HIS UA 75 50.14 -67.51 -61.37
CA HIS UA 75 51.59 -67.61 -61.31
C HIS UA 75 52.03 -68.99 -60.84
N VAL UA 76 51.46 -69.49 -59.74
CA VAL UA 76 51.81 -70.85 -59.31
C VAL UA 76 51.33 -71.89 -60.31
N LEU UA 77 50.16 -71.72 -60.92
CA LEU UA 77 49.70 -72.61 -62.01
C LEU UA 77 50.68 -72.60 -63.18
N ALA UA 78 51.23 -71.44 -63.53
CA ALA UA 78 52.22 -71.32 -64.58
C ALA UA 78 53.52 -72.06 -64.19
N GLU UA 79 54.00 -71.92 -62.95
CA GLU UA 79 55.17 -72.69 -62.50
C GLU UA 79 54.90 -74.20 -62.55
N ILE UA 80 53.73 -74.64 -62.08
CA ILE UA 80 53.31 -76.06 -62.12
C ILE UA 80 53.32 -76.56 -63.57
N ALA UA 81 52.64 -75.85 -64.46
CA ALA UA 81 52.51 -76.23 -65.85
C ALA UA 81 53.86 -76.21 -66.59
N ARG UA 82 54.72 -75.23 -66.29
CA ARG UA 82 56.04 -75.08 -66.93
C ARG UA 82 56.98 -76.22 -66.58
N GLU UA 83 56.93 -76.71 -65.34
CA GLU UA 83 57.65 -77.93 -64.94
C GLU UA 83 56.98 -79.19 -65.51
N ARG UA 84 55.67 -79.34 -65.37
CA ARG UA 84 54.94 -80.58 -65.75
C ARG UA 84 54.83 -80.78 -67.27
N GLY UA 85 54.87 -79.71 -68.04
CA GLY UA 85 54.70 -79.72 -69.50
C GLY UA 85 53.25 -79.84 -69.98
N ASN UA 86 52.26 -79.82 -69.08
CA ASN UA 86 50.85 -79.96 -69.45
C ASN UA 86 50.30 -78.73 -70.18
N GLU UA 87 49.49 -78.95 -71.22
CA GLU UA 87 48.82 -77.87 -71.96
C GLU UA 87 47.58 -77.32 -71.25
N GLU UA 88 46.73 -78.14 -70.64
CA GLU UA 88 45.42 -77.71 -70.12
C GLU UA 88 45.54 -76.62 -69.05
N LEU UA 89 46.52 -76.73 -68.15
CA LEU UA 89 46.80 -75.66 -67.20
C LEU UA 89 47.21 -74.35 -67.91
N GLN UA 90 47.99 -74.43 -68.99
CA GLN UA 90 48.37 -73.27 -69.80
C GLN UA 90 47.17 -72.69 -70.56
N LYS UA 91 46.30 -73.53 -71.12
CA LYS UA 91 45.05 -73.12 -71.78
C LYS UA 91 44.16 -72.36 -70.79
N LYS UA 92 43.96 -72.93 -69.59
CA LYS UA 92 43.21 -72.29 -68.50
C LYS UA 92 43.83 -70.96 -68.12
N ALA UA 93 45.13 -70.93 -67.85
CA ALA UA 93 45.83 -69.70 -67.46
C ALA UA 93 45.72 -68.62 -68.55
N HIS UA 94 45.90 -68.97 -69.82
CA HIS UA 94 45.80 -68.01 -70.93
C HIS UA 94 44.41 -67.38 -70.99
N LYS UA 95 43.35 -68.21 -71.02
CA LYS UA 95 41.96 -67.71 -71.05
C LYS UA 95 41.62 -66.88 -69.82
N LEU UA 96 41.93 -67.38 -68.62
CA LEU UA 96 41.67 -66.66 -67.38
C LEU UA 96 42.40 -65.32 -67.36
N ALA UA 97 43.69 -65.30 -67.73
CA ALA UA 97 44.46 -64.08 -67.81
C ALA UA 97 43.87 -63.09 -68.82
N LYS UA 98 43.49 -63.56 -70.02
CA LYS UA 98 42.91 -62.70 -71.05
C LYS UA 98 41.62 -62.03 -70.58
N GLU UA 99 40.71 -62.79 -69.98
CA GLU UA 99 39.47 -62.22 -69.44
C GLU UA 99 39.75 -61.35 -68.21
N ALA UA 100 40.65 -61.74 -67.32
CA ALA UA 100 41.06 -60.89 -66.21
C ALA UA 100 41.63 -59.56 -66.71
N LEU UA 101 42.42 -59.56 -67.78
CA LEU UA 101 42.98 -58.35 -68.37
C LEU UA 101 41.86 -57.43 -68.84
N ARG UA 102 40.91 -57.95 -69.61
CA ARG UA 102 39.73 -57.17 -70.01
C ARG UA 102 38.98 -56.64 -68.79
N GLN UA 103 38.71 -57.50 -67.81
CA GLN UA 103 37.95 -57.11 -66.63
C GLN UA 103 38.68 -56.03 -65.82
N VAL UA 104 39.98 -56.16 -65.59
CA VAL UA 104 40.73 -55.14 -64.87
C VAL UA 104 40.80 -53.86 -65.68
N ILE UA 105 40.87 -53.91 -67.00
CA ILE UA 105 40.77 -52.71 -67.83
C ILE UA 105 39.42 -52.04 -67.63
N GLU UA 106 38.32 -52.79 -67.68
CA GLU UA 106 36.99 -52.24 -67.46
C GLU UA 106 36.87 -51.62 -66.06
N ILE UA 107 37.38 -52.31 -65.04
CA ILE UA 107 37.48 -51.77 -63.69
C ILE UA 107 38.31 -50.48 -63.70
N ALA UA 108 39.44 -50.44 -64.38
CA ALA UA 108 40.30 -49.26 -64.43
C ALA UA 108 39.62 -48.09 -65.14
N ILE UA 109 38.88 -48.35 -66.21
CA ILE UA 109 38.05 -47.32 -66.84
C ILE UA 109 37.04 -46.80 -65.82
N ARG UA 110 36.35 -47.67 -65.09
CA ARG UA 110 35.42 -47.25 -64.03
C ARG UA 110 36.12 -46.41 -62.97
N ALA UA 111 37.27 -46.85 -62.49
CA ALA UA 111 38.05 -46.14 -61.47
C ALA UA 111 38.48 -44.73 -61.95
N ILE UA 112 38.91 -44.60 -63.21
CA ILE UA 112 39.21 -43.30 -63.82
C ILE UA 112 37.95 -42.45 -63.92
N GLN UA 113 36.80 -43.03 -64.30
CA GLN UA 113 35.53 -42.32 -64.38
C GLN UA 113 35.05 -41.81 -63.01
N GLU UA 114 35.18 -42.64 -61.97
CA GLU UA 114 34.88 -42.27 -60.57
C GLU UA 114 35.93 -41.32 -59.95
N GLY UA 115 37.13 -41.23 -60.54
CA GLY UA 115 38.24 -40.39 -60.07
C GLY UA 115 39.08 -41.00 -58.95
N ASN UA 116 38.89 -42.28 -58.61
CA ASN UA 116 39.74 -43.00 -57.66
C ASN UA 116 41.02 -43.49 -58.37
N LEU UA 117 41.89 -42.55 -58.71
CA LEU UA 117 43.12 -42.88 -59.46
C LEU UA 117 44.07 -43.74 -58.62
N GLU UA 118 43.96 -43.70 -57.30
CA GLU UA 118 44.73 -44.54 -56.39
C GLU UA 118 44.48 -46.03 -56.68
N LEU UA 119 43.22 -46.45 -56.65
CA LEU UA 119 42.88 -47.82 -57.02
C LEU UA 119 43.23 -48.08 -58.49
N ALA UA 120 43.04 -47.10 -59.39
CA ALA UA 120 43.40 -47.30 -60.79
C ALA UA 120 44.90 -47.62 -60.95
N ILE UA 121 45.77 -46.93 -60.20
CA ILE UA 121 47.20 -47.21 -60.19
C ILE UA 121 47.46 -48.62 -59.69
N ILE UA 122 46.85 -49.01 -58.57
CA ILE UA 122 47.01 -50.37 -58.03
C ILE UA 122 46.55 -51.39 -59.07
N ALA UA 123 45.41 -51.14 -59.71
CA ALA UA 123 44.88 -51.99 -60.76
C ALA UA 123 45.85 -52.10 -61.92
N LEU UA 124 46.46 -50.99 -62.32
CA LEU UA 124 47.38 -51.00 -63.44
C LEU UA 124 48.63 -51.80 -63.09
N HIS UA 125 49.10 -51.74 -61.85
CA HIS UA 125 50.12 -52.65 -61.35
C HIS UA 125 49.67 -54.12 -61.45
N ILE UA 126 48.46 -54.43 -61.01
CA ILE UA 126 47.94 -55.80 -61.18
C ILE UA 126 47.90 -56.18 -62.66
N SER UA 127 47.51 -55.27 -63.55
CA SER UA 127 47.49 -55.54 -64.98
C SER UA 127 48.91 -55.84 -65.49
N VAL UA 128 49.90 -55.08 -65.07
CA VAL UA 128 51.28 -55.36 -65.44
C VAL UA 128 51.69 -56.74 -64.91
N ARG UA 129 51.26 -57.12 -63.71
CA ARG UA 129 51.52 -58.47 -63.21
C ARG UA 129 50.75 -59.54 -64.00
N ILE UA 130 49.55 -59.26 -64.50
CA ILE UA 130 48.91 -60.15 -65.48
C ILE UA 130 49.82 -60.28 -66.71
N ALA UA 131 50.47 -59.19 -67.16
CA ALA UA 131 51.40 -59.29 -68.26
C ALA UA 131 52.59 -60.21 -67.93
N GLU UA 132 53.08 -60.23 -66.70
CA GLU UA 132 54.09 -61.22 -66.31
C GLU UA 132 53.58 -62.64 -66.50
N VAL UA 133 52.33 -62.91 -66.09
CA VAL UA 133 51.70 -64.20 -66.34
C VAL UA 133 51.63 -64.46 -67.85
N LEU UA 134 51.16 -63.49 -68.63
CA LEU UA 134 51.01 -63.67 -70.08
C LEU UA 134 52.36 -63.98 -70.74
N LEU UA 135 53.40 -63.18 -70.49
CA LEU UA 135 54.67 -63.41 -71.16
C LEU UA 135 55.35 -64.68 -70.68
N GLU UA 136 55.18 -65.07 -69.41
CA GLU UA 136 55.61 -66.39 -68.97
C GLU UA 136 54.81 -67.50 -69.65
N THR UA 137 53.51 -67.29 -69.92
CA THR UA 137 52.68 -68.28 -70.59
C THR UA 137 53.21 -68.60 -71.98
N ARG UA 138 53.55 -67.56 -72.77
CA ARG UA 138 54.29 -67.66 -74.03
C ARG UA 138 54.99 -66.33 -74.34
N PRO UA 139 56.31 -66.32 -74.63
CA PRO UA 139 57.04 -65.11 -74.99
C PRO UA 139 56.81 -64.66 -76.45
N ASP UA 140 56.25 -65.51 -77.31
CA ASP UA 140 56.08 -65.31 -78.76
C ASP UA 140 54.63 -64.97 -79.19
N ASP UA 141 53.67 -64.95 -78.25
CA ASP UA 141 52.29 -64.46 -78.45
C ASP UA 141 52.23 -62.90 -78.50
N ARG UA 142 53.19 -62.31 -79.21
CA ARG UA 142 53.63 -60.91 -79.05
C ARG UA 142 52.52 -59.89 -79.28
N GLU UA 143 51.57 -60.16 -80.15
CA GLU UA 143 50.50 -59.21 -80.48
C GLU UA 143 49.63 -58.92 -79.24
N GLU UA 144 49.32 -59.93 -78.44
CA GLU UA 144 48.57 -59.74 -77.19
C GLU UA 144 49.36 -58.85 -76.21
N ILE UA 145 50.67 -59.11 -76.10
CA ILE UA 145 51.56 -58.32 -75.26
C ILE UA 145 51.61 -56.88 -75.76
N ARG UA 146 51.69 -56.67 -77.07
CA ARG UA 146 51.67 -55.34 -77.68
C ARG UA 146 50.36 -54.62 -77.40
N GLU UA 147 49.22 -55.29 -77.55
CA GLU UA 147 47.91 -54.74 -77.19
C GLU UA 147 47.88 -54.32 -75.72
N GLN UA 148 48.34 -55.18 -74.81
CA GLN UA 148 48.46 -54.82 -73.40
C GLN UA 148 49.33 -53.57 -73.22
N GLN UA 149 50.54 -53.55 -73.80
CA GLN UA 149 51.45 -52.42 -73.65
C GLN UA 149 50.87 -51.13 -74.21
N ALA UA 150 50.19 -51.18 -75.35
CA ALA UA 150 49.56 -50.02 -75.94
C ALA UA 150 48.48 -49.46 -75.00
N ILE UA 151 47.60 -50.34 -74.51
CA ILE UA 151 46.56 -49.95 -73.57
C ILE UA 151 47.18 -49.38 -72.30
N PHE UA 152 48.24 -50.01 -71.78
CA PHE UA 152 48.97 -49.52 -70.63
C PHE UA 152 49.50 -48.11 -70.87
N GLU UA 153 50.22 -47.88 -71.96
CA GLU UA 153 50.78 -46.54 -72.21
C GLU UA 153 49.67 -45.51 -72.42
N LEU UA 154 48.55 -45.87 -73.04
CA LEU UA 154 47.40 -44.99 -73.12
C LEU UA 154 46.89 -44.65 -71.71
N LEU UA 155 46.68 -45.65 -70.86
CA LEU UA 155 46.23 -45.43 -69.48
C LEU UA 155 47.23 -44.56 -68.71
N ILE UA 156 48.54 -44.78 -68.85
CA ILE UA 156 49.55 -43.93 -68.21
C ILE UA 156 49.50 -42.51 -68.75
N ALA UA 157 49.39 -42.32 -70.06
CA ALA UA 157 49.30 -40.97 -70.62
C ALA UA 157 48.05 -40.24 -70.06
N ALA UA 158 46.93 -40.95 -69.99
CA ALA UA 158 45.72 -40.43 -69.38
C ALA UA 158 45.94 -40.09 -67.89
N LEU UA 159 46.56 -40.99 -67.14
CA LEU UA 159 46.88 -40.73 -65.73
C LEU UA 159 47.81 -39.53 -65.58
N GLU UA 160 48.82 -39.36 -66.43
CA GLU UA 160 49.71 -38.20 -66.37
C GLU UA 160 48.95 -36.89 -66.59
N ALA UA 161 48.12 -36.82 -67.64
CA ALA UA 161 47.29 -35.65 -67.87
C ALA UA 161 46.35 -35.40 -66.68
N ALA UA 162 45.69 -36.45 -66.21
CA ALA UA 162 44.73 -36.38 -65.12
C ALA UA 162 45.39 -35.87 -63.84
N ILE UA 163 46.46 -36.49 -63.40
CA ILE UA 163 47.12 -36.14 -62.13
C ILE UA 163 47.81 -34.78 -62.26
N ARG UA 164 48.38 -34.43 -63.42
CA ARG UA 164 48.93 -33.08 -63.63
C ARG UA 164 47.84 -32.03 -63.46
N LEU UA 165 46.68 -32.21 -64.10
CA LEU UA 165 45.59 -31.24 -63.98
C LEU UA 165 45.00 -31.24 -62.55
N GLU UA 166 44.90 -32.38 -61.89
CA GLU UA 166 44.49 -32.43 -60.48
C GLU UA 166 45.48 -31.70 -59.58
N LYS UA 167 46.78 -31.79 -59.87
CA LYS UA 167 47.79 -30.99 -59.18
C LYS UA 167 47.59 -29.50 -59.44
N LEU UA 168 47.26 -29.09 -60.67
CA LEU UA 168 46.87 -27.70 -60.91
C LEU UA 168 45.63 -27.30 -60.08
N LYS UA 169 44.67 -28.21 -59.89
CA LYS UA 169 43.50 -27.97 -59.01
C LYS UA 169 43.93 -27.79 -57.55
N GLU UA 170 44.86 -28.60 -57.07
CA GLU UA 170 45.43 -28.48 -55.72
C GLU UA 170 46.24 -27.19 -55.54
N GLU UA 171 47.03 -26.77 -56.54
CA GLU UA 171 47.83 -25.55 -56.51
C GLU UA 171 47.00 -24.25 -56.67
N GLY UA 172 45.77 -24.33 -57.18
CA GLY UA 172 44.94 -23.15 -57.46
C GLY UA 172 45.38 -22.37 -58.71
N ALA UA 173 45.82 -23.07 -59.76
CA ALA UA 173 46.31 -22.47 -61.00
C ALA UA 173 45.23 -21.62 -61.73
N PRO UA 174 45.63 -20.63 -62.55
CA PRO UA 174 44.68 -19.78 -63.26
C PRO UA 174 43.96 -20.53 -64.39
N PRO UA 175 42.70 -20.20 -64.69
CA PRO UA 175 41.91 -20.82 -65.76
C PRO UA 175 42.62 -20.91 -67.11
N GLU UA 176 43.35 -19.89 -67.56
CA GLU UA 176 44.06 -19.96 -68.84
C GLU UA 176 45.16 -21.04 -68.84
N GLN UA 177 45.91 -21.18 -67.76
CA GLN UA 177 46.92 -22.24 -67.65
C GLN UA 177 46.24 -23.62 -67.57
N ILE UA 178 45.17 -23.73 -66.77
CA ILE UA 178 44.33 -24.93 -66.69
C ILE UA 178 43.84 -25.35 -68.08
N GLU UA 179 43.36 -24.41 -68.88
CA GLU UA 179 42.89 -24.68 -70.23
C GLU UA 179 44.05 -25.12 -71.15
N ARG UA 180 45.22 -24.47 -71.08
CA ARG UA 180 46.39 -24.87 -71.87
C ARG UA 180 46.85 -26.29 -71.52
N VAL UA 181 46.86 -26.65 -70.24
CA VAL UA 181 47.19 -28.01 -69.79
C VAL UA 181 46.14 -29.01 -70.28
N ALA UA 182 44.84 -28.69 -70.17
CA ALA UA 182 43.78 -29.57 -70.66
C ALA UA 182 43.90 -29.77 -72.18
N GLU UA 183 44.13 -28.70 -72.92
CA GLU UA 183 44.36 -28.71 -74.37
C GLU UA 183 45.56 -29.58 -74.72
N HIS UA 184 46.70 -29.37 -74.05
CA HIS UA 184 47.90 -30.18 -74.22
C HIS UA 184 47.62 -31.67 -73.96
N GLY UA 185 46.84 -31.95 -72.92
CA GLY UA 185 46.43 -33.32 -72.59
C GLY UA 185 45.61 -33.96 -73.71
N LEU UA 186 44.58 -33.28 -74.19
CA LEU UA 186 43.77 -33.76 -75.30
C LEU UA 186 44.61 -33.93 -76.58
N GLU UA 187 45.48 -32.97 -76.91
CA GLU UA 187 46.39 -33.06 -78.06
C GLU UA 187 47.27 -34.31 -77.96
N ARG UA 188 47.96 -34.49 -76.83
CA ARG UA 188 48.84 -35.65 -76.63
C ARG UA 188 48.05 -36.95 -76.70
N LEU UA 189 46.89 -37.02 -76.06
CA LEU UA 189 46.01 -38.19 -76.14
C LEU UA 189 45.62 -38.49 -77.58
N LYS UA 190 45.25 -37.47 -78.36
CA LYS UA 190 44.88 -37.65 -79.77
C LYS UA 190 46.04 -38.23 -80.57
N GLU UA 191 47.23 -37.62 -80.46
CA GLU UA 191 48.39 -38.12 -81.18
C GLU UA 191 48.76 -39.55 -80.76
N ILE UA 192 48.77 -39.84 -79.46
CA ILE UA 192 49.01 -41.21 -78.97
C ILE UA 192 47.96 -42.17 -79.52
N ALA UA 193 46.68 -41.82 -79.50
CA ALA UA 193 45.63 -42.69 -80.00
C ALA UA 193 45.83 -42.98 -81.49
N LYS UA 194 46.22 -41.96 -82.28
CA LYS UA 194 46.52 -42.14 -83.69
C LYS UA 194 47.72 -43.06 -83.90
N GLU UA 195 48.78 -42.91 -83.12
CA GLU UA 195 49.92 -43.85 -83.16
C GLU UA 195 49.49 -45.28 -82.82
N ILE UA 196 48.69 -45.47 -81.76
CA ILE UA 196 48.19 -46.79 -81.37
C ILE UA 196 47.33 -47.41 -82.48
N SER UA 197 46.48 -46.59 -83.13
CA SER UA 197 45.61 -47.03 -84.23
C SER UA 197 46.40 -47.64 -85.41
N LYS UA 198 47.70 -47.34 -85.56
CA LYS UA 198 48.54 -47.97 -86.61
C LYS UA 198 48.75 -49.47 -86.39
N GLU UA 199 48.56 -49.98 -85.18
CA GLU UA 199 48.94 -51.35 -84.84
C GLU UA 199 47.78 -52.21 -84.32
N VAL UA 200 46.88 -51.66 -83.50
CA VAL UA 200 45.85 -52.45 -82.80
C VAL UA 200 44.76 -53.00 -83.74
N ASP UA 201 44.25 -54.20 -83.44
CA ASP UA 201 43.24 -54.86 -84.28
C ASP UA 201 42.18 -55.68 -83.51
N SER UA 202 42.28 -55.82 -82.19
CA SER UA 202 41.13 -56.28 -81.40
C SER UA 202 40.03 -55.23 -81.42
N PRO UA 203 38.79 -55.57 -81.86
CA PRO UA 203 37.70 -54.60 -81.90
C PRO UA 203 37.37 -54.06 -80.51
N GLU UA 204 37.33 -54.93 -79.50
CA GLU UA 204 37.09 -54.48 -78.13
C GLU UA 204 38.25 -53.62 -77.62
N SER UA 205 39.49 -53.91 -78.02
CA SER UA 205 40.62 -53.03 -77.70
C SER UA 205 40.42 -51.63 -78.29
N LYS UA 206 39.98 -51.51 -79.54
CA LYS UA 206 39.64 -50.20 -80.09
C LYS UA 206 38.53 -49.52 -79.28
N ARG UA 207 37.49 -50.25 -78.87
CA ARG UA 207 36.43 -49.68 -78.00
C ARG UA 207 37.02 -49.23 -76.67
N ILE UA 208 37.85 -50.06 -76.04
CA ILE UA 208 38.59 -49.72 -74.83
C ILE UA 208 39.36 -48.42 -75.04
N ALA UA 209 40.15 -48.29 -76.11
CA ALA UA 209 40.93 -47.09 -76.36
C ALA UA 209 40.03 -45.85 -76.47
N TYR UA 210 38.94 -45.96 -77.22
CA TYR UA 210 38.02 -44.85 -77.34
C TYR UA 210 37.40 -44.49 -75.99
N LYS UA 211 36.90 -45.50 -75.25
CA LYS UA 211 36.33 -45.30 -73.91
C LYS UA 211 37.35 -44.66 -72.98
N ILE UA 212 38.62 -45.06 -73.03
CA ILE UA 212 39.68 -44.45 -72.22
C ILE UA 212 39.82 -42.98 -72.61
N VAL UA 213 39.94 -42.65 -73.91
CA VAL UA 213 40.06 -41.25 -74.31
C VAL UA 213 38.85 -40.46 -73.82
N ALA UA 214 37.64 -41.01 -73.96
CA ALA UA 214 36.42 -40.36 -73.51
C ALA UA 214 36.40 -40.17 -71.99
N ALA UA 215 36.73 -41.20 -71.22
CA ALA UA 215 36.80 -41.10 -69.77
C ALA UA 215 37.86 -40.08 -69.31
N ALA UA 216 38.99 -40.00 -70.02
CA ALA UA 216 40.01 -38.99 -69.76
C ALA UA 216 39.46 -37.58 -70.06
N ALA UA 217 38.83 -37.37 -71.20
CA ALA UA 217 38.17 -36.10 -71.49
C ALA UA 217 37.12 -35.76 -70.43
N GLU UA 218 36.31 -36.73 -70.02
CA GLU UA 218 35.29 -36.53 -68.98
C GLU UA 218 35.93 -36.08 -67.66
N PHE UA 219 36.97 -36.78 -67.21
CA PHE UA 219 37.70 -36.41 -66.02
C PHE UA 219 38.29 -35.00 -66.16
N LEU UA 220 38.91 -34.68 -67.29
CA LEU UA 220 39.43 -33.33 -67.56
C LEU UA 220 38.31 -32.30 -67.45
N LEU UA 221 37.15 -32.55 -68.04
CA LEU UA 221 36.02 -31.63 -67.99
C LEU UA 221 35.53 -31.42 -66.56
N LYS UA 222 35.33 -32.50 -65.79
CA LYS UA 222 34.90 -32.40 -64.39
C LYS UA 222 35.93 -31.66 -63.55
N ILE UA 223 37.22 -31.98 -63.68
CA ILE UA 223 38.29 -31.28 -62.96
C ILE UA 223 38.33 -29.80 -63.34
N LEU UA 224 38.21 -29.47 -64.62
CA LEU UA 224 38.24 -28.08 -65.09
C LEU UA 224 37.04 -27.29 -64.54
N ALA UA 225 35.87 -27.92 -64.44
CA ALA UA 225 34.71 -27.33 -63.79
C ALA UA 225 34.92 -27.12 -62.28
N GLU UA 226 35.47 -28.10 -61.57
CA GLU UA 226 35.84 -27.93 -60.15
C GLU UA 226 36.92 -26.84 -59.96
N GLY UA 227 37.79 -26.64 -60.95
CA GLY UA 227 38.81 -25.58 -60.99
C GLY UA 227 38.25 -24.17 -61.16
N GLY UA 228 36.94 -23.99 -61.33
CA GLY UA 228 36.28 -22.68 -61.35
C GLY UA 228 36.54 -21.86 -62.62
N ALA UA 229 36.88 -22.52 -63.73
CA ALA UA 229 37.06 -21.85 -65.03
C ALA UA 229 35.77 -21.12 -65.49
N THR UA 230 35.93 -20.06 -66.28
CA THR UA 230 34.80 -19.22 -66.71
C THR UA 230 33.83 -19.98 -67.64
N PRO UA 231 32.56 -19.57 -67.74
CA PRO UA 231 31.63 -20.16 -68.70
C PRO UA 231 32.15 -20.17 -70.14
N GLU UA 232 32.87 -19.12 -70.56
CA GLU UA 232 33.48 -19.04 -71.89
C GLU UA 232 34.58 -20.09 -72.04
N GLN UA 233 35.46 -20.21 -71.05
CA GLN UA 233 36.51 -21.23 -71.09
C GLN UA 233 35.90 -22.65 -71.06
N LEU UA 234 34.88 -22.90 -70.25
CA LEU UA 234 34.15 -24.19 -70.27
C LEU UA 234 33.57 -24.48 -71.66
N GLU UA 235 32.98 -23.49 -72.31
CA GLU UA 235 32.44 -23.64 -73.66
C GLU UA 235 33.54 -23.95 -74.69
N ARG UA 236 34.65 -23.20 -74.69
CA ARG UA 236 35.79 -23.44 -75.59
C ARG UA 236 36.40 -24.81 -75.38
N VAL UA 237 36.59 -25.20 -74.13
CA VAL UA 237 37.07 -26.54 -73.76
C VAL UA 237 36.09 -27.58 -74.30
N THR UA 238 34.79 -27.38 -74.09
CA THR UA 238 33.80 -28.36 -74.53
C THR UA 238 33.85 -28.55 -76.04
N GLU UA 239 33.85 -27.48 -76.83
CA GLU UA 239 33.92 -27.64 -78.28
C GLU UA 239 35.24 -28.28 -78.71
N HIS UA 240 36.38 -27.85 -78.16
CA HIS UA 240 37.66 -28.46 -78.49
C HIS UA 240 37.68 -29.94 -78.13
N ALA UA 241 37.13 -30.31 -76.98
CA ALA UA 241 37.05 -31.70 -76.54
C ALA UA 241 36.17 -32.52 -77.50
N LEU UA 242 34.98 -32.04 -77.84
CA LEU UA 242 34.14 -32.73 -78.81
C LEU UA 242 34.84 -32.85 -80.17
N GLU UA 243 35.54 -31.81 -80.62
CA GLU UA 243 36.32 -31.85 -81.86
C GLU UA 243 37.40 -32.93 -81.81
N VAL UA 244 38.16 -32.99 -80.72
CA VAL UA 244 39.13 -34.06 -80.53
C VAL UA 244 38.43 -35.41 -80.52
N LEU UA 245 37.32 -35.56 -79.79
CA LEU UA 245 36.62 -36.84 -79.71
C LEU UA 245 36.12 -37.28 -81.07
N LYS UA 246 35.62 -36.36 -81.90
CA LYS UA 246 35.24 -36.62 -83.28
C LYS UA 246 36.45 -37.03 -84.11
N GLU UA 247 37.58 -36.32 -83.99
CA GLU UA 247 38.80 -36.67 -84.71
C GLU UA 247 39.27 -38.09 -84.33
N VAL UA 248 39.37 -38.38 -83.04
CA VAL UA 248 39.76 -39.71 -82.53
C VAL UA 248 38.75 -40.76 -82.98
N ALA UA 249 37.45 -40.43 -83.02
CA ALA UA 249 36.47 -41.38 -83.49
C ALA UA 249 36.74 -41.76 -84.95
N LYS UA 250 36.99 -40.78 -85.83
CA LYS UA 250 37.37 -41.07 -87.23
C LYS UA 250 38.66 -41.88 -87.32
N GLU UA 251 39.66 -41.57 -86.51
CA GLU UA 251 40.96 -42.26 -86.55
C GLU UA 251 40.92 -43.69 -85.98
N LEU UA 252 39.92 -44.05 -85.16
CA LEU UA 252 39.79 -45.40 -84.59
C LEU UA 252 38.69 -46.23 -85.27
N ALA UA 253 37.50 -45.67 -85.48
CA ALA UA 253 36.31 -46.47 -85.84
C ALA UA 253 36.39 -47.07 -87.25
N ASP UA 254 35.96 -48.33 -87.37
CA ASP UA 254 36.06 -49.15 -88.60
C ASP UA 254 34.89 -50.13 -88.79
N SER UA 255 33.84 -50.05 -87.97
CA SER UA 255 32.60 -50.84 -88.06
C SER UA 255 31.39 -50.05 -87.55
N PRO UA 256 30.15 -50.38 -87.94
CA PRO UA 256 28.98 -49.69 -87.43
C PRO UA 256 28.83 -49.86 -85.91
N GLU UA 257 29.18 -51.01 -85.36
CA GLU UA 257 29.15 -51.23 -83.91
C GLU UA 257 30.16 -50.34 -83.19
N SER UA 258 31.37 -50.17 -83.76
CA SER UA 258 32.34 -49.21 -83.23
C SER UA 258 31.78 -47.78 -83.29
N GLY UA 259 31.04 -47.46 -84.34
CA GLY UA 259 30.31 -46.20 -84.45
C GLY UA 259 29.30 -46.03 -83.32
N LEU UA 260 28.46 -47.04 -83.09
CA LEU UA 260 27.45 -47.03 -82.01
C LEU UA 260 28.12 -46.68 -80.68
N ALA UA 261 29.16 -47.42 -80.33
CA ALA UA 261 29.91 -47.16 -79.12
C ALA UA 261 30.48 -45.74 -79.09
N ALA UA 262 31.25 -45.35 -80.10
CA ALA UA 262 31.98 -44.09 -80.09
C ALA UA 262 31.00 -42.92 -79.98
N LEU UA 263 29.97 -42.92 -80.79
CA LEU UA 263 29.06 -41.80 -80.81
C LEU UA 263 28.18 -41.78 -79.55
N ALA UA 264 27.84 -42.94 -78.98
CA ALA UA 264 27.18 -42.98 -77.68
C ALA UA 264 28.05 -42.31 -76.61
N ALA UA 265 29.35 -42.61 -76.60
CA ALA UA 265 30.28 -41.96 -75.69
C ALA UA 265 30.37 -40.46 -75.97
N ILE UA 266 30.46 -40.03 -77.22
CA ILE UA 266 30.48 -38.61 -77.57
C ILE UA 266 29.24 -37.94 -77.00
N ALA UA 267 28.05 -38.50 -77.27
CA ALA UA 267 26.80 -37.93 -76.81
C ALA UA 267 26.76 -37.87 -75.28
N SER UA 268 27.33 -38.86 -74.61
CA SER UA 268 27.46 -38.83 -73.16
C SER UA 268 28.31 -37.65 -72.71
N LEU UA 269 29.46 -37.40 -73.34
CA LEU UA 269 30.29 -36.25 -72.99
C LEU UA 269 29.56 -34.94 -73.28
N ALA UA 270 28.88 -34.83 -74.42
CA ALA UA 270 28.09 -33.66 -74.73
C ALA UA 270 26.99 -33.43 -73.68
N LYS UA 271 26.32 -34.49 -73.23
CA LYS UA 271 25.29 -34.42 -72.18
C LYS UA 271 25.90 -33.88 -70.89
N LEU UA 272 27.07 -34.36 -70.49
CA LEU UA 272 27.76 -33.80 -69.33
C LEU UA 272 28.13 -32.32 -69.56
N GLY UA 273 28.58 -31.94 -70.75
CA GLY UA 273 28.88 -30.55 -71.07
C GLY UA 273 27.65 -29.65 -70.87
N LEU UA 274 26.50 -30.10 -71.39
CA LEU UA 274 25.23 -29.42 -71.20
C LEU UA 274 24.85 -29.36 -69.71
N GLU UA 275 25.01 -30.45 -68.98
CA GLU UA 275 24.72 -30.51 -67.54
C GLU UA 275 25.59 -29.51 -66.76
N GLN UA 276 26.88 -29.42 -67.07
CA GLN UA 276 27.80 -28.46 -66.48
C GLN UA 276 27.39 -27.02 -66.80
N LEU UA 277 27.14 -26.69 -68.07
CA LEU UA 277 26.67 -25.35 -68.43
C LEU UA 277 25.35 -25.00 -67.71
N LYS UA 278 24.42 -25.96 -67.59
CA LYS UA 278 23.17 -25.78 -66.85
C LYS UA 278 23.42 -25.52 -65.35
N GLU UA 279 24.33 -26.29 -64.74
CA GLU UA 279 24.69 -26.11 -63.33
C GLU UA 279 25.40 -24.78 -63.08
N ILE UA 280 26.29 -24.35 -63.98
CA ILE UA 280 26.95 -23.04 -63.95
C ILE UA 280 25.96 -21.90 -64.23
N GLY UA 281 24.83 -22.18 -64.88
CA GLY UA 281 23.84 -21.18 -65.27
C GLY UA 281 24.23 -20.35 -66.48
N ALA UA 282 25.02 -20.93 -67.41
CA ALA UA 282 25.39 -20.27 -68.66
C ALA UA 282 24.16 -19.93 -69.53
N PRO UA 283 24.18 -18.81 -70.27
CA PRO UA 283 23.01 -18.37 -71.03
C PRO UA 283 22.67 -19.34 -72.17
N PRO UA 284 21.39 -19.44 -72.58
CA PRO UA 284 20.92 -20.45 -73.52
C PRO UA 284 21.68 -20.54 -74.83
N GLU UA 285 22.24 -19.43 -75.35
CA GLU UA 285 23.03 -19.44 -76.58
C GLU UA 285 24.27 -20.33 -76.47
N GLN UA 286 24.94 -20.38 -75.32
CA GLN UA 286 26.06 -21.30 -75.10
C GLN UA 286 25.58 -22.76 -75.08
N GLN UA 287 24.42 -23.02 -74.47
CA GLN UA 287 23.81 -24.35 -74.44
C GLN UA 287 23.43 -24.82 -75.85
N ARG UA 288 22.87 -23.92 -76.67
CA ARG UA 288 22.61 -24.15 -78.10
C ARG UA 288 23.90 -24.43 -78.85
N ARG UA 289 24.94 -23.61 -78.70
CA ARG UA 289 26.25 -23.78 -79.37
C ARG UA 289 26.84 -25.16 -79.12
N VAL UA 290 26.91 -25.58 -77.85
CA VAL UA 290 27.37 -26.94 -77.51
C VAL UA 290 26.47 -27.99 -78.17
N THR UA 291 25.15 -27.82 -78.11
CA THR UA 291 24.22 -28.78 -78.72
C THR UA 291 24.44 -28.89 -80.23
N LYS UA 292 24.62 -27.76 -80.92
CA LYS UA 292 24.94 -27.72 -82.34
C LYS UA 292 26.24 -28.46 -82.63
N ALA UA 293 27.30 -28.20 -81.87
CA ALA UA 293 28.56 -28.91 -82.05
C ALA UA 293 28.36 -30.43 -81.90
N GLY UA 294 27.60 -30.86 -80.89
CA GLY UA 294 27.27 -32.27 -80.69
C GLY UA 294 26.52 -32.85 -81.88
N ILE UA 295 25.44 -32.20 -82.31
CA ILE UA 295 24.65 -32.64 -83.45
C ILE UA 295 25.50 -32.64 -84.73
N GLU UA 296 26.39 -31.68 -84.93
CA GLU UA 296 27.33 -31.71 -86.06
C GLU UA 296 28.30 -32.88 -85.98
N ALA UA 297 28.79 -33.23 -84.78
CA ALA UA 297 29.56 -34.45 -84.61
C ALA UA 297 28.72 -35.69 -84.93
N VAL UA 298 27.45 -35.73 -84.52
CA VAL UA 298 26.53 -36.80 -84.89
C VAL UA 298 26.42 -36.91 -86.39
N ARG UA 299 26.20 -35.80 -87.10
CA ARG UA 299 26.12 -35.78 -88.55
C ARG UA 299 27.41 -36.28 -89.20
N GLU UA 300 28.57 -35.80 -88.76
CA GLU UA 300 29.85 -36.21 -89.31
C GLU UA 300 30.11 -37.70 -89.07
N ILE UA 301 29.90 -38.21 -87.86
CA ILE UA 301 30.16 -39.62 -87.56
C ILE UA 301 29.10 -40.52 -88.20
N TYR UA 302 27.86 -40.06 -88.39
CA TYR UA 302 26.91 -40.73 -89.29
C TYR UA 302 27.44 -40.82 -90.73
N ARG UA 303 27.84 -39.69 -91.32
CA ARG UA 303 28.29 -39.60 -92.72
C ARG UA 303 29.60 -40.37 -92.96
N TYR UA 304 30.48 -40.45 -91.96
CA TYR UA 304 31.63 -41.36 -91.98
C TYR UA 304 31.18 -42.81 -91.80
N GLY UA 305 30.43 -43.10 -90.75
CA GLY UA 305 30.01 -44.45 -90.35
C GLY UA 305 29.19 -45.19 -91.41
N ARG UA 306 28.37 -44.47 -92.20
CA ARG UA 306 27.60 -45.04 -93.30
C ARG UA 306 28.47 -45.55 -94.46
N LYS UA 307 29.79 -45.27 -94.47
CA LYS UA 307 30.78 -45.89 -95.37
C LYS UA 307 31.36 -47.21 -94.85
N LEU UA 308 31.20 -47.51 -93.56
CA LEU UA 308 31.73 -48.71 -92.88
C LEU UA 308 30.78 -49.92 -92.95
N TYR UA 309 29.64 -49.78 -93.63
CA TYR UA 309 28.45 -50.62 -93.44
C TYR UA 309 27.72 -50.88 -94.78
N ASP VA 3 5.43 8.09 -82.21
CA ASP VA 3 5.23 8.13 -83.68
C ASP VA 3 5.59 9.48 -84.31
N ASP VA 4 5.20 10.62 -83.74
CA ASP VA 4 5.17 11.93 -84.42
C ASP VA 4 6.49 12.33 -85.09
N LEU VA 5 7.62 11.89 -84.56
CA LEU VA 5 8.92 12.17 -85.17
C LEU VA 5 8.98 11.64 -86.60
N LEU VA 6 8.46 10.44 -86.88
CA LEU VA 6 8.40 9.92 -88.26
C LEU VA 6 7.52 10.81 -89.13
N LEU VA 7 6.36 11.20 -88.62
CA LEU VA 7 5.49 12.13 -89.32
C LEU VA 7 6.26 13.40 -89.67
N LYS VA 8 7.01 13.95 -88.72
CA LYS VA 8 7.85 15.11 -88.96
C LYS VA 8 8.97 14.83 -89.96
N LEU VA 9 9.57 13.65 -89.99
CA LEU VA 9 10.53 13.31 -91.05
C LEU VA 9 9.87 13.33 -92.42
N LEU VA 10 8.65 12.82 -92.53
CA LEU VA 10 7.91 12.95 -93.76
C LEU VA 10 7.71 14.44 -94.08
N GLU VA 11 7.31 15.28 -93.12
CA GLU VA 11 7.17 16.71 -93.38
C GLU VA 11 8.46 17.31 -93.93
N LEU VA 12 9.60 17.01 -93.30
CA LEU VA 12 10.89 17.47 -93.78
C LEU VA 12 11.18 16.97 -95.18
N LEU VA 13 10.96 15.70 -95.45
CA LEU VA 13 11.11 15.16 -96.79
C LEU VA 13 10.22 15.91 -97.77
N VAL VA 14 8.94 16.11 -97.45
CA VAL VA 14 7.99 16.78 -98.34
C VAL VA 14 8.45 18.19 -98.62
N GLU VA 15 8.79 18.96 -97.60
CA GLU VA 15 9.17 20.34 -97.84
C GLU VA 15 10.51 20.42 -98.55
N GLN VA 16 11.46 19.52 -98.27
CA GLN VA 16 12.68 19.46 -99.06
C GLN VA 16 12.38 19.10 -100.51
N ALA VA 17 11.43 18.20 -100.74
CA ALA VA 17 10.96 17.92 -102.08
C ALA VA 17 10.31 19.16 -102.69
N ARG VA 18 9.57 19.99 -101.94
CA ARG VA 18 8.97 21.22 -102.46
C ARG VA 18 10.06 22.15 -102.99
N VAL VA 19 11.12 22.33 -102.22
CA VAL VA 19 12.30 23.10 -102.67
C VAL VA 19 12.89 22.44 -103.91
N SER VA 20 13.08 21.13 -103.87
CA SER VA 20 13.60 20.37 -105.00
C SER VA 20 12.73 20.53 -106.25
N ALA VA 21 11.41 20.67 -106.09
CA ALA VA 21 10.47 20.82 -107.18
C ALA VA 21 10.51 22.22 -107.78
N GLU VA 22 10.54 23.27 -106.96
CA GLU VA 22 10.81 24.62 -107.48
C GLU VA 22 12.17 24.69 -108.17
N PHE VA 23 13.20 24.06 -107.59
CA PHE VA 23 14.52 23.95 -108.20
C PHE VA 23 14.43 23.24 -109.56
N ALA VA 24 13.73 22.12 -109.65
CA ALA VA 24 13.51 21.42 -110.91
C ALA VA 24 12.77 22.28 -111.95
N ARG VA 25 11.73 23.04 -111.55
CA ARG VA 25 11.00 23.94 -112.45
C ARG VA 25 11.84 25.11 -112.95
N ARG VA 26 12.68 25.72 -112.11
CA ARG VA 26 13.56 26.83 -112.54
C ARG VA 26 14.83 26.38 -113.26
N GLN VA 27 15.33 25.16 -113.03
CA GLN VA 27 16.39 24.53 -113.84
C GLN VA 27 15.89 23.92 -115.16
N GLY VA 28 14.63 23.49 -115.23
CA GLY VA 28 14.03 22.83 -116.41
C GLY VA 28 14.40 21.36 -116.58
N ASP VA 29 14.97 20.70 -115.56
CA ASP VA 29 15.43 19.32 -115.62
C ASP VA 29 14.29 18.30 -115.42
N GLU VA 30 13.81 17.72 -116.52
CA GLU VA 30 12.74 16.71 -116.48
C GLU VA 30 13.15 15.41 -115.78
N LYS VA 31 14.44 15.04 -115.77
CA LYS VA 31 14.89 13.86 -115.01
C LYS VA 31 14.83 14.17 -113.52
N MET VA 32 15.15 15.38 -113.10
CA MET VA 32 14.93 15.79 -111.72
C MET VA 32 13.44 15.84 -111.36
N LEU VA 33 12.55 16.24 -112.30
CA LEU VA 33 11.10 16.10 -112.09
C LEU VA 33 10.68 14.64 -111.89
N GLU VA 34 11.26 13.70 -112.65
CA GLU VA 34 11.04 12.27 -112.41
C GLU VA 34 11.52 11.84 -111.02
N GLU VA 35 12.70 12.29 -110.59
CA GLU VA 35 13.23 11.99 -109.26
C GLU VA 35 12.33 12.53 -108.15
N VAL VA 36 11.90 13.80 -108.21
CA VAL VA 36 10.99 14.30 -107.18
C VAL VA 36 9.62 13.63 -107.26
N ALA VA 37 9.12 13.27 -108.45
CA ALA VA 37 7.87 12.52 -108.56
C ALA VA 37 7.99 11.18 -107.82
N ARG VA 38 9.04 10.41 -108.11
CA ARG VA 38 9.34 9.14 -107.45
C ARG VA 38 9.45 9.32 -105.95
N LYS VA 39 10.21 10.32 -105.49
CA LYS VA 39 10.34 10.61 -104.05
C LYS VA 39 8.98 10.91 -103.43
N ALA VA 40 8.18 11.74 -104.08
CA ALA VA 40 6.88 12.14 -103.57
C ALA VA 40 5.92 10.95 -103.48
N GLU VA 41 5.93 10.06 -104.47
CA GLU VA 41 5.17 8.82 -104.37
C GLU VA 41 5.64 7.94 -103.21
N GLU VA 42 6.96 7.71 -103.06
CA GLU VA 42 7.48 6.91 -101.94
C GLU VA 42 7.08 7.51 -100.59
N VAL VA 43 7.23 8.82 -100.46
CA VAL VA 43 6.76 9.54 -99.29
C VAL VA 43 5.26 9.33 -99.10
N ALA VA 44 4.45 9.48 -100.13
CA ALA VA 44 3.01 9.29 -100.04
C ALA VA 44 2.66 7.88 -99.57
N ARG VA 45 3.37 6.87 -100.07
CA ARG VA 45 3.18 5.47 -99.64
C ARG VA 45 3.55 5.30 -98.17
N LYS VA 46 4.66 5.90 -97.70
CA LYS VA 46 5.03 5.89 -96.28
C LYS VA 46 3.97 6.58 -95.44
N ALA VA 47 3.50 7.75 -95.86
CA ALA VA 47 2.46 8.50 -95.18
C ALA VA 47 1.16 7.70 -95.08
N GLU VA 48 0.72 7.07 -96.17
CA GLU VA 48 -0.45 6.21 -96.17
C GLU VA 48 -0.29 5.06 -95.18
N SER VA 49 0.90 4.46 -95.15
CA SER VA 49 1.19 3.35 -94.24
C SER VA 49 0.98 3.77 -92.78
N ILE VA 50 1.56 4.91 -92.37
CA ILE VA 50 1.35 5.42 -91.01
C ILE VA 50 -0.12 5.81 -90.79
N ALA VA 51 -0.78 6.43 -91.78
CA ALA VA 51 -2.18 6.84 -91.64
C ALA VA 51 -3.12 5.64 -91.40
N ARG VA 52 -2.96 4.56 -92.17
CA ARG VA 52 -3.78 3.36 -91.97
C ARG VA 52 -3.45 2.67 -90.65
N LYS VA 53 -2.19 2.68 -90.21
CA LYS VA 53 -1.79 2.22 -88.87
C LYS VA 53 -2.53 2.99 -87.78
N ALA VA 54 -2.57 4.32 -87.89
CA ALA VA 54 -3.33 5.15 -86.96
C ALA VA 54 -4.84 4.82 -86.97
N ARG VA 55 -5.44 4.56 -88.14
CA ARG VA 55 -6.85 4.15 -88.24
C ARG VA 55 -7.12 2.87 -87.44
N LYS VA 56 -6.23 1.88 -87.55
CA LYS VA 56 -6.37 0.59 -86.87
C LYS VA 56 -6.21 0.71 -85.35
N GLU VA 57 -5.33 1.57 -84.86
CA GLU VA 57 -5.22 1.86 -83.41
C GLU VA 57 -6.35 2.74 -82.87
N GLY VA 58 -6.92 3.61 -83.70
CA GLY VA 58 -8.10 4.40 -83.38
C GLY VA 58 -7.84 5.77 -82.73
N ASN VA 59 -6.59 6.24 -82.59
CA ASN VA 59 -6.34 7.63 -82.20
C ASN VA 59 -6.61 8.61 -83.36
N LEU VA 60 -7.40 9.66 -83.11
CA LEU VA 60 -7.78 10.61 -84.15
C LEU VA 60 -6.65 11.60 -84.48
N GLU VA 61 -5.96 12.12 -83.47
CA GLU VA 61 -4.95 13.18 -83.67
C GLU VA 61 -3.85 12.75 -84.65
N LEU VA 62 -3.28 11.56 -84.45
CA LEU VA 62 -2.28 11.02 -85.36
C LEU VA 62 -2.82 10.87 -86.78
N ALA VA 63 -4.02 10.33 -86.93
CA ALA VA 63 -4.61 10.14 -88.24
C ALA VA 63 -4.81 11.50 -88.93
N LEU VA 64 -5.31 12.50 -88.22
CA LEU VA 64 -5.46 13.83 -88.77
C LEU VA 64 -4.10 14.42 -89.17
N LYS VA 65 -3.09 14.34 -88.31
CA LYS VA 65 -1.73 14.77 -88.66
C LYS VA 65 -1.26 14.09 -89.95
N ALA VA 66 -1.43 12.77 -90.04
CA ALA VA 66 -1.03 12.01 -91.21
C ALA VA 66 -1.83 12.42 -92.46
N LEU VA 67 -3.13 12.67 -92.33
CA LEU VA 67 -3.93 13.17 -93.43
C LEU VA 67 -3.42 14.54 -93.88
N GLU VA 68 -3.05 15.44 -92.97
CA GLU VA 68 -2.49 16.73 -93.39
C GLU VA 68 -1.16 16.54 -94.12
N ILE VA 69 -0.32 15.61 -93.65
CA ILE VA 69 0.88 15.29 -94.40
C ILE VA 69 0.53 14.76 -95.78
N LEU VA 70 -0.46 13.86 -95.88
CA LEU VA 70 -0.93 13.38 -97.17
C LEU VA 70 -1.40 14.53 -98.05
N VAL VA 71 -2.06 15.53 -97.49
CA VAL VA 71 -2.42 16.75 -98.22
C VAL VA 71 -1.17 17.51 -98.65
N ARG VA 72 -0.21 17.75 -97.77
CA ARG VA 72 1.02 18.48 -98.14
C ARG VA 72 1.71 17.76 -99.30
N ALA VA 73 1.82 16.45 -99.18
CA ALA VA 73 2.38 15.60 -100.23
C ALA VA 73 1.54 15.69 -101.51
N ALA VA 74 0.22 15.67 -101.39
CA ALA VA 74 -0.65 15.82 -102.54
C ALA VA 74 -0.41 17.16 -103.24
N HIS VA 75 -0.20 18.26 -102.51
CA HIS VA 75 0.11 19.54 -103.15
C HIS VA 75 1.42 19.48 -103.93
N VAL VA 76 2.46 18.87 -103.36
CA VAL VA 76 3.72 18.67 -104.09
C VAL VA 76 3.49 17.80 -105.32
N LEU VA 77 2.81 16.67 -105.18
CA LEU VA 77 2.47 15.80 -106.31
C LEU VA 77 1.71 16.58 -107.37
N ALA VA 78 0.72 17.39 -106.97
CA ALA VA 78 -0.12 18.14 -107.89
C ALA VA 78 0.69 19.20 -108.65
N GLU VA 79 1.58 19.92 -107.97
CA GLU VA 79 2.47 20.87 -108.65
C GLU VA 79 3.32 20.16 -109.70
N ILE VA 80 3.96 19.04 -109.32
CA ILE VA 80 4.80 18.26 -110.24
C ILE VA 80 3.96 17.76 -111.42
N ALA VA 81 2.84 17.11 -111.12
CA ALA VA 81 1.98 16.52 -112.13
C ALA VA 81 1.45 17.55 -113.12
N ARG VA 82 0.94 18.67 -112.62
CA ARG VA 82 0.27 19.70 -113.45
C ARG VA 82 1.27 20.49 -114.30
N GLU VA 83 2.46 20.79 -113.79
CA GLU VA 83 3.49 21.49 -114.57
C GLU VA 83 4.19 20.56 -115.57
N ARG VA 84 4.35 19.27 -115.23
CA ARG VA 84 4.84 18.25 -116.18
C ARG VA 84 3.78 17.83 -117.21
N GLY VA 85 2.51 17.97 -116.87
CA GLY VA 85 1.37 17.49 -117.66
C GLY VA 85 1.12 15.97 -117.55
N ASN VA 86 1.60 15.31 -116.49
CA ASN VA 86 1.46 13.86 -116.34
C ASN VA 86 0.11 13.47 -115.72
N GLU VA 87 -0.81 12.99 -116.56
CA GLU VA 87 -2.16 12.61 -116.13
C GLU VA 87 -2.19 11.41 -115.18
N GLU VA 88 -1.20 10.50 -115.24
CA GLU VA 88 -1.15 9.35 -114.31
C GLU VA 88 -0.95 9.83 -112.88
N LEU VA 89 -0.01 10.74 -112.64
CA LEU VA 89 0.15 11.36 -111.33
C LEU VA 89 -1.12 12.10 -110.90
N GLN VA 90 -1.76 12.86 -111.81
CA GLN VA 90 -3.02 13.54 -111.49
C GLN VA 90 -4.12 12.56 -111.05
N LYS VA 91 -4.29 11.44 -111.76
CA LYS VA 91 -5.25 10.39 -111.39
C LYS VA 91 -4.91 9.75 -110.05
N LYS VA 92 -3.64 9.40 -109.83
CA LYS VA 92 -3.16 8.79 -108.57
C LYS VA 92 -3.46 9.73 -107.40
N ALA VA 93 -3.13 11.01 -107.54
CA ALA VA 93 -3.46 12.02 -106.55
C ALA VA 93 -4.98 12.17 -106.36
N HIS VA 94 -5.76 12.23 -107.44
CA HIS VA 94 -7.21 12.37 -107.35
C HIS VA 94 -7.86 11.26 -106.54
N LYS VA 95 -7.47 10.00 -106.79
CA LYS VA 95 -7.95 8.85 -106.01
C LYS VA 95 -7.57 8.99 -104.55
N LEU VA 96 -6.30 9.29 -104.25
CA LEU VA 96 -5.84 9.50 -102.89
C LEU VA 96 -6.64 10.61 -102.19
N ALA VA 97 -6.92 11.71 -102.89
CA ALA VA 97 -7.72 12.80 -102.36
C ALA VA 97 -9.16 12.36 -102.05
N LYS VA 98 -9.82 11.64 -102.96
CA LYS VA 98 -11.19 11.16 -102.72
C LYS VA 98 -11.25 10.18 -101.54
N GLU VA 99 -10.27 9.30 -101.43
CA GLU VA 99 -10.10 8.42 -100.27
C GLU VA 99 -9.92 9.26 -99.00
N ALA VA 100 -9.02 10.23 -99.02
CA ALA VA 100 -8.81 11.11 -97.87
C ALA VA 100 -10.09 11.84 -97.47
N LEU VA 101 -10.88 12.31 -98.44
CA LEU VA 101 -12.13 13.00 -98.17
C LEU VA 101 -13.08 12.08 -97.39
N ARG VA 102 -13.31 10.86 -97.88
CA ARG VA 102 -14.10 9.86 -97.15
C ARG VA 102 -13.52 9.61 -95.76
N GLN VA 103 -12.23 9.31 -95.67
CA GLN VA 103 -11.56 8.99 -94.41
C GLN VA 103 -11.74 10.11 -93.40
N VAL VA 104 -11.45 11.36 -93.78
CA VAL VA 104 -11.56 12.49 -92.86
C VAL VA 104 -13.02 12.70 -92.48
N ILE VA 105 -13.97 12.47 -93.38
CA ILE VA 105 -15.38 12.55 -93.02
C ILE VA 105 -15.73 11.48 -91.99
N GLU VA 106 -15.30 10.23 -92.17
CA GLU VA 106 -15.55 9.18 -91.19
C GLU VA 106 -14.95 9.54 -89.82
N ILE VA 107 -13.72 10.03 -89.82
CA ILE VA 107 -13.09 10.53 -88.60
C ILE VA 107 -13.90 11.68 -88.02
N ALA VA 108 -14.37 12.63 -88.82
CA ALA VA 108 -15.15 13.76 -88.34
C ALA VA 108 -16.49 13.34 -87.73
N ILE VA 109 -17.17 12.37 -88.34
CA ILE VA 109 -18.34 11.74 -87.72
C ILE VA 109 -17.95 11.18 -86.35
N ARG VA 110 -16.86 10.41 -86.26
CA ARG VA 110 -16.41 9.85 -84.98
C ARG VA 110 -16.10 10.94 -83.95
N ALA VA 111 -15.39 11.98 -84.35
CA ALA VA 111 -15.01 13.10 -83.48
C ALA VA 111 -16.23 13.80 -82.90
N ILE VA 112 -17.25 14.08 -83.73
CA ILE VA 112 -18.52 14.66 -83.27
C ILE VA 112 -19.25 13.67 -82.36
N GLN VA 113 -19.26 12.38 -82.68
CA GLN VA 113 -19.90 11.37 -81.85
C GLN VA 113 -19.23 11.22 -80.46
N GLU VA 114 -17.90 11.30 -80.38
CA GLU VA 114 -17.15 11.34 -79.12
C GLU VA 114 -17.18 12.71 -78.42
N GLY VA 115 -17.59 13.77 -79.12
CA GLY VA 115 -17.64 15.14 -78.59
C GLY VA 115 -16.30 15.88 -78.54
N ASN VA 116 -15.24 15.35 -79.18
CA ASN VA 116 -13.97 16.06 -79.35
C ASN VA 116 -14.08 17.02 -80.55
N LEU VA 117 -14.85 18.09 -80.36
CA LEU VA 117 -15.12 19.04 -81.43
C LEU VA 117 -13.84 19.78 -81.85
N GLU VA 118 -12.84 19.85 -80.98
CA GLU VA 118 -11.55 20.45 -81.26
C GLU VA 118 -10.84 19.71 -82.41
N LEU VA 119 -10.71 18.39 -82.29
CA LEU VA 119 -10.18 17.61 -83.40
C LEU VA 119 -11.13 17.65 -84.59
N ALA VA 120 -12.45 17.69 -84.40
CA ALA VA 120 -13.36 17.82 -85.54
C ALA VA 120 -13.10 19.11 -86.34
N ILE VA 121 -12.88 20.22 -85.66
CA ILE VA 121 -12.53 21.49 -86.29
C ILE VA 121 -11.23 21.36 -87.06
N ILE VA 122 -10.20 20.75 -86.45
CA ILE VA 122 -8.93 20.51 -87.13
C ILE VA 122 -9.15 19.62 -88.37
N ALA VA 123 -9.95 18.57 -88.24
CA ALA VA 123 -10.30 17.71 -89.34
C ALA VA 123 -10.99 18.50 -90.45
N LEU VA 124 -11.89 19.42 -90.09
CA LEU VA 124 -12.61 20.19 -91.07
C LEU VA 124 -11.67 21.17 -91.79
N HIS VA 125 -10.68 21.71 -91.07
CA HIS VA 125 -9.57 22.44 -91.67
C HIS VA 125 -8.81 21.59 -92.69
N ILE VA 126 -8.47 20.35 -92.32
CA ILE VA 126 -7.86 19.41 -93.26
C ILE VA 126 -8.80 19.19 -94.44
N SER VA 127 -10.10 19.07 -94.22
CA SER VA 127 -11.05 18.87 -95.30
C SER VA 127 -11.05 20.04 -96.26
N VAL VA 128 -11.06 21.28 -95.74
CA VAL VA 128 -10.93 22.45 -96.60
C VAL VA 128 -9.61 22.38 -97.38
N ARG VA 129 -8.52 22.00 -96.75
CA ARG VA 129 -7.26 21.83 -97.47
C ARG VA 129 -7.33 20.72 -98.52
N ILE VA 130 -8.04 19.62 -98.27
CA ILE VA 130 -8.30 18.60 -99.29
C ILE VA 130 -9.08 19.26 -100.43
N ALA VA 131 -10.03 20.13 -100.13
CA ALA VA 131 -10.75 20.86 -101.15
C ALA VA 131 -9.79 21.67 -102.02
N GLU VA 132 -8.73 22.26 -101.45
CA GLU VA 132 -7.73 22.94 -102.28
C GLU VA 132 -7.06 21.98 -103.26
N VAL VA 133 -6.74 20.77 -102.82
CA VAL VA 133 -6.17 19.74 -103.71
C VAL VA 133 -7.16 19.44 -104.81
N LEU VA 134 -8.42 19.16 -104.46
CA LEU VA 134 -9.44 18.82 -105.45
C LEU VA 134 -9.63 19.98 -106.44
N LEU VA 135 -9.73 21.21 -105.93
CA LEU VA 135 -9.90 22.41 -106.73
C LEU VA 135 -8.75 22.55 -107.72
N GLU VA 136 -7.51 22.41 -107.26
CA GLU VA 136 -6.37 22.48 -108.17
C GLU VA 136 -6.39 21.32 -109.19
N THR VA 137 -6.88 20.15 -108.78
CA THR VA 137 -6.90 18.95 -109.63
C THR VA 137 -7.86 19.10 -110.80
N ARG VA 138 -9.10 19.54 -110.53
CA ARG VA 138 -10.16 19.73 -111.53
C ARG VA 138 -11.09 20.88 -111.12
N PRO VA 139 -10.80 22.13 -111.53
CA PRO VA 139 -11.63 23.29 -111.21
C PRO VA 139 -12.91 23.39 -112.05
N ASP VA 140 -13.08 22.53 -113.07
CA ASP VA 140 -14.18 22.54 -114.04
C ASP VA 140 -15.40 21.67 -113.65
N ASP VA 141 -15.31 20.83 -112.61
CA ASP VA 141 -16.41 20.00 -112.15
C ASP VA 141 -17.16 20.65 -110.98
N ARG VA 142 -18.49 20.78 -111.08
CA ARG VA 142 -19.31 21.17 -109.92
C ARG VA 142 -19.42 20.05 -108.88
N GLU VA 143 -19.48 18.80 -109.28
CA GLU VA 143 -20.08 17.75 -108.45
C GLU VA 143 -19.24 17.42 -107.22
N GLU VA 144 -17.97 17.04 -107.37
CA GLU VA 144 -17.13 16.71 -106.21
C GLU VA 144 -17.03 17.91 -105.26
N ILE VA 145 -16.86 19.10 -105.84
CA ILE VA 145 -16.80 20.36 -105.09
C ILE VA 145 -18.09 20.56 -104.33
N ARG VA 146 -19.25 20.36 -104.96
CA ARG VA 146 -20.54 20.53 -104.32
C ARG VA 146 -20.75 19.52 -103.20
N GLU VA 147 -20.31 18.27 -103.37
CA GLU VA 147 -20.37 17.29 -102.29
C GLU VA 147 -19.55 17.77 -101.09
N GLN VA 148 -18.32 18.24 -101.32
CA GLN VA 148 -17.54 18.85 -100.25
C GLN VA 148 -18.28 20.05 -99.64
N GLN VA 149 -18.81 20.97 -100.44
CA GLN VA 149 -19.50 22.15 -99.93
C GLN VA 149 -20.69 21.78 -99.06
N ALA VA 150 -21.57 20.91 -99.55
CA ALA VA 150 -22.75 20.53 -98.82
C ALA VA 150 -22.38 19.84 -97.50
N ILE VA 151 -21.42 18.92 -97.56
CA ILE VA 151 -20.95 18.24 -96.35
C ILE VA 151 -20.33 19.25 -95.38
N PHE VA 152 -19.56 20.20 -95.87
CA PHE VA 152 -18.99 21.25 -95.04
C PHE VA 152 -20.10 22.08 -94.38
N GLU VA 153 -21.08 22.56 -95.15
CA GLU VA 153 -22.18 23.33 -94.60
C GLU VA 153 -22.94 22.52 -93.54
N LEU VA 154 -23.16 21.24 -93.80
CA LEU VA 154 -23.81 20.36 -92.84
C LEU VA 154 -22.96 20.24 -91.56
N LEU VA 155 -21.68 19.92 -91.69
CA LEU VA 155 -20.80 19.80 -90.54
C LEU VA 155 -20.72 21.11 -89.77
N ILE VA 156 -20.55 22.24 -90.43
CA ILE VA 156 -20.50 23.55 -89.77
C ILE VA 156 -21.81 23.84 -89.08
N ALA VA 157 -22.96 23.65 -89.73
CA ALA VA 157 -24.23 23.90 -89.07
C ALA VA 157 -24.35 23.04 -87.80
N ALA VA 158 -23.96 21.78 -87.89
CA ALA VA 158 -23.95 20.88 -86.74
C ALA VA 158 -23.00 21.40 -85.65
N LEU VA 159 -21.78 21.79 -86.00
CA LEU VA 159 -20.83 22.35 -85.05
C LEU VA 159 -21.34 23.65 -84.44
N GLU VA 160 -21.99 24.53 -85.20
CA GLU VA 160 -22.55 25.79 -84.69
C GLU VA 160 -23.60 25.50 -83.63
N ALA VA 161 -24.54 24.61 -83.93
CA ALA VA 161 -25.51 24.18 -82.94
C ALA VA 161 -24.80 23.54 -81.73
N ALA VA 162 -23.86 22.64 -81.98
CA ALA VA 162 -23.16 21.90 -80.93
C ALA VA 162 -22.48 22.84 -79.95
N ILE VA 163 -21.68 23.78 -80.46
CA ILE VA 163 -20.90 24.68 -79.61
C ILE VA 163 -21.81 25.72 -78.96
N ARG VA 164 -22.87 26.19 -79.64
CA ARG VA 164 -23.88 27.05 -79.03
C ARG VA 164 -24.49 26.37 -77.81
N LEU VA 165 -24.89 25.11 -77.97
CA LEU VA 165 -25.49 24.32 -76.90
C LEU VA 165 -24.47 23.99 -75.80
N GLU VA 166 -23.23 23.68 -76.16
CA GLU VA 166 -22.17 23.42 -75.18
C GLU VA 166 -21.91 24.64 -74.31
N LYS VA 167 -21.85 25.84 -74.89
CA LYS VA 167 -21.73 27.07 -74.10
C LYS VA 167 -22.97 27.28 -73.24
N LEU VA 168 -24.17 27.08 -73.79
CA LEU VA 168 -25.41 27.20 -73.03
C LEU VA 168 -25.44 26.24 -71.83
N LYS VA 169 -24.87 25.03 -71.98
CA LYS VA 169 -24.67 24.05 -70.90
C LYS VA 169 -23.63 24.54 -69.90
N GLU VA 170 -22.49 25.05 -70.36
CA GLU VA 170 -21.42 25.59 -69.51
C GLU VA 170 -21.91 26.78 -68.66
N GLU VA 171 -22.76 27.64 -69.22
CA GLU VA 171 -23.37 28.77 -68.50
C GLU VA 171 -24.44 28.36 -67.44
N GLY VA 172 -24.87 27.09 -67.41
CA GLY VA 172 -25.85 26.60 -66.44
C GLY VA 172 -27.29 27.10 -66.67
N ALA VA 173 -27.66 27.42 -67.91
CA ALA VA 173 -28.99 27.88 -68.29
C ALA VA 173 -30.10 26.83 -67.98
N PRO VA 174 -31.38 27.24 -67.85
CA PRO VA 174 -32.48 26.31 -67.62
C PRO VA 174 -32.67 25.40 -68.84
N PRO VA 175 -32.96 24.10 -68.66
CA PRO VA 175 -33.16 23.15 -69.75
C PRO VA 175 -34.16 23.60 -70.82
N GLU VA 176 -35.14 24.44 -70.46
CA GLU VA 176 -36.09 25.00 -71.44
C GLU VA 176 -35.38 25.76 -72.56
N GLN VA 177 -34.35 26.56 -72.25
CA GLN VA 177 -33.57 27.24 -73.28
C GLN VA 177 -32.80 26.23 -74.14
N ILE VA 178 -32.25 25.17 -73.53
CA ILE VA 178 -31.56 24.09 -74.26
C ILE VA 178 -32.52 23.42 -75.24
N GLU VA 179 -33.74 23.12 -74.81
CA GLU VA 179 -34.76 22.51 -75.66
C GLU VA 179 -35.18 23.44 -76.81
N ARG VA 180 -35.41 24.73 -76.54
CA ARG VA 180 -35.75 25.70 -77.59
C ARG VA 180 -34.66 25.81 -78.65
N VAL VA 181 -33.38 25.82 -78.25
CA VAL VA 181 -32.28 25.80 -79.21
C VAL VA 181 -32.20 24.47 -79.95
N ALA VA 182 -32.36 23.34 -79.26
CA ALA VA 182 -32.27 22.03 -79.87
C ALA VA 182 -33.33 21.84 -80.98
N GLU VA 183 -34.56 22.30 -80.75
CA GLU VA 183 -35.61 22.28 -81.77
C GLU VA 183 -35.16 23.04 -83.02
N HIS VA 184 -34.73 24.29 -82.85
CA HIS VA 184 -34.26 25.10 -83.97
C HIS VA 184 -33.07 24.45 -84.68
N GLY VA 185 -32.14 23.84 -83.95
CA GLY VA 185 -31.00 23.14 -84.53
C GLY VA 185 -31.44 21.97 -85.42
N LEU VA 186 -32.33 21.12 -84.90
CA LEU VA 186 -32.87 20.02 -85.70
C LEU VA 186 -33.68 20.53 -86.89
N GLU VA 187 -34.50 21.57 -86.74
CA GLU VA 187 -35.23 22.15 -87.87
C GLU VA 187 -34.29 22.71 -88.93
N ARG VA 188 -33.24 23.45 -88.53
CA ARG VA 188 -32.23 23.96 -89.45
C ARG VA 188 -31.54 22.80 -90.18
N LEU VA 189 -31.21 21.73 -89.48
CA LEU VA 189 -30.65 20.53 -90.11
C LEU VA 189 -31.63 19.92 -91.11
N LYS VA 190 -32.93 19.91 -90.80
CA LYS VA 190 -33.97 19.47 -91.73
C LYS VA 190 -33.99 20.35 -92.98
N GLU VA 191 -33.94 21.67 -92.84
CA GLU VA 191 -33.86 22.56 -94.01
C GLU VA 191 -32.58 22.31 -94.83
N ILE VA 192 -31.43 22.11 -94.16
CA ILE VA 192 -30.20 21.75 -94.87
C ILE VA 192 -30.36 20.40 -95.58
N ALA VA 193 -31.03 19.42 -94.98
CA ALA VA 193 -31.30 18.15 -95.62
C ALA VA 193 -32.17 18.33 -96.87
N LYS VA 194 -33.12 19.28 -96.87
CA LYS VA 194 -33.85 19.64 -98.09
C LYS VA 194 -32.89 20.20 -99.13
N GLU VA 195 -32.03 21.14 -98.78
CA GLU VA 195 -31.05 21.70 -99.73
C GLU VA 195 -30.09 20.63 -100.28
N ILE VA 196 -29.69 19.67 -99.46
CA ILE VA 196 -28.92 18.49 -99.89
C ILE VA 196 -29.76 17.68 -100.90
N SER VA 197 -30.96 17.30 -100.51
CA SER VA 197 -31.89 16.51 -101.33
C SER VA 197 -32.18 17.16 -102.68
N LYS VA 198 -32.19 18.49 -102.77
CA LYS VA 198 -32.37 19.22 -104.03
C LYS VA 198 -31.26 19.00 -105.06
N GLU VA 199 -30.11 18.45 -104.69
CA GLU VA 199 -29.01 18.22 -105.63
C GLU VA 199 -28.41 16.81 -105.62
N VAL VA 200 -28.22 16.18 -104.45
CA VAL VA 200 -27.32 15.01 -104.36
C VAL VA 200 -27.92 13.71 -104.90
N ASP VA 201 -27.07 12.89 -105.52
CA ASP VA 201 -27.34 11.50 -105.88
C ASP VA 201 -26.22 10.53 -105.41
N SER VA 202 -25.08 11.05 -104.97
CA SER VA 202 -23.90 10.30 -104.57
C SER VA 202 -24.19 9.39 -103.37
N PRO VA 203 -24.23 8.07 -103.54
CA PRO VA 203 -24.78 7.15 -102.54
C PRO VA 203 -24.04 7.23 -101.19
N GLU VA 204 -22.71 7.19 -101.23
CA GLU VA 204 -21.93 7.27 -100.00
C GLU VA 204 -22.11 8.62 -99.33
N SER VA 205 -22.15 9.70 -100.10
CA SER VA 205 -22.37 11.04 -99.53
C SER VA 205 -23.77 11.18 -98.94
N LYS VA 206 -24.78 10.58 -99.56
CA LYS VA 206 -26.12 10.51 -98.96
C LYS VA 206 -26.07 9.78 -97.62
N ARG VA 207 -25.40 8.63 -97.57
CA ARG VA 207 -25.20 7.84 -96.34
C ARG VA 207 -24.47 8.65 -95.27
N ILE VA 208 -23.40 9.32 -95.65
CA ILE VA 208 -22.67 10.26 -94.81
C ILE VA 208 -23.63 11.33 -94.25
N ALA VA 209 -24.39 12.00 -95.10
CA ALA VA 209 -25.24 13.09 -94.67
C ALA VA 209 -26.25 12.62 -93.62
N TYR VA 210 -26.90 11.48 -93.87
CA TYR VA 210 -27.82 10.92 -92.89
C TYR VA 210 -27.10 10.65 -91.57
N LYS VA 211 -25.97 9.92 -91.61
CA LYS VA 211 -25.24 9.60 -90.38
C LYS VA 211 -24.80 10.86 -89.65
N ILE VA 212 -24.42 11.92 -90.35
CA ILE VA 212 -24.09 13.21 -89.71
C ILE VA 212 -25.32 13.77 -89.01
N VAL VA 213 -26.47 13.83 -89.67
CA VAL VA 213 -27.69 14.34 -89.03
C VAL VA 213 -27.99 13.53 -87.78
N ALA VA 214 -27.84 12.21 -87.85
CA ALA VA 214 -28.05 11.33 -86.71
C ALA VA 214 -27.04 11.62 -85.58
N ALA VA 215 -25.76 11.74 -85.90
CA ALA VA 215 -24.75 12.08 -84.91
C ALA VA 215 -25.04 13.44 -84.25
N ALA VA 216 -25.54 14.42 -85.01
CA ALA VA 216 -25.93 15.70 -84.46
C ALA VA 216 -27.10 15.55 -83.47
N ALA VA 217 -28.12 14.77 -83.83
CA ALA VA 217 -29.18 14.46 -82.87
C ALA VA 217 -28.64 13.77 -81.62
N GLU VA 218 -27.75 12.79 -81.77
CA GLU VA 218 -27.10 12.14 -80.62
C GLU VA 218 -26.37 13.16 -79.75
N PHE VA 219 -25.59 14.05 -80.34
CA PHE VA 219 -24.87 15.07 -79.58
C PHE VA 219 -25.85 15.95 -78.80
N LEU VA 220 -26.92 16.43 -79.45
CA LEU VA 220 -27.97 17.21 -78.78
C LEU VA 220 -28.55 16.44 -77.59
N LEU VA 221 -28.87 15.16 -77.77
CA LEU VA 221 -29.47 14.36 -76.70
C LEU VA 221 -28.47 14.13 -75.55
N LYS VA 222 -27.20 13.85 -75.85
CA LYS VA 222 -26.19 13.68 -74.79
C LYS VA 222 -25.94 15.00 -74.05
N ILE VA 223 -25.94 16.13 -74.75
CA ILE VA 223 -25.85 17.44 -74.09
C ILE VA 223 -27.06 17.68 -73.18
N LEU VA 224 -28.27 17.38 -73.65
CA LEU VA 224 -29.47 17.53 -72.83
C LEU VA 224 -29.38 16.66 -71.56
N ALA VA 225 -28.87 15.43 -71.68
CA ALA VA 225 -28.64 14.53 -70.57
C ALA VA 225 -27.56 15.04 -69.60
N GLU VA 226 -26.43 15.54 -70.10
CA GLU VA 226 -25.44 16.22 -69.26
C GLU VA 226 -26.00 17.48 -68.58
N GLY VA 227 -26.99 18.13 -69.19
CA GLY VA 227 -27.75 19.23 -68.60
C GLY VA 227 -28.72 18.81 -67.48
N GLY VA 228 -28.89 17.52 -67.24
CA GLY VA 228 -29.73 16.99 -66.15
C GLY VA 228 -31.24 17.23 -66.33
N ALA VA 229 -31.70 17.42 -67.57
CA ALA VA 229 -33.08 17.77 -67.89
C ALA VA 229 -34.11 16.71 -67.45
N THR VA 230 -35.31 17.14 -67.07
CA THR VA 230 -36.37 16.25 -66.59
C THR VA 230 -37.02 15.48 -67.75
N PRO VA 231 -37.63 14.30 -67.48
CA PRO VA 231 -38.12 13.40 -68.52
C PRO VA 231 -39.08 14.02 -69.55
N GLU VA 232 -39.83 15.06 -69.20
CA GLU VA 232 -40.71 15.77 -70.14
C GLU VA 232 -39.92 16.41 -71.28
N GLN VA 233 -38.75 16.97 -70.98
CA GLN VA 233 -37.83 17.48 -72.01
C GLN VA 233 -37.26 16.33 -72.84
N LEU VA 234 -36.84 15.24 -72.18
CA LEU VA 234 -36.30 14.07 -72.86
C LEU VA 234 -37.32 13.52 -73.86
N GLU VA 235 -38.58 13.39 -73.46
CA GLU VA 235 -39.67 12.92 -74.31
C GLU VA 235 -39.85 13.84 -75.52
N ARG VA 236 -40.06 15.15 -75.30
CA ARG VA 236 -40.31 16.10 -76.41
C ARG VA 236 -39.16 16.12 -77.41
N VAL VA 237 -37.93 16.20 -76.93
CA VAL VA 237 -36.76 16.24 -77.80
C VAL VA 237 -36.60 14.90 -78.51
N THR VA 238 -36.78 13.77 -77.82
CA THR VA 238 -36.69 12.46 -78.45
C THR VA 238 -37.70 12.33 -79.57
N GLU VA 239 -38.96 12.71 -79.32
CA GLU VA 239 -40.02 12.66 -80.33
C GLU VA 239 -39.66 13.53 -81.53
N HIS VA 240 -39.34 14.81 -81.30
CA HIS VA 240 -38.99 15.71 -82.39
C HIS VA 240 -37.78 15.20 -83.17
N ALA VA 241 -36.75 14.70 -82.47
CA ALA VA 241 -35.55 14.20 -83.11
C ALA VA 241 -35.85 12.96 -83.97
N LEU VA 242 -36.55 11.96 -83.43
CA LEU VA 242 -36.95 10.81 -84.21
C LEU VA 242 -37.81 11.25 -85.41
N GLU VA 243 -38.73 12.18 -85.22
CA GLU VA 243 -39.59 12.71 -86.29
C GLU VA 243 -38.78 13.35 -87.40
N VAL VA 244 -37.80 14.19 -87.06
CA VAL VA 244 -36.89 14.76 -88.03
C VAL VA 244 -36.10 13.65 -88.72
N LEU VA 245 -35.54 12.69 -87.98
CA LEU VA 245 -34.80 11.60 -88.59
C LEU VA 245 -35.67 10.81 -89.56
N LYS VA 246 -36.95 10.62 -89.24
CA LYS VA 246 -37.93 9.98 -90.10
C LYS VA 246 -38.19 10.80 -91.35
N GLU VA 247 -38.41 12.11 -91.25
CA GLU VA 247 -38.59 12.92 -92.46
C GLU VA 247 -37.34 12.91 -93.33
N VAL VA 248 -36.16 13.07 -92.74
CA VAL VA 248 -34.89 13.05 -93.48
C VAL VA 248 -34.65 11.68 -94.10
N ALA VA 249 -35.12 10.60 -93.48
CA ALA VA 249 -35.10 9.30 -94.11
C ALA VA 249 -36.06 9.25 -95.30
N LYS VA 250 -37.28 9.79 -95.18
CA LYS VA 250 -38.22 9.84 -96.30
C LYS VA 250 -37.69 10.68 -97.47
N GLU VA 251 -36.86 11.69 -97.20
CA GLU VA 251 -36.06 12.34 -98.25
C GLU VA 251 -35.02 11.38 -98.83
N LEU VA 252 -34.10 10.92 -98.02
CA LEU VA 252 -32.76 10.53 -98.49
C LEU VA 252 -32.53 9.00 -98.55
N ALA VA 253 -33.35 8.20 -97.86
CA ALA VA 253 -33.18 6.76 -97.70
C ALA VA 253 -33.87 5.93 -98.81
N ASP VA 254 -33.69 6.31 -100.07
CA ASP VA 254 -34.42 5.76 -101.23
C ASP VA 254 -33.79 4.49 -101.84
N SER VA 255 -33.14 3.65 -101.04
CA SER VA 255 -32.54 2.38 -101.50
C SER VA 255 -32.41 1.37 -100.35
N PRO VA 256 -32.17 0.07 -100.63
CA PRO VA 256 -32.03 -0.95 -99.59
C PRO VA 256 -30.93 -0.61 -98.59
N GLU VA 257 -29.72 -0.30 -99.06
CA GLU VA 257 -28.61 0.05 -98.19
C GLU VA 257 -28.96 1.24 -97.30
N SER VA 258 -29.48 2.31 -97.91
CA SER VA 258 -29.78 3.55 -97.19
C SER VA 258 -30.92 3.35 -96.21
N GLY VA 259 -31.90 2.52 -96.52
CA GLY VA 259 -32.89 2.07 -95.55
C GLY VA 259 -32.22 1.39 -94.36
N LEU VA 260 -31.37 0.39 -94.61
CA LEU VA 260 -30.67 -0.34 -93.55
C LEU VA 260 -29.86 0.60 -92.66
N ALA VA 261 -29.14 1.55 -93.26
CA ALA VA 261 -28.44 2.56 -92.50
C ALA VA 261 -29.42 3.42 -91.69
N ALA VA 262 -30.50 3.89 -92.31
CA ALA VA 262 -31.42 4.80 -91.66
C ALA VA 262 -32.02 4.16 -90.43
N LEU VA 263 -32.52 2.94 -90.54
CA LEU VA 263 -33.09 2.24 -89.40
C LEU VA 263 -32.01 2.01 -88.33
N ALA VA 264 -30.83 1.51 -88.72
CA ALA VA 264 -29.77 1.28 -87.74
C ALA VA 264 -29.47 2.54 -86.91
N ALA VA 265 -29.39 3.69 -87.58
CA ALA VA 265 -29.16 4.96 -86.94
C ALA VA 265 -30.35 5.34 -86.04
N ILE VA 266 -31.58 5.24 -86.53
CA ILE VA 266 -32.77 5.56 -85.75
C ILE VA 266 -32.80 4.71 -84.47
N ALA VA 267 -32.59 3.40 -84.56
CA ALA VA 267 -32.56 2.57 -83.37
C ALA VA 267 -31.39 2.93 -82.45
N SER VA 268 -30.25 3.31 -83.01
CA SER VA 268 -29.17 3.80 -82.16
C SER VA 268 -29.62 5.00 -81.34
N LEU VA 269 -30.30 5.97 -81.96
CA LEU VA 269 -30.83 7.14 -81.24
C LEU VA 269 -31.90 6.72 -80.23
N ALA VA 270 -32.78 5.80 -80.59
CA ALA VA 270 -33.78 5.30 -79.66
C ALA VA 270 -33.13 4.59 -78.45
N LYS VA 271 -32.15 3.71 -78.68
CA LYS VA 271 -31.42 3.00 -77.61
C LYS VA 271 -30.73 3.99 -76.70
N LEU VA 272 -30.09 5.00 -77.27
CA LEU VA 272 -29.50 6.09 -76.51
C LEU VA 272 -30.54 6.79 -75.63
N GLY VA 273 -31.72 7.12 -76.17
CA GLY VA 273 -32.81 7.73 -75.42
C GLY VA 273 -33.31 6.84 -74.29
N LEU VA 274 -33.52 5.55 -74.57
CA LEU VA 274 -33.90 4.55 -73.58
C LEU VA 274 -32.84 4.45 -72.47
N GLU VA 275 -31.56 4.49 -72.83
CA GLU VA 275 -30.47 4.51 -71.86
C GLU VA 275 -30.48 5.79 -71.01
N GLN VA 276 -30.91 6.94 -71.55
CA GLN VA 276 -31.09 8.15 -70.72
C GLN VA 276 -32.25 7.95 -69.74
N LEU VA 277 -33.38 7.40 -70.19
CA LEU VA 277 -34.50 7.07 -69.31
C LEU VA 277 -34.08 6.07 -68.21
N LYS VA 278 -33.23 5.09 -68.56
CA LYS VA 278 -32.65 4.12 -67.63
C LYS VA 278 -31.77 4.81 -66.60
N GLU VA 279 -30.86 5.68 -67.03
CA GLU VA 279 -29.95 6.39 -66.13
C GLU VA 279 -30.69 7.37 -65.20
N ILE VA 280 -31.66 8.14 -65.71
CA ILE VA 280 -32.42 9.09 -64.89
C ILE VA 280 -33.45 8.37 -63.98
N GLY VA 281 -33.68 7.07 -64.20
CA GLY VA 281 -34.62 6.28 -63.40
C GLY VA 281 -36.09 6.57 -63.71
N ALA VA 282 -36.41 6.95 -64.95
CA ALA VA 282 -37.77 7.27 -65.38
C ALA VA 282 -38.71 6.05 -65.33
N PRO VA 283 -40.00 6.23 -64.99
CA PRO VA 283 -40.94 5.14 -64.82
C PRO VA 283 -41.28 4.44 -66.16
N PRO VA 284 -41.80 3.20 -66.11
CA PRO VA 284 -42.14 2.41 -67.30
C PRO VA 284 -43.00 3.14 -68.33
N GLU VA 285 -43.88 4.05 -67.91
CA GLU VA 285 -44.69 4.90 -68.80
C GLU VA 285 -43.83 5.64 -69.84
N GLN VA 286 -42.74 6.28 -69.42
CA GLN VA 286 -41.83 6.95 -70.33
C GLN VA 286 -41.14 5.94 -71.26
N GLN VA 287 -40.70 4.81 -70.70
CA GLN VA 287 -40.01 3.76 -71.45
C GLN VA 287 -40.91 3.21 -72.57
N ARG VA 288 -42.19 2.98 -72.26
CA ARG VA 288 -43.24 2.58 -73.21
C ARG VA 288 -43.45 3.65 -74.27
N ARG VA 289 -43.67 4.91 -73.89
CA ARG VA 289 -43.91 6.02 -74.84
C ARG VA 289 -42.85 6.07 -75.91
N VAL VA 290 -41.57 6.14 -75.50
CA VAL VA 290 -40.45 6.18 -76.45
C VAL VA 290 -40.39 4.91 -77.28
N THR VA 291 -40.48 3.73 -76.65
CA THR VA 291 -40.34 2.47 -77.37
C THR VA 291 -41.39 2.33 -78.47
N LYS VA 292 -42.65 2.62 -78.14
CA LYS VA 292 -43.75 2.51 -79.11
C LYS VA 292 -43.60 3.54 -80.23
N ALA VA 293 -43.27 4.80 -79.91
CA ALA VA 293 -42.98 5.79 -80.94
C ALA VA 293 -41.84 5.32 -81.86
N GLY VA 294 -40.81 4.69 -81.28
CA GLY VA 294 -39.72 4.06 -82.02
C GLY VA 294 -40.23 2.99 -82.98
N ILE VA 295 -40.96 1.99 -82.47
CA ILE VA 295 -41.50 0.94 -83.34
C ILE VA 295 -42.43 1.52 -84.42
N GLU VA 296 -43.22 2.55 -84.13
CA GLU VA 296 -44.03 3.24 -85.15
C GLU VA 296 -43.16 3.90 -86.21
N ALA VA 297 -42.02 4.48 -85.84
CA ALA VA 297 -41.04 4.92 -86.82
C ALA VA 297 -40.48 3.74 -87.62
N VAL VA 298 -40.15 2.61 -86.99
CA VAL VA 298 -39.69 1.40 -87.72
C VAL VA 298 -40.71 0.99 -88.76
N ARG VA 299 -42.00 0.96 -88.38
CA ARG VA 299 -43.11 0.61 -89.25
C ARG VA 299 -43.23 1.58 -90.43
N GLU VA 300 -43.14 2.88 -90.18
CA GLU VA 300 -43.14 3.88 -91.25
C GLU VA 300 -41.94 3.73 -92.18
N ILE VA 301 -40.74 3.53 -91.63
CA ILE VA 301 -39.53 3.33 -92.41
C ILE VA 301 -39.66 2.06 -93.26
N TYR VA 302 -40.14 0.96 -92.68
CA TYR VA 302 -40.44 -0.26 -93.42
C TYR VA 302 -41.42 0.00 -94.56
N ARG VA 303 -42.59 0.56 -94.27
CA ARG VA 303 -43.67 0.73 -95.26
C ARG VA 303 -43.28 1.70 -96.38
N TYR VA 304 -42.63 2.81 -96.05
CA TYR VA 304 -42.12 3.73 -97.06
C TYR VA 304 -41.01 3.05 -97.87
N GLY VA 305 -40.05 2.41 -97.19
CA GLY VA 305 -38.91 1.74 -97.81
C GLY VA 305 -39.29 0.55 -98.69
N ARG VA 306 -40.42 -0.12 -98.41
CA ARG VA 306 -40.96 -1.19 -99.27
C ARG VA 306 -41.30 -0.70 -100.69
N LYS VA 307 -41.50 0.62 -100.89
CA LYS VA 307 -41.66 1.25 -102.21
C LYS VA 307 -40.34 1.58 -102.92
N LEU VA 308 -39.20 1.52 -102.22
CA LEU VA 308 -37.90 2.05 -102.61
C LEU VA 308 -36.79 0.99 -102.43
N TYR VA 309 -37.01 -0.18 -103.04
CA TYR VA 309 -36.20 -1.40 -102.93
C TYR VA 309 -36.03 -2.07 -104.30
#